data_3KIE
#
_entry.id   3KIE
#
_cell.length_a   257.767
_cell.length_b   257.767
_cell.length_c   607.037
_cell.angle_alpha   90.000
_cell.angle_beta   90.000
_cell.angle_gamma   120.000
#
_symmetry.space_group_name_H-M   'H 3'
#
loop_
_entity.id
_entity.type
_entity.pdbx_description
1 polymer 'Capsid protein VP1'
2 non-polymer "2'-DEOXYADENOSINE-5'-MONOPHOSPHATE"
#
_entity_poly.entity_id   1
_entity_poly.type   'polypeptide(L)'
_entity_poly.pdbx_seq_one_letter_code
;MAADGYLPDWLEDNLSEGIREWWALKPGVPQPKANQQHQDNRRGLVLPGYKYLGPGNGLDKGEPVNEADAAALEHDKAYD
QQLKAGDNPYLKYNHADAEFQERLQEDTSFGGNLGRAVFQAKKRILEPLGLVEEAAKTAPGKKRPVDQSPQEPDSSSGVG
KSGKQPARKRLNFGQTGDSESVPDPQPLGEPPAAPTSLGSNTMASGGGAPMADNNEGADGVGNSSGNWHCDSQWLGDRVI
TTSTRTWALPTYNNHLYKQISSQSGASNDNHYFGYSTPWGYFDFNRFHCHFSPRDWQRLINNNWGFRPKKLSFKLFNIQV
KEVTQNDGTTTIANNLTSTVQVFTDSEYQLPYVLGSAHQGCLPPFPADVFMVPQYGYLTLNNGSQAVGRSSFYCLEYFPS
QMLRTGNNFQFSYTFEDVPFHSSYAHSQSLDRLMNPLIDQYLYYLNRTQGTTSGTTNQSRLLFSQAGPQSMSLQARNWLP
GPCYRQQRLSKTANDNNNSNFPWTAASKYHLNGRDSLVNPGPAMASHKDDEEKFFPMHGNLIFGKEGTTASNAELDNVMI
TDEEEIRTTNPVATEQYGTVANNLQSSNTAPTTRTVNDQGALPGMVWQDRDVYLQGPIWAKIPHTDGHFHPSPLMGGFGL
KHPPPQIMIKNTPVPANPPTTFSPAKFASFITQYSTGQVSVEIEWELQKENSKRWNPEIQYTSNYNKSVNVDFTVDTNGV
YSEPRPIGTRYLTRNL
;
_entity_poly.pdbx_strand_id   A,B,C,D,E,F,G,H,I,J,K,L,M,N,O,P,Q,R,S,T
#
loop_
_chem_comp.id
_chem_comp.type
_chem_comp.name
_chem_comp.formula
D5M non-polymer 2'-DEOXYADENOSINE-5'-MONOPHOSPHATE 'C10 H14 N5 O6 P'
#
# COMPACT_ATOMS: atom_id res chain seq x y z
N GLY A 217 23.46 18.93 18.55
CA GLY A 217 24.86 18.90 18.90
C GLY A 217 25.10 18.45 20.33
N ALA A 218 26.18 17.68 20.53
CA ALA A 218 26.51 17.15 21.86
C ALA A 218 28.02 17.06 22.07
N ASP A 219 28.54 17.89 22.98
CA ASP A 219 29.96 17.88 23.31
C ASP A 219 30.21 17.99 24.83
N GLY A 220 31.39 18.49 25.20
CA GLY A 220 31.83 18.42 26.59
C GLY A 220 31.89 19.72 27.37
N VAL A 221 32.59 19.67 28.51
CA VAL A 221 32.69 20.78 29.44
C VAL A 221 33.65 21.86 28.95
N GLY A 222 34.90 21.45 28.67
CA GLY A 222 35.91 22.37 28.21
C GLY A 222 35.95 22.46 26.69
N ASN A 223 34.79 22.60 26.08
CA ASN A 223 34.67 22.69 24.63
C ASN A 223 33.51 23.62 24.24
N SER A 224 33.85 24.79 23.71
CA SER A 224 32.84 25.77 23.31
C SER A 224 31.84 25.21 22.30
N SER A 225 30.56 25.37 22.59
CA SER A 225 29.50 24.86 21.73
C SER A 225 29.09 25.84 20.63
N GLY A 226 29.99 26.76 20.28
CA GLY A 226 29.70 27.73 19.24
C GLY A 226 30.72 28.86 19.15
N ASN A 227 30.74 29.53 18.00
CA ASN A 227 31.64 30.66 17.78
C ASN A 227 30.90 31.99 17.68
N TRP A 228 31.66 33.08 17.73
CA TRP A 228 31.09 34.43 17.67
C TRP A 228 30.92 34.88 16.22
N HIS A 229 29.75 34.63 15.66
CA HIS A 229 29.47 35.03 14.29
C HIS A 229 28.68 36.34 14.26
N CYS A 230 29.38 37.44 14.01
CA CYS A 230 28.72 38.73 13.85
C CYS A 230 29.35 39.50 12.70
N ASP A 231 28.67 39.52 11.57
CA ASP A 231 29.18 40.15 10.36
C ASP A 231 28.06 40.27 9.34
N SER A 232 28.29 41.10 8.33
CA SER A 232 27.35 41.22 7.23
C SER A 232 28.06 41.58 5.95
N GLN A 233 27.78 40.83 4.90
CA GLN A 233 28.31 41.13 3.57
C GLN A 233 27.15 41.17 2.58
N TRP A 234 27.40 41.78 1.42
CA TRP A 234 26.33 42.02 0.45
C TRP A 234 26.50 41.17 -0.80
N LEU A 235 25.38 40.87 -1.44
CA LEU A 235 25.37 40.08 -2.67
C LEU A 235 24.82 40.88 -3.84
N GLY A 236 24.59 42.17 -3.62
CA GLY A 236 24.03 43.05 -4.64
C GLY A 236 22.58 42.72 -4.93
N ASP A 237 22.24 41.44 -4.80
CA ASP A 237 20.89 40.98 -5.03
C ASP A 237 20.19 40.75 -3.68
N ARG A 238 21.00 40.59 -2.65
CA ARG A 238 20.49 40.32 -1.31
C ARG A 238 21.59 40.55 -0.28
N VAL A 239 21.21 40.58 0.99
CA VAL A 239 22.18 40.81 2.07
C VAL A 239 21.91 39.93 3.28
N ILE A 240 22.98 39.34 3.81
CA ILE A 240 22.86 38.48 4.98
C ILE A 240 23.44 39.15 6.22
N THR A 241 22.60 39.29 7.24
CA THR A 241 23.00 39.92 8.49
C THR A 241 23.17 38.88 9.60
N THR A 242 24.39 38.76 10.09
CA THR A 242 24.69 37.85 11.19
C THR A 242 24.96 38.66 12.45
N SER A 243 24.32 38.27 13.55
CA SER A 243 24.45 39.01 14.80
C SER A 243 24.61 38.07 16.01
N THR A 244 25.57 38.37 16.86
CA THR A 244 25.80 37.60 18.09
C THR A 244 25.90 38.53 19.29
N ARG A 245 25.21 38.18 20.37
CA ARG A 245 25.24 38.96 21.59
C ARG A 245 25.36 38.05 22.80
N THR A 246 25.80 38.63 23.92
CA THR A 246 25.86 37.89 25.17
C THR A 246 24.62 38.20 25.99
N TRP A 247 24.01 37.16 26.55
CA TRP A 247 22.78 37.32 27.32
C TRP A 247 22.93 36.79 28.73
N ALA A 248 22.10 37.30 29.63
CA ALA A 248 22.05 36.81 31.00
C ALA A 248 20.61 36.59 31.43
N LEU A 249 20.36 35.52 32.17
CA LEU A 249 19.01 35.17 32.58
C LEU A 249 18.89 34.84 34.06
N PRO A 250 18.08 35.63 34.78
CA PRO A 250 17.79 35.42 36.21
C PRO A 250 16.73 34.35 36.39
N THR A 251 16.36 34.08 37.64
CA THR A 251 15.22 33.23 37.91
C THR A 251 14.02 34.12 38.18
N TYR A 252 13.10 34.16 37.22
CA TYR A 252 11.93 35.03 37.35
C TYR A 252 10.82 34.40 38.18
N ASN A 253 10.02 35.25 38.82
CA ASN A 253 8.86 34.81 39.59
C ASN A 253 9.15 33.68 40.58
N ASN A 254 10.41 33.50 40.94
CA ASN A 254 10.78 32.48 41.91
C ASN A 254 10.25 31.11 41.52
N HIS A 255 10.51 30.71 40.28
CA HIS A 255 10.08 29.40 39.77
C HIS A 255 8.56 29.22 39.89
N LEU A 256 7.81 30.31 39.83
CA LEU A 256 6.37 30.26 40.04
C LEU A 256 5.56 30.98 38.96
N TYR A 257 4.40 30.41 38.64
CA TYR A 257 3.42 31.10 37.80
C TYR A 257 2.51 31.90 38.71
N LYS A 258 2.39 33.19 38.45
CA LYS A 258 1.59 34.07 39.30
C LYS A 258 0.44 34.72 38.55
N GLN A 259 -0.74 34.72 39.17
CA GLN A 259 -1.90 35.41 38.62
C GLN A 259 -1.81 36.90 38.89
N ILE A 260 -1.67 37.68 37.82
CA ILE A 260 -1.62 39.14 37.95
C ILE A 260 -2.92 39.75 37.45
N SER A 261 -3.21 40.96 37.94
CA SER A 261 -4.45 41.63 37.59
C SER A 261 -4.39 43.10 37.94
N SER A 262 -5.44 43.83 37.58
CA SER A 262 -5.51 45.27 37.84
C SER A 262 -5.74 45.55 39.32
N GLN A 263 -5.17 46.66 39.79
CA GLN A 263 -5.31 47.07 41.17
C GLN A 263 -6.78 47.28 41.52
N SER A 264 -7.18 46.89 42.73
CA SER A 264 -8.54 47.07 43.19
C SER A 264 -8.93 48.55 43.16
N GLY A 265 -9.50 49.00 42.06
CA GLY A 265 -9.90 50.39 41.91
C GLY A 265 -8.74 51.36 41.84
N ALA A 266 -7.85 51.14 40.88
CA ALA A 266 -6.72 52.06 40.68
C ALA A 266 -6.83 52.76 39.33
N SER A 267 -7.49 52.11 38.38
CA SER A 267 -7.66 52.68 37.05
C SER A 267 -8.78 51.95 36.29
N ASN A 268 -9.40 52.63 35.32
CA ASN A 268 -10.54 52.06 34.61
C ASN A 268 -10.25 51.59 33.18
N ASP A 269 -9.60 52.43 32.38
CA ASP A 269 -9.24 52.07 31.02
C ASP A 269 -7.99 51.20 31.00
N ASN A 270 -7.45 50.95 32.18
CA ASN A 270 -6.23 50.18 32.31
C ASN A 270 -6.44 48.87 33.06
N HIS A 271 -7.70 48.48 33.24
CA HIS A 271 -8.01 47.21 33.87
C HIS A 271 -7.44 46.06 33.03
N TYR A 272 -7.06 44.98 33.71
CA TYR A 272 -6.47 43.85 33.02
C TYR A 272 -6.43 42.59 33.89
N PHE A 273 -6.23 41.44 33.23
CA PHE A 273 -6.08 40.17 33.92
C PHE A 273 -5.17 39.24 33.11
N GLY A 274 -4.18 38.65 33.77
CA GLY A 274 -3.26 37.74 33.10
C GLY A 274 -2.41 36.97 34.08
N TYR A 275 -1.24 36.53 33.62
CA TYR A 275 -0.35 35.72 34.44
C TYR A 275 1.12 36.07 34.20
N SER A 276 1.94 35.78 35.21
CA SER A 276 3.38 36.00 35.12
C SER A 276 4.09 34.66 35.15
N THR A 277 4.90 34.39 34.12
CA THR A 277 5.57 33.10 33.99
C THR A 277 7.04 33.17 34.38
N PRO A 278 7.57 32.06 34.89
CA PRO A 278 8.97 31.92 35.30
C PRO A 278 9.91 31.87 34.09
N TRP A 279 9.36 31.99 32.88
CA TRP A 279 10.14 31.89 31.66
C TRP A 279 10.63 33.24 31.16
N GLY A 280 11.76 33.23 30.47
CA GLY A 280 12.26 34.40 29.76
C GLY A 280 12.11 34.17 28.27
N TYR A 281 12.52 35.13 27.47
CA TYR A 281 12.38 34.99 26.02
C TYR A 281 13.39 35.83 25.26
N PHE A 282 13.64 35.44 24.02
CA PHE A 282 14.58 36.17 23.17
C PHE A 282 13.82 37.02 22.16
N ASP A 283 14.37 38.21 21.88
CA ASP A 283 13.73 39.12 20.94
C ASP A 283 14.77 39.94 20.18
N PHE A 284 14.46 40.22 18.92
CA PHE A 284 15.33 41.04 18.09
C PHE A 284 14.48 41.78 17.06
N ASN A 285 13.25 42.09 17.45
CA ASN A 285 12.31 42.77 16.57
C ASN A 285 12.64 44.26 16.40
N ARG A 286 13.93 44.56 16.33
CA ARG A 286 14.41 45.91 16.07
C ARG A 286 15.46 45.82 14.97
N PHE A 287 15.41 46.74 14.01
CA PHE A 287 16.36 46.68 12.90
C PHE A 287 17.80 46.83 13.35
N HIS A 288 18.05 47.63 14.38
CA HIS A 288 19.41 47.88 14.84
C HIS A 288 20.01 46.63 15.49
N CYS A 289 19.19 45.61 15.66
CA CYS A 289 19.65 44.32 16.16
C CYS A 289 20.52 43.62 15.11
N HIS A 290 20.28 43.95 13.84
CA HIS A 290 20.91 43.23 12.74
C HIS A 290 21.80 44.11 11.87
N PHE A 291 21.32 45.30 11.55
CA PHE A 291 22.07 46.23 10.71
C PHE A 291 22.91 47.19 11.54
N SER A 292 24.12 47.45 11.08
CA SER A 292 24.95 48.49 11.70
C SER A 292 24.56 49.82 11.08
N PRO A 293 24.91 50.93 11.74
CA PRO A 293 24.64 52.26 11.19
C PRO A 293 25.08 52.36 9.74
N ARG A 294 26.30 51.94 9.46
CA ARG A 294 26.85 52.01 8.10
C ARG A 294 26.03 51.18 7.11
N ASP A 295 25.78 49.92 7.45
CA ASP A 295 24.99 49.03 6.59
C ASP A 295 23.66 49.66 6.25
N TRP A 296 22.98 50.15 7.30
CA TRP A 296 21.69 50.79 7.13
C TRP A 296 21.79 51.91 6.10
N GLN A 297 22.92 52.61 6.10
CA GLN A 297 23.15 53.68 5.14
C GLN A 297 23.18 53.15 3.70
N ARG A 298 24.03 52.16 3.45
CA ARG A 298 24.11 51.53 2.15
C ARG A 298 22.73 51.10 1.71
N LEU A 299 22.05 50.36 2.57
CA LEU A 299 20.70 49.89 2.31
C LEU A 299 19.79 51.02 1.86
N ILE A 300 19.65 52.02 2.72
CA ILE A 300 18.73 53.13 2.48
C ILE A 300 19.00 53.87 1.18
N ASN A 301 20.27 54.20 0.95
CA ASN A 301 20.65 55.07 -0.15
C ASN A 301 20.71 54.39 -1.51
N ASN A 302 20.45 53.08 -1.56
CA ASN A 302 20.67 52.33 -2.78
C ASN A 302 19.51 51.49 -3.31
N ASN A 303 18.56 51.14 -2.43
CA ASN A 303 17.53 50.19 -2.81
C ASN A 303 16.09 50.70 -2.78
N TRP A 304 15.37 50.43 -3.88
CA TRP A 304 13.94 50.74 -3.97
C TRP A 304 13.17 50.18 -2.80
N GLY A 305 13.51 48.95 -2.39
CA GLY A 305 12.83 48.27 -1.31
C GLY A 305 13.58 47.05 -0.82
N PHE A 306 13.07 46.42 0.24
CA PHE A 306 13.72 45.24 0.82
C PHE A 306 12.74 44.40 1.63
N ARG A 307 13.19 43.20 2.03
CA ARG A 307 12.33 42.28 2.78
C ARG A 307 13.15 41.17 3.43
N PRO A 308 12.55 40.51 4.45
CA PRO A 308 13.15 39.35 5.13
C PRO A 308 12.96 38.07 4.33
N LYS A 309 13.90 37.14 4.46
CA LYS A 309 13.81 35.88 3.72
C LYS A 309 13.97 34.65 4.62
N LYS A 310 15.15 34.47 5.18
CA LYS A 310 15.44 33.30 6.02
C LYS A 310 15.86 33.71 7.42
N LEU A 311 16.04 32.72 8.30
CA LEU A 311 16.40 32.96 9.69
C LEU A 311 17.15 31.78 10.30
N SER A 312 18.18 32.09 11.09
CA SER A 312 18.97 31.07 11.77
C SER A 312 19.23 31.44 13.22
N PHE A 313 18.64 30.69 14.14
CA PHE A 313 18.77 30.96 15.55
C PHE A 313 19.68 29.94 16.24
N LYS A 314 20.62 30.43 17.04
CA LYS A 314 21.59 29.55 17.70
C LYS A 314 21.90 29.98 19.12
N LEU A 315 21.82 29.02 20.05
CA LEU A 315 22.17 29.25 21.44
C LEU A 315 23.36 28.39 21.84
N PHE A 316 24.34 28.98 22.52
CA PHE A 316 25.57 28.26 22.83
C PHE A 316 26.36 28.84 23.99
N ASN A 317 27.50 28.21 24.28
CA ASN A 317 28.40 28.65 25.34
C ASN A 317 27.70 28.93 26.66
N ILE A 318 26.75 28.05 26.98
CA ILE A 318 25.92 28.21 28.17
C ILE A 318 26.68 27.92 29.46
N GLN A 319 26.49 28.77 30.47
CA GLN A 319 27.11 28.60 31.77
C GLN A 319 26.07 28.87 32.85
N VAL A 320 25.95 27.96 33.80
CA VAL A 320 25.02 28.15 34.90
C VAL A 320 25.76 28.44 36.21
N LYS A 321 25.67 29.69 36.66
CA LYS A 321 26.31 30.10 37.90
C LYS A 321 25.28 30.15 39.02
N GLU A 322 25.63 29.52 40.14
CA GLU A 322 24.77 29.59 41.33
C GLU A 322 25.42 30.44 42.41
N VAL A 323 24.63 31.33 43.00
CA VAL A 323 25.16 32.30 43.96
C VAL A 323 24.71 32.00 45.38
N THR A 324 25.58 32.28 46.34
CA THR A 324 25.26 32.09 47.75
C THR A 324 25.69 33.28 48.58
N GLN A 325 24.75 33.81 49.37
CA GLN A 325 25.04 34.90 50.28
C GLN A 325 25.36 34.32 51.67
N ASN A 326 26.65 34.17 51.96
CA ASN A 326 27.09 33.53 53.20
C ASN A 326 26.98 34.42 54.43
N ASP A 327 27.82 35.45 54.50
CA ASP A 327 27.78 36.40 55.59
C ASP A 327 27.39 37.77 55.08
N GLY A 328 28.37 38.52 54.59
CA GLY A 328 28.13 39.79 53.94
C GLY A 328 28.81 39.78 52.59
N THR A 329 29.06 38.58 52.07
CA THR A 329 29.77 38.41 50.82
C THR A 329 29.06 37.44 49.88
N THR A 330 28.74 37.91 48.67
CA THR A 330 28.12 37.06 47.66
C THR A 330 29.18 36.33 46.84
N THR A 331 29.19 35.01 46.96
CA THR A 331 30.11 34.19 46.19
C THR A 331 29.38 33.53 45.03
N ILE A 332 30.00 33.56 43.85
CA ILE A 332 29.41 32.96 42.66
C ILE A 332 30.32 31.87 42.11
N ALA A 333 29.73 30.71 41.80
CA ALA A 333 30.51 29.58 41.31
C ALA A 333 29.79 28.81 40.21
N ASN A 334 30.37 27.68 39.80
CA ASN A 334 29.83 26.88 38.71
C ASN A 334 29.01 25.68 39.18
N ASN A 335 27.77 25.60 38.73
CA ASN A 335 26.96 24.41 38.92
C ASN A 335 26.84 23.67 37.59
N LEU A 336 27.87 22.87 37.29
CA LEU A 336 27.97 22.21 35.99
C LEU A 336 26.80 21.29 35.69
N THR A 337 26.36 20.54 36.69
CA THR A 337 25.31 19.56 36.51
C THR A 337 23.91 20.18 36.36
N SER A 338 23.86 21.50 36.26
CA SER A 338 22.57 22.17 36.11
C SER A 338 22.22 22.42 34.64
N THR A 339 20.93 22.47 34.34
CA THR A 339 20.46 22.62 32.96
C THR A 339 19.61 23.86 32.75
N VAL A 340 19.36 24.17 31.48
CA VAL A 340 18.46 25.25 31.10
C VAL A 340 17.49 24.70 30.06
N GLN A 341 16.33 25.32 29.92
CA GLN A 341 15.30 24.77 29.04
C GLN A 341 14.86 25.74 27.95
N VAL A 342 14.86 25.25 26.71
CA VAL A 342 14.45 26.06 25.57
C VAL A 342 13.36 25.36 24.76
N PHE A 343 12.47 26.15 24.18
CA PHE A 343 11.51 25.64 23.22
C PHE A 343 10.91 26.77 22.39
N THR A 344 10.50 26.45 21.17
CA THR A 344 10.00 27.46 20.25
C THR A 344 8.52 27.23 19.92
N ASP A 345 7.71 28.24 20.18
CA ASP A 345 6.28 28.16 19.87
C ASP A 345 6.06 28.26 18.36
N SER A 346 6.14 27.12 17.69
CA SER A 346 5.99 27.07 16.24
C SER A 346 4.57 26.76 15.83
N GLU A 347 3.80 26.18 16.76
CA GLU A 347 2.39 25.91 16.50
C GLU A 347 1.56 27.15 16.85
N TYR A 348 2.24 28.19 17.31
CA TYR A 348 1.61 29.44 17.70
C TYR A 348 0.46 29.22 18.68
N GLN A 349 0.76 28.50 19.76
CA GLN A 349 -0.25 28.17 20.74
C GLN A 349 -0.13 29.06 21.98
N LEU A 350 1.02 29.69 22.14
CA LEU A 350 1.22 30.66 23.22
C LEU A 350 0.95 32.06 22.69
N PRO A 351 0.27 32.90 23.50
CA PRO A 351 -0.04 34.27 23.13
C PRO A 351 1.19 34.99 22.59
N TYR A 352 1.08 35.52 21.37
CA TYR A 352 2.19 36.23 20.75
C TYR A 352 2.33 37.61 21.38
N VAL A 353 3.41 37.79 22.14
CA VAL A 353 3.62 39.00 22.92
C VAL A 353 4.67 39.90 22.25
N LEU A 354 5.21 39.44 21.12
CA LEU A 354 6.18 40.22 20.37
C LEU A 354 5.47 41.21 19.44
N GLY A 355 6.24 42.14 18.88
CA GLY A 355 5.69 43.14 18.00
C GLY A 355 4.82 44.14 18.74
N SER A 356 5.20 44.43 19.99
CA SER A 356 4.50 45.41 20.81
C SER A 356 5.45 46.46 21.35
N ALA A 357 6.58 46.64 20.68
CA ALA A 357 7.56 47.68 21.02
C ALA A 357 8.15 47.51 22.42
N HIS A 358 8.08 46.30 22.96
CA HIS A 358 8.63 46.04 24.28
C HIS A 358 10.14 46.11 24.27
N GLN A 359 10.72 46.21 25.46
CA GLN A 359 12.16 46.31 25.58
C GLN A 359 12.76 44.95 25.92
N GLY A 360 14.08 44.83 25.77
CA GLY A 360 14.75 43.57 26.05
C GLY A 360 15.30 42.93 24.77
N CYS A 361 15.27 43.68 23.68
CA CYS A 361 15.79 43.21 22.41
C CYS A 361 17.31 43.04 22.50
N LEU A 362 17.93 42.76 21.36
CA LEU A 362 19.38 42.69 21.31
C LEU A 362 19.97 44.09 21.25
N PRO A 363 21.05 44.32 22.00
CA PRO A 363 21.72 45.63 22.04
C PRO A 363 22.15 46.09 20.64
N PRO A 364 21.92 47.37 20.32
CA PRO A 364 22.39 47.91 19.04
C PRO A 364 23.89 47.68 18.89
N PHE A 365 24.62 47.99 19.95
CA PHE A 365 26.06 47.80 19.96
C PHE A 365 26.41 46.38 20.39
N PRO A 366 27.23 45.70 19.57
CA PRO A 366 27.60 44.29 19.74
C PRO A 366 28.28 44.01 21.08
N ALA A 367 29.09 44.96 21.57
CA ALA A 367 29.85 44.75 22.79
C ALA A 367 28.99 44.79 24.05
N ASP A 368 27.77 45.31 23.94
CA ASP A 368 26.87 45.42 25.08
C ASP A 368 26.26 44.08 25.47
N VAL A 369 26.06 43.90 26.77
CA VAL A 369 25.40 42.71 27.31
C VAL A 369 23.97 43.06 27.69
N PHE A 370 23.05 42.11 27.55
CA PHE A 370 21.64 42.35 27.86
C PHE A 370 21.03 41.31 28.79
N MET A 371 19.97 41.71 29.48
CA MET A 371 19.23 40.82 30.36
C MET A 371 18.04 40.26 29.60
N VAL A 372 17.83 38.95 29.69
CA VAL A 372 16.72 38.31 29.00
C VAL A 372 15.39 38.59 29.71
N PRO A 373 14.46 39.25 29.01
CA PRO A 373 13.16 39.68 29.55
C PRO A 373 12.35 38.53 30.12
N GLN A 374 11.26 38.85 30.82
CA GLN A 374 10.38 37.84 31.36
C GLN A 374 9.08 37.75 30.57
N TYR A 375 8.52 36.54 30.49
CA TYR A 375 7.30 36.32 29.74
C TYR A 375 6.06 36.56 30.60
N GLY A 376 5.17 37.40 30.08
CA GLY A 376 3.89 37.66 30.73
C GLY A 376 2.83 37.90 29.67
N TYR A 377 1.65 37.35 29.89
CA TYR A 377 0.59 37.48 28.90
C TYR A 377 -0.74 37.91 29.52
N LEU A 378 -1.63 38.42 28.67
CA LEU A 378 -2.93 38.91 29.09
C LEU A 378 -4.03 38.01 28.55
N THR A 379 -5.23 38.15 29.10
CA THR A 379 -6.38 37.36 28.67
C THR A 379 -7.64 38.20 28.71
N LEU A 380 -8.73 37.60 28.24
CA LEU A 380 -10.03 38.24 28.28
C LEU A 380 -10.37 38.61 29.73
N ASN A 381 -10.87 39.82 29.94
CA ASN A 381 -11.20 40.28 31.29
C ASN A 381 -12.44 41.15 31.36
N ASN A 382 -13.13 41.09 32.50
CA ASN A 382 -14.29 41.94 32.76
C ASN A 382 -13.99 42.90 33.90
N GLY A 383 -13.25 43.96 33.60
CA GLY A 383 -12.77 44.86 34.62
C GLY A 383 -11.54 44.29 35.29
N SER A 384 -11.59 44.17 36.62
CA SER A 384 -10.49 43.56 37.37
C SER A 384 -10.65 42.05 37.37
N GLN A 385 -11.86 41.59 37.06
CA GLN A 385 -12.18 40.18 37.04
C GLN A 385 -11.93 39.55 35.68
N ALA A 386 -12.05 38.22 35.62
CA ALA A 386 -11.88 37.49 34.38
C ALA A 386 -13.16 36.76 34.02
N VAL A 387 -13.27 36.37 32.76
CA VAL A 387 -14.44 35.63 32.29
C VAL A 387 -14.12 34.13 32.30
N GLY A 388 -15.15 33.30 32.17
CA GLY A 388 -14.96 31.86 32.12
C GLY A 388 -14.24 31.42 30.86
N ARG A 389 -14.27 32.28 29.85
CA ARG A 389 -13.64 31.98 28.56
C ARG A 389 -12.17 32.38 28.53
N SER A 390 -11.65 32.88 29.64
CA SER A 390 -10.24 33.23 29.72
C SER A 390 -9.37 31.97 29.64
N SER A 391 -8.09 32.16 29.35
CA SER A 391 -7.20 31.03 29.13
C SER A 391 -5.93 31.09 29.99
N PHE A 392 -5.60 29.98 30.66
CA PHE A 392 -4.40 29.87 31.46
C PHE A 392 -3.39 28.96 30.77
N TYR A 393 -2.17 29.46 30.58
CA TYR A 393 -1.15 28.71 29.86
C TYR A 393 0.05 28.34 30.72
N CYS A 394 0.41 27.07 30.67
CA CYS A 394 1.59 26.57 31.36
C CYS A 394 2.64 26.14 30.35
N LEU A 395 3.78 26.83 30.36
CA LEU A 395 4.84 26.56 29.40
C LEU A 395 5.61 25.28 29.72
N GLU A 396 5.24 24.65 30.84
CA GLU A 396 5.85 23.40 31.23
C GLU A 396 5.18 22.24 30.52
N TYR A 397 3.96 22.49 30.03
CA TYR A 397 3.19 21.49 29.29
C TYR A 397 3.62 21.50 27.83
N PHE A 398 4.73 22.17 27.56
CA PHE A 398 5.34 22.16 26.23
C PHE A 398 6.63 21.37 26.28
N PRO A 399 6.82 20.48 25.29
CA PRO A 399 8.09 19.78 25.17
C PRO A 399 9.24 20.78 24.97
N SER A 400 10.23 20.71 25.85
CA SER A 400 11.37 21.62 25.74
C SER A 400 12.69 20.86 25.84
N GLN A 401 13.71 21.38 25.17
CA GLN A 401 15.03 20.77 25.19
C GLN A 401 15.83 21.33 26.36
N MET A 402 16.34 20.45 27.21
CA MET A 402 17.16 20.84 28.34
C MET A 402 18.64 20.75 28.00
N LEU A 403 19.39 21.79 28.36
CA LEU A 403 20.80 21.86 27.98
C LEU A 403 21.73 22.00 29.18
N ARG A 404 22.78 21.21 29.18
CA ARG A 404 23.85 21.33 30.16
C ARG A 404 24.97 22.15 29.50
N THR A 405 26.05 22.40 30.23
CA THR A 405 27.17 23.14 29.66
C THR A 405 27.84 22.32 28.57
N GLY A 406 27.82 22.84 27.34
CA GLY A 406 28.37 22.12 26.21
C GLY A 406 27.28 21.71 25.25
N ASN A 407 26.03 21.93 25.67
CA ASN A 407 24.90 21.71 24.78
C ASN A 407 24.54 23.01 24.07
N ASN A 408 23.94 22.89 22.89
CA ASN A 408 23.53 24.06 22.12
C ASN A 408 22.15 23.88 21.51
N PHE A 409 21.55 25.00 21.09
CA PHE A 409 20.20 24.99 20.53
C PHE A 409 20.20 25.52 19.11
N GLN A 410 19.45 24.85 18.24
CA GLN A 410 19.44 25.20 16.82
C GLN A 410 18.02 25.43 16.31
N PHE A 411 17.85 26.41 15.42
CA PHE A 411 16.53 26.70 14.86
C PHE A 411 16.58 27.46 13.54
N SER A 412 15.85 26.97 12.55
CA SER A 412 15.76 27.62 11.24
C SER A 412 14.33 27.93 10.82
N TYR A 413 14.11 29.13 10.31
CA TYR A 413 12.78 29.62 9.98
C TYR A 413 12.79 30.25 8.58
N THR A 414 11.63 30.21 7.90
CA THR A 414 11.52 30.75 6.56
C THR A 414 10.35 31.73 6.44
N PHE A 415 10.67 33.00 6.22
CA PHE A 415 9.65 34.05 6.09
C PHE A 415 8.70 33.75 4.94
N GLU A 416 7.45 34.19 5.09
CA GLU A 416 6.46 34.04 4.04
C GLU A 416 6.59 35.17 3.03
N ASP A 417 5.74 35.16 2.01
CA ASP A 417 5.74 36.21 1.00
C ASP A 417 5.13 37.49 1.57
N VAL A 418 5.95 38.54 1.66
CA VAL A 418 5.48 39.82 2.18
C VAL A 418 6.09 40.99 1.40
N PRO A 419 5.22 41.87 0.88
CA PRO A 419 5.56 43.00 0.02
C PRO A 419 6.76 43.83 0.51
N PHE A 420 7.64 44.17 -0.41
CA PHE A 420 8.81 45.00 -0.11
C PHE A 420 8.38 46.26 0.62
N HIS A 421 9.25 46.77 1.48
CA HIS A 421 9.00 48.07 2.10
C HIS A 421 9.34 49.18 1.14
N SER A 422 8.73 50.35 1.34
CA SER A 422 8.97 51.50 0.50
C SER A 422 10.20 52.28 0.96
N SER A 423 11.36 51.93 0.42
CA SER A 423 12.59 52.68 0.67
C SER A 423 12.70 53.80 -0.36
N TYR A 424 11.55 54.26 -0.83
CA TYR A 424 11.49 55.31 -1.84
C TYR A 424 10.44 56.36 -1.50
N ALA A 425 10.51 57.50 -2.19
CA ALA A 425 9.52 58.56 -2.04
C ALA A 425 9.14 59.07 -3.43
N HIS A 426 7.86 59.36 -3.62
CA HIS A 426 7.37 59.76 -4.94
C HIS A 426 7.84 61.16 -5.36
N SER A 427 8.31 61.27 -6.60
CA SER A 427 8.73 62.56 -7.14
C SER A 427 7.54 63.27 -7.79
N GLN A 428 6.44 62.54 -7.96
CA GLN A 428 5.20 63.12 -8.48
C GLN A 428 4.16 63.23 -7.38
N SER A 429 3.05 63.90 -7.66
CA SER A 429 1.95 64.01 -6.70
C SER A 429 0.66 63.47 -7.30
N LEU A 430 -0.31 63.16 -6.45
CA LEU A 430 -1.60 62.64 -6.92
C LEU A 430 -2.33 63.64 -7.80
N ASP A 431 -2.39 64.89 -7.36
CA ASP A 431 -3.09 65.93 -8.11
C ASP A 431 -2.22 66.52 -9.22
N ARG A 432 -0.91 66.35 -9.10
CA ARG A 432 0.03 66.87 -10.10
C ARG A 432 0.57 65.74 -10.97
N LEU A 433 -0.34 64.98 -11.57
CA LEU A 433 0.04 63.78 -12.33
C LEU A 433 -0.12 63.99 -13.84
N MET A 434 -0.97 64.92 -14.23
CA MET A 434 -1.29 65.14 -15.64
C MET A 434 -0.23 65.93 -16.42
N ASN A 435 -0.62 66.39 -17.61
CA ASN A 435 0.29 67.12 -18.49
C ASN A 435 0.11 68.63 -18.37
N PRO A 436 1.20 69.32 -18.00
CA PRO A 436 1.24 70.78 -17.83
C PRO A 436 1.00 71.55 -19.13
N LEU A 437 1.18 70.90 -20.27
CA LEU A 437 1.15 71.59 -21.56
C LEU A 437 -0.18 71.46 -22.29
N ILE A 438 -0.79 70.28 -22.18
CA ILE A 438 -2.02 70.01 -22.93
C ILE A 438 -3.25 70.13 -22.05
N ASP A 439 -4.38 70.49 -22.67
CA ASP A 439 -5.63 70.65 -21.96
C ASP A 439 -6.45 69.36 -22.02
N GLN A 440 -7.32 69.15 -21.04
CA GLN A 440 -8.20 67.99 -21.06
C GLN A 440 -9.33 68.20 -22.07
N TYR A 441 -9.90 67.09 -22.55
CA TYR A 441 -11.04 67.18 -23.46
C TYR A 441 -12.34 67.02 -22.68
N LEU A 442 -12.21 66.92 -21.36
CA LEU A 442 -13.38 66.82 -20.49
C LEU A 442 -13.83 68.19 -20.00
N TYR A 443 -15.10 68.30 -19.65
CA TYR A 443 -15.65 69.58 -19.21
C TYR A 443 -16.19 69.50 -17.78
N TYR A 444 -16.03 70.60 -17.05
CA TYR A 444 -16.54 70.71 -15.70
C TYR A 444 -17.31 72.02 -15.58
N LEU A 445 -18.18 72.12 -14.58
CA LEU A 445 -18.93 73.35 -14.36
C LEU A 445 -18.20 74.23 -13.34
N ASN A 446 -17.98 75.49 -13.69
CA ASN A 446 -17.23 76.41 -12.82
C ASN A 446 -17.95 77.71 -12.54
N ARG A 447 -19.06 77.94 -13.23
CA ARG A 447 -19.86 79.16 -13.04
C ARG A 447 -21.34 78.83 -12.97
N THR A 448 -21.97 79.19 -11.86
CA THR A 448 -23.38 78.91 -11.65
C THR A 448 -24.25 80.15 -11.86
N GLN A 449 -23.70 81.32 -11.52
CA GLN A 449 -24.44 82.58 -11.67
C GLN A 449 -23.63 83.65 -12.36
N GLY A 450 -22.47 83.98 -11.81
CA GLY A 450 -21.65 85.07 -12.30
C GLY A 450 -21.51 85.10 -13.80
N THR A 451 -22.35 85.89 -14.46
CA THR A 451 -22.30 86.03 -15.91
C THR A 451 -21.76 87.42 -16.25
N THR A 452 -22.04 87.88 -17.47
CA THR A 452 -21.79 89.26 -17.85
C THR A 452 -22.67 90.13 -16.94
N SER A 453 -22.26 90.24 -15.68
CA SER A 453 -23.11 90.80 -14.63
C SER A 453 -23.29 92.32 -14.74
N GLY A 454 -24.49 92.72 -15.13
CA GLY A 454 -24.84 94.13 -15.22
C GLY A 454 -26.35 94.29 -15.38
N THR A 455 -26.85 93.91 -16.55
CA THR A 455 -28.26 93.97 -16.87
C THR A 455 -28.82 92.55 -16.95
N THR A 456 -29.94 92.31 -16.29
CA THR A 456 -30.70 91.06 -16.44
C THR A 456 -29.82 89.79 -16.41
N ASN A 457 -28.85 89.77 -15.49
CA ASN A 457 -27.97 88.61 -15.38
C ASN A 457 -27.94 88.02 -13.97
N GLN A 458 -28.99 87.27 -13.65
CA GLN A 458 -29.10 86.61 -12.36
C GLN A 458 -28.21 85.37 -12.31
N SER A 459 -28.51 84.37 -13.14
CA SER A 459 -27.78 83.11 -13.13
C SER A 459 -27.76 82.42 -14.50
N ARG A 460 -26.72 81.62 -14.72
CA ARG A 460 -26.56 80.88 -15.97
C ARG A 460 -25.57 79.74 -15.77
N LEU A 461 -25.87 78.59 -16.35
CA LEU A 461 -25.00 77.42 -16.23
C LEU A 461 -23.88 77.45 -17.26
N LEU A 462 -22.64 77.59 -16.77
CA LEU A 462 -21.49 77.72 -17.66
C LEU A 462 -20.39 76.70 -17.36
N PHE A 463 -19.90 76.04 -18.41
CA PHE A 463 -18.91 74.99 -18.27
C PHE A 463 -17.57 75.38 -18.91
N SER A 464 -16.48 74.90 -18.32
CA SER A 464 -15.15 75.17 -18.86
C SER A 464 -14.40 73.87 -19.18
N GLN A 465 -13.56 73.92 -20.21
CA GLN A 465 -12.68 72.81 -20.55
C GLN A 465 -11.42 72.89 -19.72
N ALA A 466 -11.11 71.81 -19.00
CA ALA A 466 -9.94 71.79 -18.14
C ALA A 466 -8.66 72.15 -18.89
N GLY A 467 -7.84 73.00 -18.28
CA GLY A 467 -6.57 73.38 -18.86
C GLY A 467 -5.48 73.34 -17.81
N PRO A 468 -4.23 73.62 -18.21
CA PRO A 468 -3.13 73.67 -17.25
C PRO A 468 -3.39 74.79 -16.25
N GLN A 469 -4.25 75.71 -16.66
CA GLN A 469 -4.61 76.85 -15.85
C GLN A 469 -5.59 76.42 -14.75
N SER A 470 -6.54 75.57 -15.10
CA SER A 470 -7.47 75.01 -14.12
C SER A 470 -6.88 73.71 -13.56
N MET A 471 -5.76 73.83 -12.86
CA MET A 471 -5.00 72.65 -12.43
C MET A 471 -5.66 71.86 -11.31
N SER A 472 -6.22 72.55 -10.32
CA SER A 472 -6.87 71.88 -9.20
C SER A 472 -8.36 71.70 -9.45
N LEU A 473 -8.75 71.68 -10.72
CA LEU A 473 -10.15 71.54 -11.10
C LEU A 473 -10.33 70.42 -12.13
N GLN A 474 -9.22 69.94 -12.69
CA GLN A 474 -9.26 68.92 -13.73
C GLN A 474 -9.84 67.60 -13.22
N ALA A 475 -10.40 66.84 -14.14
CA ALA A 475 -10.91 65.50 -13.81
C ALA A 475 -9.80 64.65 -13.23
N ARG A 476 -10.17 63.77 -12.30
CA ARG A 476 -9.18 62.96 -11.60
C ARG A 476 -9.52 61.48 -11.68
N ASN A 477 -8.49 60.64 -11.60
CA ASN A 477 -8.66 59.19 -11.67
C ASN A 477 -8.47 58.47 -10.33
N TRP A 478 -7.91 59.18 -9.36
CA TRP A 478 -7.51 58.55 -8.10
C TRP A 478 -7.74 59.46 -6.89
N LEU A 479 -7.89 58.85 -5.71
CA LEU A 479 -8.04 59.59 -4.46
C LEU A 479 -6.88 59.34 -3.50
N PRO A 480 -6.72 60.21 -2.49
CA PRO A 480 -5.70 60.04 -1.45
C PRO A 480 -6.09 58.91 -0.49
N GLY A 481 -5.15 58.52 0.37
CA GLY A 481 -5.40 57.45 1.32
C GLY A 481 -6.40 57.85 2.38
N PRO A 482 -6.91 56.86 3.15
CA PRO A 482 -7.88 57.08 4.22
C PRO A 482 -7.31 58.02 5.28
N CYS A 483 -8.12 58.38 6.27
CA CYS A 483 -7.67 59.31 7.31
C CYS A 483 -8.43 59.18 8.63
N TYR A 484 -7.79 59.63 9.69
CA TYR A 484 -8.39 59.70 11.02
C TYR A 484 -7.76 60.87 11.75
N ARG A 485 -8.38 62.04 11.64
CA ARG A 485 -7.79 63.30 12.10
C ARG A 485 -7.14 63.20 13.47
N GLN A 486 -5.93 63.75 13.58
CA GLN A 486 -5.21 63.85 14.84
C GLN A 486 -5.14 65.32 15.25
N GLN A 487 -4.96 65.57 16.54
CA GLN A 487 -4.84 66.94 17.03
C GLN A 487 -3.46 67.51 16.73
N ARG A 488 -3.39 68.80 16.41
CA ARG A 488 -2.12 69.44 16.08
C ARG A 488 -1.40 69.95 17.33
N LEU A 489 -0.12 69.60 17.44
CA LEU A 489 0.69 70.07 18.56
C LEU A 489 1.92 70.82 18.06
N SER A 490 2.37 71.79 18.85
CA SER A 490 3.58 72.52 18.50
C SER A 490 4.71 72.15 19.45
N LYS A 491 5.93 72.16 18.93
CA LYS A 491 7.10 71.87 19.74
C LYS A 491 7.41 73.07 20.63
N THR A 492 6.95 74.25 20.20
CA THR A 492 7.09 75.46 20.99
C THR A 492 6.02 75.48 22.09
N ALA A 493 6.46 75.35 23.33
CA ALA A 493 5.55 75.15 24.46
C ALA A 493 4.74 76.40 24.82
N ASN A 494 4.45 77.24 23.84
CA ASN A 494 3.64 78.43 24.09
C ASN A 494 2.62 78.70 22.99
N ASP A 495 2.74 77.98 21.89
CA ASP A 495 1.77 78.08 20.81
C ASP A 495 0.51 77.36 21.23
N ASN A 496 0.65 76.42 22.15
CA ASN A 496 -0.42 75.51 22.52
C ASN A 496 -1.41 76.09 23.53
N ASN A 497 -2.56 75.44 23.64
CA ASN A 497 -3.60 75.83 24.59
C ASN A 497 -3.16 75.53 26.02
N ASN A 498 -3.41 76.46 26.92
CA ASN A 498 -3.04 76.29 28.32
C ASN A 498 -3.99 75.32 29.04
N SER A 499 -4.02 74.08 28.56
CA SER A 499 -4.85 73.03 29.13
C SER A 499 -4.24 71.65 28.87
N ASN A 500 -4.43 70.73 29.80
CA ASN A 500 -3.91 69.37 29.65
C ASN A 500 -4.90 68.46 28.92
N PHE A 501 -4.62 68.24 27.63
CA PHE A 501 -5.56 67.51 26.76
C PHE A 501 -4.98 66.27 26.07
N PRO A 502 -3.96 65.62 26.67
CA PRO A 502 -3.36 64.48 25.97
C PRO A 502 -4.23 63.24 26.07
N TRP A 503 -5.43 63.38 26.61
CA TRP A 503 -6.35 62.24 26.75
C TRP A 503 -7.79 62.64 26.46
N THR A 504 -8.14 63.86 26.85
CA THR A 504 -9.50 64.35 26.71
C THR A 504 -9.74 64.99 25.33
N ALA A 505 -8.67 65.14 24.56
CA ALA A 505 -8.78 65.77 23.24
C ALA A 505 -8.08 64.95 22.15
N ALA A 506 -7.51 63.81 22.53
CA ALA A 506 -6.81 62.96 21.58
C ALA A 506 -7.77 61.95 20.95
N SER A 507 -7.46 61.55 19.72
CA SER A 507 -8.28 60.56 19.00
C SER A 507 -8.10 59.18 19.58
N LYS A 508 -9.21 58.53 19.93
CA LYS A 508 -9.17 57.25 20.61
C LYS A 508 -10.30 56.35 20.14
N TYR A 509 -10.17 55.05 20.38
CA TYR A 509 -11.23 54.11 20.06
C TYR A 509 -11.64 53.38 21.34
N HIS A 510 -12.76 52.66 21.30
CA HIS A 510 -13.18 51.92 22.47
C HIS A 510 -13.82 50.58 22.12
N LEU A 511 -13.43 49.55 22.85
CA LEU A 511 -13.98 48.22 22.66
C LEU A 511 -14.46 47.68 24.00
N ASN A 512 -15.65 47.10 24.01
CA ASN A 512 -16.19 46.52 25.23
C ASN A 512 -16.37 47.60 26.30
N GLY A 513 -16.56 48.83 25.86
CA GLY A 513 -16.72 49.96 26.77
C GLY A 513 -15.41 50.38 27.40
N ARG A 514 -14.31 50.15 26.70
CA ARG A 514 -12.98 50.48 27.19
C ARG A 514 -12.21 51.36 26.21
N ASP A 515 -11.91 52.59 26.64
CA ASP A 515 -11.17 53.54 25.81
C ASP A 515 -9.71 53.11 25.62
N SER A 516 -9.24 53.19 24.38
CA SER A 516 -7.85 52.93 24.06
C SER A 516 -7.35 53.97 23.07
N LEU A 517 -6.17 54.51 23.31
CA LEU A 517 -5.65 55.60 22.49
C LEU A 517 -5.16 55.12 21.13
N VAL A 518 -5.69 55.72 20.07
CA VAL A 518 -5.25 55.41 18.72
C VAL A 518 -3.91 56.08 18.46
N ASN A 519 -2.83 55.42 18.90
CA ASN A 519 -1.50 56.03 18.80
C ASN A 519 -0.99 56.16 17.36
N PRO A 520 -0.47 55.07 16.77
CA PRO A 520 -0.07 55.26 15.37
C PRO A 520 -1.24 54.92 14.46
N GLY A 521 -2.08 55.92 14.18
CA GLY A 521 -3.25 55.69 13.36
C GLY A 521 -2.89 55.40 11.92
N PRO A 522 -3.88 55.48 11.02
CA PRO A 522 -3.57 55.33 9.59
C PRO A 522 -2.39 56.21 9.21
N ALA A 523 -1.69 55.83 8.15
CA ALA A 523 -0.53 56.59 7.70
C ALA A 523 -0.95 57.95 7.13
N MET A 524 -0.67 59.02 7.86
CA MET A 524 -0.98 60.37 7.42
C MET A 524 0.27 61.24 7.53
N ALA A 525 0.34 62.32 6.74
CA ALA A 525 1.48 63.21 6.75
C ALA A 525 1.54 64.03 8.06
N SER A 526 2.75 64.23 8.58
CA SER A 526 2.93 64.94 9.83
C SER A 526 2.62 66.43 9.76
N HIS A 527 3.10 67.09 8.71
CA HIS A 527 2.91 68.53 8.54
C HIS A 527 2.84 68.92 7.07
N LYS A 528 2.20 70.05 6.79
CA LYS A 528 2.15 70.59 5.43
C LYS A 528 3.42 71.41 5.14
N ASP A 529 3.55 71.87 3.91
CA ASP A 529 4.77 72.57 3.49
C ASP A 529 4.99 73.87 4.25
N ASP A 530 6.27 74.17 4.52
CA ASP A 530 6.67 75.42 5.16
C ASP A 530 6.25 75.53 6.63
N GLU A 531 6.28 74.41 7.34
CA GLU A 531 6.00 74.41 8.78
C GLU A 531 7.10 73.67 9.53
N GLU A 532 7.06 72.34 9.48
CA GLU A 532 8.12 71.52 10.06
C GLU A 532 8.28 71.77 11.55
N LYS A 533 7.19 72.12 12.22
CA LYS A 533 7.23 72.35 13.66
C LYS A 533 6.00 71.74 14.34
N PHE A 534 4.93 71.61 13.56
CA PHE A 534 3.69 71.02 14.06
C PHE A 534 3.64 69.52 13.79
N PHE A 535 3.71 68.73 14.86
CA PHE A 535 3.57 67.30 14.74
C PHE A 535 2.20 66.89 15.29
N PRO A 536 1.64 65.78 14.77
CA PRO A 536 0.33 65.32 15.24
C PRO A 536 0.40 64.79 16.66
N MET A 537 -0.69 64.96 17.40
CA MET A 537 -0.80 64.32 18.70
C MET A 537 -0.53 62.84 18.49
N HIS A 538 0.66 62.39 18.89
CA HIS A 538 1.06 61.00 18.73
C HIS A 538 0.75 60.42 17.34
N GLY A 539 0.92 61.23 16.30
CA GLY A 539 0.69 60.78 14.95
C GLY A 539 1.90 60.11 14.34
N ASN A 540 2.82 59.67 15.20
CA ASN A 540 4.06 59.03 14.76
C ASN A 540 4.85 58.45 15.93
N LEU A 541 5.80 57.56 15.62
CA LEU A 541 6.59 56.90 16.66
C LEU A 541 7.68 57.81 17.22
N ILE A 542 7.75 57.88 18.55
CA ILE A 542 8.72 58.71 19.21
C ILE A 542 9.70 57.86 20.02
N PHE A 543 10.99 58.04 19.75
CA PHE A 543 12.03 57.26 20.42
C PHE A 543 12.70 58.06 21.53
N GLY A 544 12.99 57.39 22.64
CA GLY A 544 13.66 58.05 23.76
C GLY A 544 15.17 57.95 23.65
N LYS A 545 15.85 59.07 23.87
CA LYS A 545 17.30 59.11 23.85
C LYS A 545 17.89 58.23 24.94
N GLU A 546 19.16 57.89 24.80
CA GLU A 546 19.84 57.08 25.80
C GLU A 546 19.90 57.82 27.13
N GLY A 547 19.56 57.12 28.22
CA GLY A 547 19.57 57.72 29.54
C GLY A 547 18.50 58.78 29.68
N THR A 548 17.26 58.35 29.91
CA THR A 548 16.13 59.26 30.09
C THR A 548 14.96 58.53 30.76
N THR A 549 14.58 59.00 31.95
CA THR A 549 13.55 58.34 32.75
C THR A 549 12.27 58.05 31.95
N ALA A 550 11.55 57.02 32.37
CA ALA A 550 10.33 56.59 31.70
C ALA A 550 9.13 57.46 32.05
N SER A 551 9.32 58.33 33.04
CA SER A 551 8.21 59.14 33.54
C SER A 551 8.42 60.63 33.27
N ASN A 552 7.58 61.18 32.40
CA ASN A 552 7.58 62.60 32.06
C ASN A 552 8.97 63.17 31.81
N ALA A 553 9.53 62.87 30.63
CA ALA A 553 10.82 63.39 30.26
C ALA A 553 10.65 64.67 29.43
N GLU A 554 11.75 65.40 29.26
CA GLU A 554 11.71 66.68 28.56
C GLU A 554 11.57 66.49 27.05
N LEU A 555 11.13 67.54 26.37
CA LEU A 555 10.99 67.55 24.92
C LEU A 555 12.35 67.42 24.22
N ASP A 556 13.40 67.90 24.88
CA ASP A 556 14.74 67.83 24.33
C ASP A 556 15.39 66.49 24.67
N ASN A 557 14.60 65.58 25.22
CA ASN A 557 15.08 64.25 25.58
C ASN A 557 14.46 63.13 24.74
N VAL A 558 13.64 63.51 23.76
CA VAL A 558 13.00 62.53 22.90
C VAL A 558 13.21 62.85 21.42
N MET A 559 13.01 61.83 20.59
CA MET A 559 13.18 61.97 19.14
C MET A 559 11.87 61.68 18.42
N ILE A 560 11.27 62.73 17.87
CA ILE A 560 10.01 62.61 17.17
C ILE A 560 10.27 62.40 15.68
N THR A 561 9.55 61.45 15.08
CA THR A 561 9.80 61.07 13.70
C THR A 561 8.90 61.82 12.72
N ASP A 562 9.50 62.31 11.63
CA ASP A 562 8.77 63.11 10.65
C ASP A 562 8.38 62.27 9.44
N GLU A 563 7.07 62.17 9.18
CA GLU A 563 6.57 61.46 8.02
C GLU A 563 6.19 62.45 6.92
N GLU A 564 7.20 63.11 6.35
CA GLU A 564 6.97 64.14 5.34
C GLU A 564 7.40 63.72 3.94
N GLU A 565 7.48 62.42 3.70
CA GLU A 565 7.81 61.92 2.37
C GLU A 565 6.56 61.38 1.69
N ILE A 566 5.53 61.14 2.48
CA ILE A 566 4.28 60.58 1.97
C ILE A 566 3.22 61.65 1.75
N ARG A 567 3.67 62.89 1.59
CA ARG A 567 2.77 64.02 1.39
C ARG A 567 1.94 63.88 0.12
N THR A 568 2.47 63.13 -0.86
CA THR A 568 1.88 63.05 -2.18
C THR A 568 0.77 62.00 -2.31
N THR A 569 0.70 61.09 -1.34
CA THR A 569 -0.28 60.02 -1.39
C THR A 569 -1.22 60.06 -0.18
N ASN A 570 -0.75 60.69 0.89
CA ASN A 570 -1.49 60.68 2.15
C ASN A 570 -1.97 62.06 2.62
N PRO A 571 -3.15 62.08 3.25
CA PRO A 571 -3.71 63.29 3.86
C PRO A 571 -2.91 63.70 5.08
N VAL A 572 -2.89 64.99 5.38
CA VAL A 572 -2.18 65.48 6.56
C VAL A 572 -2.91 65.07 7.84
N ALA A 573 -2.16 64.55 8.81
CA ALA A 573 -2.74 63.97 10.03
C ALA A 573 -3.59 64.95 10.84
N THR A 574 -3.09 66.19 10.97
CA THR A 574 -3.74 67.20 11.78
C THR A 574 -4.79 67.96 10.97
N GLU A 575 -4.52 68.16 9.68
CA GLU A 575 -5.44 68.87 8.80
C GLU A 575 -6.69 68.03 8.51
N GLN A 576 -7.67 68.65 7.86
CA GLN A 576 -8.91 67.98 7.51
C GLN A 576 -8.70 66.97 6.38
N TYR A 577 -9.81 66.49 5.82
CA TYR A 577 -9.74 65.59 4.68
C TYR A 577 -10.24 66.28 3.41
N GLY A 578 -11.35 67.00 3.53
CA GLY A 578 -11.91 67.71 2.40
C GLY A 578 -13.31 68.27 2.64
N THR A 579 -14.04 68.44 1.55
CA THR A 579 -15.37 69.02 1.60
C THR A 579 -16.42 68.03 1.10
N VAL A 580 -17.56 68.00 1.78
CA VAL A 580 -18.68 67.14 1.37
C VAL A 580 -19.97 67.95 1.42
N ALA A 581 -20.84 67.72 0.44
CA ALA A 581 -22.14 68.39 0.43
C ALA A 581 -23.12 67.66 1.33
N ASN A 582 -24.08 68.40 1.88
CA ASN A 582 -25.09 67.81 2.76
C ASN A 582 -26.42 68.58 2.78
N ASN A 583 -26.93 68.89 1.58
CA ASN A 583 -28.22 69.55 1.43
C ASN A 583 -28.61 69.66 -0.04
N LEU A 584 -29.88 69.94 -0.30
CA LEU A 584 -30.37 70.10 -1.67
C LEU A 584 -30.49 71.58 -2.03
N GLN A 585 -29.40 72.15 -2.52
CA GLN A 585 -29.35 73.57 -2.85
C GLN A 585 -30.41 73.94 -3.88
N SER A 586 -30.92 75.17 -3.78
CA SER A 586 -31.93 75.67 -4.71
C SER A 586 -32.10 77.17 -4.52
N SER A 587 -33.09 77.73 -5.20
CA SER A 587 -33.41 79.14 -5.04
C SER A 587 -33.82 79.43 -3.59
N ASN A 588 -34.41 78.44 -2.93
CA ASN A 588 -34.86 78.58 -1.56
C ASN A 588 -33.77 78.29 -0.54
N THR A 589 -32.82 77.44 -0.92
CA THR A 589 -31.80 76.97 0.01
C THR A 589 -30.39 77.27 -0.47
N ALA A 590 -29.53 77.72 0.45
CA ALA A 590 -28.13 77.97 0.14
C ALA A 590 -27.32 76.68 0.34
N PRO A 591 -26.41 76.39 -0.61
CA PRO A 591 -25.55 75.20 -0.58
C PRO A 591 -24.75 75.09 0.71
N THR A 592 -24.71 73.90 1.30
CA THR A 592 -24.00 73.69 2.56
C THR A 592 -22.78 72.80 2.41
N THR A 593 -21.70 73.15 3.11
CA THR A 593 -20.46 72.40 3.08
C THR A 593 -20.14 71.80 4.44
N ARG A 594 -19.63 70.57 4.43
CA ARG A 594 -19.25 69.88 5.66
C ARG A 594 -17.77 69.50 5.64
N THR A 595 -17.05 69.88 6.69
CA THR A 595 -15.64 69.53 6.82
C THR A 595 -15.50 68.10 7.31
N VAL A 596 -15.00 67.22 6.44
CA VAL A 596 -14.85 65.80 6.78
C VAL A 596 -13.61 65.54 7.62
N ASN A 597 -13.81 64.95 8.79
CA ASN A 597 -12.74 64.70 9.74
C ASN A 597 -12.37 63.22 9.78
N ASP A 598 -13.26 62.38 9.26
CA ASP A 598 -13.04 60.94 9.28
C ASP A 598 -13.50 60.28 7.99
N GLN A 599 -12.58 59.60 7.31
CA GLN A 599 -12.89 58.97 6.04
C GLN A 599 -12.53 57.48 6.01
N GLY A 600 -13.55 56.64 5.86
CA GLY A 600 -13.31 55.21 5.67
C GLY A 600 -12.61 54.97 4.35
N ALA A 601 -12.65 53.73 3.86
CA ALA A 601 -12.01 53.37 2.61
C ALA A 601 -12.88 53.72 1.41
N LEU A 602 -12.27 53.86 0.24
CA LEU A 602 -13.00 54.22 -0.97
C LEU A 602 -12.39 53.60 -2.23
N PRO A 603 -13.24 53.10 -3.12
CA PRO A 603 -12.79 52.57 -4.42
C PRO A 603 -12.03 53.64 -5.20
N GLY A 604 -10.71 53.50 -5.30
CA GLY A 604 -9.90 54.43 -6.05
C GLY A 604 -8.85 55.11 -5.21
N MET A 605 -8.86 54.84 -3.91
CA MET A 605 -7.86 55.42 -3.02
C MET A 605 -6.53 54.70 -3.17
N VAL A 606 -5.44 55.45 -3.04
CA VAL A 606 -4.09 54.90 -3.07
C VAL A 606 -3.26 55.54 -1.97
N TRP A 607 -2.57 54.74 -1.18
CA TRP A 607 -1.81 55.27 -0.07
C TRP A 607 -0.44 54.60 0.09
N GLN A 608 0.44 55.28 0.79
CA GLN A 608 1.73 54.72 1.15
C GLN A 608 1.69 54.38 2.64
N ASP A 609 2.34 53.29 3.04
CA ASP A 609 2.35 52.91 4.45
C ASP A 609 3.35 53.76 5.21
N ARG A 610 3.52 53.49 6.50
CA ARG A 610 4.46 54.25 7.32
C ARG A 610 5.90 53.99 6.90
N ASP A 611 6.82 54.13 7.85
CA ASP A 611 8.23 53.93 7.55
C ASP A 611 8.91 53.12 8.64
N VAL A 612 10.02 52.48 8.29
CA VAL A 612 10.82 51.76 9.27
C VAL A 612 12.13 52.49 9.50
N TYR A 613 12.50 52.62 10.77
CA TYR A 613 13.73 53.31 11.13
C TYR A 613 14.70 52.35 11.77
N LEU A 614 15.98 52.71 11.76
CA LEU A 614 17.03 51.84 12.25
C LEU A 614 16.68 51.16 13.58
N GLN A 615 15.87 51.83 14.39
CA GLN A 615 15.51 51.30 15.71
C GLN A 615 14.03 50.93 15.82
N GLY A 616 13.36 50.86 14.68
CA GLY A 616 11.93 50.53 14.65
C GLY A 616 11.66 49.05 14.67
N PRO A 617 10.39 48.67 14.86
CA PRO A 617 9.97 47.26 14.80
C PRO A 617 10.20 46.69 13.41
N ILE A 618 10.34 45.38 13.31
CA ILE A 618 10.55 44.74 12.02
C ILE A 618 9.27 44.07 11.51
N TRP A 619 8.72 43.14 12.30
CA TRP A 619 7.53 42.42 11.88
C TRP A 619 6.41 42.51 12.93
N ALA A 620 5.29 41.87 12.63
CA ALA A 620 4.14 41.86 13.54
C ALA A 620 3.18 40.73 13.17
N LYS A 621 2.71 40.00 14.18
CA LYS A 621 1.79 38.89 13.94
C LYS A 621 0.36 39.35 13.67
N ILE A 622 -0.05 39.27 12.41
CA ILE A 622 -1.43 39.58 12.05
C ILE A 622 -2.38 38.68 12.83
N PRO A 623 -3.28 39.30 13.61
CA PRO A 623 -4.25 38.57 14.44
C PRO A 623 -5.05 37.57 13.63
N HIS A 624 -5.37 36.43 14.22
CA HIS A 624 -6.15 35.41 13.52
C HIS A 624 -7.64 35.64 13.68
N THR A 625 -8.18 36.55 12.87
CA THR A 625 -9.60 36.88 12.90
C THR A 625 -10.29 36.46 11.60
N ASP A 626 -11.58 36.75 11.52
CA ASP A 626 -12.35 36.45 10.32
C ASP A 626 -11.98 37.39 9.17
N GLY A 627 -11.49 38.58 9.50
CA GLY A 627 -11.23 39.57 8.48
C GLY A 627 -10.17 40.60 8.82
N HIS A 628 -9.42 41.00 7.80
CA HIS A 628 -8.44 42.07 7.90
C HIS A 628 -8.60 42.92 6.65
N PHE A 629 -8.17 44.19 6.72
CA PHE A 629 -8.24 45.05 5.55
C PHE A 629 -6.91 45.11 4.82
N HIS A 630 -6.02 45.98 5.29
CA HIS A 630 -4.69 46.11 4.72
C HIS A 630 -3.71 45.81 5.83
N PRO A 631 -3.51 44.51 6.12
CA PRO A 631 -2.81 44.00 7.30
C PRO A 631 -1.34 44.39 7.38
N SER A 632 -1.06 45.68 7.47
CA SER A 632 0.30 46.16 7.68
C SER A 632 0.41 46.75 9.09
N PRO A 633 1.43 46.30 9.85
CA PRO A 633 1.62 46.74 11.24
C PRO A 633 1.50 48.25 11.35
N LEU A 634 0.60 48.72 12.21
CA LEU A 634 0.38 50.16 12.34
C LEU A 634 1.64 50.90 12.75
N MET A 635 2.49 50.24 13.54
CA MET A 635 3.74 50.84 13.98
C MET A 635 4.79 50.73 12.87
N GLY A 636 4.45 50.01 11.82
CA GLY A 636 5.32 49.88 10.66
C GLY A 636 6.00 48.53 10.57
N GLY A 637 6.26 48.08 9.35
CA GLY A 637 6.97 46.84 9.13
C GLY A 637 6.21 45.83 8.30
N PHE A 638 6.53 44.56 8.52
CA PHE A 638 5.96 43.48 7.74
C PHE A 638 4.93 42.69 8.53
N GLY A 639 3.69 42.70 8.05
CA GLY A 639 2.62 41.95 8.67
C GLY A 639 2.69 40.50 8.28
N LEU A 640 2.85 39.63 9.27
CA LEU A 640 3.05 38.22 8.99
C LEU A 640 1.97 37.36 9.65
N LYS A 641 1.37 36.48 8.86
CA LYS A 641 0.46 35.48 9.38
C LYS A 641 1.23 34.58 10.35
N HIS A 642 2.38 34.09 9.89
CA HIS A 642 3.24 33.23 10.69
C HIS A 642 4.64 33.84 10.81
N PRO A 643 4.84 34.68 11.85
CA PRO A 643 6.09 35.39 12.11
C PRO A 643 7.05 34.54 12.93
N PRO A 644 8.36 34.89 12.91
CA PRO A 644 9.39 34.18 13.69
C PRO A 644 8.87 33.82 15.07
N PRO A 645 8.63 32.53 15.31
CA PRO A 645 8.04 32.01 16.55
C PRO A 645 8.77 32.50 17.77
N GLN A 646 8.14 32.37 18.94
CA GLN A 646 8.73 32.80 20.19
C GLN A 646 9.67 31.73 20.74
N ILE A 647 10.88 32.15 21.13
CA ILE A 647 11.85 31.24 21.72
C ILE A 647 11.92 31.46 23.22
N MET A 648 11.50 30.46 23.99
CA MET A 648 11.49 30.53 25.44
C MET A 648 12.76 29.98 26.08
N ILE A 649 13.05 30.46 27.28
CA ILE A 649 14.24 30.08 28.02
C ILE A 649 13.96 30.20 29.51
N LYS A 650 14.50 29.27 30.29
CA LYS A 650 14.35 29.33 31.74
C LYS A 650 15.33 28.39 32.44
N ASN A 651 15.77 28.79 33.64
CA ASN A 651 16.69 27.98 34.40
C ASN A 651 15.96 26.85 35.11
N THR A 652 16.39 25.63 34.87
CA THR A 652 15.76 24.48 35.49
C THR A 652 15.90 24.55 37.01
N PRO A 653 14.76 24.56 37.71
CA PRO A 653 14.71 24.68 39.18
C PRO A 653 15.53 23.62 39.89
N VAL A 654 16.39 24.02 40.82
CA VAL A 654 17.19 23.08 41.58
C VAL A 654 16.79 23.09 43.05
N PRO A 655 16.18 22.01 43.54
CA PRO A 655 15.78 21.88 44.94
C PRO A 655 16.96 22.08 45.87
N ALA A 656 16.81 22.97 46.84
CA ALA A 656 17.81 23.12 47.89
C ALA A 656 17.80 21.86 48.74
N ASN A 657 18.18 22.00 50.00
CA ASN A 657 18.26 20.84 50.87
C ASN A 657 16.91 20.34 51.37
N PRO A 658 16.61 19.05 51.16
CA PRO A 658 15.37 18.39 51.58
C PRO A 658 15.49 17.76 52.97
N PRO A 659 14.35 17.60 53.66
CA PRO A 659 14.25 17.00 55.01
C PRO A 659 14.32 15.48 54.98
N THR A 660 14.79 14.89 56.07
CA THR A 660 14.86 13.42 56.20
C THR A 660 13.46 12.82 56.37
N THR A 661 12.50 13.66 56.75
CA THR A 661 11.12 13.23 56.86
C THR A 661 10.30 13.71 55.66
N PHE A 662 9.37 12.88 55.21
CA PHE A 662 8.58 13.19 54.01
C PHE A 662 7.59 14.33 54.22
N SER A 663 7.52 15.23 53.25
CA SER A 663 6.58 16.36 53.31
C SER A 663 5.77 16.46 52.02
N PRO A 664 4.44 16.43 52.15
CA PRO A 664 3.53 16.56 51.02
C PRO A 664 3.44 18.01 50.57
N ALA A 665 3.91 18.92 51.42
CA ALA A 665 3.85 20.35 51.13
C ALA A 665 4.57 20.71 49.84
N LYS A 666 4.00 21.64 49.09
CA LYS A 666 4.60 22.14 47.86
C LYS A 666 6.03 22.58 48.13
N PHE A 667 6.95 22.19 47.24
CA PHE A 667 8.35 22.53 47.42
C PHE A 667 8.60 23.99 47.04
N ALA A 668 9.30 24.72 47.90
CA ALA A 668 9.55 26.14 47.66
C ALA A 668 10.94 26.58 48.11
N SER A 669 11.78 25.62 48.52
CA SER A 669 13.16 25.90 48.90
C SER A 669 14.13 25.48 47.79
N PHE A 670 14.56 26.44 46.99
CA PHE A 670 15.44 26.16 45.85
C PHE A 670 16.79 26.84 45.96
N ILE A 671 17.77 26.29 45.25
CA ILE A 671 19.08 26.89 45.14
C ILE A 671 19.04 28.05 44.15
N THR A 672 19.53 29.21 44.58
CA THR A 672 19.51 30.40 43.76
C THR A 672 20.60 30.34 42.68
N GLN A 673 20.19 30.51 41.42
CA GLN A 673 21.12 30.38 40.30
C GLN A 673 20.65 31.15 39.08
N TYR A 674 21.61 31.62 38.28
CA TYR A 674 21.32 32.33 37.04
C TYR A 674 22.13 31.73 35.90
N SER A 675 21.63 31.87 34.68
CA SER A 675 22.31 31.33 33.50
C SER A 675 22.85 32.45 32.62
N THR A 676 23.84 32.10 31.79
CA THR A 676 24.44 33.06 30.88
C THR A 676 25.04 32.34 29.68
N GLY A 677 25.17 33.04 28.56
CA GLY A 677 25.72 32.45 27.36
C GLY A 677 25.58 33.36 26.17
N GLN A 678 25.85 32.83 24.98
CA GLN A 678 25.73 33.61 23.76
C GLN A 678 24.53 33.18 22.93
N VAL A 679 24.06 34.09 22.09
CA VAL A 679 22.97 33.80 21.18
C VAL A 679 23.32 34.39 19.82
N SER A 680 22.93 33.69 18.76
CA SER A 680 23.24 34.13 17.41
C SER A 680 22.03 34.10 16.49
N VAL A 681 21.79 35.21 15.79
CA VAL A 681 20.66 35.31 14.87
C VAL A 681 21.10 35.77 13.48
N GLU A 682 20.90 34.90 12.48
CA GLU A 682 21.27 35.19 11.10
C GLU A 682 20.03 35.38 10.24
N ILE A 683 19.96 36.51 9.56
CA ILE A 683 18.82 36.81 8.70
C ILE A 683 19.23 37.20 7.29
N GLU A 684 18.57 36.61 6.31
CA GLU A 684 18.82 36.94 4.91
C GLU A 684 17.76 37.93 4.44
N TRP A 685 18.20 38.87 3.62
CA TRP A 685 17.32 39.94 3.17
C TRP A 685 17.33 40.02 1.66
N GLU A 686 16.15 39.94 1.06
CA GLU A 686 16.04 40.15 -0.38
C GLU A 686 15.98 41.64 -0.65
N LEU A 687 16.65 42.08 -1.71
CA LEU A 687 16.71 43.50 -2.02
C LEU A 687 16.05 43.82 -3.37
N GLN A 688 15.49 45.02 -3.45
CA GLN A 688 14.97 45.53 -4.72
C GLN A 688 15.84 46.69 -5.16
N LYS A 689 16.64 46.45 -6.20
CA LYS A 689 17.58 47.47 -6.67
C LYS A 689 16.88 48.69 -7.26
N GLU A 690 17.64 49.77 -7.40
CA GLU A 690 17.12 51.04 -7.89
C GLU A 690 17.25 51.16 -9.41
N ASN A 691 16.14 51.45 -10.07
CA ASN A 691 16.15 51.65 -11.52
C ASN A 691 15.45 52.94 -11.90
N SER A 692 16.17 54.05 -11.79
CA SER A 692 15.61 55.37 -12.04
C SER A 692 16.37 56.10 -13.14
N LYS A 693 15.65 56.84 -13.97
CA LYS A 693 16.27 57.64 -15.03
C LYS A 693 16.30 59.12 -14.62
N ARG A 694 16.26 59.36 -13.32
CA ARG A 694 16.44 60.70 -12.78
C ARG A 694 17.79 61.24 -13.23
N TRP A 695 17.78 62.42 -13.83
CA TRP A 695 19.03 63.03 -14.31
C TRP A 695 19.84 63.63 -13.17
N ASN A 696 19.24 64.57 -12.45
CA ASN A 696 19.90 65.24 -11.34
C ASN A 696 20.05 64.31 -10.14
N PRO A 697 21.03 64.61 -9.26
CA PRO A 697 21.28 63.79 -8.07
C PRO A 697 20.08 63.72 -7.15
N GLU A 698 19.89 62.57 -6.50
CA GLU A 698 18.86 62.43 -5.48
C GLU A 698 19.47 62.72 -4.12
N ILE A 699 18.62 62.82 -3.09
CA ILE A 699 19.12 63.11 -1.75
C ILE A 699 19.60 61.84 -1.06
N GLN A 700 20.71 61.94 -0.33
CA GLN A 700 21.33 60.81 0.32
C GLN A 700 21.49 61.11 1.80
N TYR A 701 21.41 60.07 2.64
CA TYR A 701 21.74 60.27 4.05
C TYR A 701 23.25 60.36 4.21
N THR A 702 23.70 61.23 5.10
CA THR A 702 25.13 61.47 5.28
C THR A 702 25.45 62.02 6.66
N SER A 703 26.69 61.84 7.09
CA SER A 703 27.18 62.43 8.34
C SER A 703 27.69 63.84 8.10
N ASN A 704 27.56 64.69 9.12
CA ASN A 704 28.07 66.07 9.02
C ASN A 704 29.59 66.06 9.00
N TYR A 705 30.16 66.45 7.87
CA TYR A 705 31.60 66.43 7.67
C TYR A 705 32.30 67.49 8.54
N ASN A 706 31.51 68.34 9.17
CA ASN A 706 32.04 69.45 9.96
C ASN A 706 32.79 68.98 11.20
N LYS A 707 33.66 69.84 11.73
CA LYS A 707 34.36 69.56 12.98
C LYS A 707 33.34 69.34 14.08
N SER A 708 33.38 68.16 14.70
CA SER A 708 32.34 67.78 15.64
C SER A 708 32.84 67.32 17.01
N VAL A 709 31.95 67.41 17.99
CA VAL A 709 32.22 66.96 19.35
C VAL A 709 32.43 65.46 19.40
N ASN A 710 31.32 64.74 19.49
CA ASN A 710 31.33 63.28 19.49
C ASN A 710 30.94 62.76 18.13
N VAL A 711 31.33 61.52 17.84
CA VAL A 711 31.02 60.90 16.56
C VAL A 711 29.64 60.27 16.56
N ASP A 712 28.86 60.56 15.52
CA ASP A 712 27.51 60.03 15.39
C ASP A 712 27.48 58.51 15.48
N PHE A 713 26.63 58.00 16.36
CA PHE A 713 26.50 56.55 16.55
C PHE A 713 27.79 55.95 17.08
N THR A 714 28.08 56.23 18.35
CA THR A 714 29.37 55.86 18.93
C THR A 714 29.30 55.90 20.46
N VAL A 715 30.25 55.22 21.10
CA VAL A 715 30.39 55.29 22.55
C VAL A 715 30.99 56.63 22.95
N ASP A 716 30.80 57.00 24.21
CA ASP A 716 31.30 58.27 24.72
C ASP A 716 32.55 58.11 25.58
N THR A 717 32.77 59.06 26.49
CA THR A 717 33.98 59.08 27.31
C THR A 717 34.03 57.94 28.32
N ASN A 718 32.87 57.43 28.70
CA ASN A 718 32.81 56.33 29.68
C ASN A 718 32.08 55.08 29.18
N GLY A 719 32.03 54.91 27.87
CA GLY A 719 31.55 53.67 27.27
C GLY A 719 30.04 53.48 27.23
N VAL A 720 29.35 54.35 26.50
CA VAL A 720 27.91 54.22 26.31
C VAL A 720 27.51 54.52 24.86
N TYR A 721 27.06 53.50 24.15
CA TYR A 721 26.61 53.68 22.78
C TYR A 721 25.33 54.50 22.77
N SER A 722 25.22 55.41 21.80
CA SER A 722 24.06 56.29 21.71
C SER A 722 23.67 56.55 20.25
N GLU A 723 22.38 56.34 19.94
CA GLU A 723 21.86 56.63 18.61
C GLU A 723 21.33 58.06 18.55
N PRO A 724 22.09 58.96 17.91
CA PRO A 724 21.74 60.38 17.77
C PRO A 724 20.32 60.62 17.30
N ARG A 725 20.03 60.33 16.04
CA ARG A 725 18.72 60.61 15.46
C ARG A 725 18.05 59.35 14.93
N PRO A 726 16.74 59.43 14.68
CA PRO A 726 16.05 58.34 13.97
C PRO A 726 16.44 58.36 12.49
N ILE A 727 16.43 57.19 11.85
CA ILE A 727 16.79 57.09 10.43
C ILE A 727 15.63 56.63 9.58
N GLY A 728 15.17 57.50 8.68
CA GLY A 728 14.13 57.15 7.74
C GLY A 728 14.62 56.11 6.76
N THR A 729 13.78 55.78 5.78
CA THR A 729 14.15 54.79 4.78
C THR A 729 13.94 55.35 3.38
N ARG A 730 13.22 56.45 3.31
CA ARG A 730 12.84 57.03 2.03
C ARG A 730 13.74 58.18 1.61
N TYR A 731 14.78 57.86 0.84
CA TYR A 731 15.72 58.86 0.34
C TYR A 731 15.76 58.86 -1.19
N LEU A 732 15.31 57.77 -1.80
CA LEU A 732 15.33 57.64 -3.25
C LEU A 732 13.96 57.91 -3.84
N THR A 733 13.92 58.45 -5.07
CA THR A 733 12.66 58.86 -5.68
C THR A 733 12.21 57.96 -6.83
N ARG A 734 10.93 57.60 -6.79
CA ARG A 734 10.29 56.87 -7.87
C ARG A 734 9.01 57.60 -8.24
N ASN A 735 8.54 57.43 -9.47
CA ASN A 735 7.35 58.13 -9.93
C ASN A 735 6.06 57.44 -9.50
N LEU A 736 4.93 57.95 -9.99
CA LEU A 736 3.63 57.37 -9.71
C LEU A 736 3.07 56.64 -10.94
N GLY B 217 30.26 49.45 -42.89
CA GLY B 217 28.85 49.50 -43.24
C GLY B 217 28.59 50.30 -44.49
N ALA B 218 27.63 49.85 -45.29
CA ALA B 218 27.28 50.52 -46.55
C ALA B 218 25.78 50.41 -46.86
N ASP B 219 25.09 51.54 -46.81
CA ASP B 219 23.67 51.59 -47.13
C ASP B 219 23.29 52.80 -48.00
N GLY B 220 22.03 53.22 -47.93
CA GLY B 220 21.51 54.21 -48.86
C GLY B 220 21.20 55.59 -48.34
N VAL B 221 20.44 56.34 -49.14
CA VAL B 221 20.11 57.73 -48.85
C VAL B 221 19.04 57.86 -47.78
N GLY B 222 17.89 57.23 -48.02
CA GLY B 222 16.79 57.27 -47.07
C GLY B 222 16.84 56.13 -46.08
N ASN B 223 18.03 55.92 -45.50
CA ASN B 223 18.22 54.86 -44.51
C ASN B 223 19.26 55.28 -43.47
N SER B 224 18.79 55.53 -42.24
CA SER B 224 19.67 55.96 -41.16
C SER B 224 20.81 54.97 -40.91
N SER B 225 22.04 55.49 -40.86
CA SER B 225 23.21 54.65 -40.66
C SER B 225 23.56 54.45 -39.18
N GLY B 226 22.56 54.60 -38.31
CA GLY B 226 22.78 54.42 -36.88
C GLY B 226 21.62 54.89 -36.02
N ASN B 227 21.58 54.39 -34.78
CA ASN B 227 20.54 54.78 -33.83
C ASN B 227 21.08 55.61 -32.67
N TRP B 228 20.17 56.21 -31.91
CA TRP B 228 20.54 57.05 -30.78
C TRP B 228 20.74 56.22 -29.52
N HIS B 229 21.98 55.81 -29.28
CA HIS B 229 22.30 55.02 -28.09
C HIS B 229 22.88 55.91 -26.99
N CYS B 230 22.06 56.28 -26.03
CA CYS B 230 22.52 57.04 -24.88
C CYS B 230 21.87 56.51 -23.61
N ASP B 231 22.63 55.73 -22.85
CA ASP B 231 22.11 55.11 -21.64
C ASP B 231 23.26 54.54 -20.83
N SER B 232 23.00 54.21 -19.57
CA SER B 232 23.99 53.57 -18.73
C SER B 232 23.31 52.68 -17.70
N GLN B 233 23.79 51.45 -17.62
CA GLN B 233 23.32 50.51 -16.60
C GLN B 233 24.52 49.94 -15.87
N TRP B 234 24.27 49.37 -14.70
CA TRP B 234 25.35 48.90 -13.83
C TRP B 234 25.41 47.39 -13.72
N LEU B 235 26.60 46.87 -13.49
CA LEU B 235 26.80 45.43 -13.35
C LEU B 235 27.32 45.08 -11.95
N GLY B 236 27.35 46.07 -11.07
CA GLY B 236 27.83 45.87 -9.71
C GLY B 236 29.33 45.66 -9.68
N ASP B 237 29.85 45.05 -10.74
CA ASP B 237 31.27 44.78 -10.86
C ASP B 237 31.89 45.79 -11.83
N ARG B 238 31.05 46.40 -12.65
CA ARG B 238 31.49 47.34 -13.66
C ARG B 238 30.30 48.13 -14.20
N VAL B 239 30.58 49.20 -14.93
CA VAL B 239 29.52 50.03 -15.48
C VAL B 239 29.82 50.50 -16.91
N ILE B 240 28.82 50.40 -17.78
CA ILE B 240 28.98 50.80 -19.16
C ILE B 240 28.22 52.09 -19.45
N THR B 241 28.95 53.09 -19.92
CA THR B 241 28.38 54.40 -20.22
C THR B 241 28.29 54.62 -21.72
N THR B 242 27.06 54.73 -22.22
CA THR B 242 26.82 55.00 -23.63
C THR B 242 26.35 56.44 -23.80
N SER B 243 26.96 57.16 -24.74
CA SER B 243 26.63 58.57 -24.96
C SER B 243 26.54 58.90 -26.44
N THR B 244 25.47 59.62 -26.81
CA THR B 244 25.28 60.07 -28.18
C THR B 244 24.95 61.57 -28.21
N ARG B 245 25.61 62.30 -29.10
CA ARG B 245 25.38 63.73 -29.25
C ARG B 245 25.30 64.11 -30.72
N THR B 246 24.71 65.26 -31.00
CA THR B 246 24.67 65.77 -32.35
C THR B 246 25.79 66.79 -32.53
N TRP B 247 26.50 66.69 -33.66
CA TRP B 247 27.65 67.56 -33.91
C TRP B 247 27.47 68.32 -35.22
N ALA B 248 28.16 69.45 -35.31
CA ALA B 248 28.17 70.24 -36.54
C ALA B 248 29.61 70.65 -36.88
N LEU B 249 29.94 70.61 -38.16
CA LEU B 249 31.31 70.90 -38.59
C LEU B 249 31.36 71.89 -39.77
N PRO B 250 32.00 73.05 -39.54
CA PRO B 250 32.21 74.07 -40.56
C PRO B 250 33.40 73.72 -41.43
N THR B 251 33.72 74.59 -42.39
CA THR B 251 34.95 74.45 -43.15
C THR B 251 35.99 75.38 -42.54
N TYR B 252 36.96 74.80 -41.84
CA TYR B 252 37.97 75.58 -41.16
C TYR B 252 39.10 76.01 -42.09
N ASN B 253 39.72 77.14 -41.77
CA ASN B 253 40.87 77.65 -42.51
C ASN B 253 40.69 77.69 -44.02
N ASN B 254 39.44 77.67 -44.47
CA ASN B 254 39.15 77.77 -45.89
C ASN B 254 39.90 76.70 -46.69
N HIS B 255 39.80 75.45 -46.26
CA HIS B 255 40.45 74.34 -46.92
C HIS B 255 41.96 74.53 -47.03
N LEU B 256 42.55 75.26 -46.09
CA LEU B 256 43.96 75.60 -46.16
C LEU B 256 44.74 75.31 -44.87
N TYR B 257 45.99 74.89 -45.03
CA TYR B 257 46.90 74.78 -43.90
C TYR B 257 47.63 76.12 -43.78
N LYS B 258 47.58 76.72 -42.60
CA LYS B 258 48.18 78.03 -42.39
C LYS B 258 49.27 78.00 -41.33
N GLN B 259 50.40 78.66 -41.64
CA GLN B 259 51.48 78.81 -40.68
C GLN B 259 51.16 79.91 -39.68
N ILE B 260 50.97 79.53 -38.41
CA ILE B 260 50.70 80.51 -37.37
C ILE B 260 51.93 80.68 -36.47
N SER B 261 52.01 81.83 -35.82
CA SER B 261 53.17 82.16 -34.99
C SER B 261 52.86 83.31 -34.06
N SER B 262 53.82 83.63 -33.20
CA SER B 262 53.67 84.72 -32.23
C SER B 262 53.75 86.08 -32.91
N GLN B 263 52.99 87.03 -32.38
CA GLN B 263 52.97 88.38 -32.91
C GLN B 263 54.37 88.99 -32.85
N SER B 264 54.72 89.75 -33.88
CA SER B 264 56.02 90.42 -33.92
C SER B 264 56.18 91.36 -32.73
N GLY B 265 56.76 90.86 -31.65
CA GLY B 265 56.97 91.64 -30.45
C GLY B 265 55.69 92.01 -29.72
N ALA B 266 54.89 91.00 -29.36
CA ALA B 266 53.67 91.24 -28.60
C ALA B 266 53.77 90.63 -27.20
N SER B 267 54.58 89.58 -27.09
CA SER B 267 54.76 88.91 -25.80
C SER B 267 56.02 88.03 -25.82
N ASN B 268 56.61 87.78 -24.65
CA ASN B 268 57.88 87.04 -24.56
C ASN B 268 57.75 85.60 -24.06
N ASP B 269 57.04 85.40 -22.95
CA ASP B 269 56.84 84.06 -22.42
C ASP B 269 55.74 83.34 -23.18
N ASN B 270 55.15 84.03 -24.15
CA ASN B 270 54.04 83.48 -24.91
C ASN B 270 54.39 83.31 -26.39
N HIS B 271 55.68 83.38 -26.71
CA HIS B 271 56.13 83.15 -28.08
C HIS B 271 55.79 81.73 -28.50
N TYR B 272 55.53 81.53 -29.78
CA TYR B 272 55.15 80.22 -30.29
C TYR B 272 55.23 80.13 -31.81
N PHE B 273 55.26 78.90 -32.32
CA PHE B 273 55.24 78.64 -33.75
C PHE B 273 54.55 77.31 -34.03
N GLY B 274 53.60 77.33 -34.97
CA GLY B 274 52.88 76.12 -35.33
C GLY B 274 52.07 76.29 -36.61
N TYR B 275 51.02 75.50 -36.74
CA TYR B 275 50.19 75.52 -37.94
C TYR B 275 48.72 75.32 -37.64
N SER B 276 47.88 75.82 -38.53
CA SER B 276 46.44 75.67 -38.41
C SER B 276 45.91 74.78 -39.54
N THR B 277 45.23 73.70 -39.16
CA THR B 277 44.77 72.72 -40.13
C THR B 277 43.28 72.84 -40.42
N PRO B 278 42.89 72.49 -41.65
CA PRO B 278 41.49 72.52 -42.10
C PRO B 278 40.65 71.41 -41.47
N TRP B 279 41.27 70.63 -40.58
CA TRP B 279 40.59 69.49 -39.96
C TRP B 279 39.94 69.86 -38.63
N GLY B 280 38.88 69.13 -38.28
CA GLY B 280 38.28 69.22 -36.97
C GLY B 280 38.56 67.94 -36.21
N TYR B 281 38.08 67.84 -34.99
CA TYR B 281 38.34 66.65 -34.19
C TYR B 281 37.27 66.41 -33.13
N PHE B 282 37.17 65.17 -32.68
CA PHE B 282 36.20 64.81 -31.66
C PHE B 282 36.89 64.66 -30.32
N ASP B 283 36.20 65.08 -29.25
CA ASP B 283 36.76 64.99 -27.91
C ASP B 283 35.67 64.74 -26.87
N PHE B 284 36.02 63.97 -25.85
CA PHE B 284 35.10 63.70 -24.76
C PHE B 284 35.91 63.46 -23.48
N ASN B 285 37.05 64.14 -23.39
CA ASN B 285 37.94 63.99 -22.25
C ASN B 285 37.42 64.71 -21.01
N ARG B 286 36.10 64.66 -20.82
CA ARG B 286 35.45 65.20 -19.64
C ARG B 286 34.51 64.13 -19.10
N PHE B 287 34.48 63.95 -17.79
CA PHE B 287 33.65 62.91 -17.21
C PHE B 287 32.16 63.13 -17.47
N HIS B 288 31.74 64.40 -17.49
CA HIS B 288 30.32 64.71 -17.68
C HIS B 288 29.86 64.37 -19.11
N CYS B 289 30.81 64.00 -19.95
CA CYS B 289 30.51 63.55 -21.30
C CYS B 289 29.82 62.18 -21.26
N HIS B 290 30.10 61.42 -20.20
CA HIS B 290 29.66 60.03 -20.12
C HIS B 290 28.72 59.75 -18.95
N PHE B 291 29.05 60.30 -17.79
CA PHE B 291 28.22 60.10 -16.60
C PHE B 291 27.20 61.20 -16.42
N SER B 292 25.99 60.83 -16.03
CA SER B 292 25.00 61.82 -15.65
C SER B 292 25.23 62.21 -14.20
N PRO B 293 24.66 63.34 -13.77
CA PRO B 293 24.78 63.76 -12.37
C PRO B 293 24.44 62.61 -11.43
N ARG B 294 23.30 61.97 -11.67
CA ARG B 294 22.85 60.87 -10.81
C ARG B 294 23.85 59.72 -10.79
N ASP B 295 24.25 59.24 -11.95
CA ASP B 295 25.22 58.15 -12.06
C ASP B 295 26.47 58.47 -11.27
N TRP B 296 27.00 59.67 -11.49
CA TRP B 296 28.19 60.12 -10.79
C TRP B 296 28.00 59.99 -9.29
N GLN B 297 26.79 60.24 -8.82
CA GLN B 297 26.47 60.11 -7.40
C GLN B 297 26.62 58.66 -6.93
N ARG B 298 25.94 57.75 -7.61
CA ARG B 298 26.05 56.33 -7.29
C ARG B 298 27.50 55.91 -7.26
N LEU B 299 28.22 56.26 -8.33
CA LEU B 299 29.64 55.96 -8.45
C LEU B 299 30.40 56.42 -7.21
N ILE B 300 30.34 57.73 -6.95
CA ILE B 300 31.10 58.34 -5.87
C ILE B 300 30.81 57.73 -4.51
N ASN B 301 29.53 57.57 -4.20
CA ASN B 301 29.11 57.18 -2.86
C ASN B 301 29.24 55.69 -2.55
N ASN B 302 29.70 54.90 -3.53
CA ASN B 302 29.66 53.45 -3.37
C ASN B 302 30.98 52.71 -3.61
N ASN B 303 31.90 53.32 -4.36
CA ASN B 303 33.08 52.60 -4.81
C ASN B 303 34.43 53.13 -4.31
N TRP B 304 35.26 52.23 -3.80
CA TRP B 304 36.62 52.55 -3.39
C TRP B 304 37.40 53.23 -4.52
N GLY B 305 37.20 52.75 -5.75
CA GLY B 305 37.90 53.29 -6.90
C GLY B 305 37.29 52.82 -8.21
N PHE B 306 37.81 53.34 -9.32
CA PHE B 306 37.30 52.97 -10.65
C PHE B 306 38.33 53.24 -11.75
N ARG B 307 38.04 52.77 -12.96
CA ARG B 307 38.97 52.91 -14.07
C ARG B 307 38.28 52.64 -15.42
N PRO B 308 38.89 53.12 -16.52
CA PRO B 308 38.41 52.86 -17.88
C PRO B 308 38.85 51.48 -18.38
N LYS B 309 38.06 50.88 -19.25
CA LYS B 309 38.37 49.56 -19.77
C LYS B 309 38.34 49.48 -21.30
N LYS B 310 37.14 49.63 -21.88
CA LYS B 310 36.98 49.55 -23.32
C LYS B 310 36.40 50.83 -23.91
N LEU B 311 36.31 50.88 -25.23
CA LEU B 311 35.82 52.07 -25.93
C LEU B 311 35.20 51.73 -27.29
N SER B 312 34.09 52.39 -27.61
CA SER B 312 33.41 52.17 -28.88
C SER B 312 32.99 53.49 -29.51
N PHE B 313 33.62 53.83 -30.63
CA PHE B 313 33.35 55.09 -31.30
C PHE B 313 32.56 54.88 -32.59
N LYS B 314 31.50 55.66 -32.77
CA LYS B 314 30.64 55.49 -33.93
C LYS B 314 30.16 56.83 -34.50
N LEU B 315 30.31 56.98 -35.82
CA LEU B 315 29.83 58.17 -36.53
C LEU B 315 28.76 57.77 -37.53
N PHE B 316 27.65 58.52 -37.57
CA PHE B 316 26.52 58.15 -38.41
C PHE B 316 25.58 59.29 -38.73
N ASN B 317 24.52 58.97 -39.48
CA ASN B 317 23.49 59.94 -39.86
C ASN B 317 24.06 61.23 -40.41
N ILE B 318 25.09 61.10 -41.23
CA ILE B 318 25.80 62.25 -41.78
C ILE B 318 25.00 62.96 -42.87
N GLN B 319 25.00 64.29 -42.80
CA GLN B 319 24.32 65.12 -43.79
C GLN B 319 25.23 66.27 -44.18
N VAL B 320 25.42 66.49 -45.47
CA VAL B 320 26.23 67.59 -45.95
C VAL B 320 25.37 68.68 -46.58
N LYS B 321 25.24 69.80 -45.88
CA LYS B 321 24.47 70.93 -46.36
C LYS B 321 25.39 71.98 -46.96
N GLU B 322 25.06 72.44 -48.16
CA GLU B 322 25.81 73.52 -48.78
C GLU B 322 24.97 74.80 -48.83
N VAL B 323 25.57 75.91 -48.45
CA VAL B 323 24.85 77.17 -48.32
C VAL B 323 25.24 78.17 -49.41
N THR B 324 24.27 78.96 -49.85
CA THR B 324 24.51 79.98 -50.85
C THR B 324 23.86 81.30 -50.46
N GLN B 325 24.65 82.37 -50.48
CA GLN B 325 24.14 83.71 -50.21
C GLN B 325 23.81 84.39 -51.54
N ASN B 326 22.54 84.34 -51.93
CA ASN B 326 22.11 84.85 -53.23
C ASN B 326 22.00 86.37 -53.29
N ASP B 327 21.02 86.92 -52.60
CA ASP B 327 20.84 88.36 -52.52
C ASP B 327 21.07 88.86 -51.10
N GLY B 328 20.02 88.78 -50.29
CA GLY B 328 20.12 89.08 -48.87
C GLY B 328 19.54 87.92 -48.08
N THR B 329 19.52 86.76 -48.72
CA THR B 329 18.93 85.56 -48.13
C THR B 329 19.84 84.35 -48.26
N THR B 330 20.17 83.74 -47.11
CA THR B 330 20.97 82.52 -47.11
C THR B 330 20.09 81.28 -47.24
N THR B 331 20.26 80.58 -48.35
CA THR B 331 19.53 79.34 -48.58
C THR B 331 20.44 78.14 -48.32
N ILE B 332 19.90 77.15 -47.61
CA ILE B 332 20.65 75.93 -47.29
C ILE B 332 19.95 74.71 -47.88
N ALA B 333 20.72 73.86 -48.54
CA ALA B 333 20.15 72.67 -49.17
C ALA B 333 21.05 71.44 -49.05
N ASN B 334 20.67 70.36 -49.72
CA ASN B 334 21.40 69.10 -49.63
C ASN B 334 22.35 68.86 -50.81
N ASN B 335 23.62 68.63 -50.49
CA ASN B 335 24.57 68.18 -51.49
C ASN B 335 24.88 66.71 -51.24
N LEU B 336 24.02 65.84 -51.75
CA LEU B 336 24.10 64.42 -51.46
C LEU B 336 25.41 63.79 -51.91
N THR B 337 25.89 64.19 -53.08
CA THR B 337 27.08 63.59 -53.66
C THR B 337 28.37 64.06 -52.99
N SER B 338 28.25 64.78 -51.89
CA SER B 338 29.44 65.27 -51.19
C SER B 338 29.84 64.32 -50.06
N THR B 339 31.13 64.31 -49.74
CA THR B 339 31.67 63.39 -48.74
C THR B 339 32.34 64.10 -47.58
N VAL B 340 32.64 63.32 -46.54
CA VAL B 340 33.39 63.82 -45.39
C VAL B 340 34.50 62.81 -45.11
N GLN B 341 35.57 63.25 -44.45
CA GLN B 341 36.72 62.38 -44.26
C GLN B 341 37.10 62.18 -42.79
N VAL B 342 37.26 60.91 -42.41
CA VAL B 342 37.62 60.57 -41.04
C VAL B 342 38.86 59.68 -41.01
N PHE B 343 39.66 59.83 -39.96
CA PHE B 343 40.75 58.89 -39.70
C PHE B 343 41.24 59.03 -38.25
N THR B 344 41.78 57.94 -37.73
CA THR B 344 42.20 57.91 -36.33
C THR B 344 43.69 57.72 -36.20
N ASP B 345 44.34 58.66 -35.52
CA ASP B 345 45.78 58.58 -35.29
C ASP B 345 46.09 57.50 -34.26
N SER B 346 46.23 56.27 -34.74
CA SER B 346 46.48 55.12 -33.86
C SER B 346 47.97 54.82 -33.76
N GLU B 347 48.74 55.31 -34.72
CA GLU B 347 50.18 55.15 -34.68
C GLU B 347 50.80 56.28 -33.87
N TYR B 348 49.95 57.18 -33.40
CA TYR B 348 50.37 58.33 -32.60
C TYR B 348 51.45 59.14 -33.31
N GLN B 349 51.20 59.50 -34.56
CA GLN B 349 52.17 60.22 -35.37
C GLN B 349 51.83 61.70 -35.45
N LEU B 350 50.58 62.05 -35.13
CA LEU B 350 50.18 63.44 -35.05
C LEU B 350 50.28 63.93 -33.61
N PRO B 351 50.76 65.16 -33.42
CA PRO B 351 50.90 65.75 -32.08
C PRO B 351 49.62 65.59 -31.27
N TYR B 352 49.75 64.98 -30.10
CA TYR B 352 48.59 64.76 -29.24
C TYR B 352 48.20 66.06 -28.57
N VAL B 353 47.06 66.61 -28.97
CA VAL B 353 46.62 67.91 -28.52
C VAL B 353 45.51 67.79 -27.48
N LEU B 354 45.12 66.57 -27.18
CA LEU B 354 44.10 66.29 -26.17
C LEU B 354 44.71 66.29 -24.77
N GLY B 355 43.85 66.31 -23.75
CA GLY B 355 44.32 66.30 -22.38
C GLY B 355 44.98 67.61 -22.00
N SER B 356 44.47 68.70 -22.56
CA SER B 356 44.97 70.04 -22.26
C SER B 356 43.84 70.96 -21.85
N ALA B 357 42.74 70.38 -21.37
CA ALA B 357 41.61 71.14 -20.85
C ALA B 357 40.94 72.04 -21.89
N HIS B 358 41.17 71.74 -23.16
CA HIS B 358 40.56 72.54 -24.23
C HIS B 358 39.06 72.36 -24.26
N GLN B 359 38.37 73.26 -24.96
CA GLN B 359 36.94 73.21 -25.07
C GLN B 359 36.52 72.56 -26.37
N GLY B 360 35.25 72.18 -26.48
CA GLY B 360 34.75 71.53 -27.67
C GLY B 360 34.39 70.07 -27.43
N CYS B 361 34.39 69.68 -26.16
CA CYS B 361 34.02 68.32 -25.78
C CYS B 361 32.55 68.06 -26.07
N LEU B 362 32.05 66.92 -25.62
CA LEU B 362 30.64 66.62 -25.76
C LEU B 362 29.86 67.34 -24.66
N PRO B 363 28.71 67.91 -25.02
CA PRO B 363 27.85 68.63 -24.08
C PRO B 363 27.47 67.76 -22.89
N PRO B 364 27.52 68.32 -21.66
CA PRO B 364 27.07 67.57 -20.48
C PRO B 364 25.64 67.11 -20.67
N PHE B 365 24.80 68.02 -21.13
CA PHE B 365 23.39 67.71 -21.39
C PHE B 365 23.24 67.11 -22.79
N PRO B 366 22.58 65.95 -22.87
CA PRO B 366 22.41 65.18 -24.11
C PRO B 366 21.68 65.95 -25.20
N ALA B 367 20.72 66.78 -24.82
CA ALA B 367 19.91 67.51 -25.79
C ALA B 367 20.66 68.64 -26.49
N ASP B 368 21.80 69.04 -25.92
CA ASP B 368 22.59 70.13 -26.48
C ASP B 368 23.36 69.73 -27.73
N VAL B 369 23.49 70.66 -28.67
CA VAL B 369 24.28 70.44 -29.88
C VAL B 369 25.61 71.16 -29.74
N PHE B 370 26.67 70.61 -30.34
CA PHE B 370 27.99 71.20 -30.23
C PHE B 370 28.69 71.38 -31.59
N MET B 371 29.62 72.32 -31.62
CA MET B 371 30.42 72.57 -32.82
C MET B 371 31.74 71.82 -32.70
N VAL B 372 32.12 71.12 -33.76
CA VAL B 372 33.36 70.35 -33.75
C VAL B 372 34.57 71.27 -33.88
N PRO B 373 35.45 71.25 -32.87
CA PRO B 373 36.63 72.13 -32.77
C PRO B 373 37.56 72.00 -33.96
N GLN B 374 38.54 72.90 -34.07
CA GLN B 374 39.52 72.84 -35.14
C GLN B 374 40.87 72.34 -34.63
N TYR B 375 41.60 71.64 -35.49
CA TYR B 375 42.90 71.09 -35.11
C TYR B 375 44.02 72.09 -35.35
N GLY B 376 44.82 72.33 -34.32
CA GLY B 376 45.99 73.17 -34.43
C GLY B 376 47.07 72.65 -33.51
N TYR B 377 48.31 72.66 -33.99
CA TYR B 377 49.41 72.12 -33.20
C TYR B 377 50.62 73.05 -33.15
N LEU B 378 51.48 72.83 -32.17
CA LEU B 378 52.67 73.64 -31.97
C LEU B 378 53.92 72.84 -32.25
N THR B 379 55.04 73.53 -32.39
CA THR B 379 56.31 72.88 -32.67
C THR B 379 57.44 73.60 -31.95
N LEU B 380 58.63 73.03 -32.04
CA LEU B 380 59.83 73.65 -31.48
C LEU B 380 60.00 75.05 -32.06
N ASN B 381 60.29 76.02 -31.22
CA ASN B 381 60.46 77.39 -31.67
C ASN B 381 61.57 78.17 -30.94
N ASN B 382 62.18 79.12 -31.64
CA ASN B 382 63.17 80.01 -31.06
C ASN B 382 62.65 81.44 -31.04
N GLY B 383 61.79 81.73 -30.08
CA GLY B 383 61.11 83.01 -30.04
C GLY B 383 59.93 83.01 -31.00
N SER B 384 59.90 83.98 -31.90
CA SER B 384 58.86 84.03 -32.92
C SER B 384 59.24 83.14 -34.10
N GLN B 385 60.51 82.80 -34.17
CA GLN B 385 61.04 81.97 -35.25
C GLN B 385 60.98 80.49 -34.91
N ALA B 386 61.30 79.66 -35.90
CA ALA B 386 61.33 78.21 -35.71
C ALA B 386 62.72 77.68 -35.96
N VAL B 387 62.98 76.47 -35.49
CA VAL B 387 64.27 75.82 -35.69
C VAL B 387 64.17 74.88 -36.89
N GLY B 388 65.32 74.43 -37.39
CA GLY B 388 65.34 73.49 -38.49
C GLY B 388 64.79 72.12 -38.10
N ARG B 389 64.76 71.86 -36.79
CA ARG B 389 64.28 70.58 -36.28
C ARG B 389 62.77 70.58 -36.06
N SER B 390 62.11 71.68 -36.40
CA SER B 390 60.65 71.75 -36.26
C SER B 390 60.00 70.80 -37.25
N SER B 391 58.72 70.49 -37.03
CA SER B 391 58.01 69.51 -37.85
C SER B 391 56.69 70.04 -38.41
N PHE B 392 56.49 69.84 -39.71
CA PHE B 392 55.25 70.23 -40.39
C PHE B 392 54.44 68.98 -40.73
N TYR B 393 53.17 68.97 -40.32
CA TYR B 393 52.33 67.80 -40.52
C TYR B 393 51.14 68.07 -41.44
N CYS B 394 50.97 67.20 -42.43
CA CYS B 394 49.83 67.27 -43.32
C CYS B 394 48.93 66.07 -43.11
N LEU B 395 47.70 66.33 -42.66
CA LEU B 395 46.76 65.26 -42.34
C LEU B 395 46.18 64.63 -43.60
N GLU B 396 46.54 65.17 -44.76
CA GLU B 396 46.10 64.62 -46.03
C GLU B 396 46.98 63.47 -46.44
N TYR B 397 48.18 63.41 -45.85
CA TYR B 397 49.13 62.34 -46.12
C TYR B 397 48.81 61.14 -45.24
N PHE B 398 47.64 61.17 -44.62
CA PHE B 398 47.14 60.05 -43.85
C PHE B 398 45.97 59.42 -44.58
N PRO B 399 45.98 58.08 -44.69
CA PRO B 399 44.83 57.36 -45.25
C PRO B 399 43.58 57.65 -44.43
N SER B 400 42.54 58.15 -45.08
CA SER B 400 41.29 58.46 -44.40
C SER B 400 40.10 57.88 -45.16
N GLN B 401 39.06 57.52 -44.40
CA GLN B 401 37.83 56.99 -44.98
C GLN B 401 36.89 58.12 -45.32
N MET B 402 36.46 58.17 -46.58
CA MET B 402 35.52 59.18 -47.04
C MET B 402 34.09 58.63 -46.99
N LEU B 403 33.17 59.43 -46.46
CA LEU B 403 31.80 58.98 -46.26
C LEU B 403 30.78 59.88 -46.96
N ARG B 404 29.85 59.24 -47.65
CA ARG B 404 28.70 59.93 -48.24
C ARG B 404 27.53 59.74 -47.27
N THR B 405 26.38 60.30 -47.61
CA THR B 405 25.20 60.15 -46.75
C THR B 405 24.74 58.69 -46.76
N GLY B 406 24.77 58.06 -45.61
CA GLY B 406 24.41 56.66 -45.51
C GLY B 406 25.62 55.82 -45.14
N ASN B 407 26.79 56.46 -45.14
CA ASN B 407 28.00 55.79 -44.69
C ASN B 407 28.21 56.07 -43.21
N ASN B 408 28.91 55.16 -42.53
CA ASN B 408 29.20 55.34 -41.11
C ASN B 408 30.64 54.96 -40.77
N PHE B 409 31.09 55.39 -39.60
CA PHE B 409 32.46 55.15 -39.17
C PHE B 409 32.49 54.36 -37.86
N GLN B 410 33.38 53.38 -37.79
CA GLN B 410 33.43 52.49 -36.64
C GLN B 410 34.85 52.43 -36.04
N PHE B 411 34.93 52.36 -34.72
CA PHE B 411 36.23 52.28 -34.05
C PHE B 411 36.17 51.72 -32.63
N SER B 412 37.04 50.74 -32.35
CA SER B 412 37.11 50.13 -31.02
C SER B 412 38.52 50.20 -30.43
N TYR B 413 38.59 50.57 -29.15
CA TYR B 413 39.86 50.79 -28.47
C TYR B 413 39.86 50.09 -27.11
N THR B 414 41.05 49.70 -26.65
CA THR B 414 41.17 49.00 -25.38
C THR B 414 42.20 49.66 -24.46
N PHE B 415 41.72 50.23 -23.34
CA PHE B 415 42.58 50.89 -22.37
C PHE B 415 43.64 49.96 -21.82
N GLU B 416 44.79 50.52 -21.49
CA GLU B 416 45.88 49.76 -20.89
C GLU B 416 45.65 49.63 -19.39
N ASP B 417 46.56 48.95 -18.71
CA ASP B 417 46.48 48.80 -17.26
C ASP B 417 46.86 50.11 -16.56
N VAL B 418 45.90 50.71 -15.86
CA VAL B 418 46.13 51.96 -15.15
C VAL B 418 45.42 51.96 -13.80
N PRO B 419 46.18 52.22 -12.73
CA PRO B 419 45.74 52.19 -11.33
C PRO B 419 44.41 52.90 -11.07
N PHE B 420 43.54 52.26 -10.29
CA PHE B 420 42.26 52.82 -9.91
C PHE B 420 42.44 54.22 -9.35
N HIS B 421 41.45 55.08 -9.55
CA HIS B 421 41.47 56.39 -8.91
C HIS B 421 41.03 56.25 -7.46
N SER B 422 41.45 57.21 -6.63
CA SER B 422 41.10 57.22 -5.22
C SER B 422 39.75 57.88 -4.99
N SER B 423 38.70 57.07 -5.00
CA SER B 423 37.36 57.55 -4.67
C SER B 423 37.16 57.40 -3.17
N TYR B 424 38.26 57.48 -2.42
CA TYR B 424 38.24 57.33 -0.98
C TYR B 424 39.09 58.40 -0.30
N ALA B 425 38.90 58.54 1.01
CA ALA B 425 39.72 59.44 1.82
C ALA B 425 40.11 58.73 3.12
N HIS B 426 41.35 58.93 3.54
CA HIS B 426 41.87 58.21 4.71
C HIS B 426 41.24 58.68 6.03
N SER B 427 40.85 57.71 6.86
CA SER B 427 40.29 57.99 8.17
C SER B 427 41.39 58.10 9.21
N GLN B 428 42.60 57.68 8.83
CA GLN B 428 43.77 57.80 9.69
C GLN B 428 44.71 58.89 9.17
N SER B 429 45.72 59.24 9.95
CA SER B 429 46.71 60.22 9.51
C SER B 429 48.11 59.60 9.54
N LEU B 430 49.06 60.21 8.84
CA LEU B 430 50.44 59.72 8.83
C LEU B 430 51.09 59.75 10.21
N ASP B 431 50.91 60.86 10.92
CA ASP B 431 51.52 61.01 12.23
C ASP B 431 50.65 60.37 13.31
N ARG B 432 49.38 60.17 13.02
CA ARG B 432 48.45 59.57 13.97
C ARG B 432 48.14 58.12 13.60
N LEU B 433 49.20 57.31 13.45
CA LEU B 433 49.05 55.95 12.96
C LEU B 433 49.27 54.92 14.06
N MET B 434 50.01 55.30 15.09
CA MET B 434 50.38 54.38 16.16
C MET B 434 49.28 54.10 17.19
N ASN B 435 49.68 53.50 18.31
CA ASN B 435 48.75 53.12 19.36
C ASN B 435 48.69 54.15 20.48
N PRO B 436 47.49 54.71 20.72
CA PRO B 436 47.24 55.72 21.74
C PRO B 436 47.44 55.22 23.17
N LEU B 437 47.45 53.91 23.36
CA LEU B 437 47.46 53.32 24.70
C LEU B 437 48.85 52.86 25.14
N ILE B 438 49.61 52.32 24.20
CA ILE B 438 50.92 51.75 24.53
C ILE B 438 52.06 52.69 24.17
N ASP B 439 53.16 52.59 24.92
CA ASP B 439 54.33 53.43 24.68
C ASP B 439 55.32 52.70 23.79
N GLN B 440 56.14 53.46 23.07
CA GLN B 440 57.19 52.88 22.24
C GLN B 440 58.33 52.38 23.10
N TYR B 441 59.09 51.42 22.59
CA TYR B 441 60.26 50.93 23.28
C TYR B 441 61.52 51.63 22.77
N LEU B 442 61.32 52.58 21.88
CA LEU B 442 62.43 53.37 21.34
C LEU B 442 62.63 54.65 22.14
N TYR B 443 63.84 55.18 22.10
CA TYR B 443 64.18 56.38 22.85
C TYR B 443 64.61 57.52 21.96
N TYR B 444 64.24 58.73 22.34
CA TYR B 444 64.64 59.93 21.63
C TYR B 444 65.20 60.93 22.64
N LEU B 445 65.97 61.90 22.16
CA LEU B 445 66.51 62.93 23.03
C LEU B 445 65.59 64.16 23.02
N ASN B 446 65.22 64.62 24.22
CA ASN B 446 64.29 65.73 24.34
C ASN B 446 64.79 66.87 25.24
N ARG B 447 65.90 66.62 25.93
CA ARG B 447 66.49 67.62 26.81
C ARG B 447 68.00 67.68 26.61
N THR B 448 68.49 68.86 26.26
CA THR B 448 69.90 69.07 26.01
C THR B 448 70.59 69.78 27.17
N GLN B 449 69.87 70.68 27.84
CA GLN B 449 70.43 71.44 28.95
C GLN B 449 69.52 71.43 30.18
N GLY B 450 68.28 71.88 30.00
CA GLY B 450 67.35 72.04 31.10
C GLY B 450 67.31 70.87 32.05
N THR B 451 68.08 70.95 33.13
CA THR B 451 68.10 69.91 34.14
C THR B 451 67.40 70.41 35.40
N THR B 452 67.69 69.77 36.53
CA THR B 452 67.27 70.28 37.82
C THR B 452 67.94 71.64 38.00
N SER B 453 67.44 72.64 37.28
CA SER B 453 68.12 73.92 37.12
C SER B 453 68.09 74.78 38.38
N GLY B 454 69.24 74.89 39.03
CA GLY B 454 69.40 75.72 40.21
C GLY B 454 70.86 75.91 40.55
N THR B 455 71.49 74.85 41.02
CA THR B 455 72.91 74.84 41.35
C THR B 455 73.66 73.99 40.33
N THR B 456 74.77 74.53 39.81
CA THR B 456 75.70 73.76 38.98
C THR B 456 75.01 72.90 37.92
N ASN B 457 73.99 73.45 37.26
CA ASN B 457 73.30 72.71 36.21
C ASN B 457 73.25 73.45 34.89
N GLN B 458 74.37 73.39 34.17
CA GLN B 458 74.49 74.02 32.86
C GLN B 458 73.79 73.17 31.79
N SER B 459 74.29 71.96 31.56
CA SER B 459 73.75 71.10 30.51
C SER B 459 73.93 69.61 30.82
N ARG B 460 73.03 68.80 30.26
CA ARG B 460 73.07 67.36 30.45
C ARG B 460 72.23 66.67 29.36
N LEU B 461 72.74 65.56 28.84
CA LEU B 461 72.05 64.82 27.80
C LEU B 461 71.00 63.88 28.38
N LEU B 462 69.73 64.15 28.10
CA LEU B 462 68.63 63.38 28.67
C LEU B 462 67.69 62.83 27.61
N PHE B 463 67.36 61.55 27.71
CA PHE B 463 66.53 60.86 26.73
C PHE B 463 65.21 60.41 27.34
N SER B 464 64.15 60.42 26.53
CA SER B 464 62.83 59.96 26.97
C SER B 464 62.31 58.82 26.11
N GLN B 465 61.55 57.93 26.73
CA GLN B 465 60.87 56.86 26.00
C GLN B 465 59.55 57.37 25.46
N ALA B 466 59.35 57.24 24.15
CA ALA B 466 58.13 57.73 23.51
C ALA B 466 56.87 57.17 24.17
N GLY B 467 55.91 58.04 24.40
CA GLY B 467 54.64 57.64 24.96
C GLY B 467 53.50 58.28 24.21
N PRO B 468 52.24 57.96 24.58
CA PRO B 468 51.07 58.57 23.95
C PRO B 468 51.11 60.06 24.22
N GLN B 469 51.85 60.43 25.26
CA GLN B 469 51.98 61.82 25.67
C GLN B 469 52.93 62.55 24.73
N SER B 470 54.02 61.90 24.35
CA SER B 470 54.94 62.45 23.36
C SER B 470 54.52 62.02 21.96
N MET B 471 53.34 62.48 21.54
CA MET B 471 52.74 61.99 20.30
C MET B 471 53.43 62.48 19.03
N SER B 472 53.80 63.76 19.00
CA SER B 472 54.47 64.32 17.83
C SER B 472 55.99 64.23 17.94
N LEU B 473 56.45 63.28 18.75
CA LEU B 473 57.88 63.09 18.96
C LEU B 473 58.30 61.65 18.75
N GLN B 474 57.31 60.76 18.64
CA GLN B 474 57.57 59.33 18.49
C GLN B 474 58.30 59.01 17.19
N ALA B 475 59.04 57.90 17.20
CA ALA B 475 59.71 57.43 15.99
C ALA B 475 58.69 57.20 14.88
N ARG B 476 59.11 57.45 13.65
CA ARG B 476 58.21 57.37 12.51
C ARG B 476 58.76 56.45 11.43
N ASN B 477 57.86 55.85 10.66
CA ASN B 477 58.26 54.94 9.57
C ASN B 477 58.07 55.52 8.17
N TRP B 478 57.33 56.63 8.07
CA TRP B 478 56.96 57.18 6.78
C TRP B 478 56.96 58.71 6.75
N LEU B 479 57.12 59.28 5.56
CA LEU B 479 57.07 60.73 5.38
C LEU B 479 55.89 61.16 4.49
N PRO B 480 55.54 62.45 4.53
CA PRO B 480 54.49 63.01 3.68
C PRO B 480 54.96 63.13 2.24
N GLY B 481 54.04 63.44 1.33
CA GLY B 481 54.37 63.57 -0.07
C GLY B 481 55.22 64.79 -0.35
N PRO B 482 55.81 64.85 -1.55
CA PRO B 482 56.66 65.97 -1.99
C PRO B 482 55.88 67.28 -1.96
N CYS B 483 56.56 68.39 -2.23
CA CYS B 483 55.91 69.70 -2.17
C CYS B 483 56.59 70.75 -3.04
N TYR B 484 55.82 71.78 -3.39
CA TYR B 484 56.31 72.94 -4.12
C TYR B 484 55.46 74.14 -3.70
N ARG B 485 55.91 74.84 -2.68
CA ARG B 485 55.11 75.88 -2.03
C ARG B 485 54.38 76.80 -2.99
N GLN B 486 53.10 77.04 -2.72
CA GLN B 486 52.29 77.98 -3.48
C GLN B 486 51.99 79.18 -2.59
N GLN B 487 51.68 80.32 -3.20
CA GLN B 487 51.32 81.51 -2.44
C GLN B 487 49.89 81.42 -1.91
N ARG B 488 49.67 81.95 -0.72
CA ARG B 488 48.35 81.89 -0.09
C ARG B 488 47.48 83.07 -0.52
N LEU B 489 46.25 82.77 -0.96
CA LEU B 489 45.29 83.80 -1.34
C LEU B 489 44.02 83.69 -0.52
N SER B 490 43.37 84.83 -0.28
CA SER B 490 42.10 84.82 0.41
C SER B 490 40.98 85.18 -0.55
N LYS B 491 39.80 84.60 -0.30
CA LYS B 491 38.64 84.89 -1.11
C LYS B 491 38.09 86.27 -0.74
N THR B 492 38.40 86.71 0.47
CA THR B 492 38.04 88.06 0.92
C THR B 492 39.01 89.07 0.32
N ALA B 493 38.50 89.90 -0.58
CA ALA B 493 39.35 90.79 -1.37
C ALA B 493 39.95 91.94 -0.56
N ASN B 494 40.17 91.74 0.73
CA ASN B 494 40.78 92.78 1.55
C ASN B 494 41.83 92.23 2.53
N ASP B 495 41.90 90.91 2.63
CA ASP B 495 42.91 90.27 3.45
C ASP B 495 44.25 90.35 2.72
N ASN B 496 44.17 90.47 1.40
CA ASN B 496 45.33 90.37 0.54
C ASN B 496 46.15 91.65 0.43
N ASN B 497 47.37 91.50 -0.05
CA ASN B 497 48.27 92.64 -0.27
C ASN B 497 47.78 93.50 -1.43
N ASN B 498 47.83 94.82 -1.24
CA ASN B 498 47.39 95.75 -2.26
C ASN B 498 48.40 95.86 -3.40
N SER B 499 48.65 94.74 -4.07
CA SER B 499 49.59 94.68 -5.18
C SER B 499 49.20 93.54 -6.15
N ASN B 500 49.46 93.73 -7.43
CA ASN B 500 49.16 92.71 -8.44
C ASN B 500 50.32 91.73 -8.61
N PHE B 501 50.18 90.55 -8.01
CA PHE B 501 51.26 89.57 -7.98
C PHE B 501 50.92 88.19 -8.55
N PRO B 502 49.97 88.11 -9.51
CA PRO B 502 49.59 86.80 -10.02
C PRO B 502 50.62 86.23 -10.99
N TRP B 503 51.75 86.92 -11.12
CA TRP B 503 52.81 86.48 -12.04
C TRP B 503 54.19 86.70 -11.43
N THR B 504 54.34 87.80 -10.71
CA THR B 504 55.63 88.19 -10.14
C THR B 504 55.86 87.54 -8.77
N ALA B 505 54.84 86.86 -8.24
CA ALA B 505 54.94 86.23 -6.93
C ALA B 505 54.45 84.78 -6.94
N ALA B 506 54.02 84.30 -8.11
CA ALA B 506 53.53 82.94 -8.24
C ALA B 506 54.67 81.97 -8.56
N SER B 507 54.52 80.72 -8.13
CA SER B 507 55.51 79.69 -8.40
C SER B 507 55.48 79.27 -9.86
N LYS B 508 56.65 79.30 -10.50
CA LYS B 508 56.75 79.05 -11.92
C LYS B 508 58.03 78.31 -12.26
N TYR B 509 58.07 77.69 -13.44
CA TYR B 509 59.28 77.03 -13.90
C TYR B 509 59.70 77.64 -15.22
N HIS B 510 60.91 77.34 -15.68
CA HIS B 510 61.35 77.86 -16.96
C HIS B 510 62.21 76.88 -17.74
N LEU B 511 61.91 76.75 -19.03
CA LEU B 511 62.67 75.88 -19.92
C LEU B 511 63.12 76.66 -21.13
N ASN B 512 64.38 76.50 -21.51
CA ASN B 512 64.91 77.18 -22.68
C ASN B 512 64.85 78.69 -22.50
N GLY B 513 64.89 79.13 -21.24
CA GLY B 513 64.84 80.54 -20.91
C GLY B 513 63.43 81.10 -21.06
N ARG B 514 62.43 80.25 -20.88
CA ARG B 514 61.04 80.65 -21.02
C ARG B 514 60.20 80.31 -19.79
N ASP B 515 59.71 81.34 -19.11
CA ASP B 515 58.90 81.15 -17.91
C ASP B 515 57.53 80.54 -18.23
N SER B 516 57.14 79.56 -17.43
CA SER B 516 55.83 78.94 -17.54
C SER B 516 55.26 78.73 -16.14
N LEU B 517 53.99 79.07 -15.96
CA LEU B 517 53.38 79.01 -14.63
C LEU B 517 53.06 77.59 -14.19
N VAL B 518 53.57 77.20 -13.03
CA VAL B 518 53.28 75.89 -12.46
C VAL B 518 51.88 75.90 -11.89
N ASN B 519 50.88 75.69 -12.74
CA ASN B 519 49.49 75.79 -12.30
C ASN B 519 49.06 74.67 -11.33
N PRO B 520 48.75 73.46 -11.85
CA PRO B 520 48.43 72.43 -10.88
C PRO B 520 49.70 71.69 -10.49
N GLY B 521 50.41 72.19 -9.48
CA GLY B 521 51.65 71.59 -9.07
C GLY B 521 51.44 70.23 -8.42
N PRO B 522 52.47 69.72 -7.74
CA PRO B 522 52.30 68.47 -6.98
C PRO B 522 51.02 68.54 -6.15
N ALA B 523 50.46 67.38 -5.83
CA ALA B 523 49.23 67.32 -5.04
C ALA B 523 49.50 67.75 -3.60
N MET B 524 49.00 68.93 -3.24
CA MET B 524 49.14 69.46 -1.89
C MET B 524 47.77 69.89 -1.35
N ALA B 525 47.62 69.92 -0.04
CA ALA B 525 46.35 70.31 0.57
C ALA B 525 46.09 71.81 0.40
N SER B 526 44.83 72.16 0.15
CA SER B 526 44.46 73.55 -0.10
C SER B 526 44.55 74.44 1.15
N HIS B 527 44.06 73.95 2.27
CA HIS B 527 44.05 74.72 3.51
C HIS B 527 44.16 73.82 4.74
N LYS B 528 44.65 74.39 5.84
CA LYS B 528 44.71 73.65 7.11
C LYS B 528 43.37 73.74 7.83
N ASP B 529 43.24 73.03 8.95
CA ASP B 529 41.98 72.96 9.68
C ASP B 529 41.52 74.31 10.21
N ASP B 530 40.19 74.52 10.18
CA ASP B 530 39.57 75.72 10.73
C ASP B 530 39.87 76.99 9.94
N GLU B 531 39.95 76.87 8.62
CA GLU B 531 40.12 78.03 7.75
C GLU B 531 39.09 78.01 6.62
N GLU B 532 39.33 77.16 5.63
CA GLU B 532 38.37 76.96 4.54
C GLU B 532 38.06 78.26 3.81
N LYS B 533 39.04 79.16 3.73
CA LYS B 533 38.87 80.42 3.02
C LYS B 533 40.12 80.75 2.22
N PHE B 534 41.26 80.22 2.66
CA PHE B 534 42.53 80.44 1.99
C PHE B 534 42.82 79.32 0.98
N PHE B 535 42.78 79.67 -0.30
CA PHE B 535 43.14 78.71 -1.34
C PHE B 535 44.51 79.09 -1.89
N PRO B 536 45.25 78.11 -2.40
CA PRO B 536 46.58 78.37 -2.96
C PRO B 536 46.50 79.16 -4.26
N MET B 537 47.49 80.00 -4.51
CA MET B 537 47.61 80.64 -5.81
C MET B 537 47.56 79.54 -6.85
N HIS B 538 46.43 79.41 -7.53
CA HIS B 538 46.26 78.38 -8.56
C HIS B 538 46.74 76.99 -8.12
N GLY B 539 46.52 76.65 -6.85
CA GLY B 539 46.91 75.35 -6.34
C GLY B 539 45.85 74.29 -6.59
N ASN B 540 44.94 74.56 -7.52
CA ASN B 540 43.85 73.65 -7.85
C ASN B 540 43.07 74.09 -9.08
N LEU B 541 42.28 73.18 -9.64
CA LEU B 541 41.53 73.47 -10.85
C LEU B 541 40.28 74.30 -10.58
N ILE B 542 40.11 75.36 -11.36
CA ILE B 542 38.97 76.26 -11.19
C ILE B 542 38.08 76.22 -12.42
N PHE B 543 36.80 75.94 -12.20
CA PHE B 543 35.84 75.84 -13.31
C PHE B 543 34.99 77.10 -13.41
N GLY B 544 34.72 77.52 -14.64
CA GLY B 544 33.88 78.67 -14.87
C GLY B 544 32.42 78.33 -14.98
N LYS B 545 31.57 79.08 -14.29
CA LYS B 545 30.12 78.87 -14.34
C LYS B 545 29.60 79.11 -15.76
N GLU B 546 28.40 78.62 -16.02
CA GLU B 546 27.78 78.79 -17.33
C GLU B 546 27.52 80.28 -17.58
N GLY B 547 27.88 80.74 -18.77
CA GLY B 547 27.70 82.14 -19.13
C GLY B 547 28.58 83.07 -18.31
N THR B 548 29.85 83.16 -18.70
CA THR B 548 30.82 84.00 -18.02
C THR B 548 32.04 84.27 -18.92
N THR B 549 32.26 85.53 -19.27
CA THR B 549 33.31 85.90 -20.21
C THR B 549 34.67 85.29 -19.85
N ALA B 550 35.51 85.10 -20.87
CA ALA B 550 36.82 84.49 -20.69
C ALA B 550 37.85 85.47 -20.14
N SER B 551 37.48 86.74 -20.10
CA SER B 551 38.40 87.79 -19.70
C SER B 551 38.00 88.44 -18.38
N ASN B 552 38.82 88.22 -17.35
CA ASN B 552 38.64 88.82 -16.03
C ASN B 552 37.19 88.76 -15.53
N ALA B 553 36.78 87.59 -15.07
CA ALA B 553 35.45 87.42 -14.52
C ALA B 553 35.49 87.58 -13.00
N GLU B 554 34.31 87.72 -12.40
CA GLU B 554 34.21 87.97 -10.97
C GLU B 554 34.48 86.69 -10.16
N LEU B 555 34.81 86.86 -8.89
CA LEU B 555 35.06 85.74 -7.97
C LEU B 555 33.78 84.93 -7.74
N ASP B 556 32.64 85.59 -7.86
CA ASP B 556 31.36 84.92 -7.66
C ASP B 556 30.89 84.27 -8.96
N ASN B 557 31.75 84.26 -9.97
CA ASN B 557 31.46 83.66 -11.25
C ASN B 557 32.29 82.43 -11.56
N VAL B 558 33.11 82.01 -10.60
CA VAL B 558 33.95 80.83 -10.78
C VAL B 558 33.79 79.83 -9.64
N MET B 559 34.19 78.60 -9.90
CA MET B 559 34.11 77.53 -8.91
C MET B 559 35.50 76.99 -8.59
N ILE B 560 35.97 77.27 -7.39
CA ILE B 560 37.30 76.84 -6.96
C ILE B 560 37.17 75.51 -6.22
N THR B 561 38.05 74.58 -6.55
CA THR B 561 37.97 73.22 -6.00
C THR B 561 38.81 73.04 -4.74
N ASP B 562 38.23 72.41 -3.73
CA ASP B 562 38.90 72.23 -2.44
C ASP B 562 39.50 70.82 -2.32
N GLU B 563 40.82 70.77 -2.15
CA GLU B 563 41.50 69.49 -1.94
C GLU B 563 41.80 69.30 -0.45
N GLU B 564 40.75 69.09 0.34
CA GLU B 564 40.90 68.96 1.79
C GLU B 564 40.64 67.55 2.30
N GLU B 565 40.76 66.57 1.43
CA GLU B 565 40.60 65.18 1.83
C GLU B 565 41.96 64.49 1.92
N ILE B 566 42.97 65.12 1.31
CA ILE B 566 44.31 64.56 1.28
C ILE B 566 45.22 65.19 2.33
N ARG B 567 44.61 65.75 3.37
CA ARG B 567 45.34 66.42 4.44
C ARG B 567 46.28 65.45 5.17
N THR B 568 45.93 64.18 5.16
CA THR B 568 46.62 63.17 5.96
C THR B 568 47.86 62.60 5.30
N THR B 569 48.00 62.80 4.00
CA THR B 569 49.13 62.26 3.25
C THR B 569 49.96 63.37 2.60
N ASN B 570 49.34 64.52 2.39
CA ASN B 570 49.98 65.60 1.66
C ASN B 570 50.22 66.87 2.47
N PRO B 571 51.34 67.56 2.18
CA PRO B 571 51.68 68.84 2.80
C PRO B 571 50.73 69.93 2.30
N VAL B 572 50.51 70.96 3.12
CA VAL B 572 49.65 72.07 2.73
C VAL B 572 50.35 72.92 1.66
N ALA B 573 49.62 73.25 0.59
CA ALA B 573 50.18 73.93 -0.56
C ALA B 573 50.81 75.29 -0.24
N THR B 574 50.13 76.06 0.61
CA THR B 574 50.58 77.41 0.94
C THR B 574 51.56 77.40 2.12
N GLU B 575 51.35 76.46 3.04
CA GLU B 575 52.22 76.34 4.21
C GLU B 575 53.59 75.80 3.83
N GLN B 576 54.51 75.80 4.78
CA GLN B 576 55.87 75.30 4.56
C GLN B 576 55.88 73.77 4.47
N TYR B 577 57.08 73.20 4.51
CA TYR B 577 57.23 71.74 4.51
C TYR B 577 57.70 71.26 5.87
N GLY B 578 58.69 71.95 6.44
CA GLY B 578 59.22 71.59 7.73
C GLY B 578 60.50 72.31 8.11
N THR B 579 61.28 71.67 8.98
CA THR B 579 62.51 72.25 9.50
C THR B 579 63.72 71.41 9.10
N VAL B 580 64.80 72.09 8.74
CA VAL B 580 66.06 71.42 8.41
C VAL B 580 67.21 72.13 9.10
N ALA B 581 68.18 71.36 9.59
CA ALA B 581 69.37 71.93 10.21
C ALA B 581 70.38 72.35 9.14
N ASN B 582 71.17 73.36 9.45
CA ASN B 582 72.19 73.84 8.52
C ASN B 582 73.39 74.50 9.20
N ASN B 583 73.93 73.83 10.22
CA ASN B 583 75.12 74.31 10.93
C ASN B 583 75.59 73.28 11.95
N LEU B 584 76.83 73.43 12.42
CA LEU B 584 77.38 72.53 13.41
C LEU B 584 77.31 73.16 14.81
N GLN B 585 76.17 72.97 15.49
CA GLN B 585 75.96 73.57 16.80
C GLN B 585 77.02 73.14 17.81
N SER B 586 77.34 74.03 18.73
CA SER B 586 78.32 73.76 19.78
C SER B 586 78.27 74.85 20.84
N SER B 587 79.21 74.81 21.77
CA SER B 587 79.30 75.83 22.79
C SER B 587 79.57 77.20 22.15
N ASN B 588 80.24 77.19 21.01
CA ASN B 588 80.57 78.42 20.30
C ASN B 588 79.47 78.88 19.37
N THR B 589 78.68 77.93 18.87
CA THR B 589 77.68 78.22 17.86
C THR B 589 76.27 77.82 18.29
N ALA B 590 75.30 78.69 18.01
CA ALA B 590 73.91 78.39 18.29
C ALA B 590 73.28 77.65 17.11
N PRO B 591 72.48 76.61 17.41
CA PRO B 591 71.82 75.78 16.39
C PRO B 591 70.93 76.60 15.46
N THR B 592 71.03 76.34 14.15
CA THR B 592 70.27 77.10 13.17
C THR B 592 69.21 76.25 12.47
N THR B 593 68.05 76.86 12.24
CA THR B 593 66.93 76.20 11.58
C THR B 593 66.61 76.85 10.24
N ARG B 594 66.28 76.02 9.25
CA ARG B 594 65.92 76.52 7.93
C ARG B 594 64.52 76.06 7.54
N THR B 595 63.68 77.00 7.14
CA THR B 595 62.33 76.68 6.68
C THR B 595 62.37 76.17 5.24
N VAL B 596 62.06 74.89 5.06
CA VAL B 596 62.09 74.27 3.74
C VAL B 596 60.85 74.58 2.92
N ASN B 597 61.06 75.18 1.75
CA ASN B 597 59.96 75.60 0.90
C ASN B 597 59.81 74.69 -0.32
N ASP B 598 60.84 73.90 -0.59
CA ASP B 598 60.83 73.01 -1.75
C ASP B 598 61.47 71.67 -1.41
N GLN B 599 60.71 70.60 -1.60
CA GLN B 599 61.21 69.26 -1.29
C GLN B 599 61.07 68.28 -2.46
N GLY B 600 62.20 67.80 -2.95
CA GLY B 600 62.19 66.76 -3.95
C GLY B 600 61.62 65.47 -3.38
N ALA B 601 61.88 64.35 -4.05
CA ALA B 601 61.38 63.05 -3.59
C ALA B 601 62.29 62.45 -2.52
N LEU B 602 61.74 61.55 -1.72
CA LEU B 602 62.50 60.91 -0.65
C LEU B 602 62.07 59.47 -0.39
N PRO B 603 63.04 58.59 -0.16
CA PRO B 603 62.77 57.20 0.20
C PRO B 603 61.93 57.13 1.46
N GLY B 604 60.65 56.76 1.31
CA GLY B 604 59.78 56.62 2.46
C GLY B 604 58.57 57.54 2.39
N MET B 605 58.53 58.39 1.37
CA MET B 605 57.39 59.29 1.20
C MET B 605 56.20 58.55 0.63
N VAL B 606 55.00 58.95 1.08
CA VAL B 606 53.76 58.40 0.56
C VAL B 606 52.77 59.53 0.33
N TRP B 607 52.15 59.55 -0.85
CA TRP B 607 51.24 60.63 -1.17
C TRP B 607 49.98 60.15 -1.89
N GLN B 608 48.95 60.98 -1.86
CA GLN B 608 47.73 60.74 -2.61
C GLN B 608 47.72 61.70 -3.78
N ASP B 609 47.21 61.25 -4.93
CA ASP B 609 47.15 62.12 -6.10
C ASP B 609 45.98 63.09 -5.98
N ARG B 610 45.77 63.91 -7.01
CA ARG B 610 44.67 64.87 -7.00
C ARG B 610 43.32 64.18 -7.05
N ASP B 611 42.32 64.87 -7.58
CA ASP B 611 40.98 64.31 -7.64
C ASP B 611 40.35 64.57 -9.00
N VAL B 612 39.38 63.74 -9.36
CA VAL B 612 38.62 63.96 -10.60
C VAL B 612 37.20 64.40 -10.27
N TYR B 613 36.73 65.41 -10.98
CA TYR B 613 35.40 65.94 -10.74
C TYR B 613 34.53 65.70 -11.97
N LEU B 614 33.22 65.73 -11.75
CA LEU B 614 32.27 65.44 -12.83
C LEU B 614 32.62 66.12 -14.15
N GLN B 615 33.26 67.27 -14.08
CA GLN B 615 33.60 68.03 -15.28
C GLN B 615 35.11 68.11 -15.53
N GLY B 616 35.88 67.27 -14.84
CA GLY B 616 37.32 67.26 -14.98
C GLY B 616 37.81 66.41 -16.13
N PRO B 617 39.11 66.51 -16.44
CA PRO B 617 39.73 65.67 -17.48
C PRO B 617 39.67 64.21 -17.07
N ILE B 618 39.75 63.31 -18.05
CA ILE B 618 39.72 61.88 -17.77
C ILE B 618 41.11 61.26 -17.89
N TRP B 619 41.73 61.41 -19.05
CA TRP B 619 43.05 60.83 -19.28
C TRP B 619 44.06 61.85 -19.78
N ALA B 620 45.28 61.39 -20.01
CA ALA B 620 46.35 62.25 -20.50
C ALA B 620 47.49 61.42 -21.09
N LYS B 621 47.99 61.83 -22.25
CA LYS B 621 49.07 61.11 -22.91
C LYS B 621 50.44 61.38 -22.28
N ILE B 622 50.95 60.42 -21.53
CA ILE B 622 52.28 60.52 -20.97
C ILE B 622 53.29 60.72 -22.09
N PRO B 623 54.04 61.83 -22.03
CA PRO B 623 55.04 62.19 -23.03
C PRO B 623 56.03 61.06 -23.26
N HIS B 624 56.48 60.87 -24.51
CA HIS B 624 57.44 59.83 -24.82
C HIS B 624 58.87 60.31 -24.61
N THR B 625 59.33 60.30 -23.37
CA THR B 625 60.68 60.73 -23.04
C THR B 625 61.51 59.57 -22.50
N ASP B 626 62.76 59.86 -22.14
CA ASP B 626 63.64 58.85 -21.57
C ASP B 626 63.22 58.47 -20.15
N GLY B 627 62.55 59.38 -19.46
CA GLY B 627 62.21 59.15 -18.07
C GLY B 627 60.99 59.89 -17.55
N HIS B 628 60.27 59.22 -16.66
CA HIS B 628 59.13 59.81 -15.96
C HIS B 628 59.25 59.38 -14.50
N PHE B 629 58.64 60.13 -13.59
CA PHE B 629 58.67 59.75 -12.18
C PHE B 629 57.39 59.01 -11.78
N HIS B 630 56.37 59.78 -11.45
CA HIS B 630 55.08 59.24 -11.09
C HIS B 630 54.07 59.77 -12.09
N PRO B 631 54.05 59.18 -13.29
CA PRO B 631 53.35 59.69 -14.47
C PRO B 631 51.82 59.77 -14.33
N SER B 632 51.35 60.59 -13.38
CA SER B 632 49.93 60.85 -13.23
C SER B 632 49.64 62.29 -13.67
N PRO B 633 48.65 62.47 -14.56
CA PRO B 633 48.30 63.79 -15.09
C PRO B 633 48.19 64.81 -13.97
N LEU B 634 48.93 65.90 -14.08
CA LEU B 634 48.95 66.91 -13.01
C LEU B 634 47.56 67.50 -12.78
N MET B 635 46.77 67.60 -13.84
CA MET B 635 45.41 68.11 -13.74
C MET B 635 44.47 67.04 -13.21
N GLY B 636 44.99 65.81 -13.09
CA GLY B 636 44.23 64.71 -12.54
C GLY B 636 43.76 63.72 -13.59
N GLY B 637 43.66 62.45 -13.19
CA GLY B 637 43.15 61.43 -14.08
C GLY B 637 44.11 60.27 -14.31
N PHE B 638 43.95 59.63 -15.45
CA PHE B 638 44.74 58.44 -15.77
C PHE B 638 45.80 58.74 -16.81
N GLY B 639 47.06 58.55 -16.41
CA GLY B 639 48.19 58.74 -17.30
C GLY B 639 48.36 57.53 -18.20
N LEU B 640 48.24 57.75 -19.51
CA LEU B 640 48.28 56.65 -20.46
C LEU B 640 49.42 56.80 -21.45
N LYS B 641 50.19 55.73 -21.61
CA LYS B 641 51.20 55.67 -22.66
C LYS B 641 50.50 55.77 -24.00
N HIS B 642 49.47 54.95 -24.19
CA HIS B 642 48.70 54.92 -25.41
C HIS B 642 47.23 55.19 -25.12
N PRO B 643 46.82 56.48 -25.12
CA PRO B 643 45.47 56.92 -24.82
C PRO B 643 44.57 56.91 -26.06
N PRO B 644 43.25 56.92 -25.85
CA PRO B 644 42.28 56.96 -26.96
C PRO B 644 42.74 57.89 -28.06
N PRO B 645 43.15 57.33 -29.21
CA PRO B 645 43.72 58.05 -30.34
C PRO B 645 42.84 59.22 -30.77
N GLN B 646 43.41 60.13 -31.54
CA GLN B 646 42.66 61.28 -32.03
C GLN B 646 41.85 60.93 -33.27
N ILE B 647 40.58 61.32 -33.28
CA ILE B 647 39.71 61.09 -34.42
C ILE B 647 39.50 62.39 -35.18
N MET B 648 40.02 62.43 -36.42
CA MET B 648 39.90 63.62 -37.26
C MET B 648 38.69 63.59 -38.18
N ILE B 649 38.26 64.78 -38.58
CA ILE B 649 37.07 64.95 -39.40
C ILE B 649 37.22 66.23 -40.22
N LYS B 650 36.77 66.20 -41.46
CA LYS B 650 36.81 67.39 -42.31
C LYS B 650 35.93 67.24 -43.54
N ASN B 651 35.36 68.33 -43.99
CA ASN B 651 34.50 68.31 -45.18
C ASN B 651 35.35 68.29 -46.44
N THR B 652 35.12 67.29 -47.28
CA THR B 652 35.86 67.18 -48.53
C THR B 652 35.60 68.38 -49.42
N PRO B 653 36.67 69.10 -49.76
CA PRO B 653 36.61 70.33 -50.57
C PRO B 653 35.91 70.10 -51.91
N VAL B 654 34.94 70.96 -52.22
CA VAL B 654 34.23 70.87 -53.50
C VAL B 654 34.51 72.09 -54.36
N PRO B 655 35.24 71.89 -55.47
CA PRO B 655 35.55 72.97 -56.40
C PRO B 655 34.28 73.65 -56.92
N ALA B 656 34.24 74.97 -56.81
CA ALA B 656 33.16 75.73 -57.42
C ALA B 656 33.29 75.63 -58.92
N ASN B 657 32.80 76.64 -59.62
CA ASN B 657 32.83 76.62 -61.08
C ASN B 657 34.21 76.90 -61.69
N PRO B 658 34.69 75.99 -62.53
CA PRO B 658 35.99 76.11 -63.22
C PRO B 658 35.87 76.79 -64.59
N PRO B 659 36.96 77.40 -65.06
CA PRO B 659 37.06 78.10 -66.35
C PRO B 659 37.21 77.15 -67.54
N THR B 660 36.75 77.57 -68.71
CA THR B 660 36.89 76.78 -69.94
C THR B 660 38.34 76.73 -70.41
N THR B 661 39.14 77.68 -69.93
CA THR B 661 40.57 77.71 -70.24
C THR B 661 41.38 77.19 -69.06
N PHE B 662 42.46 76.46 -69.35
CA PHE B 662 43.28 75.83 -68.32
C PHE B 662 44.08 76.83 -67.49
N SER B 663 44.08 76.63 -66.17
CA SER B 663 44.83 77.49 -65.27
C SER B 663 45.71 76.67 -64.33
N PRO B 664 47.03 76.95 -64.34
CA PRO B 664 47.99 76.28 -63.46
C PRO B 664 47.89 76.82 -62.05
N ALA B 665 47.22 77.96 -61.90
CA ALA B 665 47.11 78.61 -60.60
C ALA B 665 46.43 77.72 -59.58
N LYS B 666 46.92 77.78 -58.34
CA LYS B 666 46.34 77.03 -57.23
C LYS B 666 44.85 77.30 -57.16
N PHE B 667 44.05 76.25 -56.97
CA PHE B 667 42.60 76.38 -56.92
C PHE B 667 42.18 76.94 -55.55
N ALA B 668 41.32 77.95 -55.57
CA ALA B 668 40.88 78.59 -54.33
C ALA B 668 39.41 79.00 -54.37
N SER B 669 38.71 78.62 -55.43
CA SER B 669 37.28 78.88 -55.54
C SER B 669 36.45 77.63 -55.25
N PHE B 670 35.94 77.52 -54.03
CA PHE B 670 35.20 76.34 -53.61
C PHE B 670 33.75 76.64 -53.24
N ILE B 671 32.92 75.61 -53.30
CA ILE B 671 31.54 75.70 -52.86
C ILE B 671 31.50 75.62 -51.33
N THR B 672 30.82 76.59 -50.73
CA THR B 672 30.72 76.68 -49.28
C THR B 672 29.73 75.64 -48.74
N GLN B 673 30.20 74.82 -47.81
CA GLN B 673 29.37 73.74 -47.27
C GLN B 673 29.81 73.31 -45.87
N TYR B 674 28.86 72.84 -45.08
CA TYR B 674 29.13 72.34 -43.74
C TYR B 674 28.48 70.96 -43.54
N SER B 675 29.05 70.17 -42.65
CA SER B 675 28.54 68.82 -42.39
C SER B 675 27.90 68.73 -41.01
N THR B 676 27.05 67.74 -40.83
CA THR B 676 26.38 67.51 -39.57
C THR B 676 25.97 66.05 -39.43
N GLY B 677 25.83 65.58 -38.20
CA GLY B 677 25.45 64.21 -37.95
C GLY B 677 25.55 63.86 -36.48
N GLN B 678 25.43 62.56 -36.19
CA GLN B 678 25.53 62.10 -34.81
C GLN B 678 26.83 61.36 -34.55
N VAL B 679 27.22 61.32 -33.29
CA VAL B 679 28.41 60.60 -32.88
C VAL B 679 28.08 59.84 -31.60
N SER B 680 28.64 58.64 -31.45
CA SER B 680 28.35 57.81 -30.29
C SER B 680 29.62 57.26 -29.65
N VAL B 681 29.74 57.42 -28.34
CA VAL B 681 30.91 56.92 -27.61
C VAL B 681 30.50 56.04 -26.42
N GLU B 682 30.89 54.77 -26.48
CA GLU B 682 30.59 53.82 -25.42
C GLU B 682 31.84 53.44 -24.65
N ILE B 683 31.80 53.60 -23.33
CA ILE B 683 32.95 53.27 -22.49
C ILE B 683 32.59 52.35 -21.33
N GLU B 684 33.39 51.32 -21.14
CA GLU B 684 33.19 50.40 -20.04
C GLU B 684 34.12 50.78 -18.90
N TRP B 685 33.62 50.66 -17.68
CA TRP B 685 34.35 51.07 -16.50
C TRP B 685 34.44 49.94 -15.50
N GLU B 686 35.66 49.61 -15.11
CA GLU B 686 35.84 48.61 -14.06
C GLU B 686 35.70 49.32 -12.72
N LEU B 687 35.05 48.65 -11.76
CA LEU B 687 34.81 49.27 -10.46
C LEU B 687 35.50 48.51 -9.33
N GLN B 688 35.90 49.26 -8.30
CA GLN B 688 36.42 48.65 -7.08
C GLN B 688 35.42 48.88 -5.97
N LYS B 689 34.75 47.81 -5.55
CA LYS B 689 33.71 47.91 -4.54
C LYS B 689 34.26 48.30 -3.17
N GLU B 690 33.35 48.74 -2.29
CA GLU B 690 33.72 49.19 -0.96
C GLU B 690 33.68 48.07 0.06
N ASN B 691 34.79 47.90 0.79
CA ASN B 691 34.85 46.88 1.83
C ASN B 691 35.38 47.47 3.14
N SER B 692 34.50 48.13 3.87
CA SER B 692 34.88 48.81 5.10
C SER B 692 34.09 48.28 6.30
N LYS B 693 34.76 48.18 7.45
CA LYS B 693 34.11 47.76 8.68
C LYS B 693 33.83 48.96 9.58
N ARG B 694 33.74 50.14 8.97
CA ARG B 694 33.34 51.34 9.66
C ARG B 694 31.95 51.12 10.28
N TRP B 695 31.83 51.38 11.57
CA TRP B 695 30.55 51.19 12.25
C TRP B 695 29.58 52.32 11.96
N ASN B 696 29.99 53.54 12.29
CA ASN B 696 29.16 54.72 12.07
C ASN B 696 29.07 55.08 10.60
N PRO B 697 27.99 55.79 10.22
CA PRO B 697 27.78 56.20 8.82
C PRO B 697 28.91 57.04 8.27
N GLU B 698 29.21 56.89 6.99
CA GLU B 698 30.19 57.74 6.32
C GLU B 698 29.44 58.90 5.66
N ILE B 699 30.18 59.88 5.15
CA ILE B 699 29.56 61.03 4.51
C ILE B 699 29.23 60.73 3.07
N GLN B 700 28.07 61.20 2.62
CA GLN B 700 27.57 60.94 1.28
C GLN B 700 27.26 62.25 0.58
N TYR B 701 27.43 62.29 -0.73
CA TYR B 701 26.98 63.46 -1.49
C TYR B 701 25.46 63.42 -1.62
N THR B 702 24.83 64.58 -1.52
CA THR B 702 23.38 64.66 -1.54
C THR B 702 22.88 66.04 -1.99
N SER B 703 21.64 66.07 -2.48
CA SER B 703 21.00 67.33 -2.84
C SER B 703 20.31 67.93 -1.62
N ASN B 704 20.24 69.26 -1.58
CA ASN B 704 19.55 69.95 -0.49
C ASN B 704 18.04 69.71 -0.59
N TYR B 705 17.51 68.98 0.39
CA TYR B 705 16.09 68.60 0.39
C TYR B 705 15.19 69.81 0.63
N ASN B 706 15.80 70.94 0.96
CA ASN B 706 15.06 72.15 1.29
C ASN B 706 14.30 72.73 0.10
N LYS B 707 13.28 73.54 0.40
CA LYS B 707 12.54 74.25 -0.64
C LYS B 707 13.51 75.11 -1.44
N SER B 708 13.59 74.88 -2.74
CA SER B 708 14.62 75.53 -3.55
C SER B 708 14.08 76.26 -4.79
N VAL B 709 14.87 77.21 -5.28
CA VAL B 709 14.57 77.96 -6.48
C VAL B 709 14.59 77.05 -7.71
N ASN B 710 15.79 76.85 -8.24
CA ASN B 710 15.99 75.97 -9.38
C ASN B 710 16.54 74.64 -8.91
N VAL B 711 16.35 73.60 -9.72
CA VAL B 711 16.84 72.27 -9.39
C VAL B 711 18.31 72.08 -9.79
N ASP B 712 19.10 71.57 -8.86
CA ASP B 712 20.52 71.34 -9.10
C ASP B 712 20.76 70.50 -10.35
N PHE B 713 21.61 71.00 -11.24
CA PHE B 713 21.94 70.29 -12.47
C PHE B 713 20.71 70.15 -13.35
N THR B 714 20.30 71.26 -13.95
CA THR B 714 19.05 71.30 -14.69
C THR B 714 19.00 72.54 -15.60
N VAL B 715 18.12 72.49 -16.60
CA VAL B 715 17.86 73.63 -17.45
C VAL B 715 17.05 74.68 -16.69
N ASP B 716 17.08 75.92 -17.18
CA ASP B 716 16.37 77.01 -16.53
C ASP B 716 15.10 77.40 -17.29
N THR B 717 14.68 78.65 -17.13
CA THR B 717 13.43 79.13 -17.70
C THR B 717 13.47 79.22 -19.22
N ASN B 718 14.67 79.38 -19.79
CA ASN B 718 14.82 79.48 -21.23
C ASN B 718 15.75 78.45 -21.85
N GLY B 719 15.92 77.32 -21.17
CA GLY B 719 16.63 76.17 -21.73
C GLY B 719 18.14 76.25 -21.75
N VAL B 720 18.74 76.30 -20.56
CA VAL B 720 20.20 76.28 -20.45
C VAL B 720 20.64 75.39 -19.29
N TYR B 721 21.29 74.28 -19.61
CA TYR B 721 21.81 73.38 -18.58
C TYR B 721 22.95 74.06 -17.84
N SER B 722 23.00 73.88 -16.53
CA SER B 722 24.03 74.50 -15.70
C SER B 722 24.48 73.58 -14.57
N GLU B 723 25.79 73.41 -14.45
CA GLU B 723 26.36 72.62 -13.36
C GLU B 723 26.68 73.51 -12.17
N PRO B 724 25.84 73.45 -11.12
CA PRO B 724 25.98 74.26 -9.90
C PRO B 724 27.40 74.23 -9.32
N ARG B 725 27.80 73.10 -8.74
CA ARG B 725 29.10 73.02 -8.08
C ARG B 725 29.98 71.93 -8.69
N PRO B 726 31.29 71.98 -8.38
CA PRO B 726 32.17 70.86 -8.73
C PRO B 726 31.90 69.67 -7.84
N ILE B 727 32.11 68.46 -8.36
CA ILE B 727 31.87 67.25 -7.58
C ILE B 727 33.15 66.46 -7.32
N GLY B 728 33.53 66.36 -6.05
CA GLY B 728 34.68 65.56 -5.67
C GLY B 728 34.42 64.09 -5.90
N THR B 729 35.36 63.24 -5.50
CA THR B 729 35.21 61.81 -5.68
C THR B 729 35.43 61.09 -4.36
N ARG B 730 35.99 61.81 -3.40
CA ARG B 730 36.39 61.21 -2.13
C ARG B 730 35.35 61.45 -1.03
N TYR B 731 34.42 60.50 -0.88
CA TYR B 731 33.39 60.58 0.15
C TYR B 731 33.46 59.38 1.10
N LEU B 732 34.10 58.30 0.64
CA LEU B 732 34.20 57.09 1.44
C LEU B 732 35.56 56.99 2.13
N THR B 733 35.60 56.37 3.30
CA THR B 733 36.83 56.32 4.09
C THR B 733 37.49 54.95 4.14
N ARG B 734 38.80 54.94 3.91
CA ARG B 734 39.62 53.75 4.06
C ARG B 734 40.80 54.09 4.95
N ASN B 735 41.37 53.10 5.62
CA ASN B 735 42.48 53.34 6.53
C ASN B 735 43.83 53.43 5.82
N LEU B 736 44.89 53.53 6.60
CA LEU B 736 46.24 53.58 6.06
C LEU B 736 46.98 52.26 6.29
N GLY C 217 12.76 46.92 -40.12
CA GLY C 217 12.61 47.07 -41.56
C GLY C 217 13.52 48.13 -42.13
N ALA C 218 14.02 47.89 -43.33
CA ALA C 218 14.94 48.81 -44.00
C ALA C 218 14.75 48.81 -45.51
N ASP C 219 14.26 49.91 -46.05
CA ASP C 219 14.06 50.06 -47.49
C ASP C 219 14.50 51.43 -48.02
N GLY C 220 13.94 51.85 -49.15
CA GLY C 220 14.44 53.03 -49.85
C GLY C 220 13.57 54.28 -49.85
N VAL C 221 13.91 55.19 -50.75
CA VAL C 221 13.24 56.50 -50.85
C VAL C 221 11.88 56.41 -51.52
N GLY C 222 11.85 55.85 -52.72
CA GLY C 222 10.61 55.71 -53.46
C GLY C 222 9.93 54.37 -53.20
N ASN C 223 9.83 54.02 -51.92
CA ASN C 223 9.20 52.77 -51.51
C ASN C 223 8.50 52.93 -50.17
N SER C 224 7.17 52.91 -50.21
CA SER C 224 6.38 53.08 -48.99
C SER C 224 6.72 52.04 -47.92
N SER C 225 6.97 52.51 -46.71
CA SER C 225 7.34 51.62 -45.60
C SER C 225 6.12 51.10 -44.83
N GLY C 226 4.96 51.08 -45.47
CA GLY C 226 3.75 50.58 -44.84
C GLY C 226 2.48 50.86 -45.62
N ASN C 227 1.42 50.11 -45.31
CA ASN C 227 0.12 50.30 -45.95
C ASN C 227 -0.93 50.84 -45.00
N TRP C 228 -2.06 51.27 -45.57
CA TRP C 228 -3.15 51.84 -44.78
C TRP C 228 -4.08 50.75 -44.26
N HIS C 229 -3.80 50.27 -43.06
CA HIS C 229 -4.64 49.24 -42.45
C HIS C 229 -5.63 49.85 -41.48
N CYS C 230 -6.88 50.01 -41.92
CA CYS C 230 -7.93 50.49 -41.05
C CYS C 230 -9.22 49.71 -41.31
N ASP C 231 -9.50 48.76 -40.42
CA ASP C 231 -10.67 47.90 -40.57
C ASP C 231 -10.92 47.15 -39.28
N SER C 232 -12.10 46.56 -39.16
CA SER C 232 -12.42 45.73 -38.01
C SER C 232 -13.41 44.65 -38.40
N GLN C 233 -13.09 43.41 -38.05
CA GLN C 233 -13.99 42.30 -38.25
C GLN C 233 -14.16 41.54 -36.93
N TRP C 234 -15.20 40.73 -36.85
CA TRP C 234 -15.55 40.08 -35.60
C TRP C 234 -15.32 38.57 -35.65
N LEU C 235 -15.05 37.98 -34.49
CA LEU C 235 -14.82 36.55 -34.38
C LEU C 235 -15.86 35.90 -33.49
N GLY C 236 -16.88 36.66 -33.09
CA GLY C 236 -17.93 36.17 -32.22
C GLY C 236 -17.41 35.93 -30.81
N ASP C 237 -16.14 35.55 -30.71
CA ASP C 237 -15.51 35.30 -29.43
C ASP C 237 -14.62 36.48 -29.07
N ARG C 238 -14.26 37.26 -30.07
CA ARG C 238 -13.37 38.41 -29.88
C ARG C 238 -13.43 39.30 -31.11
N VAL C 239 -12.88 40.50 -30.98
CA VAL C 239 -12.89 41.47 -32.08
C VAL C 239 -11.57 42.23 -32.21
N ILE C 240 -11.08 42.33 -33.44
CA ILE C 240 -9.83 43.03 -33.69
C ILE C 240 -10.07 44.37 -34.38
N THR C 241 -9.61 45.43 -33.75
CA THR C 241 -9.76 46.78 -34.27
C THR C 241 -8.46 47.32 -34.81
N THR C 242 -8.43 47.57 -36.12
CA THR C 242 -7.26 48.16 -36.77
C THR C 242 -7.55 49.61 -37.15
N SER C 243 -6.63 50.50 -36.80
CA SER C 243 -6.82 51.92 -37.05
C SER C 243 -5.55 52.58 -37.58
N THR C 244 -5.70 53.38 -38.64
CA THR C 244 -4.59 54.13 -39.21
C THR C 244 -4.97 55.60 -39.40
N ARG C 245 -4.08 56.49 -39.00
CA ARG C 245 -4.32 57.92 -39.13
C ARG C 245 -3.06 58.63 -39.63
N THR C 246 -3.24 59.82 -40.18
CA THR C 246 -2.10 60.62 -40.60
C THR C 246 -1.76 61.63 -39.51
N TRP C 247 -0.49 61.77 -39.20
CA TRP C 247 -0.04 62.64 -38.13
C TRP C 247 0.94 63.68 -38.64
N ALA C 248 1.04 64.80 -37.91
CA ALA C 248 2.02 65.82 -38.22
C ALA C 248 2.72 66.28 -36.94
N LEU C 249 4.02 66.52 -37.03
CA LEU C 249 4.80 66.88 -35.86
C LEU C 249 5.70 68.09 -36.08
N PRO C 250 5.47 69.16 -35.32
CA PRO C 250 6.27 70.39 -35.34
C PRO C 250 7.54 70.21 -34.51
N THR C 251 8.36 71.26 -34.45
CA THR C 251 9.49 71.27 -33.54
C THR C 251 9.07 72.02 -32.29
N TYR C 252 8.87 71.28 -31.20
CA TYR C 252 8.41 71.88 -29.95
C TYR C 252 9.56 72.48 -29.15
N ASN C 253 9.23 73.51 -28.36
CA ASN C 253 10.19 74.14 -27.46
C ASN C 253 11.53 74.51 -28.11
N ASN C 254 11.53 74.62 -29.43
CA ASN C 254 12.73 75.04 -30.15
C ASN C 254 13.92 74.16 -29.79
N HIS C 255 13.74 72.84 -29.86
CA HIS C 255 14.80 71.88 -29.56
C HIS C 255 15.36 72.08 -28.14
N LEU C 256 14.53 72.56 -27.23
CA LEU C 256 14.99 72.89 -25.89
C LEU C 256 14.12 72.31 -24.76
N TYR C 257 14.76 71.91 -23.67
CA TYR C 257 14.05 71.55 -22.46
C TYR C 257 13.90 72.80 -21.62
N LYS C 258 12.66 73.13 -21.25
CA LYS C 258 12.41 74.35 -20.49
C LYS C 258 11.79 74.08 -19.12
N GLN C 259 12.31 74.77 -18.10
CA GLN C 259 11.75 74.68 -16.76
C GLN C 259 10.50 75.54 -16.65
N ILE C 260 9.36 74.90 -16.46
CA ILE C 260 8.10 75.62 -16.29
C ILE C 260 7.65 75.57 -14.84
N SER C 261 6.83 76.54 -14.44
CA SER C 261 6.39 76.65 -13.06
C SER C 261 5.19 77.59 -12.95
N SER C 262 4.65 77.69 -11.75
CA SER C 262 3.49 78.53 -11.50
C SER C 262 3.86 80.01 -11.51
N GLN C 263 2.93 80.84 -11.98
CA GLN C 263 3.14 82.27 -12.04
C GLN C 263 3.43 82.83 -10.65
N SER C 264 4.34 83.80 -10.57
CA SER C 264 4.67 84.43 -9.30
C SER C 264 3.43 85.09 -8.68
N GLY C 265 2.73 84.34 -7.84
CA GLY C 265 1.53 84.84 -7.19
C GLY C 265 0.36 85.06 -8.15
N ALA C 266 -0.03 84.02 -8.86
CA ALA C 266 -1.18 84.09 -9.75
C ALA C 266 -2.31 83.19 -9.27
N SER C 267 -1.94 82.12 -8.57
CA SER C 267 -2.91 81.20 -8.07
C SER C 267 -2.30 80.32 -6.94
N ASN C 268 -3.15 79.81 -6.02
CA ASN C 268 -2.68 79.03 -4.87
C ASN C 268 -2.89 77.52 -4.97
N ASP C 269 -4.10 77.10 -5.31
CA ASP C 269 -4.39 75.68 -5.45
C ASP C 269 -3.91 75.16 -6.79
N ASN C 270 -3.34 76.05 -7.59
CA ASN C 270 -2.89 75.71 -8.93
C ASN C 270 -1.37 75.86 -9.08
N HIS C 271 -0.67 75.98 -7.96
CA HIS C 271 0.78 76.05 -7.99
C HIS C 271 1.35 74.76 -8.57
N TYR C 272 2.49 74.86 -9.24
CA TYR C 272 3.09 73.70 -9.87
C TYR C 272 4.55 73.94 -10.29
N PHE C 273 5.26 72.85 -10.54
CA PHE C 273 6.63 72.92 -11.03
C PHE C 273 6.93 71.69 -11.89
N GLY C 274 7.48 71.93 -13.08
CA GLY C 274 7.82 70.85 -13.99
C GLY C 274 8.71 71.31 -15.13
N TYR C 275 8.64 70.58 -16.24
CA TYR C 275 9.47 70.88 -17.41
C TYR C 275 8.74 70.65 -18.72
N SER C 276 9.19 71.36 -19.76
CA SER C 276 8.64 71.20 -21.09
C SER C 276 9.68 70.59 -22.01
N THR C 277 9.34 69.47 -22.64
CA THR C 277 10.28 68.73 -23.47
C THR C 277 10.03 68.95 -24.96
N PRO C 278 11.12 68.88 -25.75
CA PRO C 278 11.06 69.04 -27.21
C PRO C 278 10.41 67.83 -27.89
N TRP C 279 9.97 66.85 -27.10
CA TRP C 279 9.40 65.63 -27.65
C TRP C 279 7.89 65.69 -27.80
N GLY C 280 7.36 64.94 -28.76
CA GLY C 280 5.93 64.75 -28.91
C GLY C 280 5.60 63.34 -28.51
N TYR C 281 4.32 62.97 -28.59
CA TYR C 281 3.92 61.62 -28.21
C TYR C 281 2.64 61.18 -28.89
N PHE C 282 2.44 59.87 -28.96
CA PHE C 282 1.24 59.31 -29.58
C PHE C 282 0.26 58.86 -28.52
N ASP C 283 -1.02 59.04 -28.80
CA ASP C 283 -2.06 58.65 -27.85
C ASP C 283 -3.32 58.19 -28.57
N PHE C 284 -4.00 57.23 -27.99
CA PHE C 284 -5.26 56.73 -28.52
C PHE C 284 -6.13 56.21 -27.39
N ASN C 285 -5.96 56.82 -26.22
CA ASN C 285 -6.70 56.41 -25.03
C ASN C 285 -8.16 56.85 -25.07
N ARG C 286 -8.75 56.77 -26.25
CA ARG C 286 -10.17 57.06 -26.45
C ARG C 286 -10.76 55.92 -27.25
N PHE C 287 -11.94 55.46 -26.88
CA PHE C 287 -12.55 54.33 -27.59
C PHE C 287 -12.84 54.63 -29.04
N HIS C 288 -13.20 55.87 -29.35
CA HIS C 288 -13.56 56.25 -30.72
C HIS C 288 -12.33 56.23 -31.63
N CYS C 289 -11.16 56.05 -31.04
CA CYS C 289 -9.93 55.91 -31.78
C CYS C 289 -9.91 54.58 -32.54
N HIS C 290 -10.65 53.60 -32.02
CA HIS C 290 -10.57 52.23 -32.53
C HIS C 290 -11.90 51.72 -33.07
N PHE C 291 -12.99 51.99 -32.35
CA PHE C 291 -14.32 51.54 -32.76
C PHE C 291 -15.04 52.61 -33.57
N SER C 292 -15.73 52.18 -34.62
CA SER C 292 -16.60 53.08 -35.36
C SER C 292 -17.93 53.13 -34.64
N PRO C 293 -18.74 54.16 -34.93
CA PRO C 293 -20.08 54.25 -34.35
C PRO C 293 -20.84 52.93 -34.47
N ARG C 294 -20.86 52.38 -35.68
CA ARG C 294 -21.58 51.13 -35.93
C ARG C 294 -21.04 49.97 -35.08
N ASP C 295 -19.73 49.76 -35.11
CA ASP C 295 -19.10 48.70 -34.33
C ASP C 295 -19.48 48.81 -32.87
N TRP C 296 -19.35 50.02 -32.34
CA TRP C 296 -19.69 50.29 -30.96
C TRP C 296 -21.11 49.83 -30.67
N GLN C 297 -21.99 50.00 -31.65
CA GLN C 297 -23.38 49.56 -31.50
C GLN C 297 -23.48 48.04 -31.34
N ARG C 298 -22.89 47.32 -32.28
CA ARG C 298 -22.86 45.86 -32.21
C ARG C 298 -22.32 45.42 -30.86
N LEU C 299 -21.17 45.97 -30.49
CA LEU C 299 -20.54 45.68 -29.22
C LEU C 299 -21.52 45.86 -28.06
N ILE C 300 -22.04 47.06 -27.92
CA ILE C 300 -22.91 47.42 -26.80
C ILE C 300 -24.14 46.53 -26.70
N ASN C 301 -24.82 46.33 -27.82
CA ASN C 301 -26.12 45.66 -27.83
C ASN C 301 -26.05 44.14 -27.74
N ASN C 302 -24.85 43.58 -27.69
CA ASN C 302 -24.71 42.13 -27.80
C ASN C 302 -23.89 41.43 -26.70
N ASN C 303 -23.03 42.17 -26.02
CA ASN C 303 -22.07 41.55 -25.11
C ASN C 303 -22.20 41.94 -23.64
N TRP C 304 -22.23 40.92 -22.77
CA TRP C 304 -22.21 41.12 -21.32
C TRP C 304 -21.05 42.02 -20.89
N GLY C 305 -19.89 41.84 -21.50
CA GLY C 305 -18.71 42.60 -21.16
C GLY C 305 -17.60 42.44 -22.19
N PHE C 306 -16.51 43.18 -22.01
CA PHE C 306 -15.38 43.13 -22.94
C PHE C 306 -14.08 43.61 -22.29
N ARG C 307 -12.96 43.41 -22.99
CA ARG C 307 -11.66 43.79 -22.46
C ARG C 307 -10.59 43.82 -23.55
N PRO C 308 -9.47 44.53 -23.29
CA PRO C 308 -8.32 44.58 -24.19
C PRO C 308 -7.44 43.34 -24.06
N LYS C 309 -6.77 42.96 -25.14
CA LYS C 309 -5.92 41.77 -25.12
C LYS C 309 -4.51 42.05 -25.65
N LYS C 310 -4.41 42.35 -26.95
CA LYS C 310 -3.11 42.59 -27.57
C LYS C 310 -3.01 43.97 -28.18
N LEU C 311 -1.82 44.32 -28.69
CA LEU C 311 -1.58 45.64 -29.26
C LEU C 311 -0.46 45.61 -30.30
N SER C 312 -0.67 46.34 -31.41
CA SER C 312 0.33 46.43 -32.47
C SER C 312 0.50 47.87 -32.94
N PHE C 313 1.66 48.43 -32.67
CA PHE C 313 1.95 49.82 -33.02
C PHE C 313 2.92 49.90 -34.19
N LYS C 314 2.58 50.72 -35.19
CA LYS C 314 3.39 50.83 -36.39
C LYS C 314 3.50 52.27 -36.90
N LEU C 315 4.72 52.71 -37.16
CA LEU C 315 4.99 54.02 -37.73
C LEU C 315 5.65 53.88 -39.10
N PHE C 316 5.16 54.64 -40.09
CA PHE C 316 5.63 54.48 -41.46
C PHE C 316 5.39 55.69 -42.35
N ASN C 317 5.81 55.55 -43.61
CA ASN C 317 5.62 56.60 -44.61
C ASN C 317 6.05 57.98 -44.14
N ILE C 318 7.17 58.01 -43.43
CA ILE C 318 7.69 59.24 -42.83
C ILE C 318 8.28 60.18 -43.87
N GLN C 319 7.96 61.46 -43.74
CA GLN C 319 8.47 62.50 -44.61
C GLN C 319 8.89 63.70 -43.77
N VAL C 320 10.10 64.19 -43.99
CA VAL C 320 10.58 65.36 -43.27
C VAL C 320 10.66 66.57 -44.19
N LYS C 321 9.75 67.52 -43.99
CA LYS C 321 9.71 68.74 -44.77
C LYS C 321 10.35 69.89 -44.00
N GLU C 322 11.26 70.59 -44.64
CA GLU C 322 11.87 71.77 -44.04
C GLU C 322 11.38 73.04 -44.73
N VAL C 323 10.99 74.03 -43.94
CA VAL C 323 10.39 75.25 -44.47
C VAL C 323 11.31 76.45 -44.36
N THR C 324 11.24 77.33 -45.35
CA THR C 324 12.04 78.56 -45.34
C THR C 324 11.20 79.77 -45.72
N GLN C 325 11.25 80.80 -44.88
CA GLN C 325 10.57 82.05 -45.15
C GLN C 325 11.56 83.02 -45.83
N ASN C 326 11.50 83.07 -47.16
CA ASN C 326 12.46 83.87 -47.92
C ASN C 326 12.18 85.36 -47.91
N ASP C 327 11.10 85.76 -48.57
CA ASP C 327 10.68 87.17 -48.59
C ASP C 327 9.35 87.32 -47.88
N GLY C 328 8.27 87.10 -48.62
CA GLY C 328 6.93 87.07 -48.05
C GLY C 328 6.25 85.78 -48.45
N THR C 329 7.07 84.78 -48.78
CA THR C 329 6.56 83.50 -49.26
C THR C 329 7.22 82.32 -48.54
N THR C 330 6.41 81.47 -47.93
CA THR C 330 6.91 80.27 -47.27
C THR C 330 7.00 79.11 -48.26
N THR C 331 8.22 78.66 -48.51
CA THR C 331 8.45 77.52 -49.39
C THR C 331 8.74 76.26 -48.56
N ILE C 332 8.11 75.15 -48.92
CA ILE C 332 8.30 73.90 -48.23
C ILE C 332 8.87 72.84 -49.17
N ALA C 333 9.91 72.14 -48.74
CA ALA C 333 10.55 71.13 -49.59
C ALA C 333 10.96 69.89 -48.80
N ASN C 334 11.68 68.99 -49.47
CA ASN C 334 12.09 67.73 -48.87
C ASN C 334 13.54 67.74 -48.37
N ASN C 335 13.71 67.42 -47.09
CA ASN C 335 15.04 67.18 -46.54
C ASN C 335 15.20 65.68 -46.30
N LEU C 336 15.56 64.97 -47.36
CA LEU C 336 15.62 63.52 -47.32
C LEU C 336 16.59 62.98 -46.27
N THR C 337 17.76 63.61 -46.18
CA THR C 337 18.80 63.14 -45.27
C THR C 337 18.51 63.42 -43.80
N SER C 338 17.30 63.89 -43.49
CA SER C 338 16.94 64.19 -42.11
C SER C 338 16.23 63.00 -41.46
N THR C 339 16.36 62.90 -40.14
CA THR C 339 15.80 61.78 -39.40
C THR C 339 14.80 62.19 -38.32
N VAL C 340 14.10 61.22 -37.79
CA VAL C 340 13.19 61.42 -36.68
C VAL C 340 13.49 60.36 -35.63
N GLN C 341 13.16 60.62 -34.37
CA GLN C 341 13.54 59.71 -33.30
C GLN C 341 12.36 59.18 -32.49
N VAL C 342 12.30 57.86 -32.33
CA VAL C 342 11.22 57.22 -31.58
C VAL C 342 11.78 56.32 -30.49
N PHE C 343 11.05 56.22 -29.39
CA PHE C 343 11.35 55.23 -28.35
C PHE C 343 10.16 55.04 -27.43
N THR C 344 10.07 53.85 -26.85
CA THR C 344 8.93 53.51 -26.02
C THR C 344 9.33 53.26 -24.57
N ASP C 345 8.73 54.02 -23.66
CA ASP C 345 9.00 53.86 -22.24
C ASP C 345 8.37 52.57 -21.71
N SER C 346 9.11 51.48 -21.85
CA SER C 346 8.61 50.17 -21.44
C SER C 346 9.07 49.81 -20.03
N GLU C 347 10.12 50.49 -19.56
CA GLU C 347 10.58 50.31 -18.19
C GLU C 347 9.81 51.22 -17.25
N TYR C 348 8.91 52.01 -17.84
CA TYR C 348 8.08 52.95 -17.08
C TYR C 348 8.93 53.87 -16.21
N GLN C 349 9.92 54.49 -16.82
CA GLN C 349 10.84 55.36 -16.09
C GLN C 349 10.51 56.83 -16.29
N LEU C 350 9.73 57.12 -17.35
CA LEU C 350 9.24 58.48 -17.58
C LEU C 350 7.85 58.63 -16.98
N PRO C 351 7.58 59.78 -16.36
CA PRO C 351 6.27 60.06 -15.74
C PRO C 351 5.14 59.74 -16.71
N TYR C 352 4.23 58.89 -16.28
CA TYR C 352 3.10 58.50 -17.12
C TYR C 352 2.08 59.64 -17.15
N VAL C 353 1.97 60.28 -18.31
CA VAL C 353 1.14 61.46 -18.47
C VAL C 353 -0.15 61.14 -19.20
N LEU C 354 -0.31 59.87 -19.58
CA LEU C 354 -1.53 59.41 -20.24
C LEU C 354 -2.61 59.07 -19.23
N GLY C 355 -3.84 58.89 -19.71
CA GLY C 355 -4.94 58.58 -18.83
C GLY C 355 -5.35 59.75 -17.98
N SER C 356 -5.21 60.96 -18.55
CA SER C 356 -5.60 62.19 -17.86
C SER C 356 -6.55 63.02 -18.71
N ALA C 357 -7.22 62.37 -19.65
CA ALA C 357 -8.23 63.01 -20.48
C ALA C 357 -7.67 64.13 -21.36
N HIS C 358 -6.37 64.11 -21.59
CA HIS C 358 -5.74 65.13 -22.41
C HIS C 358 -6.16 64.99 -23.87
N GLN C 359 -5.93 66.04 -24.65
CA GLN C 359 -6.29 66.04 -26.06
C GLN C 359 -5.09 65.70 -26.92
N GLY C 360 -5.34 65.38 -28.18
CA GLY C 360 -4.27 65.02 -29.09
C GLY C 360 -4.31 63.55 -29.48
N CYS C 361 -5.41 62.88 -29.11
CA CYS C 361 -5.60 61.48 -29.46
C CYS C 361 -5.76 61.32 -30.96
N LEU C 362 -6.12 60.11 -31.39
CA LEU C 362 -6.40 59.88 -32.79
C LEU C 362 -7.81 60.35 -33.12
N PRO C 363 -7.96 61.01 -34.28
CA PRO C 363 -9.26 61.52 -34.73
C PRO C 363 -10.32 60.41 -34.79
N PRO C 364 -11.53 60.69 -34.30
CA PRO C 364 -12.62 59.72 -34.41
C PRO C 364 -12.83 59.33 -35.86
N PHE C 365 -12.86 60.33 -36.74
CA PHE C 365 -13.02 60.11 -38.17
C PHE C 365 -11.67 59.85 -38.81
N PRO C 366 -11.57 58.74 -39.56
CA PRO C 366 -10.33 58.27 -40.18
C PRO C 366 -9.71 59.27 -41.15
N ALA C 367 -10.55 60.02 -41.86
CA ALA C 367 -10.07 60.96 -42.87
C ALA C 367 -9.40 62.20 -42.26
N ASP C 368 -9.64 62.44 -40.99
CA ASP C 368 -9.08 63.62 -40.31
C ASP C 368 -7.59 63.48 -40.02
N VAL C 369 -6.88 64.59 -40.12
CA VAL C 369 -5.45 64.63 -39.77
C VAL C 369 -5.29 65.29 -38.40
N PHE C 370 -4.28 64.85 -37.65
CA PHE C 370 -4.06 65.39 -36.31
C PHE C 370 -2.62 65.84 -36.06
N MET C 371 -2.47 66.75 -35.11
CA MET C 371 -1.15 67.25 -34.71
C MET C 371 -0.68 66.46 -33.50
N VAL C 372 0.57 66.01 -33.53
CA VAL C 372 1.12 65.24 -32.42
C VAL C 372 1.45 66.14 -31.24
N PRO C 373 0.82 65.89 -30.09
CA PRO C 373 0.93 66.69 -28.87
C PRO C 373 2.37 66.81 -28.38
N GLN C 374 2.60 67.70 -27.41
CA GLN C 374 3.93 67.85 -26.83
C GLN C 374 3.99 67.24 -25.44
N TYR C 375 5.16 66.72 -25.08
CA TYR C 375 5.36 66.07 -23.79
C TYR C 375 5.75 67.08 -22.71
N GLY C 376 5.00 67.07 -21.62
CA GLY C 376 5.32 67.90 -20.47
C GLY C 376 4.94 67.17 -19.20
N TYR C 377 5.79 67.26 -18.19
CA TYR C 377 5.54 66.54 -16.94
C TYR C 377 5.69 67.42 -15.71
N LEU C 378 5.12 66.97 -14.60
CA LEU C 378 5.15 67.70 -13.34
C LEU C 378 6.00 66.95 -12.32
N THR C 379 6.36 67.63 -11.24
CA THR C 379 7.15 67.04 -10.19
C THR C 379 6.72 67.56 -8.83
N LEU C 380 7.31 67.00 -7.78
CA LEU C 380 7.06 67.46 -6.42
C LEU C 380 7.38 68.95 -6.33
N ASN C 381 6.48 69.71 -5.69
CA ASN C 381 6.68 71.16 -5.55
C ASN C 381 6.22 71.72 -4.21
N ASN C 382 6.87 72.79 -3.77
CA ASN C 382 6.48 73.50 -2.57
C ASN C 382 6.00 74.91 -2.93
N GLY C 383 4.78 75.00 -3.41
CA GLY C 383 4.26 76.25 -3.93
C GLY C 383 4.76 76.48 -5.34
N SER C 384 5.38 77.63 -5.57
CA SER C 384 5.96 77.93 -6.87
C SER C 384 7.36 77.31 -6.97
N GLN C 385 7.91 76.96 -5.81
CA GLN C 385 9.25 76.38 -5.73
C GLN C 385 9.22 74.87 -5.82
N ALA C 386 10.40 74.26 -5.90
CA ALA C 386 10.53 72.82 -5.95
C ALA C 386 11.33 72.33 -4.76
N VAL C 387 11.22 71.03 -4.46
CA VAL C 387 11.97 70.43 -3.37
C VAL C 387 13.23 69.78 -3.92
N GLY C 388 14.15 69.42 -3.04
CA GLY C 388 15.37 68.75 -3.46
C GLY C 388 15.10 67.35 -3.98
N ARG C 389 13.96 66.80 -3.61
CA ARG C 389 13.58 65.45 -4.02
C ARG C 389 12.87 65.43 -5.37
N SER C 390 12.74 66.59 -6.01
CA SER C 390 12.13 66.65 -7.33
C SER C 390 13.02 65.95 -8.35
N SER C 391 12.45 65.63 -9.51
CA SER C 391 13.17 64.86 -10.53
C SER C 391 13.15 65.52 -11.91
N PHE C 392 14.32 65.62 -12.52
CA PHE C 392 14.46 66.18 -13.87
C PHE C 392 14.77 65.05 -14.86
N TYR C 393 13.97 64.96 -15.92
CA TYR C 393 14.12 63.88 -16.89
C TYR C 393 14.52 64.37 -18.28
N CYS C 394 15.55 63.75 -18.83
CA CYS C 394 15.99 64.04 -20.18
C CYS C 394 15.73 62.84 -21.08
N LEU C 395 14.86 63.01 -22.07
CA LEU C 395 14.48 61.91 -22.96
C LEU C 395 15.58 61.58 -23.96
N GLU C 396 16.66 62.36 -23.93
CA GLU C 396 17.79 62.12 -24.80
C GLU C 396 18.69 61.07 -24.20
N TYR C 397 18.56 60.86 -22.89
CA TYR C 397 19.34 59.85 -22.17
C TYR C 397 18.66 58.49 -22.30
N PHE C 398 17.69 58.42 -23.21
CA PHE C 398 17.04 57.16 -23.54
C PHE C 398 17.48 56.72 -24.93
N PRO C 399 17.84 55.44 -25.07
CA PRO C 399 18.12 54.88 -26.40
C PRO C 399 16.91 55.01 -27.30
N SER C 400 17.07 55.66 -28.44
CA SER C 400 15.96 55.83 -29.38
C SER C 400 16.38 55.45 -30.80
N GLN C 401 15.41 54.95 -31.56
CA GLN C 401 15.65 54.58 -32.95
C GLN C 401 15.42 55.79 -33.85
N MET C 402 16.43 56.12 -34.65
CA MET C 402 16.34 57.22 -35.60
C MET C 402 15.95 56.71 -36.99
N LEU C 403 14.99 57.39 -37.61
CA LEU C 403 14.44 56.93 -38.88
C LEU C 403 14.58 57.98 -39.98
N ARG C 404 15.04 57.52 -41.15
CA ARG C 404 15.06 58.34 -42.35
C ARG C 404 13.83 57.96 -43.16
N THR C 405 13.64 58.62 -44.31
CA THR C 405 12.50 58.30 -45.17
C THR C 405 12.65 56.88 -45.73
N GLY C 406 11.72 56.01 -45.39
CA GLY C 406 11.79 54.63 -45.83
C GLY C 406 12.03 53.72 -44.65
N ASN C 407 12.29 54.31 -43.48
CA ASN C 407 12.39 53.54 -42.26
C ASN C 407 11.04 53.48 -41.56
N ASN C 408 10.82 52.44 -40.78
CA ASN C 408 9.58 52.29 -40.03
C ASN C 408 9.81 51.81 -38.60
N PHE C 409 8.79 51.97 -37.76
CA PHE C 409 8.89 51.62 -36.35
C PHE C 409 7.86 50.55 -35.99
N GLN C 410 8.29 49.57 -35.21
CA GLN C 410 7.42 48.44 -34.87
C GLN C 410 7.34 48.23 -33.35
N PHE C 411 6.17 47.87 -32.86
CA PHE C 411 6.00 47.62 -31.43
C PHE C 411 4.78 46.75 -31.09
N SER C 412 5.00 45.73 -30.27
CA SER C 412 3.93 44.84 -29.83
C SER C 412 3.83 44.76 -28.30
N TYR C 413 2.60 44.83 -27.80
CA TYR C 413 2.33 44.87 -26.37
C TYR C 413 1.24 43.88 -26.00
N THR C 414 1.27 43.38 -24.76
CA THR C 414 0.29 42.41 -24.30
C THR C 414 -0.37 42.84 -22.99
N PHE C 415 -1.66 43.16 -23.04
CA PHE C 415 -2.41 43.57 -21.86
C PHE C 415 -2.37 42.53 -20.76
N GLU C 416 -2.42 42.99 -19.52
CA GLU C 416 -2.46 42.08 -18.38
C GLU C 416 -3.90 41.63 -18.13
N ASP C 417 -4.09 40.81 -17.10
CA ASP C 417 -5.43 40.34 -16.74
C ASP C 417 -6.20 41.46 -16.04
N VAL C 418 -7.29 41.90 -16.68
CA VAL C 418 -8.12 42.96 -16.12
C VAL C 418 -9.60 42.68 -16.36
N PRO C 419 -10.40 42.68 -15.28
CA PRO C 419 -11.82 42.35 -15.26
C PRO C 419 -12.64 43.01 -16.37
N PHE C 420 -13.51 42.23 -16.99
CA PHE C 420 -14.40 42.72 -18.03
C PHE C 420 -15.14 43.96 -17.56
N HIS C 421 -15.46 44.86 -18.49
CA HIS C 421 -16.30 45.99 -18.16
C HIS C 421 -17.77 45.55 -18.12
N SER C 422 -18.58 46.29 -17.37
CA SER C 422 -20.00 46.00 -17.26
C SER C 422 -20.80 46.61 -18.40
N SER C 423 -20.96 45.85 -19.48
CA SER C 423 -21.80 46.27 -20.58
C SER C 423 -23.23 45.80 -20.32
N TYR C 424 -23.57 45.69 -19.04
CA TYR C 424 -24.89 45.23 -18.60
C TYR C 424 -25.44 46.09 -17.48
N ALA C 425 -26.74 45.95 -17.23
CA ALA C 425 -27.41 46.63 -16.14
C ALA C 425 -28.32 45.65 -15.41
N HIS C 426 -28.36 45.73 -14.09
CA HIS C 426 -29.11 44.77 -13.29
C HIS C 426 -30.63 44.94 -13.43
N SER C 427 -31.32 43.82 -13.63
CA SER C 427 -32.77 43.82 -13.71
C SER C 427 -33.40 43.67 -12.32
N GLN C 428 -32.56 43.33 -11.34
CA GLN C 428 -33.00 43.24 -9.95
C GLN C 428 -32.42 44.40 -9.15
N SER C 429 -32.88 44.55 -7.91
CA SER C 429 -32.35 45.57 -7.01
C SER C 429 -31.80 44.94 -5.74
N LEU C 430 -30.96 45.68 -5.02
CA LEU C 430 -30.39 45.17 -3.76
C LEU C 430 -31.46 44.88 -2.71
N ASP C 431 -32.39 45.81 -2.55
CA ASP C 431 -33.44 45.66 -1.56
C ASP C 431 -34.60 44.82 -2.08
N ARG C 432 -34.70 44.71 -3.40
CA ARG C 432 -35.77 43.92 -4.03
C ARG C 432 -35.23 42.60 -4.56
N LEU C 433 -34.59 41.83 -3.69
CA LEU C 433 -33.90 40.61 -4.10
C LEU C 433 -34.64 39.35 -3.64
N MET C 434 -35.42 39.49 -2.57
CA MET C 434 -36.10 38.35 -1.96
C MET C 434 -37.36 37.87 -2.70
N ASN C 435 -38.14 37.03 -2.03
CA ASN C 435 -39.34 36.46 -2.61
C ASN C 435 -40.60 37.21 -2.21
N PRO C 436 -41.32 37.72 -3.22
CA PRO C 436 -42.55 38.49 -3.05
C PRO C 436 -43.70 37.67 -2.44
N LEU C 437 -43.61 36.36 -2.51
CA LEU C 437 -44.73 35.49 -2.12
C LEU C 437 -44.59 34.92 -0.71
N ILE C 438 -43.36 34.59 -0.33
CA ILE C 438 -43.12 33.93 0.95
C ILE C 438 -42.60 34.91 2.00
N ASP C 439 -42.90 34.62 3.27
CA ASP C 439 -42.47 35.47 4.37
C ASP C 439 -41.17 34.94 4.96
N GLN C 440 -40.40 35.82 5.58
CA GLN C 440 -39.17 35.43 6.24
C GLN C 440 -39.49 34.72 7.56
N TYR C 441 -38.57 33.89 8.03
CA TYR C 441 -38.73 33.23 9.31
C TYR C 441 -37.99 34.01 10.40
N LEU C 442 -37.42 35.14 10.01
CA LEU C 442 -36.71 36.00 10.95
C LEU C 442 -37.64 37.07 11.51
N TYR C 443 -37.32 37.57 12.70
CA TYR C 443 -38.15 38.57 13.35
C TYR C 443 -37.40 39.88 13.58
N TYR C 444 -38.13 40.98 13.47
CA TYR C 444 -37.58 42.30 13.72
C TYR C 444 -38.53 43.04 14.66
N LEU C 445 -38.03 44.09 15.32
CA LEU C 445 -38.86 44.89 16.20
C LEU C 445 -39.41 46.10 15.44
N ASN C 446 -40.73 46.30 15.51
CA ASN C 446 -41.37 47.37 14.76
C ASN C 446 -42.26 48.26 15.63
N ARG C 447 -42.49 47.85 16.87
CA ARG C 447 -43.31 48.62 17.80
C ARG C 447 -42.64 48.70 19.17
N THR C 448 -42.39 49.93 19.62
CA THR C 448 -41.74 50.15 20.90
C THR C 448 -42.73 50.58 21.98
N GLN C 449 -43.76 51.31 21.59
CA GLN C 449 -44.76 51.80 22.53
C GLN C 449 -46.19 51.54 22.06
N GLY C 450 -46.52 52.04 20.88
CA GLY C 450 -47.88 51.98 20.36
C GLY C 450 -48.53 50.62 20.52
N THR C 451 -49.30 50.46 21.59
CA THR C 451 -50.00 49.22 21.85
C THR C 451 -51.49 49.43 21.63
N THR C 452 -52.30 48.56 22.21
CA THR C 452 -53.75 48.78 22.26
C THR C 452 -53.97 50.05 23.08
N SER C 453 -53.67 51.19 22.46
CA SER C 453 -53.57 52.46 23.16
C SER C 453 -54.91 53.03 23.61
N GLY C 454 -55.15 52.97 24.92
CA GLY C 454 -56.35 53.52 25.51
C GLY C 454 -56.22 53.61 27.02
N THR C 455 -56.24 52.45 27.66
CA THR C 455 -56.07 52.35 29.11
C THR C 455 -54.72 51.72 29.42
N THR C 456 -53.97 52.34 30.34
CA THR C 456 -52.74 51.76 30.90
C THR C 456 -51.82 51.17 29.83
N ASN C 457 -51.67 51.87 28.72
CA ASN C 457 -50.78 51.39 27.65
C ASN C 457 -49.72 52.41 27.26
N GLN C 458 -48.68 52.49 28.09
CA GLN C 458 -47.56 53.38 27.84
C GLN C 458 -46.63 52.80 26.76
N SER C 459 -46.01 51.68 27.05
CA SER C 459 -45.05 51.07 26.14
C SER C 459 -44.97 49.54 26.27
N ARG C 460 -44.59 48.89 25.18
CA ARG C 460 -44.45 47.44 25.14
C ARG C 460 -43.58 47.03 23.94
N LEU C 461 -42.71 46.05 24.16
CA LEU C 461 -41.83 45.57 23.11
C LEU C 461 -42.52 44.54 22.23
N LEU C 462 -42.74 44.91 20.96
CA LEU C 462 -43.46 44.03 20.03
C LEU C 462 -42.68 43.76 18.75
N PHE C 463 -42.63 42.49 18.36
CA PHE C 463 -41.86 42.05 17.21
C PHE C 463 -42.75 41.50 16.10
N SER C 464 -42.36 41.71 14.85
CA SER C 464 -43.11 41.19 13.72
C SER C 464 -42.25 40.28 12.84
N GLN C 465 -42.89 39.28 12.24
CA GLN C 465 -42.23 38.41 11.27
C GLN C 465 -42.27 39.06 9.89
N ALA C 466 -41.10 39.21 9.28
CA ALA C 466 -41.01 39.86 7.98
C ALA C 466 -41.92 39.19 6.95
N GLY C 467 -42.63 40.01 6.18
CA GLY C 467 -43.49 39.51 5.12
C GLY C 467 -43.30 40.33 3.87
N PRO C 468 -43.98 39.94 2.78
CA PRO C 468 -43.91 40.71 1.52
C PRO C 468 -44.45 42.11 1.77
N GLN C 469 -45.24 42.22 2.83
CA GLN C 469 -45.85 43.48 3.22
C GLN C 469 -44.82 44.39 3.88
N SER C 470 -43.97 43.82 4.74
CA SER C 470 -42.87 44.56 5.33
C SER C 470 -41.64 44.45 4.46
N MET C 471 -41.73 45.01 3.26
CA MET C 471 -40.69 44.81 2.25
C MET C 471 -39.39 45.56 2.54
N SER C 472 -39.49 46.80 2.99
CA SER C 472 -38.30 47.60 3.31
C SER C 472 -37.90 47.47 4.77
N LEU C 473 -38.29 46.35 5.37
CA LEU C 473 -37.99 46.09 6.78
C LEU C 473 -37.36 44.72 6.97
N GLN C 474 -37.40 43.90 5.93
CA GLN C 474 -36.89 42.54 6.00
C GLN C 474 -35.38 42.49 6.25
N ALA C 475 -34.92 41.40 6.84
CA ALA C 475 -33.50 41.19 7.06
C ALA C 475 -32.75 41.23 5.73
N ARG C 476 -31.53 41.73 5.76
CA ARG C 476 -30.77 41.93 4.53
C ARG C 476 -29.40 41.26 4.63
N ASN C 477 -28.85 40.86 3.48
CA ASN C 477 -27.54 40.21 3.43
C ASN C 477 -26.43 41.09 2.86
N TRP C 478 -26.81 42.20 2.23
CA TRP C 478 -25.84 43.03 1.52
C TRP C 478 -26.13 44.53 1.65
N LEU C 479 -25.09 45.34 1.47
CA LEU C 479 -25.24 46.80 1.49
C LEU C 479 -24.90 47.42 0.14
N PRO C 480 -25.31 48.69 -0.06
CA PRO C 480 -24.98 49.44 -1.28
C PRO C 480 -23.53 49.87 -1.28
N GLY C 481 -23.05 50.37 -2.41
CA GLY C 481 -21.68 50.81 -2.53
C GLY C 481 -21.38 52.05 -1.70
N PRO C 482 -20.09 52.37 -1.52
CA PRO C 482 -19.63 53.54 -0.76
C PRO C 482 -20.19 54.82 -1.37
N CYS C 483 -19.93 55.96 -0.71
CA CYS C 483 -20.46 57.23 -1.19
C CYS C 483 -19.65 58.44 -0.73
N TYR C 484 -19.79 59.53 -1.48
CA TYR C 484 -19.20 60.81 -1.14
C TYR C 484 -20.10 61.89 -1.70
N ARG C 485 -21.05 62.36 -0.89
CA ARG C 485 -22.11 63.24 -1.34
C ARG C 485 -21.65 64.37 -2.26
N GLN C 486 -22.37 64.56 -3.36
CA GLN C 486 -22.13 65.66 -4.28
C GLN C 486 -23.29 66.64 -4.18
N GLN C 487 -23.06 67.89 -4.57
CA GLN C 487 -24.12 68.89 -4.55
C GLN C 487 -25.06 68.71 -5.74
N ARG C 488 -26.34 68.96 -5.53
CA ARG C 488 -27.34 68.80 -6.58
C ARG C 488 -27.47 70.06 -7.44
N LEU C 489 -27.41 69.88 -8.76
CA LEU C 489 -27.58 70.99 -9.69
C LEU C 489 -28.72 70.72 -10.65
N SER C 490 -29.39 71.79 -11.08
CA SER C 490 -30.45 71.67 -12.06
C SER C 490 -30.01 72.25 -13.39
N LYS C 491 -30.50 71.65 -14.47
CA LYS C 491 -30.20 72.13 -15.81
C LYS C 491 -30.99 73.40 -16.08
N THR C 492 -32.11 73.55 -15.37
CA THR C 492 -32.90 74.78 -15.45
C THR C 492 -32.24 75.88 -14.63
N ALA C 493 -31.74 76.90 -15.32
CA ALA C 493 -30.92 77.92 -14.69
C ALA C 493 -31.70 78.87 -13.77
N ASN C 494 -32.77 78.38 -13.16
CA ASN C 494 -33.54 79.19 -12.23
C ASN C 494 -33.99 78.42 -10.99
N ASP C 495 -33.80 77.11 -11.01
CA ASP C 495 -34.09 76.29 -9.85
C ASP C 495 -32.99 76.50 -8.81
N ASN C 496 -31.83 76.92 -9.30
CA ASN C 496 -30.63 76.98 -8.48
C ASN C 496 -30.52 78.24 -7.62
N ASN C 497 -29.64 78.19 -6.63
CA ASN C 497 -29.37 79.32 -5.76
C ASN C 497 -28.65 80.43 -6.51
N ASN C 498 -29.07 81.67 -6.28
CA ASN C 498 -28.45 82.81 -6.94
C ASN C 498 -27.09 83.15 -6.32
N SER C 499 -26.17 82.19 -6.41
CA SER C 499 -24.82 82.37 -5.89
C SER C 499 -23.83 81.47 -6.65
N ASN C 500 -22.60 81.95 -6.80
CA ASN C 500 -21.57 81.18 -7.50
C ASN C 500 -20.82 80.24 -6.55
N PHE C 501 -21.19 78.95 -6.60
CA PHE C 501 -20.66 77.98 -5.65
C PHE C 501 -19.95 76.76 -6.28
N PRO C 502 -19.37 76.92 -7.48
CA PRO C 502 -18.77 75.74 -8.12
C PRO C 502 -17.42 75.39 -7.50
N TRP C 503 -17.06 76.07 -6.42
CA TRP C 503 -15.79 75.82 -5.75
C TRP C 503 -15.93 75.89 -4.23
N THR C 504 -16.78 76.79 -3.76
CA THR C 504 -16.96 77.01 -2.33
C THR C 504 -18.01 76.08 -1.74
N ALA C 505 -18.69 75.31 -2.60
CA ALA C 505 -19.74 74.41 -2.14
C ALA C 505 -19.60 73.01 -2.73
N ALA C 506 -18.57 72.82 -3.55
CA ALA C 506 -18.33 71.52 -4.18
C ALA C 506 -17.46 70.63 -3.29
N SER C 507 -17.66 69.32 -3.41
CA SER C 507 -16.88 68.35 -2.65
C SER C 507 -15.44 68.26 -3.18
N LYS C 508 -14.49 68.42 -2.27
CA LYS C 508 -13.09 68.48 -2.65
C LYS C 508 -12.20 67.81 -1.61
N TYR C 509 -10.98 67.46 -2.00
CA TYR C 509 -10.02 66.90 -1.06
C TYR C 509 -8.79 67.77 -1.04
N HIS C 510 -7.91 67.56 -0.06
CA HIS C 510 -6.68 68.35 -0.01
C HIS C 510 -5.49 67.54 0.46
N LEU C 511 -4.37 67.71 -0.23
CA LEU C 511 -3.13 67.05 0.12
C LEU C 511 -2.02 68.07 0.23
N ASN C 512 -1.22 67.96 1.29
CA ASN C 512 -0.10 68.87 1.47
C ASN C 512 -0.60 70.31 1.62
N GLY C 513 -1.83 70.46 2.10
CA GLY C 513 -2.44 71.76 2.26
C GLY C 513 -2.87 72.38 0.95
N ARG C 514 -3.19 71.52 -0.02
CA ARG C 514 -3.61 71.97 -1.35
C ARG C 514 -4.95 71.38 -1.77
N ASP C 515 -5.95 72.24 -1.93
CA ASP C 515 -7.28 71.81 -2.33
C ASP C 515 -7.31 71.31 -3.78
N SER C 516 -7.98 70.18 -3.98
CA SER C 516 -8.19 69.63 -5.32
C SER C 516 -9.63 69.12 -5.42
N LEU C 517 -10.28 69.44 -6.53
CA LEU C 517 -11.69 69.11 -6.70
C LEU C 517 -11.91 67.62 -6.98
N VAL C 518 -12.74 66.98 -6.16
CA VAL C 518 -13.10 65.59 -6.37
C VAL C 518 -14.09 65.50 -7.52
N ASN C 519 -13.59 65.49 -8.75
CA ASN C 519 -14.46 65.52 -9.92
C ASN C 519 -15.28 64.22 -10.12
N PRO C 520 -14.65 63.17 -10.68
CA PRO C 520 -15.45 61.95 -10.77
C PRO C 520 -15.24 61.12 -9.52
N GLY C 521 -16.04 61.37 -8.49
CA GLY C 521 -15.89 60.66 -7.22
C GLY C 521 -16.27 59.21 -7.34
N PRO C 522 -16.48 58.53 -6.20
CA PRO C 522 -16.97 57.16 -6.25
C PRO C 522 -18.17 57.05 -7.18
N ALA C 523 -18.42 55.86 -7.71
CA ALA C 523 -19.53 55.67 -8.61
C ALA C 523 -20.87 55.77 -7.86
N MET C 524 -21.60 56.85 -8.12
CA MET C 524 -22.91 57.06 -7.51
C MET C 524 -23.94 57.39 -8.60
N ALA C 525 -25.20 57.12 -8.32
CA ALA C 525 -26.26 57.39 -9.29
C ALA C 525 -26.50 58.90 -9.46
N SER C 526 -26.75 59.32 -10.70
CA SER C 526 -26.92 60.74 -11.01
C SER C 526 -28.22 61.33 -10.44
N HIS C 527 -29.33 60.60 -10.60
CA HIS C 527 -30.62 61.09 -10.14
C HIS C 527 -31.54 59.94 -9.73
N LYS C 528 -32.51 60.23 -8.87
CA LYS C 528 -33.51 59.24 -8.48
C LYS C 528 -34.64 59.19 -9.50
N ASP C 529 -35.57 58.27 -9.32
CA ASP C 529 -36.63 58.05 -10.30
C ASP C 529 -37.55 59.26 -10.45
N ASP C 530 -38.00 59.49 -11.69
CA ASP C 530 -38.96 60.56 -11.99
C ASP C 530 -38.39 61.96 -11.85
N GLU C 531 -37.12 62.13 -12.21
CA GLU C 531 -36.50 63.45 -12.21
C GLU C 531 -35.79 63.70 -13.54
N GLU C 532 -34.62 63.09 -13.70
CA GLU C 532 -33.90 63.15 -14.97
C GLU C 532 -33.59 64.58 -15.39
N LYS C 533 -33.37 65.45 -14.41
CA LYS C 533 -33.03 66.85 -14.68
C LYS C 533 -31.95 67.32 -13.72
N PHE C 534 -31.87 66.69 -12.56
CA PHE C 534 -30.88 67.03 -11.55
C PHE C 534 -29.63 66.16 -11.69
N PHE C 535 -28.53 66.77 -12.11
CA PHE C 535 -27.25 66.08 -12.19
C PHE C 535 -26.37 66.54 -11.04
N PRO C 536 -25.46 65.67 -10.57
CA PRO C 536 -24.56 66.03 -9.47
C PRO C 536 -23.56 67.09 -9.90
N MET C 537 -23.16 67.95 -8.97
CA MET C 537 -22.06 68.85 -9.21
C MET C 537 -20.89 68.01 -9.68
N HIS C 538 -20.60 68.05 -10.98
CA HIS C 538 -19.51 67.28 -11.55
C HIS C 538 -19.47 65.81 -11.09
N GLY C 539 -20.65 65.21 -10.92
CA GLY C 539 -20.72 63.82 -10.51
C GLY C 539 -20.63 62.85 -11.68
N ASN C 540 -20.12 63.35 -12.81
CA ASN C 540 -20.01 62.55 -14.02
C ASN C 540 -19.21 63.27 -15.11
N LEU C 541 -18.75 62.52 -16.11
CA LEU C 541 -17.94 63.08 -17.18
C LEU C 541 -18.78 63.85 -18.20
N ILE C 542 -18.33 65.06 -18.51
CA ILE C 542 -19.04 65.92 -19.45
C ILE C 542 -18.20 66.17 -20.69
N PHE C 543 -18.76 65.87 -21.86
CA PHE C 543 -18.04 66.03 -23.11
C PHE C 543 -18.47 67.30 -23.85
N GLY C 544 -17.52 67.98 -24.45
CA GLY C 544 -17.81 69.19 -25.21
C GLY C 544 -18.12 68.89 -26.67
N LYS C 545 -19.19 69.50 -27.17
CA LYS C 545 -19.56 69.33 -28.57
C LYS C 545 -18.48 69.88 -29.50
N GLU C 546 -18.53 69.47 -30.76
CA GLU C 546 -17.57 69.95 -31.74
C GLU C 546 -17.73 71.46 -31.94
N GLY C 547 -16.60 72.17 -31.93
CA GLY C 547 -16.61 73.62 -32.09
C GLY C 547 -17.26 74.31 -30.92
N THR C 548 -16.51 74.47 -29.84
CA THR C 548 -16.98 75.14 -28.62
C THR C 548 -15.82 75.56 -27.74
N THR C 549 -15.67 76.87 -27.54
CA THR C 549 -14.53 77.42 -26.79
C THR C 549 -14.29 76.71 -25.46
N ALA C 550 -13.04 76.73 -25.00
CA ALA C 550 -12.65 76.07 -23.77
C ALA C 550 -13.01 76.90 -22.53
N SER C 551 -13.43 78.14 -22.76
CA SER C 551 -13.71 79.05 -21.66
C SER C 551 -15.19 79.40 -21.56
N ASN C 552 -15.83 78.94 -20.49
CA ASN C 552 -17.22 79.24 -20.19
C ASN C 552 -18.16 79.10 -21.39
N ALA C 553 -18.46 77.87 -21.75
CA ALA C 553 -19.39 77.60 -22.84
C ALA C 553 -20.80 77.43 -22.31
N GLU C 554 -21.77 77.45 -23.22
CA GLU C 554 -23.19 77.37 -22.84
C GLU C 554 -23.58 75.94 -22.44
N LEU C 555 -24.68 75.82 -21.70
CA LEU C 555 -25.21 74.53 -21.29
C LEU C 555 -25.68 73.72 -22.49
N ASP C 556 -26.09 74.40 -23.55
CA ASP C 556 -26.55 73.73 -24.75
C ASP C 556 -25.38 73.39 -25.67
N ASN C 557 -24.17 73.59 -25.17
CA ASN C 557 -22.95 73.29 -25.92
C ASN C 557 -22.15 72.13 -25.34
N VAL C 558 -22.67 71.51 -24.29
CA VAL C 558 -21.99 70.38 -23.67
C VAL C 558 -22.90 69.16 -23.54
N MET C 559 -22.29 68.00 -23.35
CA MET C 559 -23.00 66.75 -23.21
C MET C 559 -22.73 66.12 -21.85
N ILE C 560 -23.73 66.13 -20.99
CA ILE C 560 -23.61 65.58 -19.65
C ILE C 560 -24.07 64.14 -19.65
N THR C 561 -23.29 63.27 -19.00
CA THR C 561 -23.55 61.84 -19.03
C THR C 561 -24.40 61.37 -17.85
N ASP C 562 -25.39 60.54 -18.14
CA ASP C 562 -26.32 60.07 -17.11
C ASP C 562 -25.96 58.65 -16.63
N GLU C 563 -25.67 58.54 -15.34
CA GLU C 563 -25.38 57.23 -14.74
C GLU C 563 -26.61 56.72 -14.00
N GLU C 564 -27.64 56.36 -14.76
CA GLU C 564 -28.91 55.91 -14.17
C GLU C 564 -29.18 54.43 -14.39
N GLU C 565 -28.13 53.66 -14.64
CA GLU C 565 -28.28 52.21 -14.78
C GLU C 565 -27.77 51.51 -13.53
N ILE C 566 -27.01 52.23 -12.72
CA ILE C 566 -26.42 51.66 -11.51
C ILE C 566 -27.23 52.03 -10.26
N ARG C 567 -28.50 52.36 -10.46
CA ARG C 567 -29.38 52.77 -9.37
C ARG C 567 -29.55 51.64 -8.34
N THR C 568 -29.39 50.41 -8.79
CA THR C 568 -29.71 49.23 -7.97
C THR C 568 -28.57 48.80 -7.05
N THR C 569 -27.36 49.29 -7.32
CA THR C 569 -26.19 48.90 -6.53
C THR C 569 -25.55 50.11 -5.86
N ASN C 570 -25.80 51.29 -6.41
CA ASN C 570 -25.12 52.49 -5.94
C ASN C 570 -26.05 53.55 -5.34
N PRO C 571 -25.56 54.26 -4.32
CA PRO C 571 -26.27 55.38 -3.69
C PRO C 571 -26.34 56.57 -4.64
N VAL C 572 -27.38 57.38 -4.51
CA VAL C 572 -27.52 58.57 -5.34
C VAL C 572 -26.49 59.62 -4.95
N ALA C 573 -25.81 60.19 -5.94
CA ALA C 573 -24.69 61.11 -5.71
C ALA C 573 -25.07 62.35 -4.89
N THR C 574 -26.22 62.93 -5.20
CA THR C 574 -26.65 64.16 -4.55
C THR C 574 -27.41 63.86 -3.26
N GLU C 575 -28.15 62.76 -3.24
CA GLU C 575 -28.91 62.36 -2.07
C GLU C 575 -27.99 61.89 -0.95
N GLN C 576 -28.58 61.68 0.24
CA GLN C 576 -27.83 61.20 1.40
C GLN C 576 -27.42 59.75 1.25
N TYR C 577 -26.96 59.14 2.34
CA TYR C 577 -26.62 57.73 2.36
C TYR C 577 -27.61 56.95 3.20
N GLY C 578 -27.95 57.48 4.37
CA GLY C 578 -28.90 56.83 5.24
C GLY C 578 -28.98 57.42 6.64
N THR C 579 -29.38 56.59 7.59
CA THR C 579 -29.59 57.02 8.97
C THR C 579 -28.66 56.27 9.91
N VAL C 580 -28.09 56.99 10.88
CA VAL C 580 -27.25 56.39 11.90
C VAL C 580 -27.64 56.91 13.27
N ALA C 581 -27.63 56.03 14.27
CA ALA C 581 -27.92 56.43 15.63
C ALA C 581 -26.69 57.05 16.29
N ASN C 582 -26.92 57.96 17.23
CA ASN C 582 -25.82 58.61 17.95
C ASN C 582 -26.19 59.09 19.35
N ASN C 583 -26.81 58.21 20.12
CA ASN C 583 -27.18 58.49 21.51
C ASN C 583 -27.76 57.25 22.19
N LEU C 584 -27.81 57.28 23.52
CA LEU C 584 -28.37 56.17 24.27
C LEU C 584 -29.80 56.48 24.71
N GLN C 585 -30.76 56.16 23.84
CA GLN C 585 -32.17 56.46 24.10
C GLN C 585 -32.66 55.80 25.38
N SER C 586 -33.59 56.46 26.05
CA SER C 586 -34.17 55.95 27.29
C SER C 586 -35.39 56.77 27.67
N SER C 587 -35.94 56.51 28.85
CA SER C 587 -37.05 57.28 29.36
C SER C 587 -36.65 58.75 29.53
N ASN C 588 -35.37 58.98 29.80
CA ASN C 588 -34.85 60.34 30.00
C ASN C 588 -34.46 61.01 28.70
N THR C 589 -34.06 60.20 27.72
CA THR C 589 -33.52 60.73 26.47
C THR C 589 -34.30 60.28 25.24
N ALA C 590 -34.53 61.20 24.32
CA ALA C 590 -35.19 60.87 23.07
C ALA C 590 -34.16 60.42 22.03
N PRO C 591 -34.48 59.35 21.28
CA PRO C 591 -33.60 58.78 20.25
C PRO C 591 -33.18 59.81 19.20
N THR C 592 -31.90 59.83 18.85
CA THR C 592 -31.39 60.80 17.90
C THR C 592 -30.93 60.16 16.59
N THR C 593 -31.22 60.82 15.47
CA THR C 593 -30.85 60.34 14.15
C THR C 593 -29.85 61.27 13.48
N ARG C 594 -28.88 60.69 12.78
CA ARG C 594 -27.87 61.47 12.08
C ARG C 594 -27.88 61.13 10.58
N THR C 595 -27.97 62.16 9.75
CA THR C 595 -27.93 61.97 8.30
C THR C 595 -26.49 61.79 7.82
N VAL C 596 -26.17 60.58 7.36
CA VAL C 596 -24.81 60.27 6.92
C VAL C 596 -24.53 60.77 5.52
N ASN C 597 -23.50 61.62 5.40
CA ASN C 597 -23.16 62.24 4.14
C ASN C 597 -21.91 61.61 3.52
N ASP C 598 -21.16 60.89 4.34
CA ASP C 598 -19.91 60.27 3.89
C ASP C 598 -19.73 58.88 4.48
N GLN C 599 -19.60 57.89 3.61
CA GLN C 599 -19.45 56.50 4.05
C GLN C 599 -18.22 55.82 3.47
N GLY C 600 -17.30 55.43 4.34
CA GLY C 600 -16.16 54.63 3.91
C GLY C 600 -16.63 53.26 3.45
N ALA C 601 -15.69 52.32 3.38
CA ALA C 601 -16.02 50.96 2.94
C ALA C 601 -16.58 50.12 4.07
N LEU C 602 -17.31 49.07 3.73
CA LEU C 602 -17.93 48.20 4.73
C LEU C 602 -18.03 46.74 4.28
N PRO C 603 -17.72 45.81 5.20
CA PRO C 603 -17.87 44.39 4.92
C PRO C 603 -19.30 44.05 4.51
N GLY C 604 -19.51 43.76 3.23
CA GLY C 604 -20.82 43.39 2.75
C GLY C 604 -21.35 44.31 1.69
N MET C 605 -20.59 45.37 1.39
CA MET C 605 -20.99 46.30 0.35
C MET C 605 -20.71 45.73 -1.03
N VAL C 606 -21.59 46.05 -1.97
CA VAL C 606 -21.41 45.64 -3.36
C VAL C 606 -21.75 46.81 -4.27
N TRP C 607 -20.88 47.10 -5.23
CA TRP C 607 -21.10 48.25 -6.10
C TRP C 607 -20.75 47.96 -7.56
N GLN C 608 -21.29 48.79 -8.44
CA GLN C 608 -20.95 48.74 -9.85
C GLN C 608 -20.05 49.93 -10.15
N ASP C 609 -19.07 49.76 -11.03
CA ASP C 609 -18.19 50.86 -11.38
C ASP C 609 -18.88 51.81 -12.36
N ARG C 610 -18.17 52.83 -12.81
CA ARG C 610 -18.74 53.79 -13.76
C ARG C 610 -19.00 53.15 -15.11
N ASP C 611 -18.96 53.95 -16.17
CA ASP C 611 -19.24 53.45 -17.51
C ASP C 611 -18.24 54.02 -18.51
N VAL C 612 -18.06 53.31 -19.61
CA VAL C 612 -17.22 53.80 -20.69
C VAL C 612 -18.07 54.19 -21.89
N TYR C 613 -17.78 55.34 -22.47
CA TYR C 613 -18.55 55.82 -23.60
C TYR C 613 -17.65 55.88 -24.83
N LEU C 614 -18.28 55.89 -26.00
CA LEU C 614 -17.55 55.84 -27.26
C LEU C 614 -16.35 56.78 -27.29
N GLN C 615 -16.44 57.91 -26.56
CA GLN C 615 -15.37 58.89 -26.56
C GLN C 615 -14.66 58.99 -25.21
N GLY C 616 -14.88 58.02 -24.33
CA GLY C 616 -14.28 58.00 -23.02
C GLY C 616 -12.88 57.42 -23.00
N PRO C 617 -12.18 57.56 -21.86
CA PRO C 617 -10.85 56.97 -21.68
C PRO C 617 -10.95 55.45 -21.74
N ILE C 618 -9.84 54.79 -22.06
CA ILE C 618 -9.82 53.34 -22.12
C ILE C 618 -9.13 52.73 -20.90
N TRP C 619 -7.88 53.12 -20.68
CA TRP C 619 -7.12 52.58 -19.55
C TRP C 619 -6.54 53.67 -18.67
N ALA C 620 -5.83 53.25 -17.62
CA ALA C 620 -5.19 54.18 -16.69
C ALA C 620 -4.11 53.48 -15.87
N LYS C 621 -2.95 54.13 -15.74
CA LYS C 621 -1.85 53.55 -14.98
C LYS C 621 -2.03 53.65 -13.47
N ILE C 622 -2.36 52.53 -12.84
CA ILE C 622 -2.47 52.48 -11.39
C ILE C 622 -1.13 52.91 -10.77
N PRO C 623 -1.17 53.96 -9.95
CA PRO C 623 0.01 54.51 -9.29
C PRO C 623 0.78 53.45 -8.52
N HIS C 624 2.11 53.53 -8.52
CA HIS C 624 2.92 52.56 -7.80
C HIS C 624 3.11 52.96 -6.33
N THR C 625 2.11 52.67 -5.52
CA THR C 625 2.16 52.98 -4.10
C THR C 625 2.18 51.72 -3.24
N ASP C 626 2.19 51.91 -1.93
CA ASP C 626 2.16 50.78 -1.01
C ASP C 626 0.79 50.10 -0.98
N GLY C 627 -0.25 50.85 -1.32
CA GLY C 627 -1.60 50.32 -1.22
C GLY C 627 -2.63 50.95 -2.14
N HIS C 628 -3.56 50.12 -2.60
CA HIS C 628 -4.69 50.55 -3.40
C HIS C 628 -5.91 49.82 -2.86
N PHE C 629 -7.10 50.37 -3.08
CA PHE C 629 -8.32 49.68 -2.64
C PHE C 629 -8.95 48.90 -3.78
N HIS C 630 -9.76 49.60 -4.58
CA HIS C 630 -10.40 48.99 -5.74
C HIS C 630 -9.92 49.76 -6.96
N PRO C 631 -8.70 49.45 -7.41
CA PRO C 631 -7.94 50.22 -8.41
C PRO C 631 -8.59 50.30 -9.78
N SER C 632 -9.77 50.90 -9.86
CA SER C 632 -10.44 51.15 -11.13
C SER C 632 -10.42 52.64 -11.41
N PRO C 633 -9.97 53.03 -12.61
CA PRO C 633 -9.85 54.44 -13.00
C PRO C 633 -11.13 55.20 -12.67
N LEU C 634 -11.01 56.27 -11.89
CA LEU C 634 -12.19 57.02 -11.46
C LEU C 634 -12.98 57.56 -12.63
N MET C 635 -12.28 57.91 -13.70
CA MET C 635 -12.93 58.42 -14.91
C MET C 635 -13.51 57.27 -15.73
N GLY C 636 -13.20 56.05 -15.31
CA GLY C 636 -13.73 54.85 -15.95
C GLY C 636 -12.73 54.13 -16.82
N GLY C 637 -12.86 52.81 -16.90
CA GLY C 637 -12.00 52.02 -17.75
C GLY C 637 -11.25 50.92 -17.03
N PHE C 638 -10.11 50.54 -17.59
CA PHE C 638 -9.32 49.45 -17.06
C PHE C 638 -8.07 49.95 -16.34
N GLY C 639 -7.98 49.65 -15.05
CA GLY C 639 -6.83 50.01 -14.25
C GLY C 639 -5.70 49.03 -14.49
N LEU C 640 -4.58 49.54 -14.99
CA LEU C 640 -3.47 48.67 -15.36
C LEU C 640 -2.20 49.02 -14.58
N LYS C 641 -1.59 48.00 -13.99
CA LYS C 641 -0.28 48.14 -13.38
C LYS C 641 0.72 48.56 -14.46
N HIS C 642 0.71 47.81 -15.56
CA HIS C 642 1.59 48.08 -16.69
C HIS C 642 0.77 48.29 -17.95
N PRO C 643 0.40 49.55 -18.22
CA PRO C 643 -0.43 49.96 -19.37
C PRO C 643 0.42 50.22 -20.60
N PRO C 644 -0.19 50.21 -21.79
CA PRO C 644 0.50 50.51 -23.05
C PRO C 644 1.48 51.66 -22.88
N PRO C 645 2.79 51.35 -22.91
CA PRO C 645 3.86 52.30 -22.67
C PRO C 645 3.74 53.54 -23.53
N GLN C 646 4.46 54.60 -23.16
CA GLN C 646 4.42 55.84 -23.91
C GLN C 646 5.37 55.78 -25.10
N ILE C 647 4.88 56.18 -26.27
CA ILE C 647 5.70 56.23 -27.48
C ILE C 647 6.08 57.67 -27.80
N MET C 648 7.37 57.97 -27.70
CA MET C 648 7.87 59.32 -27.97
C MET C 648 8.32 59.52 -29.41
N ILE C 649 8.30 60.77 -29.84
CA ILE C 649 8.64 61.14 -31.20
C ILE C 649 9.19 62.56 -31.20
N LYS C 650 10.19 62.82 -32.03
CA LYS C 650 10.75 64.17 -32.14
C LYS C 650 11.63 64.30 -33.38
N ASN C 651 11.64 65.49 -33.97
CA ASN C 651 12.45 65.74 -35.15
C ASN C 651 13.90 65.98 -34.75
N THR C 652 14.80 65.19 -35.33
CA THR C 652 16.22 65.33 -35.04
C THR C 652 16.70 66.72 -35.45
N PRO C 653 17.23 67.49 -34.49
CA PRO C 653 17.71 68.85 -34.70
C PRO C 653 18.76 68.95 -35.80
N VAL C 654 18.55 69.86 -36.75
CA VAL C 654 19.52 70.07 -37.82
C VAL C 654 20.16 71.45 -37.72
N PRO C 655 21.46 71.49 -37.41
CA PRO C 655 22.20 72.74 -37.31
C PRO C 655 22.14 73.53 -38.60
N ALA C 656 21.75 74.80 -38.49
CA ALA C 656 21.80 75.69 -39.64
C ALA C 656 23.25 75.93 -40.00
N ASN C 657 23.54 77.08 -40.60
CA ASN C 657 24.89 77.37 -41.04
C ASN C 657 25.85 77.76 -39.90
N PRO C 658 26.97 77.05 -39.79
CA PRO C 658 28.01 77.29 -38.77
C PRO C 658 29.09 78.26 -39.27
N PRO C 659 29.76 78.94 -38.32
CA PRO C 659 30.85 79.91 -38.58
C PRO C 659 32.19 79.24 -38.90
N THR C 660 33.03 79.91 -39.67
CA THR C 660 34.37 79.40 -39.99
C THR C 660 35.29 79.44 -38.77
N THR C 661 34.91 80.24 -37.78
CA THR C 661 35.66 80.32 -36.52
C THR C 661 34.95 79.53 -35.43
N PHE C 662 35.72 78.86 -34.58
CA PHE C 662 35.16 78.00 -33.53
C PHE C 662 34.46 78.79 -32.43
N SER C 663 33.28 78.30 -32.02
CA SER C 663 32.53 78.93 -30.94
C SER C 663 32.11 77.91 -29.89
N PRO C 664 32.50 78.16 -28.63
CA PRO C 664 32.14 77.28 -27.51
C PRO C 664 30.70 77.50 -27.10
N ALA C 665 30.11 78.60 -27.57
CA ALA C 665 28.74 78.96 -27.21
C ALA C 665 27.74 77.88 -27.61
N LYS C 666 26.76 77.65 -26.76
CA LYS C 666 25.69 76.69 -27.02
C LYS C 666 25.08 76.96 -28.39
N PHE C 667 24.86 75.90 -29.16
CA PHE C 667 24.31 76.05 -30.50
C PHE C 667 22.80 76.30 -30.43
N ALA C 668 22.34 77.31 -31.15
CA ALA C 668 20.91 77.67 -31.11
C ALA C 668 20.38 78.10 -32.48
N SER C 669 21.21 77.97 -33.51
CA SER C 669 20.78 78.28 -34.88
C SER C 669 20.50 77.01 -35.67
N PHE C 670 19.23 76.65 -35.77
CA PHE C 670 18.84 75.41 -36.44
C PHE C 670 17.96 75.65 -37.67
N ILE C 671 17.95 74.67 -38.57
CA ILE C 671 17.06 74.69 -39.72
C ILE C 671 15.66 74.29 -39.29
N THR C 672 14.68 75.11 -39.65
CA THR C 672 13.30 74.86 -39.28
C THR C 672 12.68 73.76 -40.14
N GLN C 673 12.14 72.75 -39.47
CA GLN C 673 11.60 71.59 -40.18
C GLN C 673 10.54 70.85 -39.36
N TYR C 674 9.60 70.23 -40.05
CA TYR C 674 8.55 69.45 -39.42
C TYR C 674 8.44 68.08 -40.09
N SER C 675 7.96 67.08 -39.34
CA SER C 675 7.82 65.73 -39.86
C SER C 675 6.36 65.35 -40.03
N THR C 676 6.11 64.35 -40.88
CA THR C 676 4.76 63.87 -41.12
C THR C 676 4.80 62.43 -41.60
N GLY C 677 3.71 61.70 -41.38
CA GLY C 677 3.64 60.31 -41.78
C GLY C 677 2.39 59.64 -41.26
N GLN C 678 2.34 58.32 -41.39
CA GLN C 678 1.19 57.56 -40.90
C GLN C 678 1.53 56.77 -39.65
N VAL C 679 0.50 56.43 -38.89
CA VAL C 679 0.65 55.62 -37.70
C VAL C 679 -0.48 54.60 -37.68
N SER C 680 -0.19 53.40 -37.21
CA SER C 680 -1.18 52.33 -37.19
C SER C 680 -1.23 51.63 -35.83
N VAL C 681 -2.45 51.49 -35.29
CA VAL C 681 -2.64 50.83 -34.00
C VAL C 681 -3.69 49.71 -34.08
N GLU C 682 -3.25 48.48 -33.84
CA GLU C 682 -4.13 47.32 -33.89
C GLU C 682 -4.36 46.76 -32.49
N ILE C 683 -5.62 46.63 -32.10
CA ILE C 683 -5.95 46.10 -30.78
C ILE C 683 -6.95 44.96 -30.84
N GLU C 684 -6.65 43.89 -30.11
CA GLU C 684 -7.56 42.75 -30.02
C GLU C 684 -8.37 42.86 -28.75
N TRP C 685 -9.64 42.48 -28.86
CA TRP C 685 -10.56 42.62 -27.74
C TRP C 685 -11.23 41.29 -27.44
N GLU C 686 -11.13 40.84 -26.19
CA GLU C 686 -11.84 39.65 -25.78
C GLU C 686 -13.27 40.04 -25.43
N LEU C 687 -14.22 39.20 -25.81
CA LEU C 687 -15.63 39.51 -25.57
C LEU C 687 -16.29 38.51 -24.62
N GLN C 688 -17.26 39.00 -23.86
CA GLN C 688 -18.09 38.14 -23.03
C GLN C 688 -19.49 38.13 -23.59
N LYS C 689 -19.88 37.01 -24.20
CA LYS C 689 -21.18 36.91 -24.85
C LYS C 689 -22.34 36.97 -23.86
N GLU C 690 -23.53 37.22 -24.39
CA GLU C 690 -24.74 37.38 -23.59
C GLU C 690 -25.46 36.05 -23.40
N ASN C 691 -25.73 35.69 -22.15
CA ASN C 691 -26.47 34.47 -21.84
C ASN C 691 -27.61 34.75 -20.88
N SER C 692 -28.72 35.25 -21.42
CA SER C 692 -29.87 35.64 -20.61
C SER C 692 -31.12 34.87 -21.02
N LYS C 693 -31.95 34.51 -20.03
CA LYS C 693 -33.21 33.84 -20.30
C LYS C 693 -34.37 34.82 -20.17
N ARG C 694 -34.07 36.10 -20.33
CA ARG C 694 -35.09 37.14 -20.40
C ARG C 694 -36.07 36.81 -21.52
N TRP C 695 -37.37 36.77 -21.20
CA TRP C 695 -38.37 36.46 -22.21
C TRP C 695 -38.65 37.65 -23.13
N ASN C 696 -39.07 38.76 -22.52
CA ASN C 696 -39.37 39.97 -23.27
C ASN C 696 -38.11 40.65 -23.80
N PRO C 697 -38.26 41.45 -24.87
CA PRO C 697 -37.12 42.15 -25.48
C PRO C 697 -36.43 43.08 -24.51
N GLU C 698 -35.11 43.21 -24.64
CA GLU C 698 -34.34 44.17 -23.86
C GLU C 698 -34.20 45.45 -24.66
N ILE C 699 -33.70 46.50 -24.03
CA ILE C 699 -33.55 47.78 -24.73
C ILE C 699 -32.25 47.81 -25.52
N GLN C 700 -32.32 48.39 -26.73
CA GLN C 700 -31.19 48.44 -27.63
C GLN C 700 -30.92 49.88 -28.04
N TYR C 701 -29.66 50.22 -28.29
CA TYR C 701 -29.34 51.52 -28.85
C TYR C 701 -29.72 51.53 -30.33
N THR C 702 -30.26 52.66 -30.78
CA THR C 702 -30.72 52.77 -32.16
C THR C 702 -30.75 54.21 -32.65
N SER C 703 -30.71 54.39 -33.96
CA SER C 703 -30.86 55.70 -34.57
C SER C 703 -32.32 56.04 -34.79
N ASN C 704 -32.66 57.32 -34.73
CA ASN C 704 -34.02 57.76 -34.97
C ASN C 704 -34.39 57.58 -36.44
N TYR C 705 -35.31 56.66 -36.70
CA TYR C 705 -35.69 56.32 -38.08
C TYR C 705 -36.46 57.46 -38.75
N ASN C 706 -36.78 58.48 -37.96
CA ASN C 706 -37.59 59.61 -38.45
C ASN C 706 -36.86 60.45 -39.49
N LYS C 707 -37.63 61.19 -40.28
CA LYS C 707 -37.05 62.12 -41.26
C LYS C 707 -36.18 63.13 -40.51
N SER C 708 -34.89 63.18 -40.87
CA SER C 708 -33.94 63.97 -40.10
C SER C 708 -33.13 64.96 -40.93
N VAL C 709 -32.61 65.98 -40.24
CA VAL C 709 -31.75 66.98 -40.86
C VAL C 709 -30.44 66.37 -41.30
N ASN C 710 -29.50 66.27 -40.37
CA ASN C 710 -28.21 65.66 -40.61
C ASN C 710 -28.19 64.24 -40.06
N VAL C 711 -27.29 63.42 -40.59
CA VAL C 711 -27.16 62.04 -40.14
C VAL C 711 -26.28 61.91 -38.90
N ASP C 712 -26.77 61.19 -37.91
CA ASP C 712 -26.04 61.01 -36.66
C ASP C 712 -24.64 60.45 -36.90
N PHE C 713 -23.64 61.11 -36.33
CA PHE C 713 -22.25 60.69 -36.48
C PHE C 713 -21.81 60.76 -37.92
N THR C 714 -21.63 61.99 -38.41
CA THR C 714 -21.36 62.22 -39.82
C THR C 714 -20.78 63.62 -40.05
N VAL C 715 -20.14 63.81 -41.20
CA VAL C 715 -19.68 65.13 -41.61
C VAL C 715 -20.85 66.00 -42.04
N ASP C 716 -20.64 67.31 -42.04
CA ASP C 716 -21.70 68.24 -42.43
C ASP C 716 -21.50 68.81 -43.83
N THR C 717 -22.04 70.01 -44.06
CA THR C 717 -22.01 70.62 -45.38
C THR C 717 -20.61 71.05 -45.81
N ASN C 718 -19.73 71.31 -44.85
CA ASN C 718 -18.37 71.72 -45.15
C ASN C 718 -17.28 70.82 -44.56
N GLY C 719 -17.63 69.57 -44.29
CA GLY C 719 -16.64 68.57 -43.90
C GLY C 719 -16.15 68.62 -42.48
N VAL C 720 -17.05 68.39 -41.53
CA VAL C 720 -16.67 68.33 -40.11
C VAL C 720 -17.43 67.19 -39.40
N TYR C 721 -16.69 66.16 -39.00
CA TYR C 721 -17.28 65.06 -38.26
C TYR C 721 -17.73 65.54 -36.89
N SER C 722 -18.88 65.07 -36.45
CA SER C 722 -19.44 65.47 -35.16
C SER C 722 -20.15 64.32 -34.45
N GLU C 723 -19.80 64.10 -33.19
CA GLU C 723 -20.45 63.07 -32.38
C GLU C 723 -21.62 63.68 -31.61
N PRO C 724 -22.86 63.40 -32.08
CA PRO C 724 -24.09 63.92 -31.48
C PRO C 724 -24.16 63.74 -29.97
N ARG C 725 -24.33 62.52 -29.51
CA ARG C 725 -24.51 62.25 -28.08
C ARG C 725 -23.43 61.32 -27.54
N PRO C 726 -23.29 61.27 -26.20
CA PRO C 726 -22.45 60.25 -25.57
C PRO C 726 -23.13 58.88 -25.66
N ILE C 727 -22.34 57.81 -25.72
CA ILE C 727 -22.89 56.47 -25.82
C ILE C 727 -22.55 55.61 -24.60
N GLY C 728 -23.57 55.24 -23.85
CA GLY C 728 -23.39 54.35 -22.71
C GLY C 728 -22.95 52.97 -23.16
N THR C 729 -22.85 52.04 -22.22
CA THR C 729 -22.43 50.68 -22.55
C THR C 729 -23.44 49.68 -21.99
N ARG C 730 -24.29 50.16 -21.09
CA ARG C 730 -25.21 49.30 -20.38
C ARG C 730 -26.61 49.31 -20.98
N TYR C 731 -26.86 48.36 -21.89
CA TYR C 731 -28.16 48.23 -22.53
C TYR C 731 -28.77 46.85 -22.28
N LEU C 732 -27.94 45.89 -21.91
CA LEU C 732 -28.40 44.54 -21.67
C LEU C 732 -28.56 44.26 -20.17
N THR C 733 -29.50 43.39 -19.82
CA THR C 733 -29.81 43.15 -18.41
C THR C 733 -29.36 41.78 -17.90
N ARG C 734 -28.72 41.80 -16.74
CA ARG C 734 -28.34 40.60 -16.02
C ARG C 734 -28.85 40.71 -14.59
N ASN C 735 -29.09 39.58 -13.94
CA ASN C 735 -29.60 39.60 -12.58
C ASN C 735 -28.53 39.83 -11.52
N LEU C 736 -28.92 39.72 -10.25
CA LEU C 736 -27.98 39.86 -9.14
C LEU C 736 -27.68 38.51 -8.49
N GLY D 217 -32.60 7.18 -13.75
CA GLY D 217 -33.26 5.97 -13.30
C GLY D 217 -34.64 5.79 -13.89
N ALA D 218 -35.00 4.55 -14.20
CA ALA D 218 -36.29 4.25 -14.80
C ALA D 218 -36.85 2.90 -14.34
N ASP D 219 -37.93 2.93 -13.57
CA ASP D 219 -38.57 1.71 -13.09
C ASP D 219 -40.10 1.77 -13.18
N GLY D 220 -40.79 0.99 -12.35
CA GLY D 220 -42.23 0.81 -12.51
C GLY D 220 -43.14 1.42 -11.47
N VAL D 221 -44.39 0.95 -11.47
CA VAL D 221 -45.44 1.49 -10.60
C VAL D 221 -45.31 1.00 -9.17
N GLY D 222 -45.28 -0.32 -9.00
CA GLY D 222 -45.16 -0.91 -7.68
C GLY D 222 -43.71 -1.17 -7.29
N ASN D 223 -42.87 -0.16 -7.50
CA ASN D 223 -41.46 -0.25 -7.17
C ASN D 223 -40.91 1.11 -6.72
N SER D 224 -40.60 1.22 -5.43
CA SER D 224 -40.10 2.46 -4.87
C SER D 224 -38.84 2.95 -5.56
N SER D 225 -38.84 4.21 -5.98
CA SER D 225 -37.70 4.80 -6.68
C SER D 225 -36.66 5.41 -5.75
N GLY D 226 -36.62 4.93 -4.49
CA GLY D 226 -35.66 5.44 -3.53
C GLY D 226 -35.92 4.98 -2.10
N ASN D 227 -34.89 5.06 -1.27
CA ASN D 227 -35.01 4.70 0.14
C ASN D 227 -34.88 5.90 1.08
N TRP D 228 -35.24 5.70 2.35
CA TRP D 228 -35.19 6.76 3.34
C TRP D 228 -33.80 6.86 3.97
N HIS D 229 -32.96 7.72 3.39
CA HIS D 229 -31.62 7.92 3.91
C HIS D 229 -31.55 9.17 4.79
N CYS D 230 -31.60 8.97 6.10
CA CYS D 230 -31.43 10.07 7.04
C CYS D 230 -30.55 9.64 8.20
N ASP D 231 -29.30 10.08 8.16
CA ASP D 231 -28.32 9.69 9.17
C ASP D 231 -27.09 10.57 9.05
N SER D 232 -26.25 10.55 10.07
CA SER D 232 -25.00 11.27 10.03
C SER D 232 -23.95 10.58 10.89
N GLN D 233 -22.78 10.34 10.30
CA GLN D 233 -21.65 9.78 11.03
C GLN D 233 -20.44 10.67 10.82
N TRP D 234 -19.44 10.53 11.68
CA TRP D 234 -18.29 11.41 11.67
C TRP D 234 -17.02 10.71 11.21
N LEU D 235 -16.11 11.48 10.63
CA LEU D 235 -14.84 10.94 10.15
C LEU D 235 -13.66 11.59 10.88
N GLY D 236 -13.97 12.38 11.91
CA GLY D 236 -12.95 13.06 12.68
C GLY D 236 -12.31 14.18 11.88
N ASP D 237 -12.21 13.97 10.57
CA ASP D 237 -11.63 14.95 9.68
C ASP D 237 -12.74 15.69 8.93
N ARG D 238 -13.92 15.07 8.90
CA ARG D 238 -15.07 15.62 8.20
C ARG D 238 -16.33 14.91 8.64
N VAL D 239 -17.48 15.47 8.27
CA VAL D 239 -18.76 14.88 8.65
C VAL D 239 -19.79 14.94 7.51
N ILE D 240 -20.48 13.82 7.29
CA ILE D 240 -21.49 13.75 6.25
C ILE D 240 -22.89 13.72 6.84
N THR D 241 -23.70 14.69 6.44
CA THR D 241 -25.07 14.80 6.91
C THR D 241 -26.06 14.41 5.84
N THR D 242 -26.80 13.33 6.10
CA THR D 242 -27.84 12.86 5.18
C THR D 242 -29.23 13.17 5.78
N SER D 243 -30.09 13.75 4.97
CA SER D 243 -31.42 14.15 5.42
C SER D 243 -32.51 13.82 4.41
N THR D 244 -33.59 13.21 4.90
CA THR D 244 -34.73 12.88 4.05
C THR D 244 -36.04 13.38 4.69
N ARG D 245 -36.88 14.02 3.90
CA ARG D 245 -38.15 14.53 4.39
C ARG D 245 -39.25 14.24 3.38
N THR D 246 -40.50 14.27 3.84
CA THR D 246 -41.64 14.11 2.96
C THR D 246 -42.19 15.47 2.60
N TRP D 247 -42.48 15.67 1.31
CA TRP D 247 -42.95 16.96 0.83
C TRP D 247 -44.29 16.83 0.14
N ALA D 248 -45.03 17.93 0.09
CA ALA D 248 -46.29 17.99 -0.63
C ALA D 248 -46.36 19.27 -1.48
N LEU D 249 -46.90 19.14 -2.68
CA LEU D 249 -46.94 20.27 -3.60
C LEU D 249 -48.31 20.48 -4.24
N PRO D 250 -48.93 21.64 -3.98
CA PRO D 250 -50.21 22.05 -4.55
C PRO D 250 -50.02 22.58 -5.96
N THR D 251 -51.11 22.99 -6.60
CA THR D 251 -51.02 23.70 -7.86
C THR D 251 -51.11 25.19 -7.58
N TYR D 252 -49.98 25.88 -7.71
CA TYR D 252 -49.93 27.31 -7.42
C TYR D 252 -50.42 28.16 -8.58
N ASN D 253 -50.95 29.34 -8.25
CA ASN D 253 -51.37 30.31 -9.25
C ASN D 253 -52.27 29.73 -10.35
N ASN D 254 -52.88 28.59 -10.09
CA ASN D 254 -53.80 27.99 -11.04
C ASN D 254 -53.15 27.82 -12.41
N HIS D 255 -51.96 27.22 -12.43
CA HIS D 255 -51.23 26.97 -13.67
C HIS D 255 -50.98 28.27 -14.45
N LEU D 256 -50.87 29.39 -13.74
CA LEU D 256 -50.74 30.69 -14.40
C LEU D 256 -49.59 31.55 -13.86
N TYR D 257 -48.95 32.29 -14.76
CA TYR D 257 -47.99 33.31 -14.36
C TYR D 257 -48.76 34.61 -14.17
N LYS D 258 -48.61 35.22 -12.99
CA LYS D 258 -49.35 36.44 -12.68
C LYS D 258 -48.43 37.61 -12.41
N GLN D 259 -48.77 38.77 -12.99
CA GLN D 259 -48.05 40.00 -12.71
C GLN D 259 -48.48 40.60 -11.39
N ILE D 260 -47.58 40.63 -10.42
CA ILE D 260 -47.87 41.21 -9.12
C ILE D 260 -47.16 42.55 -8.97
N SER D 261 -47.69 43.40 -8.10
CA SER D 261 -47.15 44.74 -7.91
C SER D 261 -47.67 45.35 -6.62
N SER D 262 -47.16 46.54 -6.30
CA SER D 262 -47.55 47.26 -5.10
C SER D 262 -48.96 47.82 -5.22
N GLN D 263 -49.67 47.86 -4.09
CA GLN D 263 -51.02 48.37 -4.05
C GLN D 263 -51.04 49.83 -4.50
N SER D 264 -52.08 50.21 -5.23
CA SER D 264 -52.23 51.59 -5.70
C SER D 264 -52.29 52.55 -4.51
N GLY D 265 -51.14 53.07 -4.11
CA GLY D 265 -51.05 53.99 -2.99
C GLY D 265 -51.36 53.36 -1.65
N ALA D 266 -50.61 52.31 -1.30
CA ALA D 266 -50.77 51.67 -0.01
C ALA D 266 -49.52 51.84 0.85
N SER D 267 -48.38 51.99 0.18
CA SER D 267 -47.11 52.17 0.90
C SER D 267 -46.05 52.73 -0.06
N ASN D 268 -45.05 53.43 0.50
CA ASN D 268 -44.03 54.09 -0.32
C ASN D 268 -42.66 53.39 -0.35
N ASP D 269 -42.14 53.05 0.82
CA ASP D 269 -40.85 52.34 0.90
C ASP D 269 -41.02 50.87 0.61
N ASN D 270 -42.26 50.47 0.36
CA ASN D 270 -42.58 49.06 0.13
C ASN D 270 -43.13 48.82 -1.28
N HIS D 271 -42.96 49.81 -2.16
CA HIS D 271 -43.35 49.66 -3.56
C HIS D 271 -42.55 48.54 -4.20
N TYR D 272 -43.17 47.84 -5.16
CA TYR D 272 -42.51 46.72 -5.82
C TYR D 272 -43.22 46.30 -7.10
N PHE D 273 -42.51 45.54 -7.92
CA PHE D 273 -43.07 44.98 -9.14
C PHE D 273 -42.39 43.65 -9.47
N GLY D 274 -43.19 42.62 -9.74
CA GLY D 274 -42.66 41.32 -10.07
C GLY D 274 -43.71 40.38 -10.63
N TYR D 275 -43.48 39.08 -10.47
CA TYR D 275 -44.39 38.07 -11.01
C TYR D 275 -44.53 36.87 -10.09
N SER D 276 -45.66 36.18 -10.21
CA SER D 276 -45.92 34.98 -9.44
C SER D 276 -45.97 33.78 -10.38
N THR D 277 -45.14 32.78 -10.10
CA THR D 277 -45.01 31.62 -10.98
C THR D 277 -45.73 30.40 -10.42
N PRO D 278 -46.23 29.53 -11.32
CA PRO D 278 -46.92 28.30 -10.97
C PRO D 278 -45.96 27.24 -10.41
N TRP D 279 -44.69 27.58 -10.29
CA TRP D 279 -43.68 26.64 -9.84
C TRP D 279 -43.45 26.70 -8.33
N GLY D 280 -43.03 25.57 -7.76
CA GLY D 280 -42.60 25.51 -6.38
C GLY D 280 -41.10 25.31 -6.35
N TYR D 281 -40.51 25.22 -5.17
CA TYR D 281 -39.07 25.04 -5.07
C TYR D 281 -38.65 24.37 -3.77
N PHE D 282 -37.46 23.79 -3.77
CA PHE D 282 -36.94 23.12 -2.60
C PHE D 282 -35.89 23.99 -1.93
N ASP D 283 -35.87 23.96 -0.60
CA ASP D 283 -34.92 24.75 0.16
C ASP D 283 -34.51 24.05 1.44
N PHE D 284 -33.25 24.24 1.83
CA PHE D 284 -32.73 23.69 3.07
C PHE D 284 -31.63 24.58 3.60
N ASN D 285 -31.76 25.87 3.33
CA ASN D 285 -30.76 26.86 3.74
C ASN D 285 -30.83 27.16 5.24
N ARG D 286 -31.10 26.13 6.03
CA ARG D 286 -31.11 26.22 7.48
C ARG D 286 -30.28 25.07 8.02
N PHE D 287 -29.44 25.35 9.02
CA PHE D 287 -28.57 24.30 9.56
C PHE D 287 -29.35 23.14 10.16
N HIS D 288 -30.49 23.43 10.79
CA HIS D 288 -31.27 22.39 11.45
C HIS D 288 -31.90 21.43 10.44
N CYS D 289 -31.77 21.77 9.16
CA CYS D 289 -32.22 20.89 8.09
C CYS D 289 -31.32 19.66 8.00
N HIS D 290 -30.08 19.80 8.45
CA HIS D 290 -29.08 18.75 8.25
C HIS D 290 -28.53 18.19 9.56
N PHE D 291 -28.24 19.08 10.51
CA PHE D 291 -27.70 18.65 11.80
C PHE D 291 -28.80 18.45 12.83
N SER D 292 -28.67 17.40 13.63
CA SER D 292 -29.56 17.21 14.76
C SER D 292 -29.03 18.02 15.93
N PRO D 293 -29.87 18.27 16.94
CA PRO D 293 -29.43 18.99 18.14
C PRO D 293 -28.12 18.40 18.67
N ARG D 294 -28.08 17.08 18.83
CA ARG D 294 -26.91 16.40 19.38
C ARG D 294 -25.67 16.62 18.50
N ASP D 295 -25.79 16.37 17.21
CA ASP D 295 -24.69 16.56 16.27
C ASP D 295 -24.14 17.97 16.37
N TRP D 296 -25.04 18.94 16.35
CA TRP D 296 -24.65 20.34 16.45
C TRP D 296 -23.82 20.55 17.70
N GLN D 297 -24.14 19.84 18.78
CA GLN D 297 -23.38 19.93 20.02
C GLN D 297 -21.94 19.44 19.82
N ARG D 298 -21.79 18.23 19.32
CA ARG D 298 -20.47 17.68 19.04
C ARG D 298 -19.68 18.66 18.19
N LEU D 299 -20.29 19.10 17.10
CA LEU D 299 -19.68 20.05 16.20
C LEU D 299 -19.15 21.27 16.95
N ILE D 300 -20.06 21.96 17.62
CA ILE D 300 -19.75 23.21 18.31
C ILE D 300 -18.63 23.06 19.33
N ASN D 301 -18.73 22.04 20.17
CA ASN D 301 -17.85 21.89 21.32
C ASN D 301 -16.46 21.32 20.99
N ASN D 302 -16.23 21.01 19.73
CA ASN D 302 -15.00 20.28 19.37
C ASN D 302 -14.13 20.89 18.27
N ASN D 303 -14.74 21.72 17.42
CA ASN D 303 -14.02 22.17 16.22
C ASN D 303 -13.78 23.69 16.12
N TRP D 304 -12.53 24.04 15.81
CA TRP D 304 -12.14 25.43 15.55
C TRP D 304 -13.04 26.07 14.50
N GLY D 305 -13.38 25.31 13.46
CA GLY D 305 -14.20 25.81 12.37
C GLY D 305 -14.71 24.70 11.47
N PHE D 306 -15.55 25.05 10.50
CA PHE D 306 -16.12 24.07 9.58
C PHE D 306 -16.60 24.72 8.28
N ARG D 307 -16.95 23.90 7.30
CA ARG D 307 -17.38 24.39 5.99
C ARG D 307 -18.07 23.30 5.17
N PRO D 308 -18.85 23.71 4.16
CA PRO D 308 -19.52 22.82 3.22
C PRO D 308 -18.56 22.31 2.15
N LYS D 309 -18.79 21.10 1.64
CA LYS D 309 -17.92 20.53 0.63
C LYS D 309 -18.69 20.01 -0.59
N LYS D 310 -19.48 18.96 -0.41
CA LYS D 310 -20.23 18.35 -1.51
C LYS D 310 -21.74 18.39 -1.25
N LEU D 311 -22.50 17.95 -2.25
CA LEU D 311 -23.96 17.96 -2.16
C LEU D 311 -24.60 16.89 -3.04
N SER D 312 -25.63 16.23 -2.52
CA SER D 312 -26.36 15.20 -3.26
C SER D 312 -27.86 15.36 -3.10
N PHE D 313 -28.52 15.72 -4.20
CA PHE D 313 -29.96 15.94 -4.17
C PHE D 313 -30.71 14.82 -4.87
N LYS D 314 -31.76 14.31 -4.22
CA LYS D 314 -32.51 13.19 -4.76
C LYS D 314 -34.01 13.33 -4.53
N LEU D 315 -34.79 13.14 -5.60
CA LEU D 315 -36.24 13.15 -5.53
C LEU D 315 -36.80 11.78 -5.92
N PHE D 316 -37.74 11.27 -5.14
CA PHE D 316 -38.25 9.92 -5.36
C PHE D 316 -39.62 9.65 -4.75
N ASN D 317 -40.08 8.42 -4.93
CA ASN D 317 -41.37 7.97 -4.39
C ASN D 317 -42.51 8.93 -4.68
N ILE D 318 -42.51 9.47 -5.91
CA ILE D 318 -43.49 10.46 -6.31
C ILE D 318 -44.88 9.86 -6.53
N GLN D 319 -45.89 10.56 -6.03
CA GLN D 319 -47.29 10.14 -6.20
C GLN D 319 -48.11 11.36 -6.57
N VAL D 320 -48.92 11.24 -7.61
CA VAL D 320 -49.80 12.32 -8.03
C VAL D 320 -51.26 12.00 -7.73
N LYS D 321 -51.80 12.68 -6.73
CA LYS D 321 -53.19 12.49 -6.35
C LYS D 321 -54.06 13.60 -6.93
N GLU D 322 -55.15 13.22 -7.57
CA GLU D 322 -56.10 14.20 -8.08
C GLU D 322 -57.39 14.15 -7.26
N VAL D 323 -57.88 15.33 -6.88
CA VAL D 323 -59.03 15.42 -6.00
C VAL D 323 -60.28 15.93 -6.72
N THR D 324 -61.44 15.42 -6.31
CA THR D 324 -62.71 15.85 -6.89
C THR D 324 -63.74 16.11 -5.81
N GLN D 325 -64.35 17.30 -5.85
CA GLN D 325 -65.42 17.65 -4.94
C GLN D 325 -66.76 17.35 -5.60
N ASN D 326 -67.32 16.18 -5.29
CA ASN D 326 -68.55 15.71 -5.94
C ASN D 326 -69.82 16.39 -5.42
N ASP D 327 -70.19 16.09 -4.18
CA ASP D 327 -71.35 16.70 -3.54
C ASP D 327 -70.91 17.54 -2.37
N GLY D 328 -70.74 16.90 -1.22
CA GLY D 328 -70.20 17.55 -0.04
C GLY D 328 -69.05 16.72 0.49
N THR D 329 -68.47 15.91 -0.40
CA THR D 329 -67.39 14.99 -0.03
C THR D 329 -66.21 15.08 -1.01
N THR D 330 -65.04 15.36 -0.47
CA THR D 330 -63.82 15.39 -1.27
C THR D 330 -63.19 14.01 -1.36
N THR D 331 -63.17 13.45 -2.57
CA THR D 331 -62.54 12.16 -2.81
C THR D 331 -61.17 12.35 -3.46
N ILE D 332 -60.18 11.62 -2.96
CA ILE D 332 -58.82 11.70 -3.49
C ILE D 332 -58.38 10.34 -4.03
N ALA D 333 -57.82 10.32 -5.22
CA ALA D 333 -57.39 9.07 -5.84
C ALA D 333 -56.08 9.21 -6.60
N ASN D 334 -55.70 8.16 -7.31
CA ASN D 334 -54.43 8.12 -8.04
C ASN D 334 -54.57 8.42 -9.53
N ASN D 335 -53.83 9.42 -9.99
CA ASN D 335 -53.71 9.67 -11.42
C ASN D 335 -52.32 9.24 -11.86
N LEU D 336 -52.17 7.95 -12.14
CA LEU D 336 -50.87 7.37 -12.43
C LEU D 336 -50.20 7.98 -13.66
N THR D 337 -50.99 8.21 -14.69
CA THR D 337 -50.46 8.71 -15.96
C THR D 337 -50.07 10.19 -15.91
N SER D 338 -50.10 10.79 -14.73
CA SER D 338 -49.75 12.20 -14.60
C SER D 338 -48.27 12.36 -14.23
N THR D 339 -47.69 13.50 -14.61
CA THR D 339 -46.26 13.75 -14.41
C THR D 339 -46.01 14.99 -13.57
N VAL D 340 -44.75 15.14 -13.15
CA VAL D 340 -44.30 16.34 -12.46
C VAL D 340 -43.01 16.80 -13.12
N GLN D 341 -42.68 18.08 -13.00
CA GLN D 341 -41.53 18.62 -13.72
C GLN D 341 -40.48 19.25 -12.81
N VAL D 342 -39.23 18.84 -13.01
CA VAL D 342 -38.11 19.36 -12.22
C VAL D 342 -37.01 19.91 -13.11
N PHE D 343 -36.34 20.94 -12.63
CA PHE D 343 -35.11 21.42 -13.28
C PHE D 343 -34.32 22.31 -12.34
N THR D 344 -33.01 22.34 -12.55
CA THR D 344 -32.12 23.06 -11.66
C THR D 344 -31.43 24.22 -12.38
N ASP D 345 -31.60 25.42 -11.84
CA ASP D 345 -30.97 26.61 -12.39
C ASP D 345 -29.49 26.60 -12.10
N SER D 346 -28.71 25.94 -12.97
CA SER D 346 -27.27 25.81 -12.78
C SER D 346 -26.51 26.89 -13.55
N GLU D 347 -27.17 27.49 -14.54
CA GLU D 347 -26.59 28.59 -15.29
C GLU D 347 -26.86 29.91 -14.57
N TYR D 348 -27.58 29.81 -13.46
CA TYR D 348 -27.94 30.97 -12.65
C TYR D 348 -28.61 32.05 -13.49
N GLN D 349 -29.64 31.67 -14.22
CA GLN D 349 -30.33 32.58 -15.12
C GLN D 349 -31.65 33.04 -14.51
N LEU D 350 -32.15 32.31 -13.52
CA LEU D 350 -33.33 32.72 -12.77
C LEU D 350 -32.92 33.47 -11.52
N PRO D 351 -33.64 34.56 -11.19
CA PRO D 351 -33.36 35.36 -10.00
C PRO D 351 -33.18 34.48 -8.76
N TYR D 352 -32.05 34.60 -8.10
CA TYR D 352 -31.78 33.81 -6.91
C TYR D 352 -32.57 34.36 -5.73
N VAL D 353 -33.57 33.60 -5.30
CA VAL D 353 -34.50 34.04 -4.28
C VAL D 353 -34.20 33.39 -2.92
N LEU D 354 -33.19 32.53 -2.91
CA LEU D 354 -32.76 31.87 -1.68
C LEU D 354 -31.81 32.77 -0.89
N GLY D 355 -31.55 32.38 0.36
CA GLY D 355 -30.69 33.15 1.22
C GLY D 355 -31.31 34.46 1.63
N SER D 356 -32.63 34.45 1.81
CA SER D 356 -33.38 35.62 2.25
C SER D 356 -34.23 35.30 3.46
N ALA D 357 -33.86 34.26 4.19
CA ALA D 357 -34.53 33.89 5.43
C ALA D 357 -36.00 33.51 5.24
N HIS D 358 -36.37 33.16 4.02
CA HIS D 358 -37.75 32.77 3.74
C HIS D 358 -38.09 31.45 4.40
N GLN D 359 -39.38 31.16 4.50
CA GLN D 359 -39.85 29.94 5.12
C GLN D 359 -40.15 28.88 4.06
N GLY D 360 -40.31 27.63 4.49
CA GLY D 360 -40.57 26.55 3.58
C GLY D 360 -39.40 25.59 3.45
N CYS D 361 -38.42 25.75 4.33
CA CYS D 361 -37.27 24.88 4.36
C CYS D 361 -37.67 23.48 4.77
N LEU D 362 -36.68 22.61 5.00
CA LEU D 362 -36.96 21.28 5.50
C LEU D 362 -37.19 21.34 7.00
N PRO D 363 -38.18 20.58 7.49
CA PRO D 363 -38.52 20.54 8.92
C PRO D 363 -37.32 20.13 9.76
N PRO D 364 -37.09 20.82 10.90
CA PRO D 364 -36.02 20.43 11.81
C PRO D 364 -36.19 18.97 12.22
N PHE D 365 -37.42 18.62 12.59
CA PHE D 365 -37.75 17.25 12.98
C PHE D 365 -38.06 16.42 11.75
N PRO D 366 -37.40 15.26 11.62
CA PRO D 366 -37.49 14.37 10.46
C PRO D 366 -38.91 13.86 10.21
N ALA D 367 -39.66 13.62 11.28
CA ALA D 367 -41.01 13.06 11.16
C ALA D 367 -42.04 14.05 10.60
N ASP D 368 -41.70 15.33 10.62
CA ASP D 368 -42.61 16.37 10.16
C ASP D 368 -42.70 16.42 8.64
N VAL D 369 -43.90 16.72 8.14
CA VAL D 369 -44.13 16.90 6.70
C VAL D 369 -44.22 18.39 6.39
N PHE D 370 -43.77 18.77 5.20
CA PHE D 370 -43.76 20.18 4.81
C PHE D 370 -44.40 20.44 3.45
N MET D 371 -44.88 21.67 3.27
CA MET D 371 -45.47 22.09 2.00
C MET D 371 -44.40 22.80 1.18
N VAL D 372 -44.30 22.45 -0.09
CA VAL D 372 -43.30 23.06 -0.97
C VAL D 372 -43.72 24.47 -1.37
N PRO D 373 -42.90 25.47 -1.01
CA PRO D 373 -43.18 26.90 -1.23
C PRO D 373 -43.41 27.23 -2.69
N GLN D 374 -43.88 28.45 -2.96
CA GLN D 374 -44.10 28.90 -4.33
C GLN D 374 -43.01 29.89 -4.76
N TYR D 375 -42.68 29.86 -6.05
CA TYR D 375 -41.65 30.74 -6.59
C TYR D 375 -42.22 32.09 -7.01
N GLY D 376 -41.61 33.16 -6.50
CA GLY D 376 -41.97 34.51 -6.89
C GLY D 376 -40.75 35.38 -6.88
N TYR D 377 -40.62 36.25 -7.88
CA TYR D 377 -39.44 37.09 -7.99
C TYR D 377 -39.78 38.55 -8.24
N LEU D 378 -38.80 39.42 -7.96
CA LEU D 378 -38.98 40.85 -8.12
C LEU D 378 -38.11 41.38 -9.25
N THR D 379 -38.38 42.60 -9.69
CA THR D 379 -37.62 43.21 -10.76
C THR D 379 -37.46 44.69 -10.52
N LEU D 380 -36.68 45.35 -11.38
CA LEU D 380 -36.51 46.79 -11.33
C LEU D 380 -37.87 47.47 -11.41
N ASN D 381 -38.09 48.45 -10.55
CA ASN D 381 -39.37 49.16 -10.53
C ASN D 381 -39.25 50.66 -10.25
N ASN D 382 -40.19 51.43 -10.79
CA ASN D 382 -40.27 52.86 -10.52
C ASN D 382 -41.55 53.18 -9.77
N GLY D 383 -41.55 52.91 -8.47
CA GLY D 383 -42.74 53.03 -7.67
C GLY D 383 -43.61 51.80 -7.84
N SER D 384 -44.86 52.01 -8.21
CA SER D 384 -45.77 50.90 -8.48
C SER D 384 -45.58 50.41 -9.91
N GLN D 385 -44.94 51.24 -10.72
CA GLN D 385 -44.70 50.93 -12.13
C GLN D 385 -43.37 50.22 -12.33
N ALA D 386 -43.14 49.76 -13.55
CA ALA D 386 -41.89 49.09 -13.90
C ALA D 386 -41.17 49.88 -14.99
N VAL D 387 -39.88 49.61 -15.14
CA VAL D 387 -39.08 50.26 -16.18
C VAL D 387 -39.00 49.35 -17.39
N GLY D 388 -38.56 49.89 -18.53
CA GLY D 388 -38.39 49.11 -19.73
C GLY D 388 -37.28 48.08 -19.60
N ARG D 389 -36.39 48.30 -18.65
CA ARG D 389 -35.25 47.42 -18.42
C ARG D 389 -35.60 46.25 -17.49
N SER D 390 -36.86 46.19 -17.05
CA SER D 390 -37.29 45.09 -16.19
C SER D 390 -37.27 43.77 -16.98
N SER D 391 -37.31 42.65 -16.26
CA SER D 391 -37.18 41.35 -16.88
C SER D 391 -38.30 40.38 -16.49
N PHE D 392 -38.90 39.74 -17.49
CA PHE D 392 -39.94 38.74 -17.28
C PHE D 392 -39.39 37.34 -17.57
N TYR D 393 -39.55 36.44 -16.61
CA TYR D 393 -39.00 35.09 -16.74
C TYR D 393 -40.06 34.01 -16.78
N CYS D 394 -39.96 33.14 -17.77
CA CYS D 394 -40.84 31.99 -17.90
C CYS D 394 -40.06 30.70 -17.67
N LEU D 395 -40.40 29.98 -16.61
CA LEU D 395 -39.68 28.77 -16.25
C LEU D 395 -40.04 27.60 -17.18
N GLU D 396 -40.96 27.83 -18.10
CA GLU D 396 -41.34 26.83 -19.07
C GLU D 396 -40.37 26.83 -20.24
N TYR D 397 -39.64 27.94 -20.38
CA TYR D 397 -38.64 28.08 -21.44
C TYR D 397 -37.33 27.46 -20.98
N PHE D 398 -37.39 26.72 -19.89
CA PHE D 398 -36.26 25.96 -19.40
C PHE D 398 -36.50 24.48 -19.62
N PRO D 399 -35.51 23.78 -20.15
CA PRO D 399 -35.59 22.32 -20.26
C PRO D 399 -35.76 21.69 -18.89
N SER D 400 -36.83 20.91 -18.72
CA SER D 400 -37.10 20.26 -17.45
C SER D 400 -37.41 18.78 -17.63
N GLN D 401 -37.04 17.98 -16.64
CA GLN D 401 -37.30 16.56 -16.67
C GLN D 401 -38.68 16.26 -16.08
N MET D 402 -39.51 15.57 -16.85
CA MET D 402 -40.84 15.19 -16.40
C MET D 402 -40.84 13.78 -15.83
N LEU D 403 -41.47 13.61 -14.68
CA LEU D 403 -41.44 12.32 -13.98
C LEU D 403 -42.83 11.75 -13.73
N ARG D 404 -42.98 10.47 -14.02
CA ARG D 404 -44.19 9.73 -13.69
C ARG D 404 -43.89 8.97 -12.40
N THR D 405 -44.87 8.23 -11.89
CA THR D 405 -44.66 7.44 -10.68
C THR D 405 -43.66 6.32 -10.94
N GLY D 406 -42.53 6.37 -10.25
CA GLY D 406 -41.49 5.39 -10.46
C GLY D 406 -40.26 6.03 -11.06
N ASN D 407 -40.39 7.30 -11.44
CA ASN D 407 -39.26 8.08 -11.90
C ASN D 407 -38.63 8.83 -10.74
N ASN D 408 -37.34 9.11 -10.85
CA ASN D 408 -36.64 9.85 -9.80
C ASN D 408 -35.70 10.92 -10.38
N PHE D 409 -35.29 11.85 -9.53
CA PHE D 409 -34.44 12.96 -9.96
C PHE D 409 -33.12 12.96 -9.20
N GLN D 410 -32.04 13.20 -9.92
CA GLN D 410 -30.70 13.12 -9.33
C GLN D 410 -29.90 14.41 -9.59
N PHE D 411 -29.12 14.83 -8.60
CA PHE D 411 -28.30 16.04 -8.75
C PHE D 411 -27.12 16.10 -7.78
N SER D 412 -25.94 16.38 -8.32
CA SER D 412 -24.72 16.52 -7.51
C SER D 412 -24.03 17.86 -7.72
N TYR D 413 -23.62 18.48 -6.61
CA TYR D 413 -23.05 19.82 -6.63
C TYR D 413 -21.77 19.86 -5.79
N THR D 414 -20.85 20.76 -6.15
CA THR D 414 -19.57 20.87 -5.44
C THR D 414 -19.30 22.31 -4.98
N PHE D 415 -19.31 22.53 -3.67
CA PHE D 415 -19.06 23.85 -3.11
C PHE D 415 -17.69 24.39 -3.52
N GLU D 416 -17.61 25.71 -3.64
CA GLU D 416 -16.35 26.37 -3.96
C GLU D 416 -15.52 26.56 -2.70
N ASP D 417 -14.34 27.15 -2.84
CA ASP D 417 -13.48 27.43 -1.70
C ASP D 417 -14.03 28.60 -0.89
N VAL D 418 -14.43 28.33 0.35
CA VAL D 418 -14.97 29.37 1.22
C VAL D 418 -14.47 29.20 2.65
N PRO D 419 -13.87 30.26 3.21
CA PRO D 419 -13.25 30.29 4.54
C PRO D 419 -14.07 29.65 5.66
N PHE D 420 -13.42 28.85 6.50
CA PHE D 420 -14.07 28.22 7.63
C PHE D 420 -14.83 29.25 8.46
N HIS D 421 -15.92 28.82 9.09
CA HIS D 421 -16.60 29.70 10.03
C HIS D 421 -15.86 29.71 11.36
N SER D 422 -16.05 30.77 12.13
CA SER D 422 -15.41 30.90 13.43
C SER D 422 -16.24 30.22 14.52
N SER D 423 -15.93 28.94 14.76
CA SER D 423 -16.54 28.21 15.86
C SER D 423 -15.69 28.40 17.11
N TYR D 424 -15.03 29.56 17.17
CA TYR D 424 -14.15 29.89 18.29
C TYR D 424 -14.36 31.33 18.76
N ALA D 425 -13.84 31.62 19.94
CA ALA D 425 -13.86 32.98 20.49
C ALA D 425 -12.50 33.31 21.08
N HIS D 426 -12.05 34.54 20.87
CA HIS D 426 -10.71 34.93 21.29
C HIS D 426 -10.56 35.04 22.81
N SER D 427 -9.49 34.47 23.34
CA SER D 427 -9.19 34.55 24.77
C SER D 427 -8.37 35.79 25.07
N GLN D 428 -7.87 36.45 24.03
CA GLN D 428 -7.15 37.71 24.16
C GLN D 428 -8.00 38.86 23.64
N SER D 429 -7.54 40.09 23.87
CA SER D 429 -8.24 41.27 23.35
C SER D 429 -7.30 42.09 22.47
N LEU D 430 -7.87 42.97 21.65
CA LEU D 430 -7.07 43.82 20.77
C LEU D 430 -6.15 44.77 21.56
N ASP D 431 -6.70 45.41 22.58
CA ASP D 431 -5.93 46.35 23.38
C ASP D 431 -5.12 45.64 24.46
N ARG D 432 -5.51 44.42 24.80
CA ARG D 432 -4.83 43.64 25.83
C ARG D 432 -3.97 42.54 25.20
N LEU D 433 -3.09 42.93 24.28
CA LEU D 433 -2.32 41.98 23.49
C LEU D 433 -0.86 41.94 23.90
N MET D 434 -0.38 43.04 24.49
CA MET D 434 1.03 43.19 24.83
C MET D 434 1.45 42.45 26.11
N ASN D 435 2.64 42.80 26.60
CA ASN D 435 3.21 42.15 27.79
C ASN D 435 2.97 42.96 29.06
N PRO D 436 2.29 42.35 30.03
CA PRO D 436 1.95 42.95 31.32
C PRO D 436 3.17 43.28 32.18
N LEU D 437 4.31 42.66 31.88
CA LEU D 437 5.49 42.77 32.75
C LEU D 437 6.51 43.79 32.25
N ILE D 438 6.68 43.86 30.94
CA ILE D 438 7.71 44.71 30.35
C ILE D 438 7.13 46.01 29.80
N ASP D 439 7.94 47.06 29.81
CA ASP D 439 7.52 48.36 29.32
C ASP D 439 7.92 48.53 27.87
N GLN D 440 7.20 49.38 27.15
CA GLN D 440 7.53 49.68 25.76
C GLN D 440 8.74 50.61 25.70
N TYR D 441 9.46 50.58 24.59
CA TYR D 441 10.59 51.48 24.39
C TYR D 441 10.16 52.70 23.59
N LEU D 442 8.86 52.77 23.29
CA LEU D 442 8.29 53.90 22.57
C LEU D 442 7.77 54.95 23.54
N TYR D 443 7.71 56.20 23.08
CA TYR D 443 7.26 57.30 23.93
C TYR D 443 6.02 57.98 23.36
N TYR D 444 5.15 58.41 24.27
CA TYR D 444 3.95 59.14 23.92
C TYR D 444 3.87 60.40 24.77
N LEU D 445 3.08 61.37 24.34
CA LEU D 445 2.90 62.60 25.10
C LEU D 445 1.65 62.48 25.98
N ASN D 446 1.80 62.76 27.26
CA ASN D 446 0.70 62.62 28.21
C ASN D 446 0.44 63.87 29.05
N ARG D 447 1.34 64.83 28.96
CA ARG D 447 1.20 66.08 29.70
C ARG D 447 1.52 67.28 28.81
N THR D 448 0.54 68.18 28.69
CA THR D 448 0.68 69.35 27.84
C THR D 448 0.96 70.62 28.67
N GLN D 449 0.38 70.68 29.86
CA GLN D 449 0.54 71.85 30.72
C GLN D 449 0.92 71.46 32.16
N GLY D 450 0.08 70.65 32.79
CA GLY D 450 0.24 70.29 34.18
C GLY D 450 1.67 69.94 34.56
N THR D 451 2.40 70.92 35.07
CA THR D 451 3.78 70.70 35.50
C THR D 451 3.83 70.75 37.02
N THR D 452 5.02 71.00 37.57
CA THR D 452 5.18 71.30 38.98
C THR D 452 4.41 72.59 39.25
N SER D 453 3.08 72.47 39.26
CA SER D 453 2.20 73.63 39.23
C SER D 453 2.18 74.42 40.54
N GLY D 454 2.79 75.60 40.52
CA GLY D 454 2.81 76.49 41.66
C GLY D 454 3.28 77.87 41.26
N THR D 455 4.58 77.97 40.96
CA THR D 455 5.19 79.22 40.51
C THR D 455 5.56 79.09 39.03
N THR D 456 5.20 80.10 38.24
CA THR D 456 5.65 80.22 36.85
C THR D 456 5.56 78.92 36.05
N ASN D 457 4.46 78.18 36.23
CA ASN D 457 4.27 76.93 35.51
C ASN D 457 2.97 76.89 34.71
N GLN D 458 2.98 77.55 33.57
CA GLN D 458 1.84 77.58 32.68
C GLN D 458 1.71 76.28 31.89
N SER D 459 2.70 76.00 31.05
CA SER D 459 2.67 74.81 30.19
C SER D 459 4.06 74.28 29.85
N ARG D 460 4.12 72.98 29.58
CA ARG D 460 5.37 72.32 29.22
C ARG D 460 5.08 70.98 28.54
N LEU D 461 5.84 70.67 27.50
CA LEU D 461 5.65 69.42 26.76
C LEU D 461 6.38 68.26 27.43
N LEU D 462 5.62 67.30 27.94
CA LEU D 462 6.20 66.18 28.68
C LEU D 462 5.77 64.83 28.12
N PHE D 463 6.74 63.94 27.95
CA PHE D 463 6.51 62.63 27.35
C PHE D 463 6.78 61.51 28.34
N SER D 464 6.02 60.42 28.22
CA SER D 464 6.20 59.26 29.09
C SER D 464 6.48 58.00 28.27
N GLN D 465 7.28 57.10 28.85
CA GLN D 465 7.53 55.79 28.25
C GLN D 465 6.42 54.83 28.66
N ALA D 466 5.78 54.22 27.67
CA ALA D 466 4.68 53.31 27.93
C ALA D 466 5.08 52.20 28.90
N GLY D 467 4.21 51.93 29.86
CA GLY D 467 4.44 50.86 30.82
C GLY D 467 3.17 50.04 31.00
N PRO D 468 3.24 48.98 31.82
CA PRO D 468 2.06 48.16 32.11
C PRO D 468 1.03 49.03 32.82
N GLN D 469 1.53 50.12 33.40
CA GLN D 469 0.69 51.06 34.12
C GLN D 469 -0.11 51.93 33.15
N SER D 470 0.55 52.36 32.08
CA SER D 470 -0.12 53.10 31.00
C SER D 470 -0.65 52.14 29.97
N MET D 471 -1.60 51.29 30.37
CA MET D 471 -2.05 50.20 29.53
C MET D 471 -2.90 50.63 28.33
N SER D 472 -3.81 51.57 28.55
CA SER D 472 -4.68 52.06 27.47
C SER D 472 -4.08 53.28 26.78
N LEU D 473 -2.75 53.40 26.85
CA LEU D 473 -2.05 54.52 26.26
C LEU D 473 -0.89 54.06 25.39
N GLN D 474 -0.55 52.77 25.49
CA GLN D 474 0.57 52.21 24.76
C GLN D 474 0.37 52.25 23.25
N ALA D 475 1.47 52.28 22.51
CA ALA D 475 1.42 52.23 21.06
C ALA D 475 0.69 50.97 20.60
N ARG D 476 -0.03 51.08 19.49
CA ARG D 476 -0.84 49.97 19.01
C ARG D 476 -0.52 49.63 17.57
N ASN D 477 -0.73 48.37 17.20
CA ASN D 477 -0.47 47.90 15.83
C ASN D 477 -1.74 47.64 15.01
N TRP D 478 -2.89 47.60 15.67
CA TRP D 478 -4.13 47.19 15.01
C TRP D 478 -5.34 47.97 15.51
N LEU D 479 -6.38 48.04 14.67
CA LEU D 479 -7.64 48.69 15.04
C LEU D 479 -8.80 47.71 15.08
N PRO D 480 -9.91 48.09 15.72
CA PRO D 480 -11.13 47.28 15.76
C PRO D 480 -11.84 47.30 14.41
N GLY D 481 -12.85 46.45 14.26
CA GLY D 481 -13.60 46.37 13.02
C GLY D 481 -14.44 47.60 12.78
N PRO D 482 -14.94 47.76 11.54
CA PRO D 482 -15.80 48.89 11.15
C PRO D 482 -17.05 48.95 12.02
N CYS D 483 -17.87 49.98 11.83
CA CYS D 483 -19.07 50.15 12.64
C CYS D 483 -20.16 50.99 11.97
N TYR D 484 -21.39 50.79 12.42
CA TYR D 484 -22.54 51.57 11.99
C TYR D 484 -23.52 51.61 13.15
N ARG D 485 -23.40 52.64 13.98
CA ARG D 485 -24.12 52.72 15.25
C ARG D 485 -25.60 52.32 15.15
N GLN D 486 -26.03 51.48 16.09
CA GLN D 486 -27.42 51.09 16.21
C GLN D 486 -28.00 51.71 17.49
N GLN D 487 -29.32 51.87 17.54
CA GLN D 487 -29.96 52.42 18.73
C GLN D 487 -30.05 51.37 19.83
N ARG D 488 -29.90 51.80 21.07
CA ARG D 488 -29.93 50.89 22.21
C ARG D 488 -31.37 50.66 22.70
N LEU D 489 -31.74 49.40 22.87
CA LEU D 489 -33.05 49.04 23.39
C LEU D 489 -32.93 48.19 24.64
N SER D 490 -33.90 48.33 25.54
CA SER D 490 -33.92 47.50 26.73
C SER D 490 -35.06 46.49 26.66
N LYS D 491 -34.83 45.32 27.24
CA LYS D 491 -35.85 44.29 27.29
C LYS D 491 -36.92 44.66 28.32
N THR D 492 -36.53 45.49 29.28
CA THR D 492 -37.46 46.02 30.28
C THR D 492 -38.27 47.15 29.66
N ALA D 493 -39.56 46.90 29.47
CA ALA D 493 -40.42 47.81 28.72
C ALA D 493 -40.73 49.12 29.44
N ASN D 494 -39.81 49.58 30.30
CA ASN D 494 -40.00 50.84 30.99
C ASN D 494 -38.73 51.69 31.06
N ASP D 495 -37.61 51.10 30.67
CA ASP D 495 -36.35 51.83 30.59
C ASP D 495 -36.39 52.72 29.37
N ASN D 496 -37.22 52.34 28.40
CA ASN D 496 -37.23 52.99 27.09
C ASN D 496 -38.05 54.27 27.03
N ASN D 497 -37.81 55.04 25.97
CA ASN D 497 -38.54 56.28 25.74
C ASN D 497 -39.99 55.99 25.36
N ASN D 498 -40.91 56.77 25.93
CA ASN D 498 -42.34 56.59 25.65
C ASN D 498 -42.70 57.14 24.26
N SER D 499 -42.09 56.57 23.23
CA SER D 499 -42.35 56.96 21.85
C SER D 499 -42.08 55.79 20.90
N ASN D 500 -42.83 55.72 19.80
CA ASN D 500 -42.65 54.66 18.82
C ASN D 500 -41.62 55.03 17.76
N PHE D 501 -40.41 54.49 17.91
CA PHE D 501 -39.28 54.87 17.06
C PHE D 501 -38.60 53.73 16.30
N PRO D 502 -39.34 52.65 16.00
CA PRO D 502 -38.69 51.51 15.34
C PRO D 502 -38.44 51.78 13.87
N TRP D 503 -38.70 52.99 13.42
CA TRP D 503 -38.51 53.36 12.02
C TRP D 503 -37.94 54.77 11.87
N THR D 504 -38.37 55.67 12.75
CA THR D 504 -37.97 57.06 12.69
C THR D 504 -36.66 57.32 13.43
N ALA D 505 -36.18 56.31 14.14
CA ALA D 505 -34.95 56.44 14.91
C ALA D 505 -33.96 55.30 14.67
N ALA D 506 -34.34 54.37 13.79
CA ALA D 506 -33.49 53.24 13.48
C ALA D 506 -32.53 53.57 12.32
N SER D 507 -31.37 52.93 12.32
CA SER D 507 -30.39 53.12 11.26
C SER D 507 -30.84 52.47 9.96
N LYS D 508 -30.84 53.24 8.88
CA LYS D 508 -31.37 52.77 7.61
C LYS D 508 -30.56 53.33 6.44
N TYR D 509 -30.68 52.71 5.28
CA TYR D 509 -30.02 53.21 4.08
C TYR D 509 -31.08 53.47 3.03
N HIS D 510 -30.72 54.16 1.96
CA HIS D 510 -31.68 54.42 0.89
C HIS D 510 -31.04 54.37 -0.49
N LEU D 511 -31.72 53.70 -1.42
CA LEU D 511 -31.26 53.60 -2.79
C LEU D 511 -32.39 54.01 -3.72
N ASN D 512 -32.06 54.83 -4.71
CA ASN D 512 -33.06 55.26 -5.68
C ASN D 512 -34.18 56.05 -5.00
N GLY D 513 -33.84 56.67 -3.87
CA GLY D 513 -34.81 57.44 -3.09
C GLY D 513 -35.76 56.55 -2.32
N ARG D 514 -35.30 55.37 -1.97
CA ARG D 514 -36.12 54.40 -1.25
C ARG D 514 -35.45 53.92 0.04
N ASP D 515 -36.06 54.23 1.17
CA ASP D 515 -35.54 53.84 2.48
C ASP D 515 -35.64 52.33 2.69
N SER D 516 -34.55 51.74 3.20
CA SER D 516 -34.54 50.34 3.57
C SER D 516 -33.80 50.17 4.90
N LEU D 517 -34.37 49.38 5.80
CA LEU D 517 -33.81 49.24 7.13
C LEU D 517 -32.55 48.39 7.16
N VAL D 518 -31.47 48.94 7.70
CA VAL D 518 -30.23 48.20 7.85
C VAL D 518 -30.37 47.24 9.03
N ASN D 519 -30.96 46.08 8.78
CA ASN D 519 -31.23 45.13 9.85
C ASN D 519 -29.98 44.49 10.46
N PRO D 520 -29.39 43.47 9.79
CA PRO D 520 -28.16 42.96 10.38
C PRO D 520 -26.98 43.72 9.81
N GLY D 521 -26.62 44.85 10.43
CA GLY D 521 -25.54 45.67 9.93
C GLY D 521 -24.19 44.98 10.08
N PRO D 522 -23.10 45.75 9.94
CA PRO D 522 -21.77 45.18 10.21
C PRO D 522 -21.78 44.43 11.53
N ALA D 523 -20.87 43.48 11.68
CA ALA D 523 -20.79 42.70 12.91
C ALA D 523 -20.28 43.56 14.06
N MET D 524 -21.18 43.87 15.00
CA MET D 524 -20.83 44.64 16.19
C MET D 524 -21.31 43.91 17.44
N ALA D 525 -20.67 44.18 18.58
CA ALA D 525 -21.06 43.54 19.83
C ALA D 525 -22.41 44.04 20.33
N SER D 526 -23.21 43.13 20.89
CA SER D 526 -24.56 43.48 21.34
C SER D 526 -24.58 44.37 22.58
N HIS D 527 -23.74 44.05 23.56
CA HIS D 527 -23.70 44.79 24.81
C HIS D 527 -22.30 44.78 25.44
N LYS D 528 -22.01 45.79 26.25
CA LYS D 528 -20.75 45.83 26.99
C LYS D 528 -20.85 45.01 28.27
N ASP D 529 -19.73 44.87 28.98
CA ASP D 529 -19.68 44.03 30.17
C ASP D 529 -20.60 44.49 31.29
N ASP D 530 -21.20 43.54 31.99
CA ASP D 530 -22.05 43.80 33.14
C ASP D 530 -23.38 44.46 32.80
N GLU D 531 -23.96 44.07 31.67
CA GLU D 531 -25.28 44.55 31.27
C GLU D 531 -26.18 43.39 30.89
N GLU D 532 -25.96 42.85 29.69
CA GLU D 532 -26.67 41.66 29.25
C GLU D 532 -28.19 41.86 29.25
N LYS D 533 -28.63 43.09 29.00
CA LYS D 533 -30.05 43.38 28.95
C LYS D 533 -30.36 44.34 27.79
N PHE D 534 -29.34 45.11 27.40
CA PHE D 534 -29.49 46.05 26.30
C PHE D 534 -29.05 45.42 24.98
N PHE D 535 -30.01 45.20 24.09
CA PHE D 535 -29.70 44.70 22.76
C PHE D 535 -29.88 45.83 21.76
N PRO D 536 -29.13 45.78 20.64
CA PRO D 536 -29.22 46.83 19.63
C PRO D 536 -30.56 46.78 18.90
N MET D 537 -31.05 47.93 18.48
CA MET D 537 -32.21 47.98 17.61
C MET D 537 -31.91 47.08 16.43
N HIS D 538 -32.51 45.90 16.41
CA HIS D 538 -32.30 44.93 15.34
C HIS D 538 -30.82 44.73 14.98
N GLY D 539 -29.94 44.76 15.98
CA GLY D 539 -28.53 44.56 15.75
C GLY D 539 -28.15 43.08 15.73
N ASN D 540 -29.14 42.22 15.53
CA ASN D 540 -28.93 40.78 15.52
C ASN D 540 -30.17 40.01 15.07
N LEU D 541 -30.00 38.74 14.71
CA LEU D 541 -31.10 37.94 14.22
C LEU D 541 -32.00 37.43 15.35
N ILE D 542 -33.30 37.61 15.17
CA ILE D 542 -34.26 37.20 16.18
C ILE D 542 -35.17 36.10 15.64
N PHE D 543 -35.23 34.98 16.34
CA PHE D 543 -36.02 33.84 15.92
C PHE D 543 -37.34 33.76 16.70
N GLY D 544 -38.41 33.40 15.99
CA GLY D 544 -39.71 33.25 16.62
C GLY D 544 -39.94 31.85 17.15
N LYS D 545 -40.43 31.76 18.37
CA LYS D 545 -40.74 30.47 18.99
C LYS D 545 -41.84 29.75 18.21
N GLU D 546 -41.96 28.45 18.43
CA GLU D 546 -43.00 27.67 17.76
C GLU D 546 -44.37 28.14 18.19
N GLY D 547 -45.26 28.32 17.23
CA GLY D 547 -46.62 28.79 17.50
C GLY D 547 -46.63 30.21 18.02
N THR D 548 -46.52 31.17 17.10
CA THR D 548 -46.54 32.59 17.44
C THR D 548 -46.83 33.44 16.21
N THR D 549 -47.95 34.16 16.25
CA THR D 549 -48.42 34.94 15.08
C THR D 549 -47.32 35.83 14.49
N ALA D 550 -47.45 36.10 13.19
CA ALA D 550 -46.47 36.90 12.47
C ALA D 550 -46.64 38.40 12.72
N SER D 551 -47.74 38.76 13.37
CA SER D 551 -48.06 40.17 13.58
C SER D 551 -48.00 40.56 15.05
N ASN D 552 -47.03 41.41 15.38
CA ASN D 552 -46.86 41.95 16.73
C ASN D 552 -46.99 40.91 17.84
N ALA D 553 -45.95 40.09 18.01
CA ALA D 553 -45.94 39.10 19.06
C ALA D 553 -45.25 39.65 20.30
N GLU D 554 -45.40 38.95 21.43
CA GLU D 554 -44.86 39.41 22.70
C GLU D 554 -43.35 39.21 22.77
N LEU D 555 -42.70 39.94 23.67
CA LEU D 555 -41.26 39.83 23.90
C LEU D 555 -40.90 38.45 24.45
N ASP D 556 -41.82 37.83 25.16
CA ASP D 556 -41.59 36.51 25.73
C ASP D 556 -41.91 35.42 24.72
N ASN D 557 -42.17 35.83 23.48
CA ASN D 557 -42.48 34.90 22.40
C ASN D 557 -41.40 34.85 21.32
N VAL D 558 -40.31 35.58 21.54
CA VAL D 558 -39.22 35.60 20.56
C VAL D 558 -37.88 35.30 21.22
N MET D 559 -36.91 34.92 20.40
CA MET D 559 -35.57 34.59 20.86
C MET D 559 -34.54 35.51 20.23
N ILE D 560 -33.99 36.41 21.05
CA ILE D 560 -33.01 37.38 20.59
C ILE D 560 -31.61 36.81 20.79
N THR D 561 -30.76 36.95 19.76
CA THR D 561 -29.43 36.35 19.79
C THR D 561 -28.37 37.30 20.31
N ASP D 562 -27.51 36.80 21.19
CA ASP D 562 -26.48 37.63 21.82
C ASP D 562 -25.11 37.42 21.15
N GLU D 563 -24.57 38.51 20.60
CA GLU D 563 -23.24 38.48 19.99
C GLU D 563 -22.21 39.05 20.96
N GLU D 564 -21.95 38.32 22.04
CA GLU D 564 -21.04 38.80 23.08
C GLU D 564 -19.73 38.02 23.14
N GLU D 565 -19.38 37.36 22.05
CA GLU D 565 -18.12 36.64 21.99
C GLU D 565 -17.11 37.41 21.14
N ILE D 566 -17.62 38.37 20.37
CA ILE D 566 -16.78 39.15 19.48
C ILE D 566 -16.44 40.51 20.08
N ARG D 567 -16.52 40.61 21.39
CA ARG D 567 -16.24 41.86 22.10
C ARG D 567 -14.82 42.33 21.89
N THR D 568 -13.92 41.39 21.62
CA THR D 568 -12.48 41.67 21.58
C THR D 568 -12.00 42.18 20.23
N THR D 569 -12.80 42.02 19.19
CA THR D 569 -12.42 42.45 17.85
C THR D 569 -13.39 43.48 17.29
N ASN D 570 -14.60 43.53 17.83
CA ASN D 570 -15.65 44.38 17.28
C ASN D 570 -16.14 45.46 18.24
N PRO D 571 -16.49 46.64 17.68
CA PRO D 571 -17.08 47.74 18.43
C PRO D 571 -18.48 47.39 18.88
N VAL D 572 -18.93 47.97 19.99
CA VAL D 572 -20.28 47.73 20.49
C VAL D 572 -21.31 48.41 19.58
N ALA D 573 -22.36 47.69 19.21
CA ALA D 573 -23.34 48.17 18.23
C ALA D 573 -24.04 49.46 18.63
N THR D 574 -24.42 49.55 19.90
CA THR D 574 -25.16 50.70 20.40
C THR D 574 -24.23 51.83 20.84
N GLU D 575 -23.07 51.46 21.37
CA GLU D 575 -22.07 52.43 21.81
C GLU D 575 -21.42 53.14 20.64
N GLN D 576 -20.65 54.17 20.94
CA GLN D 576 -19.94 54.94 19.92
C GLN D 576 -18.78 54.15 19.32
N TYR D 577 -17.94 54.84 18.56
CA TYR D 577 -16.74 54.22 17.99
C TYR D 577 -15.48 54.75 18.68
N GLY D 578 -15.43 56.06 18.86
CA GLY D 578 -14.29 56.68 19.51
C GLY D 578 -14.27 58.20 19.41
N THR D 579 -13.05 58.74 19.49
CA THR D 579 -12.85 60.19 19.49
C THR D 579 -12.03 60.63 18.28
N VAL D 580 -12.43 61.74 17.67
CA VAL D 580 -11.68 62.31 16.56
C VAL D 580 -11.52 63.81 16.76
N ALA D 581 -10.36 64.34 16.42
CA ALA D 581 -10.12 65.77 16.51
C ALA D 581 -10.69 66.49 15.29
N ASN D 582 -11.08 67.74 15.47
CA ASN D 582 -11.63 68.54 14.38
C ASN D 582 -11.43 70.04 14.55
N ASN D 583 -10.20 70.43 14.87
CA ASN D 583 -9.83 71.84 14.99
C ASN D 583 -8.33 72.00 15.22
N LEU D 584 -7.82 73.21 15.02
CA LEU D 584 -6.41 73.49 15.24
C LEU D 584 -6.19 74.16 16.60
N GLN D 585 -6.03 73.35 17.63
CA GLN D 585 -5.87 73.86 18.99
C GLN D 585 -4.67 74.79 19.12
N SER D 586 -4.79 75.77 20.00
CA SER D 586 -3.72 76.74 20.25
C SER D 586 -4.03 77.55 21.48
N SER D 587 -3.21 78.56 21.75
CA SER D 587 -3.45 79.47 22.85
C SER D 587 -4.79 80.20 22.67
N ASN D 588 -5.17 80.40 21.42
CA ASN D 588 -6.42 81.10 21.10
C ASN D 588 -7.62 80.17 21.07
N THR D 589 -7.37 78.90 20.75
CA THR D 589 -8.46 77.94 20.54
C THR D 589 -8.34 76.72 21.46
N ALA D 590 -9.47 76.31 22.02
CA ALA D 590 -9.52 75.11 22.84
C ALA D 590 -9.76 73.88 21.97
N PRO D 591 -9.02 72.78 22.25
CA PRO D 591 -9.12 71.52 21.50
C PRO D 591 -10.53 70.97 21.47
N THR D 592 -10.98 70.52 20.29
CA THR D 592 -12.34 70.01 20.14
C THR D 592 -12.38 68.51 19.84
N THR D 593 -13.34 67.83 20.44
CA THR D 593 -13.51 66.39 20.25
C THR D 593 -14.84 66.07 19.57
N ARG D 594 -14.80 65.10 18.68
CA ARG D 594 -16.01 64.67 17.97
C ARG D 594 -16.28 63.19 18.20
N THR D 595 -17.50 62.88 18.61
CA THR D 595 -17.91 61.49 18.82
C THR D 595 -18.26 60.84 17.49
N VAL D 596 -17.44 59.88 17.07
CA VAL D 596 -17.64 59.21 15.79
C VAL D 596 -18.70 58.12 15.87
N ASN D 597 -19.72 58.26 15.03
CA ASN D 597 -20.86 57.34 15.04
C ASN D 597 -20.83 56.39 13.85
N ASP D 598 -20.03 56.75 12.85
CA ASP D 598 -19.94 55.95 11.63
C ASP D 598 -18.50 55.88 11.11
N GLN D 599 -17.99 54.65 10.98
CA GLN D 599 -16.61 54.46 10.54
C GLN D 599 -16.51 53.51 9.35
N GLY D 600 -16.04 54.03 8.22
CA GLY D 600 -15.75 53.19 7.08
C GLY D 600 -14.60 52.24 7.39
N ALA D 601 -13.99 51.68 6.34
CA ALA D 601 -12.88 50.76 6.52
C ALA D 601 -11.56 51.49 6.72
N LEU D 602 -10.60 50.81 7.31
CA LEU D 602 -9.29 51.42 7.58
C LEU D 602 -8.15 50.40 7.52
N PRO D 603 -7.02 50.81 6.91
CA PRO D 603 -5.82 49.97 6.86
C PRO D 603 -5.36 49.63 8.27
N GLY D 604 -5.55 48.37 8.67
CA GLY D 604 -5.10 47.92 9.97
C GLY D 604 -6.23 47.40 10.83
N MET D 605 -7.46 47.50 10.33
CA MET D 605 -8.61 47.00 11.07
C MET D 605 -8.70 45.48 10.98
N VAL D 606 -9.15 44.85 12.05
CA VAL D 606 -9.37 43.42 12.08
C VAL D 606 -10.69 43.13 12.77
N TRP D 607 -11.52 42.29 12.16
CA TRP D 607 -12.83 42.01 12.73
C TRP D 607 -13.22 40.55 12.62
N GLN D 608 -14.19 40.15 13.44
CA GLN D 608 -14.76 38.83 13.37
C GLN D 608 -16.15 38.97 12.77
N ASP D 609 -16.55 38.00 11.95
CA ASP D 609 -17.88 38.04 11.34
C ASP D 609 -18.95 37.63 12.36
N ARG D 610 -20.20 37.58 11.92
CA ARG D 610 -21.30 37.19 12.82
C ARG D 610 -21.19 35.74 13.22
N ASP D 611 -22.33 35.12 13.52
CA ASP D 611 -22.34 33.73 13.96
C ASP D 611 -23.47 32.96 13.28
N VAL D 612 -23.30 31.65 13.20
CA VAL D 612 -24.36 30.79 12.68
C VAL D 612 -24.96 29.97 13.79
N TYR D 613 -26.29 29.89 13.80
CA TYR D 613 -26.99 29.15 14.84
C TYR D 613 -27.73 27.98 14.23
N LEU D 614 -28.04 26.99 15.06
CA LEU D 614 -28.66 25.76 14.58
C LEU D 614 -29.79 26.00 13.58
N GLN D 615 -30.47 27.14 13.71
CA GLN D 615 -31.61 27.45 12.84
C GLN D 615 -31.33 28.64 11.91
N GLY D 616 -30.07 29.03 11.79
CA GLY D 616 -29.69 30.15 10.95
C GLY D 616 -29.47 29.77 9.50
N PRO D 617 -29.31 30.78 8.63
CA PRO D 617 -29.02 30.55 7.21
C PRO D 617 -27.66 29.88 7.06
N ILE D 618 -27.45 29.19 5.95
CA ILE D 618 -26.18 28.51 5.70
C ILE D 618 -25.32 29.29 4.70
N TRP D 619 -25.86 29.52 3.52
CA TRP D 619 -25.11 30.22 2.47
C TRP D 619 -25.87 31.41 1.92
N ALA D 620 -25.25 32.10 0.96
CA ALA D 620 -25.87 33.26 0.33
C ALA D 620 -25.17 33.59 -0.99
N LYS D 621 -25.95 33.87 -2.03
CA LYS D 621 -25.39 34.17 -3.34
C LYS D 621 -24.86 35.60 -3.43
N ILE D 622 -23.54 35.73 -3.42
CA ILE D 622 -22.91 37.03 -3.61
C ILE D 622 -23.34 37.63 -4.94
N PRO D 623 -23.96 38.81 -4.89
CA PRO D 623 -24.47 39.51 -6.07
C PRO D 623 -23.38 39.68 -7.14
N HIS D 624 -23.77 39.57 -8.41
CA HIS D 624 -22.80 39.72 -9.49
C HIS D 624 -22.63 41.18 -9.89
N THR D 625 -21.83 41.91 -9.12
CA THR D 625 -21.57 43.31 -9.40
C THR D 625 -20.12 43.55 -9.78
N ASP D 626 -19.77 44.81 -10.02
CA ASP D 626 -18.40 45.17 -10.34
C ASP D 626 -17.47 45.06 -9.14
N GLY D 627 -18.04 45.18 -7.94
CA GLY D 627 -17.22 45.20 -6.74
C GLY D 627 -17.90 44.73 -5.46
N HIS D 628 -17.13 44.08 -4.62
CA HIS D 628 -17.57 43.66 -3.29
C HIS D 628 -16.42 43.96 -2.34
N PHE D 629 -16.73 44.11 -1.06
CA PHE D 629 -15.67 44.35 -0.08
C PHE D 629 -15.27 43.07 0.63
N HIS D 630 -16.02 42.74 1.68
CA HIS D 630 -15.79 41.50 2.42
C HIS D 630 -17.06 40.68 2.32
N PRO D 631 -17.24 40.01 1.17
CA PRO D 631 -18.48 39.35 0.75
C PRO D 631 -18.94 38.22 1.66
N SER D 632 -19.23 38.53 2.91
CA SER D 632 -19.80 37.56 3.84
C SER D 632 -21.25 37.93 4.13
N PRO D 633 -22.17 36.96 3.98
CA PRO D 633 -23.60 37.20 4.17
C PRO D 633 -23.86 37.96 5.48
N LEU D 634 -24.54 39.10 5.39
CA LEU D 634 -24.77 39.93 6.56
C LEU D 634 -25.54 39.19 7.64
N MET D 635 -26.42 38.28 7.23
CA MET D 635 -27.20 37.48 8.17
C MET D 635 -26.35 36.33 8.70
N GLY D 636 -25.18 36.15 8.12
CA GLY D 636 -24.24 35.13 8.57
C GLY D 636 -24.16 33.93 7.63
N GLY D 637 -22.98 33.32 7.57
CA GLY D 637 -22.80 32.13 6.77
C GLY D 637 -21.71 32.24 5.72
N PHE D 638 -21.86 31.46 4.66
CA PHE D 638 -20.85 31.39 3.62
C PHE D 638 -21.30 32.11 2.36
N GLY D 639 -20.55 33.13 1.98
CA GLY D 639 -20.82 33.88 0.77
C GLY D 639 -20.30 33.14 -0.44
N LEU D 640 -21.19 32.78 -1.34
CA LEU D 640 -20.83 31.97 -2.49
C LEU D 640 -21.11 32.67 -3.82
N LYS D 641 -20.11 32.70 -4.69
CA LYS D 641 -20.30 33.18 -6.05
C LYS D 641 -21.32 32.28 -6.74
N HIS D 642 -21.09 30.98 -6.63
CA HIS D 642 -21.96 29.97 -7.23
C HIS D 642 -22.47 29.00 -6.17
N PRO D 643 -23.61 29.33 -5.54
CA PRO D 643 -24.22 28.56 -4.47
C PRO D 643 -25.14 27.47 -5.00
N PRO D 644 -25.46 26.47 -4.18
CA PRO D 644 -26.37 25.38 -4.56
C PRO D 644 -27.55 25.91 -5.36
N PRO D 645 -27.58 25.61 -6.67
CA PRO D 645 -28.59 26.13 -7.60
C PRO D 645 -29.99 25.88 -7.11
N GLN D 646 -30.95 26.58 -7.71
CA GLN D 646 -32.35 26.43 -7.34
C GLN D 646 -32.98 25.22 -8.03
N ILE D 647 -33.67 24.40 -7.26
CA ILE D 647 -34.37 23.24 -7.81
C ILE D 647 -35.87 23.51 -7.88
N MET D 648 -36.40 23.60 -9.10
CA MET D 648 -37.81 23.86 -9.32
C MET D 648 -38.66 22.60 -9.45
N ILE D 649 -39.94 22.75 -9.15
CA ILE D 649 -40.88 21.64 -9.15
C ILE D 649 -42.27 22.18 -9.45
N LYS D 650 -43.06 21.44 -10.21
CA LYS D 650 -44.43 21.83 -10.51
C LYS D 650 -45.23 20.68 -11.10
N ASN D 651 -46.52 20.64 -10.81
CA ASN D 651 -47.39 19.60 -11.33
C ASN D 651 -47.78 19.90 -12.76
N THR D 652 -47.51 18.96 -13.66
CA THR D 652 -47.84 19.14 -15.07
C THR D 652 -49.36 19.29 -15.23
N PRO D 653 -49.78 20.43 -15.81
CA PRO D 653 -51.19 20.76 -16.00
C PRO D 653 -51.94 19.70 -16.78
N VAL D 654 -53.08 19.25 -16.26
CA VAL D 654 -53.91 18.26 -16.94
C VAL D 654 -55.24 18.86 -17.37
N PRO D 655 -55.45 19.02 -18.68
CA PRO D 655 -56.70 19.56 -19.21
C PRO D 655 -57.90 18.74 -18.76
N ALA D 656 -58.90 19.40 -18.22
CA ALA D 656 -60.14 18.75 -17.89
C ALA D 656 -60.83 18.36 -19.19
N ASN D 657 -62.15 18.28 -19.17
CA ASN D 657 -62.89 17.85 -20.35
C ASN D 657 -63.02 18.95 -21.42
N PRO D 658 -62.59 18.63 -22.66
CA PRO D 658 -62.65 19.53 -23.81
C PRO D 658 -63.94 19.38 -24.61
N PRO D 659 -64.35 20.44 -25.33
CA PRO D 659 -65.55 20.50 -26.16
C PRO D 659 -65.38 19.79 -27.51
N THR D 660 -66.48 19.29 -28.07
CA THR D 660 -66.46 18.64 -29.39
C THR D 660 -66.22 19.66 -30.50
N THR D 661 -66.47 20.93 -30.20
CA THR D 661 -66.22 22.01 -31.15
C THR D 661 -64.92 22.74 -30.80
N PHE D 662 -64.18 23.15 -31.83
CA PHE D 662 -62.87 23.78 -31.62
C PHE D 662 -62.98 25.19 -31.03
N SER D 663 -62.13 25.47 -30.04
CA SER D 663 -62.09 26.79 -29.42
C SER D 663 -60.67 27.35 -29.38
N PRO D 664 -60.49 28.55 -29.96
CA PRO D 664 -59.20 29.23 -29.96
C PRO D 664 -58.90 29.85 -28.60
N ALA D 665 -59.93 29.95 -27.77
CA ALA D 665 -59.80 30.57 -26.46
C ALA D 665 -58.76 29.85 -25.60
N LYS D 666 -58.00 30.64 -24.85
CA LYS D 666 -57.01 30.11 -23.91
C LYS D 666 -57.64 29.07 -23.01
N PHE D 667 -56.96 27.94 -22.84
CA PHE D 667 -57.47 26.85 -22.02
C PHE D 667 -57.32 27.19 -20.53
N ALA D 668 -58.40 27.02 -19.77
CA ALA D 668 -58.39 27.35 -18.35
C ALA D 668 -59.19 26.36 -17.50
N SER D 669 -59.66 25.29 -18.13
CA SER D 669 -60.37 24.23 -17.41
C SER D 669 -59.49 23.01 -17.18
N PHE D 670 -58.90 22.90 -15.99
CA PHE D 670 -57.98 21.82 -15.69
C PHE D 670 -58.47 20.91 -14.56
N ILE D 671 -57.95 19.69 -14.54
CA ILE D 671 -58.21 18.75 -13.46
C ILE D 671 -57.36 19.13 -12.25
N THR D 672 -58.01 19.24 -11.10
CA THR D 672 -57.33 19.63 -9.87
C THR D 672 -56.55 18.46 -9.29
N GLN D 673 -55.26 18.69 -9.06
CA GLN D 673 -54.37 17.63 -8.59
C GLN D 673 -53.16 18.18 -7.84
N TYR D 674 -52.66 17.38 -6.90
CA TYR D 674 -51.47 17.74 -6.13
C TYR D 674 -50.49 16.57 -6.12
N SER D 675 -49.21 16.88 -5.96
CA SER D 675 -48.17 15.86 -5.95
C SER D 675 -47.55 15.70 -4.56
N THR D 676 -46.95 14.55 -4.32
CA THR D 676 -46.30 14.27 -3.05
C THR D 676 -45.21 13.23 -3.23
N GLY D 677 -44.23 13.23 -2.34
CA GLY D 677 -43.13 12.29 -2.41
C GLY D 677 -42.04 12.62 -1.42
N GLN D 678 -40.89 11.95 -1.56
CA GLN D 678 -39.77 12.19 -0.67
C GLN D 678 -38.65 12.94 -1.37
N VAL D 679 -37.83 13.61 -0.57
CA VAL D 679 -36.67 14.31 -1.08
C VAL D 679 -35.50 14.03 -0.15
N SER D 680 -34.31 13.91 -0.72
CA SER D 680 -33.11 13.60 0.07
C SER D 680 -31.94 14.52 -0.25
N VAL D 681 -31.34 15.09 0.79
CA VAL D 681 -30.20 15.98 0.62
C VAL D 681 -29.00 15.56 1.47
N GLU D 682 -27.91 15.21 0.80
CA GLU D 682 -26.69 14.77 1.47
C GLU D 682 -25.59 15.82 1.33
N ILE D 683 -25.04 16.25 2.46
CA ILE D 683 -23.98 17.25 2.44
C ILE D 683 -22.75 16.82 3.23
N GLU D 684 -21.58 17.00 2.63
CA GLU D 684 -20.33 16.70 3.30
C GLU D 684 -19.74 17.98 3.86
N TRP D 685 -19.15 17.86 5.05
CA TRP D 685 -18.63 19.01 5.75
C TRP D 685 -17.18 18.81 6.13
N GLU D 686 -16.33 19.73 5.71
CA GLU D 686 -14.93 19.67 6.13
C GLU D 686 -14.82 20.31 7.50
N LEU D 687 -14.00 19.72 8.37
CA LEU D 687 -13.86 20.22 9.74
C LEU D 687 -12.45 20.72 10.02
N GLN D 688 -12.37 21.72 10.90
CA GLN D 688 -11.09 22.19 11.40
C GLN D 688 -10.99 21.83 12.87
N LYS D 689 -10.13 20.85 13.18
CA LYS D 689 -10.00 20.36 14.54
C LYS D 689 -9.41 21.41 15.48
N GLU D 690 -9.56 21.16 16.78
CA GLU D 690 -9.11 22.08 17.82
C GLU D 690 -7.69 21.76 18.26
N ASN D 691 -6.83 22.78 18.24
CA ASN D 691 -5.45 22.61 18.69
C ASN D 691 -5.06 23.73 19.66
N SER D 692 -5.47 23.57 20.92
CA SER D 692 -5.23 24.58 21.94
C SER D 692 -4.42 24.02 23.10
N LYS D 693 -3.53 24.85 23.65
CA LYS D 693 -2.75 24.46 24.82
C LYS D 693 -3.30 25.11 26.08
N ARG D 694 -4.58 25.48 26.03
CA ARG D 694 -5.30 25.96 27.20
C ARG D 694 -5.22 24.92 28.31
N TRP D 695 -4.77 25.32 29.49
CA TRP D 695 -4.66 24.39 30.61
C TRP D 695 -6.02 24.11 31.24
N ASN D 696 -6.67 25.15 31.71
CA ASN D 696 -7.97 25.03 32.35
C ASN D 696 -9.07 24.70 31.35
N PRO D 697 -10.17 24.09 31.82
CA PRO D 697 -11.29 23.71 30.96
C PRO D 697 -11.90 24.91 30.24
N GLU D 698 -12.37 24.69 29.01
CA GLU D 698 -13.09 25.72 28.28
C GLU D 698 -14.59 25.52 28.51
N ILE D 699 -15.40 26.48 28.07
CA ILE D 699 -16.84 26.38 28.26
C ILE D 699 -17.47 25.53 27.17
N GLN D 700 -18.44 24.70 27.57
CA GLN D 700 -19.10 23.78 26.64
C GLN D 700 -20.60 23.99 26.70
N TYR D 701 -21.28 23.77 25.58
CA TYR D 701 -22.73 23.78 25.60
C TYR D 701 -23.24 22.50 26.25
N THR D 702 -24.31 22.62 27.04
CA THR D 702 -24.83 21.48 27.76
C THR D 702 -26.30 21.65 28.12
N SER D 703 -26.98 20.52 28.37
CA SER D 703 -28.36 20.54 28.84
C SER D 703 -28.40 20.65 30.35
N ASN D 704 -29.45 21.28 30.87
CA ASN D 704 -29.63 21.40 32.32
C ASN D 704 -29.95 20.03 32.91
N TYR D 705 -29.03 19.51 33.70
CA TYR D 705 -29.18 18.18 34.29
C TYR D 705 -30.27 18.14 35.35
N ASN D 706 -30.81 19.31 35.68
CA ASN D 706 -31.82 19.42 36.73
C ASN D 706 -33.14 18.76 36.36
N LYS D 707 -33.94 18.44 37.38
CA LYS D 707 -35.27 17.89 37.16
C LYS D 707 -36.08 18.89 36.33
N SER D 708 -36.56 18.45 35.17
CA SER D 708 -37.19 19.38 34.23
C SER D 708 -38.58 18.96 33.76
N VAL D 709 -39.34 19.95 33.31
CA VAL D 709 -40.67 19.73 32.75
C VAL D 709 -40.60 18.92 31.46
N ASN D 710 -40.35 19.63 30.36
CA ASN D 710 -40.20 19.01 29.05
C ASN D 710 -38.72 18.91 28.70
N VAL D 711 -38.40 18.00 27.79
CA VAL D 711 -37.02 17.80 27.37
C VAL D 711 -36.63 18.77 26.25
N ASP D 712 -35.48 19.42 26.42
CA ASP D 712 -35.00 20.39 25.43
C ASP D 712 -34.91 19.78 24.05
N PHE D 713 -35.51 20.47 23.07
CA PHE D 713 -35.51 20.01 21.68
C PHE D 713 -36.24 18.68 21.55
N THR D 714 -37.56 18.74 21.66
CA THR D 714 -38.38 17.55 21.71
C THR D 714 -39.85 17.87 21.42
N VAL D 715 -40.61 16.84 21.06
CA VAL D 715 -42.05 16.98 20.90
C VAL D 715 -42.73 17.08 22.26
N ASP D 716 -43.95 17.59 22.28
CA ASP D 716 -44.70 17.77 23.52
C ASP D 716 -45.79 16.72 23.69
N THR D 717 -46.82 17.07 24.45
CA THR D 717 -47.89 16.14 24.78
C THR D 717 -48.77 15.78 23.58
N ASN D 718 -48.81 16.67 22.59
CA ASN D 718 -49.61 16.41 21.39
C ASN D 718 -48.84 16.46 20.08
N GLY D 719 -47.53 16.22 20.16
CA GLY D 719 -46.71 16.03 18.97
C GLY D 719 -46.31 17.28 18.22
N VAL D 720 -45.53 18.14 18.87
CA VAL D 720 -45.01 19.35 18.23
C VAL D 720 -43.55 19.58 18.64
N TYR D 721 -42.64 19.44 17.68
CA TYR D 721 -41.22 19.70 17.93
C TYR D 721 -41.03 21.19 18.18
N SER D 722 -40.16 21.52 19.14
CA SER D 722 -39.91 22.91 19.49
C SER D 722 -38.44 23.13 19.86
N GLU D 723 -37.83 24.14 19.24
CA GLU D 723 -36.44 24.51 19.55
C GLU D 723 -36.42 25.58 20.64
N PRO D 724 -36.08 25.18 21.87
CA PRO D 724 -36.03 26.06 23.04
C PRO D 724 -35.27 27.36 22.79
N ARG D 725 -33.95 27.28 22.67
CA ARG D 725 -33.12 28.47 22.52
C ARG D 725 -32.32 28.45 21.22
N PRO D 726 -31.78 29.62 20.83
CA PRO D 726 -30.82 29.66 19.72
C PRO D 726 -29.49 29.08 20.17
N ILE D 727 -28.73 28.49 19.24
CA ILE D 727 -27.44 27.90 19.58
C ILE D 727 -26.28 28.60 18.87
N GLY D 728 -25.41 29.23 19.65
CA GLY D 728 -24.22 29.87 19.11
C GLY D 728 -23.27 28.83 18.56
N THR D 729 -22.10 29.28 18.12
CA THR D 729 -21.11 28.37 17.57
C THR D 729 -19.76 28.56 18.26
N ARG D 730 -19.65 29.66 18.99
CA ARG D 730 -18.39 30.04 19.61
C ARG D 730 -18.33 29.65 21.08
N TYR D 731 -17.78 28.46 21.34
CA TYR D 731 -17.60 27.96 22.71
C TYR D 731 -16.14 27.68 23.02
N LEU D 732 -15.33 27.52 21.99
CA LEU D 732 -13.92 27.21 22.16
C LEU D 732 -13.06 28.46 21.99
N THR D 733 -11.93 28.52 22.70
CA THR D 733 -11.09 29.71 22.69
C THR D 733 -9.78 29.55 21.93
N ARG D 734 -9.48 30.54 21.09
CA ARG D 734 -8.22 30.63 20.39
C ARG D 734 -7.65 32.03 20.63
N ASN D 735 -6.33 32.17 20.53
CA ASN D 735 -5.70 33.46 20.79
C ASN D 735 -5.74 34.39 19.59
N LEU D 736 -5.06 35.52 19.70
CA LEU D 736 -4.97 36.49 18.60
C LEU D 736 -3.58 36.47 17.97
N GLY E 217 22.00 3.89 28.44
CA GLY E 217 22.66 5.11 27.99
C GLY E 217 23.85 5.48 28.86
N ALA E 218 24.89 6.01 28.22
CA ALA E 218 26.11 6.40 28.93
C ALA E 218 26.77 7.63 28.32
N ASP E 219 26.76 8.74 29.06
CA ASP E 219 27.39 9.98 28.61
C ASP E 219 28.19 10.68 29.71
N GLY E 220 28.36 11.99 29.58
CA GLY E 220 29.28 12.72 30.45
C GLY E 220 28.69 13.67 31.48
N VAL E 221 29.56 14.53 32.00
CA VAL E 221 29.20 15.46 33.08
C VAL E 221 28.40 16.65 32.56
N GLY E 222 28.96 17.36 31.60
CA GLY E 222 28.29 18.52 31.02
C GLY E 222 27.44 18.15 29.81
N ASN E 223 26.64 17.10 29.97
CA ASN E 223 25.75 16.64 28.91
C ASN E 223 24.46 16.07 29.48
N SER E 224 23.36 16.78 29.30
CA SER E 224 22.07 16.36 29.82
C SER E 224 21.66 14.98 29.32
N SER E 225 21.29 14.10 30.25
CA SER E 225 20.90 12.73 29.91
C SER E 225 19.42 12.60 29.59
N GLY E 226 18.78 13.68 29.16
CA GLY E 226 17.37 13.65 28.81
C GLY E 226 16.76 15.02 28.61
N ASN E 227 15.62 15.05 27.90
CA ASN E 227 14.89 16.29 27.66
C ASN E 227 13.56 16.36 28.39
N TRP E 228 12.97 17.54 28.43
CA TRP E 228 11.70 17.76 29.11
C TRP E 228 10.53 17.43 28.20
N HIS E 229 10.06 16.19 28.26
CA HIS E 229 8.92 15.77 27.45
C HIS E 229 7.62 15.80 28.26
N CYS E 230 6.85 16.86 28.08
CA CYS E 230 5.55 16.95 28.72
C CYS E 230 4.52 17.52 27.74
N ASP E 231 3.69 16.64 27.19
CA ASP E 231 2.71 17.03 26.19
C ASP E 231 1.73 15.89 25.98
N SER E 232 0.61 16.21 25.34
CA SER E 232 -0.37 15.19 24.98
C SER E 232 -1.10 15.58 23.71
N GLN E 233 -1.16 14.65 22.77
CA GLN E 233 -1.93 14.84 21.55
C GLN E 233 -2.85 13.65 21.36
N TRP E 234 -3.88 13.82 20.51
CA TRP E 234 -4.91 12.81 20.37
C TRP E 234 -4.85 12.13 19.00
N LEU E 235 -5.30 10.89 18.95
CA LEU E 235 -5.33 10.12 17.70
C LEU E 235 -6.75 9.74 17.32
N GLY E 236 -7.73 10.29 18.05
CA GLY E 236 -9.13 10.00 17.81
C GLY E 236 -9.48 8.57 18.20
N ASP E 237 -8.51 7.67 18.05
CA ASP E 237 -8.68 6.27 18.39
C ASP E 237 -8.01 5.99 19.73
N ARG E 238 -7.07 6.86 20.10
CA ARG E 238 -6.31 6.70 21.32
C ARG E 238 -5.61 8.01 21.68
N VAL E 239 -5.07 8.09 22.88
CA VAL E 239 -4.39 9.30 23.33
C VAL E 239 -3.14 8.99 24.14
N ILE E 240 -2.05 9.70 23.83
CA ILE E 240 -0.79 9.51 24.52
C ILE E 240 -0.48 10.67 25.45
N THR E 241 -0.31 10.37 26.72
CA THR E 241 -0.02 11.38 27.73
C THR E 241 1.43 11.31 28.18
N THR E 242 2.17 12.37 27.90
CA THR E 242 3.57 12.47 28.33
C THR E 242 3.69 13.47 29.47
N SER E 243 4.37 13.07 30.54
CA SER E 243 4.50 13.93 31.72
C SER E 243 5.93 13.92 32.28
N THR E 244 6.44 15.10 32.57
CA THR E 244 7.77 15.24 33.18
C THR E 244 7.72 16.16 34.40
N ARG E 245 8.34 15.73 35.48
CA ARG E 245 8.38 16.51 36.71
C ARG E 245 9.78 16.50 37.30
N THR E 246 10.05 17.47 38.16
CA THR E 246 11.32 17.51 38.87
C THR E 246 11.12 16.91 40.27
N TRP E 247 12.06 16.05 40.66
CA TRP E 247 11.95 15.35 41.94
C TRP E 247 13.16 15.62 42.82
N ALA E 248 12.98 15.46 44.13
CA ALA E 248 14.07 15.58 45.08
C ALA E 248 14.02 14.43 46.07
N LEU E 249 15.20 13.90 46.42
CA LEU E 249 15.27 12.74 47.31
C LEU E 249 16.28 12.91 48.44
N PRO E 250 15.79 12.88 49.69
CA PRO E 250 16.61 12.95 50.89
C PRO E 250 17.22 11.60 51.21
N THR E 251 17.97 11.53 52.29
CA THR E 251 18.45 10.25 52.81
C THR E 251 17.51 9.81 53.92
N TYR E 252 16.67 8.81 53.65
CA TYR E 252 15.70 8.36 54.61
C TYR E 252 16.30 7.38 55.63
N ASN E 253 15.71 7.36 56.82
CA ASN E 253 16.11 6.43 57.88
C ASN E 253 17.61 6.36 58.13
N ASN E 254 18.34 7.38 57.71
CA ASN E 254 19.77 7.45 57.97
C ASN E 254 20.49 6.20 57.46
N HIS E 255 20.22 5.84 56.20
CA HIS E 255 20.84 4.68 55.58
C HIS E 255 20.58 3.40 56.38
N LEU E 256 19.45 3.33 57.07
CA LEU E 256 19.16 2.20 57.95
C LEU E 256 17.77 1.61 57.74
N TYR E 257 17.67 0.29 57.88
CA TYR E 257 16.39 -0.40 57.92
C TYR E 257 15.95 -0.45 59.38
N LYS E 258 14.75 0.05 59.67
CA LYS E 258 14.28 0.10 61.05
C LYS E 258 13.00 -0.72 61.25
N GLN E 259 12.96 -1.48 62.34
CA GLN E 259 11.77 -2.24 62.71
C GLN E 259 10.77 -1.31 63.38
N ILE E 260 9.63 -1.10 62.72
CA ILE E 260 8.57 -0.28 63.30
C ILE E 260 7.40 -1.15 63.75
N SER E 261 6.62 -0.64 64.69
CA SER E 261 5.52 -1.39 65.28
C SER E 261 4.57 -0.47 66.01
N SER E 262 3.48 -1.05 66.50
CA SER E 262 2.46 -0.30 67.23
C SER E 262 2.95 0.10 68.62
N GLN E 263 2.50 1.26 69.08
CA GLN E 263 2.87 1.76 70.39
C GLN E 263 2.43 0.78 71.47
N SER E 264 3.25 0.63 72.50
CA SER E 264 2.93 -0.25 73.62
C SER E 264 1.63 0.19 74.29
N GLY E 265 0.51 -0.36 73.85
CA GLY E 265 -0.79 -0.02 74.40
C GLY E 265 -1.23 1.40 74.09
N ALA E 266 -1.29 1.74 72.81
CA ALA E 266 -1.77 3.05 72.38
C ALA E 266 -3.08 2.93 71.61
N SER E 267 -3.27 1.78 70.96
CA SER E 267 -4.47 1.55 70.18
C SER E 267 -4.64 0.06 69.88
N ASN E 268 -5.89 -0.38 69.67
CA ASN E 268 -6.18 -1.80 69.48
C ASN E 268 -6.47 -2.22 68.03
N ASP E 269 -7.36 -1.49 67.37
CA ASP E 269 -7.68 -1.79 65.97
C ASP E 269 -6.62 -1.24 65.04
N ASN E 270 -5.62 -0.59 65.62
CA ASN E 270 -4.57 0.04 64.84
C ASN E 270 -3.20 -0.58 65.12
N HIS E 271 -3.19 -1.75 65.75
CA HIS E 271 -1.95 -2.47 65.98
C HIS E 271 -1.32 -2.84 64.64
N TYR E 272 0.01 -2.90 64.62
CA TYR E 272 0.73 -3.21 63.40
C TYR E 272 2.19 -3.56 63.64
N PHE E 273 2.80 -4.19 62.64
CA PHE E 273 4.22 -4.51 62.68
C PHE E 273 4.81 -4.51 61.27
N GLY E 274 5.93 -3.82 61.08
CA GLY E 274 6.58 -3.74 59.80
C GLY E 274 7.97 -3.16 59.87
N TYR E 275 8.44 -2.58 58.77
CA TYR E 275 9.78 -2.03 58.71
C TYR E 275 9.85 -0.75 57.90
N SER E 276 10.86 0.07 58.20
CA SER E 276 11.09 1.31 57.47
C SER E 276 12.39 1.21 56.68
N THR E 277 12.30 1.43 55.37
CA THR E 277 13.46 1.26 54.50
C THR E 277 14.07 2.58 54.09
N PRO E 278 15.39 2.59 53.85
CA PRO E 278 16.14 3.77 53.42
C PRO E 278 15.84 4.15 51.97
N TRP E 279 14.93 3.42 51.33
CA TRP E 279 14.61 3.64 49.93
C TRP E 279 13.43 4.58 49.74
N GLY E 280 13.41 5.28 48.62
CA GLY E 280 12.28 6.09 48.20
C GLY E 280 11.62 5.41 47.01
N TYR E 281 10.56 6.00 46.49
CA TYR E 281 9.86 5.39 45.36
C TYR E 281 9.10 6.42 44.53
N PHE E 282 8.82 6.06 43.28
CA PHE E 282 8.10 6.94 42.39
C PHE E 282 6.66 6.49 42.25
N ASP E 283 5.75 7.45 42.16
CA ASP E 283 4.34 7.13 42.03
C ASP E 283 3.61 8.16 41.18
N PHE E 284 2.62 7.70 40.42
CA PHE E 284 1.80 8.58 39.61
C PHE E 284 0.41 7.97 39.46
N ASN E 285 -0.02 7.25 40.50
CA ASN E 285 -1.31 6.58 40.50
C ASN E 285 -2.47 7.56 40.69
N ARG E 286 -2.35 8.74 40.09
CA ARG E 286 -3.39 9.74 40.10
C ARG E 286 -3.59 10.22 38.67
N PHE E 287 -4.83 10.38 38.24
CA PHE E 287 -5.09 10.79 36.87
C PHE E 287 -4.51 12.16 36.54
N HIS E 288 -4.52 13.08 37.50
CA HIS E 288 -4.05 14.43 37.26
C HIS E 288 -2.53 14.47 37.05
N CYS E 289 -1.90 13.33 37.27
CA CYS E 289 -0.46 13.19 37.01
C CYS E 289 -0.20 13.22 35.51
N HIS E 290 -1.20 12.83 34.72
CA HIS E 290 -1.03 12.64 33.27
C HIS E 290 -1.91 13.55 32.43
N PHE E 291 -3.18 13.68 32.83
CA PHE E 291 -4.11 14.53 32.09
C PHE E 291 -4.16 15.94 32.65
N SER E 292 -4.23 16.92 31.77
CA SER E 292 -4.47 18.29 32.19
C SER E 292 -5.97 18.48 32.34
N PRO E 293 -6.38 19.53 33.07
CA PRO E 293 -7.80 19.84 33.22
C PRO E 293 -8.52 19.81 31.87
N ARG E 294 -7.95 20.51 30.89
CA ARG E 294 -8.56 20.60 29.56
C ARG E 294 -8.69 19.22 28.90
N ASP E 295 -7.60 18.47 28.87
CA ASP E 295 -7.60 17.13 28.28
C ASP E 295 -8.68 16.27 28.91
N TRP E 296 -8.72 16.28 30.23
CA TRP E 296 -9.71 15.52 30.96
C TRP E 296 -11.11 15.88 30.48
N GLN E 297 -11.32 17.15 30.15
CA GLN E 297 -12.61 17.60 29.63
C GLN E 297 -12.93 16.93 28.29
N ARG E 298 -12.03 17.05 27.33
CA ARG E 298 -12.20 16.40 26.04
C ARG E 298 -12.52 14.93 26.23
N LEU E 299 -11.69 14.27 27.02
CA LEU E 299 -11.87 12.85 27.33
C LEU E 299 -13.29 12.57 27.81
N ILE E 300 -13.67 13.22 28.90
CA ILE E 300 -14.96 12.99 29.55
C ILE E 300 -16.14 13.20 28.62
N ASN E 301 -16.13 14.33 27.90
CA ASN E 301 -17.28 14.76 27.13
C ASN E 301 -17.45 14.07 25.79
N ASN E 302 -16.53 13.16 25.46
CA ASN E 302 -16.51 12.60 24.10
C ASN E 302 -16.50 11.08 24.00
N ASN E 303 -16.05 10.40 25.04
CA ASN E 303 -15.81 8.95 24.94
C ASN E 303 -16.65 8.07 25.86
N TRP E 304 -17.25 7.03 25.27
CA TRP E 304 -17.98 6.02 26.01
C TRP E 304 -17.15 5.43 27.15
N GLY E 305 -15.86 5.21 26.88
CA GLY E 305 -14.97 4.62 27.86
C GLY E 305 -13.51 4.74 27.46
N PHE E 306 -12.61 4.32 28.34
CA PHE E 306 -11.18 4.40 28.08
C PHE E 306 -10.38 3.42 28.93
N ARG E 307 -9.09 3.27 28.63
CA ARG E 307 -8.23 2.32 29.34
C ARG E 307 -6.75 2.60 29.08
N PRO E 308 -5.88 2.08 29.97
CA PRO E 308 -4.42 2.17 29.82
C PRO E 308 -3.90 1.11 28.85
N LYS E 309 -2.81 1.43 28.16
CA LYS E 309 -2.22 0.51 27.20
C LYS E 309 -0.73 0.25 27.41
N LYS E 310 0.09 1.29 27.20
CA LYS E 310 1.53 1.16 27.34
C LYS E 310 2.09 2.12 28.38
N LEU E 311 3.39 2.00 28.65
CA LEU E 311 4.04 2.83 29.66
C LEU E 311 5.54 3.01 29.38
N SER E 312 6.03 4.23 29.59
CA SER E 312 7.45 4.54 29.39
C SER E 312 8.00 5.37 30.54
N PHE E 313 8.90 4.77 31.30
CA PHE E 313 9.47 5.42 32.46
C PHE E 313 10.93 5.83 32.20
N LYS E 314 11.25 7.07 32.53
CA LYS E 314 12.60 7.58 32.27
C LYS E 314 13.12 8.48 33.40
N LEU E 315 14.34 8.20 33.85
CA LEU E 315 15.00 9.00 34.86
C LEU E 315 16.27 9.63 34.29
N PHE E 316 16.46 10.92 34.53
CA PHE E 316 17.58 11.63 33.92
C PHE E 316 17.98 12.91 34.64
N ASN E 317 18.99 13.60 34.09
CA ASN E 317 19.49 14.86 34.62
C ASN E 317 19.75 14.81 36.13
N ILE E 318 20.31 13.69 36.56
CA ILE E 318 20.56 13.46 37.99
C ILE E 318 21.72 14.30 38.52
N GLN E 319 21.51 14.87 39.70
CA GLN E 319 22.53 15.67 40.38
C GLN E 319 22.57 15.27 41.85
N VAL E 320 23.76 14.99 42.36
CA VAL E 320 23.90 14.65 43.77
C VAL E 320 24.59 15.78 44.54
N LYS E 321 23.82 16.48 45.35
CA LYS E 321 24.35 17.57 46.16
C LYS E 321 24.59 17.09 47.59
N GLU E 322 25.79 17.38 48.10
CA GLU E 322 26.10 17.07 49.49
C GLU E 322 26.20 18.35 50.32
N VAL E 323 25.57 18.35 51.48
CA VAL E 323 25.47 19.54 52.31
C VAL E 323 26.32 19.43 53.57
N THR E 324 26.89 20.57 53.98
CA THR E 324 27.69 20.62 55.19
C THR E 324 27.31 21.83 56.05
N GLN E 325 27.04 21.57 57.32
CA GLN E 325 26.75 22.63 58.28
C GLN E 325 28.04 23.00 59.02
N ASN E 326 28.71 24.04 58.56
CA ASN E 326 30.01 24.43 59.10
C ASN E 326 29.93 25.16 60.45
N ASP E 327 29.42 26.39 60.42
CA ASP E 327 29.23 27.16 61.64
C ASP E 327 27.75 27.40 61.88
N GLY E 328 27.22 28.44 61.25
CA GLY E 328 25.80 28.71 61.28
C GLY E 328 25.29 28.86 59.87
N THR E 329 26.03 28.29 58.92
CA THR E 329 25.73 28.41 57.51
C THR E 329 25.77 27.06 56.79
N THR E 330 24.67 26.70 56.14
CA THR E 330 24.60 25.47 55.36
C THR E 330 25.07 25.71 53.94
N THR E 331 26.19 25.07 53.59
CA THR E 331 26.72 25.16 52.24
C THR E 331 26.38 23.89 51.44
N ILE E 332 25.93 24.06 50.22
CA ILE E 332 25.58 22.94 49.36
C ILE E 332 26.45 22.94 48.10
N ALA E 333 27.00 21.79 47.75
CA ALA E 333 27.88 21.69 46.58
C ALA E 333 27.67 20.39 45.81
N ASN E 334 28.53 20.16 44.83
CA ASN E 334 28.43 19.00 43.96
C ASN E 334 29.36 17.85 44.34
N ASN E 335 28.80 16.68 44.57
CA ASN E 335 29.58 15.47 44.73
C ASN E 335 29.42 14.61 43.48
N LEU E 336 30.21 14.93 42.47
CA LEU E 336 30.07 14.30 41.16
C LEU E 336 30.27 12.79 41.20
N THR E 337 31.27 12.35 41.96
CA THR E 337 31.62 10.93 42.01
C THR E 337 30.62 10.09 42.80
N SER E 338 29.50 10.69 43.19
CA SER E 338 28.49 9.95 43.96
C SER E 338 27.41 9.38 43.04
N THR E 339 26.81 8.28 43.48
CA THR E 339 25.82 7.57 42.65
C THR E 339 24.46 7.46 43.34
N VAL E 340 23.46 7.05 42.55
CA VAL E 340 22.13 6.77 43.07
C VAL E 340 21.71 5.41 42.54
N GLN E 341 20.79 4.74 43.23
CA GLN E 341 20.43 3.37 42.86
C GLN E 341 18.95 3.19 42.53
N VAL E 342 18.68 2.58 41.39
CA VAL E 342 17.31 2.34 40.95
C VAL E 342 17.09 0.86 40.63
N PHE E 343 15.88 0.38 40.87
CA PHE E 343 15.47 -0.94 40.41
C PHE E 343 13.96 -1.08 40.44
N THR E 344 13.43 -1.94 39.57
CA THR E 344 12.00 -2.09 39.43
C THR E 344 11.55 -3.48 39.83
N ASP E 345 10.63 -3.56 40.79
CA ASP E 345 10.09 -4.83 41.24
C ASP E 345 9.15 -5.39 40.18
N SER E 346 9.71 -6.12 39.22
CA SER E 346 8.93 -6.68 38.12
C SER E 346 8.52 -8.11 38.40
N GLU E 347 9.22 -8.75 39.33
CA GLU E 347 8.87 -10.11 39.76
C GLU E 347 7.82 -10.05 40.86
N TYR E 348 7.45 -8.83 41.24
CA TYR E 348 6.47 -8.58 42.28
C TYR E 348 6.81 -9.33 43.57
N GLN E 349 8.03 -9.14 44.03
CA GLN E 349 8.51 -9.84 45.22
C GLN E 349 8.51 -8.93 46.44
N LEU E 350 8.46 -7.62 46.20
CA LEU E 350 8.31 -6.65 47.29
C LEU E 350 6.84 -6.30 47.47
N PRO E 351 6.40 -6.18 48.74
CA PRO E 351 5.02 -5.84 49.07
C PRO E 351 4.55 -4.63 48.26
N TYR E 352 3.46 -4.80 47.52
CA TYR E 352 2.92 -3.72 46.72
C TYR E 352 2.21 -2.72 47.60
N VAL E 353 2.81 -1.54 47.72
CA VAL E 353 2.32 -0.51 48.64
C VAL E 353 1.58 0.59 47.90
N LEU E 354 1.52 0.47 46.57
CA LEU E 354 0.80 1.43 45.74
C LEU E 354 -0.68 1.11 45.70
N GLY E 355 -1.48 2.04 45.18
CA GLY E 355 -2.91 1.85 45.09
C GLY E 355 -3.57 1.89 46.46
N SER E 356 -3.02 2.70 47.35
CA SER E 356 -3.57 2.88 48.69
C SER E 356 -3.82 4.36 49.00
N ALA E 357 -3.95 5.16 47.95
CA ALA E 357 -4.29 6.57 48.08
C ALA E 357 -3.24 7.38 48.84
N HIS E 358 -2.02 6.84 48.90
CA HIS E 358 -0.93 7.54 49.59
C HIS E 358 -0.54 8.80 48.84
N GLN E 359 0.19 9.67 49.53
CA GLN E 359 0.64 10.92 48.94
C GLN E 359 2.07 10.80 48.44
N GLY E 360 2.50 11.76 47.63
CA GLY E 360 3.85 11.73 47.07
C GLY E 360 3.85 11.47 45.58
N CYS E 361 2.67 11.51 44.98
CA CYS E 361 2.53 11.33 43.54
C CYS E 361 3.19 12.48 42.79
N LEU E 362 2.98 12.51 41.48
CA LEU E 362 3.47 13.63 40.69
C LEU E 362 2.52 14.80 40.82
N PRO E 363 3.07 16.02 40.95
CA PRO E 363 2.27 17.24 41.08
C PRO E 363 1.30 17.41 39.90
N PRO E 364 0.05 17.80 40.19
CA PRO E 364 -0.91 18.07 39.12
C PRO E 364 -0.34 19.12 38.18
N PHE E 365 0.20 20.19 38.75
CA PHE E 365 0.81 21.26 37.98
C PHE E 365 2.26 20.93 37.66
N PRO E 366 2.61 21.01 36.37
CA PRO E 366 3.93 20.63 35.85
C PRO E 366 5.08 21.42 36.47
N ALA E 367 4.83 22.69 36.78
CA ALA E 367 5.88 23.57 37.30
C ALA E 367 6.26 23.25 38.75
N ASP E 368 5.40 22.50 39.43
CA ASP E 368 5.64 22.18 40.84
C ASP E 368 6.72 21.11 41.02
N VAL E 369 7.49 21.23 42.09
CA VAL E 369 8.51 20.24 42.44
C VAL E 369 7.99 19.38 43.59
N PHE E 370 8.38 18.11 43.61
CA PHE E 370 7.91 17.18 44.64
C PHE E 370 9.04 16.42 45.34
N MET E 371 8.76 15.98 46.57
CA MET E 371 9.70 15.18 47.33
C MET E 371 9.37 13.71 47.14
N VAL E 372 10.38 12.90 46.88
CA VAL E 372 10.17 11.47 46.67
C VAL E 372 9.91 10.76 48.00
N PRO E 373 8.73 10.12 48.13
CA PRO E 373 8.28 9.47 49.36
C PRO E 373 9.24 8.38 49.83
N GLN E 374 9.01 7.88 51.05
CA GLN E 374 9.83 6.80 51.59
C GLN E 374 9.08 5.48 51.56
N TYR E 375 9.81 4.39 51.38
CA TYR E 375 9.21 3.06 51.32
C TYR E 375 9.07 2.44 52.71
N GLY E 376 7.86 2.01 53.04
CA GLY E 376 7.61 1.30 54.27
C GLY E 376 6.53 0.26 54.05
N TYR E 377 6.71 -0.92 54.64
CA TYR E 377 5.75 -2.00 54.43
C TYR E 377 5.33 -2.67 55.73
N LEU E 378 4.20 -3.37 55.67
CA LEU E 378 3.64 -4.04 56.83
C LEU E 378 3.72 -5.55 56.65
N THR E 379 3.52 -6.28 57.74
CA THR E 379 3.57 -7.73 57.70
C THR E 379 2.53 -8.33 58.65
N LEU E 380 2.40 -9.64 58.62
CA LEU E 380 1.53 -10.35 59.53
C LEU E 380 1.90 -10.00 60.97
N ASN E 381 0.90 -9.71 61.80
CA ASN E 381 1.15 -9.36 63.20
C ASN E 381 0.10 -9.90 64.18
N ASN E 382 0.54 -10.15 65.41
CA ASN E 382 -0.35 -10.57 66.49
C ASN E 382 -0.40 -9.50 67.56
N GLY E 383 -1.16 -8.44 67.31
CA GLY E 383 -1.18 -7.29 68.19
C GLY E 383 0.01 -6.40 67.90
N SER E 384 0.78 -6.11 68.94
CA SER E 384 2.00 -5.33 68.78
C SER E 384 3.15 -6.24 68.36
N GLN E 385 2.97 -7.53 68.56
CA GLN E 385 3.97 -8.53 68.24
C GLN E 385 3.83 -9.04 66.81
N ALA E 386 4.80 -9.84 66.37
CA ALA E 386 4.77 -10.44 65.06
C ALA E 386 4.76 -11.96 65.17
N VAL E 387 4.36 -12.63 64.09
CA VAL E 387 4.34 -14.08 64.05
C VAL E 387 5.61 -14.58 63.40
N GLY E 388 5.89 -15.88 63.54
CA GLY E 388 7.06 -16.48 62.92
C GLY E 388 6.95 -16.50 61.41
N ARG E 389 5.73 -16.37 60.90
CA ARG E 389 5.48 -16.40 59.46
C ARG E 389 5.61 -15.02 58.82
N SER E 390 5.97 -14.02 59.62
CA SER E 390 6.17 -12.67 59.09
C SER E 390 7.38 -12.65 58.16
N SER E 391 7.49 -11.60 57.35
CA SER E 391 8.54 -11.52 56.35
C SER E 391 9.34 -10.21 56.40
N PHE E 392 10.66 -10.34 56.41
CA PHE E 392 11.56 -9.18 56.41
C PHE E 392 12.22 -9.04 55.04
N TYR E 393 12.11 -7.86 54.45
CA TYR E 393 12.63 -7.64 53.10
C TYR E 393 13.76 -6.60 53.07
N CYS E 394 14.85 -6.98 52.41
CA CYS E 394 15.97 -6.08 52.20
C CYS E 394 16.11 -5.75 50.72
N LEU E 395 15.91 -4.48 50.39
CA LEU E 395 15.95 -4.04 49.00
C LEU E 395 17.37 -3.99 48.45
N GLU E 396 18.35 -4.28 49.31
CA GLU E 396 19.74 -4.32 48.89
C GLU E 396 20.06 -5.67 48.27
N TYR E 397 19.21 -6.65 48.58
CA TYR E 397 19.37 -8.00 48.04
C TYR E 397 18.73 -8.08 46.66
N PHE E 398 18.40 -6.92 46.11
CA PHE E 398 17.89 -6.82 44.76
C PHE E 398 18.94 -6.17 43.88
N PRO E 399 19.19 -6.77 42.70
CA PRO E 399 20.06 -6.14 41.71
C PRO E 399 19.53 -4.76 41.32
N SER E 400 20.36 -3.74 41.49
CA SER E 400 19.94 -2.38 41.15
C SER E 400 21.01 -1.68 40.30
N GLN E 401 20.56 -0.79 39.42
CA GLN E 401 21.46 -0.02 38.58
C GLN E 401 21.89 1.25 39.30
N MET E 402 23.19 1.45 39.42
CA MET E 402 23.74 2.64 40.04
C MET E 402 24.09 3.69 38.99
N LEU E 403 23.70 4.93 39.25
CA LEU E 403 23.87 6.00 38.27
C LEU E 403 24.69 7.17 38.81
N ARG E 404 25.64 7.62 38.00
CA ARG E 404 26.39 8.83 38.29
C ARG E 404 25.75 9.95 37.47
N THR E 405 26.27 11.16 37.60
CA THR E 405 25.74 12.28 36.83
C THR E 405 26.01 12.08 35.35
N GLY E 406 24.95 11.97 34.56
CA GLY E 406 25.09 11.72 33.14
C GLY E 406 24.56 10.35 32.78
N ASN E 407 24.23 9.58 33.81
CA ASN E 407 23.57 8.30 33.61
C ASN E 407 22.06 8.46 33.66
N ASN E 408 21.35 7.58 32.97
CA ASN E 408 19.89 7.62 32.97
C ASN E 408 19.26 6.24 33.12
N PHE E 409 17.98 6.21 33.46
CA PHE E 409 17.27 4.96 33.69
C PHE E 409 16.09 4.81 32.74
N GLN E 410 15.92 3.61 32.19
CA GLN E 410 14.90 3.37 31.19
C GLN E 410 14.00 2.19 31.58
N PHE E 411 12.71 2.30 31.28
CA PHE E 411 11.78 1.22 31.60
C PHE E 411 10.48 1.26 30.78
N SER E 412 10.12 0.13 30.19
CA SER E 412 8.88 0.01 29.41
C SER E 412 7.97 -1.11 29.91
N TYR E 413 6.68 -0.81 30.02
CA TYR E 413 5.70 -1.73 30.59
C TYR E 413 4.47 -1.81 29.69
N THR E 414 3.80 -2.95 29.70
CA THR E 414 2.61 -3.15 28.88
C THR E 414 1.41 -3.63 29.70
N PHE E 415 0.39 -2.78 29.80
CA PHE E 415 -0.82 -3.10 30.55
C PHE E 415 -1.49 -4.36 30.02
N GLU E 416 -2.15 -5.09 30.91
CA GLU E 416 -2.89 -6.28 30.53
C GLU E 416 -4.28 -5.89 30.03
N ASP E 417 -5.08 -6.88 29.65
CA ASP E 417 -6.44 -6.63 29.21
C ASP E 417 -7.34 -6.30 30.39
N VAL E 418 -7.86 -5.08 30.41
CA VAL E 418 -8.74 -4.64 31.49
C VAL E 418 -9.89 -3.78 30.95
N PRO E 419 -11.13 -4.18 31.27
CA PRO E 419 -12.38 -3.56 30.80
C PRO E 419 -12.40 -2.03 30.87
N PHE E 420 -12.88 -1.41 29.80
CA PHE E 420 -13.01 0.04 29.73
C PHE E 420 -13.74 0.56 30.96
N HIS E 421 -13.42 1.78 31.37
CA HIS E 421 -14.19 2.41 32.43
C HIS E 421 -15.48 2.98 31.86
N SER E 422 -16.47 3.16 32.73
CA SER E 422 -17.76 3.70 32.32
C SER E 422 -17.75 5.22 32.33
N SER E 423 -17.40 5.82 31.20
CA SER E 423 -17.47 7.26 31.04
C SER E 423 -18.86 7.63 30.54
N TYR E 424 -19.83 6.81 30.90
CA TYR E 424 -21.22 7.00 30.48
C TYR E 424 -22.20 6.80 31.63
N ALA E 425 -23.43 7.25 31.44
CA ALA E 425 -24.50 7.03 32.41
C ALA E 425 -25.76 6.60 31.67
N HIS E 426 -26.49 5.64 32.25
CA HIS E 426 -27.65 5.07 31.58
C HIS E 426 -28.83 6.04 31.49
N SER E 427 -29.44 6.12 30.31
CA SER E 427 -30.61 6.96 30.09
C SER E 427 -31.88 6.18 30.41
N GLN E 428 -31.75 4.87 30.59
CA GLN E 428 -32.86 4.02 30.99
C GLN E 428 -32.68 3.56 32.44
N SER E 429 -33.71 2.93 32.99
CA SER E 429 -33.63 2.38 34.34
C SER E 429 -33.92 0.88 34.33
N LEU E 430 -33.53 0.18 35.39
CA LEU E 430 -33.77 -1.25 35.48
C LEU E 430 -35.25 -1.59 35.49
N ASP E 431 -36.02 -0.86 36.29
CA ASP E 431 -37.45 -1.11 36.40
C ASP E 431 -38.24 -0.43 35.28
N ARG E 432 -37.63 0.58 34.66
CA ARG E 432 -38.28 1.30 33.57
C ARG E 432 -37.69 0.90 32.22
N LEU E 433 -37.69 -0.40 31.93
CA LEU E 433 -37.04 -0.93 30.74
C LEU E 433 -38.04 -1.39 29.70
N MET E 434 -39.24 -1.71 30.13
CA MET E 434 -40.27 -2.26 29.23
C MET E 434 -40.98 -1.23 28.35
N ASN E 435 -42.08 -1.65 27.75
CA ASN E 435 -42.85 -0.81 26.84
C ASN E 435 -44.03 -0.13 27.53
N PRO E 436 -44.04 1.21 27.51
CA PRO E 436 -45.08 2.03 28.12
C PRO E 436 -46.46 1.86 27.47
N LEU E 437 -46.49 1.34 26.25
CA LEU E 437 -47.73 1.30 25.48
C LEU E 437 -48.42 -0.05 25.52
N ILE E 438 -47.64 -1.12 25.52
CA ILE E 438 -48.20 -2.47 25.44
C ILE E 438 -48.22 -3.15 26.80
N ASP E 439 -49.17 -4.06 27.00
CA ASP E 439 -49.31 -4.79 28.25
C ASP E 439 -48.59 -6.12 28.17
N GLN E 440 -48.17 -6.64 29.32
CA GLN E 440 -47.54 -7.96 29.37
C GLN E 440 -48.58 -9.04 29.19
N TYR E 441 -48.15 -10.22 28.73
CA TYR E 441 -49.05 -11.36 28.60
C TYR E 441 -48.92 -12.26 29.82
N LEU E 442 -48.11 -11.82 30.78
CA LEU E 442 -47.92 -12.57 32.02
C LEU E 442 -48.89 -12.08 33.10
N TYR E 443 -49.19 -12.95 34.06
CA TYR E 443 -50.13 -12.60 35.12
C TYR E 443 -49.48 -12.66 36.49
N TYR E 444 -49.90 -11.75 37.36
CA TYR E 444 -49.44 -11.71 38.75
C TYR E 444 -50.65 -11.63 39.65
N LEU E 445 -50.47 -11.98 40.93
CA LEU E 445 -51.55 -11.88 41.90
C LEU E 445 -51.47 -10.55 42.64
N ASN E 446 -52.59 -9.83 42.68
CA ASN E 446 -52.61 -8.50 43.30
C ASN E 446 -53.72 -8.32 44.33
N ARG E 447 -54.62 -9.30 44.41
CA ARG E 447 -55.71 -9.26 45.36
C ARG E 447 -55.87 -10.61 46.06
N THR E 448 -55.78 -10.60 47.38
CA THR E 448 -55.89 -11.82 48.16
C THR E 448 -57.24 -11.95 48.84
N GLN E 449 -57.82 -10.82 49.24
CA GLN E 449 -59.11 -10.81 49.92
C GLN E 449 -60.09 -9.80 49.31
N GLY E 450 -59.68 -8.53 49.28
CA GLY E 450 -60.55 -7.45 48.85
C GLY E 450 -61.33 -7.77 47.58
N THR E 451 -62.56 -8.23 47.76
CA THR E 451 -63.43 -8.53 46.63
C THR E 451 -64.54 -7.49 46.55
N THR E 452 -65.62 -7.84 45.88
CA THR E 452 -66.83 -7.02 45.92
C THR E 452 -67.32 -7.02 47.37
N SER E 453 -66.61 -6.27 48.21
CA SER E 453 -66.76 -6.36 49.66
C SER E 453 -68.06 -5.75 50.18
N GLY E 454 -68.96 -6.63 50.60
CA GLY E 454 -70.23 -6.22 51.18
C GLY E 454 -70.91 -7.39 51.87
N THR E 455 -71.40 -8.33 51.05
CA THR E 455 -72.05 -9.54 51.54
C THR E 455 -71.14 -10.74 51.27
N THR E 456 -70.95 -11.58 52.28
CA THR E 456 -70.28 -12.87 52.12
C THR E 456 -68.99 -12.80 51.28
N ASN E 457 -68.19 -11.77 51.50
CA ASN E 457 -66.94 -11.63 50.77
C ASN E 457 -65.72 -11.49 51.68
N GLN E 458 -65.28 -12.63 52.20
CA GLN E 458 -64.11 -12.69 53.07
C GLN E 458 -62.83 -12.60 52.24
N SER E 459 -62.59 -13.59 51.40
CA SER E 459 -61.35 -13.65 50.61
C SER E 459 -61.53 -14.38 49.29
N ARG E 460 -60.69 -14.03 48.31
CA ARG E 460 -60.72 -14.63 46.99
C ARG E 460 -59.41 -14.37 46.26
N LEU E 461 -58.90 -15.37 45.56
CA LEU E 461 -57.64 -15.24 44.83
C LEU E 461 -57.87 -14.61 43.45
N LEU E 462 -57.34 -13.41 43.27
CA LEU E 462 -57.54 -12.66 42.02
C LEU E 462 -56.23 -12.22 41.37
N PHE E 463 -56.13 -12.46 40.06
CA PHE E 463 -54.92 -12.16 39.32
C PHE E 463 -55.15 -11.08 38.27
N SER E 464 -54.11 -10.27 38.03
CA SER E 464 -54.20 -9.22 37.02
C SER E 464 -53.11 -9.37 35.96
N GLN E 465 -53.44 -8.97 34.73
CA GLN E 465 -52.46 -8.94 33.64
C GLN E 465 -51.69 -7.63 33.70
N ALA E 466 -50.36 -7.73 33.75
CA ALA E 466 -49.52 -6.55 33.85
C ALA E 466 -49.81 -5.55 32.73
N GLY E 467 -49.90 -4.28 33.08
CA GLY E 467 -50.12 -3.22 32.11
C GLY E 467 -49.19 -2.06 32.39
N PRO E 468 -49.23 -1.02 31.54
CA PRO E 468 -48.41 0.18 31.76
C PRO E 468 -48.84 0.83 33.06
N GLN E 469 -50.06 0.49 33.47
CA GLN E 469 -50.64 1.02 34.69
C GLN E 469 -50.03 0.34 35.91
N SER E 470 -49.85 -0.97 35.83
CA SER E 470 -49.16 -1.72 36.87
C SER E 470 -47.66 -1.76 36.60
N MET E 471 -47.03 -0.58 36.63
CA MET E 471 -45.65 -0.46 36.19
C MET E 471 -44.63 -1.08 37.15
N SER E 472 -44.82 -0.88 38.45
CA SER E 472 -43.90 -1.43 39.45
C SER E 472 -44.36 -2.79 39.93
N LEU E 473 -45.13 -3.47 39.11
CA LEU E 473 -45.65 -4.79 39.46
C LEU E 473 -45.39 -5.81 38.36
N GLN E 474 -44.96 -5.33 37.19
CA GLN E 474 -44.71 -6.18 36.05
C GLN E 474 -43.59 -7.18 36.29
N ALA E 475 -43.64 -8.31 35.58
CA ALA E 475 -42.58 -9.31 35.65
C ALA E 475 -41.24 -8.68 35.27
N ARG E 476 -40.17 -9.16 35.90
CA ARG E 476 -38.86 -8.57 35.69
C ARG E 476 -37.84 -9.63 35.29
N ASN E 477 -36.82 -9.21 34.55
CA ASN E 477 -35.77 -10.11 34.10
C ASN E 477 -34.43 -9.93 34.83
N TRP E 478 -34.29 -8.84 35.55
CA TRP E 478 -33.01 -8.47 36.15
C TRP E 478 -33.15 -7.84 37.53
N LEU E 479 -32.10 -7.93 38.34
CA LEU E 479 -32.07 -7.30 39.66
C LEU E 479 -30.99 -6.22 39.75
N PRO E 480 -31.10 -5.35 40.78
CA PRO E 480 -30.08 -4.31 41.03
C PRO E 480 -28.82 -4.92 41.61
N GLY E 481 -27.75 -4.12 41.69
CA GLY E 481 -26.49 -4.58 42.22
C GLY E 481 -26.55 -4.88 43.70
N PRO E 482 -25.53 -5.58 44.23
CA PRO E 482 -25.43 -5.93 45.64
C PRO E 482 -25.43 -4.67 46.51
N CYS E 483 -25.43 -4.86 47.83
CA CYS E 483 -25.48 -3.72 48.74
C CYS E 483 -24.92 -4.02 50.13
N TYR E 484 -24.51 -2.95 50.82
CA TYR E 484 -24.05 -3.02 52.20
C TYR E 484 -24.38 -1.69 52.86
N ARG E 485 -25.57 -1.62 53.48
CA ARG E 485 -26.12 -0.37 53.96
C ARG E 485 -25.11 0.52 54.70
N GLN E 486 -25.12 1.80 54.36
CA GLN E 486 -24.30 2.80 55.04
C GLN E 486 -25.22 3.72 55.82
N GLN E 487 -24.67 4.38 56.84
CA GLN E 487 -25.46 5.32 57.63
C GLN E 487 -25.63 6.65 56.89
N ARG E 488 -26.80 7.27 57.04
CA ARG E 488 -27.09 8.53 56.35
C ARG E 488 -26.60 9.73 57.15
N LEU E 489 -25.87 10.62 56.49
CA LEU E 489 -25.39 11.84 57.12
C LEU E 489 -25.86 13.07 56.36
N SER E 490 -26.08 14.16 57.09
CA SER E 490 -26.46 15.41 56.45
C SER E 490 -25.31 16.42 56.51
N LYS E 491 -25.22 17.25 55.48
CA LYS E 491 -24.20 18.28 55.45
C LYS E 491 -24.58 19.41 56.40
N THR E 492 -25.87 19.52 56.69
CA THR E 492 -26.36 20.49 57.66
C THR E 492 -26.13 19.95 59.07
N ALA E 493 -25.23 20.60 59.79
CA ALA E 493 -24.76 20.09 61.08
C ALA E 493 -25.80 20.19 62.20
N ASN E 494 -27.08 20.12 61.85
CA ASN E 494 -28.14 20.14 62.86
C ASN E 494 -29.25 19.14 62.59
N ASP E 495 -29.22 18.54 61.40
CA ASP E 495 -30.19 17.50 61.07
C ASP E 495 -29.79 16.22 61.79
N ASN E 496 -28.50 16.13 62.14
CA ASN E 496 -27.93 14.90 62.67
C ASN E 496 -28.15 14.70 64.16
N ASN E 497 -27.95 13.46 64.61
CA ASN E 497 -28.08 13.11 66.02
C ASN E 497 -26.94 13.73 66.83
N ASN E 498 -27.28 14.26 68.00
CA ASN E 498 -26.29 14.89 68.86
C ASN E 498 -25.43 13.84 69.58
N SER E 499 -24.72 13.03 68.80
CA SER E 499 -23.84 12.00 69.33
C SER E 499 -22.71 11.69 68.34
N ASN E 500 -21.54 11.33 68.87
CA ASN E 500 -20.39 11.01 68.03
C ASN E 500 -20.38 9.53 67.63
N PHE E 501 -20.79 9.26 66.40
CA PHE E 501 -20.97 7.89 65.93
C PHE E 501 -20.18 7.51 64.67
N PRO E 502 -19.03 8.16 64.43
CA PRO E 502 -18.31 7.86 63.18
C PRO E 502 -17.56 6.54 63.27
N TRP E 503 -17.76 5.81 64.35
CA TRP E 503 -17.08 4.53 64.55
C TRP E 503 -17.99 3.49 65.16
N THR E 504 -18.85 3.95 66.08
CA THR E 504 -19.74 3.06 66.81
C THR E 504 -21.04 2.79 66.05
N ALA E 505 -21.24 3.50 64.95
CA ALA E 505 -22.47 3.36 64.16
C ALA E 505 -22.18 3.18 62.67
N ALA E 506 -20.91 3.17 62.30
CA ALA E 506 -20.51 3.01 60.91
C ALA E 506 -20.36 1.54 60.54
N SER E 507 -20.60 1.22 59.28
CA SER E 507 -20.46 -0.15 58.79
C SER E 507 -19.00 -0.55 58.69
N LYS E 508 -18.65 -1.68 59.30
CA LYS E 508 -17.26 -2.10 59.39
C LYS E 508 -17.16 -3.63 59.28
N TYR E 509 -15.96 -4.12 58.97
CA TYR E 509 -15.72 -5.55 58.94
C TYR E 509 -14.60 -5.87 59.91
N HIS E 510 -14.41 -7.15 60.21
CA HIS E 510 -13.32 -7.54 61.10
C HIS E 510 -12.67 -8.85 60.69
N LEU E 511 -11.33 -8.85 60.72
CA LEU E 511 -10.55 -10.03 60.41
C LEU E 511 -9.57 -10.30 61.52
N ASN E 512 -9.47 -11.57 61.94
CA ASN E 512 -8.54 -11.94 62.99
C ASN E 512 -8.87 -11.21 64.30
N GLY E 513 -10.15 -10.86 64.45
CA GLY E 513 -10.60 -10.16 65.63
C GLY E 513 -10.19 -8.69 65.63
N ARG E 514 -10.04 -8.13 64.43
CA ARG E 514 -9.63 -6.75 64.28
C ARG E 514 -10.60 -5.95 63.40
N ASP E 515 -11.25 -4.96 63.99
CA ASP E 515 -12.20 -4.11 63.28
C ASP E 515 -11.51 -3.21 62.26
N SER E 516 -12.09 -3.14 61.06
CA SER E 516 -11.62 -2.25 60.02
C SER E 516 -12.81 -1.61 59.34
N LEU E 517 -12.74 -0.31 59.11
CA LEU E 517 -13.87 0.43 58.57
C LEU E 517 -14.07 0.19 57.07
N VAL E 518 -15.27 -0.25 56.70
CA VAL E 518 -15.61 -0.45 55.30
C VAL E 518 -15.84 0.92 54.65
N ASN E 519 -14.77 1.57 54.23
CA ASN E 519 -14.88 2.92 53.68
C ASN E 519 -15.59 2.99 52.32
N PRO E 520 -14.89 2.67 51.23
CA PRO E 520 -15.64 2.68 49.97
C PRO E 520 -16.23 1.30 49.73
N GLY E 521 -17.42 1.05 50.26
CA GLY E 521 -18.05 -0.26 50.12
C GLY E 521 -18.47 -0.53 48.70
N PRO E 522 -19.32 -1.56 48.50
CA PRO E 522 -19.86 -1.80 47.16
C PRO E 522 -20.38 -0.50 46.56
N ALA E 523 -20.44 -0.44 45.24
CA ALA E 523 -20.91 0.76 44.56
C ALA E 523 -22.42 0.94 44.77
N MET E 524 -22.78 1.94 45.57
CA MET E 524 -24.17 2.26 45.82
C MET E 524 -24.41 3.75 45.58
N ALA E 525 -25.66 4.11 45.28
CA ALA E 525 -26.00 5.51 45.02
C ALA E 525 -25.94 6.36 46.30
N SER E 526 -25.45 7.58 46.17
CA SER E 526 -25.28 8.47 47.33
C SER E 526 -26.59 8.96 47.92
N HIS E 527 -27.52 9.37 47.06
CA HIS E 527 -28.80 9.91 47.52
C HIS E 527 -29.91 9.63 46.51
N LYS E 528 -31.15 9.62 46.99
CA LYS E 528 -32.32 9.46 46.11
C LYS E 528 -32.72 10.81 45.53
N ASP E 529 -33.69 10.81 44.62
CA ASP E 529 -34.09 12.02 43.93
C ASP E 529 -34.64 13.10 44.85
N ASP E 530 -34.34 14.35 44.53
CA ASP E 530 -34.86 15.51 45.26
C ASP E 530 -34.31 15.66 46.68
N GLU E 531 -33.03 15.32 46.85
CA GLU E 531 -32.35 15.51 48.12
C GLU E 531 -31.03 16.22 47.93
N GLU E 532 -30.02 15.49 47.45
CA GLU E 532 -28.74 16.09 47.11
C GLU E 532 -28.09 16.80 48.30
N LYS E 533 -28.35 16.29 49.50
CA LYS E 533 -27.76 16.86 50.71
C LYS E 533 -27.31 15.75 51.66
N PHE E 534 -27.94 14.60 51.53
CA PHE E 534 -27.60 13.44 52.36
C PHE E 534 -26.58 12.55 51.67
N PHE E 535 -25.36 12.51 52.20
CA PHE E 535 -24.33 11.61 51.70
C PHE E 535 -24.15 10.47 52.68
N PRO E 536 -23.72 9.30 52.18
CA PRO E 536 -23.52 8.14 53.05
C PRO E 536 -22.33 8.34 53.98
N MET E 537 -22.41 7.77 55.17
CA MET E 537 -21.26 7.72 56.05
C MET E 537 -20.12 7.12 55.24
N HIS E 538 -19.18 7.96 54.82
CA HIS E 538 -18.04 7.52 54.02
C HIS E 538 -18.42 6.57 52.87
N GLY E 539 -19.56 6.82 52.23
CA GLY E 539 -19.99 6.01 51.11
C GLY E 539 -19.40 6.47 49.79
N ASN E 540 -18.32 7.23 49.87
CA ASN E 540 -17.66 7.77 48.68
C ASN E 540 -16.33 8.46 49.02
N LEU E 541 -15.50 8.67 48.00
CA LEU E 541 -14.19 9.27 48.21
C LEU E 541 -14.26 10.78 48.41
N ILE E 542 -13.59 11.25 49.46
CA ILE E 542 -13.59 12.67 49.78
C ILE E 542 -12.19 13.25 49.64
N PHE E 543 -12.07 14.31 48.83
CA PHE E 543 -10.77 14.94 48.59
C PHE E 543 -10.61 16.21 49.41
N GLY E 544 -9.41 16.43 49.91
CA GLY E 544 -9.12 17.63 50.68
C GLY E 544 -8.64 18.76 49.81
N LYS E 545 -9.19 19.96 50.02
CA LYS E 545 -8.78 21.14 49.28
C LYS E 545 -7.32 21.48 49.56
N GLU E 546 -6.73 22.30 48.70
CA GLU E 546 -5.35 22.72 48.88
C GLU E 546 -5.21 23.53 50.16
N GLY E 547 -4.20 23.22 50.95
CA GLY E 547 -3.96 23.90 52.21
C GLY E 547 -5.05 23.64 53.22
N THR E 548 -4.98 22.49 53.88
CA THR E 548 -5.95 22.09 54.89
C THR E 548 -5.39 20.97 55.77
N THR E 549 -5.24 21.25 57.06
CA THR E 549 -4.61 20.31 58.00
C THR E 549 -5.20 18.90 57.91
N ALA E 550 -4.39 17.91 58.26
CA ALA E 550 -4.80 16.51 58.18
C ALA E 550 -5.67 16.10 59.37
N SER E 551 -5.77 16.98 60.36
CA SER E 551 -6.48 16.66 61.59
C SER E 551 -7.74 17.51 61.76
N ASN E 552 -8.90 16.85 61.68
CA ASN E 552 -10.19 17.50 61.88
C ASN E 552 -10.35 18.84 61.18
N ALA E 553 -10.56 18.78 59.87
CA ALA E 553 -10.77 19.99 59.09
C ALA E 553 -12.27 20.27 58.95
N GLU E 554 -12.60 21.48 58.51
CA GLU E 554 -13.98 21.91 58.39
C GLU E 554 -14.69 21.25 57.20
N LEU E 555 -16.01 21.24 57.24
CA LEU E 555 -16.83 20.70 56.15
C LEU E 555 -16.66 21.53 54.88
N ASP E 556 -16.37 22.82 55.04
CA ASP E 556 -16.20 23.70 53.91
C ASP E 556 -14.76 23.64 53.39
N ASN E 557 -13.99 22.69 53.92
CA ASN E 557 -12.60 22.50 53.51
C ASN E 557 -12.36 21.18 52.78
N VAL E 558 -13.43 20.44 52.54
CA VAL E 558 -13.32 19.15 51.85
C VAL E 558 -14.29 19.06 50.67
N MET E 559 -14.00 18.14 49.76
CA MET E 559 -14.81 17.92 48.57
C MET E 559 -15.38 16.50 48.56
N ILE E 560 -16.68 16.40 48.78
CA ILE E 560 -17.35 15.11 48.81
C ILE E 560 -17.90 14.77 47.44
N THR E 561 -17.68 13.54 47.00
CA THR E 561 -18.04 13.14 45.65
C THR E 561 -19.43 12.52 45.57
N ASP E 562 -20.21 12.93 44.57
CA ASP E 562 -21.59 12.47 44.42
C ASP E 562 -21.69 11.37 43.37
N GLU E 563 -22.15 10.19 43.79
CA GLU E 563 -22.38 9.08 42.87
C GLU E 563 -23.85 8.98 42.53
N GLU E 564 -24.35 9.95 41.77
CA GLU E 564 -25.78 10.00 41.45
C GLU E 564 -26.07 9.72 39.97
N GLU E 565 -25.13 9.05 39.30
CA GLU E 565 -25.33 8.67 37.91
C GLU E 565 -25.66 7.19 37.81
N ILE E 566 -25.37 6.46 38.88
CA ILE E 566 -25.59 5.02 38.91
C ILE E 566 -26.89 4.65 39.63
N ARG E 567 -27.81 5.60 39.69
CA ARG E 567 -29.09 5.40 40.37
C ARG E 567 -29.91 4.28 39.73
N THR E 568 -29.66 4.05 38.44
CA THR E 568 -30.50 3.14 37.65
C THR E 568 -30.07 1.67 37.75
N THR E 569 -28.87 1.43 38.24
CA THR E 569 -28.36 0.07 38.35
C THR E 569 -28.04 -0.30 39.79
N ASN E 570 -27.82 0.71 40.63
CA ASN E 570 -27.37 0.46 42.00
C ASN E 570 -28.36 0.92 43.07
N PRO E 571 -28.41 0.17 44.19
CA PRO E 571 -29.22 0.51 45.35
C PRO E 571 -28.64 1.73 46.06
N VAL E 572 -29.50 2.51 46.73
CA VAL E 572 -29.03 3.68 47.47
C VAL E 572 -28.27 3.24 48.72
N ALA E 573 -27.10 3.85 48.93
CA ALA E 573 -26.19 3.44 50.00
C ALA E 573 -26.80 3.51 51.40
N THR E 574 -27.53 4.59 51.67
CA THR E 574 -28.11 4.81 52.98
C THR E 574 -29.46 4.12 53.14
N GLU E 575 -30.22 4.06 52.03
CA GLU E 575 -31.53 3.43 52.03
C GLU E 575 -31.41 1.92 52.15
N GLN E 576 -32.55 1.25 52.34
CA GLN E 576 -32.60 -0.20 52.45
C GLN E 576 -32.34 -0.87 51.11
N TYR E 577 -32.60 -2.18 51.05
CA TYR E 577 -32.47 -2.92 49.80
C TYR E 577 -33.85 -3.34 49.28
N GLY E 578 -34.69 -3.82 50.18
CA GLY E 578 -36.03 -4.24 49.81
C GLY E 578 -36.78 -5.01 50.89
N THR E 579 -37.72 -5.84 50.45
CA THR E 579 -38.57 -6.60 51.34
C THR E 579 -38.38 -8.11 51.14
N VAL E 580 -38.34 -8.83 52.24
CA VAL E 580 -38.24 -10.29 52.20
C VAL E 580 -39.25 -10.91 53.15
N ALA E 581 -39.86 -12.01 52.75
CA ALA E 581 -40.79 -12.72 53.61
C ALA E 581 -40.05 -13.62 54.57
N ASN E 582 -40.64 -13.86 55.75
CA ASN E 582 -40.03 -14.72 56.75
C ASN E 582 -41.04 -15.39 57.69
N ASN E 583 -42.07 -15.99 57.10
CA ASN E 583 -43.08 -16.73 57.85
C ASN E 583 -44.06 -17.41 56.91
N LEU E 584 -44.81 -18.38 57.45
CA LEU E 584 -45.81 -19.08 56.65
C LEU E 584 -47.21 -18.53 56.92
N GLN E 585 -47.59 -17.49 56.18
CA GLN E 585 -48.87 -16.83 56.38
C GLN E 585 -50.04 -17.79 56.20
N SER E 586 -51.11 -17.54 56.96
CA SER E 586 -52.30 -18.37 56.89
C SER E 586 -53.45 -17.68 57.63
N SER E 587 -54.56 -18.38 57.79
CA SER E 587 -55.68 -17.86 58.56
C SER E 587 -55.27 -17.63 60.01
N ASN E 588 -54.32 -18.43 60.49
CA ASN E 588 -53.85 -18.31 61.86
C ASN E 588 -52.73 -17.28 62.02
N THR E 589 -51.97 -17.07 60.95
CA THR E 589 -50.80 -16.21 61.02
C THR E 589 -50.85 -15.06 60.03
N ALA E 590 -50.45 -13.88 60.49
CA ALA E 590 -50.36 -12.71 59.62
C ALA E 590 -49.00 -12.66 58.93
N PRO E 591 -48.99 -12.35 57.62
CA PRO E 591 -47.76 -12.26 56.81
C PRO E 591 -46.74 -11.29 57.41
N THR E 592 -45.47 -11.70 57.44
CA THR E 592 -44.42 -10.87 58.03
C THR E 592 -43.41 -10.38 56.99
N THR E 593 -42.99 -9.13 57.13
CA THR E 593 -42.03 -8.53 56.23
C THR E 593 -40.73 -8.18 56.94
N ARG E 594 -39.61 -8.40 56.26
CA ARG E 594 -38.30 -8.09 56.82
C ARG E 594 -37.56 -7.10 55.93
N THR E 595 -37.07 -6.02 56.54
CA THR E 595 -36.28 -5.03 55.81
C THR E 595 -34.84 -5.51 55.65
N VAL E 596 -34.46 -5.81 54.41
CA VAL E 596 -33.12 -6.31 54.12
C VAL E 596 -32.07 -5.20 54.07
N ASN E 597 -31.06 -5.33 54.93
CA ASN E 597 -30.03 -4.32 55.05
C ASN E 597 -28.72 -4.77 54.40
N ASP E 598 -28.61 -6.07 54.15
CA ASP E 598 -27.40 -6.63 53.57
C ASP E 598 -27.72 -7.72 52.55
N GLN E 599 -27.24 -7.53 51.32
CA GLN E 599 -27.51 -8.48 50.24
C GLN E 599 -26.24 -8.96 49.55
N GLY E 600 -25.97 -10.25 49.65
CA GLY E 600 -24.88 -10.85 48.90
C GLY E 600 -25.18 -10.79 47.41
N ALA E 601 -24.46 -11.61 46.64
CA ALA E 601 -24.65 -11.63 45.19
C ALA E 601 -25.82 -12.52 44.80
N LEU E 602 -26.36 -12.28 43.60
CA LEU E 602 -27.51 -13.06 43.12
C LEU E 602 -27.51 -13.23 41.61
N PRO E 603 -27.85 -14.45 41.15
CA PRO E 603 -27.99 -14.73 39.72
C PRO E 603 -29.00 -13.80 39.08
N GLY E 604 -28.53 -12.84 38.30
CA GLY E 604 -29.42 -11.93 37.60
C GLY E 604 -29.18 -10.48 37.96
N MET E 605 -28.28 -10.24 38.91
CA MET E 605 -27.95 -8.88 39.31
C MET E 605 -27.04 -8.22 38.28
N VAL E 606 -27.24 -6.92 38.09
CA VAL E 606 -26.39 -6.13 37.21
C VAL E 606 -26.06 -4.80 37.88
N TRP E 607 -24.79 -4.44 37.89
CA TRP E 607 -24.39 -3.21 38.57
C TRP E 607 -23.35 -2.42 37.78
N GLN E 608 -23.23 -1.14 38.13
CA GLN E 608 -22.20 -0.28 37.58
C GLN E 608 -21.16 -0.06 38.66
N ASP E 609 -19.90 0.00 38.28
CA ASP E 609 -18.83 0.24 39.27
C ASP E 609 -18.80 1.71 39.67
N ARG E 610 -17.84 2.08 40.52
CA ARG E 610 -17.71 3.47 40.95
C ARG E 610 -17.27 4.37 39.81
N ASP E 611 -16.60 5.46 40.14
CA ASP E 611 -16.17 6.41 39.12
C ASP E 611 -14.73 6.86 39.38
N VAL E 612 -14.07 7.32 38.32
CA VAL E 612 -12.73 7.88 38.47
C VAL E 612 -12.77 9.38 38.24
N TYR E 613 -12.09 10.11 39.11
CA TYR E 613 -12.06 11.56 39.01
C TYR E 613 -10.67 12.04 38.70
N LEU E 614 -10.56 13.25 38.17
CA LEU E 614 -9.28 13.79 37.73
C LEU E 614 -8.15 13.55 38.74
N GLN E 615 -8.50 13.49 40.03
CA GLN E 615 -7.50 13.31 41.08
C GLN E 615 -7.61 11.95 41.78
N GLY E 616 -8.37 11.03 41.19
CA GLY E 616 -8.56 9.72 41.78
C GLY E 616 -7.46 8.73 41.43
N PRO E 617 -7.47 7.56 42.08
CA PRO E 617 -6.52 6.49 41.78
C PRO E 617 -6.74 5.99 40.36
N ILE E 618 -5.71 5.38 39.77
CA ILE E 618 -5.82 4.85 38.42
C ILE E 618 -5.96 3.33 38.44
N TRP E 619 -4.99 2.64 39.03
CA TRP E 619 -5.01 1.19 39.06
C TRP E 619 -4.87 0.64 40.48
N ALA E 620 -4.88 -0.69 40.59
CA ALA E 620 -4.74 -1.36 41.88
C ALA E 620 -4.35 -2.81 41.69
N LYS E 621 -3.39 -3.28 42.49
CA LYS E 621 -2.92 -4.66 42.39
C LYS E 621 -3.87 -5.66 43.05
N ILE E 622 -4.60 -6.40 42.23
CA ILE E 622 -5.46 -7.45 42.73
C ILE E 622 -4.64 -8.45 43.53
N PRO E 623 -4.99 -8.63 44.81
CA PRO E 623 -4.28 -9.55 45.72
C PRO E 623 -4.18 -10.95 45.13
N HIS E 624 -3.05 -11.62 45.38
CA HIS E 624 -2.87 -12.97 44.87
C HIS E 624 -3.44 -14.02 45.83
N THR E 625 -4.75 -14.22 45.75
CA THR E 625 -5.43 -15.18 46.60
C THR E 625 -6.01 -16.33 45.78
N ASP E 626 -6.67 -17.26 46.46
CA ASP E 626 -7.32 -18.37 45.79
C ASP E 626 -8.56 -17.93 45.01
N GLY E 627 -9.17 -16.83 45.43
CA GLY E 627 -10.41 -16.40 44.82
C GLY E 627 -10.71 -14.92 44.90
N HIS E 628 -11.34 -14.41 43.84
CA HIS E 628 -11.81 -13.04 43.79
C HIS E 628 -13.21 -13.09 43.18
N PHE E 629 -14.02 -12.08 43.43
CA PHE E 629 -15.35 -12.03 42.83
C PHE E 629 -15.37 -11.14 41.59
N HIS E 630 -15.54 -9.84 41.81
CA HIS E 630 -15.52 -8.87 40.74
C HIS E 630 -14.39 -7.90 41.02
N PRO E 631 -13.15 -8.33 40.72
CA PRO E 631 -11.91 -7.68 41.14
C PRO E 631 -11.70 -6.26 40.58
N SER E 632 -12.60 -5.35 40.95
CA SER E 632 -12.44 -3.95 40.60
C SER E 632 -12.11 -3.15 41.86
N PRO E 633 -11.04 -2.34 41.81
CA PRO E 633 -10.59 -1.55 42.96
C PRO E 633 -11.75 -0.84 43.63
N LEU E 634 -11.96 -1.06 44.91
CA LEU E 634 -13.09 -0.46 45.62
C LEU E 634 -13.07 1.05 45.57
N MET E 635 -11.87 1.63 45.55
CA MET E 635 -11.71 3.07 45.46
C MET E 635 -11.89 3.54 44.02
N GLY E 636 -11.98 2.59 43.10
CA GLY E 636 -12.22 2.88 41.71
C GLY E 636 -10.99 2.71 40.84
N GLY E 637 -11.21 2.33 39.58
CA GLY E 637 -10.13 2.20 38.63
C GLY E 637 -10.00 0.83 38.01
N PHE E 638 -8.79 0.49 37.59
CA PHE E 638 -8.53 -0.75 36.89
C PHE E 638 -7.81 -1.74 37.79
N GLY E 639 -8.46 -2.88 38.03
CA GLY E 639 -7.88 -3.95 38.82
C GLY E 639 -6.92 -4.77 37.97
N LEU E 640 -5.65 -4.78 38.37
CA LEU E 640 -4.62 -5.43 37.59
C LEU E 640 -3.93 -6.55 38.36
N LYS E 641 -3.84 -7.72 37.74
CA LYS E 641 -3.06 -8.82 38.27
C LYS E 641 -1.60 -8.38 38.35
N HIS E 642 -1.10 -7.83 37.25
CA HIS E 642 0.27 -7.36 37.16
C HIS E 642 0.28 -5.88 36.77
N PRO E 643 0.25 -4.98 37.77
CA PRO E 643 0.22 -3.53 37.59
C PRO E 643 1.62 -2.95 37.46
N PRO E 644 1.73 -1.72 36.92
CA PRO E 644 3.01 -1.03 36.78
C PRO E 644 3.88 -1.23 38.02
N PRO E 645 4.95 -2.02 37.89
CA PRO E 645 5.83 -2.40 39.00
C PRO E 645 6.33 -1.20 39.78
N GLN E 646 6.84 -1.44 40.97
CA GLN E 646 7.36 -0.37 41.81
C GLN E 646 8.78 -0.01 41.42
N ILE E 647 9.03 1.29 41.27
CA ILE E 647 10.37 1.78 40.94
C ILE E 647 11.01 2.40 42.18
N MET E 648 12.09 1.75 42.67
CA MET E 648 12.79 2.21 43.85
C MET E 648 13.96 3.14 43.54
N ILE E 649 14.31 3.96 44.51
CA ILE E 649 15.37 4.96 44.36
C ILE E 649 15.98 5.22 45.73
N LYS E 650 17.30 5.42 45.78
CA LYS E 650 17.97 5.74 47.03
C LYS E 650 19.38 6.25 46.77
N ASN E 651 19.84 7.16 47.63
CA ASN E 651 21.18 7.71 47.50
C ASN E 651 22.21 6.75 48.06
N THR E 652 23.18 6.39 47.24
CA THR E 652 24.23 5.47 47.66
C THR E 652 25.02 6.07 48.82
N PRO E 653 25.04 5.36 49.96
CA PRO E 653 25.69 5.81 51.19
C PRO E 653 27.17 6.12 50.98
N VAL E 654 27.61 7.30 51.42
CA VAL E 654 29.01 7.68 51.32
C VAL E 654 29.65 7.80 52.69
N PRO E 655 30.57 6.89 53.01
CA PRO E 655 31.28 6.91 54.29
C PRO E 655 32.00 8.23 54.51
N ALA E 656 31.77 8.85 55.66
CA ALA E 656 32.51 10.04 56.04
C ALA E 656 33.95 9.64 56.29
N ASN E 657 34.64 10.39 57.15
CA ASN E 657 36.04 10.11 57.42
C ASN E 657 36.27 8.90 58.33
N PRO E 658 37.08 7.94 57.87
CA PRO E 658 37.44 6.73 58.61
C PRO E 658 38.71 6.90 59.44
N PRO E 659 38.85 6.10 60.52
CA PRO E 659 40.00 6.10 61.43
C PRO E 659 41.21 5.37 60.87
N THR E 660 42.41 5.76 61.29
CA THR E 660 43.65 5.10 60.87
C THR E 660 43.78 3.71 61.51
N THR E 661 43.02 3.47 62.57
CA THR E 661 42.99 2.17 63.22
C THR E 661 41.72 1.41 62.83
N PHE E 662 41.84 0.11 62.65
CA PHE E 662 40.72 -0.72 62.21
C PHE E 662 39.62 -0.88 63.26
N SER E 663 38.37 -0.74 62.83
CA SER E 663 37.23 -0.91 63.72
C SER E 663 36.21 -1.88 63.15
N PRO E 664 35.89 -2.94 63.90
CA PRO E 664 34.89 -3.94 63.49
C PRO E 664 33.48 -3.39 63.68
N ALA E 665 33.36 -2.29 64.42
CA ALA E 665 32.06 -1.70 64.71
C ALA E 665 31.32 -1.30 63.44
N LYS E 666 30.02 -1.50 63.44
CA LYS E 666 29.16 -1.12 62.32
C LYS E 666 29.40 0.34 61.97
N PHE E 667 29.53 0.62 60.68
CA PHE E 667 29.78 1.98 60.22
C PHE E 667 28.50 2.82 60.29
N ALA E 668 28.61 4.01 60.87
CA ALA E 668 27.45 4.88 61.04
C ALA E 668 27.77 6.36 60.83
N SER E 669 29.00 6.64 60.41
CA SER E 669 29.41 8.01 60.12
C SER E 669 29.46 8.26 58.61
N PHE E 670 28.39 8.87 58.08
CA PHE E 670 28.30 9.10 56.64
C PHE E 670 28.23 10.58 56.27
N ILE E 671 28.60 10.87 55.04
CA ILE E 671 28.47 12.22 54.49
C ILE E 671 27.02 12.48 54.11
N THR E 672 26.49 13.59 54.59
CA THR E 672 25.10 13.96 54.35
C THR E 672 24.92 14.48 52.93
N GLN E 673 24.00 13.88 52.19
CA GLN E 673 23.80 14.23 50.78
C GLN E 673 22.38 13.89 50.30
N TYR E 674 21.90 14.68 49.34
CA TYR E 674 20.59 14.45 48.74
C TYR E 674 20.70 14.47 47.22
N SER E 675 19.79 13.78 46.54
CA SER E 675 19.80 13.70 45.09
C SER E 675 18.63 14.45 44.48
N THR E 676 18.76 14.83 43.22
CA THR E 676 17.70 15.54 42.52
C THR E 676 17.83 15.31 41.01
N GLY E 677 16.72 15.43 40.30
CA GLY E 677 16.73 15.23 38.86
C GLY E 677 15.33 15.24 38.29
N GLN E 678 15.20 14.84 37.03
CA GLN E 678 13.90 14.79 36.39
C GLN E 678 13.44 13.36 36.18
N VAL E 679 12.12 13.20 36.05
CA VAL E 679 11.53 11.90 35.79
C VAL E 679 10.46 12.09 34.72
N SER E 680 10.31 11.11 33.84
CA SER E 680 9.34 11.20 32.75
C SER E 680 8.51 9.93 32.62
N VAL E 681 7.19 10.11 32.56
CA VAL E 681 6.26 8.99 32.43
C VAL E 681 5.30 9.17 31.26
N GLU E 682 5.40 8.27 30.27
CA GLU E 682 4.56 8.31 29.08
C GLU E 682 3.56 7.16 29.09
N ILE E 683 2.28 7.49 28.95
CA ILE E 683 1.25 6.47 28.95
C ILE E 683 0.31 6.59 27.75
N GLU E 684 0.05 5.46 27.10
CA GLU E 684 -0.87 5.43 25.99
C GLU E 684 -2.23 4.95 26.46
N TRP E 685 -3.27 5.55 25.92
CA TRP E 685 -4.63 5.26 26.36
C TRP E 685 -5.49 4.87 25.17
N GLU E 686 -6.12 3.70 25.27
CA GLU E 686 -7.07 3.30 24.24
C GLU E 686 -8.41 3.94 24.56
N LEU E 687 -9.11 4.40 23.53
CA LEU E 687 -10.38 5.09 23.73
C LEU E 687 -11.55 4.33 23.11
N GLN E 688 -12.71 4.46 23.72
CA GLN E 688 -13.95 3.94 23.15
C GLN E 688 -14.83 5.11 22.74
N LYS E 689 -14.94 5.33 21.44
CA LYS E 689 -15.70 6.47 20.93
C LYS E 689 -17.19 6.37 21.22
N GLU E 690 -17.88 7.49 21.09
CA GLU E 690 -19.31 7.59 21.39
C GLU E 690 -20.16 7.30 20.16
N ASN E 691 -21.10 6.37 20.29
CA ASN E 691 -22.01 6.06 19.20
C ASN E 691 -23.46 6.05 19.69
N SER E 692 -24.05 7.24 19.79
CA SER E 692 -25.40 7.38 20.31
C SER E 692 -26.31 8.05 19.30
N LYS E 693 -27.57 7.61 19.25
CA LYS E 693 -28.56 8.22 18.37
C LYS E 693 -29.50 9.12 19.17
N ARG E 694 -29.02 9.59 20.31
CA ARG E 694 -29.73 10.59 21.10
C ARG E 694 -29.98 11.82 20.24
N TRP E 695 -31.24 12.25 20.17
CA TRP E 695 -31.57 13.42 19.36
C TRP E 695 -31.19 14.71 20.07
N ASN E 696 -31.74 14.92 21.25
CA ASN E 696 -31.47 16.12 22.04
C ASN E 696 -30.05 16.12 22.61
N PRO E 697 -29.52 17.31 22.91
CA PRO E 697 -28.16 17.46 23.45
C PRO E 697 -27.99 16.71 24.77
N GLU E 698 -26.80 16.17 25.00
CA GLU E 698 -26.47 15.55 26.28
C GLU E 698 -25.78 16.59 27.15
N ILE E 699 -25.58 16.26 28.43
CA ILE E 699 -24.94 17.20 29.34
C ILE E 699 -23.42 17.14 29.22
N GLN E 700 -22.78 18.29 29.28
CA GLN E 700 -21.34 18.39 29.11
C GLN E 700 -20.74 19.12 30.31
N TYR E 701 -19.51 18.77 30.67
CA TYR E 701 -18.81 19.54 31.68
C TYR E 701 -18.33 20.85 31.08
N THR E 702 -18.41 21.92 31.86
CA THR E 702 -18.06 23.25 31.37
C THR E 702 -17.65 24.19 32.50
N SER E 703 -16.90 25.23 32.15
CA SER E 703 -16.55 26.28 33.09
C SER E 703 -17.64 27.35 33.13
N ASN E 704 -17.81 27.99 34.29
CA ASN E 704 -18.77 29.07 34.41
C ASN E 704 -18.31 30.30 33.63
N TYR E 705 -19.04 30.62 32.57
CA TYR E 705 -18.68 31.73 31.69
C TYR E 705 -18.84 33.08 32.37
N ASN E 706 -19.42 33.06 33.57
CA ASN E 706 -19.70 34.30 34.30
C ASN E 706 -18.44 35.02 34.76
N LYS E 707 -18.58 36.32 35.03
CA LYS E 707 -17.48 37.11 35.57
C LYS E 707 -17.03 36.48 36.89
N SER E 708 -15.76 36.09 36.97
CA SER E 708 -15.29 35.32 38.11
C SER E 708 -14.05 35.90 38.79
N VAL E 709 -13.86 35.52 40.05
CA VAL E 709 -12.71 35.91 40.84
C VAL E 709 -11.43 35.31 40.27
N ASN E 710 -11.16 34.07 40.67
CA ASN E 710 -10.01 33.33 40.18
C ASN E 710 -10.45 32.35 39.11
N VAL E 711 -9.50 31.94 38.26
CA VAL E 711 -9.79 31.00 37.18
C VAL E 711 -9.72 29.56 37.66
N ASP E 712 -10.74 28.78 37.33
CA ASP E 712 -10.82 27.38 37.74
C ASP E 712 -9.57 26.60 37.31
N PHE E 713 -8.97 25.90 38.27
CA PHE E 713 -7.78 25.11 37.99
C PHE E 713 -6.62 26.00 37.55
N THR E 714 -6.07 26.74 38.51
CA THR E 714 -5.07 27.76 38.22
C THR E 714 -4.31 28.17 39.47
N VAL E 715 -3.15 28.78 39.28
CA VAL E 715 -2.38 29.34 40.38
C VAL E 715 -3.04 30.64 40.86
N ASP E 716 -2.71 31.05 42.08
CA ASP E 716 -3.29 32.26 42.66
C ASP E 716 -2.32 33.43 42.65
N THR E 717 -2.52 34.36 43.59
CA THR E 717 -1.73 35.58 43.65
C THR E 717 -0.27 35.33 44.04
N ASN E 718 -0.03 34.24 44.75
CA ASN E 718 1.34 33.91 45.18
C ASN E 718 1.83 32.53 44.74
N GLY E 719 1.26 32.03 43.66
CA GLY E 719 1.76 30.82 43.02
C GLY E 719 1.42 29.50 43.68
N VAL E 720 0.13 29.18 43.73
CA VAL E 720 -0.31 27.89 44.26
C VAL E 720 -1.44 27.31 43.41
N TYR E 721 -1.16 26.21 42.71
CA TYR E 721 -2.17 25.53 41.92
C TYR E 721 -3.23 24.92 42.84
N SER E 722 -4.48 25.03 42.43
CA SER E 722 -5.59 24.51 43.23
C SER E 722 -6.69 23.91 42.36
N GLU E 723 -7.08 22.68 42.69
CA GLU E 723 -8.18 22.01 41.99
C GLU E 723 -9.51 22.30 42.69
N PRO E 724 -10.32 23.19 42.10
CA PRO E 724 -11.62 23.60 42.65
C PRO E 724 -12.50 22.43 43.07
N ARG E 725 -13.03 21.69 42.10
CA ARG E 725 -13.97 20.61 42.40
C ARG E 725 -13.46 19.27 41.89
N PRO E 726 -14.06 18.17 42.37
CA PRO E 726 -13.80 16.85 41.79
C PRO E 726 -14.47 16.74 40.43
N ILE E 727 -13.90 15.95 39.53
CA ILE E 727 -14.46 15.79 38.19
C ILE E 727 -14.92 14.35 37.93
N GLY E 728 -16.22 14.18 37.74
CA GLY E 728 -16.77 12.88 37.41
C GLY E 728 -16.32 12.45 36.02
N THR E 729 -16.84 11.32 35.55
CA THR E 729 -16.47 10.82 34.24
C THR E 729 -17.71 10.52 33.42
N ARG E 730 -18.85 10.49 34.10
CA ARG E 730 -20.11 10.10 33.47
C ARG E 730 -20.95 11.31 33.07
N TYR E 731 -20.78 11.76 31.82
CA TYR E 731 -21.54 12.88 31.28
C TYR E 731 -22.35 12.47 30.05
N LEU E 732 -21.94 11.37 29.41
CA LEU E 732 -22.61 10.89 28.22
C LEU E 732 -23.57 9.75 28.52
N THR E 733 -24.65 9.64 27.75
CA THR E 733 -25.69 8.65 28.03
C THR E 733 -25.73 7.50 27.04
N ARG E 734 -25.82 6.29 27.59
CA ARG E 734 -26.01 5.07 26.81
C ARG E 734 -27.19 4.32 27.41
N ASN E 735 -27.85 3.50 26.60
CA ASN E 735 -29.02 2.76 27.08
C ASN E 735 -28.65 1.49 27.83
N LEU E 736 -29.67 0.70 28.18
CA LEU E 736 -29.46 -0.57 28.86
C LEU E 736 -29.71 -1.74 27.92
N GLY F 217 38.57 -2.19 31.86
CA GLY F 217 37.57 -1.17 31.59
C GLY F 217 38.11 0.23 31.81
N ALA F 218 37.68 1.17 30.96
CA ALA F 218 38.13 2.55 31.04
C ALA F 218 37.04 3.54 30.64
N ASP F 219 36.56 4.32 31.60
CA ASP F 219 35.53 5.32 31.34
C ASP F 219 35.81 6.65 32.06
N GLY F 220 34.77 7.43 32.32
CA GLY F 220 34.94 8.80 32.79
C GLY F 220 34.56 9.12 34.22
N VAL F 221 34.42 10.41 34.50
CA VAL F 221 34.14 10.91 35.84
C VAL F 221 32.69 10.72 36.24
N GLY F 222 31.79 11.26 35.43
CA GLY F 222 30.36 11.15 35.69
C GLY F 222 29.75 9.92 35.04
N ASN F 223 30.41 8.78 35.22
CA ASN F 223 29.93 7.52 34.67
C ASN F 223 30.29 6.35 35.57
N SER F 224 29.28 5.78 36.21
CA SER F 224 29.49 4.67 37.14
C SER F 224 30.20 3.49 36.47
N SER F 225 31.26 3.01 37.13
CA SER F 225 32.04 1.90 36.59
C SER F 225 31.52 0.52 37.02
N GLY F 226 30.24 0.46 37.38
CA GLY F 226 29.64 -0.81 37.78
C GLY F 226 28.26 -0.66 38.40
N ASN F 227 27.51 -1.76 38.42
CA ASN F 227 26.18 -1.77 39.01
C ASN F 227 26.10 -2.61 40.29
N TRP F 228 25.00 -2.46 41.02
CA TRP F 228 24.80 -3.18 42.27
C TRP F 228 24.20 -4.56 42.03
N HIS F 229 25.07 -5.56 41.89
CA HIS F 229 24.62 -6.92 41.68
C HIS F 229 24.63 -7.71 42.97
N CYS F 230 23.45 -7.86 43.59
CA CYS F 230 23.31 -8.67 44.79
C CYS F 230 22.03 -9.49 44.71
N ASP F 231 22.18 -10.77 44.39
CA ASP F 231 21.03 -11.65 44.23
C ASP F 231 21.51 -13.08 44.17
N SER F 232 20.57 -14.02 44.32
CA SER F 232 20.89 -15.44 44.18
C SER F 232 19.67 -16.20 43.68
N GLN F 233 19.89 -16.99 42.65
CA GLN F 233 18.85 -17.87 42.13
C GLN F 233 19.40 -19.29 42.04
N TRP F 234 18.51 -20.27 41.94
CA TRP F 234 18.90 -21.67 42.00
C TRP F 234 18.73 -22.36 40.65
N LEU F 235 19.54 -23.39 40.42
CA LEU F 235 19.47 -24.16 39.19
C LEU F 235 19.13 -25.62 39.47
N GLY F 236 18.79 -25.91 40.73
CA GLY F 236 18.45 -27.27 41.13
C GLY F 236 19.67 -28.16 41.14
N ASP F 237 20.59 -27.88 40.22
CA ASP F 237 21.83 -28.65 40.12
C ASP F 237 22.97 -27.86 40.73
N ARG F 238 22.77 -26.55 40.87
CA ARG F 238 23.78 -25.66 41.40
C ARG F 238 23.16 -24.33 41.76
N VAL F 239 23.91 -23.49 42.49
CA VAL F 239 23.41 -22.20 42.91
C VAL F 239 24.46 -21.10 42.81
N ILE F 240 24.07 -19.96 42.26
CA ILE F 240 24.99 -18.83 42.11
C ILE F 240 24.66 -17.71 43.08
N THR F 241 25.63 -17.36 43.91
CA THR F 241 25.45 -16.32 44.91
C THR F 241 26.20 -15.05 44.52
N THR F 242 25.45 -13.98 44.28
CA THR F 242 26.03 -12.68 43.95
C THR F 242 25.88 -11.74 45.14
N SER F 243 26.97 -11.08 45.51
CA SER F 243 26.98 -10.19 46.66
C SER F 243 27.73 -8.89 46.40
N THR F 244 27.10 -7.77 46.77
CA THR F 244 27.73 -6.45 46.63
C THR F 244 27.63 -5.67 47.93
N ARG F 245 28.74 -5.07 48.34
CA ARG F 245 28.78 -4.28 49.56
C ARG F 245 29.54 -2.98 49.32
N THR F 246 29.32 -2.01 50.21
CA THR F 246 30.07 -0.77 50.15
C THR F 246 31.22 -0.83 51.15
N TRP F 247 32.40 -0.41 50.71
CA TRP F 247 33.59 -0.47 51.54
C TRP F 247 34.23 0.90 51.72
N ALA F 248 34.98 1.06 52.79
CA ALA F 248 35.74 2.27 53.03
C ALA F 248 37.16 1.93 53.46
N LEU F 249 38.13 2.70 52.97
CA LEU F 249 39.53 2.42 53.25
C LEU F 249 40.31 3.66 53.70
N PRO F 250 40.84 3.61 54.93
CA PRO F 250 41.68 4.66 55.50
C PRO F 250 43.11 4.54 54.98
N THR F 251 43.99 5.44 55.44
CA THR F 251 45.41 5.31 55.18
C THR F 251 46.05 4.66 56.39
N TYR F 252 46.43 3.39 56.26
CA TYR F 252 47.01 2.65 57.37
C TYR F 252 48.49 2.92 57.54
N ASN F 253 48.97 2.80 58.78
CA ASN F 253 50.39 2.94 59.10
C ASN F 253 51.04 4.19 58.52
N ASN F 254 50.23 5.19 58.17
CA ASN F 254 50.76 6.45 57.68
C ASN F 254 51.70 6.23 56.49
N HIS F 255 51.23 5.47 55.50
CA HIS F 255 52.01 5.19 54.30
C HIS F 255 53.37 4.54 54.63
N LEU F 256 53.43 3.81 55.73
CA LEU F 256 54.70 3.24 56.19
C LEU F 256 54.63 1.76 56.53
N TYR F 257 55.71 1.05 56.24
CA TYR F 257 55.87 -0.33 56.70
C TYR F 257 56.56 -0.28 58.06
N LYS F 258 55.95 -0.91 59.05
CA LYS F 258 56.49 -0.87 60.41
C LYS F 258 56.84 -2.26 60.93
N GLN F 259 58.02 -2.36 61.55
CA GLN F 259 58.44 -3.60 62.20
C GLN F 259 57.75 -3.75 63.55
N ILE F 260 56.89 -4.75 63.67
CA ILE F 260 56.21 -5.01 64.93
C ILE F 260 56.77 -6.27 65.60
N SER F 261 56.63 -6.35 66.91
CA SER F 261 57.19 -7.46 67.67
C SER F 261 56.57 -7.55 69.05
N SER F 262 56.94 -8.58 69.79
CA SER F 262 56.42 -8.80 71.13
C SER F 262 57.00 -7.80 72.12
N GLN F 263 56.18 -7.43 73.11
CA GLN F 263 56.61 -6.49 74.14
C GLN F 263 57.82 -7.03 74.88
N SER F 264 58.74 -6.15 75.23
CA SER F 264 59.93 -6.54 75.99
C SER F 264 59.53 -7.15 77.33
N GLY F 265 59.39 -8.48 77.36
CA GLY F 265 59.01 -9.18 78.56
C GLY F 265 57.58 -8.91 79.02
N ALA F 266 56.61 -9.16 78.15
CA ALA F 266 55.21 -8.98 78.49
C ALA F 266 54.49 -10.32 78.49
N SER F 267 54.98 -11.26 77.68
CA SER F 267 54.38 -12.57 77.59
C SER F 267 55.35 -13.58 76.94
N ASN F 268 55.19 -14.86 77.24
CA ASN F 268 56.12 -15.89 76.75
C ASN F 268 55.59 -16.77 75.61
N ASP F 269 54.38 -17.29 75.78
CA ASP F 269 53.78 -18.12 74.73
C ASP F 269 53.18 -17.25 73.64
N ASN F 270 53.29 -15.94 73.82
CA ASN F 270 52.70 -14.99 72.88
C ASN F 270 53.76 -14.12 72.20
N HIS F 271 55.02 -14.54 72.31
CA HIS F 271 56.11 -13.85 71.62
C HIS F 271 55.88 -13.91 70.11
N TYR F 272 56.32 -12.88 69.41
CA TYR F 272 56.14 -12.81 67.96
C TYR F 272 57.01 -11.74 67.31
N PHE F 273 57.16 -11.86 65.99
CA PHE F 273 57.87 -10.87 65.20
C PHE F 273 57.30 -10.81 63.78
N GLY F 274 57.01 -9.61 63.31
CA GLY F 274 56.45 -9.42 61.99
C GLY F 274 56.49 -7.97 61.55
N TYR F 275 55.59 -7.62 60.64
CA TYR F 275 55.53 -6.27 60.08
C TYR F 275 54.11 -5.79 59.84
N SER F 276 53.93 -4.47 59.84
CA SER F 276 52.64 -3.87 59.57
C SER F 276 52.71 -3.10 58.25
N THR F 277 51.82 -3.43 57.33
CA THR F 277 51.84 -2.85 56.00
C THR F 277 50.76 -1.79 55.81
N PRO F 278 51.04 -0.78 54.96
CA PRO F 278 50.12 0.30 54.64
C PRO F 278 48.95 -0.18 53.78
N TRP F 279 48.91 -1.47 53.47
CA TRP F 279 47.90 -2.02 52.59
C TRP F 279 46.68 -2.54 53.36
N GLY F 280 45.52 -2.52 52.70
CA GLY F 280 44.32 -3.15 53.22
C GLY F 280 44.03 -4.37 52.37
N TYR F 281 42.94 -5.08 52.69
CA TYR F 281 42.61 -6.28 51.94
C TYR F 281 41.12 -6.60 52.00
N PHE F 282 40.66 -7.37 51.03
CA PHE F 282 39.26 -7.78 50.98
C PHE F 282 39.11 -9.21 51.45
N ASP F 283 38.01 -9.48 52.16
CA ASP F 283 37.76 -10.82 52.66
C ASP F 283 36.27 -11.12 52.69
N PHE F 284 35.92 -12.37 52.44
CA PHE F 284 34.55 -12.82 52.49
C PHE F 284 34.51 -14.30 52.88
N ASN F 285 35.50 -14.71 53.67
CA ASN F 285 35.62 -16.10 54.10
C ASN F 285 34.59 -16.47 55.17
N ARG F 286 33.38 -15.94 55.02
CA ARG F 286 32.27 -16.27 55.89
C ARG F 286 31.08 -16.59 55.01
N PHE F 287 30.33 -17.63 55.36
CA PHE F 287 29.21 -18.04 54.52
C PHE F 287 28.13 -16.96 54.44
N HIS F 288 27.92 -16.22 55.53
CA HIS F 288 26.86 -15.22 55.56
C HIS F 288 27.19 -14.04 54.65
N CYS F 289 28.42 -14.04 54.10
CA CYS F 289 28.83 -13.05 53.12
C CYS F 289 28.09 -13.25 51.81
N HIS F 290 27.65 -14.48 51.55
CA HIS F 290 27.10 -14.85 50.26
C HIS F 290 25.66 -15.35 50.34
N PHE F 291 25.37 -16.19 51.33
CA PHE F 291 24.03 -16.72 51.50
C PHE F 291 23.19 -15.88 52.45
N SER F 292 21.92 -15.69 52.11
CA SER F 292 20.99 -15.04 53.04
C SER F 292 20.46 -16.11 53.98
N PRO F 293 19.89 -15.69 55.11
CA PRO F 293 19.29 -16.65 56.05
C PRO F 293 18.37 -17.63 55.33
N ARG F 294 17.47 -17.10 54.50
CA ARG F 294 16.51 -17.93 53.78
C ARG F 294 17.21 -18.94 52.86
N ASP F 295 18.12 -18.45 52.02
CA ASP F 295 18.86 -19.31 51.11
C ASP F 295 19.54 -20.44 51.86
N TRP F 296 20.22 -20.08 52.94
CA TRP F 296 20.90 -21.07 53.77
C TRP F 296 19.92 -22.15 54.21
N GLN F 297 18.68 -21.76 54.47
CA GLN F 297 17.65 -22.72 54.85
C GLN F 297 17.37 -23.72 53.73
N ARG F 298 17.05 -23.20 52.55
CA ARG F 298 16.82 -24.05 51.39
C ARG F 298 17.98 -25.01 51.21
N LEU F 299 19.18 -24.45 51.19
CA LEU F 299 20.40 -25.23 51.05
C LEU F 299 20.43 -26.38 52.05
N ILE F 300 20.40 -26.03 53.34
CA ILE F 300 20.52 -27.00 54.41
C ILE F 300 19.49 -28.12 54.35
N ASN F 301 18.24 -27.73 54.15
CA ASN F 301 17.12 -28.67 54.27
C ASN F 301 16.91 -29.56 53.04
N ASN F 302 17.72 -29.37 52.01
CA ASN F 302 17.44 -30.05 50.74
C ASN F 302 18.60 -30.85 50.13
N ASN F 303 19.83 -30.53 50.51
CA ASN F 303 20.99 -31.10 49.82
C ASN F 303 21.91 -31.98 50.67
N TRP F 304 22.22 -33.16 50.16
CA TRP F 304 23.19 -34.07 50.76
C TRP F 304 24.51 -33.36 51.05
N GLY F 305 24.95 -32.51 50.12
CA GLY F 305 26.21 -31.81 50.25
C GLY F 305 26.36 -30.68 49.25
N PHE F 306 27.45 -29.92 49.35
CA PHE F 306 27.68 -28.80 48.44
C PHE F 306 29.16 -28.41 48.39
N ARG F 307 29.52 -27.54 47.45
CA ARG F 307 30.91 -27.13 47.26
C ARG F 307 31.01 -25.86 46.40
N PRO F 308 32.15 -25.16 46.50
CA PRO F 308 32.46 -23.99 45.67
C PRO F 308 32.94 -24.39 44.28
N LYS F 309 32.67 -23.55 43.29
CA LYS F 309 33.07 -23.84 41.91
C LYS F 309 33.84 -22.70 41.25
N LYS F 310 33.16 -21.57 41.03
CA LYS F 310 33.78 -20.43 40.37
C LYS F 310 33.76 -19.18 41.24
N LEU F 311 34.39 -18.11 40.76
CA LEU F 311 34.49 -16.87 41.51
C LEU F 311 34.65 -15.66 40.59
N SER F 312 33.96 -14.57 40.92
CA SER F 312 34.05 -13.33 40.16
C SER F 312 34.18 -12.12 41.08
N PHE F 313 35.34 -11.48 41.03
CA PHE F 313 35.61 -10.34 41.89
C PHE F 313 35.61 -9.03 41.09
N LYS F 314 34.90 -8.03 41.60
CA LYS F 314 34.78 -6.77 40.90
C LYS F 314 34.83 -5.56 41.83
N LEU F 315 35.67 -4.58 41.48
CA LEU F 315 35.78 -3.34 42.22
C LEU F 315 35.37 -2.16 41.34
N PHE F 316 34.55 -1.27 41.87
CA PHE F 316 34.01 -0.18 41.07
C PHE F 316 33.50 1.01 41.87
N ASN F 317 32.99 2.01 41.16
CA ASN F 317 32.43 3.22 41.76
C ASN F 317 33.34 3.84 42.80
N ILE F 318 34.64 3.86 42.49
CA ILE F 318 35.66 4.35 43.42
C ILE F 318 35.64 5.87 43.54
N GLN F 319 35.76 6.34 44.78
CA GLN F 319 35.80 7.76 45.07
C GLN F 319 36.90 8.03 46.10
N VAL F 320 37.76 8.99 45.82
CA VAL F 320 38.82 9.35 46.74
C VAL F 320 38.56 10.70 47.38
N LYS F 321 38.20 10.68 48.66
CA LYS F 321 37.93 11.90 49.41
C LYS F 321 39.14 12.27 50.26
N GLU F 322 39.56 13.53 50.16
CA GLU F 322 40.64 14.03 51.00
C GLU F 322 40.10 15.01 52.04
N VAL F 323 40.53 14.83 53.29
CA VAL F 323 39.99 15.61 54.39
C VAL F 323 41.01 16.61 54.93
N THR F 324 40.51 17.77 55.37
CA THR F 324 41.36 18.80 55.94
C THR F 324 40.75 19.36 57.22
N GLN F 325 41.54 19.38 58.29
CA GLN F 325 41.12 19.97 59.54
C GLN F 325 41.63 21.41 59.61
N ASN F 326 40.77 22.36 59.25
CA ASN F 326 41.16 23.77 59.17
C ASN F 326 41.27 24.46 60.53
N ASP F 327 40.13 24.67 61.17
CA ASP F 327 40.11 25.29 62.50
C ASP F 327 39.59 24.28 63.52
N GLY F 328 38.28 24.20 63.63
CA GLY F 328 37.64 23.20 64.46
C GLY F 328 36.61 22.46 63.65
N THR F 329 36.79 22.50 62.33
CA THR F 329 35.84 21.90 61.40
C THR F 329 36.55 21.03 60.36
N THR F 330 36.14 19.76 60.27
CA THR F 330 36.68 18.85 59.27
C THR F 330 35.88 18.94 57.97
N THR F 331 36.54 19.40 56.91
CA THR F 331 35.91 19.48 55.61
C THR F 331 36.40 18.33 54.73
N ILE F 332 35.46 17.69 54.03
CA ILE F 332 35.79 16.58 53.14
C ILE F 332 35.38 16.91 51.71
N ALA F 333 36.28 16.67 50.76
CA ALA F 333 36.01 16.99 49.37
C ALA F 333 36.56 15.93 48.41
N ASN F 334 36.47 16.22 47.11
CA ASN F 334 36.90 15.27 46.08
C ASN F 334 38.30 15.56 45.53
N ASN F 335 39.17 14.56 45.60
CA ASN F 335 40.46 14.62 44.92
C ASN F 335 40.42 13.70 43.72
N LEU F 336 39.87 14.20 42.62
CA LEU F 336 39.63 13.38 41.44
C LEU F 336 40.90 12.78 40.86
N THR F 337 41.97 13.57 40.82
CA THR F 337 43.21 13.14 40.21
C THR F 337 43.98 12.13 41.05
N SER F 338 43.38 11.65 42.13
CA SER F 338 44.05 10.68 42.99
C SER F 338 43.68 9.25 42.62
N THR F 339 44.59 8.32 42.89
CA THR F 339 44.41 6.92 42.50
C THR F 339 44.42 5.97 43.69
N VAL F 340 44.04 4.72 43.42
CA VAL F 340 44.12 3.66 44.41
C VAL F 340 44.78 2.46 43.73
N GLN F 341 45.38 1.58 44.52
CA GLN F 341 46.15 0.47 43.95
C GLN F 341 45.66 -0.91 44.38
N VAL F 342 45.46 -1.78 43.39
CA VAL F 342 44.98 -3.14 43.65
C VAL F 342 45.90 -4.15 43.01
N PHE F 343 46.04 -5.31 43.65
CA PHE F 343 46.71 -6.45 43.04
C PHE F 343 46.37 -7.74 43.78
N THR F 344 46.42 -8.85 43.05
CA THR F 344 46.02 -10.13 43.61
C THR F 344 47.19 -11.10 43.68
N ASP F 345 47.47 -11.60 44.88
CA ASP F 345 48.54 -12.56 45.09
C ASP F 345 48.14 -13.92 44.53
N SER F 346 48.37 -14.12 43.24
CA SER F 346 47.99 -15.34 42.56
C SER F 346 49.14 -16.34 42.52
N GLU F 347 50.36 -15.83 42.69
CA GLU F 347 51.54 -16.69 42.74
C GLU F 347 51.75 -17.19 44.17
N TYR F 348 50.87 -16.73 45.07
CA TYR F 348 50.93 -17.10 46.48
C TYR F 348 52.31 -16.83 47.07
N GLN F 349 52.80 -15.61 46.89
CA GLN F 349 54.13 -15.24 47.35
C GLN F 349 54.06 -14.42 48.64
N LEU F 350 52.87 -13.87 48.92
CA LEU F 350 52.64 -13.17 50.18
C LEU F 350 52.01 -14.11 51.19
N PRO F 351 52.46 -14.04 52.45
CA PRO F 351 51.92 -14.87 53.53
C PRO F 351 50.40 -14.88 53.53
N TYR F 352 49.81 -16.06 53.44
CA TYR F 352 48.36 -16.18 53.43
C TYR F 352 47.82 -15.96 54.83
N VAL F 353 47.14 -14.84 55.03
CA VAL F 353 46.67 -14.45 56.34
C VAL F 353 45.17 -14.68 56.49
N LEU F 354 44.54 -15.19 55.44
CA LEU F 354 43.13 -15.51 55.46
C LEU F 354 42.89 -16.90 56.06
N GLY F 355 41.64 -17.20 56.37
CA GLY F 355 41.30 -18.47 56.95
C GLY F 355 41.78 -18.59 58.38
N SER F 356 41.78 -17.47 59.09
CA SER F 356 42.19 -17.44 60.49
C SER F 356 41.12 -16.79 61.36
N ALA F 357 39.89 -16.79 60.87
CA ALA F 357 38.73 -16.30 61.63
C ALA F 357 38.83 -14.81 61.96
N HIS F 358 39.66 -14.08 61.22
CA HIS F 358 39.81 -12.65 61.46
C HIS F 358 38.55 -11.90 61.10
N GLN F 359 38.45 -10.66 61.56
CA GLN F 359 37.29 -9.83 61.30
C GLN F 359 37.57 -8.89 60.14
N GLY F 360 36.52 -8.29 59.60
CA GLY F 360 36.66 -7.37 58.48
C GLY F 360 36.07 -7.94 57.19
N CYS F 361 35.35 -9.05 57.33
CA CYS F 361 34.69 -9.67 56.19
C CYS F 361 33.58 -8.77 55.66
N LEU F 362 32.80 -9.30 54.72
CA LEU F 362 31.65 -8.57 54.22
C LEU F 362 30.50 -8.69 55.21
N PRO F 363 29.78 -7.58 55.43
CA PRO F 363 28.64 -7.56 56.35
C PRO F 363 27.58 -8.60 55.97
N PRO F 364 27.04 -9.32 56.96
CA PRO F 364 25.96 -10.27 56.68
C PRO F 364 24.80 -9.55 56.00
N PHE F 365 24.44 -8.39 56.55
CA PHE F 365 23.37 -7.57 55.99
C PHE F 365 23.91 -6.68 54.89
N PRO F 366 23.28 -6.72 53.71
CA PRO F 366 23.71 -6.01 52.51
C PRO F 366 23.77 -4.49 52.70
N ALA F 367 22.85 -3.94 53.49
CA ALA F 367 22.76 -2.49 53.67
C ALA F 367 23.90 -1.93 54.53
N ASP F 368 24.59 -2.81 55.26
CA ASP F 368 25.67 -2.38 56.14
C ASP F 368 26.94 -2.01 55.38
N VAL F 369 27.65 -1.00 55.88
CA VAL F 369 28.94 -0.60 55.32
C VAL F 369 30.06 -1.12 56.19
N PHE F 370 31.20 -1.45 55.58
CA PHE F 370 32.33 -2.00 56.34
C PHE F 370 33.65 -1.28 56.07
N MET F 371 34.56 -1.38 57.03
CA MET F 371 35.89 -0.80 56.90
C MET F 371 36.84 -1.89 56.42
N VAL F 372 37.66 -1.56 55.42
CA VAL F 372 38.61 -2.53 54.88
C VAL F 372 39.80 -2.71 55.82
N PRO F 373 40.00 -3.95 56.30
CA PRO F 373 41.02 -4.30 57.30
C PRO F 373 42.43 -3.94 56.82
N GLN F 374 43.40 -4.03 57.72
CA GLN F 374 44.80 -3.76 57.38
C GLN F 374 45.59 -5.06 57.30
N TYR F 375 46.58 -5.08 56.41
CA TYR F 375 47.41 -6.27 56.22
C TYR F 375 48.60 -6.29 57.18
N GLY F 376 48.74 -7.40 57.90
CA GLY F 376 49.87 -7.61 58.78
C GLY F 376 50.24 -9.08 58.79
N TYR F 377 51.54 -9.36 58.77
CA TYR F 377 51.98 -10.75 58.72
C TYR F 377 53.07 -11.06 59.74
N LEU F 378 53.23 -12.35 60.03
CA LEU F 378 54.21 -12.80 61.00
C LEU F 378 55.33 -13.57 60.30
N THR F 379 56.42 -13.79 61.03
CA THR F 379 57.56 -14.51 60.48
C THR F 379 58.21 -15.37 61.56
N LEU F 380 59.19 -16.15 61.16
CA LEU F 380 59.96 -16.96 62.08
C LEU F 380 60.57 -16.07 63.16
N ASN F 381 60.48 -16.48 64.42
CA ASN F 381 61.01 -15.69 65.52
C ASN F 381 61.64 -16.52 66.64
N ASN F 382 62.62 -15.94 67.31
CA ASN F 382 63.25 -16.56 68.48
C ASN F 382 62.96 -15.74 69.73
N GLY F 383 61.75 -15.89 70.26
CA GLY F 383 61.31 -15.06 71.36
C GLY F 383 60.83 -13.72 70.83
N SER F 384 61.39 -12.64 71.37
CA SER F 384 61.07 -11.30 70.90
C SER F 384 61.91 -10.96 69.68
N GLN F 385 62.98 -11.73 69.49
CA GLN F 385 63.91 -11.52 68.38
C GLN F 385 63.52 -12.32 67.15
N ALA F 386 64.21 -12.06 66.05
CA ALA F 386 63.98 -12.79 64.82
C ALA F 386 65.22 -13.54 64.39
N VAL F 387 65.06 -14.52 63.52
CA VAL F 387 66.18 -15.30 63.00
C VAL F 387 66.62 -14.72 61.67
N GLY F 388 67.81 -15.12 61.20
CA GLY F 388 68.31 -14.67 59.92
C GLY F 388 67.48 -15.20 58.76
N ARG F 389 66.74 -16.27 59.01
CA ARG F 389 65.91 -16.91 57.99
C ARG F 389 64.53 -16.28 57.88
N SER F 390 64.28 -15.24 58.67
CA SER F 390 63.00 -14.54 58.60
C SER F 390 62.87 -13.82 57.27
N SER F 391 61.65 -13.43 56.92
CA SER F 391 61.38 -12.83 55.61
C SER F 391 60.62 -11.51 55.72
N PHE F 392 61.13 -10.50 55.00
CA PHE F 392 60.50 -9.18 54.94
C PHE F 392 59.86 -8.97 53.57
N TYR F 393 58.58 -8.63 53.56
CA TYR F 393 57.84 -8.49 52.30
C TYR F 393 57.37 -7.06 52.05
N CYS F 394 57.65 -6.56 50.85
CA CYS F 394 57.19 -5.25 50.43
C CYS F 394 56.17 -5.41 49.30
N LEU F 395 54.94 -5.00 49.56
CA LEU F 395 53.86 -5.16 48.58
C LEU F 395 53.97 -4.15 47.45
N GLU F 396 54.96 -3.26 47.53
CA GLU F 396 55.20 -2.28 46.49
C GLU F 396 56.04 -2.90 45.39
N TYR F 397 56.71 -3.99 45.71
CA TYR F 397 57.55 -4.71 44.75
C TYR F 397 56.68 -5.67 43.95
N PHE F 398 55.37 -5.50 44.08
CA PHE F 398 54.41 -6.26 43.29
C PHE F 398 53.75 -5.34 42.27
N PRO F 399 53.67 -5.79 41.02
CA PRO F 399 52.92 -5.04 40.00
C PRO F 399 51.48 -4.88 40.42
N SER F 400 51.00 -3.64 40.50
CA SER F 400 49.63 -3.37 40.88
C SER F 400 48.95 -2.40 39.91
N GLN F 401 47.64 -2.56 39.74
CA GLN F 401 46.88 -1.69 38.89
C GLN F 401 46.39 -0.48 39.67
N MET F 402 46.70 0.71 39.17
CA MET F 402 46.26 1.95 39.79
C MET F 402 44.99 2.46 39.14
N LEU F 403 44.01 2.86 39.95
CA LEU F 403 42.71 3.26 39.46
C LEU F 403 42.33 4.68 39.87
N ARG F 404 41.84 5.45 38.90
CA ARG F 404 41.27 6.75 39.16
C ARG F 404 39.76 6.58 39.22
N THR F 405 39.03 7.66 39.46
CA THR F 405 37.57 7.59 39.50
C THR F 405 37.03 7.27 38.11
N GLY F 406 36.37 6.12 37.98
CA GLY F 406 35.85 5.69 36.70
C GLY F 406 36.58 4.46 36.21
N ASN F 407 37.64 4.09 36.95
CA ASN F 407 38.33 2.84 36.67
C ASN F 407 37.75 1.73 37.53
N ASN F 408 37.87 0.49 37.05
CA ASN F 408 37.38 -0.67 37.79
C ASN F 408 38.36 -1.83 37.76
N PHE F 409 38.16 -2.79 38.67
CA PHE F 409 39.05 -3.93 38.78
C PHE F 409 38.29 -5.23 38.57
N GLN F 410 38.90 -6.15 37.82
CA GLN F 410 38.23 -7.40 37.45
C GLN F 410 39.09 -8.60 37.81
N PHE F 411 38.45 -9.68 38.26
CA PHE F 411 39.18 -10.89 38.62
C PHE F 411 38.31 -12.16 38.64
N SER F 412 38.78 -13.20 37.97
CA SER F 412 38.06 -14.48 37.93
C SER F 412 38.93 -15.65 38.40
N TYR F 413 38.36 -16.50 39.24
CA TYR F 413 39.08 -17.60 39.87
C TYR F 413 38.28 -18.90 39.75
N THR F 414 38.98 -20.03 39.72
CA THR F 414 38.34 -21.33 39.59
C THR F 414 38.77 -22.30 40.69
N PHE F 415 37.84 -22.66 41.57
CA PHE F 415 38.12 -23.58 42.66
C PHE F 415 38.62 -24.93 42.15
N GLU F 416 39.47 -25.57 42.94
CA GLU F 416 39.97 -26.90 42.61
C GLU F 416 38.97 -27.96 43.05
N ASP F 417 39.30 -29.22 42.81
CA ASP F 417 38.44 -30.32 43.23
C ASP F 417 38.53 -30.53 44.74
N VAL F 418 37.42 -30.32 45.43
CA VAL F 418 37.37 -30.49 46.87
C VAL F 418 36.06 -31.13 47.32
N PRO F 419 36.15 -32.24 48.06
CA PRO F 419 35.02 -33.07 48.52
C PRO F 419 33.86 -32.28 49.09
N PHE F 420 32.64 -32.66 48.71
CA PHE F 420 31.42 -32.04 49.21
C PHE F 420 31.43 -32.01 50.72
N HIS F 421 30.81 -31.00 51.31
CA HIS F 421 30.62 -30.98 52.75
C HIS F 421 29.47 -31.89 53.14
N SER F 422 29.49 -32.36 54.38
CA SER F 422 28.43 -33.23 54.89
C SER F 422 27.25 -32.43 55.41
N SER F 423 26.29 -32.18 54.53
CA SER F 423 25.05 -31.54 54.93
C SER F 423 24.05 -32.62 55.36
N TYR F 424 24.60 -33.73 55.86
CA TYR F 424 23.79 -34.86 56.28
C TYR F 424 24.26 -35.42 57.63
N ALA F 425 23.42 -36.24 58.24
CA ALA F 425 23.77 -36.93 59.47
C ALA F 425 23.34 -38.39 59.38
N HIS F 426 24.16 -39.29 59.88
CA HIS F 426 23.90 -40.72 59.75
C HIS F 426 22.72 -41.20 60.59
N SER F 427 21.84 -41.99 59.99
CA SER F 427 20.70 -42.57 60.69
C SER F 427 21.09 -43.91 61.32
N GLN F 428 22.26 -44.42 60.94
CA GLN F 428 22.80 -45.63 61.54
C GLN F 428 23.99 -45.31 62.44
N SER F 429 24.46 -46.30 63.18
CA SER F 429 25.63 -46.12 64.03
C SER F 429 26.72 -47.13 63.67
N LEU F 430 27.96 -46.85 64.07
CA LEU F 430 29.07 -47.77 63.79
C LEU F 430 28.88 -49.14 64.42
N ASP F 431 28.48 -49.15 65.69
CA ASP F 431 28.29 -50.40 66.41
C ASP F 431 26.92 -51.00 66.15
N ARG F 432 25.98 -50.19 65.69
CA ARG F 432 24.63 -50.65 65.39
C ARG F 432 24.41 -50.77 63.88
N LEU F 433 25.29 -51.53 63.23
CA LEU F 433 25.28 -51.61 61.77
C LEU F 433 24.76 -52.97 61.27
N MET F 434 24.87 -53.99 62.12
CA MET F 434 24.52 -55.35 61.74
C MET F 434 23.02 -55.65 61.75
N ASN F 435 22.68 -56.93 61.68
CA ASN F 435 21.30 -57.38 61.63
C ASN F 435 20.77 -57.79 63.00
N PRO F 436 19.70 -57.12 63.45
CA PRO F 436 19.05 -57.35 64.73
C PRO F 436 18.41 -58.73 64.85
N LEU F 437 18.16 -59.39 63.72
CA LEU F 437 17.40 -60.64 63.71
C LEU F 437 18.27 -61.89 63.64
N ILE F 438 19.36 -61.80 62.87
CA ILE F 438 20.20 -62.96 62.65
C ILE F 438 21.46 -62.93 63.51
N ASP F 439 21.98 -64.11 63.84
CA ASP F 439 23.18 -64.23 64.66
C ASP F 439 24.41 -64.36 63.78
N GLN F 440 25.56 -63.96 64.30
CA GLN F 440 26.82 -64.11 63.58
C GLN F 440 27.26 -65.56 63.60
N TYR F 441 28.07 -65.95 62.62
CA TYR F 441 28.62 -67.30 62.58
C TYR F 441 30.02 -67.30 63.18
N LEU F 442 30.44 -66.15 63.68
CA LEU F 442 31.75 -66.02 64.33
C LEU F 442 31.64 -66.22 65.83
N TYR F 443 32.73 -66.64 66.45
CA TYR F 443 32.73 -66.91 67.88
C TYR F 443 33.72 -66.02 68.64
N TYR F 444 33.33 -65.63 69.85
CA TYR F 444 34.18 -64.83 70.72
C TYR F 444 34.22 -65.51 72.09
N LEU F 445 35.23 -65.17 72.89
CA LEU F 445 35.33 -65.71 74.24
C LEU F 445 34.70 -64.74 75.23
N ASN F 446 33.80 -65.26 76.07
CA ASN F 446 33.08 -64.42 77.02
C ASN F 446 33.14 -64.92 78.47
N ARG F 447 33.67 -66.13 78.65
CA ARG F 447 33.81 -66.71 79.97
C ARG F 447 35.19 -67.34 80.15
N THR F 448 35.92 -66.86 81.16
CA THR F 448 37.26 -67.35 81.42
C THR F 448 37.31 -68.31 82.61
N GLN F 449 36.44 -68.07 83.59
CA GLN F 449 36.40 -68.91 84.79
C GLN F 449 34.98 -69.36 85.14
N GLY F 450 34.09 -68.39 85.33
CA GLY F 450 32.73 -68.66 85.78
C GLY F 450 32.07 -69.81 85.07
N THR F 451 32.15 -71.00 85.67
CA THR F 451 31.52 -72.18 85.11
C THR F 451 30.31 -72.56 85.96
N THR F 452 29.88 -73.82 85.86
CA THR F 452 28.89 -74.37 86.77
C THR F 452 29.51 -74.33 88.16
N SER F 453 29.59 -73.13 88.73
CA SER F 453 30.38 -72.87 89.93
C SER F 453 29.77 -73.46 91.20
N GLY F 454 30.41 -74.52 91.69
CA GLY F 454 30.00 -75.15 92.93
C GLY F 454 31.07 -76.11 93.42
N THR F 455 31.23 -77.22 92.71
CA THR F 455 32.24 -78.22 93.02
C THR F 455 33.32 -78.19 91.93
N THR F 456 34.59 -78.17 92.36
CA THR F 456 35.74 -78.34 91.45
C THR F 456 35.62 -77.52 90.16
N ASN F 457 35.19 -76.27 90.29
CA ASN F 457 35.07 -75.40 89.13
C ASN F 457 35.82 -74.08 89.28
N GLN F 458 37.14 -74.16 89.09
CA GLN F 458 38.00 -72.99 89.17
C GLN F 458 37.89 -72.14 87.90
N SER F 459 38.30 -72.72 86.77
CA SER F 459 38.32 -71.98 85.50
C SER F 459 38.13 -72.89 84.29
N ARG F 460 37.59 -72.31 83.22
CA ARG F 460 37.36 -73.03 81.97
C ARG F 460 37.17 -72.05 80.82
N LEU F 461 37.75 -72.36 79.67
CA LEU F 461 37.65 -71.49 78.50
C LEU F 461 36.35 -71.75 77.73
N LEU F 462 35.46 -70.75 77.72
CA LEU F 462 34.16 -70.90 77.09
C LEU F 462 33.86 -69.82 76.06
N PHE F 463 33.38 -70.23 74.89
CA PHE F 463 33.13 -69.32 73.78
C PHE F 463 31.66 -69.25 73.43
N SER F 464 31.21 -68.08 73.00
CA SER F 464 29.82 -67.89 72.58
C SER F 464 29.71 -67.41 71.15
N GLN F 465 28.64 -67.82 70.47
CA GLN F 465 28.34 -67.33 69.13
C GLN F 465 27.57 -66.02 69.23
N ALA F 466 28.09 -64.99 68.57
CA ALA F 466 27.48 -63.67 68.62
C ALA F 466 26.01 -63.72 68.20
N GLY F 467 25.16 -63.04 68.97
CA GLY F 467 23.74 -62.95 68.65
C GLY F 467 23.27 -61.53 68.81
N PRO F 468 21.99 -61.27 68.50
CA PRO F 468 21.41 -59.94 68.67
C PRO F 468 21.45 -59.57 70.15
N GLN F 469 21.56 -60.60 70.97
CA GLN F 469 21.61 -60.44 72.41
C GLN F 469 22.99 -59.94 72.84
N SER F 470 24.03 -60.49 72.23
CA SER F 470 25.40 -60.01 72.47
C SER F 470 25.74 -58.91 71.48
N MET F 471 25.04 -57.80 71.59
CA MET F 471 25.12 -56.74 70.58
C MET F 471 26.44 -55.96 70.63
N SER F 472 26.91 -55.62 71.83
CA SER F 472 28.16 -54.87 71.97
C SER F 472 29.35 -55.80 72.14
N LEU F 473 29.21 -57.02 71.63
CA LEU F 473 30.27 -58.02 71.73
C LEU F 473 30.58 -58.65 70.38
N GLN F 474 29.71 -58.39 69.40
CA GLN F 474 29.85 -58.97 68.06
C GLN F 474 31.11 -58.51 67.36
N ALA F 475 31.61 -59.33 66.44
CA ALA F 475 32.76 -58.97 65.63
C ALA F 475 32.48 -57.68 64.87
N ARG F 476 33.53 -56.88 64.67
CA ARG F 476 33.36 -55.58 64.04
C ARG F 476 34.30 -55.42 62.85
N ASN F 477 33.88 -54.59 61.89
CA ASN F 477 34.69 -54.34 60.69
C ASN F 477 35.35 -52.96 60.66
N TRP F 478 34.91 -52.07 61.54
CA TRP F 478 35.34 -50.68 61.49
C TRP F 478 35.53 -50.06 62.88
N LEU F 479 36.36 -49.02 62.96
CA LEU F 479 36.58 -48.28 64.21
C LEU F 479 36.11 -46.84 64.11
N PRO F 480 35.93 -46.17 65.26
CA PRO F 480 35.57 -44.75 65.31
C PRO F 480 36.74 -43.87 64.93
N GLY F 481 36.49 -42.58 64.73
CA GLY F 481 37.52 -41.65 64.35
C GLY F 481 38.52 -41.42 65.46
N PRO F 482 39.67 -40.80 65.13
CA PRO F 482 40.73 -40.48 66.09
C PRO F 482 40.21 -39.58 67.20
N CYS F 483 41.05 -39.30 68.20
CA CYS F 483 40.62 -38.49 69.33
C CYS F 483 41.77 -37.78 70.04
N TYR F 484 41.42 -36.71 70.75
CA TYR F 484 42.35 -35.96 71.59
C TYR F 484 41.55 -35.36 72.73
N ARG F 485 41.46 -36.09 73.84
CA ARG F 485 40.56 -35.75 74.94
C ARG F 485 40.57 -34.27 75.32
N GLN F 486 39.37 -33.72 75.48
CA GLN F 486 39.20 -32.35 75.94
C GLN F 486 38.60 -32.38 77.35
N GLN F 487 38.79 -31.31 78.10
CA GLN F 487 38.22 -31.23 79.44
C GLN F 487 36.72 -30.90 79.39
N ARG F 488 35.96 -31.48 80.30
CA ARG F 488 34.51 -31.27 80.33
C ARG F 488 34.15 -30.03 81.13
N LEU F 489 33.31 -29.16 80.53
CA LEU F 489 32.83 -27.97 81.21
C LEU F 489 31.32 -27.95 81.26
N SER F 490 30.77 -27.34 82.31
CA SER F 490 29.33 -27.19 82.42
C SER F 490 28.93 -25.73 82.23
N LYS F 491 27.76 -25.52 81.64
CA LYS F 491 27.24 -24.18 81.46
C LYS F 491 26.74 -23.63 82.78
N THR F 492 26.41 -24.54 83.70
CA THR F 492 26.00 -24.16 85.06
C THR F 492 27.25 -23.83 85.87
N ALA F 493 27.41 -22.55 86.22
CA ALA F 493 28.63 -22.06 86.83
C ALA F 493 28.83 -22.53 88.27
N ASN F 494 28.31 -23.70 88.61
CA ASN F 494 28.50 -24.24 89.96
C ASN F 494 28.79 -25.73 89.96
N ASP F 495 28.64 -26.37 88.80
CA ASP F 495 28.99 -27.78 88.67
C ASP F 495 30.50 -27.90 88.61
N ASN F 496 31.15 -26.81 88.21
CA ASN F 496 32.58 -26.83 87.94
C ASN F 496 33.47 -26.68 89.17
N ASN F 497 34.75 -27.02 89.00
CA ASN F 497 35.74 -26.89 90.06
C ASN F 497 36.03 -25.42 90.35
N ASN F 498 36.12 -25.08 91.63
CA ASN F 498 36.40 -23.70 92.03
C ASN F 498 37.88 -23.34 91.81
N SER F 499 38.32 -23.42 90.56
CA SER F 499 39.69 -23.09 90.19
C SER F 499 39.75 -22.62 88.73
N ASN F 500 40.68 -21.70 88.44
CA ASN F 500 40.84 -21.19 87.08
C ASN F 500 41.79 -22.05 86.26
N PHE F 501 41.23 -22.89 85.40
CA PHE F 501 42.00 -23.87 84.65
C PHE F 501 41.88 -23.79 83.12
N PRO F 502 41.59 -22.60 82.57
CA PRO F 502 41.38 -22.54 81.12
C PRO F 502 42.71 -22.58 80.36
N TRP F 503 43.81 -22.80 81.08
CA TRP F 503 45.13 -22.85 80.45
C TRP F 503 45.99 -23.96 81.06
N THR F 504 45.85 -24.14 82.37
CA THR F 504 46.66 -25.11 83.10
C THR F 504 46.06 -26.52 83.06
N ALA F 505 44.85 -26.63 82.52
CA ALA F 505 44.17 -27.91 82.46
C ALA F 505 43.60 -28.22 81.08
N ALA F 506 43.81 -27.30 80.14
CA ALA F 506 43.32 -27.48 78.78
C ALA F 506 44.34 -28.21 77.91
N SER F 507 43.84 -28.94 76.92
CA SER F 507 44.71 -29.67 75.99
C SER F 507 45.42 -28.73 75.04
N LYS F 508 46.74 -28.85 74.98
CA LYS F 508 47.55 -27.93 74.21
C LYS F 508 48.73 -28.65 73.56
N TYR F 509 49.32 -28.04 72.54
CA TYR F 509 50.51 -28.58 71.91
C TYR F 509 51.63 -27.56 72.01
N HIS F 510 52.85 -27.98 71.71
CA HIS F 510 53.97 -27.04 71.76
C HIS F 510 54.99 -27.30 70.65
N LEU F 511 55.42 -26.22 70.01
CA LEU F 511 56.43 -26.29 68.96
C LEU F 511 57.54 -25.31 69.26
N ASN F 512 58.78 -25.76 69.12
CA ASN F 512 59.92 -24.89 69.36
C ASN F 512 59.94 -24.41 70.80
N GLY F 513 59.37 -25.21 71.69
CA GLY F 513 59.29 -24.86 73.10
C GLY F 513 58.26 -23.79 73.38
N ARG F 514 57.23 -23.73 72.54
CA ARG F 514 56.17 -22.73 72.68
C ARG F 514 54.79 -23.36 72.74
N ASP F 515 54.12 -23.20 73.88
CA ASP F 515 52.78 -23.74 74.08
C ASP F 515 51.75 -23.02 73.22
N SER F 516 50.88 -23.80 72.58
CA SER F 516 49.76 -23.26 71.81
C SER F 516 48.51 -24.09 72.09
N LEU F 517 47.40 -23.43 72.32
CA LEU F 517 46.17 -24.13 72.71
C LEU F 517 45.51 -24.84 71.53
N VAL F 518 45.28 -26.14 71.69
CA VAL F 518 44.58 -26.93 70.68
C VAL F 518 43.10 -26.61 70.74
N ASN F 519 42.69 -25.53 70.09
CA ASN F 519 41.31 -25.07 70.16
C ASN F 519 40.31 -26.01 69.46
N PRO F 520 40.19 -25.93 68.13
CA PRO F 520 39.29 -26.90 67.52
C PRO F 520 40.06 -28.16 67.15
N GLY F 521 40.17 -29.09 68.09
CA GLY F 521 40.93 -30.31 67.85
C GLY F 521 40.27 -31.20 66.84
N PRO F 522 40.70 -32.47 66.77
CA PRO F 522 40.01 -33.43 65.90
C PRO F 522 38.51 -33.35 66.11
N ALA F 523 37.74 -33.75 65.11
CA ALA F 523 36.29 -33.72 65.21
C ALA F 523 35.79 -34.78 66.20
N MET F 524 35.31 -34.32 67.36
CA MET F 524 34.76 -35.21 68.37
C MET F 524 33.38 -34.71 68.80
N ALA F 525 32.55 -35.61 69.32
CA ALA F 525 31.20 -35.25 69.75
C ALA F 525 31.24 -34.39 71.02
N SER F 526 30.36 -33.40 71.10
CA SER F 526 30.33 -32.47 72.21
C SER F 526 29.84 -33.10 73.52
N HIS F 527 28.77 -33.89 73.45
CA HIS F 527 28.20 -34.51 74.62
C HIS F 527 27.53 -35.85 74.30
N LYS F 528 27.42 -36.71 75.30
CA LYS F 528 26.72 -37.98 75.13
C LYS F 528 25.21 -37.78 75.32
N ASP F 529 24.44 -38.84 75.09
CA ASP F 529 22.98 -38.74 75.15
C ASP F 529 22.45 -38.37 76.53
N ASP F 530 21.39 -37.57 76.55
CA ASP F 530 20.70 -37.18 77.77
C ASP F 530 21.51 -36.24 78.67
N GLU F 531 22.27 -35.34 78.05
CA GLU F 531 23.01 -34.32 78.79
C GLU F 531 22.74 -32.94 78.21
N GLU F 532 23.38 -32.65 77.08
CA GLU F 532 23.13 -31.40 76.36
C GLU F 532 23.40 -30.17 77.23
N LYS F 533 24.36 -30.29 78.13
CA LYS F 533 24.74 -29.17 78.99
C LYS F 533 26.25 -29.10 79.15
N PHE F 534 26.91 -30.24 78.98
CA PHE F 534 28.36 -30.32 79.07
C PHE F 534 29.01 -30.16 77.70
N PHE F 535 29.70 -29.04 77.51
CA PHE F 535 30.46 -28.81 76.29
C PHE F 535 31.94 -28.97 76.59
N PRO F 536 32.74 -29.38 75.58
CA PRO F 536 34.17 -29.56 75.78
C PRO F 536 34.87 -28.22 75.98
N MET F 537 35.94 -28.23 76.77
CA MET F 537 36.80 -27.06 76.88
C MET F 537 37.19 -26.69 75.46
N HIS F 538 36.59 -25.63 74.94
CA HIS F 538 36.88 -25.17 73.59
C HIS F 538 36.90 -26.29 72.54
N GLY F 539 36.01 -27.27 72.69
CA GLY F 539 35.92 -28.37 71.75
C GLY F 539 35.04 -28.04 70.55
N ASN F 540 34.81 -26.74 70.32
CA ASN F 540 33.96 -26.28 69.23
C ASN F 540 34.01 -24.77 69.06
N LEU F 541 33.55 -24.29 67.91
CA LEU F 541 33.60 -22.86 67.61
C LEU F 541 32.50 -22.08 68.31
N ILE F 542 32.88 -20.99 68.97
CA ILE F 542 31.95 -20.16 69.71
C ILE F 542 31.85 -18.78 69.09
N PHE F 543 30.63 -18.37 68.74
CA PHE F 543 30.40 -17.08 68.11
C PHE F 543 29.87 -16.06 69.11
N GLY F 544 30.35 -14.82 68.99
CA GLY F 544 29.90 -13.75 69.86
C GLY F 544 28.69 -13.03 69.31
N LYS F 545 27.70 -12.81 70.16
CA LYS F 545 26.50 -12.08 69.76
C LYS F 545 26.83 -10.64 69.37
N GLU F 546 25.91 -10.00 68.66
CA GLU F 546 26.11 -8.62 68.24
C GLU F 546 26.19 -7.71 69.48
N GLY F 547 27.18 -6.82 69.48
CA GLY F 547 27.37 -5.91 70.59
C GLY F 547 27.77 -6.64 71.86
N THR F 548 29.05 -6.97 71.96
CA THR F 548 29.60 -7.66 73.12
C THR F 548 31.13 -7.53 73.16
N THR F 549 31.64 -6.89 74.20
CA THR F 549 33.07 -6.60 74.32
C THR F 549 33.95 -7.83 74.06
N ALA F 550 35.17 -7.58 73.61
CA ALA F 550 36.12 -8.64 73.27
C ALA F 550 36.79 -9.22 74.52
N SER F 551 36.59 -8.56 75.65
CA SER F 551 37.28 -8.95 76.88
C SER F 551 36.31 -9.47 77.93
N ASN F 552 36.42 -10.76 78.23
CA ASN F 552 35.63 -11.42 79.26
C ASN F 552 34.15 -11.06 79.23
N ALA F 553 33.42 -11.64 78.28
CA ALA F 553 32.00 -11.42 78.17
C ALA F 553 31.24 -12.52 78.90
N GLU F 554 29.95 -12.29 79.12
CA GLU F 554 29.13 -13.22 79.88
C GLU F 554 28.77 -14.48 79.07
N LEU F 555 28.40 -15.54 79.76
CA LEU F 555 27.99 -16.80 79.12
C LEU F 555 26.72 -16.61 78.31
N ASP F 556 25.88 -15.66 78.72
CA ASP F 556 24.63 -15.39 78.03
C ASP F 556 24.85 -14.43 76.88
N ASN F 557 26.12 -14.13 76.59
CA ASN F 557 26.48 -13.22 75.50
C ASN F 557 27.21 -13.93 74.35
N VAL F 558 27.35 -15.24 74.45
CA VAL F 558 28.01 -16.01 73.41
C VAL F 558 27.16 -17.18 72.93
N MET F 559 27.50 -17.69 71.75
CA MET F 559 26.79 -18.81 71.14
C MET F 559 27.72 -19.99 70.93
N ILE F 560 27.52 -21.03 71.73
CA ILE F 560 28.34 -22.23 71.67
C ILE F 560 27.70 -23.24 70.73
N THR F 561 28.51 -23.82 69.85
CA THR F 561 28.00 -24.72 68.82
C THR F 561 28.02 -26.19 69.25
N ASP F 562 26.91 -26.89 68.98
CA ASP F 562 26.78 -28.28 69.40
C ASP F 562 27.05 -29.24 68.25
N GLU F 563 28.06 -30.10 68.42
CA GLU F 563 28.38 -31.11 67.43
C GLU F 563 27.82 -32.46 67.86
N GLU F 564 26.49 -32.58 67.84
CA GLU F 564 25.84 -33.80 68.31
C GLU F 564 25.18 -34.60 67.19
N GLU F 565 25.65 -34.40 65.96
CA GLU F 565 25.15 -35.16 64.83
C GLU F 565 26.15 -36.21 64.42
N ILE F 566 27.40 -36.04 64.87
CA ILE F 566 28.48 -36.95 64.52
C ILE F 566 28.75 -37.98 65.62
N ARG F 567 27.74 -38.21 66.46
CA ARG F 567 27.86 -39.15 67.57
C ARG F 567 28.15 -40.57 67.09
N THR F 568 27.73 -40.87 65.86
CA THR F 568 27.76 -42.24 65.35
C THR F 568 29.10 -42.63 64.72
N THR F 569 29.94 -41.63 64.42
CA THR F 569 31.22 -41.89 63.78
C THR F 569 32.39 -41.41 64.65
N ASN F 570 32.10 -40.47 65.55
CA ASN F 570 33.16 -39.84 66.33
C ASN F 570 33.06 -40.07 67.83
N PRO F 571 34.22 -40.18 68.48
CA PRO F 571 34.33 -40.31 69.94
C PRO F 571 33.92 -39.02 70.63
N VAL F 572 33.40 -39.11 71.85
CA VAL F 572 33.02 -37.92 72.60
C VAL F 572 34.26 -37.16 73.06
N ALA F 573 34.25 -35.85 72.85
CA ALA F 573 35.42 -35.00 73.11
C ALA F 573 35.93 -35.05 74.54
N THR F 574 35.00 -35.02 75.49
CA THR F 574 35.34 -34.98 76.91
C THR F 574 35.53 -36.39 77.48
N GLU F 575 34.77 -37.34 76.96
CA GLU F 575 34.85 -38.73 77.40
C GLU F 575 36.15 -39.38 76.93
N GLN F 576 36.41 -40.58 77.42
CA GLN F 576 37.61 -41.34 77.05
C GLN F 576 37.51 -41.87 75.62
N TYR F 577 38.42 -42.77 75.26
CA TYR F 577 38.39 -43.42 73.96
C TYR F 577 38.01 -44.88 74.10
N GLY F 578 38.61 -45.55 75.07
CA GLY F 578 38.33 -46.95 75.31
C GLY F 578 39.27 -47.63 76.27
N THR F 579 39.40 -48.95 76.12
CA THR F 579 40.22 -49.76 77.01
C THR F 579 41.35 -50.44 76.24
N VAL F 580 42.53 -50.46 76.85
CA VAL F 580 43.68 -51.15 76.28
C VAL F 580 44.36 -52.00 77.33
N ALA F 581 44.82 -53.19 76.94
CA ALA F 581 45.55 -54.05 77.85
C ALA F 581 47.01 -53.63 77.94
N ASN F 582 47.63 -53.88 79.09
CA ASN F 582 49.03 -53.53 79.29
C ASN F 582 49.75 -54.42 80.32
N ASN F 583 49.59 -55.73 80.17
CA ASN F 583 50.25 -56.71 81.02
C ASN F 583 50.00 -58.13 80.54
N LEU F 584 50.79 -59.07 81.01
CA LEU F 584 50.63 -60.48 80.65
C LEU F 584 49.90 -61.25 81.75
N GLN F 585 48.57 -61.23 81.70
CA GLN F 585 47.75 -61.86 82.73
C GLN F 585 48.06 -63.36 82.86
N SER F 586 47.93 -63.86 84.08
CA SER F 586 48.17 -65.28 84.36
C SER F 586 47.67 -65.62 85.74
N SER F 587 47.95 -66.84 86.19
CA SER F 587 47.61 -67.26 87.53
C SER F 587 48.32 -66.38 88.57
N ASN F 588 49.51 -65.89 88.21
CA ASN F 588 50.29 -65.04 89.09
C ASN F 588 49.91 -63.57 89.01
N THR F 589 49.42 -63.16 87.85
CA THR F 589 49.14 -61.75 87.60
C THR F 589 47.69 -61.48 87.23
N ALA F 590 47.12 -60.42 87.79
CA ALA F 590 45.77 -60.00 87.45
C ALA F 590 45.79 -59.08 86.24
N PRO F 591 44.85 -59.29 85.30
CA PRO F 591 44.73 -58.50 84.07
C PRO F 591 44.59 -57.00 84.35
N THR F 592 45.33 -56.18 83.62
CA THR F 592 45.31 -54.74 83.83
C THR F 592 44.69 -53.97 82.66
N THR F 593 43.91 -52.95 82.97
CA THR F 593 43.25 -52.12 81.98
C THR F 593 43.77 -50.69 82.02
N ARG F 594 43.93 -50.09 80.84
CA ARG F 594 44.39 -48.72 80.73
C ARG F 594 43.36 -47.86 79.97
N THR F 595 42.98 -46.74 80.58
CA THR F 595 42.06 -45.81 79.94
C THR F 595 42.80 -44.94 78.93
N VAL F 596 42.49 -45.15 77.65
CA VAL F 596 43.16 -44.42 76.57
C VAL F 596 42.58 -43.02 76.38
N ASN F 597 43.45 -42.02 76.51
CA ASN F 597 43.04 -40.62 76.42
C ASN F 597 43.45 -40.00 75.10
N ASP F 598 44.38 -40.64 74.41
CA ASP F 598 44.89 -40.12 73.14
C ASP F 598 45.10 -41.23 72.12
N GLN F 599 44.44 -41.11 70.97
CA GLN F 599 44.54 -42.13 69.94
C GLN F 599 44.94 -41.56 68.58
N GLY F 600 46.10 -41.98 68.09
CA GLY F 600 46.51 -41.62 66.73
C GLY F 600 45.58 -42.26 65.72
N ALA F 601 46.03 -42.34 64.46
CA ALA F 601 45.23 -42.92 63.41
C ALA F 601 45.36 -44.44 63.38
N LEU F 602 44.37 -45.10 62.79
CA LEU F 602 44.36 -46.57 62.72
C LEU F 602 43.70 -47.10 61.46
N PRO F 603 44.30 -48.13 60.85
CA PRO F 603 43.72 -48.80 59.68
C PRO F 603 42.33 -49.33 60.01
N GLY F 604 41.30 -48.68 59.46
CA GLY F 604 39.95 -49.13 59.67
C GLY F 604 39.07 -48.09 60.33
N MET F 605 39.67 -46.96 60.71
CA MET F 605 38.91 -45.88 61.32
C MET F 605 38.13 -45.11 60.27
N VAL F 606 36.94 -44.65 60.66
CA VAL F 606 36.11 -43.83 59.79
C VAL F 606 35.52 -42.68 60.62
N TRP F 607 35.63 -41.47 60.10
CA TRP F 607 35.15 -40.31 60.85
C TRP F 607 34.44 -39.29 59.98
N GLN F 608 33.65 -38.44 60.62
CA GLN F 608 33.00 -37.34 59.96
C GLN F 608 33.72 -36.07 60.37
N ASP F 609 33.87 -35.11 59.46
CA ASP F 609 34.53 -33.86 59.79
C ASP F 609 33.59 -32.94 60.58
N ARG F 610 34.06 -31.74 60.90
CA ARG F 610 33.23 -30.80 61.65
C ARG F 610 32.04 -30.31 60.83
N ASP F 611 31.57 -29.11 61.12
CA ASP F 611 30.42 -28.57 60.42
C ASP F 611 30.63 -27.11 60.05
N VAL F 612 29.93 -26.65 59.03
CA VAL F 612 29.98 -25.24 58.66
C VAL F 612 28.66 -24.56 59.01
N TYR F 613 28.76 -23.38 59.60
CA TYR F 613 27.57 -22.65 60.01
C TYR F 613 27.46 -21.36 59.21
N LEU F 614 26.26 -20.81 59.16
CA LEU F 614 25.99 -19.62 58.35
C LEU F 614 27.07 -18.54 58.49
N GLN F 615 27.69 -18.48 59.67
CA GLN F 615 28.70 -17.47 59.94
C GLN F 615 30.12 -18.04 60.10
N GLY F 616 30.30 -19.30 59.70
CA GLY F 616 31.58 -19.96 59.82
C GLY F 616 32.51 -19.69 58.65
N PRO F 617 33.77 -20.10 58.79
CA PRO F 617 34.76 -19.97 57.70
C PRO F 617 34.34 -20.82 56.51
N ILE F 618 34.82 -20.47 55.32
CA ILE F 618 34.49 -21.23 54.12
C ILE F 618 35.65 -22.13 53.69
N TRP F 619 36.80 -21.52 53.44
CA TRP F 619 37.96 -22.27 52.98
C TRP F 619 39.19 -22.03 53.86
N ALA F 620 40.29 -22.68 53.50
CA ALA F 620 41.55 -22.54 54.23
C ALA F 620 42.72 -23.04 53.40
N LYS F 621 43.81 -22.26 53.38
CA LYS F 621 44.99 -22.63 52.60
C LYS F 621 45.83 -23.71 53.27
N ILE F 622 45.74 -24.93 52.74
CA ILE F 622 46.58 -26.02 53.22
C ILE F 622 48.05 -25.63 53.10
N PRO F 623 48.77 -25.63 54.22
CA PRO F 623 50.18 -25.27 54.29
C PRO F 623 51.01 -26.06 53.29
N HIS F 624 52.02 -25.44 52.70
CA HIS F 624 52.87 -26.13 51.75
C HIS F 624 54.03 -26.85 52.44
N THR F 625 53.74 -28.03 52.98
CA THR F 625 54.75 -28.82 53.66
C THR F 625 55.03 -30.12 52.91
N ASP F 626 55.92 -30.94 53.47
CA ASP F 626 56.24 -32.23 52.89
C ASP F 626 55.10 -33.22 53.04
N GLY F 627 54.26 -33.03 54.05
CA GLY F 627 53.21 -33.99 54.33
C GLY F 627 52.00 -33.45 55.06
N HIS F 628 50.83 -34.00 54.70
CA HIS F 628 49.57 -33.69 55.36
C HIS F 628 48.85 -35.02 55.55
N PHE F 629 47.94 -35.08 56.51
CA PHE F 629 47.17 -36.31 56.71
C PHE F 629 45.80 -36.23 56.04
N HIS F 630 44.85 -35.63 56.75
CA HIS F 630 43.51 -35.43 56.21
C HIS F 630 43.26 -33.93 56.20
N PRO F 631 43.82 -33.25 55.19
CA PRO F 631 43.92 -31.78 55.11
C PRO F 631 42.57 -31.06 55.05
N SER F 632 41.77 -31.20 56.10
CA SER F 632 40.52 -30.46 56.22
C SER F 632 40.67 -29.42 57.33
N PRO F 633 40.33 -28.16 57.02
CA PRO F 633 40.47 -27.04 57.97
C PRO F 633 39.89 -27.43 59.33
N LEU F 634 40.69 -27.32 60.38
CA LEU F 634 40.25 -27.73 61.71
C LEU F 634 39.03 -26.95 62.16
N MET F 635 38.94 -25.70 61.74
CA MET F 635 37.80 -24.85 62.08
C MET F 635 36.61 -25.16 61.19
N GLY F 636 36.85 -26.00 60.19
CA GLY F 636 35.79 -26.45 59.29
C GLY F 636 35.84 -25.81 57.93
N GLY F 637 35.41 -26.54 56.91
CA GLY F 637 35.35 -26.00 55.56
C GLY F 637 36.14 -26.79 54.54
N PHE F 638 36.55 -26.10 53.49
CA PHE F 638 37.25 -26.74 52.37
C PHE F 638 38.73 -26.42 52.39
N GLY F 639 39.55 -27.45 52.52
CA GLY F 639 40.99 -27.31 52.49
C GLY F 639 41.48 -27.19 51.07
N LEU F 640 42.11 -26.06 50.75
CA LEU F 640 42.52 -25.80 49.38
C LEU F 640 44.02 -25.59 49.27
N LYS F 641 44.65 -26.30 48.33
CA LYS F 641 46.04 -26.07 48.00
C LYS F 641 46.19 -24.65 47.48
N HIS F 642 45.32 -24.30 46.53
CA HIS F 642 45.32 -22.96 45.94
C HIS F 642 43.95 -22.30 46.11
N PRO F 643 43.77 -21.58 47.23
CA PRO F 643 42.51 -20.91 47.59
C PRO F 643 42.43 -19.52 46.98
N PRO F 644 41.21 -18.96 46.90
CA PRO F 644 41.00 -17.60 46.38
C PRO F 644 42.07 -16.65 46.87
N PRO F 645 42.96 -16.23 45.96
CA PRO F 645 44.13 -15.40 46.27
C PRO F 645 43.74 -14.15 47.05
N GLN F 646 44.73 -13.50 47.65
CA GLN F 646 44.50 -12.30 48.42
C GLN F 646 44.44 -11.07 47.52
N ILE F 647 43.42 -10.26 47.71
CA ILE F 647 43.27 -9.02 46.95
C ILE F 647 43.65 -7.81 47.81
N MET F 648 44.73 -7.14 47.44
CA MET F 648 45.23 -5.99 48.18
C MET F 648 44.69 -4.66 47.66
N ILE F 649 44.67 -3.67 48.54
CA ILE F 649 44.14 -2.36 48.22
C ILE F 649 44.84 -1.33 49.09
N LYS F 650 45.11 -0.15 48.53
CA LYS F 650 45.74 0.93 49.29
C LYS F 650 45.64 2.26 48.56
N ASN F 651 45.52 3.34 49.33
CA ASN F 651 45.43 4.66 48.74
C ASN F 651 46.81 5.16 48.33
N THR F 652 46.96 5.52 47.06
CA THR F 652 48.23 6.01 46.56
C THR F 652 48.62 7.30 47.29
N PRO F 653 49.79 7.28 47.96
CA PRO F 653 50.30 8.40 48.75
C PRO F 653 50.40 9.69 47.95
N VAL F 654 49.84 10.78 48.48
CA VAL F 654 49.92 12.08 47.81
C VAL F 654 50.75 13.06 48.63
N PRO F 655 51.92 13.43 48.11
CA PRO F 655 52.81 14.39 48.78
C PRO F 655 52.11 15.70 49.04
N ALA F 656 52.16 16.17 50.29
CA ALA F 656 51.64 17.49 50.61
C ALA F 656 52.55 18.52 49.95
N ASN F 657 52.62 19.70 50.53
CA ASN F 657 53.42 20.77 49.95
C ASN F 657 54.93 20.60 50.16
N PRO F 658 55.70 20.63 49.05
CA PRO F 658 57.16 20.51 49.05
C PRO F 658 57.86 21.87 49.13
N PRO F 659 59.10 21.88 49.65
CA PRO F 659 59.95 23.08 49.80
C PRO F 659 60.60 23.52 48.50
N THR F 660 60.88 24.81 48.36
CA THR F 660 61.56 25.34 47.18
C THR F 660 63.04 24.92 47.14
N THR F 661 63.55 24.50 48.29
CA THR F 661 64.92 23.99 48.38
C THR F 661 64.91 22.46 48.46
N PHE F 662 65.89 21.83 47.82
CA PHE F 662 65.95 20.37 47.75
C PHE F 662 66.30 19.72 49.07
N SER F 663 65.58 18.66 49.41
CA SER F 663 65.82 17.90 50.64
C SER F 663 65.97 16.41 50.37
N PRO F 664 67.11 15.83 50.78
CA PRO F 664 67.37 14.40 50.62
C PRO F 664 66.59 13.59 51.65
N ALA F 665 66.08 14.29 52.67
CA ALA F 665 65.38 13.63 53.76
C ALA F 665 64.15 12.87 53.26
N LYS F 666 63.90 11.70 53.85
CA LYS F 666 62.75 10.88 53.52
C LYS F 666 61.49 11.72 53.61
N PHE F 667 60.61 11.59 52.61
CA PHE F 667 59.38 12.37 52.58
C PHE F 667 58.36 11.78 53.56
N ALA F 668 57.76 12.65 54.37
CA ALA F 668 56.80 12.20 55.39
C ALA F 668 55.63 13.17 55.56
N SER F 669 55.57 14.19 54.71
CA SER F 669 54.45 15.13 54.73
C SER F 669 53.47 14.86 53.59
N PHE F 670 52.38 14.17 53.90
CA PHE F 670 51.40 13.78 52.89
C PHE F 670 50.02 14.39 53.13
N ILE F 671 49.24 14.48 52.06
CA ILE F 671 47.86 14.90 52.14
C ILE F 671 47.01 13.75 52.66
N THR F 672 46.21 14.04 53.69
CA THR F 672 45.37 13.02 54.31
C THR F 672 44.14 12.74 53.45
N GLN F 673 43.94 11.47 53.12
CA GLN F 673 42.85 11.08 52.24
C GLN F 673 42.42 9.63 52.44
N TYR F 674 41.14 9.36 52.19
CA TYR F 674 40.59 8.01 52.29
C TYR F 674 39.81 7.68 51.03
N SER F 675 39.72 6.38 50.72
CA SER F 675 39.00 5.93 49.53
C SER F 675 37.72 5.18 49.90
N THR F 676 36.80 5.13 48.95
CA THR F 676 35.54 4.44 49.16
C THR F 676 34.96 3.98 47.82
N GLY F 677 34.14 2.95 47.86
CA GLY F 677 33.53 2.42 46.65
C GLY F 677 32.79 1.13 46.90
N GLN F 678 32.39 0.46 45.83
CA GLN F 678 31.69 -0.81 45.94
C GLN F 678 32.57 -1.98 45.54
N VAL F 679 32.21 -3.15 46.04
CA VAL F 679 32.91 -4.38 45.68
C VAL F 679 31.87 -5.46 45.45
N SER F 680 32.12 -6.34 44.48
CA SER F 680 31.17 -7.39 44.14
C SER F 680 31.84 -8.76 44.03
N VAL F 681 31.26 -9.74 44.70
CA VAL F 681 31.79 -11.11 44.68
C VAL F 681 30.72 -12.13 44.28
N GLU F 682 30.94 -12.80 43.15
CA GLU F 682 30.01 -13.80 42.64
C GLU F 682 30.61 -15.19 42.76
N ILE F 683 29.89 -16.11 43.41
CA ILE F 683 30.38 -17.46 43.58
C ILE F 683 29.35 -18.50 43.14
N GLU F 684 29.81 -19.48 42.36
CA GLU F 684 28.94 -20.57 41.94
C GLU F 684 29.16 -21.77 42.84
N TRP F 685 28.07 -22.47 43.14
CA TRP F 685 28.12 -23.58 44.07
C TRP F 685 27.53 -24.83 43.43
N GLU F 686 28.30 -25.90 43.43
CA GLU F 686 27.78 -27.17 42.96
C GLU F 686 27.03 -27.83 44.10
N LEU F 687 25.90 -28.46 43.78
CA LEU F 687 25.07 -29.07 44.80
C LEU F 687 24.97 -30.59 44.65
N GLN F 688 24.84 -31.28 45.78
CA GLN F 688 24.56 -32.70 45.75
C GLN F 688 23.15 -32.94 46.28
N LYS F 689 22.25 -33.30 45.37
CA LYS F 689 20.84 -33.46 45.73
C LYS F 689 20.63 -34.64 46.68
N GLU F 690 19.45 -34.65 47.31
CA GLU F 690 19.10 -35.67 48.29
C GLU F 690 18.39 -36.86 47.65
N ASN F 691 18.91 -38.06 47.91
CA ASN F 691 18.30 -39.28 47.39
C ASN F 691 18.11 -40.31 48.51
N SER F 692 17.05 -40.14 49.28
CA SER F 692 16.79 -41.00 50.43
C SER F 692 15.44 -41.70 50.31
N LYS F 693 15.37 -42.94 50.75
CA LYS F 693 14.11 -43.69 50.75
C LYS F 693 13.53 -43.75 52.17
N ARG F 694 13.93 -42.79 52.99
CA ARG F 694 13.34 -42.61 54.31
C ARG F 694 11.83 -42.44 54.18
N TRP F 695 11.06 -43.25 54.90
CA TRP F 695 9.61 -43.15 54.82
C TRP F 695 9.08 -41.97 55.62
N ASN F 696 9.38 -41.97 56.92
CA ASN F 696 8.94 -40.91 57.80
C ASN F 696 9.67 -39.60 57.55
N PRO F 697 9.06 -38.46 57.92
CA PRO F 697 9.66 -37.14 57.72
C PRO F 697 11.01 -37.00 58.43
N GLU F 698 11.92 -36.25 57.83
CA GLU F 698 13.19 -35.93 58.47
C GLU F 698 13.05 -34.58 59.17
N ILE F 699 14.05 -34.22 59.97
CA ILE F 699 14.00 -32.95 60.70
C ILE F 699 14.45 -31.80 59.81
N GLN F 700 13.77 -30.68 59.93
CA GLN F 700 14.04 -29.50 59.11
C GLN F 700 14.29 -28.29 60.00
N TYR F 701 15.14 -27.38 59.55
CA TYR F 701 15.30 -26.12 60.27
C TYR F 701 14.09 -25.23 59.99
N THR F 702 13.64 -24.52 61.02
CA THR F 702 12.43 -23.70 60.89
C THR F 702 12.41 -22.56 61.91
N SER F 703 11.64 -21.52 61.60
CA SER F 703 11.43 -20.42 62.53
C SER F 703 10.26 -20.73 63.46
N ASN F 704 10.33 -20.21 64.68
CA ASN F 704 9.25 -20.39 65.65
C ASN F 704 8.00 -19.62 65.21
N TYR F 705 6.96 -20.35 64.84
CA TYR F 705 5.73 -19.75 64.33
C TYR F 705 4.98 -18.98 65.40
N ASN F 706 5.45 -19.10 66.65
CA ASN F 706 4.78 -18.49 67.79
C ASN F 706 4.83 -16.97 67.77
N LYS F 707 3.91 -16.33 68.48
CA LYS F 707 3.92 -14.88 68.64
C LYS F 707 5.26 -14.46 69.24
N SER F 708 6.00 -13.61 68.53
CA SER F 708 7.37 -13.28 68.94
C SER F 708 7.66 -11.79 69.06
N VAL F 709 8.68 -11.48 69.84
CA VAL F 709 9.14 -10.11 70.02
C VAL F 709 9.72 -9.55 68.72
N ASN F 710 10.99 -9.87 68.48
CA ASN F 710 11.67 -9.45 67.26
C ASN F 710 11.73 -10.63 66.29
N VAL F 711 11.90 -10.32 65.01
CA VAL F 711 11.98 -11.35 63.98
C VAL F 711 13.40 -11.89 63.84
N ASP F 712 13.52 -13.22 63.83
CA ASP F 712 14.81 -13.88 63.72
C ASP F 712 15.58 -13.40 62.49
N PHE F 713 16.82 -12.99 62.70
CA PHE F 713 17.68 -12.52 61.62
C PHE F 713 17.10 -11.26 61.00
N THR F 714 17.19 -10.15 61.73
CA THR F 714 16.55 -8.91 61.33
C THR F 714 17.13 -7.72 62.08
N VAL F 715 16.92 -6.53 61.55
CA VAL F 715 17.29 -5.29 62.23
C VAL F 715 16.31 -5.02 63.39
N ASP F 716 16.74 -4.19 64.33
CA ASP F 716 15.92 -3.87 65.49
C ASP F 716 15.29 -2.48 65.40
N THR F 717 14.99 -1.89 66.55
CA THR F 717 14.30 -0.61 66.61
C THR F 717 15.16 0.56 66.11
N ASN F 718 16.48 0.40 66.19
CA ASN F 718 17.39 1.46 65.74
C ASN F 718 18.39 1.02 64.66
N GLY F 719 18.04 -0.03 63.92
CA GLY F 719 18.80 -0.42 62.74
C GLY F 719 20.09 -1.18 63.00
N VAL F 720 19.97 -2.37 63.58
CA VAL F 720 21.14 -3.24 63.79
C VAL F 720 20.78 -4.70 63.49
N TYR F 721 21.37 -5.23 62.42
CA TYR F 721 21.17 -6.63 62.06
C TYR F 721 21.81 -7.53 63.12
N SER F 722 21.12 -8.62 63.46
CA SER F 722 21.61 -9.54 64.48
C SER F 722 21.29 -10.98 64.13
N GLU F 723 22.31 -11.84 64.19
CA GLU F 723 22.12 -13.27 63.95
C GLU F 723 21.85 -14.00 65.27
N PRO F 724 20.58 -14.36 65.52
CA PRO F 724 20.14 -15.03 66.75
C PRO F 724 21.02 -16.23 67.13
N ARG F 725 20.92 -17.31 66.38
CA ARG F 725 21.65 -18.54 66.71
C ARG F 725 22.59 -18.98 65.60
N PRO F 726 23.53 -19.88 65.92
CA PRO F 726 24.34 -20.52 64.88
C PRO F 726 23.49 -21.51 64.09
N ILE F 727 23.82 -21.72 62.82
CA ILE F 727 23.07 -22.65 61.99
C ILE F 727 23.91 -23.82 61.52
N GLY F 728 23.55 -25.02 61.96
CA GLY F 728 24.21 -26.23 61.54
C GLY F 728 23.96 -26.49 60.07
N THR F 729 24.44 -27.62 59.57
CA THR F 729 24.26 -27.97 58.17
C THR F 729 23.65 -29.36 58.04
N ARG F 730 23.70 -30.10 59.15
CA ARG F 730 23.28 -31.50 59.15
C ARG F 730 21.85 -31.68 59.66
N TYR F 731 20.89 -31.68 58.73
CA TYR F 731 19.48 -31.87 59.07
C TYR F 731 18.90 -33.09 58.35
N LEU F 732 19.56 -33.51 57.27
CA LEU F 732 19.09 -34.65 56.50
C LEU F 732 19.86 -35.91 56.84
N THR F 733 19.19 -37.07 56.73
CA THR F 733 19.80 -38.33 57.14
C THR F 733 20.17 -39.25 55.99
N ARG F 734 21.39 -39.78 56.06
CA ARG F 734 21.87 -40.79 55.12
C ARG F 734 22.42 -41.95 55.93
N ASN F 735 22.43 -43.15 55.36
CA ASN F 735 22.91 -44.33 56.07
C ASN F 735 24.42 -44.46 56.06
N LEU F 736 24.91 -45.59 56.57
CA LEU F 736 26.34 -45.87 56.58
C LEU F 736 26.70 -46.95 55.56
N GLY G 217 50.27 9.14 24.15
CA GLY G 217 49.01 8.78 24.79
C GLY G 217 48.19 10.00 25.18
N ALA G 218 46.88 9.88 25.02
CA ALA G 218 45.95 10.98 25.32
C ALA G 218 44.63 10.49 25.89
N ASP G 219 44.37 10.78 27.17
CA ASP G 219 43.13 10.39 27.82
C ASP G 219 42.55 11.51 28.70
N GLY G 220 41.75 11.15 29.69
CA GLY G 220 40.97 12.13 30.44
C GLY G 220 41.37 12.40 31.89
N VAL G 221 40.46 13.04 32.60
CA VAL G 221 40.69 13.47 33.99
C VAL G 221 40.60 12.32 34.98
N GLY G 222 39.46 11.62 34.96
CA GLY G 222 39.25 10.50 35.85
C GLY G 222 39.68 9.18 35.23
N ASN G 223 40.87 9.17 34.65
CA ASN G 223 41.43 7.98 34.03
C ASN G 223 42.95 7.94 34.16
N SER G 224 43.43 7.01 34.99
CA SER G 224 44.86 6.89 35.25
C SER G 224 45.66 6.65 33.97
N SER G 225 46.71 7.45 33.78
CA SER G 225 47.54 7.35 32.58
C SER G 225 48.69 6.35 32.73
N GLY G 226 48.54 5.39 33.64
CA GLY G 226 49.57 4.38 33.84
C GLY G 226 49.35 3.52 35.06
N ASN G 227 49.99 2.36 35.09
CA ASN G 227 49.91 1.44 36.23
C ASN G 227 51.23 1.34 37.00
N TRP G 228 51.15 0.73 38.18
CA TRP G 228 52.32 0.57 39.04
C TRP G 228 53.10 -0.69 38.67
N HIS G 229 54.09 -0.55 37.79
CA HIS G 229 54.91 -1.67 37.39
C HIS G 229 56.23 -1.70 38.15
N CYS G 230 56.30 -2.52 39.18
CA CYS G 230 57.53 -2.71 39.93
C CYS G 230 57.74 -4.19 40.24
N ASP G 231 58.62 -4.82 39.48
CA ASP G 231 58.88 -6.24 39.63
C ASP G 231 60.13 -6.61 38.85
N SER G 232 60.66 -7.81 39.13
CA SER G 232 61.80 -8.32 38.39
C SER G 232 61.76 -9.84 38.34
N GLN G 233 61.90 -10.38 37.15
CA GLN G 233 62.00 -11.82 36.95
C GLN G 233 63.24 -12.13 36.12
N TRP G 234 63.68 -13.38 36.16
CA TRP G 234 64.93 -13.76 35.53
C TRP G 234 64.71 -14.66 34.32
N LEU G 235 65.65 -14.60 33.38
CA LEU G 235 65.59 -15.40 32.17
C LEU G 235 66.78 -16.35 32.08
N GLY G 236 67.57 -16.41 33.15
CA GLY G 236 68.75 -17.25 33.18
C GLY G 236 69.84 -16.73 32.27
N ASP G 237 69.42 -16.11 31.18
CA ASP G 237 70.34 -15.54 30.21
C ASP G 237 70.41 -14.03 30.39
N ARG G 238 69.39 -13.48 31.03
CA ARG G 238 69.28 -12.05 31.24
C ARG G 238 68.22 -11.76 32.30
N VAL G 239 68.18 -10.52 32.79
CA VAL G 239 67.22 -10.14 33.81
C VAL G 239 66.64 -8.74 33.58
N ILE G 240 65.33 -8.63 33.72
CA ILE G 240 64.64 -7.36 33.52
C ILE G 240 64.18 -6.78 34.84
N THR G 241 64.64 -5.56 35.12
CA THR G 241 64.28 -4.88 36.36
C THR G 241 63.32 -3.74 36.10
N THR G 242 62.11 -3.86 36.65
CA THR G 242 61.10 -2.82 36.54
C THR G 242 60.93 -2.11 37.88
N SER G 243 60.95 -0.79 37.85
CA SER G 243 60.87 0.01 39.06
C SER G 243 59.92 1.20 38.91
N THR G 244 59.05 1.39 39.90
CA THR G 244 58.13 2.52 39.92
C THR G 244 58.18 3.23 41.27
N ARG G 245 58.26 4.56 41.23
CA ARG G 245 58.31 5.36 42.45
C ARG G 245 57.39 6.57 42.32
N THR G 246 57.02 7.15 43.46
CA THR G 246 56.24 8.37 43.46
C THR G 246 57.18 9.56 43.65
N TRP G 247 56.97 10.60 42.85
CA TRP G 247 57.84 11.77 42.89
C TRP G 247 57.04 13.03 43.17
N ALA G 248 57.74 14.05 43.69
CA ALA G 248 57.13 15.34 43.92
C ALA G 248 58.06 16.44 43.43
N LEU G 249 57.50 17.48 42.81
CA LEU G 249 58.30 18.54 42.24
C LEU G 249 57.81 19.94 42.62
N PRO G 250 58.67 20.71 43.31
CA PRO G 250 58.39 22.09 43.69
C PRO G 250 58.66 23.03 42.53
N THR G 251 58.47 24.33 42.75
CA THR G 251 58.86 25.33 41.78
C THR G 251 60.23 25.87 42.20
N TYR G 252 61.27 25.49 41.46
CA TYR G 252 62.63 25.89 41.81
C TYR G 252 62.96 27.29 41.29
N ASN G 253 63.87 27.97 42.00
CA ASN G 253 64.36 29.28 41.58
C ASN G 253 63.27 30.28 41.22
N ASN G 254 62.05 30.04 41.69
CA ASN G 254 60.95 30.97 41.45
C ASN G 254 60.78 31.27 39.96
N HIS G 255 60.72 30.20 39.15
CA HIS G 255 60.55 30.34 37.71
C HIS G 255 61.64 31.20 37.07
N LEU G 256 62.83 31.19 37.67
CA LEU G 256 63.91 32.06 37.21
C LEU G 256 65.24 31.33 37.00
N TYR G 257 65.98 31.76 35.98
CA TYR G 257 67.35 31.33 35.80
C TYR G 257 68.25 32.30 36.54
N LYS G 258 69.09 31.77 37.44
CA LYS G 258 69.94 32.62 38.25
C LYS G 258 71.43 32.36 38.02
N GLN G 259 72.21 33.43 37.88
CA GLN G 259 73.65 33.32 37.77
C GLN G 259 74.27 33.09 39.14
N ILE G 260 74.86 31.91 39.34
CA ILE G 260 75.54 31.60 40.59
C ILE G 260 77.04 31.61 40.40
N SER G 261 77.77 31.82 41.50
CA SER G 261 79.22 31.93 41.44
C SER G 261 79.83 31.79 42.82
N SER G 262 81.15 31.78 42.88
CA SER G 262 81.88 31.63 44.13
C SER G 262 81.80 32.90 44.97
N GLN G 263 81.77 32.73 46.28
CA GLN G 263 81.72 33.85 47.21
C GLN G 263 82.91 34.77 47.01
N SER G 264 82.69 36.07 47.12
CA SER G 264 83.76 37.05 46.98
C SER G 264 84.84 36.81 48.04
N GLY G 265 85.85 36.02 47.69
CA GLY G 265 86.93 35.70 48.60
C GLY G 265 86.51 34.84 49.78
N ALA G 266 85.94 33.67 49.49
CA ALA G 266 85.57 32.72 50.53
C ALA G 266 86.39 31.45 50.43
N SER G 267 86.86 31.13 49.23
CA SER G 267 87.66 29.94 49.02
C SER G 267 88.40 30.02 47.67
N ASN G 268 89.52 29.31 47.55
CA ASN G 268 90.36 29.39 46.35
C ASN G 268 90.28 28.19 45.42
N ASP G 269 90.42 26.99 45.97
CA ASP G 269 90.32 25.78 45.17
C ASP G 269 88.87 25.42 44.90
N ASN G 270 87.97 26.22 45.43
CA ASN G 270 86.54 25.96 45.30
C ASN G 270 85.83 27.06 44.52
N HIS G 271 86.60 27.90 43.83
CA HIS G 271 86.02 28.93 42.97
C HIS G 271 85.21 28.28 41.87
N TYR G 272 84.15 28.97 41.43
CA TYR G 272 83.27 28.42 40.40
C TYR G 272 82.34 29.48 39.80
N PHE G 273 81.78 29.16 38.64
CA PHE G 273 80.80 30.01 37.98
C PHE G 273 79.83 29.16 37.17
N GLY G 274 78.54 29.41 37.35
CA GLY G 274 77.52 28.67 36.63
C GLY G 274 76.14 29.31 36.76
N TYR G 275 75.10 28.49 36.61
CA TYR G 275 73.74 28.99 36.65
C TYR G 275 72.78 28.01 37.34
N SER G 276 71.70 28.55 37.88
CA SER G 276 70.67 27.74 38.52
C SER G 276 69.39 27.81 37.70
N THR G 277 68.89 26.64 37.30
CA THR G 277 67.72 26.57 36.42
C THR G 277 66.45 26.19 37.18
N PRO G 278 65.30 26.68 36.70
CA PRO G 278 63.99 26.40 37.28
C PRO G 278 63.54 24.96 37.02
N TRP G 279 64.39 24.18 36.36
CA TRP G 279 64.04 22.82 35.99
C TRP G 279 64.48 21.79 37.03
N GLY G 280 63.76 20.68 37.10
CA GLY G 280 64.16 19.54 37.90
C GLY G 280 64.58 18.43 36.97
N TYR G 281 64.97 17.29 37.53
CA TYR G 281 65.42 16.17 36.69
C TYR G 281 65.25 14.83 37.38
N PHE G 282 65.20 13.77 36.58
CA PHE G 282 65.05 12.42 37.12
C PHE G 282 66.39 11.69 37.08
N ASP G 283 66.63 10.89 38.10
CA ASP G 283 67.88 10.14 38.17
C ASP G 283 67.68 8.79 38.85
N PHE G 284 68.43 7.80 38.40
CA PHE G 284 68.38 6.47 38.99
C PHE G 284 69.73 5.80 38.81
N ASN G 285 70.79 6.61 38.80
CA ASN G 285 72.14 6.12 38.61
C ASN G 285 72.69 5.42 39.85
N ARG G 286 71.83 4.67 40.52
CA ARG G 286 72.20 3.86 41.67
C ARG G 286 71.62 2.48 41.46
N PHE G 287 72.39 1.44 41.76
CA PHE G 287 71.92 0.08 41.52
C PHE G 287 70.69 -0.27 42.36
N HIS G 288 70.63 0.27 43.58
CA HIS G 288 69.53 -0.06 44.48
C HIS G 288 68.21 0.55 43.99
N CYS G 289 68.29 1.37 42.94
CA CYS G 289 67.12 1.93 42.30
C CYS G 289 66.35 0.84 41.55
N HIS G 290 67.06 -0.22 41.15
CA HIS G 290 66.49 -1.23 40.27
C HIS G 290 66.48 -2.63 40.90
N PHE G 291 67.57 -2.99 41.55
CA PHE G 291 67.67 -4.31 42.17
C PHE G 291 67.26 -4.27 43.64
N SER G 292 66.54 -5.29 44.07
CA SER G 292 66.23 -5.43 45.49
C SER G 292 67.41 -6.14 46.15
N PRO G 293 67.50 -6.05 47.49
CA PRO G 293 68.57 -6.75 48.21
C PRO G 293 68.67 -8.21 47.77
N ARG G 294 67.55 -8.91 47.74
CA ARG G 294 67.52 -10.32 47.36
C ARG G 294 68.04 -10.54 45.95
N ASP G 295 67.49 -9.79 44.98
CA ASP G 295 67.91 -9.91 43.58
C ASP G 295 69.41 -9.73 43.47
N TRP G 296 69.91 -8.68 44.10
CA TRP G 296 71.33 -8.40 44.08
C TRP G 296 72.12 -9.61 44.56
N GLN G 297 71.57 -10.33 45.52
CA GLN G 297 72.21 -11.55 46.03
C GLN G 297 72.32 -12.61 44.95
N ARG G 298 71.19 -12.95 44.34
CA ARG G 298 71.16 -13.91 43.25
C ARG G 298 72.18 -13.53 42.19
N LEU G 299 72.11 -12.27 41.76
CA LEU G 299 73.03 -11.73 40.77
C LEU G 299 74.47 -12.01 41.16
N ILE G 300 74.87 -11.48 42.32
CA ILE G 300 76.25 -11.56 42.79
C ILE G 300 76.77 -12.99 42.87
N ASN G 301 75.98 -13.86 43.49
CA ASN G 301 76.43 -15.20 43.82
C ASN G 301 76.41 -16.19 42.66
N ASN G 302 75.97 -15.74 41.48
CA ASN G 302 75.74 -16.68 40.39
C ASN G 302 76.41 -16.34 39.05
N ASN G 303 76.74 -15.07 38.84
CA ASN G 303 77.18 -14.64 37.51
C ASN G 303 78.61 -14.09 37.43
N TRP G 304 79.36 -14.59 36.45
CA TRP G 304 80.70 -14.10 36.15
C TRP G 304 80.71 -12.59 35.95
N GLY G 305 79.68 -12.08 35.27
CA GLY G 305 79.58 -10.65 34.98
C GLY G 305 78.20 -10.26 34.48
N PHE G 306 77.99 -8.96 34.28
CA PHE G 306 76.70 -8.46 33.82
C PHE G 306 76.82 -7.09 33.17
N ARG G 307 75.74 -6.63 32.54
CA ARG G 307 75.75 -5.35 31.83
C ARG G 307 74.33 -4.86 31.52
N PRO G 308 74.18 -3.55 31.25
CA PRO G 308 72.91 -2.94 30.84
C PRO G 308 72.64 -3.18 29.35
N LYS G 309 71.36 -3.25 28.99
CA LYS G 309 70.99 -3.48 27.60
C LYS G 309 69.97 -2.47 27.07
N LYS G 310 68.76 -2.50 27.61
CA LYS G 310 67.69 -1.60 27.16
C LYS G 310 67.17 -0.73 28.29
N LEU G 311 66.26 0.19 27.95
CA LEU G 311 65.71 1.13 28.91
C LEU G 311 64.31 1.62 28.52
N SER G 312 63.42 1.71 29.50
CA SER G 312 62.07 2.20 29.26
C SER G 312 61.64 3.20 30.34
N PHE G 313 61.48 4.44 29.93
CA PHE G 313 61.11 5.50 30.86
C PHE G 313 59.66 5.93 30.67
N LYS G 314 58.92 6.03 31.77
CA LYS G 314 57.50 6.37 31.70
C LYS G 314 57.07 7.31 32.83
N LEU G 315 56.38 8.39 32.45
CA LEU G 315 55.82 9.33 33.41
C LEU G 315 54.30 9.35 33.31
N PHE G 316 53.63 9.30 34.46
CA PHE G 316 52.16 9.18 34.45
C PHE G 316 51.50 9.63 35.75
N ASN G 317 50.17 9.51 35.78
CA ASN G 317 49.37 9.86 36.95
C ASN G 317 49.71 11.23 37.52
N ILE G 318 49.94 12.19 36.63
CA ILE G 318 50.35 13.53 37.02
C ILE G 318 49.22 14.33 37.64
N GLN G 319 49.54 15.03 38.73
CA GLN G 319 48.59 15.89 39.42
C GLN G 319 49.27 17.21 39.76
N VAL G 320 48.62 18.31 39.44
CA VAL G 320 49.16 19.63 39.76
C VAL G 320 48.35 20.29 40.86
N LYS G 321 48.94 20.37 42.05
CA LYS G 321 48.30 21.00 43.19
C LYS G 321 48.82 22.41 43.38
N GLU G 322 47.91 23.36 43.52
CA GLU G 322 48.30 24.75 43.81
C GLU G 322 47.92 25.11 45.24
N VAL G 323 48.85 25.73 45.96
CA VAL G 323 48.66 26.03 47.37
C VAL G 323 48.46 27.52 47.62
N THR G 324 47.63 27.84 48.60
CA THR G 324 47.40 29.23 48.99
C THR G 324 47.43 29.40 50.50
N GLN G 325 48.24 30.35 50.95
CA GLN G 325 48.31 30.69 52.37
C GLN G 325 47.36 31.86 52.65
N ASN G 326 46.16 31.54 53.12
CA ASN G 326 45.13 32.56 53.33
C ASN G 326 45.33 33.41 54.59
N ASP G 327 45.16 32.78 55.75
CA ASP G 327 45.37 33.47 57.02
C ASP G 327 46.55 32.84 57.75
N GLY G 328 46.27 31.76 58.49
CA GLY G 328 47.30 30.98 59.13
C GLY G 328 47.13 29.52 58.75
N THR G 329 46.45 29.30 57.62
CA THR G 329 46.14 27.96 57.14
C THR G 329 46.49 27.78 55.67
N THR G 330 47.32 26.77 55.38
CA THR G 330 47.67 26.45 54.01
C THR G 330 46.67 25.47 53.41
N THR G 331 45.94 25.93 52.40
CA THR G 331 44.99 25.08 51.70
C THR G 331 45.57 24.63 50.37
N ILE G 332 45.41 23.33 50.07
CA ILE G 332 45.92 22.77 48.83
C ILE G 332 44.77 22.19 48.01
N ALA G 333 44.73 22.52 46.71
CA ALA G 333 43.66 22.05 45.85
C ALA G 333 44.16 21.67 44.45
N ASN G 334 43.22 21.37 43.56
CA ASN G 334 43.55 20.93 42.21
C ASN G 334 43.46 22.04 41.16
N ASN G 335 44.56 22.25 40.44
CA ASN G 335 44.54 23.12 39.28
C ASN G 335 44.62 22.26 38.03
N LEU G 336 43.47 21.75 37.60
CA LEU G 336 43.41 20.79 36.50
C LEU G 336 43.97 21.33 35.19
N THR G 337 43.66 22.59 34.89
CA THR G 337 44.05 23.20 33.63
C THR G 337 45.54 23.55 33.57
N SER G 338 46.30 23.13 34.58
CA SER G 338 47.73 23.43 34.60
C SER G 338 48.54 22.28 33.99
N THR G 339 49.71 22.62 33.44
CA THR G 339 50.54 21.64 32.75
C THR G 339 51.94 21.51 33.36
N VAL G 340 52.65 20.48 32.93
CA VAL G 340 54.04 20.28 33.31
C VAL G 340 54.83 20.01 32.04
N GLN G 341 56.13 20.27 32.06
CA GLN G 341 56.93 20.16 30.84
C GLN G 341 58.10 19.19 30.96
N VAL G 342 58.20 18.27 29.99
CA VAL G 342 59.27 17.28 29.98
C VAL G 342 60.02 17.30 28.65
N PHE G 343 61.30 17.01 28.70
CA PHE G 343 62.09 16.78 27.49
C PHE G 343 63.40 16.07 27.82
N THR G 344 63.91 15.32 26.84
CA THR G 344 65.09 14.50 27.06
C THR G 344 66.25 14.98 26.19
N ASP G 345 67.36 15.30 26.85
CA ASP G 345 68.56 15.73 26.14
C ASP G 345 69.21 14.54 25.44
N SER G 346 68.76 14.24 24.22
CA SER G 346 69.25 13.11 23.47
C SER G 346 70.36 13.52 22.50
N GLU G 347 70.42 14.81 22.20
CA GLU G 347 71.50 15.33 21.36
C GLU G 347 72.70 15.67 22.23
N TYR G 348 72.56 15.46 23.52
CA TYR G 348 73.62 15.73 24.49
C TYR G 348 74.15 17.15 24.36
N GLN G 349 73.24 18.11 24.38
CA GLN G 349 73.61 19.51 24.21
C GLN G 349 73.62 20.26 25.55
N LEU G 350 72.96 19.68 26.55
CA LEU G 350 73.01 20.21 27.91
C LEU G 350 74.10 19.51 28.71
N PRO G 351 74.84 20.29 29.52
CA PRO G 351 75.91 19.74 30.35
C PRO G 351 75.45 18.51 31.12
N TYR G 352 76.14 17.40 30.95
CA TYR G 352 75.79 16.17 31.63
C TYR G 352 76.20 16.24 33.09
N VAL G 353 75.21 16.33 33.96
CA VAL G 353 75.45 16.55 35.38
C VAL G 353 75.26 15.26 36.18
N LEU G 354 74.90 14.19 35.48
CA LEU G 354 74.73 12.88 36.11
C LEU G 354 76.06 12.15 36.24
N GLY G 355 76.08 11.08 37.01
CA GLY G 355 77.29 10.32 37.21
C GLY G 355 78.30 11.07 38.06
N SER G 356 77.79 11.85 39.00
CA SER G 356 78.64 12.61 39.92
C SER G 356 78.26 12.33 41.38
N ALA G 357 77.62 11.19 41.61
CA ALA G 357 77.26 10.74 42.96
C ALA G 357 76.30 11.68 43.68
N HIS G 358 75.60 12.50 42.92
CA HIS G 358 74.64 13.43 43.51
C HIS G 358 73.46 12.69 44.11
N GLN G 359 72.71 13.39 44.96
CA GLN G 359 71.55 12.80 45.61
C GLN G 359 70.27 13.17 44.87
N GLY G 360 69.19 12.47 45.17
CA GLY G 360 67.92 12.73 44.52
C GLY G 360 67.50 11.59 43.60
N CYS G 361 68.22 10.48 43.70
CA CYS G 361 67.90 9.29 42.91
C CYS G 361 66.57 8.70 43.35
N LEU G 362 66.25 7.53 42.83
CA LEU G 362 65.05 6.83 43.26
C LEU G 362 65.31 6.13 44.58
N PRO G 363 64.33 6.18 45.50
CA PRO G 363 64.45 5.54 46.81
C PRO G 363 64.75 4.05 46.69
N PRO G 364 65.68 3.53 47.50
CA PRO G 364 65.94 2.09 47.51
C PRO G 364 64.66 1.32 47.80
N PHE G 365 63.91 1.78 48.80
CA PHE G 365 62.65 1.18 49.17
C PHE G 365 61.52 1.76 48.33
N PRO G 366 60.73 0.88 47.70
CA PRO G 366 59.66 1.24 46.77
C PRO G 366 58.58 2.12 47.40
N ALA G 367 58.29 1.90 48.68
CA ALA G 367 57.22 2.62 49.36
C ALA G 367 57.59 4.08 49.65
N ASP G 368 58.87 4.40 49.59
CA ASP G 368 59.34 5.75 49.89
C ASP G 368 59.03 6.74 48.77
N VAL G 369 58.73 7.97 49.15
CA VAL G 369 58.51 9.06 48.20
C VAL G 369 59.74 9.95 48.15
N PHE G 370 60.02 10.53 46.99
CA PHE G 370 61.21 11.37 46.82
C PHE G 370 60.90 12.72 46.19
N MET G 371 61.77 13.69 46.45
CA MET G 371 61.66 15.03 45.88
C MET G 371 62.55 15.09 44.65
N VAL G 372 62.02 15.63 43.56
CA VAL G 372 62.78 15.74 42.31
C VAL G 372 63.80 16.87 42.40
N PRO G 373 65.10 16.54 42.27
CA PRO G 373 66.22 17.48 42.41
C PRO G 373 66.13 18.66 41.46
N GLN G 374 66.96 19.66 41.65
CA GLN G 374 67.00 20.82 40.76
C GLN G 374 68.23 20.78 39.86
N TYR G 375 68.08 21.30 38.65
CA TYR G 375 69.17 21.31 37.68
C TYR G 375 70.07 22.53 37.83
N GLY G 376 71.37 22.29 37.96
CA GLY G 376 72.34 23.35 38.02
C GLY G 376 73.62 22.90 37.35
N TYR G 377 74.23 23.79 36.58
CA TYR G 377 75.44 23.42 35.85
C TYR G 377 76.57 24.44 36.00
N LEU G 378 77.79 23.99 35.71
CA LEU G 378 78.97 24.83 35.83
C LEU G 378 79.56 25.13 34.47
N THR G 379 80.44 26.11 34.41
CA THR G 379 81.07 26.50 33.17
C THR G 379 82.52 26.90 33.41
N LEU G 380 83.24 27.17 32.32
CA LEU G 380 84.61 27.65 32.39
C LEU G 380 84.65 28.92 33.24
N ASN G 381 85.62 28.99 34.15
CA ASN G 381 85.75 30.16 35.03
C ASN G 381 87.19 30.56 35.32
N ASN G 382 87.40 31.85 35.55
CA ASN G 382 88.70 32.38 35.95
C ASN G 382 88.62 32.93 37.37
N GLY G 383 88.66 32.04 38.35
CA GLY G 383 88.45 32.43 39.73
C GLY G 383 86.96 32.58 40.01
N SER G 384 86.57 33.75 40.50
CA SER G 384 85.16 34.03 40.75
C SER G 384 84.50 34.54 39.47
N GLN G 385 85.35 34.95 38.53
CA GLN G 385 84.87 35.48 37.25
C GLN G 385 84.72 34.38 36.20
N ALA G 386 84.16 34.76 35.06
CA ALA G 386 84.00 33.83 33.94
C ALA G 386 84.75 34.33 32.73
N VAL G 387 85.00 33.43 31.79
CA VAL G 387 85.69 33.79 30.55
C VAL G 387 84.67 34.06 29.46
N GLY G 388 85.10 34.66 28.36
CA GLY G 388 84.22 34.92 27.24
C GLY G 388 83.77 33.65 26.56
N ARG G 389 84.52 32.58 26.77
CA ARG G 389 84.23 31.28 26.15
C ARG G 389 83.24 30.46 26.98
N SER G 390 82.76 31.02 28.08
CA SER G 390 81.78 30.32 28.92
C SER G 390 80.46 30.20 28.16
N SER G 391 79.59 29.31 28.64
CA SER G 391 78.34 29.02 27.94
C SER G 391 77.11 29.12 28.84
N PHE G 392 76.10 29.84 28.37
CA PHE G 392 74.83 29.98 29.08
C PHE G 392 73.75 29.18 28.38
N TYR G 393 73.06 28.32 29.13
CA TYR G 393 72.06 27.44 28.55
C TYR G 393 70.65 27.70 29.08
N CYS G 394 69.72 27.85 28.15
CA CYS G 394 68.31 28.01 28.49
C CYS G 394 67.52 26.79 28.05
N LEU G 395 66.95 26.08 29.02
CA LEU G 395 66.22 24.84 28.73
C LEU G 395 64.86 25.12 28.11
N GLU G 396 64.51 26.40 27.99
CA GLU G 396 63.26 26.80 27.37
C GLU G 396 63.42 26.82 25.87
N TYR G 397 64.66 26.90 25.42
CA TYR G 397 64.98 26.92 23.98
C TYR G 397 65.05 25.49 23.46
N PHE G 398 64.57 24.56 24.28
CA PHE G 398 64.45 23.17 23.88
C PHE G 398 62.98 22.82 23.71
N PRO G 399 62.64 22.15 22.60
CA PRO G 399 61.28 21.64 22.42
C PRO G 399 60.93 20.66 23.54
N SER G 400 59.85 20.95 24.27
CA SER G 400 59.42 20.09 25.35
C SER G 400 57.93 19.76 25.25
N GLN G 401 57.56 18.58 25.72
CA GLN G 401 56.18 18.14 25.72
C GLN G 401 55.49 18.60 27.00
N MET G 402 54.38 19.32 26.85
CA MET G 402 53.60 19.79 27.99
C MET G 402 52.46 18.83 28.28
N LEU G 403 52.27 18.49 29.55
CA LEU G 403 51.29 17.51 29.95
C LEU G 403 50.27 18.04 30.95
N ARG G 404 49.00 17.76 30.69
CA ARG G 404 47.93 18.05 31.62
C ARG G 404 47.63 16.75 32.37
N THR G 405 46.68 16.79 33.30
CA THR G 405 46.31 15.59 34.04
C THR G 405 45.66 14.58 33.10
N GLY G 406 46.29 13.42 32.94
CA GLY G 406 45.78 12.41 32.04
C GLY G 406 46.73 12.22 30.88
N ASN G 407 47.73 13.09 30.79
CA ASN G 407 48.78 12.94 29.80
C ASN G 407 49.94 12.15 30.40
N ASN G 408 50.70 11.47 29.54
CA ASN G 408 51.85 10.70 29.99
C ASN G 408 53.05 10.88 29.07
N PHE G 409 54.23 10.50 29.57
CA PHE G 409 55.47 10.67 28.82
C PHE G 409 56.15 9.31 28.60
N GLN G 410 56.66 9.11 27.38
CA GLN G 410 57.23 7.84 27.01
C GLN G 410 58.65 8.00 26.45
N PHE G 411 59.54 7.07 26.77
CA PHE G 411 60.91 7.13 26.27
C PHE G 411 61.65 5.79 26.31
N SER G 412 62.26 5.43 25.18
CA SER G 412 63.04 4.19 25.07
C SER G 412 64.48 4.43 24.62
N TYR G 413 65.41 3.77 25.29
CA TYR G 413 66.84 3.98 25.05
C TYR G 413 67.55 2.63 24.91
N THR G 414 68.64 2.61 24.16
CA THR G 414 69.40 1.38 23.93
C THR G 414 70.89 1.56 24.26
N PHE G 415 71.34 0.87 25.31
CA PHE G 415 72.75 0.95 25.73
C PHE G 415 73.68 0.51 24.62
N GLU G 416 74.88 1.10 24.60
CA GLU G 416 75.90 0.72 23.63
C GLU G 416 76.66 -0.50 24.13
N ASP G 417 77.63 -0.96 23.35
CA ASP G 417 78.45 -2.09 23.74
C ASP G 417 79.44 -1.69 24.82
N VAL G 418 79.30 -2.27 26.01
CA VAL G 418 80.19 -1.97 27.12
C VAL G 418 80.52 -3.23 27.92
N PRO G 419 81.83 -3.51 28.08
CA PRO G 419 82.38 -4.70 28.73
C PRO G 419 81.69 -5.08 30.05
N PHE G 420 81.41 -6.36 30.22
CA PHE G 420 80.82 -6.88 31.45
C PHE G 420 81.60 -6.41 32.65
N HIS G 421 80.92 -6.23 33.78
CA HIS G 421 81.62 -5.94 35.02
C HIS G 421 82.19 -7.23 35.61
N SER G 422 83.22 -7.09 36.43
CA SER G 422 83.86 -8.23 37.07
C SER G 422 83.14 -8.63 38.34
N SER G 423 82.17 -9.53 38.22
CA SER G 423 81.50 -10.09 39.38
C SER G 423 82.27 -11.31 39.86
N TYR G 424 83.58 -11.31 39.60
CA TYR G 424 84.44 -12.42 39.97
C TYR G 424 85.74 -11.92 40.60
N ALA G 425 86.46 -12.85 41.24
CA ALA G 425 87.76 -12.56 41.81
C ALA G 425 88.73 -13.69 41.46
N HIS G 426 89.97 -13.33 41.14
CA HIS G 426 90.94 -14.32 40.67
C HIS G 426 91.40 -15.27 41.79
N SER G 427 91.43 -16.56 41.47
CA SER G 427 91.91 -17.57 42.40
C SER G 427 93.42 -17.76 42.26
N GLN G 428 93.98 -17.19 41.21
CA GLN G 428 95.43 -17.21 41.00
C GLN G 428 96.01 -15.82 41.23
N SER G 429 97.33 -15.72 41.24
CA SER G 429 98.01 -14.44 41.38
C SER G 429 98.94 -14.19 40.21
N LEU G 430 99.33 -12.93 40.00
CA LEU G 430 100.24 -12.59 38.90
C LEU G 430 101.61 -13.26 39.05
N ASP G 431 102.17 -13.22 40.25
CA ASP G 431 103.47 -13.80 40.49
C ASP G 431 103.39 -15.30 40.76
N ARG G 432 102.20 -15.76 41.14
CA ARG G 432 102.00 -17.18 41.43
C ARG G 432 101.23 -17.86 40.30
N LEU G 433 101.74 -17.74 39.09
CA LEU G 433 101.03 -18.22 37.90
C LEU G 433 101.68 -19.47 37.32
N MET G 434 102.96 -19.65 37.59
CA MET G 434 103.73 -20.76 37.00
C MET G 434 103.51 -22.11 37.66
N ASN G 435 104.38 -23.06 37.35
CA ASN G 435 104.27 -24.42 37.85
C ASN G 435 105.16 -24.66 39.07
N PRO G 436 104.54 -25.04 40.19
CA PRO G 436 105.20 -25.32 41.46
C PRO G 436 106.17 -26.51 41.40
N LEU G 437 106.00 -27.37 40.41
CA LEU G 437 106.75 -28.63 40.37
C LEU G 437 107.96 -28.59 39.45
N ILE G 438 107.83 -27.89 38.33
CA ILE G 438 108.88 -27.88 37.32
C ILE G 438 109.70 -26.59 37.39
N ASP G 439 110.96 -26.69 36.99
CA ASP G 439 111.87 -25.54 37.00
C ASP G 439 111.88 -24.87 35.63
N GLN G 440 112.20 -23.58 35.61
CA GLN G 440 112.33 -22.86 34.34
C GLN G 440 113.62 -23.24 33.64
N TYR G 441 113.65 -23.08 32.33
CA TYR G 441 114.87 -23.33 31.56
C TYR G 441 115.62 -22.03 31.33
N LEU G 442 115.10 -20.95 31.91
CA LEU G 442 115.75 -19.65 31.81
C LEU G 442 116.68 -19.40 32.99
N TYR G 443 117.67 -18.54 32.79
CA TYR G 443 118.65 -18.26 33.83
C TYR G 443 118.64 -16.79 34.24
N TYR G 444 118.87 -16.55 35.53
CA TYR G 444 118.97 -15.21 36.06
C TYR G 444 120.23 -15.12 36.90
N LEU G 445 120.71 -13.90 37.14
CA LEU G 445 121.89 -13.70 37.98
C LEU G 445 121.46 -13.42 39.42
N ASN G 446 122.03 -14.16 40.36
CA ASN G 446 121.65 -14.04 41.77
C ASN G 446 122.83 -13.81 42.70
N ARG G 447 124.04 -13.96 42.17
CA ARG G 447 125.25 -13.75 42.96
C ARG G 447 126.26 -12.91 42.20
N THR G 448 126.65 -11.78 42.79
CA THR G 448 127.59 -10.87 42.16
C THR G 448 129.00 -10.99 42.75
N GLN G 449 129.07 -11.28 44.05
CA GLN G 449 130.35 -11.38 44.74
C GLN G 449 130.45 -12.66 45.58
N GLY G 450 129.51 -12.82 46.52
CA GLY G 450 129.55 -13.92 47.47
C GLY G 450 129.87 -15.26 46.84
N THR G 451 131.15 -15.63 46.88
CA THR G 451 131.59 -16.91 46.35
C THR G 451 131.97 -17.83 47.51
N THR G 452 132.77 -18.85 47.21
CA THR G 452 133.38 -19.67 48.25
C THR G 452 134.29 -18.74 49.06
N SER G 453 133.66 -17.89 49.88
CA SER G 453 134.34 -16.77 50.52
C SER G 453 135.30 -17.18 51.64
N GLY G 454 136.59 -17.07 51.35
CA GLY G 454 137.62 -17.37 52.32
C GLY G 454 138.97 -16.85 51.85
N THR G 455 139.51 -17.51 50.83
CA THR G 455 140.78 -17.11 50.22
C THR G 455 140.51 -16.54 48.83
N THR G 456 141.11 -15.39 48.54
CA THR G 456 141.12 -14.81 47.19
C THR G 456 139.76 -14.85 46.50
N ASN G 457 138.70 -14.53 47.24
CA ASN G 457 137.36 -14.52 46.66
C ASN G 457 136.64 -13.20 46.85
N GLN G 458 137.00 -12.23 46.01
CA GLN G 458 136.39 -10.90 46.03
C GLN G 458 135.01 -10.94 45.37
N SER G 459 134.98 -11.23 44.07
CA SER G 459 133.74 -11.21 43.30
C SER G 459 133.75 -12.18 42.12
N ARG G 460 132.56 -12.63 41.74
CA ARG G 460 132.40 -13.56 40.62
C ARG G 460 130.95 -13.54 40.14
N LEU G 461 130.76 -13.57 38.83
CA LEU G 461 129.42 -13.55 38.24
C LEU G 461 128.82 -14.95 38.20
N LEU G 462 127.76 -15.17 38.97
CA LEU G 462 127.13 -16.48 39.08
C LEU G 462 125.64 -16.45 38.78
N PHE G 463 125.19 -17.39 37.95
CA PHE G 463 123.80 -17.45 37.50
C PHE G 463 123.11 -18.72 37.99
N SER G 464 121.81 -18.60 38.27
CA SER G 464 121.02 -19.74 38.71
C SER G 464 119.84 -20.01 37.78
N GLN G 465 119.47 -21.28 37.64
CA GLN G 465 118.28 -21.66 36.89
C GLN G 465 117.07 -21.58 37.79
N ALA G 466 116.06 -20.83 37.37
CA ALA G 466 114.86 -20.63 38.16
C ALA G 466 114.23 -21.96 38.56
N GLY G 467 113.83 -22.07 39.82
CA GLY G 467 113.16 -23.26 40.32
C GLY G 467 111.97 -22.86 41.16
N PRO G 468 111.21 -23.86 41.65
CA PRO G 468 110.07 -23.58 42.53
C PRO G 468 110.57 -22.93 43.80
N GLN G 469 111.86 -23.13 44.06
CA GLN G 469 112.52 -22.59 45.23
C GLN G 469 112.78 -21.09 45.04
N SER G 470 113.21 -20.72 43.85
CA SER G 470 113.39 -19.30 43.51
C SER G 470 112.09 -18.74 42.92
N MET G 471 111.05 -18.71 43.75
CA MET G 471 109.71 -18.39 43.27
C MET G 471 109.52 -16.92 42.90
N SER G 472 110.05 -16.01 43.73
CA SER G 472 109.92 -14.58 43.47
C SER G 472 111.10 -14.04 42.67
N LEU G 473 111.76 -14.92 41.93
CA LEU G 473 112.92 -14.56 41.14
C LEU G 473 112.79 -15.03 39.69
N GLN G 474 111.81 -15.88 39.45
CA GLN G 474 111.60 -16.46 38.12
C GLN G 474 111.25 -15.40 37.07
N ALA G 475 111.57 -15.70 35.81
CA ALA G 475 111.20 -14.83 34.72
C ALA G 475 109.69 -14.61 34.68
N ARG G 476 109.27 -13.42 34.28
CA ARG G 476 107.87 -13.06 34.30
C ARG G 476 107.39 -12.58 32.93
N ASN G 477 106.10 -12.76 32.66
CA ASN G 477 105.52 -12.34 31.39
C ASN G 477 104.62 -11.11 31.49
N TRP G 478 104.25 -10.74 32.72
CA TRP G 478 103.25 -9.69 32.93
C TRP G 478 103.57 -8.82 34.14
N LEU G 479 103.04 -7.60 34.14
CA LEU G 479 103.20 -6.68 35.27
C LEU G 479 101.86 -6.35 35.92
N PRO G 480 101.89 -5.80 37.15
CA PRO G 480 100.69 -5.36 37.85
C PRO G 480 100.15 -4.07 37.25
N GLY G 481 98.95 -3.67 37.67
CA GLY G 481 98.33 -2.46 37.16
C GLY G 481 99.05 -1.21 37.62
N PRO G 482 98.74 -0.07 36.98
CA PRO G 482 99.33 1.24 37.31
C PRO G 482 99.05 1.60 38.77
N CYS G 483 99.62 2.72 39.23
CA CYS G 483 99.45 3.11 40.62
C CYS G 483 99.62 4.62 40.85
N TYR G 484 99.04 5.09 41.95
CA TYR G 484 99.20 6.47 42.40
C TYR G 484 99.08 6.47 43.91
N ARG G 485 100.21 6.34 44.59
CA ARG G 485 100.24 6.11 46.03
C ARG G 485 99.29 6.99 46.82
N GLN G 486 98.56 6.36 47.75
CA GLN G 486 97.68 7.06 48.67
C GLN G 486 98.27 6.97 50.07
N GLN G 487 97.88 7.89 50.94
CA GLN G 487 98.37 7.87 52.33
C GLN G 487 97.62 6.82 53.13
N ARG G 488 98.32 6.18 54.06
CA ARG G 488 97.72 5.12 54.88
C ARG G 488 97.04 5.70 56.12
N LEU G 489 95.80 5.29 56.36
CA LEU G 489 95.06 5.71 57.54
C LEU G 489 94.60 4.52 58.36
N SER G 490 94.51 4.71 59.67
CA SER G 490 94.00 3.65 60.54
C SER G 490 92.64 4.02 61.08
N LYS G 491 91.80 3.02 61.27
CA LYS G 491 90.48 3.23 61.84
C LYS G 491 90.60 3.50 63.33
N THR G 492 91.69 3.03 63.92
CA THR G 492 91.98 3.30 65.33
C THR G 492 92.55 4.71 65.47
N ALA G 493 91.77 5.59 66.09
CA ALA G 493 92.09 7.02 66.13
C ALA G 493 93.29 7.36 67.02
N ASN G 494 94.24 6.43 67.15
CA ASN G 494 95.43 6.71 67.94
C ASN G 494 96.71 6.17 67.30
N ASP G 495 96.54 5.39 66.23
CA ASP G 495 97.69 4.91 65.47
C ASP G 495 98.23 6.05 64.62
N ASN G 496 97.36 7.02 64.35
CA ASN G 496 97.66 8.08 63.40
C ASN G 496 98.48 9.22 63.99
N ASN G 497 99.04 10.03 63.09
CA ASN G 497 99.81 11.21 63.49
C ASN G 497 98.90 12.28 64.06
N ASN G 498 99.33 12.91 65.14
CA ASN G 498 98.55 13.96 65.78
C ASN G 498 98.61 15.26 64.99
N SER G 499 98.13 15.22 63.76
CA SER G 499 98.10 16.39 62.87
C SER G 499 96.98 16.25 61.84
N ASN G 500 96.39 17.39 61.45
CA ASN G 500 95.31 17.39 60.48
C ASN G 500 95.85 17.47 59.05
N PHE G 501 95.88 16.33 58.37
CA PHE G 501 96.50 16.23 57.04
C PHE G 501 95.59 15.73 55.92
N PRO G 502 94.27 15.94 56.03
CA PRO G 502 93.38 15.38 55.00
C PRO G 502 93.42 16.21 53.72
N TRP G 503 94.32 17.18 53.66
CA TRP G 503 94.43 18.04 52.48
C TRP G 503 95.88 18.36 52.16
N THR G 504 96.69 18.52 53.20
CA THR G 504 98.09 18.90 53.05
C THR G 504 98.99 17.69 52.83
N ALA G 505 98.42 16.49 52.99
CA ALA G 505 99.19 15.25 52.84
C ALA G 505 98.52 14.24 51.93
N ALA G 506 97.36 14.61 51.39
CA ALA G 506 96.63 13.72 50.49
C ALA G 506 97.05 13.91 49.04
N SER G 507 96.95 12.85 48.25
CA SER G 507 97.31 12.89 46.84
C SER G 507 96.27 13.68 46.04
N LYS G 508 96.75 14.66 45.28
CA LYS G 508 95.86 15.57 44.57
C LYS G 508 96.45 15.95 43.22
N TYR G 509 95.60 16.45 42.32
CA TYR G 509 96.06 16.94 41.03
C TYR G 509 95.67 18.39 40.89
N HIS G 510 96.20 19.08 39.90
CA HIS G 510 95.84 20.47 39.69
C HIS G 510 95.77 20.84 38.21
N LEU G 511 94.70 21.55 37.85
CA LEU G 511 94.52 22.02 36.48
C LEU G 511 94.25 23.51 36.49
N ASN G 512 94.91 24.24 35.61
CA ASN G 512 94.71 25.68 35.51
C ASN G 512 95.10 26.37 36.81
N GLY G 513 96.03 25.74 37.54
CA GLY G 513 96.48 26.27 38.81
C GLY G 513 95.47 26.07 39.92
N ARG G 514 94.66 25.04 39.79
CA ARG G 514 93.61 24.74 40.77
C ARG G 514 93.71 23.31 41.31
N ASP G 515 93.98 23.20 42.60
CA ASP G 515 94.10 21.89 43.25
C ASP G 515 92.76 21.17 43.34
N SER G 516 92.77 19.89 43.01
CA SER G 516 91.59 19.04 43.14
C SER G 516 92.00 17.68 43.70
N LEU G 517 91.26 17.19 44.67
CA LEU G 517 91.63 15.96 45.36
C LEU G 517 91.37 14.72 44.52
N VAL G 518 92.41 13.91 44.32
CA VAL G 518 92.27 12.65 43.61
C VAL G 518 91.60 11.64 44.51
N ASN G 519 90.27 11.67 44.57
CA ASN G 519 89.53 10.81 45.47
C ASN G 519 89.59 9.32 45.10
N PRO G 520 88.78 8.87 44.13
CA PRO G 520 88.93 7.46 43.77
C PRO G 520 89.97 7.34 42.67
N GLY G 521 91.24 7.22 43.04
CA GLY G 521 92.30 7.14 42.06
C GLY G 521 92.26 5.83 41.28
N PRO G 522 93.36 5.52 40.58
CA PRO G 522 93.43 4.22 39.91
C PRO G 522 93.03 3.11 40.87
N ALA G 523 92.58 1.99 40.32
CA ALA G 523 92.16 0.87 41.15
C ALA G 523 93.37 0.22 41.82
N MET G 524 93.47 0.40 43.14
CA MET G 524 94.54 -0.21 43.92
C MET G 524 93.95 -0.94 45.13
N ALA G 525 94.68 -1.92 45.65
CA ALA G 525 94.21 -2.69 46.80
C ALA G 525 94.21 -1.84 48.08
N SER G 526 93.19 -2.04 48.92
CA SER G 526 93.06 -1.24 50.13
C SER G 526 94.10 -1.58 51.21
N HIS G 527 94.35 -2.86 51.41
CA HIS G 527 95.28 -3.31 52.44
C HIS G 527 95.96 -4.63 52.06
N LYS G 528 97.14 -4.87 52.62
CA LYS G 528 97.83 -6.15 52.41
C LYS G 528 97.31 -7.19 53.38
N ASP G 529 97.78 -8.43 53.24
CA ASP G 529 97.29 -9.54 54.05
C ASP G 529 97.57 -9.36 55.54
N ASP G 530 96.61 -9.81 56.36
CA ASP G 530 96.75 -9.80 57.81
C ASP G 530 96.74 -8.40 58.43
N GLU G 531 95.93 -7.51 57.88
CA GLU G 531 95.75 -6.17 58.43
C GLU G 531 94.26 -5.85 58.57
N GLU G 532 93.63 -5.51 57.45
CA GLU G 532 92.20 -5.29 57.42
C GLU G 532 91.76 -4.19 58.38
N LYS G 533 92.64 -3.20 58.59
CA LYS G 533 92.33 -2.07 59.45
C LYS G 533 92.82 -0.77 58.84
N PHE G 534 93.83 -0.88 57.98
CA PHE G 534 94.40 0.28 57.30
C PHE G 534 93.74 0.49 55.95
N PHE G 535 92.98 1.57 55.83
CA PHE G 535 92.38 1.93 54.54
C PHE G 535 93.12 3.14 53.98
N PRO G 536 93.15 3.27 52.65
CA PRO G 536 93.84 4.40 52.01
C PRO G 536 93.11 5.71 52.28
N MET G 537 93.87 6.79 52.37
CA MET G 537 93.27 8.12 52.41
C MET G 537 92.35 8.22 51.21
N HIS G 538 91.05 8.13 51.45
CA HIS G 538 90.05 8.19 50.39
C HIS G 538 90.39 7.32 49.17
N GLY G 539 90.97 6.14 49.41
CA GLY G 539 91.29 5.23 48.33
C GLY G 539 90.13 4.34 47.94
N ASN G 540 88.92 4.75 48.31
CA ASN G 540 87.71 3.99 48.02
C ASN G 540 86.44 4.76 48.38
N LEU G 541 85.31 4.30 47.86
CA LEU G 541 84.04 4.99 48.08
C LEU G 541 83.46 4.71 49.46
N ILE G 542 83.07 5.77 50.15
CA ILE G 542 82.52 5.65 51.49
C ILE G 542 81.06 6.10 51.52
N PHE G 543 80.19 5.22 52.00
CA PHE G 543 78.76 5.52 52.05
C PHE G 543 78.32 5.91 53.45
N GLY G 544 77.43 6.90 53.53
CA GLY G 544 76.91 7.34 54.81
C GLY G 544 75.67 6.57 55.23
N LYS G 545 75.64 6.13 56.49
CA LYS G 545 74.49 5.42 57.02
C LYS G 545 73.25 6.31 57.02
N GLU G 546 72.08 5.69 57.13
CA GLU G 546 70.83 6.44 57.18
C GLU G 546 70.79 7.33 58.42
N GLY G 547 70.40 8.59 58.24
CA GLY G 547 70.33 9.54 59.33
C GLY G 547 71.70 9.86 59.88
N THR G 548 72.42 10.76 59.20
CA THR G 548 73.75 11.17 59.61
C THR G 548 74.14 12.48 58.92
N THR G 549 74.35 13.54 59.72
CA THR G 549 74.62 14.87 59.18
C THR G 549 75.73 14.88 58.11
N ALA G 550 75.66 15.85 57.22
CA ALA G 550 76.62 15.97 56.12
C ALA G 550 77.94 16.59 56.58
N SER G 551 77.97 17.10 57.80
CA SER G 551 79.14 17.81 58.30
C SER G 551 79.81 17.08 59.45
N ASN G 552 81.02 16.59 59.18
CA ASN G 552 81.84 15.91 60.19
C ASN G 552 81.08 14.89 61.03
N ALA G 553 80.81 13.73 60.44
CA ALA G 553 80.13 12.65 61.16
C ALA G 553 81.16 11.69 61.75
N GLU G 554 80.70 10.83 62.65
CA GLU G 554 81.59 9.91 63.35
C GLU G 554 82.03 8.76 62.45
N LEU G 555 83.12 8.11 62.84
CA LEU G 555 83.64 6.95 62.11
C LEU G 555 82.67 5.77 62.17
N ASP G 556 81.88 5.71 63.24
CA ASP G 556 80.92 4.63 63.41
C ASP G 556 79.61 4.98 62.71
N ASN G 557 79.61 6.06 61.94
CA ASN G 557 78.44 6.51 61.19
C ASN G 557 78.61 6.40 59.68
N VAL G 558 79.74 5.85 59.25
CA VAL G 558 80.00 5.69 57.82
C VAL G 558 80.40 4.26 57.47
N MET G 559 80.28 3.94 56.19
CA MET G 559 80.61 2.61 55.69
C MET G 559 81.72 2.69 54.66
N ILE G 560 82.91 2.22 55.04
CA ILE G 560 84.07 2.26 54.17
C ILE G 560 84.17 0.94 53.40
N THR G 561 84.42 1.04 52.10
CA THR G 561 84.42 -0.14 51.23
C THR G 561 85.81 -0.75 51.07
N ASP G 562 85.88 -2.08 51.18
CA ASP G 562 87.16 -2.78 51.11
C ASP G 562 87.38 -3.39 49.73
N GLU G 563 88.46 -2.97 49.07
CA GLU G 563 88.84 -3.52 47.78
C GLU G 563 89.95 -4.54 47.94
N GLU G 564 89.63 -5.68 48.55
CA GLU G 564 90.64 -6.70 48.85
C GLU G 564 90.47 -7.96 48.01
N GLU G 565 89.81 -7.84 46.87
CA GLU G 565 89.64 -8.97 45.97
C GLU G 565 90.57 -8.81 44.77
N ILE G 566 91.06 -7.60 44.57
CA ILE G 566 91.92 -7.29 43.43
C ILE G 566 93.39 -7.28 43.83
N ARG G 567 93.72 -7.97 44.92
CA ARG G 567 95.09 -8.03 45.42
C ARG G 567 96.04 -8.66 44.42
N THR G 568 95.50 -9.52 43.56
CA THR G 568 96.31 -10.34 42.66
C THR G 568 96.70 -9.64 41.36
N THR G 569 96.02 -8.55 41.04
CA THR G 569 96.28 -7.83 39.80
C THR G 569 96.71 -6.40 40.06
N ASN G 570 96.36 -5.88 41.24
CA ASN G 570 96.60 -4.48 41.55
C ASN G 570 97.56 -4.24 42.70
N PRO G 571 98.36 -3.16 42.60
CA PRO G 571 99.26 -2.72 43.67
C PRO G 571 98.48 -2.18 44.85
N VAL G 572 99.05 -2.29 46.06
CA VAL G 572 98.39 -1.76 47.25
C VAL G 572 98.42 -0.23 47.24
N ALA G 573 97.26 0.37 47.52
CA ALA G 573 97.10 1.82 47.42
C ALA G 573 98.06 2.63 48.30
N THR G 574 98.25 2.17 49.52
CA THR G 574 99.09 2.88 50.49
C THR G 574 100.55 2.48 50.36
N GLU G 575 100.79 1.21 50.03
CA GLU G 575 102.15 0.71 49.86
C GLU G 575 102.81 1.28 48.61
N GLN G 576 104.11 1.02 48.46
CA GLN G 576 104.86 1.49 47.31
C GLN G 576 104.49 0.72 46.05
N TYR G 577 105.30 0.89 45.00
CA TYR G 577 105.10 0.14 43.76
C TYR G 577 106.21 -0.87 43.56
N GLY G 578 107.44 -0.44 43.81
CA GLY G 578 108.59 -1.33 43.66
C GLY G 578 109.93 -0.64 43.72
N THR G 579 110.92 -1.25 43.10
CA THR G 579 112.29 -0.76 43.10
C THR G 579 112.77 -0.41 41.70
N VAL G 580 113.48 0.71 41.59
CA VAL G 580 114.07 1.11 40.32
C VAL G 580 115.51 1.53 40.53
N ALA G 581 116.38 1.19 39.58
CA ALA G 581 117.77 1.59 39.64
C ALA G 581 117.94 3.02 39.12
N ASN G 582 118.94 3.73 39.63
CA ASN G 582 119.21 5.09 39.20
C ASN G 582 120.67 5.52 39.36
N ASN G 583 121.58 4.66 38.89
CA ASN G 583 123.01 4.95 38.89
C ASN G 583 123.79 3.87 38.16
N LEU G 584 125.04 4.17 37.81
CA LEU G 584 125.90 3.20 37.13
C LEU G 584 126.86 2.55 38.12
N GLN G 585 126.41 1.47 38.75
CA GLN G 585 127.21 0.78 39.77
C GLN G 585 128.54 0.30 39.21
N SER G 586 129.56 0.29 40.06
CA SER G 586 130.89 -0.15 39.69
C SER G 586 131.75 -0.33 40.93
N SER G 587 133.03 -0.59 40.73
CA SER G 587 133.98 -0.69 41.83
C SER G 587 134.05 0.64 42.59
N ASN G 588 133.83 1.74 41.87
CA ASN G 588 133.89 3.07 42.47
C ASN G 588 132.56 3.49 43.09
N THR G 589 131.47 2.97 42.56
CA THR G 589 130.13 3.39 42.97
C THR G 589 129.28 2.25 43.51
N ALA G 590 128.57 2.50 44.60
CA ALA G 590 127.64 1.52 45.15
C ALA G 590 126.27 1.66 44.49
N PRO G 591 125.65 0.51 44.14
CA PRO G 591 124.33 0.48 43.49
C PRO G 591 123.26 1.21 44.30
N THR G 592 122.45 2.01 43.61
CA THR G 592 121.41 2.80 44.28
C THR G 592 120.00 2.35 43.92
N THR G 593 119.13 2.34 44.92
CA THR G 593 117.74 1.94 44.73
C THR G 593 116.79 3.10 44.98
N ARG G 594 115.74 3.19 44.17
CA ARG G 594 114.74 4.24 44.32
C ARG G 594 113.35 3.63 44.52
N THR G 595 112.66 4.08 45.57
CA THR G 595 111.31 3.62 45.85
C THR G 595 110.31 4.37 44.96
N VAL G 596 109.70 3.64 44.03
CA VAL G 596 108.76 4.24 43.09
C VAL G 596 107.38 4.44 43.70
N ASN G 597 106.91 5.69 43.70
CA ASN G 597 105.65 6.04 44.31
C ASN G 597 104.58 6.32 43.27
N ASP G 598 105.00 6.53 42.03
CA ASP G 598 104.08 6.84 40.95
C ASP G 598 104.48 6.14 39.65
N GLN G 599 103.57 5.33 39.11
CA GLN G 599 103.85 4.58 37.89
C GLN G 599 102.81 4.80 36.81
N GLY G 600 103.22 5.38 35.69
CA GLY G 600 102.36 5.49 34.53
C GLY G 600 102.04 4.12 33.97
N ALA G 601 101.57 4.08 32.73
CA ALA G 601 101.21 2.82 32.08
C ALA G 601 102.44 2.14 31.50
N LEU G 602 102.35 0.83 31.30
CA LEU G 602 103.45 0.05 30.76
C LEU G 602 103.00 -1.12 29.90
N PRO G 603 103.68 -1.34 28.76
CA PRO G 603 103.41 -2.50 27.90
C PRO G 603 103.57 -3.80 28.68
N GLY G 604 102.45 -4.45 28.98
CA GLY G 604 102.49 -5.72 29.67
C GLY G 604 101.75 -5.71 30.99
N MET G 605 101.25 -4.53 31.37
CA MET G 605 100.49 -4.41 32.61
C MET G 605 99.07 -4.95 32.44
N VAL G 606 98.56 -5.56 33.49
CA VAL G 606 97.19 -6.05 33.51
C VAL G 606 96.54 -5.70 34.85
N TRP G 607 95.34 -5.14 34.79
CA TRP G 607 94.69 -4.71 36.02
C TRP G 607 93.19 -5.03 36.03
N GLN G 608 92.63 -5.04 37.24
CA GLN G 608 91.19 -5.19 37.40
C GLN G 608 90.64 -3.82 37.79
N ASP G 609 89.44 -3.48 37.32
CA ASP G 609 88.84 -2.21 37.68
C ASP G 609 88.25 -2.26 39.09
N ARG G 610 87.62 -1.18 39.52
CA ARG G 610 87.01 -1.14 40.84
C ARG G 610 85.83 -2.08 40.96
N ASP G 611 84.88 -1.76 41.83
CA ASP G 611 83.73 -2.62 42.03
C ASP G 611 82.45 -1.80 42.13
N VAL G 612 81.33 -2.44 41.83
CA VAL G 612 80.03 -1.79 41.99
C VAL G 612 79.28 -2.39 43.16
N TYR G 613 78.69 -1.55 43.98
CA TYR G 613 77.96 -2.01 45.15
C TYR G 613 76.50 -1.66 45.01
N LEU G 614 75.66 -2.36 45.75
CA LEU G 614 74.21 -2.20 45.64
C LEU G 614 73.77 -0.74 45.58
N GLN G 615 74.54 0.14 46.23
CA GLN G 615 74.19 1.56 46.27
C GLN G 615 75.17 2.45 45.49
N GLY G 616 76.00 1.83 44.67
CA GLY G 616 76.98 2.56 43.89
C GLY G 616 76.44 3.11 42.58
N PRO G 617 77.22 3.96 41.91
CA PRO G 617 76.86 4.49 40.60
C PRO G 617 76.76 3.37 39.57
N ILE G 618 76.00 3.59 38.51
CA ILE G 618 75.86 2.58 37.47
C ILE G 618 76.69 2.93 36.24
N TRP G 619 76.44 4.10 35.66
CA TRP G 619 77.15 4.52 34.45
C TRP G 619 77.80 5.89 34.61
N ALA G 620 78.47 6.34 33.56
CA ALA G 620 79.13 7.64 33.55
C ALA G 620 79.44 8.08 32.13
N LYS G 621 79.16 9.35 31.83
CA LYS G 621 79.40 9.89 30.49
C LYS G 621 80.86 10.21 30.23
N ILE G 622 81.51 9.36 29.45
CA ILE G 622 82.89 9.61 29.03
C ILE G 622 82.97 10.96 28.32
N PRO G 623 83.79 11.87 28.86
CA PRO G 623 83.98 13.21 28.31
C PRO G 623 84.33 13.18 26.84
N HIS G 624 83.84 14.15 26.07
CA HIS G 624 84.14 14.20 24.65
C HIS G 624 85.44 14.96 24.37
N THR G 625 86.56 14.28 24.55
CA THR G 625 87.87 14.88 24.32
C THR G 625 88.58 14.22 23.14
N ASP G 626 89.80 14.69 22.87
CA ASP G 626 90.60 14.12 21.79
C ASP G 626 91.10 12.71 22.16
N GLY G 627 91.24 12.44 23.45
CA GLY G 627 91.82 11.18 23.88
C GLY G 627 91.39 10.70 25.24
N HIS G 628 91.28 9.37 25.36
CA HIS G 628 91.01 8.71 26.63
C HIS G 628 91.93 7.50 26.69
N PHE G 629 92.21 7.01 27.90
CA PHE G 629 93.04 5.82 28.03
C PHE G 629 92.20 4.57 28.22
N HIS G 630 91.81 4.31 29.45
CA HIS G 630 90.96 3.18 29.77
C HIS G 630 89.69 3.74 30.39
N PRO G 631 88.78 4.24 29.54
CA PRO G 631 87.62 5.05 29.92
C PRO G 631 86.60 4.32 30.80
N SER G 632 87.02 3.92 31.99
CA SER G 632 86.11 3.33 32.96
C SER G 632 85.93 4.30 34.12
N PRO G 633 84.67 4.59 34.48
CA PRO G 633 84.34 5.54 35.54
C PRO G 633 85.18 5.28 36.78
N LEU G 634 85.91 6.29 37.25
CA LEU G 634 86.80 6.11 38.39
C LEU G 634 86.04 5.66 39.64
N MET G 635 84.80 6.11 39.77
CA MET G 635 83.97 5.73 40.89
C MET G 635 83.37 4.34 40.68
N GLY G 636 83.57 3.81 39.48
CA GLY G 636 83.13 2.48 39.15
C GLY G 636 81.90 2.44 38.26
N GLY G 637 81.81 1.42 37.42
CA GLY G 637 80.65 1.25 36.56
C GLY G 637 80.98 1.18 35.09
N PHE G 638 80.00 1.56 34.27
CA PHE G 638 80.13 1.47 32.83
C PHE G 638 80.33 2.84 32.19
N GLY G 639 81.48 3.00 31.54
CA GLY G 639 81.79 4.23 30.83
C GLY G 639 81.09 4.27 29.49
N LEU G 640 80.23 5.26 29.31
CA LEU G 640 79.42 5.32 28.11
C LEU G 640 79.66 6.61 27.33
N LYS G 641 79.91 6.47 26.04
CA LYS G 641 79.99 7.62 25.13
C LYS G 641 78.63 8.32 25.14
N HIS G 642 77.59 7.52 24.94
CA HIS G 642 76.22 8.03 24.91
C HIS G 642 75.37 7.32 25.96
N PRO G 643 75.33 7.87 27.19
CA PRO G 643 74.61 7.30 28.33
C PRO G 643 73.17 7.77 28.36
N PRO G 644 72.31 7.05 29.11
CA PRO G 644 70.89 7.42 29.27
C PRO G 644 70.73 8.93 29.43
N PRO G 645 70.20 9.59 28.40
CA PRO G 645 70.06 11.06 28.34
C PRO G 645 69.37 11.61 29.58
N GLN G 646 69.49 12.92 29.77
CA GLN G 646 68.88 13.57 30.91
C GLN G 646 67.41 13.89 30.64
N ILE G 647 66.54 13.54 31.59
CA ILE G 647 65.13 13.84 31.47
C ILE G 647 64.76 15.01 32.37
N MET G 648 64.37 16.12 31.75
CA MET G 648 64.00 17.33 32.50
C MET G 648 62.51 17.43 32.79
N ILE G 649 62.19 18.18 33.84
CA ILE G 649 60.82 18.33 34.30
C ILE G 649 60.68 19.68 34.98
N LYS G 650 59.55 20.34 34.79
CA LYS G 650 59.30 21.62 35.45
C LYS G 650 57.83 22.01 35.36
N ASN G 651 57.34 22.69 36.41
CA ASN G 651 55.95 23.14 36.43
C ASN G 651 55.78 24.38 35.58
N THR G 652 54.86 24.31 34.62
CA THR G 652 54.60 25.45 33.74
C THR G 652 54.10 26.64 34.57
N PRO G 653 54.83 27.76 34.49
CA PRO G 653 54.52 28.98 35.25
C PRO G 653 53.10 29.49 34.99
N VAL G 654 52.37 29.75 36.07
CA VAL G 654 51.02 30.29 35.94
C VAL G 654 50.93 31.70 36.50
N PRO G 655 50.73 32.70 35.62
CA PRO G 655 50.60 34.09 36.03
C PRO G 655 49.48 34.28 37.04
N ALA G 656 49.79 34.92 38.16
CA ALA G 656 48.76 35.28 39.12
C ALA G 656 47.88 36.35 38.49
N ASN G 657 47.28 37.19 39.32
CA ASN G 657 46.37 38.20 38.81
C ASN G 657 47.08 39.40 38.16
N PRO G 658 46.71 39.71 36.91
CA PRO G 658 47.26 40.82 36.12
C PRO G 658 46.45 42.11 36.30
N PRO G 659 47.10 43.26 36.09
CA PRO G 659 46.50 44.61 36.19
C PRO G 659 45.66 44.98 34.96
N THR G 660 44.65 45.84 35.15
CA THR G 660 43.81 46.32 34.05
C THR G 660 44.59 47.27 33.14
N THR G 661 45.69 47.81 33.65
CA THR G 661 46.56 48.67 32.86
C THR G 661 47.80 47.90 32.41
N PHE G 662 48.26 48.18 31.19
CA PHE G 662 49.39 47.46 30.60
C PHE G 662 50.73 47.80 31.27
N SER G 663 51.52 46.76 31.54
CA SER G 663 52.84 46.93 32.14
C SER G 663 53.91 46.21 31.34
N PRO G 664 54.93 46.94 30.90
CA PRO G 664 56.07 46.38 30.15
C PRO G 664 57.01 45.64 31.10
N ALA G 665 56.85 45.88 32.40
CA ALA G 665 57.72 45.29 33.39
C ALA G 665 57.68 43.77 33.36
N LYS G 666 58.84 43.15 33.56
CA LYS G 666 58.95 41.69 33.60
C LYS G 666 57.95 41.13 34.59
N PHE G 667 57.25 40.07 34.20
CA PHE G 667 56.24 39.46 35.06
C PHE G 667 56.90 38.63 36.16
N ALA G 668 56.47 38.83 37.40
CA ALA G 668 57.06 38.13 38.53
C ALA G 668 56.04 37.72 39.59
N SER G 669 54.75 37.95 39.29
CA SER G 669 53.68 37.54 40.18
C SER G 669 52.98 36.27 39.67
N PHE G 670 53.36 35.13 40.24
CA PHE G 670 52.82 33.84 39.80
C PHE G 670 52.04 33.12 40.90
N ILE G 671 51.17 32.22 40.46
CA ILE G 671 50.44 31.35 41.38
C ILE G 671 51.36 30.22 41.82
N THR G 672 51.44 30.03 43.14
CA THR G 672 52.31 29.01 43.72
C THR G 672 51.70 27.63 43.56
N GLN G 673 52.46 26.71 42.97
CA GLN G 673 51.96 25.37 42.68
C GLN G 673 53.08 24.34 42.57
N TYR G 674 52.77 23.10 42.92
CA TYR G 674 53.71 21.99 42.82
C TYR G 674 53.07 20.82 42.10
N SER G 675 53.89 19.99 41.46
CA SER G 675 53.39 18.83 40.73
C SER G 675 53.78 17.53 41.41
N THR G 676 53.03 16.47 41.11
CA THR G 676 53.31 15.16 41.68
C THR G 676 52.78 14.07 40.75
N GLY G 677 53.35 12.88 40.84
CA GLY G 677 52.94 11.78 40.01
C GLY G 677 53.86 10.59 40.14
N GLN G 678 53.69 9.61 39.26
CA GLN G 678 54.54 8.42 39.29
C GLN G 678 55.52 8.41 38.12
N VAL G 679 56.60 7.67 38.31
CA VAL G 679 57.60 7.50 37.25
C VAL G 679 58.00 6.03 37.22
N SER G 680 58.25 5.50 36.03
CA SER G 680 58.60 4.10 35.88
C SER G 680 59.83 3.91 34.99
N VAL G 681 60.79 3.12 35.49
CA VAL G 681 62.02 2.85 34.75
C VAL G 681 62.29 1.34 34.62
N GLU G 682 62.27 0.85 33.39
CA GLU G 682 62.51 -0.56 33.11
C GLU G 682 63.86 -0.76 32.43
N ILE G 683 64.69 -1.62 33.01
CA ILE G 683 66.00 -1.89 32.44
C ILE G 683 66.28 -3.38 32.25
N GLU G 684 66.78 -3.73 31.08
CA GLU G 684 67.15 -5.11 30.79
C GLU G 684 68.64 -5.29 31.01
N TRP G 685 69.01 -6.43 31.55
CA TRP G 685 70.39 -6.70 31.89
C TRP G 685 70.86 -8.00 31.26
N GLU G 686 71.94 -7.93 30.50
CA GLU G 686 72.53 -9.14 29.96
C GLU G 686 73.43 -9.76 31.03
N LEU G 687 73.40 -11.07 31.13
CA LEU G 687 74.18 -11.76 32.15
C LEU G 687 75.25 -12.68 31.57
N GLN G 688 76.35 -12.81 32.30
CA GLN G 688 77.39 -13.77 31.94
C GLN G 688 77.40 -14.87 32.98
N LYS G 689 76.94 -16.05 32.60
CA LYS G 689 76.83 -17.16 33.54
C LYS G 689 78.19 -17.67 34.00
N GLU G 690 78.17 -18.44 35.09
CA GLU G 690 79.38 -18.96 35.70
C GLU G 690 79.76 -20.33 35.14
N ASN G 691 81.00 -20.45 34.68
CA ASN G 691 81.50 -21.72 34.17
C ASN G 691 82.85 -22.07 34.80
N SER G 692 82.80 -22.61 36.02
CA SER G 692 84.01 -22.93 36.77
C SER G 692 84.07 -24.41 37.11
N LYS G 693 85.27 -24.97 37.07
CA LYS G 693 85.47 -26.36 37.46
C LYS G 693 86.10 -26.45 38.86
N ARG G 694 85.90 -25.41 39.64
CA ARG G 694 86.29 -25.40 41.04
C ARG G 694 85.60 -26.56 41.76
N TRP G 695 86.39 -27.39 42.44
CA TRP G 695 85.83 -28.54 43.14
C TRP G 695 85.15 -28.12 44.45
N ASN G 696 85.93 -27.50 45.33
CA ASN G 696 85.43 -27.04 46.62
C ASN G 696 84.49 -25.85 46.49
N PRO G 697 83.60 -25.67 47.48
CA PRO G 697 82.64 -24.56 47.45
C PRO G 697 83.31 -23.19 47.40
N GLU G 698 82.69 -22.24 46.70
CA GLU G 698 83.17 -20.87 46.69
C GLU G 698 82.45 -20.08 47.77
N ILE G 699 82.88 -18.86 48.03
CA ILE G 699 82.26 -18.04 49.05
C ILE G 699 81.03 -17.33 48.50
N GLN G 700 79.98 -17.28 49.33
CA GLN G 700 78.71 -16.69 48.94
C GLN G 700 78.31 -15.61 49.93
N TYR G 701 77.61 -14.58 49.45
CA TYR G 701 77.04 -13.61 50.37
C TYR G 701 75.83 -14.21 51.06
N THR G 702 75.66 -13.90 52.34
CA THR G 702 74.59 -14.49 53.13
C THR G 702 74.22 -13.63 54.33
N SER G 703 73.00 -13.79 54.82
CA SER G 703 72.56 -13.14 56.05
C SER G 703 72.95 -13.96 57.27
N ASN G 704 73.20 -13.28 58.39
CA ASN G 704 73.51 -13.97 59.63
C ASN G 704 72.29 -14.69 60.16
N TYR G 705 72.36 -16.02 60.16
CA TYR G 705 71.22 -16.85 60.57
C TYR G 705 70.97 -16.75 62.07
N ASN G 706 71.87 -16.08 62.77
CA ASN G 706 71.78 -15.97 64.23
C ASN G 706 70.58 -15.15 64.70
N LYS G 707 70.18 -15.35 65.95
CA LYS G 707 69.12 -14.55 66.55
C LYS G 707 69.53 -13.08 66.50
N SER G 708 68.71 -12.26 65.85
CA SER G 708 69.09 -10.87 65.60
C SER G 708 68.06 -9.83 66.05
N VAL G 709 68.54 -8.62 66.26
CA VAL G 709 67.71 -7.48 66.64
C VAL G 709 66.76 -7.12 65.50
N ASN G 710 67.27 -6.32 64.56
CA ASN G 710 66.50 -5.93 63.39
C ASN G 710 66.93 -6.75 62.19
N VAL G 711 66.06 -6.84 61.19
CA VAL G 711 66.35 -7.61 59.98
C VAL G 711 67.15 -6.79 58.98
N ASP G 712 68.22 -7.37 58.46
CA ASP G 712 69.08 -6.70 57.49
C ASP G 712 68.29 -6.20 56.29
N PHE G 713 68.46 -4.92 55.97
CA PHE G 713 67.77 -4.29 54.84
C PHE G 713 66.27 -4.30 55.06
N THR G 714 65.82 -3.44 55.97
CA THR G 714 64.43 -3.44 56.40
C THR G 714 64.08 -2.15 57.12
N VAL G 715 62.78 -1.85 57.20
CA VAL G 715 62.29 -0.73 57.97
C VAL G 715 62.39 -1.03 59.47
N ASP G 716 62.37 0.01 60.29
CA ASP G 716 62.48 -0.14 61.74
C ASP G 716 61.13 0.03 62.44
N THR G 717 61.19 0.44 63.70
CA THR G 717 59.99 0.56 64.54
C THR G 717 59.08 1.69 64.10
N ASN G 718 59.65 2.71 63.43
CA ASN G 718 58.86 3.85 62.98
C ASN G 718 58.94 4.12 61.49
N GLY G 719 59.26 3.09 60.71
CA GLY G 719 59.19 3.15 59.26
C GLY G 719 60.32 3.88 58.56
N VAL G 720 61.53 3.33 58.67
CA VAL G 720 62.68 3.89 57.96
C VAL G 720 63.57 2.77 57.41
N TYR G 721 63.60 2.66 56.08
CA TYR G 721 64.45 1.67 55.42
C TYR G 721 65.92 2.03 55.64
N SER G 722 66.75 1.02 55.88
CA SER G 722 68.16 1.24 56.14
C SER G 722 69.02 0.13 55.54
N GLU G 723 70.04 0.53 54.78
CA GLU G 723 70.98 -0.43 54.20
C GLU G 723 72.18 -0.63 55.14
N PRO G 724 72.20 -1.76 55.85
CA PRO G 724 73.25 -2.10 56.82
C PRO G 724 74.66 -1.90 56.28
N ARG G 725 75.09 -2.75 55.36
CA ARG G 725 76.46 -2.70 54.86
C ARG G 725 76.50 -2.49 53.35
N PRO G 726 77.67 -2.11 52.82
CA PRO G 726 77.87 -2.08 51.37
C PRO G 726 77.98 -3.51 50.84
N ILE G 727 77.57 -3.73 49.59
CA ILE G 727 77.62 -5.06 48.99
C ILE G 727 78.57 -5.11 47.79
N GLY G 728 79.63 -5.89 47.94
CA GLY G 728 80.57 -6.10 46.84
C GLY G 728 79.91 -6.87 45.72
N THR G 729 80.69 -7.21 44.70
CA THR G 729 80.16 -7.95 43.55
C THR G 729 81.01 -9.18 43.29
N ARG G 730 82.19 -9.21 43.90
CA ARG G 730 83.16 -10.26 43.63
C ARG G 730 83.14 -11.35 44.71
N TYR G 731 82.35 -12.39 44.44
CA TYR G 731 82.24 -13.53 45.36
C TYR G 731 82.64 -14.84 44.67
N LEU G 732 82.60 -14.84 43.34
CA LEU G 732 82.93 -16.03 42.57
C LEU G 732 84.36 -15.96 42.03
N THR G 733 85.01 -17.12 41.89
CA THR G 733 86.41 -17.17 41.49
C THR G 733 86.63 -17.67 40.07
N ARG G 734 87.46 -16.94 39.33
CA ARG G 734 87.91 -17.35 38.00
C ARG G 734 89.43 -17.27 37.98
N ASN G 735 90.06 -18.04 37.11
CA ASN G 735 91.52 -18.05 37.04
C ASN G 735 92.09 -16.90 36.22
N LEU G 736 93.40 -16.93 36.00
CA LEU G 736 94.07 -15.92 35.19
C LEU G 736 94.49 -16.50 33.83
N GLY H 217 40.91 22.11 15.99
CA GLY H 217 41.13 21.09 17.00
C GLY H 217 40.13 21.15 18.13
N ALA H 218 39.74 19.99 18.63
CA ALA H 218 38.75 19.91 19.71
C ALA H 218 39.03 18.74 20.67
N ASP H 219 39.41 19.06 21.90
CA ASP H 219 39.67 18.05 22.92
C ASP H 219 39.07 18.41 24.28
N GLY H 220 39.65 17.86 25.35
CA GLY H 220 39.04 17.96 26.66
C GLY H 220 39.70 18.84 27.70
N VAL H 221 39.31 18.63 28.96
CA VAL H 221 39.77 19.44 30.08
C VAL H 221 41.18 19.07 30.53
N GLY H 222 41.37 17.80 30.85
CA GLY H 222 42.66 17.30 31.28
C GLY H 222 43.51 16.80 30.12
N ASN H 223 43.57 17.60 29.05
CA ASN H 223 44.35 17.25 27.88
C ASN H 223 44.93 18.50 27.22
N SER H 224 46.25 18.65 27.32
CA SER H 224 46.93 19.82 26.75
C SER H 224 46.67 19.97 25.26
N SER H 225 46.26 21.16 24.85
CA SER H 225 45.95 21.44 23.45
C SER H 225 47.17 21.90 22.65
N GLY H 226 48.37 21.56 23.11
CA GLY H 226 49.59 21.93 22.42
C GLY H 226 50.86 21.67 23.22
N ASN H 227 51.98 21.61 22.50
CA ASN H 227 53.29 21.41 23.15
C ASN H 227 54.18 22.64 23.06
N TRP H 228 55.27 22.61 23.83
CA TRP H 228 56.21 23.72 23.87
C TRP H 228 57.26 23.60 22.76
N HIS H 229 56.97 24.21 21.61
CA HIS H 229 57.90 24.19 20.49
C HIS H 229 58.73 25.46 20.44
N CYS H 230 59.95 25.39 20.93
CA CYS H 230 60.87 26.52 20.84
C CYS H 230 62.27 26.02 20.48
N ASP H 231 62.64 26.19 19.22
CA ASP H 231 63.92 25.71 18.72
C ASP H 231 64.19 26.30 17.35
N SER H 232 65.43 26.21 16.91
CA SER H 232 65.79 26.64 15.56
C SER H 232 66.95 25.82 15.03
N GLN H 233 66.79 25.31 13.82
CA GLN H 233 67.86 24.61 13.14
C GLN H 233 68.03 25.21 11.75
N TRP H 234 69.18 24.94 11.14
CA TRP H 234 69.53 25.56 9.88
C TRP H 234 69.53 24.58 8.72
N LEU H 235 69.27 25.09 7.51
CA LEU H 235 69.24 24.27 6.32
C LEU H 235 70.31 24.72 5.32
N GLY H 236 71.16 25.65 5.75
CA GLY H 236 72.21 26.17 4.90
C GLY H 236 71.64 27.06 3.81
N ASP H 237 70.45 26.72 3.36
CA ASP H 237 69.77 27.48 2.32
C ASP H 237 68.69 28.35 2.95
N ARG H 238 68.29 27.99 4.16
CA ARG H 238 67.24 28.70 4.87
C ARG H 238 67.25 28.31 6.34
N VAL H 239 66.52 29.05 7.16
CA VAL H 239 66.46 28.77 8.59
C VAL H 239 65.05 28.94 9.17
N ILE H 240 64.65 27.97 9.98
CA ILE H 240 63.32 28.02 10.59
C ILE H 240 63.42 28.32 12.08
N THR H 241 62.76 29.39 12.49
CA THR H 241 62.76 29.82 13.89
C THR H 241 61.43 29.54 14.55
N THR H 242 61.45 28.68 15.55
CA THR H 242 60.26 28.35 16.32
C THR H 242 60.35 28.97 17.71
N SER H 243 59.30 29.66 18.12
CA SER H 243 59.29 30.35 19.41
C SER H 243 57.98 30.16 20.17
N THR H 244 58.09 29.83 21.46
CA THR H 244 56.92 29.68 22.32
C THR H 244 57.10 30.47 23.60
N ARG H 245 56.06 31.20 23.99
CA ARG H 245 56.09 31.99 25.21
C ARG H 245 54.79 31.85 25.97
N THR H 246 54.82 32.17 27.26
CA THR H 246 53.61 32.17 28.07
C THR H 246 53.06 33.58 28.16
N TRP H 247 51.76 33.73 27.98
CA TRP H 247 51.13 35.03 27.97
C TRP H 247 50.03 35.12 29.03
N ALA H 248 49.72 36.34 29.44
CA ALA H 248 48.63 36.59 30.37
C ALA H 248 47.79 37.77 29.87
N LEU H 249 46.48 37.66 30.03
CA LEU H 249 45.57 38.69 29.52
C LEU H 249 44.52 39.11 30.55
N PRO H 250 44.55 40.39 30.94
CA PRO H 250 43.57 41.00 31.85
C PRO H 250 42.28 41.35 31.11
N THR H 251 41.33 41.93 31.82
CA THR H 251 40.15 42.48 31.19
C THR H 251 40.35 43.98 31.03
N TYR H 252 40.60 44.41 29.80
CA TYR H 252 40.88 45.81 29.53
C TYR H 252 39.60 46.65 29.41
N ASN H 253 39.71 47.93 29.75
CA ASN H 253 38.61 48.88 29.62
C ASN H 253 37.30 48.40 30.22
N ASN H 254 37.36 47.43 31.12
CA ASN H 254 36.17 46.95 31.80
C ASN H 254 35.09 46.53 30.81
N HIS H 255 35.47 45.70 29.84
CA HIS H 255 34.54 45.21 28.82
C HIS H 255 33.87 46.34 28.05
N LEU H 256 34.55 47.48 27.93
CA LEU H 256 33.95 48.66 27.31
C LEU H 256 34.82 49.31 26.24
N TYR H 257 34.17 49.83 25.19
CA TYR H 257 34.85 50.66 24.22
C TYR H 257 34.75 52.10 24.69
N LYS H 258 35.90 52.77 24.80
CA LYS H 258 35.92 54.13 25.31
C LYS H 258 36.47 55.13 24.29
N GLN H 259 35.79 56.26 24.16
CA GLN H 259 36.26 57.35 23.30
C GLN H 259 37.37 58.13 24.00
N ILE H 260 38.58 58.06 23.46
CA ILE H 260 39.70 58.81 24.01
C ILE H 260 40.05 59.98 23.10
N SER H 261 40.69 60.99 23.69
CA SER H 261 41.02 62.20 22.95
C SER H 261 42.05 63.03 23.69
N SER H 262 42.49 64.11 23.06
CA SER H 262 43.50 64.99 23.65
C SER H 262 42.91 65.82 24.79
N GLN H 263 43.75 66.10 25.79
CA GLN H 263 43.33 66.89 26.94
C GLN H 263 42.87 68.26 26.49
N SER H 264 41.84 68.79 27.13
CA SER H 264 41.33 70.11 26.82
C SER H 264 42.41 71.16 27.04
N GLY H 265 43.16 71.47 25.98
CA GLY H 265 44.22 72.46 26.06
C GLY H 265 45.40 72.02 26.90
N ALA H 266 45.99 70.88 26.56
CA ALA H 266 47.18 70.39 27.26
C ALA H 266 48.39 70.38 26.33
N SER H 267 48.13 70.24 25.03
CA SER H 267 49.21 70.22 24.05
C SER H 267 48.67 70.47 22.65
N ASN H 268 49.50 70.99 21.75
CA ASN H 268 49.05 71.35 20.40
C ASN H 268 49.49 70.40 19.28
N ASP H 269 50.77 70.05 19.25
CA ASP H 269 51.27 69.11 18.24
C ASP H 269 50.96 67.68 18.63
N ASN H 270 50.33 67.51 19.79
CA ASN H 270 50.03 66.20 20.32
C ASN H 270 48.53 65.95 20.42
N HIS H 271 47.73 66.80 19.77
CA HIS H 271 46.29 66.62 19.73
C HIS H 271 45.96 65.30 19.04
N TYR H 272 44.87 64.67 19.46
CA TYR H 272 44.48 63.38 18.90
C TYR H 272 43.04 63.00 19.24
N PHE H 273 42.51 62.05 18.49
CA PHE H 273 41.18 61.50 18.75
C PHE H 273 41.11 60.04 18.30
N GLY H 274 40.62 59.17 19.18
CA GLY H 274 40.51 57.76 18.87
C GLY H 274 39.65 57.01 19.87
N TYR H 275 39.89 55.71 20.00
CA TYR H 275 39.11 54.87 20.90
C TYR H 275 39.95 53.81 21.58
N SER H 276 39.48 53.37 22.74
CA SER H 276 40.14 52.31 23.49
C SER H 276 39.25 51.05 23.51
N THR H 277 39.81 49.94 23.04
CA THR H 277 39.04 48.70 22.91
C THR H 277 39.35 47.71 24.02
N PRO H 278 38.35 46.89 24.38
CA PRO H 278 38.49 45.85 25.41
C PRO H 278 39.34 44.68 24.94
N TRP H 279 39.87 44.77 23.72
CA TRP H 279 40.64 43.68 23.13
C TRP H 279 42.14 43.82 23.39
N GLY H 280 42.83 42.69 23.43
CA GLY H 280 44.28 42.66 23.48
C GLY H 280 44.80 42.16 22.15
N TYR H 281 46.11 42.06 22.01
CA TYR H 281 46.67 41.61 20.74
C TYR H 281 48.05 40.99 20.92
N PHE H 282 48.45 40.17 19.95
CA PHE H 282 49.75 39.51 19.98
C PHE H 282 50.71 40.21 19.04
N ASP H 283 51.97 40.30 19.45
CA ASP H 283 52.99 40.94 18.62
C ASP H 283 54.35 40.28 18.82
N PHE H 284 55.12 40.24 17.74
CA PHE H 284 56.47 39.71 17.77
C PHE H 284 57.32 40.40 16.72
N ASN H 285 57.00 41.67 16.47
CA ASN H 285 57.69 42.46 15.47
C ASN H 285 59.08 42.91 15.93
N ARG H 286 59.76 42.02 16.66
CA ARG H 286 61.13 42.24 17.10
C ARG H 286 61.93 41.00 16.76
N PHE H 287 63.14 41.18 16.25
CA PHE H 287 63.94 40.04 15.84
C PHE H 287 64.29 39.12 17.00
N HIS H 288 64.50 39.69 18.19
CA HIS H 288 64.88 38.89 19.36
C HIS H 288 63.74 37.99 19.82
N CYS H 289 62.57 38.19 19.22
CA CYS H 289 61.42 37.33 19.49
C CYS H 289 61.65 35.93 18.92
N HIS H 290 62.49 35.84 17.88
CA HIS H 290 62.64 34.61 17.12
C HIS H 290 64.08 34.07 17.15
N PHE H 291 65.04 34.96 16.99
CA PHE H 291 66.45 34.55 17.00
C PHE H 291 67.06 34.67 18.39
N SER H 292 67.89 33.68 18.74
CA SER H 292 68.66 33.77 19.98
C SER H 292 69.93 34.57 19.66
N PRO H 293 70.60 35.07 20.71
CA PRO H 293 71.86 35.78 20.52
C PRO H 293 72.81 34.99 19.62
N ARG H 294 73.00 33.72 19.92
CA ARG H 294 73.91 32.87 19.16
C ARG H 294 73.49 32.75 17.69
N ASP H 295 72.22 32.41 17.45
CA ASP H 295 71.69 32.28 16.09
C ASP H 295 71.95 33.55 15.31
N TRP H 296 71.61 34.68 15.91
CA TRP H 296 71.81 35.98 15.29
C TRP H 296 73.27 36.13 14.86
N GLN H 297 74.19 35.59 15.66
CA GLN H 297 75.61 35.64 15.33
C GLN H 297 75.90 34.86 14.04
N ARG H 298 75.49 33.60 14.02
CA ARG H 298 75.67 32.76 12.83
C ARG H 298 75.11 33.48 11.61
N LEU H 299 73.88 33.94 11.74
CA LEU H 299 73.21 34.67 10.67
C LEU H 299 74.07 35.81 10.15
N ILE H 300 74.39 36.74 11.05
CA ILE H 300 75.13 37.94 10.71
C ILE H 300 76.46 37.67 10.03
N ASN H 301 77.23 36.75 10.62
CA ASN H 301 78.61 36.53 10.20
C ASN H 301 78.77 35.67 8.94
N ASN H 302 77.65 35.20 8.38
CA ASN H 302 77.74 34.22 7.31
C ASN H 302 76.96 34.54 6.03
N ASN H 303 75.95 35.39 6.13
CA ASN H 303 75.04 35.59 5.00
C ASN H 303 75.00 37.01 4.40
N TRP H 304 75.12 37.07 3.08
CA TRP H 304 74.97 38.32 2.33
C TRP H 304 73.68 39.04 2.69
N GLY H 305 72.60 38.27 2.84
CA GLY H 305 71.29 38.83 3.13
C GLY H 305 70.29 37.77 3.58
N PHE H 306 69.10 38.20 3.96
CA PHE H 306 68.05 37.29 4.42
C PHE H 306 66.66 37.90 4.30
N ARG H 307 65.63 37.07 4.50
CA ARG H 307 64.25 37.53 4.37
C ARG H 307 63.27 36.53 4.99
N PRO H 308 62.04 37.01 5.31
CA PRO H 308 60.95 36.18 5.81
C PRO H 308 60.26 35.41 4.70
N LYS H 309 59.74 34.23 5.03
CA LYS H 309 59.06 33.40 4.03
C LYS H 309 57.67 32.95 4.47
N LYS H 310 57.60 32.10 5.49
CA LYS H 310 56.33 31.57 5.97
C LYS H 310 56.08 31.92 7.43
N LEU H 311 54.90 31.56 7.92
CA LEU H 311 54.50 31.88 9.30
C LEU H 311 53.48 30.88 9.85
N SER H 312 53.64 30.50 11.11
CA SER H 312 52.72 29.58 11.77
C SER H 312 52.38 30.06 13.16
N PHE H 313 51.12 30.44 13.35
CA PHE H 313 50.67 30.96 14.64
C PHE H 313 49.79 29.96 15.36
N LYS H 314 50.07 29.73 16.64
CA LYS H 314 49.33 28.74 17.41
C LYS H 314 49.05 29.20 18.84
N LEU H 315 47.79 29.08 19.26
CA LEU H 315 47.38 29.39 20.62
C LEU H 315 46.85 28.15 21.31
N PHE H 316 47.28 27.90 22.54
CA PHE H 316 46.93 26.67 23.24
C PHE H 316 47.06 26.74 24.75
N ASN H 317 46.76 25.62 25.40
CA ASN H 317 46.86 25.48 26.86
C ASN H 317 46.20 26.63 27.60
N ILE H 318 45.03 27.04 27.10
CA ILE H 318 44.31 28.18 27.66
C ILE H 318 43.66 27.85 29.00
N GLN H 319 43.79 28.79 29.94
CA GLN H 319 43.18 28.65 31.26
C GLN H 319 42.53 29.97 31.65
N VAL H 320 41.28 29.92 32.08
CA VAL H 320 40.58 31.12 32.52
C VAL H 320 40.40 31.13 34.03
N LYS H 321 41.15 32.00 34.71
CA LYS H 321 41.06 32.13 36.14
C LYS H 321 40.21 33.33 36.51
N GLU H 322 39.25 33.13 37.41
CA GLU H 322 38.44 34.23 37.91
C GLU H 322 38.80 34.52 39.37
N VAL H 323 38.97 35.80 39.68
CA VAL H 323 39.43 36.21 41.00
C VAL H 323 38.33 36.89 41.81
N THR H 324 38.34 36.67 43.11
CA THR H 324 37.38 37.30 44.01
C THR H 324 38.06 37.86 45.25
N GLN H 325 37.79 39.13 45.53
CA GLN H 325 38.30 39.77 46.74
C GLN H 325 37.24 39.69 47.83
N ASN H 326 37.37 38.69 48.71
CA ASN H 326 36.36 38.43 49.73
C ASN H 326 36.43 39.40 50.92
N ASP H 327 37.49 39.27 51.72
CA ASP H 327 37.69 40.17 52.85
C ASP H 327 38.94 41.02 52.63
N GLY H 328 40.08 40.45 52.98
CA GLY H 328 41.36 41.07 52.71
C GLY H 328 42.25 40.08 52.00
N THR H 329 41.62 39.09 51.36
CA THR H 329 42.33 38.01 50.69
C THR H 329 41.80 37.77 49.28
N THR H 330 42.69 37.85 48.30
CA THR H 330 42.32 37.56 46.91
C THR H 330 42.47 36.08 46.62
N THR H 331 41.34 35.43 46.33
CA THR H 331 41.35 34.02 45.96
C THR H 331 41.19 33.86 44.45
N ILE H 332 41.99 33.00 43.86
CA ILE H 332 41.93 32.75 42.42
C ILE H 332 41.60 31.28 42.15
N ALA H 333 40.65 31.06 41.25
CA ALA H 333 40.22 29.70 40.94
C ALA H 333 39.93 29.49 39.45
N ASN H 334 39.41 28.33 39.11
CA ASN H 334 39.14 27.98 37.73
C ASN H 334 37.68 28.16 37.32
N ASN H 335 37.46 28.94 36.27
CA ASN H 335 36.15 29.04 35.65
C ASN H 335 36.19 28.30 34.31
N LEU H 336 36.01 26.99 34.38
CA LEU H 336 36.17 26.13 33.21
C LEU H 336 35.22 26.48 32.07
N THR H 337 33.97 26.78 32.42
CA THR H 337 32.94 27.03 31.42
C THR H 337 33.09 28.40 30.75
N SER H 338 34.19 29.10 31.03
CA SER H 338 34.40 30.41 30.42
C SER H 338 35.24 30.31 29.14
N THR H 339 35.03 31.26 28.24
CA THR H 339 35.70 31.23 26.94
C THR H 339 36.55 32.47 26.68
N VAL H 340 37.35 32.40 25.63
CA VAL H 340 38.14 33.52 25.17
C VAL H 340 37.92 33.65 23.66
N GLN H 341 38.13 34.85 23.12
CA GLN H 341 37.81 35.08 21.71
C GLN H 341 39.00 35.56 20.88
N VAL H 342 39.24 34.89 19.76
CA VAL H 342 40.34 35.24 18.87
C VAL H 342 39.84 35.47 17.45
N PHE H 343 40.50 36.38 16.74
CA PHE H 343 40.28 36.54 15.30
C PHE H 343 41.42 37.33 14.66
N THR H 344 41.65 37.08 13.39
CA THR H 344 42.77 37.68 12.68
C THR H 344 42.30 38.60 11.57
N ASP H 345 42.73 39.86 11.64
CA ASP H 345 42.38 40.84 10.61
C ASP H 345 43.15 40.55 9.33
N SER H 346 42.59 39.68 8.50
CA SER H 346 43.24 39.28 7.25
C SER H 346 42.74 40.10 6.08
N GLU H 347 41.58 40.73 6.24
CA GLU H 347 41.06 41.61 5.22
C GLU H 347 41.62 43.02 5.40
N TYR H 348 42.44 43.18 6.45
CA TYR H 348 43.07 44.45 6.78
C TYR H 348 42.04 45.57 6.89
N GLN H 349 41.00 45.34 7.69
CA GLN H 349 39.92 46.29 7.85
C GLN H 349 40.06 47.07 9.15
N LEU H 350 40.84 46.54 10.08
CA LEU H 350 41.16 47.25 11.32
C LEU H 350 42.47 48.00 11.17
N PRO H 351 42.52 49.24 11.70
CA PRO H 351 43.72 50.07 11.64
C PRO H 351 44.96 49.28 12.07
N TYR H 352 45.96 49.23 11.20
CA TYR H 352 47.18 48.50 11.50
C TYR H 352 48.02 49.31 12.48
N VAL H 353 48.12 48.80 13.71
CA VAL H 353 48.77 49.52 14.79
C VAL H 353 50.16 48.94 15.08
N LEU H 354 50.52 47.89 14.34
CA LEU H 354 51.83 47.27 14.49
C LEU H 354 52.88 48.02 13.66
N GLY H 355 54.14 47.71 13.90
CA GLY H 355 55.23 48.36 13.20
C GLY H 355 55.39 49.80 13.63
N SER H 356 55.13 50.07 14.90
CA SER H 356 55.28 51.41 15.46
C SER H 356 56.15 51.38 16.71
N ALA H 357 56.97 50.35 16.83
CA ALA H 357 57.94 50.23 17.92
C ALA H 357 57.29 50.15 19.29
N HIS H 358 56.01 49.78 19.33
CA HIS H 358 55.30 49.64 20.60
C HIS H 358 55.85 48.49 21.42
N GLN H 359 55.51 48.48 22.71
CA GLN H 359 55.97 47.43 23.60
C GLN H 359 54.89 46.38 23.78
N GLY H 360 55.27 45.23 24.33
CA GLY H 360 54.33 44.14 24.53
C GLY H 360 54.61 42.96 23.63
N CYS H 361 55.76 43.00 22.97
CA CYS H 361 56.18 41.91 22.10
C CYS H 361 56.47 40.66 22.92
N LEU H 362 57.02 39.65 22.26
CA LEU H 362 57.43 38.44 22.96
C LEU H 362 58.77 38.68 23.64
N PRO H 363 58.91 38.18 24.88
CA PRO H 363 60.16 38.34 25.65
C PRO H 363 61.35 37.77 24.90
N PRO H 364 62.49 38.50 24.90
CA PRO H 364 63.71 37.97 24.28
C PRO H 364 64.07 36.63 24.90
N PHE H 365 64.01 36.56 26.23
CA PHE H 365 64.30 35.34 26.95
C PHE H 365 63.05 34.48 27.04
N PRO H 366 63.16 33.20 26.63
CA PRO H 366 62.05 32.25 26.56
C PRO H 366 61.36 32.01 27.90
N ALA H 367 62.13 32.03 28.98
CA ALA H 367 61.59 31.74 30.31
C ALA H 367 60.71 32.87 30.86
N ASP H 368 60.81 34.05 30.27
CA ASP H 368 60.05 35.21 30.74
C ASP H 368 58.59 35.14 30.33
N VAL H 369 57.71 35.63 31.22
CA VAL H 369 56.29 35.73 30.94
C VAL H 369 55.93 37.17 30.59
N PHE H 370 54.95 37.36 29.70
CA PHE H 370 54.56 38.70 29.28
C PHE H 370 53.07 38.96 29.38
N MET H 371 52.71 40.23 29.49
CA MET H 371 51.32 40.66 29.54
C MET H 371 50.88 41.06 28.13
N VAL H 372 49.72 40.58 27.71
CA VAL H 372 49.20 40.89 26.38
C VAL H 372 48.66 42.32 26.33
N PRO H 373 49.26 43.16 25.47
CA PRO H 373 48.93 44.59 25.34
C PRO H 373 47.47 44.84 25.02
N GLN H 374 47.04 46.09 25.09
CA GLN H 374 45.67 46.46 24.76
C GLN H 374 45.60 47.16 23.41
N TYR H 375 44.49 46.96 22.71
CA TYR H 375 44.31 47.55 21.38
C TYR H 375 43.70 48.95 21.48
N GLY H 376 44.36 49.91 20.85
CA GLY H 376 43.85 51.26 20.77
C GLY H 376 44.24 51.87 19.43
N TYR H 377 43.33 52.60 18.82
CA TYR H 377 43.59 53.16 17.50
C TYR H 377 43.22 54.64 17.42
N LEU H 378 43.79 55.32 16.41
CA LEU H 378 43.56 56.74 16.21
C LEU H 378 42.76 56.96 14.93
N THR H 379 42.24 58.17 14.77
CA THR H 379 41.46 58.51 13.59
C THR H 379 41.73 59.96 13.19
N LEU H 380 41.15 60.36 12.06
CA LEU H 380 41.24 61.73 11.59
C LEU H 380 40.70 62.66 12.67
N ASN H 381 41.42 63.75 12.94
CA ASN H 381 41.01 64.71 13.97
C ASN H 381 41.30 66.17 13.62
N ASN H 382 40.46 67.06 14.13
CA ASN H 382 40.66 68.50 13.98
C ASN H 382 40.95 69.13 15.33
N GLY H 383 42.18 68.98 15.79
CA GLY H 383 42.55 69.42 17.13
C GLY H 383 42.13 68.38 18.15
N SER H 384 41.35 68.80 19.14
CA SER H 384 40.82 67.88 20.14
C SER H 384 39.55 67.23 19.61
N GLN H 385 38.97 67.85 18.58
CA GLN H 385 37.73 67.37 17.99
C GLN H 385 37.99 66.39 16.86
N ALA H 386 36.91 65.79 16.36
CA ALA H 386 37.00 64.86 15.24
C ALA H 386 36.19 65.38 14.06
N VAL H 387 36.48 64.84 12.88
CA VAL H 387 35.75 65.22 11.67
C VAL H 387 34.64 64.20 11.41
N GLY H 388 33.72 64.55 10.53
CA GLY H 388 32.64 63.64 10.17
C GLY H 388 33.15 62.42 9.41
N ARG H 389 34.34 62.54 8.84
CA ARG H 389 34.94 61.47 8.06
C ARG H 389 35.72 60.48 8.94
N SER H 390 35.72 60.71 10.25
CA SER H 390 36.41 59.81 11.16
C SER H 390 35.71 58.45 11.18
N SER H 391 36.39 57.44 11.69
CA SER H 391 35.86 56.08 11.67
C SER H 391 35.88 55.39 13.04
N PHE H 392 34.75 54.80 13.41
CA PHE H 392 34.62 54.06 14.66
C PHE H 392 34.55 52.57 14.38
N TYR H 393 35.43 51.80 15.02
CA TYR H 393 35.51 50.36 14.77
C TYR H 393 35.14 49.52 15.98
N CYS H 394 34.24 48.55 15.76
CA CYS H 394 33.86 47.61 16.80
C CYS H 394 34.35 46.21 16.42
N LEU H 395 35.26 45.68 17.24
CA LEU H 395 35.85 44.37 16.96
C LEU H 395 34.89 43.22 17.24
N GLU H 396 33.71 43.57 17.75
CA GLU H 396 32.68 42.57 18.03
C GLU H 396 31.90 42.28 16.76
N TYR H 397 31.98 43.20 15.80
CA TYR H 397 31.31 43.04 14.51
C TYR H 397 32.18 42.21 13.57
N PHE H 398 33.20 41.59 14.15
CA PHE H 398 34.05 40.66 13.42
C PHE H 398 33.78 39.25 13.91
N PRO H 399 33.62 38.31 12.97
CA PRO H 399 33.51 36.90 13.33
C PRO H 399 34.76 36.45 14.07
N SER H 400 34.58 35.92 15.28
CA SER H 400 35.71 35.44 16.07
C SER H 400 35.46 34.05 16.63
N GLN H 401 36.53 33.29 16.78
CA GLN H 401 36.44 31.94 17.33
C GLN H 401 36.55 32.00 18.85
N MET H 402 35.56 31.42 19.53
CA MET H 402 35.57 31.37 20.98
C MET H 402 36.13 30.03 21.47
N LEU H 403 37.01 30.09 22.46
CA LEU H 403 37.70 28.89 22.93
C LEU H 403 37.49 28.65 24.42
N ARG H 404 37.19 27.40 24.75
CA ARG H 404 37.13 26.96 26.13
C ARG H 404 38.46 26.27 26.43
N THR H 405 38.62 25.78 27.66
CA THR H 405 39.85 25.09 28.02
C THR H 405 39.95 23.76 27.27
N GLY H 406 40.98 23.64 26.43
CA GLY H 406 41.13 22.45 25.62
C GLY H 406 40.96 22.78 24.15
N ASN H 407 40.53 24.01 23.89
CA ASN H 407 40.45 24.50 22.51
C ASN H 407 41.74 25.20 22.13
N ASN H 408 42.06 25.22 20.85
CA ASN H 408 43.26 25.88 20.36
C ASN H 408 43.01 26.68 19.09
N PHE H 409 43.93 27.58 18.76
CA PHE H 409 43.78 28.45 17.60
C PHE H 409 44.93 28.25 16.62
N GLN H 410 44.60 28.20 15.34
CA GLN H 410 45.59 27.90 14.31
C GLN H 410 45.59 28.97 13.22
N PHE H 411 46.78 29.30 12.71
CA PHE H 411 46.88 30.30 11.65
C PHE H 411 48.19 30.22 10.85
N SER H 412 48.06 30.21 9.51
CA SER H 412 49.22 30.17 8.63
C SER H 412 49.23 31.31 7.63
N TYR H 413 50.39 31.93 7.45
CA TYR H 413 50.55 33.11 6.62
C TYR H 413 51.75 32.97 5.70
N THR H 414 51.70 33.62 4.54
CA THR H 414 52.79 33.54 3.57
C THR H 414 53.28 34.93 3.14
N PHE H 415 54.51 35.25 3.51
CA PHE H 415 55.11 36.55 3.16
C PHE H 415 55.16 36.76 1.66
N GLU H 416 55.05 38.01 1.25
CA GLU H 416 55.14 38.37 -0.16
C GLU H 416 56.61 38.49 -0.56
N ASP H 417 56.85 38.82 -1.83
CA ASP H 417 58.20 39.02 -2.32
C ASP H 417 58.77 40.35 -1.82
N VAL H 418 59.81 40.27 -1.00
CA VAL H 418 60.44 41.47 -0.46
C VAL H 418 61.97 41.33 -0.43
N PRO H 419 62.67 42.29 -1.04
CA PRO H 419 64.13 42.31 -1.20
C PRO H 419 64.92 41.96 0.06
N PHE H 420 65.94 41.12 -0.10
CA PHE H 420 66.81 40.73 0.99
C PHE H 420 67.32 41.96 1.72
N HIS H 421 67.58 41.83 3.02
CA HIS H 421 68.22 42.90 3.75
C HIS H 421 69.72 42.88 3.50
N SER H 422 70.37 44.02 3.67
CA SER H 422 71.81 44.14 3.47
C SER H 422 72.57 43.72 4.72
N SER H 423 72.92 42.45 4.79
CA SER H 423 73.78 41.94 5.87
C SER H 423 75.23 42.08 5.44
N TYR H 424 75.49 43.07 4.59
CA TYR H 424 76.83 43.31 4.06
C TYR H 424 77.18 44.80 4.08
N ALA H 425 78.46 45.09 3.91
CA ALA H 425 78.94 46.46 3.81
C ALA H 425 79.94 46.56 2.66
N HIS H 426 79.87 47.65 1.91
CA HIS H 426 80.70 47.80 0.71
C HIS H 426 82.19 48.01 1.04
N SER H 427 83.05 47.28 0.34
CA SER H 427 84.49 47.43 0.50
C SER H 427 85.02 48.51 -0.44
N GLN H 428 84.19 48.94 -1.37
CA GLN H 428 84.53 50.04 -2.27
C GLN H 428 83.74 51.30 -1.91
N SER H 429 84.08 52.41 -2.53
CA SER H 429 83.35 53.66 -2.32
C SER H 429 82.81 54.20 -3.63
N LEU H 430 81.83 55.09 -3.57
CA LEU H 430 81.26 55.68 -4.78
C LEU H 430 82.28 56.48 -5.58
N ASP H 431 83.06 57.31 -4.89
CA ASP H 431 84.05 58.14 -5.55
C ASP H 431 85.35 57.38 -5.80
N ARG H 432 85.56 56.30 -5.06
CA ARG H 432 86.77 55.49 -5.21
C ARG H 432 86.46 54.20 -5.95
N LEU H 433 85.88 54.32 -7.13
CA LEU H 433 85.40 53.16 -7.89
C LEU H 433 86.28 52.87 -9.10
N MET H 434 86.97 53.89 -9.60
CA MET H 434 87.76 53.78 -10.82
C MET H 434 89.12 53.09 -10.64
N ASN H 435 89.97 53.22 -11.66
CA ASN H 435 91.27 52.58 -11.66
C ASN H 435 92.38 53.53 -11.23
N PRO H 436 93.09 53.15 -10.15
CA PRO H 436 94.18 53.94 -9.57
C PRO H 436 95.39 54.08 -10.50
N LEU H 437 95.49 53.22 -11.50
CA LEU H 437 96.70 53.16 -12.34
C LEU H 437 96.54 53.90 -13.67
N ILE H 438 95.36 53.82 -14.25
CA ILE H 438 95.13 54.38 -15.58
C ILE H 438 94.41 55.72 -15.50
N ASP H 439 94.66 56.59 -16.48
CA ASP H 439 94.03 57.90 -16.54
C ASP H 439 92.79 57.86 -17.40
N GLN H 440 91.85 58.77 -17.15
CA GLN H 440 90.65 58.87 -17.97
C GLN H 440 90.98 59.52 -19.30
N TYR H 441 90.16 59.24 -20.31
CA TYR H 441 90.33 59.87 -21.61
C TYR H 441 89.41 61.08 -21.73
N LEU H 442 88.70 61.39 -20.65
CA LEU H 442 87.82 62.54 -20.61
C LEU H 442 88.54 63.77 -20.04
N TYR H 443 88.07 64.95 -20.41
CA TYR H 443 88.70 66.18 -19.97
C TYR H 443 87.75 67.05 -19.15
N TYR H 444 88.32 67.73 -18.17
CA TYR H 444 87.57 68.66 -17.33
C TYR H 444 88.33 69.97 -17.26
N LEU H 445 87.64 71.05 -16.89
CA LEU H 445 88.29 72.35 -16.75
C LEU H 445 88.70 72.56 -15.30
N ASN H 446 89.97 72.92 -15.09
CA ASN H 446 90.50 73.08 -13.74
C ASN H 446 91.19 74.42 -13.51
N ARG H 447 91.39 75.18 -14.59
CA ARG H 447 92.02 76.49 -14.50
C ARG H 447 91.26 77.52 -15.33
N THR H 448 90.81 78.57 -14.68
CA THR H 448 90.04 79.62 -15.34
C THR H 448 90.88 80.88 -15.60
N GLN H 449 91.82 81.16 -14.70
CA GLN H 449 92.68 82.33 -14.84
C GLN H 449 94.15 82.01 -14.66
N GLY H 450 94.49 81.44 -13.50
CA GLY H 450 95.86 81.19 -13.13
C GLY H 450 96.69 80.58 -14.25
N THR H 451 97.41 81.44 -14.98
CA THR H 451 98.26 80.98 -16.06
C THR H 451 99.72 81.16 -15.64
N THR H 452 100.61 81.20 -16.64
CA THR H 452 102.00 81.58 -16.39
C THR H 452 101.98 83.02 -15.88
N SER H 453 101.56 83.19 -14.63
CA SER H 453 101.21 84.50 -14.09
C SER H 453 102.44 85.39 -13.82
N GLY H 454 102.59 86.40 -14.65
CA GLY H 454 103.66 87.37 -14.51
C GLY H 454 103.41 88.59 -15.38
N THR H 455 103.55 88.39 -16.69
CA THR H 455 103.31 89.44 -17.67
C THR H 455 102.04 89.11 -18.45
N THR H 456 101.15 90.10 -18.59
CA THR H 456 99.98 90.00 -19.47
C THR H 456 99.23 88.68 -19.35
N ASN H 457 99.05 88.20 -18.12
CA ASN H 457 98.32 86.96 -17.90
C ASN H 457 97.15 87.11 -16.94
N GLN H 458 96.06 87.66 -17.46
CA GLN H 458 94.84 87.85 -16.69
C GLN H 458 94.09 86.52 -16.54
N SER H 459 93.62 85.98 -17.65
CA SER H 459 92.81 84.75 -17.63
C SER H 459 92.95 83.91 -18.90
N ARG H 460 92.74 82.61 -18.76
CA ARG H 460 92.82 81.68 -19.89
C ARG H 460 92.11 80.38 -19.53
N LEU H 461 91.38 79.83 -20.50
CA LEU H 461 90.63 78.59 -20.28
C LEU H 461 91.54 77.37 -20.48
N LEU H 462 91.78 76.63 -19.41
CA LEU H 462 92.68 75.48 -19.46
C LEU H 462 92.04 74.20 -18.94
N PHE H 463 92.21 73.12 -19.70
CA PHE H 463 91.59 71.84 -19.38
C PHE H 463 92.63 70.77 -19.06
N SER H 464 92.29 69.87 -18.16
CA SER H 464 93.19 68.76 -17.80
C SER H 464 92.54 67.41 -18.03
N GLN H 465 93.35 66.42 -18.39
CA GLN H 465 92.89 65.05 -18.52
C GLN H 465 92.94 64.37 -17.16
N ALA H 466 91.80 63.81 -16.74
CA ALA H 466 91.70 63.17 -15.44
C ALA H 466 92.76 62.09 -15.26
N GLY H 467 93.41 62.08 -14.10
CA GLY H 467 94.39 61.09 -13.77
C GLY H 467 94.17 60.56 -12.37
N PRO H 468 94.98 59.58 -11.94
CA PRO H 468 94.88 59.06 -10.57
C PRO H 468 95.19 60.18 -9.59
N GLN H 469 95.89 61.19 -10.10
CA GLN H 469 96.28 62.34 -9.32
C GLN H 469 95.09 63.26 -9.08
N SER H 470 94.28 63.45 -10.12
CA SER H 470 93.04 64.22 -9.99
C SER H 470 91.90 63.29 -9.62
N MET H 471 91.98 62.70 -8.44
CA MET H 471 91.06 61.65 -8.04
C MET H 471 89.65 62.15 -7.73
N SER H 472 89.53 63.27 -7.03
CA SER H 472 88.23 63.82 -6.68
C SER H 472 87.75 64.82 -7.73
N LEU H 473 88.25 64.68 -8.95
CA LEU H 473 87.90 65.57 -10.04
C LEU H 473 87.46 64.81 -11.29
N GLN H 474 87.69 63.50 -11.27
CA GLN H 474 87.38 62.65 -12.42
C GLN H 474 85.88 62.61 -12.71
N ALA H 475 85.55 62.35 -13.98
CA ALA H 475 84.16 62.19 -14.37
C ALA H 475 83.51 61.06 -13.57
N ARG H 476 82.22 61.21 -13.27
CA ARG H 476 81.53 60.26 -12.43
C ARG H 476 80.27 59.73 -13.11
N ASN H 477 79.87 58.52 -12.74
CA ASN H 477 78.68 57.89 -13.32
C ASN H 477 77.50 57.82 -12.36
N TRP H 478 77.74 58.06 -11.08
CA TRP H 478 76.72 57.86 -10.05
C TRP H 478 76.77 58.91 -8.94
N LEU H 479 75.64 59.11 -8.26
CA LEU H 479 75.57 60.04 -7.14
C LEU H 479 75.24 59.31 -5.83
N PRO H 480 75.48 59.98 -4.69
CA PRO H 480 75.13 59.45 -3.37
C PRO H 480 73.62 59.50 -3.14
N GLY H 481 73.16 58.85 -2.08
CA GLY H 481 71.74 58.81 -1.75
C GLY H 481 71.22 60.17 -1.32
N PRO H 482 69.89 60.32 -1.29
CA PRO H 482 69.22 61.56 -0.88
C PRO H 482 69.62 61.94 0.54
N CYS H 483 69.16 63.11 1.00
CA CYS H 483 69.53 63.58 2.33
C CYS H 483 68.53 64.56 2.94
N TYR H 484 68.55 64.65 4.27
CA TYR H 484 67.76 65.61 5.01
C TYR H 484 68.53 65.96 6.28
N ARG H 485 69.34 67.00 6.20
CA ARG H 485 70.30 67.34 7.25
C ARG H 485 69.74 67.24 8.67
N GLN H 486 70.50 66.60 9.55
CA GLN H 486 70.16 66.52 10.96
C GLN H 486 71.16 67.35 11.76
N GLN H 487 70.78 67.76 12.95
CA GLN H 487 71.67 68.54 13.80
C GLN H 487 72.71 67.64 14.47
N ARG H 488 73.92 68.14 14.62
CA ARG H 488 75.00 67.36 15.22
C ARG H 488 75.01 67.47 16.74
N LEU H 489 75.06 66.33 17.42
CA LEU H 489 75.13 66.29 18.88
C LEU H 489 76.37 65.55 19.35
N SER H 490 76.90 65.95 20.50
CA SER H 490 78.03 65.26 21.08
C SER H 490 77.61 64.50 22.32
N LYS H 491 78.25 63.36 22.56
CA LYS H 491 77.97 62.58 23.74
C LYS H 491 78.59 63.24 24.96
N THR H 492 79.61 64.06 24.73
CA THR H 492 80.24 64.85 25.79
C THR H 492 79.37 66.07 26.09
N ALA H 493 78.77 66.06 27.28
CA ALA H 493 77.77 67.06 27.64
C ALA H 493 78.34 68.47 27.85
N ASN H 494 79.43 68.80 27.17
CA ASN H 494 80.00 70.13 27.29
C ASN H 494 80.47 70.70 25.95
N ASP H 495 80.47 69.86 24.93
CA ASP H 495 80.80 70.32 23.58
C ASP H 495 79.62 71.09 23.03
N ASN H 496 78.44 70.79 23.57
CA ASN H 496 77.18 71.31 23.03
C ASN H 496 76.84 72.72 23.48
N ASN H 497 75.90 73.34 22.76
CA ASN H 497 75.42 74.68 23.08
C ASN H 497 74.60 74.66 24.36
N ASN H 498 74.82 75.65 25.22
CA ASN H 498 74.09 75.74 26.48
C ASN H 498 72.65 76.23 26.27
N SER H 499 71.88 75.45 25.51
CA SER H 499 70.49 75.76 25.22
C SER H 499 69.71 74.49 24.92
N ASN H 500 68.42 74.48 25.30
CA ASN H 500 67.56 73.32 25.05
C ASN H 500 66.90 73.39 23.67
N PHE H 501 67.45 72.62 22.73
CA PHE H 501 67.01 72.69 21.34
C PHE H 501 66.54 71.36 20.72
N PRO H 502 66.02 70.43 21.55
CA PRO H 502 65.64 69.14 20.98
C PRO H 502 64.31 69.22 20.23
N TRP H 503 63.79 70.42 20.06
CA TRP H 503 62.52 70.60 19.36
C TRP H 503 62.55 71.86 18.48
N THR H 504 63.22 72.89 18.96
CA THR H 504 63.27 74.17 18.26
C THR H 504 64.40 74.22 17.24
N ALA H 505 65.24 73.19 17.22
CA ALA H 505 66.38 73.14 16.32
C ALA H 505 66.48 71.81 15.57
N ALA H 506 65.55 70.91 15.85
CA ALA H 506 65.55 69.60 15.21
C ALA H 506 64.77 69.63 13.90
N SER H 507 65.16 68.76 12.97
CA SER H 507 64.48 68.66 11.68
C SER H 507 63.11 67.99 11.84
N LYS H 508 62.08 68.65 11.33
CA LYS H 508 60.71 68.19 11.51
C LYS H 508 59.87 68.46 10.27
N TYR H 509 58.74 67.78 10.16
CA TYR H 509 57.81 68.04 9.06
C TYR H 509 56.46 68.41 9.65
N HIS H 510 55.56 68.92 8.81
CA HIS H 510 54.24 69.26 9.31
C HIS H 510 53.13 68.96 8.30
N LEU H 511 52.06 68.37 8.78
CA LEU H 511 50.90 68.06 7.95
C LEU H 511 49.65 68.61 8.61
N ASN H 512 48.80 69.26 7.82
CA ASN H 512 47.56 69.80 8.33
C ASN H 512 47.82 70.85 9.40
N GLY H 513 48.99 71.49 9.30
CA GLY H 513 49.39 72.50 10.27
C GLY H 513 49.82 71.91 11.59
N ARG H 514 50.33 70.68 11.54
CA ARG H 514 50.76 69.97 12.75
C ARG H 514 52.20 69.47 12.64
N ASP H 515 53.07 70.01 13.49
CA ASP H 515 54.47 69.63 13.50
C ASP H 515 54.67 68.20 14.00
N SER H 516 55.52 67.45 13.29
CA SER H 516 55.89 66.10 13.70
C SER H 516 57.39 65.92 13.47
N LEU H 517 58.07 65.34 14.46
CA LEU H 517 59.52 65.21 14.40
C LEU H 517 59.97 64.12 13.44
N VAL H 518 60.83 64.49 12.49
CA VAL H 518 61.40 63.53 11.55
C VAL H 518 62.47 62.72 12.27
N ASN H 519 62.06 61.68 12.99
CA ASN H 519 63.00 60.91 13.78
C ASN H 519 64.00 60.08 12.96
N PRO H 520 63.58 58.92 12.44
CA PRO H 520 64.54 58.22 11.59
C PRO H 520 64.38 58.68 10.16
N GLY H 521 65.06 59.74 9.78
CA GLY H 521 64.92 60.28 8.43
C GLY H 521 65.53 59.36 7.40
N PRO H 522 65.74 59.87 6.18
CA PRO H 522 66.44 59.08 5.16
C PRO H 522 67.70 58.46 5.75
N ALA H 523 68.15 57.36 5.16
CA ALA H 523 69.35 56.69 5.65
C ALA H 523 70.59 57.52 5.35
N MET H 524 71.17 58.09 6.41
CA MET H 524 72.41 58.88 6.29
C MET H 524 73.44 58.37 7.30
N ALA H 525 74.71 58.61 7.01
CA ALA H 525 75.78 58.17 7.91
C ALA H 525 75.80 58.99 9.20
N SER H 526 76.09 58.31 10.32
CA SER H 526 76.07 58.96 11.63
C SER H 526 77.22 59.94 11.83
N HIS H 527 78.43 59.54 11.44
CA HIS H 527 79.61 60.37 11.63
C HIS H 527 80.66 60.13 10.55
N LYS H 528 81.51 61.12 10.32
CA LYS H 528 82.61 60.98 9.36
C LYS H 528 83.80 60.30 10.04
N ASP H 529 84.85 60.00 9.27
CA ASP H 529 85.99 59.27 9.79
C ASP H 529 86.74 60.02 10.89
N ASP H 530 87.23 59.26 11.87
CA ASP H 530 88.04 59.81 12.96
C ASP H 530 87.26 60.69 13.94
N GLU H 531 86.01 60.33 14.19
CA GLU H 531 85.20 61.03 15.19
C GLU H 531 84.56 60.04 16.15
N GLU H 532 83.51 59.37 15.69
CA GLU H 532 82.87 58.31 16.47
C GLU H 532 82.38 58.81 17.83
N LYS H 533 81.98 60.08 17.88
CA LYS H 533 81.45 60.66 19.12
C LYS H 533 80.25 61.54 18.82
N PHE H 534 80.20 62.05 17.60
CA PHE H 534 79.10 62.91 17.17
C PHE H 534 78.00 62.09 16.49
N PHE H 535 76.85 61.98 17.14
CA PHE H 535 75.71 61.32 16.56
C PHE H 535 74.68 62.37 16.14
N PRO H 536 73.87 62.07 15.11
CA PRO H 536 72.86 63.02 14.64
C PRO H 536 71.75 63.18 15.67
N MET H 537 71.16 64.37 15.73
CA MET H 537 69.97 64.59 16.51
C MET H 537 68.96 63.54 16.05
N HIS H 538 68.77 62.50 16.87
CA HIS H 538 67.84 61.42 16.55
C HIS H 538 67.99 60.90 15.11
N GLY H 539 69.21 60.83 14.62
CA GLY H 539 69.46 60.32 13.28
C GLY H 539 69.59 58.80 13.25
N ASN H 540 69.09 58.15 14.29
CA ASN H 540 69.18 56.69 14.41
C ASN H 540 68.36 56.17 15.58
N LEU H 541 68.10 54.86 15.59
CA LEU H 541 67.29 54.26 16.64
C LEU H 541 68.07 54.04 17.93
N ILE H 542 67.48 54.47 19.04
CA ILE H 542 68.12 54.36 20.34
C ILE H 542 67.33 53.42 21.24
N PHE H 543 68.01 52.40 21.76
CA PHE H 543 67.36 51.41 22.63
C PHE H 543 67.66 51.67 24.10
N GLY H 544 66.65 51.47 24.94
CA GLY H 544 66.82 51.66 26.37
C GLY H 544 67.27 50.38 27.06
N LYS H 545 68.27 50.50 27.92
CA LYS H 545 68.76 49.36 28.68
C LYS H 545 67.68 48.82 29.62
N GLU H 546 67.88 47.58 30.09
CA GLU H 546 66.92 46.97 30.99
C GLU H 546 66.87 47.76 32.30
N GLY H 547 65.66 48.03 32.78
CA GLY H 547 65.47 48.78 34.00
C GLY H 547 65.93 50.22 33.88
N THR H 548 65.08 51.05 33.28
CA THR H 548 65.38 52.47 33.08
C THR H 548 64.10 53.25 32.78
N THR H 549 63.75 54.18 33.66
CA THR H 549 62.49 54.93 33.55
C THR H 549 62.27 55.53 32.15
N ALA H 550 61.00 55.71 31.80
CA ALA H 550 60.62 56.22 30.49
C ALA H 550 60.78 57.73 30.40
N SER H 551 61.04 58.37 31.54
CA SER H 551 61.10 59.83 31.59
C SER H 551 62.50 60.33 31.91
N ASN H 552 63.12 60.98 30.93
CA ASN H 552 64.44 61.59 31.08
C ASN H 552 65.46 60.71 31.79
N ALA H 553 65.97 59.72 31.06
CA ALA H 553 66.99 58.83 31.60
C ALA H 553 68.38 59.34 31.22
N GLU H 554 69.39 58.79 31.88
CA GLU H 554 70.77 59.24 31.69
C GLU H 554 71.34 58.75 30.36
N LEU H 555 72.40 59.41 29.89
CA LEU H 555 73.08 59.03 28.65
C LEU H 555 73.75 57.66 28.80
N ASP H 556 74.12 57.30 30.02
CA ASP H 556 74.76 56.02 30.27
C ASP H 556 73.72 54.93 30.49
N ASN H 557 72.45 55.27 30.24
CA ASN H 557 71.35 54.33 30.39
C ASN H 557 70.68 53.97 29.07
N VAL H 558 71.23 54.48 27.97
CA VAL H 558 70.67 54.19 26.65
C VAL H 558 71.73 53.68 25.69
N MET H 559 71.28 53.04 24.62
CA MET H 559 72.16 52.48 23.61
C MET H 559 71.89 53.13 22.25
N ILE H 560 72.83 53.95 21.80
CA ILE H 560 72.69 54.65 20.53
C ILE H 560 73.35 53.84 19.42
N THR H 561 72.66 53.71 18.29
CA THR H 561 73.12 52.86 17.21
C THR H 561 73.96 53.62 16.18
N ASP H 562 75.08 53.03 15.77
CA ASP H 562 75.99 53.68 14.84
C ASP H 562 75.81 53.15 13.42
N GLU H 563 75.45 54.05 12.50
CA GLU H 563 75.31 53.69 11.09
C GLU H 563 76.55 54.13 10.31
N GLU H 564 77.67 53.46 10.58
CA GLU H 564 78.95 53.84 9.96
C GLU H 564 79.45 52.81 8.95
N GLU H 565 78.54 52.00 8.42
CA GLU H 565 78.90 51.03 7.40
C GLU H 565 78.43 51.51 6.03
N ILE H 566 77.51 52.47 6.05
CA ILE H 566 76.93 52.99 4.80
C ILE H 566 77.58 54.30 4.39
N ARG H 567 78.80 54.53 4.85
CA ARG H 567 79.54 55.75 4.55
C ARG H 567 79.80 55.90 3.06
N THR H 568 79.85 54.78 2.35
CA THR H 568 80.28 54.76 0.96
C THR H 568 79.15 55.05 -0.03
N THR H 569 77.92 54.96 0.42
CA THR H 569 76.76 55.17 -0.44
C THR H 569 75.90 56.34 0.03
N ASN H 570 76.02 56.66 1.31
CA ASN H 570 75.14 57.66 1.91
C ASN H 570 75.87 58.90 2.44
N PRO H 571 75.21 60.06 2.32
CA PRO H 571 75.71 61.33 2.86
C PRO H 571 75.67 61.32 4.38
N VAL H 572 76.56 62.07 5.01
CA VAL H 572 76.58 62.16 6.47
C VAL H 572 75.38 62.95 6.97
N ALA H 573 74.70 62.43 7.98
CA ALA H 573 73.45 63.00 8.48
C ALA H 573 73.58 64.45 8.97
N THR H 574 74.65 64.72 9.69
CA THR H 574 74.85 66.04 10.28
C THR H 574 75.56 66.99 9.32
N GLU H 575 76.45 66.43 8.49
CA GLU H 575 77.18 67.21 7.50
C GLU H 575 76.26 67.68 6.37
N GLN H 576 76.79 68.55 5.52
CA GLN H 576 76.05 69.07 4.37
C GLN H 576 75.87 68.01 3.30
N TYR H 577 75.42 68.44 2.12
CA TYR H 577 75.29 67.54 0.98
C TYR H 577 76.33 67.87 -0.08
N GLY H 578 76.50 69.15 -0.36
CA GLY H 578 77.47 69.58 -1.35
C GLY H 578 77.36 71.04 -1.75
N THR H 579 77.83 71.34 -2.95
CA THR H 579 77.86 72.71 -3.45
C THR H 579 76.98 72.86 -4.69
N VAL H 580 76.27 73.97 -4.77
CA VAL H 580 75.44 74.27 -5.93
C VAL H 580 75.67 75.73 -6.35
N ALA H 581 75.71 75.97 -7.65
CA ALA H 581 75.86 77.33 -8.16
C ALA H 581 74.50 78.04 -8.18
N ASN H 582 74.53 79.36 -8.03
CA ASN H 582 73.29 80.15 -8.04
C ASN H 582 73.50 81.59 -8.51
N ASN H 583 74.19 81.75 -9.63
CA ASN H 583 74.41 83.06 -10.24
C ASN H 583 75.11 82.93 -11.59
N LEU H 584 75.07 83.99 -12.39
CA LEU H 584 75.74 83.98 -13.69
C LEU H 584 77.08 84.71 -13.61
N GLN H 585 78.13 83.99 -13.24
CA GLN H 585 79.45 84.57 -13.08
C GLN H 585 79.95 85.24 -14.35
N SER H 586 80.73 86.31 -14.18
CA SER H 586 81.29 87.05 -15.31
C SER H 586 82.35 88.02 -14.81
N SER H 587 82.84 88.86 -15.71
CA SER H 587 83.80 89.89 -15.33
C SER H 587 83.18 90.86 -14.32
N ASN H 588 81.86 91.03 -14.41
CA ASN H 588 81.14 91.93 -13.50
C ASN H 588 80.74 91.25 -12.20
N THR H 589 80.53 89.94 -12.25
CA THR H 589 80.01 89.21 -11.10
C THR H 589 80.92 88.09 -10.65
N ALA H 590 81.09 87.97 -9.34
CA ALA H 590 81.87 86.87 -8.76
C ALA H 590 80.99 85.65 -8.55
N PRO H 591 81.51 84.46 -8.90
CA PRO H 591 80.80 83.17 -8.77
C PRO H 591 80.31 82.92 -7.35
N THR H 592 79.06 82.48 -7.21
CA THR H 592 78.48 82.24 -5.89
C THR H 592 78.21 80.76 -5.63
N THR H 593 78.48 80.34 -4.40
CA THR H 593 78.27 78.96 -3.98
C THR H 593 77.20 78.85 -2.90
N ARG H 594 76.37 77.82 -2.99
CA ARG H 594 75.31 77.59 -2.02
C ARG H 594 75.48 76.22 -1.36
N THR H 595 75.47 76.20 -0.04
CA THR H 595 75.56 74.95 0.71
C THR H 595 74.20 74.26 0.76
N VAL H 596 74.08 73.13 0.08
CA VAL H 596 72.83 72.39 0.00
C VAL H 596 72.56 71.56 1.26
N ASN H 597 71.44 71.83 1.91
CA ASN H 597 71.09 71.16 3.15
C ASN H 597 70.00 70.13 2.96
N ASP H 598 69.30 70.22 1.82
CA ASP H 598 68.19 69.32 1.53
C ASP H 598 68.18 68.91 0.07
N GLN H 599 68.25 67.60 -0.18
CA GLN H 599 68.27 67.09 -1.55
C GLN H 599 67.20 66.04 -1.80
N GLY H 600 66.28 66.36 -2.72
CA GLY H 600 65.31 65.38 -3.16
C GLY H 600 66.00 64.25 -3.91
N ALA H 601 65.22 63.48 -4.67
CA ALA H 601 65.77 62.36 -5.44
C ALA H 601 66.37 62.83 -6.76
N LEU H 602 67.27 62.03 -7.32
CA LEU H 602 67.93 62.37 -8.57
C LEU H 602 68.27 61.15 -9.42
N PRO H 603 68.05 61.25 -10.74
CA PRO H 603 68.41 60.20 -11.68
C PRO H 603 69.90 59.89 -11.58
N GLY H 604 70.24 58.74 -11.00
CA GLY H 604 71.63 58.33 -10.90
C GLY H 604 72.08 58.12 -9.48
N MET H 605 71.20 58.43 -8.53
CA MET H 605 71.53 58.23 -7.12
C MET H 605 71.43 56.77 -6.73
N VAL H 606 72.32 56.34 -5.84
CA VAL H 606 72.30 54.99 -5.30
C VAL H 606 72.52 55.04 -3.80
N TRP H 607 71.68 54.34 -3.04
CA TRP H 607 71.80 54.38 -1.60
C TRP H 607 71.59 53.02 -0.94
N GLN H 608 72.07 52.91 0.29
CA GLN H 608 71.83 51.72 1.09
C GLN H 608 70.80 52.08 2.15
N ASP H 609 69.91 51.15 2.49
CA ASP H 609 68.91 51.41 3.51
C ASP H 609 69.52 51.33 4.90
N ARG H 610 68.70 51.49 5.93
CA ARG H 610 69.19 51.41 7.31
C ARG H 610 69.63 50.00 7.67
N ASP H 611 69.55 49.67 8.95
CA ASP H 611 69.99 48.35 9.40
C ASP H 611 68.99 47.76 10.39
N VAL H 612 68.99 46.44 10.51
CA VAL H 612 68.16 45.78 11.50
C VAL H 612 69.04 45.19 12.60
N TYR H 613 68.62 45.40 13.84
CA TYR H 613 69.38 44.92 14.98
C TYR H 613 68.58 43.86 15.72
N LEU H 614 69.27 43.03 16.50
CA LEU H 614 68.64 41.92 17.20
C LEU H 614 67.32 42.30 17.86
N GLN H 615 67.21 43.56 18.29
CA GLN H 615 66.00 44.01 18.98
C GLN H 615 65.19 45.04 18.17
N GLY H 616 65.49 45.15 16.88
CA GLY H 616 64.81 46.09 16.02
C GLY H 616 63.51 45.55 15.45
N PRO H 617 62.72 46.42 14.80
CA PRO H 617 61.49 46.01 14.14
C PRO H 617 61.80 45.07 12.98
N ILE H 618 60.83 44.26 12.59
CA ILE H 618 61.02 43.32 11.49
C ILE H 618 60.35 43.81 10.21
N TRP H 619 59.04 44.04 10.28
CA TRP H 619 58.29 44.48 9.11
C TRP H 619 57.49 45.75 9.37
N ALA H 620 56.79 46.21 8.34
CA ALA H 620 55.96 47.41 8.45
C ALA H 620 54.94 47.47 7.32
N LYS H 621 53.70 47.81 7.65
CA LYS H 621 52.64 47.88 6.66
C LYS H 621 52.70 49.15 5.82
N ILE H 622 53.15 49.02 4.57
CA ILE H 622 53.15 50.13 3.64
C ILE H 622 51.74 50.68 3.50
N PRO H 623 51.56 51.97 3.82
CA PRO H 623 50.27 52.65 3.76
C PRO H 623 49.62 52.50 2.39
N HIS H 624 48.29 52.36 2.36
CA HIS H 624 47.58 52.22 1.10
C HIS H 624 47.23 53.57 0.49
N THR H 625 48.22 54.18 -0.17
CA THR H 625 48.01 55.48 -0.80
C THR H 625 48.13 55.38 -2.33
N ASP H 626 47.99 56.52 -3.01
CA ASP H 626 48.12 56.57 -4.45
C ASP H 626 49.57 56.37 -4.89
N GLY H 627 50.52 56.71 -4.02
CA GLY H 627 51.91 56.66 -4.40
C GLY H 627 52.90 56.46 -3.27
N HIS H 628 53.97 55.73 -3.57
CA HIS H 628 55.08 55.54 -2.65
C HIS H 628 56.35 55.69 -3.47
N PHE H 629 57.47 56.01 -2.82
CA PHE H 629 58.73 56.12 -3.54
C PHE H 629 59.56 54.84 -3.40
N HIS H 630 60.31 54.76 -2.30
CA HIS H 630 61.11 53.58 -2.01
C HIS H 630 60.60 53.03 -0.69
N PRO H 631 59.47 52.31 -0.74
CA PRO H 631 58.68 51.89 0.43
C PRO H 631 59.41 50.95 1.38
N SER H 632 60.49 51.43 1.98
CA SER H 632 61.20 50.68 3.02
C SER H 632 60.99 51.36 4.36
N PRO H 633 60.56 50.59 5.38
CA PRO H 633 60.27 51.13 6.72
C PRO H 633 61.40 52.03 7.18
N LEU H 634 61.07 53.27 7.53
CA LEU H 634 62.10 54.24 7.94
C LEU H 634 62.88 53.76 9.15
N MET H 635 62.20 53.03 10.03
CA MET H 635 62.85 52.48 11.22
C MET H 635 63.66 51.24 10.87
N GLY H 636 63.50 50.77 9.63
CA GLY H 636 64.24 49.63 9.14
C GLY H 636 63.41 48.36 9.04
N GLY H 637 63.75 47.52 8.07
CA GLY H 637 63.07 46.25 7.91
C GLY H 637 62.43 46.05 6.55
N PHE H 638 61.41 45.21 6.53
CA PHE H 638 60.75 44.85 5.28
C PHE H 638 59.40 45.54 5.13
N GLY H 639 59.27 46.34 4.10
CA GLY H 639 58.02 47.03 3.80
C GLY H 639 57.06 46.09 3.10
N LEU H 640 55.91 45.84 3.72
CA LEU H 640 54.97 44.87 3.19
C LEU H 640 53.62 45.50 2.89
N LYS H 641 53.12 45.26 1.69
CA LYS H 641 51.76 45.64 1.32
C LYS H 641 50.79 44.90 2.24
N HIS H 642 50.99 43.59 2.35
CA HIS H 642 50.15 42.74 3.18
C HIS H 642 51.01 41.99 4.19
N PRO H 643 51.23 42.60 5.38
CA PRO H 643 52.06 42.07 6.46
C PRO H 643 51.26 41.15 7.37
N PRO H 644 51.96 40.30 8.15
CA PRO H 644 51.32 39.39 9.11
C PRO H 644 50.16 40.09 9.83
N PRO H 645 48.93 39.68 9.51
CA PRO H 645 47.71 40.31 10.03
C PRO H 645 47.71 40.39 11.55
N GLN H 646 46.82 41.21 12.09
CA GLN H 646 46.72 41.39 13.52
C GLN H 646 45.87 40.28 14.15
N ILE H 647 46.39 39.69 15.22
CA ILE H 647 45.66 38.65 15.94
C ILE H 647 45.10 39.22 17.24
N MET H 648 43.77 39.30 17.33
CA MET H 648 43.09 39.83 18.50
C MET H 648 42.72 38.75 19.52
N ILE H 649 42.59 39.19 20.77
CA ILE H 649 42.29 38.29 21.88
C ILE H 649 41.55 39.08 22.96
N LYS H 650 40.58 38.44 23.60
CA LYS H 650 39.84 39.09 24.68
C LYS H 650 39.03 38.07 25.49
N ASN H 651 38.90 38.33 26.78
CA ASN H 651 38.14 37.44 27.65
C ASN H 651 36.65 37.69 27.49
N THR H 652 35.90 36.63 27.17
CA THR H 652 34.46 36.75 26.99
C THR H 652 33.81 37.19 28.30
N PRO H 653 33.11 38.33 28.26
CA PRO H 653 32.46 38.93 29.43
C PRO H 653 31.49 37.97 30.10
N VAL H 654 31.62 37.82 31.42
CA VAL H 654 30.71 36.96 32.18
C VAL H 654 29.88 37.78 33.15
N PRO H 655 28.56 37.87 32.89
CA PRO H 655 27.64 38.60 33.75
C PRO H 655 27.69 38.08 35.18
N ALA H 656 27.86 38.99 36.14
CA ALA H 656 27.77 38.62 37.54
C ALA H 656 26.32 38.28 37.84
N ASN H 657 25.92 38.46 39.09
CA ASN H 657 24.57 38.10 39.48
C ASN H 657 23.50 39.09 39.02
N PRO H 658 22.48 38.59 38.32
CA PRO H 658 21.34 39.37 37.80
C PRO H 658 20.17 39.42 38.78
N PRO H 659 19.34 40.48 38.68
CA PRO H 659 18.16 40.71 39.52
C PRO H 659 16.96 39.86 39.09
N THR H 660 16.07 39.54 40.04
CA THR H 660 14.85 38.79 39.75
C THR H 660 13.85 39.64 38.95
N THR H 661 14.03 40.95 38.99
CA THR H 661 13.21 41.86 38.22
C THR H 661 13.95 42.35 36.98
N PHE H 662 13.22 42.50 35.88
CA PHE H 662 13.82 42.88 34.59
C PHE H 662 14.33 44.33 34.58
N SER H 663 15.53 44.52 34.04
CA SER H 663 16.12 45.84 33.91
C SER H 663 16.59 46.11 32.49
N PRO H 664 16.10 47.19 31.88
CA PRO H 664 16.50 47.59 30.52
C PRO H 664 17.87 48.25 30.55
N ALA H 665 18.32 48.62 31.74
CA ALA H 665 19.59 49.33 31.90
C ALA H 665 20.76 48.49 31.36
N LYS H 666 21.71 49.17 30.74
CA LYS H 666 22.91 48.53 30.22
C LYS H 666 23.57 47.72 31.32
N PHE H 667 23.99 46.50 30.99
CA PHE H 667 24.61 45.62 31.97
C PHE H 667 26.06 46.05 32.23
N ALA H 668 26.42 46.17 33.51
CA ALA H 668 27.77 46.62 33.87
C ALA H 668 28.33 45.89 35.09
N SER H 669 27.60 44.88 35.57
CA SER H 669 28.07 44.07 36.68
C SER H 669 28.59 42.71 36.20
N PHE H 670 29.90 42.59 36.07
CA PHE H 670 30.51 41.37 35.56
C PHE H 670 31.43 40.69 36.56
N ILE H 671 31.64 39.39 36.35
CA ILE H 671 32.60 38.63 37.15
C ILE H 671 34.01 38.93 36.66
N THR H 672 34.88 39.28 37.60
CA THR H 672 36.26 39.63 37.28
C THR H 672 37.08 38.37 36.99
N GLN H 673 37.72 38.35 35.82
CA GLN H 673 38.47 37.18 35.40
C GLN H 673 39.57 37.53 34.39
N TYR H 674 40.64 36.74 34.41
CA TYR H 674 41.75 36.91 33.47
C TYR H 674 42.10 35.57 32.83
N SER H 675 42.66 35.63 31.62
CA SER H 675 43.03 34.42 30.89
C SER H 675 44.55 34.26 30.80
N THR H 676 44.99 33.04 30.57
CA THR H 676 46.41 32.75 30.44
C THR H 676 46.61 31.49 29.60
N GLY H 677 47.78 31.39 28.98
CA GLY H 677 48.07 30.23 28.15
C GLY H 677 49.37 30.42 27.39
N GLN H 678 49.63 29.52 26.43
CA GLN H 678 50.82 29.61 25.63
C GLN H 678 50.53 30.05 24.20
N VAL H 679 51.54 30.59 23.55
CA VAL H 679 51.43 31.00 22.16
C VAL H 679 52.69 30.57 21.44
N SER H 680 52.55 30.16 20.18
CA SER H 680 53.69 29.69 19.41
C SER H 680 53.74 30.32 18.02
N VAL H 681 54.92 30.84 17.67
CA VAL H 681 55.12 31.47 16.36
C VAL H 681 56.32 30.88 15.62
N GLU H 682 56.05 30.26 14.47
CA GLU H 682 57.09 29.65 13.65
C GLU H 682 57.30 30.43 12.37
N ILE H 683 58.54 30.84 12.12
CA ILE H 683 58.84 31.60 10.91
C ILE H 683 60.00 31.00 10.13
N GLU H 684 59.81 30.89 8.82
CA GLU H 684 60.87 30.39 7.95
C GLU H 684 61.57 31.57 7.30
N TRP H 685 62.89 31.44 7.16
CA TRP H 685 63.70 32.53 6.64
C TRP H 685 64.53 32.05 5.46
N GLU H 686 64.41 32.74 4.33
CA GLU H 686 65.26 32.44 3.20
C GLU H 686 66.59 33.16 3.39
N LEU H 687 67.68 32.50 3.03
CA LEU H 687 69.00 33.07 3.23
C LEU H 687 69.74 33.31 1.91
N GLN H 688 70.57 34.34 1.89
CA GLN H 688 71.45 34.58 0.76
C GLN H 688 72.88 34.34 1.20
N LYS H 689 73.47 33.23 0.74
CA LYS H 689 74.81 32.85 1.15
C LYS H 689 75.88 33.83 0.67
N GLU H 690 77.05 33.74 1.28
CA GLU H 690 78.16 34.64 0.99
C GLU H 690 79.07 34.08 -0.12
N ASN H 691 79.29 34.88 -1.14
CA ASN H 691 80.18 34.49 -2.24
C ASN H 691 81.21 35.58 -2.53
N SER H 692 82.27 35.62 -1.73
CA SER H 692 83.28 36.66 -1.84
C SER H 692 84.66 36.05 -2.11
N LYS H 693 85.45 36.71 -2.93
CA LYS H 693 86.82 36.28 -3.20
C LYS H 693 87.82 37.14 -2.43
N ARG H 694 87.34 37.75 -1.35
CA ARG H 694 88.21 38.47 -0.42
C ARG H 694 89.30 37.54 0.08
N TRP H 695 90.55 37.95 -0.05
CA TRP H 695 91.66 37.11 0.41
C TRP H 695 91.83 37.16 1.93
N ASN H 696 92.04 38.36 2.44
CA ASN H 696 92.21 38.57 3.88
C ASN H 696 90.91 38.37 4.65
N PRO H 697 91.02 38.05 5.95
CA PRO H 697 89.83 37.83 6.79
C PRO H 697 88.94 39.06 6.86
N GLU H 698 87.63 38.83 6.96
CA GLU H 698 86.68 39.92 7.17
C GLU H 698 86.42 40.05 8.66
N ILE H 699 85.72 41.11 9.05
CA ILE H 699 85.43 41.32 10.47
C ILE H 699 84.20 40.52 10.90
N GLN H 700 84.28 39.95 12.09
CA GLN H 700 83.20 39.10 12.61
C GLN H 700 82.76 39.62 13.97
N TYR H 701 81.48 39.44 14.29
CA TYR H 701 81.03 39.76 15.64
C TYR H 701 81.49 38.67 16.59
N THR H 702 81.88 39.06 17.80
CA THR H 702 82.43 38.12 18.76
C THR H 702 82.28 38.62 20.20
N SER H 703 82.30 37.69 21.15
CA SER H 703 82.30 38.02 22.57
C SER H 703 83.72 38.27 23.06
N ASN H 704 83.86 39.15 24.06
CA ASN H 704 85.16 39.42 24.65
C ASN H 704 85.64 38.21 25.45
N TYR H 705 86.69 37.58 24.95
CA TYR H 705 87.23 36.36 25.57
C TYR H 705 87.86 36.65 26.92
N ASN H 706 87.99 37.92 27.26
CA ASN H 706 88.64 38.33 28.50
C ASN H 706 87.87 37.92 29.75
N LYS H 707 88.58 37.85 30.88
CA LYS H 707 87.94 37.59 32.17
C LYS H 707 86.88 38.65 32.43
N SER H 708 85.64 38.22 32.60
CA SER H 708 84.52 39.17 32.67
C SER H 708 83.62 39.00 33.90
N VAL H 709 82.93 40.08 34.24
CA VAL H 709 81.97 40.08 35.34
C VAL H 709 80.79 39.17 35.04
N ASN H 710 79.83 39.71 34.32
CA ASN H 710 78.66 38.95 33.90
C ASN H 710 78.80 38.53 32.45
N VAL H 711 78.07 37.49 32.06
CA VAL H 711 78.12 36.98 30.70
C VAL H 711 77.18 37.75 29.78
N ASP H 712 77.70 38.17 28.62
CA ASP H 712 76.91 38.92 27.65
C ASP H 712 75.63 38.19 27.27
N PHE H 713 74.51 38.90 27.37
CA PHE H 713 73.20 38.33 27.02
C PHE H 713 72.87 37.17 27.95
N THR H 714 72.53 37.52 29.19
CA THR H 714 72.33 36.51 30.23
C THR H 714 71.58 37.10 31.42
N VAL H 715 71.01 36.23 32.23
CA VAL H 715 70.37 36.63 33.48
C VAL H 715 71.44 36.99 34.52
N ASP H 716 71.04 37.75 35.53
CA ASP H 716 71.97 38.17 36.58
C ASP H 716 71.79 37.39 37.87
N THR H 717 72.16 38.01 38.98
CA THR H 717 72.14 37.35 40.29
C THR H 717 70.73 37.07 40.78
N ASN H 718 69.76 37.85 40.32
CA ASN H 718 68.37 37.66 40.74
C ASN H 718 67.38 37.44 39.60
N GLY H 719 67.89 36.94 38.47
CA GLY H 719 67.05 36.48 37.38
C GLY H 719 66.45 37.57 36.50
N VAL H 720 67.30 38.30 35.80
CA VAL H 720 66.84 39.31 34.85
C VAL H 720 67.70 39.29 33.57
N TYR H 721 67.11 38.87 32.47
CA TYR H 721 67.79 38.87 31.18
C TYR H 721 68.06 40.30 30.74
N SER H 722 69.24 40.53 30.18
CA SER H 722 69.65 41.85 29.74
C SER H 722 70.47 41.81 28.46
N GLU H 723 70.07 42.62 27.47
CA GLU H 723 70.80 42.72 26.22
C GLU H 723 71.82 43.85 26.31
N PRO H 724 73.11 43.49 26.46
CA PRO H 724 74.22 44.46 26.60
C PRO H 724 74.20 45.55 25.53
N ARG H 725 74.52 45.18 24.29
CA ARG H 725 74.63 46.17 23.21
C ARG H 725 73.68 45.87 22.06
N PRO H 726 73.45 46.87 21.19
CA PRO H 726 72.73 46.61 19.95
C PRO H 726 73.60 45.82 18.98
N ILE H 727 72.97 45.01 18.13
CA ILE H 727 73.72 44.19 17.17
C ILE H 727 73.42 44.59 15.72
N GLY H 728 74.44 45.09 15.03
CA GLY H 728 74.30 45.42 13.63
C GLY H 728 74.11 44.17 12.79
N THR H 729 74.08 44.32 11.48
CA THR H 729 73.90 43.19 10.59
C THR H 729 74.98 43.17 9.53
N ARG H 730 75.69 44.28 9.41
CA ARG H 730 76.68 44.44 8.35
C ARG H 730 78.10 44.18 8.85
N TYR H 731 78.55 42.94 8.69
CA TYR H 731 79.91 42.53 9.08
C TYR H 731 80.69 41.98 7.88
N LEU H 732 79.97 41.58 6.84
CA LEU H 732 80.61 41.01 5.67
C LEU H 732 80.70 42.03 4.54
N THR H 733 81.74 41.92 3.71
CA THR H 733 81.99 42.91 2.67
C THR H 733 81.70 42.42 1.26
N ARG H 734 80.98 43.25 0.50
CA ARG H 734 80.74 43.02 -0.92
C ARG H 734 81.12 44.29 -1.67
N ASN H 735 81.47 44.15 -2.95
CA ASN H 735 81.89 45.29 -3.74
C ASN H 735 80.73 46.11 -4.28
N LEU H 736 81.04 47.09 -5.13
CA LEU H 736 80.02 47.91 -5.77
C LEU H 736 79.87 47.56 -7.25
N GLY I 217 -3.24 -56.85 26.94
CA GLY I 217 -2.24 -57.86 27.22
C GLY I 217 -2.86 -59.25 27.39
N ALA I 218 -2.15 -60.27 26.90
CA ALA I 218 -2.63 -61.65 26.98
C ALA I 218 -1.49 -62.64 27.16
N ASP I 219 -1.44 -63.28 28.33
CA ASP I 219 -0.42 -64.28 28.64
C ASP I 219 -1.01 -65.51 29.35
N GLY I 220 -0.16 -66.23 30.09
CA GLY I 220 -0.53 -67.53 30.63
C GLY I 220 -0.76 -67.64 32.12
N VAL I 221 -0.78 -68.89 32.59
CA VAL I 221 -1.06 -69.21 33.99
C VAL I 221 0.13 -68.93 34.90
N GLY I 222 1.27 -69.54 34.58
CA GLY I 222 2.47 -69.36 35.37
C GLY I 222 3.32 -68.21 34.86
N ASN I 223 2.68 -67.07 34.62
CA ASN I 223 3.37 -65.88 34.14
C ASN I 223 2.71 -64.61 34.68
N SER I 224 3.39 -63.93 35.58
CA SER I 224 2.87 -62.72 36.20
C SER I 224 2.51 -61.65 35.17
N SER I 225 1.29 -61.12 35.27
CA SER I 225 0.81 -60.11 34.33
C SER I 225 1.15 -58.68 34.75
N GLY I 226 2.20 -58.54 35.57
CA GLY I 226 2.61 -57.22 36.02
C GLY I 226 3.65 -57.25 37.14
N ASN I 227 4.35 -56.13 37.32
CA ASN I 227 5.34 -56.00 38.38
C ASN I 227 4.92 -55.01 39.47
N TRP I 228 5.65 -55.03 40.57
CA TRP I 228 5.36 -54.16 41.70
C TRP I 228 6.03 -52.80 41.54
N HIS I 229 5.32 -51.85 40.95
CA HIS I 229 5.85 -50.51 40.76
C HIS I 229 5.35 -49.56 41.84
N CYS I 230 6.19 -49.31 42.83
CA CYS I 230 5.87 -48.34 43.87
C CYS I 230 7.10 -47.51 44.20
N ASP I 231 7.12 -46.29 43.69
CA ASP I 231 8.26 -45.40 43.88
C ASP I 231 7.88 -43.99 43.45
N SER I 232 8.71 -43.02 43.84
CA SER I 232 8.51 -41.65 43.41
C SER I 232 9.83 -40.92 43.33
N GLN I 233 10.07 -40.27 42.20
CA GLN I 233 11.24 -39.43 42.02
C GLN I 233 10.81 -38.06 41.53
N TRP I 234 11.70 -37.08 41.67
CA TRP I 234 11.35 -35.69 41.39
C TRP I 234 12.06 -35.16 40.15
N LEU I 235 11.42 -34.21 39.48
CA LEU I 235 11.99 -33.59 38.29
C LEU I 235 12.23 -32.11 38.49
N GLY I 236 12.05 -31.65 39.73
CA GLY I 236 12.23 -30.24 40.06
C GLY I 236 11.13 -29.39 39.47
N ASP I 237 10.64 -29.81 38.31
CA ASP I 237 9.56 -29.10 37.64
C ASP I 237 8.25 -29.83 37.85
N ARG I 238 8.35 -31.10 38.21
CA ARG I 238 7.19 -31.94 38.42
C ARG I 238 7.59 -33.21 39.16
N VAL I 239 6.60 -33.96 39.65
CA VAL I 239 6.86 -35.19 40.38
C VAL I 239 5.90 -36.31 40.02
N ILE I 240 6.44 -37.50 39.82
CA ILE I 240 5.64 -38.66 39.47
C ILE I 240 5.53 -39.63 40.63
N THR I 241 4.30 -39.91 41.05
CA THR I 241 4.04 -40.81 42.17
C THR I 241 3.48 -42.14 41.66
N THR I 242 4.23 -43.21 41.89
CA THR I 242 3.80 -44.54 41.53
C THR I 242 3.45 -45.33 42.79
N SER I 243 2.29 -45.97 42.78
CA SER I 243 1.80 -46.70 43.95
C SER I 243 1.19 -48.05 43.57
N THR I 244 1.58 -49.09 44.31
CA THR I 244 1.04 -50.43 44.10
C THR I 244 0.59 -51.03 45.43
N ARG I 245 -0.61 -51.61 45.44
CA ARG I 245 -1.14 -52.24 46.64
C ARG I 245 -1.79 -53.57 46.29
N THR I 246 -1.94 -54.43 47.30
CA THR I 246 -2.64 -55.68 47.12
C THR I 246 -4.08 -55.54 47.56
N TRP I 247 -5.01 -56.04 46.76
CA TRP I 247 -6.43 -55.90 47.04
C TRP I 247 -7.12 -57.25 47.13
N ALA I 248 -8.24 -57.29 47.83
CA ALA I 248 -9.06 -58.49 47.91
C ALA I 248 -10.52 -58.14 47.70
N LEU I 249 -11.24 -58.99 46.97
CA LEU I 249 -12.64 -58.71 46.64
C LEU I 249 -13.56 -59.90 46.90
N PRO I 250 -14.53 -59.71 47.80
CA PRO I 250 -15.55 -60.71 48.12
C PRO I 250 -16.67 -60.70 47.09
N THR I 251 -17.66 -61.55 47.28
CA THR I 251 -18.87 -61.49 46.47
C THR I 251 -19.92 -60.71 47.23
N TYR I 252 -20.18 -59.48 46.79
CA TYR I 252 -21.13 -58.63 47.48
C TYR I 252 -22.58 -58.91 47.10
N ASN I 253 -23.49 -58.65 48.02
CA ASN I 253 -24.92 -58.78 47.77
C ASN I 253 -25.33 -60.11 47.15
N ASN I 254 -24.47 -61.12 47.28
CA ASN I 254 -24.80 -62.45 46.78
C ASN I 254 -25.19 -62.42 45.30
N HIS I 255 -24.35 -61.77 44.49
CA HIS I 255 -24.59 -61.67 43.05
C HIS I 255 -25.95 -61.03 42.73
N LEU I 256 -26.43 -60.17 43.63
CA LEU I 256 -27.75 -59.58 43.47
C LEU I 256 -27.78 -58.06 43.61
N TYR I 257 -28.65 -57.42 42.83
CA TYR I 257 -28.94 -56.01 43.00
C TYR I 257 -30.11 -55.89 43.98
N LYS I 258 -29.92 -55.13 45.05
CA LYS I 258 -30.95 -55.01 46.07
C LYS I 258 -31.45 -53.58 46.24
N GLN I 259 -32.77 -53.43 46.33
CA GLN I 259 -33.38 -52.13 46.60
C GLN I 259 -33.28 -51.79 48.08
N ILE I 260 -32.50 -50.77 48.39
CA ILE I 260 -32.37 -50.31 49.78
C ILE I 260 -33.12 -49.01 49.99
N SER I 261 -33.49 -48.75 51.24
CA SER I 261 -34.29 -47.57 51.56
C SER I 261 -34.25 -47.29 53.06
N SER I 262 -34.87 -46.18 53.45
CA SER I 262 -34.91 -45.77 54.85
C SER I 262 -35.85 -46.65 55.65
N GLN I 263 -35.50 -46.88 56.91
CA GLN I 263 -36.32 -47.69 57.81
C GLN I 263 -37.70 -47.09 57.95
N SER I 264 -38.72 -47.95 58.02
CA SER I 264 -40.10 -47.49 58.19
C SER I 264 -40.24 -46.70 59.48
N GLY I 265 -40.09 -45.39 59.40
CA GLY I 265 -40.19 -44.52 60.56
C GLY I 265 -39.07 -44.69 61.56
N ALA I 266 -37.83 -44.53 61.11
CA ALA I 266 -36.68 -44.62 62.01
C ALA I 266 -35.98 -43.27 62.11
N SER I 267 -36.09 -42.46 61.06
CA SER I 267 -35.47 -41.15 61.05
C SER I 267 -36.09 -40.27 59.95
N ASN I 268 -36.02 -38.95 60.12
CA ASN I 268 -36.67 -38.02 59.18
C ASN I 268 -35.71 -37.28 58.23
N ASP I 269 -34.65 -36.70 58.79
CA ASP I 269 -33.66 -36.00 57.97
C ASP I 269 -32.70 -36.98 57.32
N ASN I 270 -32.90 -38.27 57.61
CA ASN I 270 -32.02 -39.31 57.11
C ASN I 270 -32.75 -40.27 56.18
N HIS I 271 -33.94 -39.89 55.73
CA HIS I 271 -34.68 -40.70 54.77
C HIS I 271 -33.89 -40.82 53.48
N TYR I 272 -34.04 -41.96 52.80
CA TYR I 272 -33.30 -42.20 51.57
C TYR I 272 -33.87 -43.36 50.76
N PHE I 273 -33.49 -43.42 49.48
CA PHE I 273 -33.86 -44.52 48.61
C PHE I 273 -32.78 -44.74 47.55
N GLY I 274 -32.36 -45.99 47.39
CA GLY I 274 -31.34 -46.34 46.43
C GLY I 274 -31.22 -47.83 46.20
N TYR I 275 -30.05 -48.26 45.77
CA TYR I 275 -29.81 -49.67 45.47
C TYR I 275 -28.42 -50.14 45.87
N SER I 276 -28.30 -51.44 46.11
CA SER I 276 -27.02 -52.04 46.44
C SER I 276 -26.58 -52.98 45.31
N THR I 277 -25.39 -52.73 44.78
CA THR I 277 -24.90 -53.48 43.63
C THR I 277 -23.87 -54.53 44.03
N PRO I 278 -23.82 -55.64 43.27
CA PRO I 278 -22.86 -56.73 43.47
C PRO I 278 -21.44 -56.34 43.08
N TRP I 279 -21.25 -55.09 42.66
CA TRP I 279 -19.95 -54.63 42.18
C TRP I 279 -19.13 -53.98 43.30
N GLY I 280 -17.81 -54.05 43.15
CA GLY I 280 -16.88 -53.33 44.01
C GLY I 280 -16.25 -52.22 43.20
N TYR I 281 -15.37 -51.45 43.83
CA TYR I 281 -14.74 -50.34 43.12
C TYR I 281 -13.39 -49.97 43.72
N PHE I 282 -12.56 -49.31 42.92
CA PHE I 282 -11.24 -48.88 43.37
C PHE I 282 -11.25 -47.40 43.67
N ASP I 283 -10.52 -47.01 44.70
CA ASP I 283 -10.45 -45.61 45.09
C ASP I 283 -9.08 -45.27 45.68
N PHE I 284 -8.64 -44.05 45.42
CA PHE I 284 -7.37 -43.56 45.96
C PHE I 284 -7.46 -42.05 46.11
N ASN I 285 -8.67 -41.57 46.40
CA ASN I 285 -8.91 -40.14 46.57
C ASN I 285 -8.38 -39.60 47.89
N ARG I 286 -7.23 -40.11 48.30
CA ARG I 286 -6.54 -39.64 49.50
C ARG I 286 -5.09 -39.40 49.12
N PHE I 287 -4.51 -38.30 49.59
CA PHE I 287 -3.13 -37.98 49.22
C PHE I 287 -2.14 -39.02 49.70
N HIS I 288 -2.40 -39.62 50.87
CA HIS I 288 -1.46 -40.58 51.45
C HIS I 288 -1.44 -41.87 50.63
N CYS I 289 -2.34 -41.98 49.66
CA CYS I 289 -2.36 -43.10 48.74
C CYS I 289 -1.15 -43.04 47.81
N HIS I 290 -0.64 -41.84 47.58
CA HIS I 290 0.40 -41.62 46.57
C HIS I 290 1.70 -41.08 47.15
N PHE I 291 1.60 -40.12 48.05
CA PHE I 291 2.78 -39.53 48.67
C PHE I 291 3.15 -40.22 49.97
N SER I 292 4.44 -40.41 50.19
CA SER I 292 4.92 -40.91 51.47
C SER I 292 5.06 -39.71 52.41
N PRO I 293 5.13 -39.97 53.72
CA PRO I 293 5.35 -38.89 54.69
C PRO I 293 6.50 -37.98 54.27
N ARG I 294 7.64 -38.58 53.93
CA ARG I 294 8.82 -37.83 53.53
C ARG I 294 8.57 -36.96 52.30
N ASP I 295 8.04 -37.58 51.24
CA ASP I 295 7.74 -36.87 50.01
C ASP I 295 6.86 -35.66 50.28
N TRP I 296 5.80 -35.90 51.04
CA TRP I 296 4.87 -34.84 51.41
C TRP I 296 5.62 -33.68 52.05
N GLN I 297 6.65 -34.01 52.82
CA GLN I 297 7.48 -32.98 53.46
C GLN I 297 8.20 -32.12 52.43
N ARG I 298 8.93 -32.77 51.53
CA ARG I 298 9.63 -32.07 50.46
C ARG I 298 8.66 -31.18 49.71
N LEU I 299 7.54 -31.77 49.30
CA LEU I 299 6.50 -31.04 48.59
C LEU I 299 6.10 -29.78 49.34
N ILE I 300 5.63 -29.96 50.57
CA ILE I 300 5.11 -28.86 51.38
C ILE I 300 6.12 -27.74 51.58
N ASN I 301 7.33 -28.10 51.94
CA ASN I 301 8.33 -27.13 52.36
C ASN I 301 9.04 -26.41 51.22
N ASN I 302 8.70 -26.74 49.99
CA ASN I 302 9.46 -26.23 48.84
C ASN I 302 8.66 -25.54 47.74
N ASN I 303 7.37 -25.84 47.64
CA ASN I 303 6.58 -25.40 46.49
C ASN I 303 5.43 -24.44 46.78
N TRP I 304 5.37 -23.35 46.04
CA TRP I 304 4.26 -22.40 46.10
C TRP I 304 2.92 -23.10 45.94
N GLY I 305 2.86 -24.07 45.02
CA GLY I 305 1.63 -24.79 44.73
C GLY I 305 1.87 -26.04 43.90
N PHE I 306 0.82 -26.81 43.66
CA PHE I 306 0.92 -28.05 42.90
C PHE I 306 -0.43 -28.48 42.32
N ARG I 307 -0.40 -29.47 41.44
CA ARG I 307 -1.62 -29.95 40.78
C ARG I 307 -1.41 -31.31 40.12
N PRO I 308 -2.52 -32.03 39.84
CA PRO I 308 -2.51 -33.30 39.12
C PRO I 308 -2.39 -33.09 37.61
N LYS I 309 -1.77 -34.05 36.93
CA LYS I 309 -1.59 -33.95 35.48
C LYS I 309 -2.07 -35.18 34.72
N LYS I 310 -1.39 -36.31 34.93
CA LYS I 310 -1.73 -37.54 34.23
C LYS I 310 -2.07 -38.68 35.19
N LEU I 311 -2.49 -39.81 34.64
CA LEU I 311 -2.90 -40.95 35.45
C LEU I 311 -2.73 -42.28 34.71
N SER I 312 -2.25 -43.29 35.43
CA SER I 312 -2.07 -44.62 34.84
C SER I 312 -2.57 -45.70 35.78
N PHE I 313 -3.63 -46.37 35.37
CA PHE I 313 -4.25 -47.41 36.18
C PHE I 313 -3.97 -48.80 35.63
N LYS I 314 -3.54 -49.71 36.50
CA LYS I 314 -3.18 -51.06 36.07
C LYS I 314 -3.63 -52.14 37.06
N LEU I 315 -4.29 -53.16 36.53
CA LEU I 315 -4.71 -54.32 37.33
C LEU I 315 -4.03 -55.57 36.84
N PHE I 316 -3.49 -56.37 37.76
CA PHE I 316 -2.70 -57.54 37.37
C PHE I 316 -2.60 -58.61 38.46
N ASN I 317 -1.86 -59.67 38.14
CA ASN I 317 -1.62 -60.78 39.06
C ASN I 317 -2.88 -61.29 39.73
N ILE I 318 -3.95 -61.38 38.95
CA ILE I 318 -5.26 -61.77 39.46
C ILE I 318 -5.33 -63.26 39.77
N GLN I 319 -5.94 -63.58 40.91
CA GLN I 319 -6.13 -64.96 41.34
C GLN I 319 -7.54 -65.11 41.88
N VAL I 320 -8.25 -66.13 41.40
CA VAL I 320 -9.60 -66.40 41.88
C VAL I 320 -9.64 -67.65 42.74
N LYS I 321 -9.82 -67.45 44.05
CA LYS I 321 -9.89 -68.56 44.99
C LYS I 321 -11.34 -68.85 45.33
N GLU I 322 -11.72 -70.12 45.25
CA GLU I 322 -13.06 -70.54 45.65
C GLU I 322 -12.99 -71.36 46.93
N VAL I 323 -13.88 -71.04 47.88
CA VAL I 323 -13.84 -71.65 49.20
C VAL I 323 -15.00 -72.61 49.42
N THR I 324 -14.75 -73.68 50.16
CA THR I 324 -15.79 -74.66 50.48
C THR I 324 -15.74 -75.04 51.96
N GLN I 325 -16.89 -74.93 52.62
CA GLN I 325 -17.01 -75.35 54.01
C GLN I 325 -17.54 -76.78 54.05
N ASN I 326 -16.63 -77.75 54.18
CA ASN I 326 -16.99 -79.16 54.13
C ASN I 326 -17.64 -79.68 55.42
N ASP I 327 -16.85 -79.78 56.48
CA ASP I 327 -17.36 -80.21 57.77
C ASP I 327 -17.27 -79.07 58.78
N GLY I 328 -16.10 -78.94 59.39
CA GLY I 328 -15.82 -77.83 60.28
C GLY I 328 -14.53 -77.17 59.83
N THR I 329 -14.18 -77.38 58.56
CA THR I 329 -12.93 -76.88 58.01
C THR I 329 -13.14 -76.17 56.67
N THR I 330 -12.71 -74.91 56.60
CA THR I 330 -12.78 -74.15 55.35
C THR I 330 -11.55 -74.38 54.50
N THR I 331 -11.74 -75.00 53.34
CA THR I 331 -10.66 -75.23 52.41
C THR I 331 -10.72 -74.21 51.26
N ILE I 332 -9.58 -73.64 50.91
CA ILE I 332 -9.50 -72.66 49.83
C ILE I 332 -8.57 -73.16 48.73
N ALA I 333 -9.02 -73.07 47.49
CA ALA I 333 -8.23 -73.55 46.35
C ALA I 333 -8.33 -72.64 45.14
N ASN I 334 -7.76 -73.08 44.02
CA ASN I 334 -7.73 -72.30 42.80
C ASN I 334 -8.80 -72.69 41.79
N ASN I 335 -9.60 -71.71 41.38
CA ASN I 335 -10.52 -71.91 40.26
C ASN I 335 -9.98 -71.14 39.06
N LEU I 336 -9.06 -71.76 38.34
CA LEU I 336 -8.35 -71.09 37.26
C LEU I 336 -9.28 -70.60 36.15
N THR I 337 -10.26 -71.43 35.80
CA THR I 337 -11.16 -71.11 34.69
C THR I 337 -12.18 -70.02 35.03
N SER I 338 -12.03 -69.39 36.19
CA SER I 338 -12.96 -68.34 36.58
C SER I 338 -12.45 -66.96 36.20
N THR I 339 -13.37 -66.03 35.98
CA THR I 339 -13.01 -64.69 35.51
C THR I 339 -13.47 -63.59 36.47
N VAL I 340 -12.98 -62.38 36.22
CA VAL I 340 -13.40 -61.20 36.95
C VAL I 340 -13.73 -60.11 35.92
N GLN I 341 -14.56 -59.16 36.28
CA GLN I 341 -15.02 -58.16 35.32
C GLN I 341 -14.70 -56.72 35.72
N VAL I 342 -14.10 -55.99 34.80
CA VAL I 342 -13.74 -54.59 35.04
C VAL I 342 -14.30 -53.68 33.96
N PHE I 343 -14.66 -52.46 34.34
CA PHE I 343 -15.00 -51.43 33.38
C PHE I 343 -14.95 -50.04 34.02
N THR I 344 -14.68 -49.03 33.20
CA THR I 344 -14.51 -47.69 33.70
C THR I 344 -15.59 -46.75 33.18
N ASP I 345 -16.30 -46.11 34.10
CA ASP I 345 -17.35 -45.16 33.74
C ASP I 345 -16.72 -43.88 33.22
N SER I 346 -16.42 -43.85 31.92
CA SER I 346 -15.77 -42.70 31.30
C SER I 346 -16.79 -41.76 30.68
N GLU I 347 -17.99 -42.28 30.42
CA GLU I 347 -19.07 -41.45 29.90
C GLU I 347 -19.82 -40.78 31.05
N TYR I 348 -19.38 -41.09 32.27
CA TYR I 348 -19.97 -40.54 33.48
C TYR I 348 -21.47 -40.77 33.52
N GLN I 349 -21.89 -42.02 33.32
CA GLN I 349 -23.30 -42.37 33.27
C GLN I 349 -23.75 -43.01 34.57
N LEU I 350 -22.80 -43.50 35.37
CA LEU I 350 -23.10 -44.02 36.69
C LEU I 350 -22.89 -42.94 37.74
N PRO I 351 -23.79 -42.87 38.72
CA PRO I 351 -23.71 -41.88 39.80
C PRO I 351 -22.32 -41.84 40.40
N TYR I 352 -21.71 -40.66 40.40
CA TYR I 352 -20.36 -40.50 40.94
C TYR I 352 -20.42 -40.52 42.46
N VAL I 353 -19.89 -41.58 43.05
CA VAL I 353 -20.00 -41.80 44.48
C VAL I 353 -18.67 -41.50 45.18
N LEU I 354 -17.67 -41.12 44.40
CA LEU I 354 -16.37 -40.76 44.94
C LEU I 354 -16.35 -39.30 45.40
N GLY I 355 -15.31 -38.93 46.13
CA GLY I 355 -15.20 -37.57 46.63
C GLY I 355 -16.20 -37.28 47.72
N SER I 356 -16.51 -38.30 48.52
CA SER I 356 -17.43 -38.17 49.64
C SER I 356 -16.80 -38.68 50.94
N ALA I 357 -15.48 -38.69 50.97
CA ALA I 357 -14.73 -39.06 52.17
C ALA I 357 -14.99 -40.50 52.63
N HIS I 358 -15.48 -41.34 51.73
CA HIS I 358 -15.75 -42.72 52.06
C HIS I 358 -14.45 -43.49 52.32
N GLN I 359 -14.59 -44.65 52.95
CA GLN I 359 -13.43 -45.46 53.27
C GLN I 359 -13.26 -46.57 52.23
N GLY I 360 -12.09 -47.20 52.23
CA GLY I 360 -11.80 -48.26 51.27
C GLY I 360 -10.75 -47.84 50.25
N CYS I 361 -10.10 -46.71 50.51
CA CYS I 361 -9.04 -46.21 49.65
C CYS I 361 -7.84 -47.15 49.72
N LEU I 362 -6.74 -46.72 49.12
CA LEU I 362 -5.51 -47.47 49.20
C LEU I 362 -4.83 -47.19 50.54
N PRO I 363 -4.28 -48.24 51.17
CA PRO I 363 -3.60 -48.11 52.46
C PRO I 363 -2.45 -47.11 52.39
N PRO I 364 -2.32 -46.25 53.41
CA PRO I 364 -1.19 -45.31 53.46
C PRO I 364 0.12 -46.08 53.40
N PHE I 365 0.21 -47.15 54.17
CA PHE I 365 1.40 -47.99 54.19
C PHE I 365 1.30 -49.05 53.09
N PRO I 366 2.35 -49.13 52.27
CA PRO I 366 2.42 -50.01 51.09
C PRO I 366 2.24 -51.50 51.43
N ALA I 367 2.77 -51.91 52.59
CA ALA I 367 2.73 -53.31 52.98
C ALA I 367 1.34 -53.80 53.38
N ASP I 368 0.44 -52.85 53.66
CA ASP I 368 -0.91 -53.20 54.10
C ASP I 368 -1.79 -53.70 52.96
N VAL I 369 -2.66 -54.65 53.26
CA VAL I 369 -3.63 -55.17 52.29
C VAL I 369 -5.01 -54.56 52.59
N PHE I 370 -5.80 -54.35 51.54
CA PHE I 370 -7.11 -53.74 51.72
C PHE I 370 -8.24 -54.52 51.04
N MET I 371 -9.45 -54.33 51.54
CA MET I 371 -10.65 -54.95 50.98
C MET I 371 -11.31 -53.97 50.03
N VAL I 372 -11.67 -54.43 48.84
CA VAL I 372 -12.30 -53.57 47.85
C VAL I 372 -13.76 -53.31 48.21
N PRO I 373 -14.11 -52.02 48.42
CA PRO I 373 -15.44 -51.57 48.87
C PRO I 373 -16.55 -52.02 47.94
N GLN I 374 -17.80 -51.85 48.37
CA GLN I 374 -18.95 -52.20 47.54
C GLN I 374 -19.61 -50.94 46.99
N TYR I 375 -20.17 -51.06 45.78
CA TYR I 375 -20.84 -49.94 45.13
C TYR I 375 -22.30 -49.83 45.54
N GLY I 376 -22.69 -48.64 46.00
CA GLY I 376 -24.06 -48.36 46.33
C GLY I 376 -24.37 -46.91 46.00
N TYR I 377 -25.55 -46.66 45.44
CA TYR I 377 -25.90 -45.31 45.04
C TYR I 377 -27.30 -44.90 45.50
N LEU I 378 -27.53 -43.59 45.53
CA LEU I 378 -28.79 -43.03 45.98
C LEU I 378 -29.54 -42.40 44.80
N THR I 379 -30.82 -42.12 45.01
CA THR I 379 -31.63 -41.50 43.98
C THR I 379 -32.63 -40.54 44.59
N LEU I 380 -33.36 -39.84 43.74
CA LEU I 380 -34.41 -38.94 44.17
C LEU I 380 -35.42 -39.70 45.02
N ASN I 381 -35.81 -39.13 46.15
CA ASN I 381 -36.75 -39.79 47.06
C ASN I 381 -37.75 -38.84 47.72
N ASN I 382 -38.93 -39.35 48.02
CA ASN I 382 -39.94 -38.61 48.76
C ASN I 382 -40.20 -39.26 50.12
N GLY I 383 -39.29 -39.01 51.05
CA GLY I 383 -39.33 -39.68 52.34
C GLY I 383 -38.72 -41.06 52.22
N SER I 384 -39.48 -42.07 52.62
CA SER I 384 -39.03 -43.45 52.49
C SER I 384 -39.33 -43.97 51.08
N GLN I 385 -40.22 -43.27 50.40
CA GLN I 385 -40.65 -43.64 49.06
C GLN I 385 -39.78 -43.00 47.99
N ALA I 386 -40.00 -43.40 46.75
CA ALA I 386 -39.27 -42.85 45.62
C ALA I 386 -40.24 -42.18 44.64
N VAL I 387 -39.71 -41.32 43.78
CA VAL I 387 -40.52 -40.64 42.78
C VAL I 387 -40.42 -41.40 41.47
N GLY I 388 -41.32 -41.09 40.53
CA GLY I 388 -41.28 -41.72 39.22
C GLY I 388 -40.06 -41.31 38.41
N ARG I 389 -39.45 -40.20 38.80
CA ARG I 389 -38.28 -39.68 38.11
C ARG I 389 -36.97 -40.28 38.64
N SER I 390 -37.08 -41.21 39.59
CA SER I 390 -35.89 -41.87 40.12
C SER I 390 -35.26 -42.75 39.05
N SER I 391 -34.01 -43.14 39.27
CA SER I 391 -33.27 -43.89 38.26
C SER I 391 -32.64 -45.18 38.81
N PHE I 392 -32.86 -46.29 38.10
CA PHE I 392 -32.28 -47.58 38.45
C PHE I 392 -31.17 -47.94 37.48
N TYR I 393 -29.99 -48.25 38.02
CA TYR I 393 -28.83 -48.54 37.18
C TYR I 393 -28.33 -49.97 37.33
N CYS I 394 -28.13 -50.62 36.18
CA CYS I 394 -27.56 -51.96 36.15
C CYS I 394 -26.19 -51.92 35.50
N LEU I 395 -25.16 -52.27 36.27
CA LEU I 395 -23.79 -52.20 35.78
C LEU I 395 -23.47 -53.35 34.84
N GLU I 396 -24.43 -54.24 34.65
CA GLU I 396 -24.27 -55.36 33.73
C GLU I 396 -24.59 -54.91 32.32
N TYR I 397 -25.32 -53.80 32.21
CA TYR I 397 -25.68 -53.24 30.91
C TYR I 397 -24.54 -52.35 30.40
N PHE I 398 -23.40 -52.47 31.05
CA PHE I 398 -22.19 -51.80 30.61
C PHE I 398 -21.21 -52.82 30.06
N PRO I 399 -20.62 -52.53 28.90
CA PRO I 399 -19.56 -53.39 28.36
C PRO I 399 -18.40 -53.45 29.33
N SER I 400 -18.02 -54.66 29.74
CA SER I 400 -16.92 -54.83 30.67
C SER I 400 -15.94 -55.91 30.17
N GLN I 401 -14.67 -55.73 30.52
CA GLN I 401 -13.64 -56.68 30.14
C GLN I 401 -13.53 -57.77 31.20
N MET I 402 -13.66 -59.02 30.78
CA MET I 402 -13.53 -60.15 31.68
C MET I 402 -12.10 -60.71 31.65
N LEU I 403 -11.55 -60.97 32.83
CA LEU I 403 -10.16 -61.40 32.93
C LEU I 403 -10.00 -62.74 33.64
N ARG I 404 -9.19 -63.61 33.06
CA ARG I 404 -8.81 -64.86 33.69
C ARG I 404 -7.44 -64.64 34.31
N THR I 405 -6.89 -65.66 34.96
CA THR I 405 -5.56 -65.54 35.55
C THR I 405 -4.51 -65.38 34.46
N GLY I 406 -3.82 -64.25 34.46
CA GLY I 406 -2.84 -63.98 33.43
C GLY I 406 -3.28 -62.82 32.55
N ASN I 407 -4.53 -62.40 32.75
CA ASN I 407 -5.03 -61.22 32.07
C ASN I 407 -4.81 -59.99 32.93
N ASN I 408 -4.70 -58.82 32.29
CA ASN I 408 -4.51 -57.57 33.01
C ASN I 408 -5.37 -56.45 32.44
N PHE I 409 -5.52 -55.38 33.22
CA PHE I 409 -6.36 -54.26 32.83
C PHE I 409 -5.55 -52.97 32.77
N GLN I 410 -5.78 -52.17 31.73
CA GLN I 410 -4.99 -50.97 31.50
C GLN I 410 -5.89 -49.75 31.33
N PHE I 411 -5.45 -48.61 31.86
CA PHE I 411 -6.23 -47.38 31.73
C PHE I 411 -5.41 -46.10 31.93
N SER I 412 -5.55 -45.15 31.00
CA SER I 412 -4.86 -43.87 31.09
C SER I 412 -5.81 -42.68 31.03
N TYR I 413 -5.58 -41.71 31.91
CA TYR I 413 -6.47 -40.56 32.05
C TYR I 413 -5.65 -39.27 32.09
N THR I 414 -6.26 -38.17 31.64
CA THR I 414 -5.58 -36.88 31.61
C THR I 414 -6.40 -35.78 32.31
N PHE I 415 -5.88 -35.30 33.44
CA PHE I 415 -6.53 -34.24 34.20
C PHE I 415 -6.77 -32.99 33.37
N GLU I 416 -7.84 -32.28 33.68
CA GLU I 416 -8.14 -31.02 33.00
C GLU I 416 -7.36 -29.89 33.66
N ASP I 417 -7.54 -28.68 33.15
CA ASP I 417 -6.88 -27.50 33.73
C ASP I 417 -7.55 -27.10 35.04
N VAL I 418 -6.81 -27.19 36.13
CA VAL I 418 -7.33 -26.85 37.44
C VAL I 418 -6.27 -26.11 38.28
N PRO I 419 -6.63 -24.92 38.78
CA PRO I 419 -5.76 -24.01 39.53
C PRO I 419 -4.93 -24.69 40.62
N PHE I 420 -3.65 -24.33 40.69
CA PHE I 420 -2.74 -24.84 41.71
C PHE I 420 -3.35 -24.67 43.09
N HIS I 421 -3.02 -25.59 44.00
CA HIS I 421 -3.42 -25.42 45.38
C HIS I 421 -2.49 -24.43 46.08
N SER I 422 -2.99 -23.81 47.14
CA SER I 422 -2.20 -22.85 47.91
C SER I 422 -1.33 -23.54 48.94
N SER I 423 -0.11 -23.88 48.55
CA SER I 423 0.86 -24.43 49.49
C SER I 423 1.64 -23.28 50.13
N TYR I 424 0.97 -22.13 50.23
CA TYR I 424 1.57 -20.92 50.79
C TYR I 424 0.62 -20.22 51.75
N ALA I 425 1.17 -19.30 52.53
CA ALA I 425 0.39 -18.47 53.43
C ALA I 425 0.86 -17.02 53.33
N HIS I 426 -0.08 -16.08 53.35
CA HIS I 426 0.25 -14.67 53.14
C HIS I 426 1.01 -14.06 54.32
N SER I 427 2.08 -13.33 54.00
CA SER I 427 2.87 -12.63 55.02
C SER I 427 2.29 -11.24 55.27
N GLN I 428 1.38 -10.81 54.40
CA GLN I 428 0.69 -9.54 54.57
C GLN I 428 -0.76 -9.79 54.97
N SER I 429 -1.48 -8.72 55.34
CA SER I 429 -2.89 -8.83 55.67
C SER I 429 -3.72 -7.90 54.78
N LEU I 430 -5.02 -8.15 54.70
CA LEU I 430 -5.91 -7.32 53.89
C LEU I 430 -5.95 -5.87 54.37
N ASP I 431 -6.09 -5.68 55.68
CA ASP I 431 -6.17 -4.35 56.25
C ASP I 431 -4.78 -3.74 56.46
N ARG I 432 -3.76 -4.59 56.52
CA ARG I 432 -2.40 -4.13 56.72
C ARG I 432 -1.60 -4.19 55.42
N LEU I 433 -2.12 -3.55 54.38
CA LEU I 433 -1.54 -3.65 53.05
C LEU I 433 -0.84 -2.36 52.63
N MET I 434 -1.26 -1.25 53.22
CA MET I 434 -0.74 0.07 52.83
C MET I 434 0.64 0.41 53.39
N ASN I 435 1.00 1.69 53.30
CA ASN I 435 2.31 2.16 53.74
C ASN I 435 2.27 2.75 55.15
N PRO I 436 3.06 2.17 56.05
CA PRO I 436 3.16 2.58 57.45
C PRO I 436 3.74 4.00 57.63
N LEU I 437 4.43 4.51 56.61
CA LEU I 437 5.16 5.77 56.75
C LEU I 437 4.42 6.96 56.17
N ILE I 438 3.72 6.75 55.07
CA ILE I 438 3.05 7.85 54.38
C ILE I 438 1.55 7.89 54.67
N ASP I 439 0.99 9.09 54.61
CA ASP I 439 -0.44 9.28 54.88
C ASP I 439 -1.21 9.27 53.58
N GLN I 440 -2.49 8.89 53.65
CA GLN I 440 -3.36 8.92 52.48
C GLN I 440 -3.74 10.35 52.14
N TYR I 441 -4.08 10.59 50.88
CA TYR I 441 -4.55 11.91 50.46
C TYR I 441 -6.08 11.95 50.45
N LEU I 442 -6.69 10.85 50.89
CA LEU I 442 -8.14 10.77 50.98
C LEU I 442 -8.62 11.17 52.37
N TYR I 443 -9.86 11.63 52.45
CA TYR I 443 -10.43 12.08 53.72
C TYR I 443 -11.64 11.26 54.14
N TYR I 444 -11.77 11.05 55.44
CA TYR I 444 -12.91 10.35 56.00
C TYR I 444 -13.47 11.18 57.14
N LEU I 445 -14.72 10.92 57.53
CA LEU I 445 -15.33 11.63 58.64
C LEU I 445 -15.17 10.82 59.92
N ASN I 446 -14.66 11.46 60.97
CA ASN I 446 -14.39 10.77 62.23
C ASN I 446 -15.00 11.45 63.45
N ARG I 447 -15.53 12.66 63.25
CA ARG I 447 -16.17 13.40 64.33
C ARG I 447 -17.49 14.01 63.87
N THR I 448 -18.56 13.64 64.56
CA THR I 448 -19.90 14.12 64.21
C THR I 448 -20.37 15.23 65.15
N GLN I 449 -19.97 15.14 66.41
CA GLN I 449 -20.38 16.13 67.42
C GLN I 449 -19.20 16.65 68.23
N GLY I 450 -18.48 15.74 68.89
CA GLY I 450 -17.42 16.11 69.79
C GLY I 450 -16.49 17.18 69.26
N THR I 451 -16.76 18.43 69.62
CA THR I 451 -15.94 19.55 69.21
C THR I 451 -15.15 20.06 70.40
N THR I 452 -14.69 21.31 70.31
CA THR I 452 -14.13 22.00 71.46
C THR I 452 -15.24 22.13 72.50
N SER I 453 -15.56 21.00 73.14
CA SER I 453 -16.77 20.88 73.95
C SER I 453 -16.70 21.64 75.27
N GLY I 454 -17.45 22.74 75.34
CA GLY I 454 -17.54 23.54 76.55
C GLY I 454 -18.70 24.52 76.44
N THR I 455 -18.54 25.53 75.59
CA THR I 455 -19.56 26.53 75.34
C THR I 455 -20.13 26.32 73.94
N THR I 456 -21.46 26.33 73.83
CA THR I 456 -22.15 26.35 72.53
C THR I 456 -21.57 25.36 71.51
N ASN I 457 -21.24 24.16 71.96
CA ASN I 457 -20.70 23.16 71.05
C ASN I 457 -21.49 21.85 71.07
N GLN I 458 -22.62 21.86 70.37
CA GLN I 458 -23.47 20.70 70.25
C GLN I 458 -22.90 19.69 69.25
N SER I 459 -22.81 20.10 67.99
CA SER I 459 -22.34 19.21 66.92
C SER I 459 -21.67 19.96 65.77
N ARG I 460 -20.77 19.26 65.08
CA ARG I 460 -20.05 19.83 63.95
C ARG I 460 -19.45 18.71 63.10
N LEU I 461 -19.52 18.86 61.78
CA LEU I 461 -18.98 17.84 60.87
C LEU I 461 -17.49 18.04 60.65
N LEU I 462 -16.70 17.08 61.12
CA LEU I 462 -15.24 17.18 61.03
C LEU I 462 -14.60 15.98 60.35
N PHE I 463 -13.70 16.25 59.41
CA PHE I 463 -13.04 15.21 58.62
C PHE I 463 -11.55 15.13 58.90
N SER I 464 -10.99 13.93 58.82
CA SER I 464 -9.56 13.74 59.02
C SER I 464 -8.91 13.07 57.81
N GLN I 465 -7.65 13.43 57.56
CA GLN I 465 -6.86 12.78 56.53
C GLN I 465 -6.23 11.52 57.07
N ALA I 466 -6.47 10.40 56.41
CA ALA I 466 -5.95 9.11 56.87
C ALA I 466 -4.43 9.15 57.06
N GLY I 467 -3.98 8.59 58.18
CA GLY I 467 -2.56 8.51 58.46
C GLY I 467 -2.21 7.12 58.97
N PRO I 468 -0.92 6.87 59.23
CA PRO I 468 -0.49 5.58 59.77
C PRO I 468 -1.12 5.41 61.15
N GLN I 469 -1.51 6.53 61.73
CA GLN I 469 -2.13 6.56 63.04
C GLN I 469 -3.58 6.08 62.96
N SER I 470 -4.29 6.52 61.92
CA SER I 470 -5.65 6.05 61.67
C SER I 470 -5.60 4.81 60.78
N MET I 471 -5.02 3.73 61.30
CA MET I 471 -4.73 2.56 60.48
C MET I 471 -5.98 1.75 60.11
N SER I 472 -6.89 1.56 61.04
CA SER I 472 -8.12 0.80 60.79
C SER I 472 -9.25 1.71 60.35
N LEU I 473 -8.90 2.86 59.78
CA LEU I 473 -9.89 3.83 59.33
C LEU I 473 -9.62 4.27 57.90
N GLN I 474 -8.45 3.91 57.38
CA GLN I 474 -8.04 4.32 56.04
C GLN I 474 -8.94 3.74 54.96
N ALA I 475 -9.01 4.42 53.82
CA ALA I 475 -9.76 3.93 52.68
C ALA I 475 -9.23 2.56 52.25
N ARG I 476 -10.13 1.71 51.77
CA ARG I 476 -9.76 0.34 51.43
C ARG I 476 -10.16 0.00 50.00
N ASN I 477 -9.43 -0.93 49.39
CA ASN I 477 -9.71 -1.36 48.02
C ASN I 477 -10.32 -2.74 47.91
N TRP I 478 -10.29 -3.50 49.00
CA TRP I 478 -10.71 -4.91 48.96
C TRP I 478 -11.44 -5.34 50.23
N LEU I 479 -12.26 -6.38 50.11
CA LEU I 479 -12.97 -6.96 51.26
C LEU I 479 -12.53 -8.39 51.54
N PRO I 480 -12.85 -8.89 52.74
CA PRO I 480 -12.56 -10.29 53.11
C PRO I 480 -13.51 -11.25 52.41
N GLY I 481 -13.23 -12.55 52.50
CA GLY I 481 -14.07 -13.55 51.87
C GLY I 481 -15.42 -13.67 52.52
N PRO I 482 -16.36 -14.35 51.85
CA PRO I 482 -17.72 -14.57 52.34
C PRO I 482 -17.71 -15.30 53.68
N CYS I 483 -18.87 -15.48 54.29
CA CYS I 483 -18.95 -16.13 55.59
C CYS I 483 -20.29 -16.78 55.89
N TYR I 484 -20.28 -17.74 56.80
CA TYR I 484 -21.48 -18.39 57.30
C TYR I 484 -21.21 -18.82 58.73
N ARG I 485 -21.54 -17.95 59.68
CA ARG I 485 -21.15 -18.12 61.07
C ARG I 485 -21.34 -19.53 61.61
N GLN I 486 -20.32 -20.04 62.29
CA GLN I 486 -20.38 -21.33 62.96
C GLN I 486 -20.38 -21.11 64.47
N GLN I 487 -20.88 -22.07 65.23
CA GLN I 487 -20.88 -21.97 66.68
C GLN I 487 -19.50 -22.25 67.26
N ARG I 488 -19.14 -21.54 68.31
CA ARG I 488 -17.83 -21.70 68.93
C ARG I 488 -17.83 -22.83 69.97
N LEU I 489 -16.86 -23.74 69.86
CA LEU I 489 -16.70 -24.82 70.82
C LEU I 489 -15.33 -24.79 71.47
N SER I 490 -15.26 -25.24 72.71
CA SER I 490 -13.98 -25.35 73.40
C SER I 490 -13.58 -26.79 73.57
N LYS I 491 -12.27 -27.04 73.52
CA LYS I 491 -11.76 -28.38 73.73
C LYS I 491 -11.84 -28.74 75.21
N THR I 492 -11.86 -27.73 76.05
CA THR I 492 -12.03 -27.92 77.49
C THR I 492 -13.51 -28.17 77.80
N ALA I 493 -13.82 -29.40 78.21
CA ALA I 493 -15.20 -29.85 78.36
C ALA I 493 -15.94 -29.19 79.53
N ASN I 494 -15.56 -27.97 79.89
CA ASN I 494 -16.25 -27.27 80.97
C ASN I 494 -16.49 -25.80 80.67
N ASP I 495 -15.88 -25.32 79.59
CA ASP I 495 -16.11 -23.95 79.14
C ASP I 495 -17.48 -23.87 78.49
N ASN I 496 -17.95 -25.02 78.01
CA ASN I 496 -19.15 -25.08 77.20
C ASN I 496 -20.45 -25.10 77.99
N ASN I 497 -21.55 -24.82 77.30
CA ASN I 497 -22.87 -24.84 77.89
C ASN I 497 -23.30 -26.26 78.22
N ASN I 498 -23.90 -26.45 79.39
CA ASN I 498 -24.35 -27.77 79.82
C ASN I 498 -25.62 -28.19 79.09
N SER I 499 -25.53 -28.30 77.77
CA SER I 499 -26.65 -28.70 76.93
C SER I 499 -26.16 -29.37 75.65
N ASN I 500 -26.91 -30.33 75.14
CA ASN I 500 -26.54 -31.02 73.90
C ASN I 500 -27.08 -30.30 72.66
N PHE I 501 -26.20 -29.56 72.00
CA PHE I 501 -26.60 -28.70 70.89
C PHE I 501 -25.88 -28.97 69.55
N PRO I 502 -25.43 -30.21 69.32
CA PRO I 502 -24.68 -30.45 68.08
C PRO I 502 -25.59 -30.55 66.87
N TRP I 503 -26.87 -30.26 67.05
CA TRP I 503 -27.83 -30.34 65.97
C TRP I 503 -28.85 -29.20 66.04
N THR I 504 -29.23 -28.83 67.26
CA THR I 504 -30.24 -27.80 67.48
C THR I 504 -29.64 -26.40 67.51
N ALA I 505 -28.31 -26.32 67.47
CA ALA I 505 -27.62 -25.02 67.52
C ALA I 505 -26.56 -24.89 66.44
N ALA I 506 -26.40 -25.93 65.62
CA ALA I 506 -25.41 -25.91 64.55
C ALA I 506 -25.99 -25.32 63.27
N SER I 507 -25.12 -24.72 62.47
CA SER I 507 -25.54 -24.13 61.19
C SER I 507 -25.84 -25.21 60.17
N LYS I 508 -27.02 -25.13 59.57
CA LYS I 508 -27.49 -26.17 58.67
C LYS I 508 -28.30 -25.57 57.52
N TYR I 509 -28.46 -26.32 56.45
CA TYR I 509 -29.29 -25.90 55.33
C TYR I 509 -30.39 -26.92 55.11
N HIS I 510 -31.38 -26.59 54.32
CA HIS I 510 -32.45 -27.54 54.03
C HIS I 510 -32.94 -27.46 52.59
N LEU I 511 -33.12 -28.62 51.97
CA LEU I 511 -33.63 -28.71 50.62
C LEU I 511 -34.80 -29.68 50.59
N ASN I 512 -35.87 -29.28 49.91
CA ASN I 512 -37.04 -30.15 49.79
C ASN I 512 -37.64 -30.43 51.16
N GLY I 513 -37.43 -29.52 52.10
CA GLY I 513 -37.92 -29.67 53.45
C GLY I 513 -37.11 -30.67 54.25
N ARG I 514 -35.84 -30.81 53.90
CA ARG I 514 -34.95 -31.77 54.57
C ARG I 514 -33.68 -31.10 55.08
N ASP I 515 -33.52 -31.09 56.41
CA ASP I 515 -32.34 -30.49 57.04
C ASP I 515 -31.07 -31.28 56.77
N SER I 516 -30.01 -30.56 56.42
CA SER I 516 -28.70 -31.16 56.23
C SER I 516 -27.64 -30.26 56.86
N LEU I 517 -26.72 -30.87 57.60
CA LEU I 517 -25.73 -30.10 58.34
C LEU I 517 -24.64 -29.51 57.43
N VAL I 518 -24.46 -28.20 57.50
CA VAL I 518 -23.40 -27.53 56.75
C VAL I 518 -22.07 -27.79 57.44
N ASN I 519 -21.46 -28.94 57.14
CA ASN I 519 -20.23 -29.33 57.81
C ASN I 519 -19.02 -28.47 57.44
N PRO I 520 -18.38 -28.72 56.29
CA PRO I 520 -17.28 -27.81 55.96
C PRO I 520 -17.83 -26.63 55.16
N GLY I 521 -18.27 -25.58 55.85
CA GLY I 521 -18.85 -24.44 55.18
C GLY I 521 -17.81 -23.66 54.40
N PRO I 522 -18.16 -22.43 54.01
CA PRO I 522 -17.16 -21.57 53.35
C PRO I 522 -15.86 -21.57 54.16
N ALA I 523 -14.74 -21.28 53.49
CA ALA I 523 -13.46 -21.25 54.16
C ALA I 523 -13.36 -20.07 55.12
N MET I 524 -13.39 -20.36 56.42
CA MET I 524 -13.26 -19.34 57.44
C MET I 524 -12.17 -19.74 58.44
N ALA I 525 -11.59 -18.75 59.12
CA ALA I 525 -10.53 -19.03 60.09
C ALA I 525 -11.09 -19.72 61.34
N SER I 526 -10.32 -20.66 61.88
CA SER I 526 -10.77 -21.44 63.04
C SER I 526 -10.82 -20.63 64.33
N HIS I 527 -9.78 -19.84 64.58
CA HIS I 527 -9.70 -19.05 65.81
C HIS I 527 -8.92 -17.74 65.60
N LYS I 528 -9.19 -16.75 66.44
CA LYS I 528 -8.45 -15.50 66.40
C LYS I 528 -7.14 -15.63 67.19
N ASP I 529 -6.32 -14.58 67.15
CA ASP I 529 -5.00 -14.64 67.78
C ASP I 529 -5.07 -14.82 69.30
N ASP I 530 -4.12 -15.58 69.83
CA ASP I 530 -3.98 -15.79 71.27
C ASP I 530 -5.11 -16.62 71.89
N GLU I 531 -5.57 -17.62 71.15
CA GLU I 531 -6.57 -18.56 71.66
C GLU I 531 -6.13 -19.99 71.42
N GLU I 532 -6.29 -20.45 70.18
CA GLU I 532 -5.80 -21.76 69.77
C GLU I 532 -6.42 -22.88 70.62
N LYS I 533 -7.66 -22.68 71.05
CA LYS I 533 -8.37 -23.68 71.83
C LYS I 533 -9.82 -23.78 71.38
N PHE I 534 -10.32 -22.68 70.82
CA PHE I 534 -11.70 -22.64 70.33
C PHE I 534 -11.76 -23.00 68.85
N PHE I 535 -12.35 -24.15 68.54
CA PHE I 535 -12.57 -24.55 67.17
C PHE I 535 -14.05 -24.39 66.84
N PRO I 536 -14.38 -24.14 65.56
CA PRO I 536 -15.77 -23.98 65.15
C PRO I 536 -16.52 -25.29 65.23
N MET I 537 -17.81 -25.22 65.53
CA MET I 537 -18.68 -26.38 65.44
C MET I 537 -18.49 -26.94 64.04
N HIS I 538 -17.76 -28.06 63.94
CA HIS I 538 -17.50 -28.68 62.64
C HIS I 538 -17.08 -27.71 61.54
N GLY I 539 -16.30 -26.69 61.91
CA GLY I 539 -15.81 -25.72 60.94
C GLY I 539 -14.55 -26.18 60.24
N ASN I 540 -14.27 -27.48 60.29
CA ASN I 540 -13.08 -28.05 59.69
C ASN I 540 -13.10 -29.58 59.70
N LEU I 541 -12.24 -30.20 58.90
CA LEU I 541 -12.20 -31.65 58.80
C LEU I 541 -11.48 -32.30 59.97
N ILE I 542 -12.12 -33.30 60.55
CA ILE I 542 -11.57 -34.00 61.70
C ILE I 542 -11.26 -35.46 61.36
N PHE I 543 -10.02 -35.87 61.58
CA PHE I 543 -9.59 -37.22 61.26
C PHE I 543 -9.54 -38.10 62.50
N GLY I 544 -9.95 -39.36 62.36
CA GLY I 544 -9.91 -40.29 63.47
C GLY I 544 -8.60 -41.04 63.53
N LYS I 545 -8.03 -41.12 64.73
CA LYS I 545 -6.78 -41.86 64.93
C LYS I 545 -6.97 -43.34 64.62
N GLU I 546 -5.86 -44.05 64.42
CA GLU I 546 -5.92 -45.47 64.14
C GLU I 546 -6.49 -46.22 65.34
N GLY I 547 -7.42 -47.13 65.08
CA GLY I 547 -8.06 -47.90 66.14
C GLY I 547 -8.91 -47.03 67.04
N THR I 548 -10.12 -46.72 66.58
CA THR I 548 -11.07 -45.89 67.34
C THR I 548 -12.49 -46.06 66.79
N THR I 549 -13.39 -46.58 67.62
CA THR I 549 -14.75 -46.89 67.20
C THR I 549 -15.44 -45.73 66.47
N ALA I 550 -16.38 -46.07 65.60
CA ALA I 550 -17.08 -45.08 64.80
C ALA I 550 -18.18 -44.37 65.59
N SER I 551 -18.46 -44.89 66.78
CA SER I 551 -19.56 -44.37 67.58
C SER I 551 -19.08 -43.68 68.86
N ASN I 552 -19.26 -42.36 68.91
CA ASN I 552 -18.92 -41.56 70.08
C ASN I 552 -17.56 -41.88 70.68
N ALA I 553 -16.51 -41.40 70.02
CA ALA I 553 -15.15 -41.60 70.51
C ALA I 553 -14.72 -40.39 71.34
N GLU I 554 -13.63 -40.55 72.08
CA GLU I 554 -13.15 -39.51 72.97
C GLU I 554 -12.48 -38.36 72.20
N LEU I 555 -12.37 -37.20 72.84
CA LEU I 555 -11.71 -36.03 72.27
C LEU I 555 -10.22 -36.28 72.05
N ASP I 556 -9.65 -37.14 72.87
CA ASP I 556 -8.23 -37.47 72.76
C ASP I 556 -8.00 -38.58 71.75
N ASN I 557 -9.06 -38.95 71.04
CA ASN I 557 -8.99 -39.99 70.01
C ASN I 557 -9.20 -39.46 68.59
N VAL I 558 -9.32 -38.14 68.46
CA VAL I 558 -9.52 -37.54 67.15
C VAL I 558 -8.51 -36.41 66.90
N MET I 559 -8.34 -36.08 65.62
CA MET I 559 -7.42 -35.03 65.20
C MET I 559 -8.17 -33.90 64.50
N ILE I 560 -8.27 -32.77 65.17
CA ILE I 560 -8.97 -31.61 64.63
C ILE I 560 -7.99 -30.71 63.89
N THR I 561 -8.38 -30.26 62.71
CA THR I 561 -7.47 -29.49 61.85
C THR I 561 -7.63 -27.98 62.06
N ASP I 562 -6.50 -27.29 62.15
CA ASP I 562 -6.49 -25.85 62.41
C ASP I 562 -6.28 -25.05 61.12
N GLU I 563 -7.24 -24.21 60.77
CA GLU I 563 -7.12 -23.35 59.61
C GLU I 563 -6.74 -21.93 60.05
N GLU I 564 -5.52 -21.78 60.54
CA GLU I 564 -5.07 -20.49 61.07
C GLU I 564 -4.00 -19.82 60.20
N GLU I 565 -3.96 -20.19 58.93
CA GLU I 565 -3.03 -19.57 58.00
C GLU I 565 -3.78 -18.61 57.09
N ILE I 566 -5.09 -18.76 57.04
CA ILE I 566 -5.93 -17.93 56.18
C ILE I 566 -6.59 -16.78 56.94
N ARG I 567 -5.97 -16.41 58.07
CA ARG I 567 -6.50 -15.34 58.91
C ARG I 567 -6.55 -14.00 58.18
N THR I 568 -5.67 -13.84 57.20
CA THR I 568 -5.46 -12.56 56.54
C THR I 568 -6.44 -12.29 55.38
N THR I 569 -7.11 -13.34 54.92
CA THR I 569 -8.04 -13.20 53.80
C THR I 569 -9.46 -13.60 54.19
N ASN I 570 -9.57 -14.41 55.24
CA ASN I 570 -10.86 -14.97 55.62
C ASN I 570 -11.36 -14.53 56.99
N PRO I 571 -12.69 -14.38 57.12
CA PRO I 571 -13.35 -14.07 58.39
C PRO I 571 -13.28 -15.25 59.34
N VAL I 572 -13.28 -14.98 60.64
CA VAL I 572 -13.25 -16.06 61.63
C VAL I 572 -14.59 -16.79 61.66
N ALA I 573 -14.54 -18.11 61.64
CA ALA I 573 -15.73 -18.95 61.52
C ALA I 573 -16.76 -18.74 62.63
N THR I 574 -16.28 -18.63 63.86
CA THR I 574 -17.15 -18.49 65.02
C THR I 574 -17.52 -17.02 65.27
N GLU I 575 -16.58 -16.13 64.99
CA GLU I 575 -16.80 -14.69 65.18
C GLU I 575 -17.80 -14.15 64.16
N GLN I 576 -18.20 -12.90 64.34
CA GLN I 576 -19.13 -12.24 63.44
C GLN I 576 -18.47 -11.89 62.11
N TYR I 577 -19.15 -11.07 61.31
CA TYR I 577 -18.59 -10.60 60.05
C TYR I 577 -18.25 -9.11 60.14
N GLY I 578 -19.18 -8.34 60.71
CA GLY I 578 -18.97 -6.91 60.85
C GLY I 578 -20.20 -6.14 61.27
N THR I 579 -20.23 -4.86 60.91
CA THR I 579 -21.30 -3.96 61.30
C THR I 579 -22.03 -3.42 60.06
N VAL I 580 -23.35 -3.35 60.16
CA VAL I 580 -24.17 -2.77 59.09
C VAL I 580 -25.18 -1.81 59.68
N ALA I 581 -25.43 -0.71 58.99
CA ALA I 581 -26.44 0.25 59.42
C ALA I 581 -27.82 -0.19 58.98
N ASN I 582 -28.83 0.18 59.75
CA ASN I 582 -30.22 -0.17 59.43
C ASN I 582 -31.26 0.82 59.97
N ASN I 583 -31.01 2.10 59.73
CA ASN I 583 -31.94 3.17 60.12
C ASN I 583 -31.48 4.52 59.60
N LEU I 584 -32.38 5.49 59.60
CA LEU I 584 -32.04 6.84 59.15
C LEU I 584 -31.79 7.76 60.34
N GLN I 585 -30.54 7.78 60.82
CA GLN I 585 -30.18 8.56 61.99
C GLN I 585 -30.48 10.04 61.80
N SER I 586 -30.82 10.71 62.90
CA SER I 586 -31.12 12.14 62.87
C SER I 586 -31.20 12.67 64.29
N SER I 587 -31.61 13.93 64.42
CA SER I 587 -31.81 14.52 65.73
C SER I 587 -32.89 13.77 66.50
N ASN I 588 -33.85 13.20 65.77
CA ASN I 588 -34.94 12.45 66.38
C ASN I 588 -34.60 11.00 66.65
N THR I 589 -33.69 10.45 65.84
CA THR I 589 -33.37 9.03 65.89
C THR I 589 -31.90 8.76 66.17
N ALA I 590 -31.62 7.80 67.04
CA ALA I 590 -30.26 7.38 67.31
C ALA I 590 -29.82 6.30 66.32
N PRO I 591 -28.59 6.42 65.81
CA PRO I 591 -28.01 5.47 64.83
C PRO I 591 -28.04 4.03 65.34
N THR I 592 -28.45 3.10 64.48
CA THR I 592 -28.55 1.70 64.87
C THR I 592 -27.53 0.81 64.13
N THR I 593 -26.98 -0.14 64.87
CA THR I 593 -25.99 -1.06 64.33
C THR I 593 -26.51 -2.50 64.34
N ARG I 594 -26.21 -3.24 63.28
CA ARG I 594 -26.63 -4.64 63.18
C ARG I 594 -25.41 -5.54 63.01
N THR I 595 -25.32 -6.57 63.85
CA THR I 595 -24.26 -7.55 63.75
C THR I 595 -24.55 -8.57 62.65
N VAL I 596 -23.77 -8.51 61.58
CA VAL I 596 -23.97 -9.40 60.43
C VAL I 596 -23.40 -10.79 60.67
N ASN I 597 -24.28 -11.79 60.57
CA ASN I 597 -23.89 -13.17 60.83
C ASN I 597 -23.77 -13.98 59.55
N ASP I 598 -24.34 -13.45 58.46
CA ASP I 598 -24.31 -14.15 57.18
C ASP I 598 -24.09 -13.17 56.02
N GLN I 599 -23.04 -13.43 55.25
CA GLN I 599 -22.69 -12.55 54.14
C GLN I 599 -22.54 -13.30 52.82
N GLY I 600 -23.40 -12.99 51.86
CA GLY I 600 -23.26 -13.52 50.52
C GLY I 600 -21.99 -12.99 49.87
N ALA I 601 -21.91 -13.09 48.55
CA ALA I 601 -20.73 -12.62 47.81
C ALA I 601 -20.81 -11.12 47.55
N LEU I 602 -19.65 -10.51 47.31
CA LEU I 602 -19.58 -9.07 47.07
C LEU I 602 -18.46 -8.69 46.11
N PRO I 603 -18.76 -7.76 45.19
CA PRO I 603 -17.75 -7.23 44.26
C PRO I 603 -16.59 -6.62 45.04
N GLY I 604 -15.45 -7.30 45.03
CA GLY I 604 -14.26 -6.80 45.69
C GLY I 604 -13.74 -7.72 46.77
N MET I 605 -14.47 -8.81 47.02
CA MET I 605 -14.04 -9.78 48.01
C MET I 605 -12.92 -10.66 47.47
N VAL I 606 -12.00 -11.02 48.35
CA VAL I 606 -10.92 -11.93 48.00
C VAL I 606 -10.73 -12.95 49.11
N TRP I 607 -10.66 -14.22 48.77
CA TRP I 607 -10.54 -15.25 49.79
C TRP I 607 -9.56 -16.36 49.40
N GLN I 608 -9.11 -17.09 50.41
CA GLN I 608 -8.28 -18.26 50.20
C GLN I 608 -9.14 -19.48 50.46
N ASP I 609 -8.93 -20.55 49.68
CA ASP I 609 -9.71 -21.77 49.89
C ASP I 609 -9.18 -22.54 51.10
N ARG I 610 -9.76 -23.71 51.36
CA ARG I 610 -9.32 -24.53 52.49
C ARG I 610 -7.92 -25.08 52.28
N ASP I 611 -7.63 -26.23 52.88
CA ASP I 611 -6.31 -26.82 52.76
C ASP I 611 -6.41 -28.32 52.53
N VAL I 612 -5.36 -28.89 51.94
CA VAL I 612 -5.29 -30.34 51.76
C VAL I 612 -4.24 -30.92 52.68
N TYR I 613 -4.59 -32.02 53.34
CA TYR I 613 -3.67 -32.66 54.27
C TYR I 613 -3.30 -34.04 53.75
N LEU I 614 -2.17 -34.57 54.24
CA LEU I 614 -1.64 -35.84 53.76
C LEU I 614 -2.73 -36.91 53.62
N GLN I 615 -3.76 -36.84 54.44
CA GLN I 615 -4.82 -37.84 54.42
C GLN I 615 -6.17 -37.29 53.94
N GLY I 616 -6.14 -36.10 53.35
CA GLY I 616 -7.35 -35.46 52.87
C GLY I 616 -7.76 -35.90 51.47
N PRO I 617 -8.96 -35.52 51.04
CA PRO I 617 -9.44 -35.81 49.69
C PRO I 617 -8.57 -35.11 48.66
N ILE I 618 -8.55 -35.62 47.44
CA ILE I 618 -7.76 -35.01 46.38
C ILE I 618 -8.63 -34.21 45.40
N TRP I 619 -9.61 -34.88 44.80
CA TRP I 619 -10.48 -34.22 43.84
C TRP I 619 -11.96 -34.39 44.18
N ALA I 620 -12.82 -33.81 43.34
CA ALA I 620 -14.26 -33.89 43.53
C ALA I 620 -15.00 -33.55 42.24
N LYS I 621 -16.01 -34.34 41.91
CA LYS I 621 -16.78 -34.12 40.69
C LYS I 621 -17.78 -32.98 40.83
N ILE I 622 -17.47 -31.84 40.22
CA ILE I 622 -18.39 -30.72 40.18
C ILE I 622 -19.71 -31.16 39.55
N PRO I 623 -20.81 -31.03 40.29
CA PRO I 623 -22.15 -31.43 39.85
C PRO I 623 -22.50 -30.78 38.51
N HIS I 624 -23.21 -31.51 37.65
CA HIS I 624 -23.60 -30.97 36.35
C HIS I 624 -24.92 -30.20 36.45
N THR I 625 -24.84 -28.96 36.89
CA THR I 625 -26.01 -28.11 37.01
C THR I 625 -25.95 -26.92 36.07
N ASP I 626 -26.96 -26.06 36.12
CA ASP I 626 -27.00 -24.87 35.29
C ASP I 626 -25.98 -23.84 35.75
N GLY I 627 -25.62 -23.87 37.03
CA GLY I 627 -24.74 -22.86 37.57
C GLY I 627 -23.91 -23.28 38.78
N HIS I 628 -22.69 -22.73 38.84
CA HIS I 628 -21.80 -22.92 39.97
C HIS I 628 -21.18 -21.56 40.26
N PHE I 629 -20.73 -21.35 41.49
CA PHE I 629 -20.06 -20.09 41.82
C PHE I 629 -18.55 -20.22 41.75
N HIS I 630 -17.96 -20.69 42.85
CA HIS I 630 -16.53 -20.92 42.91
C HIS I 630 -16.31 -22.40 43.18
N PRO I 631 -16.46 -23.22 42.13
CA PRO I 631 -16.55 -24.69 42.22
C PRO I 631 -15.31 -25.37 42.78
N SER I 632 -14.99 -25.08 44.03
CA SER I 632 -13.90 -25.76 44.73
C SER I 632 -14.49 -26.66 45.81
N PRO I 633 -14.10 -27.94 45.83
CA PRO I 633 -14.63 -28.92 46.79
C PRO I 633 -14.61 -28.36 48.20
N LEU I 634 -15.77 -28.34 48.85
CA LEU I 634 -15.87 -27.76 50.18
C LEU I 634 -14.95 -28.45 51.18
N MET I 635 -14.73 -29.74 50.99
CA MET I 635 -13.84 -30.50 51.86
C MET I 635 -12.39 -30.26 51.47
N GLY I 636 -12.19 -29.57 50.36
CA GLY I 636 -10.86 -29.21 49.89
C GLY I 636 -10.39 -30.03 48.72
N GLY I 637 -9.57 -29.42 47.86
CA GLY I 637 -9.00 -30.12 46.74
C GLY I 637 -9.30 -29.49 45.39
N PHE I 638 -9.29 -30.32 44.35
CA PHE I 638 -9.47 -29.85 42.99
C PHE I 638 -10.85 -30.21 42.46
N GLY I 639 -11.63 -29.19 42.13
CA GLY I 639 -12.95 -29.38 41.55
C GLY I 639 -12.83 -29.69 40.08
N LEU I 640 -13.32 -30.87 39.69
CA LEU I 640 -13.16 -31.32 38.31
C LEU I 640 -14.51 -31.58 37.65
N LYS I 641 -14.69 -31.01 36.46
CA LYS I 641 -15.84 -31.32 35.64
C LYS I 641 -15.82 -32.80 35.29
N HIS I 642 -14.66 -33.25 34.81
CA HIS I 642 -14.46 -34.65 34.44
C HIS I 642 -13.29 -35.24 35.22
N PRO I 643 -13.58 -35.81 36.40
CA PRO I 643 -12.58 -36.39 37.31
C PRO I 643 -12.29 -37.84 36.97
N PRO I 644 -11.16 -38.37 37.45
CA PRO I 644 -10.79 -39.78 37.25
C PRO I 644 -12.00 -40.69 37.38
N PRO I 645 -12.47 -41.25 36.25
CA PRO I 645 -13.68 -42.08 36.19
C PRO I 645 -13.66 -43.20 37.21
N GLN I 646 -14.82 -43.78 37.45
CA GLN I 646 -14.94 -44.88 38.40
C GLN I 646 -14.56 -46.21 37.77
N ILE I 647 -13.71 -46.97 38.44
CA ILE I 647 -13.31 -48.29 37.96
C ILE I 647 -14.03 -49.37 38.76
N MET I 648 -14.90 -50.12 38.08
CA MET I 648 -15.67 -51.18 38.71
C MET I 648 -15.00 -52.55 38.61
N ILE I 649 -15.35 -53.42 39.55
CA ILE I 649 -14.78 -54.75 39.64
C ILE I 649 -15.80 -55.69 40.29
N LYS I 650 -15.85 -56.92 39.82
CA LYS I 650 -16.76 -57.91 40.41
C LYS I 650 -16.40 -59.32 39.95
N ASN I 651 -16.62 -60.29 40.83
CA ASN I 651 -16.34 -61.68 40.50
C ASN I 651 -17.46 -62.27 39.66
N THR I 652 -17.11 -62.79 38.49
CA THR I 652 -18.10 -63.38 37.60
C THR I 652 -18.78 -64.57 38.28
N PRO I 653 -20.11 -64.49 38.42
CA PRO I 653 -20.91 -65.52 39.09
C PRO I 653 -20.73 -66.90 38.48
N VAL I 654 -20.45 -67.89 39.32
CA VAL I 654 -20.29 -69.26 38.85
C VAL I 654 -21.40 -70.16 39.40
N PRO I 655 -22.28 -70.63 38.51
CA PRO I 655 -23.38 -71.52 38.89
C PRO I 655 -22.87 -72.77 39.58
N ALA I 656 -23.41 -73.08 40.75
CA ALA I 656 -23.11 -74.32 41.41
C ALA I 656 -23.71 -75.47 40.59
N ASN I 657 -24.04 -76.56 41.25
CA ASN I 657 -24.56 -77.72 40.54
C ASN I 657 -26.03 -77.57 40.12
N PRO I 658 -26.30 -77.76 38.81
CA PRO I 658 -27.64 -77.68 38.22
C PRO I 658 -28.35 -79.03 38.19
N PRO I 659 -29.69 -79.02 38.18
CA PRO I 659 -30.56 -80.20 38.14
C PRO I 659 -30.65 -80.82 36.75
N THR I 660 -30.90 -82.14 36.68
CA THR I 660 -31.08 -82.83 35.41
C THR I 660 -32.40 -82.45 34.74
N THR I 661 -33.32 -81.90 35.53
CA THR I 661 -34.60 -81.42 35.02
C THR I 661 -34.58 -79.91 34.89
N PHE I 662 -35.22 -79.39 33.84
CA PHE I 662 -35.21 -77.95 33.56
C PHE I 662 -36.03 -77.14 34.56
N SER I 663 -35.48 -76.03 35.00
CA SER I 663 -36.16 -75.13 35.93
C SER I 663 -36.16 -73.69 35.43
N PRO I 664 -37.35 -73.10 35.28
CA PRO I 664 -37.49 -71.70 34.85
C PRO I 664 -37.16 -70.76 36.00
N ALA I 665 -37.11 -71.29 37.21
CA ALA I 665 -36.87 -70.49 38.40
C ALA I 665 -35.53 -69.76 38.32
N LYS I 666 -35.51 -68.52 38.81
CA LYS I 666 -34.29 -67.72 38.86
C LYS I 666 -33.18 -68.50 39.55
N PHE I 667 -31.99 -68.48 38.97
CA PHE I 667 -30.86 -69.21 39.51
C PHE I 667 -30.29 -68.48 40.74
N ALA I 668 -30.09 -69.22 41.83
CA ALA I 668 -29.59 -68.63 43.06
C ALA I 668 -28.61 -69.52 43.81
N SER I 669 -28.24 -70.63 43.19
CA SER I 669 -27.25 -71.55 43.76
C SER I 669 -25.89 -71.39 43.08
N PHE I 670 -24.99 -70.64 43.70
CA PHE I 670 -23.69 -70.35 43.11
C PHE I 670 -22.53 -70.88 43.95
N ILE I 671 -21.39 -71.08 43.29
CA ILE I 671 -20.17 -71.46 43.96
C ILE I 671 -19.55 -70.23 44.63
N THR I 672 -19.23 -70.36 45.91
CA THR I 672 -18.69 -69.26 46.69
C THR I 672 -17.20 -69.05 46.35
N GLN I 673 -16.86 -67.83 45.95
CA GLN I 673 -15.50 -67.53 45.53
C GLN I 673 -15.16 -66.05 45.69
N TYR I 674 -13.87 -65.77 45.93
CA TYR I 674 -13.38 -64.41 46.06
C TYR I 674 -12.15 -64.21 45.19
N SER I 675 -11.91 -62.97 44.77
CA SER I 675 -10.77 -62.66 43.91
C SER I 675 -9.72 -61.83 44.65
N THR I 676 -8.50 -61.87 44.14
CA THR I 676 -7.40 -61.12 44.74
C THR I 676 -6.34 -60.82 43.70
N GLY I 677 -5.56 -59.77 43.92
CA GLY I 677 -4.53 -59.39 42.98
C GLY I 677 -3.91 -58.06 43.33
N GLN I 678 -3.11 -57.52 42.42
CA GLN I 678 -2.48 -56.23 42.65
C GLN I 678 -3.09 -55.15 41.78
N VAL I 679 -2.94 -53.91 42.23
CA VAL I 679 -3.41 -52.76 41.47
C VAL I 679 -2.33 -51.68 41.52
N SER I 680 -2.16 -50.95 40.44
CA SER I 680 -1.13 -49.92 40.35
C SER I 680 -1.67 -48.60 39.83
N VAL I 681 -1.38 -47.52 40.53
CA VAL I 681 -1.82 -46.18 40.13
C VAL I 681 -0.66 -45.18 40.06
N GLU I 682 -0.39 -44.68 38.86
CA GLU I 682 0.68 -43.72 38.63
C GLU I 682 0.12 -42.35 38.33
N ILE I 683 0.55 -41.35 39.08
CA ILE I 683 0.07 -39.98 38.87
C ILE I 683 1.21 -38.98 38.74
N GLU I 684 1.12 -38.12 37.73
CA GLU I 684 2.11 -37.07 37.53
C GLU I 684 1.59 -35.78 38.12
N TRP I 685 2.48 -35.01 38.73
CA TRP I 685 2.11 -33.80 39.41
C TRP I 685 2.92 -32.63 38.90
N GLU I 686 2.24 -31.58 38.46
CA GLU I 686 2.93 -30.36 38.07
C GLU I 686 3.20 -29.54 39.33
N LEU I 687 4.37 -28.93 39.39
CA LEU I 687 4.75 -28.16 40.58
C LEU I 687 4.94 -26.69 40.27
N GLN I 688 4.64 -25.85 41.26
CA GLN I 688 4.94 -24.43 41.17
C GLN I 688 6.03 -24.10 42.17
N LYS I 689 7.23 -23.83 41.66
CA LYS I 689 8.38 -23.57 42.51
C LYS I 689 8.25 -22.28 43.31
N GLU I 690 9.08 -22.15 44.35
CA GLU I 690 9.05 -21.01 45.24
C GLU I 690 9.97 -19.89 44.78
N ASN I 691 9.43 -18.69 44.66
CA ASN I 691 10.22 -17.53 44.28
C ASN I 691 9.98 -16.36 45.23
N SER I 692 10.65 -16.40 46.39
CA SER I 692 10.45 -15.39 47.41
C SER I 692 11.76 -14.68 47.74
N LYS I 693 11.68 -13.38 48.00
CA LYS I 693 12.85 -12.61 48.41
C LYS I 693 12.84 -12.35 49.92
N ARG I 694 12.12 -13.21 50.64
CA ARG I 694 12.14 -13.19 52.10
C ARG I 694 13.57 -13.35 52.59
N TRP I 695 14.01 -12.43 53.44
CA TRP I 695 15.38 -12.49 53.95
C TRP I 695 15.53 -13.55 55.04
N ASN I 696 14.74 -13.39 56.11
CA ASN I 696 14.78 -14.33 57.23
C ASN I 696 14.16 -15.68 56.87
N PRO I 697 14.55 -16.73 57.60
CA PRO I 697 14.04 -18.09 57.35
C PRO I 697 12.53 -18.17 57.49
N GLU I 698 11.90 -19.02 56.67
CA GLU I 698 10.48 -19.29 56.81
C GLU I 698 10.30 -20.53 57.67
N ILE I 699 9.05 -20.81 58.06
CA ILE I 699 8.80 -21.97 58.89
C ILE I 699 8.69 -23.25 58.06
N GLN I 700 9.24 -24.33 58.58
CA GLN I 700 9.28 -25.61 57.87
C GLN I 700 8.68 -26.69 58.75
N TYR I 701 8.05 -27.69 58.12
CA TYR I 701 7.60 -28.84 58.87
C TYR I 701 8.80 -29.73 59.21
N THR I 702 8.79 -30.29 60.41
CA THR I 702 9.91 -31.08 60.88
C THR I 702 9.51 -32.08 61.96
N SER I 703 10.31 -33.13 62.12
CA SER I 703 10.13 -34.09 63.19
C SER I 703 10.83 -33.62 64.45
N ASN I 704 10.28 -34.00 65.60
CA ASN I 704 10.90 -33.67 66.88
C ASN I 704 12.19 -34.45 67.07
N TYR I 705 13.32 -33.75 67.05
CA TYR I 705 14.63 -34.37 67.15
C TYR I 705 14.88 -34.97 68.53
N ASN I 706 13.97 -34.71 69.45
CA ASN I 706 14.12 -35.15 70.84
C ASN I 706 14.04 -36.66 70.98
N LYS I 707 14.59 -37.18 72.09
CA LYS I 707 14.48 -38.60 72.40
C LYS I 707 13.00 -38.97 72.49
N SER I 708 12.58 -39.92 71.66
CA SER I 708 11.16 -40.23 71.53
C SER I 708 10.81 -41.71 71.72
N VAL I 709 9.55 -41.94 72.07
CA VAL I 709 9.02 -43.29 72.23
C VAL I 709 8.99 -44.02 70.89
N ASN I 710 7.92 -43.79 70.13
CA ASN I 710 7.78 -44.37 68.81
C ASN I 710 8.12 -43.33 67.75
N VAL I 711 8.47 -43.80 66.56
CA VAL I 711 8.82 -42.92 65.46
C VAL I 711 7.59 -42.43 64.71
N ASP I 712 7.51 -41.13 64.47
CA ASP I 712 6.38 -40.52 63.78
C ASP I 712 6.15 -41.17 62.42
N PHE I 713 4.91 -41.59 62.18
CA PHE I 713 4.53 -42.23 60.92
C PHE I 713 5.28 -43.54 60.74
N THR I 714 4.88 -44.54 61.51
CA THR I 714 5.60 -45.81 61.56
C THR I 714 4.74 -46.90 62.18
N VAL I 715 5.12 -48.15 61.92
CA VAL I 715 4.48 -49.29 62.56
C VAL I 715 4.91 -49.39 64.02
N ASP I 716 4.13 -50.10 64.83
CA ASP I 716 4.42 -50.25 66.25
C ASP I 716 5.00 -51.62 66.59
N THR I 717 4.80 -52.06 67.83
CA THR I 717 5.39 -53.30 68.31
C THR I 717 4.76 -54.54 67.67
N ASN I 718 3.52 -54.41 67.20
CA ASN I 718 2.84 -55.55 66.58
C ASN I 718 2.34 -55.27 65.15
N GLY I 719 2.99 -54.31 64.47
CA GLY I 719 2.76 -54.10 63.06
C GLY I 719 1.49 -53.35 62.69
N VAL I 720 1.40 -52.09 63.11
CA VAL I 720 0.28 -51.24 62.73
C VAL I 720 0.76 -49.82 62.41
N TYR I 721 0.64 -49.45 61.13
CA TYR I 721 1.00 -48.10 60.70
C TYR I 721 0.03 -47.09 61.30
N SER I 722 0.54 -45.95 61.74
CA SER I 722 -0.28 -44.92 62.36
C SER I 722 0.19 -43.52 61.99
N GLU I 723 -0.75 -42.69 61.53
CA GLU I 723 -0.44 -41.29 61.20
C GLU I 723 -0.70 -40.41 62.41
N PRO I 724 0.38 -39.98 63.09
CA PRO I 724 0.32 -39.14 64.29
C PRO I 724 -0.61 -37.93 64.15
N ARG I 725 -0.20 -36.94 63.36
CA ARG I 725 -0.96 -35.71 63.23
C ARG I 725 -1.38 -35.45 61.78
N PRO I 726 -2.35 -34.53 61.60
CA PRO I 726 -2.66 -34.06 60.25
C PRO I 726 -1.56 -33.15 59.73
N ILE I 727 -1.35 -33.13 58.42
CA ILE I 727 -0.30 -32.29 57.84
C ILE I 727 -0.87 -31.20 56.93
N GLY I 728 -0.69 -29.95 57.32
CA GLY I 728 -1.10 -28.82 56.52
C GLY I 728 -0.29 -28.74 55.24
N THR I 729 -0.50 -27.69 54.46
CA THR I 729 0.23 -27.53 53.21
C THR I 729 0.86 -26.14 53.15
N ARG I 730 0.41 -25.27 54.04
CA ARG I 730 0.83 -23.87 54.03
C ARG I 730 1.94 -23.60 55.04
N TYR I 731 3.19 -23.68 54.57
CA TYR I 731 4.36 -23.41 55.40
C TYR I 731 5.21 -22.28 54.81
N LEU I 732 5.03 -22.01 53.53
CA LEU I 732 5.80 -20.98 52.85
C LEU I 732 5.00 -19.70 52.70
N THR I 733 5.67 -18.55 52.72
CA THR I 733 4.98 -17.26 52.69
C THR I 733 5.12 -16.51 51.37
N ARG I 734 3.99 -16.01 50.89
CA ARG I 734 3.94 -15.14 49.73
C ARG I 734 3.14 -13.90 50.10
N ASN I 735 3.38 -12.79 49.41
CA ASN I 735 2.70 -11.54 49.73
C ASN I 735 1.31 -11.45 49.09
N LEU I 736 0.69 -10.29 49.24
CA LEU I 736 -0.62 -10.04 48.63
C LEU I 736 -0.51 -9.11 47.43
N GLY J 217 4.85 44.10 -55.93
CA GLY J 217 6.09 44.55 -56.51
C GLY J 217 6.70 45.72 -55.74
N ALA J 218 8.03 45.72 -55.65
CA ALA J 218 8.75 46.76 -54.93
C ALA J 218 10.10 47.09 -55.57
N ASP J 219 10.21 48.30 -56.11
CA ASP J 219 11.45 48.76 -56.74
C ASP J 219 11.80 50.21 -56.37
N GLY J 220 12.58 50.87 -57.22
CA GLY J 220 13.15 52.16 -56.88
C GLY J 220 12.62 53.39 -57.58
N VAL J 221 13.38 54.48 -57.48
CA VAL J 221 12.98 55.78 -58.01
C VAL J 221 13.16 55.86 -59.51
N GLY J 222 14.38 55.60 -59.98
CA GLY J 222 14.69 55.64 -61.39
C GLY J 222 14.50 54.29 -62.06
N ASN J 223 13.36 53.66 -61.78
CA ASN J 223 13.03 52.36 -62.36
C ASN J 223 11.54 52.23 -62.59
N SER J 224 11.13 52.25 -63.85
CA SER J 224 9.71 52.16 -64.21
C SER J 224 9.05 50.91 -63.65
N SER J 225 7.91 51.09 -62.99
CA SER J 225 7.19 49.98 -62.37
C SER J 225 6.19 49.32 -63.32
N GLY J 226 6.41 49.46 -64.62
CA GLY J 226 5.53 48.86 -65.61
C GLY J 226 5.78 49.32 -67.03
N ASN J 227 5.30 48.54 -67.99
CA ASN J 227 5.43 48.89 -69.41
C ASN J 227 4.10 49.23 -70.06
N TRP J 228 4.17 49.79 -71.26
CA TRP J 228 2.97 50.19 -72.01
C TRP J 228 2.41 49.03 -72.81
N HIS J 229 1.48 48.28 -72.22
CA HIS J 229 0.86 47.17 -72.90
C HIS J 229 -0.49 47.56 -73.48
N CYS J 230 -0.51 47.84 -74.78
CA CYS J 230 -1.77 48.13 -75.47
C CYS J 230 -1.79 47.45 -76.83
N ASP J 231 -2.50 46.35 -76.91
CA ASP J 231 -2.57 45.55 -78.13
C ASP J 231 -3.69 44.54 -78.02
N SER J 232 -4.06 43.96 -79.16
CA SER J 232 -5.06 42.90 -79.17
C SER J 232 -4.81 41.95 -80.33
N GLN J 233 -4.78 40.66 -80.01
CA GLN J 233 -4.66 39.63 -81.02
C GLN J 233 -5.79 38.61 -80.83
N TRP J 234 -6.04 37.82 -81.87
CA TRP J 234 -7.18 36.92 -81.86
C TRP J 234 -6.75 35.45 -81.79
N LEU J 235 -7.61 34.62 -81.22
CA LEU J 235 -7.35 33.19 -81.09
C LEU J 235 -8.38 32.37 -81.85
N GLY J 236 -9.24 33.05 -82.62
CA GLY J 236 -10.28 32.40 -83.38
C GLY J 236 -11.36 31.85 -82.48
N ASP J 237 -10.96 31.44 -81.28
CA ASP J 237 -11.89 30.89 -80.30
C ASP J 237 -12.18 31.95 -79.25
N ARG J 238 -11.28 32.93 -79.15
CA ARG J 238 -11.41 33.98 -78.15
C ARG J 238 -10.47 35.14 -78.52
N VAL J 239 -10.65 36.28 -77.85
CA VAL J 239 -9.84 37.45 -78.12
C VAL J 239 -9.44 38.19 -76.84
N ILE J 240 -8.16 38.56 -76.76
CA ILE J 240 -7.66 39.28 -75.60
C ILE J 240 -7.37 40.73 -75.93
N THR J 241 -8.03 41.62 -75.19
CA THR J 241 -7.87 43.06 -75.40
C THR J 241 -7.05 43.69 -74.28
N THR J 242 -5.89 44.22 -74.65
CA THR J 242 -5.02 44.90 -73.69
C THR J 242 -5.05 46.41 -73.95
N SER J 243 -5.25 47.19 -72.90
CA SER J 243 -5.37 48.63 -73.03
C SER J 243 -4.61 49.38 -71.95
N THR J 244 -3.85 50.40 -72.35
CA THR J 244 -3.10 51.22 -71.42
C THR J 244 -3.35 52.71 -71.71
N ARG J 245 -3.61 53.47 -70.66
CA ARG J 245 -3.85 54.91 -70.80
C ARG J 245 -3.12 55.67 -69.71
N THR J 246 -2.92 56.97 -69.94
CA THR J 246 -2.32 57.82 -68.94
C THR J 246 -3.41 58.56 -68.19
N TRP J 247 -3.31 58.60 -66.86
CA TRP J 247 -4.34 59.22 -66.04
C TRP J 247 -3.76 60.32 -65.16
N ALA J 248 -4.62 61.25 -64.76
CA ALA J 248 -4.23 62.31 -63.83
C ALA J 248 -5.27 62.46 -62.74
N LEU J 249 -4.81 62.68 -61.52
CA LEU J 249 -5.72 62.77 -60.37
C LEU J 249 -5.46 63.99 -59.49
N PRO J 250 -6.46 64.87 -59.38
CA PRO J 250 -6.42 66.05 -58.51
C PRO J 250 -6.73 65.68 -57.07
N THR J 251 -6.74 66.67 -56.20
CA THR J 251 -7.22 66.47 -54.84
C THR J 251 -8.67 66.93 -54.76
N TYR J 252 -9.58 65.98 -54.68
CA TYR J 252 -11.00 66.29 -54.67
C TYR J 252 -11.50 66.69 -53.28
N ASN J 253 -12.53 67.52 -53.25
CA ASN J 253 -13.18 67.92 -52.00
C ASN J 253 -12.22 68.41 -50.92
N ASN J 254 -11.02 68.79 -51.32
CA ASN J 254 -10.05 69.34 -50.37
C ASN J 254 -9.82 68.38 -49.20
N HIS J 255 -9.55 67.12 -49.52
CA HIS J 255 -9.29 66.10 -48.51
C HIS J 255 -10.45 65.97 -47.51
N LEU J 256 -11.66 66.27 -47.97
CA LEU J 256 -12.82 66.28 -47.08
C LEU J 256 -14.02 65.48 -47.61
N TYR J 257 -14.74 64.84 -46.70
CA TYR J 257 -16.02 64.23 -47.02
C TYR J 257 -17.10 65.27 -46.78
N LYS J 258 -17.90 65.53 -47.80
CA LYS J 258 -18.94 66.56 -47.70
C LYS J 258 -20.34 66.00 -47.87
N GLN J 259 -21.25 66.44 -47.01
CA GLN J 259 -22.66 66.08 -47.11
C GLN J 259 -23.34 66.92 -48.19
N ILE J 260 -23.76 66.27 -49.27
CA ILE J 260 -24.47 66.96 -50.34
C ILE J 260 -25.96 66.59 -50.32
N SER J 261 -26.77 67.48 -50.88
CA SER J 261 -28.22 67.29 -50.86
C SER J 261 -28.90 68.20 -51.87
N SER J 262 -30.21 68.04 -52.00
CA SER J 262 -30.99 68.82 -52.94
C SER J 262 -31.16 70.26 -52.46
N GLN J 263 -31.20 71.18 -53.41
CA GLN J 263 -31.36 72.60 -53.11
C GLN J 263 -32.66 72.83 -52.35
N SER J 264 -32.64 73.74 -51.39
CA SER J 264 -33.83 74.07 -50.63
C SER J 264 -34.93 74.60 -51.54
N GLY J 265 -35.79 73.70 -52.01
CA GLY J 265 -36.88 74.06 -52.90
C GLY J 265 -36.43 74.51 -54.27
N ALA J 266 -35.67 73.64 -54.96
CA ALA J 266 -35.25 73.94 -56.33
C ALA J 266 -35.88 72.97 -57.32
N SER J 267 -36.20 71.78 -56.84
CA SER J 267 -36.80 70.77 -57.70
C SER J 267 -37.45 69.66 -56.85
N ASN J 268 -38.46 68.98 -57.40
CA ASN J 268 -39.21 67.97 -56.64
C ASN J 268 -38.89 66.52 -57.00
N ASP J 269 -38.89 66.20 -58.29
CA ASP J 269 -38.57 64.85 -58.74
C ASP J 269 -37.06 64.63 -58.75
N ASN J 270 -36.33 65.67 -58.39
CA ASN J 270 -34.87 65.61 -58.41
C ASN J 270 -34.27 65.77 -57.02
N HIS J 271 -35.10 65.64 -55.99
CA HIS J 271 -34.61 65.67 -54.61
C HIS J 271 -33.63 64.54 -54.37
N TYR J 272 -32.67 64.76 -53.50
CA TYR J 272 -31.65 63.75 -53.22
C TYR J 272 -30.85 64.06 -51.96
N PHE J 273 -30.16 63.04 -51.46
CA PHE J 273 -29.26 63.19 -50.31
C PHE J 273 -28.12 62.19 -50.40
N GLY J 274 -26.90 62.66 -50.23
CA GLY J 274 -25.73 61.80 -50.29
C GLY J 274 -24.47 62.48 -49.79
N TYR J 275 -23.32 62.02 -50.25
CA TYR J 275 -22.05 62.55 -49.81
C TYR J 275 -21.02 62.63 -50.93
N SER J 276 -20.06 63.54 -50.77
CA SER J 276 -18.98 63.69 -51.73
C SER J 276 -17.66 63.28 -51.08
N THR J 277 -16.97 62.33 -51.71
CA THR J 277 -15.74 61.77 -51.14
C THR J 277 -14.50 62.32 -51.82
N PRO J 278 -13.40 62.40 -51.05
CA PRO J 278 -12.10 62.88 -51.55
C PRO J 278 -11.43 61.86 -52.48
N TRP J 279 -12.12 60.74 -52.74
CA TRP J 279 -11.54 59.67 -53.55
C TRP J 279 -11.91 59.80 -55.03
N GLY J 280 -11.05 59.27 -55.89
CA GLY J 280 -11.33 59.15 -57.31
C GLY J 280 -11.52 57.69 -57.62
N TYR J 281 -11.79 57.37 -58.88
CA TYR J 281 -12.02 55.98 -59.26
C TYR J 281 -11.70 55.72 -60.72
N PHE J 282 -11.44 54.46 -61.05
CA PHE J 282 -11.14 54.07 -62.42
C PHE J 282 -12.35 53.41 -63.06
N ASP J 283 -12.56 53.67 -64.34
CA ASP J 283 -13.68 53.11 -65.06
C ASP J 283 -13.34 52.85 -66.52
N PHE J 284 -13.91 51.77 -67.06
CA PHE J 284 -13.71 51.43 -68.46
C PHE J 284 -14.94 50.68 -68.96
N ASN J 285 -16.09 51.02 -68.40
CA ASN J 285 -17.35 50.38 -68.75
C ASN J 285 -17.88 50.84 -70.11
N ARG J 286 -16.96 51.04 -71.04
CA ARG J 286 -17.31 51.38 -72.42
C ARG J 286 -16.51 50.46 -73.33
N PHE J 287 -17.15 49.95 -74.38
CA PHE J 287 -16.48 49.01 -75.26
C PHE J 287 -15.27 49.63 -75.97
N HIS J 288 -15.37 50.91 -76.31
CA HIS J 288 -14.29 51.58 -77.04
C HIS J 288 -13.05 51.75 -76.17
N CYS J 289 -13.18 51.42 -74.89
CA CYS J 289 -12.06 51.42 -73.97
C CYS J 289 -11.09 50.29 -74.31
N HIS J 290 -11.61 49.24 -74.93
CA HIS J 290 -10.84 48.01 -75.13
C HIS J 290 -10.67 47.65 -76.61
N PHE J 291 -11.75 47.77 -77.38
CA PHE J 291 -11.70 47.46 -78.81
C PHE J 291 -11.40 48.68 -79.65
N SER J 292 -10.57 48.51 -80.67
CA SER J 292 -10.35 49.56 -81.65
C SER J 292 -11.47 49.48 -82.68
N PRO J 293 -11.66 50.56 -83.45
CA PRO J 293 -12.67 50.54 -84.53
C PRO J 293 -12.53 49.30 -85.40
N ARG J 294 -11.31 49.01 -85.84
CA ARG J 294 -11.06 47.86 -86.71
C ARG J 294 -11.43 46.54 -86.03
N ASP J 295 -10.94 46.32 -84.82
CA ASP J 295 -11.24 45.11 -84.07
C ASP J 295 -12.74 44.90 -83.95
N TRP J 296 -13.43 45.97 -83.57
CA TRP J 296 -14.87 45.92 -83.43
C TRP J 296 -15.50 45.44 -84.72
N GLN J 297 -14.93 45.83 -85.85
CA GLN J 297 -15.42 45.40 -87.16
C GLN J 297 -15.30 43.88 -87.32
N ARG J 298 -14.08 43.37 -87.13
CA ARG J 298 -13.85 41.94 -87.20
C ARG J 298 -14.84 41.20 -86.31
N LEU J 299 -14.92 41.63 -85.06
CA LEU J 299 -15.82 41.06 -84.09
C LEU J 299 -17.25 41.00 -84.63
N ILE J 300 -17.79 42.16 -84.97
CA ILE J 300 -19.18 42.28 -85.41
C ILE J 300 -19.50 41.40 -86.63
N ASN J 301 -18.64 41.46 -87.63
CA ASN J 301 -18.92 40.83 -88.92
C ASN J 301 -18.67 39.33 -88.96
N ASN J 302 -18.22 38.76 -87.86
CA ASN J 302 -17.77 37.35 -87.89
C ASN J 302 -18.38 36.43 -86.84
N ASN J 303 -18.88 36.98 -85.74
CA ASN J 303 -19.29 36.16 -84.61
C ASN J 303 -20.77 36.21 -84.22
N TRP J 304 -21.37 35.04 -84.06
CA TRP J 304 -22.74 34.90 -83.58
C TRP J 304 -22.95 35.68 -82.28
N GLY J 305 -21.96 35.61 -81.39
CA GLY J 305 -22.05 36.26 -80.09
C GLY J 305 -20.70 36.31 -79.38
N PHE J 306 -20.66 36.97 -78.23
CA PHE J 306 -19.42 37.11 -77.46
C PHE J 306 -19.70 37.42 -75.98
N ARG J 307 -18.65 37.36 -75.17
CA ARG J 307 -18.78 37.59 -73.73
C ARG J 307 -17.44 37.84 -73.06
N PRO J 308 -17.46 38.45 -71.87
CA PRO J 308 -16.26 38.69 -71.04
C PRO J 308 -15.86 37.43 -70.28
N LYS J 309 -14.56 37.28 -70.03
CA LYS J 309 -14.05 36.11 -69.32
C LYS J 309 -13.16 36.46 -68.12
N LYS J 310 -12.00 37.05 -68.41
CA LYS J 310 -11.04 37.38 -67.35
C LYS J 310 -10.73 38.87 -67.34
N LEU J 311 -9.94 39.30 -66.35
CA LEU J 311 -9.60 40.70 -66.18
C LEU J 311 -8.26 40.90 -65.46
N SER J 312 -7.46 41.85 -65.93
CA SER J 312 -6.18 42.15 -65.32
C SER J 312 -5.97 43.65 -65.18
N PHE J 313 -5.96 44.13 -63.94
CA PHE J 313 -5.81 45.55 -63.66
C PHE J 313 -4.43 45.87 -63.11
N LYS J 314 -3.80 46.89 -63.67
CA LYS J 314 -2.44 47.25 -63.26
C LYS J 314 -2.23 48.76 -63.20
N LEU J 315 -1.67 49.23 -62.09
CA LEU J 315 -1.32 50.64 -61.90
C LEU J 315 0.18 50.79 -61.72
N PHE J 316 0.78 51.74 -62.43
CA PHE J 316 2.23 51.88 -62.42
C PHE J 316 2.73 53.27 -62.84
N ASN J 317 4.05 53.41 -62.85
CA ASN J 317 4.72 54.65 -63.25
C ASN J 317 4.14 55.87 -62.57
N ILE J 318 3.84 55.74 -61.28
CA ILE J 318 3.21 56.79 -60.50
C ILE J 318 4.17 57.94 -60.18
N GLN J 319 3.69 59.16 -60.34
CA GLN J 319 4.45 60.36 -60.04
C GLN J 319 3.57 61.33 -59.27
N VAL J 320 4.08 61.84 -58.15
CA VAL J 320 3.33 62.81 -57.37
C VAL J 320 3.95 64.20 -57.48
N LYS J 321 3.28 65.09 -58.20
CA LYS J 321 3.74 66.46 -58.37
C LYS J 321 3.01 67.39 -57.42
N GLU J 322 3.76 68.21 -56.71
CA GLU J 322 3.17 69.22 -55.83
C GLU J 322 3.39 70.61 -56.42
N VAL J 323 2.33 71.41 -56.44
CA VAL J 323 2.38 72.73 -57.07
C VAL J 323 2.33 73.87 -56.05
N THR J 324 3.04 74.94 -56.37
CA THR J 324 3.05 76.11 -55.50
C THR J 324 2.88 77.40 -56.30
N GLN J 325 1.92 78.21 -55.90
CA GLN J 325 1.70 79.51 -56.51
C GLN J 325 2.44 80.58 -55.72
N ASN J 326 3.64 80.93 -56.18
CA ASN J 326 4.51 81.86 -55.45
C ASN J 326 4.10 83.33 -55.59
N ASP J 327 4.27 83.88 -56.78
CA ASP J 327 3.87 85.25 -57.05
C ASP J 327 2.75 85.28 -58.08
N GLY J 328 3.13 85.23 -59.34
CA GLY J 328 2.17 85.10 -60.44
C GLY J 328 2.58 83.94 -61.32
N THR J 329 3.36 83.03 -60.74
CA THR J 329 3.89 81.89 -61.47
C THR J 329 3.67 80.57 -60.73
N THR J 330 3.02 79.62 -61.38
CA THR J 330 2.82 78.30 -60.80
C THR J 330 3.99 77.38 -61.13
N THR J 331 4.72 76.98 -60.09
CA THR J 331 5.82 76.05 -60.25
C THR J 331 5.41 74.64 -59.82
N ILE J 332 5.77 73.66 -60.63
CA ILE J 332 5.44 72.26 -60.33
C ILE J 332 6.71 71.44 -60.20
N ALA J 333 6.79 70.64 -59.14
CA ALA J 333 7.98 69.83 -58.88
C ALA J 333 7.64 68.44 -58.36
N ASN J 334 8.67 67.69 -57.97
CA ASN J 334 8.51 66.33 -57.49
C ASN J 334 8.51 66.20 -55.97
N ASN J 335 7.46 65.61 -55.44
CA ASN J 335 7.42 65.24 -54.03
C ASN J 335 7.56 63.72 -53.93
N LEU J 336 8.80 63.25 -53.98
CA LEU J 336 9.06 61.82 -54.05
C LEU J 336 8.53 61.05 -52.84
N THR J 337 8.69 61.62 -51.66
CA THR J 337 8.30 60.94 -50.42
C THR J 337 6.78 60.90 -50.21
N SER J 338 6.02 61.31 -51.22
CA SER J 338 4.57 61.31 -51.10
C SER J 338 3.97 60.03 -51.67
N THR J 339 2.81 59.64 -51.14
CA THR J 339 2.18 58.38 -51.53
C THR J 339 0.77 58.58 -52.10
N VAL J 340 0.24 57.51 -52.69
CA VAL J 340 -1.12 57.49 -53.18
C VAL J 340 -1.78 56.21 -52.64
N GLN J 341 -3.10 56.20 -52.55
CA GLN J 341 -3.79 55.07 -51.94
C GLN J 341 -4.81 54.40 -52.85
N VAL J 342 -4.71 53.08 -52.97
CA VAL J 342 -5.62 52.30 -53.81
C VAL J 342 -6.27 51.18 -53.01
N PHE J 343 -7.51 50.85 -53.35
CA PHE J 343 -8.15 49.66 -52.84
C PHE J 343 -9.37 49.28 -53.69
N THR J 344 -9.70 48.00 -53.70
CA THR J 344 -10.76 47.50 -54.55
C THR J 344 -11.91 46.94 -53.72
N ASP J 345 -13.10 47.49 -53.94
CA ASP J 345 -14.30 47.03 -53.26
C ASP J 345 -14.72 45.66 -53.79
N SER J 346 -14.14 44.60 -53.23
CA SER J 346 -14.41 43.24 -53.69
C SER J 346 -15.50 42.58 -52.85
N GLU J 347 -15.73 43.13 -51.65
CA GLU J 347 -16.80 42.64 -50.80
C GLU J 347 -18.11 43.33 -51.15
N TYR J 348 -18.03 44.24 -52.12
CA TYR J 348 -19.18 45.01 -52.57
C TYR J 348 -19.89 45.70 -51.43
N GLN J 349 -19.13 46.43 -50.63
CA GLN J 349 -19.69 47.10 -49.45
C GLN J 349 -19.90 48.59 -49.71
N LEU J 350 -19.24 49.11 -50.74
CA LEU J 350 -19.45 50.49 -51.16
C LEU J 350 -20.48 50.53 -52.28
N PRO J 351 -21.39 51.52 -52.23
CA PRO J 351 -22.43 51.68 -53.25
C PRO J 351 -21.85 51.60 -54.65
N TYR J 352 -22.36 50.69 -55.46
CA TYR J 352 -21.88 50.53 -56.83
C TYR J 352 -22.41 51.66 -57.70
N VAL J 353 -21.50 52.54 -58.11
CA VAL J 353 -21.87 53.74 -58.84
C VAL J 353 -21.56 53.60 -60.33
N LEU J 354 -21.00 52.45 -60.70
CA LEU J 354 -20.69 52.18 -62.10
C LEU J 354 -21.91 51.64 -62.83
N GLY J 355 -21.83 51.58 -64.15
CA GLY J 355 -22.94 51.10 -64.95
C GLY J 355 -24.09 52.08 -64.97
N SER J 356 -23.77 53.36 -64.91
CA SER J 356 -24.78 54.42 -64.95
C SER J 356 -24.47 55.44 -66.05
N ALA J 357 -23.69 55.02 -67.04
CA ALA J 357 -23.38 55.84 -68.20
C ALA J 357 -22.61 57.12 -67.85
N HIS J 358 -21.98 57.13 -66.68
CA HIS J 358 -21.21 58.30 -66.27
C HIS J 358 -19.97 58.48 -67.13
N GLN J 359 -19.40 59.68 -67.07
CA GLN J 359 -18.21 59.99 -67.86
C GLN J 359 -16.96 59.82 -67.02
N GLY J 360 -15.80 59.80 -67.67
CA GLY J 360 -14.54 59.62 -66.99
C GLY J 360 -13.90 58.28 -67.27
N CYS J 361 -14.46 57.57 -68.25
CA CYS J 361 -13.92 56.28 -68.66
C CYS J 361 -12.55 56.46 -69.31
N LEU J 362 -12.03 55.38 -69.88
CA LEU J 362 -10.78 55.46 -70.61
C LEU J 362 -11.03 56.02 -72.00
N PRO J 363 -10.14 56.91 -72.45
CA PRO J 363 -10.27 57.53 -73.78
C PRO J 363 -10.33 56.49 -74.89
N PRO J 364 -11.23 56.67 -75.87
CA PRO J 364 -11.28 55.75 -77.01
C PRO J 364 -9.92 55.70 -77.70
N PHE J 365 -9.34 56.87 -77.91
CA PHE J 365 -8.02 56.97 -78.53
C PHE J 365 -6.93 56.83 -77.47
N PRO J 366 -5.98 55.92 -77.72
CA PRO J 366 -4.91 55.57 -76.79
C PRO J 366 -4.01 56.76 -76.42
N ALA J 367 -3.78 57.65 -77.37
CA ALA J 367 -2.88 58.78 -77.15
C ALA J 367 -3.47 59.85 -76.22
N ASP J 368 -4.79 59.80 -76.02
CA ASP J 368 -5.45 60.80 -75.19
C ASP J 368 -5.22 60.58 -73.69
N VAL J 369 -5.12 61.67 -72.95
CA VAL J 369 -4.99 61.61 -71.50
C VAL J 369 -6.33 61.95 -70.85
N PHE J 370 -6.60 61.34 -69.70
CA PHE J 370 -7.89 61.56 -69.02
C PHE J 370 -7.74 61.94 -67.55
N MET J 371 -8.75 62.60 -67.02
CA MET J 371 -8.79 62.98 -65.61
C MET J 371 -9.59 61.94 -64.85
N VAL J 372 -9.06 61.48 -63.72
CA VAL J 372 -9.74 60.48 -62.91
C VAL J 372 -10.92 61.09 -62.15
N PRO J 373 -12.14 60.60 -62.42
CA PRO J 373 -13.39 61.12 -61.84
C PRO J 373 -13.40 61.10 -60.33
N GLN J 374 -14.38 61.75 -59.73
CA GLN J 374 -14.53 61.76 -58.27
C GLN J 374 -15.67 60.84 -57.82
N TYR J 375 -15.51 60.25 -56.65
CA TYR J 375 -16.51 59.34 -56.13
C TYR J 375 -17.58 60.08 -55.32
N GLY J 376 -18.84 59.83 -55.68
CA GLY J 376 -19.97 60.38 -54.96
C GLY J 376 -21.11 59.40 -54.97
N TYR J 377 -21.80 59.26 -53.84
CA TYR J 377 -22.88 58.29 -53.76
C TYR J 377 -24.15 58.87 -53.14
N LEU J 378 -25.26 58.19 -53.39
CA LEU J 378 -26.56 58.63 -52.89
C LEU J 378 -27.08 57.67 -51.84
N THR J 379 -28.10 58.09 -51.10
CA THR J 379 -28.68 57.26 -50.07
C THR J 379 -30.19 57.49 -50.00
N LEU J 380 -30.85 56.70 -49.16
CA LEU J 380 -32.28 56.85 -48.94
C LEU J 380 -32.57 58.27 -48.48
N ASN J 381 -33.60 58.89 -49.05
CA ASN J 381 -33.95 60.26 -48.69
C ASN J 381 -35.46 60.53 -48.67
N ASN J 382 -35.86 61.47 -47.82
CA ASN J 382 -37.25 61.92 -47.75
C ASN J 382 -37.36 63.37 -48.18
N GLY J 383 -37.33 63.59 -49.49
CA GLY J 383 -37.28 64.93 -50.03
C GLY J 383 -35.86 65.45 -49.99
N SER J 384 -35.67 66.60 -49.37
CA SER J 384 -34.34 67.17 -49.19
C SER J 384 -33.67 66.57 -47.96
N GLN J 385 -34.49 65.97 -47.10
CA GLN J 385 -34.00 65.37 -45.86
C GLN J 385 -33.63 63.90 -46.06
N ALA J 386 -33.05 63.32 -45.02
CA ALA J 386 -32.67 61.91 -45.04
C ALA J 386 -33.41 61.16 -43.95
N VAL J 387 -33.46 59.84 -44.08
CA VAL J 387 -34.11 58.99 -43.08
C VAL J 387 -33.05 58.45 -42.12
N GLY J 388 -33.49 57.91 -40.99
CA GLY J 388 -32.57 57.32 -40.04
C GLY J 388 -31.90 56.06 -40.57
N ARG J 389 -32.51 55.47 -41.59
CA ARG J 389 -31.98 54.25 -42.20
C ARG J 389 -30.95 54.53 -43.28
N SER J 390 -30.64 55.81 -43.51
CA SER J 390 -29.63 56.17 -44.49
C SER J 390 -28.25 55.70 -44.04
N SER J 391 -27.30 55.65 -44.97
CA SER J 391 -25.98 55.11 -44.67
C SER J 391 -24.84 56.05 -45.07
N PHE J 392 -23.91 56.27 -44.15
CA PHE J 392 -22.73 57.10 -44.39
C PHE J 392 -21.50 56.21 -44.51
N TYR J 393 -20.76 56.37 -45.60
CA TYR J 393 -19.60 55.54 -45.87
C TYR J 393 -18.28 56.31 -45.89
N CYS J 394 -17.31 55.80 -45.13
CA CYS J 394 -15.97 56.38 -45.12
C CYS J 394 -14.99 55.39 -45.75
N LEU J 395 -14.39 55.80 -46.86
CA LEU J 395 -13.48 54.93 -47.59
C LEU J 395 -12.12 54.82 -46.91
N GLU J 396 -11.96 55.54 -45.81
CA GLU J 396 -10.72 55.49 -45.04
C GLU J 396 -10.78 54.31 -44.08
N TYR J 397 -11.99 53.83 -43.82
CA TYR J 397 -12.20 52.67 -42.94
C TYR J 397 -12.03 51.39 -43.73
N PHE J 398 -11.48 51.52 -44.94
CA PHE J 398 -11.14 50.38 -45.77
C PHE J 398 -9.63 50.26 -45.84
N PRO J 399 -9.12 49.03 -45.65
CA PRO J 399 -7.70 48.77 -45.85
C PRO J 399 -7.29 49.12 -47.27
N SER J 400 -6.31 50.00 -47.43
CA SER J 400 -5.83 50.39 -48.75
C SER J 400 -4.31 50.32 -48.84
N GLN J 401 -3.82 50.02 -50.03
CA GLN J 401 -2.38 49.95 -50.28
C GLN J 401 -1.87 51.33 -50.66
N MET J 402 -0.87 51.81 -49.93
CA MET J 402 -0.24 53.10 -50.22
C MET J 402 1.01 52.91 -51.07
N LEU J 403 1.14 53.72 -52.11
CA LEU J 403 2.23 53.56 -53.08
C LEU J 403 3.08 54.82 -53.20
N ARG J 404 4.39 54.62 -53.17
CA ARG J 404 5.35 55.69 -53.45
C ARG J 404 5.77 55.53 -54.91
N THR J 405 6.64 56.41 -55.39
CA THR J 405 7.12 56.31 -56.76
C THR J 405 7.98 55.05 -56.92
N GLY J 406 7.54 54.14 -57.78
CA GLY J 406 8.25 52.89 -57.97
C GLY J 406 7.42 51.73 -57.45
N ASN J 407 6.32 52.05 -56.79
CA ASN J 407 5.36 51.04 -56.37
C ASN J 407 4.29 50.84 -57.43
N ASN J 408 3.71 49.65 -57.48
CA ASN J 408 2.65 49.37 -58.44
C ASN J 408 1.49 48.59 -57.82
N PHE J 409 0.36 48.58 -58.49
CA PHE J 409 -0.84 47.92 -57.99
C PHE J 409 -1.30 46.83 -58.94
N GLN J 410 -1.69 45.68 -58.38
CA GLN J 410 -2.05 44.52 -59.19
C GLN J 410 -3.43 43.99 -58.80
N PHE J 411 -4.20 43.54 -59.80
CA PHE J 411 -5.53 43.00 -59.52
C PHE J 411 -6.06 42.10 -60.64
N SER J 412 -6.54 40.91 -60.27
CA SER J 412 -7.12 39.96 -61.22
C SER J 412 -8.54 39.55 -60.84
N TYR J 413 -9.42 39.53 -61.84
CA TYR J 413 -10.84 39.26 -61.63
C TYR J 413 -11.34 38.23 -62.65
N THR J 414 -12.36 37.48 -62.26
CA THR J 414 -12.92 36.45 -63.14
C THR J 414 -14.44 36.59 -63.30
N PHE J 415 -14.87 36.93 -64.52
CA PHE J 415 -16.29 37.09 -64.81
C PHE J 415 -17.08 35.83 -64.53
N GLU J 416 -18.34 35.99 -64.14
CA GLU J 416 -19.22 34.88 -63.91
C GLU J 416 -19.82 34.40 -65.22
N ASP J 417 -20.66 33.37 -65.15
CA ASP J 417 -21.35 32.87 -66.34
C ASP J 417 -22.46 33.82 -66.77
N VAL J 418 -22.32 34.41 -67.95
CA VAL J 418 -23.32 35.33 -68.46
C VAL J 418 -23.53 35.13 -69.97
N PRO J 419 -24.79 34.91 -70.37
CA PRO J 419 -25.21 34.61 -71.74
C PRO J 419 -24.58 35.51 -72.81
N PHE J 420 -24.12 34.90 -73.91
CA PHE J 420 -23.55 35.63 -75.03
C PHE J 420 -24.48 36.75 -75.47
N HIS J 421 -23.91 37.82 -75.98
CA HIS J 421 -24.73 38.87 -76.58
C HIS J 421 -25.15 38.46 -77.98
N SER J 422 -26.25 39.04 -78.45
CA SER J 422 -26.76 38.74 -79.78
C SER J 422 -26.08 39.61 -80.84
N SER J 423 -24.99 39.10 -81.41
CA SER J 423 -24.33 39.76 -82.51
C SER J 423 -24.94 39.27 -83.82
N TYR J 424 -26.22 38.90 -83.74
CA TYR J 424 -26.95 38.37 -84.89
C TYR J 424 -28.34 38.99 -85.00
N ALA J 425 -28.96 38.81 -86.16
CA ALA J 425 -30.34 39.25 -86.38
C ALA J 425 -31.10 38.15 -87.10
N HIS J 426 -32.35 37.93 -86.71
CA HIS J 426 -33.14 36.83 -87.27
C HIS J 426 -33.54 37.05 -88.72
N SER J 427 -33.36 36.01 -89.53
CA SER J 427 -33.75 36.06 -90.94
C SER J 427 -35.21 35.62 -91.10
N GLN J 428 -35.77 35.06 -90.04
CA GLN J 428 -37.18 34.66 -90.02
C GLN J 428 -37.97 35.61 -89.11
N SER J 429 -39.30 35.49 -89.15
CA SER J 429 -40.15 36.29 -88.28
C SER J 429 -41.03 35.39 -87.41
N LEU J 430 -41.58 35.93 -86.33
CA LEU J 430 -42.44 35.17 -85.44
C LEU J 430 -43.70 34.66 -86.14
N ASP J 431 -44.35 35.54 -86.89
CA ASP J 431 -45.57 35.20 -87.59
C ASP J 431 -45.29 34.50 -88.93
N ARG J 432 -44.09 34.70 -89.45
CA ARG J 432 -43.70 34.09 -90.71
C ARG J 432 -42.77 32.91 -90.49
N LEU J 433 -43.20 31.95 -89.67
CA LEU J 433 -42.35 30.84 -89.26
C LEU J 433 -42.77 29.53 -89.92
N MET J 434 -44.03 29.43 -90.32
CA MET J 434 -44.58 28.20 -90.86
C MET J 434 -44.21 27.92 -92.32
N ASN J 435 -44.93 26.97 -92.92
CA ASN J 435 -44.66 26.55 -94.30
C ASN J 435 -45.59 27.22 -95.29
N PRO J 436 -44.99 27.96 -96.24
CA PRO J 436 -45.71 28.69 -97.30
C PRO J 436 -46.49 27.78 -98.26
N LEU J 437 -46.12 26.50 -98.31
CA LEU J 437 -46.68 25.60 -99.31
C LEU J 437 -47.81 24.73 -98.78
N ILE J 438 -47.70 24.30 -97.53
CA ILE J 438 -48.68 23.37 -96.96
C ILE J 438 -49.67 24.08 -96.06
N ASP J 439 -50.88 23.54 -95.98
CA ASP J 439 -51.93 24.11 -95.15
C ASP J 439 -51.94 23.45 -93.78
N GLN J 440 -52.44 24.17 -92.78
CA GLN J 440 -52.58 23.61 -91.44
C GLN J 440 -53.76 22.64 -91.39
N TYR J 441 -53.72 21.71 -90.44
CA TYR J 441 -54.83 20.78 -90.26
C TYR J 441 -55.74 21.29 -89.14
N LEU J 442 -55.43 22.46 -88.62
CA LEU J 442 -56.24 23.09 -87.59
C LEU J 442 -57.27 24.03 -88.20
N TYR J 443 -58.36 24.25 -87.47
CA TYR J 443 -59.44 25.10 -87.96
C TYR J 443 -59.67 26.31 -87.07
N TYR J 444 -60.03 27.43 -87.70
CA TYR J 444 -60.35 28.65 -86.99
C TYR J 444 -61.67 29.18 -87.52
N LEU J 445 -62.34 30.04 -86.75
CA LEU J 445 -63.58 30.64 -87.20
C LEU J 445 -63.30 32.00 -87.85
N ASN J 446 -63.84 32.20 -89.06
CA ASN J 446 -63.58 33.43 -89.80
C ASN J 446 -64.84 34.12 -90.29
N ARG J 447 -65.98 33.45 -90.16
CA ARG J 447 -67.26 34.01 -90.58
C ARG J 447 -68.32 33.78 -89.50
N THR J 448 -68.91 34.87 -89.03
CA THR J 448 -69.92 34.80 -87.98
C THR J 448 -71.34 35.00 -88.53
N GLN J 449 -71.44 35.82 -89.57
CA GLN J 449 -72.75 36.10 -90.18
C GLN J 449 -72.72 35.98 -91.70
N GLY J 450 -71.84 36.74 -92.35
CA GLY J 450 -71.79 36.81 -93.80
C GLY J 450 -71.87 35.46 -94.48
N THR J 451 -73.08 35.08 -94.88
CA THR J 451 -73.30 33.81 -95.58
C THR J 451 -73.62 34.11 -97.04
N THR J 452 -74.25 33.14 -97.70
CA THR J 452 -74.82 33.37 -99.02
C THR J 452 -75.89 34.43 -98.87
N SER J 453 -75.46 35.68 -98.68
CA SER J 453 -76.33 36.76 -98.24
C SER J 453 -77.30 37.23 -99.32
N GLY J 454 -78.57 36.90 -99.15
CA GLY J 454 -79.62 37.33 -100.06
C GLY J 454 -80.98 37.08 -99.46
N THR J 455 -81.36 35.81 -99.35
CA THR J 455 -82.62 35.39 -98.76
C THR J 455 -82.34 34.69 -97.43
N THR J 456 -83.08 35.07 -96.39
CA THR J 456 -83.07 34.37 -95.10
C THR J 456 -81.66 34.01 -94.61
N ASN J 457 -80.72 34.93 -94.75
CA ASN J 457 -79.36 34.68 -94.30
C ASN J 457 -78.85 35.74 -93.33
N GLN J 458 -79.29 35.62 -92.08
CA GLN J 458 -78.88 36.53 -91.02
C GLN J 458 -77.47 36.19 -90.54
N SER J 459 -77.31 35.00 -89.95
CA SER J 459 -76.02 34.60 -89.38
C SER J 459 -75.81 33.09 -89.40
N ARG J 460 -74.54 32.69 -89.43
CA ARG J 460 -74.17 31.28 -89.45
C ARG J 460 -72.70 31.12 -89.04
N LEU J 461 -72.43 30.10 -88.23
CA LEU J 461 -71.06 29.86 -87.76
C LEU J 461 -70.26 29.06 -88.79
N LEU J 462 -69.25 29.68 -89.36
CA LEU J 462 -68.45 29.05 -90.41
C LEU J 462 -66.95 29.05 -90.10
N PHE J 463 -66.33 27.90 -90.29
CA PHE J 463 -64.91 27.71 -89.96
C PHE J 463 -64.08 27.43 -91.21
N SER J 464 -62.83 27.89 -91.20
CA SER J 464 -61.92 27.66 -92.31
C SER J 464 -60.65 26.94 -91.86
N GLN J 465 -60.10 26.11 -92.73
CA GLN J 465 -58.82 25.46 -92.50
C GLN J 465 -57.70 26.40 -92.92
N ALA J 466 -56.78 26.66 -91.98
CA ALA J 466 -55.67 27.58 -92.24
C ALA J 466 -54.88 27.17 -93.48
N GLY J 467 -54.57 28.15 -94.33
CA GLY J 467 -53.77 27.91 -95.52
C GLY J 467 -52.71 28.97 -95.65
N PRO J 468 -51.86 28.86 -96.68
CA PRO J 468 -50.83 29.88 -96.94
C PRO J 468 -51.52 31.19 -97.26
N GLN J 469 -52.77 31.08 -97.66
CA GLN J 469 -53.58 32.24 -98.01
C GLN J 469 -54.04 32.96 -96.75
N SER J 470 -54.44 32.20 -95.73
CA SER J 470 -54.79 32.77 -94.43
C SER J 470 -53.55 32.84 -93.55
N MET J 471 -52.58 33.65 -93.95
CA MET J 471 -51.28 33.66 -93.31
C MET J 471 -51.27 34.30 -91.93
N SER J 472 -51.98 35.42 -91.77
CA SER J 472 -52.03 36.11 -90.48
C SER J 472 -53.23 35.65 -89.66
N LEU J 473 -53.69 34.44 -89.93
CA LEU J 473 -54.83 33.87 -89.23
C LEU J 473 -54.53 32.49 -88.69
N GLN J 474 -53.42 31.91 -89.13
CA GLN J 474 -53.05 30.56 -88.74
C GLN J 474 -52.77 30.44 -87.25
N ALA J 475 -52.95 29.23 -86.72
CA ALA J 475 -52.64 28.96 -85.32
C ALA J 475 -51.18 29.27 -85.04
N ARG J 476 -50.91 29.74 -83.82
CA ARG J 476 -49.57 30.18 -83.47
C ARG J 476 -49.08 29.47 -82.21
N ASN J 477 -47.76 29.34 -82.09
CA ASN J 477 -47.15 28.69 -80.92
C ASN J 477 -46.44 29.65 -79.97
N TRP J 478 -46.22 30.88 -80.43
CA TRP J 478 -45.40 31.83 -79.66
C TRP J 478 -45.92 33.26 -79.77
N LEU J 479 -45.58 34.08 -78.77
CA LEU J 479 -45.94 35.50 -78.78
C LEU J 479 -44.71 36.40 -78.83
N PRO J 480 -44.91 37.69 -79.17
CA PRO J 480 -43.84 38.68 -79.18
C PRO J 480 -43.45 39.08 -77.76
N GLY J 481 -42.35 39.82 -77.62
CA GLY J 481 -41.87 40.24 -76.32
C GLY J 481 -42.79 41.26 -75.67
N PRO J 482 -42.61 41.50 -74.38
CA PRO J 482 -43.39 42.47 -73.60
C PRO J 482 -43.29 43.87 -74.20
N CYS J 483 -44.03 44.82 -73.66
CA CYS J 483 -44.02 46.18 -74.20
C CYS J 483 -44.42 47.25 -73.18
N TYR J 484 -44.00 48.48 -73.46
CA TYR J 484 -44.37 49.65 -72.67
C TYR J 484 -44.37 50.85 -73.61
N ARG J 485 -45.52 51.13 -74.21
CA ARG J 485 -45.63 52.10 -75.28
C ARG J 485 -44.86 53.40 -75.03
N GLN J 486 -44.12 53.84 -76.04
CA GLN J 486 -43.41 55.12 -76.00
C GLN J 486 -44.07 56.07 -76.99
N GLN J 487 -43.89 57.37 -76.78
CA GLN J 487 -44.46 58.36 -77.69
C GLN J 487 -43.62 58.47 -78.97
N ARG J 488 -44.29 58.69 -80.10
CA ARG J 488 -43.61 58.78 -81.38
C ARG J 488 -43.11 60.19 -81.67
N LEU J 489 -41.84 60.31 -82.04
CA LEU J 489 -41.26 61.60 -82.40
C LEU J 489 -40.70 61.57 -83.80
N SER J 490 -40.73 62.72 -84.47
CA SER J 490 -40.15 62.82 -85.80
C SER J 490 -38.88 63.67 -85.75
N LYS J 491 -37.92 63.33 -86.61
CA LYS J 491 -36.69 64.09 -86.70
C LYS J 491 -36.95 65.40 -87.43
N THR J 492 -38.00 65.43 -88.24
CA THR J 492 -38.43 66.64 -88.91
C THR J 492 -39.21 67.52 -87.94
N ALA J 493 -38.61 68.66 -87.59
CA ALA J 493 -39.13 69.51 -86.53
C ALA J 493 -40.43 70.24 -86.89
N ASN J 494 -41.24 69.64 -87.77
CA ASN J 494 -42.51 70.25 -88.13
C ASN J 494 -43.65 69.23 -88.22
N ASP J 495 -43.30 67.96 -88.16
CA ASP J 495 -44.31 66.91 -88.15
C ASP J 495 -44.94 66.87 -86.76
N ASN J 496 -44.20 67.36 -85.77
CA ASN J 496 -44.58 67.22 -84.37
C ASN J 496 -45.59 68.26 -83.90
N ASN J 497 -46.20 67.98 -82.75
CA ASN J 497 -47.16 68.89 -82.13
C ASN J 497 -46.45 70.12 -81.59
N ASN J 498 -47.05 71.29 -81.80
CA ASN J 498 -46.47 72.54 -81.33
C ASN J 498 -46.67 72.72 -79.82
N SER J 499 -46.09 71.78 -79.06
CA SER J 499 -46.16 71.81 -77.59
C SER J 499 -44.97 71.09 -76.99
N ASN J 500 -44.52 71.56 -75.83
CA ASN J 500 -43.38 70.95 -75.13
C ASN J 500 -43.82 69.81 -74.21
N PHE J 501 -43.64 68.58 -74.68
CA PHE J 501 -44.15 67.40 -73.97
C PHE J 501 -43.10 66.34 -73.62
N PRO J 502 -41.82 66.75 -73.43
CA PRO J 502 -40.80 65.73 -73.16
C PRO J 502 -40.86 65.24 -71.73
N TRP J 503 -41.89 65.66 -70.99
CA TRP J 503 -42.03 65.24 -69.59
C TRP J 503 -43.49 64.97 -69.24
N THR J 504 -44.38 65.77 -69.81
CA THR J 504 -45.81 65.67 -69.52
C THR J 504 -46.51 64.64 -70.41
N ALA J 505 -45.79 64.12 -71.38
CA ALA J 505 -46.37 63.14 -72.31
C ALA J 505 -45.49 61.91 -72.49
N ALA J 506 -44.37 61.88 -71.79
CA ALA J 506 -43.44 60.75 -71.88
C ALA J 506 -43.80 59.67 -70.85
N SER J 507 -43.49 58.42 -71.19
CA SER J 507 -43.74 57.30 -70.30
C SER J 507 -42.78 57.30 -69.12
N LYS J 508 -43.33 57.23 -67.92
CA LYS J 508 -42.53 57.36 -66.71
C LYS J 508 -43.07 56.46 -65.60
N TYR J 509 -42.25 56.19 -64.60
CA TYR J 509 -42.68 55.41 -63.44
C TYR J 509 -42.48 56.24 -62.20
N HIS J 510 -43.04 55.81 -61.08
CA HIS J 510 -42.86 56.55 -59.84
C HIS J 510 -42.75 55.62 -58.62
N LEU J 511 -41.77 55.93 -57.77
CA LEU J 511 -41.55 55.18 -56.55
C LEU J 511 -41.51 56.14 -55.37
N ASN J 512 -42.20 55.79 -54.29
CA ASN J 512 -42.20 56.62 -53.10
C ASN J 512 -42.78 58.00 -53.39
N GLY J 513 -43.66 58.06 -54.40
CA GLY J 513 -44.27 59.30 -54.80
C GLY J 513 -43.32 60.20 -55.58
N ARG J 514 -42.35 59.58 -56.26
CA ARG J 514 -41.35 60.32 -57.03
C ARG J 514 -41.29 59.84 -58.48
N ASP J 515 -41.63 60.75 -59.40
CA ASP J 515 -41.61 60.44 -60.83
C ASP J 515 -40.18 60.26 -61.36
N SER J 516 -39.98 59.23 -62.15
CA SER J 516 -38.71 58.98 -62.81
C SER J 516 -38.97 58.53 -64.25
N LEU J 517 -38.23 59.10 -65.18
CA LEU J 517 -38.48 58.83 -66.60
C LEU J 517 -37.98 57.45 -67.03
N VAL J 518 -38.88 56.66 -67.60
CA VAL J 518 -38.51 55.35 -68.13
C VAL J 518 -37.77 55.53 -69.44
N ASN J 519 -36.46 55.79 -69.35
CA ASN J 519 -35.67 56.08 -70.55
C ASN J 519 -35.49 54.87 -71.49
N PRO J 520 -34.56 53.97 -71.17
CA PRO J 520 -34.49 52.80 -72.05
C PRO J 520 -35.42 51.72 -71.54
N GLY J 521 -36.68 51.74 -71.95
CA GLY J 521 -37.64 50.78 -71.47
C GLY J 521 -37.37 49.39 -72.00
N PRO J 522 -38.35 48.49 -71.89
CA PRO J 522 -38.20 47.17 -72.49
C PRO J 522 -37.70 47.29 -73.93
N ALA J 523 -37.05 46.25 -74.43
CA ALA J 523 -36.54 46.27 -75.79
C ALA J 523 -37.69 46.23 -76.80
N MET J 524 -37.91 47.35 -77.47
CA MET J 524 -38.94 47.43 -78.51
C MET J 524 -38.33 48.03 -79.79
N ALA J 525 -38.95 47.73 -80.93
CA ALA J 525 -38.46 48.22 -82.21
C ALA J 525 -38.67 49.73 -82.35
N SER J 526 -37.71 50.42 -82.95
CA SER J 526 -37.76 51.87 -83.09
C SER J 526 -38.83 52.35 -84.08
N HIS J 527 -38.89 51.69 -85.24
CA HIS J 527 -39.84 52.09 -86.28
C HIS J 527 -40.28 50.89 -87.12
N LYS J 528 -41.45 51.01 -87.74
CA LYS J 528 -41.95 49.96 -88.64
C LYS J 528 -41.36 50.16 -90.04
N ASP J 529 -41.63 49.22 -90.94
CA ASP J 529 -41.04 49.25 -92.28
C ASP J 529 -41.44 50.49 -93.08
N ASP J 530 -40.49 50.99 -93.87
CA ASP J 530 -40.73 52.11 -94.79
C ASP J 530 -40.97 53.44 -94.08
N GLU J 531 -40.25 53.67 -92.98
CA GLU J 531 -40.31 54.95 -92.27
C GLU J 531 -38.90 55.47 -92.00
N GLU J 532 -38.25 54.89 -91.00
CA GLU J 532 -36.85 55.21 -90.72
C GLU J 532 -36.66 56.70 -90.43
N LYS J 533 -37.67 57.33 -89.84
CA LYS J 533 -37.58 58.74 -89.48
C LYS J 533 -38.22 58.98 -88.12
N PHE J 534 -39.14 58.10 -87.74
CA PHE J 534 -39.81 58.19 -86.44
C PHE J 534 -39.10 57.35 -85.39
N PHE J 535 -38.49 58.03 -84.43
CA PHE J 535 -37.86 57.34 -83.31
C PHE J 535 -38.73 57.52 -82.07
N PRO J 536 -38.67 56.56 -81.13
CA PRO J 536 -39.48 56.66 -79.90
C PRO J 536 -38.97 57.76 -79.00
N MET J 537 -39.88 58.39 -78.26
CA MET J 537 -39.48 59.31 -77.22
C MET J 537 -38.49 58.57 -76.33
N HIS J 538 -37.21 58.89 -76.47
CA HIS J 538 -36.15 58.25 -75.68
C HIS J 538 -36.29 56.72 -75.62
N GLY J 539 -36.70 56.11 -76.73
CA GLY J 539 -36.82 54.66 -76.80
C GLY J 539 -35.52 53.97 -77.16
N ASN J 540 -34.41 54.69 -76.99
CA ASN J 540 -33.08 54.18 -77.33
C ASN J 540 -31.96 55.10 -76.86
N LEU J 541 -30.75 54.59 -76.82
CA LEU J 541 -29.60 55.36 -76.34
C LEU J 541 -29.09 56.35 -77.38
N ILE J 542 -28.91 57.59 -76.96
CA ILE J 542 -28.44 58.64 -77.85
C ILE J 542 -27.07 59.15 -77.40
N PHE J 543 -26.12 59.11 -78.33
CA PHE J 543 -24.75 59.54 -78.03
C PHE J 543 -24.47 60.94 -78.56
N GLY J 544 -23.73 61.73 -77.78
CA GLY J 544 -23.38 63.07 -78.20
C GLY J 544 -22.08 63.10 -78.97
N LYS J 545 -22.07 63.82 -80.09
CA LYS J 545 -20.87 63.97 -80.90
C LYS J 545 -19.77 64.69 -80.13
N GLU J 546 -18.54 64.58 -80.60
CA GLU J 546 -17.42 65.25 -79.96
C GLU J 546 -17.59 66.75 -80.04
N GLY J 547 -17.37 67.44 -78.91
CA GLY J 547 -17.53 68.88 -78.85
C GLY J 547 -18.96 69.31 -79.04
N THR J 548 -19.74 69.22 -77.96
CA THR J 548 -21.16 69.61 -77.98
C THR J 548 -21.68 69.81 -76.55
N THR J 549 -22.09 71.03 -76.23
CA THR J 549 -22.51 71.39 -74.88
C THR J 549 -23.53 70.41 -74.30
N ALA J 550 -23.53 70.31 -72.97
CA ALA J 550 -24.43 69.38 -72.26
C ALA J 550 -25.84 69.93 -72.15
N SER J 551 -26.03 71.19 -72.51
CA SER J 551 -27.32 71.85 -72.36
C SER J 551 -27.96 72.19 -73.69
N ASN J 552 -29.06 71.52 -73.98
CA ASN J 552 -29.85 71.77 -75.20
C ASN J 552 -29.02 71.92 -76.46
N ALA J 553 -28.55 70.79 -76.98
CA ALA J 553 -27.78 70.78 -78.21
C ALA J 553 -28.69 70.53 -79.40
N GLU J 554 -28.18 70.76 -80.60
CA GLU J 554 -28.97 70.63 -81.82
C GLU J 554 -29.18 69.15 -82.19
N LEU J 555 -30.20 68.90 -83.01
CA LEU J 555 -30.49 67.55 -83.50
C LEU J 555 -29.37 67.02 -84.39
N ASP J 556 -28.66 67.93 -85.06
CA ASP J 556 -27.56 67.55 -85.93
C ASP J 556 -26.27 67.40 -85.14
N ASN J 557 -26.38 67.47 -83.81
CA ASN J 557 -25.23 67.32 -82.92
C ASN J 557 -25.27 66.05 -82.09
N VAL J 558 -26.28 65.22 -82.31
CA VAL J 558 -26.41 63.97 -81.57
C VAL J 558 -26.57 62.77 -82.49
N MET J 559 -26.32 61.59 -81.95
CA MET J 559 -26.42 60.34 -82.69
C MET J 559 -27.47 59.42 -82.06
N ILE J 560 -28.59 59.27 -82.74
CA ILE J 560 -29.68 58.44 -82.26
C ILE J 560 -29.53 57.03 -82.80
N THR J 561 -29.70 56.03 -81.94
CA THR J 561 -29.48 54.64 -82.32
C THR J 561 -30.75 53.94 -82.79
N ASP J 562 -30.64 53.20 -83.90
CA ASP J 562 -31.79 52.54 -84.50
C ASP J 562 -31.83 51.06 -84.12
N GLU J 563 -32.91 50.65 -83.46
CA GLU J 563 -33.10 49.25 -83.10
C GLU J 563 -34.08 48.59 -84.09
N GLU J 564 -33.64 48.43 -85.33
CA GLU J 564 -34.51 47.89 -86.38
C GLU J 564 -34.10 46.49 -86.83
N GLU J 565 -33.38 45.78 -85.98
CA GLU J 565 -32.99 44.40 -86.29
C GLU J 565 -33.85 43.43 -85.49
N ILE J 566 -34.50 43.95 -84.45
CA ILE J 566 -35.31 43.12 -83.56
C ILE J 566 -36.79 43.22 -83.90
N ARG J 567 -37.08 43.61 -85.13
CA ARG J 567 -38.46 43.77 -85.59
C ARG J 567 -39.25 42.47 -85.52
N THR J 568 -38.52 41.34 -85.62
CA THR J 568 -39.15 40.03 -85.76
C THR J 568 -39.54 39.38 -84.43
N THR J 569 -39.00 39.90 -83.33
CA THR J 569 -39.27 39.33 -82.02
C THR J 569 -39.92 40.36 -81.09
N ASN J 570 -39.73 41.63 -81.40
CA ASN J 570 -40.19 42.69 -80.50
C ASN J 570 -41.26 43.60 -81.10
N PRO J 571 -42.19 44.06 -80.26
CA PRO J 571 -43.22 45.02 -80.63
C PRO J 571 -42.62 46.39 -80.90
N VAL J 572 -43.24 47.19 -81.77
CA VAL J 572 -42.75 48.53 -82.06
C VAL J 572 -43.00 49.45 -80.87
N ALA J 573 -41.97 50.21 -80.49
CA ALA J 573 -42.00 51.04 -79.28
C ALA J 573 -43.12 52.07 -79.27
N THR J 574 -43.33 52.72 -80.40
CA THR J 574 -44.33 53.79 -80.50
C THR J 574 -45.72 53.24 -80.83
N GLU J 575 -45.74 52.17 -81.62
CA GLU J 575 -47.00 51.52 -82.01
C GLU J 575 -47.64 50.81 -80.83
N GLN J 576 -48.87 50.35 -81.03
CA GLN J 576 -49.61 49.62 -80.00
C GLN J 576 -49.05 48.23 -79.79
N TYR J 577 -49.79 47.40 -79.06
CA TYR J 577 -49.40 46.01 -78.86
C TYR J 577 -50.34 45.07 -79.60
N GLY J 578 -51.64 45.34 -79.51
CA GLY J 578 -52.62 44.52 -80.19
C GLY J 578 -54.05 44.80 -79.77
N THR J 579 -54.90 43.79 -79.93
CA THR J 579 -56.32 43.91 -79.64
C THR J 579 -56.75 42.95 -78.53
N VAL J 580 -57.60 43.44 -77.63
CA VAL J 580 -58.14 42.62 -76.57
C VAL J 580 -59.65 42.82 -76.47
N ALA J 581 -60.38 41.75 -76.21
CA ALA J 581 -61.83 41.85 -76.03
C ALA J 581 -62.15 42.28 -74.61
N ASN J 582 -63.28 42.97 -74.44
CA ASN J 582 -63.71 43.43 -73.13
C ASN J 582 -65.22 43.60 -72.99
N ASN J 583 -65.96 42.58 -73.42
CA ASN J 583 -67.42 42.55 -73.30
C ASN J 583 -67.99 41.21 -73.74
N LEU J 584 -69.23 40.95 -73.37
CA LEU J 584 -69.90 39.70 -73.76
C LEU J 584 -70.82 39.94 -74.95
N GLN J 585 -70.27 39.84 -76.16
CA GLN J 585 -71.03 40.09 -77.37
C GLN J 585 -72.24 39.17 -77.50
N SER J 586 -73.30 39.69 -78.11
CA SER J 586 -74.53 38.93 -78.31
C SER J 586 -75.44 39.67 -79.28
N SER J 587 -76.66 39.16 -79.45
CA SER J 587 -77.65 39.84 -80.27
C SER J 587 -77.97 41.22 -79.71
N ASN J 588 -77.86 41.36 -78.39
CA ASN J 588 -78.14 42.63 -77.72
C ASN J 588 -76.94 43.56 -77.69
N THR J 589 -75.75 42.99 -77.70
CA THR J 589 -74.52 43.76 -77.54
C THR J 589 -73.56 43.60 -78.71
N ALA J 590 -72.96 44.71 -79.13
CA ALA J 590 -71.95 44.68 -80.18
C ALA J 590 -70.57 44.44 -79.57
N PRO J 591 -69.76 43.57 -80.20
CA PRO J 591 -68.41 43.22 -79.74
C PRO J 591 -67.51 44.45 -79.59
N THR J 592 -66.78 44.53 -78.48
CA THR J 592 -65.92 45.68 -78.22
C THR J 592 -64.44 45.32 -78.25
N THR J 593 -63.63 46.22 -78.81
CA THR J 593 -62.19 46.03 -78.92
C THR J 593 -61.44 47.08 -78.11
N ARG J 594 -60.36 46.65 -77.45
CA ARG J 594 -59.54 47.55 -76.67
C ARG J 594 -58.10 47.54 -77.17
N THR J 595 -57.56 48.72 -77.43
CA THR J 595 -56.17 48.86 -77.87
C THR J 595 -55.23 48.76 -76.67
N VAL J 596 -54.46 47.69 -76.61
CA VAL J 596 -53.55 47.45 -75.50
C VAL J 596 -52.25 48.24 -75.63
N ASN J 597 -51.98 49.08 -74.62
CA ASN J 597 -50.82 49.96 -74.63
C ASN J 597 -49.72 49.46 -73.70
N ASP J 598 -50.09 48.56 -72.80
CA ASP J 598 -49.14 48.03 -71.82
C ASP J 598 -49.35 46.54 -71.58
N GLN J 599 -48.31 45.76 -71.81
CA GLN J 599 -48.38 44.32 -71.66
C GLN J 599 -47.30 43.76 -70.74
N GLY J 600 -47.73 43.17 -69.63
CA GLY J 600 -46.80 42.47 -68.75
C GLY J 600 -46.25 41.24 -69.46
N ALA J 601 -45.69 40.31 -68.69
CA ALA J 601 -45.12 39.09 -69.24
C ALA J 601 -46.19 38.04 -69.49
N LEU J 602 -45.89 37.09 -70.39
CA LEU J 602 -46.84 36.04 -70.73
C LEU J 602 -46.16 34.72 -71.09
N PRO J 603 -46.72 33.61 -70.59
CA PRO J 603 -46.23 32.28 -70.94
C PRO J 603 -46.25 32.06 -72.45
N GLY J 604 -45.08 32.06 -73.08
CA GLY J 604 -44.98 31.82 -74.50
C GLY J 604 -44.36 32.97 -75.25
N MET J 605 -44.05 34.06 -74.54
CA MET J 605 -43.40 35.20 -75.16
C MET J 605 -41.92 34.95 -75.38
N VAL J 606 -41.40 35.48 -76.48
CA VAL J 606 -39.98 35.38 -76.78
C VAL J 606 -39.48 36.73 -77.28
N TRP J 607 -38.37 37.21 -76.74
CA TRP J 607 -37.87 38.52 -77.12
C TRP J 607 -36.37 38.55 -77.28
N GLN J 608 -35.89 39.56 -77.99
CA GLN J 608 -34.46 39.81 -78.11
C GLN J 608 -34.13 41.02 -77.27
N ASP J 609 -32.97 41.03 -76.62
CA ASP J 609 -32.57 42.17 -75.81
C ASP J 609 -32.10 43.31 -76.69
N ARG J 610 -31.64 44.41 -76.06
CA ARG J 610 -31.15 45.56 -76.82
C ARG J 610 -29.85 45.23 -77.55
N ASP J 611 -29.04 46.25 -77.77
CA ASP J 611 -27.79 46.06 -78.49
C ASP J 611 -26.65 46.81 -77.82
N VAL J 612 -25.42 46.36 -78.06
CA VAL J 612 -24.25 47.06 -77.56
C VAL J 612 -23.51 47.71 -78.71
N TYR J 613 -23.11 48.96 -78.52
CA TYR J 613 -22.40 49.70 -79.55
C TYR J 613 -20.99 50.00 -79.09
N LEU J 614 -20.11 50.28 -80.05
CA LEU J 614 -18.70 50.50 -79.75
C LEU J 614 -18.48 51.41 -78.55
N GLN J 615 -19.41 52.33 -78.31
CA GLN J 615 -19.27 53.28 -77.22
C GLN J 615 -20.30 53.07 -76.11
N GLY J 616 -20.98 51.93 -76.12
CA GLY J 616 -22.00 51.63 -75.14
C GLY J 616 -21.44 51.03 -73.87
N PRO J 617 -22.30 50.90 -72.84
CA PRO J 617 -21.91 50.27 -71.58
C PRO J 617 -21.58 48.79 -71.81
N ILE J 618 -20.79 48.21 -70.93
CA ILE J 618 -20.43 46.80 -71.05
C ILE J 618 -21.21 45.93 -70.07
N TRP J 619 -21.09 46.23 -68.78
CA TRP J 619 -21.77 45.45 -67.76
C TRP J 619 -22.62 46.31 -66.83
N ALA J 620 -23.27 45.65 -65.87
CA ALA J 620 -24.10 46.35 -64.90
C ALA J 620 -24.37 45.47 -63.68
N LYS J 621 -24.26 46.05 -62.49
CA LYS J 621 -24.46 45.29 -61.25
C LYS J 621 -25.94 45.07 -60.95
N ILE J 622 -26.41 43.85 -61.16
CA ILE J 622 -27.77 43.49 -60.80
C ILE J 622 -28.00 43.74 -59.32
N PRO J 623 -28.98 44.60 -59.00
CA PRO J 623 -29.32 44.97 -57.62
C PRO J 623 -29.56 43.74 -56.75
N HIS J 624 -29.15 43.81 -55.48
CA HIS J 624 -29.35 42.69 -54.58
C HIS J 624 -30.72 42.75 -53.91
N THR J 625 -31.75 42.30 -54.62
CA THR J 625 -33.10 42.30 -54.10
C THR J 625 -33.64 40.88 -53.92
N ASP J 626 -34.87 40.77 -53.48
CA ASP J 626 -35.52 39.47 -53.32
C ASP J 626 -35.84 38.83 -54.66
N GLY J 627 -36.03 39.66 -55.69
CA GLY J 627 -36.45 39.14 -56.98
C GLY J 627 -36.06 39.97 -58.18
N HIS J 628 -35.77 39.27 -59.28
CA HIS J 628 -35.49 39.89 -60.56
C HIS J 628 -36.24 39.07 -61.60
N PHE J 629 -36.53 39.68 -62.76
CA PHE J 629 -37.19 38.94 -63.82
C PHE J 629 -36.19 38.43 -64.85
N HIS J 630 -35.86 39.31 -65.80
CA HIS J 630 -34.87 38.98 -66.83
C HIS J 630 -33.74 39.99 -66.69
N PRO J 631 -32.86 39.77 -65.70
CA PRO J 631 -31.86 40.72 -65.24
C PRO J 631 -30.81 41.11 -66.28
N SER J 632 -31.26 41.72 -67.37
CA SER J 632 -30.35 42.26 -68.37
C SER J 632 -30.38 43.78 -68.32
N PRO J 633 -29.19 44.42 -68.24
CA PRO J 633 -29.09 45.88 -68.13
C PRO J 633 -29.97 46.56 -69.16
N LEU J 634 -30.87 47.43 -68.71
CA LEU J 634 -31.80 48.10 -69.62
C LEU J 634 -31.08 48.90 -70.69
N MET J 635 -29.93 49.45 -70.34
CA MET J 635 -29.13 50.22 -71.29
C MET J 635 -28.33 49.29 -72.19
N GLY J 636 -28.37 48.00 -71.87
CA GLY J 636 -27.72 47.00 -72.69
C GLY J 636 -26.44 46.46 -72.07
N GLY J 637 -26.14 45.20 -72.34
CA GLY J 637 -24.91 44.59 -71.86
C GLY J 637 -25.12 43.35 -71.01
N PHE J 638 -24.14 43.09 -70.14
CA PHE J 638 -24.16 41.89 -69.33
C PHE J 638 -24.52 42.20 -67.88
N GLY J 639 -25.62 41.62 -67.42
CA GLY J 639 -26.05 41.78 -66.04
C GLY J 639 -25.27 40.85 -65.14
N LEU J 640 -24.55 41.43 -64.19
CA LEU J 640 -23.67 40.66 -63.33
C LEU J 640 -24.04 40.80 -61.87
N LYS J 641 -24.18 39.67 -61.18
CA LYS J 641 -24.35 39.65 -59.73
C LYS J 641 -23.12 40.27 -59.10
N HIS J 642 -21.95 39.79 -59.52
CA HIS J 642 -20.68 40.27 -59.02
C HIS J 642 -19.81 40.78 -60.17
N PRO J 643 -19.94 42.07 -60.50
CA PRO J 643 -19.24 42.73 -61.61
C PRO J 643 -17.87 43.26 -61.16
N PRO J 644 -16.97 43.51 -62.13
CA PRO J 644 -15.64 44.07 -61.83
C PRO J 644 -15.71 45.13 -60.76
N PRO J 645 -15.19 44.82 -59.56
CA PRO J 645 -15.26 45.68 -58.38
C PRO J 645 -14.76 47.08 -58.67
N GLN J 646 -15.07 48.01 -57.77
CA GLN J 646 -14.65 49.39 -57.93
C GLN J 646 -13.22 49.58 -57.41
N ILE J 647 -12.39 50.23 -58.21
CA ILE J 647 -11.02 50.52 -57.82
C ILE J 647 -10.89 52.00 -57.43
N MET J 648 -10.62 52.25 -56.15
CA MET J 648 -10.48 53.61 -55.65
C MET J 648 -9.04 54.12 -55.66
N ILE J 649 -8.90 55.44 -55.69
CA ILE J 649 -7.60 56.09 -55.78
C ILE J 649 -7.72 57.48 -55.13
N LYS J 650 -6.67 57.89 -54.43
CA LYS J 650 -6.66 59.21 -53.82
C LYS J 650 -5.25 59.59 -53.36
N ASN J 651 -4.95 60.88 -53.45
CA ASN J 651 -3.64 61.37 -53.02
C ASN J 651 -3.58 61.49 -51.51
N THR J 652 -2.60 60.84 -50.90
CA THR J 652 -2.44 60.89 -49.45
C THR J 652 -2.17 62.32 -49.00
N PRO J 653 -3.05 62.84 -48.13
CA PRO J 653 -2.98 64.23 -47.63
C PRO J 653 -1.64 64.54 -46.98
N VAL J 654 -1.01 65.64 -47.39
CA VAL J 654 0.25 66.07 -46.80
C VAL J 654 0.09 67.38 -46.05
N PRO J 655 0.22 67.32 -44.71
CA PRO J 655 0.11 68.51 -43.87
C PRO J 655 1.12 69.57 -44.28
N ALA J 656 0.64 70.79 -44.49
CA ALA J 656 1.54 71.91 -44.74
C ALA J 656 2.30 72.20 -43.44
N ASN J 657 2.71 73.44 -43.26
CA ASN J 657 3.50 73.80 -42.09
C ASN J 657 2.68 73.91 -40.80
N PRO J 658 3.09 73.17 -39.76
CA PRO J 658 2.44 73.17 -38.44
C PRO J 658 3.04 74.21 -37.49
N PRO J 659 2.26 74.66 -36.50
CA PRO J 659 2.65 75.63 -35.47
C PRO J 659 3.51 75.03 -34.37
N THR J 660 4.36 75.84 -33.75
CA THR J 660 5.21 75.39 -32.64
C THR J 660 4.38 75.15 -31.38
N THR J 661 3.17 75.72 -31.34
CA THR J 661 2.25 75.50 -30.25
C THR J 661 1.16 74.50 -30.64
N PHE J 662 0.75 73.66 -29.70
CA PHE J 662 -0.22 72.60 -29.97
C PHE J 662 -1.62 73.13 -30.22
N SER J 663 -2.28 72.60 -31.25
CA SER J 663 -3.65 72.98 -31.57
C SER J 663 -4.55 71.76 -31.72
N PRO J 664 -5.64 71.72 -30.93
CA PRO J 664 -6.62 70.63 -31.00
C PRO J 664 -7.51 70.78 -32.21
N ALA J 665 -7.48 71.96 -32.83
CA ALA J 665 -8.33 72.26 -33.97
C ALA J 665 -8.07 71.30 -35.14
N LYS J 666 -9.13 70.91 -35.82
CA LYS J 666 -9.04 70.05 -36.99
C LYS J 666 -8.04 70.62 -37.98
N PHE J 667 -7.18 69.77 -38.52
CA PHE J 667 -6.15 70.21 -39.45
C PHE J 667 -6.77 70.47 -40.83
N ALA J 668 -6.45 71.62 -41.42
CA ALA J 668 -7.02 71.98 -42.71
C ALA J 668 -6.03 72.71 -43.61
N SER J 669 -4.77 72.79 -43.16
CA SER J 669 -3.71 73.41 -43.96
C SER J 669 -2.81 72.34 -44.59
N PHE J 670 -3.06 72.03 -45.87
CA PHE J 670 -2.32 70.98 -46.55
C PHE J 670 -1.53 71.51 -47.74
N ILE J 671 -0.50 70.75 -48.12
CA ILE J 671 0.28 71.03 -49.32
C ILE J 671 -0.51 70.56 -50.55
N THR J 672 -0.65 71.46 -51.51
CA THR J 672 -1.40 71.17 -52.72
C THR J 672 -0.59 70.29 -53.67
N GLN J 673 -1.16 69.16 -54.06
CA GLN J 673 -0.45 68.19 -54.89
C GLN J 673 -1.42 67.32 -55.70
N TYR J 674 -0.95 66.88 -56.87
CA TYR J 674 -1.72 65.99 -57.74
C TYR J 674 -0.87 64.80 -58.16
N SER J 675 -1.51 63.69 -58.47
CA SER J 675 -0.81 62.47 -58.88
C SER J 675 -1.05 62.16 -60.34
N THR J 676 -0.14 61.39 -60.93
CA THR J 676 -0.26 60.99 -62.33
C THR J 676 0.48 59.69 -62.57
N GLY J 677 0.07 58.95 -63.59
CA GLY J 677 0.71 57.68 -63.90
C GLY J 677 -0.05 56.93 -64.98
N GLN J 678 0.32 55.68 -65.19
CA GLN J 678 -0.35 54.85 -66.18
C GLN J 678 -1.23 53.79 -65.54
N VAL J 679 -2.21 53.33 -66.30
CA VAL J 679 -3.08 52.26 -65.85
C VAL J 679 -3.28 51.29 -67.00
N SER J 680 -3.36 50.00 -66.69
CA SER J 680 -3.50 48.97 -67.72
C SER J 680 -4.63 47.98 -67.40
N VAL J 681 -5.49 47.76 -68.38
CA VAL J 681 -6.61 46.83 -68.22
C VAL J 681 -6.66 45.78 -69.34
N GLU J 682 -6.48 44.52 -68.95
CA GLU J 682 -6.49 43.41 -69.90
C GLU J 682 -7.75 42.56 -69.72
N ILE J 683 -8.49 42.37 -70.81
CA ILE J 683 -9.71 41.57 -70.75
C ILE J 683 -9.75 40.49 -71.80
N GLU J 684 -10.11 39.28 -71.39
CA GLU J 684 -10.26 38.16 -72.32
C GLU J 684 -11.72 38.01 -72.69
N TRP J 685 -11.96 37.68 -73.94
CA TRP J 685 -13.31 37.58 -74.46
C TRP J 685 -13.54 36.23 -75.11
N GLU J 686 -14.56 35.52 -74.66
CA GLU J 686 -14.94 34.28 -75.31
C GLU J 686 -15.81 34.61 -76.52
N LEU J 687 -15.61 33.89 -77.60
CA LEU J 687 -16.35 34.16 -78.83
C LEU J 687 -17.24 32.99 -79.24
N GLN J 688 -18.36 33.32 -79.87
CA GLN J 688 -19.22 32.30 -80.47
C GLN J 688 -19.15 32.46 -81.99
N LYS J 689 -18.49 31.50 -82.63
CA LYS J 689 -18.29 31.57 -84.08
C LYS J 689 -19.59 31.42 -84.86
N GLU J 690 -19.55 31.81 -86.13
CA GLU J 690 -20.71 31.80 -87.00
C GLU J 690 -20.86 30.47 -87.74
N ASN J 691 -22.03 29.86 -87.64
CA ASN J 691 -22.30 28.61 -88.35
C ASN J 691 -23.63 28.69 -89.11
N SER J 692 -23.59 29.32 -90.27
CA SER J 692 -24.79 29.54 -91.07
C SER J 692 -24.66 28.89 -92.45
N LYS J 693 -25.77 28.34 -92.94
CA LYS J 693 -25.80 27.77 -94.29
C LYS J 693 -26.49 28.72 -95.27
N ARG J 694 -26.50 29.99 -94.92
CA ARG J 694 -26.99 31.04 -95.81
C ARG J 694 -26.20 30.98 -97.11
N TRP J 695 -26.90 30.90 -98.24
CA TRP J 695 -26.24 30.83 -99.54
C TRP J 695 -25.72 32.20 -99.99
N ASN J 696 -26.65 33.16 -100.09
CA ASN J 696 -26.30 34.50 -100.51
C ASN J 696 -25.54 35.26 -99.43
N PRO J 697 -24.77 36.28 -99.83
CA PRO J 697 -23.97 37.09 -98.90
C PRO J 697 -24.83 37.76 -97.84
N GLU J 698 -24.29 37.89 -96.63
CA GLU J 698 -24.96 38.65 -95.59
C GLU J 698 -24.43 40.07 -95.59
N ILE J 699 -25.07 40.95 -94.83
CA ILE J 699 -24.63 42.35 -94.78
C ILE J 699 -23.47 42.53 -93.81
N GLN J 700 -22.51 43.37 -94.21
CA GLN J 700 -21.31 43.59 -93.41
C GLN J 700 -21.14 45.08 -93.17
N TYR J 701 -20.56 45.43 -92.02
CA TYR J 701 -20.21 46.83 -91.79
C TYR J 701 -18.97 47.17 -92.60
N THR J 702 -18.95 48.38 -93.15
CA THR J 702 -17.86 48.80 -94.02
C THR J 702 -17.70 50.31 -94.07
N SER J 703 -16.50 50.77 -94.43
CA SER J 703 -16.25 52.19 -94.65
C SER J 703 -16.61 52.58 -96.07
N ASN J 704 -17.03 53.83 -96.26
CA ASN J 704 -17.34 54.33 -97.59
C ASN J 704 -16.06 54.49 -98.41
N TYR J 705 -15.93 53.67 -99.44
CA TYR J 705 -14.73 53.64 -100.27
C TYR J 705 -14.59 54.91 -101.11
N ASN J 706 -15.63 55.74 -101.09
CA ASN J 706 -15.67 56.96 -101.89
C ASN J 706 -14.63 58.00 -101.46
N LYS J 707 -14.30 58.90 -102.37
CA LYS J 707 -13.40 60.01 -102.05
C LYS J 707 -14.01 60.81 -100.90
N SER J 708 -13.27 60.93 -99.79
CA SER J 708 -13.83 61.52 -98.58
C SER J 708 -13.00 62.65 -97.99
N VAL J 709 -13.67 63.49 -97.21
CA VAL J 709 -13.02 64.59 -96.49
C VAL J 709 -12.06 64.06 -95.44
N ASN J 710 -12.60 63.74 -94.27
CA ASN J 710 -11.83 63.18 -93.18
C ASN J 710 -12.04 61.68 -93.11
N VAL J 711 -11.09 60.97 -92.50
CA VAL J 711 -11.19 59.53 -92.36
C VAL J 711 -12.02 59.12 -91.14
N ASP J 712 -12.96 58.20 -91.36
CA ASP J 712 -13.84 57.74 -90.29
C ASP J 712 -13.04 57.22 -89.09
N PHE J 713 -13.37 57.73 -87.91
CA PHE J 713 -12.70 57.33 -86.68
C PHE J 713 -11.24 57.70 -86.71
N THR J 714 -10.98 59.00 -86.58
CA THR J 714 -9.63 59.55 -86.75
C THR J 714 -9.51 60.94 -86.16
N VAL J 715 -8.29 61.36 -85.90
CA VAL J 715 -8.02 62.74 -85.47
C VAL J 715 -8.18 63.69 -86.64
N ASP J 716 -8.37 64.97 -86.33
CA ASP J 716 -8.56 65.99 -87.37
C ASP J 716 -7.31 66.84 -87.57
N THR J 717 -7.51 68.07 -88.05
CA THR J 717 -6.41 68.97 -88.39
C THR J 717 -5.64 69.45 -87.16
N ASN J 718 -6.30 69.47 -86.01
CA ASN J 718 -5.65 69.92 -84.77
C ASN J 718 -5.66 68.90 -83.64
N GLY J 719 -5.77 67.62 -83.99
CA GLY J 719 -5.61 66.54 -83.03
C GLY J 719 -6.78 66.27 -82.11
N VAL J 720 -7.90 65.86 -82.68
CA VAL J 720 -9.07 65.48 -81.89
C VAL J 720 -9.73 64.23 -82.47
N TYR J 721 -9.67 63.13 -81.74
CA TYR J 721 -10.32 61.89 -82.16
C TYR J 721 -11.83 62.07 -82.11
N SER J 722 -12.52 61.53 -83.11
CA SER J 722 -13.97 61.66 -83.19
C SER J 722 -14.62 60.38 -83.74
N GLU J 723 -15.63 59.89 -83.03
CA GLU J 723 -16.38 58.72 -83.47
C GLU J 723 -17.59 59.17 -84.30
N PRO J 724 -17.50 59.02 -85.63
CA PRO J 724 -18.57 59.41 -86.57
C PRO J 724 -19.95 58.92 -86.16
N ARG J 725 -20.18 57.62 -86.29
CA ARG J 725 -21.51 57.06 -86.03
C ARG J 725 -21.48 56.00 -84.93
N PRO J 726 -22.65 55.65 -84.39
CA PRO J 726 -22.74 54.51 -83.48
C PRO J 726 -22.61 53.20 -84.26
N ILE J 727 -22.08 52.16 -83.63
CA ILE J 727 -21.90 50.88 -84.30
C ILE J 727 -22.74 49.78 -83.67
N GLY J 728 -23.70 49.26 -84.43
CA GLY J 728 -24.52 48.14 -83.97
C GLY J 728 -23.67 46.89 -83.83
N THR J 729 -24.32 45.77 -83.52
CA THR J 729 -23.62 44.51 -83.36
C THR J 729 -24.25 43.44 -84.20
N ARG J 730 -25.46 43.72 -84.69
CA ARG J 730 -26.24 42.73 -85.41
C ARG J 730 -26.14 42.90 -86.92
N TYR J 731 -25.20 42.18 -87.52
CA TYR J 731 -24.99 42.22 -88.97
C TYR J 731 -25.15 40.82 -89.59
N LEU J 732 -25.02 39.80 -88.76
CA LEU J 732 -25.12 38.42 -89.24
C LEU J 732 -26.50 37.83 -88.95
N THR J 733 -26.96 36.93 -89.80
CA THR J 733 -28.31 36.39 -89.68
C THR J 733 -28.37 34.94 -89.21
N ARG J 734 -29.23 34.68 -88.23
CA ARG J 734 -29.53 33.34 -87.76
C ARG J 734 -31.04 33.15 -87.78
N ASN J 735 -31.48 31.91 -87.89
CA ASN J 735 -32.92 31.64 -87.95
C ASN J 735 -33.59 31.61 -86.58
N LEU J 736 -34.87 31.24 -86.57
CA LEU J 736 -35.61 31.12 -85.31
C LEU J 736 -35.85 29.66 -84.94
N GLY K 217 -43.01 -19.90 -13.01
CA GLY K 217 -43.28 -18.82 -13.94
C GLY K 217 -43.61 -17.51 -13.26
N ALA K 218 -43.15 -16.41 -13.85
CA ALA K 218 -43.35 -15.08 -13.28
C ALA K 218 -43.54 -14.02 -14.37
N ASP K 219 -44.75 -13.47 -14.45
CA ASP K 219 -45.05 -12.42 -15.42
C ASP K 219 -45.89 -11.28 -14.82
N GLY K 220 -46.63 -10.56 -15.67
CA GLY K 220 -47.29 -9.33 -15.25
C GLY K 220 -48.80 -9.34 -15.13
N VAL K 221 -49.37 -8.14 -15.06
CA VAL K 221 -50.80 -7.94 -14.86
C VAL K 221 -51.60 -8.19 -16.12
N GLY K 222 -51.26 -7.48 -17.19
CA GLY K 222 -51.93 -7.63 -18.47
C GLY K 222 -51.28 -8.67 -19.35
N ASN K 223 -51.00 -9.83 -18.77
CA ASN K 223 -50.38 -10.94 -19.50
C ASN K 223 -50.86 -12.28 -18.97
N SER K 224 -51.67 -12.97 -19.77
CA SER K 224 -52.23 -14.25 -19.38
C SER K 224 -51.14 -15.27 -19.01
N SER K 225 -51.29 -15.89 -17.85
CA SER K 225 -50.32 -16.87 -17.36
C SER K 225 -50.61 -18.30 -17.84
N GLY K 226 -51.34 -18.43 -18.94
CA GLY K 226 -51.65 -19.73 -19.49
C GLY K 226 -52.70 -19.72 -20.59
N ASN K 227 -52.74 -20.78 -21.38
CA ASN K 227 -53.71 -20.91 -22.45
C ASN K 227 -54.74 -22.00 -22.19
N TRP K 228 -55.80 -22.01 -23.01
CA TRP K 228 -56.88 -22.98 -22.85
C TRP K 228 -56.57 -24.27 -23.60
N HIS K 229 -55.95 -25.23 -22.91
CA HIS K 229 -55.62 -26.51 -23.52
C HIS K 229 -56.66 -27.56 -23.18
N CYS K 230 -57.58 -27.81 -24.10
CA CYS K 230 -58.56 -28.88 -23.92
C CYS K 230 -58.75 -29.64 -25.22
N ASP K 231 -58.13 -30.82 -25.30
CA ASP K 231 -58.18 -31.63 -26.50
C ASP K 231 -57.67 -33.03 -26.20
N SER K 232 -57.93 -33.97 -27.11
CA SER K 232 -57.41 -35.31 -26.97
C SER K 232 -57.18 -35.93 -28.33
N GLN K 233 -55.99 -36.48 -28.53
CA GLN K 233 -55.67 -37.21 -29.74
C GLN K 233 -55.12 -38.58 -29.37
N TRP K 234 -55.12 -39.50 -30.33
CA TRP K 234 -54.75 -40.88 -30.05
C TRP K 234 -53.43 -41.27 -30.70
N LEU K 235 -52.73 -42.22 -30.08
CA LEU K 235 -51.46 -42.70 -30.59
C LEU K 235 -51.53 -44.18 -30.96
N GLY K 236 -52.75 -44.74 -30.91
CA GLY K 236 -52.96 -46.15 -31.21
C GLY K 236 -52.38 -47.03 -30.13
N ASP K 237 -51.30 -46.57 -29.52
CA ASP K 237 -50.64 -47.31 -28.45
C ASP K 237 -51.01 -46.69 -27.11
N ARG K 238 -51.45 -45.44 -27.15
CA ARG K 238 -51.80 -44.70 -25.95
C ARG K 238 -52.61 -43.47 -26.31
N VAL K 239 -53.21 -42.83 -25.32
CA VAL K 239 -54.02 -41.65 -25.55
C VAL K 239 -53.82 -40.58 -24.49
N ILE K 240 -53.67 -39.34 -24.93
CA ILE K 240 -53.47 -38.22 -24.02
C ILE K 240 -54.70 -37.33 -23.94
N THR K 241 -55.23 -37.19 -22.73
CA THR K 241 -56.42 -36.38 -22.49
C THR K 241 -56.06 -35.08 -21.81
N THR K 242 -56.32 -33.97 -22.50
CA THR K 242 -56.08 -32.64 -21.95
C THR K 242 -57.42 -31.98 -21.64
N SER K 243 -57.55 -31.42 -20.43
CA SER K 243 -58.80 -30.81 -20.00
C SER K 243 -58.58 -29.49 -19.27
N THR K 244 -59.35 -28.48 -19.64
CA THR K 244 -59.29 -27.18 -18.99
C THR K 244 -60.69 -26.70 -18.61
N ARG K 245 -60.82 -26.22 -17.38
CA ARG K 245 -62.10 -25.72 -16.89
C ARG K 245 -61.90 -24.41 -16.14
N THR K 246 -62.98 -23.65 -15.99
CA THR K 246 -62.94 -22.43 -15.19
C THR K 246 -63.48 -22.73 -13.80
N TRP K 247 -62.77 -22.23 -12.79
CA TRP K 247 -63.15 -22.49 -11.41
C TRP K 247 -63.39 -21.21 -10.64
N ALA K 248 -64.17 -21.30 -9.57
CA ALA K 248 -64.39 -20.18 -8.68
C ALA K 248 -64.26 -20.62 -7.23
N LEU K 249 -63.65 -19.77 -6.40
CA LEU K 249 -63.40 -20.12 -5.01
C LEU K 249 -63.81 -19.03 -4.03
N PRO K 250 -64.77 -19.35 -3.15
CA PRO K 250 -65.23 -18.45 -2.08
C PRO K 250 -64.28 -18.48 -0.90
N THR K 251 -64.60 -17.72 0.14
CA THR K 251 -63.87 -17.81 1.39
C THR K 251 -64.64 -18.72 2.33
N TYR K 252 -64.14 -19.92 2.54
CA TYR K 252 -64.83 -20.90 3.37
C TYR K 252 -64.56 -20.69 4.86
N ASN K 253 -65.52 -21.09 5.68
CA ASN K 253 -65.38 -21.03 7.13
C ASN K 253 -64.89 -19.70 7.68
N ASN K 254 -65.04 -18.64 6.88
CA ASN K 254 -64.67 -17.31 7.33
C ASN K 254 -63.22 -17.28 7.83
N HIS K 255 -62.31 -17.79 7.01
CA HIS K 255 -60.89 -17.81 7.35
C HIS K 255 -60.63 -18.53 8.69
N LEU K 256 -61.47 -19.48 9.03
CA LEU K 256 -61.37 -20.16 10.33
C LEU K 256 -61.40 -21.68 10.25
N TYR K 257 -60.63 -22.32 11.12
CA TYR K 257 -60.72 -23.76 11.30
C TYR K 257 -61.76 -24.03 12.38
N LYS K 258 -62.75 -24.86 12.06
CA LYS K 258 -63.83 -25.13 13.00
C LYS K 258 -63.92 -26.60 13.39
N GLN K 259 -64.09 -26.85 14.68
CA GLN K 259 -64.30 -28.20 15.18
C GLN K 259 -65.74 -28.64 14.94
N ILE K 260 -65.93 -29.63 14.08
CA ILE K 260 -67.26 -30.16 13.82
C ILE K 260 -67.42 -31.53 14.45
N SER K 261 -68.67 -31.91 14.72
CA SER K 261 -68.97 -33.15 15.40
C SER K 261 -70.43 -33.54 15.24
N SER K 262 -70.78 -34.72 15.73
CA SER K 262 -72.14 -35.22 15.64
C SER K 262 -73.07 -34.48 16.58
N GLN K 263 -74.32 -34.31 16.15
CA GLN K 263 -75.32 -33.63 16.95
C GLN K 263 -75.52 -34.34 18.28
N SER K 264 -75.72 -33.56 19.34
CA SER K 264 -75.96 -34.13 20.67
C SER K 264 -77.20 -35.02 20.66
N GLY K 265 -76.99 -36.32 20.42
CA GLY K 265 -78.10 -37.26 20.38
C GLY K 265 -79.03 -37.07 19.21
N ALA K 266 -78.49 -37.11 17.99
CA ALA K 266 -79.30 -37.01 16.79
C ALA K 266 -79.24 -38.30 15.98
N SER K 267 -78.15 -39.05 16.14
CA SER K 267 -77.99 -40.30 15.42
C SER K 267 -76.88 -41.15 16.05
N ASN K 268 -76.94 -42.47 15.89
CA ASN K 268 -75.98 -43.37 16.53
C ASN K 268 -74.92 -43.97 15.61
N ASP K 269 -75.35 -44.51 14.47
CA ASP K 269 -74.41 -45.07 13.50
C ASP K 269 -73.77 -43.97 12.66
N ASN K 270 -74.18 -42.74 12.92
CA ASN K 270 -73.69 -41.60 12.16
C ASN K 270 -72.90 -40.62 13.02
N HIS K 271 -72.50 -41.05 14.21
CA HIS K 271 -71.66 -40.25 15.08
C HIS K 271 -70.32 -39.97 14.40
N TYR K 272 -69.75 -38.81 14.68
CA TYR K 272 -68.49 -38.43 14.05
C TYR K 272 -67.81 -37.26 14.75
N PHE K 273 -66.53 -37.08 14.47
CA PHE K 273 -65.77 -35.95 14.98
C PHE K 273 -64.66 -35.57 14.00
N GLY K 274 -64.56 -34.28 13.68
CA GLY K 274 -63.56 -33.80 12.76
C GLY K 274 -63.43 -32.29 12.76
N TYR K 275 -62.95 -31.74 11.66
CA TYR K 275 -62.74 -30.30 11.55
C TYR K 275 -63.07 -29.77 10.17
N SER K 276 -63.41 -28.48 10.12
CA SER K 276 -63.69 -27.80 8.86
C SER K 276 -62.62 -26.77 8.57
N THR K 277 -61.98 -26.88 7.41
CA THR K 277 -60.86 -26.02 7.05
C THR K 277 -61.26 -24.93 6.07
N PRO K 278 -60.59 -23.78 6.16
CA PRO K 278 -60.81 -22.63 5.26
C PRO K 278 -60.30 -22.89 3.86
N TRP K 279 -59.76 -24.09 3.61
CA TRP K 279 -59.16 -24.41 2.32
C TRP K 279 -60.17 -25.08 1.37
N GLY K 280 -59.93 -24.90 0.08
CA GLY K 280 -60.67 -25.60 -0.95
C GLY K 280 -59.74 -26.61 -1.60
N TYR K 281 -60.24 -27.36 -2.57
CA TYR K 281 -59.41 -28.36 -3.22
C TYR K 281 -59.88 -28.67 -4.64
N PHE K 282 -58.98 -29.20 -5.46
CA PHE K 282 -59.30 -29.57 -6.82
C PHE K 282 -59.48 -31.07 -6.94
N ASP K 283 -60.43 -31.48 -7.78
CA ASP K 283 -60.71 -32.89 -7.97
C ASP K 283 -61.17 -33.16 -9.40
N PHE K 284 -60.78 -34.33 -9.91
CA PHE K 284 -61.19 -34.77 -11.23
C PHE K 284 -61.25 -36.29 -11.26
N ASN K 285 -61.58 -36.87 -10.11
CA ASN K 285 -61.64 -38.33 -9.98
C ASN K 285 -62.89 -38.91 -10.65
N ARG K 286 -63.26 -38.34 -11.79
CA ARG K 286 -64.37 -38.85 -12.60
C ARG K 286 -63.87 -38.95 -14.03
N PHE K 287 -64.21 -40.04 -14.72
CA PHE K 287 -63.73 -40.23 -16.08
C PHE K 287 -64.22 -39.15 -17.03
N HIS K 288 -65.44 -38.66 -16.82
CA HIS K 288 -66.02 -37.67 -17.73
C HIS K 288 -65.31 -36.33 -17.60
N CYS K 289 -64.41 -36.24 -16.63
CA CYS K 289 -63.58 -35.05 -16.46
C CYS K 289 -62.56 -34.95 -17.59
N HIS K 290 -62.22 -36.09 -18.18
CA HIS K 290 -61.12 -36.16 -19.14
C HIS K 290 -61.56 -36.64 -20.52
N PHE K 291 -62.40 -37.68 -20.55
CA PHE K 291 -62.88 -38.22 -21.81
C PHE K 291 -64.21 -37.60 -22.23
N SER K 292 -64.34 -37.32 -23.52
CA SER K 292 -65.63 -36.89 -24.06
C SER K 292 -66.45 -38.13 -24.35
N PRO K 293 -67.78 -37.96 -24.50
CA PRO K 293 -68.63 -39.09 -24.86
C PRO K 293 -68.07 -39.88 -26.04
N ARG K 294 -67.70 -39.16 -27.10
CA ARG K 294 -67.18 -39.81 -28.31
C ARG K 294 -65.89 -40.59 -28.02
N ASP K 295 -64.92 -39.94 -27.37
CA ASP K 295 -63.66 -40.59 -27.03
C ASP K 295 -63.91 -41.87 -26.25
N TRP K 296 -64.75 -41.77 -25.24
CA TRP K 296 -65.10 -42.92 -24.42
C TRP K 296 -65.60 -44.06 -25.30
N GLN K 297 -66.32 -43.72 -26.36
CA GLN K 297 -66.82 -44.72 -27.29
C GLN K 297 -65.67 -45.45 -27.99
N ARG K 298 -64.79 -44.68 -28.62
CA ARG K 298 -63.62 -45.24 -29.27
C ARG K 298 -62.87 -46.16 -28.31
N LEU K 299 -62.58 -45.63 -27.13
CA LEU K 299 -61.90 -46.37 -26.09
C LEU K 299 -62.58 -47.72 -25.83
N ILE K 300 -63.85 -47.65 -25.45
CA ILE K 300 -64.60 -48.85 -25.06
C ILE K 300 -64.65 -49.90 -26.16
N ASN K 301 -64.96 -49.47 -27.38
CA ASN K 301 -65.24 -50.40 -28.47
C ASN K 301 -63.99 -50.99 -29.13
N ASN K 302 -62.81 -50.60 -28.67
CA ASN K 302 -61.59 -50.96 -29.38
C ASN K 302 -60.48 -51.63 -28.55
N ASN K 303 -60.50 -51.41 -27.24
CA ASN K 303 -59.37 -51.83 -26.41
C ASN K 303 -59.68 -52.89 -25.33
N TRP K 304 -58.86 -53.94 -25.29
CA TRP K 304 -58.92 -54.96 -24.26
C TRP K 304 -58.91 -54.36 -22.87
N GLY K 305 -58.08 -53.33 -22.68
CA GLY K 305 -57.93 -52.69 -21.38
C GLY K 305 -57.19 -51.36 -21.47
N PHE K 306 -57.08 -50.66 -20.35
CA PHE K 306 -56.40 -49.37 -20.31
C PHE K 306 -55.95 -49.00 -18.90
N ARG K 307 -55.15 -47.94 -18.80
CA ARG K 307 -54.61 -47.51 -17.50
C ARG K 307 -54.04 -46.09 -17.57
N PRO K 308 -53.90 -45.45 -16.40
CA PRO K 308 -53.28 -44.13 -16.26
C PRO K 308 -51.76 -44.21 -16.28
N LYS K 309 -51.11 -43.17 -16.78
CA LYS K 309 -49.64 -43.16 -16.86
C LYS K 309 -49.02 -41.91 -16.24
N LYS K 310 -49.25 -40.75 -16.85
CA LYS K 310 -48.67 -39.50 -16.38
C LYS K 310 -49.74 -38.47 -16.03
N LEU K 311 -49.32 -37.33 -15.49
CA LEU K 311 -50.24 -36.28 -15.06
C LEU K 311 -49.59 -34.90 -15.10
N SER K 312 -50.34 -33.91 -15.55
CA SER K 312 -49.86 -32.53 -15.61
C SER K 312 -50.91 -31.56 -15.09
N PHE K 313 -50.62 -30.93 -13.96
CA PHE K 313 -51.56 -30.02 -13.34
C PHE K 313 -51.09 -28.56 -13.48
N LYS K 314 -52.00 -27.70 -13.91
CA LYS K 314 -51.64 -26.30 -14.14
C LYS K 314 -52.74 -25.33 -13.70
N LEU K 315 -52.34 -24.32 -12.93
CA LEU K 315 -53.24 -23.26 -12.49
C LEU K 315 -52.81 -21.91 -13.06
N PHE K 316 -53.75 -21.15 -13.59
CA PHE K 316 -53.40 -19.90 -14.28
C PHE K 316 -54.56 -18.91 -14.40
N ASN K 317 -54.26 -17.78 -15.02
CA ASN K 317 -55.25 -16.72 -15.26
C ASN K 317 -56.04 -16.36 -14.02
N ILE K 318 -55.33 -16.29 -12.89
CA ILE K 318 -55.96 -16.03 -11.60
C ILE K 318 -56.40 -14.58 -11.44
N GLN K 319 -57.60 -14.39 -10.92
CA GLN K 319 -58.15 -13.07 -10.66
C GLN K 319 -58.79 -13.05 -9.28
N VAL K 320 -58.44 -12.06 -8.47
CA VAL K 320 -59.03 -11.93 -7.14
C VAL K 320 -59.99 -10.74 -7.09
N LYS K 321 -61.28 -11.04 -7.02
CA LYS K 321 -62.31 -10.02 -6.94
C LYS K 321 -62.77 -9.86 -5.50
N GLU K 322 -62.81 -8.62 -5.03
CA GLU K 322 -63.33 -8.32 -3.70
C GLU K 322 -64.67 -7.59 -3.81
N VAL K 323 -65.65 -8.04 -3.03
CA VAL K 323 -67.01 -7.52 -3.12
C VAL K 323 -67.37 -6.67 -1.91
N THR K 324 -68.17 -5.63 -2.15
CA THR K 324 -68.65 -4.77 -1.08
C THR K 324 -70.13 -4.49 -1.21
N GLN K 325 -70.87 -4.72 -0.12
CA GLN K 325 -72.28 -4.42 -0.07
C GLN K 325 -72.48 -3.03 0.55
N ASN K 326 -72.62 -2.02 -0.30
CA ASN K 326 -72.70 -0.64 0.15
C ASN K 326 -74.06 -0.25 0.74
N ASP K 327 -75.07 -0.17 -0.11
CA ASP K 327 -76.43 0.13 0.32
C ASP K 327 -77.34 -1.07 0.08
N GLY K 328 -77.85 -1.16 -1.14
CA GLY K 328 -78.62 -2.31 -1.56
C GLY K 328 -78.04 -2.84 -2.86
N THR K 329 -76.78 -2.51 -3.10
CA THR K 329 -76.10 -2.88 -4.33
C THR K 329 -74.73 -3.51 -4.07
N THR K 330 -74.52 -4.72 -4.58
CA THR K 330 -73.24 -5.39 -4.46
C THR K 330 -72.33 -5.02 -5.61
N THR K 331 -71.23 -4.34 -5.28
CA THR K 331 -70.24 -3.97 -6.28
C THR K 331 -69.03 -4.89 -6.19
N ILE K 332 -68.56 -5.35 -7.36
CA ILE K 332 -67.41 -6.24 -7.42
C ILE K 332 -66.28 -5.60 -8.22
N ALA K 333 -65.07 -5.64 -7.69
CA ALA K 333 -63.93 -5.02 -8.35
C ALA K 333 -62.65 -5.84 -8.23
N ASN K 334 -61.54 -5.28 -8.68
CA ASN K 334 -60.26 -5.97 -8.67
C ASN K 334 -59.36 -5.59 -7.51
N ASN K 335 -58.93 -6.59 -6.75
CA ASN K 335 -57.90 -6.40 -5.73
C ASN K 335 -56.61 -7.04 -6.22
N LEU K 336 -55.88 -6.30 -7.04
CA LEU K 336 -54.70 -6.83 -7.72
C LEU K 336 -53.63 -7.31 -6.74
N THR K 337 -53.40 -6.54 -5.68
CA THR K 337 -52.34 -6.85 -4.73
C THR K 337 -52.67 -8.02 -3.82
N SER K 338 -53.77 -8.72 -4.10
CA SER K 338 -54.15 -9.86 -3.27
C SER K 338 -53.62 -11.17 -3.85
N THR K 339 -53.39 -12.15 -2.99
CA THR K 339 -52.80 -13.42 -3.40
C THR K 339 -53.70 -14.62 -3.08
N VAL K 340 -53.33 -15.76 -3.64
CA VAL K 340 -53.99 -17.02 -3.35
C VAL K 340 -52.91 -18.05 -3.03
N GLN K 341 -53.26 -19.10 -2.28
CA GLN K 341 -52.26 -20.05 -1.82
C GLN K 341 -52.52 -21.49 -2.26
N VAL K 342 -51.52 -22.12 -2.84
CA VAL K 342 -51.62 -23.49 -3.32
C VAL K 342 -50.52 -24.35 -2.74
N PHE K 343 -50.83 -25.62 -2.51
CA PHE K 343 -49.82 -26.61 -2.16
C PHE K 343 -50.35 -28.03 -2.35
N THR K 344 -49.44 -28.96 -2.62
CA THR K 344 -49.82 -30.32 -2.93
C THR K 344 -49.31 -31.30 -1.88
N ASP K 345 -50.23 -32.04 -1.29
CA ASP K 345 -49.87 -33.05 -0.28
C ASP K 345 -49.21 -34.24 -0.96
N SER K 346 -47.89 -34.15 -1.16
CA SER K 346 -47.15 -35.21 -1.83
C SER K 346 -46.52 -36.17 -0.84
N GLU K 347 -46.39 -35.73 0.42
CA GLU K 347 -45.89 -36.59 1.47
C GLU K 347 -47.03 -37.39 2.07
N TYR K 348 -48.24 -37.14 1.57
CA TYR K 348 -49.44 -37.81 2.04
C TYR K 348 -49.60 -37.70 3.55
N GLN K 349 -49.52 -36.47 4.05
CA GLN K 349 -49.60 -36.23 5.48
C GLN K 349 -50.98 -35.71 5.88
N LEU K 350 -51.73 -35.21 4.91
CA LEU K 350 -53.12 -34.81 5.15
C LEU K 350 -54.06 -35.94 4.78
N PRO K 351 -55.10 -36.15 5.60
CA PRO K 351 -56.08 -37.21 5.37
C PRO K 351 -56.58 -37.19 3.93
N TYR K 352 -56.45 -38.32 3.24
CA TYR K 352 -56.88 -38.41 1.86
C TYR K 352 -58.40 -38.51 1.80
N VAL K 353 -59.03 -37.44 1.31
CA VAL K 353 -60.49 -37.34 1.32
C VAL K 353 -61.06 -37.59 -0.07
N LEU K 354 -60.18 -37.84 -1.04
CA LEU K 354 -60.60 -38.15 -2.41
C LEU K 354 -60.94 -39.62 -2.55
N GLY K 355 -61.57 -39.97 -3.66
CA GLY K 355 -61.96 -41.35 -3.91
C GLY K 355 -63.10 -41.78 -3.01
N SER K 356 -63.99 -40.84 -2.70
CA SER K 356 -65.15 -41.13 -1.87
C SER K 356 -66.44 -40.67 -2.56
N ALA K 357 -66.39 -40.54 -3.88
CA ALA K 357 -67.56 -40.22 -4.69
C ALA K 357 -68.14 -38.84 -4.37
N HIS K 358 -67.33 -37.98 -3.75
CA HIS K 358 -67.80 -36.64 -3.42
C HIS K 358 -68.02 -35.81 -4.66
N GLN K 359 -68.75 -34.70 -4.51
CA GLN K 359 -69.04 -33.82 -5.63
C GLN K 359 -68.08 -32.64 -5.64
N GLY K 360 -68.05 -31.93 -6.76
CA GLY K 360 -67.14 -30.79 -6.91
C GLY K 360 -66.03 -31.06 -7.90
N CYS K 361 -66.17 -32.16 -8.64
CA CYS K 361 -65.20 -32.51 -9.67
C CYS K 361 -65.25 -31.49 -10.81
N LEU K 362 -64.54 -31.79 -11.89
CA LEU K 362 -64.60 -30.96 -13.07
C LEU K 362 -65.85 -31.29 -13.86
N PRO K 363 -66.52 -30.25 -14.38
CA PRO K 363 -67.74 -30.41 -15.17
C PRO K 363 -67.53 -31.32 -16.37
N PRO K 364 -68.47 -32.25 -16.63
CA PRO K 364 -68.36 -33.09 -17.83
C PRO K 364 -68.26 -32.22 -19.07
N PHE K 365 -69.11 -31.21 -19.15
CA PHE K 365 -69.11 -30.28 -20.27
C PHE K 365 -68.10 -29.17 -20.02
N PRO K 366 -67.21 -28.95 -21.00
CA PRO K 366 -66.11 -27.98 -20.91
C PRO K 366 -66.58 -26.54 -20.67
N ALA K 367 -67.72 -26.18 -21.25
CA ALA K 367 -68.21 -24.81 -21.15
C ALA K 367 -68.74 -24.46 -19.76
N ASP K 368 -69.02 -25.48 -18.95
CA ASP K 368 -69.57 -25.27 -17.61
C ASP K 368 -68.53 -24.76 -16.62
N VAL K 369 -68.97 -23.90 -15.71
CA VAL K 369 -68.12 -23.39 -14.63
C VAL K 369 -68.47 -24.12 -13.34
N PHE K 370 -67.47 -24.31 -12.48
CA PHE K 370 -67.68 -25.03 -11.23
C PHE K 370 -67.15 -24.28 -10.00
N MET K 371 -67.72 -24.60 -8.84
CA MET K 371 -67.28 -24.03 -7.57
C MET K 371 -66.31 -24.98 -6.92
N VAL K 372 -65.19 -24.46 -6.43
CA VAL K 372 -64.19 -25.30 -5.78
C VAL K 372 -64.63 -25.70 -4.38
N PRO K 373 -64.76 -27.01 -4.14
CA PRO K 373 -65.27 -27.59 -2.88
C PRO K 373 -64.45 -27.16 -1.67
N GLN K 374 -64.95 -27.45 -0.47
CA GLN K 374 -64.23 -27.13 0.75
C GLN K 374 -63.64 -28.39 1.38
N TYR K 375 -62.49 -28.23 2.03
CA TYR K 375 -61.80 -29.35 2.66
C TYR K 375 -62.30 -29.60 4.08
N GLY K 376 -62.69 -30.83 4.35
CA GLY K 376 -63.10 -31.25 5.67
C GLY K 376 -62.68 -32.69 5.90
N TYR K 377 -62.19 -32.98 7.10
CA TYR K 377 -61.71 -34.33 7.39
C TYR K 377 -62.24 -34.87 8.71
N LEU K 378 -62.19 -36.19 8.85
CA LEU K 378 -62.67 -36.86 10.04
C LEU K 378 -61.52 -37.48 10.83
N THR K 379 -61.78 -37.86 12.07
CA THR K 379 -60.76 -38.45 12.91
C THR K 379 -61.38 -39.54 13.79
N LEU K 380 -60.52 -40.23 14.53
CA LEU K 380 -60.96 -41.23 15.48
C LEU K 380 -61.94 -40.60 16.47
N ASN K 381 -63.05 -41.29 16.73
CA ASN K 381 -64.06 -40.76 17.66
C ASN K 381 -64.72 -41.83 18.53
N ASN K 382 -65.14 -41.42 19.72
CA ASN K 382 -65.89 -42.29 20.62
C ASN K 382 -67.31 -41.76 20.82
N GLY K 383 -68.15 -42.01 19.82
CA GLY K 383 -69.49 -41.43 19.82
C GLY K 383 -69.43 -40.01 19.31
N SER K 384 -69.96 -39.08 20.10
CA SER K 384 -69.90 -37.67 19.76
C SER K 384 -68.57 -37.08 20.21
N GLN K 385 -67.89 -37.79 21.09
CA GLN K 385 -66.62 -37.35 21.64
C GLN K 385 -65.45 -37.86 20.82
N ALA K 386 -64.25 -37.38 21.15
CA ALA K 386 -63.03 -37.81 20.48
C ALA K 386 -62.09 -38.46 21.47
N VAL K 387 -61.13 -39.22 20.95
CA VAL K 387 -60.14 -39.89 21.79
C VAL K 387 -58.88 -39.03 21.84
N GLY K 388 -57.98 -39.34 22.78
CA GLY K 388 -56.73 -38.62 22.89
C GLY K 388 -55.81 -38.88 21.70
N ARG K 389 -56.07 -39.96 20.99
CA ARG K 389 -55.26 -40.35 19.84
C ARG K 389 -55.74 -39.69 18.54
N SER K 390 -56.77 -38.85 18.64
CA SER K 390 -57.27 -38.14 17.47
C SER K 390 -56.22 -37.14 16.98
N SER K 391 -56.38 -36.67 15.74
CA SER K 391 -55.38 -35.80 15.13
C SER K 391 -55.98 -34.51 14.56
N PHE K 392 -55.37 -33.37 14.90
CA PHE K 392 -55.78 -32.07 14.39
C PHE K 392 -54.77 -31.55 13.38
N TYR K 393 -55.24 -31.20 12.19
CA TYR K 393 -54.35 -30.78 11.11
C TYR K 393 -54.56 -29.33 10.70
N CYS K 394 -53.46 -28.58 10.63
CA CYS K 394 -53.49 -27.20 10.17
C CYS K 394 -52.75 -27.10 8.84
N LEU K 395 -53.47 -26.73 7.79
CA LEU K 395 -52.88 -26.66 6.46
C LEU K 395 -52.00 -25.43 6.29
N GLU K 396 -51.95 -24.60 7.32
CA GLU K 396 -51.11 -23.41 7.31
C GLU K 396 -49.70 -23.78 7.70
N TYR K 397 -49.55 -24.93 8.36
CA TYR K 397 -48.25 -25.43 8.78
C TYR K 397 -47.59 -26.18 7.62
N PHE K 398 -48.17 -26.03 6.44
CA PHE K 398 -47.60 -26.58 5.22
C PHE K 398 -47.06 -25.45 4.36
N PRO K 399 -45.83 -25.61 3.85
CA PRO K 399 -45.29 -24.65 2.89
C PRO K 399 -46.18 -24.56 1.66
N SER K 400 -46.66 -23.37 1.34
CA SER K 400 -47.52 -23.17 0.19
C SER K 400 -47.04 -22.00 -0.68
N GLN K 401 -47.27 -22.11 -1.98
CA GLN K 401 -46.91 -21.05 -2.91
C GLN K 401 -48.04 -20.04 -3.03
N MET K 402 -47.71 -18.77 -2.78
CA MET K 402 -48.69 -17.70 -2.91
C MET K 402 -48.60 -17.04 -4.27
N LEU K 403 -49.75 -16.82 -4.90
CA LEU K 403 -49.79 -16.30 -6.26
C LEU K 403 -50.59 -15.01 -6.37
N ARG K 404 -50.02 -14.04 -7.07
CA ARG K 404 -50.70 -12.80 -7.42
C ARG K 404 -51.21 -12.97 -8.85
N THR K 405 -51.89 -11.96 -9.38
CA THR K 405 -52.39 -12.03 -10.74
C THR K 405 -51.21 -12.03 -11.73
N GLY K 406 -51.08 -13.11 -12.48
CA GLY K 406 -49.98 -13.23 -13.41
C GLY K 406 -49.04 -14.35 -12.97
N ASN K 407 -49.29 -14.87 -11.79
CA ASN K 407 -48.56 -16.04 -11.31
C ASN K 407 -49.30 -17.31 -11.68
N ASN K 408 -48.57 -18.41 -11.82
CA ASN K 408 -49.19 -19.70 -12.15
C ASN K 408 -48.60 -20.84 -11.33
N PHE K 409 -49.30 -21.97 -11.31
CA PHE K 409 -48.88 -23.12 -10.52
C PHE K 409 -48.67 -24.34 -11.42
N GLN K 410 -47.59 -25.07 -11.16
CA GLN K 410 -47.21 -26.19 -12.00
C GLN K 410 -47.01 -27.47 -11.18
N PHE K 411 -47.42 -28.61 -11.73
CA PHE K 411 -47.26 -29.88 -11.03
C PHE K 411 -47.31 -31.11 -11.96
N SER K 412 -46.33 -31.98 -11.81
CA SER K 412 -46.26 -33.21 -12.60
C SER K 412 -46.18 -34.47 -11.73
N TYR K 413 -46.96 -35.47 -12.09
CA TYR K 413 -47.08 -36.70 -11.30
C TYR K 413 -46.96 -37.92 -12.19
N THR K 414 -46.48 -39.03 -11.62
CA THR K 414 -46.30 -40.26 -12.39
C THR K 414 -46.97 -41.46 -11.71
N PHE K 415 -48.02 -41.99 -12.35
CA PHE K 415 -48.74 -43.14 -11.82
C PHE K 415 -47.83 -44.34 -11.61
N GLU K 416 -48.16 -45.15 -10.62
CA GLU K 416 -47.42 -46.37 -10.36
C GLU K 416 -47.93 -47.49 -11.25
N ASP K 417 -47.34 -48.68 -11.13
CA ASP K 417 -47.78 -49.83 -11.91
C ASP K 417 -49.10 -50.38 -11.36
N VAL K 418 -50.15 -50.30 -12.18
CA VAL K 418 -51.46 -50.79 -11.78
C VAL K 418 -52.17 -51.49 -12.94
N PRO K 419 -52.59 -52.74 -12.71
CA PRO K 419 -53.21 -53.64 -13.70
C PRO K 419 -54.29 -52.98 -14.55
N PHE K 420 -54.24 -53.25 -15.86
CA PHE K 420 -55.24 -52.74 -16.80
C PHE K 420 -56.63 -53.05 -16.31
N HIS K 421 -57.59 -52.18 -16.65
CA HIS K 421 -58.98 -52.48 -16.36
C HIS K 421 -59.53 -53.44 -17.40
N SER K 422 -60.58 -54.17 -17.03
CA SER K 422 -61.21 -55.13 -17.94
C SER K 422 -62.24 -54.44 -18.84
N SER K 423 -61.78 -53.99 -20.00
CA SER K 423 -62.69 -53.44 -21.01
C SER K 423 -63.19 -54.58 -21.89
N TYR K 424 -63.24 -55.77 -21.32
CA TYR K 424 -63.67 -56.96 -22.04
C TYR K 424 -64.64 -57.81 -21.22
N ALA K 425 -65.30 -58.73 -21.89
CA ALA K 425 -66.19 -59.68 -21.23
C ALA K 425 -65.94 -61.08 -21.79
N HIS K 426 -65.96 -62.08 -20.92
CA HIS K 426 -65.62 -63.44 -21.34
C HIS K 426 -66.69 -64.08 -22.23
N SER K 427 -66.25 -64.71 -23.31
CA SER K 427 -67.14 -65.41 -24.21
C SER K 427 -67.34 -66.86 -23.76
N GLN K 428 -66.51 -67.29 -22.81
CA GLN K 428 -66.63 -68.61 -22.22
C GLN K 428 -67.15 -68.51 -20.79
N SER K 429 -67.48 -69.65 -20.19
CA SER K 429 -67.92 -69.67 -18.79
C SER K 429 -67.02 -70.59 -17.98
N LEU K 430 -67.05 -70.43 -16.65
CA LEU K 430 -66.24 -71.26 -15.76
C LEU K 430 -66.61 -72.74 -15.86
N ASP K 431 -67.91 -73.03 -15.84
CA ASP K 431 -68.38 -74.41 -15.89
C ASP K 431 -68.45 -74.92 -17.33
N ARG K 432 -68.50 -74.01 -18.29
CA ARG K 432 -68.56 -74.38 -19.70
C ARG K 432 -67.23 -74.17 -20.38
N LEU K 433 -66.18 -74.76 -19.83
CA LEU K 433 -64.82 -74.53 -20.30
C LEU K 433 -64.25 -75.74 -21.05
N MET K 434 -64.79 -76.91 -20.77
CA MET K 434 -64.27 -78.16 -21.34
C MET K 434 -64.70 -78.44 -22.78
N ASN K 435 -64.49 -79.68 -23.22
CA ASN K 435 -64.80 -80.07 -24.58
C ASN K 435 -66.15 -80.77 -24.69
N PRO K 436 -67.04 -80.19 -25.50
CA PRO K 436 -68.40 -80.70 -25.73
C PRO K 436 -68.43 -82.07 -26.42
N LEU K 437 -67.33 -82.46 -27.06
CA LEU K 437 -67.32 -83.66 -27.89
C LEU K 437 -66.71 -84.87 -27.19
N ILE K 438 -65.67 -84.63 -26.39
CA ILE K 438 -64.94 -85.73 -25.76
C ILE K 438 -65.35 -85.89 -24.30
N ASP K 439 -65.24 -87.13 -23.80
CA ASP K 439 -65.58 -87.44 -22.42
C ASP K 439 -64.34 -87.40 -21.55
N GLN K 440 -64.53 -87.13 -20.26
CA GLN K 440 -63.43 -87.13 -19.30
C GLN K 440 -63.01 -88.56 -19.00
N TYR K 441 -61.76 -88.73 -18.58
CA TYR K 441 -61.28 -90.05 -18.17
C TYR K 441 -61.37 -90.20 -16.66
N LEU K 442 -61.93 -89.18 -16.02
CA LEU K 442 -62.14 -89.22 -14.57
C LEU K 442 -63.52 -89.75 -14.22
N TYR K 443 -63.65 -90.30 -13.02
CA TYR K 443 -64.92 -90.88 -12.59
C TYR K 443 -65.48 -90.19 -11.35
N TYR K 444 -66.80 -90.08 -11.31
CA TYR K 444 -67.49 -89.51 -10.17
C TYR K 444 -68.60 -90.46 -9.76
N LEU K 445 -69.09 -90.32 -8.53
CA LEU K 445 -70.19 -91.15 -8.05
C LEU K 445 -71.51 -90.42 -8.25
N ASN K 446 -72.47 -91.10 -8.88
CA ASN K 446 -73.76 -90.48 -9.20
C ASN K 446 -74.96 -91.29 -8.72
N ARG K 447 -74.72 -92.50 -8.26
CA ARG K 447 -75.77 -93.37 -7.77
C ARG K 447 -75.36 -94.04 -6.46
N THR K 448 -76.15 -93.81 -5.42
CA THR K 448 -75.86 -94.36 -4.10
C THR K 448 -76.75 -95.55 -3.77
N GLN K 449 -77.98 -95.53 -4.26
CA GLN K 449 -78.93 -96.61 -4.00
C GLN K 449 -79.63 -97.10 -5.26
N GLY K 450 -80.29 -96.19 -5.96
CA GLY K 450 -81.09 -96.54 -7.12
C GLY K 450 -80.41 -97.50 -8.07
N THR K 451 -80.70 -98.79 -7.91
CA THR K 451 -80.14 -99.81 -8.78
C THR K 451 -81.24 -100.35 -9.69
N THR K 452 -81.02 -101.55 -10.22
CA THR K 452 -82.07 -102.28 -10.92
C THR K 452 -83.17 -102.55 -9.89
N SER K 453 -83.92 -101.51 -9.55
CA SER K 453 -84.82 -101.53 -8.40
C SER K 453 -86.07 -102.38 -8.62
N GLY K 454 -86.10 -103.53 -7.95
CA GLY K 454 -87.24 -104.42 -8.01
C GLY K 454 -87.16 -105.48 -6.92
N THR K 455 -86.22 -106.40 -7.09
CA THR K 455 -85.97 -107.45 -6.11
C THR K 455 -84.63 -107.19 -5.43
N THR K 456 -84.61 -107.29 -4.10
CA THR K 456 -83.37 -107.27 -3.31
C THR K 456 -82.39 -106.18 -3.75
N ASN K 457 -82.90 -104.99 -4.03
CA ASN K 457 -82.04 -103.89 -4.43
C ASN K 457 -82.21 -102.64 -3.56
N GLN K 458 -81.59 -102.69 -2.38
CA GLN K 458 -81.62 -101.58 -1.45
C GLN K 458 -80.66 -100.47 -1.87
N SER K 459 -79.36 -100.78 -1.89
CA SER K 459 -78.34 -99.79 -2.21
C SER K 459 -77.09 -100.40 -2.85
N ARG K 460 -76.40 -99.60 -3.64
CA ARG K 460 -75.17 -100.02 -4.31
C ARG K 460 -74.38 -98.81 -4.77
N LEU K 461 -73.06 -98.86 -4.61
CA LEU K 461 -72.19 -97.76 -5.00
C LEU K 461 -71.85 -97.82 -6.49
N LEU K 462 -72.33 -96.84 -7.24
CA LEU K 462 -72.14 -96.83 -8.69
C LEU K 462 -71.51 -95.53 -9.20
N PHE K 463 -70.49 -95.68 -10.05
CA PHE K 463 -69.74 -94.54 -10.56
C PHE K 463 -69.92 -94.37 -12.07
N SER K 464 -69.90 -93.13 -12.53
CA SER K 464 -70.00 -92.85 -13.96
C SER K 464 -68.81 -92.05 -14.47
N GLN K 465 -68.45 -92.29 -15.73
CA GLN K 465 -67.40 -91.52 -16.39
C GLN K 465 -68.00 -90.25 -16.97
N ALA K 466 -67.45 -89.11 -16.61
CA ALA K 466 -67.96 -87.83 -17.07
C ALA K 466 -68.05 -87.77 -18.59
N GLY K 467 -69.16 -87.26 -19.10
CA GLY K 467 -69.35 -87.09 -20.52
C GLY K 467 -69.94 -85.72 -20.81
N PRO K 468 -70.12 -85.39 -22.10
CA PRO K 468 -70.73 -84.12 -22.48
C PRO K 468 -72.17 -84.09 -21.95
N GLN K 469 -72.68 -85.28 -21.67
CA GLN K 469 -74.02 -85.44 -21.16
C GLN K 469 -74.08 -85.07 -19.68
N SER K 470 -73.07 -85.48 -18.93
CA SER K 470 -72.94 -85.10 -17.53
C SER K 470 -72.15 -83.79 -17.42
N MET K 471 -72.70 -82.72 -17.97
CA MET K 471 -71.97 -81.47 -18.11
C MET K 471 -71.74 -80.74 -16.78
N SER K 472 -72.76 -80.68 -15.93
CA SER K 472 -72.64 -80.00 -14.65
C SER K 472 -72.21 -80.95 -13.54
N LEU K 473 -71.54 -82.03 -13.93
CA LEU K 473 -71.08 -83.03 -12.98
C LEU K 473 -69.61 -83.36 -13.17
N GLN K 474 -69.04 -82.87 -14.27
CA GLN K 474 -67.65 -83.15 -14.61
C GLN K 474 -66.68 -82.55 -13.59
N ALA K 475 -65.50 -83.17 -13.48
CA ALA K 475 -64.45 -82.65 -12.62
C ALA K 475 -64.10 -81.22 -13.01
N ARG K 476 -63.75 -80.40 -12.02
CA ARG K 476 -63.48 -78.99 -12.27
C ARG K 476 -62.11 -78.59 -11.74
N ASN K 477 -61.53 -77.57 -12.36
CA ASN K 477 -60.21 -77.07 -11.96
C ASN K 477 -60.26 -75.72 -11.24
N TRP K 478 -61.39 -75.04 -11.30
CA TRP K 478 -61.49 -73.68 -10.79
C TRP K 478 -62.84 -73.39 -10.13
N LEU K 479 -62.85 -72.40 -9.23
CA LEU K 479 -64.08 -71.96 -8.57
C LEU K 479 -64.45 -70.53 -8.93
N PRO K 480 -65.70 -70.12 -8.68
CA PRO K 480 -66.16 -68.74 -8.89
C PRO K 480 -65.61 -67.81 -7.82
N GLY K 481 -65.78 -66.51 -8.02
CA GLY K 481 -65.28 -65.53 -7.07
C GLY K 481 -66.02 -65.56 -5.77
N PRO K 482 -65.47 -64.90 -4.74
CA PRO K 482 -66.08 -64.81 -3.40
C PRO K 482 -67.46 -64.18 -3.47
N CYS K 483 -68.16 -64.13 -2.34
CA CYS K 483 -69.52 -63.58 -2.33
C CYS K 483 -69.95 -63.06 -0.95
N TYR K 484 -70.93 -62.16 -0.97
CA TYR K 484 -71.56 -61.64 0.23
C TYR K 484 -73.00 -61.30 -0.12
N ARG K 485 -73.89 -62.25 0.07
CA ARG K 485 -75.27 -62.15 -0.40
C ARG K 485 -75.92 -60.79 -0.15
N GLN K 486 -76.57 -60.27 -1.18
CA GLN K 486 -77.35 -59.03 -1.09
C GLN K 486 -78.82 -59.38 -1.22
N GLN K 487 -79.68 -58.49 -0.71
CA GLN K 487 -81.12 -58.71 -0.83
C GLN K 487 -81.62 -58.35 -2.23
N ARG K 488 -82.59 -59.11 -2.72
CA ARG K 488 -83.13 -58.89 -4.06
C ARG K 488 -84.24 -57.85 -4.06
N LEU K 489 -84.14 -56.87 -4.95
CA LEU K 489 -85.16 -55.84 -5.10
C LEU K 489 -85.71 -55.82 -6.51
N SER K 490 -86.98 -55.45 -6.65
CA SER K 490 -87.58 -55.31 -7.97
C SER K 490 -87.83 -53.85 -8.29
N LYS K 491 -87.71 -53.51 -9.56
CA LYS K 491 -87.98 -52.14 -10.00
C LYS K 491 -89.48 -51.89 -10.01
N THR K 492 -90.25 -52.97 -10.11
CA THR K 492 -91.71 -52.89 -10.04
C THR K 492 -92.13 -52.77 -8.58
N ALA K 493 -92.66 -51.60 -8.21
CA ALA K 493 -92.93 -51.27 -6.82
C ALA K 493 -94.11 -52.05 -6.22
N ASN K 494 -94.34 -53.26 -6.70
CA ASN K 494 -95.41 -54.09 -6.14
C ASN K 494 -95.01 -55.55 -5.99
N ASP K 495 -93.86 -55.91 -6.54
CA ASP K 495 -93.35 -57.26 -6.38
C ASP K 495 -92.77 -57.39 -4.97
N ASN K 496 -92.42 -56.25 -4.39
CA ASN K 496 -91.69 -56.21 -3.13
C ASN K 496 -92.57 -56.35 -1.89
N ASN K 497 -91.94 -56.66 -0.76
CA ASN K 497 -92.62 -56.78 0.50
C ASN K 497 -93.09 -55.42 1.00
N ASN K 498 -94.31 -55.36 1.52
CA ASN K 498 -94.88 -54.11 2.02
C ASN K 498 -94.27 -53.74 3.38
N SER K 499 -92.96 -53.54 3.39
CA SER K 499 -92.24 -53.16 4.61
C SER K 499 -90.97 -52.38 4.25
N ASN K 500 -90.59 -51.43 5.11
CA ASN K 500 -89.39 -50.62 4.88
C ASN K 500 -88.14 -51.30 5.46
N PHE K 501 -87.36 -51.92 4.58
CA PHE K 501 -86.21 -52.73 5.01
C PHE K 501 -84.86 -52.31 4.41
N PRO K 502 -84.69 -51.02 4.06
CA PRO K 502 -83.42 -50.64 3.42
C PRO K 502 -82.29 -50.53 4.42
N TRP K 503 -82.55 -50.92 5.67
CA TRP K 503 -81.53 -50.84 6.72
C TRP K 503 -81.58 -52.06 7.64
N THR K 504 -82.80 -52.53 7.90
CA THR K 504 -83.01 -53.64 8.82
C THR K 504 -82.89 -54.99 8.12
N ALA K 505 -82.76 -54.98 6.80
CA ALA K 505 -82.66 -56.22 6.02
C ALA K 505 -81.50 -56.20 5.03
N ALA K 506 -80.76 -55.10 5.01
CA ALA K 506 -79.63 -54.96 4.10
C ALA K 506 -78.35 -55.50 4.73
N SER K 507 -77.43 -55.99 3.89
CA SER K 507 -76.16 -56.50 4.35
C SER K 507 -75.24 -55.39 4.81
N LYS K 508 -74.72 -55.50 6.03
CA LYS K 508 -73.93 -54.45 6.64
C LYS K 508 -72.81 -55.01 7.48
N TYR K 509 -71.81 -54.20 7.77
CA TYR K 509 -70.71 -54.61 8.66
C TYR K 509 -70.66 -53.66 9.83
N HIS K 510 -69.90 -54.01 10.87
CA HIS K 510 -69.77 -53.12 12.01
C HIS K 510 -68.37 -53.14 12.62
N LEU K 511 -67.85 -51.95 12.90
CA LEU K 511 -66.54 -51.80 13.52
C LEU K 511 -66.66 -50.92 14.75
N ASN K 512 -66.04 -51.34 15.84
CA ASN K 512 -66.06 -50.57 17.07
C ASN K 512 -67.49 -50.42 17.58
N GLY K 513 -68.34 -51.38 17.24
CA GLY K 513 -69.74 -51.36 17.64
C GLY K 513 -70.55 -50.36 16.85
N ARG K 514 -70.12 -50.10 15.62
CA ARG K 514 -70.80 -49.14 14.75
C ARG K 514 -71.18 -49.75 13.39
N ASP K 515 -72.47 -49.84 13.14
CA ASP K 515 -72.98 -50.40 11.88
C ASP K 515 -72.67 -49.49 10.69
N SER K 516 -72.21 -50.10 9.61
CA SER K 516 -71.97 -49.39 8.35
C SER K 516 -72.46 -50.26 7.20
N LEU K 517 -73.17 -49.64 6.26
CA LEU K 517 -73.78 -50.39 5.17
C LEU K 517 -72.76 -50.82 4.12
N VAL K 518 -72.71 -52.12 3.85
CA VAL K 518 -71.84 -52.65 2.81
C VAL K 518 -72.45 -52.34 1.44
N ASN K 519 -72.20 -51.13 0.94
CA ASN K 519 -72.81 -50.70 -0.31
C ASN K 519 -72.29 -51.44 -1.54
N PRO K 520 -71.12 -51.07 -2.07
CA PRO K 520 -70.65 -51.87 -3.19
C PRO K 520 -69.81 -53.02 -2.68
N GLY K 521 -70.44 -54.14 -2.36
CA GLY K 521 -69.73 -55.28 -1.82
C GLY K 521 -68.82 -55.92 -2.84
N PRO K 522 -68.35 -57.15 -2.56
CA PRO K 522 -67.57 -57.88 -3.56
C PRO K 522 -68.28 -57.84 -4.91
N ALA K 523 -67.52 -58.00 -5.98
CA ALA K 523 -68.10 -57.97 -7.32
C ALA K 523 -68.95 -59.22 -7.57
N MET K 524 -70.26 -59.01 -7.62
CA MET K 524 -71.20 -60.10 -7.90
C MET K 524 -72.15 -59.70 -9.02
N ALA K 525 -72.71 -60.68 -9.73
CA ALA K 525 -73.62 -60.40 -10.83
C ALA K 525 -74.95 -59.85 -10.33
N SER K 526 -75.52 -58.88 -11.07
CA SER K 526 -76.75 -58.22 -10.65
C SER K 526 -77.98 -59.13 -10.76
N HIS K 527 -78.10 -59.86 -11.87
CA HIS K 527 -79.25 -60.72 -12.09
C HIS K 527 -78.89 -61.94 -12.94
N LYS K 528 -79.67 -63.01 -12.81
CA LYS K 528 -79.49 -64.20 -13.62
C LYS K 528 -80.19 -64.03 -14.97
N ASP K 529 -80.01 -65.00 -15.86
CA ASP K 529 -80.55 -64.90 -17.21
C ASP K 529 -82.08 -64.83 -17.24
N ASP K 530 -82.60 -64.03 -18.18
CA ASP K 530 -84.04 -63.93 -18.41
C ASP K 530 -84.79 -63.22 -17.28
N GLU K 531 -84.17 -62.21 -16.69
CA GLU K 531 -84.82 -61.39 -15.68
C GLU K 531 -84.66 -59.91 -15.99
N GLU K 532 -83.46 -59.38 -15.72
CA GLU K 532 -83.13 -58.01 -16.09
C GLU K 532 -84.09 -57.00 -15.45
N LYS K 533 -84.60 -57.33 -14.26
CA LYS K 533 -85.50 -56.43 -13.55
C LYS K 533 -85.16 -56.41 -12.06
N PHE K 534 -84.56 -57.50 -11.59
CA PHE K 534 -84.16 -57.61 -10.20
C PHE K 534 -82.72 -57.17 -9.99
N PHE K 535 -82.54 -56.03 -9.31
CA PHE K 535 -81.22 -55.56 -8.96
C PHE K 535 -80.98 -55.80 -7.47
N PRO K 536 -79.71 -55.98 -7.07
CA PRO K 536 -79.39 -56.21 -5.66
C PRO K 536 -79.63 -54.97 -4.83
N MET K 537 -80.01 -55.15 -3.57
CA MET K 537 -80.07 -54.06 -2.63
C MET K 537 -78.71 -53.39 -2.67
N HIS K 538 -78.64 -52.23 -3.30
CA HIS K 538 -77.39 -51.49 -3.43
C HIS K 538 -76.19 -52.35 -3.83
N GLY K 539 -76.42 -53.33 -4.71
CA GLY K 539 -75.34 -54.18 -5.18
C GLY K 539 -74.59 -53.59 -6.36
N ASN K 540 -74.73 -52.28 -6.54
CA ASN K 540 -74.08 -51.58 -7.65
C ASN K 540 -74.22 -50.06 -7.52
N LEU K 541 -73.40 -49.33 -8.28
CA LEU K 541 -73.41 -47.88 -8.21
C LEU K 541 -74.57 -47.26 -8.97
N ILE K 542 -75.27 -46.35 -8.31
CA ILE K 542 -76.43 -45.69 -8.90
C ILE K 542 -76.18 -44.20 -9.07
N PHE K 543 -76.34 -43.71 -10.30
CA PHE K 543 -76.09 -42.31 -10.61
C PHE K 543 -77.39 -41.52 -10.70
N GLY K 544 -77.38 -40.30 -10.19
CA GLY K 544 -78.54 -39.44 -10.25
C GLY K 544 -78.57 -38.60 -11.51
N LYS K 545 -79.72 -38.56 -12.17
CA LYS K 545 -79.90 -37.75 -13.36
C LYS K 545 -79.72 -36.26 -13.06
N GLU K 546 -79.50 -35.47 -14.09
CA GLU K 546 -79.33 -34.03 -13.92
C GLU K 546 -80.62 -33.42 -13.39
N GLY K 547 -80.49 -32.57 -12.37
CA GLY K 547 -81.65 -31.92 -11.77
C GLY K 547 -82.54 -32.92 -11.05
N THR K 548 -82.14 -33.28 -9.83
CA THR K 548 -82.90 -34.22 -9.01
C THR K 548 -82.47 -34.12 -7.55
N THR K 549 -83.39 -33.74 -6.68
CA THR K 549 -83.10 -33.49 -5.26
C THR K 549 -82.33 -34.64 -4.61
N ALA K 550 -81.56 -34.31 -3.58
CA ALA K 550 -80.73 -35.29 -2.88
C ALA K 550 -81.54 -36.14 -1.89
N SER K 551 -82.79 -35.73 -1.68
CA SER K 551 -83.62 -36.39 -0.68
C SER K 551 -84.80 -37.12 -1.31
N ASN K 552 -84.77 -38.45 -1.21
CA ASN K 552 -85.85 -39.31 -1.69
C ASN K 552 -86.38 -38.94 -3.07
N ALA K 553 -85.61 -39.28 -4.10
CA ALA K 553 -86.02 -39.03 -5.48
C ALA K 553 -86.72 -40.25 -6.04
N GLU K 554 -87.39 -40.06 -7.18
CA GLU K 554 -88.17 -41.13 -7.80
C GLU K 554 -87.27 -42.16 -8.48
N LEU K 555 -87.81 -43.35 -8.72
CA LEU K 555 -87.10 -44.43 -9.40
C LEU K 555 -86.80 -44.05 -10.86
N ASP K 556 -87.65 -43.21 -11.43
CA ASP K 556 -87.47 -42.78 -12.81
C ASP K 556 -86.53 -41.58 -12.88
N ASN K 557 -85.91 -41.25 -11.75
CA ASN K 557 -84.97 -40.13 -11.67
C ASN K 557 -83.53 -40.57 -11.40
N VAL K 558 -83.31 -41.88 -11.35
CA VAL K 558 -81.97 -42.41 -11.11
C VAL K 558 -81.56 -43.43 -12.16
N MET K 559 -80.26 -43.67 -12.25
CA MET K 559 -79.71 -44.62 -13.21
C MET K 559 -78.97 -45.74 -12.50
N ILE K 560 -79.55 -46.93 -12.52
CA ILE K 560 -78.98 -48.09 -11.86
C ILE K 560 -78.11 -48.85 -12.85
N THR K 561 -76.93 -49.25 -12.41
CA THR K 561 -75.96 -49.89 -13.28
C THR K 561 -76.05 -51.42 -13.26
N ASP K 562 -76.01 -52.02 -14.44
CA ASP K 562 -76.16 -53.47 -14.56
C ASP K 562 -74.81 -54.16 -14.73
N GLU K 563 -74.47 -55.04 -13.80
CA GLU K 563 -73.24 -55.82 -13.89
C GLU K 563 -73.54 -57.23 -14.39
N GLU K 564 -73.93 -57.32 -15.66
CA GLU K 564 -74.33 -58.60 -16.25
C GLU K 564 -73.34 -59.13 -17.28
N GLU K 565 -72.09 -58.67 -17.20
CA GLU K 565 -71.06 -59.16 -18.11
C GLU K 565 -70.13 -60.10 -17.36
N ILE K 566 -70.19 -60.05 -16.04
CA ILE K 566 -69.32 -60.87 -15.20
C ILE K 566 -70.03 -62.12 -14.68
N ARG K 567 -71.08 -62.53 -15.39
CA ARG K 567 -71.88 -63.68 -15.01
C ARG K 567 -71.05 -64.97 -14.99
N THR K 568 -70.01 -64.98 -15.81
CA THR K 568 -69.23 -66.21 -16.05
C THR K 568 -68.15 -66.46 -15.01
N THR K 569 -67.80 -65.44 -14.23
CA THR K 569 -66.74 -65.56 -13.24
C THR K 569 -67.26 -65.30 -11.83
N ASN K 570 -68.38 -64.57 -11.74
CA ASN K 570 -68.89 -64.14 -10.45
C ASN K 570 -70.26 -64.71 -10.08
N PRO K 571 -70.47 -64.97 -8.78
CA PRO K 571 -71.75 -65.42 -8.24
C PRO K 571 -72.77 -64.31 -8.30
N VAL K 572 -74.05 -64.66 -8.41
CA VAL K 572 -75.12 -63.66 -8.45
C VAL K 572 -75.29 -63.03 -7.06
N ALA K 573 -75.37 -61.70 -7.03
CA ALA K 573 -75.40 -60.96 -5.77
C ALA K 573 -76.56 -61.32 -4.85
N THR K 574 -77.74 -61.49 -5.42
CA THR K 574 -78.95 -61.77 -4.66
C THR K 574 -79.12 -63.27 -4.41
N GLU K 575 -78.70 -64.08 -5.39
CA GLU K 575 -78.79 -65.53 -5.27
C GLU K 575 -77.80 -66.07 -4.25
N GLN K 576 -77.92 -67.36 -3.94
CA GLN K 576 -77.04 -68.03 -2.99
C GLN K 576 -75.64 -68.23 -3.58
N TYR K 577 -74.84 -69.03 -2.89
CA TYR K 577 -73.51 -69.37 -3.39
C TYR K 577 -73.45 -70.83 -3.83
N GLY K 578 -74.02 -71.71 -3.01
CA GLY K 578 -74.04 -73.13 -3.33
C GLY K 578 -74.50 -74.02 -2.18
N THR K 579 -74.04 -75.27 -2.22
CA THR K 579 -74.43 -76.27 -1.24
C THR K 579 -73.22 -76.77 -0.46
N VAL K 580 -73.40 -76.95 0.84
CA VAL K 580 -72.35 -77.50 1.70
C VAL K 580 -72.93 -78.57 2.61
N ALA K 581 -72.17 -79.65 2.82
CA ALA K 581 -72.61 -80.70 3.72
C ALA K 581 -72.30 -80.33 5.17
N ASN K 582 -73.11 -80.83 6.09
CA ASN K 582 -72.91 -80.57 7.51
C ASN K 582 -73.45 -81.66 8.43
N ASN K 583 -73.09 -82.90 8.13
CA ASN K 583 -73.46 -84.06 8.94
C ASN K 583 -72.82 -85.33 8.43
N LEU K 584 -72.80 -86.36 9.26
CA LEU K 584 -72.23 -87.66 8.86
C LEU K 584 -73.32 -88.63 8.47
N GLN K 585 -73.71 -88.58 7.19
CA GLN K 585 -74.80 -89.42 6.68
C GLN K 585 -74.51 -90.91 6.89
N SER K 586 -75.57 -91.68 7.11
CA SER K 586 -75.46 -93.12 7.31
C SER K 586 -76.84 -93.75 7.24
N SER K 587 -76.90 -95.05 7.56
CA SER K 587 -78.17 -95.75 7.61
C SER K 587 -79.07 -95.12 8.69
N ASN K 588 -78.45 -94.57 9.72
CA ASN K 588 -79.19 -93.96 10.82
C ASN K 588 -79.55 -92.51 10.56
N THR K 589 -78.72 -91.84 9.76
CA THR K 589 -78.87 -90.40 9.53
C THR K 589 -79.05 -90.05 8.07
N ALA K 590 -79.97 -89.13 7.79
CA ALA K 590 -80.18 -88.63 6.44
C ALA K 590 -79.25 -87.46 6.16
N PRO K 591 -78.64 -87.45 4.96
CA PRO K 591 -77.71 -86.40 4.53
C PRO K 591 -78.31 -85.00 4.61
N THR K 592 -77.56 -84.05 5.14
CA THR K 592 -78.06 -82.69 5.31
C THR K 592 -77.33 -81.68 4.42
N THR K 593 -78.09 -80.73 3.87
CA THR K 593 -77.55 -79.70 3.00
C THR K 593 -77.71 -78.32 3.62
N ARG K 594 -76.69 -77.48 3.44
CA ARG K 594 -76.73 -76.12 3.96
C ARG K 594 -76.54 -75.11 2.83
N THR K 595 -77.45 -74.15 2.75
CA THR K 595 -77.35 -73.08 1.76
C THR K 595 -76.35 -72.02 2.20
N VAL K 596 -75.22 -71.93 1.50
CA VAL K 596 -74.16 -70.99 1.86
C VAL K 596 -74.47 -69.58 1.36
N ASN K 597 -74.50 -68.64 2.31
CA ASN K 597 -74.85 -67.26 2.01
C ASN K 597 -73.63 -66.35 2.03
N ASP K 598 -72.55 -66.85 2.64
CA ASP K 598 -71.32 -66.07 2.77
C ASP K 598 -70.08 -66.93 2.56
N GLN K 599 -69.26 -66.55 1.58
CA GLN K 599 -68.06 -67.32 1.26
C GLN K 599 -66.79 -66.47 1.27
N GLY K 600 -65.87 -66.78 2.17
CA GLY K 600 -64.58 -66.14 2.17
C GLY K 600 -63.80 -66.53 0.93
N ALA K 601 -62.49 -66.33 0.95
CA ALA K 601 -61.64 -66.66 -0.19
C ALA K 601 -61.27 -68.13 -0.21
N LEU K 602 -60.90 -68.64 -1.38
CA LEU K 602 -60.55 -70.04 -1.53
C LEU K 602 -59.48 -70.28 -2.60
N PRO K 603 -58.52 -71.16 -2.29
CA PRO K 603 -57.49 -71.55 -3.26
C PRO K 603 -58.13 -72.12 -4.53
N GLY K 604 -58.09 -71.36 -5.62
CA GLY K 604 -58.63 -71.83 -6.87
C GLY K 604 -59.73 -70.94 -7.41
N MET K 605 -60.12 -69.94 -6.62
CA MET K 605 -61.15 -69.01 -7.06
C MET K 605 -60.61 -68.01 -8.08
N VAL K 606 -61.43 -67.64 -9.04
CA VAL K 606 -61.08 -66.63 -10.02
C VAL K 606 -62.26 -65.69 -10.22
N TRP K 607 -62.00 -64.39 -10.19
CA TRP K 607 -63.08 -63.42 -10.30
C TRP K 607 -62.72 -62.23 -11.17
N GLN K 608 -63.74 -61.54 -11.65
CA GLN K 608 -63.56 -60.30 -12.38
C GLN K 608 -63.98 -59.16 -11.46
N ASP K 609 -63.28 -58.03 -11.53
CA ASP K 609 -63.62 -56.89 -10.70
C ASP K 609 -64.85 -56.16 -11.25
N ARG K 610 -65.24 -55.07 -10.63
CA ARG K 610 -66.40 -54.29 -11.08
C ARG K 610 -66.12 -53.63 -12.43
N ASP K 611 -66.78 -52.51 -12.68
CA ASP K 611 -66.63 -51.82 -13.95
C ASP K 611 -66.52 -50.32 -13.73
N VAL K 612 -65.90 -49.63 -14.69
CA VAL K 612 -65.83 -48.17 -14.65
C VAL K 612 -66.71 -47.58 -15.73
N TYR K 613 -67.47 -46.56 -15.35
CA TYR K 613 -68.38 -45.92 -16.29
C TYR K 613 -67.94 -44.49 -16.53
N LEU K 614 -68.39 -43.92 -17.64
CA LEU K 614 -67.97 -42.58 -18.04
C LEU K 614 -67.99 -41.57 -16.89
N GLN K 615 -68.88 -41.78 -15.92
CA GLN K 615 -69.00 -40.86 -14.80
C GLN K 615 -68.58 -41.48 -13.46
N GLY K 616 -67.90 -42.61 -13.53
CA GLY K 616 -67.45 -43.30 -12.33
C GLY K 616 -66.13 -42.80 -11.79
N PRO K 617 -65.76 -43.23 -10.58
CA PRO K 617 -64.47 -42.89 -9.99
C PRO K 617 -63.33 -43.45 -10.82
N ILE K 618 -62.15 -42.86 -10.71
CA ILE K 618 -60.99 -43.32 -11.47
C ILE K 618 -60.03 -44.11 -10.58
N TRP K 619 -59.55 -43.48 -9.51
CA TRP K 619 -58.60 -44.13 -8.62
C TRP K 619 -59.06 -44.11 -7.16
N ALA K 620 -58.24 -44.67 -6.29
CA ALA K 620 -58.54 -44.71 -4.86
C ALA K 620 -57.28 -45.02 -4.05
N LYS K 621 -57.08 -44.29 -2.97
CA LYS K 621 -55.90 -44.48 -2.13
C LYS K 621 -56.02 -45.69 -1.21
N ILE K 622 -55.31 -46.76 -1.56
CA ILE K 622 -55.25 -47.93 -0.71
C ILE K 622 -54.75 -47.56 0.68
N PRO K 623 -55.55 -47.82 1.71
CA PRO K 623 -55.23 -47.49 3.09
C PRO K 623 -53.88 -48.06 3.50
N HIS K 624 -53.13 -47.33 4.32
CA HIS K 624 -51.84 -47.80 4.78
C HIS K 624 -51.95 -48.67 6.02
N THR K 625 -52.30 -49.94 5.82
CA THR K 625 -52.45 -50.88 6.92
C THR K 625 -51.40 -51.99 6.85
N ASP K 626 -51.46 -52.92 7.79
CA ASP K 626 -50.55 -54.05 7.81
C ASP K 626 -50.85 -55.04 6.69
N GLY K 627 -52.11 -55.06 6.24
CA GLY K 627 -52.51 -56.05 5.25
C GLY K 627 -53.67 -55.66 4.37
N HIS K 628 -53.62 -56.10 3.12
CA HIS K 628 -54.69 -55.94 2.17
C HIS K 628 -54.83 -57.27 1.43
N PHE K 629 -56.01 -57.53 0.86
CA PHE K 629 -56.19 -58.76 0.09
C PHE K 629 -56.03 -58.51 -1.40
N HIS K 630 -57.11 -58.07 -2.04
CA HIS K 630 -57.08 -57.75 -3.45
C HIS K 630 -57.46 -56.28 -3.57
N PRO K 631 -56.50 -55.39 -3.30
CA PRO K 631 -56.68 -53.95 -3.11
C PRO K 631 -57.21 -53.21 -4.35
N SER K 632 -58.41 -53.58 -4.78
CA SER K 632 -59.08 -52.87 -5.87
C SER K 632 -60.27 -52.09 -5.29
N PRO K 633 -60.36 -50.79 -5.60
CA PRO K 633 -61.42 -49.92 -5.08
C PRO K 633 -62.78 -50.58 -5.24
N LEU K 634 -63.52 -50.72 -4.14
CA LEU K 634 -64.81 -51.40 -4.18
C LEU K 634 -65.78 -50.73 -5.13
N MET K 635 -65.67 -49.40 -5.23
CA MET K 635 -66.53 -48.64 -6.14
C MET K 635 -66.03 -48.74 -7.57
N GLY K 636 -64.85 -49.35 -7.72
CA GLY K 636 -64.28 -49.57 -9.04
C GLY K 636 -63.12 -48.64 -9.37
N GLY K 637 -62.18 -49.13 -10.16
CA GLY K 637 -61.07 -48.31 -10.59
C GLY K 637 -59.70 -48.86 -10.23
N PHE K 638 -58.74 -47.96 -10.11
CA PHE K 638 -57.36 -48.35 -9.86
C PHE K 638 -56.95 -48.05 -8.42
N GLY K 639 -56.60 -49.10 -7.69
CA GLY K 639 -56.14 -48.97 -6.33
C GLY K 639 -54.68 -48.55 -6.30
N LEU K 640 -54.42 -47.38 -5.72
CA LEU K 640 -53.07 -46.82 -5.73
C LEU K 640 -52.53 -46.62 -4.33
N LYS K 641 -51.32 -47.11 -4.10
CA LYS K 641 -50.60 -46.83 -2.86
C LYS K 641 -50.37 -45.34 -2.77
N HIS K 642 -49.84 -44.77 -3.85
CA HIS K 642 -49.57 -43.34 -3.93
C HIS K 642 -50.31 -42.72 -5.10
N PRO K 643 -51.54 -42.26 -4.87
CA PRO K 643 -52.42 -41.67 -5.90
C PRO K 643 -52.17 -40.18 -6.05
N PRO K 644 -52.61 -39.60 -7.19
CA PRO K 644 -52.49 -38.16 -7.44
C PRO K 644 -52.78 -37.35 -6.19
N PRO K 645 -51.74 -36.75 -5.59
CA PRO K 645 -51.81 -36.02 -4.33
C PRO K 645 -52.91 -34.97 -4.35
N GLN K 646 -53.28 -34.48 -3.17
CA GLN K 646 -54.31 -33.48 -3.04
C GLN K 646 -53.75 -32.08 -3.29
N ILE K 647 -54.43 -31.31 -4.13
CA ILE K 647 -54.02 -29.93 -4.40
C ILE K 647 -54.94 -28.97 -3.67
N MET K 648 -54.39 -28.24 -2.70
CA MET K 648 -55.15 -27.28 -1.91
C MET K 648 -55.11 -25.87 -2.47
N ILE K 649 -56.13 -25.09 -2.13
CA ILE K 649 -56.28 -23.73 -2.63
C ILE K 649 -57.07 -22.92 -1.60
N LYS K 650 -56.70 -21.66 -1.42
CA LYS K 650 -57.43 -20.79 -0.50
C LYS K 650 -57.05 -19.33 -0.72
N ASN K 651 -58.01 -18.44 -0.50
CA ASN K 651 -57.77 -17.01 -0.65
C ASN K 651 -57.05 -16.46 0.56
N THR K 652 -55.91 -15.82 0.33
CA THR K 652 -55.13 -15.24 1.42
C THR K 652 -55.95 -14.16 2.12
N PRO K 653 -56.17 -14.34 3.44
CA PRO K 653 -56.98 -13.43 4.26
C PRO K 653 -56.47 -11.99 4.21
N VAL K 654 -57.36 -11.06 3.94
CA VAL K 654 -56.98 -9.64 3.91
C VAL K 654 -57.68 -8.87 5.03
N PRO K 655 -56.88 -8.41 6.01
CA PRO K 655 -57.42 -7.63 7.14
C PRO K 655 -58.15 -6.39 6.66
N ALA K 656 -59.38 -6.21 7.14
CA ALA K 656 -60.11 -4.99 6.87
C ALA K 656 -59.43 -3.86 7.60
N ASN K 657 -60.18 -2.83 7.96
CA ASN K 657 -59.60 -1.67 8.62
C ASN K 657 -59.27 -1.89 10.10
N PRO K 658 -58.01 -1.64 10.48
CA PRO K 658 -57.50 -1.77 11.85
C PRO K 658 -57.63 -0.47 12.64
N PRO K 659 -57.71 -0.59 13.99
CA PRO K 659 -57.82 0.53 14.93
C PRO K 659 -56.50 1.24 15.17
N THR K 660 -56.54 2.53 15.51
CA THR K 660 -55.34 3.30 15.83
C THR K 660 -54.74 2.88 17.17
N THR K 661 -55.55 2.21 17.99
CA THR K 661 -55.08 1.67 19.26
C THR K 661 -54.85 0.16 19.16
N PHE K 662 -53.81 -0.32 19.84
CA PHE K 662 -53.42 -1.72 19.74
C PHE K 662 -54.41 -2.67 20.44
N SER K 663 -54.73 -3.77 19.76
CA SER K 663 -55.63 -4.77 20.32
C SER K 663 -55.03 -6.17 20.25
N PRO K 664 -54.92 -6.84 21.41
CA PRO K 664 -54.39 -8.20 21.50
C PRO K 664 -55.44 -9.20 21.01
N ALA K 665 -56.68 -8.75 20.91
CA ALA K 665 -57.78 -9.62 20.52
C ALA K 665 -57.56 -10.24 19.14
N LYS K 666 -57.95 -11.51 19.00
CA LYS K 666 -57.85 -12.21 17.73
C LYS K 666 -58.52 -11.40 16.64
N PHE K 667 -57.85 -11.30 15.49
CA PHE K 667 -58.38 -10.52 14.37
C PHE K 667 -59.50 -11.30 13.67
N ALA K 668 -60.62 -10.62 13.43
CA ALA K 668 -61.78 -11.27 12.80
C ALA K 668 -62.51 -10.35 11.83
N SER K 669 -61.95 -9.17 11.59
CA SER K 669 -62.53 -8.24 10.62
C SER K 669 -61.74 -8.23 9.31
N PHE K 670 -62.24 -8.97 8.32
CA PHE K 670 -61.55 -9.11 7.04
C PHE K 670 -62.34 -8.55 5.87
N ILE K 671 -61.61 -8.23 4.81
CA ILE K 671 -62.22 -7.81 3.56
C ILE K 671 -62.74 -9.03 2.81
N THR K 672 -64.01 -8.97 2.41
CA THR K 672 -64.66 -10.08 1.72
C THR K 672 -64.21 -10.15 0.27
N GLN K 673 -63.70 -11.32 -0.13
CA GLN K 673 -63.15 -11.50 -1.47
C GLN K 673 -63.19 -12.95 -1.93
N TYR K 674 -63.32 -13.14 -3.24
CA TYR K 674 -63.31 -14.47 -3.84
C TYR K 674 -62.32 -14.52 -5.01
N SER K 675 -61.81 -15.71 -5.30
CA SER K 675 -60.85 -15.87 -6.38
C SER K 675 -61.45 -16.66 -7.54
N THR K 676 -60.87 -16.50 -8.72
CA THR K 676 -61.32 -17.21 -9.91
C THR K 676 -60.18 -17.35 -10.91
N GLY K 677 -60.27 -18.36 -11.76
CA GLY K 677 -59.24 -18.59 -12.76
C GLY K 677 -59.45 -19.90 -13.48
N GLN K 678 -58.45 -20.31 -14.25
CA GLN K 678 -58.53 -21.57 -14.99
C GLN K 678 -57.62 -22.63 -14.38
N VAL K 679 -57.96 -23.89 -14.66
CA VAL K 679 -57.16 -25.00 -14.21
C VAL K 679 -57.05 -26.00 -15.36
N SER K 680 -55.90 -26.63 -15.49
CA SER K 680 -55.67 -27.57 -16.59
C SER K 680 -55.08 -28.89 -16.10
N VAL K 681 -55.68 -30.01 -16.52
CA VAL K 681 -55.21 -31.33 -16.15
C VAL K 681 -54.99 -32.23 -17.36
N GLU K 682 -53.73 -32.63 -17.56
CA GLU K 682 -53.36 -33.49 -18.68
C GLU K 682 -52.99 -34.88 -18.19
N ILE K 683 -53.64 -35.89 -18.75
CA ILE K 683 -53.36 -37.28 -18.35
C ILE K 683 -53.08 -38.18 -19.54
N GLU K 684 -52.02 -38.97 -19.43
CA GLU K 684 -51.67 -39.93 -20.48
C GLU K 684 -52.19 -41.30 -20.09
N TRP K 685 -52.67 -42.03 -21.08
CA TRP K 685 -53.29 -43.32 -20.84
C TRP K 685 -52.64 -44.38 -21.69
N GLU K 686 -52.16 -45.44 -21.05
CA GLU K 686 -51.64 -46.57 -21.80
C GLU K 686 -52.80 -47.45 -22.21
N LEU K 687 -52.74 -47.99 -23.42
CA LEU K 687 -53.83 -48.80 -23.94
C LEU K 687 -53.41 -50.24 -24.21
N GLN K 688 -54.35 -51.16 -24.05
CA GLN K 688 -54.13 -52.55 -24.43
C GLN K 688 -55.02 -52.87 -25.62
N LYS K 689 -54.40 -53.01 -26.79
CA LYS K 689 -55.15 -53.24 -28.02
C LYS K 689 -55.86 -54.60 -28.03
N GLU K 690 -56.82 -54.73 -28.94
CA GLU K 690 -57.64 -55.93 -29.05
C GLU K 690 -57.02 -56.95 -30.02
N ASN K 691 -56.85 -58.18 -29.55
CA ASN K 691 -56.33 -59.24 -30.39
C ASN K 691 -57.20 -60.49 -30.30
N SER K 692 -58.31 -60.48 -31.05
CA SER K 692 -59.27 -61.57 -31.01
C SER K 692 -59.45 -62.20 -32.38
N LYS K 693 -59.62 -63.53 -32.41
CA LYS K 693 -59.88 -64.23 -33.65
C LYS K 693 -61.37 -64.60 -33.77
N ARG K 694 -62.20 -63.84 -33.05
CA ARG K 694 -63.64 -63.97 -33.19
C ARG K 694 -64.05 -63.74 -34.63
N TRP K 695 -64.79 -64.68 -35.20
CA TRP K 695 -65.20 -64.55 -36.60
C TRP K 695 -66.37 -63.57 -36.75
N ASN K 696 -67.46 -63.85 -36.06
CA ASN K 696 -68.64 -63.00 -36.11
C ASN K 696 -68.44 -61.68 -35.39
N PRO K 697 -69.21 -60.65 -35.76
CA PRO K 697 -69.10 -59.33 -35.14
C PRO K 697 -69.36 -59.36 -33.64
N GLU K 698 -68.66 -58.51 -32.90
CA GLU K 698 -68.91 -58.36 -31.47
C GLU K 698 -69.87 -57.20 -31.27
N ILE K 699 -70.36 -57.03 -30.04
CA ILE K 699 -71.30 -55.96 -29.77
C ILE K 699 -70.57 -54.64 -29.51
N GLN K 700 -71.13 -53.56 -30.03
CA GLN K 700 -70.53 -52.23 -29.92
C GLN K 700 -71.52 -51.26 -29.32
N TYR K 701 -71.02 -50.28 -28.58
CA TYR K 701 -71.88 -49.20 -28.10
C TYR K 701 -72.20 -48.26 -29.26
N THR K 702 -73.44 -47.79 -29.31
CA THR K 702 -73.88 -46.96 -30.41
C THR K 702 -75.07 -46.06 -30.02
N SER K 703 -75.24 -44.97 -30.75
CA SER K 703 -76.40 -44.11 -30.58
C SER K 703 -77.57 -44.61 -31.41
N ASN K 704 -78.79 -44.36 -30.92
CA ASN K 704 -79.98 -44.73 -31.67
C ASN K 704 -80.14 -43.87 -32.91
N TYR K 705 -79.99 -44.49 -34.07
CA TYR K 705 -80.04 -43.78 -35.34
C TYR K 705 -81.44 -43.25 -35.65
N ASN K 706 -82.40 -43.65 -34.84
CA ASN K 706 -83.80 -43.30 -35.06
C ASN K 706 -84.08 -41.81 -34.89
N LYS K 707 -85.17 -41.34 -35.48
CA LYS K 707 -85.60 -39.95 -35.30
C LYS K 707 -85.81 -39.69 -33.81
N SER K 708 -85.10 -38.72 -33.27
CA SER K 708 -85.10 -38.51 -31.82
C SER K 708 -85.41 -37.08 -31.39
N VAL K 709 -85.87 -36.96 -30.14
CA VAL K 709 -86.16 -35.67 -29.53
C VAL K 709 -84.90 -34.85 -29.35
N ASN K 710 -84.19 -35.11 -28.25
CA ASN K 710 -82.93 -34.45 -27.96
C ASN K 710 -81.77 -35.39 -28.30
N VAL K 711 -80.60 -34.80 -28.52
CA VAL K 711 -79.41 -35.58 -28.85
C VAL K 711 -78.71 -36.10 -27.60
N ASP K 712 -78.39 -37.39 -27.60
CA ASP K 712 -77.73 -38.03 -26.47
C ASP K 712 -76.45 -37.30 -26.08
N PHE K 713 -76.32 -36.96 -24.80
CA PHE K 713 -75.15 -36.27 -24.29
C PHE K 713 -75.01 -34.89 -24.94
N THR K 714 -75.89 -33.98 -24.53
CA THR K 714 -75.98 -32.67 -25.15
C THR K 714 -76.74 -31.68 -24.27
N VAL K 715 -76.56 -30.40 -24.54
CA VAL K 715 -77.32 -29.36 -23.88
C VAL K 715 -78.75 -29.33 -24.42
N ASP K 716 -79.66 -28.74 -23.65
CA ASP K 716 -81.07 -28.68 -24.03
C ASP K 716 -81.46 -27.28 -24.54
N THR K 717 -82.74 -26.96 -24.41
CA THR K 717 -83.28 -25.71 -24.94
C THR K 717 -82.79 -24.49 -24.19
N ASN K 718 -82.39 -24.66 -22.92
CA ASN K 718 -81.90 -23.55 -22.12
C ASN K 718 -80.50 -23.75 -21.54
N GLY K 719 -79.71 -24.61 -22.19
CA GLY K 719 -78.30 -24.74 -21.88
C GLY K 719 -77.96 -25.55 -20.64
N VAL K 720 -78.29 -26.84 -20.67
CA VAL K 720 -77.93 -27.74 -19.58
C VAL K 720 -77.47 -29.10 -20.12
N TYR K 721 -76.18 -29.39 -19.94
CA TYR K 721 -75.62 -30.67 -20.36
C TYR K 721 -76.21 -31.79 -19.51
N SER K 722 -76.53 -32.91 -20.14
CA SER K 722 -77.13 -34.04 -19.43
C SER K 722 -76.62 -35.38 -19.97
N GLU K 723 -76.15 -36.24 -19.06
CA GLU K 723 -75.71 -37.57 -19.43
C GLU K 723 -76.87 -38.56 -19.32
N PRO K 724 -77.43 -38.96 -20.48
CA PRO K 724 -78.57 -39.88 -20.56
C PRO K 724 -78.39 -41.14 -19.71
N ARG K 725 -77.50 -42.04 -20.13
CA ARG K 725 -77.34 -43.32 -19.45
C ARG K 725 -75.91 -43.51 -18.93
N PRO K 726 -75.72 -44.48 -18.02
CA PRO K 726 -74.36 -44.87 -17.64
C PRO K 726 -73.71 -45.66 -18.76
N ILE K 727 -72.39 -45.58 -18.87
CA ILE K 727 -71.67 -46.29 -19.93
C ILE K 727 -70.72 -47.35 -19.36
N GLY K 728 -71.00 -48.62 -19.68
CA GLY K 728 -70.15 -49.71 -19.27
C GLY K 728 -68.81 -49.64 -20.00
N THR K 729 -67.98 -50.64 -19.79
CA THR K 729 -66.66 -50.66 -20.43
C THR K 729 -66.46 -51.99 -21.15
N ARG K 730 -67.32 -52.95 -20.84
CA ARG K 730 -67.16 -54.30 -21.35
C ARG K 730 -68.07 -54.57 -22.55
N TYR K 731 -67.52 -54.37 -23.75
CA TYR K 731 -68.25 -54.61 -24.99
C TYR K 731 -67.52 -55.63 -25.87
N LEU K 732 -66.23 -55.81 -25.61
CA LEU K 732 -65.42 -56.74 -26.40
C LEU K 732 -65.23 -58.06 -25.67
N THR K 733 -65.12 -59.15 -26.43
CA THR K 733 -65.04 -60.49 -25.83
C THR K 733 -63.67 -61.13 -25.91
N ARG K 734 -63.22 -61.68 -24.79
CA ARG K 734 -62.00 -62.46 -24.71
C ARG K 734 -62.33 -63.78 -24.03
N ASN K 735 -61.55 -64.82 -24.30
CA ASN K 735 -61.81 -66.14 -23.73
C ASN K 735 -61.28 -66.29 -22.31
N LEU K 736 -61.37 -67.50 -21.78
CA LEU K 736 -60.85 -67.80 -20.45
C LEU K 736 -59.57 -68.63 -20.53
N GLY L 217 15.29 -78.98 23.47
CA GLY L 217 13.86 -78.93 23.23
C GLY L 217 13.10 -78.31 24.38
N ALA L 218 12.06 -77.54 24.05
CA ALA L 218 11.24 -76.86 25.05
C ALA L 218 9.77 -76.78 24.64
N ASP L 219 8.92 -77.50 25.37
CA ASP L 219 7.48 -77.48 25.11
C ASP L 219 6.65 -77.39 26.39
N GLY L 220 5.40 -77.86 26.34
CA GLY L 220 4.45 -77.63 27.42
C GLY L 220 4.04 -78.81 28.27
N VAL L 221 2.96 -78.63 29.03
CA VAL L 221 2.46 -79.62 29.97
C VAL L 221 1.75 -80.77 29.28
N GLY L 222 0.73 -80.44 28.51
CA GLY L 222 -0.05 -81.44 27.79
C GLY L 222 0.51 -81.71 26.41
N ASN L 223 1.81 -81.91 26.33
CA ASN L 223 2.49 -82.19 25.07
C ASN L 223 3.67 -83.12 25.28
N SER L 224 3.54 -84.37 24.82
CA SER L 224 4.60 -85.36 24.98
C SER L 224 5.93 -84.91 24.38
N SER L 225 6.99 -85.01 25.18
CA SER L 225 8.31 -84.58 24.73
C SER L 225 9.10 -85.69 24.03
N GLY L 226 8.39 -86.67 23.48
CA GLY L 226 9.03 -87.76 22.76
C GLY L 226 8.10 -88.92 22.42
N ASN L 227 8.52 -89.73 21.45
CA ASN L 227 7.73 -90.90 21.05
C ASN L 227 8.42 -92.21 21.41
N TRP L 228 7.67 -93.31 21.30
CA TRP L 228 8.17 -94.63 21.64
C TRP L 228 8.88 -95.26 20.45
N HIS L 229 10.19 -95.07 20.37
CA HIS L 229 10.98 -95.64 19.29
C HIS L 229 11.67 -96.91 19.74
N CYS L 230 11.10 -98.06 19.38
CA CYS L 230 11.72 -99.34 19.65
C CYS L 230 11.58 -100.26 18.46
N ASP L 231 12.66 -100.41 17.70
CA ASP L 231 12.64 -101.20 16.49
C ASP L 231 14.06 -101.43 16.01
N SER L 232 14.23 -102.39 15.10
CA SER L 232 15.53 -102.63 14.49
C SER L 232 15.37 -103.17 13.08
N GLN L 233 16.06 -102.55 12.15
CA GLN L 233 16.09 -103.03 10.76
C GLN L 233 17.54 -103.18 10.33
N TRP L 234 17.76 -103.93 9.26
CA TRP L 234 19.11 -104.27 8.82
C TRP L 234 19.48 -103.60 7.51
N LEU L 235 20.77 -103.35 7.33
CA LEU L 235 21.28 -102.73 6.11
C LEU L 235 22.22 -103.66 5.37
N GLY L 236 22.31 -104.89 5.83
CA GLY L 236 23.19 -105.88 5.22
C GLY L 236 24.65 -105.56 5.49
N ASP L 237 24.95 -104.28 5.59
CA ASP L 237 26.30 -103.82 5.85
C ASP L 237 26.41 -103.40 7.31
N ARG L 238 25.26 -103.12 7.92
CA ARG L 238 25.22 -102.67 9.30
C ARG L 238 23.80 -102.79 9.83
N VAL L 239 23.64 -102.66 11.15
CA VAL L 239 22.33 -102.77 11.78
C VAL L 239 22.11 -101.73 12.88
N ILE L 240 20.95 -101.10 12.86
CA ILE L 240 20.62 -100.09 13.86
C ILE L 240 19.58 -100.61 14.85
N THR L 241 19.94 -100.59 16.12
CA THR L 241 19.07 -101.07 17.17
C THR L 241 18.51 -99.91 17.99
N THR L 242 17.19 -99.74 17.93
CA THR L 242 16.51 -98.71 18.71
C THR L 242 15.73 -99.36 19.86
N SER L 243 15.91 -98.81 21.06
CA SER L 243 15.27 -99.38 22.24
C SER L 243 14.69 -98.30 23.16
N THR L 244 13.45 -98.51 23.59
CA THR L 244 12.78 -97.60 24.52
C THR L 244 12.18 -98.36 25.69
N ARG L 245 12.41 -97.86 26.89
CA ARG L 245 11.88 -98.48 28.10
C ARG L 245 11.32 -97.43 29.04
N THR L 246 10.46 -97.86 29.95
CA THR L 246 9.93 -96.97 30.98
C THR L 246 10.73 -97.14 32.26
N TRP L 247 11.10 -96.03 32.88
CA TRP L 247 11.94 -96.05 34.07
C TRP L 247 11.26 -95.35 35.22
N ALA L 248 11.66 -95.72 36.44
CA ALA L 248 11.17 -95.05 37.64
C ALA L 248 12.33 -94.75 38.58
N LEU L 249 12.29 -93.58 39.21
CA LEU L 249 13.39 -93.15 40.07
C LEU L 249 12.93 -92.63 41.42
N PRO L 250 13.35 -93.30 42.50
CA PRO L 250 13.06 -92.90 43.88
C PRO L 250 14.00 -91.79 44.33
N THR L 251 13.86 -91.36 45.57
CA THR L 251 14.82 -90.45 46.17
C THR L 251 15.80 -91.26 47.00
N TYR L 252 17.02 -91.42 46.50
CA TYR L 252 18.02 -92.23 47.18
C TYR L 252 18.73 -91.47 48.30
N ASN L 253 19.19 -92.21 49.30
CA ASN L 253 19.96 -91.65 50.40
C ASN L 253 19.34 -90.40 51.04
N ASN L 254 18.05 -90.21 50.85
CA ASN L 254 17.35 -89.08 51.46
C ASN L 254 18.03 -87.76 51.14
N HIS L 255 18.29 -87.53 49.85
CA HIS L 255 18.93 -86.30 49.39
C HIS L 255 20.28 -86.06 50.07
N LEU L 256 20.96 -87.14 50.46
CA LEU L 256 22.21 -87.03 51.21
C LEU L 256 23.36 -87.85 50.64
N TYR L 257 24.56 -87.31 50.73
CA TYR L 257 25.77 -88.08 50.44
C TYR L 257 26.23 -88.72 51.73
N LYS L 258 26.40 -90.05 51.71
CA LYS L 258 26.77 -90.77 52.90
C LYS L 258 28.11 -91.49 52.76
N GLN L 259 28.95 -91.38 53.79
CA GLN L 259 30.21 -92.10 53.84
C GLN L 259 29.98 -93.55 54.23
N ILE L 260 30.24 -94.47 53.30
CA ILE L 260 30.11 -95.89 53.59
C ILE L 260 31.48 -96.55 53.72
N SER L 261 31.53 -97.67 54.43
CA SER L 261 32.79 -98.34 54.70
C SER L 261 32.54 -99.77 55.18
N SER L 262 33.63 -100.51 55.36
CA SER L 262 33.55 -101.89 55.81
C SER L 262 33.17 -101.98 57.29
N GLN L 263 32.43 -103.03 57.62
CA GLN L 263 32.00 -103.25 59.00
C GLN L 263 33.21 -103.38 59.92
N SER L 264 33.10 -102.84 61.12
CA SER L 264 34.18 -102.92 62.10
C SER L 264 34.49 -104.38 62.42
N GLY L 265 35.45 -104.96 61.70
CA GLY L 265 35.83 -106.34 61.90
C GLY L 265 34.77 -107.34 61.51
N ALA L 266 34.32 -107.28 60.25
CA ALA L 266 33.35 -108.24 59.74
C ALA L 266 33.96 -109.10 58.65
N SER L 267 34.95 -108.56 57.96
CA SER L 267 35.62 -109.29 56.88
C SER L 267 36.97 -108.64 56.54
N ASN L 268 37.90 -109.42 55.99
CA ASN L 268 39.25 -108.92 55.72
C ASN L 268 39.56 -108.65 54.25
N ASP L 269 39.24 -109.61 53.38
CA ASP L 269 39.46 -109.44 51.94
C ASP L 269 38.35 -108.60 51.32
N ASN L 270 37.39 -108.21 52.15
CA ASN L 270 36.24 -107.46 51.68
C ASN L 270 36.17 -106.07 52.30
N HIS L 271 37.28 -105.62 52.89
CA HIS L 271 37.35 -104.27 53.43
C HIS L 271 37.20 -103.26 52.31
N TYR L 272 36.61 -102.10 52.62
CA TYR L 272 36.37 -101.08 51.62
C TYR L 272 36.03 -99.73 52.23
N PHE L 273 36.14 -98.68 51.41
CA PHE L 273 35.76 -97.33 51.81
C PHE L 273 35.28 -96.54 50.61
N GLY L 274 34.13 -95.89 50.73
CA GLY L 274 33.57 -95.11 49.65
C GLY L 274 32.42 -94.23 50.10
N TYR L 275 31.55 -93.89 49.17
CA TYR L 275 30.43 -93.00 49.45
C TYR L 275 29.16 -93.40 48.71
N SER L 276 28.02 -93.02 49.27
CA SER L 276 26.73 -93.27 48.64
C SER L 276 26.09 -91.95 48.22
N THR L 277 25.76 -91.84 46.94
CA THR L 277 25.24 -90.60 46.38
C THR L 277 23.74 -90.65 46.16
N PRO L 278 23.08 -89.49 46.28
CA PRO L 278 21.64 -89.34 46.07
C PRO L 278 21.24 -89.47 44.61
N TRP L 279 22.23 -89.73 43.74
CA TRP L 279 21.98 -89.80 42.30
C TRP L 279 21.70 -91.22 41.84
N GLY L 280 20.93 -91.33 40.74
CA GLY L 280 20.72 -92.59 40.06
C GLY L 280 21.45 -92.55 38.74
N TYR L 281 21.36 -93.63 37.96
CA TYR L 281 22.07 -93.66 36.69
C TYR L 281 21.42 -94.62 35.70
N PHE L 282 21.68 -94.40 34.43
CA PHE L 282 21.14 -95.26 33.38
C PHE L 282 22.20 -96.21 32.87
N ASP L 283 21.77 -97.44 32.55
CA ASP L 283 22.70 -98.44 32.06
C ASP L 283 22.03 -99.38 31.06
N PHE L 284 22.79 -99.82 30.07
CA PHE L 284 22.30 -100.77 29.09
C PHE L 284 23.46 -101.60 28.58
N ASN L 285 24.43 -101.84 29.45
CA ASN L 285 25.62 -102.60 29.11
C ASN L 285 25.34 -104.09 29.01
N ARG L 286 24.18 -104.44 28.48
CA ARG L 286 23.80 -105.82 28.23
C ARG L 286 23.27 -105.90 26.81
N PHE L 287 23.65 -106.94 26.07
CA PHE L 287 23.24 -107.05 24.69
C PHE L 287 21.73 -107.16 24.54
N HIS L 288 21.07 -107.84 25.48
CA HIS L 288 19.64 -108.06 25.39
C HIS L 288 18.85 -106.75 25.58
N CYS L 289 19.59 -105.70 25.93
CA CYS L 289 18.99 -104.37 26.05
C CYS L 289 18.63 -103.83 24.67
N HIS L 290 19.33 -104.31 23.65
CA HIS L 290 19.21 -103.74 22.30
C HIS L 290 18.72 -104.76 21.27
N PHE L 291 19.25 -105.98 21.32
CA PHE L 291 18.86 -107.02 20.37
C PHE L 291 17.74 -107.88 20.92
N SER L 292 16.79 -108.23 20.06
CA SER L 292 15.77 -109.19 20.43
C SER L 292 16.33 -110.59 20.20
N PRO L 293 15.71 -111.60 20.80
CA PRO L 293 16.13 -113.00 20.58
C PRO L 293 16.31 -113.29 19.09
N ARG L 294 15.30 -112.95 18.30
CA ARG L 294 15.32 -113.19 16.87
C ARG L 294 16.50 -112.49 16.17
N ASP L 295 16.63 -111.19 16.42
CA ASP L 295 17.71 -110.40 15.82
C ASP L 295 19.05 -111.03 16.14
N TRP L 296 19.25 -111.37 17.41
CA TRP L 296 20.48 -111.99 17.85
C TRP L 296 20.77 -113.24 17.03
N GLN L 297 19.71 -113.96 16.66
CA GLN L 297 19.84 -115.15 15.83
C GLN L 297 20.40 -114.81 14.45
N ARG L 298 19.74 -113.88 13.77
CA ARG L 298 20.20 -113.43 12.46
C ARG L 298 21.66 -113.02 12.54
N LEU L 299 21.96 -112.17 13.51
CA LEU L 299 23.32 -111.69 13.74
C LEU L 299 24.30 -112.86 13.84
N ILE L 300 24.07 -113.73 14.80
CA ILE L 300 24.97 -114.84 15.09
C ILE L 300 25.20 -115.74 13.89
N ASN L 301 24.13 -116.13 13.23
CA ASN L 301 24.19 -117.15 12.19
C ASN L 301 24.69 -116.65 10.83
N ASN L 302 24.99 -115.36 10.72
CA ASN L 302 25.28 -114.78 9.42
C ASN L 302 26.58 -113.99 9.30
N ASN L 303 27.11 -113.51 10.42
CA ASN L 303 28.23 -112.57 10.37
C ASN L 303 29.54 -113.05 11.02
N TRP L 304 30.64 -112.91 10.29
CA TRP L 304 31.98 -113.19 10.79
C TRP L 304 32.25 -112.45 12.10
N GLY L 305 31.80 -111.21 12.17
CA GLY L 305 32.02 -110.37 13.34
C GLY L 305 31.17 -109.12 13.33
N PHE L 306 31.24 -108.34 14.41
CA PHE L 306 30.45 -107.11 14.53
C PHE L 306 31.05 -106.14 15.55
N ARG L 307 30.53 -104.93 15.59
CA ARG L 307 31.05 -103.89 16.48
C ARG L 307 30.07 -102.72 16.63
N PRO L 308 30.23 -101.93 17.70
CA PRO L 308 29.46 -100.71 17.94
C PRO L 308 29.99 -99.54 17.11
N LYS L 309 29.11 -98.62 16.74
CA LYS L 309 29.50 -97.47 15.95
C LYS L 309 29.05 -96.13 16.54
N LYS L 310 27.74 -95.91 16.55
CA LYS L 310 27.17 -94.66 17.07
C LYS L 310 26.23 -94.88 18.23
N LEU L 311 25.75 -93.79 18.82
CA LEU L 311 24.87 -93.85 19.98
C LEU L 311 23.96 -92.63 20.10
N SER L 312 22.69 -92.86 20.45
CA SER L 312 21.73 -91.78 20.63
C SER L 312 20.91 -91.97 21.89
N PHE L 313 21.11 -91.08 22.85
CA PHE L 313 20.43 -91.17 24.13
C PHE L 313 19.36 -90.10 24.26
N LYS L 314 18.16 -90.50 24.68
CA LYS L 314 17.04 -89.56 24.79
C LYS L 314 16.18 -89.81 26.02
N LEU L 315 15.91 -88.74 26.77
CA LEU L 315 15.03 -88.80 27.93
C LEU L 315 13.81 -87.92 27.71
N PHE L 316 12.63 -88.44 28.02
CA PHE L 316 11.40 -87.72 27.72
C PHE L 316 10.19 -88.17 28.54
N ASN L 317 9.05 -87.53 28.28
CA ASN L 317 7.79 -87.85 28.94
C ASN L 317 7.92 -87.93 30.46
N ILE L 318 8.69 -87.01 31.02
CA ILE L 318 8.97 -87.00 32.45
C ILE L 318 7.77 -86.55 33.28
N GLN L 319 7.53 -87.26 34.37
CA GLN L 319 6.46 -86.94 35.30
C GLN L 319 6.98 -87.04 36.72
N VAL L 320 6.73 -86.01 37.53
CA VAL L 320 7.15 -86.04 38.92
C VAL L 320 5.95 -86.17 39.85
N LYS L 321 5.82 -87.35 40.45
CA LYS L 321 4.74 -87.62 41.39
C LYS L 321 5.23 -87.49 42.82
N GLU L 322 4.49 -86.74 43.63
CA GLU L 322 4.81 -86.62 45.04
C GLU L 322 3.76 -87.36 45.88
N VAL L 323 4.23 -88.14 46.85
CA VAL L 323 3.35 -88.99 47.63
C VAL L 323 3.21 -88.50 49.07
N THR L 324 2.02 -88.67 49.64
CA THR L 324 1.76 -88.28 51.02
C THR L 324 1.00 -89.38 51.76
N GLN L 325 1.54 -89.77 52.91
CA GLN L 325 0.88 -90.74 53.78
C GLN L 325 0.06 -90.00 54.83
N ASN L 326 -1.23 -89.84 54.57
CA ASN L 326 -2.11 -89.05 55.44
C ASN L 326 -2.52 -89.78 56.73
N ASP L 327 -3.35 -90.81 56.58
CA ASP L 327 -3.77 -91.61 57.72
C ASP L 327 -3.24 -93.03 57.58
N GLY L 328 -3.97 -93.85 56.85
CA GLY L 328 -3.54 -95.19 56.51
C GLY L 328 -3.63 -95.38 55.01
N THR L 329 -3.62 -94.26 54.29
CA THR L 329 -3.78 -94.27 52.84
C THR L 329 -2.71 -93.41 52.15
N THR L 330 -1.97 -94.02 51.24
CA THR L 330 -0.98 -93.30 50.44
C THR L 330 -1.61 -92.70 49.19
N THR L 331 -1.62 -91.38 49.12
CA THR L 331 -2.14 -90.69 47.96
C THR L 331 -0.99 -90.16 47.11
N ILE L 332 -1.10 -90.37 45.80
CA ILE L 332 -0.07 -89.92 44.86
C ILE L 332 -0.66 -88.92 43.87
N ALA L 333 0.03 -87.80 43.67
CA ALA L 333 -0.45 -86.76 42.77
C ALA L 333 0.67 -86.13 41.94
N ASN L 334 0.32 -85.08 41.21
CA ASN L 334 1.27 -84.41 40.33
C ASN L 334 1.87 -83.14 40.93
N ASN L 335 3.20 -83.08 40.99
CA ASN L 335 3.90 -81.85 41.33
C ASN L 335 4.54 -81.30 40.07
N LEU L 336 3.75 -80.56 39.30
CA LEU L 336 4.19 -80.08 37.99
C LEU L 336 5.41 -79.18 38.06
N THR L 337 5.44 -78.31 39.04
CA THR L 337 6.51 -77.32 39.16
C THR L 337 7.82 -77.93 39.66
N SER L 338 7.89 -79.24 39.75
CA SER L 338 9.11 -79.90 40.22
C SER L 338 9.99 -80.32 39.05
N THR L 339 11.30 -80.39 39.29
CA THR L 339 12.26 -80.69 38.24
C THR L 339 13.09 -81.94 38.54
N VAL L 340 13.82 -82.40 37.53
CA VAL L 340 14.76 -83.49 37.67
C VAL L 340 16.07 -83.06 37.03
N GLN L 341 17.18 -83.67 37.44
CA GLN L 341 18.49 -83.21 36.98
C GLN L 341 19.30 -84.30 36.29
N VAL L 342 19.80 -83.98 35.10
CA VAL L 342 20.60 -84.91 34.32
C VAL L 342 21.94 -84.31 33.93
N PHE L 343 22.96 -85.14 33.85
CA PHE L 343 24.24 -84.74 33.28
C PHE L 343 25.09 -85.95 32.90
N THR L 344 25.95 -85.78 31.92
CA THR L 344 26.74 -86.89 31.41
C THR L 344 28.24 -86.66 31.65
N ASP L 345 28.85 -87.62 32.35
CA ASP L 345 30.28 -87.55 32.62
C ASP L 345 31.07 -87.83 31.35
N SER L 346 31.30 -86.78 30.56
CA SER L 346 32.00 -86.92 29.29
C SER L 346 33.50 -86.63 29.44
N GLU L 347 33.85 -85.92 30.50
CA GLU L 347 35.25 -85.65 30.80
C GLU L 347 35.85 -86.82 31.59
N TYR L 348 35.00 -87.80 31.88
CA TYR L 348 35.40 -88.98 32.64
C TYR L 348 36.07 -88.61 33.97
N GLN L 349 35.39 -87.76 34.73
CA GLN L 349 35.94 -87.27 35.99
C GLN L 349 35.32 -88.00 37.18
N LEU L 350 34.18 -88.64 36.95
CA LEU L 350 33.55 -89.47 37.97
C LEU L 350 33.96 -90.92 37.78
N PRO L 351 34.24 -91.63 38.90
CA PRO L 351 34.64 -93.03 38.86
C PRO L 351 33.70 -93.84 37.97
N TYR L 352 34.27 -94.52 36.98
CA TYR L 352 33.47 -95.32 36.07
C TYR L 352 33.05 -96.62 36.75
N VAL L 353 31.75 -96.72 37.04
CA VAL L 353 31.22 -97.83 37.82
C VAL L 353 30.50 -98.83 36.93
N LEU L 354 30.45 -98.54 35.63
CA LEU L 354 29.84 -99.43 34.66
C LEU L 354 30.82 -100.51 34.22
N GLY L 355 30.30 -101.52 33.53
CA GLY L 355 31.14 -102.62 33.07
C GLY L 355 31.61 -103.50 34.22
N SER L 356 30.75 -103.63 35.23
CA SER L 356 31.06 -104.47 36.38
C SER L 356 29.93 -105.48 36.64
N ALA L 357 29.15 -105.76 35.60
CA ALA L 357 28.10 -106.77 35.67
C ALA L 357 27.00 -106.43 36.68
N HIS L 358 26.90 -105.16 37.05
CA HIS L 358 25.88 -104.74 38.00
C HIS L 358 24.48 -104.86 37.40
N GLN L 359 23.48 -104.83 38.27
CA GLN L 359 22.10 -104.94 37.83
C GLN L 359 21.46 -103.56 37.72
N GLY L 360 20.31 -103.49 37.06
CA GLY L 360 19.62 -102.22 36.87
C GLY L 360 19.64 -101.77 35.43
N CYS L 361 20.08 -102.65 34.54
CA CYS L 361 20.11 -102.36 33.11
C CYS L 361 18.69 -102.21 32.57
N LEU L 362 18.58 -102.12 31.26
CA LEU L 362 17.26 -102.08 30.63
C LEU L 362 16.71 -103.49 30.53
N PRO L 363 15.40 -103.64 30.80
CA PRO L 363 14.74 -104.95 30.74
C PRO L 363 14.88 -105.59 29.36
N PRO L 364 15.18 -106.90 29.32
CA PRO L 364 15.25 -107.61 28.04
C PRO L 364 13.92 -107.45 27.29
N PHE L 365 12.82 -107.63 28.00
CA PHE L 365 11.50 -107.48 27.43
C PHE L 365 11.06 -106.03 27.49
N PRO L 366 10.64 -105.47 26.34
CA PRO L 366 10.27 -104.07 26.18
C PRO L 366 9.13 -103.63 27.08
N ALA L 367 8.18 -104.52 27.33
CA ALA L 367 7.00 -104.18 28.12
C ALA L 367 7.29 -104.03 29.62
N ASP L 368 8.45 -104.53 30.05
CA ASP L 368 8.81 -104.48 31.46
C ASP L 368 9.26 -103.09 31.89
N VAL L 369 8.94 -102.73 33.13
CA VAL L 369 9.37 -101.47 33.72
C VAL L 369 10.53 -101.73 34.68
N PHE L 370 11.45 -100.78 34.79
CA PHE L 370 12.62 -100.96 35.65
C PHE L 370 12.85 -99.78 36.61
N MET L 371 13.53 -100.06 37.71
CA MET L 371 13.89 -99.04 38.68
C MET L 371 15.30 -98.57 38.39
N VAL L 372 15.50 -97.25 38.39
CA VAL L 372 16.81 -96.68 38.12
C VAL L 372 17.73 -96.84 39.32
N PRO L 373 18.86 -97.54 39.13
CA PRO L 373 19.82 -97.88 40.19
C PRO L 373 20.38 -96.64 40.88
N GLN L 374 21.09 -96.85 41.99
CA GLN L 374 21.72 -95.74 42.71
C GLN L 374 23.23 -95.73 42.48
N TYR L 375 23.80 -94.54 42.47
CA TYR L 375 25.23 -94.38 42.24
C TYR L 375 26.03 -94.49 43.54
N GLY L 376 27.02 -95.36 43.54
CA GLY L 376 27.94 -95.50 44.65
C GLY L 376 29.31 -95.85 44.15
N TYR L 377 30.34 -95.25 44.74
CA TYR L 377 31.70 -95.48 44.28
C TYR L 377 32.67 -95.79 45.42
N LEU L 378 33.80 -96.38 45.05
CA LEU L 378 34.81 -96.78 46.02
C LEU L 378 36.06 -95.93 45.85
N THR L 379 36.94 -95.98 46.84
CA THR L 379 38.19 -95.22 46.79
C THR L 379 39.31 -96.00 47.44
N LEU L 380 40.52 -95.47 47.36
CA LEU L 380 41.68 -96.05 48.00
C LEU L 380 41.40 -96.22 49.49
N ASN L 381 41.73 -97.39 50.04
CA ASN L 381 41.50 -97.66 51.45
C ASN L 381 42.60 -98.49 52.12
N ASN L 382 42.78 -98.27 53.42
CA ASN L 382 43.71 -99.04 54.22
C ASN L 382 42.95 -99.86 55.26
N GLY L 383 42.36 -100.96 54.83
CA GLY L 383 41.49 -101.74 55.69
C GLY L 383 40.11 -101.11 55.74
N SER L 384 39.65 -100.83 56.95
CA SER L 384 38.36 -100.15 57.12
C SER L 384 38.55 -98.64 57.00
N GLN L 385 39.80 -98.20 57.13
CA GLN L 385 40.14 -96.78 57.06
C GLN L 385 40.46 -96.35 55.64
N ALA L 386 40.64 -95.04 55.47
CA ALA L 386 40.99 -94.49 54.17
C ALA L 386 42.33 -93.78 54.25
N VAL L 387 42.96 -93.54 53.10
CA VAL L 387 44.22 -92.84 53.04
C VAL L 387 43.97 -91.37 52.73
N GLY L 388 44.98 -90.54 52.93
CA GLY L 388 44.87 -89.12 52.61
C GLY L 388 44.73 -88.87 51.12
N ARG L 389 45.13 -89.85 50.32
CA ARG L 389 45.07 -89.73 48.87
C ARG L 389 43.71 -90.16 48.31
N SER L 390 42.78 -90.52 49.18
CA SER L 390 41.44 -90.90 48.74
C SER L 390 40.72 -89.69 48.16
N SER L 391 39.64 -89.93 47.42
CA SER L 391 38.94 -88.86 46.73
C SER L 391 37.43 -88.85 47.01
N PHE L 392 36.92 -87.68 47.35
CA PHE L 392 35.48 -87.48 47.60
C PHE L 392 34.87 -86.70 46.45
N TYR L 393 33.80 -87.24 45.86
CA TYR L 393 33.17 -86.63 44.71
C TYR L 393 31.74 -86.17 44.98
N CYS L 394 31.47 -84.92 44.62
CA CYS L 394 30.12 -84.37 44.73
C CYS L 394 29.56 -84.10 43.33
N LEU L 395 28.50 -84.81 42.98
CA LEU L 395 27.90 -84.69 41.65
C LEU L 395 27.12 -83.39 41.48
N GLU L 396 27.03 -82.62 42.55
CA GLU L 396 26.35 -81.34 42.53
C GLU L 396 27.29 -80.27 41.99
N TYR L 397 28.59 -80.56 42.05
CA TYR L 397 29.61 -79.64 41.56
C TYR L 397 29.80 -79.84 40.06
N PHE L 398 28.86 -80.58 39.46
CA PHE L 398 28.83 -80.75 38.02
C PHE L 398 27.64 -80.00 37.45
N PRO L 399 27.88 -79.25 36.37
CA PRO L 399 26.78 -78.60 35.65
C PRO L 399 25.78 -79.63 35.15
N SER L 400 24.53 -79.48 35.54
CA SER L 400 23.49 -80.42 35.12
C SER L 400 22.26 -79.68 34.59
N GLN L 401 21.57 -80.31 33.64
CA GLN L 401 20.36 -79.75 33.07
C GLN L 401 19.16 -80.16 33.89
N MET L 402 18.39 -79.19 34.35
CA MET L 402 17.18 -79.45 35.12
C MET L 402 15.95 -79.44 34.20
N LEU L 403 15.08 -80.44 34.36
CA LEU L 403 13.94 -80.60 33.47
C LEU L 403 12.62 -80.61 34.22
N ARG L 404 11.66 -79.85 33.70
CA ARG L 404 10.29 -79.87 34.19
C ARG L 404 9.51 -80.79 33.26
N THR L 405 8.21 -80.97 33.52
CA THR L 405 7.39 -81.80 32.67
C THR L 405 7.22 -81.14 31.29
N GLY L 406 7.72 -81.81 30.26
CA GLY L 406 7.67 -81.26 28.92
C GLY L 406 9.07 -80.96 28.42
N ASN L 407 10.04 -81.08 29.31
CA ASN L 407 11.44 -80.96 28.93
C ASN L 407 12.01 -82.32 28.59
N ASN L 408 13.03 -82.34 27.73
CA ASN L 408 13.67 -83.59 27.35
C ASN L 408 15.19 -83.48 27.31
N PHE L 409 15.87 -84.62 27.31
CA PHE L 409 17.33 -84.64 27.34
C PHE L 409 17.88 -85.36 26.11
N GLN L 410 18.93 -84.79 25.52
CA GLN L 410 19.49 -85.32 24.28
C GLN L 410 20.98 -85.58 24.41
N PHE L 411 21.46 -86.66 23.79
CA PHE L 411 22.89 -86.98 23.83
C PHE L 411 23.34 -87.92 22.71
N SER L 412 24.41 -87.53 22.03
CA SER L 412 24.99 -88.35 20.96
C SER L 412 26.46 -88.68 21.19
N TYR L 413 26.83 -89.94 20.96
CA TYR L 413 28.17 -90.43 21.25
C TYR L 413 28.70 -91.23 20.06
N THR L 414 30.02 -91.25 19.89
CA THR L 414 30.64 -91.96 18.77
C THR L 414 31.74 -92.92 19.25
N PHE L 415 31.49 -94.22 19.09
CA PHE L 415 32.45 -95.24 19.50
C PHE L 415 33.79 -95.07 18.79
N GLU L 416 34.86 -95.46 19.48
CA GLU L 416 36.18 -95.42 18.89
C GLU L 416 36.43 -96.68 18.07
N ASP L 417 37.62 -96.78 17.47
CA ASP L 417 37.98 -97.95 16.69
C ASP L 417 38.27 -99.13 17.61
N VAL L 418 37.46 -100.18 17.51
CA VAL L 418 37.64 -101.36 18.33
C VAL L 418 37.37 -102.64 17.53
N PRO L 419 38.35 -103.56 17.51
CA PRO L 419 38.33 -104.81 16.74
C PRO L 419 37.02 -105.59 16.82
N PHE L 420 36.55 -106.07 15.67
CA PHE L 420 35.35 -106.88 15.59
C PHE L 420 35.41 -108.03 16.59
N HIS L 421 34.25 -108.44 17.10
CA HIS L 421 34.21 -109.64 17.93
C HIS L 421 34.24 -110.88 17.06
N SER L 422 34.68 -111.99 17.63
CA SER L 422 34.76 -113.25 16.91
C SER L 422 33.42 -113.99 16.95
N SER L 423 32.59 -113.74 15.95
CA SER L 423 31.34 -114.48 15.80
C SER L 423 31.61 -115.72 14.97
N TYR L 424 32.83 -116.23 15.05
CA TYR L 424 33.26 -117.39 14.28
C TYR L 424 34.06 -118.36 15.15
N ALA L 425 34.22 -119.58 14.64
CA ALA L 425 35.04 -120.59 15.29
C ALA L 425 35.92 -121.28 14.25
N HIS L 426 37.18 -121.54 14.61
CA HIS L 426 38.13 -122.10 13.65
C HIS L 426 37.82 -123.55 13.27
N SER L 427 37.88 -123.84 11.98
CA SER L 427 37.68 -125.19 11.48
C SER L 427 39.00 -125.95 11.44
N GLN L 428 40.10 -125.23 11.63
CA GLN L 428 41.42 -125.84 11.72
C GLN L 428 41.93 -125.78 13.15
N SER L 429 43.05 -126.46 13.42
CA SER L 429 43.67 -126.41 14.73
C SER L 429 45.11 -125.92 14.63
N LEU L 430 45.68 -125.48 15.75
CA LEU L 430 47.06 -124.99 15.75
C LEU L 430 48.06 -126.08 15.37
N ASP L 431 47.90 -127.27 15.95
CA ASP L 431 48.81 -128.38 15.68
C ASP L 431 48.43 -129.12 14.41
N ARG L 432 47.18 -128.96 13.98
CA ARG L 432 46.71 -129.63 12.77
C ARG L 432 46.58 -128.64 11.61
N LEU L 433 47.68 -127.94 11.32
CA LEU L 433 47.67 -126.87 10.34
C LEU L 433 48.39 -127.25 9.05
N MET L 434 49.31 -128.22 9.15
CA MET L 434 50.15 -128.61 8.02
C MET L 434 49.46 -129.52 7.00
N ASN L 435 50.26 -130.12 6.12
CA ASN L 435 49.76 -130.97 5.05
C ASN L 435 49.83 -132.45 5.42
N PRO L 436 48.67 -133.12 5.42
CA PRO L 436 48.52 -134.54 5.75
C PRO L 436 49.22 -135.47 4.77
N LEU L 437 49.53 -134.97 3.57
CA LEU L 437 50.04 -135.83 2.50
C LEU L 437 51.56 -135.75 2.34
N ILE L 438 52.12 -134.57 2.54
CA ILE L 438 53.54 -134.36 2.30
C ILE L 438 54.33 -134.33 3.61
N ASP L 439 55.59 -134.75 3.53
CA ASP L 439 56.47 -134.78 4.69
C ASP L 439 57.28 -133.49 4.78
N GLN L 440 57.70 -133.13 5.99
CA GLN L 440 58.55 -131.97 6.18
C GLN L 440 59.97 -132.28 5.73
N TYR L 441 60.72 -131.24 5.38
CA TYR L 441 62.11 -131.41 5.00
C TYR L 441 63.01 -131.12 6.21
N LEU L 442 62.39 -130.85 7.35
CA LEU L 442 63.11 -130.61 8.59
C LEU L 442 63.29 -131.90 9.38
N TYR L 443 64.32 -131.93 10.22
CA TYR L 443 64.62 -133.12 11.00
C TYR L 443 64.55 -132.85 12.50
N TYR L 444 64.08 -133.85 13.24
CA TYR L 444 64.02 -133.77 14.70
C TYR L 444 64.65 -135.04 15.27
N LEU L 445 65.04 -134.99 16.54
CA LEU L 445 65.60 -136.16 17.19
C LEU L 445 64.51 -136.91 17.95
N ASN L 446 64.41 -138.22 17.70
CA ASN L 446 63.36 -139.02 18.31
C ASN L 446 63.87 -140.28 19.03
N ARG L 447 65.15 -140.56 18.85
CA ARG L 447 65.77 -141.72 19.49
C ARG L 447 67.12 -141.34 20.10
N THR L 448 67.24 -141.55 21.41
CA THR L 448 68.47 -141.21 22.12
C THR L 448 69.32 -142.45 22.43
N GLN L 449 68.65 -143.58 22.68
CA GLN L 449 69.35 -144.82 22.99
C GLN L 449 68.85 -146.01 22.17
N GLY L 450 67.54 -146.28 22.26
CA GLY L 450 66.95 -147.44 21.64
C GLY L 450 67.42 -147.68 20.21
N THR L 451 68.43 -148.53 20.05
CA THR L 451 68.94 -148.86 18.73
C THR L 451 68.55 -150.28 18.38
N THR L 452 69.27 -150.89 17.45
CA THR L 452 69.15 -152.31 17.18
C THR L 452 69.57 -153.05 18.46
N SER L 453 68.70 -153.00 19.46
CA SER L 453 69.05 -153.40 20.82
C SER L 453 69.21 -154.90 21.00
N GLY L 454 70.46 -155.33 21.16
CA GLY L 454 70.78 -156.72 21.40
C GLY L 454 72.21 -156.87 21.86
N THR L 455 73.14 -156.64 20.94
CA THR L 455 74.55 -156.71 21.23
C THR L 455 75.14 -155.28 21.19
N THR L 456 75.93 -154.92 22.20
CA THR L 456 76.72 -153.69 22.21
C THR L 456 75.94 -152.47 21.72
N ASN L 457 74.70 -152.35 22.16
CA ASN L 457 73.87 -151.20 21.78
C ASN L 457 73.31 -150.44 22.97
N GLN L 458 74.17 -149.62 23.58
CA GLN L 458 73.78 -148.79 24.71
C GLN L 458 72.98 -147.58 24.25
N SER L 459 73.62 -146.70 23.48
CA SER L 459 72.98 -145.46 23.04
C SER L 459 73.52 -144.96 21.70
N ARG L 460 72.67 -144.22 20.99
CA ARG L 460 73.04 -143.65 19.70
C ARG L 460 72.08 -142.52 19.34
N LEU L 461 72.62 -141.44 18.78
CA LEU L 461 71.81 -140.29 18.41
C LEU L 461 71.17 -140.48 17.02
N LEU L 462 69.85 -140.59 16.99
CA LEU L 462 69.13 -140.86 15.75
C LEU L 462 68.03 -139.83 15.46
N PHE L 463 68.01 -139.33 14.23
CA PHE L 463 67.08 -138.29 13.83
C PHE L 463 66.09 -138.79 12.78
N SER L 464 64.87 -138.27 12.82
CA SER L 464 63.85 -138.63 11.84
C SER L 464 63.32 -137.41 11.09
N GLN L 465 62.96 -137.61 9.83
CA GLN L 465 62.32 -136.57 9.03
C GLN L 465 60.82 -136.58 9.29
N ALA L 466 60.30 -135.42 9.69
CA ALA L 466 58.88 -135.31 10.01
C ALA L 466 57.99 -135.79 8.86
N GLY L 467 56.98 -136.59 9.21
CA GLY L 467 56.02 -137.07 8.22
C GLY L 467 54.61 -136.91 8.76
N PRO L 468 53.61 -137.27 7.94
CA PRO L 468 52.22 -137.22 8.37
C PRO L 468 52.03 -138.19 9.53
N GLN L 469 52.95 -139.15 9.61
CA GLN L 469 52.96 -140.15 10.64
C GLN L 469 53.42 -139.58 11.97
N SER L 470 54.45 -138.76 11.92
CA SER L 470 54.93 -138.04 13.10
C SER L 470 54.22 -136.70 13.22
N MET L 471 52.90 -136.75 13.43
CA MET L 471 52.07 -135.55 13.36
C MET L 471 52.27 -134.60 14.55
N SER L 472 52.36 -135.15 15.75
CA SER L 472 52.55 -134.32 16.95
C SER L 472 54.02 -134.14 17.28
N LEU L 473 54.86 -134.27 16.28
CA LEU L 473 56.31 -134.14 16.46
C LEU L 473 56.92 -133.18 15.45
N GLN L 474 56.13 -132.80 14.45
CA GLN L 474 56.60 -131.91 13.38
C GLN L 474 56.98 -130.53 13.90
N ALA L 475 57.89 -129.87 13.20
CA ALA L 475 58.26 -128.50 13.52
C ALA L 475 57.03 -127.59 13.51
N ARG L 476 57.03 -126.61 14.38
CA ARG L 476 55.87 -125.74 14.53
C ARG L 476 56.25 -124.27 14.40
N ASN L 477 55.31 -123.46 13.95
CA ASN L 477 55.53 -122.01 13.78
C ASN L 477 54.84 -121.14 14.83
N TRP L 478 53.92 -121.73 15.58
CA TRP L 478 53.09 -120.95 16.49
C TRP L 478 52.80 -121.69 17.80
N LEU L 479 52.49 -120.93 18.85
CA LEU L 479 52.11 -121.51 20.14
C LEU L 479 50.67 -121.15 20.52
N PRO L 480 50.11 -121.88 21.50
CA PRO L 480 48.76 -121.61 22.02
C PRO L 480 48.77 -120.36 22.90
N GLY L 481 47.58 -119.88 23.27
CA GLY L 481 47.47 -118.70 24.10
C GLY L 481 47.96 -118.93 25.52
N PRO L 482 48.16 -117.85 26.27
CA PRO L 482 48.61 -117.89 27.66
C PRO L 482 47.64 -118.70 28.52
N CYS L 483 47.98 -118.90 29.79
CA CYS L 483 47.14 -119.71 30.67
C CYS L 483 47.33 -119.39 32.16
N TYR L 484 46.31 -119.72 32.94
CA TYR L 484 46.34 -119.60 34.38
C TYR L 484 45.43 -120.69 34.95
N ARG L 485 46.01 -121.85 35.24
CA ARG L 485 45.25 -123.04 35.59
C ARG L 485 44.11 -122.79 36.58
N GLN L 486 42.95 -123.34 36.26
CA GLN L 486 41.79 -123.29 37.14
C GLN L 486 41.53 -124.69 37.68
N GLN L 487 40.83 -124.79 38.82
CA GLN L 487 40.50 -126.09 39.38
C GLN L 487 39.32 -126.72 38.63
N ARG L 488 39.35 -128.04 38.49
CA ARG L 488 38.30 -128.75 37.77
C ARG L 488 37.13 -129.11 38.68
N LEU L 489 35.92 -128.78 38.24
CA LEU L 489 34.71 -129.12 39.00
C LEU L 489 33.77 -129.96 38.16
N SER L 490 33.01 -130.83 38.81
CA SER L 490 32.01 -131.62 38.12
C SER L 490 30.62 -131.17 38.49
N LYS L 491 29.70 -131.27 37.54
CA LYS L 491 28.32 -130.91 37.78
C LYS L 491 27.65 -132.00 38.62
N THR L 492 28.20 -133.20 38.55
CA THR L 492 27.73 -134.31 39.39
C THR L 492 28.28 -134.15 40.80
N ALA L 493 27.39 -133.87 41.75
CA ALA L 493 27.79 -133.51 43.10
C ALA L 493 28.35 -134.68 43.91
N ASN L 494 28.98 -135.64 43.25
CA ASN L 494 29.59 -136.76 43.95
C ASN L 494 30.94 -137.15 43.38
N ASP L 495 31.29 -136.58 42.23
CA ASP L 495 32.61 -136.80 41.65
C ASP L 495 33.63 -136.00 42.43
N ASN L 496 33.15 -134.95 43.09
CA ASN L 496 34.02 -133.98 43.74
C ASN L 496 34.52 -134.41 45.12
N ASN L 497 35.56 -133.72 45.59
CA ASN L 497 36.12 -133.95 46.91
C ASN L 497 35.16 -133.48 48.00
N ASN L 498 35.01 -134.29 49.04
CA ASN L 498 34.12 -133.94 50.15
C ASN L 498 34.74 -132.86 51.05
N SER L 499 34.99 -131.69 50.47
CA SER L 499 35.55 -130.56 51.19
C SER L 499 35.15 -129.24 50.53
N ASN L 500 34.98 -128.20 51.34
CA ASN L 500 34.60 -126.89 50.82
C ASN L 500 35.82 -126.06 50.41
N PHE L 501 36.09 -126.00 49.11
CA PHE L 501 37.30 -125.38 48.59
C PHE L 501 37.09 -124.25 47.58
N PRO L 502 35.94 -123.55 47.65
CA PRO L 502 35.69 -122.53 46.62
C PRO L 502 36.49 -121.25 46.89
N TRP L 503 37.37 -121.30 47.87
CA TRP L 503 38.19 -120.14 48.22
C TRP L 503 39.62 -120.54 48.58
N THR L 504 39.76 -121.69 49.24
CA THR L 504 41.05 -122.17 49.69
C THR L 504 41.79 -122.96 48.62
N ALA L 505 41.11 -123.23 47.51
CA ALA L 505 41.70 -124.03 46.44
C ALA L 505 41.52 -123.37 45.06
N ALA L 506 40.87 -122.21 45.05
CA ALA L 506 40.63 -121.50 43.79
C ALA L 506 41.80 -120.57 43.47
N SER L 507 42.01 -120.33 42.17
CA SER L 507 43.07 -119.44 41.72
C SER L 507 42.70 -117.98 41.99
N LYS L 508 43.62 -117.28 42.66
CA LYS L 508 43.35 -115.91 43.11
C LYS L 508 44.61 -115.05 43.00
N TYR L 509 44.43 -113.73 43.02
CA TYR L 509 45.55 -112.82 43.02
C TYR L 509 45.45 -111.93 44.25
N HIS L 510 46.51 -111.20 44.56
CA HIS L 510 46.46 -110.30 45.70
C HIS L 510 47.22 -109.01 45.46
N LEU L 511 46.60 -107.89 45.83
CA LEU L 511 47.22 -106.58 45.71
C LEU L 511 47.14 -105.86 47.04
N ASN L 512 48.25 -105.26 47.45
CA ASN L 512 48.29 -104.51 48.70
C ASN L 512 48.00 -105.43 49.88
N GLY L 513 48.32 -106.72 49.72
CA GLY L 513 48.08 -107.70 50.75
C GLY L 513 46.61 -108.09 50.87
N ARG L 514 45.88 -107.97 49.75
CA ARG L 514 44.46 -108.27 49.74
C ARG L 514 44.10 -109.28 48.65
N ASP L 515 43.63 -110.45 49.07
CA ASP L 515 43.24 -111.51 48.15
C ASP L 515 41.99 -111.15 47.35
N SER L 516 42.04 -111.41 46.05
CA SER L 516 40.90 -111.21 45.17
C SER L 516 40.80 -112.38 44.21
N LEU L 517 39.60 -112.92 44.03
CA LEU L 517 39.42 -114.12 43.22
C LEU L 517 39.52 -113.83 41.73
N VAL L 518 40.41 -114.55 41.05
CA VAL L 518 40.55 -114.43 39.61
C VAL L 518 39.39 -115.16 38.93
N ASN L 519 38.25 -114.48 38.81
CA ASN L 519 37.05 -115.11 38.28
C ASN L 519 37.14 -115.45 36.78
N PRO L 520 36.93 -114.46 35.90
CA PRO L 520 37.10 -114.83 34.49
C PRO L 520 38.55 -114.60 34.08
N GLY L 521 39.40 -115.60 34.28
CA GLY L 521 40.81 -115.45 33.98
C GLY L 521 41.05 -115.35 32.48
N PRO L 522 42.31 -115.52 32.06
CA PRO L 522 42.60 -115.57 30.63
C PRO L 522 41.63 -116.51 29.93
N ALA L 523 41.42 -116.30 28.64
CA ALA L 523 40.51 -117.14 27.87
C ALA L 523 41.09 -118.54 27.69
N MET L 524 40.50 -119.52 28.38
CA MET L 524 40.91 -120.91 28.27
C MET L 524 39.70 -121.79 27.99
N ALA L 525 39.93 -122.95 27.38
CA ALA L 525 38.84 -123.88 27.07
C ALA L 525 38.25 -124.51 28.32
N SER L 526 36.93 -124.67 28.35
CA SER L 526 36.24 -125.21 29.52
C SER L 526 36.52 -126.70 29.76
N HIS L 527 36.47 -127.50 28.70
CA HIS L 527 36.67 -128.93 28.81
C HIS L 527 37.30 -129.53 27.55
N LYS L 528 37.97 -130.66 27.69
CA LYS L 528 38.53 -131.37 26.54
C LYS L 528 37.46 -132.25 25.88
N ASP L 529 37.80 -132.86 24.76
CA ASP L 529 36.84 -133.65 23.99
C ASP L 529 36.29 -134.85 24.77
N ASP L 530 35.00 -135.13 24.55
CA ASP L 530 34.34 -136.30 25.14
C ASP L 530 34.15 -136.21 26.66
N GLU L 531 33.87 -135.01 27.14
CA GLU L 531 33.56 -134.82 28.55
C GLU L 531 32.28 -134.01 28.72
N GLU L 532 32.39 -132.70 28.51
CA GLU L 532 31.20 -131.83 28.52
C GLU L 532 30.45 -131.90 29.84
N LYS L 533 31.18 -132.13 30.93
CA LYS L 533 30.58 -132.17 32.26
C LYS L 533 31.46 -131.45 33.27
N PHE L 534 32.75 -131.39 32.97
CA PHE L 534 33.71 -130.72 33.84
C PHE L 534 33.91 -129.27 33.43
N PHE L 535 33.44 -128.35 34.27
CA PHE L 535 33.66 -126.93 34.03
C PHE L 535 34.71 -126.43 35.02
N PRO L 536 35.46 -125.38 34.63
CA PRO L 536 36.50 -124.83 35.50
C PRO L 536 35.89 -124.13 36.71
N MET L 537 36.59 -124.17 37.83
CA MET L 537 36.21 -123.37 38.98
C MET L 537 36.08 -121.94 38.49
N HIS L 538 34.85 -121.47 38.33
CA HIS L 538 34.58 -120.11 37.85
C HIS L 538 35.42 -119.73 36.63
N GLY L 539 35.66 -120.66 35.72
CA GLY L 539 36.42 -120.39 34.51
C GLY L 539 35.56 -119.82 33.40
N ASN L 540 34.39 -119.30 33.76
CA ASN L 540 33.44 -118.75 32.79
C ASN L 540 32.27 -118.04 33.47
N LEU L 541 31.54 -117.23 32.72
CA LEU L 541 30.43 -116.46 33.26
C LEU L 541 29.18 -117.31 33.45
N ILE L 542 28.60 -117.20 34.64
CA ILE L 542 27.40 -117.97 34.98
C ILE L 542 26.22 -117.05 35.21
N PHE L 543 25.14 -117.29 34.48
CA PHE L 543 23.94 -116.46 34.58
C PHE L 543 22.86 -117.12 35.43
N GLY L 544 22.18 -116.32 36.25
CA GLY L 544 21.11 -116.83 37.08
C GLY L 544 19.76 -116.80 36.37
N LYS L 545 19.02 -117.90 36.45
CA LYS L 545 17.70 -117.97 35.85
C LYS L 545 16.75 -116.98 36.52
N GLU L 546 15.64 -116.68 35.84
CA GLU L 546 14.65 -115.77 36.38
C GLU L 546 14.05 -116.34 37.66
N GLY L 547 13.96 -115.50 38.69
CA GLY L 547 13.42 -115.91 39.97
C GLY L 547 14.30 -116.93 40.66
N THR L 548 15.36 -116.43 41.31
CA THR L 548 16.31 -117.29 42.02
C THR L 548 17.14 -116.46 43.00
N THR L 549 17.00 -116.75 44.29
CA THR L 549 17.66 -115.97 45.34
C THR L 549 19.16 -115.75 45.09
N ALA L 550 19.69 -114.66 45.62
CA ALA L 550 21.09 -114.30 45.43
C ALA L 550 22.02 -115.09 46.34
N SER L 551 21.44 -115.81 47.28
CA SER L 551 22.23 -116.54 48.28
C SER L 551 22.10 -118.05 48.13
N ASN L 552 23.21 -118.68 47.74
CA ASN L 552 23.29 -120.14 47.61
C ASN L 552 22.10 -120.78 46.91
N ALA L 553 22.06 -120.64 45.59
CA ALA L 553 21.01 -121.23 44.79
C ALA L 553 21.44 -122.60 44.27
N GLU L 554 20.49 -123.37 43.78
CA GLU L 554 20.75 -124.73 43.33
C GLU L 554 21.48 -124.75 41.98
N LEU L 555 22.13 -125.86 41.67
CA LEU L 555 22.83 -126.05 40.40
C LEU L 555 21.85 -126.04 39.22
N ASP L 556 20.62 -126.46 39.48
CA ASP L 556 19.60 -126.49 38.43
C ASP L 556 18.91 -125.15 38.31
N ASN L 557 19.44 -124.14 39.00
CA ASN L 557 18.90 -122.78 38.97
C ASN L 557 19.84 -121.78 38.31
N VAL L 558 20.97 -122.26 37.80
CA VAL L 558 21.93 -121.39 37.12
C VAL L 558 22.29 -121.90 35.74
N MET L 559 22.84 -120.99 34.93
CA MET L 559 23.25 -121.32 33.57
C MET L 559 24.74 -121.10 33.39
N ILE L 560 25.48 -122.18 33.27
CA ILE L 560 26.93 -122.14 33.11
C ILE L 560 27.28 -122.12 31.63
N THR L 561 28.19 -121.24 31.24
CA THR L 561 28.53 -121.05 29.84
C THR L 561 29.72 -121.90 29.39
N ASP L 562 29.57 -122.54 28.23
CA ASP L 562 30.61 -123.43 27.73
C ASP L 562 31.48 -122.75 26.66
N GLU L 563 32.77 -122.66 26.94
CA GLU L 563 33.72 -122.10 25.99
C GLU L 563 34.46 -123.22 25.26
N GLU L 564 33.74 -123.95 24.42
CA GLU L 564 34.33 -125.10 23.73
C GLU L 564 34.50 -124.88 22.23
N GLU L 565 34.55 -123.63 21.82
CA GLU L 565 34.78 -123.31 20.42
C GLU L 565 36.22 -122.83 20.21
N ILE L 566 36.87 -122.46 21.32
CA ILE L 566 38.22 -121.94 21.27
C ILE L 566 39.25 -123.01 21.62
N ARG L 567 38.87 -124.27 21.45
CA ARG L 567 39.75 -125.39 21.77
C ARG L 567 41.01 -125.39 20.93
N THR L 568 40.93 -124.80 19.74
CA THR L 568 42.00 -124.88 18.75
C THR L 568 43.09 -123.83 18.94
N THR L 569 42.80 -122.79 19.72
CA THR L 569 43.76 -121.72 19.94
C THR L 569 44.13 -121.58 21.41
N ASN L 570 43.27 -122.07 22.29
CA ASN L 570 43.46 -121.88 23.72
C ASN L 570 43.68 -123.17 24.51
N PRO L 571 44.51 -123.09 25.55
CA PRO L 571 44.76 -124.19 26.49
C PRO L 571 43.52 -124.47 27.33
N VAL L 572 43.34 -125.71 27.78
CA VAL L 572 42.21 -126.06 28.62
C VAL L 572 42.39 -125.47 30.02
N ALA L 573 41.34 -124.84 30.54
CA ALA L 573 41.41 -124.10 31.80
C ALA L 573 41.84 -124.95 32.99
N THR L 574 41.29 -126.16 33.08
CA THR L 574 41.55 -127.04 34.21
C THR L 574 42.81 -127.89 33.98
N GLU L 575 43.06 -128.24 32.73
CA GLU L 575 44.23 -129.04 32.37
C GLU L 575 45.51 -128.23 32.50
N GLN L 576 46.65 -128.90 32.37
CA GLN L 576 47.95 -128.25 32.45
C GLN L 576 48.23 -127.40 31.22
N TYR L 577 49.48 -126.97 31.08
CA TYR L 577 49.90 -126.23 29.89
C TYR L 577 50.83 -127.07 29.03
N GLY L 578 51.78 -127.73 29.67
CA GLY L 578 52.72 -128.58 28.96
C GLY L 578 53.90 -129.06 29.79
N THR L 579 55.00 -129.35 29.11
CA THR L 579 56.19 -129.89 29.75
C THR L 579 57.38 -128.95 29.59
N VAL L 580 58.15 -128.79 30.65
CA VAL L 580 59.36 -127.99 30.61
C VAL L 580 60.52 -128.74 31.26
N ALA L 581 61.71 -128.63 30.69
CA ALA L 581 62.89 -129.25 31.27
C ALA L 581 63.46 -128.39 32.39
N ASN L 582 64.09 -129.03 33.36
CA ASN L 582 64.70 -128.30 34.48
C ASN L 582 65.89 -129.04 35.12
N ASN L 583 66.81 -129.48 34.28
CA ASN L 583 68.04 -130.13 34.73
C ASN L 583 68.97 -130.42 33.56
N LEU L 584 70.24 -130.70 33.86
CA LEU L 584 71.22 -131.02 32.83
C LEU L 584 71.43 -132.53 32.73
N GLN L 585 70.59 -133.19 31.94
CA GLN L 585 70.65 -134.64 31.80
C GLN L 585 72.02 -135.12 31.32
N SER L 586 72.41 -136.30 31.77
CA SER L 586 73.69 -136.90 31.39
C SER L 586 73.72 -138.36 31.81
N SER L 587 74.89 -138.99 31.66
CA SER L 587 75.07 -140.36 32.12
C SER L 587 74.88 -140.44 33.64
N ASN L 588 75.19 -139.35 34.34
CA ASN L 588 75.06 -139.31 35.79
C ASN L 588 73.66 -138.92 36.24
N THR L 589 72.97 -138.14 35.42
CA THR L 589 71.68 -137.59 35.80
C THR L 589 70.55 -137.98 34.84
N ALA L 590 69.41 -138.33 35.40
CA ALA L 590 68.23 -138.64 34.60
C ALA L 590 67.44 -137.36 34.29
N PRO L 591 66.98 -137.22 33.04
CA PRO L 591 66.22 -136.05 32.57
C PRO L 591 64.97 -135.79 33.42
N THR L 592 64.74 -134.55 33.79
CA THR L 592 63.59 -134.20 34.63
C THR L 592 62.56 -133.35 33.90
N THR L 593 61.29 -133.64 34.16
CA THR L 593 60.18 -132.93 33.54
C THR L 593 59.36 -132.16 34.58
N ARG L 594 58.93 -130.96 34.21
CA ARG L 594 58.13 -130.13 35.09
C ARG L 594 56.79 -129.79 34.44
N THR L 595 55.70 -130.04 35.17
CA THR L 595 54.36 -129.72 34.68
C THR L 595 54.08 -128.23 34.89
N VAL L 596 53.99 -127.49 33.78
CA VAL L 596 53.77 -126.05 33.85
C VAL L 596 52.29 -125.70 34.09
N ASN L 597 52.05 -124.96 35.17
CA ASN L 597 50.69 -124.62 35.58
C ASN L 597 50.38 -123.16 35.28
N ASP L 598 51.42 -122.37 35.05
CA ASP L 598 51.25 -120.95 34.79
C ASP L 598 52.21 -120.46 33.71
N GLN L 599 51.65 -119.89 32.65
CA GLN L 599 52.46 -119.41 31.53
C GLN L 599 52.17 -117.95 31.17
N GLY L 600 53.19 -117.11 31.33
CA GLY L 600 53.09 -115.73 30.88
C GLY L 600 52.97 -115.68 29.37
N ALA L 601 53.24 -114.51 28.79
CA ALA L 601 53.15 -114.33 27.34
C ALA L 601 54.42 -114.80 26.65
N LEU L 602 54.30 -115.12 25.36
CA LEU L 602 55.45 -115.59 24.59
C LEU L 602 55.40 -115.18 23.12
N PRO L 603 56.55 -114.77 22.57
CA PRO L 603 56.66 -114.43 21.15
C PRO L 603 56.24 -115.60 20.29
N GLY L 604 55.07 -115.50 19.66
CA GLY L 604 54.60 -116.55 18.77
C GLY L 604 53.28 -117.14 19.20
N MET L 605 52.79 -116.70 20.35
CA MET L 605 51.49 -117.19 20.85
C MET L 605 50.34 -116.51 20.11
N VAL L 606 49.28 -117.28 19.89
CA VAL L 606 48.07 -116.76 19.25
C VAL L 606 46.86 -117.28 20.01
N TRP L 607 45.93 -116.39 20.35
CA TRP L 607 44.77 -116.80 21.13
C TRP L 607 43.48 -116.15 20.66
N GLN L 608 42.37 -116.75 21.03
CA GLN L 608 41.05 -116.18 20.78
C GLN L 608 40.53 -115.66 22.10
N ASP L 609 39.81 -114.53 22.07
CA ASP L 609 39.25 -113.98 23.30
C ASP L 609 38.00 -114.75 23.71
N ARG L 610 37.35 -114.31 24.79
CA ARG L 610 36.14 -114.98 25.25
C ARG L 610 34.99 -114.81 24.29
N ASP L 611 33.76 -114.85 24.79
CA ASP L 611 32.60 -114.73 23.94
C ASP L 611 31.56 -113.81 24.56
N VAL L 612 30.70 -113.24 23.72
CA VAL L 612 29.60 -112.42 24.21
C VAL L 612 28.28 -113.14 24.00
N TYR L 613 27.44 -113.11 25.02
CA TYR L 613 26.16 -113.79 24.95
C TYR L 613 25.04 -112.77 25.03
N LEU L 614 23.86 -113.16 24.56
CA LEU L 614 22.72 -112.25 24.48
C LEU L 614 22.54 -111.40 25.74
N GLN L 615 22.94 -111.94 26.89
CA GLN L 615 22.77 -111.24 28.16
C GLN L 615 24.10 -110.83 28.79
N GLY L 616 25.18 -110.89 28.01
CA GLY L 616 26.49 -110.53 28.51
C GLY L 616 26.78 -109.04 28.44
N PRO L 617 27.90 -108.62 29.07
CA PRO L 617 28.34 -107.22 29.00
C PRO L 617 28.69 -106.85 27.57
N ILE L 618 28.65 -105.56 27.26
CA ILE L 618 28.98 -105.09 25.91
C ILE L 618 30.37 -104.46 25.87
N TRP L 619 30.59 -103.44 26.69
CA TRP L 619 31.87 -102.74 26.69
C TRP L 619 32.48 -102.67 28.09
N ALA L 620 33.65 -102.04 28.18
CA ALA L 620 34.35 -101.89 29.45
C ALA L 620 35.41 -100.79 29.35
N LYS L 621 35.47 -99.93 30.36
CA LYS L 621 36.44 -98.84 30.37
C LYS L 621 37.84 -99.29 30.74
N ILE L 622 38.72 -99.37 29.75
CA ILE L 622 40.11 -99.69 30.00
C ILE L 622 40.70 -98.67 30.97
N PRO L 623 41.21 -99.16 32.11
CA PRO L 623 41.80 -98.31 33.16
C PRO L 623 42.89 -97.40 32.61
N HIS L 624 42.98 -96.19 33.13
CA HIS L 624 43.99 -95.25 32.66
C HIS L 624 45.30 -95.43 33.43
N THR L 625 46.08 -96.42 33.02
CA THR L 625 47.37 -96.70 33.65
C THR L 625 48.52 -96.45 32.68
N ASP L 626 49.74 -96.70 33.16
CA ASP L 626 50.93 -96.54 32.33
C ASP L 626 51.02 -97.64 31.26
N GLY L 627 50.40 -98.78 31.51
CA GLY L 627 50.52 -99.91 30.61
C GLY L 627 49.39 -100.91 30.63
N HIS L 628 49.09 -101.46 29.46
CA HIS L 628 48.11 -102.52 29.30
C HIS L 628 48.73 -103.53 28.34
N PHE L 629 48.27 -104.78 28.39
CA PHE L 629 48.78 -105.79 27.47
C PHE L 629 47.84 -105.97 26.28
N HIS L 630 46.82 -106.80 26.48
CA HIS L 630 45.81 -107.03 25.45
C HIS L 630 44.47 -106.61 26.03
N PRO L 631 44.23 -105.29 26.06
CA PRO L 631 43.13 -104.65 26.79
C PRO L 631 41.73 -105.06 26.33
N SER L 632 41.41 -106.34 26.46
CA SER L 632 40.06 -106.82 26.18
C SER L 632 39.39 -107.21 27.50
N PRO L 633 38.17 -106.70 27.74
CA PRO L 633 37.43 -106.96 28.98
C PRO L 633 37.45 -108.44 29.32
N LEU L 634 37.92 -108.77 30.52
CA LEU L 634 38.03 -110.17 30.91
C LEU L 634 36.69 -110.89 30.88
N MET L 635 35.63 -110.16 31.18
CA MET L 635 34.29 -110.73 31.16
C MET L 635 33.75 -110.79 29.74
N GLY L 636 34.51 -110.20 28.82
CA GLY L 636 34.16 -110.24 27.40
C GLY L 636 33.61 -108.93 26.88
N GLY L 637 33.87 -108.65 25.60
CA GLY L 637 33.34 -107.47 24.97
C GLY L 637 34.40 -106.55 24.38
N PHE L 638 34.04 -105.27 24.29
CA PHE L 638 34.91 -104.29 23.66
C PHE L 638 35.57 -103.39 24.70
N GLY L 639 36.89 -103.42 24.74
CA GLY L 639 37.66 -102.58 25.64
C GLY L 639 37.79 -101.18 25.06
N LEU L 640 37.27 -100.20 25.78
CA LEU L 640 37.24 -98.84 25.28
C LEU L 640 38.00 -97.88 26.19
N LYS L 641 38.89 -97.10 25.59
CA LYS L 641 39.55 -96.00 26.30
C LYS L 641 38.49 -95.02 26.76
N HIS L 642 37.63 -94.62 25.83
CA HIS L 642 36.55 -93.68 26.12
C HIS L 642 35.21 -94.31 25.75
N PRO L 643 34.58 -94.99 26.72
CA PRO L 643 33.30 -95.70 26.56
C PRO L 643 32.12 -94.78 26.81
N PRO L 644 30.93 -95.16 26.33
CA PRO L 644 29.70 -94.39 26.54
C PRO L 644 29.63 -93.84 27.95
N PRO L 645 29.80 -92.51 28.10
CA PRO L 645 29.87 -91.82 29.39
C PRO L 645 28.69 -92.18 30.29
N GLN L 646 28.83 -91.88 31.57
CA GLN L 646 27.78 -92.16 32.53
C GLN L 646 26.73 -91.05 32.53
N ILE L 647 25.46 -91.45 32.46
CA ILE L 647 24.35 -90.49 32.51
C ILE L 647 23.69 -90.51 33.87
N MET L 648 23.81 -89.41 34.61
CA MET L 648 23.24 -89.29 35.94
C MET L 648 21.84 -88.69 35.95
N ILE L 649 21.09 -89.02 37.00
CA ILE L 649 19.71 -88.59 37.14
C ILE L 649 19.37 -88.50 38.63
N LYS L 650 18.60 -87.50 39.01
CA LYS L 650 18.17 -87.36 40.40
C LYS L 650 17.02 -86.37 40.53
N ASN L 651 16.14 -86.62 41.49
CA ASN L 651 15.00 -85.74 41.72
C ASN L 651 15.44 -84.51 42.52
N THR L 652 15.18 -83.33 41.96
CA THR L 652 15.54 -82.09 42.63
C THR L 652 14.81 -81.98 43.96
N PRO L 653 15.58 -81.87 45.06
CA PRO L 653 15.05 -81.80 46.43
C PRO L 653 14.05 -80.66 46.61
N VAL L 654 12.88 -80.97 47.16
CA VAL L 654 11.87 -79.96 47.43
C VAL L 654 11.65 -79.78 48.93
N PRO L 655 12.06 -78.62 49.47
CA PRO L 655 11.88 -78.31 50.89
C PRO L 655 10.41 -78.41 51.30
N ALA L 656 10.15 -79.16 52.36
CA ALA L 656 8.81 -79.20 52.93
C ALA L 656 8.53 -77.84 53.55
N ASN L 657 7.67 -77.82 54.56
CA ASN L 657 7.28 -76.57 55.18
C ASN L 657 8.35 -75.98 56.11
N PRO L 658 8.74 -74.71 55.86
CA PRO L 658 9.74 -73.98 56.64
C PRO L 658 9.10 -73.17 57.78
N PRO L 659 9.87 -72.90 58.84
CA PRO L 659 9.46 -72.14 60.02
C PRO L 659 9.45 -70.63 59.79
N THR L 660 8.60 -69.90 60.52
CA THR L 660 8.53 -68.45 60.42
C THR L 660 9.77 -67.79 61.04
N THR L 661 10.48 -68.55 61.87
CA THR L 661 11.72 -68.07 62.48
C THR L 661 12.92 -68.69 61.75
N PHE L 662 13.99 -67.90 61.61
CA PHE L 662 15.18 -68.35 60.87
C PHE L 662 15.97 -69.42 61.60
N SER L 663 16.39 -70.45 60.86
CA SER L 663 17.19 -71.53 61.42
C SER L 663 18.44 -71.78 60.58
N PRO L 664 19.62 -71.70 61.22
CA PRO L 664 20.90 -71.95 60.56
C PRO L 664 21.11 -73.45 60.38
N ALA L 665 20.31 -74.25 61.07
CA ALA L 665 20.45 -75.70 61.03
C ALA L 665 20.27 -76.25 59.62
N LYS L 666 21.07 -77.25 59.27
CA LYS L 666 20.98 -77.92 57.98
C LYS L 666 19.55 -78.35 57.72
N PHE L 667 19.07 -78.11 56.50
CA PHE L 667 17.70 -78.45 56.15
C PHE L 667 17.58 -79.95 55.90
N ALA L 668 16.58 -80.58 56.50
CA ALA L 668 16.40 -82.03 56.37
C ALA L 668 14.93 -82.43 56.28
N SER L 669 14.05 -81.45 56.20
CA SER L 669 12.61 -81.72 56.04
C SER L 669 12.16 -81.47 54.60
N PHE L 670 12.06 -82.53 53.82
CA PHE L 670 11.71 -82.43 52.41
C PHE L 670 10.39 -83.12 52.06
N ILE L 671 9.79 -82.68 50.96
CA ILE L 671 8.61 -83.33 50.42
C ILE L 671 9.02 -84.60 49.69
N THR L 672 8.36 -85.70 50.02
CA THR L 672 8.68 -86.99 49.43
C THR L 672 8.10 -87.10 48.02
N GLN L 673 8.96 -87.41 47.06
CA GLN L 673 8.54 -87.46 45.65
C GLN L 673 9.44 -88.37 44.82
N TYR L 674 8.86 -88.96 43.78
CA TYR L 674 9.58 -89.82 42.86
C TYR L 674 9.31 -89.40 41.41
N SER L 675 10.25 -89.68 40.51
CA SER L 675 10.10 -89.30 39.12
C SER L 675 9.93 -90.54 38.24
N THR L 676 9.35 -90.33 37.06
CA THR L 676 9.14 -91.42 36.11
C THR L 676 9.07 -90.86 34.69
N GLY L 677 9.38 -91.71 33.72
CA GLY L 677 9.36 -91.29 32.33
C GLY L 677 9.93 -92.34 31.42
N GLN L 678 10.17 -91.99 30.16
CA GLN L 678 10.73 -92.91 29.19
C GLN L 678 12.17 -92.55 28.86
N VAL L 679 12.91 -93.56 28.39
CA VAL L 679 14.28 -93.36 27.96
C VAL L 679 14.47 -94.12 26.66
N SER L 680 15.27 -93.56 25.75
CA SER L 680 15.50 -94.18 24.46
C SER L 680 16.98 -94.25 24.10
N VAL L 681 17.44 -95.43 23.70
CA VAL L 681 18.84 -95.63 23.32
C VAL L 681 18.97 -96.27 21.94
N GLU L 682 19.56 -95.52 21.00
CA GLU L 682 19.76 -95.99 19.63
C GLU L 682 21.23 -96.27 19.37
N ILE L 683 21.53 -97.48 18.91
CA ILE L 683 22.91 -97.85 18.62
C ILE L 683 23.08 -98.43 17.23
N GLU L 684 24.09 -97.95 16.51
CA GLU L 684 24.40 -98.48 15.19
C GLU L 684 25.53 -99.49 15.30
N TRP L 685 25.42 -100.55 14.50
CA TRP L 685 26.38 -101.64 14.58
C TRP L 685 26.96 -101.92 13.22
N GLU L 686 28.29 -101.90 13.11
CA GLU L 686 28.95 -102.27 11.88
C GLU L 686 29.06 -103.79 11.84
N LEU L 687 28.85 -104.38 10.67
CA LEU L 687 28.88 -105.83 10.55
C LEU L 687 30.00 -106.31 9.63
N GLN L 688 30.52 -107.49 9.93
CA GLN L 688 31.48 -108.13 9.05
C GLN L 688 30.82 -109.37 8.44
N LYS L 689 30.50 -109.30 7.15
CA LYS L 689 29.80 -110.38 6.48
C LYS L 689 30.64 -111.64 6.37
N GLU L 690 29.96 -112.76 6.09
CA GLU L 690 30.59 -114.07 6.01
C GLU L 690 31.06 -114.38 4.59
N ASN L 691 32.34 -114.73 4.47
CA ASN L 691 32.90 -115.11 3.18
C ASN L 691 33.65 -116.44 3.27
N SER L 692 32.91 -117.54 3.24
CA SER L 692 33.49 -118.86 3.39
C SER L 692 33.20 -119.75 2.17
N LYS L 693 34.17 -120.57 1.80
CA LYS L 693 33.98 -121.52 0.70
C LYS L 693 33.75 -122.92 1.24
N ARG L 694 33.28 -123.00 2.48
CA ARG L 694 32.85 -124.26 3.07
C ARG L 694 31.78 -124.89 2.19
N TRP L 695 31.99 -126.15 1.80
CA TRP L 695 31.01 -126.83 0.96
C TRP L 695 29.80 -127.30 1.75
N ASN L 696 30.05 -128.13 2.76
CA ASN L 696 28.98 -128.65 3.60
C ASN L 696 28.40 -127.59 4.52
N PRO L 697 27.15 -127.79 4.96
CA PRO L 697 26.46 -126.84 5.84
C PRO L 697 27.21 -126.62 7.15
N GLU L 698 27.15 -125.39 7.67
CA GLU L 698 27.71 -125.09 8.98
C GLU L 698 26.61 -125.22 10.02
N ILE L 699 26.97 -125.16 11.29
CA ILE L 699 25.99 -125.28 12.36
C ILE L 699 25.31 -123.94 12.63
N GLN L 700 24.00 -123.99 12.87
CA GLN L 700 23.21 -122.79 13.09
C GLN L 700 22.46 -122.90 14.40
N TYR L 701 22.23 -121.77 15.07
CA TYR L 701 21.38 -121.77 16.25
C TYR L 701 19.92 -121.89 15.80
N THR L 702 19.13 -122.65 16.56
CA THR L 702 17.75 -122.90 16.19
C THR L 702 16.89 -123.27 17.39
N SER L 703 15.58 -123.07 17.26
CA SER L 703 14.62 -123.50 18.28
C SER L 703 14.22 -124.96 18.05
N ASN L 704 13.90 -125.66 19.13
CA ASN L 704 13.44 -127.03 19.02
C ASN L 704 12.05 -127.07 18.40
N TYR L 705 11.97 -127.63 17.19
CA TYR L 705 10.71 -127.66 16.45
C TYR L 705 9.70 -128.61 17.08
N ASN L 706 10.15 -129.36 18.09
CA ASN L 706 9.31 -130.36 18.74
C ASN L 706 8.14 -129.76 19.52
N LYS L 707 7.12 -130.57 19.76
CA LYS L 707 5.99 -130.16 20.59
C LYS L 707 6.51 -129.76 21.97
N SER L 708 6.26 -128.52 22.36
CA SER L 708 6.86 -127.98 23.58
C SER L 708 5.88 -127.37 24.57
N VAL L 709 6.30 -127.31 25.83
CA VAL L 709 5.52 -126.70 26.90
C VAL L 709 5.36 -125.20 26.67
N ASN L 710 6.37 -124.45 27.10
CA ASN L 710 6.40 -123.01 26.91
C ASN L 710 7.31 -122.66 25.75
N VAL L 711 7.09 -121.48 25.18
CA VAL L 711 7.90 -121.02 24.05
C VAL L 711 9.20 -120.36 24.51
N ASP L 712 10.31 -120.77 23.91
CA ASP L 712 11.62 -120.23 24.26
C ASP L 712 11.65 -118.71 24.17
N PHE L 713 12.11 -118.06 25.23
CA PHE L 713 12.19 -116.60 25.27
C PHE L 713 10.82 -115.98 25.16
N THR L 714 10.04 -116.09 26.24
CA THR L 714 8.65 -115.67 26.23
C THR L 714 8.10 -115.52 27.64
N VAL L 715 7.00 -114.78 27.76
CA VAL L 715 6.30 -114.67 29.03
C VAL L 715 5.55 -115.96 29.33
N ASP L 716 5.21 -116.16 30.61
CA ASP L 716 4.51 -117.37 31.03
C ASP L 716 3.03 -117.12 31.30
N THR L 717 2.44 -117.95 32.17
CA THR L 717 1.01 -117.89 32.44
C THR L 717 0.59 -116.63 33.20
N ASN L 718 1.53 -116.04 33.93
CA ASN L 718 1.23 -114.83 34.70
C ASN L 718 2.14 -113.64 34.38
N GLY L 719 2.71 -113.64 33.18
CA GLY L 719 3.42 -112.48 32.67
C GLY L 719 4.82 -112.27 33.21
N VAL L 720 5.72 -113.20 32.92
CA VAL L 720 7.12 -113.06 33.30
C VAL L 720 8.05 -113.54 32.17
N TYR L 721 8.77 -112.61 31.56
CA TYR L 721 9.73 -112.95 30.52
C TYR L 721 10.88 -113.74 31.13
N SER L 722 11.33 -114.76 30.40
CA SER L 722 12.41 -115.61 30.89
C SER L 722 13.34 -116.05 29.75
N GLU L 723 14.64 -115.87 29.96
CA GLU L 723 15.64 -116.30 28.98
C GLU L 723 16.12 -117.72 29.32
N PRO L 724 15.64 -118.71 28.55
CA PRO L 724 15.96 -120.13 28.76
C PRO L 724 17.46 -120.39 28.92
N ARG L 725 18.22 -120.26 27.83
CA ARG L 725 19.65 -120.58 27.86
C ARG L 725 20.51 -119.38 27.48
N PRO L 726 21.82 -119.46 27.78
CA PRO L 726 22.75 -118.45 27.27
C PRO L 726 22.99 -118.67 25.78
N ILE L 727 23.28 -117.60 25.04
CA ILE L 727 23.50 -117.70 23.61
C ILE L 727 24.92 -117.32 23.21
N GLY L 728 25.66 -118.29 22.69
CA GLY L 728 27.01 -118.04 22.20
C GLY L 728 26.98 -117.15 20.98
N THR L 729 28.13 -116.92 20.38
CA THR L 729 28.22 -116.08 19.20
C THR L 729 28.95 -116.80 18.07
N ARG L 730 29.61 -117.90 18.44
CA ARG L 730 30.45 -118.62 17.50
C ARG L 730 29.74 -119.84 16.91
N TYR L 731 29.10 -119.65 15.76
CA TYR L 731 28.41 -120.72 15.05
C TYR L 731 28.97 -120.92 13.64
N LEU L 732 29.66 -119.91 13.13
CA LEU L 732 30.21 -119.97 11.79
C LEU L 732 31.71 -120.29 11.82
N THR L 733 32.20 -120.98 10.79
CA THR L 733 33.59 -121.43 10.78
C THR L 733 34.48 -120.68 9.80
N ARG L 734 35.65 -120.28 10.29
CA ARG L 734 36.69 -119.67 9.48
C ARG L 734 37.99 -120.42 9.74
N ASN L 735 38.90 -120.41 8.77
CA ASN L 735 40.17 -121.13 8.92
C ASN L 735 41.20 -120.36 9.73
N LEU L 736 42.41 -120.91 9.79
CA LEU L 736 43.52 -120.24 10.48
C LEU L 736 44.53 -119.67 9.49
N GLY M 217 17.48 44.91 -68.61
CA GLY M 217 18.34 45.45 -67.58
C GLY M 217 17.59 46.39 -66.66
N ALA M 218 17.94 46.36 -65.38
CA ALA M 218 17.29 47.20 -64.37
C ALA M 218 18.27 47.64 -63.28
N ASP M 219 18.56 48.94 -63.23
CA ASP M 219 19.45 49.50 -62.22
C ASP M 219 18.93 50.83 -61.65
N GLY M 220 19.83 51.65 -61.12
CA GLY M 220 19.44 52.82 -60.36
C GLY M 220 19.67 54.19 -60.98
N VAL M 221 19.60 55.21 -60.13
CA VAL M 221 19.70 56.61 -60.55
C VAL M 221 21.14 57.01 -60.85
N GLY M 222 22.01 56.83 -59.86
CA GLY M 222 23.42 57.17 -60.01
C GLY M 222 24.24 56.01 -60.52
N ASN M 223 23.74 55.36 -61.57
CA ASN M 223 24.43 54.23 -62.18
C ASN M 223 24.18 54.18 -63.68
N SER M 224 25.21 54.48 -64.45
CA SER M 224 25.10 54.49 -65.91
C SER M 224 24.61 53.15 -66.47
N SER M 225 23.59 53.21 -67.32
CA SER M 225 23.01 52.01 -67.90
C SER M 225 23.69 51.59 -69.21
N GLY M 226 24.94 52.01 -69.40
CA GLY M 226 25.68 51.65 -70.59
C GLY M 226 26.99 52.41 -70.77
N ASN M 227 27.87 51.87 -71.59
CA ASN M 227 29.15 52.51 -71.88
C ASN M 227 29.26 53.01 -73.32
N TRP M 228 30.27 53.82 -73.58
CA TRP M 228 30.48 54.39 -74.90
C TRP M 228 31.28 53.45 -75.80
N HIS M 229 30.58 52.61 -76.55
CA HIS M 229 31.23 51.69 -77.45
C HIS M 229 31.25 52.22 -78.88
N CYS M 230 32.38 52.78 -79.28
CA CYS M 230 32.54 53.24 -80.66
C CYS M 230 33.94 52.87 -81.17
N ASP M 231 33.99 51.82 -81.97
CA ASP M 231 35.27 51.32 -82.48
C ASP M 231 35.01 50.33 -83.60
N SER M 232 36.05 50.02 -84.36
CA SER M 232 35.95 49.01 -85.40
C SER M 232 37.30 48.32 -85.60
N GLN M 233 37.27 47.00 -85.59
CA GLN M 233 38.45 46.20 -85.90
C GLN M 233 38.12 45.20 -86.99
N TRP M 234 39.15 44.66 -87.62
CA TRP M 234 38.95 43.79 -88.77
C TRP M 234 39.32 42.34 -88.48
N LEU M 235 38.68 41.42 -89.19
CA LEU M 235 38.94 40.00 -89.03
C LEU M 235 39.47 39.38 -90.31
N GLY M 236 39.75 40.23 -91.30
CA GLY M 236 40.25 39.78 -92.58
C GLY M 236 39.18 39.06 -93.37
N ASP M 237 38.29 38.38 -92.66
CA ASP M 237 37.19 37.66 -93.27
C ASP M 237 35.90 38.46 -93.11
N ARG M 238 35.91 39.39 -92.16
CA ARG M 238 34.74 40.19 -91.86
C ARG M 238 35.14 41.39 -90.99
N VAL M 239 34.24 42.35 -90.85
CA VAL M 239 34.52 43.54 -90.06
C VAL M 239 33.33 43.98 -89.22
N ILE M 240 33.59 44.29 -87.96
CA ILE M 240 32.53 44.73 -87.05
C ILE M 240 32.64 46.22 -86.76
N THR M 241 31.56 46.94 -87.06
CA THR M 241 31.52 48.38 -86.85
C THR M 241 30.62 48.73 -85.66
N THR M 242 31.23 49.32 -84.64
CA THR M 242 30.50 49.76 -83.46
C THR M 242 30.43 51.29 -83.45
N SER M 243 29.23 51.81 -83.23
CA SER M 243 29.02 53.25 -83.26
C SER M 243 28.12 53.73 -82.13
N THR M 244 28.54 54.80 -81.45
CA THR M 244 27.75 55.39 -80.38
C THR M 244 27.64 56.90 -80.57
N ARG M 245 26.42 57.43 -80.42
CA ARG M 245 26.19 58.86 -80.56
C ARG M 245 25.27 59.35 -79.46
N THR M 246 25.29 60.66 -79.23
CA THR M 246 24.38 61.26 -78.26
C THR M 246 23.18 61.84 -79.01
N TRP M 247 21.98 61.58 -78.49
CA TRP M 247 20.76 62.02 -79.15
C TRP M 247 19.93 62.90 -78.23
N ALA M 248 19.08 63.73 -78.82
CA ALA M 248 18.15 64.55 -78.07
C ALA M 248 16.76 64.48 -78.70
N LEU M 249 15.74 64.42 -77.86
CA LEU M 249 14.36 64.27 -78.35
C LEU M 249 13.39 65.26 -77.72
N PRO M 250 12.79 66.12 -78.56
CA PRO M 250 11.75 67.08 -78.14
C PRO M 250 10.40 66.41 -78.01
N THR M 251 9.39 67.18 -77.65
CA THR M 251 8.01 66.69 -77.69
C THR M 251 7.38 67.15 -79.00
N TYR M 252 7.20 66.22 -79.93
CA TYR M 252 6.67 66.56 -81.24
C TYR M 252 5.14 66.64 -81.23
N ASN M 253 4.60 67.46 -82.13
CA ASN M 253 3.16 67.59 -82.31
C ASN M 253 2.38 67.81 -81.02
N ASN M 254 3.06 68.25 -79.98
CA ASN M 254 2.39 68.56 -78.71
C ASN M 254 1.58 67.37 -78.21
N HIS M 255 2.21 66.21 -78.16
CA HIS M 255 1.57 64.97 -77.69
C HIS M 255 0.30 64.65 -78.49
N LEU M 256 0.27 65.06 -79.76
CA LEU M 256 -0.94 64.90 -80.57
C LEU M 256 -0.68 64.26 -81.94
N TYR M 257 -1.63 63.44 -82.39
CA TYR M 257 -1.63 62.94 -83.74
C TYR M 257 -2.40 63.93 -84.60
N LYS M 258 -1.78 64.42 -85.66
CA LYS M 258 -2.42 65.42 -86.52
C LYS M 258 -2.61 64.94 -87.96
N GLN M 259 -3.79 65.19 -88.50
CA GLN M 259 -4.08 64.89 -89.89
C GLN M 259 -3.47 65.95 -90.81
N ILE M 260 -2.48 65.56 -91.59
CA ILE M 260 -1.86 66.48 -92.55
C ILE M 260 -2.30 66.15 -93.97
N SER M 261 -2.22 67.14 -94.85
CA SER M 261 -2.68 66.99 -96.22
C SER M 261 -2.15 68.10 -97.10
N SER M 262 -2.43 68.00 -98.40
CA SER M 262 -1.97 68.99 -99.36
C SER M 262 -2.76 70.29 -99.24
N GLN M 263 -2.08 71.40 -99.50
CA GLN M 263 -2.70 72.71 -99.43
C GLN M 263 -3.87 72.80 -100.41
N SER M 264 -4.94 73.47 -99.99
CA SER M 264 -6.10 73.65 -100.86
C SER M 264 -5.72 74.38 -102.13
N GLY M 265 -5.39 73.62 -103.17
CA GLY M 265 -5.00 74.19 -104.45
C GLY M 265 -3.66 74.92 -104.42
N ALA M 266 -2.62 74.22 -104.00
CA ALA M 266 -1.27 74.80 -104.00
C ALA M 266 -0.37 74.08 -104.99
N SER M 267 -0.67 72.81 -105.25
CA SER M 267 0.12 72.03 -106.18
C SER M 267 -0.64 70.77 -106.63
N ASN M 268 -0.33 70.25 -107.81
CA ASN M 268 -1.07 69.11 -108.37
C ASN M 268 -0.34 67.77 -108.31
N ASP M 269 0.92 67.74 -108.75
CA ASP M 269 1.70 66.51 -108.69
C ASP M 269 2.25 66.27 -107.30
N ASN M 270 1.95 67.19 -106.39
CA ASN M 270 2.46 67.13 -105.03
C ASN M 270 1.33 66.96 -104.01
N HIS M 271 0.14 66.62 -104.49
CA HIS M 271 -0.98 66.34 -103.59
C HIS M 271 -0.65 65.16 -102.69
N TYR M 272 -1.18 65.18 -101.47
CA TYR M 272 -0.90 64.12 -100.52
C TYR M 272 -1.87 64.13 -99.33
N PHE M 273 -1.91 63.00 -98.61
CA PHE M 273 -2.70 62.89 -97.40
C PHE M 273 -2.04 61.90 -96.44
N GLY M 274 -1.89 62.31 -95.18
CA GLY M 274 -1.28 61.47 -94.17
C GLY M 274 -1.48 62.00 -92.76
N TYR M 275 -0.57 61.63 -91.87
CA TYR M 275 -0.68 62.03 -90.47
C TYR M 275 0.68 62.33 -89.85
N SER M 276 0.66 63.16 -88.81
CA SER M 276 1.86 63.50 -88.08
C SER M 276 1.78 62.93 -86.66
N THR M 277 2.77 62.13 -86.29
CA THR M 277 2.76 61.44 -85.01
C THR M 277 3.69 62.10 -83.99
N PRO M 278 3.32 62.01 -82.71
CA PRO M 278 4.11 62.55 -81.59
C PRO M 278 5.40 61.75 -81.35
N TRP M 279 5.64 60.73 -82.16
CA TRP M 279 6.79 59.86 -81.98
C TRP M 279 8.00 60.31 -82.78
N GLY M 280 9.19 59.98 -82.28
CA GLY M 280 10.43 60.17 -83.01
C GLY M 280 10.96 58.81 -83.42
N TYR M 281 12.10 58.78 -84.10
CA TYR M 281 12.66 57.51 -84.54
C TYR M 281 14.16 57.58 -84.74
N PHE M 282 14.80 56.41 -84.71
CA PHE M 282 16.24 56.34 -84.89
C PHE M 282 16.57 55.85 -86.29
N ASP M 283 17.63 56.40 -86.86
CA ASP M 283 18.04 56.01 -88.20
C ASP M 283 19.56 56.07 -88.36
N PHE M 284 20.09 55.16 -89.16
CA PHE M 284 21.52 55.13 -89.45
C PHE M 284 21.72 54.53 -90.84
N ASN M 285 20.76 54.75 -91.72
CA ASN M 285 20.80 54.23 -93.07
C ASN M 285 21.80 54.98 -93.96
N ARG M 286 22.92 55.37 -93.38
CA ARG M 286 24.01 56.02 -94.10
C ARG M 286 25.29 55.30 -93.72
N PHE M 287 26.15 55.04 -94.70
CA PHE M 287 27.38 54.30 -94.42
C PHE M 287 28.29 55.05 -93.46
N HIS M 288 28.32 56.37 -93.54
CA HIS M 288 29.22 57.17 -92.69
C HIS M 288 28.78 57.12 -91.23
N CYS M 289 27.62 56.52 -90.99
CA CYS M 289 27.15 56.30 -89.61
C CYS M 289 28.00 55.25 -88.92
N HIS M 290 28.61 54.37 -89.70
CA HIS M 290 29.30 53.21 -89.13
C HIS M 290 30.79 53.18 -89.48
N PHE M 291 31.13 53.49 -90.73
CA PHE M 291 32.53 53.48 -91.16
C PHE M 291 33.16 54.86 -91.04
N SER M 292 34.40 54.89 -90.59
CA SER M 292 35.16 56.14 -90.59
C SER M 292 35.77 56.30 -91.98
N PRO M 293 36.20 57.53 -92.32
CA PRO M 293 36.87 57.77 -93.61
C PRO M 293 37.96 56.74 -93.86
N ARG M 294 38.84 56.54 -92.87
CA ARG M 294 39.94 55.60 -93.00
C ARG M 294 39.47 54.18 -93.27
N ASP M 295 38.55 53.69 -92.43
CA ASP M 295 38.01 52.33 -92.59
C ASP M 295 37.45 52.14 -93.98
N TRP M 296 36.65 53.11 -94.42
CA TRP M 296 36.06 53.06 -95.75
C TRP M 296 37.16 52.89 -96.80
N GLN M 297 38.30 53.50 -96.57
CA GLN M 297 39.44 53.37 -97.49
C GLN M 297 39.93 51.93 -97.55
N ARG M 298 40.25 51.37 -96.39
CA ARG M 298 40.69 49.98 -96.32
C ARG M 298 39.69 49.09 -97.05
N LEU M 299 38.41 49.24 -96.68
CA LEU M 299 37.34 48.48 -97.28
C LEU M 299 37.39 48.56 -98.80
N ILE M 300 37.30 49.77 -99.32
CA ILE M 300 37.23 50.02 -100.76
C ILE M 300 38.42 49.43 -101.52
N ASN M 301 39.62 49.70 -101.02
CA ASN M 301 40.84 49.37 -101.74
C ASN M 301 41.27 47.90 -101.66
N ASN M 302 40.51 47.10 -100.93
CA ASN M 302 40.96 45.73 -100.65
C ASN M 302 39.99 44.60 -100.98
N ASN M 303 38.70 44.92 -101.04
CA ASN M 303 37.69 43.87 -101.15
C ASN M 303 36.83 43.87 -102.43
N TRP M 304 36.72 42.69 -103.05
CA TRP M 304 35.85 42.48 -104.20
C TRP M 304 34.43 42.95 -103.91
N GLY M 305 33.96 42.68 -102.71
CA GLY M 305 32.60 43.02 -102.32
C GLY M 305 32.36 42.90 -100.83
N PHE M 306 31.18 43.29 -100.37
CA PHE M 306 30.84 43.23 -98.95
C PHE M 306 29.33 43.22 -98.71
N ARG M 307 28.93 42.95 -97.47
CA ARG M 307 27.51 42.87 -97.13
C ARG M 307 27.29 42.95 -95.62
N PRO M 308 26.05 43.28 -95.20
CA PRO M 308 25.64 43.31 -93.80
C PRO M 308 25.33 41.90 -93.28
N LYS M 309 25.54 41.68 -91.99
CA LYS M 309 25.28 40.38 -91.39
C LYS M 309 24.40 40.45 -90.14
N LYS M 310 24.93 41.04 -89.07
CA LYS M 310 24.20 41.13 -87.81
C LYS M 310 23.99 42.59 -87.38
N LEU M 311 23.24 42.76 -86.29
CA LEU M 311 22.92 44.10 -85.79
C LEU M 311 22.65 44.10 -84.28
N SER M 312 23.15 45.12 -83.59
CA SER M 312 22.94 45.26 -82.15
C SER M 312 22.58 46.69 -81.79
N PHE M 313 21.34 46.87 -81.34
CA PHE M 313 20.85 48.20 -81.00
C PHE M 313 20.73 48.37 -79.49
N LYS M 314 21.25 49.48 -78.96
CA LYS M 314 21.24 49.71 -77.53
C LYS M 314 20.94 51.17 -77.18
N LEU M 315 20.00 51.37 -76.26
CA LEU M 315 19.67 52.69 -75.75
C LEU M 315 19.97 52.78 -74.25
N PHE M 316 20.61 53.86 -73.83
CA PHE M 316 21.05 53.96 -72.44
C PHE M 316 21.32 55.39 -71.97
N ASN M 317 21.73 55.51 -70.72
CA ASN M 317 22.07 56.80 -70.11
C ASN M 317 21.01 57.85 -70.34
N ILE M 318 19.75 57.44 -70.22
CA ILE M 318 18.61 58.32 -70.48
C ILE M 318 18.40 59.34 -69.37
N GLN M 319 18.13 60.58 -69.77
CA GLN M 319 17.86 61.66 -68.84
C GLN M 319 16.67 62.46 -69.35
N VAL M 320 15.70 62.70 -68.48
CA VAL M 320 14.55 63.50 -68.85
C VAL M 320 14.56 64.86 -68.17
N LYS M 321 14.83 65.89 -68.96
CA LYS M 321 14.87 67.26 -68.46
C LYS M 321 13.57 67.97 -68.77
N GLU M 322 12.97 68.61 -67.76
CA GLU M 322 11.78 69.41 -67.97
C GLU M 322 12.10 70.90 -67.81
N VAL M 323 11.61 71.70 -68.75
CA VAL M 323 11.95 73.12 -68.79
C VAL M 323 10.77 74.00 -68.41
N THR M 324 11.07 75.11 -67.74
CA THR M 324 10.04 76.07 -67.36
C THR M 324 10.47 77.49 -67.67
N GLN M 325 9.61 78.22 -68.37
CA GLN M 325 9.85 79.63 -68.66
C GLN M 325 9.13 80.48 -67.61
N ASN M 326 9.89 80.90 -66.59
CA ASN M 326 9.31 81.63 -65.46
C ASN M 326 9.00 83.10 -65.77
N ASP M 327 10.05 83.90 -65.92
CA ASP M 327 9.89 85.31 -66.27
C ASP M 327 10.47 85.57 -67.65
N GLY M 328 11.77 85.80 -67.70
CA GLY M 328 12.49 85.93 -68.95
C GLY M 328 13.67 84.99 -68.95
N THR M 329 13.58 83.95 -68.11
CA THR M 329 14.66 82.99 -67.94
C THR M 329 14.16 81.56 -68.02
N THR M 330 14.75 80.78 -68.93
CA THR M 330 14.42 79.36 -69.06
C THR M 330 15.28 78.53 -68.13
N THR M 331 14.64 77.89 -67.16
CA THR M 331 15.34 77.00 -66.24
C THR M 331 15.09 75.54 -66.62
N ILE M 332 16.15 74.74 -66.62
CA ILE M 332 16.06 73.33 -66.97
C ILE M 332 16.52 72.47 -65.79
N ALA M 333 15.72 71.46 -65.45
CA ALA M 333 16.04 70.59 -64.32
C ALA M 333 15.72 69.12 -64.59
N ASN M 334 15.85 68.30 -63.56
CA ASN M 334 15.64 66.86 -63.69
C ASN M 334 14.26 66.40 -63.22
N ASN M 335 13.54 65.73 -64.10
CA ASN M 335 12.31 65.05 -63.71
C ASN M 335 12.56 63.56 -63.69
N LEU M 336 13.10 63.07 -62.58
CA LEU M 336 13.55 61.70 -62.47
C LEU M 336 12.42 60.69 -62.67
N THR M 337 11.25 60.99 -62.09
CA THR M 337 10.13 60.06 -62.13
C THR M 337 9.45 60.01 -63.50
N SER M 338 10.04 60.64 -64.50
CA SER M 338 9.46 60.63 -65.84
C SER M 338 10.05 59.52 -66.69
N THR M 339 9.26 59.03 -67.65
CA THR M 339 9.67 57.91 -68.49
C THR M 339 9.70 58.25 -69.98
N VAL M 340 10.28 57.35 -70.76
CA VAL M 340 10.29 57.45 -72.20
C VAL M 340 9.85 56.11 -72.77
N GLN M 341 9.33 56.10 -73.99
CA GLN M 341 8.77 54.87 -74.55
C GLN M 341 9.41 54.43 -75.86
N VAL M 342 9.81 53.17 -75.91
CA VAL M 342 10.44 52.61 -77.10
C VAL M 342 9.73 51.35 -77.57
N PHE M 343 9.71 51.13 -78.87
CA PHE M 343 9.26 49.87 -79.43
C PHE M 343 9.73 49.71 -80.87
N THR M 344 9.89 48.47 -81.30
CA THR M 344 10.42 48.19 -82.62
C THR M 344 9.40 47.48 -83.50
N ASP M 345 9.11 48.08 -84.65
CA ASP M 345 8.18 47.50 -85.60
C ASP M 345 8.81 46.29 -86.29
N SER M 346 8.69 45.13 -85.66
CA SER M 346 9.30 43.91 -86.18
C SER M 346 8.30 43.10 -86.99
N GLU M 347 7.01 43.37 -86.79
CA GLU M 347 5.97 42.72 -87.57
C GLU M 347 5.73 43.50 -88.87
N TYR M 348 6.47 44.60 -89.01
CA TYR M 348 6.36 45.48 -90.18
C TYR M 348 4.92 45.91 -90.43
N GLN M 349 4.29 46.43 -89.39
CA GLN M 349 2.89 46.83 -89.48
C GLN M 349 2.75 48.34 -89.63
N LEU M 350 3.81 49.07 -89.29
CA LEU M 350 3.85 50.52 -89.51
C LEU M 350 4.54 50.82 -90.84
N PRO M 351 4.00 51.79 -91.58
CA PRO M 351 4.57 52.19 -92.87
C PRO M 351 6.07 52.41 -92.77
N TYR M 352 6.83 51.71 -93.60
CA TYR M 352 8.28 51.84 -93.58
C TYR M 352 8.69 53.13 -94.26
N VAL M 353 9.19 54.07 -93.45
CA VAL M 353 9.49 55.41 -93.92
C VAL M 353 11.00 55.60 -94.11
N LEU M 354 11.76 54.55 -93.80
CA LEU M 354 13.21 54.58 -93.98
C LEU M 354 13.59 54.24 -95.42
N GLY M 355 14.85 54.47 -95.75
CA GLY M 355 15.33 54.19 -97.09
C GLY M 355 14.76 55.18 -98.10
N SER M 356 14.56 56.41 -97.66
CA SER M 356 14.06 57.47 -98.54
C SER M 356 14.96 58.69 -98.50
N ALA M 357 16.21 58.49 -98.11
CA ALA M 357 17.22 59.54 -98.11
C ALA M 357 16.89 60.70 -97.17
N HIS M 358 16.02 60.44 -96.20
CA HIS M 358 15.65 61.48 -95.24
C HIS M 358 16.82 61.82 -94.33
N GLN M 359 16.70 62.96 -93.65
CA GLN M 359 17.75 63.42 -92.77
C GLN M 359 17.43 63.06 -91.32
N GLY M 360 18.42 63.15 -90.45
CA GLY M 360 18.23 62.81 -89.05
C GLY M 360 18.97 61.55 -88.65
N CYS M 361 19.84 61.08 -89.55
CA CYS M 361 20.65 59.90 -89.29
C CYS M 361 21.65 60.19 -88.18
N LEU M 362 22.57 59.26 -87.96
CA LEU M 362 23.63 59.47 -87.00
C LEU M 362 24.72 60.34 -87.63
N PRO M 363 25.27 61.28 -86.86
CA PRO M 363 26.32 62.19 -87.33
C PRO M 363 27.54 61.41 -87.83
N PRO M 364 28.11 61.82 -88.98
CA PRO M 364 29.33 61.18 -89.46
C PRO M 364 30.42 61.25 -88.41
N PHE M 365 30.57 62.43 -87.81
CA PHE M 365 31.55 62.64 -86.76
C PHE M 365 30.96 62.26 -85.41
N PRO M 366 31.68 61.40 -84.67
CA PRO M 366 31.24 60.83 -83.39
C PRO M 366 30.96 61.89 -82.33
N ALA M 367 31.72 62.97 -82.33
CA ALA M 367 31.59 64.01 -81.31
C ALA M 367 30.32 64.85 -81.48
N ASP M 368 29.71 64.80 -82.66
CA ASP M 368 28.53 65.60 -82.95
C ASP M 368 27.27 65.05 -82.27
N VAL M 369 26.40 65.95 -81.85
CA VAL M 369 25.11 65.57 -81.27
C VAL M 369 24.01 65.78 -82.30
N PHE M 370 22.97 64.94 -82.25
CA PHE M 370 21.89 65.02 -83.23
C PHE M 370 20.50 65.07 -82.59
N MET M 371 19.55 65.63 -83.33
CA MET M 371 18.16 65.68 -82.88
C MET M 371 17.40 64.50 -83.50
N VAL M 372 16.63 63.81 -82.67
CA VAL M 372 15.86 62.66 -83.16
C VAL M 372 14.65 63.12 -83.98
N PRO M 373 14.59 62.71 -85.25
CA PRO M 373 13.56 63.13 -86.21
C PRO M 373 12.15 62.77 -85.74
N GLN M 374 11.15 63.28 -86.43
CA GLN M 374 9.75 62.98 -86.10
C GLN M 374 9.16 62.01 -87.13
N TYR M 375 8.25 61.16 -86.66
CA TYR M 375 7.61 60.17 -87.52
C TYR M 375 6.37 60.74 -88.21
N GLY M 376 6.34 60.61 -89.53
CA GLY M 376 5.19 61.01 -90.31
C GLY M 376 5.03 60.07 -91.50
N TYR M 377 3.80 59.69 -91.80
CA TYR M 377 3.56 58.74 -92.88
C TYR M 377 2.46 59.20 -93.83
N LEU M 378 2.46 58.62 -95.02
CA LEU M 378 1.49 58.96 -96.06
C LEU M 378 0.54 57.79 -96.30
N THR M 379 -0.56 58.07 -96.99
CA THR M 379 -1.54 57.04 -97.29
C THR M 379 -2.13 57.26 -98.68
N LEU M 380 -2.97 56.33 -99.11
CA LEU M 380 -3.67 56.45 -100.37
C LEU M 380 -4.48 57.75 -100.37
N ASN M 381 -4.41 58.49 -101.47
CA ASN M 381 -5.14 59.76 -101.58
C ASN M 381 -5.71 60.04 -102.96
N ASN M 382 -6.81 60.78 -103.00
CA ASN M 382 -7.42 61.22 -104.25
C ASN M 382 -7.35 62.74 -104.36
N GLY M 383 -6.17 63.24 -104.73
CA GLY M 383 -5.92 64.66 -104.73
C GLY M 383 -5.61 65.14 -103.32
N SER M 384 -6.36 66.12 -102.85
CA SER M 384 -6.19 66.62 -101.49
C SER M 384 -6.99 65.75 -100.52
N GLN M 385 -7.93 64.99 -101.08
CA GLN M 385 -8.79 64.12 -100.29
C GLN M 385 -8.19 62.72 -100.12
N ALA M 386 -8.85 61.92 -99.30
CA ALA M 386 -8.43 60.55 -99.06
C ALA M 386 -9.52 59.58 -99.48
N VAL M 387 -9.15 58.32 -99.69
CA VAL M 387 -10.11 57.29 -100.06
C VAL M 387 -10.55 56.53 -98.80
N GLY M 388 -11.62 55.76 -98.92
CA GLY M 388 -12.09 54.96 -97.80
C GLY M 388 -11.12 53.85 -97.44
N ARG M 389 -10.25 53.50 -98.39
CA ARG M 389 -9.27 52.43 -98.19
C ARG M 389 -7.98 52.93 -97.53
N SER M 390 -7.94 54.22 -97.20
CA SER M 390 -6.77 54.77 -96.53
C SER M 390 -6.65 54.19 -95.12
N SER M 391 -5.47 54.32 -94.53
CA SER M 391 -5.20 53.71 -93.22
C SER M 391 -4.65 54.70 -92.20
N PHE M 392 -5.25 54.69 -91.00
CA PHE M 392 -4.80 55.54 -89.89
C PHE M 392 -4.11 54.68 -88.83
N TYR M 393 -2.89 55.06 -88.47
CA TYR M 393 -2.10 54.27 -87.53
C TYR M 393 -1.82 55.01 -86.23
N CYS M 394 -2.08 54.34 -85.11
CA CYS M 394 -1.77 54.86 -83.79
C CYS M 394 -0.68 54.04 -83.14
N LEU M 395 0.47 54.66 -82.90
CA LEU M 395 1.62 53.96 -82.35
C LEU M 395 1.45 53.67 -80.86
N GLU M 396 0.34 54.13 -80.29
CA GLU M 396 0.04 53.89 -78.89
C GLU M 396 -0.62 52.53 -78.75
N TYR M 397 -1.16 52.02 -79.85
CA TYR M 397 -1.81 50.71 -79.88
C TYR M 397 -0.76 49.62 -80.08
N PHE M 398 0.51 50.01 -79.93
CA PHE M 398 1.62 49.08 -79.96
C PHE M 398 2.19 48.94 -78.57
N PRO M 399 2.44 47.70 -78.14
CA PRO M 399 3.13 47.46 -76.87
C PRO M 399 4.52 48.10 -76.91
N SER M 400 4.80 48.98 -75.95
CA SER M 400 6.09 49.64 -75.89
C SER M 400 6.69 49.57 -74.48
N GLN M 401 8.01 49.53 -74.42
CA GLN M 401 8.72 49.50 -73.14
C GLN M 401 8.97 50.92 -72.65
N MET M 402 8.52 51.20 -71.43
CA MET M 402 8.73 52.51 -70.83
C MET M 402 9.98 52.49 -69.93
N LEU M 403 10.81 53.51 -70.06
CA LEU M 403 12.08 53.55 -69.35
C LEU M 403 12.23 54.79 -68.48
N ARG M 404 12.67 54.57 -67.24
CA ARG M 404 13.03 55.66 -66.33
C ARG M 404 14.54 55.80 -66.40
N THR M 405 15.09 56.76 -65.66
CA THR M 405 16.54 56.96 -65.65
C THR M 405 17.22 55.75 -64.99
N GLY M 406 18.04 55.05 -65.77
CA GLY M 406 18.70 53.86 -65.27
C GLY M 406 18.19 52.63 -65.99
N ASN M 407 17.15 52.82 -66.79
CA ASN M 407 16.66 51.75 -67.65
C ASN M 407 17.33 51.82 -69.02
N ASN M 408 17.42 50.68 -69.69
CA ASN M 408 18.02 50.63 -71.01
C ASN M 408 17.22 49.75 -71.98
N PHE M 409 17.48 49.91 -73.27
CA PHE M 409 16.76 49.18 -74.30
C PHE M 409 17.71 48.33 -75.13
N GLN M 410 17.29 47.09 -75.42
CA GLN M 410 18.16 46.15 -76.12
C GLN M 410 17.46 45.56 -77.35
N PHE M 411 18.21 45.36 -78.43
CA PHE M 411 17.64 44.79 -79.64
C PHE M 411 18.68 44.17 -80.59
N SER M 412 18.41 42.94 -81.02
CA SER M 412 19.30 42.24 -81.95
C SER M 412 18.57 41.77 -83.21
N TYR M 413 19.21 41.99 -84.36
CA TYR M 413 18.60 41.71 -85.66
C TYR M 413 19.58 40.94 -86.53
N THR M 414 19.05 40.14 -87.45
CA THR M 414 19.89 39.32 -88.35
C THR M 414 19.51 39.53 -89.81
N PHE M 415 20.43 40.14 -90.57
CA PHE M 415 20.19 40.39 -92.00
C PHE M 415 19.93 39.10 -92.77
N GLU M 416 19.13 39.21 -93.82
CA GLU M 416 18.84 38.07 -94.68
C GLU M 416 19.96 37.91 -95.71
N ASP M 417 19.83 36.91 -96.56
CA ASP M 417 20.80 36.69 -97.63
C ASP M 417 20.64 37.72 -98.73
N VAL M 418 21.66 38.56 -98.93
CA VAL M 418 21.62 39.59 -99.95
C VAL M 418 22.98 39.73 -100.63
N PRO M 419 23.00 39.62 -101.98
CA PRO M 419 24.19 39.64 -102.83
C PRO M 419 25.20 40.74 -102.49
N PHE M 420 26.48 40.37 -102.46
CA PHE M 420 27.55 41.33 -102.21
C PHE M 420 27.43 42.53 -103.13
N HIS M 421 27.87 43.69 -102.65
CA HIS M 421 27.95 44.84 -103.52
C HIS M 421 29.19 44.76 -104.40
N SER M 422 29.14 45.45 -105.54
CA SER M 422 30.27 45.46 -106.46
C SER M 422 31.29 46.53 -106.08
N SER M 423 32.27 46.13 -105.28
CA SER M 423 33.38 47.01 -104.94
C SER M 423 34.48 46.83 -105.97
N TYR M 424 34.07 46.47 -107.19
CA TYR M 424 34.99 46.23 -108.29
C TYR M 424 34.51 46.88 -109.58
N ALA M 425 35.42 46.97 -110.55
CA ALA M 425 35.09 47.46 -111.88
C ALA M 425 35.72 46.57 -112.92
N HIS M 426 35.00 46.29 -114.00
CA HIS M 426 35.47 45.35 -115.01
C HIS M 426 36.64 45.90 -115.84
N SER M 427 37.67 45.06 -116.01
CA SER M 427 38.83 45.42 -116.83
C SER M 427 38.59 45.04 -118.29
N GLN M 428 37.54 44.28 -118.53
CA GLN M 428 37.13 43.92 -119.90
C GLN M 428 35.85 44.66 -120.28
N SER M 429 35.47 44.57 -121.54
CA SER M 429 34.22 45.17 -122.01
C SER M 429 33.33 44.12 -122.64
N LEU M 430 32.03 44.42 -122.78
CA LEU M 430 31.09 43.49 -123.38
C LEU M 430 31.42 43.18 -124.84
N ASP M 431 31.73 44.22 -125.60
CA ASP M 431 32.04 44.05 -127.02
C ASP M 431 33.50 43.67 -127.23
N ARG M 432 34.34 43.94 -126.24
CA ARG M 432 35.76 43.63 -126.33
C ARG M 432 36.10 42.40 -125.47
N LEU M 433 35.39 41.31 -125.71
CA LEU M 433 35.52 40.11 -124.88
C LEU M 433 36.25 38.98 -125.59
N MET M 434 36.23 39.00 -126.92
CA MET M 434 36.80 37.92 -127.73
C MET M 434 38.33 37.96 -127.87
N ASN M 435 38.84 37.18 -128.81
CA ASN M 435 40.28 37.06 -129.02
C ASN M 435 40.76 37.96 -130.16
N PRO M 436 41.70 38.87 -129.84
CA PRO M 436 42.28 39.83 -130.77
C PRO M 436 43.10 39.17 -131.89
N LEU M 437 43.51 37.93 -131.67
CA LEU M 437 44.45 37.27 -132.60
C LEU M 437 43.76 36.33 -133.58
N ILE M 438 42.73 35.63 -133.12
CA ILE M 438 42.08 34.63 -133.94
C ILE M 438 40.77 35.14 -134.53
N ASP M 439 40.41 34.61 -135.70
CA ASP M 439 39.19 35.00 -136.38
C ASP M 439 38.05 34.06 -136.02
N GLN M 440 36.81 34.55 -136.11
CA GLN M 440 35.65 33.70 -135.87
C GLN M 440 35.42 32.78 -137.05
N TYR M 441 34.74 31.66 -136.79
CA TYR M 441 34.39 30.74 -137.86
C TYR M 441 32.97 31.00 -138.33
N LEU M 442 32.35 32.03 -137.77
CA LEU M 442 31.00 32.42 -138.16
C LEU M 442 31.03 33.49 -139.25
N TYR M 443 29.96 33.57 -140.03
CA TYR M 443 29.90 34.53 -141.13
C TYR M 443 28.75 35.52 -140.96
N TYR M 444 28.99 36.74 -141.40
CA TYR M 444 27.98 37.78 -141.36
C TYR M 444 27.93 38.45 -142.74
N LEU M 445 26.84 39.13 -143.04
CA LEU M 445 26.72 39.84 -144.31
C LEU M 445 27.14 41.30 -144.13
N ASN M 446 28.03 41.77 -144.99
CA ASN M 446 28.56 43.12 -144.88
C ASN M 446 28.47 43.94 -146.17
N ARG M 447 28.10 43.27 -147.25
CA ARG M 447 27.95 43.92 -148.55
C ARG M 447 26.67 43.50 -149.24
N THR M 448 25.81 44.46 -149.54
CA THR M 448 24.53 44.18 -150.18
C THR M 448 24.54 44.51 -151.67
N GLN M 449 25.30 45.55 -152.03
CA GLN M 449 25.37 45.97 -153.43
C GLN M 449 26.81 46.19 -153.90
N GLY M 450 27.54 47.06 -153.21
CA GLY M 450 28.88 47.44 -153.61
C GLY M 450 29.76 46.27 -154.02
N THR M 451 29.81 46.01 -155.32
CA THR M 451 30.64 44.94 -155.85
C THR M 451 31.82 45.55 -156.60
N THR M 452 32.43 44.76 -157.48
CA THR M 452 33.42 45.28 -158.41
C THR M 452 32.70 46.31 -159.28
N SER M 453 32.42 47.47 -158.71
CA SER M 453 31.52 48.45 -159.31
C SER M 453 32.10 49.17 -160.51
N GLY M 454 31.59 48.83 -161.69
CA GLY M 454 32.01 49.46 -162.93
C GLY M 454 31.05 49.11 -164.05
N THR M 455 31.10 47.86 -164.49
CA THR M 455 30.21 47.34 -165.53
C THR M 455 29.22 46.36 -164.90
N THR M 456 27.94 46.52 -165.24
CA THR M 456 26.90 45.55 -164.89
C THR M 456 26.98 45.06 -163.44
N ASN M 457 27.23 45.97 -162.51
CA ASN M 457 27.30 45.60 -161.10
C ASN M 457 26.36 46.42 -160.22
N GLN M 458 25.09 46.05 -160.25
CA GLN M 458 24.06 46.69 -159.44
C GLN M 458 24.14 46.23 -158.00
N SER M 459 23.90 44.93 -157.76
CA SER M 459 23.87 44.40 -156.41
C SER M 459 24.27 42.92 -156.34
N ARG M 460 24.79 42.52 -155.19
CA ARG M 460 25.21 41.14 -154.97
C ARG M 460 25.34 40.87 -153.47
N LEU M 461 24.89 39.69 -153.04
CA LEU M 461 24.95 39.32 -151.63
C LEU M 461 26.32 38.75 -151.26
N LEU M 462 27.06 39.47 -150.42
CA LEU M 462 28.42 39.08 -150.05
C LEU M 462 28.62 38.98 -148.55
N PHE M 463 29.23 37.88 -148.11
CA PHE M 463 29.43 37.60 -146.69
C PHE M 463 30.91 37.58 -146.32
N SER M 464 31.21 38.02 -145.11
CA SER M 464 32.59 38.02 -144.62
C SER M 464 32.73 37.20 -143.33
N GLN M 465 33.89 36.57 -143.16
CA GLN M 465 34.21 35.86 -141.93
C GLN M 465 34.78 36.84 -140.92
N ALA M 466 34.16 36.89 -139.74
CA ALA M 466 34.58 37.81 -138.69
C ALA M 466 36.06 37.68 -138.38
N GLY M 467 36.76 38.80 -138.26
CA GLY M 467 38.16 38.82 -137.91
C GLY M 467 38.41 39.87 -136.85
N PRO M 468 39.67 39.97 -136.37
CA PRO M 468 40.03 41.00 -135.39
C PRO M 468 39.83 42.36 -136.03
N GLN M 469 39.82 42.37 -137.35
CA GLN M 469 39.65 43.58 -138.12
C GLN M 469 38.19 44.03 -138.09
N SER M 470 37.27 43.06 -138.22
CA SER M 470 35.84 43.35 -138.09
C SER M 470 35.42 43.20 -136.64
N MET M 471 35.95 44.06 -135.78
CA MET M 471 35.78 43.91 -134.35
C MET M 471 34.37 44.23 -133.85
N SER M 472 33.77 45.30 -134.37
CA SER M 472 32.42 45.69 -133.94
C SER M 472 31.36 45.08 -134.86
N LEU M 473 31.71 43.97 -135.49
CA LEU M 473 30.79 43.28 -136.40
C LEU M 473 30.68 41.80 -136.07
N GLN M 474 31.57 41.31 -135.20
CA GLN M 474 31.61 39.90 -134.84
C GLN M 474 30.34 39.45 -134.13
N ALA M 475 30.03 38.17 -134.24
CA ALA M 475 28.90 37.58 -133.53
C ALA M 475 29.05 37.81 -132.03
N ARG M 476 27.92 38.00 -131.35
CA ARG M 476 27.95 38.31 -129.93
C ARG M 476 27.08 37.35 -129.13
N ASN M 477 27.43 37.16 -127.86
CA ASN M 477 26.69 36.27 -126.98
C ASN M 477 25.85 36.98 -125.93
N TRP M 478 26.09 38.28 -125.74
CA TRP M 478 25.46 39.02 -124.66
C TRP M 478 25.09 40.45 -125.04
N LEU M 479 24.13 41.03 -124.34
CA LEU M 479 23.72 42.41 -124.56
C LEU M 479 23.98 43.29 -123.34
N PRO M 480 23.98 44.62 -123.52
CA PRO M 480 24.14 45.57 -122.42
C PRO M 480 22.87 45.64 -121.57
N GLY M 481 22.96 46.31 -120.42
CA GLY M 481 21.83 46.43 -119.53
C GLY M 481 20.73 47.30 -120.11
N PRO M 482 19.54 47.25 -119.49
CA PRO M 482 18.38 48.04 -119.92
C PRO M 482 18.68 49.53 -119.87
N CYS M 483 17.74 50.36 -120.31
CA CYS M 483 17.97 51.80 -120.36
C CYS M 483 16.69 52.62 -120.33
N TYR M 484 16.83 53.88 -119.90
CA TYR M 484 15.75 54.85 -119.91
C TYR M 484 16.37 56.23 -120.09
N ARG M 485 16.49 56.66 -121.34
CA ARG M 485 17.25 57.84 -121.71
C ARG M 485 17.01 59.04 -120.78
N GLN M 486 18.09 59.68 -120.36
CA GLN M 486 18.03 60.90 -119.57
C GLN M 486 18.53 62.06 -120.43
N GLN M 487 18.14 63.28 -120.08
CA GLN M 487 18.59 64.45 -120.80
C GLN M 487 20.02 64.82 -120.41
N ARG M 488 20.80 65.29 -121.38
CA ARG M 488 22.20 65.65 -121.13
C ARG M 488 22.33 67.08 -120.63
N LEU M 489 23.07 67.26 -119.53
CA LEU M 489 23.33 68.59 -118.98
C LEU M 489 24.82 68.85 -118.90
N SER M 490 25.19 70.12 -119.03
CA SER M 490 26.59 70.51 -118.89
C SER M 490 26.79 71.30 -117.61
N LYS M 491 27.95 71.14 -117.01
CA LYS M 491 28.29 71.88 -115.80
C LYS M 491 28.61 73.33 -116.16
N THR M 492 29.01 73.55 -117.41
CA THR M 492 29.25 74.88 -117.93
C THR M 492 27.92 75.55 -118.27
N ALA M 493 27.56 76.56 -117.49
CA ALA M 493 26.23 77.17 -117.57
C ALA M 493 26.00 77.99 -118.85
N ASN M 494 26.67 77.61 -119.94
CA ASN M 494 26.46 78.31 -121.20
C ASN M 494 26.38 77.36 -122.40
N ASP M 495 26.69 76.09 -122.16
CA ASP M 495 26.56 75.08 -123.21
C ASP M 495 25.09 74.75 -123.38
N ASN M 496 24.32 75.00 -122.32
CA ASN M 496 22.94 74.57 -122.24
C ASN M 496 21.95 75.49 -122.96
N ASN M 497 20.75 74.98 -123.20
CA ASN M 497 19.68 75.75 -123.83
C ASN M 497 19.16 76.81 -122.89
N ASN M 498 18.93 78.01 -123.42
CA ASN M 498 18.44 79.12 -122.61
C ASN M 498 16.94 78.95 -122.30
N SER M 499 16.60 77.87 -121.60
CA SER M 499 15.23 77.59 -121.21
C SER M 499 15.21 76.72 -119.94
N ASN M 500 14.18 76.93 -119.11
CA ASN M 500 14.04 76.16 -117.88
C ASN M 500 13.28 74.84 -118.11
N PHE M 501 14.02 73.74 -118.19
CA PHE M 501 13.44 72.45 -118.55
C PHE M 501 13.66 71.32 -117.53
N PRO M 502 13.82 71.65 -116.24
CA PRO M 502 14.11 70.59 -115.28
C PRO M 502 12.87 69.79 -114.92
N TRP M 503 11.77 70.05 -115.62
CA TRP M 503 10.52 69.35 -115.36
C TRP M 503 9.77 69.03 -116.65
N THR M 504 9.84 69.96 -117.60
CA THR M 504 9.13 69.82 -118.87
C THR M 504 9.92 69.03 -119.90
N ALA M 505 11.17 68.71 -119.57
CA ALA M 505 12.03 67.98 -120.50
C ALA M 505 12.73 66.78 -119.83
N ALA M 506 12.46 66.58 -118.55
CA ALA M 506 13.07 65.48 -117.81
C ALA M 506 12.23 64.21 -117.91
N SER M 507 12.90 63.06 -117.83
CA SER M 507 12.21 61.78 -117.89
C SER M 507 11.44 61.51 -116.61
N LYS M 508 10.16 61.19 -116.76
CA LYS M 508 9.27 61.03 -115.61
C LYS M 508 8.27 59.91 -115.85
N TYR M 509 7.67 59.41 -114.78
CA TYR M 509 6.62 58.41 -114.90
C TYR M 509 5.36 58.95 -114.24
N HIS M 510 4.23 58.29 -114.47
CA HIS M 510 2.99 58.73 -113.83
C HIS M 510 2.10 57.57 -113.42
N LEU M 511 1.57 57.66 -112.20
CA LEU M 511 0.66 56.66 -111.68
C LEU M 511 -0.61 57.33 -111.17
N ASN M 512 -1.76 56.77 -111.53
CA ASN M 512 -3.02 57.32 -111.07
C ASN M 512 -3.22 58.73 -111.59
N GLY M 513 -2.59 59.03 -112.73
CA GLY M 513 -2.66 60.35 -113.33
C GLY M 513 -1.82 61.36 -112.60
N ARG M 514 -0.75 60.90 -111.96
CA ARG M 514 0.13 61.77 -111.19
C ARG M 514 1.59 61.63 -111.62
N ASP M 515 2.14 62.72 -112.16
CA ASP M 515 3.53 62.73 -112.61
C ASP M 515 4.52 62.65 -111.45
N SER M 516 5.53 61.80 -111.61
CA SER M 516 6.61 61.68 -110.63
C SER M 516 7.93 61.57 -111.37
N LEU M 517 8.93 62.32 -110.91
CA LEU M 517 10.21 62.37 -111.62
C LEU M 517 11.05 61.11 -111.40
N VAL M 518 11.44 60.47 -112.50
CA VAL M 518 12.32 59.31 -112.44
C VAL M 518 13.74 59.77 -112.13
N ASN M 519 14.02 59.98 -110.84
CA ASN M 519 15.33 60.50 -110.46
C ASN M 519 16.50 59.53 -110.68
N PRO M 520 16.69 58.55 -109.77
CA PRO M 520 17.77 57.62 -110.09
C PRO M 520 17.20 56.46 -110.90
N GLY M 521 17.17 56.60 -112.22
CA GLY M 521 16.60 55.58 -113.07
C GLY M 521 17.46 54.33 -113.09
N PRO M 522 17.22 53.44 -114.07
CA PRO M 522 18.10 52.27 -114.23
C PRO M 522 19.56 52.71 -114.20
N ALA M 523 20.44 51.80 -113.85
CA ALA M 523 21.87 52.11 -113.78
C ALA M 523 22.44 52.30 -115.19
N MET M 524 22.75 53.55 -115.52
CA MET M 524 23.35 53.88 -116.81
C MET M 524 24.62 54.72 -116.59
N ALA M 525 25.53 54.69 -117.55
CA ALA M 525 26.77 55.45 -117.45
C ALA M 525 26.53 56.96 -117.57
N SER M 526 27.26 57.74 -116.78
CA SER M 526 27.07 59.18 -116.75
C SER M 526 27.55 59.89 -118.02
N HIS M 527 28.72 59.50 -118.51
CA HIS M 527 29.30 60.13 -119.70
C HIS M 527 30.17 59.17 -120.49
N LYS M 528 30.34 59.43 -121.78
CA LYS M 528 31.22 58.63 -122.62
C LYS M 528 32.67 59.11 -122.48
N ASP M 529 33.59 58.41 -123.12
CA ASP M 529 35.02 58.71 -122.97
C ASP M 529 35.39 60.10 -123.50
N ASP M 530 36.32 60.75 -122.81
CA ASP M 530 36.85 62.05 -123.22
C ASP M 530 35.86 63.19 -123.10
N GLU M 531 35.02 63.16 -122.06
CA GLU M 531 34.11 64.25 -121.78
C GLU M 531 34.20 64.68 -120.32
N GLU M 532 33.62 63.88 -119.44
CA GLU M 532 33.74 64.10 -118.00
C GLU M 532 33.24 65.49 -117.60
N LYS M 533 32.24 65.99 -118.31
CA LYS M 533 31.64 67.28 -118.00
C LYS M 533 30.12 67.23 -118.14
N PHE M 534 29.66 66.31 -118.97
CA PHE M 534 28.23 66.13 -119.19
C PHE M 534 27.65 65.06 -118.26
N PHE M 535 26.83 65.50 -117.31
CA PHE M 535 26.14 64.57 -116.44
C PHE M 535 24.66 64.50 -116.84
N PRO M 536 24.02 63.35 -116.59
CA PRO M 536 22.61 63.19 -116.95
C PRO M 536 21.71 64.06 -116.08
N MET M 537 20.61 64.53 -116.65
CA MET M 537 19.59 65.19 -115.86
C MET M 537 19.24 64.25 -114.71
N HIS M 538 19.73 64.58 -113.52
CA HIS M 538 19.47 63.75 -112.34
C HIS M 538 19.69 62.25 -112.57
N GLY M 539 20.69 61.90 -113.37
CA GLY M 539 21.01 60.52 -113.63
C GLY M 539 21.91 59.90 -112.58
N ASN M 540 21.97 60.54 -111.41
CA ASN M 540 22.82 60.10 -110.32
C ASN M 540 22.57 60.88 -109.03
N LEU M 541 23.03 60.34 -107.90
CA LEU M 541 22.80 60.96 -106.61
C LEU M 541 23.72 62.15 -106.36
N ILE M 542 23.14 63.27 -105.95
CA ILE M 542 23.91 64.48 -105.70
C ILE M 542 23.86 64.85 -104.22
N PHE M 543 25.02 65.01 -103.61
CA PHE M 543 25.10 65.33 -102.19
C PHE M 543 25.40 66.81 -101.97
N GLY M 544 24.77 67.40 -100.96
CA GLY M 544 25.00 68.79 -100.63
C GLY M 544 26.13 68.97 -99.64
N LYS M 545 27.02 69.91 -99.93
CA LYS M 545 28.13 70.21 -99.04
C LYS M 545 27.62 70.73 -97.69
N GLU M 546 28.49 70.70 -96.68
CA GLU M 546 28.12 71.19 -95.36
C GLU M 546 27.84 72.68 -95.42
N GLY M 547 26.73 73.09 -94.80
CA GLY M 547 26.33 74.50 -94.79
C GLY M 547 25.95 74.99 -96.17
N THR M 548 24.72 74.67 -96.58
CA THR M 548 24.20 75.08 -97.88
C THR M 548 22.67 74.97 -97.91
N THR M 549 22.00 76.10 -98.09
CA THR M 549 20.54 76.16 -98.04
C THR M 549 19.86 75.09 -98.89
N ALA M 550 18.65 74.71 -98.49
CA ALA M 550 17.90 73.66 -99.20
C ALA M 550 17.22 74.19 -100.46
N SER M 551 17.25 75.51 -100.63
CA SER M 551 16.54 76.13 -101.74
C SER M 551 17.49 76.78 -102.74
N ASN M 552 17.55 76.21 -103.94
CA ASN M 552 18.35 76.73 -105.04
C ASN M 552 19.77 77.13 -104.64
N ALA M 553 20.62 76.14 -104.45
CA ALA M 553 22.02 76.39 -104.12
C ALA M 553 22.87 76.41 -105.38
N GLU M 554 24.09 76.90 -105.24
CA GLU M 554 24.99 77.05 -106.39
C GLU M 554 25.56 75.70 -106.83
N LEU M 555 26.04 75.64 -108.08
CA LEU M 555 26.66 74.44 -108.63
C LEU M 555 27.96 74.10 -107.89
N ASP M 556 28.62 75.13 -107.35
CA ASP M 556 29.87 74.92 -106.63
C ASP M 556 29.59 74.58 -105.17
N ASN M 557 28.31 74.35 -104.85
CA ASN M 557 27.90 74.00 -103.49
C ASN M 557 27.36 72.57 -103.38
N VAL M 558 27.42 71.83 -104.48
CA VAL M 558 26.94 70.46 -104.48
C VAL M 558 27.98 69.49 -105.03
N MET M 559 27.79 68.21 -104.72
CA MET M 559 28.70 67.16 -105.17
C MET M 559 27.96 66.15 -106.03
N ILE M 560 28.26 66.16 -107.32
CA ILE M 560 27.62 65.27 -108.27
C ILE M 560 28.46 64.01 -108.43
N THR M 561 27.81 62.85 -108.41
CA THR M 561 28.51 61.58 -108.43
C THR M 561 28.68 61.03 -109.85
N ASP M 562 29.87 60.55 -110.15
CA ASP M 562 30.18 60.04 -111.49
C ASP M 562 30.13 58.52 -111.54
N GLU M 563 29.24 57.99 -112.39
CA GLU M 563 29.14 56.55 -112.58
C GLU M 563 29.85 56.15 -113.87
N GLU M 564 31.18 56.26 -113.86
CA GLU M 564 31.97 55.97 -115.06
C GLU M 564 32.81 54.70 -114.94
N GLU M 565 32.41 53.80 -114.05
CA GLU M 565 33.09 52.53 -113.92
C GLU M 565 32.27 51.42 -114.55
N ILE M 566 30.99 51.70 -114.79
CA ILE M 566 30.08 50.71 -115.34
C ILE M 566 29.89 50.91 -116.85
N ARG M 567 30.85 51.57 -117.48
CA ARG M 567 30.78 51.85 -118.91
C ARG M 567 30.74 50.57 -119.74
N THR M 568 31.29 49.49 -119.20
CA THR M 568 31.48 48.25 -119.94
C THR M 568 30.26 47.33 -119.95
N THR M 569 29.32 47.59 -119.05
CA THR M 569 28.12 46.75 -118.94
C THR M 569 26.85 47.54 -119.17
N ASN M 570 26.93 48.86 -118.98
CA ASN M 570 25.75 49.71 -119.04
C ASN M 570 25.77 50.75 -120.16
N PRO M 571 24.59 51.03 -120.73
CA PRO M 571 24.40 52.07 -121.74
C PRO M 571 24.57 53.45 -121.12
N VAL M 572 25.01 54.42 -121.92
CA VAL M 572 25.17 55.79 -121.43
C VAL M 572 23.80 56.43 -121.20
N ALA M 573 23.64 57.07 -120.05
CA ALA M 573 22.34 57.61 -119.62
C ALA M 573 21.75 58.63 -120.60
N THR M 574 22.59 59.53 -121.09
CA THR M 574 22.15 60.61 -121.97
C THR M 574 22.12 60.16 -123.43
N GLU M 575 23.05 59.29 -123.80
CA GLU M 575 23.13 58.78 -125.16
C GLU M 575 21.98 57.83 -125.46
N GLN M 576 21.85 57.44 -126.73
CA GLN M 576 20.81 56.53 -127.17
C GLN M 576 21.08 55.11 -126.69
N TYR M 577 20.33 54.15 -127.23
CA TYR M 577 20.55 52.74 -126.93
C TYR M 577 21.12 52.01 -128.13
N GLY M 578 20.55 52.28 -129.31
CA GLY M 578 21.02 51.65 -130.53
C GLY M 578 20.11 51.86 -131.72
N THR M 579 20.19 50.91 -132.66
CA THR M 579 19.43 50.99 -133.91
C THR M 579 18.47 49.82 -134.04
N VAL M 580 17.26 50.12 -134.52
CA VAL M 580 16.26 49.09 -134.76
C VAL M 580 15.64 49.30 -136.14
N ALA M 581 15.38 48.20 -136.85
CA ALA M 581 14.72 48.29 -138.15
C ALA M 581 13.20 48.40 -137.97
N ASN M 582 12.55 49.06 -138.92
CA ASN M 582 11.10 49.22 -138.87
C ASN M 582 10.45 49.39 -140.25
N ASN M 583 10.81 48.49 -141.17
CA ASN M 583 10.22 48.47 -142.51
C ASN M 583 10.72 47.27 -143.30
N LEU M 584 10.02 46.94 -144.39
CA LEU M 584 10.42 45.84 -145.25
C LEU M 584 11.17 46.33 -146.48
N GLN M 585 12.48 46.49 -146.34
CA GLN M 585 13.31 47.03 -147.42
C GLN M 585 13.22 46.18 -148.69
N SER M 586 13.33 46.84 -149.83
CA SER M 586 13.27 46.16 -151.12
C SER M 586 13.71 47.10 -152.23
N SER M 587 13.56 46.67 -153.47
CA SER M 587 13.88 47.52 -154.61
C SER M 587 12.97 48.75 -154.62
N ASN M 588 11.76 48.61 -154.08
CA ASN M 588 10.80 49.70 -154.03
C ASN M 588 10.97 50.59 -152.80
N THR M 589 11.49 50.01 -151.73
CA THR M 589 11.58 50.70 -150.45
C THR M 589 13.00 50.78 -149.92
N ALA M 590 13.37 51.95 -149.40
CA ALA M 590 14.67 52.13 -148.77
C ALA M 590 14.60 51.75 -147.29
N PRO M 591 15.62 51.02 -146.81
CA PRO M 591 15.72 50.56 -145.41
C PRO M 591 15.61 51.70 -144.42
N THR M 592 14.82 51.52 -143.37
CA THR M 592 14.63 52.57 -142.37
C THR M 592 15.21 52.20 -141.01
N THR M 593 15.82 53.19 -140.35
CA THR M 593 16.42 53.01 -139.05
C THR M 593 15.71 53.83 -137.98
N ARG M 594 15.54 53.25 -136.79
CA ARG M 594 14.90 53.94 -135.68
C ARG M 594 15.84 54.02 -134.48
N THR M 595 16.02 55.22 -133.95
CA THR M 595 16.85 55.42 -132.77
C THR M 595 16.06 55.05 -131.51
N VAL M 596 16.48 53.97 -130.84
CA VAL M 596 15.79 53.48 -129.66
C VAL M 596 16.18 54.27 -128.41
N ASN M 597 15.18 54.85 -127.76
CA ASN M 597 15.39 55.69 -126.59
C ASN M 597 14.98 54.98 -125.31
N ASP M 598 14.21 53.91 -125.45
CA ASP M 598 13.72 53.17 -124.29
C ASP M 598 13.74 51.66 -124.54
N GLN M 599 14.45 50.93 -123.69
CA GLN M 599 14.57 49.49 -123.85
C GLN M 599 14.20 48.72 -122.59
N GLY M 600 13.15 47.92 -122.69
CA GLY M 600 12.79 47.02 -121.60
C GLY M 600 13.86 45.97 -121.40
N ALA M 601 13.51 44.89 -120.71
CA ALA M 601 14.47 43.81 -120.46
C ALA M 601 14.56 42.85 -121.64
N LEU M 602 15.68 42.13 -121.72
CA LEU M 602 15.89 41.19 -122.83
C LEU M 602 16.71 39.97 -122.41
N PRO M 603 16.30 38.79 -122.88
CA PRO M 603 17.05 37.56 -122.64
C PRO M 603 18.48 37.68 -123.16
N GLY M 604 19.43 37.79 -122.25
CA GLY M 604 20.83 37.88 -122.63
C GLY M 604 21.50 39.15 -122.17
N MET M 605 20.72 40.05 -121.57
CA MET M 605 21.27 41.29 -121.04
C MET M 605 22.01 41.06 -119.74
N VAL M 606 23.09 41.81 -119.54
CA VAL M 606 23.86 41.76 -118.30
C VAL M 606 24.21 43.18 -117.88
N TRP M 607 23.97 43.50 -116.61
CA TRP M 607 24.22 44.86 -116.15
C TRP M 607 24.86 44.89 -114.77
N GLN M 608 25.46 46.03 -114.45
CA GLN M 608 25.99 46.27 -113.12
C GLN M 608 25.07 47.26 -112.44
N ASP M 609 24.85 47.10 -111.14
CA ASP M 609 24.00 48.03 -110.41
C ASP M 609 24.74 49.34 -110.12
N ARG M 610 24.09 50.26 -109.41
CA ARG M 610 24.71 51.53 -109.08
C ARG M 610 25.87 51.37 -108.11
N ASP M 611 26.15 52.39 -107.33
CA ASP M 611 27.26 52.33 -106.39
C ASP M 611 26.87 52.90 -105.03
N VAL M 612 27.57 52.49 -103.99
CA VAL M 612 27.36 53.05 -102.66
C VAL M 612 28.53 53.92 -102.27
N TYR M 613 28.22 55.08 -101.71
CA TYR M 613 29.26 56.01 -101.31
C TYR M 613 29.24 56.19 -99.80
N LEU M 614 30.36 56.66 -99.25
CA LEU M 614 30.50 56.78 -97.80
C LEU M 614 29.28 57.41 -97.14
N GLN M 615 28.57 58.27 -97.85
CA GLN M 615 27.41 58.95 -97.29
C GLN M 615 26.09 58.53 -97.95
N GLY M 616 26.12 57.42 -98.69
CA GLY M 616 24.94 56.93 -99.37
C GLY M 616 24.06 56.05 -98.49
N PRO M 617 22.85 55.73 -98.99
CA PRO M 617 21.94 54.82 -98.28
C PRO M 617 22.56 53.42 -98.18
N ILE M 618 22.12 52.65 -97.20
CA ILE M 618 22.65 51.29 -97.02
C ILE M 618 21.66 50.24 -97.53
N TRP M 619 20.45 50.25 -96.98
CA TRP M 619 19.44 49.27 -97.37
C TRP M 619 18.13 49.92 -97.81
N ALA M 620 17.16 49.09 -98.17
CA ALA M 620 15.85 49.57 -98.60
C ALA M 620 14.83 48.45 -98.54
N LYS M 621 13.64 48.76 -98.00
CA LYS M 621 12.59 47.75 -97.88
C LYS M 621 11.86 47.49 -99.20
N ILE M 622 12.15 46.35 -99.82
CA ILE M 622 11.45 45.94 -101.02
C ILE M 622 9.96 45.87 -100.75
N PRO M 623 9.17 46.65 -101.50
CA PRO M 623 7.71 46.71 -101.35
C PRO M 623 7.08 45.33 -101.42
N HIS M 624 6.03 45.10 -100.62
CA HIS M 624 5.35 43.82 -100.63
C HIS M 624 4.27 43.76 -101.70
N THR M 625 4.68 43.51 -102.93
CA THR M 625 3.75 43.41 -104.05
C THR M 625 3.71 41.99 -104.62
N ASP M 626 2.91 41.81 -105.67
CA ASP M 626 2.82 40.51 -106.33
C ASP M 626 4.08 40.20 -107.12
N GLY M 627 4.81 41.23 -107.54
CA GLY M 627 5.96 41.02 -108.39
C GLY M 627 7.04 42.08 -108.34
N HIS M 628 8.28 41.64 -108.47
CA HIS M 628 9.44 42.52 -108.56
C HIS M 628 10.32 41.97 -109.66
N PHE M 629 11.16 42.81 -110.24
CA PHE M 629 12.08 42.34 -111.27
C PHE M 629 13.47 42.05 -110.71
N HIS M 630 14.27 43.10 -110.61
CA HIS M 630 15.60 42.99 -110.03
C HIS M 630 15.64 43.93 -108.83
N PRO M 631 15.07 43.48 -107.71
CA PRO M 631 14.77 44.30 -106.52
C PRO M 631 16.00 44.88 -105.82
N SER M 632 16.73 45.73 -106.53
CA SER M 632 17.85 46.45 -105.94
C SER M 632 17.48 47.93 -105.83
N PRO M 633 17.65 48.51 -104.63
CA PRO M 633 17.30 49.91 -104.36
C PRO M 633 17.83 50.82 -105.46
N LEU M 634 16.94 51.59 -106.09
CA LEU M 634 17.35 52.44 -107.20
C LEU M 634 18.41 53.45 -106.79
N MET M 635 18.34 53.90 -105.54
CA MET M 635 19.32 54.84 -105.01
C MET M 635 20.61 54.12 -104.63
N GLY M 636 20.57 52.79 -104.68
CA GLY M 636 21.73 51.97 -104.41
C GLY M 636 21.68 51.29 -103.05
N GLY M 637 22.29 50.11 -102.96
CA GLY M 637 22.37 49.40 -101.71
C GLY M 637 21.77 48.00 -101.74
N PHE M 638 21.34 47.54 -100.57
CA PHE M 638 20.82 46.19 -100.44
C PHE M 638 19.32 46.18 -100.29
N GLY M 639 18.65 45.54 -101.24
CA GLY M 639 17.20 45.39 -101.20
C GLY M 639 16.80 44.28 -100.26
N LEU M 640 16.05 44.63 -99.22
CA LEU M 640 15.70 43.67 -98.20
C LEU M 640 14.19 43.49 -98.07
N LYS M 641 13.76 42.23 -98.08
CA LYS M 641 12.36 41.91 -97.79
C LYS M 641 12.06 42.35 -96.36
N HIS M 642 12.92 41.95 -95.45
CA HIS M 642 12.76 42.30 -94.04
C HIS M 642 14.01 43.02 -93.53
N PRO M 643 14.02 44.36 -93.65
CA PRO M 643 15.14 45.24 -93.27
C PRO M 643 15.06 45.62 -91.80
N PRO M 644 16.20 46.08 -91.23
CA PRO M 644 16.25 46.53 -89.83
C PRO M 644 15.01 47.33 -89.47
N PRO M 645 14.14 46.75 -88.63
CA PRO M 645 12.85 47.32 -88.25
C PRO M 645 13.00 48.75 -87.73
N GLN M 646 11.89 49.47 -87.68
CA GLN M 646 11.90 50.84 -87.19
C GLN M 646 11.85 50.89 -85.67
N ILE M 647 12.73 51.68 -85.08
CA ILE M 647 12.75 51.85 -83.63
C ILE M 647 12.14 53.21 -83.25
N MET M 648 11.00 53.17 -82.58
CA MET M 648 10.29 54.39 -82.17
C MET M 648 10.67 54.85 -80.77
N ILE M 649 10.49 56.15 -80.54
CA ILE M 649 10.86 56.78 -79.27
C ILE M 649 9.95 57.98 -79.05
N LYS M 650 9.55 58.23 -77.81
CA LYS M 650 8.73 59.38 -77.49
C LYS M 650 8.69 59.63 -75.99
N ASN M 651 8.60 60.90 -75.61
CA ASN M 651 8.54 61.26 -74.19
C ASN M 651 7.14 61.05 -73.65
N THR M 652 7.03 60.25 -72.59
CA THR M 652 5.74 59.99 -71.98
C THR M 652 5.12 61.28 -71.46
N PRO M 653 3.92 61.62 -71.97
CA PRO M 653 3.21 62.85 -71.61
C PRO M 653 2.98 62.99 -70.12
N VAL M 654 3.34 64.14 -69.56
CA VAL M 654 3.12 64.40 -68.15
C VAL M 654 2.11 65.52 -67.95
N PRO M 655 0.92 65.17 -67.41
CA PRO M 655 -0.13 66.15 -67.13
C PRO M 655 0.36 67.26 -66.21
N ALA M 656 0.16 68.50 -66.63
CA ALA M 656 0.45 69.62 -65.77
C ALA M 656 -0.55 69.61 -64.61
N ASN M 657 -0.83 70.78 -64.06
CA ASN M 657 -1.72 70.85 -62.91
C ASN M 657 -3.21 70.70 -63.28
N PRO M 658 -3.89 69.74 -62.62
CA PRO M 658 -5.31 69.46 -62.81
C PRO M 658 -6.21 70.25 -61.85
N PRO M 659 -7.47 70.48 -62.24
CA PRO M 659 -8.48 71.21 -61.46
C PRO M 659 -9.10 70.36 -60.36
N THR M 660 -9.55 71.00 -59.28
CA THR M 660 -10.22 70.30 -58.18
C THR M 660 -11.61 69.81 -58.59
N THR M 661 -12.14 70.37 -59.67
CA THR M 661 -13.42 69.94 -60.21
C THR M 661 -13.21 69.07 -61.45
N PHE M 662 -14.04 68.05 -61.62
CA PHE M 662 -13.89 67.09 -62.71
C PHE M 662 -14.22 67.68 -64.08
N SER M 663 -13.39 67.40 -65.07
CA SER M 663 -13.61 67.88 -66.43
C SER M 663 -13.53 66.73 -67.43
N PRO M 664 -14.59 66.54 -68.22
CA PRO M 664 -14.64 65.50 -69.25
C PRO M 664 -13.84 65.93 -70.47
N ALA M 665 -13.50 67.21 -70.53
CA ALA M 665 -12.78 67.77 -71.67
C ALA M 665 -11.42 67.09 -71.87
N LYS M 666 -11.06 66.88 -73.13
CA LYS M 666 -9.78 66.29 -73.49
C LYS M 666 -8.65 67.05 -72.81
N PHE M 667 -7.71 66.33 -72.23
CA PHE M 667 -6.60 66.95 -71.51
C PHE M 667 -5.58 67.50 -72.51
N ALA M 668 -5.16 68.75 -72.30
CA ALA M 668 -4.23 69.41 -73.21
C ALA M 668 -3.22 70.30 -72.49
N SER M 669 -3.24 70.26 -71.15
CA SER M 669 -2.28 71.01 -70.36
C SER M 669 -1.19 70.10 -69.80
N PHE M 670 -0.04 70.08 -70.45
CA PHE M 670 1.05 69.19 -70.05
C PHE M 670 2.31 69.94 -69.64
N ILE M 671 3.14 69.27 -68.86
CA ILE M 671 4.45 69.80 -68.48
C ILE M 671 5.42 69.62 -69.64
N THR M 672 6.08 70.71 -70.00
CA THR M 672 7.02 70.71 -71.12
C THR M 672 8.33 70.04 -70.72
N GLN M 673 8.74 69.05 -71.50
CA GLN M 673 9.93 68.26 -71.18
C GLN M 673 10.55 67.61 -72.41
N TYR M 674 11.86 67.43 -72.38
CA TYR M 674 12.58 66.77 -73.46
C TYR M 674 13.49 65.69 -72.89
N SER M 675 13.80 64.67 -73.70
CA SER M 675 14.65 63.57 -73.26
C SER M 675 15.99 63.59 -73.98
N THR M 676 16.98 62.95 -73.38
CA THR M 676 18.32 62.87 -73.97
C THR M 676 19.04 61.63 -73.45
N GLY M 677 20.00 61.15 -74.23
CA GLY M 677 20.75 59.97 -73.84
C GLY M 677 21.65 59.49 -74.96
N GLN M 678 22.22 58.30 -74.79
CA GLN M 678 23.08 57.72 -75.81
C GLN M 678 22.41 56.56 -76.53
N VAL M 679 22.89 56.30 -77.73
CA VAL M 679 22.41 55.18 -78.52
C VAL M 679 23.61 54.48 -79.14
N SER M 680 23.54 53.16 -79.24
CA SER M 680 24.66 52.39 -79.78
C SER M 680 24.19 51.38 -80.83
N VAL M 681 24.87 51.38 -81.99
CA VAL M 681 24.53 50.46 -83.08
C VAL M 681 25.76 49.69 -83.56
N GLU M 682 25.72 48.36 -83.38
CA GLU M 682 26.82 47.49 -83.79
C GLU M 682 26.41 46.65 -85.00
N ILE M 683 27.20 46.71 -86.06
CA ILE M 683 26.92 45.94 -87.25
C ILE M 683 28.11 45.11 -87.73
N GLU M 684 27.85 43.85 -88.04
CA GLU M 684 28.88 42.97 -88.57
C GLU M 684 28.77 42.92 -90.08
N TRP M 685 29.93 42.88 -90.73
CA TRP M 685 29.98 42.93 -92.18
C TRP M 685 30.77 41.76 -92.72
N GLU M 686 30.17 40.99 -93.61
CA GLU M 686 30.90 39.91 -94.28
C GLU M 686 31.66 40.53 -95.45
N LEU M 687 32.88 40.05 -95.67
CA LEU M 687 33.71 40.61 -96.73
C LEU M 687 34.03 39.57 -97.81
N GLN M 688 34.19 40.05 -99.03
CA GLN M 688 34.67 39.20 -100.11
C GLN M 688 36.05 39.67 -100.52
N LYS M 689 37.07 38.88 -100.19
CA LYS M 689 38.44 39.25 -100.44
C LYS M 689 38.77 39.31 -101.94
N GLU M 690 39.88 39.96 -102.25
CA GLU M 690 40.31 40.17 -103.63
C GLU M 690 41.22 39.04 -104.12
N ASN M 691 40.86 38.44 -105.25
CA ASN M 691 41.68 37.39 -105.85
C ASN M 691 41.93 37.66 -107.32
N SER M 692 42.90 38.52 -107.60
CA SER M 692 43.19 38.93 -108.97
C SER M 692 44.63 38.61 -109.34
N LYS M 693 44.84 38.19 -110.59
CA LYS M 693 46.19 37.92 -111.09
C LYS M 693 46.67 39.07 -111.97
N ARG M 694 46.10 40.26 -111.76
CA ARG M 694 46.55 41.47 -112.41
C ARG M 694 48.02 41.69 -112.08
N TRP M 695 48.85 41.86 -113.10
CA TRP M 695 50.28 42.07 -112.89
C TRP M 695 50.57 43.50 -112.43
N ASN M 696 50.19 44.47 -113.25
CA ASN M 696 50.41 45.88 -112.93
C ASN M 696 49.52 46.37 -111.81
N PRO M 697 49.93 47.43 -111.11
CA PRO M 697 49.16 47.99 -109.99
C PRO M 697 47.77 48.44 -110.41
N GLU M 698 46.80 48.29 -109.52
CA GLU M 698 45.46 48.80 -109.75
C GLU M 698 45.36 50.19 -109.13
N ILE M 699 44.26 50.89 -109.41
CA ILE M 699 44.08 52.23 -108.86
C ILE M 699 43.52 52.18 -107.44
N GLN M 700 44.03 53.05 -106.59
CA GLN M 700 43.65 53.09 -105.19
C GLN M 700 43.17 54.49 -104.81
N TYR M 701 42.23 54.57 -103.88
CA TYR M 701 41.86 55.87 -103.35
C TYR M 701 42.94 56.37 -102.40
N THR M 702 43.22 57.67 -102.45
CA THR M 702 44.29 58.24 -101.65
C THR M 702 44.08 59.73 -101.39
N SER M 703 44.71 60.24 -100.33
CA SER M 703 44.71 61.66 -100.03
C SER M 703 45.84 62.36 -100.78
N ASN M 704 45.62 63.63 -101.13
CA ASN M 704 46.64 64.41 -101.80
C ASN M 704 47.78 64.73 -100.84
N TYR M 705 48.94 64.15 -101.11
CA TYR M 705 50.11 64.28 -100.24
C TYR M 705 50.67 65.71 -100.26
N ASN M 706 50.14 66.52 -101.16
CA ASN M 706 50.62 67.89 -101.34
C ASN M 706 50.35 68.80 -100.14
N LYS M 707 51.12 69.87 -100.03
CA LYS M 707 50.90 70.87 -98.99
C LYS M 707 49.48 71.41 -99.13
N SER M 708 48.67 71.27 -98.08
CA SER M 708 47.25 71.58 -98.17
C SER M 708 46.75 72.54 -97.09
N VAL M 709 45.63 73.20 -97.40
CA VAL M 709 44.96 74.10 -96.48
C VAL M 709 44.41 73.34 -95.28
N ASN M 710 43.22 72.78 -95.45
CA ASN M 710 42.58 71.98 -94.42
C ASN M 710 42.74 70.50 -94.74
N VAL M 711 42.63 69.67 -93.72
CA VAL M 711 42.77 68.22 -93.89
C VAL M 711 41.46 67.58 -94.33
N ASP M 712 41.53 66.75 -95.36
CA ASP M 712 40.35 66.07 -95.89
C ASP M 712 39.61 65.30 -94.81
N PHE M 713 38.31 65.54 -94.71
CA PHE M 713 37.47 64.85 -93.72
C PHE M 713 37.91 65.22 -92.31
N THR M 714 37.60 66.45 -91.91
CA THR M 714 38.09 66.98 -90.65
C THR M 714 37.30 68.22 -90.23
N VAL M 715 37.39 68.55 -88.95
CA VAL M 715 36.80 69.78 -88.44
C VAL M 715 37.63 70.98 -88.87
N ASP M 716 37.02 72.16 -88.84
CA ASP M 716 37.71 73.39 -89.25
C ASP M 716 38.13 74.25 -88.06
N THR M 717 38.26 75.55 -88.30
CA THR M 717 38.76 76.47 -87.28
C THR M 717 37.78 76.67 -86.14
N ASN M 718 36.49 76.44 -86.39
CA ASN M 718 35.49 76.60 -85.35
C ASN M 718 34.63 75.36 -85.09
N GLY M 719 35.18 74.19 -85.42
CA GLY M 719 34.57 72.93 -85.05
C GLY M 719 33.38 72.48 -85.89
N VAL M 720 33.62 72.22 -87.18
CA VAL M 720 32.59 71.69 -88.06
C VAL M 720 33.17 70.62 -88.99
N TYR M 721 32.73 69.37 -88.78
CA TYR M 721 33.16 68.28 -89.64
C TYR M 721 32.58 68.46 -91.04
N SER M 722 33.39 68.17 -92.05
CA SER M 722 32.96 68.33 -93.44
C SER M 722 33.51 67.24 -94.33
N GLU M 723 32.63 66.61 -95.11
CA GLU M 723 33.03 65.58 -96.06
C GLU M 723 33.31 66.21 -97.43
N PRO M 724 34.59 66.37 -97.78
CA PRO M 724 35.04 66.98 -99.04
C PRO M 724 34.32 66.43 -100.27
N ARG M 725 34.61 65.19 -100.65
CA ARG M 725 34.06 64.61 -101.86
C ARG M 725 33.26 63.33 -101.57
N PRO M 726 32.44 62.90 -102.55
CA PRO M 726 31.81 61.58 -102.45
C PRO M 726 32.84 60.48 -102.68
N ILE M 727 32.63 59.32 -102.07
CA ILE M 727 33.57 58.21 -102.23
C ILE M 727 32.93 57.02 -102.92
N GLY M 728 33.44 56.69 -104.12
CA GLY M 728 32.97 55.51 -104.83
C GLY M 728 33.37 54.24 -104.10
N THR M 729 33.09 53.10 -104.71
CA THR M 729 33.42 51.82 -104.10
C THR M 729 34.21 50.96 -105.08
N ARG M 730 34.21 51.37 -106.34
CA ARG M 730 34.82 50.58 -107.40
C ARG M 730 36.21 51.08 -107.76
N TYR M 731 37.23 50.49 -107.12
CA TYR M 731 38.63 50.84 -107.39
C TYR M 731 39.42 49.62 -107.85
N LEU M 732 38.91 48.44 -107.56
CA LEU M 732 39.59 47.20 -107.93
C LEU M 732 38.99 46.59 -109.18
N THR M 733 39.82 45.89 -109.97
CA THR M 733 39.37 45.36 -111.25
C THR M 733 39.21 43.85 -111.28
N ARG M 734 38.08 43.40 -111.82
CA ARG M 734 37.82 41.99 -112.07
C ARG M 734 37.38 41.84 -113.52
N ASN M 735 37.58 40.67 -114.09
CA ASN M 735 37.23 40.44 -115.48
C ASN M 735 35.75 40.12 -115.69
N LEU M 736 35.39 39.78 -116.92
CA LEU M 736 34.02 39.39 -117.24
C LEU M 736 33.90 37.89 -117.48
N GLY N 217 33.19 48.23 -60.58
CA GLY N 217 32.40 48.53 -59.39
C GLY N 217 31.12 49.26 -59.73
N ALA N 218 30.06 48.95 -59.00
CA ALA N 218 28.75 49.55 -59.22
C ALA N 218 27.96 49.72 -57.92
N ASP N 219 27.76 50.97 -57.52
CA ASP N 219 26.99 51.28 -56.31
C ASP N 219 26.03 52.46 -56.51
N GLY N 220 25.67 53.13 -55.41
CA GLY N 220 24.60 54.12 -55.45
C GLY N 220 24.97 55.58 -55.30
N VAL N 221 23.95 56.39 -55.02
CA VAL N 221 24.09 57.84 -54.94
C VAL N 221 24.75 58.28 -53.63
N GLY N 222 24.17 57.88 -52.51
CA GLY N 222 24.69 58.23 -51.21
C GLY N 222 25.67 57.19 -50.69
N ASN N 223 26.60 56.79 -51.55
CA ASN N 223 27.62 55.81 -51.18
C ASN N 223 28.94 56.10 -51.89
N SER N 224 29.93 56.55 -51.14
CA SER N 224 31.24 56.88 -51.70
C SER N 224 31.86 55.71 -52.45
N SER N 225 32.30 55.96 -53.68
CA SER N 225 32.90 54.92 -54.52
C SER N 225 34.41 54.79 -54.32
N GLY N 226 34.91 55.22 -53.16
CA GLY N 226 36.33 55.13 -52.87
C GLY N 226 36.75 55.89 -51.62
N ASN N 227 37.92 55.53 -51.09
CA ASN N 227 38.47 56.20 -49.91
C ASN N 227 39.73 56.99 -50.23
N TRP N 228 40.13 57.83 -49.28
CA TRP N 228 41.31 58.68 -49.45
C TRP N 228 42.58 57.94 -49.05
N HIS N 229 43.23 57.31 -50.03
CA HIS N 229 44.47 56.58 -49.77
C HIS N 229 45.68 57.42 -50.16
N CYS N 230 46.30 58.03 -49.17
CA CYS N 230 47.54 58.78 -49.40
C CYS N 230 48.53 58.51 -48.28
N ASP N 231 49.50 57.66 -48.57
CA ASP N 231 50.49 57.27 -47.58
C ASP N 231 51.65 56.55 -48.26
N SER N 232 52.75 56.40 -47.54
CA SER N 232 53.88 55.65 -48.04
C SER N 232 54.64 55.00 -46.90
N GLN N 233 54.90 53.70 -47.03
CA GLN N 233 55.72 52.98 -46.07
C GLN N 233 56.82 52.24 -46.82
N TRP N 234 57.86 51.84 -46.09
CA TRP N 234 59.03 51.25 -46.72
C TRP N 234 59.17 49.76 -46.40
N LEU N 235 59.80 49.04 -47.31
CA LEU N 235 60.03 47.60 -47.14
C LEU N 235 61.52 47.28 -47.10
N GLY N 236 62.34 48.32 -47.06
CA GLY N 236 63.79 48.15 -47.03
C GLY N 236 64.31 47.65 -48.36
N ASP N 237 63.49 46.84 -49.03
CA ASP N 237 63.85 46.29 -50.33
C ASP N 237 63.12 47.06 -51.42
N ARG N 238 62.05 47.74 -51.04
CA ARG N 238 61.24 48.50 -51.98
C ARG N 238 60.33 49.46 -51.23
N VAL N 239 59.71 50.37 -51.95
CA VAL N 239 58.82 51.36 -51.33
C VAL N 239 57.58 51.62 -52.17
N ILE N 240 56.42 51.65 -51.49
CA ILE N 240 55.16 51.89 -52.17
C ILE N 240 54.62 53.28 -51.84
N THR N 241 54.40 54.06 -52.89
CA THR N 241 53.90 55.42 -52.75
C THR N 241 52.45 55.52 -53.19
N THR N 242 51.58 55.85 -52.24
CA THR N 242 50.16 56.04 -52.52
C THR N 242 49.81 57.52 -52.45
N SER N 243 49.13 58.01 -53.48
CA SER N 243 48.78 59.42 -53.56
C SER N 243 47.35 59.65 -54.01
N THR N 244 46.64 60.53 -53.31
CA THR N 244 45.27 60.89 -53.67
C THR N 244 45.11 62.41 -53.70
N ARG N 245 44.47 62.91 -54.76
CA ARG N 245 44.24 64.34 -54.90
C ARG N 245 42.82 64.60 -55.38
N THR N 246 42.34 65.82 -55.18
CA THR N 246 41.03 66.21 -55.69
C THR N 246 41.22 66.96 -57.00
N TRP N 247 40.39 66.62 -57.99
CA TRP N 247 40.51 67.20 -59.32
C TRP N 247 39.21 67.87 -59.73
N ALA N 248 39.32 68.83 -60.66
CA ALA N 248 38.16 69.47 -61.23
C ALA N 248 38.30 69.56 -62.74
N LEU N 249 37.20 69.34 -63.46
CA LEU N 249 37.24 69.32 -64.92
C LEU N 249 36.13 70.16 -65.56
N PRO N 250 36.54 71.19 -66.32
CA PRO N 250 35.62 72.05 -67.07
C PRO N 250 35.20 71.39 -68.37
N THR N 251 34.39 72.08 -69.16
CA THR N 251 34.07 71.64 -70.51
C THR N 251 34.97 72.38 -71.48
N TYR N 252 35.97 71.68 -72.01
CA TYR N 252 36.93 72.31 -72.91
C TYR N 252 36.41 72.41 -74.34
N ASN N 253 36.90 73.42 -75.06
CA ASN N 253 36.57 73.60 -76.47
C ASN N 253 35.09 73.55 -76.78
N ASN N 254 34.25 73.74 -75.78
CA ASN N 254 32.80 73.77 -75.98
C ASN N 254 32.32 72.51 -76.70
N HIS N 255 32.72 71.35 -76.18
CA HIS N 255 32.33 70.07 -76.74
C HIS N 255 32.71 69.95 -78.22
N LEU N 256 33.78 70.62 -78.62
CA LEU N 256 34.18 70.66 -80.03
C LEU N 256 35.65 70.33 -80.27
N TYR N 257 35.91 69.65 -81.38
CA TYR N 257 37.28 69.47 -81.85
C TYR N 257 37.62 70.63 -82.76
N LYS N 258 38.71 71.33 -82.47
CA LYS N 258 39.07 72.50 -83.25
C LYS N 258 40.44 72.36 -83.93
N GLN N 259 40.51 72.74 -85.20
CA GLN N 259 41.76 72.75 -85.93
C GLN N 259 42.58 73.98 -85.55
N ILE N 260 43.72 73.76 -84.90
CA ILE N 260 44.61 74.85 -84.54
C ILE N 260 45.86 74.85 -85.42
N SER N 261 46.48 76.02 -85.54
CA SER N 261 47.63 76.17 -86.42
C SER N 261 48.40 77.44 -86.10
N SER N 262 49.52 77.63 -86.77
CA SER N 262 50.36 78.80 -86.57
C SER N 262 49.73 80.06 -87.15
N GLN N 263 49.97 81.18 -86.50
CA GLN N 263 49.43 82.46 -86.95
C GLN N 263 49.93 82.78 -88.36
N SER N 264 49.07 83.36 -89.18
CA SER N 264 49.45 83.75 -90.53
C SER N 264 50.61 84.74 -90.52
N GLY N 265 51.82 84.22 -90.59
CA GLY N 265 53.02 85.05 -90.58
C GLY N 265 53.28 85.73 -89.25
N ALA N 266 53.37 84.94 -88.19
CA ALA N 266 53.69 85.48 -86.87
C ALA N 266 55.04 84.99 -86.38
N SER N 267 55.44 83.81 -86.85
CA SER N 267 56.73 83.23 -86.47
C SER N 267 57.14 82.12 -87.44
N ASN N 268 58.44 81.87 -87.56
CA ASN N 268 58.95 80.89 -88.54
C ASN N 268 59.40 79.56 -87.94
N ASP N 269 60.22 79.60 -86.90
CA ASP N 269 60.68 78.39 -86.24
C ASP N 269 59.62 77.83 -85.31
N ASN N 270 58.49 78.54 -85.23
CA ASN N 270 57.42 78.17 -84.33
C ASN N 270 56.14 77.80 -85.07
N HIS N 271 56.26 77.58 -86.38
CA HIS N 271 55.12 77.14 -87.18
C HIS N 271 54.64 75.78 -86.69
N TYR N 272 53.34 75.54 -86.81
CA TYR N 272 52.76 74.29 -86.34
C TYR N 272 51.35 74.05 -86.87
N PHE N 273 50.90 72.80 -86.78
CA PHE N 273 49.54 72.42 -87.16
C PHE N 273 49.08 71.25 -86.31
N GLY N 274 47.88 71.37 -85.74
CA GLY N 274 47.32 70.31 -84.93
C GLY N 274 45.85 70.52 -84.63
N TYR N 275 45.39 69.95 -83.52
CA TYR N 275 43.98 70.04 -83.15
C TYR N 275 43.78 70.17 -81.64
N SER N 276 42.65 70.75 -81.26
CA SER N 276 42.30 70.91 -79.86
C SER N 276 41.08 70.04 -79.54
N THR N 277 41.23 69.17 -78.55
CA THR N 277 40.18 68.21 -78.22
C THR N 277 39.41 68.62 -76.97
N PRO N 278 38.12 68.25 -76.91
CA PRO N 278 37.24 68.52 -75.78
C PRO N 278 37.60 67.66 -74.56
N TRP N 279 38.64 66.84 -74.68
CA TRP N 279 39.02 65.93 -73.61
C TRP N 279 40.07 66.53 -72.67
N GLY N 280 40.05 66.08 -71.42
CA GLY N 280 41.09 66.41 -70.46
C GLY N 280 41.92 65.17 -70.21
N TYR N 281 42.92 65.27 -69.34
CA TYR N 281 43.77 64.12 -69.07
C TYR N 281 44.42 64.20 -67.70
N PHE N 282 44.85 63.05 -67.18
CA PHE N 282 45.50 62.98 -65.89
C PHE N 282 46.99 62.81 -66.06
N ASP N 283 47.76 63.46 -65.19
CA ASP N 283 49.21 63.37 -65.26
C ASP N 283 49.84 63.45 -63.86
N PHE N 284 50.93 62.72 -63.70
CA PHE N 284 51.67 62.74 -62.44
C PHE N 284 53.14 62.45 -62.73
N ASN N 285 53.59 62.88 -63.90
CA ASN N 285 54.97 62.66 -64.33
C ASN N 285 55.96 63.58 -63.61
N ARG N 286 55.71 63.80 -62.33
CA ARG N 286 56.60 64.58 -61.47
C ARG N 286 56.82 63.78 -60.20
N PHE N 287 58.05 63.73 -59.72
CA PHE N 287 58.34 62.93 -58.53
C PHE N 287 57.60 63.42 -57.30
N HIS N 288 57.41 64.74 -57.18
CA HIS N 288 56.76 65.31 -56.01
C HIS N 288 55.28 64.95 -55.95
N CYS N 289 54.79 64.33 -57.02
CA CYS N 289 53.43 63.83 -57.07
C CYS N 289 53.27 62.63 -56.13
N HIS N 290 54.36 61.93 -55.87
CA HIS N 290 54.32 60.67 -55.14
C HIS N 290 55.11 60.69 -53.84
N PHE N 291 56.32 61.26 -53.90
CA PHE N 291 57.17 61.33 -52.71
C PHE N 291 56.99 62.64 -51.96
N SER N 292 56.98 62.56 -50.63
CA SER N 292 56.98 63.76 -49.81
C SER N 292 58.42 64.21 -49.66
N PRO N 293 58.62 65.47 -49.25
CA PRO N 293 59.97 65.98 -49.01
C PRO N 293 60.77 65.02 -48.14
N ARG N 294 60.19 64.59 -47.02
CA ARG N 294 60.86 63.69 -46.10
C ARG N 294 61.24 62.36 -46.75
N ASP N 295 60.27 61.72 -47.40
CA ASP N 295 60.51 60.45 -48.08
C ASP N 295 61.66 60.57 -49.05
N TRP N 296 61.61 61.61 -49.87
CA TRP N 296 62.65 61.88 -50.85
C TRP N 296 64.01 61.91 -50.16
N GLN N 297 64.05 62.45 -48.95
CA GLN N 297 65.29 62.51 -48.18
C GLN N 297 65.80 61.11 -47.85
N ARG N 298 64.96 60.30 -47.24
CA ARG N 298 65.31 58.92 -46.92
C ARG N 298 65.83 58.23 -48.17
N LEU N 299 65.05 58.31 -49.24
CA LEU N 299 65.42 57.72 -50.51
C LEU N 299 66.81 58.14 -50.94
N ILE N 300 67.02 59.44 -51.08
CA ILE N 300 68.28 59.99 -51.58
C ILE N 300 69.49 59.56 -50.75
N ASN N 301 69.35 59.69 -49.44
CA ASN N 301 70.49 59.52 -48.54
C ASN N 301 70.85 58.07 -48.23
N ASN N 302 70.09 57.12 -48.78
CA ASN N 302 70.26 55.73 -48.38
C ASN N 302 70.47 54.71 -49.51
N ASN N 303 70.05 55.06 -50.73
CA ASN N 303 70.02 54.07 -51.80
C ASN N 303 70.93 54.36 -53.01
N TRP N 304 71.71 53.36 -53.41
CA TRP N 304 72.53 53.42 -54.61
C TRP N 304 71.71 53.84 -55.83
N GLY N 305 70.50 53.32 -55.93
CA GLY N 305 69.62 53.58 -57.06
C GLY N 305 68.20 53.14 -56.82
N PHE N 306 67.31 53.43 -57.76
CA PHE N 306 65.89 53.08 -57.63
C PHE N 306 65.19 53.02 -58.99
N ARG N 307 63.97 52.51 -59.00
CA ARG N 307 63.21 52.38 -60.24
C ARG N 307 61.72 52.12 -59.97
N PRO N 308 60.87 52.37 -60.98
CA PRO N 308 59.43 52.10 -60.93
C PRO N 308 59.13 50.62 -61.19
N LYS N 309 58.05 50.12 -60.59
CA LYS N 309 57.69 48.71 -60.75
C LYS N 309 56.23 48.52 -61.19
N LYS N 310 55.30 48.87 -60.31
CA LYS N 310 53.87 48.68 -60.59
C LYS N 310 53.11 50.00 -60.53
N LEU N 311 51.83 49.95 -60.87
CA LEU N 311 50.99 51.15 -60.91
C LEU N 311 49.51 50.81 -60.69
N SER N 312 48.83 51.65 -59.92
CA SER N 312 47.40 51.47 -59.65
C SER N 312 46.66 52.79 -59.75
N PHE N 313 45.81 52.90 -60.76
CA PHE N 313 45.06 54.12 -61.01
C PHE N 313 43.59 53.95 -60.63
N LYS N 314 43.06 54.92 -59.88
CA LYS N 314 41.67 54.83 -59.41
C LYS N 314 40.96 56.18 -59.46
N LEU N 315 39.76 56.19 -60.05
CA LEU N 315 38.92 57.38 -60.08
C LEU N 315 37.62 57.12 -59.33
N PHE N 316 37.22 58.07 -58.49
CA PHE N 316 36.06 57.86 -57.62
C PHE N 316 35.42 59.15 -57.11
N ASN N 317 34.37 58.98 -56.31
CA ASN N 317 33.66 60.10 -55.68
C ASN N 317 33.30 61.19 -56.67
N ILE N 318 32.87 60.78 -57.86
CA ILE N 318 32.57 61.71 -58.94
C ILE N 318 31.26 62.47 -58.70
N GLN N 319 31.30 63.77 -58.97
CA GLN N 319 30.13 64.64 -58.84
C GLN N 319 30.05 65.55 -60.06
N VAL N 320 28.88 65.60 -60.68
CA VAL N 320 28.69 66.47 -61.83
C VAL N 320 27.78 67.66 -61.47
N LYS N 321 28.39 68.83 -61.39
CA LYS N 321 27.66 70.05 -61.07
C LYS N 321 27.38 70.83 -62.34
N GLU N 322 26.13 71.24 -62.53
CA GLU N 322 25.76 72.09 -63.65
C GLU N 322 25.42 73.50 -63.17
N VAL N 323 25.97 74.50 -63.86
CA VAL N 323 25.82 75.88 -63.43
C VAL N 323 24.91 76.68 -64.35
N THR N 324 24.17 77.61 -63.77
CA THR N 324 23.28 78.47 -64.54
C THR N 324 23.42 79.93 -64.10
N GLN N 325 23.64 80.80 -65.07
CA GLN N 325 23.70 82.23 -64.82
C GLN N 325 22.33 82.85 -65.08
N ASN N 326 21.54 83.02 -64.02
CA ASN N 326 20.16 83.50 -64.15
C ASN N 326 20.05 85.00 -64.40
N ASP N 327 20.37 85.80 -63.39
CA ASP N 327 20.36 87.25 -63.53
C ASP N 327 21.77 87.80 -63.41
N GLY N 328 22.18 88.01 -62.16
CA GLY N 328 23.55 88.41 -61.87
C GLY N 328 24.12 87.47 -60.83
N THR N 329 23.53 86.28 -60.74
CA THR N 329 23.92 85.28 -59.75
C THR N 329 24.12 83.91 -60.36
N THR N 330 25.31 83.34 -60.16
CA THR N 330 25.61 81.99 -60.64
C THR N 330 25.21 80.95 -59.60
N THR N 331 24.23 80.13 -59.96
CA THR N 331 23.79 79.06 -59.09
C THR N 331 24.35 77.71 -59.57
N ILE N 332 24.87 76.93 -58.63
CA ILE N 332 25.43 75.62 -58.95
C ILE N 332 24.67 74.53 -58.23
N ALA N 333 24.31 73.46 -58.96
CA ALA N 333 23.54 72.37 -58.37
C ALA N 333 23.99 71.00 -58.89
N ASN N 334 23.24 69.97 -58.51
CA ASN N 334 23.59 68.61 -58.88
C ASN N 334 22.79 68.07 -60.07
N ASN N 335 23.51 67.62 -61.09
CA ASN N 335 22.89 66.90 -62.19
C ASN N 335 23.26 65.42 -62.08
N LEU N 336 22.50 64.71 -61.25
CA LEU N 336 22.83 63.32 -60.91
C LEU N 336 22.85 62.41 -62.13
N THR N 337 21.88 62.58 -63.03
CA THR N 337 21.74 61.72 -64.19
C THR N 337 22.79 61.97 -65.26
N SER N 338 23.78 62.80 -64.97
CA SER N 338 24.82 63.10 -65.94
C SER N 338 26.04 62.18 -65.74
N THR N 339 26.76 61.95 -66.83
CA THR N 339 27.90 61.02 -66.81
C THR N 339 29.22 61.69 -67.21
N VAL N 340 30.31 60.96 -66.98
CA VAL N 340 31.63 61.39 -67.43
C VAL N 340 32.27 60.20 -68.14
N GLN N 341 33.23 60.47 -69.01
CA GLN N 341 33.81 59.41 -69.83
C GLN N 341 35.32 59.25 -69.67
N VAL N 342 35.76 58.03 -69.41
CA VAL N 342 37.17 57.74 -69.23
C VAL N 342 37.62 56.62 -70.16
N PHE N 343 38.87 56.70 -70.61
CA PHE N 343 39.50 55.59 -71.33
C PHE N 343 41.02 55.75 -71.35
N THR N 344 41.72 54.62 -71.44
CA THR N 344 43.16 54.63 -71.38
C THR N 344 43.79 54.15 -72.68
N ASP N 345 44.63 55.00 -73.27
CA ASP N 345 45.33 54.65 -74.50
C ASP N 345 46.41 53.62 -74.22
N SER N 346 46.02 52.35 -74.23
CA SER N 346 46.95 51.26 -73.92
C SER N 346 47.54 50.66 -75.20
N GLU N 347 46.88 50.91 -76.32
CA GLU N 347 47.40 50.46 -77.61
C GLU N 347 48.35 51.51 -78.18
N TYR N 348 48.50 52.61 -77.44
CA TYR N 348 49.37 53.72 -77.82
C TYR N 348 49.05 54.21 -79.22
N GLN N 349 47.78 54.51 -79.46
CA GLN N 349 47.32 54.94 -80.77
C GLN N 349 47.10 56.45 -80.82
N LEU N 350 46.99 57.07 -79.64
CA LEU N 350 46.92 58.52 -79.56
C LEU N 350 48.30 59.10 -79.29
N PRO N 351 48.62 60.22 -79.96
CA PRO N 351 49.91 60.89 -79.79
C PRO N 351 50.26 61.06 -78.31
N TYR N 352 51.42 60.54 -77.92
CA TYR N 352 51.85 60.64 -76.53
C TYR N 352 52.34 62.05 -76.24
N VAL N 353 51.57 62.77 -75.44
CA VAL N 353 51.84 64.18 -75.18
C VAL N 353 52.46 64.38 -73.80
N LEU N 354 52.64 63.28 -73.07
CA LEU N 354 53.25 63.32 -71.76
C LEU N 354 54.77 63.30 -71.87
N GLY N 355 55.45 63.58 -70.77
CA GLY N 355 56.91 63.61 -70.77
C GLY N 355 57.46 64.78 -71.54
N SER N 356 56.73 65.90 -71.49
CA SER N 356 57.16 67.13 -72.15
C SER N 356 57.17 68.30 -71.18
N ALA N 357 57.26 68.00 -69.89
CA ALA N 357 57.38 69.01 -68.84
C ALA N 357 56.17 69.94 -68.75
N HIS N 358 55.04 69.49 -69.30
CA HIS N 358 53.82 70.29 -69.25
C HIS N 358 53.29 70.41 -67.84
N GLN N 359 52.40 71.37 -67.64
CA GLN N 359 51.82 71.61 -66.32
C GLN N 359 50.46 70.94 -66.21
N GLY N 360 49.96 70.82 -64.99
CA GLY N 360 48.67 70.19 -64.76
C GLY N 360 48.81 68.86 -64.04
N CYS N 361 50.01 68.59 -63.54
CA CYS N 361 50.27 67.36 -62.79
C CYS N 361 49.52 67.39 -61.47
N LEU N 362 49.81 66.42 -60.62
CA LEU N 362 49.22 66.40 -59.29
C LEU N 362 49.98 67.36 -58.38
N PRO N 363 49.25 68.11 -57.55
CA PRO N 363 49.85 69.07 -56.62
C PRO N 363 50.86 68.41 -55.70
N PRO N 364 52.02 69.05 -55.48
CA PRO N 364 53.01 68.51 -54.54
C PRO N 364 52.37 68.34 -53.16
N PHE N 365 51.63 69.35 -52.73
CA PHE N 365 50.93 69.31 -51.45
C PHE N 365 49.57 68.65 -51.63
N PRO N 366 49.30 67.63 -50.78
CA PRO N 366 48.09 66.82 -50.85
C PRO N 366 46.79 67.61 -50.70
N ALA N 367 46.84 68.66 -49.88
CA ALA N 367 45.64 69.45 -49.59
C ALA N 367 45.21 70.33 -50.76
N ASP N 368 46.11 70.54 -51.71
CA ASP N 368 45.83 71.40 -52.86
C ASP N 368 44.91 70.74 -53.88
N VAL N 369 44.05 71.53 -54.50
CA VAL N 369 43.17 71.06 -55.57
C VAL N 369 43.72 71.50 -56.92
N PHE N 370 43.52 70.70 -57.94
CA PHE N 370 44.04 71.01 -59.27
C PHE N 370 42.99 70.93 -60.38
N MET N 371 43.25 71.65 -61.47
CA MET N 371 42.38 71.63 -62.63
C MET N 371 42.93 70.64 -63.64
N VAL N 372 42.06 69.79 -64.18
CA VAL N 372 42.50 68.79 -65.15
C VAL N 372 42.76 69.43 -66.51
N PRO N 373 44.00 69.32 -67.01
CA PRO N 373 44.46 69.95 -68.25
C PRO N 373 43.65 69.52 -69.46
N GLN N 374 43.85 70.19 -70.59
CA GLN N 374 43.16 69.84 -71.82
C GLN N 374 44.10 69.13 -72.80
N TYR N 375 43.54 68.22 -73.59
CA TYR N 375 44.34 67.45 -74.54
C TYR N 375 44.46 68.17 -75.87
N GLY N 376 45.70 68.34 -76.33
CA GLY N 376 45.96 68.92 -77.63
C GLY N 376 47.18 68.27 -78.23
N TYR N 377 47.15 67.98 -79.53
CA TYR N 377 48.25 67.30 -80.18
C TYR N 377 48.68 67.96 -81.48
N LEU N 378 49.90 67.66 -81.91
CA LEU N 378 50.47 68.23 -83.12
C LEU N 378 50.62 67.17 -84.19
N THR N 379 50.85 67.61 -85.42
CA THR N 379 51.02 66.69 -86.54
C THR N 379 52.06 67.22 -87.51
N LEU N 380 52.37 66.41 -88.52
CA LEU N 380 53.28 66.82 -89.58
C LEU N 380 52.76 68.09 -90.22
N ASN N 381 53.65 69.07 -90.45
CA ASN N 381 53.25 70.34 -91.05
C ASN N 381 54.28 70.93 -92.00
N ASN N 382 53.81 71.67 -92.99
CA ASN N 382 54.67 72.38 -93.92
C ASN N 382 54.49 73.89 -93.75
N GLY N 383 55.11 74.44 -92.72
CA GLY N 383 54.90 75.82 -92.36
C GLY N 383 53.61 75.97 -91.58
N SER N 384 52.73 76.85 -92.05
CA SER N 384 51.44 77.02 -91.43
C SER N 384 50.46 75.97 -91.95
N GLN N 385 50.82 75.37 -93.08
CA GLN N 385 49.98 74.37 -93.72
C GLN N 385 50.31 72.95 -93.23
N ALA N 386 49.49 72.00 -93.66
CA ALA N 386 49.70 70.61 -93.30
C ALA N 386 49.92 69.77 -94.55
N VAL N 387 50.49 68.58 -94.38
CA VAL N 387 50.72 67.68 -95.48
C VAL N 387 49.58 66.67 -95.57
N GLY N 388 49.49 65.95 -96.69
CA GLY N 388 48.47 64.93 -96.85
C GLY N 388 48.68 63.75 -95.91
N ARG N 389 49.90 63.60 -95.41
CA ARG N 389 50.27 62.51 -94.52
C ARG N 389 49.97 62.83 -93.06
N SER N 390 49.42 64.01 -92.80
CA SER N 390 49.06 64.38 -91.43
C SER N 390 47.93 63.50 -90.93
N SER N 391 47.73 63.49 -89.61
CA SER N 391 46.74 62.61 -89.00
C SER N 391 45.76 63.33 -88.07
N PHE N 392 44.48 63.07 -88.26
CA PHE N 392 43.42 63.64 -87.42
C PHE N 392 42.84 62.56 -86.51
N TYR N 393 42.83 62.83 -85.22
CA TYR N 393 42.38 61.85 -84.23
C TYR N 393 41.12 62.27 -83.49
N CYS N 394 40.14 61.37 -83.45
CA CYS N 394 38.92 61.60 -82.69
C CYS N 394 38.85 60.63 -81.52
N LEU N 395 38.87 61.17 -80.31
CA LEU N 395 38.87 60.34 -79.11
C LEU N 395 37.50 59.73 -78.83
N GLU N 396 36.52 60.08 -79.66
CA GLU N 396 35.18 59.54 -79.53
C GLU N 396 35.11 58.19 -80.22
N TYR N 397 36.05 57.95 -81.12
CA TYR N 397 36.14 56.68 -81.86
C TYR N 397 36.88 55.66 -81.02
N PHE N 398 37.08 55.98 -79.75
CA PHE N 398 37.66 55.06 -78.78
C PHE N 398 36.59 54.61 -77.81
N PRO N 399 36.53 53.30 -77.56
CA PRO N 399 35.63 52.78 -76.52
C PRO N 399 35.98 53.39 -75.17
N SER N 400 35.01 54.03 -74.52
CA SER N 400 35.24 54.64 -73.22
C SER N 400 34.15 54.26 -72.22
N GLN N 401 34.53 54.17 -70.96
CA GLN N 401 33.59 53.85 -69.90
C GLN N 401 32.93 55.12 -69.38
N MET N 402 31.61 55.15 -69.39
CA MET N 402 30.85 56.28 -68.88
C MET N 402 30.43 56.05 -67.44
N LEU N 403 30.62 57.06 -66.60
CA LEU N 403 30.36 56.92 -65.17
C LEU N 403 29.35 57.93 -64.64
N ARG N 404 28.40 57.44 -63.87
CA ARG N 404 27.47 58.29 -63.15
C ARG N 404 27.99 58.43 -61.72
N THR N 405 27.29 59.19 -60.89
CA THR N 405 27.70 59.35 -59.50
C THR N 405 27.57 58.02 -58.76
N GLY N 406 28.69 57.50 -58.28
CA GLY N 406 28.69 56.21 -57.60
C GLY N 406 29.44 55.19 -58.42
N ASN N 407 29.80 55.56 -59.64
CA ASN N 407 30.65 54.72 -60.47
C ASN N 407 32.11 55.08 -60.26
N ASN N 408 33.00 54.11 -60.48
CA ASN N 408 34.43 54.34 -60.33
C ASN N 408 35.23 53.71 -61.46
N PHE N 409 36.48 54.15 -61.61
CA PHE N 409 37.34 53.68 -62.69
C PHE N 409 38.59 53.01 -62.12
N GLN N 410 38.98 51.88 -62.70
CA GLN N 410 40.09 51.09 -62.19
C GLN N 410 41.11 50.81 -63.29
N PHE N 411 42.40 50.83 -62.94
CA PHE N 411 43.46 50.56 -63.92
C PHE N 411 44.78 50.13 -63.28
N SER N 412 45.35 49.04 -63.77
CA SER N 412 46.64 48.55 -63.28
C SER N 412 47.66 48.38 -64.42
N TYR N 413 48.89 48.83 -64.15
CA TYR N 413 49.94 48.85 -65.16
C TYR N 413 51.24 48.29 -64.57
N THR N 414 52.07 47.70 -65.44
CA THR N 414 53.32 47.10 -64.99
C THR N 414 54.53 47.64 -65.79
N PHE N 415 55.40 48.38 -65.12
CA PHE N 415 56.59 48.94 -65.75
C PHE N 415 57.48 47.86 -66.36
N GLU N 416 58.16 48.20 -67.43
CA GLU N 416 59.10 47.29 -68.08
C GLU N 416 60.44 47.34 -67.36
N ASP N 417 61.40 46.55 -67.84
CA ASP N 417 62.74 46.56 -67.27
C ASP N 417 63.50 47.82 -67.69
N VAL N 418 63.84 48.65 -66.71
CA VAL N 418 64.56 49.89 -66.97
C VAL N 418 65.61 50.16 -65.90
N PRO N 419 66.87 50.34 -66.31
CA PRO N 419 68.04 50.53 -65.45
C PRO N 419 67.84 51.51 -64.30
N PHE N 420 68.29 51.13 -63.12
CA PHE N 420 68.23 51.98 -61.94
C PHE N 420 68.78 53.35 -62.24
N HIS N 421 68.26 54.37 -61.57
CA HIS N 421 68.85 55.70 -61.68
C HIS N 421 70.08 55.80 -60.79
N SER N 422 70.98 56.71 -61.12
CA SER N 422 72.19 56.91 -60.35
C SER N 422 71.96 57.85 -59.17
N SER N 423 71.62 57.27 -58.03
CA SER N 423 71.49 58.04 -56.80
C SER N 423 72.83 58.07 -56.10
N TYR N 424 73.90 58.00 -56.90
CA TYR N 424 75.26 57.98 -56.39
C TYR N 424 76.17 58.91 -57.20
N ALA N 425 77.35 59.19 -56.64
CA ALA N 425 78.36 59.98 -57.33
C ALA N 425 79.72 59.32 -57.12
N HIS N 426 80.54 59.30 -58.18
CA HIS N 426 81.81 58.60 -58.13
C HIS N 426 82.84 59.29 -57.23
N SER N 427 83.51 58.50 -56.39
CA SER N 427 84.57 59.01 -55.52
C SER N 427 85.91 58.97 -56.24
N GLN N 428 85.96 58.29 -57.38
CA GLN N 428 87.15 58.25 -58.22
C GLN N 428 86.94 59.08 -59.48
N SER N 429 88.00 59.28 -60.25
CA SER N 429 87.91 59.99 -61.52
C SER N 429 88.40 59.11 -62.66
N LEU N 430 88.04 59.46 -63.90
CA LEU N 430 88.49 58.70 -65.06
C LEU N 430 90.00 58.71 -65.23
N ASP N 431 90.60 59.89 -65.09
CA ASP N 431 92.04 60.02 -65.26
C ASP N 431 92.80 59.67 -63.98
N ARG N 432 92.09 59.71 -62.85
CA ARG N 432 92.71 59.39 -61.56
C ARG N 432 92.28 58.02 -61.08
N LEU N 433 92.49 57.01 -61.92
CA LEU N 433 92.00 55.66 -61.64
C LEU N 433 93.13 54.70 -61.27
N MET N 434 94.34 55.02 -61.71
CA MET N 434 95.49 54.14 -61.51
C MET N 434 96.11 54.18 -60.11
N ASN N 435 97.30 53.62 -59.99
CA ASN N 435 97.99 53.53 -58.71
C ASN N 435 99.02 54.65 -58.53
N PRO N 436 98.84 55.45 -57.47
CA PRO N 436 99.70 56.58 -57.12
C PRO N 436 101.12 56.16 -56.76
N LEU N 437 101.32 54.90 -56.41
CA LEU N 437 102.61 54.46 -55.87
C LEU N 437 103.49 53.76 -56.91
N ILE N 438 102.87 53.00 -57.80
CA ILE N 438 103.62 52.20 -58.76
C ILE N 438 103.63 52.86 -60.14
N ASP N 439 104.70 52.60 -60.90
CA ASP N 439 104.85 53.15 -62.23
C ASP N 439 104.34 52.17 -63.28
N GLN N 440 103.92 52.68 -64.43
CA GLN N 440 103.49 51.83 -65.53
C GLN N 440 104.68 51.18 -66.20
N TYR N 441 104.47 50.05 -66.85
CA TYR N 441 105.53 49.40 -67.60
C TYR N 441 105.44 49.77 -69.07
N LEU N 442 104.50 50.67 -69.39
CA LEU N 442 104.35 51.15 -70.75
C LEU N 442 105.15 52.44 -70.96
N TYR N 443 105.50 52.70 -72.22
CA TYR N 443 106.30 53.87 -72.55
C TYR N 443 105.58 54.82 -73.49
N TYR N 444 105.81 56.12 -73.29
CA TYR N 444 105.24 57.14 -74.15
C TYR N 444 106.36 58.09 -74.57
N LEU N 445 106.14 58.84 -75.64
CA LEU N 445 107.12 59.81 -76.09
C LEU N 445 106.81 61.19 -75.51
N ASN N 446 107.80 61.82 -74.90
CA ASN N 446 107.59 63.12 -74.24
C ASN N 446 108.58 64.18 -74.68
N ARG N 447 109.60 63.78 -75.42
CA ARG N 447 110.62 64.71 -75.91
C ARG N 447 110.92 64.45 -77.38
N THR N 448 110.73 65.48 -78.20
CA THR N 448 110.96 65.37 -79.64
C THR N 448 112.27 66.02 -80.06
N GLN N 449 112.64 67.10 -79.37
CA GLN N 449 113.86 67.83 -79.70
C GLN N 449 114.73 68.11 -78.47
N GLY N 450 114.15 68.79 -77.49
CA GLY N 450 114.88 69.23 -76.32
C GLY N 450 115.78 68.17 -75.72
N THR N 451 117.05 68.21 -76.11
CA THR N 451 118.03 67.26 -75.58
C THR N 451 118.97 68.00 -74.64
N THR N 452 120.15 67.42 -74.42
CA THR N 452 121.23 68.12 -73.73
C THR N 452 121.60 69.32 -74.59
N SER N 453 120.73 70.33 -74.57
CA SER N 453 120.79 71.43 -75.53
C SER N 453 121.95 72.40 -75.29
N GLY N 454 122.94 72.32 -76.17
CA GLY N 454 124.09 73.20 -76.13
C GLY N 454 124.88 73.13 -77.41
N THR N 455 125.56 72.00 -77.61
CA THR N 455 126.34 71.74 -78.81
C THR N 455 125.64 70.66 -79.64
N THR N 456 125.50 70.92 -80.95
CA THR N 456 125.03 69.91 -81.90
C THR N 456 123.82 69.11 -81.41
N ASN N 457 122.86 69.79 -80.81
CA ASN N 457 121.65 69.12 -80.33
C ASN N 457 120.37 69.74 -80.87
N GLN N 458 120.06 69.40 -82.11
CA GLN N 458 118.85 69.86 -82.77
C GLN N 458 117.63 69.09 -82.29
N SER N 459 117.60 67.78 -82.55
CA SER N 459 116.44 66.96 -82.20
C SER N 459 116.82 65.50 -81.93
N ARG N 460 116.01 64.84 -81.11
CA ARG N 460 116.21 63.44 -80.76
C ARG N 460 114.93 62.85 -80.19
N LEU N 461 114.62 61.62 -80.58
CA LEU N 461 113.42 60.94 -80.11
C LEU N 461 113.65 60.29 -78.74
N LEU N 462 112.96 60.79 -77.72
CA LEU N 462 113.14 60.30 -76.37
C LEU N 462 111.84 59.87 -75.71
N PHE N 463 111.86 58.69 -75.09
CA PHE N 463 110.66 58.11 -74.47
C PHE N 463 110.81 57.99 -72.96
N SER N 464 109.70 58.14 -72.25
CA SER N 464 109.70 58.00 -70.80
C SER N 464 108.72 56.92 -70.33
N GLN N 465 109.07 56.26 -69.24
CA GLN N 465 108.18 55.29 -68.60
C GLN N 465 107.22 56.02 -67.67
N ALA N 466 105.93 55.81 -67.88
CA ALA N 466 104.92 56.47 -67.07
C ALA N 466 105.14 56.24 -65.57
N GLY N 467 105.03 57.31 -64.80
CA GLY N 467 105.15 57.23 -63.36
C GLY N 467 104.05 58.02 -62.69
N PRO N 468 104.00 57.99 -61.35
CA PRO N 468 103.00 58.77 -60.60
C PRO N 468 103.25 60.24 -60.87
N GLN N 469 104.46 60.54 -61.30
CA GLN N 469 104.87 61.90 -61.61
C GLN N 469 104.28 62.35 -62.94
N SER N 470 104.29 61.45 -63.93
CA SER N 470 103.65 61.72 -65.21
C SER N 470 102.20 61.26 -65.17
N MET N 471 101.41 61.92 -64.32
CA MET N 471 100.05 61.45 -64.04
C MET N 471 99.07 61.67 -65.20
N SER N 472 99.13 62.84 -65.83
CA SER N 472 98.24 63.14 -66.94
C SER N 472 98.85 62.77 -68.28
N LEU N 473 99.77 61.81 -68.25
CA LEU N 473 100.46 61.36 -69.46
C LEU N 473 100.42 59.85 -69.59
N GLN N 474 100.00 59.17 -68.52
CA GLN N 474 99.97 57.71 -68.49
C GLN N 474 98.99 57.14 -69.50
N ALA N 475 99.25 55.91 -69.94
CA ALA N 475 98.35 55.21 -70.84
C ALA N 475 96.96 55.09 -70.20
N ARG N 476 95.93 55.14 -71.04
CA ARG N 476 94.56 55.15 -70.54
C ARG N 476 93.74 54.04 -71.19
N ASN N 477 92.71 53.56 -70.48
CA ASN N 477 91.84 52.51 -70.98
C ASN N 477 90.45 52.99 -71.38
N TRP N 478 90.10 54.22 -70.98
CA TRP N 478 88.74 54.70 -71.16
C TRP N 478 88.69 56.20 -71.52
N LEU N 479 87.61 56.61 -72.16
CA LEU N 479 87.39 58.03 -72.49
C LEU N 479 86.18 58.60 -71.78
N PRO N 480 86.07 59.94 -71.73
CA PRO N 480 84.91 60.63 -71.15
C PRO N 480 83.70 60.52 -72.07
N GLY N 481 82.53 60.93 -71.57
CA GLY N 481 81.31 60.86 -72.35
C GLY N 481 81.31 61.85 -73.50
N PRO N 482 80.37 61.68 -74.44
CA PRO N 482 80.22 62.57 -75.61
C PRO N 482 79.98 64.01 -75.17
N CYS N 483 79.92 64.93 -76.13
CA CYS N 483 79.74 66.34 -75.80
C CYS N 483 79.12 67.16 -76.94
N TYR N 484 78.52 68.29 -76.55
CA TYR N 484 77.98 69.26 -77.50
C TYR N 484 78.07 70.63 -76.84
N ARG N 485 79.18 71.32 -77.09
CA ARG N 485 79.52 72.54 -76.38
C ARG N 485 78.34 73.51 -76.23
N GLN N 486 78.18 74.03 -75.00
CA GLN N 486 77.18 75.05 -74.70
C GLN N 486 77.90 76.36 -74.40
N GLN N 487 77.20 77.47 -74.56
CA GLN N 487 77.79 78.78 -74.26
C GLN N 487 77.81 79.02 -72.75
N ARG N 488 78.86 79.68 -72.28
CA ARG N 488 79.02 79.95 -70.85
C ARG N 488 78.31 81.24 -70.44
N LEU N 489 77.49 81.16 -69.39
CA LEU N 489 76.80 82.33 -68.85
C LEU N 489 77.15 82.55 -67.40
N SER N 490 77.14 83.81 -66.98
CA SER N 490 77.39 84.13 -65.57
C SER N 490 76.11 84.62 -64.92
N LYS N 491 75.96 84.31 -63.64
CA LYS N 491 74.81 84.77 -62.88
C LYS N 491 74.95 86.25 -62.56
N THR N 492 76.20 86.73 -62.56
CA THR N 492 76.48 88.14 -62.38
C THR N 492 76.23 88.89 -63.68
N ALA N 493 75.18 89.72 -63.70
CA ALA N 493 74.70 90.35 -64.92
C ALA N 493 75.64 91.43 -65.47
N ASN N 494 76.94 91.29 -65.22
CA ASN N 494 77.90 92.25 -65.76
C ASN N 494 79.16 91.59 -66.29
N ASP N 495 79.31 90.30 -66.02
CA ASP N 495 80.43 89.54 -66.57
C ASP N 495 80.18 89.28 -68.04
N ASN N 496 78.91 89.31 -68.41
CA ASN N 496 78.48 88.89 -69.74
C ASN N 496 78.62 89.96 -70.81
N ASN N 497 78.57 89.53 -72.06
CA ASN N 497 78.64 90.44 -73.20
C ASN N 497 77.37 91.27 -73.31
N ASN N 498 77.55 92.56 -73.59
CA ASN N 498 76.42 93.48 -73.71
C ASN N 498 75.68 93.27 -75.04
N SER N 499 75.15 92.07 -75.23
CA SER N 499 74.40 91.72 -76.44
C SER N 499 73.39 90.61 -76.13
N ASN N 500 72.25 90.63 -76.82
CA ASN N 500 71.22 89.61 -76.64
C ASN N 500 71.45 88.40 -77.54
N PHE N 501 71.99 87.33 -76.96
CA PHE N 501 72.40 86.16 -77.74
C PHE N 501 71.75 84.82 -77.30
N PRO N 502 70.55 84.87 -76.72
CA PRO N 502 69.97 83.60 -76.22
C PRO N 502 69.40 82.77 -77.36
N TRP N 503 69.63 83.20 -78.60
CA TRP N 503 69.12 82.47 -79.75
C TRP N 503 70.14 82.46 -80.90
N THR N 504 70.86 83.57 -81.05
CA THR N 504 71.82 83.73 -82.13
C THR N 504 73.19 83.16 -81.78
N ALA N 505 73.36 82.77 -80.52
CA ALA N 505 74.64 82.24 -80.05
C ALA N 505 74.50 80.93 -79.29
N ALA N 506 73.27 80.45 -79.16
CA ALA N 506 73.01 79.21 -78.45
C ALA N 506 73.09 78.00 -79.38
N SER N 507 73.46 76.86 -78.83
CA SER N 507 73.56 75.63 -79.60
C SER N 507 72.18 75.09 -79.95
N LYS N 508 71.96 74.83 -81.24
CA LYS N 508 70.64 74.44 -81.73
C LYS N 508 70.76 73.42 -82.86
N TYR N 509 69.68 72.70 -83.12
CA TYR N 509 69.65 71.77 -84.24
C TYR N 509 68.53 72.18 -85.18
N HIS N 510 68.50 71.60 -86.37
CA HIS N 510 67.42 71.90 -87.31
C HIS N 510 66.98 70.70 -88.12
N LEU N 511 65.67 70.53 -88.24
CA LEU N 511 65.10 69.45 -89.01
C LEU N 511 64.08 70.01 -90.00
N ASN N 512 64.14 69.56 -91.24
CA ASN N 512 63.20 70.01 -92.25
C ASN N 512 63.34 71.51 -92.47
N GLY N 513 64.52 72.04 -92.22
CA GLY N 513 64.79 73.45 -92.36
C GLY N 513 64.18 74.28 -91.24
N ARG N 514 64.03 73.67 -90.07
CA ARG N 514 63.44 74.33 -88.92
C ARG N 514 64.34 74.27 -87.69
N ASP N 515 64.79 75.43 -87.24
CA ASP N 515 65.66 75.52 -86.07
C ASP N 515 64.93 75.17 -84.78
N SER N 516 65.57 74.36 -83.95
CA SER N 516 65.04 74.03 -82.63
C SER N 516 66.18 74.05 -81.61
N LEU N 517 65.94 74.67 -80.47
CA LEU N 517 66.98 74.85 -79.47
C LEU N 517 67.32 73.56 -78.72
N VAL N 518 68.60 73.18 -78.74
CA VAL N 518 69.06 72.02 -78.01
C VAL N 518 69.13 72.37 -76.53
N ASN N 519 68.01 72.28 -75.83
CA ASN N 519 67.96 72.69 -74.42
C ASN N 519 68.75 71.77 -73.48
N PRO N 520 68.18 70.62 -73.10
CA PRO N 520 69.01 69.76 -72.26
C PRO N 520 69.81 68.82 -73.14
N GLY N 521 70.99 69.26 -73.58
CA GLY N 521 71.79 68.45 -74.47
C GLY N 521 72.35 67.22 -73.78
N PRO N 522 73.36 66.57 -74.39
CA PRO N 522 74.03 65.45 -73.71
C PRO N 522 74.38 65.86 -72.29
N ALA N 523 74.53 64.87 -71.42
CA ALA N 523 74.87 65.13 -70.02
C ALA N 523 76.32 65.62 -69.91
N MET N 524 76.46 66.91 -69.60
CA MET N 524 77.79 67.51 -69.41
C MET N 524 77.82 68.25 -68.08
N ALA N 525 79.03 68.43 -67.52
CA ALA N 525 79.18 69.12 -66.24
C ALA N 525 78.90 70.62 -66.38
N SER N 526 78.25 71.20 -65.38
CA SER N 526 77.87 72.61 -65.43
C SER N 526 79.05 73.57 -65.31
N HIS N 527 79.96 73.28 -64.39
CA HIS N 527 81.12 74.14 -64.16
C HIS N 527 82.34 73.36 -63.67
N LYS N 528 83.53 73.90 -63.91
CA LYS N 528 84.75 73.29 -63.39
C LYS N 528 85.00 73.72 -61.95
N ASP N 529 86.03 73.15 -61.33
CA ASP N 529 86.29 73.40 -59.91
C ASP N 529 86.62 74.86 -59.61
N ASP N 530 86.15 75.32 -58.46
CA ASP N 530 86.46 76.67 -57.97
C ASP N 530 85.78 77.78 -58.77
N GLU N 531 84.56 77.53 -59.23
CA GLU N 531 83.77 78.54 -59.92
C GLU N 531 82.37 78.64 -59.33
N GLU N 532 81.53 77.68 -59.67
CA GLU N 532 80.19 77.58 -59.09
C GLU N 532 79.38 78.85 -59.33
N LYS N 533 79.62 79.51 -60.45
CA LYS N 533 78.86 80.71 -60.80
C LYS N 533 78.52 80.72 -62.28
N PHE N 534 79.31 80.00 -63.07
CA PHE N 534 79.09 79.90 -64.50
C PHE N 534 78.25 78.67 -64.84
N PHE N 535 77.02 78.90 -65.29
CA PHE N 535 76.18 77.81 -65.74
C PHE N 535 76.09 77.85 -67.26
N PRO N 536 75.87 76.69 -67.90
CA PRO N 536 75.78 76.63 -69.36
C PRO N 536 74.51 77.30 -69.85
N MET N 537 74.58 77.90 -71.03
CA MET N 537 73.40 78.39 -71.70
C MET N 537 72.41 77.23 -71.75
N HIS N 538 71.39 77.27 -70.90
CA HIS N 538 70.39 76.21 -70.83
C HIS N 538 70.98 74.80 -70.82
N GLY N 539 72.12 74.62 -70.15
CA GLY N 539 72.74 73.31 -70.06
C GLY N 539 72.18 72.47 -68.93
N ASN N 540 71.00 72.84 -68.45
CA ASN N 540 70.36 72.15 -67.33
C ASN N 540 68.92 72.63 -67.12
N LEU N 541 68.15 71.85 -66.37
CA LEU N 541 66.75 72.18 -66.12
C LEU N 541 66.58 73.26 -65.06
N ILE N 542 65.78 74.27 -65.38
CA ILE N 542 65.55 75.38 -64.48
C ILE N 542 64.10 75.44 -64.04
N PHE N 543 63.88 75.43 -62.73
CA PHE N 543 62.53 75.43 -62.17
C PHE N 543 62.12 76.82 -61.69
N GLY N 544 60.87 77.18 -61.93
CA GLY N 544 60.36 78.46 -61.49
C GLY N 544 59.78 78.40 -60.08
N LYS N 545 60.14 79.37 -59.26
CA LYS N 545 59.62 79.45 -57.90
C LYS N 545 58.11 79.67 -57.91
N GLU N 546 57.47 79.41 -56.78
CA GLU N 546 56.02 79.60 -56.67
C GLU N 546 55.69 81.07 -56.82
N GLY N 547 54.67 81.35 -57.64
CA GLY N 547 54.24 82.72 -57.89
C GLY N 547 55.29 83.51 -58.65
N THR N 548 55.34 83.31 -59.96
CA THR N 548 56.29 84.00 -60.83
C THR N 548 55.83 83.93 -62.29
N THR N 549 55.55 85.08 -62.89
CA THR N 549 55.01 85.15 -64.26
C THR N 549 55.80 84.31 -65.25
N ALA N 550 55.12 83.86 -66.31
CA ALA N 550 55.73 83.01 -67.33
C ALA N 550 56.57 83.82 -68.31
N SER N 551 56.47 85.13 -68.23
CA SER N 551 57.13 86.00 -69.20
C SER N 551 58.24 86.84 -68.55
N ASN N 552 59.48 86.54 -68.93
CA ASN N 552 60.65 87.29 -68.47
C ASN N 552 60.66 87.56 -66.97
N ALA N 553 60.97 86.54 -66.19
CA ALA N 553 61.06 86.70 -64.75
C ALA N 553 62.50 86.97 -64.34
N GLU N 554 62.68 87.41 -63.10
CA GLU N 554 64.00 87.78 -62.60
C GLU N 554 64.87 86.56 -62.31
N LEU N 555 66.18 86.78 -62.25
CA LEU N 555 67.13 85.72 -61.94
C LEU N 555 66.96 85.20 -60.51
N ASP N 556 66.46 86.07 -59.63
CA ASP N 556 66.23 85.68 -58.24
C ASP N 556 64.87 85.04 -58.08
N ASN N 557 64.20 84.77 -59.20
CA ASN N 557 62.89 84.13 -59.20
C ASN N 557 62.90 82.73 -59.79
N VAL N 558 64.08 82.24 -60.15
CA VAL N 558 64.20 80.90 -60.73
C VAL N 558 65.25 80.07 -59.99
N MET N 559 65.16 78.76 -60.18
CA MET N 559 66.08 77.82 -59.55
C MET N 559 66.85 77.03 -60.61
N ILE N 560 68.13 77.33 -60.74
CA ILE N 560 68.99 76.67 -61.72
C ILE N 560 69.66 75.46 -61.08
N THR N 561 69.66 74.34 -61.78
CA THR N 561 70.17 73.09 -61.24
C THR N 561 71.64 72.85 -61.57
N ASP N 562 72.42 72.44 -60.57
CA ASP N 562 73.85 72.24 -60.75
C ASP N 562 74.19 70.76 -60.96
N GLU N 563 74.78 70.45 -62.09
CA GLU N 563 75.23 69.09 -62.39
C GLU N 563 76.73 68.97 -62.15
N GLU N 564 77.14 69.04 -60.88
CA GLU N 564 78.56 69.03 -60.54
C GLU N 564 78.98 67.75 -59.82
N GLU N 565 78.21 66.68 -60.00
CA GLU N 565 78.56 65.40 -59.41
C GLU N 565 79.10 64.47 -60.48
N ILE N 566 78.85 64.82 -61.75
CA ILE N 566 79.27 63.99 -62.87
C ILE N 566 80.56 64.51 -63.51
N ARG N 567 81.33 65.28 -62.74
CA ARG N 567 82.56 65.86 -63.23
C ARG N 567 83.57 64.81 -63.65
N THR N 568 83.47 63.62 -63.04
CA THR N 568 84.47 62.57 -63.21
C THR N 568 84.26 61.70 -64.44
N THR N 569 83.08 61.77 -65.02
CA THR N 569 82.76 60.95 -66.19
C THR N 569 82.40 61.80 -67.40
N ASN N 570 81.98 63.03 -67.15
CA ASN N 570 81.48 63.89 -68.22
C ASN N 570 82.30 65.15 -68.45
N PRO N 571 82.38 65.57 -69.73
CA PRO N 571 83.06 66.80 -70.13
C PRO N 571 82.26 68.01 -69.66
N VAL N 572 82.94 69.13 -69.41
CA VAL N 572 82.26 70.36 -68.99
C VAL N 572 81.48 70.95 -70.16
N ALA N 573 80.22 71.32 -69.89
CA ALA N 573 79.31 71.78 -70.93
C ALA N 573 79.80 73.00 -71.71
N THR N 574 80.35 73.97 -70.99
CA THR N 574 80.79 75.22 -71.59
C THR N 574 82.23 75.12 -72.12
N GLU N 575 83.05 74.33 -71.43
CA GLU N 575 84.44 74.13 -71.83
C GLU N 575 84.54 73.29 -73.10
N GLN N 576 85.74 73.19 -73.65
CA GLN N 576 85.99 72.41 -74.86
C GLN N 576 85.93 70.91 -74.57
N TYR N 577 86.37 70.11 -75.53
CA TYR N 577 86.44 68.66 -75.35
C TYR N 577 87.90 68.21 -75.25
N GLY N 578 88.74 68.74 -76.13
CA GLY N 578 90.14 68.38 -76.12
C GLY N 578 90.91 68.86 -77.34
N THR N 579 91.99 68.15 -77.66
CA THR N 579 92.89 68.52 -78.74
C THR N 579 92.92 67.42 -79.80
N VAL N 580 92.92 67.83 -81.07
CA VAL N 580 93.03 66.90 -82.18
C VAL N 580 94.06 67.41 -83.19
N ALA N 581 94.85 66.50 -83.75
CA ALA N 581 95.81 66.88 -84.77
C ALA N 581 95.13 66.98 -86.13
N ASN N 582 95.67 67.84 -86.99
CA ASN N 582 95.12 68.01 -88.34
C ASN N 582 96.15 68.49 -89.37
N ASN N 583 97.29 67.82 -89.40
CA ASN N 583 98.34 68.09 -90.38
C ASN N 583 99.48 67.08 -90.26
N LEU N 584 100.32 67.02 -91.29
CA LEU N 584 101.47 66.12 -91.28
C LEU N 584 102.74 66.87 -90.91
N GLN N 585 103.02 66.98 -89.62
CA GLN N 585 104.18 67.72 -89.13
C GLN N 585 105.48 67.17 -89.70
N SER N 586 106.45 68.07 -89.89
CA SER N 586 107.76 67.68 -90.41
C SER N 586 108.72 68.84 -90.25
N SER N 587 109.92 68.70 -90.82
CA SER N 587 110.90 69.77 -90.81
C SER N 587 110.35 70.99 -91.57
N ASN N 588 109.50 70.74 -92.55
CA ASN N 588 108.92 71.81 -93.35
C ASN N 588 107.66 72.41 -92.72
N THR N 589 106.95 71.59 -91.94
CA THR N 589 105.66 72.00 -91.40
C THR N 589 105.61 71.93 -89.88
N ALA N 590 105.02 72.95 -89.27
CA ALA N 590 104.83 72.97 -87.83
C ALA N 590 103.52 72.27 -87.45
N PRO N 591 103.55 71.43 -86.40
CA PRO N 591 102.39 70.68 -85.92
C PRO N 591 101.20 71.58 -85.60
N THR N 592 100.01 71.19 -86.03
CA THR N 592 98.81 72.00 -85.82
C THR N 592 97.82 71.33 -84.87
N THR N 593 97.21 72.14 -84.01
CA THR N 593 96.24 71.65 -83.04
C THR N 593 94.85 72.24 -83.30
N ARG N 594 93.83 71.42 -83.13
CA ARG N 594 92.45 71.85 -83.33
C ARG N 594 91.63 71.65 -82.06
N THR N 595 90.95 72.70 -81.63
CA THR N 595 90.09 72.63 -80.46
C THR N 595 88.75 71.99 -80.83
N VAL N 596 88.50 70.79 -80.32
CA VAL N 596 87.27 70.06 -80.63
C VAL N 596 86.08 70.55 -79.81
N ASN N 597 85.04 70.98 -80.51
CA ASN N 597 83.86 71.56 -79.87
C ASN N 597 82.68 70.58 -79.90
N ASP N 598 82.78 69.58 -80.77
CA ASP N 598 81.70 68.61 -80.93
C ASP N 598 82.25 67.20 -81.12
N GLN N 599 81.85 66.29 -80.25
CA GLN N 599 82.32 64.91 -80.31
C GLN N 599 81.19 63.89 -80.33
N GLY N 600 81.09 63.15 -81.43
CA GLY N 600 80.17 62.05 -81.50
C GLY N 600 80.55 60.96 -80.51
N ALA N 601 80.02 59.75 -80.72
CA ALA N 601 80.31 58.62 -79.83
C ALA N 601 81.63 57.95 -80.20
N LEU N 602 82.21 57.25 -79.23
CA LEU N 602 83.49 56.58 -79.45
C LEU N 602 83.62 55.28 -78.65
N PRO N 603 84.16 54.23 -79.29
CA PRO N 603 84.44 52.96 -78.61
C PRO N 603 85.35 53.18 -77.42
N GLY N 604 84.80 53.08 -76.22
CA GLY N 604 85.59 53.22 -75.01
C GLY N 604 85.12 54.35 -74.12
N MET N 605 84.13 55.10 -74.59
CA MET N 605 83.58 56.19 -73.80
C MET N 605 82.66 55.67 -72.70
N VAL N 606 82.68 56.34 -71.56
CA VAL N 606 81.79 56.00 -70.45
C VAL N 606 81.23 57.28 -69.86
N TRP N 607 79.92 57.33 -69.66
CA TRP N 607 79.30 58.54 -69.16
C TRP N 607 78.21 58.27 -68.13
N GLN N 608 77.89 59.29 -67.35
CA GLN N 608 76.79 59.24 -66.42
C GLN N 608 75.66 60.07 -66.99
N ASP N 609 74.42 59.62 -66.79
CA ASP N 609 73.27 60.38 -67.30
C ASP N 609 72.99 61.59 -66.39
N ARG N 610 71.94 62.33 -66.71
CA ARG N 610 71.57 63.50 -65.90
C ARG N 610 71.09 63.10 -64.51
N ASP N 611 70.24 63.93 -63.92
CA ASP N 611 69.75 63.64 -62.57
C ASP N 611 68.25 63.91 -62.48
N VAL N 612 67.61 63.26 -61.51
CA VAL N 612 66.20 63.52 -61.26
C VAL N 612 66.04 64.26 -59.94
N TYR N 613 65.19 65.28 -59.96
CA TYR N 613 64.97 66.09 -58.77
C TYR N 613 63.53 65.94 -58.30
N LEU N 614 63.29 66.24 -57.03
CA LEU N 614 61.98 66.05 -56.43
C LEU N 614 60.83 66.52 -57.32
N GLN N 615 61.10 67.54 -58.14
CA GLN N 615 60.06 68.10 -59.00
C GLN N 615 60.32 67.84 -60.50
N GLY N 616 61.24 66.93 -60.80
CA GLY N 616 61.58 66.62 -62.17
C GLY N 616 60.67 65.59 -62.80
N PRO N 617 60.79 65.39 -64.12
CA PRO N 617 60.03 64.36 -64.83
C PRO N 617 60.42 62.98 -64.34
N ILE N 618 59.53 62.01 -64.51
CA ILE N 618 59.82 60.64 -64.08
C ILE N 618 60.18 59.75 -65.27
N TRP N 619 59.27 59.65 -66.24
CA TRP N 619 59.50 58.80 -67.40
C TRP N 619 59.35 59.55 -68.72
N ALA N 620 59.53 58.83 -69.82
CA ALA N 620 59.41 59.42 -71.15
C ALA N 620 59.24 58.33 -72.20
N LYS N 621 58.30 58.52 -73.12
CA LYS N 621 58.05 57.54 -74.17
C LYS N 621 59.08 57.58 -75.29
N ILE N 622 59.98 56.61 -75.31
CA ILE N 622 60.95 56.48 -76.38
C ILE N 622 60.22 56.37 -77.72
N PRO N 623 60.50 57.31 -78.63
CA PRO N 623 59.87 57.37 -79.96
C PRO N 623 60.01 56.04 -80.70
N HIS N 624 58.99 55.66 -81.45
CA HIS N 624 59.02 54.41 -82.21
C HIS N 624 59.67 54.61 -83.57
N THR N 625 61.01 54.62 -83.59
CA THR N 625 61.75 54.79 -84.83
C THR N 625 62.55 53.55 -85.17
N ASP N 626 63.29 53.60 -86.27
CA ASP N 626 64.13 52.49 -86.68
C ASP N 626 65.35 52.34 -85.76
N GLY N 627 65.76 53.42 -85.12
CA GLY N 627 66.96 53.39 -84.32
C GLY N 627 67.05 54.39 -83.19
N HIS N 628 67.66 53.97 -82.10
CA HIS N 628 67.93 54.83 -80.96
C HIS N 628 69.37 54.52 -80.51
N PHE N 629 70.01 55.45 -79.83
CA PHE N 629 71.35 55.20 -79.32
C PHE N 629 71.33 54.78 -77.85
N HIS N 630 71.29 55.77 -76.97
CA HIS N 630 71.21 55.52 -75.55
C HIS N 630 69.93 56.17 -75.05
N PRO N 631 68.80 55.49 -75.29
CA PRO N 631 67.44 56.03 -75.12
C PRO N 631 67.08 56.42 -73.69
N SER N 632 67.80 57.40 -73.15
CA SER N 632 67.48 57.96 -71.83
C SER N 632 66.95 59.38 -72.02
N PRO N 633 65.78 59.68 -71.43
CA PRO N 633 65.13 60.98 -71.57
C PRO N 633 66.13 62.11 -71.34
N LEU N 634 66.27 63.01 -72.30
CA LEU N 634 67.26 64.08 -72.19
C LEU N 634 67.01 64.96 -70.98
N MET N 635 65.75 65.12 -70.60
CA MET N 635 65.39 65.91 -69.43
C MET N 635 65.61 65.10 -68.16
N GLY N 636 65.90 63.82 -68.33
CA GLY N 636 66.19 62.94 -67.20
C GLY N 636 65.06 61.98 -66.89
N GLY N 637 65.43 60.81 -66.39
CA GLY N 637 64.44 59.83 -65.98
C GLY N 637 64.55 58.48 -66.67
N PHE N 638 63.43 57.79 -66.76
CA PHE N 638 63.41 56.45 -67.31
C PHE N 638 62.78 56.42 -68.70
N GLY N 639 63.57 56.02 -69.69
CA GLY N 639 63.09 55.89 -71.05
C GLY N 639 62.32 54.60 -71.23
N LEU N 640 61.05 54.73 -71.59
CA LEU N 640 60.18 53.57 -71.67
C LEU N 640 59.61 53.40 -73.08
N LYS N 641 59.73 52.18 -73.60
CA LYS N 641 59.07 51.82 -74.85
C LYS N 641 57.58 51.94 -74.66
N HIS N 642 57.08 51.34 -73.58
CA HIS N 642 55.66 51.36 -73.26
C HIS N 642 55.46 51.94 -71.86
N PRO N 643 55.30 53.28 -71.78
CA PRO N 643 55.14 54.02 -70.52
C PRO N 643 53.67 54.08 -70.09
N PRO N 644 53.42 54.38 -68.81
CA PRO N 644 52.06 54.50 -68.27
C PRO N 644 51.15 55.23 -69.26
N PRO N 645 50.21 54.49 -69.87
CA PRO N 645 49.32 55.00 -70.92
C PRO N 645 48.61 56.27 -70.49
N GLN N 646 48.05 56.97 -71.46
CA GLN N 646 47.33 58.20 -71.20
C GLN N 646 45.90 57.92 -70.76
N ILE N 647 45.47 58.55 -69.67
CA ILE N 647 44.10 58.40 -69.18
C ILE N 647 43.29 59.64 -69.51
N MET N 648 42.29 59.48 -70.39
CA MET N 648 41.45 60.59 -70.81
C MET N 648 40.18 60.72 -69.98
N ILE N 649 39.64 61.93 -69.97
CA ILE N 649 38.47 62.27 -69.18
C ILE N 649 37.72 63.42 -69.86
N LYS N 650 36.40 63.37 -69.82
CA LYS N 650 35.60 64.45 -70.40
C LYS N 650 34.15 64.36 -69.94
N ASN N 651 33.51 65.52 -69.80
CA ASN N 651 32.12 65.56 -69.38
C ASN N 651 31.20 65.25 -70.55
N THR N 652 30.35 64.25 -70.38
CA THR N 652 29.41 63.88 -71.44
C THR N 652 28.47 65.04 -71.75
N PRO N 653 28.49 65.49 -73.01
CA PRO N 653 27.67 66.63 -73.48
C PRO N 653 26.19 66.44 -73.21
N VAL N 654 25.55 67.44 -72.59
CA VAL N 654 24.13 67.39 -72.32
C VAL N 654 23.38 68.44 -73.13
N PRO N 655 22.57 67.99 -74.10
CA PRO N 655 21.78 68.91 -74.93
C PRO N 655 20.87 69.78 -74.08
N ALA N 656 20.93 71.09 -74.29
CA ALA N 656 20.00 72.00 -73.65
C ALA N 656 18.62 71.74 -74.23
N ASN N 657 17.76 72.76 -74.22
CA ASN N 657 16.40 72.60 -74.71
C ASN N 657 16.28 72.55 -76.23
N PRO N 658 15.66 71.49 -76.76
CA PRO N 658 15.42 71.27 -78.19
C PRO N 658 14.09 71.84 -78.65
N PRO N 659 13.99 72.18 -79.96
CA PRO N 659 12.80 72.72 -80.61
C PRO N 659 11.74 71.66 -80.92
N THR N 660 10.47 72.07 -80.96
CA THR N 660 9.38 71.16 -81.29
C THR N 660 9.41 70.79 -82.78
N THR N 661 10.11 71.59 -83.58
CA THR N 661 10.29 71.29 -85.00
C THR N 661 11.68 70.72 -85.26
N PHE N 662 11.76 69.77 -86.18
CA PHE N 662 13.02 69.07 -86.47
C PHE N 662 14.05 69.97 -87.16
N SER N 663 15.29 69.89 -86.70
CA SER N 663 16.38 70.65 -87.30
C SER N 663 17.58 69.75 -87.64
N PRO N 664 17.99 69.76 -88.91
CA PRO N 664 19.14 68.98 -89.37
C PRO N 664 20.44 69.65 -88.96
N ALA N 665 20.34 70.91 -88.54
CA ALA N 665 21.52 71.70 -88.17
C ALA N 665 22.28 71.05 -87.02
N LYS N 666 23.61 71.12 -87.09
CA LYS N 666 24.47 70.61 -86.04
C LYS N 666 24.05 71.18 -84.70
N PHE N 667 23.98 70.33 -83.68
CA PHE N 667 23.56 70.75 -82.35
C PHE N 667 24.69 71.50 -81.65
N ALA N 668 24.38 72.67 -81.09
CA ALA N 668 25.39 73.49 -80.44
C ALA N 668 24.87 74.18 -79.18
N SER N 669 23.65 73.85 -78.78
CA SER N 669 23.07 74.40 -77.56
C SER N 669 23.09 73.37 -76.43
N PHE N 670 24.08 73.47 -75.54
CA PHE N 670 24.25 72.50 -74.46
C PHE N 670 24.12 73.12 -73.08
N ILE N 671 23.80 72.28 -72.10
CA ILE N 671 23.76 72.69 -70.72
C ILE N 671 25.19 72.76 -70.18
N THR N 672 25.52 73.89 -69.56
CA THR N 672 26.86 74.13 -69.03
C THR N 672 27.05 73.37 -67.72
N GLN N 673 28.11 72.55 -67.67
CA GLN N 673 28.36 71.71 -66.50
C GLN N 673 29.83 71.32 -66.38
N TYR N 674 30.27 71.13 -65.13
CA TYR N 674 31.64 70.71 -64.85
C TYR N 674 31.62 69.52 -63.90
N SER N 675 32.67 68.70 -63.96
CA SER N 675 32.77 67.52 -63.11
C SER N 675 33.87 67.68 -62.07
N THR N 676 33.77 66.89 -61.00
CA THR N 676 34.76 66.92 -59.93
C THR N 676 34.78 65.60 -59.18
N GLY N 677 35.90 65.27 -58.57
CA GLY N 677 36.03 64.04 -57.83
C GLY N 677 37.45 63.80 -57.38
N GLN N 678 37.72 62.59 -56.90
CA GLN N 678 39.06 62.24 -56.44
C GLN N 678 39.74 61.27 -57.40
N VAL N 679 41.06 61.27 -57.35
CA VAL N 679 41.86 60.35 -58.15
C VAL N 679 42.96 59.80 -57.27
N SER N 680 43.30 58.53 -57.48
CA SER N 680 44.33 57.88 -56.67
C SER N 680 45.35 57.13 -57.52
N VAL N 681 46.63 57.38 -57.24
CA VAL N 681 47.72 56.73 -57.98
C VAL N 681 48.72 56.06 -57.04
N GLU N 682 48.81 54.73 -57.14
CA GLU N 682 49.73 53.95 -56.31
C GLU N 682 50.87 53.40 -57.13
N ILE N 683 52.10 53.68 -56.71
CA ILE N 683 53.27 53.21 -57.43
C ILE N 683 54.26 52.48 -56.52
N GLU N 684 54.73 51.32 -56.98
CA GLU N 684 55.73 50.56 -56.25
C GLU N 684 57.10 50.85 -56.83
N TRP N 685 58.09 50.94 -55.95
CA TRP N 685 59.43 51.30 -56.35
C TRP N 685 60.42 50.27 -55.86
N GLU N 686 61.21 49.72 -56.78
CA GLU N 686 62.28 48.81 -56.40
C GLU N 686 63.48 49.65 -56.00
N LEU N 687 64.18 49.22 -54.95
CA LEU N 687 65.32 49.98 -54.45
C LEU N 687 66.63 49.20 -54.57
N GLN N 688 67.72 49.93 -54.77
CA GLN N 688 69.04 49.34 -54.74
C GLN N 688 69.77 49.87 -53.51
N LYS N 689 69.95 49.00 -52.52
CA LYS N 689 70.56 49.41 -51.26
C LYS N 689 72.04 49.79 -51.42
N GLU N 690 72.56 50.47 -50.40
CA GLU N 690 73.94 50.97 -50.42
C GLU N 690 74.91 49.96 -49.81
N ASN N 691 75.95 49.63 -50.56
CA ASN N 691 76.98 48.72 -50.06
C ASN N 691 78.37 49.30 -50.28
N SER N 692 78.77 50.19 -49.37
CA SER N 692 80.05 50.89 -49.49
C SER N 692 80.92 50.63 -48.27
N LYS N 693 82.23 50.51 -48.49
CA LYS N 693 83.19 50.33 -47.40
C LYS N 693 83.92 51.64 -47.12
N ARG N 694 83.30 52.75 -47.51
CA ARG N 694 83.81 54.07 -47.16
C ARG N 694 83.94 54.19 -45.66
N TRP N 695 85.11 54.58 -45.19
CA TRP N 695 85.34 54.71 -43.75
C TRP N 695 84.72 55.99 -43.20
N ASN N 696 85.15 57.13 -43.74
CA ASN N 696 84.65 58.42 -43.31
C ASN N 696 83.21 58.66 -43.76
N PRO N 697 82.49 59.54 -43.05
CA PRO N 697 81.10 59.86 -43.38
C PRO N 697 80.95 60.41 -44.78
N GLU N 698 79.83 60.09 -45.44
CA GLU N 698 79.50 60.66 -46.74
C GLU N 698 78.61 61.87 -46.51
N ILE N 699 78.38 62.64 -47.58
CA ILE N 699 77.54 63.83 -47.46
C ILE N 699 76.06 63.47 -47.55
N GLN N 700 75.26 64.14 -46.71
CA GLN N 700 73.83 63.86 -46.64
C GLN N 700 73.05 65.15 -46.85
N TYR N 701 71.86 65.04 -47.43
CA TYR N 701 70.98 66.19 -47.52
C TYR N 701 70.36 66.45 -46.15
N THR N 702 70.23 67.73 -45.80
CA THR N 702 69.73 68.09 -44.48
C THR N 702 69.12 69.49 -44.47
N SER N 703 68.25 69.74 -43.49
CA SER N 703 67.68 71.07 -43.28
C SER N 703 68.59 71.90 -42.40
N ASN N 704 68.59 73.21 -42.61
CA ASN N 704 69.37 74.12 -41.78
C ASN N 704 68.79 74.18 -40.36
N TYR N 705 69.54 73.67 -39.40
CA TYR N 705 69.08 73.59 -38.02
C TYR N 705 69.01 74.96 -37.38
N ASN N 706 69.50 75.97 -38.08
CA ASN N 706 69.55 77.34 -37.56
C ASN N 706 68.16 77.96 -37.36
N LYS N 707 68.09 78.98 -36.51
CA LYS N 707 66.85 79.72 -36.31
C LYS N 707 66.41 80.31 -37.65
N SER N 708 65.21 79.94 -38.09
CA SER N 708 64.76 80.30 -39.43
C SER N 708 63.41 81.00 -39.49
N VAL N 709 63.20 81.73 -40.59
CA VAL N 709 61.95 82.42 -40.85
C VAL N 709 60.81 81.42 -41.06
N ASN N 710 60.70 80.94 -42.29
CA ASN N 710 59.71 79.94 -42.64
C ASN N 710 60.36 78.56 -42.72
N VAL N 711 59.54 77.52 -42.57
CA VAL N 711 60.04 76.15 -42.62
C VAL N 711 60.14 75.64 -44.05
N ASP N 712 61.29 75.05 -44.37
CA ASP N 712 61.53 74.53 -45.71
C ASP N 712 60.45 73.54 -46.14
N PHE N 713 59.88 73.77 -47.32
CA PHE N 713 58.84 72.92 -47.86
C PHE N 713 57.61 72.95 -46.98
N THR N 714 56.89 74.06 -47.02
CA THR N 714 55.77 74.30 -46.13
C THR N 714 54.88 75.42 -46.63
N VAL N 715 53.66 75.47 -46.12
CA VAL N 715 52.74 76.57 -46.41
C VAL N 715 53.17 77.82 -45.65
N ASP N 716 52.70 78.97 -46.11
CA ASP N 716 53.06 80.24 -45.49
C ASP N 716 51.92 80.81 -44.64
N THR N 717 51.92 82.13 -44.48
CA THR N 717 50.96 82.81 -43.62
C THR N 717 49.54 82.75 -44.16
N ASN N 718 49.40 82.61 -45.48
CA ASN N 718 48.07 82.56 -46.10
C ASN N 718 47.81 81.30 -46.93
N GLY N 719 48.53 80.23 -46.62
CA GLY N 719 48.25 78.92 -47.19
C GLY N 719 48.73 78.69 -48.60
N VAL N 720 50.05 78.71 -48.80
CA VAL N 720 50.64 78.41 -50.10
C VAL N 720 51.89 77.56 -49.95
N TYR N 721 51.82 76.31 -50.40
CA TYR N 721 52.97 75.42 -50.36
C TYR N 721 54.03 75.91 -51.33
N SER N 722 55.30 75.84 -50.90
CA SER N 722 56.41 76.32 -51.74
C SER N 722 57.63 75.43 -51.59
N GLU N 723 58.19 75.00 -52.72
CA GLU N 723 59.41 74.20 -52.73
C GLU N 723 60.63 75.12 -52.84
N PRO N 724 61.34 75.32 -51.73
CA PRO N 724 62.53 76.19 -51.66
C PRO N 724 63.54 75.93 -52.77
N ARG N 725 64.24 74.80 -52.71
CA ARG N 725 65.30 74.51 -53.67
C ARG N 725 65.03 73.22 -54.44
N PRO N 726 65.75 73.02 -55.56
CA PRO N 726 65.72 71.73 -56.24
C PRO N 726 66.50 70.69 -55.44
N ILE N 727 66.10 69.42 -55.54
CA ILE N 727 66.77 68.36 -54.79
C ILE N 727 67.45 67.35 -55.72
N GLY N 728 68.78 67.29 -55.65
CA GLY N 728 69.53 66.32 -56.41
C GLY N 728 69.25 64.92 -55.92
N THR N 729 69.95 63.93 -56.47
CA THR N 729 69.76 62.55 -56.08
C THR N 729 71.09 61.91 -55.70
N ARG N 730 72.17 62.58 -56.07
CA ARG N 730 73.51 62.04 -55.90
C ARG N 730 74.19 62.58 -54.65
N TYR N 731 74.05 61.85 -53.55
CA TYR N 731 74.68 62.22 -52.28
C TYR N 731 75.61 61.13 -51.77
N LEU N 732 75.42 59.91 -52.27
CA LEU N 732 76.23 58.78 -51.84
C LEU N 732 77.33 58.46 -52.87
N THR N 733 78.46 57.95 -52.39
CA THR N 733 79.61 57.72 -53.26
C THR N 733 79.89 56.25 -53.55
N ARG N 734 80.11 55.95 -54.83
CA ARG N 734 80.53 54.64 -55.27
C ARG N 734 81.76 54.82 -56.16
N ASN N 735 82.60 53.79 -56.25
CA ASN N 735 83.82 53.88 -57.04
C ASN N 735 83.59 53.65 -58.53
N LEU N 736 84.67 53.58 -59.28
CA LEU N 736 84.60 53.31 -60.71
C LEU N 736 85.09 51.89 -61.04
N GLY O 217 -40.07 3.80 -29.74
CA GLY O 217 -39.91 3.67 -28.30
C GLY O 217 -41.06 2.91 -27.66
N ALA O 218 -40.75 2.11 -26.66
CA ALA O 218 -41.75 1.29 -25.97
C ALA O 218 -41.45 1.13 -24.49
N ASP O 219 -42.28 1.72 -23.64
CA ASP O 219 -42.12 1.63 -22.19
C ASP O 219 -43.45 1.39 -21.47
N GLY O 220 -43.52 1.77 -20.19
CA GLY O 220 -44.64 1.39 -19.34
C GLY O 220 -45.60 2.49 -18.92
N VAL O 221 -46.41 2.17 -17.90
CA VAL O 221 -47.47 3.06 -17.42
C VAL O 221 -46.91 4.20 -16.57
N GLY O 222 -46.19 3.85 -15.52
CA GLY O 222 -45.61 4.83 -14.63
C GLY O 222 -44.21 5.24 -15.06
N ASN O 223 -44.05 5.54 -16.35
CA ASN O 223 -42.78 5.96 -16.90
C ASN O 223 -42.97 6.96 -18.03
N SER O 224 -42.62 8.22 -17.79
CA SER O 224 -42.78 9.27 -18.77
C SER O 224 -42.06 8.96 -20.09
N SER O 225 -42.78 9.07 -21.20
CA SER O 225 -42.22 8.78 -22.52
C SER O 225 -41.55 10.00 -23.17
N GLY O 226 -41.11 10.95 -22.35
CA GLY O 226 -40.44 12.14 -22.86
C GLY O 226 -40.25 13.23 -21.84
N ASN O 227 -39.31 14.14 -22.12
CA ASN O 227 -39.06 15.29 -21.24
C ASN O 227 -39.47 16.62 -21.85
N TRP O 228 -39.50 17.66 -21.02
CA TRP O 228 -39.89 18.98 -21.46
C TRP O 228 -38.71 19.75 -22.03
N HIS O 229 -38.52 19.64 -23.35
CA HIS O 229 -37.44 20.35 -24.01
C HIS O 229 -37.92 21.65 -24.66
N CYS O 230 -37.69 22.76 -23.98
CA CYS O 230 -38.03 24.06 -24.53
C CYS O 230 -36.92 25.06 -24.23
N ASP O 231 -36.10 25.33 -25.23
CA ASP O 231 -34.95 26.21 -25.08
C ASP O 231 -34.39 26.58 -26.44
N SER O 232 -33.55 27.59 -26.48
CA SER O 232 -32.86 27.97 -27.71
C SER O 232 -31.52 28.60 -27.40
N GLN O 233 -30.49 28.09 -28.06
CA GLN O 233 -29.16 28.67 -27.97
C GLN O 233 -28.63 28.95 -29.36
N TRP O 234 -27.60 29.80 -29.44
CA TRP O 234 -27.11 30.26 -30.73
C TRP O 234 -25.73 29.70 -31.04
N LEU O 235 -25.43 29.57 -32.34
CA LEU O 235 -24.14 29.07 -32.79
C LEU O 235 -23.41 30.12 -33.62
N GLY O 236 -23.95 31.33 -33.65
CA GLY O 236 -23.36 32.41 -34.41
C GLY O 236 -23.50 32.19 -35.91
N ASP O 237 -23.48 30.91 -36.30
CA ASP O 237 -23.61 30.53 -37.69
C ASP O 237 -25.03 30.02 -37.95
N ARG O 238 -25.70 29.63 -36.87
CA ARG O 238 -27.03 29.07 -36.95
C ARG O 238 -27.68 29.06 -35.57
N VAL O 239 -28.99 28.82 -35.53
CA VAL O 239 -29.70 28.79 -34.25
C VAL O 239 -30.73 27.67 -34.20
N ILE O 240 -30.76 26.95 -33.08
CA ILE O 240 -31.69 25.86 -32.89
C ILE O 240 -32.79 26.24 -31.89
N THR O 241 -34.03 26.16 -32.36
CA THR O 241 -35.19 26.49 -31.53
C THR O 241 -35.94 25.24 -31.11
N THR O 242 -35.96 24.98 -29.81
CA THR O 242 -36.70 23.86 -29.26
C THR O 242 -37.95 24.36 -28.54
N SER O 243 -39.09 23.75 -28.83
CA SER O 243 -40.36 24.18 -28.24
C SER O 243 -41.23 23.01 -27.81
N THR O 244 -41.75 23.10 -26.59
CA THR O 244 -42.65 22.07 -26.07
C THR O 244 -43.92 22.71 -25.49
N ARG O 245 -45.07 22.14 -25.85
CA ARG O 245 -46.35 22.64 -25.37
C ARG O 245 -47.25 21.49 -24.94
N THR O 246 -48.25 21.79 -24.13
CA THR O 246 -49.23 20.79 -23.74
C THR O 246 -50.46 20.92 -24.63
N TRP O 247 -50.97 19.80 -25.12
CA TRP O 247 -52.10 19.82 -26.03
C TRP O 247 -53.25 18.98 -25.49
N ALA O 248 -54.46 19.29 -25.95
CA ALA O 248 -55.64 18.51 -25.60
C ALA O 248 -56.47 18.23 -26.85
N LEU O 249 -57.02 17.02 -26.94
CA LEU O 249 -57.76 16.61 -28.12
C LEU O 249 -59.10 15.97 -27.79
N PRO O 250 -60.19 16.59 -28.25
CA PRO O 250 -61.55 16.08 -28.10
C PRO O 250 -61.85 15.01 -29.15
N THR O 251 -63.07 14.48 -29.12
CA THR O 251 -63.53 13.60 -30.19
C THR O 251 -64.35 14.43 -31.17
N TYR O 252 -63.78 14.70 -32.33
CA TYR O 252 -64.45 15.54 -33.32
C TYR O 252 -65.45 14.76 -34.16
N ASN O 253 -66.47 15.46 -34.64
CA ASN O 253 -67.47 14.87 -35.53
C ASN O 253 -68.06 13.55 -35.05
N ASN O 254 -67.94 13.27 -33.75
CA ASN O 254 -68.51 12.07 -33.18
C ASN O 254 -68.04 10.82 -33.93
N HIS O 255 -66.73 10.70 -34.11
CA HIS O 255 -66.14 9.55 -34.80
C HIS O 255 -66.71 9.37 -36.20
N LEU O 256 -67.12 10.46 -36.83
CA LEU O 256 -67.78 10.39 -38.14
C LEU O 256 -67.19 11.34 -39.18
N TYR O 257 -67.16 10.88 -40.43
CA TYR O 257 -66.84 11.75 -41.56
C TYR O 257 -68.14 12.34 -42.06
N LYS O 258 -68.20 13.66 -42.14
CA LYS O 258 -69.42 14.33 -42.55
C LYS O 258 -69.24 15.16 -43.83
N GLN O 259 -70.20 15.04 -44.74
CA GLN O 259 -70.21 15.85 -45.95
C GLN O 259 -70.72 17.24 -45.66
N ILE O 260 -69.86 18.24 -45.79
CA ILE O 260 -70.26 19.63 -45.58
C ILE O 260 -70.34 20.37 -46.91
N SER O 261 -71.13 21.43 -46.94
CA SER O 261 -71.36 22.18 -48.15
C SER O 261 -71.96 23.54 -47.85
N SER O 262 -72.11 24.35 -48.90
CA SER O 262 -72.67 25.69 -48.77
C SER O 262 -74.17 25.65 -48.48
N GLN O 263 -74.64 26.62 -47.71
CA GLN O 263 -76.06 26.71 -47.37
C GLN O 263 -76.89 26.86 -48.63
N SER O 264 -78.05 26.23 -48.65
CA SER O 264 -78.96 26.32 -49.78
C SER O 264 -79.37 27.77 -50.02
N GLY O 265 -78.62 28.47 -50.87
CA GLY O 265 -78.90 29.86 -51.18
C GLY O 265 -78.66 30.81 -50.03
N ALA O 266 -77.43 30.80 -49.50
CA ALA O 266 -77.07 31.72 -48.42
C ALA O 266 -76.00 32.70 -48.89
N SER O 267 -75.21 32.27 -49.87
CA SER O 267 -74.15 33.13 -50.40
C SER O 267 -73.66 32.61 -51.75
N ASN O 268 -73.12 33.49 -52.59
CA ASN O 268 -72.71 33.11 -53.94
C ASN O 268 -71.19 32.97 -54.16
N ASP O 269 -70.42 33.96 -53.72
CA ASP O 269 -68.97 33.90 -53.84
C ASP O 269 -68.37 33.03 -52.75
N ASN O 270 -69.24 32.51 -51.88
CA ASN O 270 -68.79 31.71 -50.75
C ASN O 270 -69.30 30.28 -50.82
N HIS O 271 -69.78 29.88 -52.00
CA HIS O 271 -70.21 28.50 -52.21
C HIS O 271 -69.03 27.55 -52.03
N TYR O 272 -69.31 26.34 -51.55
CA TYR O 272 -68.24 25.38 -51.30
C TYR O 272 -68.78 23.96 -51.10
N PHE O 273 -67.88 22.99 -51.22
CA PHE O 273 -68.20 21.59 -50.97
C PHE O 273 -66.97 20.86 -50.46
N GLY O 274 -67.13 20.12 -49.37
CA GLY O 274 -66.04 19.37 -48.78
C GLY O 274 -66.50 18.37 -47.73
N TYR O 275 -65.60 18.03 -46.82
CA TYR O 275 -65.91 17.05 -45.78
C TYR O 275 -65.27 17.41 -44.44
N SER O 276 -65.89 16.91 -43.37
CA SER O 276 -65.37 17.11 -42.02
C SER O 276 -64.90 15.79 -41.44
N THR O 277 -63.63 15.74 -41.03
CA THR O 277 -63.03 14.51 -40.56
C THR O 277 -62.92 14.45 -39.04
N PRO O 278 -62.99 13.24 -38.47
CA PRO O 278 -62.87 13.02 -37.03
C PRO O 278 -61.45 13.21 -36.53
N TRP O 279 -60.54 13.60 -37.42
CA TRP O 279 -59.14 13.76 -37.07
C TRP O 279 -58.79 15.18 -36.65
N GLY O 280 -57.78 15.30 -35.80
CA GLY O 280 -57.21 16.59 -35.44
C GLY O 280 -55.84 16.69 -36.09
N TYR O 281 -55.15 17.81 -35.87
CA TYR O 281 -53.84 17.99 -36.47
C TYR O 281 -52.97 18.97 -35.68
N PHE O 282 -51.66 18.86 -35.87
CA PHE O 282 -50.72 19.74 -35.19
C PHE O 282 -50.21 20.80 -36.14
N ASP O 283 -50.02 22.01 -35.62
CA ASP O 283 -49.54 23.12 -36.43
C ASP O 283 -48.67 24.05 -35.62
N PHE O 284 -47.67 24.63 -36.28
CA PHE O 284 -46.78 25.61 -35.65
C PHE O 284 -46.25 26.55 -36.72
N ASN O 285 -47.09 26.80 -37.73
CA ASN O 285 -46.72 27.67 -38.84
C ASN O 285 -46.75 29.14 -38.45
N ARG O 286 -46.33 29.43 -37.23
CA ARG O 286 -46.20 30.80 -36.74
C ARG O 286 -44.83 30.94 -36.11
N PHE O 287 -44.15 32.05 -36.36
CA PHE O 287 -42.81 32.22 -35.83
C PHE O 287 -42.77 32.24 -34.32
N HIS O 288 -43.81 32.80 -33.69
CA HIS O 288 -43.83 32.91 -32.23
C HIS O 288 -43.98 31.55 -31.57
N CYS O 289 -44.20 30.52 -32.39
CA CYS O 289 -44.26 29.16 -31.90
C CYS O 289 -42.86 28.69 -31.47
N HIS O 290 -41.83 29.29 -32.05
CA HIS O 290 -40.47 28.81 -31.88
C HIS O 290 -39.55 29.85 -31.24
N PHE O 291 -39.65 31.10 -31.69
CA PHE O 291 -38.82 32.17 -31.15
C PHE O 291 -39.51 32.92 -30.03
N SER O 292 -38.74 33.25 -29.00
CA SER O 292 -39.25 34.11 -27.94
C SER O 292 -39.09 35.56 -28.39
N PRO O 293 -39.81 36.49 -27.74
CA PRO O 293 -39.66 37.91 -28.05
C PRO O 293 -38.19 38.32 -28.10
N ARG O 294 -37.44 37.95 -27.06
CA ARG O 294 -36.03 38.31 -26.97
C ARG O 294 -35.21 37.74 -28.12
N ASP O 295 -35.34 36.43 -28.36
CA ASP O 295 -34.63 35.77 -29.45
C ASP O 295 -34.89 36.47 -30.77
N TRP O 296 -36.16 36.73 -31.03
CA TRP O 296 -36.57 37.41 -32.26
C TRP O 296 -35.82 38.73 -32.38
N GLN O 297 -35.58 39.40 -31.25
CA GLN O 297 -34.84 40.66 -31.25
C GLN O 297 -33.39 40.44 -31.72
N ARG O 298 -32.69 39.53 -31.08
CA ARG O 298 -31.33 39.20 -31.47
C ARG O 298 -31.28 38.90 -32.96
N LEU O 299 -32.16 38.00 -33.39
CA LEU O 299 -32.26 37.61 -34.79
C LEU O 299 -32.37 38.83 -35.69
N ILE O 300 -33.41 39.62 -35.47
CA ILE O 300 -33.72 40.77 -36.31
C ILE O 300 -32.58 41.77 -36.40
N ASN O 301 -32.02 42.12 -35.25
CA ASN O 301 -31.06 43.21 -35.16
C ASN O 301 -29.64 42.84 -35.60
N ASN O 302 -29.42 41.59 -35.97
CA ASN O 302 -28.05 41.12 -36.20
C ASN O 302 -27.79 40.44 -37.55
N ASN O 303 -28.83 39.92 -38.18
CA ASN O 303 -28.63 39.08 -39.36
C ASN O 303 -29.22 39.60 -40.68
N TRP O 304 -28.40 39.60 -41.73
CA TRP O 304 -28.83 39.94 -43.07
C TRP O 304 -30.06 39.14 -43.49
N GLY O 305 -30.08 37.85 -43.14
CA GLY O 305 -31.15 36.96 -43.50
C GLY O 305 -31.12 35.64 -42.74
N PHE O 306 -32.13 34.80 -42.94
CA PHE O 306 -32.21 33.53 -42.25
C PHE O 306 -33.11 32.53 -43.00
N ARG O 307 -33.09 31.27 -42.56
CA ARG O 307 -33.88 30.22 -43.21
C ARG O 307 -33.99 28.98 -42.33
N PRO O 308 -34.99 28.13 -42.62
CA PRO O 308 -35.18 26.84 -41.95
C PRO O 308 -34.25 25.77 -42.50
N LYS O 309 -33.87 24.81 -41.65
CA LYS O 309 -32.96 23.75 -42.06
C LYS O 309 -33.49 22.35 -41.75
N LYS O 310 -33.58 22.03 -40.46
CA LYS O 310 -34.03 20.71 -40.02
C LYS O 310 -35.27 20.78 -39.15
N LEU O 311 -35.81 19.62 -38.79
CA LEU O 311 -37.03 19.55 -37.99
C LEU O 311 -37.11 18.25 -37.18
N SER O 312 -37.57 18.36 -35.94
CA SER O 312 -37.73 17.20 -35.07
C SER O 312 -39.06 17.25 -34.33
N PHE O 313 -39.95 16.32 -34.67
CA PHE O 313 -41.27 16.27 -34.07
C PHE O 313 -41.40 15.11 -33.09
N LYS O 314 -41.92 15.39 -31.90
CA LYS O 314 -42.04 14.37 -30.87
C LYS O 314 -43.34 14.47 -30.08
N LEU O 315 -44.02 13.34 -29.94
CA LEU O 315 -45.24 13.25 -29.15
C LEU O 315 -45.05 12.30 -27.98
N PHE O 316 -45.47 12.71 -26.79
CA PHE O 316 -45.20 11.91 -25.59
C PHE O 316 -46.14 12.22 -24.42
N ASN O 317 -45.92 11.53 -23.31
CA ASN O 317 -46.69 11.70 -22.08
C ASN O 317 -48.19 11.69 -22.32
N ILE O 318 -48.63 10.78 -23.19
CA ILE O 318 -50.03 10.69 -23.58
C ILE O 318 -50.90 10.10 -22.47
N GLN O 319 -52.06 10.72 -22.27
CA GLN O 319 -53.03 10.25 -21.29
C GLN O 319 -54.43 10.30 -21.91
N VAL O 320 -55.16 9.21 -21.79
CA VAL O 320 -56.52 9.16 -22.31
C VAL O 320 -57.54 9.15 -21.18
N LYS O 321 -58.23 10.26 -21.01
CA LYS O 321 -59.25 10.39 -19.99
C LYS O 321 -60.63 10.19 -20.59
N GLU O 322 -61.43 9.34 -19.97
CA GLU O 322 -62.82 9.15 -20.40
C GLU O 322 -63.78 9.74 -19.37
N VAL O 323 -64.77 10.49 -19.86
CA VAL O 323 -65.68 11.21 -18.97
C VAL O 323 -67.07 10.62 -18.98
N THR O 324 -67.73 10.66 -17.83
CA THR O 324 -69.10 10.16 -17.69
C THR O 324 -69.97 11.15 -16.93
N GLN O 325 -71.11 11.49 -17.52
CA GLN O 325 -72.08 12.35 -16.87
C GLN O 325 -73.13 11.48 -16.17
N ASN O 326 -72.94 11.25 -14.88
CA ASN O 326 -73.82 10.34 -14.12
C ASN O 326 -75.18 10.95 -13.76
N ASP O 327 -75.17 11.91 -12.86
CA ASP O 327 -76.40 12.60 -12.47
C ASP O 327 -76.32 14.07 -12.89
N GLY O 328 -75.70 14.88 -12.04
CA GLY O 328 -75.45 16.27 -12.36
C GLY O 328 -73.97 16.55 -12.15
N THR O 329 -73.17 15.50 -12.18
CA THR O 329 -71.74 15.58 -11.92
C THR O 329 -70.91 14.86 -12.98
N THR O 330 -69.99 15.59 -13.61
CA THR O 330 -69.08 15.00 -14.60
C THR O 330 -67.84 14.45 -13.91
N THR O 331 -67.68 13.13 -13.98
CA THR O 331 -66.50 12.48 -13.42
C THR O 331 -65.53 12.11 -14.54
N ILE O 332 -64.25 12.39 -14.32
CA ILE O 332 -63.22 12.08 -15.30
C ILE O 332 -62.20 11.12 -14.71
N ALA O 333 -61.86 10.07 -15.47
CA ALA O 333 -60.93 9.06 -14.98
C ALA O 333 -59.98 8.56 -16.08
N ASN O 334 -59.20 7.55 -15.76
CA ASN O 334 -58.21 7.01 -16.68
C ASN O 334 -58.67 5.75 -17.41
N ASN O 335 -58.63 5.79 -18.73
CA ASN O 335 -58.83 4.60 -19.54
C ASN O 335 -57.49 4.17 -20.12
N LEU O 336 -56.72 3.44 -19.34
CA LEU O 336 -55.35 3.09 -19.69
C LEU O 336 -55.27 2.28 -20.98
N THR O 337 -56.18 1.33 -21.14
CA THR O 337 -56.16 0.43 -22.28
C THR O 337 -56.60 1.08 -23.59
N SER O 338 -56.80 2.40 -23.57
CA SER O 338 -57.22 3.11 -24.77
C SER O 338 -56.03 3.67 -25.53
N THR O 339 -56.19 3.82 -26.85
CA THR O 339 -55.10 4.26 -27.71
C THR O 339 -55.43 5.54 -28.47
N VAL O 340 -54.40 6.12 -29.08
CA VAL O 340 -54.56 7.27 -29.96
C VAL O 340 -53.80 6.99 -31.25
N GLN O 341 -54.18 7.64 -32.34
CA GLN O 341 -53.59 7.31 -33.63
C GLN O 341 -52.92 8.50 -34.32
N VAL O 342 -51.68 8.30 -34.75
CA VAL O 342 -50.92 9.35 -35.42
C VAL O 342 -50.40 8.87 -36.77
N PHE O 343 -50.31 9.78 -37.73
CA PHE O 343 -49.62 9.50 -38.98
C PHE O 343 -49.29 10.79 -39.72
N THR O 344 -48.24 10.75 -40.52
CA THR O 344 -47.76 11.95 -41.20
C THR O 344 -47.88 11.82 -42.70
N ASP O 345 -48.60 12.76 -43.31
CA ASP O 345 -48.76 12.79 -44.76
C ASP O 345 -47.47 13.22 -45.43
N SER O 346 -46.58 12.24 -45.67
CA SER O 346 -45.28 12.52 -46.27
C SER O 346 -45.30 12.33 -47.78
N GLU O 347 -46.29 11.58 -48.26
CA GLU O 347 -46.47 11.39 -49.70
C GLU O 347 -47.30 12.53 -50.27
N TYR O 348 -47.72 13.43 -49.39
CA TYR O 348 -48.54 14.59 -49.76
C TYR O 348 -49.77 14.17 -50.54
N GLN O 349 -50.52 13.22 -49.99
CA GLN O 349 -51.70 12.70 -50.66
C GLN O 349 -52.98 13.29 -50.07
N LEU O 350 -52.88 13.85 -48.88
CA LEU O 350 -54.00 14.56 -48.27
C LEU O 350 -53.90 16.05 -48.57
N PRO O 351 -55.03 16.70 -48.88
CA PRO O 351 -55.07 18.12 -49.18
C PRO O 351 -54.31 18.93 -48.12
N TYR O 352 -53.34 19.71 -48.57
CA TYR O 352 -52.55 20.52 -47.65
C TYR O 352 -53.35 21.72 -47.20
N VAL O 353 -53.74 21.71 -45.93
CA VAL O 353 -54.64 22.73 -45.38
C VAL O 353 -53.87 23.72 -44.52
N LEU O 354 -52.56 23.52 -44.41
CA LEU O 354 -51.70 24.44 -43.66
C LEU O 354 -51.28 25.62 -44.53
N GLY O 355 -50.70 26.63 -43.90
CA GLY O 355 -50.27 27.82 -44.61
C GLY O 355 -51.44 28.64 -45.11
N SER O 356 -52.52 28.65 -44.33
CA SER O 356 -53.71 29.43 -44.66
C SER O 356 -54.12 30.32 -43.49
N ALA O 357 -53.16 30.62 -42.62
CA ALA O 357 -53.38 31.54 -41.50
C ALA O 357 -54.43 31.06 -40.51
N HIS O 358 -54.72 29.76 -40.52
CA HIS O 358 -55.70 29.20 -39.60
C HIS O 358 -55.21 29.26 -38.18
N GLN O 359 -56.14 29.09 -37.24
CA GLN O 359 -55.80 29.13 -35.83
C GLN O 359 -55.64 27.73 -35.28
N GLY O 360 -55.05 27.61 -34.09
CA GLY O 360 -54.82 26.32 -33.47
C GLY O 360 -53.35 25.96 -33.41
N CYS O 361 -52.51 26.94 -33.72
CA CYS O 361 -51.06 26.75 -33.66
C CYS O 361 -50.62 26.54 -32.22
N LEU O 362 -49.30 26.52 -32.01
CA LEU O 362 -48.76 26.43 -30.67
C LEU O 362 -48.80 27.80 -30.01
N PRO O 363 -49.18 27.84 -28.73
CA PRO O 363 -49.27 29.09 -27.97
C PRO O 363 -47.94 29.85 -27.97
N PRO O 364 -47.98 31.17 -28.17
CA PRO O 364 -46.74 31.97 -28.09
C PRO O 364 -46.07 31.77 -26.74
N PHE O 365 -46.87 31.81 -25.68
CA PHE O 365 -46.38 31.60 -24.33
C PHE O 365 -46.36 30.12 -24.00
N PRO O 366 -45.21 29.63 -23.53
CA PRO O 366 -44.97 28.21 -23.25
C PRO O 366 -45.92 27.62 -22.21
N ALA O 367 -46.29 28.43 -21.22
CA ALA O 367 -47.13 27.95 -20.13
C ALA O 367 -48.59 27.72 -20.55
N ASP O 368 -48.98 28.27 -21.69
CA ASP O 368 -50.36 28.15 -22.16
C ASP O 368 -50.65 26.76 -22.74
N VAL O 369 -51.88 26.29 -22.52
CA VAL O 369 -52.34 25.03 -23.09
C VAL O 369 -53.23 25.31 -24.29
N PHE O 370 -53.21 24.43 -25.28
CA PHE O 370 -54.00 24.62 -26.49
C PHE O 370 -54.85 23.41 -26.87
N MET O 371 -55.92 23.67 -27.63
CA MET O 371 -56.79 22.61 -28.12
C MET O 371 -56.36 22.25 -29.53
N VAL O 372 -56.24 20.96 -29.81
CA VAL O 372 -55.84 20.51 -31.14
C VAL O 372 -56.99 20.65 -32.14
N PRO O 373 -56.78 21.44 -33.20
CA PRO O 373 -57.79 21.78 -34.21
C PRO O 373 -58.34 20.55 -34.90
N GLN O 374 -59.41 20.72 -35.67
CA GLN O 374 -59.99 19.62 -36.42
C GLN O 374 -59.66 19.73 -37.91
N TYR O 375 -59.53 18.58 -38.57
CA TYR O 375 -59.19 18.55 -39.98
C TYR O 375 -60.43 18.63 -40.87
N GLY O 376 -60.42 19.56 -41.79
CA GLY O 376 -61.48 19.69 -42.77
C GLY O 376 -60.91 20.17 -44.08
N TYR O 377 -61.40 19.61 -45.18
CA TYR O 377 -60.85 19.97 -46.50
C TYR O 377 -61.93 20.28 -47.52
N LEU O 378 -61.54 20.98 -48.58
CA LEU O 378 -62.47 21.37 -49.63
C LEU O 378 -62.15 20.64 -50.92
N THR O 379 -63.07 20.68 -51.87
CA THR O 379 -62.88 20.02 -53.15
C THR O 379 -63.51 20.84 -54.26
N LEU O 380 -63.30 20.39 -55.49
CA LEU O 380 -63.90 21.01 -56.66
C LEU O 380 -65.42 21.06 -56.49
N ASN O 381 -66.02 22.21 -56.78
CA ASN O 381 -67.47 22.37 -56.63
C ASN O 381 -68.11 23.22 -57.72
N ASN O 382 -69.38 22.92 -58.01
CA ASN O 382 -70.17 23.72 -58.95
C ASN O 382 -71.32 24.39 -58.21
N GLY O 383 -71.02 25.47 -57.51
CA GLY O 383 -71.99 26.12 -56.66
C GLY O 383 -72.09 25.39 -55.34
N SER O 384 -73.30 24.99 -54.98
CA SER O 384 -73.51 24.21 -53.77
C SER O 384 -73.27 22.73 -54.04
N GLN O 385 -73.27 22.39 -55.32
CA GLN O 385 -73.08 21.00 -55.75
C GLN O 385 -71.61 20.69 -56.00
N ALA O 386 -71.33 19.42 -56.24
CA ALA O 386 -69.98 18.98 -56.54
C ALA O 386 -69.91 18.36 -57.93
N VAL O 387 -68.71 18.26 -58.47
CA VAL O 387 -68.51 17.65 -59.78
C VAL O 387 -68.10 16.19 -59.61
N GLY O 388 -68.16 15.43 -60.69
CA GLY O 388 -67.76 14.03 -60.65
C GLY O 388 -66.27 13.87 -60.42
N ARG O 389 -65.51 14.93 -60.69
CA ARG O 389 -64.07 14.92 -60.52
C ARG O 389 -63.63 15.27 -59.11
N SER O 390 -64.59 15.51 -58.22
CA SER O 390 -64.27 15.82 -56.83
C SER O 390 -63.66 14.60 -56.16
N SER O 391 -63.02 14.82 -55.01
CA SER O 391 -62.29 13.74 -54.33
C SER O 391 -62.68 13.61 -52.85
N PHE O 392 -62.96 12.38 -52.44
CA PHE O 392 -63.29 12.06 -51.05
C PHE O 392 -62.14 11.32 -50.40
N TYR O 393 -61.67 11.83 -49.27
CA TYR O 393 -60.51 11.24 -48.59
C TYR O 393 -60.84 10.67 -47.22
N CYS O 394 -60.42 9.43 -47.00
CA CYS O 394 -60.57 8.77 -45.71
C CYS O 394 -59.21 8.56 -45.06
N LEU O 395 -58.98 9.22 -43.94
CA LEU O 395 -57.69 9.14 -43.26
C LEU O 395 -57.49 7.81 -42.54
N GLU O 396 -58.50 6.96 -42.59
CA GLU O 396 -58.41 5.63 -41.99
C GLU O 396 -57.74 4.68 -42.97
N TYR O 397 -57.73 5.05 -44.24
CA TYR O 397 -57.10 4.25 -45.29
C TYR O 397 -55.62 4.58 -45.34
N PHE O 398 -55.14 5.27 -44.32
CA PHE O 398 -53.72 5.55 -44.17
C PHE O 398 -53.18 4.74 -43.00
N PRO O 399 -52.03 4.10 -43.21
CA PRO O 399 -51.35 3.42 -42.11
C PRO O 399 -51.00 4.41 -41.01
N SER O 400 -51.47 4.14 -39.79
CA SER O 400 -51.19 5.02 -38.67
C SER O 400 -50.69 4.24 -37.45
N GLN O 401 -49.84 4.88 -36.66
CA GLN O 401 -49.31 4.26 -35.45
C GLN O 401 -50.25 4.55 -34.28
N MET O 402 -50.68 3.48 -33.61
CA MET O 402 -51.54 3.60 -32.45
C MET O 402 -50.73 3.56 -31.16
N LEU O 403 -51.02 4.48 -30.25
CA LEU O 403 -50.23 4.62 -29.02
C LEU O 403 -51.06 4.48 -27.77
N ARG O 404 -50.56 3.69 -26.82
CA ARG O 404 -51.14 3.59 -25.50
C ARG O 404 -50.33 4.50 -24.59
N THR O 405 -50.70 4.57 -23.31
CA THR O 405 -49.96 5.40 -22.37
C THR O 405 -48.56 4.83 -22.15
N GLY O 406 -47.55 5.60 -22.52
CA GLY O 406 -46.18 5.14 -22.40
C GLY O 406 -45.57 4.98 -23.78
N ASN O 407 -46.40 5.11 -24.81
CA ASN O 407 -45.91 5.11 -26.18
C ASN O 407 -45.62 6.54 -26.62
N ASN O 408 -44.70 6.69 -27.57
CA ASN O 408 -44.37 8.01 -28.11
C ASN O 408 -44.22 8.00 -29.63
N PHE O 409 -44.26 9.18 -30.21
CA PHE O 409 -44.19 9.32 -31.67
C PHE O 409 -42.97 10.16 -32.07
N GLN O 410 -42.28 9.71 -33.12
CA GLN O 410 -41.04 10.36 -33.54
C GLN O 410 -41.08 10.71 -35.02
N PHE O 411 -40.52 11.87 -35.38
CA PHE O 411 -40.49 12.29 -36.78
C PHE O 411 -39.41 13.34 -37.09
N SER O 412 -38.63 13.08 -38.13
CA SER O 412 -37.59 14.00 -38.57
C SER O 412 -37.73 14.42 -40.03
N TYR O 413 -37.58 15.72 -40.29
CA TYR O 413 -37.80 16.28 -41.61
C TYR O 413 -36.65 17.21 -41.99
N THR O 414 -36.39 17.33 -43.29
CA THR O 414 -35.29 18.16 -43.78
C THR O 414 -35.76 19.16 -44.84
N PHE O 415 -35.71 20.44 -44.50
CA PHE O 415 -36.13 21.51 -45.41
C PHE O 415 -35.32 21.49 -46.71
N GLU O 416 -35.96 21.90 -47.79
CA GLU O 416 -35.29 22.00 -49.07
C GLU O 416 -34.54 23.32 -49.17
N ASP O 417 -33.87 23.54 -50.29
CA ASP O 417 -33.16 24.80 -50.52
C ASP O 417 -34.13 25.94 -50.81
N VAL O 418 -34.17 26.92 -49.92
CA VAL O 418 -35.06 28.06 -50.07
C VAL O 418 -34.38 29.36 -49.66
N PRO O 419 -34.36 30.35 -50.56
CA PRO O 419 -33.69 31.65 -50.41
C PRO O 419 -33.92 32.32 -49.06
N PHE O 420 -32.84 32.85 -48.48
CA PHE O 420 -32.91 33.57 -47.21
C PHE O 420 -33.99 34.64 -47.28
N HIS O 421 -34.60 34.94 -46.14
CA HIS O 421 -35.52 36.07 -46.07
C HIS O 421 -34.73 37.37 -45.95
N SER O 422 -35.37 38.46 -46.37
CA SER O 422 -34.73 39.78 -46.30
C SER O 422 -34.92 40.42 -44.93
N SER O 423 -33.97 40.17 -44.03
CA SER O 423 -33.96 40.82 -42.73
C SER O 423 -33.19 42.14 -42.85
N TYR O 424 -33.24 42.72 -44.04
CA TYR O 424 -32.53 43.96 -44.33
C TYR O 424 -33.41 44.93 -45.12
N ALA O 425 -32.98 46.19 -45.17
CA ALA O 425 -33.66 47.21 -45.97
C ALA O 425 -32.61 48.03 -46.72
N HIS O 426 -32.89 48.37 -47.97
CA HIS O 426 -31.92 49.05 -48.82
C HIS O 426 -31.68 50.50 -48.38
N SER O 427 -30.40 50.88 -48.32
CA SER O 427 -30.02 52.24 -47.99
C SER O 427 -29.94 53.11 -49.25
N GLN O 428 -30.00 52.45 -50.40
CA GLN O 428 -30.04 53.14 -51.69
C GLN O 428 -31.43 53.03 -52.31
N SER O 429 -31.66 53.76 -53.40
CA SER O 429 -32.93 53.68 -54.12
C SER O 429 -32.69 53.29 -55.58
N LEU O 430 -33.73 52.82 -56.25
CA LEU O 430 -33.60 52.44 -57.66
C LEU O 430 -33.24 53.63 -58.55
N ASP O 431 -33.91 54.75 -58.35
CA ASP O 431 -33.67 55.93 -59.16
C ASP O 431 -32.48 56.74 -58.64
N ARG O 432 -32.12 56.52 -57.37
CA ARG O 432 -31.00 57.23 -56.76
C ARG O 432 -29.78 56.32 -56.63
N LEU O 433 -29.37 55.72 -57.74
CA LEU O 433 -28.31 54.73 -57.73
C LEU O 433 -27.00 55.25 -58.33
N MET O 434 -27.12 56.26 -59.18
CA MET O 434 -25.96 56.79 -59.90
C MET O 434 -25.07 57.73 -59.08
N ASN O 435 -24.18 58.43 -59.78
CA ASN O 435 -23.22 59.32 -59.14
C ASN O 435 -23.69 60.77 -59.13
N PRO O 436 -23.83 61.35 -57.94
CA PRO O 436 -24.26 62.72 -57.72
C PRO O 436 -23.30 63.78 -58.29
N LEU O 437 -22.06 63.39 -58.53
CA LEU O 437 -21.02 64.35 -58.90
C LEU O 437 -20.76 64.40 -60.40
N ILE O 438 -20.81 63.24 -61.05
CA ILE O 438 -20.46 63.16 -62.47
C ILE O 438 -21.70 63.11 -63.35
N ASP O 439 -21.57 63.61 -64.57
CA ASP O 439 -22.68 63.62 -65.53
C ASP O 439 -22.61 62.40 -66.43
N GLN O 440 -23.76 61.99 -66.96
CA GLN O 440 -23.80 60.88 -67.91
C GLN O 440 -23.27 61.32 -69.26
N TYR O 441 -22.80 60.36 -70.05
CA TYR O 441 -22.35 60.66 -71.40
C TYR O 441 -23.45 60.36 -72.40
N LEU O 442 -24.61 59.97 -71.87
CA LEU O 442 -25.78 59.70 -72.72
C LEU O 442 -26.66 60.92 -72.86
N TYR O 443 -27.42 60.99 -73.95
CA TYR O 443 -28.26 62.14 -74.22
C TYR O 443 -29.74 61.75 -74.29
N TYR O 444 -30.59 62.66 -73.81
CA TYR O 444 -32.03 62.47 -73.86
C TYR O 444 -32.64 63.74 -74.43
N LEU O 445 -33.87 63.64 -74.92
CA LEU O 445 -34.58 64.80 -75.45
C LEU O 445 -35.46 65.41 -74.37
N ASN O 446 -35.32 66.72 -74.17
CA ASN O 446 -36.06 67.41 -73.10
C ASN O 446 -36.84 68.63 -73.59
N ARG O 447 -36.59 69.03 -74.83
CA ARG O 447 -37.27 70.18 -75.41
C ARG O 447 -37.76 69.87 -76.83
N THR O 448 -39.06 69.99 -77.04
CA THR O 448 -39.66 69.69 -78.33
C THR O 448 -40.00 70.97 -79.11
N GLN O 449 -40.37 72.02 -78.39
CA GLN O 449 -40.74 73.29 -79.02
C GLN O 449 -40.05 74.48 -78.38
N GLY O 450 -40.25 74.65 -77.08
CA GLY O 450 -39.75 75.82 -76.36
C GLY O 450 -38.31 76.18 -76.70
N THR O 451 -38.14 77.10 -77.64
CA THR O 451 -36.82 77.57 -78.03
C THR O 451 -36.62 78.99 -77.52
N THR O 452 -35.67 79.70 -78.13
CA THR O 452 -35.53 81.13 -77.89
C THR O 452 -36.83 81.80 -78.35
N SER O 453 -37.87 81.62 -77.56
CA SER O 453 -39.24 81.94 -77.98
C SER O 453 -39.51 83.44 -78.06
N GLY O 454 -39.61 83.95 -79.29
CA GLY O 454 -39.93 85.34 -79.52
C GLY O 454 -40.30 85.56 -80.97
N THR O 455 -39.31 85.47 -81.85
CA THR O 455 -39.50 85.61 -83.29
C THR O 455 -39.31 84.25 -83.96
N THR O 456 -40.24 83.89 -84.84
CA THR O 456 -40.10 82.71 -85.70
C THR O 456 -39.59 81.47 -84.97
N ASN O 457 -40.10 81.22 -83.76
CA ASN O 457 -39.69 80.04 -83.00
C ASN O 457 -40.86 79.17 -82.58
N GLN O 458 -41.34 78.37 -83.53
CA GLN O 458 -42.43 77.45 -83.29
C GLN O 458 -41.94 76.21 -82.55
N SER O 459 -41.07 75.44 -83.18
CA SER O 459 -40.58 74.19 -82.60
C SER O 459 -39.17 73.82 -83.06
N ARG O 460 -38.47 73.07 -82.22
CA ARG O 460 -37.11 72.62 -82.53
C ARG O 460 -36.74 71.45 -81.62
N LEU O 461 -36.07 70.45 -82.19
CA LEU O 461 -35.66 69.27 -81.44
C LEU O 461 -34.35 69.52 -80.69
N LEU O 462 -34.42 69.53 -79.36
CA LEU O 462 -33.25 69.83 -78.54
C LEU O 462 -32.97 68.74 -77.50
N PHE O 463 -31.70 68.34 -77.41
CA PHE O 463 -31.29 67.26 -76.52
C PHE O 463 -30.34 67.76 -75.44
N SER O 464 -30.43 67.15 -74.26
CA SER O 464 -29.55 67.50 -73.15
C SER O 464 -28.75 66.30 -72.65
N GLN O 465 -27.54 66.56 -72.18
CA GLN O 465 -26.72 65.53 -71.56
C GLN O 465 -27.08 65.41 -70.09
N ALA O 466 -27.43 64.20 -69.66
CA ALA O 466 -27.85 63.96 -68.29
C ALA O 466 -26.80 64.45 -67.29
N GLY O 467 -27.27 65.15 -66.25
CA GLY O 467 -26.40 65.62 -65.20
C GLY O 467 -27.01 65.33 -63.84
N PRO O 468 -26.29 65.67 -62.76
CA PRO O 468 -26.81 65.49 -61.41
C PRO O 468 -28.05 66.36 -61.24
N GLN O 469 -28.13 67.38 -62.10
CA GLN O 469 -29.24 68.31 -62.09
C GLN O 469 -30.49 67.67 -62.70
N SER O 470 -30.30 66.93 -63.80
CA SER O 470 -31.39 66.18 -64.41
C SER O 470 -31.45 64.78 -63.79
N MET O 471 -31.77 64.73 -62.50
CA MET O 471 -31.66 63.48 -61.75
C MET O 471 -32.76 62.46 -62.10
N SER O 472 -34.00 62.92 -62.24
CA SER O 472 -35.11 62.03 -62.57
C SER O 472 -35.33 61.94 -64.07
N LEU O 473 -34.27 62.20 -64.83
CA LEU O 473 -34.34 62.17 -66.29
C LEU O 473 -33.23 61.32 -66.88
N GLN O 474 -32.26 60.95 -66.05
CA GLN O 474 -31.10 60.19 -66.51
C GLN O 474 -31.49 58.80 -67.01
N ALA O 475 -30.67 58.26 -67.90
CA ALA O 475 -30.87 56.90 -68.40
C ALA O 475 -30.87 55.90 -67.24
N ARG O 476 -31.67 54.86 -67.36
CA ARG O 476 -31.84 53.91 -66.28
C ARG O 476 -31.56 52.48 -66.74
N ASN O 477 -31.13 51.63 -65.83
CA ASN O 477 -30.83 50.23 -66.14
C ASN O 477 -31.85 49.24 -65.59
N TRP O 478 -32.71 49.70 -64.69
CA TRP O 478 -33.62 48.80 -63.98
C TRP O 478 -34.99 49.43 -63.74
N LEU O 479 -36.01 48.58 -63.56
CA LEU O 479 -37.36 49.04 -63.24
C LEU O 479 -37.82 48.55 -61.86
N PRO O 480 -38.88 49.17 -61.32
CA PRO O 480 -39.47 48.75 -60.04
C PRO O 480 -40.25 47.46 -60.20
N GLY O 481 -40.66 46.87 -59.09
CA GLY O 481 -41.41 45.63 -59.11
C GLY O 481 -42.79 45.80 -59.68
N PRO O 482 -43.45 44.68 -60.02
CA PRO O 482 -44.81 44.66 -60.56
C PRO O 482 -45.80 45.33 -59.61
N CYS O 483 -47.05 45.48 -60.03
CA CYS O 483 -48.04 46.15 -59.20
C CYS O 483 -49.48 45.74 -59.52
N TYR O 484 -50.36 45.95 -58.54
CA TYR O 484 -51.79 45.73 -58.70
C TYR O 484 -52.50 46.70 -57.75
N ARG O 485 -52.83 47.88 -58.28
CA ARG O 485 -53.31 48.98 -57.46
C ARG O 485 -54.36 48.58 -56.42
N GLN O 486 -54.16 49.07 -55.20
CA GLN O 486 -55.13 48.88 -54.12
C GLN O 486 -55.77 50.22 -53.80
N GLN O 487 -56.96 50.18 -53.20
CA GLN O 487 -57.65 51.41 -52.81
C GLN O 487 -57.03 52.00 -51.54
N ARG O 488 -56.98 53.33 -51.47
CA ARG O 488 -56.39 54.01 -50.33
C ARG O 488 -57.41 54.22 -49.20
N LEU O 489 -57.03 53.83 -47.98
CA LEU O 489 -57.89 54.03 -46.82
C LEU O 489 -57.19 54.86 -45.76
N SER O 490 -57.96 55.62 -45.00
CA SER O 490 -57.39 56.39 -43.90
C SER O 490 -57.83 55.81 -42.57
N LYS O 491 -56.95 55.91 -41.58
CA LYS O 491 -57.26 55.43 -40.25
C LYS O 491 -58.22 56.40 -39.56
N THR O 492 -58.21 57.65 -40.03
CA THR O 492 -59.15 58.66 -39.55
C THR O 492 -60.50 58.45 -40.21
N ALA O 493 -61.48 58.04 -39.41
CA ALA O 493 -62.78 57.61 -39.93
C ALA O 493 -63.63 58.76 -40.48
N ASN O 494 -63.00 59.81 -40.98
CA ASN O 494 -63.74 60.91 -41.57
C ASN O 494 -63.10 61.44 -42.85
N ASP O 495 -61.90 60.98 -43.15
CA ASP O 495 -61.25 61.33 -44.40
C ASP O 495 -61.90 60.56 -45.53
N ASN O 496 -62.51 59.44 -45.18
CA ASN O 496 -63.01 58.49 -46.16
C ASN O 496 -64.39 58.84 -46.72
N ASN O 497 -64.73 58.20 -47.84
CA ASN O 497 -66.03 58.39 -48.48
C ASN O 497 -67.14 57.78 -47.64
N ASN O 498 -68.25 58.50 -47.51
CA ASN O 498 -69.39 58.02 -46.73
C ASN O 498 -70.16 56.92 -47.49
N SER O 499 -69.48 55.82 -47.77
CA SER O 499 -70.07 54.68 -48.47
C SER O 499 -69.33 53.39 -48.10
N ASN O 500 -70.08 52.28 -48.06
CA ASN O 500 -69.48 50.98 -47.74
C ASN O 500 -68.95 50.28 -48.98
N PHE O 501 -67.63 50.33 -49.15
CA PHE O 501 -66.99 49.83 -50.37
C PHE O 501 -65.90 48.76 -50.15
N PRO O 502 -65.99 47.98 -49.05
CA PRO O 502 -64.92 47.00 -48.80
C PRO O 502 -65.04 45.79 -49.71
N TRP O 503 -65.95 45.83 -50.66
CA TRP O 503 -66.16 44.72 -51.57
C TRP O 503 -66.44 45.18 -52.99
N THR O 504 -67.17 46.29 -53.10
CA THR O 504 -67.58 46.83 -54.40
C THR O 504 -66.52 47.75 -54.99
N ALA O 505 -65.48 48.05 -54.22
CA ALA O 505 -64.43 48.95 -54.67
C ALA O 505 -63.03 48.39 -54.43
N ALA O 506 -62.96 47.19 -53.86
CA ALA O 506 -61.68 46.55 -53.58
C ALA O 506 -61.21 45.73 -54.78
N SER O 507 -59.89 45.60 -54.92
CA SER O 507 -59.30 44.82 -55.99
C SER O 507 -59.49 43.32 -55.75
N LYS O 508 -60.04 42.64 -56.75
CA LYS O 508 -60.39 41.24 -56.61
C LYS O 508 -60.14 40.48 -57.91
N TYR O 509 -60.06 39.15 -57.83
CA TYR O 509 -59.93 38.32 -59.01
C TYR O 509 -61.08 37.34 -59.05
N HIS O 510 -61.28 36.68 -60.18
CA HIS O 510 -62.35 35.69 -60.27
C HIS O 510 -61.96 34.48 -61.11
N LEU O 511 -62.29 33.30 -60.60
CA LEU O 511 -62.03 32.05 -61.29
C LEU O 511 -63.30 31.24 -61.36
N ASN O 512 -63.59 30.69 -62.54
CA ASN O 512 -64.77 29.86 -62.71
C ASN O 512 -66.04 30.68 -62.45
N GLY O 513 -65.95 31.99 -62.67
CA GLY O 513 -67.07 32.88 -62.44
C GLY O 513 -67.30 33.15 -60.97
N ARG O 514 -66.25 33.05 -60.18
CA ARG O 514 -66.34 33.25 -58.73
C ARG O 514 -65.36 34.30 -58.23
N ASP O 515 -65.91 35.41 -57.71
CA ASP O 515 -65.09 36.50 -57.19
C ASP O 515 -64.36 36.10 -55.90
N SER O 516 -63.08 36.45 -55.83
CA SER O 516 -62.27 36.24 -54.64
C SER O 516 -61.41 37.46 -54.40
N LEU O 517 -61.35 37.92 -53.16
CA LEU O 517 -60.65 39.16 -52.83
C LEU O 517 -59.13 38.98 -52.84
N VAL O 518 -58.45 39.81 -53.62
CA VAL O 518 -56.99 39.81 -53.66
C VAL O 518 -56.46 40.48 -52.41
N ASN O 519 -56.37 39.74 -51.31
CA ASN O 519 -55.97 40.31 -50.04
C ASN O 519 -54.50 40.76 -49.99
N PRO O 520 -53.56 39.83 -49.79
CA PRO O 520 -52.18 40.30 -49.84
C PRO O 520 -51.66 40.20 -51.25
N GLY O 521 -51.87 41.24 -52.05
CA GLY O 521 -51.46 41.21 -53.44
C GLY O 521 -49.95 41.24 -53.58
N PRO O 522 -49.45 41.54 -54.80
CA PRO O 522 -48.00 41.70 -54.96
C PRO O 522 -47.45 42.62 -53.89
N ALA O 523 -46.16 42.48 -53.59
CA ALA O 523 -45.53 43.31 -52.57
C ALA O 523 -45.42 44.76 -53.04
N MET O 524 -46.21 45.63 -52.44
CA MET O 524 -46.18 47.06 -52.74
C MET O 524 -46.05 47.87 -51.46
N ALA O 525 -45.52 49.08 -51.56
CA ALA O 525 -45.35 49.93 -50.40
C ALA O 525 -46.69 50.45 -49.86
N SER O 526 -46.82 50.51 -48.53
CA SER O 526 -48.06 50.91 -47.91
C SER O 526 -48.39 52.40 -48.10
N HIS O 527 -47.40 53.25 -47.91
CA HIS O 527 -47.60 54.70 -48.02
C HIS O 527 -46.35 55.41 -48.52
N LYS O 528 -46.53 56.58 -49.11
CA LYS O 528 -45.40 57.41 -49.54
C LYS O 528 -44.89 58.25 -48.37
N ASP O 529 -43.80 58.97 -48.58
CA ASP O 529 -43.15 59.73 -47.51
C ASP O 529 -44.05 60.83 -46.94
N ASP O 530 -43.95 61.03 -45.63
CA ASP O 530 -44.66 62.10 -44.94
C ASP O 530 -46.18 61.90 -44.86
N GLU O 531 -46.59 60.65 -44.70
CA GLU O 531 -48.01 60.34 -44.51
C GLU O 531 -48.20 59.43 -43.30
N GLU O 532 -47.88 58.16 -43.48
CA GLU O 532 -47.92 57.20 -42.37
C GLU O 532 -49.29 57.12 -41.71
N LYS O 533 -50.33 57.32 -42.50
CA LYS O 533 -51.70 57.23 -42.00
C LYS O 533 -52.60 56.52 -42.99
N PHE O 534 -52.21 56.56 -44.27
CA PHE O 534 -52.96 55.91 -45.33
C PHE O 534 -52.42 54.50 -45.60
N PHE O 535 -53.22 53.50 -45.26
CA PHE O 535 -52.86 52.11 -45.55
C PHE O 535 -53.73 51.63 -46.70
N PRO O 536 -53.21 50.67 -47.50
CA PRO O 536 -53.97 50.13 -48.63
C PRO O 536 -55.16 49.31 -48.16
N MET O 537 -56.23 49.33 -48.94
CA MET O 537 -57.34 48.42 -48.70
C MET O 537 -56.75 47.03 -48.63
N HIS O 538 -56.65 46.48 -47.41
CA HIS O 538 -56.09 45.15 -47.22
C HIS O 538 -54.78 44.89 -47.99
N GLY O 539 -53.94 45.92 -48.08
CA GLY O 539 -52.66 45.77 -48.77
C GLY O 539 -51.58 45.22 -47.87
N ASN O 540 -51.98 44.60 -46.77
CA ASN O 540 -51.04 44.05 -45.80
C ASN O 540 -51.74 43.21 -44.73
N LEU O 541 -50.97 42.40 -44.01
CA LEU O 541 -51.53 41.52 -42.99
C LEU O 541 -51.87 42.25 -41.71
N ILE O 542 -53.10 42.03 -41.22
CA ILE O 542 -53.56 42.68 -40.01
C ILE O 542 -53.82 41.66 -38.91
N PHE O 543 -53.18 41.87 -37.76
CA PHE O 543 -53.31 40.95 -36.64
C PHE O 543 -54.27 41.48 -35.59
N GLY O 544 -55.07 40.57 -35.01
CA GLY O 544 -56.01 40.96 -33.97
C GLY O 544 -55.40 40.87 -32.59
N LYS O 545 -55.61 41.90 -31.78
CA LYS O 545 -55.12 41.92 -30.41
C LYS O 545 -55.77 40.81 -29.59
N GLU O 546 -55.15 40.48 -28.45
CA GLU O 546 -55.69 39.46 -27.57
C GLU O 546 -57.05 39.90 -27.03
N GLY O 547 -58.01 38.98 -27.07
CA GLY O 547 -59.36 39.26 -26.60
C GLY O 547 -60.05 40.29 -27.46
N THR O 548 -60.58 39.84 -28.60
CA THR O 548 -61.29 40.71 -29.53
C THR O 548 -62.15 39.87 -30.49
N THR O 549 -63.46 40.06 -30.43
CA THR O 549 -64.41 39.26 -31.22
C THR O 549 -64.03 39.17 -32.70
N ALA O 550 -64.45 38.09 -33.35
CA ALA O 550 -64.13 37.84 -34.74
C ALA O 550 -65.03 38.64 -35.69
N SER O 551 -66.06 39.26 -35.13
CA SER O 551 -67.04 39.96 -35.93
C SER O 551 -67.02 41.46 -35.71
N ASN O 552 -66.61 42.20 -36.73
CA ASN O 552 -66.59 43.66 -36.71
C ASN O 552 -66.01 44.26 -35.42
N ALA O 553 -64.69 44.21 -35.30
CA ALA O 553 -64.02 44.78 -34.14
C ALA O 553 -63.58 46.21 -34.45
N GLU O 554 -63.20 46.95 -33.41
CA GLU O 554 -62.84 48.35 -33.55
C GLU O 554 -61.44 48.51 -34.18
N LEU O 555 -61.17 49.69 -34.72
CA LEU O 555 -59.88 50.01 -35.31
C LEU O 555 -58.78 50.02 -34.26
N ASP O 556 -59.15 50.32 -33.02
CA ASP O 556 -58.18 50.35 -31.92
C ASP O 556 -58.00 48.96 -31.32
N ASN O 557 -58.59 47.97 -31.97
CA ASN O 557 -58.49 46.58 -31.52
C ASN O 557 -57.69 45.68 -32.46
N VAL O 558 -57.13 46.29 -33.51
CA VAL O 558 -56.34 45.53 -34.48
C VAL O 558 -54.97 46.16 -34.72
N MET O 559 -54.06 45.36 -35.25
CA MET O 559 -52.70 45.80 -35.53
C MET O 559 -52.41 45.71 -37.03
N ILE O 560 -52.31 46.86 -37.68
CA ILE O 560 -52.05 46.92 -39.11
C ILE O 560 -50.56 47.04 -39.35
N THR O 561 -50.04 46.25 -40.30
CA THR O 561 -48.60 46.18 -40.53
C THR O 561 -48.14 47.15 -41.62
N ASP O 562 -47.05 47.85 -41.36
CA ASP O 562 -46.54 48.86 -42.28
C ASP O 562 -45.37 48.31 -43.12
N GLU O 563 -45.55 48.30 -44.43
CA GLU O 563 -44.50 47.87 -45.34
C GLU O 563 -43.81 49.09 -45.95
N GLU O 564 -43.07 49.84 -45.12
CA GLU O 564 -42.43 51.06 -45.57
C GLU O 564 -40.92 50.96 -45.65
N GLU O 565 -40.40 49.74 -45.76
CA GLU O 565 -38.96 49.53 -45.90
C GLU O 565 -38.63 49.18 -47.34
N ILE O 566 -39.66 48.79 -48.09
CA ILE O 566 -39.47 48.37 -49.49
C ILE O 566 -39.83 49.48 -50.46
N ARG O 567 -39.79 50.72 -49.99
CA ARG O 567 -40.13 51.88 -50.80
C ARG O 567 -39.21 52.04 -51.99
N THR O 568 -37.98 51.52 -51.86
CA THR O 568 -36.93 51.74 -52.85
C THR O 568 -36.96 50.77 -54.02
N THR O 569 -37.68 49.66 -53.87
CA THR O 569 -37.75 48.64 -54.91
C THR O 569 -39.18 48.43 -55.40
N ASN O 570 -40.15 48.80 -54.57
CA ASN O 570 -41.55 48.52 -54.88
C ASN O 570 -42.42 49.77 -55.07
N PRO O 571 -43.40 49.67 -55.98
CA PRO O 571 -44.38 50.73 -56.22
C PRO O 571 -45.33 50.85 -55.04
N VAL O 572 -45.87 52.04 -54.80
CA VAL O 572 -46.82 52.26 -53.71
C VAL O 572 -48.15 51.58 -54.04
N ALA O 573 -48.69 50.84 -53.08
CA ALA O 573 -49.90 50.02 -53.29
C ALA O 573 -51.12 50.82 -53.74
N THR O 574 -51.33 51.97 -53.13
CA THR O 574 -52.49 52.79 -53.41
C THR O 574 -52.25 53.74 -54.58
N GLU O 575 -51.01 54.21 -54.71
CA GLU O 575 -50.63 55.10 -55.80
C GLU O 575 -50.61 54.38 -57.14
N GLN O 576 -50.46 55.14 -58.22
CA GLN O 576 -50.40 54.58 -59.57
C GLN O 576 -49.09 53.85 -59.81
N TYR O 577 -48.83 53.52 -61.07
CA TYR O 577 -47.57 52.89 -61.44
C TYR O 577 -46.70 53.85 -62.26
N GLY O 578 -47.32 54.55 -63.20
CA GLY O 578 -46.62 55.50 -64.03
C GLY O 578 -47.40 56.01 -65.23
N THR O 579 -46.67 56.42 -66.25
CA THR O 579 -47.26 57.00 -67.45
C THR O 579 -46.94 56.16 -68.67
N VAL O 580 -47.94 55.99 -69.54
CA VAL O 580 -47.76 55.28 -70.80
C VAL O 580 -48.38 56.08 -71.94
N ALA O 581 -47.72 56.09 -73.09
CA ALA O 581 -48.26 56.75 -74.27
C ALA O 581 -49.27 55.86 -74.98
N ASN O 582 -50.25 56.47 -75.65
CA ASN O 582 -51.26 55.71 -76.37
C ASN O 582 -51.86 56.48 -77.55
N ASN O 583 -50.99 57.06 -78.38
CA ASN O 583 -51.41 57.76 -79.59
C ASN O 583 -50.20 58.20 -80.42
N LEU O 584 -50.43 58.55 -81.67
CA LEU O 584 -49.36 59.02 -82.55
C LEU O 584 -49.37 60.53 -82.66
N GLN O 585 -48.68 61.19 -81.72
CA GLN O 585 -48.65 62.65 -81.67
C GLN O 585 -48.11 63.25 -82.95
N SER O 586 -48.62 64.43 -83.30
CA SER O 586 -48.20 65.14 -84.51
C SER O 586 -48.73 66.56 -84.48
N SER O 587 -48.54 67.28 -85.58
CA SER O 587 -49.08 68.62 -85.70
C SER O 587 -50.62 68.59 -85.62
N ASN O 588 -51.21 67.48 -86.05
CA ASN O 588 -52.65 67.33 -86.03
C ASN O 588 -53.18 66.81 -84.70
N THR O 589 -52.35 66.05 -84.00
CA THR O 589 -52.78 65.37 -82.78
C THR O 589 -51.93 65.75 -81.57
N ALA O 590 -52.59 65.97 -80.44
CA ALA O 590 -51.91 66.25 -79.19
C ALA O 590 -51.55 64.94 -78.48
N PRO O 591 -50.33 64.85 -77.93
CA PRO O 591 -49.83 63.67 -77.21
C PRO O 591 -50.75 63.27 -76.06
N THR O 592 -51.03 61.98 -75.94
CA THR O 592 -51.92 61.49 -74.89
C THR O 592 -51.20 60.62 -73.86
N THR O 593 -51.57 60.80 -72.59
CA THR O 593 -50.97 60.05 -71.50
C THR O 593 -52.01 59.17 -70.81
N ARG O 594 -51.59 57.96 -70.43
CA ARG O 594 -52.46 57.01 -69.76
C ARG O 594 -51.88 56.63 -68.39
N THR O 595 -52.69 56.75 -67.35
CA THR O 595 -52.27 56.35 -66.01
C THR O 595 -52.39 54.84 -65.85
N VAL O 596 -51.25 54.18 -65.72
CA VAL O 596 -51.22 52.72 -65.60
C VAL O 596 -51.54 52.25 -64.17
N ASN O 597 -52.57 51.43 -64.06
CA ASN O 597 -53.04 50.95 -62.77
C ASN O 597 -52.66 49.50 -62.53
N ASP O 598 -52.30 48.80 -63.61
CA ASP O 598 -51.96 47.39 -63.52
C ASP O 598 -50.77 47.05 -64.43
N GLN O 599 -49.71 46.52 -63.82
CA GLN O 599 -48.51 46.18 -64.58
C GLN O 599 -48.07 44.74 -64.37
N GLY O 600 -48.09 43.96 -65.45
CA GLY O 600 -47.54 42.61 -65.40
C GLY O 600 -46.05 42.66 -65.18
N ALA O 601 -45.36 41.55 -65.49
CA ALA O 601 -43.92 41.47 -65.30
C ALA O 601 -43.17 42.08 -66.49
N LEU O 602 -41.92 42.47 -66.25
CA LEU O 602 -41.11 43.09 -67.30
C LEU O 602 -39.62 42.77 -67.16
N PRO O 603 -38.97 42.48 -68.30
CA PRO O 603 -37.53 42.25 -68.32
C PRO O 603 -36.77 43.44 -67.76
N GLY O 604 -36.23 43.31 -66.55
CA GLY O 604 -35.45 44.37 -65.96
C GLY O 604 -36.02 44.83 -64.63
N MET O 605 -37.18 44.28 -64.26
CA MET O 605 -37.79 44.63 -62.98
C MET O 605 -37.08 43.94 -61.82
N VAL O 606 -36.99 44.64 -60.69
CA VAL O 606 -36.41 44.08 -59.48
C VAL O 606 -37.28 44.45 -58.29
N TRP O 607 -37.62 43.48 -57.46
CA TRP O 607 -38.50 43.74 -56.34
C TRP O 607 -38.07 43.04 -55.06
N GLN O 608 -38.57 43.53 -53.94
CA GLN O 608 -38.37 42.89 -52.65
C GLN O 608 -39.68 42.23 -52.26
N ASP O 609 -39.61 41.06 -51.63
CA ASP O 609 -40.82 40.39 -51.20
C ASP O 609 -41.39 41.04 -49.93
N ARG O 610 -42.47 40.48 -49.39
CA ARG O 610 -43.07 41.02 -48.18
C ARG O 610 -42.16 40.83 -46.97
N ASP O 611 -42.77 40.75 -45.79
CA ASP O 611 -41.98 40.60 -44.57
C ASP O 611 -42.61 39.57 -43.65
N VAL O 612 -41.79 38.99 -42.77
CA VAL O 612 -42.30 38.06 -41.77
C VAL O 612 -42.23 38.69 -40.39
N TYR O 613 -43.30 38.54 -39.63
CA TYR O 613 -43.38 39.12 -38.31
C TYR O 613 -43.45 38.02 -37.26
N LEU O 614 -43.10 38.36 -36.03
CA LEU O 614 -43.02 37.38 -34.96
C LEU O 614 -44.23 36.43 -34.93
N GLN O 615 -45.39 36.92 -35.36
CA GLN O 615 -46.61 36.12 -35.34
C GLN O 615 -47.12 35.76 -36.74
N GLY O 616 -46.27 35.96 -37.75
CA GLY O 616 -46.64 35.66 -39.12
C GLY O 616 -46.44 34.21 -39.50
N PRO O 617 -46.95 33.82 -40.69
CA PRO O 617 -46.75 32.48 -41.22
C PRO O 617 -45.28 32.22 -41.49
N ILE O 618 -44.88 30.96 -41.51
CA ILE O 618 -43.49 30.61 -41.77
C ILE O 618 -43.29 30.09 -43.20
N TRP O 619 -44.02 29.03 -43.54
CA TRP O 619 -43.88 28.42 -44.86
C TRP O 619 -45.22 28.31 -45.58
N ALA O 620 -45.18 27.77 -46.79
CA ALA O 620 -46.39 27.57 -47.59
C ALA O 620 -46.14 26.57 -48.71
N LYS O 621 -47.08 25.64 -48.91
CA LYS O 621 -46.93 24.63 -49.94
C LYS O 621 -47.24 25.15 -51.34
N ILE O 622 -46.20 25.37 -52.13
CA ILE O 622 -46.37 25.77 -53.52
C ILE O 622 -47.22 24.73 -54.25
N PRO O 623 -48.36 25.18 -54.80
CA PRO O 623 -49.30 24.31 -55.52
C PRO O 623 -48.60 23.52 -56.62
N HIS O 624 -49.03 22.27 -56.83
CA HIS O 624 -48.43 21.45 -57.88
C HIS O 624 -49.11 21.67 -59.22
N THR O 625 -48.72 22.74 -59.90
CA THR O 625 -49.27 23.07 -61.21
C THR O 625 -48.22 22.97 -62.31
N ASP O 626 -48.63 23.28 -63.53
CA ASP O 626 -47.71 23.27 -64.65
C ASP O 626 -46.71 24.43 -64.59
N GLY O 627 -47.11 25.52 -63.93
CA GLY O 627 -46.28 26.70 -63.91
C GLY O 627 -46.45 27.61 -62.72
N HIS O 628 -45.34 28.21 -62.30
CA HIS O 628 -45.34 29.21 -61.24
C HIS O 628 -44.41 30.33 -61.71
N PHE O 629 -44.60 31.54 -61.17
CA PHE O 629 -43.71 32.64 -61.53
C PHE O 629 -42.61 32.83 -60.50
N HIS O 630 -42.93 33.58 -59.45
CA HIS O 630 -42.00 33.80 -58.35
C HIS O 630 -42.65 33.25 -57.10
N PRO O 631 -42.58 31.92 -56.93
CA PRO O 631 -43.34 31.14 -55.94
C PRO O 631 -43.01 31.48 -54.49
N SER O 632 -43.27 32.72 -54.09
CA SER O 632 -43.11 33.13 -52.70
C SER O 632 -44.50 33.37 -52.10
N PRO O 633 -44.79 32.76 -50.94
CA PRO O 633 -46.09 32.87 -50.28
C PRO O 633 -46.54 34.32 -50.22
N LEU O 634 -47.72 34.61 -50.76
CA LEU O 634 -48.20 35.99 -50.81
C LEU O 634 -48.32 36.61 -49.42
N MET O 635 -48.65 35.77 -48.43
CA MET O 635 -48.76 36.24 -47.05
C MET O 635 -47.38 36.37 -46.42
N GLY O 636 -46.36 35.90 -47.15
CA GLY O 636 -44.99 36.01 -46.69
C GLY O 636 -44.40 34.71 -46.19
N GLY O 637 -43.10 34.54 -46.37
CA GLY O 637 -42.42 33.35 -45.87
C GLY O 637 -41.69 32.56 -46.94
N PHE O 638 -41.52 31.27 -46.67
CA PHE O 638 -40.77 30.40 -47.56
C PHE O 638 -41.69 29.48 -48.36
N GLY O 639 -41.64 29.61 -49.67
CA GLY O 639 -42.42 28.77 -50.56
C GLY O 639 -41.73 27.43 -50.74
N LEU O 640 -42.41 26.36 -50.34
CA LEU O 640 -41.81 25.03 -50.37
C LEU O 640 -42.60 24.08 -51.25
N LYS O 641 -41.89 23.40 -52.14
CA LYS O 641 -42.46 22.31 -52.93
C LYS O 641 -42.92 21.22 -51.98
N HIS O 642 -42.02 20.83 -51.08
CA HIS O 642 -42.31 19.80 -50.09
C HIS O 642 -42.09 20.34 -48.68
N PRO O 643 -43.14 20.92 -48.09
CA PRO O 643 -43.12 21.54 -46.76
C PRO O 643 -43.40 20.52 -45.66
N PRO O 644 -43.02 20.85 -44.41
CA PRO O 644 -43.26 19.97 -43.26
C PRO O 644 -44.64 19.32 -43.34
N PRO O 645 -44.67 18.01 -43.60
CA PRO O 645 -45.90 17.24 -43.82
C PRO O 645 -46.90 17.44 -42.69
N GLN O 646 -48.14 17.06 -42.94
CA GLN O 646 -49.19 17.19 -41.94
C GLN O 646 -49.18 16.02 -40.97
N ILE O 647 -49.23 16.32 -39.68
CA ILE O 647 -49.27 15.29 -38.65
C ILE O 647 -50.69 15.18 -38.09
N MET O 648 -51.33 14.02 -38.34
CA MET O 648 -52.69 13.78 -37.87
C MET O 648 -52.74 13.08 -36.53
N ILE O 649 -53.87 13.27 -35.84
CA ILE O 649 -54.07 12.73 -34.50
C ILE O 649 -55.56 12.52 -34.29
N LYS O 650 -55.92 11.45 -33.60
CA LYS O 650 -57.33 11.18 -33.29
C LYS O 650 -57.46 10.10 -32.23
N ASN O 651 -58.49 10.22 -31.40
CA ASN O 651 -58.73 9.24 -30.36
C ASN O 651 -59.41 8.00 -30.93
N THR O 652 -58.79 6.84 -30.70
CA THR O 652 -59.34 5.59 -31.20
C THR O 652 -60.71 5.33 -30.58
N PRO O 653 -61.73 5.20 -31.43
CA PRO O 653 -63.13 5.00 -31.01
C PRO O 653 -63.28 3.78 -30.11
N VAL O 654 -63.95 3.97 -28.97
CA VAL O 654 -64.21 2.87 -28.05
C VAL O 654 -65.70 2.58 -27.96
N PRO O 655 -66.12 1.40 -28.48
CA PRO O 655 -67.52 0.99 -28.43
C PRO O 655 -68.04 0.95 -27.00
N ALA O 656 -69.17 1.61 -26.76
CA ALA O 656 -69.84 1.51 -25.47
C ALA O 656 -70.37 0.09 -25.32
N ASN O 657 -71.43 -0.06 -24.55
CA ASN O 657 -71.97 -1.39 -24.30
C ASN O 657 -72.78 -1.95 -25.46
N PRO O 658 -72.41 -3.15 -25.92
CA PRO O 658 -73.08 -3.88 -27.03
C PRO O 658 -74.19 -4.80 -26.53
N PRO O 659 -75.17 -5.10 -27.39
CA PRO O 659 -76.32 -5.97 -27.12
C PRO O 659 -75.97 -7.45 -27.20
N THR O 660 -76.70 -8.28 -26.45
CA THR O 660 -76.50 -9.72 -26.48
C THR O 660 -76.98 -10.33 -27.81
N THR O 661 -77.82 -9.59 -28.52
CA THR O 661 -78.29 -10.01 -29.83
C THR O 661 -77.54 -9.26 -30.94
N PHE O 662 -77.26 -9.95 -32.04
CA PHE O 662 -76.47 -9.38 -33.13
C PHE O 662 -77.24 -8.30 -33.90
N SER O 663 -76.54 -7.20 -34.18
CA SER O 663 -77.12 -6.11 -34.96
C SER O 663 -76.23 -5.71 -36.12
N PRO O 664 -76.78 -5.74 -37.34
CA PRO O 664 -76.05 -5.35 -38.56
C PRO O 664 -75.96 -3.84 -38.65
N ALA O 665 -76.77 -3.14 -37.85
CA ALA O 665 -76.83 -1.68 -37.89
C ALA O 665 -75.47 -1.06 -37.57
N LYS O 666 -75.15 0.03 -38.27
CA LYS O 666 -73.91 0.76 -38.04
C LYS O 666 -73.79 1.12 -36.58
N PHE O 667 -72.60 0.92 -36.02
CA PHE O 667 -72.36 1.19 -34.60
C PHE O 667 -72.23 2.69 -34.36
N ALA O 668 -72.95 3.20 -33.37
CA ALA O 668 -72.94 4.63 -33.09
C ALA O 668 -72.98 4.94 -31.59
N SER O 669 -72.89 3.90 -30.76
CA SER O 669 -72.85 4.08 -29.31
C SER O 669 -71.42 3.89 -28.77
N PHE O 670 -70.74 5.00 -28.54
CA PHE O 670 -69.35 4.96 -28.09
C PHE O 670 -69.14 5.59 -26.71
N ILE O 671 -68.06 5.18 -26.06
CA ILE O 671 -67.66 5.77 -24.80
C ILE O 671 -66.99 7.12 -25.07
N THR O 672 -67.45 8.15 -24.36
CA THR O 672 -66.94 9.50 -24.54
C THR O 672 -65.59 9.65 -23.86
N GLN O 673 -64.60 10.10 -24.62
CA GLN O 673 -63.23 10.21 -24.11
C GLN O 673 -62.40 11.24 -24.88
N TYR O 674 -61.45 11.85 -24.17
CA TYR O 674 -60.55 12.83 -24.78
C TYR O 674 -59.10 12.49 -24.41
N SER O 675 -58.17 12.89 -25.27
CA SER O 675 -56.76 12.62 -25.05
C SER O 675 -55.98 13.89 -24.71
N THR O 676 -54.83 13.72 -24.07
CA THR O 676 -53.99 14.85 -23.71
C THR O 676 -52.54 14.39 -23.57
N GLY O 677 -51.61 15.33 -23.76
CA GLY O 677 -50.20 15.00 -23.66
C GLY O 677 -49.33 16.16 -24.10
N GLN O 678 -48.04 15.90 -24.25
CA GLN O 678 -47.11 16.93 -24.69
C GLN O 678 -46.65 16.71 -26.12
N VAL O 679 -46.20 17.79 -26.75
CA VAL O 679 -45.66 17.73 -28.09
C VAL O 679 -44.42 18.60 -28.14
N SER O 680 -43.42 18.16 -28.90
CA SER O 680 -42.16 18.88 -28.99
C SER O 680 -41.70 19.07 -30.44
N VAL O 681 -41.36 20.31 -30.78
CA VAL O 681 -40.90 20.64 -32.13
C VAL O 681 -39.56 21.38 -32.11
N GLU O 682 -38.53 20.75 -32.68
CA GLU O 682 -37.20 21.32 -32.74
C GLU O 682 -36.85 21.73 -34.18
N ILE O 683 -36.47 22.98 -34.35
CA ILE O 683 -36.11 23.47 -35.69
C ILE O 683 -34.75 24.17 -35.70
N GLU O 684 -33.94 23.81 -36.70
CA GLU O 684 -32.65 24.44 -36.87
C GLU O 684 -32.75 25.52 -37.92
N TRP O 685 -32.04 26.62 -37.70
CA TRP O 685 -32.13 27.78 -38.57
C TRP O 685 -30.75 28.19 -39.03
N GLU O 686 -30.57 28.27 -40.34
CA GLU O 686 -29.31 28.78 -40.88
C GLU O 686 -29.38 30.30 -40.89
N LEU O 687 -28.27 30.95 -40.56
CA LEU O 687 -28.25 32.40 -40.48
C LEU O 687 -27.31 33.02 -41.49
N GLN O 688 -27.65 34.22 -41.96
CA GLN O 688 -26.75 35.00 -42.79
C GLN O 688 -26.29 36.22 -42.01
N LYS O 689 -25.03 36.21 -41.60
CA LYS O 689 -24.49 37.28 -40.78
C LYS O 689 -24.42 38.62 -41.51
N GLU O 690 -24.27 39.69 -40.75
CA GLU O 690 -24.24 41.04 -41.28
C GLU O 690 -22.83 41.48 -41.63
N ASN O 691 -22.64 41.95 -42.86
CA ASN O 691 -21.33 42.45 -43.29
C ASN O 691 -21.47 43.81 -43.96
N SER O 692 -21.57 44.86 -43.15
CA SER O 692 -21.79 46.21 -43.65
C SER O 692 -20.67 47.14 -43.21
N LYS O 693 -20.28 48.06 -44.09
CA LYS O 693 -19.28 49.07 -43.76
C LYS O 693 -19.93 50.41 -43.48
N ARG O 694 -21.20 50.37 -43.09
CA ARG O 694 -21.92 51.55 -42.63
C ARG O 694 -21.17 52.16 -41.45
N TRP O 695 -20.85 53.45 -41.54
CA TRP O 695 -20.13 54.12 -40.47
C TRP O 695 -21.04 54.44 -39.28
N ASN O 696 -22.09 55.21 -39.55
CA ASN O 696 -23.04 55.60 -38.51
C ASN O 696 -23.91 54.43 -38.07
N PRO O 697 -24.46 54.52 -36.85
CA PRO O 697 -25.31 53.45 -36.30
C PRO O 697 -26.54 53.20 -37.16
N GLU O 698 -26.97 51.94 -37.22
CA GLU O 698 -28.22 51.59 -37.89
C GLU O 698 -29.34 51.56 -36.86
N ILE O 699 -30.57 51.44 -37.33
CA ILE O 699 -31.71 51.42 -36.41
C ILE O 699 -31.94 50.02 -35.85
N GLN O 700 -32.26 49.96 -34.57
CA GLN O 700 -32.44 48.69 -33.88
C GLN O 700 -33.81 48.66 -33.22
N TYR O 701 -34.41 47.47 -33.12
CA TYR O 701 -35.64 47.33 -32.36
C TYR O 701 -35.31 47.36 -30.87
N THR O 702 -36.17 48.02 -30.09
CA THR O 702 -35.91 48.19 -28.66
C THR O 702 -37.19 48.42 -27.88
N SER O 703 -37.14 48.13 -26.57
CA SER O 703 -38.25 48.42 -25.67
C SER O 703 -38.16 49.84 -25.15
N ASN O 704 -39.30 50.44 -24.87
CA ASN O 704 -39.33 51.79 -24.31
C ASN O 704 -38.82 51.77 -22.88
N TYR O 705 -37.67 52.39 -22.66
CA TYR O 705 -37.02 52.39 -21.36
C TYR O 705 -37.79 53.22 -20.34
N ASN O 706 -38.82 53.93 -20.81
CA ASN O 706 -39.59 54.82 -19.95
C ASN O 706 -40.40 54.08 -18.90
N LYS O 707 -40.78 54.80 -17.84
CA LYS O 707 -41.64 54.24 -16.81
C LYS O 707 -42.95 53.79 -17.45
N SER O 708 -43.27 52.51 -17.31
CA SER O 708 -44.40 51.94 -18.04
C SER O 708 -45.40 51.19 -17.17
N VAL O 709 -46.63 51.07 -17.69
CA VAL O 709 -47.70 50.33 -17.03
C VAL O 709 -47.37 48.85 -16.96
N ASN O 710 -47.67 48.14 -18.05
CA ASN O 710 -47.37 46.72 -18.17
C ASN O 710 -46.13 46.52 -19.01
N VAL O 711 -45.48 45.37 -18.84
CA VAL O 711 -44.27 45.06 -19.58
C VAL O 711 -44.59 44.45 -20.95
N ASP O 712 -43.95 44.99 -21.99
CA ASP O 712 -44.17 44.52 -23.35
C ASP O 712 -43.95 43.02 -23.48
N PHE O 713 -44.94 42.33 -24.05
CA PHE O 713 -44.86 40.88 -24.25
C PHE O 713 -44.81 40.17 -22.90
N THR O 714 -45.94 40.15 -22.21
CA THR O 714 -45.99 39.64 -20.84
C THR O 714 -47.43 39.34 -20.43
N VAL O 715 -47.58 38.53 -19.38
CA VAL O 715 -48.88 38.27 -18.78
C VAL O 715 -49.33 39.48 -17.98
N ASP O 716 -50.63 39.56 -17.72
CA ASP O 716 -51.19 40.68 -16.97
C ASP O 716 -51.54 40.31 -15.53
N THR O 717 -52.50 41.03 -14.96
CA THR O 717 -52.86 40.86 -13.56
C THR O 717 -53.55 39.52 -13.29
N ASN O 718 -54.18 38.95 -14.31
CA ASN O 718 -54.88 37.67 -14.15
C ASN O 718 -54.41 36.57 -15.12
N GLY O 719 -53.17 36.70 -15.59
CA GLY O 719 -52.53 35.63 -16.35
C GLY O 719 -52.95 35.48 -17.79
N VAL O 720 -52.66 36.49 -18.61
CA VAL O 720 -52.93 36.44 -20.04
C VAL O 720 -51.79 37.05 -20.84
N TYR O 721 -51.07 36.22 -21.58
CA TYR O 721 -49.99 36.70 -22.43
C TYR O 721 -50.57 37.53 -23.56
N SER O 722 -49.90 38.63 -23.90
CA SER O 722 -50.37 39.52 -24.94
C SER O 722 -49.20 40.11 -25.75
N GLU O 723 -49.30 40.00 -27.08
CA GLU O 723 -48.29 40.58 -27.97
C GLU O 723 -48.70 41.99 -28.37
N PRO O 724 -48.04 43.01 -27.77
CA PRO O 724 -48.32 44.43 -28.01
C PRO O 724 -48.40 44.78 -29.50
N ARG O 725 -47.26 44.78 -30.18
CA ARG O 725 -47.21 45.21 -31.58
C ARG O 725 -46.69 44.10 -32.49
N PRO O 726 -46.90 44.25 -33.81
CA PRO O 726 -46.26 43.36 -34.77
C PRO O 726 -44.77 43.69 -34.87
N ILE O 727 -43.95 42.70 -35.18
CA ILE O 727 -42.51 42.91 -35.29
C ILE O 727 -41.99 42.67 -36.71
N GLY O 728 -41.49 43.72 -37.34
CA GLY O 728 -40.90 43.61 -38.66
C GLY O 728 -39.62 42.81 -38.59
N THR O 729 -38.91 42.71 -39.72
CA THR O 729 -37.68 41.96 -39.77
C THR O 729 -36.56 42.80 -40.37
N ARG O 730 -36.96 43.92 -40.97
CA ARG O 730 -36.02 44.77 -41.69
C ARG O 730 -35.57 45.97 -40.86
N TYR O 731 -34.46 45.81 -40.15
CA TYR O 731 -33.88 46.88 -39.34
C TYR O 731 -32.46 47.22 -39.78
N LEU O 732 -31.82 46.29 -40.48
CA LEU O 732 -30.45 46.49 -40.94
C LEU O 732 -30.41 46.91 -42.41
N THR O 733 -29.40 47.70 -42.77
CA THR O 733 -29.33 48.25 -44.13
C THR O 733 -28.24 47.64 -44.99
N ARG O 734 -28.61 47.28 -46.22
CA ARG O 734 -27.68 46.83 -47.23
C ARG O 734 -27.90 47.65 -48.49
N ASN O 735 -26.88 47.76 -49.33
CA ASN O 735 -26.99 48.56 -50.54
C ASN O 735 -27.67 47.81 -51.69
N LEU O 736 -27.68 48.44 -52.86
CA LEU O 736 -28.25 47.82 -54.06
C LEU O 736 -27.15 47.39 -55.03
N GLY P 217 13.17 -62.99 31.07
CA GLY P 217 12.72 -64.28 30.57
C GLY P 217 11.28 -64.57 30.94
N ALA P 218 10.55 -65.21 30.03
CA ALA P 218 9.15 -65.53 30.25
C ALA P 218 8.76 -66.86 29.58
N ASP P 219 8.44 -67.86 30.41
CA ASP P 219 8.02 -69.17 29.91
C ASP P 219 6.83 -69.74 30.70
N GLY P 220 6.69 -71.07 30.69
CA GLY P 220 5.49 -71.70 31.21
C GLY P 220 5.59 -72.48 32.51
N VAL P 221 4.57 -73.30 32.77
CA VAL P 221 4.46 -74.07 34.00
C VAL P 221 5.38 -75.29 34.01
N GLY P 222 5.23 -76.14 33.00
CA GLY P 222 6.03 -77.34 32.89
C GLY P 222 7.30 -77.10 32.08
N ASN P 223 8.00 -76.02 32.40
CA ASN P 223 9.24 -75.68 31.72
C ASN P 223 10.21 -74.99 32.68
N SER P 224 11.28 -75.70 33.03
CA SER P 224 12.27 -75.17 33.96
C SER P 224 12.87 -73.84 33.48
N SER P 225 12.88 -72.85 34.37
CA SER P 225 13.39 -71.53 34.03
C SER P 225 14.89 -71.38 34.29
N GLY P 226 15.61 -72.50 34.31
CA GLY P 226 17.05 -72.46 34.53
C GLY P 226 17.67 -73.83 34.77
N ASN P 227 18.98 -73.92 34.58
CA ASN P 227 19.72 -75.16 34.81
C ASN P 227 20.65 -75.08 36.02
N TRP P 228 21.16 -76.25 36.43
CA TRP P 228 22.05 -76.33 37.59
C TRP P 228 23.49 -76.09 37.18
N HIS P 229 23.92 -74.83 37.25
CA HIS P 229 25.30 -74.49 36.91
C HIS P 229 26.17 -74.38 38.15
N CYS P 230 26.93 -75.43 38.44
CA CYS P 230 27.88 -75.39 39.55
C CYS P 230 29.19 -76.05 39.14
N ASP P 231 30.17 -75.22 38.84
CA ASP P 231 31.46 -75.71 38.37
C ASP P 231 32.49 -74.59 38.41
N SER P 232 33.76 -74.95 38.31
CA SER P 232 34.82 -73.95 38.23
C SER P 232 35.99 -74.49 37.44
N GLN P 233 36.43 -73.69 36.46
CA GLN P 233 37.62 -74.02 35.69
C GLN P 233 38.57 -72.83 35.72
N TRP P 234 39.83 -73.08 35.38
CA TRP P 234 40.86 -72.06 35.50
C TRP P 234 41.37 -71.58 34.16
N LEU P 235 41.83 -70.33 34.12
CA LEU P 235 42.37 -69.74 32.90
C LEU P 235 43.83 -69.37 33.06
N GLY P 236 44.43 -69.78 34.18
CA GLY P 236 45.82 -69.48 34.47
C GLY P 236 46.02 -68.01 34.77
N ASP P 237 45.21 -67.17 34.13
CA ASP P 237 45.27 -65.74 34.33
C ASP P 237 44.12 -65.30 35.24
N ARG P 238 43.10 -66.14 35.33
CA ARG P 238 41.92 -65.85 36.12
C ARG P 238 41.11 -67.11 36.33
N VAL P 239 40.14 -67.05 37.24
CA VAL P 239 39.31 -68.21 37.54
C VAL P 239 37.84 -67.84 37.73
N ILE P 240 36.96 -68.61 37.12
CA ILE P 240 35.53 -68.37 37.23
C ILE P 240 34.86 -69.42 38.10
N THR P 241 34.19 -68.96 39.16
CA THR P 241 33.51 -69.83 40.09
C THR P 241 31.99 -69.74 39.92
N THR P 242 31.39 -70.86 39.52
CA THR P 242 29.95 -70.95 39.37
C THR P 242 29.37 -71.79 40.50
N SER P 243 28.32 -71.27 41.15
CA SER P 243 27.72 -71.96 42.28
C SER P 243 26.20 -71.93 42.23
N THR P 244 25.57 -73.08 42.46
CA THR P 244 24.11 -73.17 42.49
C THR P 244 23.66 -73.92 43.75
N ARG P 245 22.67 -73.38 44.43
CA ARG P 245 22.13 -74.00 45.64
C ARG P 245 20.61 -73.95 45.63
N THR P 246 19.99 -74.80 46.43
CA THR P 246 18.55 -74.78 46.59
C THR P 246 18.19 -74.00 47.85
N TRP P 247 17.20 -73.12 47.73
CA TRP P 247 16.82 -72.26 48.85
C TRP P 247 15.35 -72.44 49.20
N ALA P 248 15.00 -72.11 50.44
CA ALA P 248 13.62 -72.14 50.88
C ALA P 248 13.30 -70.87 51.65
N LEU P 249 12.10 -70.33 51.44
CA LEU P 249 11.71 -69.06 52.06
C LEU P 249 10.34 -69.12 52.72
N PRO P 250 10.30 -68.91 54.04
CA PRO P 250 9.06 -68.84 54.82
C PRO P 250 8.41 -67.47 54.70
N THR P 251 7.29 -67.29 55.38
CA THR P 251 6.69 -65.97 55.48
C THR P 251 7.12 -65.36 56.81
N TYR P 252 8.01 -64.38 56.75
CA TYR P 252 8.54 -63.78 57.96
C TYR P 252 7.63 -62.70 58.51
N ASN P 253 7.68 -62.50 59.83
CA ASN P 253 6.92 -61.44 60.50
C ASN P 253 5.45 -61.39 60.14
N ASN P 254 4.92 -62.49 59.61
CA ASN P 254 3.50 -62.56 59.28
C ASN P 254 3.07 -61.41 58.37
N HIS P 255 3.82 -61.21 57.28
CA HIS P 255 3.53 -60.15 56.32
C HIS P 255 3.48 -58.78 56.98
N LEU P 256 4.25 -58.59 58.05
CA LEU P 256 4.20 -57.34 58.81
C LEU P 256 5.58 -56.74 59.09
N TYR P 257 5.64 -55.41 59.07
CA TYR P 257 6.82 -54.69 59.54
C TYR P 257 6.63 -54.43 61.02
N LYS P 258 7.62 -54.84 61.82
CA LYS P 258 7.52 -54.70 63.26
C LYS P 258 8.63 -53.82 63.84
N GLN P 259 8.24 -52.92 64.75
CA GLN P 259 9.21 -52.10 65.45
C GLN P 259 9.85 -52.89 66.58
N ILE P 260 11.15 -53.15 66.46
CA ILE P 260 11.89 -53.85 67.51
C ILE P 260 12.79 -52.89 68.27
N SER P 261 13.13 -53.26 69.50
CA SER P 261 13.92 -52.40 70.36
C SER P 261 14.49 -53.18 71.54
N SER P 262 15.32 -52.51 72.33
CA SER P 262 15.94 -53.13 73.50
C SER P 262 14.94 -53.35 74.61
N GLN P 263 15.14 -54.43 75.36
CA GLN P 263 14.27 -54.77 76.48
C GLN P 263 14.27 -53.65 77.51
N SER P 264 13.11 -53.38 78.09
CA SER P 264 13.00 -52.34 79.12
C SER P 264 13.91 -52.67 80.31
N GLY P 265 15.13 -52.13 80.27
CA GLY P 265 16.09 -52.36 81.33
C GLY P 265 16.59 -53.79 81.42
N ALA P 266 17.14 -54.30 80.32
CA ALA P 266 17.71 -55.64 80.30
C ALA P 266 19.22 -55.58 80.08
N SER P 267 19.68 -54.53 79.41
CA SER P 267 21.11 -54.37 79.15
C SER P 267 21.42 -52.91 78.75
N ASN P 268 22.66 -52.47 78.98
CA ASN P 268 23.04 -51.08 78.74
C ASN P 268 23.88 -50.84 77.49
N ASP P 269 24.95 -51.63 77.32
CA ASP P 269 25.80 -51.50 76.14
C ASP P 269 25.17 -52.21 74.95
N ASN P 270 24.01 -52.81 75.17
CA ASN P 270 23.34 -53.57 74.13
C ASN P 270 21.99 -52.96 73.75
N HIS P 271 21.76 -51.71 74.18
CA HIS P 271 20.55 -51.00 73.80
C HIS P 271 20.49 -50.83 72.29
N TYR P 272 19.28 -50.81 71.74
CA TYR P 272 19.11 -50.70 70.29
C TYR P 272 17.68 -50.36 69.89
N PHE P 273 17.53 -49.89 68.66
CA PHE P 273 16.21 -49.61 68.09
C PHE P 273 16.24 -49.81 66.58
N GLY P 274 15.26 -50.55 66.07
CA GLY P 274 15.18 -50.83 64.65
C GLY P 274 13.84 -51.43 64.26
N TYR P 275 13.84 -52.16 63.15
CA TYR P 275 12.62 -52.76 62.63
C TYR P 275 12.84 -54.14 62.04
N SER P 276 11.78 -54.94 62.02
CA SER P 276 11.82 -56.27 61.42
C SER P 276 10.94 -56.31 60.19
N THR P 277 11.53 -56.71 59.06
CA THR P 277 10.82 -56.68 57.78
C THR P 277 10.39 -58.08 57.35
N PRO P 278 9.27 -58.16 56.62
CA PRO P 278 8.72 -59.40 56.09
C PRO P 278 9.56 -59.96 54.94
N TRP P 279 10.66 -59.29 54.62
CA TRP P 279 11.50 -59.69 53.49
C TRP P 279 12.65 -60.61 53.92
N GLY P 280 13.08 -61.45 52.99
CA GLY P 280 14.26 -62.26 53.17
C GLY P 280 15.36 -61.73 52.26
N TYR P 281 16.53 -62.35 52.28
CA TYR P 281 17.62 -61.87 51.45
C TYR P 281 18.61 -62.98 51.12
N PHE P 282 19.38 -62.79 50.05
CA PHE P 282 20.38 -63.75 49.64
C PHE P 282 21.77 -63.27 50.03
N ASP P 283 22.62 -64.21 50.42
CA ASP P 283 23.97 -63.86 50.82
C ASP P 283 24.96 -64.98 50.47
N PHE P 284 26.17 -64.60 50.12
CA PHE P 284 27.23 -65.54 49.81
C PHE P 284 28.57 -64.91 50.15
N ASN P 285 28.57 -64.06 51.16
CA ASN P 285 29.77 -63.36 51.58
C ASN P 285 30.74 -64.26 52.34
N ARG P 286 30.83 -65.51 51.90
CA ARG P 286 31.77 -66.48 52.45
C ARG P 286 32.50 -67.13 51.30
N PHE P 287 33.80 -67.31 51.42
CA PHE P 287 34.57 -67.88 50.32
C PHE P 287 34.14 -69.30 49.97
N HIS P 288 33.75 -70.08 50.98
CA HIS P 288 33.38 -71.47 50.76
C HIS P 288 32.07 -71.59 49.98
N CYS P 289 31.42 -70.44 49.77
CA CYS P 289 30.22 -70.38 48.95
C CYS P 289 30.57 -70.62 47.48
N HIS P 290 31.81 -70.31 47.11
CA HIS P 290 32.22 -70.32 45.70
C HIS P 290 33.34 -71.30 45.40
N PHE P 291 34.34 -71.35 46.28
CA PHE P 291 35.47 -72.25 46.09
C PHE P 291 35.27 -73.57 46.81
N SER P 292 35.66 -74.66 46.16
CA SER P 292 35.68 -75.95 46.82
C SER P 292 36.98 -76.07 47.59
N PRO P 293 37.06 -77.01 48.54
CA PRO P 293 38.29 -77.26 49.28
C PRO P 293 39.49 -77.38 48.34
N ARG P 294 39.34 -78.22 47.30
CA ARG P 294 40.41 -78.45 46.34
C ARG P 294 40.83 -77.17 45.62
N ASP P 295 39.85 -76.47 45.05
CA ASP P 295 40.12 -75.21 44.34
C ASP P 295 40.89 -74.25 45.23
N TRP P 296 40.41 -74.08 46.45
CA TRP P 296 41.05 -73.21 47.41
C TRP P 296 42.51 -73.59 47.56
N GLN P 297 42.81 -74.88 47.50
CA GLN P 297 44.18 -75.36 47.59
C GLN P 297 45.03 -74.86 46.43
N ARG P 298 44.56 -75.12 45.21
CA ARG P 298 45.25 -74.65 44.01
C ARG P 298 45.50 -73.16 44.12
N LEU P 299 44.45 -72.43 44.42
CA LEU P 299 44.52 -70.98 44.59
C LEU P 299 45.65 -70.59 45.54
N ILE P 300 45.54 -71.08 46.78
CA ILE P 300 46.48 -70.72 47.85
C ILE P 300 47.92 -71.02 47.49
N ASN P 301 48.17 -72.23 46.99
CA ASN P 301 49.52 -72.73 46.80
C ASN P 301 50.22 -72.20 45.55
N ASN P 302 49.53 -71.39 44.76
CA ASN P 302 50.06 -71.01 43.45
C ASN P 302 50.12 -69.51 43.14
N ASN P 303 49.32 -68.72 43.84
CA ASN P 303 49.17 -67.31 43.46
C ASN P 303 49.61 -66.28 44.50
N TRP P 304 50.41 -65.32 44.06
CA TRP P 304 50.82 -64.19 44.89
C TRP P 304 49.62 -63.48 45.52
N GLY P 305 48.55 -63.34 44.74
CA GLY P 305 47.35 -62.65 45.20
C GLY P 305 46.16 -62.87 44.28
N PHE P 306 45.00 -62.36 44.67
CA PHE P 306 43.78 -62.52 43.87
C PHE P 306 42.74 -61.46 44.20
N ARG P 307 41.68 -61.40 43.40
CA ARG P 307 40.64 -60.39 43.59
C ARG P 307 39.37 -60.74 42.80
N PRO P 308 38.23 -60.15 43.19
CA PRO P 308 36.95 -60.30 42.50
C PRO P 308 36.88 -59.39 41.27
N LYS P 309 36.13 -59.83 40.26
CA LYS P 309 36.00 -59.05 39.03
C LYS P 309 34.55 -58.82 38.60
N LYS P 310 33.86 -59.90 38.23
CA LYS P 310 32.48 -59.80 37.76
C LYS P 310 31.53 -60.64 38.62
N LEU P 311 30.24 -60.53 38.34
CA LEU P 311 29.21 -61.22 39.11
C LEU P 311 27.96 -61.49 38.29
N SER P 312 27.39 -62.69 38.45
CA SER P 312 26.16 -63.06 37.75
C SER P 312 25.18 -63.74 38.70
N PHE P 313 24.07 -63.07 38.95
CA PHE P 313 23.07 -63.59 39.87
C PHE P 313 21.82 -64.07 39.12
N LYS P 314 21.36 -65.28 39.45
CA LYS P 314 20.21 -65.86 38.75
C LYS P 314 19.27 -66.61 39.70
N LEU P 315 17.98 -66.31 39.59
CA LEU P 315 16.95 -67.00 40.35
C LEU P 315 16.00 -67.74 39.41
N PHE P 316 15.69 -68.98 39.73
CA PHE P 316 14.90 -69.81 38.83
C PHE P 316 14.21 -71.00 39.51
N ASN P 317 13.48 -71.77 38.70
CA ASN P 317 12.79 -72.97 39.16
C ASN P 317 11.95 -72.73 40.40
N ILE P 318 11.28 -71.58 40.44
CA ILE P 318 10.51 -71.17 41.59
C ILE P 318 9.21 -71.96 41.74
N GLN P 319 8.92 -72.37 42.97
CA GLN P 319 7.70 -73.10 43.29
C GLN P 319 7.10 -72.52 44.57
N VAL P 320 5.81 -72.21 44.52
CA VAL P 320 5.12 -71.70 45.70
C VAL P 320 4.16 -72.74 46.27
N LYS P 321 4.54 -73.30 47.42
CA LYS P 321 3.71 -74.28 48.09
C LYS P 321 2.93 -73.63 49.23
N GLU P 322 1.63 -73.89 49.26
CA GLU P 322 0.80 -73.40 50.36
C GLU P 322 0.35 -74.57 51.24
N VAL P 323 0.47 -74.39 52.55
CA VAL P 323 0.21 -75.46 53.51
C VAL P 323 -1.07 -75.22 54.30
N THR P 324 -1.78 -76.31 54.61
CA THR P 324 -3.00 -76.22 55.40
C THR P 324 -3.02 -77.29 56.49
N GLN P 325 -3.25 -76.86 57.73
CA GLN P 325 -3.39 -77.78 58.84
C GLN P 325 -4.87 -78.08 59.06
N ASN P 326 -5.33 -79.20 58.51
CA ASN P 326 -6.75 -79.55 58.54
C ASN P 326 -7.22 -80.09 59.90
N ASP P 327 -6.78 -81.30 60.23
CA ASP P 327 -7.10 -81.90 61.53
C ASP P 327 -5.84 -82.06 62.36
N GLY P 328 -5.13 -83.15 62.13
CA GLY P 328 -3.84 -83.37 62.76
C GLY P 328 -2.83 -83.70 61.68
N THR P 329 -3.13 -83.28 60.46
CA THR P 329 -2.29 -83.57 59.30
C THR P 329 -2.01 -82.32 58.46
N THR P 330 -0.73 -82.02 58.27
CA THR P 330 -0.35 -80.90 57.42
C THR P 330 -0.22 -81.33 55.96
N THR P 331 -1.09 -80.78 55.12
CA THR P 331 -1.04 -81.08 53.69
C THR P 331 -0.40 -79.92 52.94
N ILE P 332 0.50 -80.24 52.02
CA ILE P 332 1.18 -79.22 51.23
C ILE P 332 0.89 -79.42 49.74
N ALA P 333 0.54 -78.33 49.06
CA ALA P 333 0.20 -78.42 47.64
C ALA P 333 0.73 -77.23 46.84
N ASN P 334 0.34 -77.16 45.58
CA ASN P 334 0.81 -76.11 44.67
C ASN P 334 -0.19 -74.96 44.50
N ASN P 335 0.28 -73.74 44.77
CA ASN P 335 -0.49 -72.55 44.45
C ASN P 335 0.17 -71.86 43.26
N LEU P 336 -0.16 -72.33 42.07
CA LEU P 336 0.50 -71.88 40.85
C LEU P 336 0.33 -70.39 40.60
N THR P 337 -0.86 -69.87 40.84
CA THR P 337 -1.17 -68.47 40.57
C THR P 337 -0.55 -67.51 41.57
N SER P 338 0.31 -68.02 42.46
CA SER P 338 0.96 -67.16 43.44
C SER P 338 2.32 -66.67 42.95
N THR P 339 2.73 -65.51 43.44
CA THR P 339 3.97 -64.88 43.00
C THR P 339 4.96 -64.65 44.13
N VAL P 340 6.19 -64.31 43.76
CA VAL P 340 7.22 -63.92 44.71
C VAL P 340 7.84 -62.63 44.22
N GLN P 341 8.44 -61.85 45.12
CA GLN P 341 8.95 -60.53 44.74
C GLN P 341 10.44 -60.35 45.01
N VAL P 342 11.16 -59.89 43.99
CA VAL P 342 12.60 -59.67 44.09
C VAL P 342 12.96 -58.24 43.69
N PHE P 343 13.98 -57.70 44.33
CA PHE P 343 14.58 -56.44 43.89
C PHE P 343 15.96 -56.24 44.49
N THR P 344 16.79 -55.49 43.80
CA THR P 344 18.17 -55.31 44.21
C THR P 344 18.47 -53.86 44.56
N ASP P 345 18.93 -53.64 45.78
CA ASP P 345 19.29 -52.30 46.24
C ASP P 345 20.58 -51.85 45.58
N SER P 346 20.46 -51.28 44.38
CA SER P 346 21.62 -50.84 43.62
C SER P 346 21.93 -49.37 43.84
N GLU P 347 20.93 -48.63 44.33
CA GLU P 347 21.12 -47.23 44.68
C GLU P 347 21.64 -47.11 46.10
N TYR P 348 21.80 -48.26 46.75
CA TYR P 348 22.29 -48.34 48.13
C TYR P 348 21.49 -47.44 49.06
N GLN P 349 20.17 -47.60 49.02
CA GLN P 349 19.29 -46.76 49.82
C GLN P 349 18.79 -47.51 51.06
N LEU P 350 18.90 -48.83 51.03
CA LEU P 350 18.58 -49.64 52.20
C LEU P 350 19.84 -49.92 53.00
N PRO P 351 19.74 -49.86 54.33
CA PRO P 351 20.88 -50.12 55.22
C PRO P 351 21.60 -51.39 54.83
N TYR P 352 22.90 -51.29 54.57
CA TYR P 352 23.68 -52.46 54.19
C TYR P 352 23.96 -53.32 55.41
N VAL P 353 23.34 -54.48 55.45
CA VAL P 353 23.40 -55.36 56.60
C VAL P 353 24.34 -56.54 56.37
N LEU P 354 24.93 -56.59 55.17
CA LEU P 354 25.89 -57.63 54.83
C LEU P 354 27.28 -57.27 55.33
N GLY P 355 28.18 -58.23 55.30
CA GLY P 355 29.55 -58.01 55.75
C GLY P 355 29.62 -57.85 57.25
N SER P 356 28.74 -58.57 57.96
CA SER P 356 28.71 -58.54 59.42
C SER P 356 28.78 -59.95 60.00
N ALA P 357 29.31 -60.88 59.20
CA ALA P 357 29.53 -62.25 59.65
C ALA P 357 28.24 -62.98 60.02
N HIS P 358 27.11 -62.48 59.53
CA HIS P 358 25.83 -63.11 59.83
C HIS P 358 25.72 -64.47 59.16
N GLN P 359 24.77 -65.27 59.61
CA GLN P 359 24.56 -66.60 59.06
C GLN P 359 23.44 -66.58 58.04
N GLY P 360 23.34 -67.66 57.25
CA GLY P 360 22.32 -67.75 56.21
C GLY P 360 22.91 -67.68 54.83
N CYS P 361 24.23 -67.78 54.75
CA CYS P 361 24.93 -67.77 53.47
C CYS P 361 24.61 -69.04 52.68
N LEU P 362 25.30 -69.23 51.57
CA LEU P 362 25.14 -70.45 50.81
C LEU P 362 25.94 -71.57 51.46
N PRO P 363 25.35 -72.78 51.52
CA PRO P 363 26.01 -73.95 52.12
C PRO P 363 27.35 -74.24 51.46
N PRO P 364 28.38 -74.56 52.26
CA PRO P 364 29.68 -74.93 51.70
C PRO P 364 29.51 -76.12 50.76
N PHE P 365 28.75 -77.11 51.20
CA PHE P 365 28.48 -78.30 50.41
C PHE P 365 27.27 -78.04 49.50
N PRO P 366 27.45 -78.31 48.19
CA PRO P 366 26.46 -78.04 47.16
C PRO P 366 25.14 -78.79 47.37
N ALA P 367 25.22 -80.00 47.91
CA ALA P 367 24.02 -80.83 48.10
C ALA P 367 23.12 -80.33 49.22
N ASP P 368 23.65 -79.47 50.09
CA ASP P 368 22.89 -78.97 51.23
C ASP P 368 21.85 -77.92 50.82
N VAL P 369 20.71 -77.93 51.51
CA VAL P 369 19.66 -76.93 51.29
C VAL P 369 19.71 -75.91 52.44
N PHE P 370 19.37 -74.66 52.13
CA PHE P 370 19.42 -73.60 53.13
C PHE P 370 18.13 -72.79 53.23
N MET P 371 17.91 -72.18 54.39
CA MET P 371 16.76 -71.31 54.60
C MET P 371 17.18 -69.87 54.37
N VAL P 372 16.37 -69.13 53.62
CA VAL P 372 16.68 -67.74 53.32
C VAL P 372 16.41 -66.85 54.53
N PRO P 373 17.45 -66.17 55.04
CA PRO P 373 17.41 -65.34 56.25
C PRO P 373 16.37 -64.23 56.16
N GLN P 374 16.11 -63.57 57.28
CA GLN P 374 15.17 -62.45 57.30
C GLN P 374 15.89 -61.12 57.41
N TYR P 375 15.32 -60.09 56.81
CA TYR P 375 15.93 -58.76 56.81
C TYR P 375 15.52 -57.96 58.05
N GLY P 376 16.52 -57.44 58.76
CA GLY P 376 16.28 -56.58 59.90
C GLY P 376 17.38 -55.54 59.97
N TYR P 377 17.01 -54.30 60.28
CA TYR P 377 18.00 -53.24 60.32
C TYR P 377 17.89 -52.39 61.58
N LEU P 378 18.98 -51.67 61.88
CA LEU P 378 19.04 -50.83 63.07
C LEU P 378 19.09 -49.36 62.68
N THR P 379 18.85 -48.48 63.65
CA THR P 379 18.86 -47.05 63.40
C THR P 379 19.45 -46.31 64.60
N LEU P 380 19.61 -45.00 64.45
CA LEU P 380 20.07 -44.16 65.52
C LEU P 380 19.16 -44.32 66.73
N ASN P 381 19.74 -44.46 67.91
CA ASN P 381 18.95 -44.64 69.14
C ASN P 381 19.54 -43.95 70.36
N ASN P 382 18.66 -43.55 71.28
CA ASN P 382 19.06 -42.97 72.55
C ASN P 382 18.66 -43.89 73.70
N GLY P 383 19.44 -44.94 73.90
CA GLY P 383 19.09 -45.96 74.86
C GLY P 383 18.08 -46.92 74.25
N SER P 384 16.95 -47.09 74.93
CA SER P 384 15.86 -47.93 74.41
C SER P 384 15.00 -47.12 73.46
N GLN P 385 15.12 -45.80 73.54
CA GLN P 385 14.35 -44.89 72.71
C GLN P 385 15.06 -44.56 71.40
N ALA P 386 14.35 -43.86 70.53
CA ALA P 386 14.92 -43.44 69.25
C ALA P 386 14.93 -41.92 69.16
N VAL P 387 15.72 -41.39 68.25
CA VAL P 387 15.80 -39.95 68.02
C VAL P 387 14.89 -39.58 66.86
N GLY P 388 14.61 -38.29 66.71
CA GLY P 388 13.81 -37.80 65.60
C GLY P 388 14.50 -37.99 64.27
N ARG P 389 15.82 -38.13 64.30
CA ARG P 389 16.62 -38.29 63.09
C ARG P 389 16.71 -39.75 62.64
N SER P 390 16.04 -40.65 63.36
CA SER P 390 16.03 -42.05 62.98
C SER P 390 15.28 -42.24 61.67
N SER P 391 15.49 -43.39 61.02
CA SER P 391 14.91 -43.62 59.70
C SER P 391 14.13 -44.94 59.62
N PHE P 392 12.90 -44.86 59.08
CA PHE P 392 12.06 -46.03 58.88
C PHE P 392 11.98 -46.38 57.40
N TYR P 393 12.29 -47.62 57.06
CA TYR P 393 12.34 -48.04 55.66
C TYR P 393 11.30 -49.10 55.32
N CYS P 394 10.56 -48.84 54.25
CA CYS P 394 9.58 -49.80 53.73
C CYS P 394 10.04 -50.33 52.38
N LEU P 395 10.31 -51.63 52.33
CA LEU P 395 10.82 -52.25 51.10
C LEU P 395 9.73 -52.41 50.05
N GLU P 396 8.51 -52.03 50.41
CA GLU P 396 7.39 -52.10 49.47
C GLU P 396 7.37 -50.85 48.61
N TYR P 397 8.05 -49.80 49.08
CA TYR P 397 8.15 -48.55 48.35
C TYR P 397 9.29 -48.62 47.34
N PHE P 398 9.78 -49.84 47.13
CA PHE P 398 10.78 -50.10 46.10
C PHE P 398 10.15 -50.90 44.98
N PRO P 399 10.41 -50.47 43.74
CA PRO P 399 9.96 -51.25 42.57
C PRO P 399 10.58 -52.64 42.61
N SER P 400 9.73 -53.66 42.58
CA SER P 400 10.21 -55.04 42.61
C SER P 400 9.54 -55.89 41.51
N GLN P 401 10.29 -56.87 41.01
CA GLN P 401 9.78 -57.77 39.99
C GLN P 401 9.06 -58.94 40.64
N MET P 402 7.81 -59.17 40.26
CA MET P 402 7.03 -60.29 40.78
C MET P 402 7.10 -61.47 39.82
N LEU P 403 7.33 -62.65 40.38
CA LEU P 403 7.54 -63.84 39.56
C LEU P 403 6.55 -64.96 39.88
N ARG P 404 5.98 -65.54 38.83
CA ARG P 404 5.15 -66.73 38.96
C ARG P 404 6.03 -67.92 38.62
N THR P 405 5.46 -69.12 38.69
CA THR P 405 6.23 -70.32 38.36
C THR P 405 6.57 -70.32 36.87
N GLY P 406 7.86 -70.28 36.55
CA GLY P 406 8.30 -70.23 35.18
C GLY P 406 8.96 -68.90 34.88
N ASN P 407 8.87 -67.98 35.84
CA ASN P 407 9.59 -66.73 35.75
C ASN P 407 10.95 -66.84 36.40
N ASN P 408 11.90 -66.03 35.95
CA ASN P 408 13.25 -66.03 36.53
C ASN P 408 13.79 -64.61 36.72
N PHE P 409 14.84 -64.51 37.54
CA PHE P 409 15.42 -63.21 37.86
C PHE P 409 16.89 -63.16 37.44
N GLN P 410 17.29 -62.04 36.85
CA GLN P 410 18.63 -61.90 36.30
C GLN P 410 19.32 -60.65 36.85
N PHE P 411 20.63 -60.75 37.10
CA PHE P 411 21.39 -59.61 37.61
C PHE P 411 22.90 -59.73 37.39
N SER P 412 23.50 -58.67 36.84
CA SER P 412 24.94 -58.62 36.60
C SER P 412 25.60 -57.42 37.27
N TYR P 413 26.74 -57.66 37.91
CA TYR P 413 27.44 -56.64 38.69
C TYR P 413 28.92 -56.65 38.35
N THR P 414 29.57 -55.48 38.49
CA THR P 414 30.99 -55.36 38.17
C THR P 414 31.78 -54.74 39.33
N PHE P 415 32.66 -55.54 39.93
CA PHE P 415 33.48 -55.08 41.04
C PHE P 415 34.34 -53.88 40.65
N GLU P 416 34.61 -53.02 41.63
CA GLU P 416 35.47 -51.87 41.42
C GLU P 416 36.93 -52.29 41.57
N ASP P 417 37.84 -51.33 41.40
CA ASP P 417 39.25 -51.59 41.56
C ASP P 417 39.61 -51.74 43.04
N VAL P 418 40.05 -52.93 43.43
CA VAL P 418 40.42 -53.20 44.82
C VAL P 418 41.67 -54.08 44.90
N PRO P 419 42.69 -53.61 45.61
CA PRO P 419 44.01 -54.24 45.76
C PRO P 419 43.96 -55.74 46.03
N PHE P 420 44.81 -56.49 45.34
CA PHE P 420 44.92 -57.93 45.53
C PHE P 420 45.10 -58.26 46.99
N HIS P 421 44.61 -59.42 47.41
CA HIS P 421 44.88 -59.89 48.76
C HIS P 421 46.29 -60.49 48.82
N SER P 422 46.86 -60.51 50.02
CA SER P 422 48.18 -61.07 50.23
C SER P 422 48.12 -62.58 50.45
N SER P 423 48.24 -63.32 49.35
CA SER P 423 48.33 -64.78 49.43
C SER P 423 49.80 -65.17 49.57
N TYR P 424 50.58 -64.28 50.17
CA TYR P 424 52.01 -64.48 50.36
C TYR P 424 52.45 -64.09 51.76
N ALA P 425 53.65 -64.53 52.13
CA ALA P 425 54.26 -64.16 53.41
C ALA P 425 55.72 -63.78 53.17
N HIS P 426 56.18 -62.74 53.86
CA HIS P 426 57.52 -62.22 53.64
C HIS P 426 58.62 -63.16 54.15
N SER P 427 59.64 -63.37 53.32
CA SER P 427 60.79 -64.20 53.69
C SER P 427 61.85 -63.34 54.39
N GLN P 428 61.69 -62.02 54.32
CA GLN P 428 62.58 -61.09 55.00
C GLN P 428 61.85 -60.46 56.19
N SER P 429 62.59 -59.73 57.01
CA SER P 429 61.99 -59.00 58.14
C SER P 429 62.29 -57.51 58.04
N LEU P 430 61.53 -56.70 58.76
CA LEU P 430 61.75 -55.25 58.75
C LEU P 430 63.13 -54.87 59.31
N ASP P 431 63.50 -55.47 60.43
CA ASP P 431 64.78 -55.16 61.05
C ASP P 431 65.92 -55.95 60.43
N ARG P 432 65.59 -57.05 59.76
CA ARG P 432 66.59 -57.89 59.12
C ARG P 432 66.59 -57.70 57.61
N LEU P 433 66.74 -56.45 57.18
CA LEU P 433 66.62 -56.10 55.77
C LEU P 433 67.97 -55.75 55.14
N MET P 434 68.91 -55.33 55.97
CA MET P 434 70.21 -54.87 55.48
C MET P 434 71.19 -55.99 55.11
N ASN P 435 72.47 -55.62 54.94
CA ASN P 435 73.50 -56.55 54.52
C ASN P 435 74.29 -57.09 55.70
N PRO P 436 74.28 -58.42 55.87
CA PRO P 436 74.98 -59.13 56.95
C PRO P 436 76.51 -59.00 56.87
N LEU P 437 77.03 -58.65 55.71
CA LEU P 437 78.47 -58.67 55.48
C LEU P 437 79.13 -57.30 55.61
N ILE P 438 78.43 -56.26 55.16
CA ILE P 438 79.01 -54.92 55.14
C ILE P 438 78.50 -54.07 56.29
N ASP P 439 79.33 -53.12 56.72
CA ASP P 439 78.97 -52.23 57.82
C ASP P 439 78.38 -50.94 57.28
N GLN P 440 77.55 -50.28 58.09
CA GLN P 440 76.98 -48.99 57.71
C GLN P 440 78.04 -47.90 57.82
N TYR P 441 77.85 -46.82 57.07
CA TYR P 441 78.76 -45.68 57.16
C TYR P 441 78.18 -44.63 58.10
N LEU P 442 77.04 -44.96 58.70
CA LEU P 442 76.40 -44.06 59.67
C LEU P 442 76.85 -44.38 61.09
N TYR P 443 76.77 -43.38 61.97
CA TYR P 443 77.21 -43.55 63.34
C TYR P 443 76.07 -43.33 64.33
N TYR P 444 76.09 -44.11 65.41
CA TYR P 444 75.12 -43.98 66.48
C TYR P 444 75.87 -43.91 67.81
N LEU P 445 75.21 -43.39 68.85
CA LEU P 445 75.83 -43.32 70.17
C LEU P 445 75.43 -44.55 70.98
N ASN P 446 76.42 -45.23 71.56
CA ASN P 446 76.17 -46.45 72.31
C ASN P 446 76.78 -46.46 73.71
N ARG P 447 77.60 -45.46 73.99
CA ARG P 447 78.23 -45.33 75.31
C ARG P 447 78.13 -43.91 75.82
N THR P 448 77.52 -43.75 76.99
CA THR P 448 77.33 -42.43 77.58
C THR P 448 78.32 -42.17 78.72
N GLN P 449 78.66 -43.23 79.45
CA GLN P 449 79.59 -43.11 80.58
C GLN P 449 80.69 -44.15 80.55
N GLY P 450 80.31 -45.43 80.53
CA GLY P 450 81.24 -46.53 80.62
C GLY P 450 82.46 -46.36 79.74
N THR P 451 83.54 -45.83 80.32
CA THR P 451 84.79 -45.66 79.59
C THR P 451 85.81 -46.67 80.10
N THR P 452 87.08 -46.38 79.88
CA THR P 452 88.16 -47.13 80.49
C THR P 452 88.03 -46.93 82.00
N SER P 453 87.04 -47.59 82.58
CA SER P 453 86.60 -47.31 83.95
C SER P 453 87.58 -47.79 85.02
N GLY P 454 88.27 -46.84 85.64
CA GLY P 454 89.19 -47.14 86.72
C GLY P 454 89.58 -45.87 87.45
N THR P 455 90.37 -45.04 86.78
CA THR P 455 90.80 -43.75 87.32
C THR P 455 90.10 -42.63 86.55
N THR P 456 89.55 -41.65 87.29
CA THR P 456 89.02 -40.42 86.71
C THR P 456 88.17 -40.64 85.45
N ASN P 457 87.32 -41.66 85.48
CA ASN P 457 86.46 -41.93 84.33
C ASN P 457 84.97 -41.99 84.70
N GLN P 458 84.39 -40.81 84.84
CA GLN P 458 82.97 -40.67 85.16
C GLN P 458 82.12 -40.91 83.92
N SER P 459 82.26 -40.04 82.92
CA SER P 459 81.44 -40.13 81.72
C SER P 459 82.14 -39.57 80.48
N ARG P 460 81.75 -40.08 79.32
CA ARG P 460 82.31 -39.64 78.04
C ARG P 460 81.38 -40.05 76.90
N LEU P 461 81.21 -39.17 75.93
CA LEU P 461 80.34 -39.42 74.78
C LEU P 461 81.07 -40.23 73.70
N LEU P 462 80.64 -41.46 73.49
CA LEU P 462 81.29 -42.35 72.54
C LEU P 462 80.34 -42.92 71.49
N PHE P 463 80.76 -42.85 70.23
CA PHE P 463 79.94 -43.29 69.10
C PHE P 463 80.54 -44.49 68.38
N SER P 464 79.67 -45.35 67.87
CA SER P 464 80.11 -46.53 67.12
C SER P 464 79.53 -46.55 65.71
N GLN P 465 80.31 -47.10 64.78
CA GLN P 465 79.84 -47.30 63.41
C GLN P 465 79.08 -48.62 63.33
N ALA P 466 77.85 -48.55 62.84
CA ALA P 466 77.00 -49.74 62.75
C ALA P 466 77.69 -50.87 61.98
N GLY P 467 77.60 -52.07 62.51
CA GLY P 467 78.15 -53.24 61.85
C GLY P 467 77.17 -54.38 61.90
N PRO P 468 77.51 -55.52 61.28
CA PRO P 468 76.66 -56.71 61.32
C PRO P 468 76.52 -57.17 62.75
N GLN P 469 77.48 -56.74 63.57
CA GLN P 469 77.52 -57.09 64.97
C GLN P 469 76.49 -56.27 65.75
N SER P 470 76.39 -54.99 65.42
CA SER P 470 75.36 -54.13 66.01
C SER P 470 74.10 -54.18 65.16
N MET P 471 73.48 -55.35 65.11
CA MET P 471 72.38 -55.58 64.17
C MET P 471 71.08 -54.87 64.56
N SER P 472 70.74 -54.90 65.85
CA SER P 472 69.51 -54.25 66.32
C SER P 472 69.77 -52.82 66.76
N LEU P 473 70.82 -52.22 66.22
CA LEU P 473 71.21 -50.86 66.57
C LEU P 473 71.41 -49.99 65.33
N GLN P 474 71.47 -50.64 64.17
CA GLN P 474 71.71 -49.95 62.91
C GLN P 474 70.61 -48.97 62.56
N ALA P 475 70.96 -47.94 61.79
CA ALA P 475 69.99 -46.97 61.30
C ALA P 475 68.89 -47.69 60.51
N ARG P 476 67.67 -47.16 60.60
CA ARG P 476 66.53 -47.82 59.97
C ARG P 476 65.78 -46.86 59.06
N ASN P 477 65.12 -47.40 58.05
CA ASN P 477 64.35 -46.58 57.10
C ASN P 477 62.84 -46.72 57.25
N TRP P 478 62.39 -47.72 58.00
CA TRP P 478 60.97 -48.03 58.10
C TRP P 478 60.54 -48.47 59.49
N LEU P 479 59.26 -48.31 59.79
CA LEU P 479 58.70 -48.76 61.07
C LEU P 479 57.65 -49.86 60.88
N PRO P 480 57.32 -50.58 61.96
CA PRO P 480 56.26 -51.60 61.94
C PRO P 480 54.88 -50.97 61.88
N GLY P 481 53.86 -51.78 61.66
CA GLY P 481 52.50 -51.29 61.57
C GLY P 481 51.97 -50.80 62.89
N PRO P 482 50.85 -50.07 62.88
CA PRO P 482 50.21 -49.54 64.08
C PRO P 482 49.83 -50.66 65.04
N CYS P 483 49.32 -50.31 66.22
CA CYS P 483 48.99 -51.31 67.22
C CYS P 483 47.92 -50.85 68.22
N TYR P 484 47.25 -51.84 68.82
CA TYR P 484 46.29 -51.60 69.89
C TYR P 484 46.30 -52.82 70.80
N ARG P 485 47.14 -52.77 71.83
CA ARG P 485 47.43 -53.93 72.66
C ARG P 485 46.19 -54.73 73.06
N GLN P 486 46.30 -56.05 72.91
CA GLN P 486 45.25 -56.98 73.35
C GLN P 486 45.77 -57.77 74.55
N GLN P 487 44.85 -58.30 75.35
CA GLN P 487 45.24 -59.10 76.50
C GLN P 487 45.67 -60.51 76.07
N ARG P 488 46.66 -61.08 76.74
CA ARG P 488 47.17 -62.39 76.40
C ARG P 488 46.38 -63.50 77.10
N LEU P 489 45.94 -64.49 76.33
CA LEU P 489 45.22 -65.64 76.87
C LEU P 489 45.93 -66.93 76.54
N SER P 490 45.81 -67.92 77.42
CA SER P 490 46.39 -69.23 77.16
C SER P 490 45.28 -70.25 76.90
N LYS P 491 45.58 -71.21 76.04
CA LYS P 491 44.63 -72.27 75.75
C LYS P 491 44.58 -73.24 76.91
N THR P 492 45.66 -73.29 77.69
CA THR P 492 45.70 -74.10 78.90
C THR P 492 44.94 -73.39 80.02
N ALA P 493 43.81 -73.96 80.41
CA ALA P 493 42.88 -73.30 81.33
C ALA P 493 43.40 -73.22 82.76
N ASN P 494 44.72 -73.15 82.95
CA ASN P 494 45.28 -73.01 84.28
C ASN P 494 46.44 -72.02 84.33
N ASP P 495 46.90 -71.58 83.17
CA ASP P 495 47.93 -70.56 83.11
C ASP P 495 47.32 -69.22 83.45
N ASN P 496 46.01 -69.13 83.24
CA ASN P 496 45.30 -67.85 83.33
C ASN P 496 44.92 -67.45 84.75
N ASN P 497 44.59 -66.17 84.91
CA ASN P 497 44.15 -65.63 86.19
C ASN P 497 42.77 -66.17 86.57
N ASN P 498 42.61 -66.54 87.84
CA ASN P 498 41.35 -67.07 88.32
C ASN P 498 40.30 -65.96 88.49
N SER P 499 39.98 -65.30 87.40
CA SER P 499 38.99 -64.22 87.39
C SER P 499 38.34 -64.09 86.00
N ASN P 500 37.07 -63.69 85.97
CA ASN P 500 36.35 -63.53 84.72
C ASN P 500 36.53 -62.12 84.15
N PHE P 501 37.41 -61.99 83.16
CA PHE P 501 37.79 -60.68 82.62
C PHE P 501 37.57 -60.51 81.12
N PRO P 502 36.60 -61.22 80.52
CA PRO P 502 36.43 -61.11 79.06
C PRO P 502 35.72 -59.82 78.67
N TRP P 503 35.50 -58.94 79.64
CA TRP P 503 34.83 -57.67 79.37
C TRP P 503 35.46 -56.53 80.17
N THR P 504 35.87 -56.83 81.39
CA THR P 504 36.43 -55.82 82.30
C THR P 504 37.93 -55.62 82.08
N ALA P 505 38.53 -56.47 81.25
CA ALA P 505 39.96 -56.39 81.00
C ALA P 505 40.30 -56.42 79.51
N ALA P 506 39.27 -56.49 78.67
CA ALA P 506 39.46 -56.54 77.22
C ALA P 506 39.50 -55.13 76.63
N SER P 507 40.23 -54.97 75.54
CA SER P 507 40.33 -53.68 74.86
C SER P 507 39.03 -53.35 74.13
N LYS P 508 38.50 -52.16 74.40
CA LYS P 508 37.19 -51.76 73.88
C LYS P 508 37.18 -50.28 73.55
N TYR P 509 36.21 -49.86 72.72
CA TYR P 509 36.04 -48.46 72.40
C TYR P 509 34.63 -48.04 72.81
N HIS P 510 34.37 -46.74 72.83
CA HIS P 510 33.03 -46.28 73.17
C HIS P 510 32.62 -45.05 72.37
N LEU P 511 31.38 -45.09 71.87
CA LEU P 511 30.82 -43.98 71.11
C LEU P 511 29.48 -43.59 71.70
N ASN P 512 29.26 -42.29 71.88
CA ASN P 512 27.99 -41.82 72.41
C ASN P 512 27.77 -42.35 73.82
N GLY P 513 28.87 -42.63 74.52
CA GLY P 513 28.80 -43.17 75.87
C GLY P 513 28.40 -44.64 75.89
N ARG P 514 28.72 -45.35 74.82
CA ARG P 514 28.37 -46.76 74.70
C ARG P 514 29.58 -47.63 74.40
N ASP P 515 29.92 -48.51 75.33
CA ASP P 515 31.05 -49.42 75.16
C ASP P 515 30.81 -50.46 74.08
N SER P 516 31.81 -50.67 73.24
CA SER P 516 31.77 -51.71 72.21
C SER P 516 33.12 -52.40 72.14
N LEU P 517 33.11 -53.72 72.09
CA LEU P 517 34.34 -54.49 72.14
C LEU P 517 35.12 -54.44 70.82
N VAL P 518 36.38 -54.02 70.90
CA VAL P 518 37.25 -54.00 69.73
C VAL P 518 37.69 -55.42 69.41
N ASN P 519 36.85 -56.16 68.69
CA ASN P 519 37.13 -57.56 68.42
C ASN P 519 38.33 -57.79 67.47
N PRO P 520 38.11 -57.65 66.15
CA PRO P 520 39.30 -57.80 65.31
C PRO P 520 39.97 -56.44 65.14
N GLY P 521 40.87 -56.09 66.07
CA GLY P 521 41.52 -54.80 66.01
C GLY P 521 42.48 -54.70 64.84
N PRO P 522 43.36 -53.68 64.85
CA PRO P 522 44.39 -53.60 63.82
C PRO P 522 45.08 -54.95 63.65
N ALA P 523 45.65 -55.18 62.48
CA ALA P 523 46.33 -56.44 62.21
C ALA P 523 47.62 -56.56 63.02
N MET P 524 47.61 -57.43 64.01
CA MET P 524 48.78 -57.66 64.85
C MET P 524 49.07 -59.16 64.92
N ALA P 525 50.32 -59.53 65.19
CA ALA P 525 50.71 -60.94 65.27
C ALA P 525 50.12 -61.61 66.52
N SER P 526 49.70 -62.86 66.38
CA SER P 526 49.05 -63.58 67.48
C SER P 526 50.02 -63.95 68.60
N HIS P 527 51.20 -64.45 68.24
CA HIS P 527 52.19 -64.88 69.23
C HIS P 527 53.61 -64.71 68.71
N LYS P 528 54.56 -64.59 69.63
CA LYS P 528 55.98 -64.51 69.28
C LYS P 528 56.55 -65.92 69.07
N ASP P 529 57.80 -66.00 68.64
CA ASP P 529 58.41 -67.28 68.32
C ASP P 529 58.54 -68.21 69.53
N ASP P 530 58.34 -69.50 69.28
CA ASP P 530 58.52 -70.53 70.30
C ASP P 530 57.44 -70.51 71.39
N GLU P 531 56.20 -70.20 71.00
CA GLU P 531 55.08 -70.24 71.93
C GLU P 531 53.92 -71.02 71.32
N GLU P 532 53.20 -70.38 70.40
CA GLU P 532 52.15 -71.06 69.65
C GLU P 532 51.06 -71.62 70.58
N LYS P 533 50.84 -70.95 71.70
CA LYS P 533 49.80 -71.37 72.64
C LYS P 533 49.05 -70.17 73.18
N PHE P 534 49.70 -69.01 73.16
CA PHE P 534 49.10 -67.77 73.62
C PHE P 534 48.44 -67.01 72.48
N PHE P 535 47.13 -66.94 72.48
CA PHE P 535 46.40 -66.16 71.50
C PHE P 535 45.87 -64.89 72.17
N PRO P 536 45.70 -63.81 71.39
CA PRO P 536 45.20 -62.56 71.95
C PRO P 536 43.74 -62.67 72.35
N MET P 537 43.35 -61.94 73.38
CA MET P 537 41.94 -61.82 73.72
C MET P 537 41.22 -61.37 72.46
N HIS P 538 40.52 -62.29 71.82
CA HIS P 538 39.80 -61.98 70.59
C HIS P 538 40.62 -61.18 69.57
N GLY P 539 41.91 -61.49 69.47
CA GLY P 539 42.77 -60.81 68.52
C GLY P 539 42.74 -61.46 67.14
N ASN P 540 41.69 -62.24 66.88
CA ASN P 540 41.55 -62.95 65.62
C ASN P 540 40.17 -63.62 65.49
N LEU P 541 39.81 -64.00 64.26
CA LEU P 541 38.50 -64.60 64.02
C LEU P 541 38.46 -66.07 64.43
N ILE P 542 37.42 -66.42 65.18
CA ILE P 542 37.26 -67.78 65.66
C ILE P 542 36.01 -68.42 65.07
N PHE P 543 36.19 -69.58 64.42
CA PHE P 543 35.08 -70.27 63.77
C PHE P 543 34.58 -71.43 64.62
N GLY P 544 33.26 -71.62 64.65
CA GLY P 544 32.67 -72.71 65.38
C GLY P 544 32.55 -73.98 64.56
N LYS P 545 32.95 -75.11 65.13
CA LYS P 545 32.83 -76.38 64.45
C LYS P 545 31.36 -76.73 64.17
N GLU P 546 31.15 -77.68 63.26
CA GLU P 546 29.80 -78.10 62.93
C GLU P 546 29.14 -78.75 64.15
N GLY P 547 27.91 -78.37 64.43
CA GLY P 547 27.18 -78.90 65.57
C GLY P 547 27.80 -78.46 66.89
N THR P 548 27.49 -77.24 67.30
CA THR P 548 27.99 -76.68 68.56
C THR P 548 27.16 -75.47 69.00
N THR P 549 26.51 -75.58 70.14
CA THR P 549 25.59 -74.54 70.62
C THR P 549 26.20 -73.14 70.59
N ALA P 550 25.34 -72.14 70.46
CA ALA P 550 25.78 -70.75 70.37
C ALA P 550 26.12 -70.16 71.73
N SER P 551 25.79 -70.91 72.79
CA SER P 551 25.98 -70.40 74.13
C SER P 551 27.05 -71.18 74.90
N ASN P 552 28.15 -70.50 75.19
CA ASN P 552 29.25 -71.07 75.98
C ASN P 552 29.64 -72.49 75.58
N ALA P 553 30.35 -72.60 74.46
CA ALA P 553 30.82 -73.89 73.99
C ALA P 553 32.24 -74.15 74.49
N GLU P 554 32.69 -75.39 74.38
CA GLU P 554 34.00 -75.78 74.89
C GLU P 554 35.13 -75.28 73.99
N LEU P 555 36.34 -75.21 74.55
CA LEU P 555 37.53 -74.80 73.80
C LEU P 555 37.86 -75.80 72.69
N ASP P 556 37.50 -77.06 72.89
CA ASP P 556 37.76 -78.10 71.91
C ASP P 556 36.65 -78.14 70.86
N ASN P 557 35.75 -77.16 70.92
CA ASN P 557 34.64 -77.06 69.97
C ASN P 557 34.74 -75.86 69.04
N VAL P 558 35.84 -75.11 69.15
CA VAL P 558 36.03 -73.95 68.30
C VAL P 558 37.40 -73.98 67.59
N MET P 559 37.50 -73.19 66.53
CA MET P 559 38.72 -73.11 65.74
C MET P 559 39.28 -71.69 65.77
N ILE P 560 40.40 -71.51 66.47
CA ILE P 560 41.04 -70.21 66.60
C ILE P 560 42.08 -70.05 65.50
N THR P 561 42.08 -68.89 64.85
CA THR P 561 42.96 -68.65 63.71
C THR P 561 44.29 -68.01 64.12
N ASP P 562 45.38 -68.53 63.57
CA ASP P 562 46.71 -68.04 63.91
C ASP P 562 47.26 -67.08 62.85
N GLU P 563 47.55 -65.85 63.26
CA GLU P 563 48.13 -64.86 62.37
C GLU P 563 49.63 -64.76 62.62
N GLU P 564 50.37 -65.81 62.26
CA GLU P 564 51.80 -65.86 62.52
C GLU P 564 52.65 -65.77 61.26
N GLU P 565 52.08 -65.22 60.19
CA GLU P 565 52.82 -65.02 58.96
C GLU P 565 53.20 -63.56 58.80
N ILE P 566 52.52 -62.70 59.56
CA ILE P 566 52.74 -61.27 59.49
C ILE P 566 53.66 -60.77 60.60
N ARG P 567 54.47 -61.68 61.15
CA ARG P 567 55.38 -61.34 62.24
C ARG P 567 56.41 -60.29 61.82
N THR P 568 56.70 -60.24 60.54
CA THR P 568 57.79 -59.42 60.02
C THR P 568 57.41 -57.97 59.75
N THR P 569 56.11 -57.69 59.69
CA THR P 569 55.62 -56.35 59.40
C THR P 569 54.77 -55.80 60.53
N ASN P 570 54.22 -56.69 61.35
CA ASN P 570 53.28 -56.29 62.38
C ASN P 570 53.75 -56.57 63.81
N PRO P 571 53.38 -55.68 64.74
CA PRO P 571 53.65 -55.84 66.17
C PRO P 571 52.81 -56.98 66.75
N VAL P 572 53.32 -57.62 67.79
CA VAL P 572 52.57 -58.70 68.44
C VAL P 572 51.38 -58.13 69.21
N ALA P 573 50.21 -58.75 69.03
CA ALA P 573 48.96 -58.23 69.60
C ALA P 573 48.97 -58.09 71.12
N THR P 574 49.52 -59.09 71.80
CA THR P 574 49.52 -59.12 73.25
C THR P 574 50.73 -58.38 73.83
N GLU P 575 51.85 -58.45 73.12
CA GLU P 575 53.08 -57.78 73.54
C GLU P 575 52.95 -56.27 73.40
N GLN P 576 53.94 -55.55 73.93
CA GLN P 576 53.98 -54.10 73.87
C GLN P 576 54.28 -53.61 72.45
N TYR P 577 54.57 -52.32 72.33
CA TYR P 577 54.96 -51.75 71.04
C TYR P 577 56.44 -51.37 71.05
N GLY P 578 56.87 -50.74 72.15
CA GLY P 578 58.26 -50.34 72.27
C GLY P 578 58.54 -49.41 73.44
N THR P 579 59.60 -48.61 73.30
CA THR P 579 60.05 -47.71 74.35
C THR P 579 59.99 -46.26 73.90
N VAL P 580 59.53 -45.39 74.79
CA VAL P 580 59.49 -43.96 74.51
C VAL P 580 60.06 -43.19 75.69
N ALA P 581 60.81 -42.13 75.42
CA ALA P 581 61.35 -41.29 76.47
C ALA P 581 60.30 -40.28 76.93
N ASN P 582 60.39 -39.88 78.20
CA ASN P 582 59.45 -38.91 78.76
C ASN P 582 60.02 -38.10 79.92
N ASN P 583 61.22 -37.55 79.71
CA ASN P 583 61.86 -36.68 80.70
C ASN P 583 63.15 -36.09 80.14
N LEU P 584 63.66 -35.05 80.80
CA LEU P 584 64.91 -34.43 80.37
C LEU P 584 66.07 -34.90 81.23
N GLN P 585 66.69 -36.01 80.85
CA GLN P 585 67.78 -36.60 81.61
C GLN P 585 68.94 -35.64 81.79
N SER P 586 69.62 -35.75 82.93
CA SER P 586 70.77 -34.90 83.24
C SER P 586 71.50 -35.45 84.45
N SER P 587 72.48 -34.71 84.94
CA SER P 587 73.19 -35.08 86.14
C SER P 587 72.25 -35.13 87.33
N ASN P 588 71.20 -34.31 87.29
CA ASN P 588 70.22 -34.25 88.37
C ASN P 588 69.11 -35.28 88.22
N THR P 589 68.82 -35.66 86.97
CA THR P 589 67.69 -36.54 86.69
C THR P 589 68.10 -37.81 85.96
N ALA P 590 67.54 -38.93 86.38
CA ALA P 590 67.76 -40.21 85.71
C ALA P 590 66.78 -40.39 84.56
N PRO P 591 67.28 -40.88 83.41
CA PRO P 591 66.48 -41.11 82.20
C PRO P 591 65.28 -42.02 82.45
N THR P 592 64.11 -41.65 81.95
CA THR P 592 62.89 -42.43 82.17
C THR P 592 62.36 -43.07 80.90
N THR P 593 61.89 -44.30 81.02
CA THR P 593 61.35 -45.06 79.90
C THR P 593 59.86 -45.34 80.09
N ARG P 594 59.11 -45.25 79.01
CA ARG P 594 57.67 -45.53 79.04
C ARG P 594 57.31 -46.64 78.06
N THR P 595 56.61 -47.65 78.56
CA THR P 595 56.15 -48.75 77.73
C THR P 595 54.90 -48.35 76.94
N VAL P 596 55.05 -48.22 75.63
CA VAL P 596 53.93 -47.79 74.77
C VAL P 596 52.98 -48.94 74.47
N ASN P 597 51.71 -48.73 74.83
CA ASN P 597 50.68 -49.75 74.66
C ASN P 597 49.75 -49.43 73.50
N ASP P 598 49.78 -48.18 73.05
CA ASP P 598 48.90 -47.73 71.98
C ASP P 598 49.62 -46.78 71.02
N GLN P 599 49.68 -47.15 69.75
CA GLN P 599 50.36 -46.34 68.75
C GLN P 599 49.49 -46.00 67.56
N GLY P 600 49.23 -44.71 67.36
CA GLY P 600 48.54 -44.25 66.18
C GLY P 600 49.39 -44.49 64.94
N ALA P 601 49.06 -43.81 63.84
CA ALA P 601 49.81 -43.97 62.60
C ALA P 601 51.06 -43.10 62.59
N LEU P 602 52.03 -43.48 61.75
CA LEU P 602 53.29 -42.75 61.66
C LEU P 602 53.88 -42.77 60.26
N PRO P 603 54.41 -41.61 59.81
CA PRO P 603 55.10 -41.52 58.53
C PRO P 603 56.27 -42.50 58.47
N GLY P 604 56.11 -43.56 57.70
CA GLY P 604 57.19 -44.53 57.53
C GLY P 604 56.79 -45.93 57.96
N MET P 605 55.58 -46.06 58.51
CA MET P 605 55.08 -47.36 58.92
C MET P 605 54.64 -48.19 57.72
N VAL P 606 54.86 -49.49 57.80
CA VAL P 606 54.43 -50.42 56.76
C VAL P 606 53.82 -51.65 57.43
N TRP P 607 52.64 -52.05 56.97
CA TRP P 607 51.98 -53.19 57.60
C TRP P 607 51.31 -54.11 56.58
N GLN P 608 51.04 -55.33 57.02
CA GLN P 608 50.29 -56.29 56.23
C GLN P 608 48.90 -56.40 56.83
N ASP P 609 47.88 -56.56 56.00
CA ASP P 609 46.51 -56.69 56.50
C ASP P 609 46.29 -58.09 57.06
N ARG P 610 45.06 -58.38 57.50
CA ARG P 610 44.74 -59.70 58.03
C ARG P 610 44.77 -60.76 56.94
N ASP P 611 43.98 -61.82 57.12
CA ASP P 611 43.98 -62.91 56.16
C ASP P 611 42.55 -63.37 55.88
N VAL P 612 42.34 -63.98 54.72
CA VAL P 612 41.04 -64.55 54.40
C VAL P 612 41.13 -66.07 54.41
N TYR P 613 40.15 -66.71 55.02
CA TYR P 613 40.13 -68.15 55.13
C TYR P 613 38.95 -68.70 54.35
N LEU P 614 39.04 -69.98 53.99
CA LEU P 614 38.01 -70.61 53.16
C LEU P 614 36.59 -70.28 53.61
N GLN P 615 36.40 -70.03 54.89
CA GLN P 615 35.07 -69.75 55.43
C GLN P 615 34.93 -68.31 55.94
N GLY P 616 35.88 -67.46 55.57
CA GLY P 616 35.86 -66.07 56.01
C GLY P 616 35.02 -65.17 55.13
N PRO P 617 34.79 -63.93 55.58
CA PRO P 617 34.06 -62.93 54.78
C PRO P 617 34.83 -62.61 53.51
N ILE P 618 34.13 -62.12 52.49
CA ILE P 618 34.78 -61.77 51.23
C ILE P 618 34.94 -60.26 51.10
N TRP P 619 33.83 -59.53 51.16
CA TRP P 619 33.87 -58.08 51.01
C TRP P 619 33.20 -57.36 52.17
N ALA P 620 33.19 -56.02 52.09
CA ALA P 620 32.58 -55.20 53.13
C ALA P 620 32.32 -53.79 52.61
N LYS P 621 31.14 -53.26 52.89
CA LYS P 621 30.78 -51.91 52.43
C LYS P 621 31.41 -50.81 53.27
N ILE P 622 32.44 -50.17 52.72
CA ILE P 622 33.05 -49.02 53.38
C ILE P 622 32.00 -47.96 53.64
N PRO P 623 31.82 -47.59 54.92
CA PRO P 623 30.84 -46.59 55.34
C PRO P 623 31.00 -45.28 54.59
N HIS P 624 29.88 -44.63 54.28
CA HIS P 624 29.95 -43.35 53.56
C HIS P 624 30.12 -42.18 54.52
N THR P 625 31.36 -41.95 54.94
CA THR P 625 31.66 -40.85 55.85
C THR P 625 32.55 -39.81 55.18
N ASP P 626 32.93 -38.78 55.93
CA ASP P 626 33.81 -37.75 55.43
C ASP P 626 35.23 -38.25 55.27
N GLY P 627 35.61 -39.26 56.04
CA GLY P 627 36.98 -39.74 56.03
C GLY P 627 37.18 -41.18 56.42
N HIS P 628 38.16 -41.81 55.78
CA HIS P 628 38.59 -43.16 56.09
C HIS P 628 40.12 -43.15 56.07
N PHE P 629 40.74 -44.10 56.76
CA PHE P 629 42.20 -44.18 56.74
C PHE P 629 42.68 -45.22 55.74
N HIS P 630 42.72 -46.47 56.19
CA HIS P 630 43.11 -47.58 55.33
C HIS P 630 41.92 -48.53 55.27
N PRO P 631 40.92 -48.19 54.46
CA PRO P 631 39.59 -48.82 54.43
C PRO P 631 39.60 -50.29 54.04
N SER P 632 40.25 -51.12 54.85
CA SER P 632 40.21 -52.56 54.66
C SER P 632 39.40 -53.20 55.77
N PRO P 633 38.42 -54.04 55.42
CA PRO P 633 37.52 -54.68 56.39
C PRO P 633 38.33 -55.27 57.55
N LEU P 634 38.00 -54.87 58.77
CA LEU P 634 38.75 -55.33 59.93
C LEU P 634 38.72 -56.84 60.07
N MET P 635 37.60 -57.45 59.67
CA MET P 635 37.46 -58.90 59.72
C MET P 635 38.18 -59.55 58.54
N GLY P 636 38.65 -58.72 57.62
CA GLY P 636 39.41 -59.19 56.48
C GLY P 636 38.64 -59.18 55.18
N GLY P 637 39.34 -58.96 54.08
CA GLY P 637 38.72 -58.99 52.77
C GLY P 637 38.88 -57.71 51.97
N PHE P 638 37.93 -57.48 51.07
CA PHE P 638 38.00 -56.34 50.17
C PHE P 638 37.01 -55.25 50.56
N GLY P 639 37.55 -54.08 50.88
CA GLY P 639 36.72 -52.94 51.22
C GLY P 639 36.19 -52.28 49.97
N LEU P 640 34.87 -52.24 49.84
CA LEU P 640 34.25 -51.73 48.63
C LEU P 640 33.34 -50.54 48.92
N LYS P 641 33.54 -49.47 48.16
CA LYS P 641 32.62 -48.34 48.19
C LYS P 641 31.25 -48.81 47.75
N HIS P 642 31.21 -49.50 46.62
CA HIS P 642 29.97 -50.03 46.07
C HIS P 642 30.08 -51.54 45.90
N PRO P 643 29.70 -52.30 46.94
CA PRO P 643 29.76 -53.77 46.98
C PRO P 643 28.51 -54.40 46.39
N PRO P 644 28.59 -55.69 46.02
CA PRO P 644 27.45 -56.43 45.48
C PRO P 644 26.17 -56.10 46.24
N PRO P 645 25.25 -55.36 45.60
CA PRO P 645 24.02 -54.87 46.21
C PRO P 645 23.24 -55.98 46.88
N GLN P 646 22.29 -55.59 47.73
CA GLN P 646 21.46 -56.55 48.43
C GLN P 646 20.30 -57.02 47.56
N ILE P 647 20.10 -58.32 47.50
CA ILE P 647 18.98 -58.89 46.75
C ILE P 647 17.89 -59.36 47.69
N MET P 648 16.74 -58.70 47.63
CA MET P 648 15.60 -59.02 48.49
C MET P 648 14.63 -60.01 47.86
N ILE P 649 13.90 -60.71 48.73
CA ILE P 649 12.97 -61.74 48.31
C ILE P 649 11.86 -61.85 49.35
N LYS P 650 10.63 -62.08 48.90
CA LYS P 650 9.51 -62.25 49.81
C LYS P 650 8.29 -62.84 49.09
N ASN P 651 7.52 -63.64 49.82
CA ASN P 651 6.33 -64.24 49.24
C ASN P 651 5.19 -63.24 49.22
N THR P 652 4.62 -63.03 48.04
CA THR P 652 3.51 -62.09 47.89
C THR P 652 2.32 -62.56 48.72
N PRO P 653 1.88 -61.71 49.65
CA PRO P 653 0.78 -62.01 50.57
C PRO P 653 -0.51 -62.39 49.83
N VAL P 654 -1.11 -63.51 50.23
CA VAL P 654 -2.36 -63.95 49.63
C VAL P 654 -3.50 -63.90 50.64
N PRO P 655 -4.46 -62.99 50.45
CA PRO P 655 -5.62 -62.87 51.33
C PRO P 655 -6.39 -64.16 51.43
N ALA P 656 -6.64 -64.62 52.65
CA ALA P 656 -7.50 -65.77 52.85
C ALA P 656 -8.92 -65.38 52.47
N ASN P 657 -9.91 -66.04 53.07
CA ASN P 657 -11.29 -65.77 52.73
C ASN P 657 -11.84 -64.46 53.31
N PRO P 658 -12.38 -63.59 52.44
CA PRO P 658 -12.96 -62.29 52.81
C PRO P 658 -14.46 -62.40 53.10
N PRO P 659 -14.99 -61.47 53.91
CA PRO P 659 -16.41 -61.38 54.29
C PRO P 659 -17.29 -60.78 53.20
N THR P 660 -18.57 -61.15 53.17
CA THR P 660 -19.52 -60.58 52.21
C THR P 660 -19.86 -59.13 52.55
N THR P 661 -19.58 -58.74 53.79
CA THR P 661 -19.77 -57.35 54.21
C THR P 661 -18.43 -56.61 54.26
N PHE P 662 -18.44 -55.34 53.88
CA PHE P 662 -17.22 -54.55 53.80
C PHE P 662 -16.62 -54.22 55.17
N SER P 663 -15.31 -54.37 55.29
CA SER P 663 -14.61 -54.06 56.53
C SER P 663 -13.41 -53.13 56.28
N PRO P 664 -13.39 -51.98 56.96
CA PRO P 664 -12.30 -51.01 56.85
C PRO P 664 -11.08 -51.49 57.64
N ALA P 665 -11.30 -52.47 58.50
CA ALA P 665 -10.24 -52.99 59.36
C ALA P 665 -9.07 -53.53 58.55
N LYS P 666 -7.85 -53.29 59.04
CA LYS P 666 -6.64 -53.78 58.41
C LYS P 666 -6.75 -55.28 58.19
N PHE P 667 -6.36 -55.74 57.00
CA PHE P 667 -6.45 -57.15 56.66
C PHE P 667 -5.33 -57.93 57.34
N ALA P 668 -5.68 -59.05 57.98
CA ALA P 668 -4.69 -59.84 58.71
C ALA P 668 -4.94 -61.35 58.59
N SER P 669 -5.91 -61.72 57.77
CA SER P 669 -6.21 -63.13 57.51
C SER P 669 -5.67 -63.58 56.16
N PHE P 670 -4.50 -64.22 56.18
CA PHE P 670 -3.85 -64.64 54.94
C PHE P 670 -3.68 -66.15 54.83
N ILE P 671 -3.53 -66.61 53.59
CA ILE P 671 -3.24 -68.01 53.33
C ILE P 671 -1.76 -68.27 53.59
N THR P 672 -1.49 -69.30 54.38
CA THR P 672 -0.12 -69.64 54.76
C THR P 672 0.59 -70.35 53.60
N GLN P 673 1.74 -69.82 53.21
CA GLN P 673 2.48 -70.35 52.07
C GLN P 673 3.97 -70.03 52.15
N TYR P 674 4.77 -70.92 51.56
CA TYR P 674 6.22 -70.74 51.51
C TYR P 674 6.71 -70.96 50.07
N SER P 675 7.83 -70.33 49.73
CA SER P 675 8.40 -70.45 48.40
C SER P 675 9.70 -71.24 48.41
N THR P 676 10.06 -71.79 47.26
CA THR P 676 11.30 -72.54 47.12
C THR P 676 11.78 -72.53 45.67
N GLY P 677 13.07 -72.71 45.48
CA GLY P 677 13.64 -72.70 44.15
C GLY P 677 15.15 -72.73 44.18
N GLN P 678 15.77 -72.50 43.02
CA GLN P 678 17.23 -72.49 42.94
C GLN P 678 17.77 -71.09 42.75
N VAL P 679 19.03 -70.90 43.13
CA VAL P 679 19.71 -69.65 42.94
C VAL P 679 21.11 -69.93 42.43
N SER P 680 21.62 -69.08 41.55
CA SER P 680 22.93 -69.28 40.95
C SER P 680 23.78 -68.01 41.00
N VAL P 681 25.02 -68.16 41.48
CA VAL P 681 25.95 -67.03 41.58
C VAL P 681 27.28 -67.33 40.91
N GLU P 682 27.60 -66.58 39.85
CA GLU P 682 28.84 -66.75 39.11
C GLU P 682 29.77 -65.58 39.36
N ILE P 683 31.00 -65.88 39.79
CA ILE P 683 31.98 -64.83 40.05
C ILE P 683 33.31 -65.09 39.34
N GLU P 684 33.83 -64.05 38.70
CA GLU P 684 35.13 -64.14 38.05
C GLU P 684 36.19 -63.56 38.96
N TRP P 685 37.35 -64.19 38.95
CA TRP P 685 38.43 -63.81 39.85
C TRP P 685 39.69 -63.55 39.06
N GLU P 686 40.26 -62.35 39.24
CA GLU P 686 41.55 -62.07 38.62
C GLU P 686 42.64 -62.62 39.52
N LEU P 687 43.68 -63.19 38.92
CA LEU P 687 44.76 -63.80 39.69
C LEU P 687 46.09 -63.10 39.48
N GLN P 688 46.92 -63.11 40.52
CA GLN P 688 48.29 -62.63 40.42
C GLN P 688 49.23 -63.82 40.55
N LYS P 689 49.85 -64.20 39.44
CA LYS P 689 50.71 -65.38 39.43
C LYS P 689 51.97 -65.19 40.27
N GLU P 690 52.63 -66.30 40.58
CA GLU P 690 53.82 -66.31 41.42
C GLU P 690 55.10 -66.17 40.60
N ASN P 691 55.92 -65.20 40.96
CA ASN P 691 57.21 -65.00 40.29
C ASN P 691 58.34 -64.88 41.30
N SER P 692 58.81 -66.03 41.78
CA SER P 692 59.84 -66.06 42.81
C SER P 692 61.07 -66.83 42.33
N LYS P 693 62.25 -66.36 42.72
CA LYS P 693 63.49 -67.05 42.40
C LYS P 693 64.02 -67.81 43.61
N ARG P 694 63.11 -68.14 44.52
CA ARG P 694 63.44 -69.00 45.65
C ARG P 694 63.98 -70.32 45.13
N TRP P 695 65.14 -70.73 45.62
CA TRP P 695 65.74 -71.98 45.18
C TRP P 695 65.08 -73.18 45.84
N ASN P 696 65.12 -73.22 47.17
CA ASN P 696 64.54 -74.31 47.93
C ASN P 696 63.01 -74.28 47.89
N PRO P 697 62.38 -75.44 48.11
CA PRO P 697 60.91 -75.54 48.09
C PRO P 697 60.24 -74.64 49.13
N GLU P 698 59.07 -74.10 48.79
CA GLU P 698 58.28 -73.34 49.74
C GLU P 698 57.28 -74.28 50.40
N ILE P 699 56.60 -73.78 51.44
CA ILE P 699 55.63 -74.62 52.14
C ILE P 699 54.28 -74.61 51.43
N GLN P 700 53.65 -75.77 51.38
CA GLN P 700 52.38 -75.94 50.69
C GLN P 700 51.34 -76.52 51.63
N TYR P 701 50.08 -76.16 51.42
CA TYR P 701 49.01 -76.82 52.17
C TYR P 701 48.78 -78.21 51.61
N THR P 702 48.53 -79.17 52.49
CA THR P 702 48.36 -80.56 52.09
C THR P 702 47.53 -81.36 53.08
N SER P 703 46.95 -82.45 52.60
CA SER P 703 46.23 -83.39 53.46
C SER P 703 47.19 -84.40 54.07
N ASN P 704 46.87 -84.88 55.26
CA ASN P 704 47.68 -85.90 55.91
C ASN P 704 47.53 -87.22 55.18
N TYR P 705 48.62 -87.67 54.55
CA TYR P 705 48.61 -88.89 53.75
C TYR P 705 48.45 -90.14 54.61
N ASN P 706 48.52 -89.94 55.93
CA ASN P 706 48.46 -91.06 56.88
C ASN P 706 47.10 -91.76 56.89
N LYS P 707 47.09 -93.00 57.36
CA LYS P 707 45.85 -93.75 57.53
C LYS P 707 44.93 -92.97 58.47
N SER P 708 43.74 -92.61 57.98
CA SER P 708 42.88 -91.71 58.73
C SER P 708 41.45 -92.23 58.95
N VAL P 709 40.80 -91.70 59.97
CA VAL P 709 39.41 -92.02 60.29
C VAL P 709 38.48 -91.53 59.18
N ASN P 710 38.10 -90.26 59.27
CA ASN P 710 37.26 -89.63 58.27
C ASN P 710 38.10 -88.78 57.33
N VAL P 711 37.58 -88.53 56.14
CA VAL P 711 38.29 -87.72 55.15
C VAL P 711 38.07 -86.23 55.37
N ASP P 712 39.17 -85.47 55.36
CA ASP P 712 39.10 -84.03 55.57
C ASP P 712 38.16 -83.36 54.60
N PHE P 713 37.23 -82.56 55.12
CA PHE P 713 36.25 -81.84 54.31
C PHE P 713 35.35 -82.82 53.58
N THR P 714 34.45 -83.45 54.33
CA THR P 714 33.62 -84.52 53.80
C THR P 714 32.42 -84.79 54.71
N VAL P 715 31.41 -85.44 54.15
CA VAL P 715 30.26 -85.89 54.92
C VAL P 715 30.65 -87.08 55.79
N ASP P 716 29.87 -87.35 56.83
CA ASP P 716 30.13 -88.45 57.74
C ASP P 716 29.21 -89.63 57.51
N THR P 717 29.01 -90.43 58.56
CA THR P 717 28.23 -91.66 58.46
C THR P 717 26.74 -91.40 58.22
N ASN P 718 26.26 -90.23 58.63
CA ASN P 718 24.84 -89.90 58.45
C ASN P 718 24.59 -88.60 57.66
N GLY P 719 25.56 -88.22 56.83
CA GLY P 719 25.39 -87.14 55.89
C GLY P 719 25.47 -85.73 56.45
N VAL P 720 26.63 -85.35 56.96
CA VAL P 720 26.87 -84.00 57.44
C VAL P 720 28.26 -83.51 57.04
N TYR P 721 28.29 -82.52 56.15
CA TYR P 721 29.55 -81.92 55.73
C TYR P 721 30.18 -81.16 56.90
N SER P 722 31.50 -81.28 57.04
CA SER P 722 32.20 -80.63 58.14
C SER P 722 33.57 -80.10 57.69
N GLU P 723 33.84 -78.83 57.99
CA GLU P 723 35.14 -78.23 57.69
C GLU P 723 36.07 -78.38 58.89
N PRO P 724 37.03 -79.32 58.79
CA PRO P 724 38.00 -79.62 59.86
C PRO P 724 38.67 -78.37 60.43
N ARG P 725 39.55 -77.75 59.66
CA ARG P 725 40.32 -76.62 60.15
C ARG P 725 40.09 -75.36 59.31
N PRO P 726 40.48 -74.19 59.85
CA PRO P 726 40.50 -72.98 59.04
C PRO P 726 41.65 -73.02 58.04
N ILE P 727 41.49 -72.37 56.90
CA ILE P 727 42.55 -72.37 55.88
C ILE P 727 43.10 -70.97 55.63
N GLY P 728 44.38 -70.78 55.96
CA GLY P 728 45.05 -69.53 55.69
C GLY P 728 45.19 -69.29 54.20
N THR P 729 45.88 -68.22 53.83
CA THR P 729 46.07 -67.91 52.41
C THR P 729 47.54 -67.68 52.11
N ARG P 730 48.32 -67.53 53.17
CA ARG P 730 49.73 -67.19 53.05
C ARG P 730 50.64 -68.42 53.18
N TYR P 731 50.97 -69.02 52.04
CA TYR P 731 51.85 -70.18 51.99
C TYR P 731 53.09 -69.91 51.13
N LEU P 732 52.99 -68.92 50.26
CA LEU P 732 54.08 -68.59 49.36
C LEU P 732 54.87 -67.38 49.87
N THR P 733 56.17 -67.35 49.57
CA THR P 733 57.04 -66.30 50.11
C THR P 733 57.50 -65.28 49.08
N ARG P 734 57.39 -64.01 49.44
CA ARG P 734 57.90 -62.90 48.65
C ARG P 734 58.77 -62.04 49.56
N ASN P 735 59.71 -61.31 48.98
CA ASN P 735 60.61 -60.48 49.76
C ASN P 735 60.01 -59.13 50.14
N LEU P 736 60.83 -58.28 50.75
CA LEU P 736 60.40 -56.93 51.12
C LEU P 736 61.02 -55.89 50.20
N GLY Q 217 -34.28 -7.49 -3.39
CA GLY Q 217 -35.20 -7.96 -4.42
C GLY Q 217 -36.07 -6.85 -4.97
N ALA Q 218 -36.33 -6.91 -6.28
CA ALA Q 218 -37.14 -5.90 -6.95
C ALA Q 218 -37.98 -6.48 -8.07
N ASP Q 219 -39.30 -6.48 -7.88
CA ASP Q 219 -40.23 -6.98 -8.90
C ASP Q 219 -41.46 -6.07 -9.07
N GLY Q 220 -42.56 -6.65 -9.55
CA GLY Q 220 -43.70 -5.84 -9.97
C GLY Q 220 -44.96 -5.91 -9.13
N VAL Q 221 -46.06 -5.43 -9.71
CA VAL Q 221 -47.35 -5.32 -9.02
C VAL Q 221 -48.05 -6.66 -8.89
N GLY Q 222 -48.27 -7.33 -10.03
CA GLY Q 222 -48.92 -8.61 -10.05
C GLY Q 222 -47.94 -9.77 -9.94
N ASN Q 223 -47.02 -9.66 -9.00
CA ASN Q 223 -46.01 -10.69 -8.78
C ASN Q 223 -45.65 -10.78 -7.30
N SER Q 224 -46.06 -11.88 -6.65
CA SER Q 224 -45.81 -12.09 -5.23
C SER Q 224 -44.32 -12.03 -4.91
N SER Q 225 -43.96 -11.23 -3.90
CA SER Q 225 -42.58 -11.07 -3.49
C SER Q 225 -42.13 -12.09 -2.45
N GLY Q 226 -42.82 -13.22 -2.39
CA GLY Q 226 -42.47 -14.26 -1.44
C GLY Q 226 -43.49 -15.38 -1.33
N ASN Q 227 -43.07 -16.53 -0.81
CA ASN Q 227 -43.96 -17.66 -0.61
C ASN Q 227 -44.22 -17.97 0.86
N TRP Q 228 -45.22 -18.82 1.11
CA TRP Q 228 -45.59 -19.18 2.47
C TRP Q 228 -44.74 -20.33 2.99
N HIS Q 229 -43.64 -20.02 3.66
CA HIS Q 229 -42.77 -21.04 4.21
C HIS Q 229 -43.05 -21.25 5.70
N CYS Q 230 -43.80 -22.29 6.02
CA CYS Q 230 -44.05 -22.65 7.41
C CYS Q 230 -43.97 -24.16 7.58
N ASP Q 231 -42.85 -24.62 8.11
CA ASP Q 231 -42.61 -26.04 8.28
C ASP Q 231 -41.42 -26.26 9.19
N SER Q 232 -41.25 -27.48 9.68
CA SER Q 232 -40.09 -27.83 10.48
C SER Q 232 -39.75 -29.30 10.30
N GLN Q 233 -38.49 -29.57 10.01
CA GLN Q 233 -37.99 -30.92 9.93
C GLN Q 233 -36.75 -31.06 10.82
N TRP Q 234 -36.39 -32.30 11.13
CA TRP Q 234 -35.33 -32.56 12.09
C TRP Q 234 -34.09 -33.16 11.44
N LEU Q 235 -32.93 -32.90 12.03
CA LEU Q 235 -31.68 -33.42 11.52
C LEU Q 235 -31.00 -34.33 12.54
N GLY Q 236 -31.73 -34.63 13.62
CA GLY Q 236 -31.21 -35.48 14.67
C GLY Q 236 -30.12 -34.78 15.46
N ASP Q 237 -29.36 -33.93 14.78
CA ASP Q 237 -28.29 -33.18 15.40
C ASP Q 237 -28.75 -31.74 15.65
N ARG Q 238 -29.79 -31.34 14.92
CA ARG Q 238 -30.32 -29.99 15.01
C ARG Q 238 -31.70 -29.92 14.36
N VAL Q 239 -32.40 -28.83 14.59
CA VAL Q 239 -33.74 -28.67 14.03
C VAL Q 239 -34.00 -27.25 13.52
N ILE Q 240 -34.58 -27.16 12.33
CA ILE Q 240 -34.87 -25.86 11.73
C ILE Q 240 -36.38 -25.57 11.75
N THR Q 241 -36.73 -24.46 12.38
CA THR Q 241 -38.13 -24.06 12.49
C THR Q 241 -38.44 -22.88 11.59
N THR Q 242 -39.31 -23.11 10.61
CA THR Q 242 -39.74 -22.06 9.71
C THR Q 242 -41.18 -21.66 10.03
N SER Q 243 -41.42 -20.35 10.14
CA SER Q 243 -42.74 -19.85 10.52
C SER Q 243 -43.15 -18.64 9.68
N THR Q 244 -44.37 -18.67 9.18
CA THR Q 244 -44.93 -17.55 8.41
C THR Q 244 -46.30 -17.16 8.94
N ARG Q 245 -46.52 -15.86 9.11
CA ARG Q 245 -47.80 -15.36 9.60
C ARG Q 245 -48.22 -14.14 8.80
N THR Q 246 -49.50 -13.82 8.86
CA THR Q 246 -50.01 -12.61 8.23
C THR Q 246 -50.13 -11.51 9.27
N TRP Q 247 -49.68 -10.32 8.92
CA TRP Q 247 -49.67 -9.20 9.84
C TRP Q 247 -50.45 -8.01 9.29
N ALA Q 248 -50.92 -7.16 10.19
CA ALA Q 248 -51.59 -5.92 9.80
C ALA Q 248 -51.06 -4.76 10.63
N LEU Q 249 -50.89 -3.62 9.98
CA LEU Q 249 -50.31 -2.45 10.65
C LEU Q 249 -51.11 -1.17 10.42
N PRO Q 250 -51.63 -0.59 11.52
CA PRO Q 250 -52.35 0.68 11.49
C PRO Q 250 -51.39 1.86 11.46
N THR Q 251 -51.93 3.07 11.46
CA THR Q 251 -51.10 4.26 11.62
C THR Q 251 -51.17 4.68 13.09
N TYR Q 252 -50.08 4.45 13.81
CA TYR Q 252 -50.03 4.75 15.23
C TYR Q 252 -49.73 6.22 15.50
N ASN Q 253 -50.23 6.71 16.63
CA ASN Q 253 -49.96 8.08 17.08
C ASN Q 253 -50.18 9.15 16.03
N ASN Q 254 -50.95 8.82 15.00
CA ASN Q 254 -51.29 9.80 13.97
C ASN Q 254 -50.02 10.42 13.36
N HIS Q 255 -49.08 9.57 12.97
CA HIS Q 255 -47.84 10.03 12.36
C HIS Q 255 -47.07 10.99 13.27
N LEU Q 256 -47.24 10.84 14.58
CA LEU Q 256 -46.63 11.76 15.53
C LEU Q 256 -45.86 11.09 16.67
N TYR Q 257 -44.78 11.72 17.08
CA TYR Q 257 -44.07 11.31 18.29
C TYR Q 257 -44.67 12.08 19.45
N LYS Q 258 -45.12 11.36 20.48
CA LYS Q 258 -45.76 12.00 21.62
C LYS Q 258 -45.02 11.77 22.93
N GLN Q 259 -44.86 12.82 23.71
CA GLN Q 259 -44.27 12.73 25.04
C GLN Q 259 -45.28 12.19 26.03
N ILE Q 260 -45.03 10.99 26.55
CA ILE Q 260 -45.90 10.40 27.55
C ILE Q 260 -45.24 10.43 28.92
N SER Q 261 -46.06 10.39 29.96
CA SER Q 261 -45.56 10.48 31.33
C SER Q 261 -46.62 10.03 32.33
N SER Q 262 -46.23 9.98 33.60
CA SER Q 262 -47.13 9.56 34.67
C SER Q 262 -48.19 10.62 34.96
N GLN Q 263 -49.38 10.16 35.33
CA GLN Q 263 -50.48 11.04 35.65
C GLN Q 263 -50.10 11.96 36.80
N SER Q 264 -50.54 13.21 36.73
CA SER Q 264 -50.27 14.17 37.80
C SER Q 264 -50.85 13.69 39.13
N GLY Q 265 -50.04 12.99 39.90
CA GLY Q 265 -50.46 12.46 41.18
C GLY Q 265 -51.51 11.35 41.09
N ALA Q 266 -51.18 10.29 40.35
CA ALA Q 266 -52.07 9.15 40.25
C ALA Q 266 -51.45 7.91 40.89
N SER Q 267 -50.12 7.87 40.92
CA SER Q 267 -49.43 6.74 41.52
C SER Q 267 -47.96 7.11 41.80
N ASN Q 268 -47.34 6.43 42.77
CA ASN Q 268 -45.97 6.77 43.20
C ASN Q 268 -44.89 5.80 42.72
N ASP Q 269 -45.11 4.51 42.92
CA ASP Q 269 -44.15 3.50 42.48
C ASP Q 269 -44.29 3.24 40.99
N ASN Q 270 -45.25 3.92 40.37
CA ASN Q 270 -45.54 3.71 38.96
C ASN Q 270 -45.27 4.96 38.13
N HIS Q 271 -44.56 5.92 38.71
CA HIS Q 271 -44.16 7.12 37.98
C HIS Q 271 -43.28 6.75 36.81
N TYR Q 272 -43.35 7.53 35.74
CA TYR Q 272 -42.58 7.23 34.55
C TYR Q 272 -42.54 8.41 33.57
N PHE Q 273 -41.58 8.36 32.64
CA PHE Q 273 -41.46 9.36 31.58
C PHE Q 273 -40.86 8.72 30.34
N GLY Q 274 -41.49 8.94 29.19
CA GLY Q 274 -41.01 8.40 27.94
C GLY Q 274 -41.70 9.01 26.74
N TYR Q 275 -41.73 8.26 25.64
CA TYR Q 275 -42.32 8.75 24.40
C TYR Q 275 -43.05 7.67 23.63
N SER Q 276 -44.01 8.08 22.81
CA SER Q 276 -44.77 7.17 21.97
C SER Q 276 -44.44 7.43 20.51
N THR Q 277 -44.00 6.39 19.81
CA THR Q 277 -43.56 6.54 18.43
C THR Q 277 -44.58 6.02 17.44
N PRO Q 278 -44.61 6.61 16.24
CA PRO Q 278 -45.51 6.23 15.15
C PRO Q 278 -45.12 4.89 14.52
N TRP Q 279 -44.08 4.26 15.05
CA TRP Q 279 -43.56 3.02 14.49
C TRP Q 279 -44.17 1.78 15.15
N GLY Q 280 -44.24 0.70 14.40
CA GLY Q 280 -44.62 -0.60 14.93
C GLY Q 280 -43.39 -1.49 14.94
N TYR Q 281 -43.55 -2.73 15.39
CA TYR Q 281 -42.41 -3.63 15.45
C TYR Q 281 -42.82 -5.09 15.40
N PHE Q 282 -41.88 -5.94 15.01
CA PHE Q 282 -42.14 -7.37 14.92
C PHE Q 282 -41.53 -8.10 16.11
N ASP Q 283 -42.22 -9.12 16.60
CA ASP Q 283 -41.74 -9.87 17.73
C ASP Q 283 -42.15 -11.33 17.64
N PHE Q 284 -41.29 -12.22 18.11
CA PHE Q 284 -41.57 -13.64 18.15
C PHE Q 284 -40.83 -14.28 19.32
N ASN Q 285 -40.65 -13.49 20.38
CA ASN Q 285 -39.93 -13.94 21.56
C ASN Q 285 -40.75 -14.92 22.41
N ARG Q 286 -41.50 -15.79 21.73
CA ARG Q 286 -42.27 -16.84 22.38
C ARG Q 286 -41.98 -18.14 21.65
N PHE Q 287 -41.79 -19.22 22.38
CA PHE Q 287 -41.45 -20.48 21.75
C PHE Q 287 -42.55 -20.99 20.82
N HIS Q 288 -43.81 -20.74 21.18
CA HIS Q 288 -44.93 -21.23 20.39
C HIS Q 288 -45.02 -20.52 19.04
N CYS Q 289 -44.19 -19.49 18.88
CA CYS Q 289 -44.09 -18.78 17.60
C CYS Q 289 -43.43 -19.67 16.56
N HIS Q 290 -42.62 -20.62 17.01
CA HIS Q 290 -41.78 -21.41 16.11
C HIS Q 290 -42.07 -22.90 16.17
N PHE Q 291 -42.24 -23.43 17.39
CA PHE Q 291 -42.53 -24.84 17.56
C PHE Q 291 -44.02 -25.13 17.63
N SER Q 292 -44.44 -26.21 17.00
CA SER Q 292 -45.82 -26.66 17.14
C SER Q 292 -45.90 -27.51 18.40
N PRO Q 293 -47.12 -27.73 18.92
CA PRO Q 293 -47.31 -28.58 20.08
C PRO Q 293 -46.56 -29.91 19.93
N ARG Q 294 -46.76 -30.56 18.79
CA ARG Q 294 -46.13 -31.85 18.52
C ARG Q 294 -44.60 -31.77 18.56
N ASP Q 295 -44.05 -30.82 17.80
CA ASP Q 295 -42.59 -30.62 17.75
C ASP Q 295 -42.03 -30.45 19.15
N TRP Q 296 -42.68 -29.57 19.91
CA TRP Q 296 -42.26 -29.31 21.28
C TRP Q 296 -42.20 -30.61 22.07
N GLN Q 297 -43.11 -31.52 21.79
CA GLN Q 297 -43.13 -32.82 22.45
C GLN Q 297 -41.87 -33.63 22.12
N ARG Q 298 -41.60 -33.81 20.82
CA ARG Q 298 -40.41 -34.50 20.39
C ARG Q 298 -39.18 -33.90 21.05
N LEU Q 299 -39.07 -32.58 20.95
CA LEU Q 299 -37.97 -31.85 21.56
C LEU Q 299 -37.79 -32.22 23.03
N ILE Q 300 -38.85 -31.97 23.81
CA ILE Q 300 -38.82 -32.17 25.24
C ILE Q 300 -38.43 -33.59 25.65
N ASN Q 301 -39.08 -34.57 25.02
CA ASN Q 301 -38.97 -35.96 25.44
C ASN Q 301 -37.69 -36.66 24.97
N ASN Q 302 -36.85 -35.96 24.22
CA ASN Q 302 -35.71 -36.62 23.59
C ASN Q 302 -34.33 -36.00 23.83
N ASN Q 303 -34.29 -34.73 24.18
CA ASN Q 303 -33.01 -34.02 24.22
C ASN Q 303 -32.59 -33.49 25.60
N TRP Q 304 -31.34 -33.77 25.96
CA TRP Q 304 -30.73 -33.24 27.18
C TRP Q 304 -30.85 -31.72 27.24
N GLY Q 305 -30.67 -31.06 26.11
CA GLY Q 305 -30.72 -29.60 26.04
C GLY Q 305 -30.79 -29.09 24.62
N PHE Q 306 -30.94 -27.77 24.46
CA PHE Q 306 -31.04 -27.16 23.14
C PHE Q 306 -30.67 -25.68 23.17
N ARG Q 307 -30.54 -25.08 21.99
CA ARG Q 307 -30.14 -23.68 21.88
C ARG Q 307 -30.41 -23.12 20.48
N PRO Q 308 -30.48 -21.78 20.37
CA PRO Q 308 -30.64 -21.07 19.09
C PRO Q 308 -29.31 -20.97 18.35
N LYS Q 309 -29.38 -20.94 17.02
CA LYS Q 309 -28.17 -20.85 16.20
C LYS Q 309 -28.21 -19.73 15.17
N LYS Q 310 -29.09 -19.87 14.18
CA LYS Q 310 -29.21 -18.87 13.12
C LYS Q 310 -30.60 -18.26 13.05
N LEU Q 311 -30.76 -17.28 12.16
CA LEU Q 311 -32.04 -16.58 12.02
C LEU Q 311 -32.22 -15.99 10.62
N SER Q 312 -33.43 -16.10 10.10
CA SER Q 312 -33.75 -15.56 8.78
C SER Q 312 -35.08 -14.82 8.79
N PHE Q 313 -35.02 -13.51 8.61
CA PHE Q 313 -36.21 -12.68 8.64
C PHE Q 313 -36.60 -12.19 7.25
N LYS Q 314 -37.87 -12.34 6.90
CA LYS Q 314 -38.34 -11.97 5.57
C LYS Q 314 -39.71 -11.30 5.59
N LEU Q 315 -39.81 -10.16 4.91
CA LEU Q 315 -41.07 -9.43 4.76
C LEU Q 315 -41.48 -9.38 3.30
N PHE Q 316 -42.74 -9.67 3.01
CA PHE Q 316 -43.19 -9.77 1.62
C PHE Q 316 -44.69 -9.60 1.44
N ASN Q 317 -45.12 -9.71 0.18
CA ASN Q 317 -46.54 -9.62 -0.19
C ASN Q 317 -47.23 -8.42 0.44
N ILE Q 318 -46.53 -7.28 0.45
CA ILE Q 318 -47.03 -6.07 1.08
C ILE Q 318 -48.14 -5.41 0.28
N GLN Q 319 -49.18 -4.97 0.97
CA GLN Q 319 -50.31 -4.28 0.35
C GLN Q 319 -50.68 -3.09 1.22
N VAL Q 320 -50.81 -1.91 0.59
CA VAL Q 320 -51.21 -0.72 1.33
C VAL Q 320 -52.62 -0.30 0.96
N LYS Q 321 -53.55 -0.50 1.90
CA LYS Q 321 -54.94 -0.13 1.69
C LYS Q 321 -55.23 1.20 2.37
N GLU Q 322 -55.85 2.12 1.63
CA GLU Q 322 -56.28 3.38 2.21
C GLU Q 322 -57.80 3.42 2.32
N VAL Q 323 -58.29 3.87 3.48
CA VAL Q 323 -59.72 3.84 3.76
C VAL Q 323 -60.32 5.24 3.79
N THR Q 324 -61.56 5.35 3.34
CA THR Q 324 -62.28 6.61 3.35
C THR Q 324 -63.69 6.45 3.88
N GLN Q 325 -64.05 7.26 4.85
CA GLN Q 325 -65.41 7.29 5.39
C GLN Q 325 -66.21 8.37 4.69
N ASN Q 326 -66.97 7.97 3.66
CA ASN Q 326 -67.71 8.93 2.84
C ASN Q 326 -68.98 9.47 3.50
N ASP Q 327 -69.98 8.61 3.64
CA ASP Q 327 -71.22 8.99 4.30
C ASP Q 327 -71.39 8.19 5.59
N GLY Q 328 -71.94 6.99 5.47
CA GLY Q 328 -72.03 6.07 6.58
C GLY Q 328 -71.44 4.74 6.17
N THR Q 329 -70.57 4.79 5.16
CA THR Q 329 -69.96 3.59 4.60
C THR Q 329 -68.44 3.73 4.46
N THR Q 330 -67.70 2.80 5.07
CA THR Q 330 -66.26 2.78 4.94
C THR Q 330 -65.82 1.98 3.73
N THR Q 331 -65.22 2.66 2.76
CA THR Q 331 -64.71 2.01 1.56
C THR Q 331 -63.19 1.85 1.66
N ILE Q 332 -62.71 0.66 1.31
CA ILE Q 332 -61.27 0.37 1.35
C ILE Q 332 -60.77 0.01 -0.04
N ALA Q 333 -59.65 0.62 -0.45
CA ALA Q 333 -59.10 0.37 -1.78
C ALA Q 333 -57.57 0.30 -1.77
N ASN Q 334 -57.00 0.22 -2.96
CA ASN Q 334 -55.55 0.09 -3.11
C ASN Q 334 -54.84 1.40 -3.43
N ASN Q 335 -53.86 1.75 -2.60
CA ASN Q 335 -52.97 2.86 -2.91
C ASN Q 335 -51.61 2.30 -3.30
N LEU Q 336 -51.49 1.91 -4.56
CA LEU Q 336 -50.30 1.22 -5.03
C LEU Q 336 -49.02 2.04 -4.87
N THR Q 337 -49.11 3.33 -5.16
CA THR Q 337 -47.93 4.19 -5.12
C THR Q 337 -47.47 4.53 -3.70
N SER Q 338 -48.07 3.88 -2.70
CA SER Q 338 -47.68 4.15 -1.32
C SER Q 338 -46.62 3.16 -0.84
N THR Q 339 -45.81 3.60 0.12
CA THR Q 339 -44.71 2.78 0.62
C THR Q 339 -44.79 2.51 2.11
N VAL Q 340 -43.95 1.59 2.56
CA VAL Q 340 -43.81 1.29 3.98
C VAL Q 340 -42.32 1.29 4.31
N GLN Q 341 -41.97 1.52 5.57
CA GLN Q 341 -40.57 1.68 5.94
C GLN Q 341 -40.09 0.68 6.99
N VAL Q 342 -38.99 0.01 6.71
CA VAL Q 342 -38.42 -0.98 7.63
C VAL Q 342 -36.96 -0.66 7.92
N PHE Q 343 -36.53 -0.98 9.14
CA PHE Q 343 -35.11 -0.94 9.48
C PHE Q 343 -34.83 -1.74 10.75
N THR Q 344 -33.62 -2.24 10.87
CA THR Q 344 -33.27 -3.11 11.99
C THR Q 344 -32.20 -2.48 12.86
N ASP Q 345 -32.50 -2.32 14.14
CA ASP Q 345 -31.54 -1.77 15.09
C ASP Q 345 -30.44 -2.77 15.39
N SER Q 346 -29.42 -2.79 14.55
CA SER Q 346 -28.32 -3.74 14.69
C SER Q 346 -27.15 -3.14 15.47
N GLU Q 347 -27.12 -1.82 15.54
CA GLU Q 347 -26.11 -1.12 16.34
C GLU Q 347 -26.58 -1.02 17.78
N TYR Q 348 -27.79 -1.51 18.04
CA TYR Q 348 -28.39 -1.47 19.36
C TYR Q 348 -28.40 -0.07 19.94
N GLN Q 349 -28.90 0.89 19.17
CA GLN Q 349 -28.91 2.28 19.58
C GLN Q 349 -30.30 2.71 20.08
N LEU Q 350 -31.32 1.93 19.72
CA LEU Q 350 -32.67 2.16 20.23
C LEU Q 350 -32.90 1.28 21.45
N PRO Q 351 -33.57 1.84 22.47
CA PRO Q 351 -33.88 1.10 23.71
C PRO Q 351 -34.49 -0.26 23.40
N TYR Q 352 -33.88 -1.31 23.91
CA TYR Q 352 -34.37 -2.66 23.68
C TYR Q 352 -35.60 -2.91 24.54
N VAL Q 353 -36.75 -3.01 23.87
CA VAL Q 353 -38.02 -3.11 24.56
C VAL Q 353 -38.56 -4.55 24.52
N LEU Q 354 -37.81 -5.43 23.87
CA LEU Q 354 -38.17 -6.84 23.79
C LEU Q 354 -37.71 -7.59 25.04
N GLY Q 355 -38.19 -8.81 25.21
CA GLY Q 355 -37.84 -9.62 26.35
C GLY Q 355 -38.45 -9.09 27.63
N SER Q 356 -39.65 -8.53 27.51
CA SER Q 356 -40.38 -8.01 28.67
C SER Q 356 -41.79 -8.60 28.74
N ALA Q 357 -41.97 -9.75 28.10
CA ALA Q 357 -43.23 -10.49 28.16
C ALA Q 357 -44.41 -9.72 27.55
N HIS Q 358 -44.11 -8.74 26.72
CA HIS Q 358 -45.16 -7.95 26.07
C HIS Q 358 -45.94 -8.78 25.08
N GLN Q 359 -47.10 -8.28 24.70
CA GLN Q 359 -47.96 -8.99 23.75
C GLN Q 359 -47.77 -8.44 22.34
N GLY Q 360 -48.25 -9.18 21.36
CA GLY Q 360 -48.12 -8.77 19.97
C GLY Q 360 -47.17 -9.66 19.20
N CYS Q 361 -46.80 -10.78 19.81
CA CYS Q 361 -45.93 -11.76 19.17
C CYS Q 361 -46.64 -12.41 17.99
N LEU Q 362 -46.02 -13.44 17.42
CA LEU Q 362 -46.67 -14.19 16.36
C LEU Q 362 -47.65 -15.18 16.96
N PRO Q 363 -48.82 -15.31 16.34
CA PRO Q 363 -49.87 -16.23 16.80
C PRO Q 363 -49.36 -17.66 16.91
N PRO Q 364 -49.70 -18.36 18.00
CA PRO Q 364 -49.32 -19.77 18.13
C PRO Q 364 -49.84 -20.56 16.94
N PHE Q 365 -51.11 -20.32 16.60
CA PHE Q 365 -51.74 -20.98 15.46
C PHE Q 365 -51.44 -20.21 14.18
N PRO Q 366 -50.94 -20.92 13.16
CA PRO Q 366 -50.50 -20.34 11.88
C PRO Q 366 -51.60 -19.61 11.13
N ALA Q 367 -52.83 -20.11 11.24
CA ALA Q 367 -53.96 -19.54 10.51
C ALA Q 367 -54.42 -18.19 11.06
N ASP Q 368 -54.01 -17.88 12.29
CA ASP Q 368 -54.42 -16.64 12.94
C ASP Q 368 -53.68 -15.42 12.39
N VAL Q 369 -54.39 -14.29 12.32
CA VAL Q 369 -53.80 -13.03 11.90
C VAL Q 369 -53.54 -12.17 13.13
N PHE Q 370 -52.49 -11.35 13.08
CA PHE Q 370 -52.13 -10.50 14.22
C PHE Q 370 -51.92 -9.04 13.85
N MET Q 371 -52.09 -8.16 14.84
CA MET Q 371 -51.87 -6.74 14.67
C MET Q 371 -50.46 -6.41 15.13
N VAL Q 372 -49.73 -5.64 14.34
CA VAL Q 372 -48.36 -5.26 14.68
C VAL Q 372 -48.35 -4.19 15.77
N PRO Q 373 -47.73 -4.50 16.92
CA PRO Q 373 -47.70 -3.63 18.10
C PRO Q 373 -47.09 -2.28 17.82
N GLN Q 374 -47.20 -1.35 18.76
CA GLN Q 374 -46.61 -0.03 18.62
C GLN Q 374 -45.37 0.12 19.50
N TYR Q 375 -44.40 0.90 19.03
CA TYR Q 375 -43.16 1.10 19.75
C TYR Q 375 -43.26 2.25 20.75
N GLY Q 376 -42.91 1.97 21.99
CA GLY Q 376 -42.86 2.98 23.03
C GLY Q 376 -41.74 2.67 23.99
N TYR Q 377 -41.01 3.69 24.41
CA TYR Q 377 -39.87 3.48 25.28
C TYR Q 377 -39.86 4.43 26.49
N LEU Q 378 -39.11 4.04 27.51
CA LEU Q 378 -39.01 4.80 28.74
C LEU Q 378 -37.62 5.40 28.88
N THR Q 379 -37.49 6.36 29.79
CA THR Q 379 -36.20 7.00 30.04
C THR Q 379 -36.04 7.33 31.51
N LEU Q 380 -34.86 7.82 31.87
CA LEU Q 380 -34.59 8.25 33.23
C LEU Q 380 -35.61 9.29 33.65
N ASN Q 381 -36.16 9.15 34.86
CA ASN Q 381 -37.17 10.09 35.35
C ASN Q 381 -37.06 10.40 36.85
N ASN Q 382 -37.47 11.60 37.23
CA ASN Q 382 -37.53 12.00 38.62
C ASN Q 382 -38.97 12.23 39.04
N GLY Q 383 -39.68 11.15 39.30
CA GLY Q 383 -41.11 11.23 39.57
C GLY Q 383 -41.87 11.32 38.26
N SER Q 384 -42.70 12.35 38.15
CA SER Q 384 -43.44 12.60 36.92
C SER Q 384 -42.57 13.38 35.94
N GLN Q 385 -41.51 13.98 36.46
CA GLN Q 385 -40.60 14.79 35.68
C GLN Q 385 -39.45 13.96 35.12
N ALA Q 386 -38.66 14.58 34.25
CA ALA Q 386 -37.49 13.93 33.67
C ALA Q 386 -36.22 14.68 34.05
N VAL Q 387 -35.09 14.01 33.91
CA VAL Q 387 -33.80 14.62 34.21
C VAL Q 387 -33.18 15.14 32.92
N GLY Q 388 -32.15 15.97 33.04
CA GLY Q 388 -31.45 16.49 31.88
C GLY Q 388 -30.70 15.40 31.13
N ARG Q 389 -30.43 14.30 31.82
CA ARG Q 389 -29.69 13.18 31.23
C ARG Q 389 -30.60 12.20 30.48
N SER Q 390 -31.91 12.51 30.43
CA SER Q 390 -32.84 11.67 29.70
C SER Q 390 -32.55 11.72 28.22
N SER Q 391 -33.09 10.76 27.46
CA SER Q 391 -32.78 10.65 26.04
C SER Q 391 -34.03 10.57 25.16
N PHE Q 392 -34.08 11.40 24.12
CA PHE Q 392 -35.17 11.39 23.15
C PHE Q 392 -34.71 10.78 21.84
N TYR Q 393 -35.44 9.79 21.36
CA TYR Q 393 -35.06 9.06 20.14
C TYR Q 393 -36.05 9.23 19.00
N CYS Q 394 -35.53 9.58 17.83
CA CYS Q 394 -36.33 9.69 16.63
C CYS Q 394 -35.93 8.61 15.64
N LEU Q 395 -36.86 7.70 15.35
CA LEU Q 395 -36.57 6.58 14.47
C LEU Q 395 -36.50 7.01 13.00
N GLU Q 396 -36.76 8.28 12.74
CA GLU Q 396 -36.68 8.83 11.40
C GLU Q 396 -35.24 9.19 11.07
N TYR Q 397 -34.43 9.35 12.12
CA TYR Q 397 -33.01 9.67 11.97
C TYR Q 397 -32.22 8.39 11.76
N PHE Q 398 -32.94 7.31 11.48
CA PHE Q 398 -32.32 6.04 11.13
C PHE Q 398 -32.57 5.76 9.66
N PRO Q 399 -31.52 5.36 8.94
CA PRO Q 399 -31.69 4.91 7.54
C PRO Q 399 -32.64 3.73 7.48
N SER Q 400 -33.71 3.87 6.70
CA SER Q 400 -34.68 2.80 6.56
C SER Q 400 -35.00 2.52 5.09
N GLN Q 401 -35.31 1.26 4.79
CA GLN Q 401 -35.67 0.86 3.45
C GLN Q 401 -37.16 1.03 3.23
N MET Q 402 -37.53 1.78 2.20
CA MET Q 402 -38.93 1.99 1.87
C MET Q 402 -39.37 1.01 0.78
N LEU Q 403 -40.54 0.41 0.98
CA LEU Q 403 -41.02 -0.64 0.09
C LEU Q 403 -42.38 -0.32 -0.51
N ARG Q 404 -42.50 -0.52 -1.82
CA ARG Q 404 -43.77 -0.43 -2.52
C ARG Q 404 -44.28 -1.85 -2.68
N THR Q 405 -45.46 -2.01 -3.28
CA THR Q 405 -46.01 -3.34 -3.51
C THR Q 405 -45.15 -4.11 -4.50
N GLY Q 406 -44.57 -5.21 -4.05
CA GLY Q 406 -43.68 -5.99 -4.89
C GLY Q 406 -42.27 -5.93 -4.38
N ASN Q 407 -42.04 -5.08 -3.39
CA ASN Q 407 -40.76 -5.02 -2.71
C ASN Q 407 -40.77 -5.94 -1.50
N ASN Q 408 -39.59 -6.42 -1.11
CA ASN Q 408 -39.48 -7.29 0.05
C ASN Q 408 -38.28 -6.93 0.92
N PHE Q 409 -38.28 -7.43 2.16
CA PHE Q 409 -37.22 -7.11 3.11
C PHE Q 409 -36.52 -8.39 3.57
N GLN Q 410 -35.19 -8.32 3.66
CA GLN Q 410 -34.39 -9.50 3.97
C GLN Q 410 -33.45 -9.23 5.15
N PHE Q 411 -33.27 -10.22 6.02
CA PHE Q 411 -32.38 -10.06 7.17
C PHE Q 411 -31.90 -11.39 7.76
N SER Q 412 -30.58 -11.50 7.96
CA SER Q 412 -29.98 -12.70 8.54
C SER Q 412 -29.14 -12.38 9.79
N TYR Q 413 -29.31 -13.20 10.83
CA TYR Q 413 -28.68 -12.96 12.12
C TYR Q 413 -28.05 -14.25 12.63
N THR Q 414 -26.99 -14.11 13.43
CA THR Q 414 -26.29 -15.28 13.97
C THR Q 414 -26.15 -15.19 15.50
N PHE Q 415 -26.83 -16.09 16.21
CA PHE Q 415 -26.77 -16.14 17.66
C PHE Q 415 -25.35 -16.33 18.17
N GLU Q 416 -25.07 -15.77 19.34
CA GLU Q 416 -23.78 -15.94 19.98
C GLU Q 416 -23.74 -17.25 20.74
N ASP Q 417 -22.60 -17.53 21.38
CA ASP Q 417 -22.46 -18.74 22.19
C ASP Q 417 -23.23 -18.60 23.49
N VAL Q 418 -24.25 -19.43 23.68
CA VAL Q 418 -25.05 -19.39 24.90
C VAL Q 418 -25.42 -20.81 25.36
N PRO Q 419 -25.09 -21.13 26.61
CA PRO Q 419 -25.27 -22.46 27.24
C PRO Q 419 -26.63 -23.09 26.97
N PHE Q 420 -26.62 -24.39 26.65
CA PHE Q 420 -27.83 -25.15 26.43
C PHE Q 420 -28.79 -24.97 27.60
N HIS Q 421 -30.09 -25.05 27.32
CA HIS Q 421 -31.07 -25.05 28.39
C HIS Q 421 -31.16 -26.44 28.99
N SER Q 422 -31.61 -26.50 30.24
CA SER Q 422 -31.76 -27.77 30.94
C SER Q 422 -33.09 -28.43 30.64
N SER Q 423 -33.10 -29.26 29.60
CA SER Q 423 -34.28 -30.06 29.28
C SER Q 423 -34.22 -31.36 30.05
N TYR Q 424 -33.57 -31.32 31.21
CA TYR Q 424 -33.38 -32.50 32.05
C TYR Q 424 -33.66 -32.18 33.52
N ALA Q 425 -33.82 -33.23 34.32
CA ALA Q 425 -33.98 -33.09 35.76
C ALA Q 425 -33.12 -34.13 36.46
N HIS Q 426 -32.49 -33.73 37.57
CA HIS Q 426 -31.55 -34.60 38.25
C HIS Q 426 -32.23 -35.78 38.96
N SER Q 427 -31.67 -36.97 38.78
CA SER Q 427 -32.16 -38.17 39.44
C SER Q 427 -31.51 -38.35 40.81
N GLN Q 428 -30.46 -37.56 41.06
CA GLN Q 428 -29.79 -37.55 42.36
C GLN Q 428 -30.11 -36.25 43.11
N SER Q 429 -29.71 -36.18 44.37
CA SER Q 429 -29.89 -34.97 45.16
C SER Q 429 -28.55 -34.48 45.70
N LEU Q 430 -28.49 -33.21 46.10
CA LEU Q 430 -27.25 -32.65 46.65
C LEU Q 430 -26.81 -33.35 47.93
N ASP Q 431 -27.75 -33.58 48.84
CA ASP Q 431 -27.43 -34.22 50.10
C ASP Q 431 -27.40 -35.74 49.98
N ARG Q 432 -28.04 -36.27 48.94
CA ARG Q 432 -28.08 -37.71 48.71
C ARG Q 432 -27.16 -38.11 47.58
N LEU Q 433 -25.89 -37.73 47.68
CA LEU Q 433 -24.92 -37.92 46.61
C LEU Q 433 -23.91 -39.02 46.93
N MET Q 434 -23.70 -39.28 48.22
CA MET Q 434 -22.69 -40.24 48.66
C MET Q 434 -23.09 -41.71 48.55
N ASN Q 435 -22.32 -42.57 49.19
CA ASN Q 435 -22.55 -44.01 49.14
C ASN Q 435 -23.33 -44.52 50.33
N PRO Q 436 -24.49 -45.14 50.06
CA PRO Q 436 -25.39 -45.69 51.07
C PRO Q 436 -24.78 -46.86 51.85
N LEU Q 437 -23.74 -47.48 51.32
CA LEU Q 437 -23.20 -48.71 51.90
C LEU Q 437 -21.97 -48.48 52.76
N ILE Q 438 -21.13 -47.55 52.35
CA ILE Q 438 -19.86 -47.32 53.04
C ILE Q 438 -19.91 -46.10 53.94
N ASP Q 439 -19.12 -46.12 55.00
CA ASP Q 439 -19.07 -45.02 55.95
C ASP Q 439 -17.95 -44.06 55.60
N GLN Q 440 -18.08 -42.80 56.00
CA GLN Q 440 -17.03 -41.82 55.79
C GLN Q 440 -15.88 -42.06 56.76
N TYR Q 441 -14.69 -41.60 56.39
CA TYR Q 441 -13.53 -41.70 57.29
C TYR Q 441 -13.35 -40.39 58.04
N LEU Q 442 -14.27 -39.45 57.82
CA LEU Q 442 -14.23 -38.17 58.51
C LEU Q 442 -15.08 -38.21 59.77
N TYR Q 443 -14.75 -37.34 60.73
CA TYR Q 443 -15.46 -37.31 62.00
C TYR Q 443 -16.13 -35.97 62.25
N TYR Q 444 -17.29 -36.03 62.89
CA TYR Q 444 -18.03 -34.83 63.26
C TYR Q 444 -18.42 -34.94 64.73
N LEU Q 445 -18.74 -33.82 65.35
CA LEU Q 445 -19.18 -33.82 66.74
C LEU Q 445 -20.69 -33.87 66.81
N ASN Q 446 -21.24 -34.81 67.59
CA ASN Q 446 -22.67 -35.00 67.68
C ASN Q 446 -23.21 -35.00 69.11
N ARG Q 447 -22.30 -35.04 70.08
CA ARG Q 447 -22.68 -35.03 71.49
C ARG Q 447 -21.82 -34.05 72.27
N THR Q 448 -22.47 -33.10 72.93
CA THR Q 448 -21.77 -32.08 73.69
C THR Q 448 -21.85 -32.34 75.20
N GLN Q 449 -22.96 -32.91 75.64
CA GLN Q 449 -23.16 -33.20 77.06
C GLN Q 449 -23.64 -34.62 77.31
N GLY Q 450 -24.77 -34.97 76.70
CA GLY Q 450 -25.41 -36.26 76.94
C GLY Q 450 -24.46 -37.43 76.94
N THR Q 451 -24.00 -37.82 78.13
CA THR Q 451 -23.11 -38.96 78.27
C THR Q 451 -23.86 -40.11 78.91
N THR Q 452 -23.12 -41.05 79.49
CA THR Q 452 -23.72 -42.08 80.33
C THR Q 452 -24.36 -41.38 81.52
N SER Q 453 -25.50 -40.73 81.25
CA SER Q 453 -26.10 -39.78 82.19
C SER Q 453 -26.73 -40.44 83.41
N GLY Q 454 -26.07 -40.29 84.55
CA GLY Q 454 -26.57 -40.82 85.81
C GLY Q 454 -25.81 -40.23 86.98
N THR Q 455 -24.56 -40.64 87.12
CA THR Q 455 -23.67 -40.13 88.16
C THR Q 455 -22.58 -39.26 87.52
N THR Q 456 -22.35 -38.09 88.10
CA THR Q 456 -21.22 -37.23 87.73
C THR Q 456 -21.02 -37.10 86.22
N ASN Q 457 -22.11 -36.93 85.48
CA ASN Q 457 -22.01 -36.78 84.03
C ASN Q 457 -22.70 -35.51 83.52
N GLN Q 458 -22.01 -34.39 83.69
CA GLN Q 458 -22.49 -33.10 83.23
C GLN Q 458 -22.32 -32.96 81.71
N SER Q 459 -21.06 -32.95 81.26
CA SER Q 459 -20.77 -32.75 79.84
C SER Q 459 -19.48 -33.44 79.39
N ARG Q 460 -19.41 -33.78 78.11
CA ARG Q 460 -18.24 -34.43 77.52
C ARG Q 460 -18.27 -34.28 76.01
N LEU Q 461 -17.11 -34.02 75.41
CA LEU Q 461 -17.01 -33.85 73.97
C LEU Q 461 -16.87 -35.20 73.27
N LEU Q 462 -17.89 -35.56 72.49
CA LEU Q 462 -17.92 -36.85 71.82
C LEU Q 462 -18.13 -36.74 70.31
N PHE Q 463 -17.31 -37.47 69.55
CA PHE Q 463 -17.33 -37.41 68.10
C PHE Q 463 -17.76 -38.73 67.48
N SER Q 464 -18.45 -38.67 66.36
CA SER Q 464 -18.88 -39.87 65.65
C SER Q 464 -18.36 -39.91 64.21
N GLN Q 465 -18.09 -41.10 63.72
CA GLN Q 465 -17.70 -41.30 62.32
C GLN Q 465 -18.94 -41.41 61.46
N ALA Q 466 -19.02 -40.55 60.44
CA ALA Q 466 -20.19 -40.53 59.57
C ALA Q 466 -20.49 -41.91 58.98
N GLY Q 467 -21.76 -42.29 58.99
CA GLY Q 467 -22.19 -43.54 58.42
C GLY Q 467 -23.43 -43.33 57.58
N PRO Q 468 -23.92 -44.40 56.93
CA PRO Q 468 -25.17 -44.32 56.15
C PRO Q 468 -26.31 -43.97 57.08
N GLN Q 469 -26.09 -44.23 58.36
CA GLN Q 469 -27.06 -43.97 59.40
C GLN Q 469 -27.12 -42.48 59.71
N SER Q 470 -25.96 -41.85 59.78
CA SER Q 470 -25.88 -40.40 59.96
C SER Q 470 -25.87 -39.71 58.60
N MET Q 471 -26.98 -39.84 57.87
CA MET Q 471 -27.03 -39.40 56.49
C MET Q 471 -27.05 -37.88 56.31
N SER Q 472 -27.83 -37.19 57.14
CA SER Q 472 -27.93 -35.73 57.06
C SER Q 472 -26.92 -35.06 57.98
N LEU Q 473 -25.84 -35.77 58.29
CA LEU Q 473 -24.81 -35.25 59.18
C LEU Q 473 -23.42 -35.38 58.56
N GLN Q 474 -23.34 -36.14 57.48
CA GLN Q 474 -22.06 -36.41 56.82
C GLN Q 474 -21.43 -35.14 56.26
N ALA Q 475 -20.11 -35.16 56.13
CA ALA Q 475 -19.38 -34.05 55.52
C ALA Q 475 -19.89 -33.81 54.10
N ARG Q 476 -19.89 -32.55 53.68
CA ARG Q 476 -20.44 -32.20 52.38
C ARG Q 476 -19.43 -31.41 51.55
N ASN Q 477 -19.56 -31.51 50.23
CA ASN Q 477 -18.65 -30.81 49.32
C ASN Q 477 -19.30 -29.63 48.60
N TRP Q 478 -20.62 -29.53 48.66
CA TRP Q 478 -21.36 -28.55 47.88
C TRP Q 478 -22.57 -27.96 48.63
N LEU Q 479 -22.98 -26.76 48.24
CA LEU Q 479 -24.17 -26.12 48.82
C LEU Q 479 -25.27 -25.92 47.77
N PRO Q 480 -26.50 -25.67 48.25
CA PRO Q 480 -27.64 -25.38 47.36
C PRO Q 480 -27.51 -23.97 46.77
N GLY Q 481 -28.37 -23.66 45.79
CA GLY Q 481 -28.35 -22.36 45.16
C GLY Q 481 -28.79 -21.25 46.09
N PRO Q 482 -28.55 -20.00 45.69
CA PRO Q 482 -28.93 -18.81 46.46
C PRO Q 482 -30.44 -18.76 46.68
N CYS Q 483 -30.91 -17.79 47.46
CA CYS Q 483 -32.33 -17.71 47.77
C CYS Q 483 -32.80 -16.30 48.13
N TYR Q 484 -34.10 -16.07 47.97
CA TYR Q 484 -34.75 -14.83 48.37
C TYR Q 484 -36.19 -15.16 48.73
N ARG Q 485 -36.42 -15.46 50.00
CA ARG Q 485 -37.69 -16.01 50.48
C ARG Q 485 -38.91 -15.31 49.89
N GLN Q 486 -39.87 -16.12 49.43
CA GLN Q 486 -41.15 -15.63 48.95
C GLN Q 486 -42.24 -16.03 49.93
N GLN Q 487 -43.36 -15.31 49.92
CA GLN Q 487 -44.47 -15.66 50.80
C GLN Q 487 -45.25 -16.85 50.26
N ARG Q 488 -45.74 -17.70 51.16
CA ARG Q 488 -46.47 -18.90 50.76
C ARG Q 488 -47.96 -18.61 50.56
N LEU Q 489 -48.49 -19.03 49.41
CA LEU Q 489 -49.92 -18.87 49.13
C LEU Q 489 -50.57 -20.20 48.85
N SER Q 490 -51.85 -20.33 49.18
CA SER Q 490 -52.60 -21.53 48.89
C SER Q 490 -53.62 -21.28 47.79
N LYS Q 491 -53.87 -22.29 46.98
CA LYS Q 491 -54.85 -22.18 45.92
C LYS Q 491 -56.25 -22.25 46.53
N THR Q 492 -56.35 -22.86 47.71
CA THR Q 492 -57.60 -22.92 48.45
C THR Q 492 -57.84 -21.57 49.14
N ALA Q 493 -58.85 -20.84 48.68
CA ALA Q 493 -59.08 -19.47 49.12
C ALA Q 493 -59.58 -19.35 50.55
N ASN Q 494 -59.20 -20.30 51.41
CA ASN Q 494 -59.60 -20.22 52.81
C ASN Q 494 -58.49 -20.62 53.77
N ASP Q 495 -57.39 -21.14 53.22
CA ASP Q 495 -56.22 -21.46 54.03
C ASP Q 495 -55.51 -20.17 54.37
N ASN Q 496 -55.72 -19.15 53.54
CA ASN Q 496 -54.97 -17.91 53.61
C ASN Q 496 -55.48 -16.93 54.66
N ASN Q 497 -54.65 -15.95 55.00
CA ASN Q 497 -55.00 -14.90 55.94
C ASN Q 497 -56.05 -13.96 55.35
N ASN Q 498 -57.03 -13.61 56.16
CA ASN Q 498 -58.10 -12.72 55.71
C ASN Q 498 -57.62 -11.27 55.63
N SER Q 499 -56.62 -11.03 54.78
CA SER Q 499 -56.05 -9.70 54.58
C SER Q 499 -55.44 -9.58 53.18
N ASN Q 500 -55.50 -8.39 52.60
CA ASN Q 500 -54.94 -8.15 51.27
C ASN Q 500 -53.47 -7.75 51.34
N PHE Q 501 -52.60 -8.72 51.05
CA PHE Q 501 -51.15 -8.53 51.22
C PHE Q 501 -50.30 -8.77 49.97
N PRO Q 502 -50.87 -8.56 48.76
CA PRO Q 502 -50.09 -8.86 47.56
C PRO Q 502 -49.08 -7.77 47.26
N TRP Q 503 -48.93 -6.82 48.17
CA TRP Q 503 -47.98 -5.73 47.99
C TRP Q 503 -47.28 -5.36 49.29
N THR Q 504 -48.01 -5.44 50.39
CA THR Q 504 -47.49 -5.06 51.70
C THR Q 504 -46.76 -6.22 52.38
N ALA Q 505 -46.83 -7.40 51.79
CA ALA Q 505 -46.20 -8.58 52.37
C ALA Q 505 -45.37 -9.37 51.37
N ALA Q 506 -45.31 -8.87 50.13
CA ALA Q 506 -44.55 -9.53 49.08
C ALA Q 506 -43.11 -9.02 49.06
N SER Q 507 -42.19 -9.89 48.62
CA SER Q 507 -40.78 -9.53 48.52
C SER Q 507 -40.54 -8.58 47.35
N LYS Q 508 -39.89 -7.46 47.65
CA LYS Q 508 -39.71 -6.40 46.67
C LYS Q 508 -38.34 -5.74 46.83
N TYR Q 509 -37.89 -5.04 45.79
CA TYR Q 509 -36.65 -4.27 45.87
C TYR Q 509 -36.95 -2.82 45.57
N HIS Q 510 -36.00 -1.94 45.84
CA HIS Q 510 -36.21 -0.53 45.53
C HIS Q 510 -34.95 0.16 45.04
N LEU Q 511 -35.10 0.95 43.99
CA LEU Q 511 -34.00 1.71 43.41
C LEU Q 511 -34.40 3.17 43.29
N ASN Q 512 -33.51 4.07 43.70
CA ASN Q 512 -33.79 5.49 43.60
C ASN Q 512 -35.01 5.87 44.44
N GLY Q 513 -35.25 5.09 45.49
CA GLY Q 513 -36.39 5.32 46.36
C GLY Q 513 -37.70 4.89 45.73
N ARG Q 514 -37.63 3.91 44.83
CA ARG Q 514 -38.82 3.42 44.13
C ARG Q 514 -38.98 1.90 44.27
N ASP Q 515 -40.06 1.50 44.92
CA ASP Q 515 -40.36 0.08 45.13
C ASP Q 515 -40.73 -0.62 43.82
N SER Q 516 -40.15 -1.80 43.61
CA SER Q 516 -40.48 -2.64 42.47
C SER Q 516 -40.59 -4.09 42.93
N LEU Q 517 -41.63 -4.77 42.49
CA LEU Q 517 -41.89 -6.14 42.94
C LEU Q 517 -40.94 -7.15 42.33
N VAL Q 518 -40.25 -7.91 43.18
CA VAL Q 518 -39.37 -8.97 42.72
C VAL Q 518 -40.22 -10.16 42.28
N ASN Q 519 -40.70 -10.12 41.04
CA ASN Q 519 -41.61 -11.16 40.55
C ASN Q 519 -40.94 -12.53 40.37
N PRO Q 520 -40.21 -12.73 39.26
CA PRO Q 520 -39.54 -14.02 39.17
C PRO Q 520 -38.16 -13.92 39.80
N GLY Q 521 -38.07 -14.13 41.10
CA GLY Q 521 -36.80 -14.01 41.81
C GLY Q 521 -35.83 -15.10 41.41
N PRO Q 522 -34.76 -15.27 42.20
CA PRO Q 522 -33.85 -16.38 41.95
C PRO Q 522 -34.63 -17.69 41.77
N ALA Q 523 -34.05 -18.64 41.08
CA ALA Q 523 -34.72 -19.92 40.85
C ALA Q 523 -34.81 -20.72 42.14
N MET Q 524 -36.03 -20.83 42.67
CA MET Q 524 -36.29 -21.61 43.88
C MET Q 524 -37.44 -22.58 43.63
N ALA Q 525 -37.48 -23.66 44.40
CA ALA Q 525 -38.55 -24.67 44.24
C ALA Q 525 -39.89 -24.13 44.73
N SER Q 526 -40.96 -24.48 44.01
CA SER Q 526 -42.29 -23.98 44.33
C SER Q 526 -42.87 -24.56 45.61
N HIS Q 527 -42.73 -25.87 45.81
CA HIS Q 527 -43.27 -26.54 46.98
C HIS Q 527 -42.43 -27.75 47.38
N LYS Q 528 -42.51 -28.13 48.66
CA LYS Q 528 -41.84 -29.34 49.14
C LYS Q 528 -42.69 -30.56 48.86
N ASP Q 529 -42.15 -31.74 49.16
CA ASP Q 529 -42.83 -33.00 48.85
C ASP Q 529 -44.16 -33.16 49.59
N ASP Q 530 -45.13 -33.76 48.91
CA ASP Q 530 -46.43 -34.08 49.49
C ASP Q 530 -47.29 -32.86 49.79
N GLU Q 531 -47.22 -31.84 48.93
CA GLU Q 531 -48.06 -30.67 49.05
C GLU Q 531 -48.74 -30.36 47.71
N GLU Q 532 -47.98 -29.77 46.80
CA GLU Q 532 -48.47 -29.54 45.45
C GLU Q 532 -49.73 -28.67 45.43
N LYS Q 533 -49.83 -27.77 46.41
CA LYS Q 533 -50.97 -26.85 46.48
C LYS Q 533 -50.51 -25.45 46.86
N PHE Q 534 -49.36 -25.38 47.55
CA PHE Q 534 -48.79 -24.11 47.96
C PHE Q 534 -47.79 -23.59 46.94
N PHE Q 535 -48.15 -22.50 46.26
CA PHE Q 535 -47.24 -21.86 45.33
C PHE Q 535 -46.72 -20.57 45.96
N PRO Q 536 -45.51 -20.14 45.58
CA PRO Q 536 -44.93 -18.91 46.13
C PRO Q 536 -45.68 -17.68 45.64
N MET Q 537 -45.75 -16.65 46.47
CA MET Q 537 -46.25 -15.37 46.04
C MET Q 537 -45.46 -14.99 44.79
N HIS Q 538 -46.09 -15.12 43.63
CA HIS Q 538 -45.45 -14.80 42.36
C HIS Q 538 -44.02 -15.39 42.23
N GLY Q 539 -43.83 -16.59 42.74
CA GLY Q 539 -42.53 -17.24 42.64
C GLY Q 539 -42.36 -18.01 41.34
N ASN Q 540 -43.18 -17.68 40.35
CA ASN Q 540 -43.15 -18.35 39.05
C ASN Q 540 -44.04 -17.65 38.03
N LEU Q 541 -43.84 -17.97 36.75
CA LEU Q 541 -44.60 -17.33 35.68
C LEU Q 541 -45.99 -17.90 35.54
N ILE Q 542 -46.98 -17.02 35.48
CA ILE Q 542 -48.37 -17.42 35.37
C ILE Q 542 -48.96 -16.96 34.03
N PHE Q 543 -49.50 -17.92 33.28
CA PHE Q 543 -50.08 -17.62 31.97
C PHE Q 543 -51.60 -17.54 32.03
N GLY Q 544 -52.17 -16.58 31.29
CA GLY Q 544 -53.60 -16.43 31.24
C GLY Q 544 -54.23 -17.25 30.12
N LYS Q 545 -55.31 -17.96 30.46
CA LYS Q 545 -56.03 -18.76 29.47
C LYS Q 545 -56.61 -17.87 28.37
N GLU Q 546 -56.97 -18.48 27.26
CA GLU Q 546 -57.56 -17.74 26.15
C GLU Q 546 -58.90 -17.16 26.58
N GLY Q 547 -59.12 -15.88 26.26
CA GLY Q 547 -60.36 -15.20 26.61
C GLY Q 547 -60.49 -15.03 28.11
N THR Q 548 -59.81 -14.02 28.65
CA THR Q 548 -59.84 -13.71 30.08
C THR Q 548 -59.35 -12.29 30.34
N THR Q 549 -60.23 -11.44 30.87
CA THR Q 549 -59.92 -10.02 31.07
C THR Q 549 -58.59 -9.80 31.79
N ALA Q 550 -57.97 -8.64 31.54
CA ALA Q 550 -56.68 -8.31 32.11
C ALA Q 550 -56.80 -7.82 33.55
N SER Q 551 -58.03 -7.59 33.99
CA SER Q 551 -58.26 -7.03 35.31
C SER Q 551 -58.95 -8.01 36.25
N ASN Q 552 -58.22 -8.45 37.27
CA ASN Q 552 -58.73 -9.34 38.31
C ASN Q 552 -59.55 -10.51 37.78
N ALA Q 553 -58.85 -11.51 37.23
CA ALA Q 553 -59.50 -12.70 36.72
C ALA Q 553 -59.52 -13.78 37.80
N GLU Q 554 -60.33 -14.81 37.57
CA GLU Q 554 -60.51 -15.88 38.55
C GLU Q 554 -59.30 -16.81 38.59
N LEU Q 555 -59.15 -17.55 39.69
CA LEU Q 555 -58.08 -18.53 39.86
C LEU Q 555 -58.21 -19.67 38.85
N ASP Q 556 -59.44 -19.96 38.44
CA ASP Q 556 -59.69 -21.03 37.49
C ASP Q 556 -59.53 -20.52 36.06
N ASN Q 557 -59.04 -19.29 35.92
CA ASN Q 557 -58.83 -18.68 34.60
C ASN Q 557 -57.35 -18.45 34.29
N VAL Q 558 -56.47 -18.90 35.18
CA VAL Q 558 -55.04 -18.75 34.96
C VAL Q 558 -54.29 -20.07 35.11
N MET Q 559 -53.08 -20.10 34.56
CA MET Q 559 -52.24 -21.29 34.62
C MET Q 559 -50.95 -20.99 35.35
N ILE Q 560 -50.81 -21.55 36.55
CA ILE Q 560 -49.64 -21.34 37.38
C ILE Q 560 -48.63 -22.45 37.12
N THR Q 561 -47.37 -22.08 36.96
CA THR Q 561 -46.33 -23.03 36.59
C THR Q 561 -45.60 -23.62 37.80
N ASP Q 562 -45.40 -24.93 37.79
CA ASP Q 562 -44.78 -25.62 38.91
C ASP Q 562 -43.31 -25.91 38.65
N GLU Q 563 -42.44 -25.36 39.50
CA GLU Q 563 -41.00 -25.62 39.40
C GLU Q 563 -40.60 -26.66 40.43
N GLU Q 564 -41.03 -27.91 40.22
CA GLU Q 564 -40.77 -28.98 41.18
C GLU Q 564 -39.79 -30.03 40.64
N GLU Q 565 -38.98 -29.65 39.67
CA GLU Q 565 -37.96 -30.54 39.14
C GLU Q 565 -36.59 -30.14 39.65
N ILE Q 566 -36.49 -28.91 40.16
CA ILE Q 566 -35.23 -28.37 40.65
C ILE Q 566 -35.11 -28.47 42.17
N ARG Q 567 -35.88 -29.39 42.75
CA ARG Q 567 -35.89 -29.58 44.20
C ARG Q 567 -34.52 -29.99 44.73
N THR Q 568 -33.72 -30.63 43.88
CA THR Q 568 -32.47 -31.24 44.30
C THR Q 568 -31.29 -30.28 44.32
N THR Q 569 -31.43 -29.13 43.66
CA THR Q 569 -30.35 -28.16 43.59
C THR Q 569 -30.75 -26.83 44.20
N ASN Q 570 -32.06 -26.57 44.28
CA ASN Q 570 -32.55 -25.27 44.72
C ASN Q 570 -33.36 -25.31 46.01
N PRO Q 571 -33.22 -24.25 46.82
CA PRO Q 571 -34.00 -24.07 48.06
C PRO Q 571 -35.47 -23.80 47.73
N VAL Q 572 -36.37 -24.18 48.62
CA VAL Q 572 -37.79 -23.93 48.43
C VAL Q 572 -38.09 -22.44 48.57
N ALA Q 573 -38.85 -21.89 47.63
CA ALA Q 573 -39.11 -20.45 47.56
C ALA Q 573 -39.77 -19.88 48.81
N THR Q 574 -40.76 -20.60 49.34
CA THR Q 574 -41.52 -20.13 50.49
C THR Q 574 -40.85 -20.51 51.81
N GLU Q 575 -40.20 -21.66 51.81
CA GLU Q 575 -39.50 -22.15 53.01
C GLU Q 575 -38.24 -21.32 53.29
N GLN Q 576 -37.65 -21.56 54.45
CA GLN Q 576 -36.42 -20.86 54.84
C GLN Q 576 -35.21 -21.32 54.03
N TYR Q 577 -34.03 -20.93 54.48
CA TYR Q 577 -32.79 -21.38 53.84
C TYR Q 577 -32.04 -22.35 54.75
N GLY Q 578 -31.95 -22.01 56.03
CA GLY Q 578 -31.28 -22.85 56.99
C GLY Q 578 -31.03 -22.20 58.34
N THR Q 579 -30.01 -22.67 59.03
CA THR Q 579 -29.68 -22.22 60.37
C THR Q 579 -28.30 -21.58 60.41
N VAL Q 580 -28.19 -20.47 61.15
CA VAL Q 580 -26.91 -19.80 61.34
C VAL Q 580 -26.72 -19.46 62.81
N ALA Q 581 -25.49 -19.60 63.30
CA ALA Q 581 -25.19 -19.23 64.67
C ALA Q 581 -24.94 -17.74 64.79
N ASN Q 582 -25.24 -17.17 65.95
CA ASN Q 582 -25.04 -15.74 66.19
C ASN Q 582 -24.80 -15.39 67.66
N ASN Q 583 -23.88 -16.12 68.30
CA ASN Q 583 -23.49 -15.87 69.68
C ASN Q 583 -22.33 -16.77 70.10
N LEU Q 584 -21.67 -16.41 71.19
CA LEU Q 584 -20.58 -17.22 71.72
C LEU Q 584 -21.03 -18.08 72.87
N GLN Q 585 -21.54 -19.27 72.55
CA GLN Q 585 -22.08 -20.19 73.57
C GLN Q 585 -21.04 -20.55 74.62
N SER Q 586 -21.51 -20.76 75.84
CA SER Q 586 -20.63 -21.13 76.95
C SER Q 586 -21.46 -21.59 78.14
N SER Q 587 -20.80 -21.82 79.26
CA SER Q 587 -21.50 -22.17 80.49
C SER Q 587 -22.44 -21.05 80.92
N ASN Q 588 -22.08 -19.81 80.57
CA ASN Q 588 -22.89 -18.65 80.93
C ASN Q 588 -23.98 -18.36 79.91
N THR Q 589 -23.74 -18.74 78.66
CA THR Q 589 -24.64 -18.39 77.56
C THR Q 589 -25.17 -19.61 76.82
N ALA Q 590 -26.46 -19.60 76.51
CA ALA Q 590 -27.07 -20.66 75.73
C ALA Q 590 -26.93 -20.37 74.23
N PRO Q 591 -26.58 -21.39 73.44
CA PRO Q 591 -26.39 -21.28 71.98
C PRO Q 591 -27.63 -20.71 71.29
N THR Q 592 -27.43 -19.77 70.37
CA THR Q 592 -28.54 -19.14 69.67
C THR Q 592 -28.57 -19.47 68.18
N THR Q 593 -29.77 -19.69 67.67
CA THR Q 593 -29.97 -20.03 66.25
C THR Q 593 -30.75 -18.94 65.54
N ARG Q 594 -30.36 -18.66 64.30
CA ARG Q 594 -31.04 -17.65 63.48
C ARG Q 594 -31.55 -18.27 62.18
N THR Q 595 -32.83 -18.06 61.90
CA THR Q 595 -33.43 -18.54 60.66
C THR Q 595 -33.09 -17.61 59.50
N VAL Q 596 -32.27 -18.10 58.58
CA VAL Q 596 -31.83 -17.29 57.44
C VAL Q 596 -32.88 -17.22 56.34
N ASN Q 597 -33.29 -15.99 56.02
CA ASN Q 597 -34.34 -15.76 55.03
C ASN Q 597 -33.78 -15.25 53.71
N ASP Q 598 -32.54 -14.77 53.75
CA ASP Q 598 -31.90 -14.22 52.56
C ASP Q 598 -30.43 -14.61 52.49
N GLN Q 599 -30.07 -15.27 51.39
CA GLN Q 599 -28.70 -15.73 51.21
C GLN Q 599 -28.08 -15.26 49.89
N GLY Q 600 -27.03 -14.46 49.99
CA GLY Q 600 -26.26 -14.08 48.83
C GLY Q 600 -25.57 -15.29 48.23
N ALA Q 601 -24.56 -15.04 47.39
CA ALA Q 601 -23.82 -16.12 46.74
C ALA Q 601 -22.74 -16.68 47.66
N LEU Q 602 -22.31 -17.92 47.40
CA LEU Q 602 -21.29 -18.56 48.22
C LEU Q 602 -20.41 -19.51 47.41
N PRO Q 603 -19.10 -19.48 47.69
CA PRO Q 603 -18.15 -20.41 47.07
C PRO Q 603 -18.55 -21.86 47.35
N GLY Q 604 -19.06 -22.55 46.33
CA GLY Q 604 -19.42 -23.94 46.48
C GLY Q 604 -20.89 -24.20 46.20
N MET Q 605 -21.64 -23.14 45.94
CA MET Q 605 -23.05 -23.27 45.61
C MET Q 605 -23.24 -23.75 44.17
N VAL Q 606 -24.26 -24.58 43.97
CA VAL Q 606 -24.61 -25.04 42.64
C VAL Q 606 -26.12 -24.98 42.47
N TRP Q 607 -26.58 -24.41 41.36
CA TRP Q 607 -28.01 -24.25 41.16
C TRP Q 607 -28.44 -24.53 39.73
N GLN Q 608 -29.73 -24.81 39.57
CA GLN Q 608 -30.32 -24.97 38.25
C GLN Q 608 -31.15 -23.73 37.96
N ASP Q 609 -31.17 -23.28 36.71
CA ASP Q 609 -31.95 -22.10 36.36
C ASP Q 609 -33.43 -22.46 36.24
N ARG Q 610 -34.25 -21.49 35.86
CA ARG Q 610 -35.69 -21.73 35.71
C ARG Q 610 -35.97 -22.67 34.54
N ASP Q 611 -37.16 -22.53 33.96
CA ASP Q 611 -37.54 -23.40 32.85
C ASP Q 611 -38.21 -22.60 31.75
N VAL Q 612 -38.18 -23.13 30.53
CA VAL Q 612 -38.88 -22.52 29.42
C VAL Q 612 -40.07 -23.36 29.01
N TYR Q 613 -41.19 -22.70 28.79
CA TYR Q 613 -42.42 -23.41 28.43
C TYR Q 613 -42.83 -23.01 27.02
N LEU Q 614 -43.64 -23.86 26.40
CA LEU Q 614 -44.04 -23.65 25.01
C LEU Q 614 -44.43 -22.21 24.70
N GLN Q 615 -44.96 -21.50 25.70
CA GLN Q 615 -45.40 -20.13 25.50
C GLN Q 615 -44.55 -19.10 26.27
N GLY Q 616 -43.39 -19.54 26.74
CA GLY Q 616 -42.51 -18.67 27.49
C GLY Q 616 -41.59 -17.83 26.61
N PRO Q 617 -40.89 -16.86 27.22
CA PRO Q 617 -39.91 -16.04 26.50
C PRO Q 617 -38.77 -16.91 26.00
N ILE Q 618 -38.06 -16.45 24.97
CA ILE Q 618 -36.95 -17.19 24.42
C ILE Q 618 -35.60 -16.60 24.85
N TRP Q 619 -35.40 -15.32 24.54
CA TRP Q 619 -34.15 -14.65 24.87
C TRP Q 619 -34.35 -13.37 25.64
N ALA Q 620 -33.25 -12.70 25.99
CA ALA Q 620 -33.31 -11.45 26.72
C ALA Q 620 -31.99 -10.69 26.60
N LYS Q 621 -32.07 -9.39 26.35
CA LYS Q 621 -30.86 -8.58 26.21
C LYS Q 621 -30.21 -8.23 27.54
N ILE Q 622 -29.10 -8.89 27.83
CA ILE Q 622 -28.33 -8.57 29.02
C ILE Q 622 -27.92 -7.10 29.00
N PRO Q 623 -28.33 -6.35 30.02
CA PRO Q 623 -28.05 -4.92 30.15
C PRO Q 623 -26.56 -4.62 30.02
N HIS Q 624 -26.22 -3.51 29.39
CA HIS Q 624 -24.82 -3.14 29.23
C HIS Q 624 -24.30 -2.35 30.44
N THR Q 625 -23.95 -3.07 31.50
CA THR Q 625 -23.45 -2.45 32.71
C THR Q 625 -21.99 -2.84 32.96
N ASP Q 626 -21.44 -2.35 34.07
CA ASP Q 626 -20.07 -2.68 34.44
C ASP Q 626 -19.95 -4.12 34.92
N GLY Q 627 -21.05 -4.69 35.42
CA GLY Q 627 -21.00 -6.01 36.00
C GLY Q 627 -22.30 -6.80 35.99
N HIS Q 628 -22.18 -8.10 35.81
CA HIS Q 628 -23.30 -9.03 35.88
C HIS Q 628 -22.81 -10.23 36.68
N PHE Q 629 -23.73 -10.98 37.28
CA PHE Q 629 -23.33 -12.18 38.00
C PHE Q 629 -23.52 -13.43 37.16
N HIS Q 630 -24.74 -13.96 37.15
CA HIS Q 630 -25.07 -15.12 36.35
C HIS Q 630 -26.17 -14.69 35.39
N PRO Q 631 -25.79 -14.00 34.31
CA PRO Q 631 -26.68 -13.28 33.39
C PRO Q 631 -27.66 -14.18 32.64
N SER Q 632 -28.54 -14.84 33.39
CA SER Q 632 -29.62 -15.62 32.78
C SER Q 632 -30.95 -14.93 33.05
N PRO Q 633 -31.75 -14.70 31.99
CA PRO Q 633 -33.03 -14.00 32.10
C PRO Q 633 -33.85 -14.55 33.25
N LEU Q 634 -34.26 -13.67 34.18
CA LEU Q 634 -34.98 -14.12 35.35
C LEU Q 634 -36.28 -14.82 35.00
N MET Q 635 -36.91 -14.39 33.90
CA MET Q 635 -38.14 -15.01 33.43
C MET Q 635 -37.85 -16.30 32.68
N GLY Q 636 -36.55 -16.56 32.45
CA GLY Q 636 -36.12 -17.79 31.82
C GLY Q 636 -35.69 -17.59 30.38
N GLY Q 637 -34.74 -18.40 29.93
CA GLY Q 637 -34.28 -18.36 28.56
C GLY Q 637 -32.80 -18.11 28.39
N PHE Q 638 -32.44 -17.54 27.25
CA PHE Q 638 -31.05 -17.31 26.91
C PHE Q 638 -30.68 -15.84 27.03
N GLY Q 639 -29.73 -15.55 27.93
CA GLY Q 639 -29.24 -14.19 28.10
C GLY Q 639 -28.23 -13.85 27.02
N LEU Q 640 -28.54 -12.84 26.23
CA LEU Q 640 -27.71 -12.49 25.10
C LEU Q 640 -27.18 -11.07 25.19
N LYS Q 641 -25.88 -10.92 25.02
CA LYS Q 641 -25.25 -9.61 24.90
C LYS Q 641 -25.83 -8.91 23.68
N HIS Q 642 -25.83 -9.62 22.56
CA HIS Q 642 -26.35 -9.09 21.30
C HIS Q 642 -27.44 -10.01 20.76
N PRO Q 643 -28.70 -9.75 21.16
CA PRO Q 643 -29.88 -10.55 20.79
C PRO Q 643 -30.48 -10.08 19.47
N PRO Q 644 -31.30 -10.93 18.83
CA PRO Q 644 -31.97 -10.58 17.57
C PRO Q 644 -32.48 -9.15 17.59
N PRO Q 645 -31.85 -8.27 16.82
CA PRO Q 645 -32.13 -6.83 16.80
C PRO Q 645 -33.61 -6.55 16.58
N GLN Q 646 -34.03 -5.32 16.87
CA GLN Q 646 -35.41 -4.93 16.70
C GLN Q 646 -35.70 -4.54 15.25
N ILE Q 647 -36.78 -5.07 14.71
CA ILE Q 647 -37.19 -4.74 13.34
C ILE Q 647 -38.39 -3.79 13.38
N MET Q 648 -38.17 -2.56 12.91
CA MET Q 648 -39.22 -1.55 12.90
C MET Q 648 -40.00 -1.50 11.58
N ILE Q 649 -41.22 -0.99 11.67
CA ILE Q 649 -42.12 -0.93 10.54
C ILE Q 649 -43.08 0.24 10.74
N LYS Q 650 -43.41 0.94 9.66
CA LYS Q 650 -44.36 2.04 9.74
C LYS Q 650 -44.84 2.46 8.35
N ASN Q 651 -46.09 2.90 8.27
CA ASN Q 651 -46.66 3.35 7.01
C ASN Q 651 -46.18 4.75 6.68
N THR Q 652 -45.58 4.92 5.51
CA THR Q 652 -45.10 6.22 5.08
C THR Q 652 -46.26 7.20 4.97
N PRO Q 653 -46.19 8.30 5.73
CA PRO Q 653 -47.24 9.33 5.78
C PRO Q 653 -47.56 9.90 4.40
N VAL Q 654 -48.84 9.93 4.06
CA VAL Q 654 -49.28 10.50 2.79
C VAL Q 654 -50.11 11.76 3.00
N PRO Q 655 -49.57 12.91 2.61
CA PRO Q 655 -50.27 14.19 2.74
C PRO Q 655 -51.61 14.16 2.01
N ALA Q 656 -52.67 14.54 2.71
CA ALA Q 656 -53.97 14.69 2.07
C ALA Q 656 -53.90 15.89 1.13
N ASN Q 657 -55.02 16.52 0.89
CA ASN Q 657 -55.06 17.64 -0.03
C ASN Q 657 -54.47 18.94 0.53
N PRO Q 658 -53.49 19.53 -0.19
CA PRO Q 658 -52.83 20.78 0.18
C PRO Q 658 -53.51 22.00 -0.42
N PRO Q 659 -53.35 23.17 0.21
CA PRO Q 659 -53.92 24.47 -0.20
C PRO Q 659 -53.13 25.12 -1.34
N THR Q 660 -53.81 25.92 -2.16
CA THR Q 660 -53.16 26.64 -3.26
C THR Q 660 -52.26 27.77 -2.72
N THR Q 661 -52.49 28.16 -1.48
CA THR Q 661 -51.66 29.17 -0.83
C THR Q 661 -50.68 28.50 0.13
N PHE Q 662 -49.47 29.03 0.21
CA PHE Q 662 -48.40 28.45 1.04
C PHE Q 662 -48.66 28.61 2.54
N SER Q 663 -48.44 27.53 3.28
CA SER Q 663 -48.60 27.55 4.73
C SER Q 663 -47.36 27.00 5.44
N PRO Q 664 -46.78 27.80 6.33
CA PRO Q 664 -45.62 27.40 7.12
C PRO Q 664 -46.03 26.46 8.25
N ALA Q 665 -47.32 26.41 8.52
CA ALA Q 665 -47.84 25.59 9.61
C ALA Q 665 -47.50 24.12 9.43
N LYS Q 666 -47.19 23.45 10.53
CA LYS Q 666 -46.90 22.02 10.53
C LYS Q 666 -48.03 21.27 9.84
N PHE Q 667 -47.67 20.33 8.97
CA PHE Q 667 -48.66 19.56 8.23
C PHE Q 667 -49.28 18.50 9.13
N ALA Q 668 -50.61 18.42 9.13
CA ALA Q 668 -51.32 17.48 9.98
C ALA Q 668 -52.54 16.87 9.31
N SER Q 669 -52.73 17.17 8.02
CA SER Q 669 -53.82 16.58 7.24
C SER Q 669 -53.33 15.48 6.33
N PHE Q 670 -53.49 14.22 6.76
CA PHE Q 670 -52.99 13.09 6.00
C PHE Q 670 -54.10 12.14 5.55
N ILE Q 671 -53.80 11.38 4.51
CA ILE Q 671 -54.69 10.33 4.04
C ILE Q 671 -54.58 9.12 4.95
N THR Q 672 -55.73 8.64 5.41
CA THR Q 672 -55.78 7.51 6.34
C THR Q 672 -55.54 6.20 5.59
N GLN Q 673 -54.56 5.44 6.04
CA GLN Q 673 -54.18 4.19 5.37
C GLN Q 673 -53.50 3.20 6.31
N TYR Q 674 -53.67 1.92 6.02
CA TYR Q 674 -53.05 0.85 6.79
C TYR Q 674 -52.35 -0.14 5.85
N SER Q 675 -51.32 -0.81 6.36
CA SER Q 675 -50.57 -1.77 5.56
C SER Q 675 -50.81 -3.20 6.03
N THR Q 676 -50.54 -4.15 5.14
CA THR Q 676 -50.72 -5.56 5.46
C THR Q 676 -49.81 -6.40 4.58
N GLY Q 677 -49.46 -7.59 5.05
CA GLY Q 677 -48.60 -8.48 4.30
C GLY Q 677 -48.18 -9.68 5.12
N GLN Q 678 -47.22 -10.43 4.61
CA GLN Q 678 -46.73 -11.61 5.32
C GLN Q 678 -45.33 -11.39 5.88
N VAL Q 679 -44.99 -12.16 6.89
CA VAL Q 679 -43.67 -12.10 7.49
C VAL Q 679 -43.21 -13.54 7.74
N SER Q 680 -41.92 -13.78 7.56
CA SER Q 680 -41.37 -15.13 7.72
C SER Q 680 -40.12 -15.14 8.59
N VAL Q 681 -40.10 -16.03 9.59
CA VAL Q 681 -38.96 -16.15 10.50
C VAL Q 681 -38.45 -17.58 10.59
N GLU Q 682 -37.21 -17.79 10.15
CA GLU Q 682 -36.60 -19.12 10.17
C GLU Q 682 -35.49 -19.18 11.21
N ILE Q 683 -35.57 -20.16 12.11
CA ILE Q 683 -34.57 -20.30 13.15
C ILE Q 683 -34.00 -21.72 13.21
N GLU Q 684 -32.68 -21.81 13.30
CA GLU Q 684 -32.02 -23.10 13.43
C GLU Q 684 -31.69 -23.34 14.90
N TRP Q 685 -31.84 -24.58 15.33
CA TRP Q 685 -31.65 -24.93 16.72
C TRP Q 685 -30.66 -26.07 16.85
N GLU Q 686 -29.62 -25.85 17.64
CA GLU Q 686 -28.68 -26.91 17.93
C GLU Q 686 -29.25 -27.76 19.06
N LEU Q 687 -29.07 -29.07 18.95
CA LEU Q 687 -29.63 -29.98 19.96
C LEU Q 687 -28.55 -30.75 20.70
N GLN Q 688 -28.83 -31.06 21.97
CA GLN Q 688 -27.98 -31.92 22.75
C GLN Q 688 -28.71 -33.24 23.00
N LYS Q 689 -28.26 -34.30 22.34
CA LYS Q 689 -28.93 -35.59 22.43
C LYS Q 689 -28.82 -36.20 23.82
N GLU Q 690 -29.67 -37.19 24.08
CA GLU Q 690 -29.74 -37.85 25.38
C GLU Q 690 -28.82 -39.07 25.44
N ASN Q 691 -27.97 -39.10 26.46
CA ASN Q 691 -27.07 -40.24 26.67
C ASN Q 691 -27.15 -40.74 28.11
N SER Q 692 -28.17 -41.54 28.39
CA SER Q 692 -28.41 -42.03 29.75
C SER Q 692 -28.40 -43.55 29.79
N LYS Q 693 -27.86 -44.11 30.87
CA LYS Q 693 -27.86 -45.56 31.06
C LYS Q 693 -28.94 -45.96 32.07
N ARG Q 694 -29.94 -45.11 32.22
CA ARG Q 694 -31.11 -45.42 33.03
C ARG Q 694 -31.75 -46.70 32.51
N TRP Q 695 -31.96 -47.67 33.39
CA TRP Q 695 -32.55 -48.93 32.98
C TRP Q 695 -34.06 -48.82 32.79
N ASN Q 696 -34.75 -48.41 33.86
CA ASN Q 696 -36.20 -48.26 33.82
C ASN Q 696 -36.63 -47.05 32.99
N PRO Q 697 -37.87 -47.07 32.48
CA PRO Q 697 -38.39 -45.97 31.65
C PRO Q 697 -38.39 -44.64 32.40
N GLU Q 698 -38.15 -43.55 31.66
CA GLU Q 698 -38.26 -42.22 32.23
C GLU Q 698 -39.66 -41.68 31.95
N ILE Q 699 -40.01 -40.55 32.55
CA ILE Q 699 -41.33 -39.97 32.34
C ILE Q 699 -41.37 -39.14 31.07
N GLN Q 700 -42.48 -39.26 30.35
CA GLN Q 700 -42.64 -38.58 29.07
C GLN Q 700 -43.92 -37.73 29.09
N TYR Q 701 -43.91 -36.62 28.36
CA TYR Q 701 -45.14 -35.86 28.20
C TYR Q 701 -46.05 -36.58 27.21
N THR Q 702 -47.35 -36.57 27.49
CA THR Q 702 -48.31 -37.30 26.66
C THR Q 702 -49.71 -36.72 26.77
N SER Q 703 -50.53 -36.98 25.75
CA SER Q 703 -51.94 -36.60 25.77
C SER Q 703 -52.77 -37.68 26.45
N ASN Q 704 -53.86 -37.28 27.10
CA ASN Q 704 -54.76 -38.22 27.73
C ASN Q 704 -55.50 -39.03 26.67
N TYR Q 705 -55.20 -40.33 26.62
CA TYR Q 705 -55.78 -41.21 25.60
C TYR Q 705 -57.27 -41.44 25.83
N ASN Q 706 -57.77 -40.96 26.97
CA ASN Q 706 -59.17 -41.17 27.35
C ASN Q 706 -60.15 -40.46 26.43
N LYS Q 707 -61.40 -40.93 26.43
CA LYS Q 707 -62.46 -40.27 25.68
C LYS Q 707 -62.59 -38.83 26.17
N SER Q 708 -62.42 -37.87 25.27
CA SER Q 708 -62.35 -36.47 25.67
C SER Q 708 -63.31 -35.54 24.92
N VAL Q 709 -63.60 -34.41 25.56
CA VAL Q 709 -64.44 -33.38 24.97
C VAL Q 709 -63.78 -32.76 23.75
N ASN Q 710 -62.91 -31.78 24.00
CA ASN Q 710 -62.16 -31.12 22.94
C ASN Q 710 -60.75 -31.67 22.91
N VAL Q 711 -60.08 -31.52 21.76
CA VAL Q 711 -58.72 -32.00 21.60
C VAL Q 711 -57.70 -30.99 22.11
N ASP Q 712 -56.76 -31.46 22.90
CA ASP Q 712 -55.72 -30.60 23.47
C ASP Q 712 -54.97 -29.83 22.39
N PHE Q 713 -54.88 -28.52 22.56
CA PHE Q 713 -54.19 -27.65 21.62
C PHE Q 713 -54.88 -27.69 20.26
N THR Q 714 -56.04 -27.05 20.20
CA THR Q 714 -56.89 -27.11 19.01
C THR Q 714 -57.94 -26.00 19.01
N VAL Q 715 -58.49 -25.73 17.83
CA VAL Q 715 -59.59 -24.80 17.71
C VAL Q 715 -60.88 -25.43 18.24
N ASP Q 716 -61.85 -24.58 18.57
CA ASP Q 716 -63.13 -25.07 19.11
C ASP Q 716 -64.25 -25.02 18.07
N THR Q 717 -65.48 -24.91 18.55
CA THR Q 717 -66.66 -24.97 17.70
C THR Q 717 -66.79 -23.74 16.79
N ASN Q 718 -66.20 -22.62 17.21
CA ASN Q 718 -66.27 -21.39 16.42
C ASN Q 718 -64.91 -20.79 16.05
N GLY Q 719 -63.88 -21.64 16.03
CA GLY Q 719 -62.57 -21.26 15.51
C GLY Q 719 -61.72 -20.40 16.42
N VAL Q 720 -61.32 -20.97 17.56
CA VAL Q 720 -60.40 -20.29 18.47
C VAL Q 720 -59.37 -21.27 19.03
N TYR Q 721 -58.11 -21.09 18.65
CA TYR Q 721 -57.03 -21.92 19.15
C TYR Q 721 -56.82 -21.64 20.64
N SER Q 722 -56.59 -22.69 21.42
CA SER Q 722 -56.41 -22.55 22.86
C SER Q 722 -55.34 -23.50 23.39
N GLU Q 723 -54.40 -22.97 24.15
CA GLU Q 723 -53.36 -23.78 24.79
C GLU Q 723 -53.80 -24.20 26.19
N PRO Q 724 -54.21 -25.47 26.33
CA PRO Q 724 -54.70 -26.03 27.60
C PRO Q 724 -53.78 -25.73 28.79
N ARG Q 725 -52.62 -26.37 28.84
CA ARG Q 725 -51.72 -26.22 29.98
C ARG Q 725 -50.36 -25.68 29.57
N PRO Q 726 -49.57 -25.21 30.54
CA PRO Q 726 -48.18 -24.87 30.28
C PRO Q 726 -47.35 -26.13 30.09
N ILE Q 727 -46.29 -26.06 29.29
CA ILE Q 727 -45.44 -27.22 29.04
C ILE Q 727 -44.02 -27.03 29.56
N GLY Q 728 -43.64 -27.83 30.54
CA GLY Q 728 -42.29 -27.81 31.07
C GLY Q 728 -41.31 -28.30 30.03
N THR Q 729 -40.04 -28.41 30.42
CA THR Q 729 -39.01 -28.88 29.51
C THR Q 729 -38.24 -30.03 30.12
N ARG Q 730 -38.41 -30.21 31.42
CA ARG Q 730 -37.64 -31.19 32.17
C ARG Q 730 -38.41 -32.49 32.38
N TYR Q 731 -38.21 -33.44 31.47
CA TYR Q 731 -38.85 -34.75 31.56
C TYR Q 731 -37.82 -35.87 31.60
N LEU Q 732 -36.60 -35.58 31.16
CA LEU Q 732 -35.54 -36.58 31.13
C LEU Q 732 -34.60 -36.42 32.32
N THR Q 733 -34.02 -37.52 32.78
CA THR Q 733 -33.18 -37.49 33.98
C THR Q 733 -31.69 -37.67 33.70
N ARG Q 734 -30.89 -36.81 34.33
CA ARG Q 734 -29.44 -36.91 34.30
C ARG Q 734 -28.94 -36.86 35.74
N ASN Q 735 -27.77 -37.42 36.00
CA ASN Q 735 -27.23 -37.44 37.35
C ASN Q 735 -26.53 -36.14 37.73
N LEU Q 736 -25.89 -36.15 38.90
CA LEU Q 736 -25.13 -34.99 39.37
C LEU Q 736 -23.63 -35.26 39.30
N GLY R 217 -11.28 -69.23 16.76
CA GLY R 217 -10.36 -68.75 17.78
C GLY R 217 -9.79 -69.89 18.62
N ALA R 218 -8.52 -69.76 18.98
CA ALA R 218 -7.82 -70.78 19.76
C ALA R 218 -6.81 -70.18 20.74
N ASP R 219 -7.09 -70.30 22.04
CA ASP R 219 -6.19 -69.80 23.07
C ASP R 219 -6.03 -70.78 24.24
N GLY R 220 -5.68 -70.27 25.41
CA GLY R 220 -5.29 -71.12 26.52
C GLY R 220 -6.22 -71.23 27.71
N VAL R 221 -5.68 -71.74 28.82
CA VAL R 221 -6.45 -71.99 30.03
C VAL R 221 -6.72 -70.72 30.82
N GLY R 222 -5.66 -70.00 31.17
CA GLY R 222 -5.79 -68.76 31.92
C GLY R 222 -5.90 -67.55 31.01
N ASN R 223 -6.78 -67.65 30.02
CA ASN R 223 -7.01 -66.56 29.07
C ASN R 223 -8.45 -66.54 28.61
N SER R 224 -9.20 -65.54 29.05
CA SER R 224 -10.62 -65.42 28.70
C SER R 224 -10.84 -65.37 27.19
N SER R 225 -11.75 -66.22 26.71
CA SER R 225 -12.05 -66.30 25.28
C SER R 225 -13.13 -65.32 24.84
N GLY R 226 -13.32 -64.24 25.59
CA GLY R 226 -14.32 -63.24 25.24
C GLY R 226 -14.58 -62.23 26.34
N ASN R 227 -15.16 -61.09 25.95
CA ASN R 227 -15.51 -60.04 26.90
C ASN R 227 -17.01 -59.87 27.08
N TRP R 228 -17.40 -59.11 28.10
CA TRP R 228 -18.81 -58.88 28.40
C TRP R 228 -19.34 -57.70 27.60
N HIS R 229 -19.91 -57.98 26.43
CA HIS R 229 -20.48 -56.94 25.59
C HIS R 229 -21.98 -56.86 25.77
N CYS R 230 -22.43 -55.90 26.58
CA CYS R 230 -23.86 -55.66 26.74
C CYS R 230 -24.14 -54.16 26.76
N ASP R 231 -24.63 -53.65 25.63
CA ASP R 231 -24.89 -52.23 25.48
C ASP R 231 -25.72 -51.99 24.24
N SER R 232 -26.29 -50.79 24.14
CA SER R 232 -27.03 -50.41 22.95
C SER R 232 -26.94 -48.91 22.72
N GLN R 233 -26.58 -48.54 21.50
CA GLN R 233 -26.56 -47.13 21.11
C GLN R 233 -27.37 -46.96 19.82
N TRP R 234 -27.76 -45.73 19.53
CA TRP R 234 -28.65 -45.47 18.42
C TRP R 234 -27.96 -44.73 17.29
N LEU R 235 -28.45 -44.94 16.07
CA LEU R 235 -27.89 -44.29 14.89
C LEU R 235 -28.92 -43.40 14.21
N GLY R 236 -30.07 -43.23 14.87
CA GLY R 236 -31.15 -42.41 14.33
C GLY R 236 -31.81 -43.08 13.14
N ASP R 237 -31.01 -43.83 12.38
CA ASP R 237 -31.49 -44.54 11.21
C ASP R 237 -31.66 -46.02 11.55
N ARG R 238 -30.99 -46.44 12.61
CA ARG R 238 -31.01 -47.84 13.03
C ARG R 238 -30.45 -47.96 14.45
N VAL R 239 -30.65 -49.12 15.05
CA VAL R 239 -30.18 -49.35 16.41
C VAL R 239 -29.59 -50.74 16.60
N ILE R 240 -28.43 -50.79 17.27
CA ILE R 240 -27.76 -52.06 17.51
C ILE R 240 -27.86 -52.46 18.98
N THR R 241 -28.44 -53.64 19.22
CA THR R 241 -28.61 -54.15 20.57
C THR R 241 -27.64 -55.29 20.86
N THR R 242 -26.76 -55.06 21.82
CA THR R 242 -25.80 -56.07 22.25
C THR R 242 -26.19 -56.60 23.62
N SER R 243 -26.23 -57.93 23.76
CA SER R 243 -26.65 -58.56 25.00
C SER R 243 -25.76 -59.73 25.38
N THR R 244 -25.34 -59.76 26.65
CA THR R 244 -24.54 -60.86 27.17
C THR R 244 -25.13 -61.39 28.48
N ARG R 245 -25.23 -62.72 28.58
CA ARG R 245 -25.76 -63.35 29.78
C ARG R 245 -24.90 -64.54 30.18
N THR R 246 -25.02 -64.96 31.43
CA THR R 246 -24.34 -66.15 31.89
C THR R 246 -25.30 -67.33 31.86
N TRP R 247 -24.82 -68.46 31.35
CA TRP R 247 -25.67 -69.63 31.19
C TRP R 247 -25.09 -70.83 31.92
N ALA R 248 -25.94 -71.78 32.26
CA ALA R 248 -25.52 -73.03 32.87
C ALA R 248 -26.21 -74.21 32.20
N LEU R 249 -25.47 -75.29 31.99
CA LEU R 249 -26.00 -76.45 31.28
C LEU R 249 -25.74 -77.77 31.99
N PRO R 250 -26.82 -78.47 32.40
CA PRO R 250 -26.75 -79.79 33.03
C PRO R 250 -26.57 -80.88 31.99
N THR R 251 -26.50 -82.12 32.43
CA THR R 251 -26.53 -83.25 31.52
C THR R 251 -27.95 -83.78 31.44
N TYR R 252 -28.60 -83.52 30.32
CA TYR R 252 -30.00 -83.91 30.15
C TYR R 252 -30.15 -85.37 29.73
N ASN R 253 -31.27 -85.98 30.09
CA ASN R 253 -31.58 -87.35 29.69
C ASN R 253 -30.47 -88.35 29.92
N ASN R 254 -29.53 -88.02 30.79
CA ASN R 254 -28.45 -88.94 31.13
C ASN R 254 -27.72 -89.42 29.87
N HIS R 255 -27.31 -88.48 29.03
CA HIS R 255 -26.59 -88.79 27.80
C HIS R 255 -27.36 -89.76 26.91
N LEU R 256 -28.69 -89.71 26.98
CA LEU R 256 -29.53 -90.66 26.24
C LEU R 256 -30.65 -90.00 25.44
N TYR R 257 -30.94 -90.57 24.28
CA TYR R 257 -32.13 -90.19 23.51
C TYR R 257 -33.26 -91.09 23.97
N LYS R 258 -34.38 -90.48 24.38
CA LYS R 258 -35.50 -91.24 24.90
C LYS R 258 -36.77 -91.04 24.07
N GLN R 259 -37.46 -92.14 23.78
CA GLN R 259 -38.74 -92.09 23.10
C GLN R 259 -39.85 -91.71 24.06
N ILE R 260 -40.43 -90.53 23.86
CA ILE R 260 -41.53 -90.08 24.70
C ILE R 260 -42.85 -90.15 23.93
N SER R 261 -43.95 -90.25 24.68
CA SER R 261 -45.26 -90.40 24.07
C SER R 261 -46.36 -90.11 25.07
N SER R 262 -47.61 -90.12 24.60
CA SER R 262 -48.75 -89.84 25.44
C SER R 262 -49.05 -90.99 26.39
N GLN R 263 -49.53 -90.65 27.58
CA GLN R 263 -49.86 -91.63 28.59
C GLN R 263 -50.92 -92.60 28.05
N SER R 264 -50.78 -93.87 28.41
CA SER R 264 -51.75 -94.88 27.99
C SER R 264 -53.15 -94.54 28.50
N GLY R 265 -53.91 -93.83 27.69
CA GLY R 265 -55.27 -93.44 28.05
C GLY R 265 -55.32 -92.41 29.17
N ALA R 266 -54.65 -91.28 28.98
CA ALA R 266 -54.69 -90.19 29.95
C ALA R 266 -55.38 -88.97 29.38
N SER R 267 -55.32 -88.82 28.05
CA SER R 267 -55.95 -87.69 27.40
C SER R 267 -56.10 -87.96 25.89
N ASN R 268 -57.07 -87.31 25.25
CA ASN R 268 -57.37 -87.57 23.84
C ASN R 268 -56.91 -86.49 22.86
N ASP R 269 -57.21 -85.24 23.16
CA ASP R 269 -56.78 -84.12 22.31
C ASP R 269 -55.33 -83.76 22.59
N ASN R 270 -54.72 -84.48 23.53
CA ASN R 270 -53.36 -84.19 23.95
C ASN R 270 -52.42 -85.36 23.65
N HIS R 271 -52.88 -86.31 22.82
CA HIS R 271 -52.04 -87.42 22.41
C HIS R 271 -50.83 -86.90 21.63
N TYR R 272 -49.71 -87.60 21.75
CA TYR R 272 -48.49 -87.17 21.08
C TYR R 272 -47.43 -88.27 21.03
N PHE R 273 -46.45 -88.08 20.15
CA PHE R 273 -45.31 -88.98 20.05
C PHE R 273 -44.08 -88.22 19.58
N GLY R 274 -42.96 -88.41 20.29
CA GLY R 274 -41.73 -87.74 19.94
C GLY R 274 -40.53 -88.32 20.68
N TYR R 275 -39.49 -87.50 20.84
CA TYR R 275 -38.26 -87.94 21.49
C TYR R 275 -37.64 -86.86 22.35
N SER R 276 -36.87 -87.30 23.34
CA SER R 276 -36.15 -86.39 24.23
C SER R 276 -34.65 -86.53 24.00
N THR R 277 -34.01 -85.40 23.68
CA THR R 277 -32.59 -85.41 23.32
C THR R 277 -31.71 -84.91 24.46
N PRO R 278 -30.48 -85.42 24.54
CA PRO R 278 -29.49 -85.03 25.55
C PRO R 278 -28.94 -83.63 25.30
N TRP R 279 -29.43 -82.96 24.27
CA TRP R 279 -28.94 -81.65 23.90
C TRP R 279 -29.73 -80.51 24.53
N GLY R 280 -29.06 -79.38 24.74
CA GLY R 280 -29.71 -78.15 25.16
C GLY R 280 -29.71 -77.18 24.01
N TYR R 281 -30.26 -75.98 24.22
CA TYR R 281 -30.31 -75.01 23.14
C TYR R 281 -30.40 -73.58 23.66
N PHE R 282 -30.00 -72.63 22.82
CA PHE R 282 -30.05 -71.23 23.17
C PHE R 282 -31.24 -70.55 22.53
N ASP R 283 -31.85 -69.63 23.26
CA ASP R 283 -33.00 -68.90 22.75
C ASP R 283 -33.05 -67.47 23.27
N PHE R 284 -33.53 -66.57 22.43
CA PHE R 284 -33.69 -65.18 22.82
C PHE R 284 -34.85 -64.57 22.03
N ASN R 285 -35.84 -65.41 21.72
CA ASN R 285 -37.00 -64.99 20.94
C ASN R 285 -37.97 -64.14 21.77
N ARG R 286 -37.41 -63.30 22.63
CA ARG R 286 -38.19 -62.35 23.42
C ARG R 286 -37.54 -60.99 23.28
N PHE R 287 -38.34 -59.94 23.10
CA PHE R 287 -37.78 -58.61 22.91
C PHE R 287 -36.98 -58.13 24.11
N HIS R 288 -37.41 -58.50 25.32
CA HIS R 288 -36.73 -58.04 26.53
C HIS R 288 -35.35 -58.66 26.68
N CYS R 289 -35.04 -59.61 25.79
CA CYS R 289 -33.72 -60.22 25.74
C CYS R 289 -32.69 -59.21 25.22
N HIS R 290 -33.16 -58.24 24.43
CA HIS R 290 -32.26 -57.33 23.73
C HIS R 290 -32.46 -55.86 24.13
N PHE R 291 -33.72 -55.44 24.25
CA PHE R 291 -34.02 -54.06 24.61
C PHE R 291 -34.22 -53.91 26.11
N SER R 292 -33.70 -52.81 26.66
CA SER R 292 -33.97 -52.48 28.04
C SER R 292 -35.29 -51.73 28.09
N PRO R 293 -35.91 -51.65 29.28
CA PRO R 293 -37.15 -50.89 29.44
C PRO R 293 -37.04 -49.50 28.80
N ARG R 294 -35.98 -48.79 29.13
CA ARG R 294 -35.77 -47.43 28.62
C ARG R 294 -35.68 -47.41 27.10
N ASP R 295 -34.83 -48.26 26.53
CA ASP R 295 -34.65 -48.34 25.08
C ASP R 295 -35.98 -48.57 24.40
N TRP R 296 -36.73 -49.55 24.92
CA TRP R 296 -38.04 -49.87 24.38
C TRP R 296 -38.92 -48.62 24.35
N GLN R 297 -38.77 -47.77 25.36
CA GLN R 297 -39.53 -46.52 25.40
C GLN R 297 -39.17 -45.60 24.23
N ARG R 298 -37.88 -45.32 24.09
CA ARG R 298 -37.41 -44.50 22.98
C ARG R 298 -37.94 -45.05 21.67
N LEU R 299 -37.74 -46.34 21.46
CA LEU R 299 -38.20 -47.03 20.27
C LEU R 299 -39.68 -46.76 20.02
N ILE R 300 -40.50 -47.13 20.99
CA ILE R 300 -41.96 -47.04 20.86
C ILE R 300 -42.44 -45.62 20.55
N ASN R 301 -41.93 -44.66 21.31
CA ASN R 301 -42.44 -43.30 21.26
C ASN R 301 -41.95 -42.46 20.07
N ASN R 302 -41.09 -43.04 19.25
CA ASN R 302 -40.42 -42.26 18.21
C ASN R 302 -40.52 -42.78 16.78
N ASN R 303 -40.77 -44.07 16.61
CA ASN R 303 -40.67 -44.68 15.30
C ASN R 303 -41.97 -45.28 14.72
N TRP R 304 -42.26 -44.92 13.48
CA TRP R 304 -43.39 -45.49 12.74
C TRP R 304 -43.35 -47.01 12.75
N GLY R 305 -42.15 -47.58 12.61
CA GLY R 305 -41.98 -49.02 12.56
C GLY R 305 -40.52 -49.44 12.71
N PHE R 306 -40.29 -50.75 12.76
CA PHE R 306 -38.93 -51.27 12.92
C PHE R 306 -38.83 -52.72 12.45
N ARG R 307 -37.60 -53.23 12.36
CA ARG R 307 -37.36 -54.58 11.88
C ARG R 307 -35.94 -55.06 12.21
N PRO R 308 -35.73 -56.38 12.20
CA PRO R 308 -34.42 -57.02 12.40
C PRO R 308 -33.58 -56.97 11.13
N LYS R 309 -32.26 -56.91 11.29
CA LYS R 309 -31.36 -56.84 10.15
C LYS R 309 -30.25 -57.90 10.19
N LYS R 310 -29.34 -57.75 11.15
CA LYS R 310 -28.21 -58.67 11.28
C LYS R 310 -28.19 -59.38 12.62
N LEU R 311 -27.25 -60.31 12.78
CA LEU R 311 -27.14 -61.10 14.00
C LEU R 311 -25.72 -61.60 14.25
N SER R 312 -25.28 -61.54 15.51
CA SER R 312 -23.96 -62.02 15.89
C SER R 312 -24.01 -62.85 17.15
N PHE R 313 -23.73 -64.14 17.02
CA PHE R 313 -23.79 -65.06 18.14
C PHE R 313 -22.39 -65.47 18.60
N LYS R 314 -22.15 -65.40 19.90
CA LYS R 314 -20.83 -65.71 20.44
C LYS R 314 -20.89 -66.49 21.76
N LEU R 315 -20.14 -67.58 21.82
CA LEU R 315 -20.03 -68.38 23.04
C LEU R 315 -18.59 -68.37 23.54
N PHE R 316 -18.41 -68.16 24.85
CA PHE R 316 -17.08 -68.00 25.40
C PHE R 316 -16.98 -68.26 26.90
N ASN R 317 -15.77 -68.10 27.43
CA ASN R 317 -15.50 -68.27 28.86
C ASN R 317 -16.07 -69.57 29.42
N ILE R 318 -15.96 -70.64 28.65
CA ILE R 318 -16.53 -71.93 29.01
C ILE R 318 -15.75 -72.62 30.12
N GLN R 319 -16.49 -73.17 31.08
CA GLN R 319 -15.91 -73.91 32.19
C GLN R 319 -16.70 -75.19 32.42
N VAL R 320 -16.01 -76.32 32.50
CA VAL R 320 -16.66 -77.59 32.76
C VAL R 320 -16.37 -78.09 34.17
N LYS R 321 -17.38 -78.02 35.03
CA LYS R 321 -17.24 -78.48 36.40
C LYS R 321 -17.85 -79.87 36.55
N GLU R 322 -17.09 -80.78 37.15
CA GLU R 322 -17.59 -82.11 37.45
C GLU R 322 -17.81 -82.29 38.95
N VAL R 323 -18.97 -82.84 39.31
CA VAL R 323 -19.34 -82.94 40.71
C VAL R 323 -19.31 -84.38 41.21
N THR R 324 -18.94 -84.55 42.48
CA THR R 324 -18.90 -85.87 43.09
C THR R 324 -19.53 -85.85 44.48
N GLN R 325 -20.48 -86.76 44.69
CA GLN R 325 -21.10 -86.92 46.00
C GLN R 325 -20.38 -88.01 46.78
N ASN R 326 -19.46 -87.61 47.64
CA ASN R 326 -18.61 -88.56 48.36
C ASN R 326 -19.32 -89.24 49.55
N ASP R 327 -19.59 -88.46 50.59
CA ASP R 327 -20.30 -88.98 51.75
C ASP R 327 -21.66 -88.30 51.88
N GLY R 328 -21.66 -87.13 52.51
CA GLY R 328 -22.84 -86.31 52.59
C GLY R 328 -22.49 -84.91 52.11
N THR R 329 -21.43 -84.82 51.33
CA THR R 329 -20.93 -83.54 50.86
C THR R 329 -20.66 -83.55 49.35
N THR R 330 -21.29 -82.62 48.63
CA THR R 330 -21.05 -82.49 47.20
C THR R 330 -19.88 -81.56 46.92
N THR R 331 -18.83 -82.13 46.34
CA THR R 331 -17.65 -81.35 45.98
C THR R 331 -17.65 -81.08 44.47
N ILE R 332 -17.36 -79.83 44.10
CA ILE R 332 -17.32 -79.45 42.69
C ILE R 332 -15.93 -78.95 42.32
N ALA R 333 -15.39 -79.44 41.20
CA ALA R 333 -14.06 -79.06 40.77
C ALA R 333 -13.95 -78.88 39.26
N ASN R 334 -12.74 -78.67 38.78
CA ASN R 334 -12.49 -78.42 37.36
C ASN R 334 -12.03 -79.65 36.59
N ASN R 335 -12.76 -79.97 35.53
CA ASN R 335 -12.31 -80.99 34.58
C ASN R 335 -11.87 -80.30 33.31
N LEU R 336 -10.64 -79.81 33.30
CA LEU R 336 -10.13 -79.01 32.20
C LEU R 336 -10.14 -79.73 30.86
N THR R 337 -9.76 -81.00 30.88
CA THR R 337 -9.65 -81.78 29.65
C THR R 337 -11.00 -82.18 29.05
N SER R 338 -12.09 -81.64 29.61
CA SER R 338 -13.42 -81.97 29.11
C SER R 338 -13.90 -80.95 28.10
N THR R 339 -14.76 -81.38 27.18
CA THR R 339 -15.23 -80.53 26.10
C THR R 339 -16.75 -80.36 26.08
N VAL R 340 -17.21 -79.41 25.27
CA VAL R 340 -18.63 -79.20 25.06
C VAL R 340 -18.85 -79.12 23.55
N GLN R 341 -20.07 -79.41 23.09
CA GLN R 341 -20.31 -79.48 21.66
C GLN R 341 -21.41 -78.53 21.18
N VAL R 342 -21.10 -77.76 20.14
CA VAL R 342 -22.05 -76.80 19.58
C VAL R 342 -22.22 -77.01 18.08
N PHE R 343 -23.41 -76.76 17.59
CA PHE R 343 -23.65 -76.70 16.15
C PHE R 343 -24.96 -75.98 15.84
N THR R 344 -25.03 -75.38 14.65
CA THR R 344 -26.18 -74.59 14.28
C THR R 344 -26.92 -75.19 13.09
N ASP R 345 -28.21 -75.46 13.29
CA ASP R 345 -29.04 -76.01 12.23
C ASP R 345 -29.34 -74.94 11.18
N SER R 346 -28.43 -74.79 10.22
CA SER R 346 -28.56 -73.77 9.19
C SER R 346 -29.22 -74.33 7.94
N GLU R 347 -29.19 -75.65 7.79
CA GLU R 347 -29.85 -76.31 6.69
C GLU R 347 -31.32 -76.57 7.03
N TYR R 348 -31.68 -76.18 8.24
CA TYR R 348 -33.05 -76.36 8.75
C TYR R 348 -33.52 -77.80 8.61
N GLN R 349 -32.72 -78.73 9.10
CA GLN R 349 -33.02 -80.15 8.99
C GLN R 349 -33.58 -80.71 10.30
N LEU R 350 -33.36 -79.99 11.39
CA LEU R 350 -33.94 -80.35 12.67
C LEU R 350 -35.24 -79.58 12.88
N PRO R 351 -36.26 -80.27 13.43
CA PRO R 351 -37.56 -79.65 13.70
C PRO R 351 -37.40 -78.31 14.41
N TYR R 352 -37.95 -77.26 13.84
CA TYR R 352 -37.85 -75.93 14.46
C TYR R 352 -38.81 -75.84 15.63
N VAL R 353 -38.25 -75.78 16.83
CA VAL R 353 -39.02 -75.82 18.05
C VAL R 353 -39.13 -74.44 18.69
N LEU R 354 -38.50 -73.45 18.05
CA LEU R 354 -38.55 -72.07 18.52
C LEU R 354 -39.82 -71.38 18.02
N GLY R 355 -40.10 -70.20 18.58
CA GLY R 355 -41.29 -69.46 18.19
C GLY R 355 -42.56 -70.13 18.67
N SER R 356 -42.49 -70.77 19.83
CA SER R 356 -43.65 -71.42 20.43
C SER R 356 -43.85 -70.95 21.86
N ALA R 357 -43.33 -69.78 22.18
CA ALA R 357 -43.53 -69.14 23.49
C ALA R 357 -42.95 -69.95 24.64
N HIS R 358 -42.02 -70.85 24.34
CA HIS R 358 -41.40 -71.67 25.37
C HIS R 358 -40.54 -70.83 26.29
N GLN R 359 -40.19 -71.39 27.44
CA GLN R 359 -39.37 -70.68 28.41
C GLN R 359 -37.92 -71.11 28.28
N GLY R 360 -37.02 -70.36 28.90
CA GLY R 360 -35.59 -70.66 28.84
C GLY R 360 -34.82 -69.64 28.02
N CYS R 361 -35.49 -68.54 27.68
CA CYS R 361 -34.87 -67.46 26.94
C CYS R 361 -33.80 -66.78 27.78
N LEU R 362 -33.27 -65.68 27.28
CA LEU R 362 -32.31 -64.90 28.05
C LEU R 362 -33.06 -64.04 29.06
N PRO R 363 -32.53 -63.95 30.29
CA PRO R 363 -33.13 -63.14 31.36
C PRO R 363 -33.31 -61.69 30.94
N PRO R 364 -34.48 -61.09 31.25
CA PRO R 364 -34.68 -59.67 30.96
C PRO R 364 -33.60 -58.84 31.63
N PHE R 365 -33.32 -59.15 32.90
CA PHE R 365 -32.28 -58.46 33.65
C PHE R 365 -30.93 -59.12 33.40
N PRO R 366 -29.94 -58.31 33.02
CA PRO R 366 -28.60 -58.75 32.65
C PRO R 366 -27.88 -59.51 33.76
N ALA R 367 -28.11 -59.12 35.01
CA ALA R 367 -27.42 -59.72 36.14
C ALA R 367 -27.90 -61.14 36.46
N ASP R 368 -29.06 -61.51 35.93
CA ASP R 368 -29.64 -62.82 36.20
C ASP R 368 -28.95 -63.93 35.43
N VAL R 369 -28.85 -65.10 36.05
CA VAL R 369 -28.30 -66.29 35.41
C VAL R 369 -29.43 -67.21 35.00
N PHE R 370 -29.25 -67.94 33.90
CA PHE R 370 -30.30 -68.83 33.40
C PHE R 370 -29.81 -70.25 33.11
N MET R 371 -30.73 -71.19 33.14
CA MET R 371 -30.44 -72.58 32.82
C MET R 371 -30.78 -72.84 31.37
N VAL R 372 -29.87 -73.49 30.65
CA VAL R 372 -30.09 -73.78 29.23
C VAL R 372 -31.08 -74.93 29.07
N PRO R 373 -32.22 -74.66 28.39
CA PRO R 373 -33.32 -75.59 28.21
C PRO R 373 -32.90 -76.88 27.51
N GLN R 374 -33.77 -77.88 27.49
CA GLN R 374 -33.49 -79.13 26.82
C GLN R 374 -34.26 -79.24 25.51
N TYR R 375 -33.67 -79.92 24.53
CA TYR R 375 -34.28 -80.08 23.22
C TYR R 375 -35.20 -81.29 23.17
N GLY R 376 -36.43 -81.08 22.74
CA GLY R 376 -37.38 -82.15 22.56
C GLY R 376 -38.28 -81.82 21.38
N TYR R 377 -38.57 -82.82 20.55
CA TYR R 377 -39.38 -82.58 19.37
C TYR R 377 -40.50 -83.59 19.20
N LEU R 378 -41.49 -83.22 18.39
CA LEU R 378 -42.65 -84.08 18.16
C LEU R 378 -42.66 -84.57 16.71
N THR R 379 -43.48 -85.58 16.44
CA THR R 379 -43.57 -86.14 15.10
C THR R 379 -45.01 -86.54 14.81
N LEU R 380 -45.25 -86.97 13.58
CA LEU R 380 -46.55 -87.47 13.17
C LEU R 380 -46.95 -88.62 14.08
N ASN R 381 -48.21 -88.60 14.54
CA ASN R 381 -48.70 -89.64 15.43
C ASN R 381 -50.15 -90.05 15.19
N ASN R 382 -50.46 -91.30 15.48
CA ASN R 382 -51.83 -91.81 15.41
C ASN R 382 -52.33 -92.18 16.79
N GLY R 383 -52.73 -91.17 17.56
CA GLY R 383 -53.08 -91.37 18.96
C GLY R 383 -51.83 -91.44 19.80
N SER R 384 -51.70 -92.52 20.56
CA SER R 384 -50.51 -92.74 21.38
C SER R 384 -49.41 -93.38 20.53
N GLN R 385 -49.82 -93.94 19.40
CA GLN R 385 -48.91 -94.61 18.49
C GLN R 385 -48.33 -93.65 17.45
N ALA R 386 -47.37 -94.16 16.68
CA ALA R 386 -46.76 -93.38 15.62
C ALA R 386 -46.99 -94.05 14.27
N VAL R 387 -46.82 -93.29 13.20
CA VAL R 387 -46.98 -93.82 11.85
C VAL R 387 -45.62 -94.20 11.29
N GLY R 388 -45.60 -94.95 10.21
CA GLY R 388 -44.35 -95.33 9.56
C GLY R 388 -43.64 -94.14 8.95
N ARG R 389 -44.39 -93.07 8.71
CA ARG R 389 -43.84 -91.86 8.10
C ARG R 389 -43.24 -90.91 9.14
N SER R 390 -43.25 -91.31 10.40
CA SER R 390 -42.66 -90.49 11.45
C SER R 390 -41.14 -90.42 11.27
N SER R 391 -40.51 -89.45 11.93
CA SER R 391 -39.08 -89.22 11.74
C SER R 391 -38.31 -89.17 13.07
N PHE R 392 -37.20 -89.92 13.12
CA PHE R 392 -36.32 -89.93 14.29
C PHE R 392 -35.02 -89.20 13.97
N TYR R 393 -34.68 -88.23 14.81
CA TYR R 393 -33.51 -87.40 14.57
C TYR R 393 -32.43 -87.57 15.63
N CYS R 394 -31.20 -87.79 15.17
CA CYS R 394 -30.05 -87.88 16.06
C CYS R 394 -29.11 -86.70 15.80
N LEU R 395 -28.95 -85.85 16.82
CA LEU R 395 -28.15 -84.65 16.68
C LEU R 395 -26.65 -84.96 16.70
N GLU R 396 -26.32 -86.23 16.88
CA GLU R 396 -24.93 -86.67 16.86
C GLU R 396 -24.48 -86.90 15.43
N TYR R 397 -25.46 -87.08 14.54
CA TYR R 397 -25.18 -87.28 13.12
C TYR R 397 -25.00 -85.93 12.43
N PHE R 398 -24.86 -84.88 13.24
CA PHE R 398 -24.56 -83.56 12.74
C PHE R 398 -23.14 -83.19 13.12
N PRO R 399 -22.38 -82.66 12.16
CA PRO R 399 -21.04 -82.13 12.47
C PRO R 399 -21.14 -81.03 13.51
N SER R 400 -20.42 -81.18 14.62
CA SER R 400 -20.44 -80.18 15.67
C SER R 400 -19.02 -79.82 16.13
N GLN R 401 -18.84 -78.58 16.54
CA GLN R 401 -17.55 -78.12 17.03
C GLN R 401 -17.44 -78.38 18.53
N MET R 402 -16.38 -79.09 18.91
CA MET R 402 -16.12 -79.38 20.32
C MET R 402 -15.16 -78.36 20.92
N LEU R 403 -15.49 -77.86 22.10
CA LEU R 403 -14.70 -76.80 22.72
C LEU R 403 -14.18 -77.18 24.09
N ARG R 404 -12.91 -76.89 24.32
CA ARG R 404 -12.29 -77.03 25.63
C ARG R 404 -12.28 -75.64 26.27
N THR R 405 -11.77 -75.54 27.49
CA THR R 405 -11.70 -74.24 28.14
C THR R 405 -10.70 -73.34 27.42
N GLY R 406 -11.19 -72.24 26.88
CA GLY R 406 -10.34 -71.34 26.13
C GLY R 406 -10.75 -71.33 24.67
N ASN R 407 -11.65 -72.22 24.32
CA ASN R 407 -12.24 -72.22 22.98
C ASN R 407 -13.51 -71.40 22.96
N ASN R 408 -13.85 -70.85 21.80
CA ASN R 408 -15.07 -70.07 21.66
C ASN R 408 -15.82 -70.39 20.37
N PHE R 409 -17.08 -69.98 20.31
CA PHE R 409 -17.94 -70.29 19.17
C PHE R 409 -18.44 -69.00 18.53
N GLN R 410 -18.43 -68.96 17.19
CA GLN R 410 -18.78 -67.76 16.45
C GLN R 410 -19.86 -68.04 15.42
N PHE R 411 -20.78 -67.09 15.24
CA PHE R 411 -21.85 -67.26 14.25
C PHE R 411 -22.51 -65.94 13.82
N SER R 412 -22.62 -65.75 12.51
CA SER R 412 -23.26 -64.55 11.95
C SER R 412 -24.40 -64.89 11.01
N TYR R 413 -25.51 -64.18 11.16
CA TYR R 413 -26.73 -64.45 10.41
C TYR R 413 -27.30 -63.15 9.83
N THR R 414 -28.01 -63.26 8.71
CA THR R 414 -28.58 -62.08 8.05
C THR R 414 -30.08 -62.27 7.79
N PHE R 415 -30.90 -61.47 8.47
CA PHE R 415 -32.35 -61.53 8.31
C PHE R 415 -32.78 -61.26 6.87
N GLU R 416 -33.88 -61.88 6.47
CA GLU R 416 -34.42 -61.66 5.14
C GLU R 416 -35.29 -60.40 5.13
N ASP R 417 -35.86 -60.08 3.98
CA ASP R 417 -36.75 -58.93 3.87
C ASP R 417 -38.10 -59.21 4.52
N VAL R 418 -38.41 -58.48 5.57
CA VAL R 418 -39.68 -58.66 6.28
C VAL R 418 -40.26 -57.31 6.71
N PRO R 419 -41.52 -57.06 6.32
CA PRO R 419 -42.24 -55.80 6.54
C PRO R 419 -42.13 -55.25 7.96
N PHE R 420 -41.91 -53.94 8.06
CA PHE R 420 -41.83 -53.26 9.34
C PHE R 420 -43.03 -53.58 10.20
N HIS R 421 -42.85 -53.60 11.51
CA HIS R 421 -43.99 -53.74 12.41
C HIS R 421 -44.71 -52.41 12.55
N SER R 422 -45.99 -52.47 12.90
CA SER R 422 -46.79 -51.27 13.09
C SER R 422 -46.63 -50.70 14.49
N SER R 423 -45.67 -49.80 14.64
CA SER R 423 -45.49 -49.07 15.88
C SER R 423 -46.34 -47.81 15.86
N TYR R 424 -47.45 -47.89 15.12
CA TYR R 424 -48.36 -46.77 14.96
C TYR R 424 -49.82 -47.21 15.09
N ALA R 425 -50.70 -46.24 15.27
CA ALA R 425 -52.14 -46.48 15.32
C ALA R 425 -52.86 -45.44 14.48
N HIS R 426 -53.89 -45.87 13.73
CA HIS R 426 -54.57 -44.97 12.81
C HIS R 426 -55.41 -43.91 13.52
N SER R 427 -55.28 -42.67 13.06
CA SER R 427 -56.06 -41.55 13.59
C SER R 427 -57.39 -41.43 12.84
N GLN R 428 -57.50 -42.14 11.73
CA GLN R 428 -58.75 -42.19 10.97
C GLN R 428 -59.41 -43.56 11.13
N SER R 429 -60.64 -43.68 10.63
CA SER R 429 -61.35 -44.96 10.67
C SER R 429 -61.75 -45.39 9.26
N LEU R 430 -62.05 -46.67 9.08
CA LEU R 430 -62.47 -47.17 7.77
C LEU R 430 -63.76 -46.52 7.28
N ASP R 431 -64.75 -46.43 8.16
CA ASP R 431 -66.03 -45.85 7.79
C ASP R 431 -66.02 -44.34 7.88
N ARG R 432 -65.07 -43.79 8.63
CA ARG R 432 -64.96 -42.35 8.79
C ARG R 432 -63.79 -41.79 7.98
N LEU R 433 -63.78 -42.09 6.68
CA LEU R 433 -62.66 -41.74 5.82
C LEU R 433 -62.99 -40.60 4.87
N MET R 434 -64.27 -40.41 4.59
CA MET R 434 -64.72 -39.42 3.61
C MET R 434 -64.74 -37.98 4.13
N ASN R 435 -65.40 -37.10 3.37
CA ASN R 435 -65.46 -35.69 3.70
C ASN R 435 -66.75 -35.32 4.44
N PRO R 436 -66.61 -34.78 5.64
CA PRO R 436 -67.72 -34.37 6.50
C PRO R 436 -68.55 -33.22 5.92
N LEU R 437 -67.99 -32.48 4.97
CA LEU R 437 -68.61 -31.26 4.49
C LEU R 437 -69.37 -31.45 3.17
N ILE R 438 -68.82 -32.28 2.29
CA ILE R 438 -69.40 -32.46 0.96
C ILE R 438 -70.21 -33.75 0.87
N ASP R 439 -71.22 -33.74 0.00
CA ASP R 439 -72.08 -34.90 -0.19
C ASP R 439 -71.57 -35.74 -1.37
N GLN R 440 -71.89 -37.03 -1.36
CA GLN R 440 -71.52 -37.92 -2.45
C GLN R 440 -72.43 -37.66 -3.65
N TYR R 441 -71.94 -37.99 -4.84
CA TYR R 441 -72.76 -37.86 -6.05
C TYR R 441 -73.39 -39.21 -6.39
N LEU R 442 -73.17 -40.19 -5.51
CA LEU R 442 -73.75 -41.51 -5.69
C LEU R 442 -75.08 -41.63 -4.95
N TYR R 443 -75.94 -42.54 -5.42
CA TYR R 443 -77.25 -42.71 -4.81
C TYR R 443 -77.44 -44.11 -4.25
N TYR R 444 -78.17 -44.19 -3.14
CA TYR R 444 -78.50 -45.46 -2.51
C TYR R 444 -80.00 -45.48 -2.23
N LEU R 445 -80.56 -46.67 -2.04
CA LEU R 445 -81.97 -46.79 -1.72
C LEU R 445 -82.15 -46.87 -0.20
N ASN R 446 -83.03 -46.03 0.34
CA ASN R 446 -83.24 -45.97 1.78
C ASN R 446 -84.70 -46.09 2.20
N ARG R 447 -85.60 -46.06 1.22
CA ARG R 447 -87.03 -46.19 1.49
C ARG R 447 -87.67 -47.15 0.50
N THR R 448 -88.29 -48.20 1.04
CA THR R 448 -88.93 -49.21 0.21
C THR R 448 -90.46 -49.06 0.19
N GLN R 449 -91.02 -48.61 1.30
CA GLN R 449 -92.46 -48.44 1.42
C GLN R 449 -92.86 -47.08 1.98
N GLY R 450 -92.36 -46.78 3.18
CA GLY R 450 -92.73 -45.57 3.89
C GLY R 450 -92.75 -44.33 3.02
N THR R 451 -93.94 -43.99 2.51
CA THR R 451 -94.09 -42.80 1.68
C THR R 451 -94.87 -41.76 2.47
N THR R 452 -95.48 -40.80 1.75
CA THR R 452 -96.42 -39.88 2.35
C THR R 452 -97.60 -40.71 2.86
N SER R 453 -97.37 -41.44 3.96
CA SER R 453 -98.27 -42.48 4.42
C SER R 453 -99.58 -41.96 5.00
N GLY R 454 -100.66 -42.14 4.25
CA GLY R 454 -101.98 -41.75 4.69
C GLY R 454 -103.05 -42.35 3.80
N THR R 455 -103.13 -41.86 2.57
CA THR R 455 -104.06 -42.36 1.58
C THR R 455 -103.29 -43.09 0.48
N THR R 456 -103.76 -44.29 0.13
CA THR R 456 -103.24 -45.03 -1.03
C THR R 456 -101.71 -45.05 -1.13
N ASN R 457 -101.04 -45.24 0.00
CA ASN R 457 -99.58 -45.29 0.00
C ASN R 457 -99.03 -46.56 0.64
N GLN R 458 -99.06 -47.63 -0.15
CA GLN R 458 -98.54 -48.92 0.28
C GLN R 458 -97.01 -48.94 0.21
N SER R 459 -96.47 -48.83 -1.00
CA SER R 459 -95.02 -48.90 -1.20
C SER R 459 -94.55 -48.09 -2.40
N ARG R 460 -93.29 -47.65 -2.35
CA ARG R 460 -92.67 -46.88 -3.42
C ARG R 460 -91.16 -46.92 -3.29
N LEU R 461 -90.47 -47.06 -4.42
CA LEU R 461 -89.00 -47.11 -4.42
C LEU R 461 -88.40 -45.71 -4.40
N LEU R 462 -87.72 -45.37 -3.30
CA LEU R 462 -87.15 -44.04 -3.13
C LEU R 462 -85.66 -44.07 -2.82
N PHE R 463 -84.91 -43.22 -3.52
CA PHE R 463 -83.45 -43.18 -3.39
C PHE R 463 -82.98 -41.85 -2.82
N SER R 464 -81.90 -41.90 -2.06
CA SER R 464 -81.31 -40.68 -1.50
C SER R 464 -79.85 -40.51 -1.91
N GLN R 465 -79.44 -39.25 -2.06
CA GLN R 465 -78.04 -38.93 -2.32
C GLN R 465 -77.27 -38.87 -1.01
N ALA R 466 -76.20 -39.64 -0.90
CA ALA R 466 -75.41 -39.70 0.31
C ALA R 466 -74.95 -38.32 0.75
N GLY R 467 -75.08 -38.03 2.04
CA GLY R 467 -74.64 -36.78 2.61
C GLY R 467 -73.88 -37.02 3.90
N PRO R 468 -73.34 -35.95 4.51
CA PRO R 468 -72.64 -36.08 5.79
C PRO R 468 -73.63 -36.58 6.83
N GLN R 469 -74.91 -36.37 6.54
CA GLN R 469 -75.98 -36.79 7.41
C GLN R 469 -76.18 -38.30 7.34
N SER R 470 -76.12 -38.84 6.13
CA SER R 470 -76.19 -40.29 5.93
C SER R 470 -74.78 -40.88 5.99
N MET R 471 -74.15 -40.79 7.14
CA MET R 471 -72.74 -41.13 7.27
C MET R 471 -72.46 -42.64 7.21
N SER R 472 -73.28 -43.43 7.86
CA SER R 472 -73.10 -44.89 7.86
C SER R 472 -73.90 -45.55 6.75
N LEU R 473 -74.18 -44.78 5.70
CA LEU R 473 -74.95 -45.28 4.56
C LEU R 473 -74.25 -45.00 3.24
N GLN R 474 -73.22 -44.15 3.30
CA GLN R 474 -72.49 -43.75 2.09
C GLN R 474 -71.80 -44.92 1.42
N ALA R 475 -71.59 -44.80 0.11
CA ALA R 475 -70.84 -45.80 -0.64
C ALA R 475 -69.44 -45.97 -0.04
N ARG R 476 -68.93 -47.20 -0.10
CA ARG R 476 -67.65 -47.50 0.52
C ARG R 476 -66.70 -48.14 -0.48
N ASN R 477 -65.39 -47.97 -0.25
CA ASN R 477 -64.37 -48.53 -1.12
C ASN R 477 -63.62 -49.71 -0.50
N TRP R 478 -63.77 -49.91 0.79
CA TRP R 478 -62.96 -50.89 1.52
C TRP R 478 -63.75 -51.61 2.62
N LEU R 479 -63.30 -52.81 2.98
CA LEU R 479 -63.91 -53.58 4.06
C LEU R 479 -62.94 -53.79 5.22
N PRO R 480 -63.47 -54.17 6.40
CA PRO R 480 -62.64 -54.49 7.57
C PRO R 480 -61.94 -55.83 7.40
N GLY R 481 -61.01 -56.15 8.30
CA GLY R 481 -60.28 -57.39 8.23
C GLY R 481 -61.15 -58.59 8.53
N PRO R 482 -60.65 -59.79 8.22
CA PRO R 482 -61.34 -61.06 8.46
C PRO R 482 -61.68 -61.23 9.94
N CYS R 483 -62.41 -62.28 10.28
CA CYS R 483 -62.81 -62.51 11.66
C CYS R 483 -63.10 -63.96 12.01
N TYR R 484 -63.01 -64.28 13.29
CA TYR R 484 -63.36 -65.59 13.82
C TYR R 484 -63.85 -65.39 15.24
N ARG R 485 -65.15 -65.21 15.39
CA ARG R 485 -65.75 -64.79 16.66
C ARG R 485 -65.20 -65.54 17.88
N GLN R 486 -64.87 -64.78 18.92
CA GLN R 486 -64.44 -65.33 20.20
C GLN R 486 -65.53 -65.08 21.23
N GLN R 487 -65.54 -65.87 22.30
CA GLN R 487 -66.53 -65.69 23.36
C GLN R 487 -66.13 -64.51 24.27
N ARG R 488 -67.12 -63.77 24.74
CA ARG R 488 -66.87 -62.61 25.59
C ARG R 488 -66.75 -63.00 27.06
N LEU R 489 -65.69 -62.54 27.71
CA LEU R 489 -65.49 -62.79 29.14
C LEU R 489 -65.35 -61.48 29.91
N SER R 490 -65.80 -61.50 31.16
CA SER R 490 -65.65 -60.33 32.01
C SER R 490 -64.61 -60.59 33.08
N LYS R 491 -63.89 -59.54 33.47
CA LYS R 491 -62.90 -59.64 34.52
C LYS R 491 -63.61 -59.72 35.87
N THR R 492 -64.83 -59.21 35.92
CA THR R 492 -65.66 -59.31 37.12
C THR R 492 -66.27 -60.70 37.21
N ALA R 493 -65.82 -61.48 38.18
CA ALA R 493 -66.17 -62.89 38.29
C ALA R 493 -67.63 -63.15 38.66
N ASN R 494 -68.53 -62.25 38.30
CA ASN R 494 -69.94 -62.44 38.58
C ASN R 494 -70.84 -62.04 37.42
N ASP R 495 -70.26 -61.39 36.42
CA ASP R 495 -71.01 -61.04 35.22
C ASP R 495 -71.19 -62.29 34.39
N ASN R 496 -70.31 -63.26 34.60
CA ASN R 496 -70.24 -64.45 33.75
C ASN R 496 -71.25 -65.53 34.11
N ASN R 497 -71.44 -66.46 33.18
CA ASN R 497 -72.32 -67.60 33.38
C ASN R 497 -71.74 -68.57 34.40
N ASN R 498 -72.58 -69.05 35.30
CA ASN R 498 -72.15 -70.00 36.33
C ASN R 498 -71.93 -71.40 35.76
N SER R 499 -70.99 -71.50 34.81
CA SER R 499 -70.65 -72.76 34.17
C SER R 499 -69.20 -72.73 33.66
N ASN R 500 -68.54 -73.89 33.68
CA ASN R 500 -67.16 -73.99 33.21
C ASN R 500 -67.10 -74.26 31.70
N PHE R 501 -66.83 -73.23 30.92
CA PHE R 501 -66.87 -73.32 29.47
C PHE R 501 -65.59 -72.92 28.73
N PRO R 502 -64.41 -73.09 29.38
CA PRO R 502 -63.19 -72.65 28.72
C PRO R 502 -62.73 -73.63 27.65
N TRP R 503 -63.56 -74.64 27.37
CA TRP R 503 -63.23 -75.63 26.36
C TRP R 503 -64.44 -76.04 25.53
N THR R 504 -65.60 -76.08 26.19
CA THR R 504 -66.84 -76.51 25.55
C THR R 504 -67.55 -75.36 24.85
N ALA R 505 -67.05 -74.15 25.05
CA ALA R 505 -67.68 -72.96 24.46
C ALA R 505 -66.67 -72.05 23.76
N ALA R 506 -65.41 -72.45 23.77
CA ALA R 506 -64.36 -71.67 23.13
C ALA R 506 -64.20 -72.05 21.66
N SER R 507 -63.76 -71.09 20.86
CA SER R 507 -63.53 -71.34 19.43
C SER R 507 -62.29 -72.18 19.21
N LYS R 508 -62.45 -73.27 18.46
CA LYS R 508 -61.38 -74.23 18.28
C LYS R 508 -61.39 -74.81 16.86
N TYR R 509 -60.28 -75.39 16.44
CA TYR R 509 -60.21 -76.05 15.15
C TYR R 509 -59.82 -77.51 15.38
N HIS R 510 -59.95 -78.33 14.34
CA HIS R 510 -59.56 -79.72 14.47
C HIS R 510 -58.92 -80.28 13.20
N LEU R 511 -57.83 -81.00 13.38
CA LEU R 511 -57.13 -81.64 12.27
C LEU R 511 -56.92 -83.11 12.57
N ASN R 512 -57.20 -83.96 11.60
CA ASN R 512 -57.02 -85.39 11.78
C ASN R 512 -57.91 -85.92 12.90
N GLY R 513 -59.03 -85.23 13.12
CA GLY R 513 -59.95 -85.61 14.17
C GLY R 513 -59.45 -85.25 15.55
N ARG R 514 -58.63 -84.21 15.62
CA ARG R 514 -58.05 -83.75 16.89
C ARG R 514 -58.31 -82.28 17.15
N ASP R 515 -59.07 -82.00 18.20
CA ASP R 515 -59.39 -80.63 18.58
C ASP R 515 -58.18 -79.87 19.09
N SER R 516 -58.03 -78.64 18.62
CA SER R 516 -56.97 -77.75 19.10
C SER R 516 -57.55 -76.34 19.27
N LEU R 517 -57.23 -75.71 20.39
CA LEU R 517 -57.81 -74.41 20.71
C LEU R 517 -57.21 -73.27 19.88
N VAL R 518 -58.06 -72.53 19.19
CA VAL R 518 -57.63 -71.37 18.43
C VAL R 518 -57.33 -70.22 19.39
N ASN R 519 -56.14 -70.22 19.96
CA ASN R 519 -55.79 -69.23 20.97
C ASN R 519 -55.67 -67.79 20.42
N PRO R 520 -54.52 -67.46 19.80
CA PRO R 520 -54.50 -66.12 19.23
C PRO R 520 -55.01 -66.16 17.80
N GLY R 521 -56.31 -66.03 17.63
CA GLY R 521 -56.90 -66.11 16.30
C GLY R 521 -56.54 -64.92 15.44
N PRO R 522 -57.25 -64.72 14.33
CA PRO R 522 -57.03 -63.52 13.52
C PRO R 522 -57.01 -62.29 14.41
N ALA R 523 -56.35 -61.23 13.95
CA ALA R 523 -56.26 -60.00 14.72
C ALA R 523 -57.61 -59.30 14.77
N MET R 524 -58.24 -59.32 15.96
CA MET R 524 -59.51 -58.65 16.17
C MET R 524 -59.42 -57.76 17.41
N ALA R 525 -60.27 -56.73 17.47
CA ALA R 525 -60.27 -55.81 18.60
C ALA R 525 -60.80 -56.48 19.88
N SER R 526 -60.19 -56.16 21.01
CA SER R 526 -60.56 -56.78 22.28
C SER R 526 -61.93 -56.34 22.79
N HIS R 527 -62.21 -55.04 22.73
CA HIS R 527 -63.46 -54.50 23.23
C HIS R 527 -63.90 -53.26 22.45
N LYS R 528 -65.20 -52.98 22.47
CA LYS R 528 -65.72 -51.76 21.84
C LYS R 528 -65.61 -50.59 22.80
N ASP R 529 -65.95 -49.39 22.32
CA ASP R 529 -65.78 -48.17 23.11
C ASP R 529 -66.62 -48.17 24.39
N ASP R 530 -66.06 -47.59 25.45
CA ASP R 530 -66.75 -47.42 26.72
C ASP R 530 -67.03 -48.72 27.47
N GLU R 531 -66.08 -49.65 27.39
CA GLU R 531 -66.18 -50.90 28.14
C GLU R 531 -64.87 -51.17 28.89
N GLU R 532 -63.86 -51.63 28.16
CA GLU R 532 -62.52 -51.81 28.73
C GLU R 532 -62.54 -52.76 29.92
N LYS R 533 -63.45 -53.75 29.89
CA LYS R 533 -63.53 -54.75 30.95
C LYS R 533 -63.78 -56.13 30.35
N PHE R 534 -64.37 -56.15 29.17
CA PHE R 534 -64.65 -57.40 28.48
C PHE R 534 -63.51 -57.77 27.52
N PHE R 535 -62.79 -58.84 27.85
CA PHE R 535 -61.75 -59.34 26.96
C PHE R 535 -62.24 -60.63 26.33
N PRO R 536 -61.75 -60.94 25.11
CA PRO R 536 -62.16 -62.15 24.41
C PRO R 536 -61.63 -63.40 25.10
N MET R 537 -62.38 -64.48 25.03
CA MET R 537 -61.88 -65.77 25.47
C MET R 537 -60.57 -66.00 24.76
N HIS R 538 -59.47 -65.84 25.48
CA HIS R 538 -58.13 -66.02 24.90
C HIS R 538 -57.95 -65.32 23.56
N GLY R 539 -58.53 -64.14 23.40
CA GLY R 539 -58.39 -63.39 22.17
C GLY R 539 -57.15 -62.52 22.15
N ASN R 540 -56.19 -62.85 23.02
CA ASN R 540 -54.95 -62.08 23.13
C ASN R 540 -53.94 -62.77 24.05
N LEU R 541 -52.68 -62.36 23.96
CA LEU R 541 -51.62 -62.97 24.75
C LEU R 541 -51.63 -62.49 26.20
N ILE R 542 -51.57 -63.45 27.12
CA ILE R 542 -51.58 -63.14 28.54
C ILE R 542 -50.27 -63.54 29.20
N PHE R 543 -49.63 -62.60 29.86
CA PHE R 543 -48.34 -62.84 30.50
C PHE R 543 -48.50 -63.04 32.01
N GLY R 544 -47.73 -63.98 32.56
CA GLY R 544 -47.76 -64.24 33.99
C GLY R 544 -46.77 -63.39 34.75
N LYS R 545 -47.23 -62.79 35.85
CA LYS R 545 -46.36 -61.99 36.69
C LYS R 545 -45.24 -62.84 37.30
N GLU R 546 -44.21 -62.18 37.79
CA GLU R 546 -43.09 -62.88 38.40
C GLU R 546 -43.56 -63.61 39.67
N GLY R 547 -43.16 -64.86 39.82
CA GLY R 547 -43.56 -65.66 40.95
C GLY R 547 -45.04 -65.94 40.97
N THR R 548 -45.45 -66.94 40.18
CA THR R 548 -46.85 -67.34 40.09
C THR R 548 -46.97 -68.74 39.48
N THR R 549 -47.50 -69.69 40.25
CA THR R 549 -47.57 -71.10 39.82
C THR R 549 -48.17 -71.26 38.43
N ALA R 550 -47.79 -72.34 37.76
CA ALA R 550 -48.24 -72.62 36.40
C ALA R 550 -49.65 -73.20 36.37
N SER R 551 -50.15 -73.56 37.54
CA SER R 551 -51.45 -74.24 37.64
C SER R 551 -52.51 -73.37 38.32
N ASN R 552 -53.50 -72.96 37.55
CA ASN R 552 -54.63 -72.19 38.05
C ASN R 552 -54.24 -71.04 38.98
N ALA R 553 -53.73 -69.97 38.40
CA ALA R 553 -53.36 -68.78 39.17
C ALA R 553 -54.51 -67.79 39.19
N GLU R 554 -54.42 -66.81 40.08
CA GLU R 554 -55.48 -65.83 40.26
C GLU R 554 -55.51 -64.81 39.12
N LEU R 555 -56.65 -64.15 38.95
CA LEU R 555 -56.82 -63.10 37.93
C LEU R 555 -55.92 -61.91 38.22
N ASP R 556 -55.62 -61.68 39.50
CA ASP R 556 -54.77 -60.57 39.89
C ASP R 556 -53.29 -60.96 39.81
N ASN R 557 -53.03 -62.14 39.25
CA ASN R 557 -51.67 -62.64 39.09
C ASN R 557 -51.22 -62.73 37.63
N VAL R 558 -52.08 -62.28 36.72
CA VAL R 558 -51.76 -62.31 35.30
C VAL R 558 -51.94 -60.95 34.64
N MET R 559 -51.32 -60.79 33.48
CA MET R 559 -51.40 -59.54 32.73
C MET R 559 -52.02 -59.79 31.36
N ILE R 560 -53.25 -59.31 31.17
CA ILE R 560 -53.97 -59.48 29.93
C ILE R 560 -53.73 -58.28 29.02
N THR R 561 -53.45 -58.55 27.75
CA THR R 561 -53.08 -57.50 26.81
C THR R 561 -54.27 -56.95 26.05
N ASP R 562 -54.35 -55.62 25.94
CA ASP R 562 -55.48 -54.97 25.29
C ASP R 562 -55.14 -54.55 23.86
N GLU R 563 -55.87 -55.08 22.89
CA GLU R 563 -55.69 -54.71 21.50
C GLU R 563 -56.77 -53.71 21.07
N GLU R 564 -56.68 -52.49 21.61
CA GLU R 564 -57.69 -51.48 21.35
C GLU R 564 -57.19 -50.32 20.50
N GLU R 565 -56.12 -50.56 19.74
CA GLU R 565 -55.59 -49.56 18.83
C GLU R 565 -55.98 -49.90 17.40
N ILE R 566 -56.38 -51.14 17.18
CA ILE R 566 -56.73 -51.61 15.84
C ILE R 566 -58.24 -51.61 15.62
N ARG R 567 -58.95 -50.80 16.40
CA ARG R 567 -60.41 -50.72 16.32
C ARG R 567 -60.87 -50.25 14.94
N THR R 568 -60.02 -49.49 14.27
CA THR R 568 -60.39 -48.82 13.03
C THR R 568 -60.25 -49.67 11.78
N THR R 569 -59.52 -50.78 11.90
CA THR R 569 -59.29 -51.67 10.76
C THR R 569 -59.83 -53.07 11.01
N ASN R 570 -59.98 -53.42 12.28
CA ASN R 570 -60.36 -54.78 12.65
C ASN R 570 -61.71 -54.89 13.35
N PRO R 571 -62.42 -55.99 13.09
CA PRO R 571 -63.69 -56.32 13.75
C PRO R 571 -63.45 -56.68 15.21
N VAL R 572 -64.44 -56.44 16.07
CA VAL R 572 -64.31 -56.78 17.49
C VAL R 572 -64.37 -58.30 17.67
N ALA R 573 -63.44 -58.83 18.46
CA ALA R 573 -63.29 -60.28 18.61
C ALA R 573 -64.53 -60.99 19.14
N THR R 574 -65.18 -60.39 20.13
CA THR R 574 -66.35 -60.99 20.76
C THR R 574 -67.64 -60.65 20.03
N GLU R 575 -67.69 -59.46 19.46
CA GLU R 575 -68.86 -58.99 18.71
C GLU R 575 -68.99 -59.74 17.39
N GLN R 576 -70.12 -59.54 16.70
CA GLN R 576 -70.37 -60.18 15.42
C GLN R 576 -69.51 -59.57 14.31
N TYR R 577 -69.85 -59.89 13.07
CA TYR R 577 -69.16 -59.31 11.93
C TYR R 577 -70.08 -58.36 11.17
N GLY R 578 -71.32 -58.78 10.97
CA GLY R 578 -72.29 -57.96 10.28
C GLY R 578 -73.57 -58.68 9.89
N THR R 579 -74.22 -58.17 8.85
CA THR R 579 -75.50 -58.70 8.39
C THR R 579 -75.39 -59.24 6.97
N VAL R 580 -76.02 -60.37 6.72
CA VAL R 580 -76.08 -60.96 5.39
C VAL R 580 -77.50 -61.38 5.07
N ALA R 581 -77.91 -61.19 3.82
CA ALA R 581 -79.23 -61.63 3.39
C ALA R 581 -79.22 -63.11 3.03
N ASN R 582 -80.36 -63.77 3.20
CA ASN R 582 -80.47 -65.19 2.87
C ASN R 582 -81.88 -65.62 2.49
N ASN R 583 -82.51 -64.87 1.59
CA ASN R 583 -83.83 -65.19 1.08
C ASN R 583 -84.24 -64.24 -0.05
N LEU R 584 -85.25 -64.62 -0.81
CA LEU R 584 -85.76 -63.77 -1.88
C LEU R 584 -87.00 -63.02 -1.45
N GLN R 585 -86.82 -61.86 -0.83
CA GLN R 585 -87.93 -61.07 -0.31
C GLN R 585 -88.93 -60.69 -1.41
N SER R 586 -90.20 -60.60 -1.02
CA SER R 586 -91.27 -60.24 -1.95
C SER R 586 -92.53 -59.94 -1.18
N SER R 587 -93.63 -59.74 -1.91
CA SER R 587 -94.93 -59.52 -1.27
C SER R 587 -95.32 -60.75 -0.45
N ASN R 588 -94.88 -61.92 -0.88
CA ASN R 588 -95.19 -63.17 -0.19
C ASN R 588 -94.23 -63.47 0.96
N THR R 589 -93.00 -62.98 0.84
CA THR R 589 -91.95 -63.32 1.80
C THR R 589 -91.34 -62.09 2.46
N ALA R 590 -91.12 -62.18 3.77
CA ALA R 590 -90.47 -61.11 4.51
C ALA R 590 -88.95 -61.30 4.47
N PRO R 591 -88.21 -60.20 4.26
CA PRO R 591 -86.75 -60.20 4.17
C PRO R 591 -86.10 -60.80 5.42
N THR R 592 -85.09 -61.66 5.21
CA THR R 592 -84.43 -62.33 6.33
C THR R 592 -82.98 -61.89 6.50
N THR R 593 -82.56 -61.72 7.75
CA THR R 593 -81.20 -61.31 8.08
C THR R 593 -80.46 -62.40 8.83
N ARG R 594 -79.18 -62.57 8.51
CA ARG R 594 -78.35 -63.56 9.17
C ARG R 594 -77.13 -62.90 9.83
N THR R 595 -76.93 -63.18 11.11
CA THR R 595 -75.77 -62.66 11.84
C THR R 595 -74.53 -63.48 11.51
N VAL R 596 -73.59 -62.87 10.82
CA VAL R 596 -72.36 -63.55 10.40
C VAL R 596 -71.34 -63.63 11.53
N ASN R 597 -70.94 -64.86 11.87
CA ASN R 597 -70.03 -65.11 12.97
C ASN R 597 -68.64 -65.47 12.48
N ASP R 598 -68.55 -65.86 11.21
CA ASP R 598 -67.28 -66.28 10.62
C ASP R 598 -67.13 -65.76 9.20
N GLN R 599 -66.07 -65.00 8.96
CA GLN R 599 -65.82 -64.43 7.65
C GLN R 599 -64.44 -64.76 7.09
N GLY R 600 -64.40 -65.48 5.99
CA GLY R 600 -63.15 -65.72 5.29
C GLY R 600 -62.60 -64.42 4.73
N ALA R 601 -61.68 -64.53 3.77
CA ALA R 601 -61.07 -63.35 3.17
C ALA R 601 -61.95 -62.78 2.05
N LEU R 602 -61.74 -61.50 1.74
CA LEU R 602 -62.54 -60.84 0.71
C LEU R 602 -61.75 -59.76 -0.04
N PRO R 603 -61.93 -59.71 -1.36
CA PRO R 603 -61.31 -58.67 -2.20
C PRO R 603 -61.72 -57.29 -1.72
N GLY R 604 -60.81 -56.57 -1.08
CA GLY R 604 -61.09 -55.22 -0.63
C GLY R 604 -60.92 -55.06 0.86
N MET R 605 -60.64 -56.16 1.55
CA MET R 605 -60.43 -56.10 3.00
C MET R 605 -59.04 -55.55 3.33
N VAL R 606 -58.98 -54.79 4.41
CA VAL R 606 -57.71 -54.26 4.90
C VAL R 606 -57.64 -54.42 6.41
N TRP R 607 -56.53 -54.95 6.91
CA TRP R 607 -56.43 -55.20 8.34
C TRP R 607 -55.06 -54.84 8.89
N GLN R 608 -55.00 -54.67 10.21
CA GLN R 608 -53.74 -54.46 10.91
C GLN R 608 -53.42 -55.74 11.66
N ASP R 609 -52.15 -56.10 11.74
CA ASP R 609 -51.76 -57.30 12.46
C ASP R 609 -51.78 -57.06 13.97
N ARG R 610 -51.39 -58.06 14.75
CA ARG R 610 -51.36 -57.91 16.20
C ARG R 610 -50.28 -56.92 16.65
N ASP R 611 -49.77 -57.11 17.86
CA ASP R 611 -48.78 -56.19 18.39
C ASP R 611 -47.65 -56.96 19.08
N VAL R 612 -46.49 -56.34 19.18
CA VAL R 612 -45.38 -56.93 19.91
C VAL R 612 -45.13 -56.15 21.19
N TYR R 613 -44.93 -56.88 22.27
CA TYR R 613 -44.71 -56.25 23.57
C TYR R 613 -43.31 -56.58 24.06
N LEU R 614 -42.81 -55.75 24.98
CA LEU R 614 -41.44 -55.88 25.47
C LEU R 614 -41.06 -57.34 25.78
N GLN R 615 -42.04 -58.15 26.17
CA GLN R 615 -41.77 -59.53 26.53
C GLN R 615 -42.39 -60.54 25.55
N GLY R 616 -42.82 -60.06 24.39
CA GLY R 616 -43.43 -60.91 23.39
C GLY R 616 -42.42 -61.60 22.50
N PRO R 617 -42.91 -62.56 21.68
CA PRO R 617 -42.07 -63.25 20.70
C PRO R 617 -41.55 -62.27 19.66
N ILE R 618 -40.44 -62.60 19.01
CA ILE R 618 -39.87 -61.73 17.99
C ILE R 618 -40.16 -62.25 16.58
N TRP R 619 -39.74 -63.48 16.31
CA TRP R 619 -39.92 -64.07 15.00
C TRP R 619 -40.63 -65.42 15.06
N ALA R 620 -40.83 -66.02 13.88
CA ALA R 620 -41.47 -67.33 13.79
C ALA R 620 -41.20 -67.97 12.44
N LYS R 621 -40.86 -69.26 12.44
CA LYS R 621 -40.56 -69.96 11.19
C LYS R 621 -41.82 -70.35 10.41
N ILE R 622 -42.08 -69.63 9.34
CA ILE R 622 -43.19 -69.97 8.45
C ILE R 622 -43.03 -71.39 7.95
N PRO R 623 -44.02 -72.25 8.23
CA PRO R 623 -44.01 -73.66 7.84
C PRO R 623 -43.75 -73.83 6.34
N HIS R 624 -43.03 -74.87 5.97
CA HIS R 624 -42.74 -75.11 4.56
C HIS R 624 -43.84 -75.94 3.90
N THR R 625 -44.93 -75.28 3.53
CA THR R 625 -46.05 -75.93 2.88
C THR R 625 -46.23 -75.46 1.45
N ASP R 626 -47.25 -75.99 0.78
CA ASP R 626 -47.55 -75.57 -0.59
C ASP R 626 -48.13 -74.17 -0.64
N GLY R 627 -48.74 -73.73 0.45
CA GLY R 627 -49.42 -72.44 0.46
C GLY R 627 -49.56 -71.76 1.81
N HIS R 628 -49.46 -70.44 1.79
CA HIS R 628 -49.69 -69.61 2.96
C HIS R 628 -50.54 -68.43 2.51
N PHE R 629 -51.25 -67.80 3.43
CA PHE R 629 -52.05 -66.62 3.07
C PHE R 629 -51.31 -65.33 3.40
N HIS R 630 -51.43 -64.91 4.65
CA HIS R 630 -50.74 -63.73 5.13
C HIS R 630 -49.84 -64.16 6.27
N PRO R 631 -48.68 -64.74 5.91
CA PRO R 631 -47.78 -65.47 6.82
C PRO R 631 -47.17 -64.60 7.92
N SER R 632 -48.02 -64.05 8.79
CA SER R 632 -47.54 -63.32 9.96
C SER R 632 -47.85 -64.13 11.22
N PRO R 633 -46.84 -64.34 12.07
CA PRO R 633 -46.98 -65.14 13.29
C PRO R 633 -48.24 -64.74 14.05
N LEU R 634 -49.12 -65.71 14.32
CA LEU R 634 -50.38 -65.40 14.99
C LEU R 634 -50.16 -64.78 16.36
N MET R 635 -49.08 -65.18 17.03
CA MET R 635 -48.75 -64.63 18.34
C MET R 635 -48.09 -63.27 18.19
N GLY R 636 -47.78 -62.90 16.95
CA GLY R 636 -47.21 -61.59 16.65
C GLY R 636 -45.73 -61.66 16.31
N GLY R 637 -45.30 -60.74 15.46
CA GLY R 637 -43.89 -60.65 15.11
C GLY R 637 -43.60 -60.78 13.63
N PHE R 638 -42.40 -61.23 13.33
CA PHE R 638 -41.95 -61.33 11.94
C PHE R 638 -41.92 -62.78 11.46
N GLY R 639 -42.72 -63.06 10.44
CA GLY R 639 -42.76 -64.38 9.84
C GLY R 639 -41.59 -64.56 8.90
N LEU R 640 -40.75 -65.55 9.19
CA LEU R 640 -39.53 -65.75 8.42
C LEU R 640 -39.49 -67.12 7.78
N LYS R 641 -39.21 -67.15 6.49
CA LYS R 641 -38.95 -68.41 5.79
C LYS R 641 -37.72 -69.07 6.41
N HIS R 642 -36.66 -68.28 6.54
CA HIS R 642 -35.41 -68.75 7.12
C HIS R 642 -35.02 -67.88 8.31
N PRO R 643 -35.48 -68.27 9.51
CA PRO R 643 -35.27 -67.54 10.77
C PRO R 643 -33.95 -67.97 11.43
N PRO R 644 -33.44 -67.13 12.36
CA PRO R 644 -32.21 -67.45 13.09
C PRO R 644 -32.16 -68.91 13.50
N PRO R 645 -31.27 -69.68 12.86
CA PRO R 645 -31.17 -71.13 13.05
C PRO R 645 -31.03 -71.51 14.51
N GLN R 646 -31.26 -72.78 14.82
CA GLN R 646 -31.16 -73.27 16.18
C GLN R 646 -29.71 -73.58 16.55
N ILE R 647 -29.28 -73.09 17.70
CA ILE R 647 -27.93 -73.36 18.20
C ILE R 647 -27.98 -74.39 19.31
N MET R 648 -27.41 -75.56 19.04
CA MET R 648 -27.39 -76.66 20.01
C MET R 648 -26.14 -76.67 20.89
N ILE R 649 -26.27 -77.28 22.06
CA ILE R 649 -25.20 -77.32 23.03
C ILE R 649 -25.38 -78.58 23.89
N LYS R 650 -24.28 -79.23 24.25
CA LYS R 650 -24.34 -80.40 25.12
C LYS R 650 -22.96 -80.76 25.66
N ASN R 651 -22.94 -81.28 26.88
CA ASN R 651 -21.68 -81.68 27.51
C ASN R 651 -21.22 -83.03 26.96
N THR R 652 -20.00 -83.06 26.44
CA THR R 652 -19.44 -84.28 25.90
C THR R 652 -19.34 -85.34 26.99
N PRO R 653 -20.01 -86.48 26.79
CA PRO R 653 -20.05 -87.59 27.76
C PRO R 653 -18.67 -88.09 28.14
N VAL R 654 -18.42 -88.19 29.44
CA VAL R 654 -17.13 -88.70 29.93
C VAL R 654 -17.31 -90.03 30.65
N PRO R 655 -16.81 -91.11 30.06
CA PRO R 655 -16.88 -92.45 30.67
C PRO R 655 -16.25 -92.46 32.05
N ALA R 656 -16.99 -92.97 33.03
CA ALA R 656 -16.43 -93.18 34.35
C ALA R 656 -15.41 -94.29 34.26
N ASN R 657 -15.20 -95.01 35.36
CA ASN R 657 -14.19 -96.05 35.38
C ASN R 657 -14.62 -97.34 34.67
N PRO R 658 -13.79 -97.80 33.71
CA PRO R 658 -14.02 -99.02 32.92
C PRO R 658 -13.37 -100.25 33.57
N PRO R 659 -13.91 -101.44 33.27
CA PRO R 659 -13.44 -102.74 33.77
C PRO R 659 -12.19 -103.24 33.03
N THR R 660 -11.37 -104.04 33.71
CA THR R 660 -10.18 -104.63 33.10
C THR R 660 -10.55 -105.71 32.08
N THR R 661 -11.78 -106.21 32.19
CA THR R 661 -12.29 -107.20 31.24
C THR R 661 -13.23 -106.53 30.24
N PHE R 662 -13.19 -106.98 28.98
CA PHE R 662 -13.97 -106.36 27.92
C PHE R 662 -15.47 -106.65 28.04
N SER R 663 -16.28 -105.61 27.84
CA SER R 663 -17.73 -105.74 27.90
C SER R 663 -18.39 -105.15 26.65
N PRO R 664 -19.17 -105.97 25.94
CA PRO R 664 -19.91 -105.54 24.75
C PRO R 664 -21.13 -104.72 25.14
N ALA R 665 -21.50 -104.77 26.42
CA ALA R 665 -22.68 -104.09 26.91
C ALA R 665 -22.59 -102.58 26.69
N LYS R 666 -23.72 -101.97 26.34
CA LYS R 666 -23.80 -100.53 26.15
C LYS R 666 -23.25 -99.81 27.38
N PHE R 667 -22.43 -98.79 27.15
CA PHE R 667 -21.82 -98.05 28.25
C PHE R 667 -22.84 -97.10 28.88
N ALA R 668 -22.94 -97.13 30.21
CA ALA R 668 -23.91 -96.30 30.92
C ALA R 668 -23.36 -95.74 32.23
N SER R 669 -22.08 -95.97 32.49
CA SER R 669 -21.43 -95.42 33.68
C SER R 669 -20.56 -94.21 33.32
N PHE R 670 -21.10 -93.01 33.55
CA PHE R 670 -20.40 -91.78 33.19
C PHE R 670 -20.10 -90.90 34.39
N ILE R 671 -19.10 -90.04 34.23
CA ILE R 671 -18.77 -89.04 35.24
C ILE R 671 -19.76 -87.89 35.14
N THR R 672 -20.35 -87.53 36.27
CA THR R 672 -21.34 -86.47 36.34
C THR R 672 -20.69 -85.10 36.26
N GLN R 673 -21.13 -84.30 35.30
CA GLN R 673 -20.53 -82.99 35.06
C GLN R 673 -21.49 -82.01 34.38
N TYR R 674 -21.30 -80.73 34.67
CA TYR R 674 -22.11 -79.67 34.06
C TYR R 674 -21.20 -78.57 33.51
N SER R 675 -21.69 -77.86 32.50
CA SER R 675 -20.92 -76.79 31.88
C SER R 675 -21.49 -75.43 32.18
N THR R 676 -20.67 -74.40 32.06
CA THR R 676 -21.11 -73.03 32.29
C THR R 676 -20.23 -72.05 31.53
N GLY R 677 -20.77 -70.88 31.23
CA GLY R 677 -20.03 -69.88 30.49
C GLY R 677 -20.90 -68.71 30.10
N GLN R 678 -20.38 -67.84 29.24
CA GLN R 678 -21.13 -66.69 28.77
C GLN R 678 -21.58 -66.86 27.32
N VAL R 679 -22.63 -66.13 26.97
CA VAL R 679 -23.12 -66.11 25.60
C VAL R 679 -23.44 -64.67 25.23
N SER R 680 -23.20 -64.32 23.98
CA SER R 680 -23.43 -62.95 23.52
C SER R 680 -24.20 -62.91 22.21
N VAL R 681 -25.25 -62.10 22.18
CA VAL R 681 -26.08 -61.95 20.98
C VAL R 681 -26.25 -60.48 20.57
N GLU R 682 -25.73 -60.15 19.38
CA GLU R 682 -25.81 -58.79 18.87
C GLU R 682 -26.78 -58.72 17.68
N ILE R 683 -27.75 -57.82 17.77
CA ILE R 683 -28.73 -57.66 16.70
C ILE R 683 -28.86 -56.22 16.24
N GLU R 684 -28.86 -56.03 14.93
CA GLU R 684 -29.05 -54.71 14.35
C GLU R 684 -30.49 -54.55 13.93
N TRP R 685 -31.02 -53.35 14.14
CA TRP R 685 -32.42 -53.08 13.87
C TRP R 685 -32.57 -51.89 12.95
N GLU R 686 -33.26 -52.08 11.84
CA GLU R 686 -33.57 -50.97 10.95
C GLU R 686 -34.79 -50.25 11.50
N LEU R 687 -34.78 -48.92 11.42
CA LEU R 687 -35.88 -48.14 11.97
C LEU R 687 -36.61 -47.34 10.90
N GLN R 688 -37.90 -47.14 11.10
CA GLN R 688 -38.69 -46.27 10.25
C GLN R 688 -39.09 -45.04 11.05
N LYS R 689 -38.47 -43.91 10.73
CA LYS R 689 -38.72 -42.68 11.49
C LYS R 689 -40.14 -42.16 11.31
N GLU R 690 -40.53 -41.25 12.21
CA GLU R 690 -41.87 -40.70 12.23
C GLU R 690 -41.97 -39.42 11.39
N ASN R 691 -42.93 -39.40 10.47
CA ASN R 691 -43.16 -38.21 9.65
C ASN R 691 -44.63 -37.82 9.64
N SER R 692 -45.04 -37.13 10.70
CA SER R 692 -46.44 -36.75 10.87
C SER R 692 -46.60 -35.23 10.96
N LYS R 693 -47.68 -34.71 10.38
CA LYS R 693 -47.97 -33.29 10.48
C LYS R 693 -49.09 -33.04 11.49
N ARG R 694 -49.24 -33.98 12.42
CA ARG R 694 -50.15 -33.82 13.55
C ARG R 694 -49.78 -32.55 14.31
N TRP R 695 -50.75 -31.67 14.52
CA TRP R 695 -50.48 -30.42 15.24
C TRP R 695 -50.39 -30.65 16.75
N ASN R 696 -51.46 -31.18 17.32
CA ASN R 696 -51.51 -31.43 18.75
C ASN R 696 -50.63 -32.61 19.16
N PRO R 697 -50.21 -32.65 20.42
CA PRO R 697 -49.34 -33.73 20.93
C PRO R 697 -49.98 -35.10 20.79
N GLU R 698 -49.15 -36.12 20.52
CA GLU R 698 -49.62 -37.49 20.50
C GLU R 698 -49.39 -38.12 21.86
N ILE R 699 -49.94 -39.31 22.08
CA ILE R 699 -49.78 -39.97 23.37
C ILE R 699 -48.45 -40.71 23.45
N GLN R 700 -47.82 -40.63 24.62
CA GLN R 700 -46.51 -41.23 24.84
C GLN R 700 -46.56 -42.15 26.03
N TYR R 701 -45.75 -43.22 26.01
CA TYR R 701 -45.62 -44.06 27.19
C TYR R 701 -44.76 -43.33 28.21
N THR R 702 -45.13 -43.47 29.49
CA THR R 702 -44.43 -42.76 30.55
C THR R 702 -44.58 -43.45 31.91
N SER R 703 -43.65 -43.18 32.81
CA SER R 703 -43.74 -43.67 34.18
C SER R 703 -44.56 -42.70 35.03
N ASN R 704 -45.25 -43.24 36.04
CA ASN R 704 -46.01 -42.40 36.96
C ASN R 704 -45.08 -41.58 37.83
N TYR R 705 -45.09 -40.27 37.63
CA TYR R 705 -44.19 -39.36 38.34
C TYR R 705 -44.54 -39.27 39.82
N ASN R 706 -45.67 -39.87 40.20
CA ASN R 706 -46.16 -39.79 41.58
C ASN R 706 -45.27 -40.52 42.57
N LYS R 707 -45.39 -40.14 43.85
CA LYS R 707 -44.67 -40.82 44.91
C LYS R 707 -45.06 -42.29 44.91
N SER R 708 -44.07 -43.17 44.74
CA SER R 708 -44.36 -44.59 44.54
C SER R 708 -43.62 -45.54 45.48
N VAL R 709 -44.19 -46.73 45.64
CA VAL R 709 -43.59 -47.78 46.46
C VAL R 709 -42.28 -48.25 45.84
N ASN R 710 -42.39 -49.18 44.90
CA ASN R 710 -41.24 -49.70 44.17
C ASN R 710 -41.14 -49.05 42.81
N VAL R 711 -39.94 -49.07 42.23
CA VAL R 711 -39.72 -48.48 40.92
C VAL R 711 -40.07 -49.44 39.79
N ASP R 712 -40.85 -48.95 38.83
CA ASP R 712 -41.26 -49.77 37.69
C ASP R 712 -40.09 -50.40 36.97
N PHE R 713 -40.15 -51.71 36.78
CA PHE R 713 -39.09 -52.45 36.10
C PHE R 713 -37.80 -52.38 36.89
N THR R 714 -37.76 -53.10 38.01
CA THR R 714 -36.65 -53.00 38.94
C THR R 714 -36.64 -54.20 39.91
N VAL R 715 -35.49 -54.43 40.53
CA VAL R 715 -35.37 -55.43 41.57
C VAL R 715 -36.03 -54.94 42.85
N ASP R 716 -36.37 -55.88 43.74
CA ASP R 716 -37.03 -55.54 44.99
C ASP R 716 -36.08 -55.59 46.19
N THR R 717 -36.64 -55.82 47.37
CA THR R 717 -35.87 -55.80 48.61
C THR R 717 -34.89 -56.97 48.71
N ASN R 718 -35.18 -58.07 48.03
CA ASN R 718 -34.30 -59.24 48.07
C ASN R 718 -33.79 -59.70 46.70
N GLY R 719 -33.76 -58.78 45.74
CA GLY R 719 -33.12 -59.03 44.46
C GLY R 719 -33.91 -59.87 43.47
N VAL R 720 -35.05 -59.35 43.03
CA VAL R 720 -35.85 -60.02 41.99
C VAL R 720 -36.41 -59.01 41.00
N TYR R 721 -35.92 -59.07 39.76
CA TYR R 721 -36.41 -58.20 38.70
C TYR R 721 -37.86 -58.57 38.37
N SER R 722 -38.69 -57.57 38.14
CA SER R 722 -40.10 -57.79 37.85
C SER R 722 -40.63 -56.79 36.82
N GLU R 723 -41.28 -57.31 35.77
CA GLU R 723 -41.88 -56.46 34.76
C GLU R 723 -43.35 -56.18 35.12
N PRO R 724 -43.62 -54.95 35.61
CA PRO R 724 -44.95 -54.53 36.04
C PRO R 724 -46.05 -54.83 35.01
N ARG R 725 -46.07 -54.11 33.90
CA ARG R 725 -47.12 -54.27 32.91
C ARG R 725 -46.57 -54.68 31.55
N PRO R 726 -47.46 -55.15 30.65
CA PRO R 726 -47.07 -55.37 29.26
C PRO R 726 -46.92 -54.03 28.54
N ILE R 727 -46.04 -53.96 27.55
CA ILE R 727 -45.83 -52.72 26.81
C ILE R 727 -46.23 -52.85 25.35
N GLY R 728 -47.25 -52.08 24.95
CA GLY R 728 -47.66 -52.04 23.56
C GLY R 728 -46.59 -51.41 22.69
N THR R 729 -46.91 -51.22 21.41
CA THR R 729 -45.95 -50.62 20.49
C THR R 729 -46.59 -49.46 19.76
N ARG R 730 -47.92 -49.39 19.84
CA ARG R 730 -48.68 -48.40 19.09
C ARG R 730 -49.05 -47.19 19.93
N TYR R 731 -48.20 -46.16 19.87
CA TYR R 731 -48.43 -44.91 20.60
C TYR R 731 -48.49 -43.72 19.64
N LEU R 732 -47.94 -43.89 18.45
CA LEU R 732 -47.91 -42.81 17.47
C LEU R 732 -49.01 -42.99 16.42
N THR R 733 -49.52 -41.88 15.89
CA THR R 733 -50.64 -41.92 14.96
C THR R 733 -50.28 -41.61 13.52
N ARG R 734 -50.78 -42.45 12.62
CA ARG R 734 -50.66 -42.23 11.18
C ARG R 734 -52.04 -42.35 10.57
N ASN R 735 -52.27 -41.72 9.43
CA ASN R 735 -53.58 -41.75 8.79
C ASN R 735 -53.81 -43.01 7.97
N LEU R 736 -54.93 -43.05 7.25
CA LEU R 736 -55.25 -44.17 6.38
C LEU R 736 -55.09 -43.79 4.90
N GLY S 217 -46.51 -12.94 -29.36
CA GLY S 217 -46.14 -11.67 -28.78
C GLY S 217 -46.63 -11.52 -27.35
N ALA S 218 -45.81 -10.87 -26.52
CA ALA S 218 -46.14 -10.67 -25.11
C ALA S 218 -45.61 -9.34 -24.57
N ASP S 219 -46.52 -8.44 -24.25
CA ASP S 219 -46.16 -7.13 -23.70
C ASP S 219 -47.06 -6.71 -22.54
N GLY S 220 -47.15 -5.40 -22.29
CA GLY S 220 -47.80 -4.90 -21.09
C GLY S 220 -49.13 -4.19 -21.23
N VAL S 221 -49.51 -3.49 -20.17
CA VAL S 221 -50.81 -2.81 -20.10
C VAL S 221 -50.84 -1.53 -20.92
N GLY S 222 -49.91 -0.62 -20.63
CA GLY S 222 -49.83 0.64 -21.34
C GLY S 222 -48.93 0.56 -22.55
N ASN S 223 -49.13 -0.48 -23.36
CA ASN S 223 -48.34 -0.68 -24.57
C ASN S 223 -49.17 -1.35 -25.65
N SER S 224 -49.51 -0.59 -26.70
CA SER S 224 -50.32 -1.10 -27.79
C SER S 224 -49.71 -2.34 -28.45
N SER S 225 -50.52 -3.39 -28.58
CA SER S 225 -50.05 -4.64 -29.17
C SER S 225 -50.21 -4.68 -30.69
N GLY S 226 -50.26 -3.51 -31.33
CA GLY S 226 -50.38 -3.45 -32.78
C GLY S 226 -50.68 -2.06 -33.31
N ASN S 227 -50.40 -1.86 -34.59
CA ASN S 227 -50.68 -0.58 -35.25
C ASN S 227 -51.80 -0.66 -36.27
N TRP S 228 -52.28 0.50 -36.72
CA TRP S 228 -53.36 0.57 -37.68
C TRP S 228 -52.84 0.47 -39.11
N HIS S 229 -52.80 -0.74 -39.65
CA HIS S 229 -52.33 -0.95 -41.00
C HIS S 229 -53.51 -1.08 -41.97
N CYS S 230 -53.82 0.00 -42.67
CA CYS S 230 -54.86 -0.04 -43.69
C CYS S 230 -54.41 0.75 -44.92
N ASP S 231 -53.99 0.02 -45.95
CA ASP S 231 -53.47 0.65 -47.15
C ASP S 231 -53.37 -0.39 -48.26
N SER S 232 -53.20 0.07 -49.49
CA SER S 232 -52.98 -0.84 -50.60
C SER S 232 -52.15 -0.16 -51.68
N GLN S 233 -51.10 -0.85 -52.10
CA GLN S 233 -50.27 -0.38 -53.21
C GLN S 233 -50.15 -1.50 -54.25
N TRP S 234 -49.74 -1.13 -55.45
CA TRP S 234 -49.74 -2.06 -56.56
C TRP S 234 -48.32 -2.42 -57.00
N LEU S 235 -48.16 -3.61 -57.56
CA LEU S 235 -46.87 -4.08 -58.04
C LEU S 235 -46.90 -4.34 -59.54
N GLY S 236 -48.00 -3.97 -60.18
CA GLY S 236 -48.18 -4.17 -61.61
C GLY S 236 -48.36 -5.64 -61.93
N ASP S 237 -47.72 -6.49 -61.15
CA ASP S 237 -47.81 -7.93 -61.33
C ASP S 237 -48.76 -8.52 -60.29
N ARG S 238 -48.97 -7.76 -59.21
CA ARG S 238 -49.82 -8.20 -58.12
C ARG S 238 -50.17 -7.03 -57.23
N VAL S 239 -51.14 -7.21 -56.34
CA VAL S 239 -51.57 -6.15 -55.44
C VAL S 239 -51.83 -6.65 -54.03
N ILE S 240 -51.34 -5.90 -53.05
CA ILE S 240 -51.53 -6.27 -51.65
C ILE S 240 -52.52 -5.34 -50.96
N THR S 241 -53.58 -5.92 -50.42
CA THR S 241 -54.62 -5.17 -49.75
C THR S 241 -54.54 -5.36 -48.24
N THR S 242 -54.27 -4.27 -47.53
CA THR S 242 -54.23 -4.29 -46.07
C THR S 242 -55.45 -3.56 -45.51
N SER S 243 -56.13 -4.20 -44.56
CA SER S 243 -57.34 -3.64 -43.99
C SER S 243 -57.39 -3.79 -42.47
N THR S 244 -57.74 -2.71 -41.77
CA THR S 244 -57.88 -2.73 -40.33
C THR S 244 -59.21 -2.11 -39.91
N ARG S 245 -59.92 -2.77 -39.01
CA ARG S 245 -61.20 -2.28 -38.52
C ARG S 245 -61.29 -2.44 -37.01
N THR S 246 -62.20 -1.70 -36.39
CA THR S 246 -62.44 -1.85 -34.97
C THR S 246 -63.67 -2.73 -34.77
N TRP S 247 -63.55 -3.67 -33.84
CA TRP S 247 -64.62 -4.63 -33.59
C TRP S 247 -65.08 -4.59 -32.15
N ALA S 248 -66.32 -5.03 -31.92
CA ALA S 248 -66.86 -5.15 -30.57
C ALA S 248 -67.56 -6.48 -30.40
N LEU S 249 -67.38 -7.10 -29.24
CA LEU S 249 -67.94 -8.42 -28.99
C LEU S 249 -68.68 -8.53 -27.66
N PRO S 250 -69.99 -8.82 -27.73
CA PRO S 250 -70.84 -9.04 -26.56
C PRO S 250 -70.66 -10.45 -26.00
N THR S 251 -71.40 -10.76 -24.94
CA THR S 251 -71.45 -12.13 -24.46
C THR S 251 -72.70 -12.79 -25.02
N TYR S 252 -72.52 -13.69 -25.98
CA TYR S 252 -73.64 -14.33 -26.65
C TYR S 252 -74.17 -15.53 -25.84
N ASN S 253 -75.46 -15.80 -26.01
CA ASN S 253 -76.10 -16.95 -25.38
C ASN S 253 -75.84 -17.09 -23.90
N ASN S 254 -75.43 -16.00 -23.25
CA ASN S 254 -75.20 -16.02 -21.82
C ASN S 254 -74.24 -17.14 -21.40
N HIS S 255 -73.10 -17.20 -22.09
CA HIS S 255 -72.08 -18.22 -21.80
C HIS S 255 -72.63 -19.63 -21.90
N LEU S 256 -73.63 -19.83 -22.75
CA LEU S 256 -74.30 -21.12 -22.85
C LEU S 256 -74.45 -21.64 -24.29
N TYR S 257 -74.33 -22.95 -24.44
CA TYR S 257 -74.66 -23.61 -25.70
C TYR S 257 -76.13 -23.98 -25.66
N LYS S 258 -76.90 -23.55 -26.65
CA LYS S 258 -78.33 -23.80 -26.67
C LYS S 258 -78.77 -24.62 -27.88
N GLN S 259 -79.62 -25.60 -27.63
CA GLN S 259 -80.21 -26.40 -28.70
C GLN S 259 -81.34 -25.64 -29.36
N ILE S 260 -81.15 -25.27 -30.63
CA ILE S 260 -82.20 -24.59 -31.38
C ILE S 260 -82.82 -25.51 -32.41
N SER S 261 -84.05 -25.20 -32.80
CA SER S 261 -84.79 -26.06 -33.73
C SER S 261 -85.98 -25.31 -34.31
N SER S 262 -86.66 -25.97 -35.24
CA SER S 262 -87.83 -25.38 -35.90
C SER S 262 -89.03 -25.31 -34.97
N GLN S 263 -89.83 -24.28 -35.14
CA GLN S 263 -91.03 -24.09 -34.34
C GLN S 263 -91.97 -25.28 -34.49
N SER S 264 -92.62 -25.67 -33.40
CA SER S 264 -93.57 -26.77 -33.43
C SER S 264 -94.71 -26.47 -34.40
N GLY S 265 -94.56 -26.89 -35.65
CA GLY S 265 -95.57 -26.66 -36.67
C GLY S 265 -95.71 -25.20 -37.07
N ALA S 266 -94.62 -24.59 -37.50
CA ALA S 266 -94.66 -23.20 -37.97
C ALA S 266 -94.34 -23.13 -39.46
N SER S 267 -93.57 -24.10 -39.95
CA SER S 267 -93.20 -24.13 -41.35
C SER S 267 -92.68 -25.53 -41.74
N ASN S 268 -92.80 -25.88 -43.03
CA ASN S 268 -92.41 -27.23 -43.48
C ASN S 268 -91.10 -27.30 -44.26
N ASP S 269 -90.92 -26.43 -45.25
CA ASP S 269 -89.68 -26.41 -46.01
C ASP S 269 -88.59 -25.68 -45.25
N ASN S 270 -88.93 -25.19 -44.08
CA ASN S 270 -87.99 -24.42 -43.27
C ASN S 270 -87.67 -25.11 -41.95
N HIS S 271 -88.02 -26.39 -41.84
CA HIS S 271 -87.67 -27.16 -40.66
C HIS S 271 -86.16 -27.24 -40.51
N TYR S 272 -85.69 -27.31 -39.27
CA TYR S 272 -84.26 -27.34 -39.01
C TYR S 272 -83.93 -27.77 -37.58
N PHE S 273 -82.68 -28.16 -37.37
CA PHE S 273 -82.18 -28.50 -36.04
C PHE S 273 -80.70 -28.20 -35.94
N GLY S 274 -80.31 -27.50 -34.87
CA GLY S 274 -78.91 -27.14 -34.67
C GLY S 274 -78.65 -26.62 -33.27
N TYR S 275 -77.61 -25.81 -33.14
CA TYR S 275 -77.21 -25.28 -31.83
C TYR S 275 -76.70 -23.86 -31.92
N SER S 276 -76.82 -23.13 -30.80
CA SER S 276 -76.33 -21.78 -30.71
C SER S 276 -75.15 -21.71 -29.73
N THR S 277 -74.01 -21.21 -30.21
CA THR S 277 -72.80 -21.20 -29.42
C THR S 277 -72.49 -19.82 -28.85
N PRO S 278 -71.84 -19.78 -27.67
CA PRO S 278 -71.44 -18.54 -27.00
C PRO S 278 -70.29 -17.84 -27.72
N TRP S 279 -69.84 -18.40 -28.84
CA TRP S 279 -68.69 -17.87 -29.57
C TRP S 279 -69.11 -16.89 -30.66
N GLY S 280 -68.22 -15.95 -30.97
CA GLY S 280 -68.38 -15.06 -32.10
C GLY S 280 -67.35 -15.45 -33.15
N TYR S 281 -67.34 -14.74 -34.27
CA TYR S 281 -66.41 -15.08 -35.35
C TYR S 281 -66.10 -13.88 -36.23
N PHE S 282 -64.96 -13.95 -36.92
CA PHE S 282 -64.55 -12.87 -37.82
C PHE S 282 -64.81 -13.27 -39.26
N ASP S 283 -65.23 -12.30 -40.07
CA ASP S 283 -65.51 -12.56 -41.47
C ASP S 283 -65.17 -11.34 -42.33
N PHE S 284 -64.71 -11.62 -43.55
CA PHE S 284 -64.40 -10.57 -44.51
C PHE S 284 -64.61 -11.10 -45.92
N ASN S 285 -65.55 -12.03 -46.05
CA ASN S 285 -65.83 -12.67 -47.34
C ASN S 285 -66.59 -11.74 -48.28
N ARG S 286 -66.24 -10.46 -48.25
CA ARG S 286 -66.80 -9.47 -49.16
C ARG S 286 -65.64 -8.68 -49.74
N PHE S 287 -65.68 -8.41 -51.04
CA PHE S 287 -64.58 -7.71 -51.68
C PHE S 287 -64.38 -6.30 -51.12
N HIS S 288 -65.47 -5.63 -50.76
CA HIS S 288 -65.36 -4.26 -50.26
C HIS S 288 -64.68 -4.19 -48.90
N CYS S 289 -64.44 -5.37 -48.32
CA CYS S 289 -63.70 -5.46 -47.07
C CYS S 289 -62.22 -5.11 -47.29
N HIS S 290 -61.76 -5.29 -48.52
CA HIS S 290 -60.32 -5.16 -48.82
C HIS S 290 -60.03 -4.07 -49.85
N PHE S 291 -60.83 -4.01 -50.91
CA PHE S 291 -60.64 -3.01 -51.95
C PHE S 291 -61.47 -1.76 -51.71
N SER S 292 -60.87 -0.60 -51.96
CA SER S 292 -61.62 0.64 -51.94
C SER S 292 -62.30 0.82 -53.29
N PRO S 293 -63.32 1.69 -53.35
CA PRO S 293 -63.97 1.97 -54.63
C PRO S 293 -62.97 2.26 -55.73
N ARG S 294 -62.01 3.15 -55.45
CA ARG S 294 -61.01 3.54 -56.43
C ARG S 294 -60.16 2.34 -56.88
N ASP S 295 -59.62 1.60 -55.92
CA ASP S 295 -58.80 0.43 -56.23
C ASP S 295 -59.55 -0.53 -57.13
N TRP S 296 -60.80 -0.82 -56.75
CA TRP S 296 -61.64 -1.70 -57.52
C TRP S 296 -61.73 -1.23 -58.97
N GLN S 297 -61.74 0.09 -59.16
CA GLN S 297 -61.78 0.66 -60.49
C GLN S 297 -60.52 0.32 -61.29
N ARG S 298 -59.36 0.62 -60.72
CA ARG S 298 -58.09 0.29 -61.34
C ARG S 298 -58.07 -1.19 -61.72
N LEU S 299 -58.39 -2.02 -60.74
CA LEU S 299 -58.44 -3.46 -60.94
C LEU S 299 -59.29 -3.82 -62.15
N ILE S 300 -60.57 -3.43 -62.10
CA ILE S 300 -61.53 -3.79 -63.13
C ILE S 300 -61.11 -3.34 -64.53
N ASN S 301 -60.68 -2.10 -64.64
CA ASN S 301 -60.43 -1.48 -65.95
C ASN S 301 -59.11 -1.86 -66.59
N ASN S 302 -58.31 -2.68 -65.90
CA ASN S 302 -56.95 -2.92 -66.36
C ASN S 302 -56.52 -4.38 -66.51
N ASN S 303 -57.20 -5.29 -65.82
CA ASN S 303 -56.74 -6.67 -65.75
C ASN S 303 -57.67 -7.74 -66.33
N TRP S 304 -57.11 -8.60 -67.18
CA TRP S 304 -57.82 -9.75 -67.72
C TRP S 304 -58.48 -10.58 -66.62
N GLY S 305 -57.77 -10.76 -65.52
CA GLY S 305 -58.26 -11.56 -64.41
C GLY S 305 -57.44 -11.37 -63.14
N PHE S 306 -57.86 -12.00 -62.06
CA PHE S 306 -57.17 -11.88 -60.77
C PHE S 306 -57.50 -13.04 -59.83
N ARG S 307 -56.76 -13.14 -58.73
CA ARG S 307 -56.94 -14.22 -57.78
C ARG S 307 -56.27 -13.93 -56.44
N PRO S 308 -56.70 -14.64 -55.37
CA PRO S 308 -56.10 -14.55 -54.04
C PRO S 308 -54.82 -15.36 -53.94
N LYS S 309 -53.89 -14.91 -53.10
CA LYS S 309 -52.62 -15.62 -52.94
C LYS S 309 -52.27 -15.93 -51.48
N LYS S 310 -52.03 -14.89 -50.69
CA LYS S 310 -51.65 -15.06 -49.28
C LYS S 310 -52.63 -14.36 -48.35
N LEU S 311 -52.42 -14.55 -47.04
CA LEU S 311 -53.31 -13.99 -46.04
C LEU S 311 -52.60 -13.77 -44.70
N SER S 312 -52.88 -12.63 -44.06
CA SER S 312 -52.29 -12.32 -42.75
C SER S 312 -53.34 -11.78 -41.80
N PHE S 313 -53.63 -12.54 -40.76
CA PHE S 313 -54.64 -12.16 -39.80
C PHE S 313 -54.02 -11.74 -38.47
N LYS S 314 -54.47 -10.60 -37.95
CA LYS S 314 -53.89 -10.06 -36.71
C LYS S 314 -54.95 -9.45 -35.79
N LEU S 315 -54.91 -9.85 -34.52
CA LEU S 315 -55.78 -9.29 -33.49
C LEU S 315 -54.97 -8.57 -32.44
N PHE S 316 -55.40 -7.37 -32.05
CA PHE S 316 -54.61 -6.56 -31.14
C PHE S 316 -55.41 -5.47 -30.41
N ASN S 317 -54.71 -4.70 -29.58
CA ASN S 317 -55.30 -3.60 -28.83
C ASN S 317 -56.58 -3.98 -28.11
N ILE S 318 -56.58 -5.17 -27.53
CA ILE S 318 -57.76 -5.72 -26.87
C ILE S 318 -58.04 -5.05 -25.54
N GLN S 319 -59.32 -4.75 -25.31
CA GLN S 319 -59.77 -4.14 -24.07
C GLN S 319 -61.04 -4.84 -23.60
N VAL S 320 -61.06 -5.25 -22.33
CA VAL S 320 -62.24 -5.90 -21.78
C VAL S 320 -62.95 -4.98 -20.79
N LYS S 321 -64.10 -4.47 -21.20
CA LYS S 321 -64.90 -3.60 -20.35
C LYS S 321 -66.04 -4.38 -19.71
N GLU S 322 -66.18 -4.24 -18.39
CA GLU S 322 -67.29 -4.84 -17.68
C GLU S 322 -68.28 -3.79 -17.22
N VAL S 323 -69.57 -4.04 -17.45
CA VAL S 323 -70.60 -3.06 -17.17
C VAL S 323 -71.47 -3.45 -15.98
N THR S 324 -71.90 -2.45 -15.22
CA THR S 324 -72.76 -2.69 -14.07
C THR S 324 -73.92 -1.70 -14.05
N GLN S 325 -75.13 -2.22 -13.94
CA GLN S 325 -76.33 -1.40 -13.80
C GLN S 325 -76.66 -1.23 -12.33
N ASN S 326 -76.22 -0.12 -11.75
CA ASN S 326 -76.38 0.12 -10.32
C ASN S 326 -77.80 0.54 -9.90
N ASP S 327 -78.19 1.74 -10.28
CA ASP S 327 -79.53 2.24 -10.00
C ASP S 327 -80.29 2.43 -11.31
N GLY S 328 -80.11 3.59 -11.92
CA GLY S 328 -80.65 3.87 -13.23
C GLY S 328 -79.54 4.35 -14.14
N THR S 329 -78.32 3.98 -13.78
CA THR S 329 -77.13 4.42 -14.51
C THR S 329 -76.18 3.26 -14.82
N THR S 330 -75.88 3.07 -16.10
CA THR S 330 -74.92 2.05 -16.51
C THR S 330 -73.51 2.58 -16.50
N THR S 331 -72.69 2.03 -15.61
CA THR S 331 -71.28 2.41 -15.54
C THR S 331 -70.40 1.36 -16.20
N ILE S 332 -69.45 1.81 -17.01
CA ILE S 332 -68.54 0.90 -17.71
C ILE S 332 -67.11 1.18 -17.30
N ALA S 333 -66.36 0.12 -16.97
CA ALA S 333 -64.98 0.26 -16.53
C ALA S 333 -64.07 -0.82 -17.08
N ASN S 334 -62.82 -0.84 -16.60
CA ASN S 334 -61.83 -1.78 -17.08
C ASN S 334 -61.64 -2.99 -16.17
N ASN S 335 -61.79 -4.17 -16.73
CA ASN S 335 -61.43 -5.40 -16.04
C ASN S 335 -60.16 -5.96 -16.66
N LEU S 336 -59.02 -5.43 -16.21
CA LEU S 336 -57.74 -5.76 -16.81
C LEU S 336 -57.39 -7.23 -16.75
N THR S 337 -57.68 -7.85 -15.60
CA THR S 337 -57.32 -9.24 -15.38
C THR S 337 -58.20 -10.23 -16.15
N SER S 338 -59.06 -9.72 -17.02
CA SER S 338 -59.94 -10.59 -17.80
C SER S 338 -59.33 -10.93 -19.15
N THR S 339 -59.70 -12.09 -19.69
CA THR S 339 -59.13 -12.58 -20.95
C THR S 339 -60.18 -12.82 -22.02
N VAL S 340 -59.70 -13.04 -23.24
CA VAL S 340 -60.55 -13.40 -24.36
C VAL S 340 -59.92 -14.61 -25.04
N GLN S 341 -60.72 -15.40 -25.76
CA GLN S 341 -60.21 -16.64 -26.33
C GLN S 341 -60.37 -16.72 -27.84
N VAL S 342 -59.27 -17.06 -28.52
CA VAL S 342 -59.27 -17.18 -29.97
C VAL S 342 -58.74 -18.54 -30.40
N PHE S 343 -59.27 -19.05 -31.52
CA PHE S 343 -58.70 -20.22 -32.16
C PHE S 343 -59.19 -20.34 -33.60
N THR S 344 -58.39 -20.98 -34.43
CA THR S 344 -58.70 -21.08 -35.86
C THR S 344 -58.92 -22.52 -36.28
N ASP S 345 -60.10 -22.79 -36.85
CA ASP S 345 -60.43 -24.12 -37.32
C ASP S 345 -59.65 -24.42 -38.60
N SER S 346 -58.43 -24.92 -38.44
CA SER S 346 -57.55 -25.21 -39.57
C SER S 346 -57.66 -26.67 -39.99
N GLU S 347 -58.15 -27.51 -39.09
CA GLU S 347 -58.38 -28.92 -39.41
C GLU S 347 -59.75 -29.09 -40.05
N TYR S 348 -60.47 -27.98 -40.15
CA TYR S 348 -61.81 -27.96 -40.75
C TYR S 348 -62.72 -28.97 -40.07
N GLN S 349 -62.79 -28.92 -38.75
CA GLN S 349 -63.58 -29.87 -37.99
C GLN S 349 -64.90 -29.25 -37.53
N LEU S 350 -64.97 -27.93 -37.54
CA LEU S 350 -66.21 -27.23 -37.25
C LEU S 350 -66.94 -26.90 -38.54
N PRO S 351 -68.28 -27.06 -38.54
CA PRO S 351 -69.10 -26.78 -39.71
C PRO S 351 -68.75 -25.41 -40.31
N TYR S 352 -68.40 -25.40 -41.59
CA TYR S 352 -68.06 -24.16 -42.26
C TYR S 352 -69.32 -23.37 -42.56
N VAL S 353 -69.47 -22.25 -41.86
CA VAL S 353 -70.69 -21.45 -41.94
C VAL S 353 -70.47 -20.19 -42.78
N LEU S 354 -69.25 -20.02 -43.26
CA LEU S 354 -68.92 -18.89 -44.12
C LEU S 354 -69.29 -19.17 -45.57
N GLY S 355 -69.27 -18.14 -46.39
CA GLY S 355 -69.62 -18.28 -47.79
C GLY S 355 -71.10 -18.54 -47.99
N SER S 356 -71.91 -17.94 -47.12
CA SER S 356 -73.37 -18.07 -47.19
C SER S 356 -74.03 -16.70 -47.21
N ALA S 357 -73.28 -15.68 -47.59
CA ALA S 357 -73.80 -14.32 -47.75
C ALA S 357 -74.31 -13.72 -46.44
N HIS S 358 -73.87 -14.28 -45.32
CA HIS S 358 -74.29 -13.77 -44.02
C HIS S 358 -73.73 -12.37 -43.76
N GLN S 359 -74.30 -11.69 -42.78
CA GLN S 359 -73.87 -10.34 -42.45
C GLN S 359 -72.92 -10.38 -41.25
N GLY S 360 -72.22 -9.27 -41.03
CA GLY S 360 -71.26 -9.19 -39.93
C GLY S 360 -69.83 -9.11 -40.42
N CYS S 361 -69.68 -8.91 -41.73
CA CYS S 361 -68.36 -8.78 -42.33
C CYS S 361 -67.69 -7.50 -41.85
N LEU S 362 -66.55 -7.17 -42.45
CA LEU S 362 -65.89 -5.92 -42.15
C LEU S 362 -66.57 -4.78 -42.91
N PRO S 363 -66.75 -3.63 -42.24
CA PRO S 363 -67.38 -2.46 -42.84
C PRO S 363 -66.66 -2.02 -44.12
N PRO S 364 -67.42 -1.68 -45.18
CA PRO S 364 -66.79 -1.17 -46.40
C PRO S 364 -65.96 0.07 -46.08
N PHE S 365 -66.53 0.97 -45.28
CA PHE S 365 -65.84 2.17 -44.86
C PHE S 365 -65.00 1.89 -43.63
N PRO S 366 -63.70 2.25 -43.69
CA PRO S 366 -62.72 1.98 -42.64
C PRO S 366 -63.08 2.60 -41.29
N ALA S 367 -63.69 3.78 -41.31
CA ALA S 367 -64.03 4.50 -40.08
C ALA S 367 -65.16 3.86 -39.29
N ASP S 368 -65.93 2.99 -39.95
CA ASP S 368 -67.08 2.35 -39.30
C ASP S 368 -66.67 1.25 -38.33
N VAL S 369 -67.42 1.13 -37.24
CA VAL S 369 -67.22 0.07 -36.26
C VAL S 369 -68.27 -1.02 -36.46
N PHE S 370 -67.90 -2.27 -36.19
CA PHE S 370 -68.81 -3.39 -36.39
C PHE S 370 -68.93 -4.30 -35.18
N MET S 371 -70.06 -5.01 -35.09
CA MET S 371 -70.29 -5.97 -34.03
C MET S 371 -69.92 -7.35 -34.52
N VAL S 372 -69.18 -8.10 -33.72
CA VAL S 372 -68.76 -9.45 -34.11
C VAL S 372 -69.93 -10.43 -33.99
N PRO S 373 -70.30 -11.06 -35.12
CA PRO S 373 -71.45 -11.97 -35.22
C PRO S 373 -71.35 -13.15 -34.27
N GLN S 374 -72.44 -13.91 -34.13
CA GLN S 374 -72.45 -15.08 -33.28
C GLN S 374 -72.41 -16.36 -34.12
N TYR S 375 -71.77 -17.39 -33.58
CA TYR S 375 -71.64 -18.67 -34.28
C TYR S 375 -72.83 -19.58 -34.02
N GLY S 376 -73.44 -20.06 -35.09
CA GLY S 376 -74.52 -21.01 -35.01
C GLY S 376 -74.45 -21.96 -36.18
N TYR S 377 -74.70 -23.25 -35.93
CA TYR S 377 -74.59 -24.24 -36.99
C TYR S 377 -75.79 -25.17 -37.04
N LEU S 378 -75.97 -25.82 -38.19
CA LEU S 378 -77.07 -26.74 -38.41
C LEU S 378 -76.58 -28.17 -38.52
N THR S 379 -77.50 -29.13 -38.43
CA THR S 379 -77.15 -30.53 -38.52
C THR S 379 -78.25 -31.29 -39.25
N LEU S 380 -77.99 -32.57 -39.49
CA LEU S 380 -78.97 -33.46 -40.10
C LEU S 380 -80.24 -33.44 -39.26
N ASN S 381 -81.40 -33.33 -39.91
CA ASN S 381 -82.67 -33.30 -39.20
C ASN S 381 -83.81 -34.03 -39.92
N ASN S 382 -84.75 -34.55 -39.14
CA ASN S 382 -85.94 -35.19 -39.69
C ASN S 382 -87.18 -34.38 -39.30
N GLY S 383 -87.41 -33.29 -40.01
CA GLY S 383 -88.47 -32.36 -39.65
C GLY S 383 -88.00 -31.45 -38.53
N SER S 384 -88.75 -31.41 -37.45
CA SER S 384 -88.37 -30.63 -36.28
C SER S 384 -87.42 -31.43 -35.40
N GLN S 385 -87.39 -32.74 -35.63
CA GLN S 385 -86.56 -33.65 -34.86
C GLN S 385 -85.19 -33.84 -35.50
N ALA S 386 -84.32 -34.53 -34.79
CA ALA S 386 -82.98 -34.82 -35.29
C ALA S 386 -82.77 -36.32 -35.40
N VAL S 387 -81.77 -36.73 -36.17
CA VAL S 387 -81.45 -38.13 -36.33
C VAL S 387 -80.32 -38.51 -35.38
N GLY S 388 -80.09 -39.81 -35.18
CA GLY S 388 -79.01 -40.27 -34.33
C GLY S 388 -77.64 -39.94 -34.91
N ARG S 389 -77.61 -39.69 -36.21
CA ARG S 389 -76.36 -39.40 -36.91
C ARG S 389 -76.01 -37.90 -36.86
N SER S 390 -76.83 -37.12 -36.18
CA SER S 390 -76.56 -35.69 -36.05
C SER S 390 -75.31 -35.48 -35.20
N SER S 391 -74.75 -34.28 -35.26
CA SER S 391 -73.49 -33.99 -34.57
C SER S 391 -73.55 -32.74 -33.68
N PHE S 392 -73.10 -32.88 -32.45
CA PHE S 392 -73.04 -31.77 -31.50
C PHE S 392 -71.59 -31.34 -31.30
N TYR S 393 -71.32 -30.05 -31.49
CA TYR S 393 -69.95 -29.54 -31.41
C TYR S 393 -69.76 -28.55 -30.27
N CYS S 394 -68.72 -28.78 -29.48
CA CYS S 394 -68.35 -27.87 -28.39
C CYS S 394 -67.01 -27.22 -28.71
N LEU S 395 -67.02 -25.90 -28.89
CA LEU S 395 -65.83 -25.17 -29.26
C LEU S 395 -64.86 -25.01 -28.09
N GLU S 396 -65.27 -25.50 -26.92
CA GLU S 396 -64.42 -25.47 -25.74
C GLU S 396 -63.47 -26.65 -25.75
N TYR S 397 -63.82 -27.67 -26.54
CA TYR S 397 -63.00 -28.87 -26.67
C TYR S 397 -61.93 -28.63 -27.72
N PHE S 398 -61.77 -27.37 -28.11
CA PHE S 398 -60.70 -26.96 -29.02
C PHE S 398 -59.68 -26.16 -28.24
N PRO S 399 -58.39 -26.47 -28.44
CA PRO S 399 -57.33 -25.65 -27.86
C PRO S 399 -57.42 -24.21 -28.37
N SER S 400 -57.52 -23.27 -27.45
CA SER S 400 -57.62 -21.86 -27.82
C SER S 400 -56.63 -21.00 -27.03
N GLN S 401 -56.15 -19.93 -27.65
CA GLN S 401 -55.24 -19.01 -27.01
C GLN S 401 -56.01 -17.94 -26.27
N MET S 402 -55.74 -17.79 -24.98
CA MET S 402 -56.39 -16.78 -24.16
C MET S 402 -55.51 -15.53 -24.07
N LEU S 403 -56.13 -14.36 -24.26
CA LEU S 403 -55.39 -13.11 -24.31
C LEU S 403 -55.86 -12.11 -23.27
N ARG S 404 -54.91 -11.50 -22.58
CA ARG S 404 -55.17 -10.39 -21.68
C ARG S 404 -54.86 -9.11 -22.43
N THR S 405 -55.05 -7.96 -21.80
CA THR S 405 -54.75 -6.69 -22.45
C THR S 405 -53.25 -6.56 -22.68
N GLY S 406 -52.85 -6.48 -23.94
CA GLY S 406 -51.44 -6.40 -24.28
C GLY S 406 -51.01 -7.65 -25.02
N ASN S 407 -51.91 -8.63 -25.08
CA ASN S 407 -51.67 -9.83 -25.87
C ASN S 407 -52.24 -9.65 -27.26
N ASN S 408 -51.67 -10.35 -28.23
CA ASN S 408 -52.15 -10.29 -29.61
C ASN S 408 -52.21 -11.66 -30.27
N PHE S 409 -52.94 -11.75 -31.38
CA PHE S 409 -53.13 -13.01 -32.08
C PHE S 409 -52.61 -12.92 -33.51
N GLN S 410 -51.92 -13.96 -33.94
CA GLN S 410 -51.28 -13.96 -35.25
C GLN S 410 -51.67 -15.18 -36.08
N PHE S 411 -51.86 -15.00 -37.38
CA PHE S 411 -52.22 -16.10 -38.26
C PHE S 411 -51.91 -15.85 -39.73
N SER S 412 -51.25 -16.83 -40.37
CA SER S 412 -50.92 -16.74 -41.79
C SER S 412 -51.45 -17.94 -42.59
N TYR S 413 -52.03 -17.65 -43.74
CA TYR S 413 -52.68 -18.66 -44.57
C TYR S 413 -52.24 -18.52 -46.02
N THR S 414 -52.25 -19.63 -46.76
CA THR S 414 -51.83 -19.63 -48.16
C THR S 414 -52.88 -20.26 -49.07
N PHE S 415 -53.48 -19.44 -49.92
CA PHE S 415 -54.50 -19.90 -50.86
C PHE S 415 -53.98 -21.00 -51.78
N GLU S 416 -54.87 -21.90 -52.17
CA GLU S 416 -54.51 -22.96 -53.10
C GLU S 416 -54.59 -22.44 -54.53
N ASP S 417 -54.29 -23.31 -55.50
CA ASP S 417 -54.39 -22.95 -56.91
C ASP S 417 -55.84 -22.88 -57.35
N VAL S 418 -56.28 -21.69 -57.73
CA VAL S 418 -57.66 -21.49 -58.18
C VAL S 418 -57.71 -20.51 -59.36
N PRO S 419 -58.33 -20.95 -60.47
CA PRO S 419 -58.43 -20.23 -61.74
C PRO S 419 -58.81 -18.75 -61.60
N PHE S 420 -58.12 -17.90 -62.35
CA PHE S 420 -58.41 -16.47 -62.36
C PHE S 420 -59.87 -16.22 -62.63
N HIS S 421 -60.41 -15.14 -62.08
CA HIS S 421 -61.76 -14.74 -62.41
C HIS S 421 -61.78 -14.03 -63.76
N SER S 422 -62.93 -14.06 -64.42
CA SER S 422 -63.10 -13.41 -65.71
C SER S 422 -63.42 -11.93 -65.56
N SER S 423 -62.38 -11.10 -65.54
CA SER S 423 -62.55 -9.66 -65.54
C SER S 423 -62.63 -9.16 -66.98
N TYR S 424 -63.11 -10.04 -67.86
CA TYR S 424 -63.22 -9.73 -69.28
C TYR S 424 -64.56 -10.17 -69.85
N ALA S 425 -64.87 -9.68 -71.04
CA ALA S 425 -66.08 -10.08 -71.76
C ALA S 425 -65.72 -10.33 -73.22
N HIS S 426 -66.30 -11.38 -73.81
CA HIS S 426 -65.94 -11.76 -75.17
C HIS S 426 -66.45 -10.78 -76.22
N SER S 427 -65.57 -10.43 -77.16
CA SER S 427 -65.93 -9.55 -78.27
C SER S 427 -66.48 -10.36 -79.44
N GLN S 428 -66.33 -11.68 -79.37
CA GLN S 428 -66.89 -12.57 -80.37
C GLN S 428 -68.06 -13.35 -79.78
N SER S 429 -68.79 -14.08 -80.62
CA SER S 429 -69.89 -14.92 -80.17
C SER S 429 -69.67 -16.37 -80.57
N LEU S 430 -70.37 -17.28 -79.93
CA LEU S 430 -70.25 -18.71 -80.25
C LEU S 430 -70.68 -19.02 -81.69
N ASP S 431 -71.81 -18.47 -82.10
CA ASP S 431 -72.33 -18.71 -83.44
C ASP S 431 -71.69 -17.80 -84.48
N ARG S 432 -71.12 -16.69 -84.01
CA ARG S 432 -70.48 -15.73 -84.90
C ARG S 432 -68.96 -15.82 -84.81
N LEU S 433 -68.44 -17.03 -85.01
CA LEU S 433 -67.01 -17.29 -84.81
C LEU S 433 -66.27 -17.49 -86.14
N MET S 434 -67.01 -17.88 -87.17
CA MET S 434 -66.41 -18.20 -88.46
C MET S 434 -66.04 -17.00 -89.32
N ASN S 435 -65.76 -17.26 -90.60
CA ASN S 435 -65.35 -16.21 -91.53
C ASN S 435 -66.51 -15.69 -92.37
N PRO S 436 -66.77 -14.39 -92.27
CA PRO S 436 -67.85 -13.69 -92.99
C PRO S 436 -67.67 -13.70 -94.51
N LEU S 437 -66.44 -13.94 -94.98
CA LEU S 437 -66.12 -13.78 -96.40
C LEU S 437 -66.11 -15.10 -97.15
N ILE S 438 -65.63 -16.16 -96.51
CA ILE S 438 -65.47 -17.44 -97.17
C ILE S 438 -66.59 -18.41 -96.82
N ASP S 439 -66.90 -19.32 -97.74
CA ASP S 439 -67.95 -20.31 -97.54
C ASP S 439 -67.37 -21.60 -97.00
N GLN S 440 -68.17 -22.37 -96.28
CA GLN S 440 -67.74 -23.68 -95.79
C GLN S 440 -67.71 -24.69 -96.92
N TYR S 441 -66.89 -25.73 -96.77
CA TYR S 441 -66.84 -26.79 -97.75
C TYR S 441 -67.73 -27.95 -97.32
N LEU S 442 -68.44 -27.76 -96.21
CA LEU S 442 -69.37 -28.76 -95.71
C LEU S 442 -70.78 -28.51 -96.23
N TYR S 443 -71.59 -29.56 -96.29
CA TYR S 443 -72.94 -29.45 -96.81
C TYR S 443 -73.99 -29.82 -95.76
N TYR S 444 -75.12 -29.12 -95.81
CA TYR S 444 -76.23 -29.40 -94.93
C TYR S 444 -77.49 -29.50 -95.78
N LEU S 445 -78.54 -30.13 -95.24
CA LEU S 445 -79.80 -30.24 -95.94
C LEU S 445 -80.74 -29.11 -95.52
N ASN S 446 -81.29 -28.40 -96.50
CA ASN S 446 -82.13 -27.24 -96.21
C ASN S 446 -83.49 -27.28 -96.92
N ARG S 447 -83.65 -28.24 -97.83
CA ARG S 447 -84.91 -28.40 -98.55
C ARG S 447 -85.32 -29.86 -98.60
N THR S 448 -86.51 -30.15 -98.09
CA THR S 448 -87.02 -31.51 -98.04
C THR S 448 -88.07 -31.77 -99.13
N GLN S 449 -88.84 -30.74 -99.44
CA GLN S 449 -89.90 -30.86 -100.45
C GLN S 449 -89.87 -29.73 -101.47
N GLY S 450 -89.97 -28.49 -100.99
CA GLY S 450 -90.08 -27.33 -101.86
C GLY S 450 -89.10 -27.35 -103.02
N THR S 451 -89.57 -27.81 -104.17
CA THR S 451 -88.75 -27.84 -105.37
C THR S 451 -89.26 -26.79 -106.35
N THR S 452 -88.93 -26.98 -107.63
CA THR S 452 -89.53 -26.18 -108.69
C THR S 452 -91.02 -26.48 -108.69
N SER S 453 -91.72 -25.95 -107.68
CA SER S 453 -93.09 -26.36 -107.37
C SER S 453 -94.11 -25.87 -108.38
N GLY S 454 -94.62 -26.80 -109.18
CA GLY S 454 -95.65 -26.51 -110.15
C GLY S 454 -96.27 -27.80 -110.69
N THR S 455 -95.49 -28.51 -111.49
CA THR S 455 -95.91 -29.80 -112.05
C THR S 455 -95.11 -30.92 -111.38
N THR S 456 -95.80 -31.98 -110.95
CA THR S 456 -95.17 -33.21 -110.47
C THR S 456 -93.99 -32.97 -109.53
N ASN S 457 -94.14 -32.02 -108.61
CA ASN S 457 -93.08 -31.74 -107.64
C ASN S 457 -93.56 -31.83 -106.20
N GLN S 458 -93.66 -33.06 -105.71
CA GLN S 458 -94.06 -33.32 -104.34
C GLN S 458 -92.90 -33.07 -103.38
N SER S 459 -91.83 -33.86 -103.50
CA SER S 459 -90.70 -33.76 -102.59
C SER S 459 -89.37 -34.17 -103.25
N ARG S 460 -88.28 -33.62 -102.73
CA ARG S 460 -86.94 -33.92 -103.23
C ARG S 460 -85.89 -33.52 -102.20
N LEU S 461 -84.87 -34.35 -102.03
CA LEU S 461 -83.81 -34.07 -101.06
C LEU S 461 -82.75 -33.15 -101.65
N LEU S 462 -82.65 -31.94 -101.11
CA LEU S 462 -81.72 -30.94 -101.63
C LEU S 462 -80.79 -30.38 -100.57
N PHE S 463 -79.50 -30.32 -100.90
CA PHE S 463 -78.47 -29.89 -99.96
C PHE S 463 -77.81 -28.60 -100.42
N SER S 464 -77.40 -27.77 -99.46
CA SER S 464 -76.72 -26.51 -99.75
C SER S 464 -75.36 -26.44 -99.08
N GLN S 465 -74.41 -25.78 -99.74
CA GLN S 465 -73.10 -25.52 -99.16
C GLN S 465 -73.17 -24.26 -98.30
N ALA S 466 -72.76 -24.39 -97.05
CA ALA S 466 -72.81 -23.28 -96.12
C ALA S 466 -72.07 -22.05 -96.65
N GLY S 467 -72.70 -20.88 -96.52
CA GLY S 467 -72.09 -19.63 -96.94
C GLY S 467 -72.28 -18.58 -95.87
N PRO S 468 -71.72 -17.38 -96.10
CA PRO S 468 -71.91 -16.26 -95.15
C PRO S 468 -73.38 -15.92 -95.09
N GLN S 469 -74.09 -16.32 -96.14
CA GLN S 469 -75.52 -16.07 -96.25
C GLN S 469 -76.30 -17.01 -95.34
N SER S 470 -75.89 -18.28 -95.31
CA SER S 470 -76.48 -19.25 -94.40
C SER S 470 -75.73 -19.25 -93.07
N MET S 471 -75.79 -18.12 -92.36
CA MET S 471 -74.95 -17.92 -91.19
C MET S 471 -75.38 -18.75 -89.98
N SER S 472 -76.68 -18.84 -89.73
CA SER S 472 -77.19 -19.61 -88.59
C SER S 472 -77.51 -21.04 -88.98
N LEU S 473 -76.85 -21.52 -90.04
CA LEU S 473 -77.08 -22.87 -90.53
C LEU S 473 -75.77 -23.62 -90.72
N GLN S 474 -74.65 -22.90 -90.63
CA GLN S 474 -73.33 -23.48 -90.85
C GLN S 474 -72.99 -24.53 -89.79
N ALA S 475 -72.12 -25.47 -90.17
CA ALA S 475 -71.64 -26.47 -89.23
C ALA S 475 -70.98 -25.80 -88.03
N ARG S 476 -71.11 -26.41 -86.87
CA ARG S 476 -70.61 -25.81 -85.64
C ARG S 476 -69.68 -26.77 -84.90
N ASN S 477 -68.75 -26.21 -84.13
CA ASN S 477 -67.80 -27.01 -83.35
C ASN S 477 -68.06 -27.01 -81.85
N TRP S 478 -68.92 -26.10 -81.39
CA TRP S 478 -69.12 -25.91 -79.96
C TRP S 478 -70.57 -25.59 -79.60
N LEU S 479 -70.95 -25.88 -78.35
CA LEU S 479 -72.29 -25.56 -77.86
C LEU S 479 -72.25 -24.54 -76.72
N PRO S 480 -73.40 -23.92 -76.41
CA PRO S 480 -73.53 -22.98 -75.29
C PRO S 480 -73.51 -23.72 -73.95
N GLY S 481 -73.41 -22.97 -72.86
CA GLY S 481 -73.38 -23.56 -71.54
C GLY S 481 -74.71 -24.18 -71.15
N PRO S 482 -74.71 -24.99 -70.09
CA PRO S 482 -75.91 -25.65 -69.57
C PRO S 482 -76.97 -24.63 -69.18
N CYS S 483 -78.16 -25.09 -68.78
CA CYS S 483 -79.25 -24.19 -68.44
C CYS S 483 -80.28 -24.79 -67.49
N TYR S 484 -81.00 -23.92 -66.80
CA TYR S 484 -82.11 -24.30 -65.94
C TYR S 484 -83.09 -23.14 -65.93
N ARG S 485 -84.06 -23.20 -66.84
CA ARG S 485 -84.95 -22.07 -67.10
C ARG S 485 -85.48 -21.39 -65.84
N GLN S 486 -85.43 -20.07 -65.84
CA GLN S 486 -86.00 -19.25 -64.77
C GLN S 486 -87.22 -18.51 -65.31
N GLN S 487 -88.12 -18.10 -64.42
CA GLN S 487 -89.29 -17.35 -64.83
C GLN S 487 -88.94 -15.90 -65.11
N ARG S 488 -89.58 -15.31 -66.11
CA ARG S 488 -89.31 -13.92 -66.49
C ARG S 488 -90.13 -12.93 -65.67
N LEU S 489 -89.46 -11.94 -65.12
CA LEU S 489 -90.14 -10.88 -64.35
C LEU S 489 -89.85 -9.51 -64.95
N SER S 490 -90.81 -8.61 -64.82
CA SER S 490 -90.61 -7.24 -65.27
C SER S 490 -90.49 -6.30 -64.08
N LYS S 491 -89.68 -5.26 -64.24
CA LYS S 491 -89.54 -4.26 -63.21
C LYS S 491 -90.77 -3.37 -63.16
N THR S 492 -91.48 -3.30 -64.29
CA THR S 492 -92.74 -2.57 -64.36
C THR S 492 -93.85 -3.41 -63.74
N ALA S 493 -94.35 -2.95 -62.59
CA ALA S 493 -95.29 -3.74 -61.79
C ALA S 493 -96.68 -3.88 -62.41
N ASN S 494 -96.75 -3.85 -63.74
CA ASN S 494 -98.04 -4.04 -64.41
C ASN S 494 -97.95 -4.94 -65.64
N ASP S 495 -96.73 -5.26 -66.04
CA ASP S 495 -96.51 -6.19 -67.14
C ASP S 495 -96.79 -7.60 -66.65
N ASN S 496 -96.67 -7.78 -65.34
CA ASN S 496 -96.72 -9.11 -64.73
C ASN S 496 -98.13 -9.64 -64.49
N ASN S 497 -98.22 -10.94 -64.26
CA ASN S 497 -99.48 -11.60 -63.96
C ASN S 497 -99.99 -11.20 -62.58
N ASN S 498 -101.28 -10.92 -62.49
CA ASN S 498 -101.89 -10.52 -61.21
C ASN S 498 -102.06 -11.72 -60.28
N SER S 499 -100.94 -12.34 -59.92
CA SER S 499 -100.92 -13.49 -59.02
C SER S 499 -99.58 -13.57 -58.28
N ASN S 500 -99.60 -14.06 -57.04
CA ASN S 500 -98.38 -14.20 -56.25
C ASN S 500 -97.71 -15.55 -56.49
N PHE S 501 -96.65 -15.54 -57.31
CA PHE S 501 -96.00 -16.77 -57.74
C PHE S 501 -94.50 -16.88 -57.42
N PRO S 502 -94.02 -16.19 -56.36
CA PRO S 502 -92.58 -16.23 -56.10
C PRO S 502 -92.15 -17.53 -55.47
N TRP S 503 -93.06 -18.50 -55.38
CA TRP S 503 -92.75 -19.79 -54.79
C TRP S 503 -93.42 -20.93 -55.54
N THR S 504 -94.62 -20.68 -56.02
CA THR S 504 -95.42 -21.70 -56.72
C THR S 504 -95.09 -21.76 -58.21
N ALA S 505 -94.27 -20.82 -58.68
CA ALA S 505 -93.93 -20.77 -60.10
C ALA S 505 -92.42 -20.62 -60.32
N ALA S 506 -91.66 -20.56 -59.23
CA ALA S 506 -90.22 -20.41 -59.31
C ALA S 506 -89.53 -21.77 -59.42
N SER S 507 -88.37 -21.80 -60.07
CA SER S 507 -87.59 -23.02 -60.21
C SER S 507 -86.93 -23.41 -58.89
N LYS S 508 -87.15 -24.65 -58.48
CA LYS S 508 -86.69 -25.11 -57.17
C LYS S 508 -86.25 -26.56 -57.24
N TYR S 509 -85.48 -26.99 -56.26
CA TYR S 509 -85.07 -28.39 -56.15
C TYR S 509 -85.53 -28.94 -54.82
N HIS S 510 -85.47 -30.26 -54.66
CA HIS S 510 -85.86 -30.85 -53.38
C HIS S 510 -85.00 -32.04 -53.00
N LEU S 511 -84.59 -32.07 -51.73
CA LEU S 511 -83.80 -33.16 -51.20
C LEU S 511 -84.46 -33.69 -49.94
N ASN S 512 -84.55 -35.01 -49.82
CA ASN S 512 -85.13 -35.62 -48.64
C ASN S 512 -86.59 -35.21 -48.49
N GLY S 513 -87.23 -34.88 -49.60
CA GLY S 513 -88.61 -34.45 -49.60
C GLY S 513 -88.77 -33.03 -49.09
N ARG S 514 -87.73 -32.22 -49.28
CA ARG S 514 -87.74 -30.84 -48.82
C ARG S 514 -87.42 -29.85 -49.94
N ASP S 515 -88.38 -29.00 -50.28
CA ASP S 515 -88.21 -28.01 -51.33
C ASP S 515 -87.23 -26.92 -50.93
N SER S 516 -86.33 -26.58 -51.84
CA SER S 516 -85.39 -25.47 -51.65
C SER S 516 -85.28 -24.68 -52.95
N LEU S 517 -85.33 -23.36 -52.83
CA LEU S 517 -85.34 -22.50 -54.01
C LEU S 517 -83.98 -22.40 -54.69
N VAL S 518 -83.94 -22.73 -55.97
CA VAL S 518 -82.72 -22.60 -56.76
C VAL S 518 -82.48 -21.13 -57.07
N ASN S 519 -81.87 -20.41 -56.13
CA ASN S 519 -81.69 -18.98 -56.29
C ASN S 519 -80.68 -18.60 -57.39
N PRO S 520 -79.37 -18.67 -57.10
CA PRO S 520 -78.46 -18.37 -58.21
C PRO S 520 -78.15 -19.65 -58.96
N GLY S 521 -78.97 -20.00 -59.94
CA GLY S 521 -78.79 -21.23 -60.68
C GLY S 521 -77.55 -21.18 -61.56
N PRO S 522 -77.44 -22.11 -62.51
CA PRO S 522 -76.34 -22.05 -63.47
C PRO S 522 -76.22 -20.64 -64.04
N ALA S 523 -75.04 -20.28 -64.51
CA ALA S 523 -74.81 -18.96 -65.07
C ALA S 523 -75.53 -18.81 -66.41
N MET S 524 -76.60 -18.01 -66.41
CA MET S 524 -77.35 -17.73 -67.63
C MET S 524 -77.51 -16.22 -67.80
N ALA S 525 -77.73 -15.78 -69.03
CA ALA S 525 -77.88 -14.36 -69.32
C ALA S 525 -79.22 -13.82 -68.78
N SER S 526 -79.19 -12.60 -68.25
CA SER S 526 -80.38 -12.00 -67.64
C SER S 526 -81.46 -11.63 -68.66
N HIS S 527 -81.05 -11.02 -69.77
CA HIS S 527 -82.01 -10.58 -70.78
C HIS S 527 -81.39 -10.61 -72.18
N LYS S 528 -82.24 -10.72 -73.21
CA LYS S 528 -81.77 -10.66 -74.59
C LYS S 528 -81.65 -9.20 -75.03
N ASP S 529 -81.13 -8.99 -76.25
CA ASP S 529 -80.86 -7.64 -76.74
C ASP S 529 -82.12 -6.79 -76.88
N ASP S 530 -81.99 -5.50 -76.58
CA ASP S 530 -83.06 -4.53 -76.75
C ASP S 530 -84.21 -4.71 -75.76
N GLU S 531 -83.89 -5.10 -74.53
CA GLU S 531 -84.89 -5.21 -73.47
C GLU S 531 -84.42 -4.48 -72.21
N GLU S 532 -83.49 -5.10 -71.48
CA GLU S 532 -82.88 -4.47 -70.32
C GLU S 532 -83.91 -4.04 -69.28
N LYS S 533 -85.00 -4.81 -69.18
CA LYS S 533 -86.03 -4.54 -68.19
C LYS S 533 -86.53 -5.84 -67.56
N PHE S 534 -86.39 -6.93 -68.30
CA PHE S 534 -86.80 -8.24 -67.81
C PHE S 534 -85.64 -8.97 -67.14
N PHE S 535 -85.74 -9.14 -65.83
CA PHE S 535 -84.75 -9.92 -65.10
C PHE S 535 -85.36 -11.26 -64.72
N PRO S 536 -84.51 -12.29 -64.57
CA PRO S 536 -85.02 -13.62 -64.20
C PRO S 536 -85.52 -13.65 -62.76
N MET S 537 -86.52 -14.46 -62.51
CA MET S 537 -86.95 -14.73 -61.14
C MET S 537 -85.71 -15.15 -60.37
N HIS S 538 -85.18 -14.25 -59.56
CA HIS S 538 -83.98 -14.52 -58.77
C HIS S 538 -82.85 -15.18 -59.58
N GLY S 539 -82.69 -14.78 -60.83
CA GLY S 539 -81.63 -15.32 -61.67
C GLY S 539 -80.31 -14.59 -61.49
N ASN S 540 -80.19 -13.87 -60.38
CA ASN S 540 -78.99 -13.08 -60.08
C ASN S 540 -79.00 -12.53 -58.66
N LEU S 541 -77.84 -12.10 -58.19
CA LEU S 541 -77.72 -11.58 -56.82
C LEU S 541 -78.23 -10.15 -56.70
N ILE S 542 -79.08 -9.92 -55.69
CA ILE S 542 -79.67 -8.62 -55.47
C ILE S 542 -79.20 -8.04 -54.14
N PHE S 543 -78.64 -6.84 -54.19
CA PHE S 543 -78.12 -6.19 -52.99
C PHE S 543 -79.08 -5.13 -52.46
N GLY S 544 -79.20 -5.04 -51.14
CA GLY S 544 -80.05 -4.05 -50.53
C GLY S 544 -79.33 -2.76 -50.25
N LYS S 545 -79.96 -1.63 -50.60
CA LYS S 545 -79.38 -0.33 -50.34
C LYS S 545 -79.23 -0.07 -48.85
N GLU S 546 -78.41 0.90 -48.49
CA GLU S 546 -78.20 1.25 -47.10
C GLU S 546 -79.50 1.76 -46.49
N GLY S 547 -79.84 1.26 -45.30
CA GLY S 547 -81.05 1.65 -44.62
C GLY S 547 -82.30 1.18 -45.36
N THR S 548 -82.64 -0.09 -45.18
CA THR S 548 -83.81 -0.69 -45.81
C THR S 548 -84.22 -1.98 -45.10
N THR S 549 -85.41 -2.00 -44.53
CA THR S 549 -85.88 -3.13 -43.73
C THR S 549 -85.70 -4.48 -44.44
N ALA S 550 -85.55 -5.54 -43.64
CA ALA S 550 -85.32 -6.88 -44.16
C ALA S 550 -86.62 -7.53 -44.65
N SER S 551 -87.75 -6.89 -44.35
CA SER S 551 -89.05 -7.46 -44.67
C SER S 551 -89.79 -6.66 -45.73
N ASN S 552 -89.96 -7.26 -46.90
CA ASN S 552 -90.71 -6.67 -48.00
C ASN S 552 -90.39 -5.19 -48.26
N ALA S 553 -89.24 -4.95 -48.88
CA ALA S 553 -88.84 -3.60 -49.22
C ALA S 553 -89.25 -3.28 -50.65
N GLU S 554 -89.20 -1.99 -51.00
CA GLU S 554 -89.64 -1.53 -52.31
C GLU S 554 -88.64 -1.88 -53.41
N LEU S 555 -89.10 -1.89 -54.65
CA LEU S 555 -88.26 -2.16 -55.81
C LEU S 555 -87.21 -1.07 -55.99
N ASP S 556 -87.52 0.14 -55.55
CA ASP S 556 -86.59 1.26 -55.66
C ASP S 556 -85.63 1.28 -54.48
N ASN S 557 -85.68 0.23 -53.66
CA ASN S 557 -84.81 0.12 -52.49
C ASN S 557 -83.79 -1.01 -52.62
N VAL S 558 -83.76 -1.68 -53.77
CA VAL S 558 -82.82 -2.76 -54.00
C VAL S 558 -82.03 -2.58 -55.28
N MET S 559 -80.91 -3.28 -55.38
CA MET S 559 -80.04 -3.22 -56.54
C MET S 559 -79.92 -4.58 -57.20
N ILE S 560 -80.53 -4.72 -58.37
CA ILE S 560 -80.52 -5.97 -59.11
C ILE S 560 -79.35 -5.98 -60.09
N THR S 561 -78.62 -7.09 -60.13
CA THR S 561 -77.42 -7.18 -60.94
C THR S 561 -77.68 -7.75 -62.33
N ASP S 562 -77.10 -7.11 -63.34
CA ASP S 562 -77.31 -7.50 -64.73
C ASP S 562 -76.15 -8.35 -65.27
N GLU S 563 -76.45 -9.57 -65.67
CA GLU S 563 -75.45 -10.46 -66.26
C GLU S 563 -75.60 -10.46 -67.78
N GLU S 564 -75.26 -9.32 -68.40
CA GLU S 564 -75.43 -9.18 -69.84
C GLU S 564 -74.11 -9.12 -70.60
N GLU S 565 -73.06 -9.64 -70.00
CA GLU S 565 -71.75 -9.70 -70.67
C GLU S 565 -71.47 -11.12 -71.13
N ILE S 566 -72.21 -12.08 -70.59
CA ILE S 566 -72.01 -13.48 -70.90
C ILE S 566 -73.02 -13.98 -71.93
N ARG S 567 -73.58 -13.06 -72.71
CA ARG S 567 -74.58 -13.39 -73.71
C ARG S 567 -74.03 -14.32 -74.79
N THR S 568 -72.72 -14.26 -75.00
CA THR S 568 -72.08 -14.96 -76.10
C THR S 568 -71.73 -16.42 -75.80
N THR S 569 -71.74 -16.78 -74.53
CA THR S 569 -71.38 -18.14 -74.13
C THR S 569 -72.53 -18.83 -73.40
N ASN S 570 -73.44 -18.04 -72.85
CA ASN S 570 -74.50 -18.58 -72.01
C ASN S 570 -75.91 -18.36 -72.56
N PRO S 571 -76.79 -19.34 -72.33
CA PRO S 571 -78.22 -19.25 -72.68
C PRO S 571 -78.93 -18.23 -71.81
N VAL S 572 -79.99 -17.61 -72.34
CA VAL S 572 -80.76 -16.65 -71.56
C VAL S 572 -81.57 -17.36 -70.48
N ALA S 573 -81.51 -16.82 -69.26
CA ALA S 573 -82.11 -17.47 -68.10
C ALA S 573 -83.61 -17.71 -68.22
N THR S 574 -84.32 -16.72 -68.74
CA THR S 574 -85.77 -16.78 -68.84
C THR S 574 -86.21 -17.47 -70.14
N GLU S 575 -85.44 -17.27 -71.20
CA GLU S 575 -85.73 -17.86 -72.50
C GLU S 575 -85.49 -19.36 -72.48
N GLN S 576 -85.90 -20.03 -73.55
CA GLN S 576 -85.72 -21.47 -73.69
C GLN S 576 -84.26 -21.84 -73.92
N TYR S 577 -84.02 -23.10 -74.31
CA TYR S 577 -82.68 -23.55 -74.64
C TYR S 577 -82.56 -23.82 -76.14
N GLY S 578 -83.57 -24.48 -76.69
CA GLY S 578 -83.58 -24.78 -78.12
C GLY S 578 -84.65 -25.76 -78.54
N THR S 579 -84.39 -26.45 -79.65
CA THR S 579 -85.34 -27.38 -80.24
C THR S 579 -84.79 -28.80 -80.24
N VAL S 580 -85.64 -29.77 -79.93
CA VAL S 580 -85.26 -31.17 -79.97
C VAL S 580 -86.35 -31.97 -80.67
N ALA S 581 -85.94 -32.95 -81.48
CA ALA S 581 -86.89 -33.82 -82.16
C ALA S 581 -87.36 -34.93 -81.21
N ASN S 582 -88.59 -35.41 -81.43
CA ASN S 582 -89.13 -36.49 -80.60
C ASN S 582 -90.19 -37.33 -81.31
N ASN S 583 -89.86 -37.77 -82.53
CA ASN S 583 -90.73 -38.64 -83.31
C ASN S 583 -90.05 -39.09 -84.60
N LEU S 584 -90.59 -40.13 -85.22
CA LEU S 584 -90.04 -40.63 -86.48
C LEU S 584 -90.86 -40.13 -87.66
N GLN S 585 -90.52 -38.95 -88.16
CA GLN S 585 -91.25 -38.32 -89.25
C GLN S 585 -91.29 -39.21 -90.50
N SER S 586 -92.38 -39.11 -91.25
CA SER S 586 -92.55 -39.88 -92.47
C SER S 586 -93.74 -39.36 -93.25
N SER S 587 -94.10 -40.06 -94.31
CA SER S 587 -95.29 -39.72 -95.09
C SER S 587 -96.54 -39.82 -94.22
N ASN S 588 -96.50 -40.72 -93.24
CA ASN S 588 -97.64 -40.92 -92.34
C ASN S 588 -97.63 -39.97 -91.16
N THR S 589 -96.45 -39.54 -90.76
CA THR S 589 -96.30 -38.73 -89.55
C THR S 589 -95.64 -37.38 -89.81
N ALA S 590 -96.17 -36.34 -89.19
CA ALA S 590 -95.59 -35.01 -89.29
C ALA S 590 -94.51 -34.83 -88.21
N PRO S 591 -93.37 -34.23 -88.58
CA PRO S 591 -92.24 -33.98 -87.67
C PRO S 591 -92.65 -33.19 -86.44
N THR S 592 -92.19 -33.62 -85.27
CA THR S 592 -92.55 -32.95 -84.02
C THR S 592 -91.36 -32.26 -83.36
N THR S 593 -91.61 -31.08 -82.80
CA THR S 593 -90.58 -30.30 -82.13
C THR S 593 -90.89 -30.15 -80.64
N ARG S 594 -89.86 -30.22 -79.81
CA ARG S 594 -90.00 -30.06 -78.37
C ARG S 594 -89.14 -28.91 -77.86
N THR S 595 -89.76 -28.00 -77.12
CA THR S 595 -89.04 -26.88 -76.52
C THR S 595 -88.31 -27.33 -75.25
N VAL S 596 -86.98 -27.35 -75.31
CA VAL S 596 -86.18 -27.81 -74.19
C VAL S 596 -86.02 -26.73 -73.11
N ASN S 597 -86.43 -27.06 -71.89
CA ASN S 597 -86.42 -26.12 -70.79
C ASN S 597 -85.30 -26.42 -69.80
N ASP S 598 -84.77 -27.64 -69.89
CA ASP S 598 -83.72 -28.07 -68.98
C ASP S 598 -82.66 -28.90 -69.69
N GLN S 599 -81.41 -28.44 -69.62
CA GLN S 599 -80.32 -29.13 -70.30
C GLN S 599 -79.16 -29.46 -69.37
N GLY S 600 -78.90 -30.75 -69.19
CA GLY S 600 -77.72 -31.18 -68.45
C GLY S 600 -76.45 -30.79 -69.19
N ALA S 601 -75.34 -31.42 -68.83
CA ALA S 601 -74.06 -31.12 -69.47
C ALA S 601 -73.91 -31.89 -70.78
N LEU S 602 -73.04 -31.38 -71.65
CA LEU S 602 -72.81 -32.00 -72.95
C LEU S 602 -71.37 -31.84 -73.45
N PRO S 603 -70.81 -32.92 -74.02
CA PRO S 603 -69.48 -32.87 -74.62
C PRO S 603 -69.42 -31.81 -75.71
N GLY S 604 -68.74 -30.70 -75.43
CA GLY S 604 -68.57 -29.65 -76.41
C GLY S 604 -69.13 -28.32 -75.94
N MET S 605 -69.75 -28.32 -74.77
CA MET S 605 -70.29 -27.09 -74.21
C MET S 605 -69.18 -26.22 -73.61
N VAL S 606 -69.34 -24.91 -73.76
CA VAL S 606 -68.41 -23.95 -73.17
C VAL S 606 -69.20 -22.82 -72.53
N TRP S 607 -68.86 -22.48 -71.29
CA TRP S 607 -69.60 -21.45 -70.59
C TRP S 607 -68.70 -20.51 -69.79
N GLN S 608 -69.25 -19.35 -69.46
CA GLN S 608 -68.58 -18.40 -68.59
C GLN S 608 -69.28 -18.45 -67.24
N ASP S 609 -68.53 -18.31 -66.16
CA ASP S 609 -69.14 -18.32 -64.83
C ASP S 609 -69.80 -16.98 -64.53
N ARG S 610 -70.35 -16.83 -63.33
CA ARG S 610 -70.99 -15.57 -62.95
C ARG S 610 -69.98 -14.43 -62.82
N ASP S 611 -70.29 -13.45 -61.98
CA ASP S 611 -69.40 -12.31 -61.82
C ASP S 611 -69.26 -11.95 -60.34
N VAL S 612 -68.17 -11.28 -60.01
CA VAL S 612 -67.98 -10.78 -58.66
C VAL S 612 -68.09 -9.26 -58.63
N TYR S 613 -68.81 -8.75 -57.64
CA TYR S 613 -69.02 -7.32 -57.53
C TYR S 613 -68.37 -6.81 -56.26
N LEU S 614 -68.09 -5.51 -56.23
CA LEU S 614 -67.38 -4.91 -55.11
C LEU S 614 -67.90 -5.38 -53.75
N GLN S 615 -69.18 -5.72 -53.67
CA GLN S 615 -69.77 -6.15 -52.41
C GLN S 615 -70.19 -7.63 -52.41
N GLY S 616 -69.70 -8.38 -53.39
CA GLY S 616 -70.03 -9.79 -53.50
C GLY S 616 -69.15 -10.69 -52.66
N PRO S 617 -69.52 -11.98 -52.56
CA PRO S 617 -68.70 -12.96 -51.85
C PRO S 617 -67.37 -13.14 -52.55
N ILE S 618 -66.36 -13.61 -51.82
CA ILE S 618 -65.04 -13.83 -52.40
C ILE S 618 -64.79 -15.31 -52.67
N TRP S 619 -64.87 -16.13 -51.61
CA TRP S 619 -64.61 -17.55 -51.75
C TRP S 619 -65.76 -18.41 -51.22
N ALA S 620 -65.60 -19.72 -51.30
CA ALA S 620 -66.60 -20.67 -50.83
C ALA S 620 -66.00 -22.05 -50.64
N LYS S 621 -66.32 -22.70 -49.52
CA LYS S 621 -65.79 -24.02 -49.23
C LYS S 621 -66.50 -25.12 -50.00
N ILE S 622 -65.84 -25.65 -51.03
CA ILE S 622 -66.36 -26.79 -51.77
C ILE S 622 -66.62 -27.95 -50.82
N PRO S 623 -67.88 -28.41 -50.76
CA PRO S 623 -68.30 -29.50 -49.89
C PRO S 623 -67.44 -30.75 -50.09
N HIS S 624 -67.16 -31.47 -49.01
CA HIS S 624 -66.35 -32.68 -49.11
C HIS S 624 -67.21 -33.90 -49.43
N THR S 625 -67.53 -34.06 -50.72
CA THR S 625 -68.34 -35.19 -51.17
C THR S 625 -67.53 -36.11 -52.08
N ASP S 626 -68.19 -37.15 -52.58
CA ASP S 626 -67.55 -38.09 -53.49
C ASP S 626 -67.32 -37.46 -54.86
N GLY S 627 -68.14 -36.47 -55.22
CA GLY S 627 -68.07 -35.89 -56.55
C GLY S 627 -68.55 -34.47 -56.67
N HIS S 628 -67.88 -33.73 -57.56
CA HIS S 628 -68.27 -32.37 -57.91
C HIS S 628 -68.15 -32.26 -59.42
N PHE S 629 -68.86 -31.31 -60.03
CA PHE S 629 -68.76 -31.11 -61.47
C PHE S 629 -67.80 -29.97 -61.80
N HIS S 630 -68.34 -28.76 -61.78
CA HIS S 630 -67.53 -27.57 -62.02
C HIS S 630 -67.63 -26.70 -60.77
N PRO S 631 -66.85 -27.07 -59.74
CA PRO S 631 -66.97 -26.55 -58.37
C PRO S 631 -66.68 -25.06 -58.24
N SER S 632 -67.51 -24.23 -58.88
CA SER S 632 -67.41 -22.79 -58.73
C SER S 632 -68.64 -22.30 -57.95
N PRO S 633 -68.40 -21.51 -56.89
CA PRO S 633 -69.47 -21.01 -56.02
C PRO S 633 -70.62 -20.44 -56.85
N LEU S 634 -71.83 -20.94 -56.66
CA LEU S 634 -72.97 -20.51 -57.45
C LEU S 634 -73.23 -19.01 -57.32
N MET S 635 -72.93 -18.47 -56.13
CA MET S 635 -73.09 -17.05 -55.89
C MET S 635 -71.93 -16.26 -56.47
N GLY S 636 -70.92 -16.99 -56.95
CA GLY S 636 -69.77 -16.38 -57.58
C GLY S 636 -68.53 -16.37 -56.71
N GLY S 637 -67.36 -16.46 -57.35
CA GLY S 637 -66.11 -16.39 -56.63
C GLY S 637 -65.20 -17.59 -56.83
N PHE S 638 -64.36 -17.84 -55.84
CA PHE S 638 -63.37 -18.90 -55.92
C PHE S 638 -63.76 -20.09 -55.05
N GLY S 639 -63.96 -21.24 -55.69
CA GLY S 639 -64.27 -22.46 -54.98
C GLY S 639 -63.01 -23.08 -54.41
N LEU S 640 -62.97 -23.21 -53.10
CA LEU S 640 -61.77 -23.68 -52.43
C LEU S 640 -62.02 -24.96 -51.62
N LYS S 641 -61.17 -25.95 -51.84
CA LYS S 641 -61.18 -27.16 -51.02
C LYS S 641 -60.87 -26.77 -49.58
N HIS S 642 -59.81 -26.00 -49.42
CA HIS S 642 -59.38 -25.53 -48.10
C HIS S 642 -59.30 -24.01 -48.08
N PRO S 643 -60.43 -23.36 -47.73
CA PRO S 643 -60.56 -21.90 -47.69
C PRO S 643 -60.11 -21.32 -46.35
N PRO S 644 -59.82 -20.01 -46.31
CA PRO S 644 -59.42 -19.32 -45.08
C PRO S 644 -60.24 -19.81 -43.90
N PRO S 645 -59.61 -20.56 -42.99
CA PRO S 645 -60.26 -21.20 -41.84
C PRO S 645 -61.07 -20.20 -41.02
N GLN S 646 -61.94 -20.72 -40.17
CA GLN S 646 -62.77 -19.87 -39.33
C GLN S 646 -62.02 -19.44 -38.08
N ILE S 647 -62.06 -18.15 -37.77
CA ILE S 647 -61.42 -17.62 -36.57
C ILE S 647 -62.48 -17.31 -35.52
N MET S 648 -62.44 -18.06 -34.42
CA MET S 648 -63.40 -17.88 -33.33
C MET S 648 -62.92 -16.92 -32.24
N ILE S 649 -63.86 -16.35 -31.53
CA ILE S 649 -63.59 -15.36 -30.50
C ILE S 649 -64.70 -15.41 -29.46
N LYS S 650 -64.35 -15.25 -28.19
CA LYS S 650 -65.35 -15.22 -27.12
C LYS S 650 -64.77 -14.69 -25.83
N ASN S 651 -65.59 -14.00 -25.05
CA ASN S 651 -65.15 -13.46 -23.78
C ASN S 651 -65.12 -14.54 -22.71
N THR S 652 -63.96 -14.72 -22.08
CA THR S 652 -63.82 -15.72 -21.04
C THR S 652 -64.76 -15.42 -19.87
N PRO S 653 -65.67 -16.35 -19.56
CA PRO S 653 -66.68 -16.20 -18.51
C PRO S 653 -66.06 -15.87 -17.15
N VAL S 654 -66.57 -14.83 -16.51
CA VAL S 654 -66.09 -14.45 -15.18
C VAL S 654 -67.18 -14.66 -14.12
N PRO S 655 -66.97 -15.63 -13.23
CA PRO S 655 -67.92 -15.91 -12.15
C PRO S 655 -68.16 -14.67 -11.29
N ALA S 656 -69.43 -14.32 -11.09
CA ALA S 656 -69.78 -13.25 -10.17
C ALA S 656 -69.46 -13.72 -8.76
N ASN S 657 -70.17 -13.20 -7.77
CA ASN S 657 -69.90 -13.55 -6.40
C ASN S 657 -70.42 -14.93 -5.99
N PRO S 658 -69.53 -15.78 -5.45
CA PRO S 658 -69.84 -17.14 -4.98
C PRO S 658 -70.23 -17.18 -3.51
N PRO S 659 -71.02 -18.19 -3.10
CA PRO S 659 -71.48 -18.41 -1.73
C PRO S 659 -70.41 -19.02 -0.83
N THR S 660 -70.49 -18.74 0.48
CA THR S 660 -69.57 -19.32 1.46
C THR S 660 -69.82 -20.81 1.66
N THR S 661 -71.00 -21.26 1.26
CA THR S 661 -71.33 -22.68 1.32
C THR S 661 -71.24 -23.31 -0.07
N PHE S 662 -70.78 -24.55 -0.12
CA PHE S 662 -70.55 -25.25 -1.40
C PHE S 662 -71.85 -25.61 -2.11
N SER S 663 -71.89 -25.37 -3.42
CA SER S 663 -73.05 -25.71 -4.23
C SER S 663 -72.66 -26.52 -5.46
N PRO S 664 -73.25 -27.71 -5.61
CA PRO S 664 -73.00 -28.58 -6.77
C PRO S 664 -73.73 -28.06 -8.00
N ALA S 665 -74.68 -27.15 -7.77
CA ALA S 665 -75.50 -26.62 -8.85
C ALA S 665 -74.66 -25.94 -9.92
N LYS S 666 -75.05 -26.12 -11.18
CA LYS S 666 -74.37 -25.49 -12.31
C LYS S 666 -74.27 -23.99 -12.06
N PHE S 667 -73.10 -23.43 -12.34
CA PHE S 667 -72.86 -22.01 -12.11
C PHE S 667 -73.52 -21.19 -13.23
N ALA S 668 -74.26 -20.15 -12.85
CA ALA S 668 -74.98 -19.33 -13.82
C ALA S 668 -74.99 -17.84 -13.45
N SER S 669 -74.26 -17.50 -12.39
CA SER S 669 -74.14 -16.10 -11.98
C SER S 669 -72.78 -15.52 -12.40
N PHE S 670 -72.77 -14.79 -13.51
CA PHE S 670 -71.52 -14.25 -14.04
C PHE S 670 -71.51 -12.72 -14.08
N ILE S 671 -70.30 -12.16 -14.10
CA ILE S 671 -70.12 -10.73 -14.28
C ILE S 671 -70.30 -10.37 -15.76
N THR S 672 -71.14 -9.38 -16.00
CA THR S 672 -71.45 -8.95 -17.37
C THR S 672 -70.32 -8.12 -17.94
N GLN S 673 -69.81 -8.54 -19.09
CA GLN S 673 -68.65 -7.87 -19.70
C GLN S 673 -68.61 -8.07 -21.21
N TYR S 674 -68.04 -7.09 -21.91
CA TYR S 674 -67.87 -7.16 -23.36
C TYR S 674 -66.43 -6.80 -23.73
N SER S 675 -65.96 -7.32 -24.86
CA SER S 675 -64.61 -7.06 -25.32
C SER S 675 -64.59 -6.19 -26.56
N THR S 676 -63.45 -5.53 -26.79
CA THR S 676 -63.30 -4.67 -27.96
C THR S 676 -61.83 -4.56 -28.33
N GLY S 677 -61.56 -4.25 -29.60
CA GLY S 677 -60.19 -4.13 -30.06
C GLY S 677 -60.13 -3.99 -31.57
N GLN S 678 -58.92 -4.08 -32.12
CA GLN S 678 -58.74 -3.97 -33.56
C GLN S 678 -58.42 -5.32 -34.19
N VAL S 679 -58.69 -5.43 -35.48
CA VAL S 679 -58.37 -6.62 -36.24
C VAL S 679 -57.78 -6.19 -37.58
N SER S 680 -56.82 -6.94 -38.07
CA SER S 680 -56.15 -6.59 -39.32
C SER S 680 -56.04 -7.79 -40.26
N VAL S 681 -56.45 -7.59 -41.52
CA VAL S 681 -56.40 -8.64 -42.53
C VAL S 681 -55.67 -8.18 -43.79
N GLU S 682 -54.55 -8.84 -44.08
CA GLU S 682 -53.74 -8.53 -45.25
C GLU S 682 -53.83 -9.63 -46.29
N ILE S 683 -54.20 -9.26 -47.52
CA ILE S 683 -54.32 -10.25 -48.59
C ILE S 683 -53.55 -9.85 -49.83
N GLU S 684 -52.80 -10.79 -50.39
CA GLU S 684 -52.07 -10.56 -51.62
C GLU S 684 -52.86 -11.11 -52.79
N TRP S 685 -52.82 -10.40 -53.90
CA TRP S 685 -53.61 -10.76 -55.07
C TRP S 685 -52.73 -10.86 -56.29
N GLU S 686 -52.78 -12.01 -56.95
CA GLU S 686 -52.06 -12.16 -58.21
C GLU S 686 -52.93 -11.59 -59.32
N LEU S 687 -52.30 -10.89 -60.26
CA LEU S 687 -53.04 -10.26 -61.34
C LEU S 687 -52.69 -10.83 -62.70
N GLN S 688 -53.67 -10.83 -63.60
CA GLN S 688 -53.43 -11.19 -64.99
C GLN S 688 -53.60 -9.94 -65.85
N LYS S 689 -52.48 -9.43 -66.36
CA LYS S 689 -52.49 -8.21 -67.14
C LYS S 689 -53.23 -8.35 -68.46
N GLU S 690 -53.57 -7.21 -69.05
CA GLU S 690 -54.33 -7.17 -70.30
C GLU S 690 -53.41 -7.15 -71.52
N ASN S 691 -53.65 -8.08 -72.44
CA ASN S 691 -52.88 -8.13 -73.68
C ASN S 691 -53.80 -8.23 -74.90
N SER S 692 -54.33 -7.08 -75.31
CA SER S 692 -55.29 -7.03 -76.40
C SER S 692 -54.78 -6.14 -77.53
N LYS S 693 -55.07 -6.55 -78.78
CA LYS S 693 -54.70 -5.74 -79.94
C LYS S 693 -55.94 -5.03 -80.50
N ARG S 694 -56.93 -4.83 -79.64
CA ARG S 694 -58.09 -4.03 -79.97
C ARG S 694 -57.64 -2.63 -80.38
N TRP S 695 -58.07 -2.17 -81.54
CA TRP S 695 -57.68 -0.85 -82.02
C TRP S 695 -58.47 0.26 -81.32
N ASN S 696 -59.79 0.20 -81.45
CA ASN S 696 -60.67 1.19 -80.84
C ASN S 696 -60.73 1.05 -79.32
N PRO S 697 -61.08 2.13 -78.62
CA PRO S 697 -61.16 2.12 -77.16
C PRO S 697 -62.17 1.10 -76.64
N GLU S 698 -61.87 0.51 -75.49
CA GLU S 698 -62.81 -0.38 -74.82
C GLU S 698 -63.62 0.42 -73.81
N ILE S 699 -64.66 -0.18 -73.24
CA ILE S 699 -65.48 0.51 -72.27
C ILE S 699 -64.86 0.45 -70.88
N GLN S 700 -64.94 1.56 -70.15
CA GLN S 700 -64.34 1.68 -68.84
C GLN S 700 -65.39 2.11 -67.82
N TYR S 701 -65.25 1.67 -66.58
CA TYR S 701 -66.11 2.19 -65.53
C TYR S 701 -65.67 3.59 -65.16
N THR S 702 -66.64 4.46 -64.88
CA THR S 702 -66.34 5.86 -64.60
C THR S 702 -67.44 6.52 -63.78
N SER S 703 -67.08 7.61 -63.09
CA SER S 703 -68.06 8.41 -62.36
C SER S 703 -68.66 9.46 -63.29
N ASN S 704 -69.91 9.83 -63.03
CA ASN S 704 -70.58 10.86 -63.80
C ASN S 704 -69.96 12.23 -63.51
N TYR S 705 -69.29 12.79 -64.51
CA TYR S 705 -68.59 14.05 -64.35
C TYR S 705 -69.55 15.23 -64.17
N ASN S 706 -70.83 14.96 -64.33
CA ASN S 706 -71.85 16.00 -64.27
C ASN S 706 -72.01 16.59 -62.87
N LYS S 707 -72.57 17.79 -62.80
CA LYS S 707 -72.88 18.43 -61.52
C LYS S 707 -73.81 17.51 -60.73
N SER S 708 -73.39 17.10 -59.54
CA SER S 708 -74.13 16.08 -58.80
C SER S 708 -74.47 16.48 -57.36
N VAL S 709 -75.49 15.82 -56.83
CA VAL S 709 -75.93 16.01 -55.45
C VAL S 709 -74.86 15.53 -54.48
N ASN S 710 -74.87 14.23 -54.20
CA ASN S 710 -73.89 13.61 -53.33
C ASN S 710 -72.84 12.90 -54.17
N VAL S 711 -71.68 12.68 -53.59
CA VAL S 711 -70.58 12.00 -54.28
C VAL S 711 -70.71 10.48 -54.18
N ASP S 712 -70.58 9.82 -55.33
CA ASP S 712 -70.68 8.37 -55.39
C ASP S 712 -69.73 7.68 -54.42
N PHE S 713 -70.27 6.78 -53.59
CA PHE S 713 -69.46 6.04 -52.62
C PHE S 713 -68.86 7.00 -51.60
N THR S 714 -69.71 7.50 -50.71
CA THR S 714 -69.32 8.54 -49.77
C THR S 714 -70.32 8.65 -48.62
N VAL S 715 -69.88 9.27 -47.53
CA VAL S 715 -70.76 9.56 -46.41
C VAL S 715 -71.68 10.72 -46.77
N ASP S 716 -72.78 10.85 -46.04
CA ASP S 716 -73.75 11.91 -46.30
C ASP S 716 -73.67 13.04 -45.27
N THR S 717 -74.79 13.74 -45.09
CA THR S 717 -74.83 14.91 -44.22
C THR S 717 -74.67 14.56 -42.74
N ASN S 718 -75.02 13.32 -42.37
CA ASN S 718 -74.92 12.89 -40.98
C ASN S 718 -74.06 11.64 -40.78
N GLY S 719 -73.14 11.38 -41.71
CA GLY S 719 -72.13 10.36 -41.53
C GLY S 719 -72.59 8.93 -41.75
N VAL S 720 -72.99 8.61 -42.99
CA VAL S 720 -73.36 7.25 -43.35
C VAL S 720 -72.82 6.90 -44.74
N TYR S 721 -71.87 5.97 -44.79
CA TYR S 721 -71.32 5.50 -46.05
C TYR S 721 -72.39 4.72 -46.81
N SER S 722 -72.44 4.93 -48.12
CA SER S 722 -73.44 4.26 -48.95
C SER S 722 -72.88 3.88 -50.33
N GLU S 723 -73.06 2.62 -50.70
CA GLU S 723 -72.63 2.14 -52.02
C GLU S 723 -73.78 2.29 -53.02
N PRO S 724 -73.68 3.30 -53.90
CA PRO S 724 -74.70 3.60 -54.92
C PRO S 724 -75.14 2.38 -55.72
N ARG S 725 -74.27 1.88 -56.59
CA ARG S 725 -74.63 0.77 -57.47
C ARG S 725 -73.72 -0.44 -57.27
N PRO S 726 -74.13 -1.60 -57.78
CA PRO S 726 -73.23 -2.76 -57.83
C PRO S 726 -72.18 -2.55 -58.91
N ILE S 727 -71.00 -3.13 -58.71
CA ILE S 727 -69.91 -2.99 -59.69
C ILE S 727 -69.53 -4.32 -60.32
N GLY S 728 -69.74 -4.43 -61.63
CA GLY S 728 -69.35 -5.61 -62.38
C GLY S 728 -67.83 -5.73 -62.41
N THR S 729 -67.34 -6.72 -63.15
CA THR S 729 -65.90 -6.92 -63.27
C THR S 729 -65.49 -7.01 -64.73
N ARG S 730 -66.48 -7.17 -65.60
CA ARG S 730 -66.24 -7.39 -67.01
C ARG S 730 -66.39 -6.11 -67.83
N TYR S 731 -65.28 -5.40 -68.02
CA TYR S 731 -65.26 -4.18 -68.83
C TYR S 731 -64.31 -4.29 -70.00
N LEU S 732 -63.37 -5.23 -69.92
CA LEU S 732 -62.38 -5.41 -70.97
C LEU S 732 -62.74 -6.59 -71.88
N THR S 733 -62.37 -6.50 -73.15
CA THR S 733 -62.76 -7.50 -74.13
C THR S 733 -61.63 -8.42 -74.59
N ARG S 734 -61.91 -9.71 -74.60
CA ARG S 734 -61.00 -10.72 -75.14
C ARG S 734 -61.79 -11.57 -76.12
N ASN S 735 -61.10 -12.18 -77.08
CA ASN S 735 -61.76 -12.99 -78.09
C ASN S 735 -62.08 -14.41 -77.61
N LEU S 736 -62.56 -15.24 -78.53
CA LEU S 736 -62.86 -16.63 -78.23
C LEU S 736 -61.84 -17.57 -78.86
N GLY T 217 0.12 -83.01 14.66
CA GLY T 217 -0.46 -81.88 15.36
C GLY T 217 0.02 -81.77 16.79
N ALA T 218 0.22 -80.54 17.26
CA ALA T 218 0.70 -80.29 18.62
C ALA T 218 0.10 -79.03 19.23
N ASP T 219 -0.73 -79.20 20.26
CA ASP T 219 -1.36 -78.07 20.95
C ASP T 219 -1.35 -78.24 22.46
N GLY T 220 -2.28 -77.58 23.15
CA GLY T 220 -2.24 -77.49 24.60
C GLY T 220 -3.28 -78.25 25.40
N VAL T 221 -3.40 -77.88 26.68
CA VAL T 221 -4.30 -78.56 27.62
C VAL T 221 -5.76 -78.16 27.41
N GLY T 222 -6.02 -76.86 27.47
CA GLY T 222 -7.37 -76.36 27.29
C GLY T 222 -7.67 -76.02 25.85
N ASN T 223 -7.33 -76.95 24.95
CA ASN T 223 -7.58 -76.76 23.53
C ASN T 223 -7.89 -78.10 22.85
N SER T 224 -9.14 -78.28 22.46
CA SER T 224 -9.58 -79.52 21.82
C SER T 224 -8.76 -79.86 20.57
N SER T 225 -8.25 -81.09 20.51
CA SER T 225 -7.43 -81.53 19.39
C SER T 225 -8.25 -82.13 18.24
N GLY T 226 -9.52 -81.75 18.15
CA GLY T 226 -10.38 -82.23 17.09
C GLY T 226 -11.85 -81.90 17.28
N ASN T 227 -12.61 -81.96 16.19
CA ASN T 227 -14.05 -81.71 16.24
C ASN T 227 -14.88 -82.96 15.96
N TRP T 228 -16.18 -82.87 16.23
CA TRP T 228 -17.08 -83.99 16.03
C TRP T 228 -17.60 -84.04 14.61
N HIS T 229 -16.92 -84.79 13.75
CA HIS T 229 -17.32 -84.93 12.37
C HIS T 229 -18.10 -86.22 12.14
N CYS T 230 -19.42 -86.12 12.10
CA CYS T 230 -20.26 -87.27 11.80
C CYS T 230 -21.39 -86.86 10.86
N ASP T 231 -21.23 -87.18 9.59
CA ASP T 231 -22.20 -86.81 8.58
C ASP T 231 -21.93 -87.58 7.29
N SER T 232 -22.90 -87.57 6.39
CA SER T 232 -22.71 -88.18 5.08
C SER T 232 -23.55 -87.46 4.04
N GLN T 233 -22.90 -87.10 2.94
CA GLN T 233 -23.60 -86.51 1.80
C GLN T 233 -23.23 -87.29 0.54
N TRP T 234 -24.04 -87.13 -0.50
CA TRP T 234 -23.89 -87.92 -1.72
C TRP T 234 -23.40 -87.09 -2.89
N LEU T 235 -22.70 -87.74 -3.82
CA LEU T 235 -22.19 -87.08 -5.00
C LEU T 235 -22.79 -87.68 -6.27
N GLY T 236 -23.77 -88.56 -6.10
CA GLY T 236 -24.42 -89.22 -7.22
C GLY T 236 -23.49 -90.22 -7.88
N ASP T 237 -22.20 -89.91 -7.86
CA ASP T 237 -21.19 -90.78 -8.45
C ASP T 237 -20.47 -91.54 -7.34
N ARG T 238 -20.56 -91.02 -6.12
CA ARG T 238 -19.90 -91.61 -4.98
C ARG T 238 -20.47 -91.03 -3.69
N VAL T 239 -20.14 -91.65 -2.56
CA VAL T 239 -20.65 -91.19 -1.27
C VAL T 239 -19.59 -91.24 -0.18
N ILE T 240 -19.50 -90.17 0.60
CA ILE T 240 -18.53 -90.10 1.69
C ILE T 240 -19.21 -90.23 3.05
N THR T 241 -18.79 -91.23 3.81
CA THR T 241 -19.35 -91.47 5.14
C THR T 241 -18.38 -91.08 6.23
N THR T 242 -18.77 -90.09 7.03
CA THR T 242 -17.96 -89.64 8.16
C THR T 242 -18.62 -90.08 9.45
N SER T 243 -17.82 -90.68 10.34
CA SER T 243 -18.34 -91.21 11.59
C SER T 243 -17.43 -90.88 12.78
N THR T 244 -18.03 -90.40 13.87
CA THR T 244 -17.29 -90.11 15.10
C THR T 244 -17.98 -90.74 16.30
N ARG T 245 -17.19 -91.39 17.15
CA ARG T 245 -17.72 -92.03 18.35
C ARG T 245 -16.81 -91.75 19.54
N THR T 246 -17.36 -91.91 20.73
CA THR T 246 -16.57 -91.78 21.95
C THR T 246 -16.14 -93.15 22.42
N TRP T 247 -14.87 -93.28 22.79
CA TRP T 247 -14.32 -94.57 23.19
C TRP T 247 -13.73 -94.49 24.59
N ALA T 248 -13.64 -95.64 25.25
CA ALA T 248 -13.01 -95.75 26.56
C ALA T 248 -12.07 -96.95 26.58
N LEU T 249 -10.92 -96.78 27.22
CA LEU T 249 -9.91 -97.85 27.25
C LEU T 249 -9.37 -98.12 28.65
N PRO T 250 -9.57 -99.35 29.14
CA PRO T 250 -9.05 -99.80 30.44
C PRO T 250 -7.59 -100.22 30.31
N THR T 251 -7.01 -100.67 31.42
CA THR T 251 -5.69 -101.28 31.37
C THR T 251 -5.85 -102.78 31.32
N TYR T 252 -5.60 -103.36 30.17
CA TYR T 252 -5.79 -104.81 29.99
C TYR T 252 -4.60 -105.61 30.49
N ASN T 253 -4.87 -106.85 30.91
CA ASN T 253 -3.83 -107.77 31.35
C ASN T 253 -2.84 -107.20 32.35
N ASN T 254 -3.23 -106.12 33.03
CA ASN T 254 -2.39 -105.53 34.05
C ASN T 254 -0.99 -105.21 33.51
N HIS T 255 -0.94 -104.51 32.37
CA HIS T 255 0.32 -104.13 31.75
C HIS T 255 1.22 -105.34 31.47
N LEU T 256 0.61 -106.50 31.23
CA LEU T 256 1.37 -107.74 31.05
C LEU T 256 0.97 -108.53 29.80
N TYR T 257 1.96 -109.16 29.18
CA TYR T 257 1.71 -110.13 28.12
C TYR T 257 1.56 -111.49 28.78
N LYS T 258 0.45 -112.17 28.51
CA LYS T 258 0.20 -113.46 29.14
C LYS T 258 0.07 -114.59 28.12
N GLN T 259 0.71 -115.72 28.41
CA GLN T 259 0.59 -116.91 27.58
C GLN T 259 -0.72 -117.63 27.88
N ILE T 260 -1.63 -117.65 26.91
CA ILE T 260 -2.89 -118.36 27.06
C ILE T 260 -2.89 -119.64 26.25
N SER T 261 -3.73 -120.59 26.65
CA SER T 261 -3.77 -121.90 26.00
C SER T 261 -5.04 -122.64 26.38
N SER T 262 -5.24 -123.81 25.76
CA SER T 262 -6.40 -124.63 26.02
C SER T 262 -6.33 -125.30 27.39
N GLN T 263 -7.50 -125.46 28.01
CA GLN T 263 -7.60 -126.09 29.32
C GLN T 263 -7.03 -127.50 29.26
N SER T 264 -6.35 -127.91 30.33
CA SER T 264 -5.79 -129.26 30.40
C SER T 264 -6.90 -130.30 30.31
N GLY T 265 -7.18 -130.76 29.10
CA GLY T 265 -8.22 -131.75 28.87
C GLY T 265 -9.62 -131.24 29.12
N ALA T 266 -10.00 -130.16 28.43
CA ALA T 266 -11.35 -129.63 28.54
C ALA T 266 -12.10 -129.76 27.22
N SER T 267 -11.36 -129.78 26.12
CA SER T 267 -11.96 -129.90 24.80
C SER T 267 -10.91 -130.32 23.76
N ASN T 268 -11.33 -130.97 22.68
CA ASN T 268 -10.41 -131.49 21.68
C ASN T 268 -10.34 -130.69 20.37
N ASP T 269 -11.50 -130.39 19.79
CA ASP T 269 -11.54 -129.60 18.56
C ASP T 269 -11.37 -128.12 18.86
N ASN T 270 -11.24 -127.80 20.14
CA ASN T 270 -11.13 -126.42 20.57
C ASN T 270 -9.78 -126.12 21.22
N HIS T 271 -8.83 -127.02 21.05
CA HIS T 271 -7.48 -126.81 21.56
C HIS T 271 -6.87 -125.58 20.89
N TYR T 272 -6.01 -124.87 21.62
CA TYR T 272 -5.40 -123.66 21.10
C TYR T 272 -4.21 -123.20 21.93
N PHE T 273 -3.39 -122.33 21.34
CA PHE T 273 -2.27 -121.72 22.03
C PHE T 273 -1.99 -120.33 21.46
N GLY T 274 -1.86 -119.35 22.34
CA GLY T 274 -1.58 -117.98 21.93
C GLY T 274 -1.18 -117.09 23.09
N TYR T 275 -1.42 -115.80 22.94
CA TYR T 275 -1.03 -114.83 23.96
C TYR T 275 -2.04 -113.71 24.12
N SER T 276 -2.04 -113.10 25.31
CA SER T 276 -2.92 -111.98 25.59
C SER T 276 -2.08 -110.72 25.80
N THR T 277 -2.38 -109.69 25.03
CA THR T 277 -1.59 -108.47 25.04
C THR T 277 -2.28 -107.34 25.81
N PRO T 278 -1.49 -106.46 26.43
CA PRO T 278 -1.98 -105.30 27.18
C PRO T 278 -2.55 -104.22 26.27
N TRP T 279 -2.56 -104.47 24.96
CA TRP T 279 -3.02 -103.49 24.00
C TRP T 279 -4.50 -103.64 23.66
N GLY T 280 -5.12 -102.52 23.28
CA GLY T 280 -6.47 -102.52 22.75
C GLY T 280 -6.41 -102.21 21.27
N TYR T 281 -7.55 -102.16 20.62
CA TYR T 281 -7.57 -101.89 19.18
C TYR T 281 -8.89 -101.28 18.71
N PHE T 282 -8.84 -100.60 17.58
CA PHE T 282 -10.04 -99.99 17.02
C PHE T 282 -10.57 -100.81 15.87
N ASP T 283 -11.90 -100.88 15.75
CA ASP T 283 -12.52 -101.65 14.69
C ASP T 283 -13.82 -101.01 14.25
N PHE T 284 -14.12 -101.13 12.95
CA PHE T 284 -15.35 -100.62 12.39
C PHE T 284 -15.74 -101.46 11.19
N ASN T 285 -15.38 -102.75 11.24
CA ASN T 285 -15.65 -103.68 10.16
C ASN T 285 -17.12 -104.09 10.10
N ARG T 286 -18.00 -103.14 10.37
CA ARG T 286 -19.44 -103.34 10.27
C ARG T 286 -20.01 -102.18 9.49
N PHE T 287 -20.93 -102.45 8.57
CA PHE T 287 -21.48 -101.38 7.74
C PHE T 287 -22.22 -100.33 8.55
N HIS T 288 -22.89 -100.75 9.62
CA HIS T 288 -23.69 -99.82 10.42
C HIS T 288 -22.80 -98.84 11.19
N CYS T 289 -21.49 -99.08 11.13
CA CYS T 289 -20.52 -98.17 11.72
C CYS T 289 -20.46 -96.86 10.92
N HIS T 290 -20.83 -96.94 9.64
CA HIS T 290 -20.64 -95.81 8.74
C HIS T 290 -21.95 -95.30 8.13
N PHE T 291 -22.81 -96.22 7.71
CA PHE T 291 -24.09 -95.86 7.11
C PHE T 291 -25.20 -95.82 8.15
N SER T 292 -26.07 -94.81 8.04
CA SER T 292 -27.26 -94.77 8.86
C SER T 292 -28.33 -95.62 8.19
N PRO T 293 -29.38 -96.01 8.94
CA PRO T 293 -30.48 -96.77 8.35
C PRO T 293 -30.97 -96.13 7.07
N ARG T 294 -31.24 -94.83 7.10
CA ARG T 294 -31.75 -94.10 5.95
C ARG T 294 -30.78 -94.16 4.76
N ASP T 295 -29.51 -93.82 5.00
CA ASP T 295 -28.49 -93.86 3.95
C ASP T 295 -28.45 -95.22 3.30
N TRP T 296 -28.42 -96.26 4.12
CA TRP T 296 -28.39 -97.63 3.64
C TRP T 296 -29.56 -97.87 2.68
N GLN T 297 -30.71 -97.25 2.99
CA GLN T 297 -31.88 -97.38 2.13
C GLN T 297 -31.63 -96.78 0.75
N ARG T 298 -31.21 -95.52 0.73
CA ARG T 298 -30.89 -94.85 -0.52
C ARG T 298 -29.91 -95.70 -1.33
N LEU T 299 -28.83 -96.10 -0.67
CA LEU T 299 -27.82 -96.94 -1.28
C LEU T 299 -28.44 -98.16 -1.95
N ILE T 300 -29.13 -98.97 -1.14
CA ILE T 300 -29.70 -100.23 -1.59
C ILE T 300 -30.64 -100.08 -2.77
N ASN T 301 -31.56 -99.12 -2.65
CA ASN T 301 -32.66 -98.99 -3.60
C ASN T 301 -32.28 -98.30 -4.91
N ASN T 302 -31.03 -97.87 -5.04
CA ASN T 302 -30.66 -97.03 -6.18
C ASN T 302 -29.45 -97.50 -7.00
N ASN T 303 -28.58 -98.31 -6.41
CA ASN T 303 -27.31 -98.62 -7.05
C ASN T 303 -27.08 -100.09 -7.41
N TRP T 304 -26.66 -100.33 -8.65
CA TRP T 304 -26.27 -101.65 -9.12
C TRP T 304 -25.24 -102.30 -8.20
N GLY T 305 -24.28 -101.49 -7.73
CA GLY T 305 -23.22 -101.97 -6.88
C GLY T 305 -22.44 -100.84 -6.21
N PHE T 306 -21.50 -101.20 -5.35
CA PHE T 306 -20.70 -100.20 -4.63
C PHE T 306 -19.38 -100.78 -4.12
N ARG T 307 -18.50 -99.92 -3.64
CA ARG T 307 -17.19 -100.35 -3.15
C ARG T 307 -16.50 -99.26 -2.32
N PRO T 308 -15.52 -99.66 -1.50
CA PRO T 308 -14.70 -98.74 -0.70
C PRO T 308 -13.60 -98.10 -1.55
N LYS T 309 -13.21 -96.88 -1.19
CA LYS T 309 -12.18 -96.17 -1.95
C LYS T 309 -11.06 -95.63 -1.05
N LYS T 310 -11.38 -94.66 -0.20
CA LYS T 310 -10.38 -94.04 0.67
C LYS T 310 -10.74 -94.20 2.14
N LEU T 311 -9.83 -93.75 3.01
CA LEU T 311 -10.02 -93.88 4.46
C LEU T 311 -9.26 -92.80 5.24
N SER T 312 -9.90 -92.26 6.26
CA SER T 312 -9.29 -91.24 7.11
C SER T 312 -9.53 -91.53 8.58
N PHE T 313 -8.46 -91.86 9.30
CA PHE T 313 -8.56 -92.20 10.71
C PHE T 313 -8.00 -91.09 11.59
N LYS T 314 -8.76 -90.71 12.62
CA LYS T 314 -8.35 -89.61 13.49
C LYS T 314 -8.68 -89.88 14.96
N LEU T 315 -7.68 -89.68 15.81
CA LEU T 315 -7.84 -89.80 17.26
C LEU T 315 -7.59 -88.47 17.94
N PHE T 316 -8.47 -88.09 18.86
CA PHE T 316 -8.38 -86.76 19.47
C PHE T 316 -9.10 -86.63 20.81
N ASN T 317 -9.05 -85.44 21.38
CA ASN T 317 -9.71 -85.13 22.65
C ASN T 317 -9.42 -86.15 23.74
N ILE T 318 -8.17 -86.59 23.79
CA ILE T 318 -7.75 -87.63 24.72
C ILE T 318 -7.67 -87.13 26.16
N GLN T 319 -8.18 -87.93 27.08
CA GLN T 319 -8.13 -87.62 28.50
C GLN T 319 -7.73 -88.87 29.28
N VAL T 320 -6.75 -88.73 30.15
CA VAL T 320 -6.31 -89.85 30.98
C VAL T 320 -6.73 -89.66 32.43
N LYS T 321 -7.71 -90.45 32.86
CA LYS T 321 -8.20 -90.40 34.22
C LYS T 321 -7.59 -91.53 35.04
N GLU T 322 -7.06 -91.19 36.21
CA GLU T 322 -6.54 -92.20 37.12
C GLU T 322 -7.44 -92.31 38.35
N VAL T 323 -7.76 -93.54 38.73
CA VAL T 323 -8.72 -93.80 39.81
C VAL T 323 -8.03 -94.34 41.06
N THR T 324 -8.56 -93.96 42.22
CA THR T 324 -8.03 -94.45 43.48
C THR T 324 -9.16 -94.86 44.42
N GLN T 325 -9.07 -96.08 44.95
CA GLN T 325 -10.02 -96.58 45.92
C GLN T 325 -9.47 -96.33 47.33
N ASN T 326 -9.91 -95.23 47.94
CA ASN T 326 -9.39 -94.83 49.25
C ASN T 326 -9.93 -95.63 50.42
N ASP T 327 -11.21 -95.44 50.72
CA ASP T 327 -11.87 -96.19 51.78
C ASP T 327 -12.95 -97.08 51.20
N GLY T 328 -14.13 -96.51 51.00
CA GLY T 328 -15.22 -97.19 50.33
C GLY T 328 -15.73 -96.32 49.20
N THR T 329 -14.87 -95.41 48.75
CA THR T 329 -15.24 -94.44 47.73
C THR T 329 -14.18 -94.36 46.61
N THR T 330 -14.62 -94.59 45.38
CA THR T 330 -13.73 -94.46 44.22
C THR T 330 -13.71 -93.03 43.71
N THR T 331 -12.55 -92.40 43.80
CA THR T 331 -12.37 -91.05 43.29
C THR T 331 -11.61 -91.08 41.96
N ILE T 332 -12.11 -90.32 40.99
CA ILE T 332 -11.48 -90.25 39.68
C ILE T 332 -11.02 -88.83 39.37
N ALA T 333 -9.80 -88.68 38.90
CA ALA T 333 -9.25 -87.36 38.62
C ALA T 333 -8.39 -87.34 37.35
N ASN T 334 -7.74 -86.21 37.10
CA ASN T 334 -6.94 -86.03 35.90
C ASN T 334 -5.44 -86.23 36.12
N ASN T 335 -4.85 -87.14 35.34
CA ASN T 335 -3.41 -87.28 35.30
C ASN T 335 -2.90 -86.71 33.99
N LEU T 336 -2.72 -85.39 33.95
CA LEU T 336 -2.39 -84.69 32.71
C LEU T 336 -1.08 -85.16 32.10
N THR T 337 -0.07 -85.38 32.94
CA THR T 337 1.26 -85.74 32.47
C THR T 337 1.35 -87.19 31.97
N SER T 338 0.21 -87.87 31.87
CA SER T 338 0.21 -89.25 31.41
C SER T 338 -0.05 -89.33 29.90
N THR T 339 0.47 -90.38 29.27
CA THR T 339 0.37 -90.54 27.83
C THR T 339 -0.34 -91.82 27.42
N VAL T 340 -0.67 -91.90 26.13
CA VAL T 340 -1.24 -93.10 25.54
C VAL T 340 -0.45 -93.41 24.28
N GLN T 341 -0.46 -94.67 23.85
CA GLN T 341 0.38 -95.07 22.72
C GLN T 341 -0.41 -95.68 21.56
N VAL T 342 -0.17 -95.17 20.36
CA VAL T 342 -0.84 -95.65 19.15
C VAL T 342 0.17 -96.04 18.09
N PHE T 343 -0.18 -97.06 17.29
CA PHE T 343 0.58 -97.39 16.10
C PHE T 343 -0.24 -98.27 15.17
N THR T 344 0.07 -98.19 13.88
CA THR T 344 -0.71 -98.91 12.87
C THR T 344 0.14 -99.95 12.16
N ASP T 345 -0.31 -101.20 12.22
CA ASP T 345 0.37 -102.29 11.55
C ASP T 345 0.18 -102.19 10.04
N SER T 346 1.04 -101.42 9.39
CA SER T 346 0.95 -101.19 7.95
C SER T 346 1.84 -102.15 7.17
N GLU T 347 2.83 -102.72 7.85
CA GLU T 347 3.70 -103.71 7.25
C GLU T 347 3.06 -105.09 7.37
N TYR T 348 1.90 -105.14 8.01
CA TYR T 348 1.16 -106.38 8.23
C TYR T 348 2.03 -107.44 8.88
N GLN T 349 2.67 -107.09 9.99
CA GLN T 349 3.57 -107.99 10.67
C GLN T 349 2.93 -108.60 11.91
N LEU T 350 1.85 -107.97 12.38
CA LEU T 350 1.06 -108.53 13.48
C LEU T 350 -0.11 -109.33 12.91
N PRO T 351 -0.40 -110.49 13.54
CA PRO T 351 -1.50 -111.35 13.11
C PRO T 351 -2.78 -110.54 12.92
N TYR T 352 -3.36 -110.63 11.72
CA TYR T 352 -4.59 -109.90 11.44
C TYR T 352 -5.76 -110.60 12.10
N VAL T 353 -6.32 -109.94 13.11
CA VAL T 353 -7.37 -110.54 13.93
C VAL T 353 -8.74 -109.96 13.58
N LEU T 354 -8.75 -109.03 12.63
CA LEU T 354 -10.00 -108.42 12.17
C LEU T 354 -10.66 -109.30 11.11
N GLY T 355 -11.91 -108.98 10.79
CA GLY T 355 -12.65 -109.75 9.79
C GLY T 355 -13.01 -111.13 10.30
N SER T 356 -13.26 -111.23 11.60
CA SER T 356 -13.66 -112.49 12.23
C SER T 356 -14.96 -112.33 13.01
N ALA T 357 -15.74 -111.30 12.67
CA ALA T 357 -17.05 -111.08 13.28
C ALA T 357 -16.98 -110.80 14.77
N HIS T 358 -15.82 -110.39 15.25
CA HIS T 358 -15.66 -110.10 16.67
C HIS T 358 -16.45 -108.85 17.06
N GLN T 359 -16.64 -108.68 18.36
CA GLN T 359 -17.39 -107.54 18.87
C GLN T 359 -16.44 -106.44 19.33
N GLY T 360 -16.97 -105.25 19.53
CA GLY T 360 -16.16 -104.11 19.94
C GLY T 360 -16.03 -103.06 18.87
N CYS T 361 -16.83 -103.21 17.82
CA CYS T 361 -16.84 -102.25 16.72
C CYS T 361 -17.39 -100.92 17.20
N LEU T 362 -17.62 -100.01 16.26
CA LEU T 362 -18.24 -98.73 16.59
C LEU T 362 -19.74 -98.92 16.71
N PRO T 363 -20.35 -98.28 17.71
CA PRO T 363 -21.80 -98.37 17.95
C PRO T 363 -22.60 -97.94 16.72
N PRO T 364 -23.65 -98.67 16.37
CA PRO T 364 -24.52 -98.26 15.26
C PRO T 364 -25.06 -96.86 15.51
N PHE T 365 -25.52 -96.63 16.74
CA PHE T 365 -26.03 -95.33 17.13
C PHE T 365 -24.90 -94.43 17.60
N PRO T 366 -24.81 -93.23 17.02
CA PRO T 366 -23.74 -92.26 17.27
C PRO T 366 -23.62 -91.83 18.73
N ALA T 367 -24.75 -91.74 19.42
CA ALA T 367 -24.77 -91.27 20.80
C ALA T 367 -24.20 -92.30 21.79
N ASP T 368 -24.10 -93.55 21.37
CA ASP T 368 -23.62 -94.61 22.24
C ASP T 368 -22.11 -94.56 22.44
N VAL T 369 -21.67 -94.92 23.63
CA VAL T 369 -20.25 -95.02 23.96
C VAL T 369 -19.83 -96.48 23.95
N PHE T 370 -18.58 -96.74 23.56
CA PHE T 370 -18.09 -98.13 23.49
C PHE T 370 -16.76 -98.33 24.21
N MET T 371 -16.51 -99.57 24.61
CA MET T 371 -15.26 -99.95 25.25
C MET T 371 -14.32 -100.51 24.20
N VAL T 372 -13.07 -100.06 24.21
CA VAL T 372 -12.08 -100.53 23.24
C VAL T 372 -11.60 -101.94 23.58
N PRO T 373 -11.83 -102.89 22.66
CA PRO T 373 -11.52 -104.32 22.85
C PRO T 373 -10.06 -104.57 23.17
N GLN T 374 -9.73 -105.80 23.57
CA GLN T 374 -8.34 -106.16 23.86
C GLN T 374 -7.76 -107.03 22.74
N TYR T 375 -6.47 -106.89 22.50
CA TYR T 375 -5.80 -107.64 21.45
C TYR T 375 -5.31 -109.00 21.94
N GLY T 376 -5.69 -110.05 21.24
CA GLY T 376 -5.23 -111.39 21.52
C GLY T 376 -5.09 -112.17 20.23
N TYR T 377 -4.02 -112.95 20.12
CA TYR T 377 -3.77 -113.68 18.89
C TYR T 377 -3.43 -115.15 19.14
N LEU T 378 -3.58 -115.95 18.09
CA LEU T 378 -3.33 -117.39 18.17
C LEU T 378 -2.10 -117.75 17.35
N THR T 379 -1.58 -118.96 17.56
CA THR T 379 -0.42 -119.42 16.83
C THR T 379 -0.54 -120.92 16.55
N LEU T 380 0.42 -121.44 15.79
CA LEU T 380 0.49 -122.86 15.51
C LEU T 380 0.53 -123.64 16.82
N ASN T 381 -0.27 -124.71 16.92
CA ASN T 381 -0.32 -125.50 18.14
C ASN T 381 -0.47 -127.01 17.89
N ASN T 382 0.07 -127.81 18.80
CA ASN T 382 -0.10 -129.25 18.77
C ASN T 382 -0.91 -129.73 19.96
N GLY T 383 -2.22 -129.56 19.88
CA GLY T 383 -3.09 -129.82 21.00
C GLY T 383 -3.07 -128.64 21.96
N SER T 384 -2.76 -128.93 23.23
CA SER T 384 -2.64 -127.87 24.23
C SER T 384 -1.25 -127.27 24.17
N GLN T 385 -0.33 -127.99 23.54
CA GLN T 385 1.06 -127.56 23.42
C GLN T 385 1.29 -126.73 22.17
N ALA T 386 2.48 -126.17 22.06
CA ALA T 386 2.87 -125.39 20.89
C ALA T 386 4.06 -126.03 20.20
N VAL T 387 4.28 -125.66 18.94
CA VAL T 387 5.40 -126.17 18.17
C VAL T 387 6.56 -125.16 18.25
N GLY T 388 7.75 -125.60 17.85
CA GLY T 388 8.91 -124.72 17.82
C GLY T 388 8.76 -123.62 16.79
N ARG T 389 7.89 -123.84 15.81
CA ARG T 389 7.67 -122.88 14.74
C ARG T 389 6.63 -121.82 15.10
N SER T 390 6.11 -121.88 16.32
CA SER T 390 5.15 -120.88 16.77
C SER T 390 5.83 -119.53 16.89
N SER T 391 5.02 -118.47 16.96
CA SER T 391 5.55 -117.11 16.98
C SER T 391 5.02 -116.25 18.13
N PHE T 392 5.92 -115.60 18.84
CA PHE T 392 5.56 -114.70 19.95
C PHE T 392 5.79 -113.25 19.52
N TYR T 393 4.75 -112.42 19.67
CA TYR T 393 4.82 -111.04 19.22
C TYR T 393 4.70 -110.04 20.36
N CYS T 394 5.63 -109.10 20.40
CA CYS T 394 5.60 -108.01 21.37
C CYS T 394 5.34 -106.69 20.67
N LEU T 395 4.20 -106.07 20.98
CA LEU T 395 3.80 -104.84 20.33
C LEU T 395 4.60 -103.64 20.82
N GLU T 396 5.48 -103.88 21.79
CA GLU T 396 6.34 -102.84 22.33
C GLU T 396 7.56 -102.69 21.44
N TYR T 397 7.84 -103.72 20.65
CA TYR T 397 8.97 -103.71 19.72
C TYR T 397 8.56 -103.03 18.42
N PHE T 398 7.40 -102.36 18.46
CA PHE T 398 6.94 -101.55 17.34
C PHE T 398 7.03 -100.09 17.71
N PRO T 399 7.58 -99.27 16.81
CA PRO T 399 7.57 -97.82 17.00
C PRO T 399 6.15 -97.31 17.13
N SER T 400 5.85 -96.63 18.23
CA SER T 400 4.51 -96.10 18.45
C SER T 400 4.56 -94.63 18.89
N GLN T 401 3.54 -93.88 18.51
CA GLN T 401 3.44 -92.47 18.87
C GLN T 401 2.74 -92.34 20.22
N MET T 402 3.40 -91.67 21.16
CA MET T 402 2.82 -91.43 22.47
C MET T 402 2.16 -90.05 22.53
N LEU T 403 0.96 -90.00 23.09
CA LEU T 403 0.16 -88.78 23.10
C LEU T 403 -0.23 -88.34 24.50
N ARG T 404 -0.04 -87.05 24.76
CA ARG T 404 -0.51 -86.43 25.99
C ARG T 404 -1.84 -85.75 25.66
N THR T 405 -2.46 -85.13 26.65
CA THR T 405 -3.71 -84.42 26.41
C THR T 405 -3.47 -83.20 25.52
N GLY T 406 -4.07 -83.21 24.34
CA GLY T 406 -3.88 -82.13 23.39
C GLY T 406 -3.15 -82.65 22.17
N ASN T 407 -2.68 -83.89 22.24
CA ASN T 407 -2.09 -84.55 21.09
C ASN T 407 -3.14 -85.32 20.32
N ASN T 408 -2.93 -85.50 19.03
CA ASN T 408 -3.87 -86.25 18.20
C ASN T 408 -3.15 -87.20 17.24
N PHE T 409 -3.89 -88.15 16.70
CA PHE T 409 -3.32 -89.16 15.80
C PHE T 409 -3.99 -89.11 14.43
N GLN T 410 -3.18 -89.22 13.39
CA GLN T 410 -3.69 -89.08 12.02
C GLN T 410 -3.28 -90.27 11.16
N PHE T 411 -4.18 -90.70 10.27
CA PHE T 411 -3.88 -91.83 9.39
C PHE T 411 -4.76 -91.88 8.14
N SER T 412 -4.13 -92.03 6.98
CA SER T 412 -4.85 -92.13 5.70
C SER T 412 -4.49 -93.40 4.93
N TYR T 413 -5.52 -94.06 4.40
CA TYR T 413 -5.36 -95.35 3.73
C TYR T 413 -6.11 -95.35 2.39
N THR T 414 -5.62 -96.13 1.44
CA THR T 414 -6.24 -96.20 0.11
C THR T 414 -6.55 -97.64 -0.30
N PHE T 415 -7.84 -97.96 -0.40
CA PHE T 415 -8.28 -99.29 -0.78
C PHE T 415 -7.74 -99.69 -2.14
N GLU T 416 -7.52 -100.99 -2.32
CA GLU T 416 -7.07 -101.52 -3.60
C GLU T 416 -8.26 -101.74 -4.52
N ASP T 417 -7.98 -102.22 -5.73
CA ASP T 417 -9.05 -102.52 -6.68
C ASP T 417 -9.80 -103.78 -6.29
N VAL T 418 -11.07 -103.64 -5.96
CA VAL T 418 -11.90 -104.77 -5.56
C VAL T 418 -13.31 -104.67 -6.14
N PRO T 419 -13.75 -105.71 -6.86
CA PRO T 419 -15.02 -105.79 -7.58
C PRO T 419 -16.23 -105.30 -6.78
N PHE T 420 -17.08 -104.52 -7.44
CA PHE T 420 -18.30 -104.02 -6.83
C PHE T 420 -19.10 -105.16 -6.21
N HIS T 421 -19.84 -104.86 -5.15
CA HIS T 421 -20.74 -105.86 -4.60
C HIS T 421 -22.02 -105.90 -5.42
N SER T 422 -22.71 -107.03 -5.37
CA SER T 422 -23.96 -107.21 -6.10
C SER T 422 -25.14 -106.65 -5.32
N SER T 423 -25.47 -105.39 -5.55
CA SER T 423 -26.66 -104.78 -4.97
C SER T 423 -27.83 -105.00 -5.91
N TYR T 424 -27.76 -106.09 -6.66
CA TYR T 424 -28.78 -106.44 -7.65
C TYR T 424 -29.16 -107.92 -7.57
N ALA T 425 -30.28 -108.27 -8.19
CA ALA T 425 -30.72 -109.65 -8.31
C ALA T 425 -31.19 -109.92 -9.72
N HIS T 426 -30.86 -111.10 -10.25
CA HIS T 426 -31.15 -111.41 -11.65
C HIS T 426 -32.65 -111.61 -11.90
N SER T 427 -33.15 -111.00 -12.97
CA SER T 427 -34.54 -111.16 -13.38
C SER T 427 -34.70 -112.36 -14.31
N GLN T 428 -33.57 -112.89 -14.77
CA GLN T 428 -33.56 -114.11 -15.59
C GLN T 428 -33.01 -115.28 -14.79
N SER T 429 -33.11 -116.48 -15.35
CA SER T 429 -32.56 -117.67 -14.71
C SER T 429 -31.56 -118.36 -15.63
N LEU T 430 -30.71 -119.21 -15.08
CA LEU T 430 -29.72 -119.93 -15.87
C LEU T 430 -30.37 -120.86 -16.90
N ASP T 431 -31.37 -121.61 -16.47
CA ASP T 431 -32.05 -122.54 -17.36
C ASP T 431 -33.13 -121.86 -18.20
N ARG T 432 -33.58 -120.69 -17.73
CA ARG T 432 -34.61 -119.94 -18.45
C ARG T 432 -34.01 -118.73 -19.17
N LEU T 433 -33.00 -118.99 -20.01
CA LEU T 433 -32.25 -117.93 -20.65
C LEU T 433 -32.56 -117.81 -22.14
N MET T 434 -33.03 -118.90 -22.73
CA MET T 434 -33.27 -118.96 -24.18
C MET T 434 -34.57 -118.30 -24.63
N ASN T 435 -34.96 -118.58 -25.87
CA ASN T 435 -36.14 -117.98 -26.48
C ASN T 435 -37.36 -118.89 -26.39
N PRO T 436 -38.42 -118.40 -25.74
CA PRO T 436 -39.68 -119.13 -25.53
C PRO T 436 -40.43 -119.42 -26.84
N LEU T 437 -40.10 -118.70 -27.90
CA LEU T 437 -40.88 -118.77 -29.15
C LEU T 437 -40.24 -119.66 -30.20
N ILE T 438 -38.91 -119.63 -30.28
CA ILE T 438 -38.20 -120.36 -31.32
C ILE T 438 -37.59 -121.65 -30.80
N ASP T 439 -37.47 -122.64 -31.69
CA ASP T 439 -36.91 -123.93 -31.33
C ASP T 439 -35.42 -123.97 -31.63
N GLN T 440 -34.69 -124.82 -30.91
CA GLN T 440 -33.26 -124.99 -31.17
C GLN T 440 -33.05 -125.80 -32.44
N TYR T 441 -31.90 -125.64 -33.07
CA TYR T 441 -31.56 -126.43 -34.25
C TYR T 441 -30.70 -127.63 -33.84
N LEU T 442 -30.49 -127.77 -32.54
CA LEU T 442 -29.72 -128.89 -32.01
C LEU T 442 -30.63 -130.05 -31.63
N TYR T 443 -30.08 -131.26 -31.63
CA TYR T 443 -30.87 -132.45 -31.32
C TYR T 443 -30.34 -133.18 -30.10
N TYR T 444 -31.28 -133.75 -29.33
CA TYR T 444 -30.94 -134.53 -28.15
C TYR T 444 -31.70 -135.85 -28.23
N LEU T 445 -31.24 -136.85 -27.49
CA LEU T 445 -31.92 -138.14 -27.45
C LEU T 445 -32.88 -138.17 -26.26
N ASN T 446 -34.14 -138.55 -26.52
CA ASN T 446 -35.17 -138.55 -25.48
C ASN T 446 -35.92 -139.87 -25.37
N ARG T 447 -35.70 -140.76 -26.34
CA ARG T 447 -36.35 -142.07 -26.35
C ARG T 447 -35.35 -143.17 -26.68
N THR T 448 -35.23 -144.12 -25.76
CA THR T 448 -34.28 -145.23 -25.93
C THR T 448 -34.98 -146.52 -26.35
N GLN T 449 -36.21 -146.71 -25.86
CA GLN T 449 -36.97 -147.92 -26.18
C GLN T 449 -38.40 -147.61 -26.63
N GLY T 450 -39.14 -146.92 -25.77
CA GLY T 450 -40.55 -146.65 -26.02
C GLY T 450 -40.86 -146.21 -27.44
N THR T 451 -41.24 -147.16 -28.27
CA THR T 451 -41.59 -146.87 -29.65
C THR T 451 -43.11 -147.03 -29.82
N THR T 452 -43.54 -147.22 -31.06
CA THR T 452 -44.92 -147.60 -31.34
C THR T 452 -45.14 -148.97 -30.69
N SER T 453 -45.25 -148.96 -29.36
CA SER T 453 -45.18 -150.18 -28.57
C SER T 453 -46.43 -151.06 -28.69
N GLY T 454 -46.27 -152.18 -29.39
CA GLY T 454 -47.34 -153.15 -29.54
C GLY T 454 -46.80 -154.45 -30.09
N THR T 455 -46.42 -154.43 -31.36
CA THR T 455 -45.82 -155.59 -32.03
C THR T 455 -44.34 -155.33 -32.28
N THR T 456 -43.50 -156.32 -31.95
CA THR T 456 -42.08 -156.29 -32.30
C THR T 456 -41.40 -154.95 -32.06
N ASN T 457 -41.71 -154.31 -30.92
CA ASN T 457 -41.08 -153.03 -30.60
C ASN T 457 -40.39 -153.03 -29.24
N GLN T 458 -39.20 -153.61 -29.21
CA GLN T 458 -38.39 -153.67 -28.02
C GLN T 458 -37.72 -152.32 -27.74
N SER T 459 -36.83 -151.91 -28.65
CA SER T 459 -36.07 -150.67 -28.46
C SER T 459 -35.67 -150.01 -29.78
N ARG T 460 -35.50 -148.69 -29.74
CA ARG T 460 -35.11 -147.92 -30.91
C ARG T 460 -34.55 -146.56 -30.47
N LEU T 461 -33.49 -146.11 -31.13
CA LEU T 461 -32.86 -144.84 -30.80
C LEU T 461 -33.58 -143.68 -31.50
N LEU T 462 -34.21 -142.81 -30.71
CA LEU T 462 -34.99 -141.71 -31.24
C LEU T 462 -34.57 -140.36 -30.68
N PHE T 463 -34.39 -139.38 -31.57
CA PHE T 463 -33.91 -138.05 -31.20
C PHE T 463 -34.97 -136.98 -31.46
N SER T 464 -34.99 -135.96 -30.62
CA SER T 464 -35.92 -134.84 -30.78
C SER T 464 -35.20 -133.51 -30.91
N GLN T 465 -35.78 -132.61 -31.68
CA GLN T 465 -35.27 -131.24 -31.79
C GLN T 465 -35.82 -130.40 -30.65
N ALA T 466 -34.93 -129.78 -29.90
CA ALA T 466 -35.33 -128.96 -28.75
C ALA T 466 -36.36 -127.90 -29.13
N GLY T 467 -37.40 -127.76 -28.33
CA GLY T 467 -38.41 -126.75 -28.54
C GLY T 467 -38.74 -126.06 -27.25
N PRO T 468 -39.63 -125.05 -27.29
CA PRO T 468 -40.06 -124.35 -26.08
C PRO T 468 -40.76 -125.34 -25.17
N GLN T 469 -41.23 -126.43 -25.78
CA GLN T 469 -41.93 -127.48 -25.07
C GLN T 469 -40.94 -128.34 -24.27
N SER T 470 -39.80 -128.65 -24.87
CA SER T 470 -38.73 -129.36 -24.18
C SER T 470 -37.80 -128.36 -23.50
N MET T 471 -38.33 -127.63 -22.53
CA MET T 471 -37.61 -126.51 -21.95
C MET T 471 -36.44 -126.93 -21.05
N SER T 472 -36.65 -127.95 -20.23
CA SER T 472 -35.59 -128.42 -19.32
C SER T 472 -34.76 -129.53 -19.95
N LEU T 473 -34.75 -129.56 -21.29
CA LEU T 473 -34.02 -130.58 -22.03
C LEU T 473 -33.11 -129.96 -23.08
N GLN T 474 -33.30 -128.67 -23.34
CA GLN T 474 -32.54 -127.96 -24.37
C GLN T 474 -31.05 -127.92 -24.05
N ALA T 475 -30.23 -127.81 -25.10
CA ALA T 475 -28.80 -127.66 -24.94
C ALA T 475 -28.48 -126.43 -24.09
N ARG T 476 -27.41 -126.51 -23.30
CA ARG T 476 -27.08 -125.44 -22.38
C ARG T 476 -25.65 -124.98 -22.57
N ASN T 477 -25.38 -123.71 -22.23
CA ASN T 477 -24.06 -123.13 -22.37
C ASN T 477 -23.34 -122.91 -21.04
N TRP T 478 -24.08 -123.00 -19.94
CA TRP T 478 -23.53 -122.64 -18.62
C TRP T 478 -24.05 -123.55 -17.51
N LEU T 479 -23.28 -123.64 -16.42
CA LEU T 479 -23.68 -124.40 -15.25
C LEU T 479 -23.87 -123.52 -14.01
N PRO T 480 -24.55 -124.04 -12.99
CA PRO T 480 -24.74 -123.33 -11.71
C PRO T 480 -23.45 -123.31 -10.90
N GLY T 481 -23.42 -122.52 -9.83
CA GLY T 481 -22.24 -122.42 -9.00
C GLY T 481 -21.96 -123.70 -8.23
N PRO T 482 -20.76 -123.80 -7.65
CA PRO T 482 -20.34 -124.96 -6.86
C PRO T 482 -21.27 -125.18 -5.67
N CYS T 483 -21.07 -126.26 -4.93
CA CYS T 483 -21.94 -126.57 -3.79
C CYS T 483 -21.27 -127.44 -2.72
N TYR T 484 -21.83 -127.37 -1.52
CA TYR T 484 -21.41 -128.20 -0.40
C TYR T 484 -22.63 -128.40 0.49
N ARG T 485 -23.37 -129.48 0.23
CA ARG T 485 -24.67 -129.70 0.85
C ARG T 485 -24.71 -129.41 2.36
N GLN T 486 -25.73 -128.69 2.78
CA GLN T 486 -25.98 -128.41 4.18
C GLN T 486 -27.24 -129.17 4.62
N GLN T 487 -27.36 -129.42 5.91
CA GLN T 487 -28.54 -130.10 6.43
C GLN T 487 -29.72 -129.14 6.52
N ARG T 488 -30.93 -129.66 6.25
CA ARG T 488 -32.13 -128.83 6.27
C ARG T 488 -32.73 -128.75 7.67
N LEU T 489 -33.01 -127.53 8.11
CA LEU T 489 -33.65 -127.32 9.42
C LEU T 489 -34.96 -126.55 9.26
N SER T 490 -35.90 -126.82 10.15
CA SER T 490 -37.16 -126.09 10.15
C SER T 490 -37.23 -125.17 11.36
N LYS T 491 -37.88 -124.03 11.17
CA LYS T 491 -38.07 -123.09 12.26
C LYS T 491 -39.14 -123.61 13.21
N THR T 492 -40.01 -124.48 12.70
CA THR T 492 -41.02 -125.14 13.52
C THR T 492 -40.38 -126.28 14.30
N ALA T 493 -40.28 -126.12 15.62
CA ALA T 493 -39.53 -127.05 16.45
C ALA T 493 -40.18 -128.42 16.60
N ASN T 494 -40.93 -128.87 15.60
CA ASN T 494 -41.53 -130.19 15.65
C ASN T 494 -41.45 -130.93 14.32
N ASP T 495 -41.03 -130.22 13.28
CA ASP T 495 -40.82 -130.86 11.99
C ASP T 495 -39.54 -131.67 12.04
N ASN T 496 -38.66 -131.29 12.96
CA ASN T 496 -37.31 -131.82 13.02
C ASN T 496 -37.20 -133.16 13.75
N ASN T 497 -36.08 -133.84 13.53
CA ASN T 497 -35.80 -135.11 14.19
C ASN T 497 -35.53 -134.91 15.67
N ASN T 498 -36.10 -135.79 16.49
CA ASN T 498 -35.94 -135.70 17.94
C ASN T 498 -34.54 -136.17 18.37
N SER T 499 -33.51 -135.48 17.88
CA SER T 499 -32.12 -135.80 18.20
C SER T 499 -31.25 -134.55 18.09
N ASN T 500 -30.22 -134.46 18.92
CA ASN T 500 -29.31 -133.32 18.90
C ASN T 500 -28.16 -133.53 17.90
N PHE T 501 -28.26 -132.91 16.74
CA PHE T 501 -27.33 -133.15 15.65
C PHE T 501 -26.61 -131.90 15.11
N PRO T 502 -26.43 -130.86 15.95
CA PRO T 502 -25.83 -129.64 15.42
C PRO T 502 -24.32 -129.77 15.26
N TRP T 503 -23.80 -130.98 15.46
CA TRP T 503 -22.37 -131.22 15.35
C TRP T 503 -22.08 -132.56 14.69
N THR T 504 -22.91 -133.56 15.00
CA THR T 504 -22.72 -134.91 14.50
C THR T 504 -23.35 -135.12 13.13
N ALA T 505 -24.09 -134.12 12.66
CA ALA T 505 -24.78 -134.22 11.38
C ALA T 505 -24.55 -132.99 10.49
N ALA T 506 -23.78 -132.03 11.00
CA ALA T 506 -23.49 -130.82 10.25
C ALA T 506 -22.26 -130.99 9.37
N SER T 507 -22.23 -130.26 8.26
CA SER T 507 -21.09 -130.31 7.34
C SER T 507 -19.89 -129.59 7.93
N LYS T 508 -18.75 -130.28 7.96
CA LYS T 508 -17.55 -129.77 8.61
C LYS T 508 -16.30 -130.18 7.84
N TYR T 509 -15.20 -129.48 8.09
CA TYR T 509 -13.92 -129.84 7.50
C TYR T 509 -12.93 -130.12 8.61
N HIS T 510 -11.78 -130.69 8.27
CA HIS T 510 -10.76 -130.94 9.28
C HIS T 510 -9.34 -130.75 8.74
N LEU T 511 -8.52 -130.08 9.54
CA LEU T 511 -7.14 -129.84 9.20
C LEU T 511 -6.25 -130.27 10.36
N ASN T 512 -5.18 -130.99 10.04
CA ASN T 512 -4.25 -131.43 11.06
C ASN T 512 -4.94 -132.35 12.07
N GLY T 513 -6.00 -133.02 11.61
CA GLY T 513 -6.77 -133.92 12.45
C GLY T 513 -7.67 -133.16 13.41
N ARG T 514 -8.09 -131.96 13.02
CA ARG T 514 -8.93 -131.12 13.86
C ARG T 514 -10.20 -130.68 13.13
N ASP T 515 -11.35 -131.13 13.63
CA ASP T 515 -12.65 -130.78 13.05
C ASP T 515 -12.98 -129.31 13.24
N SER T 516 -13.46 -128.67 12.18
CA SER T 516 -13.93 -127.30 12.23
C SER T 516 -15.21 -127.18 11.41
N LEU T 517 -16.21 -126.50 11.98
CA LEU T 517 -17.51 -126.42 11.33
C LEU T 517 -17.53 -125.46 10.14
N VAL T 518 -17.94 -125.98 8.97
CA VAL T 518 -18.08 -125.16 7.79
C VAL T 518 -19.32 -124.29 7.91
N ASN T 519 -19.20 -123.16 8.60
CA ASN T 519 -20.36 -122.32 8.86
C ASN T 519 -20.93 -121.63 7.61
N PRO T 520 -20.31 -120.52 7.16
CA PRO T 520 -20.85 -119.96 5.92
C PRO T 520 -20.14 -120.60 4.73
N GLY T 521 -20.65 -121.72 4.26
CA GLY T 521 -20.01 -122.42 3.15
C GLY T 521 -20.13 -121.65 1.85
N PRO T 522 -19.86 -122.32 0.72
CA PRO T 522 -20.08 -121.67 -0.58
C PRO T 522 -21.46 -121.02 -0.61
N ALA T 523 -21.61 -120.02 -1.46
CA ALA T 523 -22.89 -119.32 -1.58
C ALA T 523 -23.95 -120.21 -2.22
N MET T 524 -24.91 -120.65 -1.42
CA MET T 524 -26.00 -121.48 -1.91
C MET T 524 -27.34 -120.89 -1.47
N ALA T 525 -28.41 -121.18 -2.20
CA ALA T 525 -29.73 -120.66 -1.86
C ALA T 525 -30.28 -121.31 -0.58
N SER T 526 -30.96 -120.50 0.23
CA SER T 526 -31.48 -120.98 1.52
C SER T 526 -32.64 -121.95 1.38
N HIS T 527 -33.58 -121.64 0.50
CA HIS T 527 -34.78 -122.47 0.31
C HIS T 527 -35.30 -122.39 -1.12
N LYS T 528 -36.02 -123.44 -1.55
CA LYS T 528 -36.66 -123.43 -2.85
C LYS T 528 -38.00 -122.71 -2.79
N ASP T 529 -38.64 -122.55 -3.94
CA ASP T 529 -39.89 -121.78 -4.02
C ASP T 529 -41.02 -122.40 -3.20
N ASP T 530 -41.83 -121.53 -2.60
CA ASP T 530 -43.03 -121.95 -1.86
C ASP T 530 -42.72 -122.69 -0.55
N GLU T 531 -41.65 -122.26 0.14
CA GLU T 531 -41.32 -122.81 1.44
C GLU T 531 -41.08 -121.69 2.44
N GLU T 532 -39.92 -121.07 2.36
CA GLU T 532 -39.62 -119.90 3.18
C GLU T 532 -39.71 -120.22 4.68
N LYS T 533 -39.39 -121.45 5.04
CA LYS T 533 -39.41 -121.86 6.44
C LYS T 533 -38.21 -122.74 6.76
N PHE T 534 -37.69 -123.40 5.72
CA PHE T 534 -36.53 -124.28 5.88
C PHE T 534 -35.24 -123.52 5.58
N PHE T 535 -34.44 -123.31 6.61
CA PHE T 535 -33.13 -122.69 6.44
C PHE T 535 -32.06 -123.76 6.61
N PRO T 536 -30.90 -123.57 5.95
CA PRO T 536 -29.82 -124.56 6.04
C PRO T 536 -29.19 -124.55 7.43
N MET T 537 -28.72 -125.72 7.86
CA MET T 537 -27.93 -125.79 9.08
C MET T 537 -26.80 -124.78 8.93
N HIS T 538 -26.92 -123.65 9.61
CA HIS T 538 -25.90 -122.60 9.54
C HIS T 538 -25.45 -122.27 8.11
N GLY T 539 -26.39 -122.29 7.17
CA GLY T 539 -26.08 -121.96 5.80
C GLY T 539 -26.15 -120.46 5.52
N ASN T 540 -26.08 -119.67 6.58
CA ASN T 540 -26.18 -118.21 6.47
C ASN T 540 -25.87 -117.52 7.80
N LEU T 541 -25.59 -116.22 7.74
CA LEU T 541 -25.25 -115.46 8.94
C LEU T 541 -26.46 -115.11 9.79
N ILE T 542 -26.36 -115.38 11.08
CA ILE T 542 -27.46 -115.12 11.99
C ILE T 542 -27.06 -114.06 13.01
N PHE T 543 -27.86 -113.00 13.09
CA PHE T 543 -27.58 -111.90 14.01
C PHE T 543 -28.44 -111.97 15.27
N GLY T 544 -27.84 -111.64 16.41
CA GLY T 544 -28.56 -111.65 17.66
C GLY T 544 -29.21 -110.30 17.96
N LYS T 545 -30.48 -110.34 18.37
CA LYS T 545 -31.20 -109.13 18.73
C LYS T 545 -30.56 -108.44 19.92
N GLU T 546 -30.88 -107.17 20.12
CA GLU T 546 -30.35 -106.43 21.25
C GLU T 546 -30.83 -107.04 22.56
N GLY T 547 -29.91 -107.21 23.50
CA GLY T 547 -30.24 -107.80 24.79
C GLY T 547 -30.65 -109.25 24.67
N THR T 548 -29.66 -110.14 24.56
CA THR T 548 -29.89 -111.57 24.44
C THR T 548 -28.61 -112.35 24.78
N THR T 549 -28.67 -113.16 25.82
CA THR T 549 -27.49 -113.89 26.31
C THR T 549 -26.75 -114.64 25.20
N ALA T 550 -25.45 -114.84 25.41
CA ALA T 550 -24.60 -115.50 24.43
C ALA T 550 -24.75 -117.02 24.47
N SER T 551 -25.45 -117.51 25.49
CA SER T 551 -25.57 -118.94 25.70
C SER T 551 -26.99 -119.44 25.49
N ASN T 552 -27.19 -120.23 24.44
CA ASN T 552 -28.48 -120.85 24.15
C ASN T 552 -29.68 -119.91 24.27
N ALA T 553 -29.84 -119.04 23.29
CA ALA T 553 -30.96 -118.12 23.26
C ALA T 553 -32.11 -118.70 22.44
N GLU T 554 -33.28 -118.10 22.58
CA GLU T 554 -34.49 -118.60 21.91
C GLU T 554 -34.48 -118.29 20.41
N LEU T 555 -35.28 -119.04 19.65
CA LEU T 555 -35.41 -118.83 18.21
C LEU T 555 -36.03 -117.47 17.91
N ASP T 556 -36.86 -116.98 18.83
CA ASP T 556 -37.51 -115.68 18.65
C ASP T 556 -36.60 -114.55 19.12
N ASN T 557 -35.36 -114.89 19.43
CA ASN T 557 -34.37 -113.91 19.89
C ASN T 557 -33.23 -113.70 18.89
N VAL T 558 -33.31 -114.35 17.74
CA VAL T 558 -32.28 -114.22 16.73
C VAL T 558 -32.87 -113.87 15.36
N MET T 559 -32.00 -113.35 14.49
CA MET T 559 -32.41 -112.96 13.15
C MET T 559 -31.64 -113.76 12.11
N ILE T 560 -32.35 -114.66 11.44
CA ILE T 560 -31.75 -115.51 10.42
C ILE T 560 -31.89 -114.86 9.04
N THR T 561 -30.82 -114.85 8.27
CA THR T 561 -30.80 -114.15 6.99
C THR T 561 -31.17 -115.06 5.82
N ASP T 562 -32.03 -114.56 4.94
CA ASP T 562 -32.52 -115.34 3.81
C ASP T 562 -31.78 -114.99 2.52
N GLU T 563 -31.11 -115.99 1.94
CA GLU T 563 -30.42 -115.80 0.67
C GLU T 563 -31.28 -116.36 -0.48
N GLU T 564 -32.39 -115.71 -0.76
CA GLU T 564 -33.33 -116.19 -1.77
C GLU T 564 -33.37 -115.30 -3.02
N GLU T 565 -32.30 -114.55 -3.26
CA GLU T 565 -32.21 -113.73 -4.44
C GLU T 565 -31.25 -114.36 -5.44
N ILE T 566 -30.43 -115.29 -4.95
CA ILE T 566 -29.43 -115.95 -5.78
C ILE T 566 -29.90 -117.31 -6.26
N ARG T 567 -31.22 -117.51 -6.28
CA ARG T 567 -31.80 -118.79 -6.69
C ARG T 567 -31.46 -119.13 -8.13
N THR T 568 -31.20 -118.10 -8.94
CA THR T 568 -31.05 -118.26 -10.39
C THR T 568 -29.63 -118.65 -10.81
N THR T 569 -28.66 -118.48 -9.92
CA THR T 569 -27.28 -118.77 -10.23
C THR T 569 -26.70 -119.84 -9.31
N ASN T 570 -27.31 -120.00 -8.14
CA ASN T 570 -26.77 -120.89 -7.13
C ASN T 570 -27.67 -122.07 -6.78
N PRO T 571 -27.05 -123.23 -6.48
CA PRO T 571 -27.75 -124.43 -6.03
C PRO T 571 -28.32 -124.23 -4.62
N VAL T 572 -29.42 -124.92 -4.31
CA VAL T 572 -30.01 -124.81 -2.98
C VAL T 572 -29.12 -125.52 -1.95
N ALA T 573 -28.88 -124.84 -0.83
CA ALA T 573 -27.94 -125.32 0.19
C ALA T 573 -28.28 -126.70 0.76
N THR T 574 -29.56 -126.91 1.04
CA THR T 574 -30.02 -128.14 1.66
C THR T 574 -30.30 -129.22 0.62
N GLU T 575 -30.78 -128.80 -0.54
CA GLU T 575 -31.10 -129.72 -1.64
C GLU T 575 -29.83 -130.30 -2.25
N GLN T 576 -29.99 -131.28 -3.12
CA GLN T 576 -28.87 -131.93 -3.81
C GLN T 576 -28.26 -131.01 -4.86
N TYR T 577 -27.39 -131.57 -5.69
CA TYR T 577 -26.81 -130.82 -6.79
C TYR T 577 -27.35 -131.30 -8.12
N GLY T 578 -27.44 -132.61 -8.29
CA GLY T 578 -27.95 -133.19 -9.52
C GLY T 578 -27.74 -134.68 -9.65
N THR T 579 -27.69 -135.14 -10.89
CA THR T 579 -27.57 -136.57 -11.19
C THR T 579 -26.28 -136.85 -11.96
N VAL T 580 -25.62 -137.94 -11.61
CA VAL T 580 -24.42 -138.38 -12.31
C VAL T 580 -24.49 -139.87 -12.59
N ALA T 581 -24.03 -140.28 -13.76
CA ALA T 581 -23.99 -141.69 -14.11
C ALA T 581 -22.77 -142.36 -13.51
N ASN T 582 -22.89 -143.65 -13.22
CA ASN T 582 -21.77 -144.41 -12.65
C ASN T 582 -21.81 -145.91 -12.97
N ASN T 583 -22.01 -146.22 -14.24
CA ASN T 583 -22.00 -147.60 -14.73
C ASN T 583 -22.12 -147.65 -16.24
N LEU T 584 -21.80 -148.80 -16.82
CA LEU T 584 -21.90 -148.99 -18.27
C LEU T 584 -23.18 -149.73 -18.63
N GLN T 585 -24.27 -148.99 -18.81
CA GLN T 585 -25.57 -149.59 -19.10
C GLN T 585 -25.54 -150.43 -20.36
N SER T 586 -26.35 -151.48 -20.38
CA SER T 586 -26.45 -152.37 -21.53
C SER T 586 -27.65 -153.29 -21.38
N SER T 587 -27.76 -154.25 -22.28
CA SER T 587 -28.82 -155.25 -22.18
C SER T 587 -28.67 -156.07 -20.90
N ASN T 588 -27.43 -156.21 -20.44
CA ASN T 588 -27.14 -156.97 -19.23
C ASN T 588 -27.27 -156.13 -17.96
N THR T 589 -27.03 -154.83 -18.09
CA THR T 589 -26.98 -153.95 -16.93
C THR T 589 -27.97 -152.80 -17.02
N ALA T 590 -28.63 -152.52 -15.90
CA ALA T 590 -29.54 -151.38 -15.82
C ALA T 590 -28.79 -150.11 -15.45
N PRO T 591 -29.10 -148.99 -16.11
CA PRO T 591 -28.46 -147.69 -15.89
C PRO T 591 -28.56 -147.24 -14.42
N THR T 592 -27.46 -146.76 -13.86
CA THR T 592 -27.43 -146.34 -12.46
C THR T 592 -27.25 -144.83 -12.30
N THR T 593 -27.97 -144.26 -11.34
CA THR T 593 -27.91 -142.84 -11.05
C THR T 593 -27.34 -142.58 -9.66
N ARG T 594 -26.52 -141.54 -9.55
CA ARG T 594 -25.92 -141.16 -8.28
C ARG T 594 -26.28 -139.72 -7.92
N THR T 595 -26.81 -139.54 -6.71
CA THR T 595 -27.14 -138.20 -6.22
C THR T 595 -25.89 -137.48 -5.72
N VAL T 596 -25.49 -136.44 -6.44
CA VAL T 596 -24.28 -135.69 -6.10
C VAL T 596 -24.52 -134.70 -4.97
N ASN T 597 -23.75 -134.85 -3.90
CA ASN T 597 -23.90 -134.03 -2.71
C ASN T 597 -22.78 -133.00 -2.59
N ASP T 598 -21.70 -133.22 -3.33
CA ASP T 598 -20.55 -132.33 -3.28
C ASP T 598 -19.95 -132.11 -4.66
N GLN T 599 -19.88 -130.85 -5.09
CA GLN T 599 -19.35 -130.51 -6.41
C GLN T 599 -18.24 -129.48 -6.35
N GLY T 600 -17.04 -129.87 -6.78
CA GLY T 600 -15.96 -128.94 -6.92
C GLY T 600 -16.26 -127.94 -8.01
N ALA T 601 -15.23 -127.26 -8.51
CA ALA T 601 -15.40 -126.25 -9.55
C ALA T 601 -15.45 -126.90 -10.94
N LEU T 602 -16.03 -126.19 -11.89
CA LEU T 602 -16.16 -126.71 -13.26
C LEU T 602 -16.10 -125.61 -14.32
N PRO T 603 -15.38 -125.89 -15.42
CA PRO T 603 -15.33 -124.96 -16.56
C PRO T 603 -16.72 -124.67 -17.09
N GLY T 604 -17.23 -123.48 -16.84
CA GLY T 604 -18.53 -123.09 -17.34
C GLY T 604 -19.50 -122.71 -16.24
N MET T 605 -19.08 -122.89 -15.00
CA MET T 605 -19.92 -122.51 -13.86
C MET T 605 -19.95 -121.01 -13.65
N VAL T 606 -21.10 -120.50 -13.25
CA VAL T 606 -21.25 -119.09 -12.92
C VAL T 606 -22.06 -118.95 -11.63
N TRP T 607 -21.56 -118.14 -10.70
CA TRP T 607 -22.23 -118.00 -9.42
C TRP T 607 -22.27 -116.57 -8.92
N GLN T 608 -23.18 -116.31 -8.00
CA GLN T 608 -23.25 -115.03 -7.33
C GLN T 608 -22.73 -115.22 -5.91
N ASP T 609 -22.02 -114.24 -5.38
CA ASP T 609 -21.50 -114.35 -4.01
C ASP T 609 -22.61 -114.10 -3.00
N ARG T 610 -22.26 -114.11 -1.72
CA ARG T 610 -23.25 -113.87 -0.66
C ARG T 610 -23.76 -112.44 -0.69
N ASP T 611 -24.18 -111.94 0.47
CA ASP T 611 -24.72 -110.59 0.54
C ASP T 611 -24.19 -109.87 1.76
N VAL T 612 -24.19 -108.54 1.71
CA VAL T 612 -23.81 -107.73 2.86
C VAL T 612 -25.02 -107.03 3.43
N TYR T 613 -25.13 -107.06 4.76
CA TYR T 613 -26.26 -106.46 5.43
C TYR T 613 -25.79 -105.31 6.29
N LEU T 614 -26.71 -104.41 6.62
CA LEU T 614 -26.37 -103.20 7.36
C LEU T 614 -25.44 -103.46 8.54
N GLN T 615 -25.53 -104.65 9.13
CA GLN T 615 -24.71 -104.99 10.29
C GLN T 615 -23.67 -106.07 10.00
N GLY T 616 -23.45 -106.35 8.72
CA GLY T 616 -22.50 -107.38 8.33
C GLY T 616 -21.07 -106.88 8.24
N PRO T 617 -20.11 -107.81 8.08
CA PRO T 617 -18.70 -107.46 7.90
C PRO T 617 -18.52 -106.67 6.61
N ILE T 618 -17.45 -105.89 6.53
CA ILE T 618 -17.17 -105.11 5.34
C ILE T 618 -16.06 -105.74 4.49
N TRP T 619 -14.89 -105.93 5.10
CA TRP T 619 -13.75 -106.49 4.38
C TRP T 619 -13.16 -107.70 5.09
N ALA T 620 -12.12 -108.27 4.50
CA ALA T 620 -11.43 -109.42 5.07
C ALA T 620 -10.05 -109.60 4.44
N LYS T 621 -9.05 -109.86 5.28
CA LYS T 621 -7.69 -110.04 4.79
C LYS T 621 -7.45 -111.40 4.17
N ILE T 622 -7.37 -111.43 2.84
CA ILE T 622 -7.03 -112.66 2.14
C ILE T 622 -5.70 -113.20 2.62
N PRO T 623 -5.70 -114.43 3.15
CA PRO T 623 -4.49 -115.07 3.69
C PRO T 623 -3.36 -115.07 2.68
N HIS T 624 -2.12 -114.91 3.15
CA HIS T 624 -0.97 -114.91 2.26
C HIS T 624 -0.45 -116.32 2.01
N THR T 625 -1.10 -117.04 1.10
CA THR T 625 -0.71 -118.39 0.77
C THR T 625 -0.22 -118.49 -0.67
N ASP T 626 0.15 -119.70 -1.09
CA ASP T 626 0.59 -119.92 -2.45
C ASP T 626 -0.56 -119.83 -3.46
N GLY T 627 -1.78 -120.08 -2.99
CA GLY T 627 -2.91 -120.11 -3.88
C GLY T 627 -4.26 -119.81 -3.27
N HIS T 628 -5.11 -119.14 -4.05
CA HIS T 628 -6.49 -118.87 -3.68
C HIS T 628 -7.33 -119.15 -4.91
N PHE T 629 -8.62 -119.41 -4.71
CA PHE T 629 -9.51 -119.64 -5.85
C PHE T 629 -10.29 -118.38 -6.21
N HIS T 630 -11.40 -118.18 -5.50
CA HIS T 630 -12.22 -117.00 -5.70
C HIS T 630 -12.27 -116.26 -4.37
N PRO T 631 -11.19 -115.53 -4.07
CA PRO T 631 -10.90 -114.95 -2.75
C PRO T 631 -11.93 -113.91 -2.28
N SER T 632 -13.17 -114.34 -2.10
CA SER T 632 -14.20 -113.48 -1.54
C SER T 632 -14.55 -113.98 -0.13
N PRO T 633 -14.54 -113.08 0.86
CA PRO T 633 -14.81 -113.44 2.26
C PRO T 633 -16.06 -114.31 2.36
N LEU T 634 -15.93 -115.48 2.96
CA LEU T 634 -17.05 -116.41 3.04
C LEU T 634 -18.24 -115.81 3.79
N MET T 635 -17.95 -114.95 4.75
CA MET T 635 -19.00 -114.28 5.52
C MET T 635 -19.56 -113.10 4.73
N GLY T 636 -18.92 -112.80 3.61
CA GLY T 636 -19.38 -111.74 2.72
C GLY T 636 -18.54 -110.49 2.79
N GLY T 637 -18.44 -109.78 1.68
CA GLY T 637 -17.73 -108.52 1.64
C GLY T 637 -16.60 -108.47 0.62
N PHE T 638 -15.62 -107.63 0.89
CA PHE T 638 -14.53 -107.41 -0.02
C PHE T 638 -13.24 -108.06 0.46
N GLY T 639 -12.74 -109.00 -0.33
CA GLY T 639 -11.49 -109.68 -0.03
C GLY T 639 -10.31 -108.81 -0.41
N LEU T 640 -9.50 -108.47 0.58
CA LEU T 640 -8.40 -107.54 0.35
C LEU T 640 -7.05 -108.18 0.68
N LYS T 641 -6.11 -108.07 -0.25
CA LYS T 641 -4.73 -108.46 -0.01
C LYS T 641 -4.18 -107.59 1.12
N HIS T 642 -4.36 -106.28 0.98
CA HIS T 642 -3.90 -105.31 1.96
C HIS T 642 -5.07 -104.46 2.45
N PRO T 643 -5.75 -104.93 3.52
CA PRO T 643 -6.92 -104.28 4.11
C PRO T 643 -6.52 -103.23 5.14
N PRO T 644 -7.45 -102.31 5.47
CA PRO T 644 -7.20 -101.28 6.48
C PRO T 644 -6.46 -101.84 7.68
N PRO T 645 -5.18 -101.45 7.82
CA PRO T 645 -4.27 -101.97 8.85
C PRO T 645 -4.87 -101.86 10.24
N GLN T 646 -4.29 -102.59 11.19
CA GLN T 646 -4.77 -102.58 12.56
C GLN T 646 -4.20 -101.39 13.32
N ILE T 647 -5.08 -100.67 14.02
CA ILE T 647 -4.66 -99.54 14.84
C ILE T 647 -4.68 -99.92 16.32
N MET T 648 -3.49 -99.95 16.92
CA MET T 648 -3.35 -100.31 18.32
C MET T 648 -3.38 -99.12 19.26
N ILE T 649 -3.75 -99.38 20.51
CA ILE T 649 -3.89 -98.34 21.52
C ILE T 649 -3.65 -98.97 22.89
N LYS T 650 -3.00 -98.24 23.78
CA LYS T 650 -2.76 -98.72 25.15
C LYS T 650 -2.31 -97.59 26.06
N ASN T 651 -2.70 -97.68 27.33
CA ASN T 651 -2.32 -96.67 28.30
C ASN T 651 -0.89 -96.89 28.77
N THR T 652 -0.05 -95.87 28.63
CA THR T 652 1.34 -95.97 29.06
C THR T 652 1.41 -96.23 30.55
N PRO T 653 2.04 -97.35 30.94
CA PRO T 653 2.17 -97.78 32.33
C PRO T 653 2.81 -96.72 33.21
N VAL T 654 2.18 -96.41 34.34
CA VAL T 654 2.74 -95.44 35.28
C VAL T 654 3.12 -96.11 36.60
N PRO T 655 4.42 -96.19 36.88
CA PRO T 655 4.91 -96.78 38.13
C PRO T 655 4.32 -96.09 39.35
N ALA T 656 3.75 -96.87 40.26
CA ALA T 656 3.30 -96.34 41.52
C ALA T 656 4.52 -95.91 42.33
N ASN T 657 4.40 -95.94 43.65
CA ASN T 657 5.50 -95.49 44.50
C ASN T 657 6.64 -96.51 44.62
N PRO T 658 7.86 -96.07 44.31
CA PRO T 658 9.08 -96.88 44.38
C PRO T 658 9.78 -96.78 45.74
N PRO T 659 10.55 -97.82 46.11
CA PRO T 659 11.31 -97.91 47.37
C PRO T 659 12.60 -97.10 47.35
N THR T 660 13.05 -96.63 48.52
CA THR T 660 14.30 -95.90 48.64
C THR T 660 15.52 -96.81 48.42
N THR T 661 15.29 -98.11 48.54
CA THR T 661 16.34 -99.10 48.29
C THR T 661 16.13 -99.75 46.91
N PHE T 662 17.22 -100.03 46.22
CA PHE T 662 17.17 -100.57 44.87
C PHE T 662 16.67 -102.02 44.82
N SER T 663 15.77 -102.31 43.89
CA SER T 663 15.25 -103.65 43.71
C SER T 663 15.35 -104.11 42.25
N PRO T 664 16.03 -105.25 42.03
CA PRO T 664 16.18 -105.83 40.69
C PRO T 664 14.90 -106.52 40.26
N ALA T 665 14.00 -106.75 41.21
CA ALA T 665 12.75 -107.44 40.95
C ALA T 665 11.91 -106.73 39.90
N LYS T 666 11.27 -107.50 39.04
CA LYS T 666 10.37 -106.96 38.01
C LYS T 666 9.36 -106.03 38.66
N PHE T 667 9.13 -104.88 38.04
CA PHE T 667 8.20 -103.90 38.58
C PHE T 667 6.76 -104.33 38.30
N ALA T 668 5.92 -104.29 39.33
CA ALA T 668 4.52 -104.72 39.19
C ALA T 668 3.56 -103.86 39.99
N SER T 669 4.06 -102.78 40.59
CA SER T 669 3.22 -101.84 41.31
C SER T 669 2.97 -100.57 40.50
N PHE T 670 1.81 -100.51 39.85
CA PHE T 670 1.48 -99.38 38.99
C PHE T 670 0.27 -98.60 39.46
N ILE T 671 0.18 -97.34 39.02
CA ILE T 671 -0.98 -96.51 39.28
C ILE T 671 -2.10 -96.90 38.32
N THR T 672 -3.28 -97.15 38.87
CA THR T 672 -4.43 -97.57 38.09
C THR T 672 -5.03 -96.39 37.34
N GLN T 673 -5.17 -96.53 36.03
CA GLN T 673 -5.65 -95.44 35.19
C GLN T 673 -6.28 -95.94 33.89
N TYR T 674 -7.25 -95.18 33.38
CA TYR T 674 -7.91 -95.50 32.13
C TYR T 674 -7.94 -94.27 31.23
N SER T 675 -7.99 -94.49 29.92
CA SER T 675 -8.01 -93.39 28.95
C SER T 675 -9.36 -93.29 28.26
N THR T 676 -9.64 -92.10 27.72
CA THR T 676 -10.89 -91.87 27.01
C THR T 676 -10.72 -90.74 26.01
N GLY T 677 -11.54 -90.73 24.96
CA GLY T 677 -11.45 -89.71 23.94
C GLY T 677 -12.35 -90.01 22.77
N GLN T 678 -12.19 -89.25 21.69
CA GLN T 678 -12.99 -89.47 20.49
C GLN T 678 -12.16 -90.08 19.37
N VAL T 679 -12.85 -90.74 18.44
CA VAL T 679 -12.21 -91.31 17.28
C VAL T 679 -13.07 -91.01 16.07
N SER T 680 -12.44 -90.76 14.93
CA SER T 680 -13.17 -90.41 13.71
C SER T 680 -12.69 -91.21 12.51
N VAL T 681 -13.65 -91.80 11.78
CA VAL T 681 -13.34 -92.60 10.60
C VAL T 681 -14.14 -92.14 9.38
N GLU T 682 -13.42 -91.66 8.36
CA GLU T 682 -14.04 -91.18 7.13
C GLU T 682 -13.75 -92.13 5.98
N ILE T 683 -14.80 -92.60 5.32
CA ILE T 683 -14.63 -93.51 4.19
C ILE T 683 -15.38 -93.05 2.94
N GLU T 684 -14.68 -93.09 1.80
CA GLU T 684 -15.30 -92.74 0.54
C GLU T 684 -15.73 -94.00 -0.19
N TRP T 685 -16.87 -93.92 -0.84
CA TRP T 685 -17.45 -95.08 -1.50
C TRP T 685 -17.74 -94.79 -2.95
N GLU T 686 -17.20 -95.61 -3.84
CA GLU T 686 -17.52 -95.47 -5.25
C GLU T 686 -18.83 -96.20 -5.50
N LEU T 687 -19.68 -95.61 -6.34
CA LEU T 687 -20.99 -96.20 -6.62
C LEU T 687 -21.15 -96.62 -8.07
N GLN T 688 -21.93 -97.66 -8.29
CA GLN T 688 -22.32 -98.06 -9.64
C GLN T 688 -23.80 -97.80 -9.82
N LYS T 689 -24.13 -96.78 -10.62
CA LYS T 689 -25.51 -96.38 -10.81
C LYS T 689 -26.33 -97.44 -11.55
N GLU T 690 -27.64 -97.31 -11.46
CA GLU T 690 -28.58 -98.25 -12.06
C GLU T 690 -28.96 -97.86 -13.49
N ASN T 691 -28.79 -98.80 -14.41
CA ASN T 691 -29.16 -98.57 -15.80
C ASN T 691 -30.02 -99.71 -16.33
N SER T 692 -31.31 -99.67 -16.01
CA SER T 692 -32.23 -100.75 -16.39
C SER T 692 -33.37 -100.21 -17.25
N LYS T 693 -33.80 -100.99 -18.23
CA LYS T 693 -34.94 -100.64 -19.06
C LYS T 693 -36.18 -101.42 -18.64
N ARG T 694 -36.19 -101.87 -17.40
CA ARG T 694 -37.36 -102.50 -16.81
C ARG T 694 -38.54 -101.53 -16.89
N TRP T 695 -39.66 -101.98 -17.44
CA TRP T 695 -40.82 -101.12 -17.57
C TRP T 695 -41.58 -100.98 -16.25
N ASN T 696 -42.00 -102.11 -15.70
CA ASN T 696 -42.74 -102.14 -14.44
C ASN T 696 -41.84 -101.82 -13.26
N PRO T 697 -42.43 -101.34 -12.15
CA PRO T 697 -41.67 -100.98 -10.95
C PRO T 697 -40.91 -102.17 -10.37
N GLU T 698 -39.73 -101.90 -9.81
CA GLU T 698 -38.97 -102.93 -9.11
C GLU T 698 -39.31 -102.86 -7.62
N ILE T 699 -38.86 -103.85 -6.86
CA ILE T 699 -39.16 -103.87 -5.43
C ILE T 699 -38.17 -102.99 -4.65
N GLN T 700 -38.69 -102.28 -3.67
CA GLN T 700 -37.90 -101.35 -2.88
C GLN T 700 -38.03 -101.69 -1.40
N TYR T 701 -36.98 -101.43 -0.63
CA TYR T 701 -37.09 -101.56 0.82
C TYR T 701 -37.87 -100.37 1.36
N THR T 702 -38.71 -100.62 2.36
CA THR T 702 -39.57 -99.57 2.91
C THR T 702 -40.01 -99.89 4.34
N SER T 703 -40.37 -98.84 5.07
CA SER T 703 -40.94 -99.00 6.41
C SER T 703 -42.44 -99.22 6.34
N ASN T 704 -42.98 -99.97 7.29
CA ASN T 704 -44.41 -100.19 7.36
C ASN T 704 -45.14 -98.91 7.74
N TYR T 705 -45.91 -98.37 6.80
CA TYR T 705 -46.60 -97.10 7.00
C TYR T 705 -47.73 -97.22 8.02
N ASN T 706 -48.00 -98.45 8.44
CA ASN T 706 -49.11 -98.71 9.36
C ASN T 706 -48.88 -98.13 10.76
N LYS T 707 -49.97 -97.94 11.50
CA LYS T 707 -49.89 -97.49 12.88
C LYS T 707 -49.04 -98.49 13.67
N SER T 708 -47.95 -98.01 14.27
CA SER T 708 -46.98 -98.92 14.89
C SER T 708 -46.64 -98.57 16.34
N VAL T 709 -46.16 -99.57 17.05
CA VAL T 709 -45.71 -99.42 18.43
C VAL T 709 -44.49 -98.53 18.51
N ASN T 710 -43.32 -99.14 18.30
CA ASN T 710 -42.06 -98.41 18.28
C ASN T 710 -41.61 -98.17 16.85
N VAL T 711 -40.76 -97.17 16.66
CA VAL T 711 -40.26 -96.84 15.33
C VAL T 711 -39.05 -97.69 14.95
N ASP T 712 -39.09 -98.26 13.76
CA ASP T 712 -38.00 -99.12 13.27
C ASP T 712 -36.66 -98.40 13.33
N PHE T 713 -35.68 -99.06 13.94
CA PHE T 713 -34.34 -98.52 14.07
C PHE T 713 -34.35 -97.24 14.91
N THR T 714 -34.54 -97.42 16.21
CA THR T 714 -34.75 -96.29 17.11
C THR T 714 -34.54 -96.70 18.57
N VAL T 715 -34.30 -95.71 19.42
CA VAL T 715 -34.22 -95.95 20.86
C VAL T 715 -35.61 -96.20 21.43
N ASP T 716 -35.67 -96.81 22.61
CA ASP T 716 -36.95 -97.12 23.25
C ASP T 716 -37.27 -96.18 24.40
N THR T 717 -38.07 -96.66 25.35
CA THR T 717 -38.54 -95.84 26.46
C THR T 717 -37.43 -95.47 27.43
N ASN T 718 -36.37 -96.27 27.49
CA ASN T 718 -35.26 -96.00 28.40
C ASN T 718 -33.90 -95.90 27.71
N GLY T 719 -33.90 -95.55 26.41
CA GLY T 719 -32.69 -95.22 25.69
C GLY T 719 -31.82 -96.39 25.27
N VAL T 720 -32.35 -97.24 24.38
CA VAL T 720 -31.59 -98.34 23.82
C VAL T 720 -31.87 -98.49 22.33
N TYR T 721 -30.87 -98.21 21.51
CA TYR T 721 -31.01 -98.38 20.05
C TYR T 721 -31.13 -99.86 19.73
N SER T 722 -32.00 -100.19 18.78
CA SER T 722 -32.22 -101.58 18.39
C SER T 722 -32.47 -101.72 16.89
N GLU T 723 -31.74 -102.62 16.26
CA GLU T 723 -31.93 -102.91 14.83
C GLU T 723 -32.93 -104.04 14.65
N PRO T 724 -34.16 -103.70 14.25
CA PRO T 724 -35.26 -104.67 14.06
C PRO T 724 -34.85 -105.88 13.23
N ARG T 725 -34.66 -105.69 11.93
CA ARG T 725 -34.36 -106.81 11.03
C ARG T 725 -33.02 -106.63 10.32
N PRO T 726 -32.50 -107.72 9.73
CA PRO T 726 -31.34 -107.61 8.86
C PRO T 726 -31.74 -106.96 7.54
N ILE T 727 -30.81 -106.25 6.90
CA ILE T 727 -31.10 -105.58 5.64
C ILE T 727 -30.27 -106.15 4.48
N GLY T 728 -30.94 -106.76 3.52
CA GLY T 728 -30.28 -107.26 2.33
C GLY T 728 -29.74 -106.12 1.49
N THR T 729 -29.20 -106.44 0.33
CA THR T 729 -28.65 -105.42 -0.56
C THR T 729 -29.23 -105.56 -1.96
N ARG T 730 -29.87 -106.69 -2.20
CA ARG T 730 -30.37 -107.01 -3.53
C ARG T 730 -31.86 -106.73 -3.67
N TYR T 731 -32.18 -105.52 -4.15
CA TYR T 731 -33.56 -105.11 -4.38
C TYR T 731 -33.79 -104.74 -5.84
N LEU T 732 -32.72 -104.44 -6.55
CA LEU T 732 -32.82 -104.04 -7.96
C LEU T 732 -32.50 -105.21 -8.88
N THR T 733 -33.12 -105.22 -10.07
CA THR T 733 -32.97 -106.35 -10.98
C THR T 733 -32.14 -106.03 -12.22
N ARG T 734 -31.22 -106.94 -12.52
CA ARG T 734 -30.42 -106.87 -13.75
C ARG T 734 -30.52 -108.24 -14.42
N ASN T 735 -30.33 -108.27 -15.74
CA ASN T 735 -30.43 -109.52 -16.48
C ASN T 735 -29.17 -110.36 -16.43
N LEU T 736 -29.15 -111.45 -17.19
CA LEU T 736 -27.99 -112.32 -17.27
C LEU T 736 -27.26 -112.16 -18.61
O5' D5M U . -4.71 41.67 1.77
C5' D5M U . -3.68 41.46 0.80
C4' D5M U . -3.10 42.78 0.33
O4' D5M U . -2.48 43.46 1.43
C3' D5M U . -2.01 42.58 -0.73
O3' D5M U . -2.43 43.16 -1.97
C2' D5M U . -0.80 43.31 -0.20
C1' D5M U . -1.31 44.14 0.96
N9 D5M U . -0.31 44.28 2.04
C8 D5M U . 0.29 45.46 2.35
N7 D5M U . 1.19 45.31 3.36
C5 D5M U . 1.19 44.02 3.70
C6 D5M U . 1.93 43.20 4.69
N6 D5M U . 2.84 43.76 5.53
N1 D5M U . 1.65 41.87 4.74
C2 D5M U . 0.74 41.32 3.91
N3 D5M U . 0.04 42.01 2.98
C4 D5M U . 0.22 43.34 2.82
P D5M U . -5.53 40.42 2.35
O1P D5M U . -4.44 39.44 2.79
O3P D5M U . -6.35 39.93 1.16
O2P D5M U . -6.35 41.00 3.47
O5' D5M V . 55.95 54.23 -12.73
C5' D5M V . 55.02 53.20 -12.37
C4' D5M V . 54.29 53.55 -11.08
O4' D5M V . 53.51 54.74 -11.28
C3' D5M V . 53.33 52.44 -10.66
O3' D5M V . 53.74 51.89 -9.41
C2' D5M V . 51.99 53.13 -10.50
C1' D5M V . 52.29 54.61 -10.54
N9 D5M V . 51.20 55.40 -11.16
C8 D5M V . 50.42 56.27 -10.48
N7 D5M V . 49.49 56.83 -11.28
C5 D5M V . 49.64 56.32 -12.51
C6 D5M V . 48.96 56.48 -13.82
N6 D5M V . 47.93 57.34 -13.96
N1 D5M V . 49.42 55.75 -14.86
C2 D5M V . 50.46 54.90 -14.71
N3 D5M V . 51.12 54.70 -13.55
C4 D5M V . 50.76 55.36 -12.42
P D5M V . 56.90 54.05 -14.01
O1P D5M V . 55.94 53.65 -15.13
O3P D5M V . 57.86 52.95 -13.60
O2P D5M V . 57.54 55.40 -14.19
O5' D5M W . -7.59 44.47 -5.89
C5' D5M W . -8.01 43.40 -6.73
C4' D5M W . -9.52 43.47 -6.98
O4' D5M W . -9.83 44.69 -7.68
C3' D5M W . -10.00 42.32 -7.86
O3' D5M W . -10.90 41.49 -7.11
C2' D5M W . -10.73 42.97 -9.01
C1' D5M W . -10.89 44.42 -8.60
N9 D5M W . -10.83 45.34 -9.76
C8 D5M W . -11.89 46.06 -10.21
N7 D5M W . -11.57 46.80 -11.29
C5 D5M W . -10.28 46.56 -11.58
C6 D5M W . -9.34 47.03 -12.61
N6 D5M W . -9.72 47.92 -13.57
N1 D5M W . -8.08 46.54 -12.57
C2 D5M W . -7.70 45.66 -11.63
N3 D5M W . -8.51 45.19 -10.66
C4 D5M W . -9.80 45.59 -10.59
P D5M W . -6.06 44.56 -5.41
O1P D5M W . -5.26 44.42 -6.70
O3P D5M W . -5.90 43.37 -4.46
O2P D5M W . -5.96 45.90 -4.74
O5' D5M X . -12.45 39.17 -1.01
C5' D5M X . -11.72 38.00 -0.61
C4' D5M X . -11.54 37.97 0.90
O4' D5M X . -12.83 37.89 1.54
C3' D5M X . -10.74 36.75 1.36
O3' D5M X . -9.51 37.17 1.95
C2' D5M X . -11.61 36.05 2.38
C1' D5M X . -12.71 37.06 2.70
N9 D5M X . -14.00 36.39 3.02
C8 D5M X . -14.57 36.41 4.24
N7 D5M X . -15.73 35.71 4.27
C5 D5M X . -15.92 35.21 3.03
C6 D5M X . -16.96 34.37 2.39
N6 D5M X . -18.03 33.93 3.09
N1 D5M X . -16.80 34.07 1.08
C2 D5M X . -15.72 34.51 0.39
N3 D5M X . -14.74 35.27 0.91
C4 D5M X . -14.78 35.64 2.22
P D5M X . -12.69 39.47 -2.56
O1P D5M X . -13.26 38.17 -3.11
O3P D5M X . -11.30 39.80 -3.09
O2P D5M X . -13.65 40.63 -2.57
O5' D5M Y . -13.59 -12.02 36.91
C5' D5M Y . -13.62 -11.58 35.54
C4' D5M Y . -14.73 -10.57 35.33
O4' D5M Y . -14.49 -9.40 36.13
C3' D5M Y . -14.80 -10.10 33.87
O3' D5M Y . -16.04 -10.51 33.29
C2' D5M Y . -14.71 -8.60 33.93
C1' D5M Y . -14.91 -8.25 35.39
N9 D5M Y . -14.14 -7.04 35.79
C8 D5M Y . -14.71 -5.87 36.14
N7 D5M Y . -13.78 -4.93 36.43
C5 D5M Y . -12.58 -5.49 36.26
C6 D5M Y . -11.18 -5.03 36.41
N6 D5M Y . -10.90 -3.76 36.81
N1 D5M Y . -10.20 -5.92 36.14
C2 D5M Y . -10.48 -7.18 35.75
N3 D5M Y . -11.74 -7.66 35.60
C4 D5M Y . -12.81 -6.88 35.83
P D5M Y . -12.55 -13.16 37.36
O1P D5M Y . -11.21 -12.65 36.85
O3P D5M Y . -13.05 -14.41 36.66
O2P D5M Y . -12.67 -13.19 38.86
O5' D5M Z . 44.56 -36.61 51.12
C5' D5M Z . 43.48 -36.81 50.20
C4' D5M Z . 42.22 -37.26 50.93
O4' D5M Z . 41.81 -36.22 51.84
C3' D5M Z . 41.07 -37.49 49.96
O3' D5M Z . 40.69 -38.87 49.99
C2' D5M Z . 39.93 -36.63 50.47
C1' D5M Z . 40.37 -36.19 51.86
N9 D5M Z . 39.88 -34.82 52.20
C8 D5M Z . 38.96 -34.58 53.16
N7 D5M Z . 38.66 -33.26 53.24
C5 D5M Z . 39.38 -32.62 52.31
C6 D5M Z . 39.54 -31.22 51.88
N6 D5M Z . 38.84 -30.23 52.47
N1 D5M Z . 40.41 -30.96 50.87
C2 D5M Z . 41.09 -31.96 50.28
N3 D5M Z . 41.01 -33.26 50.62
C4 D5M Z . 40.17 -33.65 51.62
P D5M Z . 46.02 -36.23 50.57
O1P D5M Z . 45.78 -35.04 49.66
O3P D5M Z . 46.49 -37.48 49.85
O2P D5M Z . 46.81 -35.90 51.82
O5' D5M AA . 89.50 1.92 24.80
C5' D5M AA . 88.84 0.68 24.54
C4' D5M AA . 89.18 -0.34 25.61
O4' D5M AA . 88.73 0.12 26.89
C3' D5M AA . 88.50 -1.68 25.34
O3' D5M AA . 89.48 -2.68 25.08
C2' D5M AA . 87.74 -2.00 26.62
C1' D5M AA . 88.26 -1.02 27.64
N9 D5M AA . 87.22 -0.62 28.62
C8 D5M AA . 87.26 -0.95 29.92
N7 D5M AA . 86.17 -0.48 30.59
C5 D5M AA . 85.40 0.15 29.70
C6 D5M AA . 84.10 0.87 29.75
N6 D5M AA . 83.42 0.99 30.93
N1 D5M AA . 83.63 1.40 28.61
C2 D5M AA . 84.31 1.28 27.45
N3 D5M AA . 85.50 0.64 27.33
C4 D5M AA . 86.08 0.05 28.40
P D5M AA . 89.36 3.15 23.76
O1P D5M AA . 87.86 3.28 23.56
O3P D5M AA . 90.10 2.67 22.53
O2P D5M AA . 90.01 4.31 24.47
O5' D5M BA . 58.99 50.33 -5.66
C5' D5M BA . 59.64 49.07 -5.95
C4' D5M BA . 61.12 49.13 -5.63
O4' D5M BA . 61.30 49.37 -4.22
C3' D5M BA . 61.83 47.82 -5.95
O3' D5M BA . 62.78 48.03 -6.99
C2' D5M BA . 62.52 47.42 -4.67
C1' D5M BA . 62.45 48.64 -3.78
N9 D5M BA . 62.33 48.29 -2.34
C8 D5M BA . 63.30 48.53 -1.43
N7 D5M BA . 62.96 48.08 -0.20
C5 D5M BA . 61.74 47.52 -0.30
C6 D5M BA . 60.81 46.86 0.64
N6 D5M BA . 61.13 46.71 1.95
N1 D5M BA . 59.63 46.41 0.14
C2 D5M BA . 59.33 46.56 -1.16
N3 D5M BA . 60.13 47.16 -2.07
C4 D5M BA . 61.34 47.65 -1.71
P D5M BA . 57.44 50.53 -6.00
O1P D5M BA . 56.77 49.32 -5.35
O3P D5M BA . 57.39 50.53 -7.52
O2P D5M BA . 57.09 51.85 -5.37
O5' D5M CA . -15.46 -20.43 37.70
C5' D5M CA . -14.10 -20.32 37.27
C4' D5M CA . -13.22 -19.75 38.37
O4' D5M CA . -13.22 -20.65 39.49
C3' D5M CA . -11.77 -19.61 37.91
O3' D5M CA . -11.39 -18.23 37.90
C2' D5M CA . -10.95 -20.37 38.93
C1' D5M CA . -11.91 -20.64 40.08
N9 D5M CA . -11.62 -21.93 40.76
C8 D5M CA . -11.15 -22.03 42.02
N7 D5M CA . -10.95 -23.31 42.39
C5 D5M CA . -11.27 -24.08 41.34
C6 D5M CA . -11.28 -25.54 41.06
N6 D5M CA . -10.89 -26.42 42.02
N1 D5M CA . -11.68 -25.94 39.84
C2 D5M CA . -12.05 -25.05 38.90
N3 D5M CA . -12.08 -23.72 39.08
C4 D5M CA . -11.69 -23.18 40.26
P D5M CA . -16.60 -20.92 36.69
O1P D5M CA . -16.03 -22.21 36.10
O3P D5M CA . -16.71 -19.78 35.68
O2P D5M CA . -17.82 -21.10 37.55
O5' D5M DA . -32.91 34.55 -64.61
C5' D5M DA . -32.05 33.70 -65.37
C4' D5M DA . -32.33 33.85 -66.86
O4' D5M DA . -32.03 35.19 -67.27
C3' D5M DA . -31.44 32.92 -67.70
O3' D5M DA . -32.25 31.96 -68.39
C2' D5M DA . -30.73 33.82 -68.69
C1' D5M DA . -31.46 35.15 -68.59
N9 D5M DA . -30.56 36.31 -68.82
C8 D5M DA . -30.64 37.12 -69.89
N7 D5M DA . -29.68 38.08 -69.87
C5 D5M DA . -28.94 37.88 -68.77
C6 D5M DA . -27.78 38.56 -68.16
N6 D5M DA . -27.20 39.63 -68.74
N1 D5M DA . -27.30 38.05 -67.00
C2 D5M DA . -27.89 36.97 -66.42
N3 D5M DA . -28.95 36.31 -66.93
C4 D5M DA . -29.52 36.72 -68.08
P D5M DA . -32.87 34.50 -63.01
O1P D5M DA . -31.39 34.65 -62.67
O3P D5M DA . -33.45 33.14 -62.67
O2P D5M DA . -33.73 35.67 -62.58
O5' D5M EA . -51.81 -57.78 -4.15
C5' D5M EA . -51.27 -57.77 -5.47
C4' D5M EA . -52.25 -58.34 -6.48
O4' D5M EA . -53.44 -57.53 -6.50
C3' D5M EA . -51.69 -58.34 -7.89
O3' D5M EA . -51.55 -59.69 -8.35
C2' D5M EA . -52.71 -57.60 -8.74
C1' D5M EA . -53.93 -57.48 -7.85
N9 D5M EA . -54.69 -56.22 -8.10
C8 D5M EA . -55.92 -56.19 -8.65
N7 D5M EA . -56.36 -54.92 -8.79
C5 D5M EA . -55.40 -54.10 -8.34
C6 D5M EA . -55.24 -52.63 -8.22
N6 D5M EA . -56.22 -51.79 -8.61
N1 D5M EA . -54.08 -52.17 -7.70
C2 D5M EA . -53.10 -53.02 -7.31
N3 D5M EA . -53.19 -54.36 -7.39
C4 D5M EA . -54.29 -54.96 -7.91
P D5M EA . -50.91 -57.31 -2.91
O1P D5M EA . -50.38 -55.94 -3.33
O3P D5M EA . -49.83 -58.38 -2.80
O2P D5M EA . -51.87 -57.28 -1.75
O5' D5M FA . 47.12 -103.01 22.21
C5' D5M FA . 46.56 -102.95 20.89
C4' D5M FA . 46.17 -104.34 20.40
O4' D5M FA . 45.16 -104.88 21.26
C3' D5M FA . 45.60 -104.30 18.99
O3' D5M FA . 46.46 -105.02 18.09
C2' D5M FA . 44.26 -104.99 19.09
C1' D5M FA . 44.25 -105.64 20.45
N9 D5M FA . 42.89 -105.68 21.05
C8 D5M FA . 42.18 -106.82 21.26
N7 D5M FA . 40.96 -106.56 21.80
C5 D5M FA . 40.86 -105.23 21.94
C6 D5M FA . 39.83 -104.31 22.45
N6 D5M FA . 38.64 -104.78 22.91
N1 D5M FA . 40.10 -102.98 22.43
C2 D5M FA . 41.27 -102.52 21.96
N3 D5M FA . 42.26 -103.30 21.48
C4 D5M FA . 42.12 -104.65 21.44
P D5M FA . 47.68 -101.67 22.90
O1P D5M FA . 46.54 -100.67 22.75
O3P D5M FA . 48.91 -101.33 22.08
O2P D5M FA . 47.98 -102.09 24.32
O5' D5M GA . 15.09 38.15 -107.87
C5' D5M GA . 16.25 37.47 -107.37
C4' D5M GA . 17.51 37.95 -108.08
O4' D5M GA . 17.71 39.34 -107.82
C3' D5M GA . 18.76 37.21 -107.59
O3' D5M GA . 19.31 36.45 -108.66
C2' D5M GA . 19.71 38.31 -107.16
C1' D5M GA . 19.12 39.59 -107.69
N9 D5M GA . 19.40 40.75 -106.82
C8 D5M GA . 20.19 41.78 -107.15
N7 D5M GA . 20.30 42.70 -106.16
C5 D5M GA . 19.56 42.25 -105.14
C6 D5M GA . 19.24 42.74 -103.77
N6 D5M GA . 19.74 43.91 -103.32
N1 D5M GA . 18.42 41.99 -103.00
C2 D5M GA . 17.92 40.82 -103.47
N3 D5M GA . 18.16 40.31 -104.69
C4 D5M GA . 18.97 40.96 -105.56
P D5M GA . 13.64 37.75 -107.33
O1P D5M GA . 13.78 37.80 -105.81
O3P D5M GA . 13.40 36.36 -107.88
O2P D5M GA . 12.73 38.81 -107.90
O5' D5M HA . 70.03 50.33 -75.76
C5' D5M HA . 70.10 49.54 -74.57
C4' D5M HA . 71.06 50.14 -73.57
O4' D5M HA . 70.60 51.44 -73.17
C3' D5M HA . 71.16 49.29 -72.30
O3' D5M HA . 72.49 48.78 -72.17
C2' D5M HA . 70.85 50.25 -71.16
C1' D5M HA . 70.90 51.63 -71.78
N9 D5M HA . 69.93 52.57 -71.14
C8 D5M HA . 70.30 53.63 -70.41
N7 D5M HA . 69.24 54.31 -69.92
C5 D5M HA . 68.14 53.65 -70.33
C6 D5M HA . 66.68 53.84 -70.16
N6 D5M HA . 66.19 54.88 -69.44
N1 D5M HA . 65.86 52.95 -70.77
C2 D5M HA . 66.35 51.92 -71.48
N3 D5M HA . 67.67 51.69 -71.67
C4 D5M HA . 68.60 52.50 -71.13
P D5M HA . 69.14 49.84 -77.01
O1P D5M HA . 67.78 49.55 -76.38
O3P D5M HA . 69.86 48.61 -77.52
O2P D5M HA . 69.16 51.01 -77.96
O5' D5M IA . -38.39 30.12 -59.69
C5' D5M IA . -37.11 30.12 -59.03
C4' D5M IA . -36.75 31.49 -58.52
O4' D5M IA . -37.71 31.91 -57.53
C3' D5M IA . -35.38 31.52 -57.85
O3' D5M IA . -34.49 32.36 -58.58
C2' D5M IA . -35.62 32.10 -56.47
C1' D5M IA . -37.03 32.66 -56.51
N9 D5M IA . -37.74 32.55 -55.21
C8 D5M IA . -38.06 33.61 -54.45
N7 D5M IA . -38.67 33.23 -53.29
C5 D5M IA . -38.72 31.89 -53.29
C6 D5M IA . -39.23 30.86 -52.35
N6 D5M IA . -39.81 31.21 -51.18
N1 D5M IA . -39.09 29.56 -52.71
C2 D5M IA . -38.50 29.23 -53.89
N3 D5M IA . -38.02 30.11 -54.78
C4 D5M IA . -38.08 31.44 -54.54
P D5M IA . -38.93 28.79 -60.38
O1P D5M IA . -38.79 27.72 -59.31
O3P D5M IA . -38.01 28.59 -61.57
O2P D5M IA . -40.36 29.13 -60.75
O5' D5M JA . 42.92 -45.01 50.66
C5' D5M JA . 43.48 -45.63 49.49
C4' D5M JA . 44.55 -46.62 49.87
O4' D5M JA . 43.99 -47.68 50.66
C3' D5M JA . 45.18 -47.27 48.64
O3' D5M JA . 46.56 -46.91 48.54
C2' D5M JA . 45.05 -48.77 48.85
C1' D5M JA . 44.64 -48.91 50.31
N9 D5M JA . 43.75 -50.08 50.54
C8 D5M JA . 44.10 -51.18 51.23
N7 D5M JA . 43.11 -52.10 51.26
C5 D5M JA . 42.09 -51.61 50.56
C6 D5M JA . 40.73 -52.08 50.19
N6 D5M JA . 40.29 -53.30 50.61
N1 D5M JA . 39.95 -51.27 49.44
C2 D5M JA . 40.41 -50.06 49.04
N3 D5M JA . 41.63 -49.57 49.33
C4 D5M JA . 42.50 -50.28 50.06
P D5M JA . 41.81 -43.87 50.51
O1P D5M JA . 40.77 -44.47 49.59
O3P D5M JA . 42.57 -42.69 49.92
O2P D5M JA . 41.33 -43.64 51.93
O5' D5M KA . -20.70 -15.21 33.31
C5' D5M KA . -20.42 -16.36 32.50
C4' D5M KA . -21.07 -17.60 33.07
O4' D5M KA . -22.51 -17.43 33.08
C3' D5M KA . -20.77 -18.84 32.23
O3' D5M KA . -20.02 -19.78 33.00
C2' D5M KA . -22.13 -19.43 31.88
C1' D5M KA . -23.11 -18.70 32.78
N9 D5M KA . -24.44 -18.51 32.13
C8 D5M KA . -25.56 -19.13 32.54
N7 D5M KA . -26.62 -18.81 31.76
C5 D5M KA . -26.19 -17.98 30.81
C6 D5M KA . -26.80 -17.27 29.66
N6 D5M KA . -28.12 -17.40 29.39
N1 D5M KA . -26.00 -16.49 28.90
C2 D5M KA . -24.69 -16.36 29.18
N3 D5M KA . -24.06 -16.97 30.21
C4 D5M KA . -24.74 -17.80 31.04
P D5M KA . -20.02 -13.80 32.96
O1P D5M KA . -20.36 -13.59 31.49
O3P D5M KA . -18.55 -13.99 33.24
O2P D5M KA . -20.71 -12.82 33.90
O5' D5M LA . -47.43 -63.08 1.01
C5' D5M LA . -46.68 -61.86 0.88
C4' D5M LA . -47.38 -60.72 1.58
O4' D5M LA . -47.48 -60.99 2.99
C3' D5M LA . -46.62 -59.40 1.44
O3' D5M LA . -47.39 -58.47 0.68
C2' D5M LA . -46.41 -58.90 2.85
C1' D5M LA . -47.32 -59.76 3.70
N9 D5M LA . -46.76 -60.00 5.07
C8 D5M LA . -47.29 -59.50 6.20
N7 D5M LA . -46.57 -59.84 7.29
C5 D5M LA . -45.53 -60.57 6.86
C6 D5M LA . -44.37 -61.24 7.52
N6 D5M LA . -44.21 -61.19 8.86
N1 D5M LA . -43.50 -61.91 6.72
C2 D5M LA . -43.68 -61.95 5.38
N3 D5M LA . -44.70 -61.36 4.72
C4 D5M LA . -45.64 -60.67 5.39
P D5M LA . -46.91 -64.41 0.28
O1P D5M LA . -45.46 -64.53 0.70
O3P D5M LA . -47.10 -64.12 -1.20
O2P D5M LA . -47.82 -65.50 0.81
O5' D5M MA . -62.72 -29.82 -61.68
C5' D5M MA . -61.56 -29.09 -62.11
C4' D5M MA . -61.94 -28.03 -63.14
O4' D5M MA . -62.84 -27.08 -62.55
C3' D5M MA . -60.71 -27.26 -63.62
O3' D5M MA . -60.49 -27.51 -65.01
C2' D5M MA . -61.05 -25.80 -63.39
C1' D5M MA . -62.53 -25.79 -63.08
N9 D5M MA . -62.90 -24.71 -62.12
C8 D5M MA . -63.65 -23.63 -62.45
N7 D5M MA . -63.81 -22.80 -61.40
C5 D5M MA . -63.15 -23.32 -60.36
C6 D5M MA . -62.91 -22.93 -58.96
N6 D5M MA . -63.44 -21.79 -58.46
N1 D5M MA . -62.16 -23.75 -58.19
C2 D5M MA . -61.63 -24.88 -58.70
N3 D5M MA . -61.80 -25.31 -59.97
C4 D5M MA . -62.53 -24.57 -60.84
P D5M MA . -62.57 -31.04 -60.65
O1P D5M MA . -61.75 -30.46 -59.51
O3P D5M MA . -61.83 -32.10 -61.45
O2P D5M MA . -63.99 -31.40 -60.30
O5' D5M NA . -8.76 -114.17 -8.61
C5' D5M NA . -9.20 -112.98 -9.29
C4' D5M NA . -10.70 -113.05 -9.57
O4' D5M NA . -11.42 -113.10 -8.33
C3' D5M NA . -11.18 -111.80 -10.30
O3' D5M NA . -11.67 -112.15 -11.60
C2' D5M NA . -12.31 -111.25 -9.46
C1' D5M NA . -12.63 -112.35 -8.46
N9 D5M NA . -13.08 -111.81 -7.15
C8 D5M NA . -14.34 -111.96 -6.68
N7 D5M NA . -14.49 -111.35 -5.48
C5 D5M NA . -13.32 -110.78 -5.16
C6 D5M NA . -12.81 -109.98 -4.03
N6 D5M NA . -13.61 -109.68 -2.98
N1 D5M NA . -11.52 -109.58 -4.07
C2 D5M NA . -10.73 -109.88 -5.12
N3 D5M NA . -11.13 -110.61 -6.19
C4 D5M NA . -12.39 -111.07 -6.28
P D5M NA . -7.21 -114.37 -8.29
O1P D5M NA . -6.80 -113.09 -7.59
O3P D5M NA . -6.56 -114.56 -9.65
O2P D5M NA . -7.17 -115.60 -7.42
#